data_9P7G
#
_entry.id   9P7G
#
_cell.length_a   1.00
_cell.length_b   1.00
_cell.length_c   1.00
_cell.angle_alpha   90.00
_cell.angle_beta   90.00
_cell.angle_gamma   90.00
#
_symmetry.space_group_name_H-M   'P 1'
#
loop_
_entity.id
_entity.type
_entity.pdbx_description
1 polymer 'Z site tRNA [Homo sapiens]'
2 polymer '40S ribosomal protein SA'
3 polymer '40S ribosomal protein S3a'
4 polymer '40S ribosomal protein S2'
5 polymer 'Small ribosomal subunit protein eS4, X isoform'
6 polymer '40S ribosomal protein S6'
7 polymer 'Small ribosomal subunit protein eS7'
8 polymer '40S ribosomal protein S8'
9 polymer '40S ribosomal protein S9'
10 polymer '40S ribosomal protein S11'
11 polymer '40S ribosomal protein S13'
12 polymer 'Small ribosomal subunit protein uS11'
13 polymer 'Small ribosomal subunit protein eS21'
14 polymer '40S ribosomal protein S15a'
15 polymer '40S ribosomal protein S23'
16 polymer '40S ribosomal protein S24'
17 polymer '40S ribosomal protein S26'
18 polymer 'Small ribosomal subunit protein eS27'
19 polymer 'Small ribosomal subunit protein eS30'
20 polymer '18S rRNA [Homo sapiens]'
21 polymer '60S ribosomal protein L19'
22 polymer 'Ribosomal protein L24'
23 polymer 'Small ribosomal subunit protein eS17'
24 polymer 'Small ribosomal subunit protein uS3'
25 polymer '40S ribosomal protein S5'
26 polymer '40S ribosomal protein S10'
27 polymer 'Small ribosomal subunit protein eS12'
28 polymer 'Small ribosomal subunit protein uS19'
29 polymer 'Small ribosomal subunit protein uS9'
30 polymer '40S ribosomal protein S18'
31 polymer '40S ribosomal protein S19'
32 polymer '40S ribosomal protein S20'
33 polymer 'Small ribosomal subunit protein eS25'
34 polymer '40S ribosomal protein S28'
35 polymer '40S ribosomal protein S29'
36 polymer 'Ubiquitin-40S ribosomal protein S27a'
37 polymer 'Receptor of activated protein C kinase 1'
38 polymer 'A site tRNA [Homo sapiens]'
39 polymer 'P site tRNA [Homo sapiens]'
40 polymer 'Transcription factor BTF3'
41 polymer '28S rRNA [Homo sapiens]'
42 polymer '5S rRNA [Homo sapiens]'
43 polymer '5.8S rRNA [Homo sapiens]'
44 polymer '60S ribosomal protein L8'
45 polymer 'Large ribosomal subunit protein uL3'
46 polymer '60S ribosomal protein L4'
47 polymer 'Large ribosomal subunit protein uL18'
48 polymer 'Large ribosomal subunit protein eL6'
49 polymer '60S ribosomal protein L7'
50 polymer '60S ribosomal protein L7a'
51 polymer '60S ribosomal protein L9'
52 polymer 'Ribosomal protein uL16-like'
53 polymer '60S ribosomal protein L11'
54 polymer 'Large ribosomal subunit protein eL13'
55 polymer '60S ribosomal protein L14'
56 polymer '60S ribosomal protein L15'
57 polymer '60S ribosomal protein L13a'
58 polymer '60S ribosomal protein L17'
59 polymer '60S ribosomal protein L18'
60 polymer '60S ribosomal protein L18a'
61 polymer '60S ribosomal protein L21'
62 polymer 'Heparin-binding protein HBp15'
63 polymer '60S ribosomal protein L23'
64 polymer '60S ribosomal protein L23a'
65 polymer '60S ribosomal protein L26'
66 polymer '60S ribosomal protein L27'
67 polymer '60S ribosomal protein L27a'
68 polymer 'Large ribosomal subunit protein eL29'
69 polymer '60S ribosomal protein L30'
70 polymer '60S ribosomal protein L31'
71 polymer '60S ribosomal protein L32'
72 polymer '60S ribosomal protein L35a'
73 polymer '60S ribosomal protein L34'
74 polymer '60S ribosomal protein L35'
75 polymer '60S ribosomal protein L36'
76 polymer '60S ribosomal protein L37'
77 polymer '60S ribosomal protein L38'
78 polymer '60S ribosomal protein L39'
79 polymer 'Large ribosomal subunit protein eL40'
80 polymer '60S ribosomal protein L41'
81 polymer '60S ribosomal protein L36a'
82 polymer '60S ribosomal protein L37a'
83 polymer '60S ribosomal protein L28'
84 polymer '60S acidic ribosomal protein P0'
85 polymer 'Large ribosomal subunit protein uL11'
86 non-polymer 'MAGNESIUM ION'
87 non-polymer 'ZINC ION'
88 non-polymer SPERMINE
89 non-polymer SPERMIDINE
90 non-polymer 4-{(2R)-2-[(1S,3S,5S)-3,5-dimethyl-2-oxocyclohexyl]-2-hydroxyethyl}piperidine-2,6-dione
91 non-polymer (3beta)-O~3~-[(2R)-2,6-dihydroxy-2-(2-methoxy-2-oxoethyl)-6-methylheptanoyl]cephalotaxine
#
loop_
_entity_poly.entity_id
_entity_poly.type
_entity_poly.pdbx_seq_one_letter_code
_entity_poly.pdbx_strand_id
1 'polyribonucleotide' GCCCGGAUAGCUCAGCUGUAGAGCAUCAGACUUUUAAUCUGAGGGUCCAGGGUUCAAGUCCCUGUUCGGGCGCCA Zt
2 'polypeptide(L)'
;GALDVLQMKEEDVLKFLAAGTHLGGTNLDFQMEQYIYKRKSDGIYIINLKRTWEKLLLAARAIVAIENPADVSVISSRNT
GQRAVLKFAAATGATPIAGRFTPGTFTNQIQAAFREPRLLVVTDPRADHQPLTEASYVNLPTIALCNTDSPLRYVDIAIP
CNNKGAHSVGLMWWMLAREVLRMRGTISREHPWEVMPDLYFYRDPEEIEKEEQAAAEKAVT
;
SA
3 'polypeptide(L)'
;VVDPFSKKDWYDVKAPAMFNIRNIGKTLVTRTQGTKIASDGLKGRVFEVSLADLQNDEVAFRKFKLITEDVQGKNCLTNF
HGMDLTRDKMCSMVKKWQTMIEAHVDVKTTDGYLLRLFCVGFTKKRNNQIRKTSYAQHQQVRQIRKKMMEIMTREVQTND
LKEVVNKLIPDSIGKDIEKACQSIYPLHDVFVRKVKMLKKPKFELGKLMELHGE
;
SB
4 'polypeptide(L)'
;EWMPVTKLGRLVKDMKIKSLEEIYLFSLPIKESEIIDFFLGASLKDEVLKIMPVQKQTRAGQRTRFKAFVAIGDYNGHVG
LGVKCSKEVATAIRGAIILAKLSIVPVRRGYWGNKIGKPHTVPCKVTGRCGSVLVRLIPAPRGTGIVSAPVPKKLLMMAG
IDDCYTSARGCTATLGNFAKATFDAISKTYSYLTPDLWKETVFTKSPYQEFTDHLVKTHTRV
;
SC
5 'polypeptide(L)'
;ARGPKKHLKRVAAPKHWMLDKLTGVFAPRPSTGPHKLRECLPLIIFLRNRLKYALTGDEVKKICMQRFIKIDGKVRTDIT
YPAGFMDVISIDKTGENFRLIYDTKGRFAVHRITPEEAKYKLCKVRKIFVGTKGIPHLVTHDARTIRYPDPLIKVNDTIQ
IDLETGKITDFIKFDTGNLCMVTGGANLGRIGVITNRERHPGSFDVVHVKDANGNSFATRLSNIFVIGKGNKPWISLPRG
KGIRLTIAEERDKRLAAKQSSG
;
SE
6 'polypeptide(L)'
;MKLNISFPATGCQKLIEVDDERKLRTFYEKRMATEVAADALGEEWKGYVVRISGGNDKQGFPMKQGVLTHGRVRLLLSKG
HSCYRPRRTGERKRKSVRGCIVDANLSVLNLVIVKKGEKDIPGLTDTTVPRRLGPKRASRIRKLFNLSKEDDVRQYVVRK
PLNKEGKKPRTKAPKIQRLVTPRVLQHKRRRIALKKQRTKKNKEEAAEYAKLLAKRMKEAKEKRQEQIAKRRRLSSL
;
SG
7 'polypeptide(L)'
;SAKIVKPNGEKPDEFESGISQALLELEMNSDLKAQLRELNITAAKEIEVGGGRKAIIIFVPVPQLKSFQKIQVRLVRELE
KKFSGKHVVFIAQRRILPKPTRKSRTKNKQKRPRSRTLTAVHDAILEDLVFPSEIVGKRIRVKLDGSRLIKVHLDKAQQN
NVEHKVETFSGVYKKLTGKDVNFEFPEFQ
;
SH
8 'polypeptide(L)'
;GISRDNWHKRRKTGGKRKPYHKKRKYELGRPAANTKIGPRRIHTVRVRGGNKKYRALRLDVGNFSWGSECCTRKTRIIDV
VYNASNNELVRTKTLVKNCIVLIDSTPYRQWYESHYALPLGRKKGAKLTPEEEEILNKKRSKKIQKKYDERKKNAKISSL
LEEQFQQGKLLACIASRPGQCGRADGYVLEGKELEFYLRKIKARKG
;
SI
9 'polypeptide(L)'
;PVARSWVCRKTYVTPRRPFEKSRLDQELKLIGEYGLRNKREVWRVKFTLAKIRKAARELLTLDEKDPRRLFEGNALLRRL
VRIGVLDEGKMKLDYILGLKIEDFLERRLQTQVFKLGLAKSIHHARVLIRQRHIRVRKQVVNIPSFIVRLDSQKHIDFSL
RSPYGGGRPGRVKRKNAKKGQGGAG
;
SJ
10 'polypeptide(L)'
;ADIQTERAYQKQPTIFQNKKRVLLGETGKEKLPRYYKNIGLGFKTPKEAIEGTYIDKKCPFTGNVSIRGRILSGVVTKMK
MQRTIVIRRDYLHYIRKYNRFEKRHKNMSVHLSPCFRDVQIGDIVTVGECRPLSKTVRFNVLKVTKAAGTKKQ
;
SL
11 'polypeptide(L)'
;GRMHAPGKGLSQSALPYRRSVPTWLKLTSDDVKEQIYKLAKKGLTPSQIGVILRDSHGVAQVRFVTGNKILRILKSKGLA
PDLPEDLYHLIKKAVAVRKHLERNRKDKDAKFRLILIESRIHRLARYYKTKRVLPPNWKYESSTASALVA
;
SN
12 'polypeptide(L)'
;EQVISLGPQVAEGENVFGVCHIFASFNDTFVHVTDLSGKETICRVTGGMKVKADRDESSPYAAMLAAQDVAQRCKELGIT
ALHIKLRATGGNRTKTPGPGAQSALRALARSGMKIGRIEDVTPIPSDSTRRKGGRRGRRL
;
SO
13 'polypeptide(L)'
;MQNDAGEFVDLYVPRKCSASNRIIGAKDHASIQMNVAEVDKVTGRFNGQFKTYAICGAIRRMGESDDSILRLAKADGIVS
KNF
;
SV
14 'polypeptide(L)'
;VRMNVLADALKSINNAEKRGKRQVLIRPCSKVIVRFLTVMMKHGYIGEFEIIDDHRAGKIVVNLTGRLNKCGVISPRFDV
QLKDLEKWQNNLLPSRQFGFIVLTTSAGIMDHEEARRKHTGGKILGFFF
;
SW
15 'polypeptide(L)'
;GKCRGLRTARKLRSHRRDQKWHDKQYKKAHLGTALKANPFGGASHAKGIVLEKVGVEAKQPNSAIRKCVRVQLIKNGKKI
TAFVPNDGCLNFIEENDEVLVAGFGRKGHAVGDIPGVRFKVVKVANVSLLALYKGKKERPR
;
SX
16 'polypeptide(L)'
;NDTVTIRTRKFMTNRLLQRKQMVIDVLHPGKATVPKTEIREKLAKMYKTTPDVIFVFGFRTHFGGGKTTGFGMIYDSLDY
AKKNEPKHRLARHGLYEKKKTSRKQRKERKNRMKKVRGTAKANVGAGKKPK
;
SY
17 'polypeptide(L)'
;TKKRRNNGRAKKGRGHVQPIRCTNCARCVPKDKAIKKFVIRNIVEAAAVRDISEASVFDAYVLPKLYVKLHYCVSCAIHS
KVVRNRSREARKDRTPPPRFRP
;
Sa
18 'polypeptide(L)'
;PLAKDLLHPSPEEEKRKHKKKRLVQSPNSYFMDVKCPGCYKITTVFSHAQTVVLCVGCSTVLCQPTGGKARLTEGCSFRR
KQH
;
Sb
19 'polypeptide(L)' VHGSLARAGKVRGQTPKVAKQEKKKKKTGRAKRRMQYNRRFVNVVPTFGKKKGPNANS Se
20 'polyribonucleotide'
;UACCUGGUUGAUCCUGCCAGUAGCAU(A2M)UGCUUGUCUCAAAGAUUAAGCCAUGCAUGUCUAAGUACGCACGGCCGGU
ACAGUGAAACUGCGAA(PSU)GGCUC(A2M)UUAAA(PSU)CAG(PSU)UAUGGU(OMU)CCUU(OMU)GGUCGCUCGCU
CCUCUCCCACUUGGAUAACUGUGGUA(A2M)UUCUAG(A2M)GCUAA(OMU)A(OMC)AUGCCGACGGGCGCUGACCCCC
UUCGCGGGGGGGAUGCGUGCAUUUAUCAGUGGUGACUCUAGAUAACCUCGGGCCGAUCGCACGCCCCCCGUGGCGGCGAC
GACCCAUUCGAACGUC(OMU)GCCCUAUCAACUUUCGAUGGUAGUCGCCGUGCCUACCAUGGUGACCACGGG(PSU)GAC
GGGGAAUCAGGGUUCGAU(OMU)CCGGAGA(OMG)GGAGCCUGAGAAACGGCUACCACAU(OMC)CAAGG(A2M)AGGCA
GCAGGCGCGC(A2M)AAUUACCCACUCCCGACCCGGGGA(OMG)GUAGUGA(OMC)GAAAAAUAACAAUACAGGACUCUU
UCGAGGCCCUGUAAUUGGAAUGAGUCCACUUUAA(A2M)UCCUUUAACGAGGAUCCAUUGGAG(OMG)GCAAGUCUGGUG
CCAGCAGCCGCGG(OMU)AAUUCCAGCUCCAAUA(OMG)CGUA(PSU)A(PSU)UAAAGUUGCUGCAGUU(A2M)AAAAG
CUCGUAG(PSU)U(OMG)GA(PSU)CUUGGGAGCGGGCGUCCCCGCCCUCUCGGCCGGGGCCCGAAGCG(OMU)U(PSU)
ACUUUGAAAAAA(PSU)UAGAGUGUUCAAAGCAGGCCCGAGCCGCCUGGAUACCGCAGCUAGGAA(PSU)AA(PSU)
(OMG)GAAUAGGACCGCGGUUCUAUUUUGUUGGUUUUCGGAACUGAGGCCAUGAUUAAGAGGGACGGCCGGGGGCAUUCG
UAUUGCGCCGCUAGAGGUGAAAU(PSU)CUUGGACCGGCGCAAGACGGACCAGAGCGAAAGCAUU(PSU)GCCAAGAAUG
UUUUCAUUAAUCAAGA(A2M)CGAAAGUCGGAGG(PSU)(PSU)CGAAGACGA(PSU)CAGAUACCGUCGUAGUUCCGAC
CA(PSU)AAACGAUGCCGACCGGCGAUGCGGCGGCGUUAUUCCCAUGACCCGCCGGGCAGCUUCCGGGAAACCAAAGUCU
UUGGGUUCCGGGGGGAGUA(PSU)GG(PSU)UGCAAAGCUGAAACUUAAAGGAAUUGACGGAAGGGCACCACCAGGAGUG
GAGCC(PSU)GCGGCUUAAUU(PSU)GAC(B8N)CAACACGGGAAACCUCACCCGGC(OMC)CGGACACGGACAGGA
(OMU)UGACAGAUUGAUAGCUCUUUCUCGAUUCCGUGGGUGG(OMU)G(OMG)UGCAUGGC(4AC)GUUCUUAGUUGGUG
GAGCGAUUUGUCUGG(PSU)UAAUUCCGAUAACGA(A2M)CGAGACU(OMC)UGGCAUGCUAACUAGUUACGCGACCCCC
GAGCGGUCGGCGUCCCCCAACU(OMU)CUUAGAGGGACAAGUGGCGUUCAGCCACCCGAGAUUGAGCAAUAACA(OMG)G
UCUGUGAUGCCCUUAGAUGUCCGGGGCUGCACGCGCGCUACACUGACUGGCUCAGCGUGUGCCUACCCUACGCCGGCAGG
CGCGGGUAACCCGUUGAACCCCAUUCGUGAUGGGGAUCGGGGAUUGCAAUUAUUCCCCAUGAACGAG(G7M)AAUUCCCA
GUAAGUGCGGGUCAUAAGCUUGCGUUGAUUAAGUCCCUGCCCUUUGUACACACCG(OMC)CCGUCGCUACUACCGAUUGG
AUGGUUUAGUGAGGCCCUCGGAUCGGCCCCGCCGGGGUCGGCCCACGGCCCUGGCGGAGCGCUGAGAAGACGGUCGAACU
UGACUAUCUAGAGGAAGUAAAAGUCGUA(6MZ)CAAGGUUUC(4AC)GUAGGUG(MA6)(MA6)CCUGCGGAAGGAUCAU
UA
;
S2
21 'polypeptide(L)'
;SMLRLQKRLASSVLRCGKKKVWLDPNETNEIANANSRQQIRKLIKDGLIIRKPVTVHSRARCRKNTLARRKGRHMGIGKR
KGTANARMPEKVTWMRRMRILRRLLRRYRESKKIDRHMYHSLYLKVKGNVFKNKRILMEHIHKLKADKARKKLLADQAEA
RRSKTKEARKRREERLQAKKEEIIKTL
;
LR
22 'polypeptide(L)'
;MKVELCSFSGYKIYPGHGRRYARTDGKVFQFLNAKCESAFLSKRNPRQINWTVLYRRKHKKGQSEEIQKKRTRRAVKFQR
AITGASLADIMAKRNQKPEVRKAQREQAIRAAKEAKKAKQASKK
;
LW
23 'polypeptide(L)'
;MGRVRTKTVKKAARVIIEKYYTRLGNDFHTNKRVCEEIAIIPSKKLRNKIAGYVTHLMKRIQRGPVRGISIKLQEEERER
RDNYVPEVSALDQEIIEVDPDTKEMLKLLDFGSLSNLQVTQPTVGMNFKTPRGPV
;
SR
24 'polypeptide(L)'
;MAVQISKKRKFVADGIFKAELNEFLTRELAEDGYSGVEVRVTPTRTEIIILATRTQNVLGEKGRRIRELTAVVQKRFGFP
EGSVELYAEKVATRGLCAIAQAESLRYKLLGGLAVRRACYGVLRFIMESGAKGCEVVVSGKLRGQRAKSMKFVDGLMIHS
GDPVNYYVDTAVRHVLLRQGVLGIKVKIMLPWDPTGKIGPKKPLPDHVSIVEPKDEILPTTPISEQK
;
SD
25 'polypeptide(L)'
;DIKLFGKWSTDDVQINDISLQDYIAVKEKYAKYLPHSAGRYAAKRFRKAQCPIVERLTNSMMMHGRNNGKKLMTVRIVKH
AFEIIHLLTGENPLQVLVNAIINSGPREDSTRIGRAGTVRRQAVDVSPLRRVNQAIWLLCTGAREAAFRNIKTIAECLAD
ELINAAKGSSNSYAIKKKDELERVAKSNR
;
SF
26 'polypeptide(L)'
;MLMPKKNRIAIYELLFKEGVMVAKKDVHMPKHPELADKNVPNLHVMKAMQSLKSRGYVKEQFAWRHFYWYLTNEGIQYLR
DYLHLPPEIVPATLRRSR
;
SK
27 'polypeptide(L)'
;VMDVNTALQEVLKTALIHDGLARGIREAAKALDKRQAHLCVLASNCDEPMYVKLVEALCAEHQINLIKVDDNKKLGEWVG
LCKIDREGKPRKVVGCSCVVVKDYGKESQAKDVIEEYFKCKK
;
SM
28 'polypeptide(L)'
;TYRGVDLDQLLDMSYEQLMQLYSARQRRRLNRGLRRKQHSLLKRLRKAKKEAPPMEKPEVVKTHLRDMIILPEMVGSMVG
VYNGKTFNQVEIKPEMIGHYLGEFSITYKPVKHGRPGIGAT
;
SP
29 'polypeptide(L)'
;SKGPLQSVQVFGRKKTATAVAHCKRGNGLIKVNGRPLEMIEPRTLQYKLLEPVLLLGKERFAGVDIRVRVKGGGHVAQIY
AIRQSISKALVAYYQKYVDEASKKEIKDILIQYDRTLLVADPRRCESKKFGGPGARARYQKSYR
;
SQ
30 'polypeptide(L)'
;MSLVIPEKFQHILRVLNTNIDGRRKIAFAITAIKGVGRRYAHVVLRKADIDLTKRAGELTEDEVERVITIMQNPRQYKIP
DWFLNRQKDVKDGKYSQVLANGLDNKLREDLERLKKIRAHRGLRHFWGLRVRGQHTKTTGRRGRT
;
SS
31 'polypeptide(L)'
;PGVTVKDVNQQEFVRALAAFLKKSGKLKVPEWVDTVKLAKHKELAPYDENWFYTRAASTARHLYLRGGAGVGSMTKIYGG
RQRNGVMPSHFSRGSKSVARRVLQALEGLKMVEKDQDGGRKLTPQGQRDLDRIAGQVAAANKK
;
ST
32 'polypeptide(L)'
;AIHRIRITLTSRNVKSLEKVCADLIRGAKEKNLKVKGPVRMPTKTLRITTRKTPCGEGSKTWDRFQMRIHKRLIDLHSPS
EIVKQITSISIEPGVEVEVTIADA
;
SU
33 'polypeptide(L)' RDKLNNLVLFDKATYDKLCKEVPNYKLITPAVVSERLKIRGSLARAALQELLSKGLIKLVSKHRAQVIYTRNTKG SZ
34 'polypeptide(L)' RVQPIKLARVTKVLGRTGSQGQCTQVRVEFMDDTSRSIIRNVKGPVREGDVLTLLESEREARRL Sc
35 'polypeptide(L)' GHQQLYWSHPRKFGQGSRSCRVCSNRHGLIRKYGLNMCRQCFRQYAKDIGFIKLD Sd
36 'polypeptide(L)' YTTPKKNKHKRKKVKLAVLKYYKVDENGKISRLRRECPSDECGAGVFMASHFDRHYCGKCCLTYCFN Sf
37 'polypeptide(L)'
;TEQMTLRGTLKGHNGWVTQIATTPQFPDMILSASRDKTIIMWKLTRDETNYGIPQRALRGHSHFVSDVVISSDGQFALSG
SWDGTLRLWDLTTGTTTRRFVGHTKDVLSVAFSSDNRQIVSGSRDKTIKLWNTLGVCKYTVQDESHSEWVSCVRFSPNSS
NPIIVSCGWDKLVKVWNLANCKLKTNHIGHTGYLNTVTVSPDGSLCASGGKDGQAMLWDLNEGKHLYTLDGGDIINALCF
SPNRYWLCAATGPSIKIWDLEGKIIVDELKQEVISTSSKAEPPQCTSLAWSADGQTLFAGYTDNLVRVWQVTI
;
Sg
38 'polyribonucleotide' GUCUCCGUAGUGUAGGGUAUCACGUUCGCCUAACACGCGAAAGGUCCUCGGUUCGAAACCGGGCGGAAACA At
39 'polyribonucleotide' GUCUCCGUAGUGUAGGGUAUCACGUUCGCCUAACACGCGAAAGGUCCUCGGUUCGAAACCGGGCGGAAACACCA Pt
40 'polypeptide(L)' IMNQEKLAKLQAQVRIGGKGTARRKKKVVHR CI
41 'polyribonucleotide'
;CGCGACCUCAGAUCAGACGUGGCGACCCGCUGAAUUUAAGCAUAUUAGUCAGCGGAGGAGAAGAAACUAACCAGGAUUCC
CUCAGUAACGGCGAGUGAACAGGGAAGAGCCCAGCGCCGAAUCCCCGCCCCGCGGCGGGGCGCGGGACAUGUGGCGUACG
GAAGACCCGCUCCCCGGCGCCGCUCGUGGGGGGCCCAAGUCCUUCUGAUCGAGGCCCAGCCCGUGGACGGUGUGAGGCCG
GUAGCGGCCCCCGGCGCGCCGGGCCCGGGUCUUCCCGGAGUCGGGUUGCUUGGGAAUGCAGCCCAAAGCGGGUGGUAAAC
UCCAUCUAAGGCUAAAUACCGGCACGAGACCGAUAGUCAACAAGUACCGUAAGGGAAAGUUGAAAAGAACUUUGAAG
(A2M)G(A2M)GAGUUCAAGAGGGCGUGAAACCGUUAAGAGGUAAACGGGUGGGGUCCGCGCAGUCCGCCCGGAGGAUUC
AACCCGGCGGCGGGUCCGGCCGUGUCGGCGGCCCGGCGGAUCUUUCCCGCGCGGGGGACCGUCCCCCGACCGGCGACCGG
CCGCCGCCGGGCGCAUUUCCACCGCGGCGGUGCGCCGCGACCGGCUCCGGGACGGCUGGGAAGGCCCGGCGGGGAAGGUG
GCUCGGGGGCCCCCGAGUGUUACAGCCCCCCCGGCAGCAGCACUCGCCGAAUCCCGGGGCCGAGGGAGCGAGACCCGUCG
CCGCGCUCUCCCCCCUCGGGGGGGCCGGGCCACCCCUCCCACGGCGCGACCGCUCGGGGCGGACUGUCCCCAGUGCGCCC
CGGGCGGGUCGCGCCGUCGGGCCCGGGGGAGGCCACGCGCGCGUCCCCCGAAGAGGGGGACGGCGGAGCGAGCGCACGGG
GUCGGCGGCGACGUCGGCUACCCACCCGACCC(OMG)UCUUG(1MA)(A2M)AC(A2M)CGGACCAAGGAGU(OMC)UAA
CACGUGCGCGAGUCGGGGGCUCGCACGAAAGCCGCCGUGGCGCAAUGAAGGUGAAGGCCGGCGCGCUCGCCGGCCGAGGU
GGGAUCCCGAGGCCUCUCCAGUCCGCCGAGGGCGCACCACCGGCCCGUCUCGCCCGCCGCGCCGGGGAGGUGGAGCACGA
GCGCACGUGUUAGGACCC(OMG)A(A2M)AGAUGGUGA(A2M)C(PSU)AUGCCUGGGCAGGGCGAAGCCAGAGGAAACU
CUGGUGGAGGUCCG(PSU)AGCGGUCCUGACGUGCAAAUCGGUCGUCCGACCUGGGUAUAG(OMG)GGCGAAAGACUAAU
CGAACCAUCUAGUAGCUGGUUCCCUCCGAAGUUUCCC(PSU)CAGGA(PSU)AGCUGGCGCUCUCGCAGACCCGAGCCAC
GCAGUUUUAUCCGGUAAAGCGAA(PSU)GAUUAGAGGUCUUGGGGCCGAAACGAUCUCAACCUA(PSU)(PSU)CUCAAA
CUU(PSU)AAAUGGGUAAGAAGCCCGGCUCGCUGGCGUGGAGCCGGGCGUGGAAUGCGAGUGCCUAGUGGGCCAC(PSU)
U(PSU)UGGUAAGC(A2M)GAACUGGCGCUGCGGGAUGAACCGAACGCCGGGUUAAGGCGCCCGAUGCCGACGCUCAUCA
GACCCCAGAAAAGGUGUUGGUUGAUAUAGACAGCAGGACGGUGGCCAUGGAAGUCGGAAUCCGCUAAGGAGUGUGUAACA
ACUCACCUGCCGAAUCAACUAGCCCUGAAAAUGGAUGGCGCUGGAGCGUCGGGCCCAUACCCGGCCGUCGCCGGCAGUCG
AGAGUGGACGGGAGCGGCGGCCGGAGCCCCGCGGACGCUACGCCGCGACGAGUAGGAGGGCCGCUGCGGUGAGCCUUGAA
GCCUAGGGCGCGGGCCCGGGUGGAGCCGCCGCAGGUGCAGAU(OMC)UUGGUGGUAGU(A2M)(OMG)(OMC)AAAUAUU
CAAACGAGAACUUUGAAGGCCGAAGUGG(A2M)GAAGGGUUCCAUGUGAACAG(OMC)A(OMG)UUGAACAUGGGUCAGU
CGGUCCUGAGAGAUGGGCGAGCGCCGUUCCGAAGGGACGGGCGAUGGCCUCCGUUGCCCUCGGCCGAUCGAAAGGGAGUC
GGGUUCAGAUCCCCGAAUCCGGAGUGGCGGAGAUGGGCGCCGCGAGGCGUCCAGUGCGGUAACGCGACCGAUCCCGGAGA
AGCCGGCGGGAGCCCCGGGGAGAGUUCUCUU(PSU)UCUUUGUGAAGGGCAGGGCGCCCUGGAAUGGGUUCGCCCCGAGA
GAGGGGCCCGUGCCUUGGAAAGCGUCGCGGUUCCGGCGGCGUCCGGUGAGCUCUCGCUGGCCCUUGAAAAUCCGGGGGAG
AGGGUGUAAAUCUCGCGCCGGGCCGUACCC(A2M)UAUCCGCAGCAGGUCU(OMC)CAAGGUGAAC(A2M)GCCUCUGG
(OMC)AUGUUGGAACAA(OMU)G(PSU)AGGUAAGGGAAGUCGGCAAGC(OMC)GGAUCCGUAACUUC(OMG)GGAUAAG
GAUUGGCUCUAAGGGCUGGGUCGGUCGCGGCCGGCGCCUAGCAGCCGACUUAGAACUGGUGCGGACCAGG(OMG)GAAUC
CGAC(PSU)G(PSU)UUAAUUAAAACAAAGCAUCGCGAAGGCCCGCGGCGGGUGUUGACGCGAUGUGAUU(PSU)CUGCC
(OMC)AGUGCUCUGAAUGUCA(A2M)AGUGAAGAAAUUCAAUGAAGCGCGG(OMG)UAAACGGCGGGAGUAACUAUGACU
CUCUUAAGGUAGC(5MC)AA(A2M)UGCCUC(OMG)UCAUCUAAUUAGUGA(OMC)GCGCAUGAA(UY1)GGA(PSU)GA
(A2M)CGAG(A2M)UUCCCACUGU(OMC)CC(PSU)ACCUAC(PSU)A(PSU)CCAGCGAAACCAC(A2M)G(OMC)CAA
GGGAACGGGCU(PSU)GG(OMC)GGAAUCAGCGG(OMG)GAAAGAAGACCCUGUUGAGC(PSU)UGAC(OMU)CUAGUCU
GGCACGGUGAAGAGACAUGAGAACUCUGAUCGUUUUUUCACUGACCCGGUGAGGCGGGGGGGCGAGCCCCGAGGGGCUCU
CGCUUCUGGCGCCAAGCGCCCGGCCGCGCGCCGGCCGGGCGCGACCCGCUCCGGGGACAGUGCCAGGUGGGGAGUUUGAC
UG(OMG)GGCGGUACACCUGUCAAACGGUA(6MZ)CGCAGG(OMU)(OMG)UCCUAAGGCGAGCUCAGGGAGGACAGAAA
CCUCCCGUGGAGCAGAAGGGCAAAAGCUCGCUUGA(PSU)CU(PSU)GA(PSU)UUUCAG(OMU)ACGAA(PSU)ACAGA
CCGUGAAAGCGGGGCCUCACGAUCCUUCUGACCUU(PSU)UGGGUUU(PSU)AAGCAGGA(OMG)GUGUCAGAAAAGUUA
CCACAG(OMG)GAUAACUGGC(PSU)UGUGGCGGCCAAGCGUUCAUAGCGACG(PSU)CGCUUUUUGA(PSU)CCUU
(5MC)GAUGUCGG(OMC)(PSU)CUUCCUAUCAUUG(PSU)GAAGCAGAAUUCACCAAGCGU(PSU)(OMG)GAU(OMU)
(OMG)(PSU)UCACCCACUAAUAGGGAACG(PSU)G(A2M)GCUGGG(UR3)U(PSU)AGA(OMC)CGUCGUGAGACAGG
U(PSU)AGUUUUACCCUACUGAUG(A2M)UGUG(PSU)UG(PSU)UGCCAUGGUA(A2M)UCCUGCUCAGUACGAGAGGA
ACCGCAG(OMG)U(OMU)CA(OMG)ACAU(PSU)UGGUGUA(PSU)(OMG)UGCUUGGCUGAGGAGCCAAUGGGGCGAAG
CUACCA(PSU)CUGUGGGAUUAUGAC(PSU)GAACGCCUCUAAGUCAGAAUCCCGCCCAGGCGGAACGAUACGGCAGCGC
CGCGGAGCCUCGGUUGGCCUCGGAUAGCCGGUCCCCCGCCGGGGUCCGGUGCGGAGUGCCCUUCGUCCUGGGAAACGGGG
CGCGGCCGGAGAGGCGGCCGCCCCCUCGCCCGUCACGCACCGCACGUUCGUGGGGAACCUGGCGCUAAACCA(PSU)
(PSU)CGUAGACGACCUGCUUCUGGGUCGGGG(PSU)UUCGUACG(PSU)AGCAGAGCAGCUCCCUCGCUGCGAUCUAUU
GAAAGUCAGCCCUCGACACAAGGGUUUGU
;
L5
42 'polyribonucleotide'
;GUCUACGGCCAUACCACCCUGAACGCGCCCGAUCUCGUCUGAUCUCGGAAGCUAAGCAGGGUCGGGCCUGGUUAGUACUU
GGAUGGGAGACCGCCUGGGAAUACCGGGUGCUGUAGGCUU
;
L7
43 'polyribonucleotide'
;CGACUCUUAGCGGUGGAUCACUCGGCUCGUGCGUCGAUGAAGAACGCAGCUAGC(PSU)GCGAGAAUUAAUG(PSU)GAA
UU(OMG)CAGGACACAUUGAUCAUCGACACUUCGAACGCACUUGCGGCCCCGGGUUCCUCCCGGGGCUACGCCUGUCUGA
GCGUCGCU
;
L8
44 'polypeptide(L)'
;GRVIRGQRKGAGSVFRAHVKHRKGAARLRAVDFAERHGYIKGIVKDIIHDPGRGAPLAKVVFRDPYRFKKRTELFIAAEG
IHTGQFVYCGKKAQLNIGNVLPVGTMPEGTIVCCLEEKPGDRGKLARASGNYATVISHNPETKKTRVKLPSGSKKVISSA
NRAVVGVVAGGGRIDKPILKAGRAYHKYKAKRNCWPRVRGVAMNPVEHPFGGGNHQHIGKPSTIRRDAPAGRKVGLIAAR
RTGRLRGT
;
LA
45 'polypeptide(L)'
;SHRKFSAPRHGSLGFLPRKRSSRHRGKVKSFPKDDPSKPVHLTAFLGYKAGMTHIVREVDRPGSKVNKKEVVEAVTIVET
PPMVVVGIVGYVETPRGLRTFKTVFAEHISDECKRRFYKNWHKSKKKAFTKYCKKWQDEDGKKQLEKDFSSMKKYCQVIR
VIAHTQMRLLPLRQKKAHLMEIQVNGGTVAEKLDWARERLEQQVPVNQVFGQDEMIDVIGVTKGKGYKGVTSRWHTKKLP
RKTHRGLRKVACIGAWHPARVAFSVARAGQKGYHHRTEINKKIYKIGQGYLIKDGKLIKNNASTDYDLSDKSINPLGGFV
HYGEVTNDFVMLKGCVVGTKKRVLTLRKSLLVQTKRRALEKIDLKFIDTTSKFGHGRFQTMEEKKAFMGPLKKDRIAKEE
GA
;
LB
46 'polypeptide(L)'
;MACARPLISVYSEKGESSGKNVTLPAVFKAPIRPDIVNFVHTNLRKNNRQPYAVSELAGHQTSAESWGTGRAVARIPRVR
GGGTHRSGQGAFGNMCRGGRMFAPTKTWRRWHRRVNTTQKRYAICSALAASALPALVMSKGHRIEEVPELPLVVEDKVEG
YKKTKEAVLLLKKLKAWNDIKKVYASQRMRAGKGKMRNRRRIQRRGPCIIYNEDNGIIKAFRNIPGITLLNVSKLNILKL
APGGHVGRFCIWTESAFRKLDELYGTWRKAASLKSNYNLPMHKMINTDLSRILKSPEIQRALRAPRKKIHRRVLKKNPLK
NLRIMLKLNPYAKTMRRNTILRQARNHKLRVDKAAAAAAALQAKSDEK
;
LC
47 'polypeptide(L)'
;GFVKVVKNKAYFKRYQVKFRRRREGKTDYYARKRLVIQDKNKYNTPKYRMIVRVTNRDIICQIAYARIEGDMIVCAAYAH
ELPKYGVKVGLTNYAAAYCTGLLLARRLLNRFGMDKIYEGQVEVTGDEYNVESIDGQPGAFTCYLDAGLARTTTGNKVFG
ALKGAVDGGLSIPHSTKRFPGYDSESKEFNAEVHRKHIMGQNVADYMRYLMEEDEDAYKKQFSQYIKNSVTPDMMEEMYK
KAHAAIRENPVYEKKPKKEVKKKRWNRPKMSLAQKKDRVAQKKASFLRAQERA
;
LD
48 'polypeptide(L)'
;KGKPHCSRNPVLVRGIGRYSRSAMYSRKAMYKRKYSAAKSKVEKKKKEKVLATVTKPVGGDKNGGTRVVKLRKMPRYYPT
EDVPRKLLSHGKKPFSQHVRKLRASITPGTILIILTGRHRGKRVVFLKQLASGLLLVTGPLVLNRVPLRRTHQKFVIATS
TKIDISNVKIPKHLTDAYFKKKKLRKPRHQEGEIFDTEKEKYEITEQRKIDQKAVDSQILPKIKAIPQLQGYLRSVFALT
NGIYPHKLVF
;
LE
49 'polypeptide(L)'
;NFAELKIKRLRKKFAQKMLRKARRKLIYEKAKHYHKEYRQMYRTEIRMARMARKAGNFYVPAEPKLAFVIRIRGINGVSP
KVRKVLQLLRLRQIFNGTFVKLNKASINMLRIVEPYIAWGYPNLKSVNELIYKRGYGKINKKRIALTDNALIARSLGKYG
IICMEDLIHEIYTVGKRFKEANNFLWPFKLSSPRGGMKKKTTHFVEGGDAGNREDQINRLIRRMN
;
LF
50 'polypeptide(L)'
;KVVNPLFEKRPKNFGIGQDIQPKRDLTRFVKWPRYIRLQRQRAILYKRLKVPPAINQFTQALDRQTATQLLKLAHKYRPE
TKQEKKQRLLARAEKKAAGKGDVPTKRPPVLRAGVNTVTTLVENKKAQLVVIAHDVDPIELVVFLPALCRKMGVPYCIIK
GKARLGRLVHRKTCTTVAFTQVNSEDKGALAKLVEAIRTNYNDRYDEIRRHWGGNVLGPKSVARIAKLEKAKAKELATKL
G
;
LG
51 'polypeptide(L)'
;MKTILSNQTVDIPENVDITLKGRTVIVKGPRGTLRRDFNHINVELSLLGKKKKRLRVDKWWGNRKELATVRTICSHVQNM
IKGVTLGFRYKMRSVYAHFPINVVIQENGSLVEIRNFLGEKYIRRVRMRPGVACSVSQAQKDELILEGNDIELVSNSAAL
IQQATTVKNKDIRKFLDGIYVSEKGTVQQA
;
LH
52 'polypeptide(L)'
;GRRPARCYRYCKNKPYPKSRFCRGVPDAKIRIFDLGRKKAKVDEFPLGGHMVSDEYEQLSSEALEAARICANKYMVKSCG
RDGFHMRVRLHPFHVIRINKMLSCAGADRLQTGMRGAFGKPQGTVARVHIGQVIMSIRTKLQNEEHVIEALRRAKFKFPG
RQKIHISKKWGFTKFNADEFEDMVAKKCLIPDGCGVKYVPSHGPLDKWRVLHS
;
LI
53 'polypeptide(L)'
;QDQGEKENPMRELRIRKLCLNICVGESGDRLTRAAKVLEQLTGQTPVFSKARYTVRSFGIRRNEKIAVHCTVRGAKAEEI
LEKGLKVREYELRKNNFSDTGNFGFGIQEHIDLGIKYDPSIGIYGLDFYVVLGRPGFSIADKKRRTGCIGAKHRISKEEA
MRWFQQKYDGIILPGK
;
LJ
54 'polypeptide(L)'
;APSRNGMVLKPHFHKDWQRRVATWFNQPARKIRRRKARQAKARRIAPRPASGPIRPIVRCPTVRYHTKVRAGRGFSLEEL
RVAGIHKKVARTIGISVDPRRRNKSTESLQANVQRLKEYRSKLILFPRKPSAPKKGDSSAEELKLATQLTGPVMPVRNVY
KKEKARVITEEEKNFKAFASLRMARANARLFGIRAKRAKEAAEQDVEKKK
;
LL
55 'polypeptide(L)'
;VFRRFVEVGRVAYVSFGPHAGKLVAIVDVIDQNRALVDGPCTQVRRQAMPFKCMQLTDFILKFPHSAHQKYVRQAWQKAD
INTKWAATRWAKKIEARERKAKMTDFDRFKVMKAKKMRNRIIKNEVKKLQKAALLKASP
;
LM
56 'polypeptide(L)'
;GAYKYIQELWRKKQSDVMRFLLRVRCWQYRQLSALHRAPRPTRPDKARRLGYKAKQGYVIYRIRVRRGGRKRPVPKGATY
GKPVHHGVNQLKFARSLQSVAEERAGRHCGALRVLNSYWVGEDSTYKFFEVILIDPFHKAIRRNPDTQWITKPVHKHREM
RGLTSAGRKSRGLGKGHKFHHTIGGSRRAAWRRRNTLQLHRYR
;
LN
57 'polypeptide(L)'
;EVQVLVLDGRGHLLGRLAAIVAKQVLLGRKVVVVRCEGINISGNFYRNKLKYLAFLRKRMNTNPSRGPYHFRAPSRIFWR
TVRGMLPHKTKRGQAALDRLKVFDGIPPPYDKKKRMVVPAALKVVRLKPTRKFAYLGRLAHEVGWKYQAVTATLEEKRKE
KAKIHYRKKKQLMRLRKQAEKNVEKKIDKYTEVLKTHGLLV
;
LO
58 'polypeptide(L)'
;VRYSLDPENPTKSCKSRGSNLRVHFKNTRETAQAIKGMHIRKATKYLKDVTLQKQCVPFRRYNGGVGRCAQAKQWGWTQG
RWPKKSAEFLLHMLKNAESNAELKGLDVDSLVIEHIQVNKAPKMRRRTYRAHGRINPYMSSPCHIEMILTEKE
;
LP
59 'polypeptide(L)'
;GVDIRHNKDRKVRRKEPKSQDIYLRLLVKLYRFLARRTNSTFNQVVLKRLFMSRTNRPPLSLSRMIRKMKLPGRENKTAV
VVGTITDDVRVQEVPKLKVCALRVTSRARSRILRAGGKILTFDQLALDSPKGCGTVLLSGPRKGREVYRHFGKAPGTPHS
HTKPYVRSKGRKFERARGRRASRGYKN
;
LQ
60 'polypeptide(L)'
;KASGTLREYKVVGRCLPTPKCHTPPLYRMRIFAPNHVVAKSRFWYFVSQLKKMKKSSGEIVYCGQVFEKSPLRVKNFGIW
LRYDSRSGTHNMYREYRDLTTAGAVTQCYRDMGARHRARAHSIQIMKVEEIAASKCRRPAVKQFHDSKIKFPLPHRVLRR
QHKPRFTTKRPNTFF
;
LS
61 'polypeptide(L)'
;TNTKGKRRGTRYMFSRPFRKHGVVPLATYMRIYKKGDIVDIKGMGTVQKGMPHKCYHGKTGRVYNVTQHAVGIVVNKQVK
GKILAKRINVRIEHIKHSKSRDSFLKRVKENDQKKKEAKEKGTWVQLKRQPAPPREAHFVRTNGKEPELLEPIPYEFMA
;
LT
62 'polypeptide(L)'
;QVLKFTLDCTHPVEDGIMDAANFEQFLQERIKVNGKAGNLGGGVVTIERSKSKITVTSEVPFSKRYLKYLTKKYLKKNNL
RDWLRVVANSKESYELRYFQI
;
LU
63 'polypeptide(L)'
;SGAKFRISLGLPVGAVINCADNTGAKNLYIISVKGIKGRLNRLPAAGVGDMVMATVKKGKPELRKKVHPAVVIRQRKSYR
RKDGVFLYFEDNAGVIVNNKGEMKGSAITGPVAKECADLWPRIASNAGSIA
;
LV
64 'polypeptide(L)'
;KKKIRTSPTFRRPKTLRLRRQPKYPRKSAPRRNKLDHYAIIKFPLTTESAMKKIEDNNTLVFIVDVKANKHQIKQAVKKL
YDIDVAKVNTLIRPDGEKKAYVRLAPDYDALDVANKIGII
;
LX
65 'polypeptide(L)'
;MKFNPFVTSDRSKNRKRHFNAPSHIRRKIMSSPLSKELRQKYNVRSMPIRKDDEVQVVRGHYKGQQIGKVVQVYRKKYVI
YIERVQREKANGTTVHVGIHPSKVVITRLKLDKDRKKILERKAKSRQVGKEKGK
;
LY
66 'polypeptide(L)'
;GKFMKPGKVVLVLAGRYSGRKAVIVKNIDDGTSDRPYSHALVAGIDRYPRKVTAAMGKKKIAKRSKIKSFVKVYNYNHLM
PTRYSVDIPLDKTVVNKDVFRDPALKRKARREAKVKFEERYKTGKNKWFFQKLRF
;
LZ
67 'polypeptide(L)'
;PSRLRKTRKLRGHVSHGHGRIGKHRKHPGGRGNAGGLHHHRINFDKYHPGYFGKVGMKHYHLKRNQSFCPTVNLDKLWTL
VSEQTRVNAAKNKTGAAPIIDVVRSGYYKVLGKGKLPKQPVIVKAKFFSRRAEEKIKSVGGACVLVA
;
La
68 'polypeptide(L)'
;AKSKNHTTHNQSRKWHRNGIKKPRSQRYESLKGVDPKFLRNMRFAKKHNKKGLKKMQANNAKAMSARAEAIKALVKPKEV
KPKIPKGVSRKLDRLAYIAHPKLGKRARARIAKGLRLCRPK
;
Lb
69 'polypeptide(L)'
;KSLESINSRLQLVMKSGKYVLGYKQTLKMIRQGKAKLVILANNCPALRKSEIEYYAMLAKTGVHHYSGNNIELGTACGKY
YRVCTLAIIDPGDSDIIR
;
Lc
70 'polypeptide(L)'
;NEVVTREYTINIHKRIHGVGFKKRAPRALKEIRKFAMKEMGTPDVRIDTRLNKAVWAKGIRNVPYRIRVRLSRKRNEDED
SPNKLYTLVTYVPVTTFKNLQTVNVDE
;
Ld
71 'polypeptide(L)'
;AALRPLVKPKIVKKRTKKFIRHQSDRYVKIKRNWRKPRGIDNRVRRRFKGQILMPNIGYGSNKKTKHMLPSGFRKFLVHN
VKELEVLLMCNKSYCAEIAHNVSSKNRKAIVERAAQLAIRVTNPNARL
;
Le
72 'polypeptide(L)'
;SGRLWSKAIFAGYKRGLRNQREHTALLKIEGVYARDETEFYLGKRCAYVYKAKNNTVTPGGKPNKTRVIWGKVTRAHGNS
GMVRAKFRSNLPAKAIGHRIRVMLYPSRI
;
Lf
73 'polypeptide(L)'
;VQRLTYRRRLSYNTASNKTRLSRTPGNRIVYLYTKKVGKAPKSACGVCPGRLRGVRAVRPKVLMRLSKTKKHVSRAYGGS
MCAKCVRDRIKRAFLIEEQKIVVKVLKAQAQSQK
;
Lg
74 'polypeptide(L)'
;AKIKARDLRGKKKEELLKQLDDLKVELSQLRVAKVTGGAASKLSKIRVVRKSIARVLTVINQTQKENLRKFYKGKKYKPL
DLRPKKTRAMRRRLNKHEENLKTKKQQRKERLYPLRKYAVKA
;
Lh
75 'polypeptide(L)'
;ALRYPMAVGLNKGHKVTKNVSKPRHSRRRGRLTKHTKFVRDMIREVCGFAPYERRAMELLKVSKDKRALKFIKKRVGTHI
RAKRKREELSNVLAAMRKAAAK
;
Li
76 'polypeptide(L)'
;TKGTSSFGKRRNKTHTLCRRCGSKAYHLQKSTCGKCGYPAKRKRKYNWSAKAKRRNTTGTGRMRHLKIVYRRFRHGFREG
TTPKPK
;
Lj
77 'polypeptide(L)' PRKIEEIKDFLLTARRKDAKSVKIKKNKDNVKFKVRCSRYLYTLVITDKEKAEKLKQSLPPGLAVKELK Lk
78 'polypeptide(L)' SSHKTFRIKRFLAKKQKQNRPIPQWIRMKTGNKIRYNSKRRHWRRTKLGL Ll
79 'polypeptide(L)' IIEPSLRQLAQKYNCDKMICRKCYARLHPRAVNCRKKKCGHTNNLRPKKKVK Lm
80 'polypeptide(L)' MRAKWRKKRMRRLKRKRRKMRQRS Ln
81 'polypeptide(L)'
;VNVPKTRRTFCKKCGKHQPHKVTQYKKGKDSLYAQGKRRYDRKQSGYGGQTKPIFRKKAKTTKKIVLRLECVEPNCRSKR
MLAIKRCKHFELGGDKKRKGQVIQF
;
Lo
82 'polypeptide(L)'
;AKRTKKVGIVGKYGTRYGASLRKMVKKIEISQHAKYTCSFCGKTKMKRRAVGIWHCGSCMKTVAGGAWTYNTTSAVTVKS
AIRRLKELKDQ
;
Lp
83 'polypeptide(L)'
;SAHLQWMVVRNCSSFLIKRNKQTYSTEPNNLKARNSFRYNGLIHRKTVGVEPAADGKGVVVVIKRRSGQRKPATSYVRTT
INKNARATLSSIRHMIRKNKYRPDLRMAAIRRASAILRSQKPVMV
;
Lr
84 'polypeptide(L)'
;DRATWKSNYFLKIIQLLDDYPKCFIVGADNVGSKQMQQIRMSLRGKAVVLMGKNTMMRKAIRGHLENNPALEKLLPHIRG
NVGFVFTKEDLTEIRDMLLANKVPAAARAGAIAPCEVTVPAQNTGLGPEKTSFFQALGITTKISRGTIEILSDVQLIKTG
DKVGASEATLLNMLNISPFSFGLVIQQVFDNGSIYN
;
Ls
85 'polypeptide(L)'
;PNEIKVVYLRCTGGEVGATSALAPKIGPLGLSPKKVGDDIAKATGDWKGLRITVKLTIQNRQAQIEVVPSASALIIKALK
EPPRDRKKQKNIKHSGNITFDEIVNIARQMRHRSLARELSGTIKEILGTAQSVGCNVDGRHPHDIIDDINSGAVECP
;
Lt
#
loop_
_chem_comp.id
_chem_comp.type
_chem_comp.name
_chem_comp.formula
1MA RNA linking 6-HYDRO-1-METHYLADENOSINE-5'-MONOPHOSPHATE 'C11 H16 N5 O7 P'
3HE non-polymer 4-{(2R)-2-[(1S,3S,5S)-3,5-dimethyl-2-oxocyclohexyl]-2-hydroxyethyl}piperidine-2,6-dione 'C15 H23 N O4'
4AC RNA linking N(4)-ACETYLCYTIDINE-5'-MONOPHOSPHATE 'C11 H16 N3 O9 P'
5MC RNA linking 5-METHYLCYTIDINE-5'-MONOPHOSPHATE 'C10 H16 N3 O8 P'
6MZ RNA linking N6-METHYLADENOSINE-5'-MONOPHOSPHATE 'C11 H16 N5 O7 P'
A RNA linking ADENOSINE-5'-MONOPHOSPHATE 'C10 H14 N5 O7 P'
A2M RNA linking '2'-O-methyladenosine 5'-(dihydrogen phosphate)' 'C11 H16 N5 O7 P'
B8N RNA linking '(2~{R})-2-azanyl-4-[5-[(2~{S},3~{R},4~{S},5~{R})-3,4-bis(oxidanyl)-5-(phosphonooxymethyl)oxolan-2-yl]-3-methyl-2,6-bis(oxidanylidene)pyrimidin-1-yl]butanoic acid' 'C14 H22 N3 O11 P'
C RNA linking CYTIDINE-5'-MONOPHOSPHATE 'C9 H14 N3 O8 P'
G RNA linking GUANOSINE-5'-MONOPHOSPHATE 'C10 H14 N5 O8 P'
G7M RNA linking N7-METHYL-GUANOSINE-5'-MONOPHOSPHATE 'C11 H17 N5 O8 P 1'
HMT non-polymer (3beta)-O~3~-[(2R)-2,6-dihydroxy-2-(2-methoxy-2-oxoethyl)-6-methylheptanoyl]cephalotaxine 'C29 H39 N O9'
MA6 RNA linking 6N-DIMETHYLADENOSINE-5'-MONOPHOSHATE 'C12 H18 N5 O7 P'
MG non-polymer 'MAGNESIUM ION' 'Mg 2'
OMC RNA linking O2'-METHYLYCYTIDINE-5'-MONOPHOSPHATE 'C10 H16 N3 O8 P'
OMG RNA linking O2'-METHYLGUANOSINE-5'-MONOPHOSPHATE 'C11 H16 N5 O8 P'
OMU RNA linking 'O2'-METHYLURIDINE 5'-MONOPHOSPHATE' 'C10 H15 N2 O9 P'
PSU RNA linking PSEUDOURIDINE-5'-MONOPHOSPHATE 'C9 H13 N2 O9 P'
SPD non-polymer SPERMIDINE 'C7 H19 N3'
SPM non-polymer SPERMINE 'C10 H26 N4'
U RNA linking URIDINE-5'-MONOPHOSPHATE 'C9 H13 N2 O9 P'
UR3 RNA linking 3-METHYLURIDINE-5'-MONOPHOSHATE 'C10 H15 N2 O9 P'
UY1 RNA linking 2'-O-methylpseudouridine-5'-monophosphate 'C10 H15 N2 O9 P'
ZN non-polymer 'ZINC ION' 'Zn 2'
#
# COMPACT_ATOMS: atom_id res chain seq x y z
N GLY B 1 63.50 -34.26 94.19
CA GLY B 1 64.29 -34.53 95.37
C GLY B 1 63.45 -34.83 96.59
N ALA B 2 63.14 -36.12 96.79
CA ALA B 2 62.36 -36.55 97.94
C ALA B 2 63.18 -36.65 99.21
N LEU B 3 64.51 -36.60 99.11
CA LEU B 3 65.35 -36.68 100.30
C LEU B 3 65.35 -35.36 101.06
N ASP B 4 65.58 -35.46 102.38
CA ASP B 4 65.68 -34.28 103.21
C ASP B 4 66.95 -33.50 102.91
N VAL B 5 68.00 -34.18 102.46
CA VAL B 5 69.24 -33.49 102.13
C VAL B 5 69.05 -32.57 100.93
N LEU B 6 68.23 -32.98 99.97
CA LEU B 6 67.97 -32.18 98.78
C LEU B 6 66.82 -31.22 99.05
N GLN B 7 67.12 -30.21 99.86
CA GLN B 7 66.13 -29.22 100.23
C GLN B 7 66.77 -27.84 100.21
N MET B 8 65.93 -26.83 100.08
CA MET B 8 66.41 -25.45 100.01
C MET B 8 66.97 -25.00 101.35
N LYS B 9 67.76 -23.94 101.30
CA LYS B 9 68.30 -23.30 102.49
C LYS B 9 67.85 -21.85 102.54
N GLU B 10 67.97 -21.25 103.73
CA GLU B 10 67.53 -19.88 103.93
C GLU B 10 68.32 -18.92 103.04
N GLU B 11 69.63 -19.14 102.91
CA GLU B 11 70.43 -18.26 102.07
C GLU B 11 70.10 -18.43 100.60
N ASP B 12 69.74 -19.64 100.18
CA ASP B 12 69.29 -19.84 98.81
C ASP B 12 67.98 -19.11 98.55
N VAL B 13 67.06 -19.17 99.50
CA VAL B 13 65.80 -18.43 99.37
C VAL B 13 66.07 -16.93 99.31
N LEU B 14 66.98 -16.45 100.16
CA LEU B 14 67.33 -15.04 100.14
C LEU B 14 67.93 -14.63 98.80
N LYS B 15 68.78 -15.48 98.24
CA LYS B 15 69.34 -15.22 96.92
C LYS B 15 68.25 -15.13 95.87
N PHE B 16 67.29 -16.06 95.92
CA PHE B 16 66.20 -16.04 94.94
C PHE B 16 65.37 -14.76 95.06
N LEU B 17 64.99 -14.39 96.28
CA LEU B 17 64.18 -13.19 96.45
C LEU B 17 64.94 -11.93 96.09
N ALA B 18 66.24 -11.89 96.39
CA ALA B 18 67.05 -10.74 96.02
C ALA B 18 67.24 -10.62 94.51
N ALA B 19 67.34 -11.74 93.80
CA ALA B 19 67.45 -11.75 92.35
C ALA B 19 66.08 -11.70 91.67
N GLY B 20 65.01 -11.66 92.45
CA GLY B 20 63.68 -11.64 91.88
C GLY B 20 63.15 -13.05 91.77
N THR B 21 63.27 -13.64 90.58
CA THR B 21 63.15 -15.09 90.37
C THR B 21 61.70 -15.56 90.52
N HIS B 22 60.80 -14.67 90.95
CA HIS B 22 59.39 -15.02 91.07
C HIS B 22 58.45 -13.98 90.51
N LEU B 23 58.92 -12.78 90.23
CA LEU B 23 58.07 -11.72 89.68
C LEU B 23 57.87 -12.01 88.20
N GLY B 24 56.86 -12.82 87.90
CA GLY B 24 56.63 -13.27 86.54
C GLY B 24 55.98 -12.21 85.68
N GLY B 25 55.66 -12.60 84.45
CA GLY B 25 55.05 -11.70 83.50
C GLY B 25 53.59 -11.46 83.80
N THR B 26 52.97 -10.69 82.91
CA THR B 26 51.56 -10.36 83.06
C THR B 26 50.65 -11.35 82.33
N ASN B 27 51.21 -12.29 81.57
CA ASN B 27 50.43 -13.27 80.84
C ASN B 27 50.89 -14.67 81.24
N LEU B 28 49.92 -15.54 81.52
CA LEU B 28 50.19 -16.89 81.99
C LEU B 28 49.86 -17.90 80.91
N ASP B 29 50.77 -18.84 80.69
CA ASP B 29 50.49 -19.94 79.79
C ASP B 29 49.67 -21.01 80.50
N PHE B 30 48.77 -21.64 79.75
CA PHE B 30 47.97 -22.72 80.32
C PHE B 30 48.82 -23.93 80.70
N GLN B 31 49.98 -24.11 80.07
CA GLN B 31 50.91 -25.13 80.51
C GLN B 31 51.71 -24.71 81.73
N MET B 32 51.78 -23.42 82.03
CA MET B 32 52.44 -22.91 83.23
C MET B 32 51.46 -22.63 84.36
N GLU B 33 50.17 -22.84 84.13
CA GLU B 33 49.18 -22.61 85.18
C GLU B 33 49.39 -23.51 86.38
N GLN B 34 49.69 -24.78 86.14
CA GLN B 34 49.91 -25.71 87.24
C GLN B 34 51.23 -25.49 87.95
N TYR B 35 52.15 -24.73 87.35
CA TYR B 35 53.37 -24.32 88.03
C TYR B 35 53.20 -23.03 88.81
N ILE B 36 52.37 -22.11 88.33
CA ILE B 36 52.19 -20.83 89.02
C ILE B 36 51.48 -21.05 90.35
N TYR B 37 51.58 -20.06 91.24
CA TYR B 37 50.97 -20.10 92.55
C TYR B 37 49.86 -19.07 92.72
N LYS B 38 50.13 -17.82 92.37
CA LYS B 38 49.14 -16.75 92.53
C LYS B 38 49.50 -15.60 91.61
N ARG B 39 48.53 -14.71 91.41
CA ARG B 39 48.75 -13.45 90.70
C ARG B 39 48.41 -12.31 91.64
N LYS B 40 49.35 -11.39 91.82
CA LYS B 40 49.14 -10.30 92.75
C LYS B 40 48.28 -9.21 92.14
N SER B 41 47.91 -8.24 92.97
CA SER B 41 47.02 -7.17 92.57
C SER B 41 47.60 -6.27 91.51
N ASP B 42 48.91 -6.34 91.26
CA ASP B 42 49.54 -5.53 90.21
C ASP B 42 49.53 -6.23 88.86
N GLY B 43 48.92 -7.40 88.77
CA GLY B 43 48.91 -8.15 87.54
C GLY B 43 50.14 -9.00 87.30
N ILE B 44 50.98 -9.18 88.32
CA ILE B 44 52.23 -9.94 88.19
C ILE B 44 52.03 -11.28 88.86
N TYR B 45 52.25 -12.36 88.10
CA TYR B 45 52.07 -13.70 88.63
C TYR B 45 53.18 -14.04 89.62
N ILE B 46 52.84 -14.89 90.59
CA ILE B 46 53.77 -15.33 91.61
C ILE B 46 53.95 -16.83 91.49
N ILE B 47 55.19 -17.27 91.30
CA ILE B 47 55.51 -18.67 91.07
C ILE B 47 55.56 -19.41 92.39
N ASN B 48 55.64 -20.73 92.33
CA ASN B 48 55.91 -21.56 93.50
C ASN B 48 57.39 -21.91 93.48
N LEU B 49 58.16 -21.28 94.36
CA LEU B 49 59.60 -21.47 94.39
C LEU B 49 59.98 -22.89 94.78
N LYS B 50 59.15 -23.56 95.59
CA LYS B 50 59.40 -24.96 95.90
C LYS B 50 59.28 -25.82 94.64
N ARG B 51 58.27 -25.56 93.81
CA ARG B 51 58.15 -26.22 92.53
C ARG B 51 59.34 -25.90 91.63
N THR B 52 59.81 -24.66 91.65
CA THR B 52 61.00 -24.29 90.89
C THR B 52 62.21 -25.09 91.35
N TRP B 53 62.39 -25.22 92.67
CA TRP B 53 63.50 -25.99 93.20
C TRP B 53 63.42 -27.45 92.80
N GLU B 54 62.21 -28.03 92.88
CA GLU B 54 62.07 -29.43 92.51
C GLU B 54 62.34 -29.65 91.02
N LYS B 55 61.86 -28.74 90.17
CA LYS B 55 62.14 -28.84 88.75
C LYS B 55 63.63 -28.67 88.47
N LEU B 56 64.30 -27.80 89.23
CA LEU B 56 65.73 -27.62 89.06
C LEU B 56 66.49 -28.88 89.45
N LEU B 57 66.08 -29.54 90.55
CA LEU B 57 66.70 -30.81 90.91
C LEU B 57 66.47 -31.85 89.83
N LEU B 58 65.25 -31.89 89.26
CA LEU B 58 64.98 -32.86 88.20
C LEU B 58 65.86 -32.60 86.99
N ALA B 59 66.00 -31.33 86.59
CA ALA B 59 66.85 -30.99 85.45
C ALA B 59 68.30 -31.34 85.72
N ALA B 60 68.77 -31.08 86.95
CA ALA B 60 70.14 -31.41 87.30
C ALA B 60 70.37 -32.92 87.27
N ARG B 61 69.39 -33.69 87.74
CA ARG B 61 69.49 -35.15 87.65
C ARG B 61 69.57 -35.60 86.20
N ALA B 62 68.73 -35.01 85.34
CA ALA B 62 68.77 -35.36 83.92
C ALA B 62 70.11 -35.01 83.31
N ILE B 63 70.70 -33.88 83.73
CA ILE B 63 72.00 -33.48 83.20
C ILE B 63 73.09 -34.45 83.64
N VAL B 64 73.13 -34.78 84.94
CA VAL B 64 74.18 -35.66 85.45
C VAL B 64 73.96 -37.11 85.05
N ALA B 65 72.80 -37.45 84.50
CA ALA B 65 72.58 -38.80 84.01
C ALA B 65 73.48 -39.17 82.84
N ILE B 66 74.10 -38.20 82.17
CA ILE B 66 74.94 -38.46 81.01
C ILE B 66 76.39 -38.52 81.45
N GLU B 67 77.12 -39.53 80.97
CA GLU B 67 78.52 -39.70 81.33
C GLU B 67 79.38 -38.57 80.77
N ASN B 68 79.08 -38.12 79.55
CA ASN B 68 79.93 -37.15 78.87
C ASN B 68 79.51 -35.73 79.23
N PRO B 69 80.33 -34.99 79.97
CA PRO B 69 79.97 -33.60 80.30
C PRO B 69 79.87 -32.69 79.09
N ALA B 70 80.52 -33.04 77.98
CA ALA B 70 80.39 -32.26 76.76
C ALA B 70 79.25 -32.74 75.88
N ASP B 71 78.60 -33.86 76.22
CA ASP B 71 77.46 -34.31 75.42
C ASP B 71 76.28 -33.36 75.55
N VAL B 72 76.11 -32.76 76.72
CA VAL B 72 75.10 -31.73 76.90
C VAL B 72 75.63 -30.42 76.33
N SER B 73 74.75 -29.63 75.72
CA SER B 73 75.12 -28.33 75.18
C SER B 73 74.18 -27.27 75.72
N VAL B 74 74.72 -26.08 75.93
CA VAL B 74 73.98 -24.95 76.46
C VAL B 74 74.00 -23.84 75.43
N ILE B 75 72.87 -23.14 75.30
CA ILE B 75 72.72 -22.11 74.27
C ILE B 75 72.15 -20.85 74.91
N SER B 76 72.46 -19.71 74.31
CA SER B 76 71.82 -18.45 74.66
C SER B 76 71.97 -17.52 73.48
N SER B 77 70.89 -17.30 72.74
CA SER B 77 70.92 -16.37 71.62
C SER B 77 70.59 -14.94 72.03
N ARG B 78 70.32 -14.72 73.32
CA ARG B 78 70.05 -13.39 73.84
C ARG B 78 71.14 -13.02 74.83
N ASN B 79 71.53 -11.74 74.84
CA ASN B 79 72.64 -11.30 75.66
C ASN B 79 72.38 -11.48 77.14
N THR B 80 71.11 -11.54 77.56
CA THR B 80 70.78 -11.75 78.97
C THR B 80 70.95 -13.23 79.28
N GLY B 81 72.21 -13.63 79.46
CA GLY B 81 72.52 -15.00 79.81
C GLY B 81 73.70 -15.57 79.06
N GLN B 82 74.31 -14.77 78.19
CA GLN B 82 75.46 -15.25 77.44
C GLN B 82 76.66 -15.47 78.34
N ARG B 83 76.92 -14.51 79.23
CA ARG B 83 78.02 -14.71 80.19
C ARG B 83 77.70 -15.95 81.03
N ALA B 84 76.45 -16.06 81.47
CA ALA B 84 76.07 -17.19 82.32
C ALA B 84 76.31 -18.53 81.63
N VAL B 85 75.92 -18.66 80.36
CA VAL B 85 76.08 -19.95 79.69
C VAL B 85 77.56 -20.23 79.42
N LEU B 86 78.33 -19.20 79.07
CA LEU B 86 79.76 -19.43 78.88
C LEU B 86 80.43 -19.86 80.17
N LYS B 87 80.11 -19.22 81.29
CA LYS B 87 80.71 -19.64 82.55
C LYS B 87 80.21 -21.01 82.99
N PHE B 88 78.96 -21.34 82.68
CA PHE B 88 78.44 -22.67 82.98
C PHE B 88 79.20 -23.73 82.20
N ALA B 89 79.44 -23.48 80.92
CA ALA B 89 80.20 -24.42 80.10
C ALA B 89 81.63 -24.56 80.60
N ALA B 90 82.24 -23.43 81.00
CA ALA B 90 83.59 -23.50 81.54
C ALA B 90 83.63 -24.31 82.84
N ALA B 91 82.62 -24.15 83.69
CA ALA B 91 82.62 -24.83 84.98
C ALA B 91 82.25 -26.30 84.86
N THR B 92 81.37 -26.66 83.95
CA THR B 92 80.84 -28.02 83.88
C THR B 92 81.28 -28.79 82.65
N GLY B 93 82.20 -28.28 81.86
CA GLY B 93 82.61 -28.98 80.66
C GLY B 93 81.56 -29.06 79.59
N ALA B 94 80.61 -28.12 79.58
CA ALA B 94 79.50 -28.18 78.64
C ALA B 94 79.88 -27.49 77.32
N THR B 95 78.97 -27.51 76.36
CA THR B 95 79.19 -26.88 75.06
C THR B 95 78.38 -25.60 74.97
N PRO B 96 79.02 -24.43 74.95
CA PRO B 96 78.26 -23.18 74.90
C PRO B 96 78.02 -22.70 73.47
N ILE B 97 76.86 -22.07 73.28
CA ILE B 97 76.53 -21.40 72.03
C ILE B 97 75.94 -20.04 72.38
N ALA B 98 76.55 -18.99 71.85
CA ALA B 98 76.14 -17.62 72.15
C ALA B 98 75.87 -16.86 70.86
N GLY B 99 74.95 -15.89 70.96
CA GLY B 99 74.64 -15.07 69.81
C GLY B 99 73.85 -15.81 68.76
N ARG B 100 74.09 -15.44 67.50
CA ARG B 100 73.41 -16.03 66.35
C ARG B 100 73.67 -17.53 66.30
N PHE B 101 72.61 -18.31 66.44
CA PHE B 101 72.69 -19.77 66.35
C PHE B 101 72.25 -20.13 64.92
N THR B 102 73.22 -20.47 64.09
CA THR B 102 72.93 -20.70 62.68
C THR B 102 72.04 -21.93 62.53
N PRO B 103 71.06 -21.88 61.63
CA PRO B 103 70.17 -23.02 61.43
C PRO B 103 70.90 -24.20 60.80
N GLY B 104 70.33 -25.38 61.00
CA GLY B 104 70.96 -26.59 60.51
C GLY B 104 72.13 -27.07 61.33
N THR B 105 72.38 -26.45 62.48
CA THR B 105 73.47 -26.89 63.35
C THR B 105 73.23 -28.30 63.85
N PHE B 106 72.00 -28.59 64.27
CA PHE B 106 71.65 -29.93 64.73
C PHE B 106 71.12 -30.82 63.62
N THR B 107 70.87 -30.27 62.43
CA THR B 107 70.26 -31.03 61.35
C THR B 107 71.21 -31.25 60.18
N ASN B 108 71.73 -30.18 59.60
CA ASN B 108 72.61 -30.34 58.45
C ASN B 108 73.95 -30.91 58.89
N GLN B 109 74.45 -31.87 58.12
CA GLN B 109 75.61 -32.67 58.50
C GLN B 109 76.83 -32.42 57.62
N ILE B 110 76.88 -31.28 56.94
CA ILE B 110 77.97 -30.94 56.05
C ILE B 110 78.89 -29.89 56.68
N GLN B 111 78.31 -28.83 57.23
CA GLN B 111 79.09 -27.72 57.72
C GLN B 111 79.86 -28.11 58.98
N ALA B 112 80.86 -27.28 59.31
CA ALA B 112 81.65 -27.51 60.51
C ALA B 112 80.84 -27.32 61.79
N ALA B 113 79.74 -26.58 61.72
CA ALA B 113 78.90 -26.37 62.89
C ALA B 113 78.07 -27.60 63.25
N PHE B 114 78.08 -28.63 62.42
CA PHE B 114 77.27 -29.82 62.66
C PHE B 114 77.71 -30.53 63.92
N ARG B 115 76.86 -30.53 64.93
CA ARG B 115 77.08 -31.30 66.15
C ARG B 115 75.77 -31.94 66.57
N GLU B 116 75.87 -33.05 67.29
CA GLU B 116 74.70 -33.82 67.71
C GLU B 116 74.74 -34.07 69.21
N PRO B 117 74.48 -33.03 70.00
CA PRO B 117 74.43 -33.21 71.45
C PRO B 117 73.22 -34.05 71.85
N ARG B 118 73.36 -34.76 72.96
CA ARG B 118 72.27 -35.56 73.49
C ARG B 118 71.39 -34.80 74.46
N LEU B 119 71.74 -33.55 74.78
CA LEU B 119 70.98 -32.79 75.76
C LEU B 119 71.15 -31.31 75.48
N LEU B 120 70.05 -30.57 75.58
CA LEU B 120 70.05 -29.14 75.32
C LEU B 120 69.36 -28.41 76.47
N VAL B 121 69.94 -27.29 76.88
CA VAL B 121 69.34 -26.39 77.85
C VAL B 121 69.17 -25.03 77.19
N VAL B 122 67.95 -24.52 77.23
CA VAL B 122 67.53 -23.35 76.47
C VAL B 122 67.32 -22.19 77.43
N THR B 123 67.84 -21.01 77.08
CA THR B 123 67.66 -19.85 77.93
C THR B 123 66.24 -19.32 77.86
N ASP B 124 65.65 -19.28 76.67
CA ASP B 124 64.33 -18.72 76.48
C ASP B 124 63.57 -19.49 75.41
N PRO B 125 62.43 -20.09 75.74
CA PRO B 125 61.64 -20.76 74.69
C PRO B 125 61.17 -19.81 73.59
N ARG B 126 60.91 -18.55 73.93
CA ARG B 126 60.47 -17.60 72.91
C ARG B 126 61.61 -17.21 71.98
N ALA B 127 62.68 -16.64 72.54
CA ALA B 127 63.78 -16.16 71.72
C ALA B 127 64.47 -17.31 71.00
N ASP B 128 64.67 -18.43 71.69
CA ASP B 128 65.43 -19.55 71.18
C ASP B 128 64.52 -20.60 70.53
N HIS B 129 63.60 -20.15 69.68
CA HIS B 129 62.68 -21.08 69.05
C HIS B 129 63.36 -21.86 67.93
N GLN B 130 64.30 -21.22 67.24
CA GLN B 130 65.03 -21.92 66.18
C GLN B 130 65.81 -23.13 66.67
N PRO B 131 66.64 -23.05 67.72
CA PRO B 131 67.31 -24.28 68.19
C PRO B 131 66.36 -25.31 68.72
N LEU B 132 65.25 -24.89 69.34
CA LEU B 132 64.28 -25.85 69.85
C LEU B 132 63.56 -26.58 68.73
N THR B 133 63.46 -25.96 67.55
CA THR B 133 62.79 -26.62 66.44
C THR B 133 63.59 -27.81 65.94
N GLU B 134 64.92 -27.68 65.86
CA GLU B 134 65.74 -28.77 65.34
C GLU B 134 65.82 -29.96 66.28
N ALA B 135 65.37 -29.80 67.54
CA ALA B 135 65.34 -30.93 68.45
C ALA B 135 64.40 -32.03 67.95
N SER B 136 63.29 -31.62 67.32
CA SER B 136 62.35 -32.59 66.79
C SER B 136 62.93 -33.40 65.64
N TYR B 137 64.02 -32.94 65.03
CA TYR B 137 64.65 -33.69 63.96
C TYR B 137 65.80 -34.56 64.45
N VAL B 138 66.19 -34.45 65.72
CA VAL B 138 67.38 -35.15 66.19
C VAL B 138 67.07 -35.84 67.52
N ASN B 139 65.78 -35.90 67.88
CA ASN B 139 65.33 -36.59 69.10
C ASN B 139 66.00 -36.01 70.35
N LEU B 140 66.05 -34.70 70.43
CA LEU B 140 66.83 -34.03 71.46
C LEU B 140 65.96 -33.67 72.64
N PRO B 141 66.15 -34.26 73.82
CA PRO B 141 65.41 -33.82 75.01
C PRO B 141 65.84 -32.42 75.41
N THR B 142 64.87 -31.64 75.91
CA THR B 142 65.05 -30.21 76.13
C THR B 142 64.77 -29.85 77.59
N ILE B 143 65.79 -29.35 78.27
CA ILE B 143 65.60 -28.59 79.51
C ILE B 143 65.58 -27.13 79.12
N ALA B 144 64.59 -26.39 79.60
CA ALA B 144 64.51 -24.98 79.26
C ALA B 144 64.22 -24.16 80.51
N LEU B 145 64.64 -22.90 80.45
CA LEU B 145 64.41 -21.97 81.53
C LEU B 145 62.96 -21.50 81.48
N CYS B 146 62.70 -20.37 82.11
CA CYS B 146 61.37 -20.03 82.59
C CYS B 146 60.75 -18.89 81.80
N ASN B 147 59.43 -18.80 81.91
CA ASN B 147 58.62 -17.60 81.71
C ASN B 147 57.18 -17.97 81.98
N THR B 148 56.38 -16.95 82.31
CA THR B 148 54.96 -17.18 82.52
C THR B 148 54.20 -17.34 81.22
N ASP B 149 54.72 -16.77 80.13
CA ASP B 149 54.06 -16.83 78.83
C ASP B 149 54.90 -17.54 77.77
N SER B 150 55.97 -18.23 78.17
CA SER B 150 56.79 -18.93 77.19
C SER B 150 56.05 -20.13 76.64
N PRO B 151 55.90 -20.25 75.33
CA PRO B 151 55.31 -21.46 74.76
C PRO B 151 56.17 -22.68 75.09
N LEU B 152 55.51 -23.81 75.28
CA LEU B 152 56.18 -25.05 75.63
C LEU B 152 55.92 -26.10 74.57
N ARG B 153 56.06 -25.72 73.31
CA ARG B 153 55.76 -26.63 72.20
C ARG B 153 56.69 -27.84 72.22
N TYR B 154 58.00 -27.59 72.28
CA TYR B 154 58.99 -28.66 72.30
C TYR B 154 59.74 -28.73 73.62
N VAL B 155 59.21 -28.11 74.66
CA VAL B 155 59.88 -28.04 75.95
C VAL B 155 59.46 -29.23 76.80
N ASP B 156 60.42 -29.82 77.51
CA ASP B 156 60.17 -31.03 78.28
C ASP B 156 60.50 -30.89 79.77
N ILE B 157 61.55 -30.18 80.13
CA ILE B 157 61.96 -30.11 81.53
C ILE B 157 61.97 -28.63 81.93
N ALA B 158 60.98 -27.87 81.46
CA ALA B 158 60.90 -26.44 81.76
C ALA B 158 60.93 -26.18 83.26
N ILE B 159 61.73 -25.19 83.65
CA ILE B 159 61.74 -24.70 85.03
C ILE B 159 60.76 -23.54 85.11
N PRO B 160 59.94 -23.45 86.16
CA PRO B 160 59.06 -22.29 86.34
C PRO B 160 59.58 -21.19 87.25
N CYS B 161 60.56 -20.39 86.85
CA CYS B 161 61.09 -19.35 87.74
C CYS B 161 60.92 -17.92 87.22
N ASN B 162 61.70 -17.51 86.21
CA ASN B 162 61.73 -16.18 85.62
C ASN B 162 62.80 -16.13 84.53
N ASN B 163 62.65 -15.27 83.55
CA ASN B 163 63.76 -14.99 82.65
C ASN B 163 63.87 -13.54 82.22
N LYS B 164 62.99 -12.66 82.69
CA LYS B 164 63.04 -11.27 82.22
C LYS B 164 64.21 -10.52 82.84
N GLY B 165 64.48 -10.74 84.13
CA GLY B 165 65.62 -10.12 84.77
C GLY B 165 66.87 -10.96 84.60
N ALA B 166 67.98 -10.30 84.28
CA ALA B 166 69.23 -11.01 84.09
C ALA B 166 69.77 -11.56 85.40
N HIS B 167 69.39 -10.94 86.52
CA HIS B 167 69.88 -11.39 87.82
C HIS B 167 69.43 -12.81 88.12
N SER B 168 68.14 -13.08 87.94
CA SER B 168 67.63 -14.43 88.17
C SER B 168 68.25 -15.43 87.21
N VAL B 169 68.44 -15.03 85.95
CA VAL B 169 69.02 -15.94 84.97
C VAL B 169 70.43 -16.34 85.37
N GLY B 170 71.27 -15.35 85.70
CA GLY B 170 72.63 -15.66 86.11
C GLY B 170 72.68 -16.45 87.41
N LEU B 171 71.85 -16.06 88.38
CA LEU B 171 71.81 -16.77 89.66
C LEU B 171 71.44 -18.23 89.45
N MET B 172 70.44 -18.51 88.63
CA MET B 172 70.01 -19.88 88.47
C MET B 172 70.90 -20.67 87.54
N TRP B 173 71.63 -20.02 86.64
CA TRP B 173 72.70 -20.74 85.94
C TRP B 173 73.78 -21.17 86.92
N TRP B 174 74.13 -20.28 87.85
CA TRP B 174 75.07 -20.66 88.91
C TRP B 174 74.50 -21.78 89.77
N MET B 175 73.19 -21.72 90.07
CA MET B 175 72.54 -22.75 90.87
C MET B 175 72.57 -24.09 90.16
N LEU B 176 72.29 -24.09 88.86
CA LEU B 176 72.34 -25.32 88.08
C LEU B 176 73.74 -25.90 88.06
N ALA B 177 74.75 -25.05 87.88
CA ALA B 177 76.14 -25.52 87.91
C ALA B 177 76.47 -26.12 89.26
N ARG B 178 76.08 -25.44 90.34
CA ARG B 178 76.35 -25.95 91.67
C ARG B 178 75.66 -27.28 91.90
N GLU B 179 74.42 -27.42 91.43
CA GLU B 179 73.66 -28.64 91.70
C GLU B 179 74.19 -29.81 90.89
N VAL B 180 74.58 -29.58 89.63
CA VAL B 180 75.13 -30.69 88.85
C VAL B 180 76.50 -31.09 89.38
N LEU B 181 77.32 -30.12 89.80
CA LEU B 181 78.61 -30.47 90.37
C LEU B 181 78.48 -31.06 91.77
N ARG B 182 77.38 -30.79 92.45
CA ARG B 182 77.10 -31.41 93.73
C ARG B 182 76.66 -32.85 93.55
N MET B 183 75.80 -33.11 92.56
CA MET B 183 75.36 -34.46 92.28
C MET B 183 76.53 -35.31 91.79
N ARG B 184 77.38 -34.75 90.95
CA ARG B 184 78.63 -35.43 90.65
C ARG B 184 79.59 -35.31 91.82
N GLY B 185 80.60 -36.16 91.84
CA GLY B 185 81.50 -36.23 92.97
C GLY B 185 82.53 -35.12 93.03
N THR B 186 82.09 -33.87 92.97
CA THR B 186 83.01 -32.73 93.02
C THR B 186 82.81 -31.87 94.26
N ILE B 187 81.59 -31.37 94.49
CA ILE B 187 81.32 -30.46 95.59
C ILE B 187 80.86 -31.28 96.79
N SER B 188 81.32 -30.86 97.98
CA SER B 188 81.09 -31.64 99.20
C SER B 188 79.64 -31.59 99.68
N ARG B 189 78.84 -30.65 99.17
CA ARG B 189 77.43 -30.40 99.50
C ARG B 189 77.28 -29.71 100.87
N GLU B 190 78.33 -29.61 101.67
CA GLU B 190 78.20 -28.96 102.97
C GLU B 190 78.55 -27.47 102.91
N HIS B 191 79.79 -27.16 102.56
CA HIS B 191 80.19 -25.76 102.52
C HIS B 191 79.68 -25.09 101.25
N PRO B 192 79.41 -23.79 101.31
CA PRO B 192 78.93 -23.09 100.11
C PRO B 192 79.97 -23.05 99.03
N TRP B 193 79.50 -22.97 97.79
CA TRP B 193 80.40 -22.93 96.64
C TRP B 193 81.18 -21.64 96.62
N GLU B 194 82.47 -21.74 96.30
CA GLU B 194 83.33 -20.56 96.27
C GLU B 194 83.01 -19.63 95.11
N VAL B 195 82.34 -20.12 94.07
CA VAL B 195 81.98 -19.28 92.93
C VAL B 195 80.78 -18.43 93.31
N MET B 196 80.87 -17.14 93.09
CA MET B 196 79.79 -16.26 93.49
C MET B 196 78.97 -15.87 92.26
N PRO B 197 77.64 -15.93 92.32
CA PRO B 197 76.83 -15.89 91.09
C PRO B 197 76.92 -14.60 90.29
N ASP B 198 77.44 -13.51 90.85
CA ASP B 198 77.62 -12.32 90.01
C ASP B 198 78.64 -12.54 88.91
N LEU B 199 79.46 -13.59 89.01
CA LEU B 199 80.29 -14.01 87.88
C LEU B 199 79.42 -14.43 86.71
N TYR B 200 78.37 -15.21 86.96
CA TYR B 200 77.42 -15.58 85.93
C TYR B 200 76.49 -14.45 85.54
N PHE B 201 76.33 -13.45 86.42
CA PHE B 201 75.48 -12.31 86.12
C PHE B 201 75.95 -11.61 84.85
N TYR B 202 75.00 -11.32 83.97
CA TYR B 202 75.31 -10.52 82.79
C TYR B 202 75.37 -9.05 83.15
N ARG B 203 76.30 -8.36 82.50
CA ARG B 203 76.50 -6.93 82.81
C ARG B 203 76.10 -6.07 81.61
N ASP B 204 75.52 -4.91 81.87
CA ASP B 204 75.09 -4.00 80.82
C ASP B 204 76.29 -3.52 80.02
N PRO B 205 76.15 -3.29 78.71
CA PRO B 205 77.29 -2.79 77.92
C PRO B 205 77.81 -1.45 78.38
N GLU B 206 76.95 -0.56 78.88
CA GLU B 206 77.43 0.74 79.33
C GLU B 206 78.13 0.63 80.69
N GLU B 207 77.58 -0.19 81.58
CA GLU B 207 78.20 -0.42 82.88
C GLU B 207 79.53 -1.16 82.74
N ILE B 208 79.58 -2.16 81.89
CA ILE B 208 80.83 -2.97 81.76
C ILE B 208 81.92 -2.04 81.22
N GLU B 209 81.60 -0.76 81.03
CA GLU B 209 82.59 0.17 80.43
C GLU B 209 82.82 1.34 81.39
N LYS B 210 81.80 1.71 82.13
CA LYS B 210 81.91 2.81 83.09
C LYS B 210 82.30 2.32 84.48
N GLU B 211 82.31 1.01 84.74
CA GLU B 211 82.52 0.53 86.09
C GLU B 211 84.00 0.25 86.37
N GLU B 212 84.64 -0.45 85.44
CA GLU B 212 86.05 -0.85 85.71
C GLU B 212 86.90 0.42 85.83
N GLN B 213 86.74 1.37 84.91
CA GLN B 213 87.61 2.54 84.96
C GLN B 213 87.50 3.24 86.32
N ALA B 214 86.27 3.38 86.84
CA ALA B 214 86.10 3.95 88.17
C ALA B 214 86.73 3.07 89.24
N ALA B 215 86.61 1.75 89.08
CA ALA B 215 87.23 0.83 90.03
C ALA B 215 88.76 0.95 90.01
N ALA B 216 89.33 1.11 88.83
CA ALA B 216 90.77 1.33 88.72
C ALA B 216 91.18 2.66 89.36
N GLU B 217 90.35 3.69 89.21
CA GLU B 217 90.63 4.94 89.91
C GLU B 217 90.57 4.78 91.42
N LYS B 218 89.60 4.00 91.92
CA LYS B 218 89.56 3.73 93.36
C LYS B 218 90.79 2.96 93.82
N ALA B 219 91.22 1.99 93.02
CA ALA B 219 92.39 1.18 93.38
C ALA B 219 93.67 2.02 93.39
N VAL B 220 93.83 2.91 92.42
CA VAL B 220 95.04 3.74 92.40
C VAL B 220 94.94 4.85 93.44
N THR B 221 93.73 5.23 93.83
CA THR B 221 93.55 6.28 94.82
C THR B 221 93.02 5.70 96.13
N VAL C 1 28.31 54.29 36.22
CA VAL C 1 29.06 55.54 36.16
C VAL C 1 29.57 55.91 37.54
N VAL C 2 28.72 56.55 38.33
CA VAL C 2 29.09 56.97 39.68
C VAL C 2 28.82 55.83 40.65
N ASP C 3 29.76 55.60 41.56
CA ASP C 3 29.60 54.53 42.54
C ASP C 3 28.64 54.97 43.64
N PRO C 4 27.67 54.14 44.01
CA PRO C 4 26.81 54.47 45.15
C PRO C 4 27.54 54.49 46.48
N PHE C 5 28.74 53.92 46.54
CA PHE C 5 29.53 53.95 47.78
C PHE C 5 29.87 55.37 48.19
N SER C 6 29.95 56.29 47.24
CA SER C 6 30.11 57.71 47.56
C SER C 6 28.91 58.26 48.30
N LYS C 7 27.74 57.69 48.11
CA LYS C 7 26.51 58.16 48.75
C LYS C 7 26.17 57.37 50.01
N LYS C 8 26.68 56.15 50.15
CA LYS C 8 26.41 55.34 51.33
C LYS C 8 27.01 56.02 52.55
N ASP C 9 26.20 56.22 53.58
CA ASP C 9 26.68 56.72 54.85
C ASP C 9 26.98 55.55 55.79
N TRP C 10 27.47 55.89 56.98
CA TRP C 10 27.93 54.87 57.92
C TRP C 10 27.24 55.03 59.27
N TYR C 11 27.08 53.91 59.96
CA TYR C 11 26.48 53.86 61.28
C TYR C 11 27.33 52.98 62.17
N ASP C 12 26.99 52.96 63.46
CA ASP C 12 27.73 52.19 64.45
C ASP C 12 26.79 51.21 65.13
N VAL C 13 27.34 50.07 65.55
CA VAL C 13 26.57 49.00 66.16
C VAL C 13 26.89 48.94 67.65
N LYS C 14 25.85 48.90 68.47
CA LYS C 14 26.00 48.88 69.92
C LYS C 14 25.33 47.65 70.50
N ALA C 15 26.05 46.93 71.36
CA ALA C 15 25.50 45.80 72.07
C ALA C 15 24.77 46.28 73.33
N PRO C 16 23.81 45.51 73.82
CA PRO C 16 23.13 45.88 75.07
C PRO C 16 24.05 45.78 76.27
N ALA C 17 23.52 46.21 77.42
CA ALA C 17 24.33 46.30 78.64
C ALA C 17 24.76 44.96 79.19
N MET C 18 24.20 43.85 78.68
CA MET C 18 24.59 42.53 79.17
C MET C 18 26.06 42.22 78.86
N PHE C 19 26.63 42.86 77.84
CA PHE C 19 28.04 42.73 77.54
C PHE C 19 28.80 43.96 78.02
N ASN C 20 30.00 43.75 78.54
CA ASN C 20 30.85 44.87 78.91
C ASN C 20 31.24 45.69 77.68
N ILE C 21 31.57 45.01 76.58
CA ILE C 21 31.94 45.68 75.34
C ILE C 21 30.68 46.05 74.58
N ARG C 22 30.56 47.33 74.21
CA ARG C 22 29.39 47.82 73.51
C ARG C 22 29.61 48.06 72.03
N ASN C 23 30.75 48.62 71.64
CA ASN C 23 31.02 48.93 70.24
C ASN C 23 31.25 47.65 69.45
N ILE C 24 30.18 47.13 68.84
CA ILE C 24 30.31 45.91 68.05
C ILE C 24 31.07 46.20 66.76
N GLY C 25 30.68 47.24 66.04
CA GLY C 25 31.33 47.54 64.78
C GLY C 25 30.56 48.59 64.01
N LYS C 26 30.87 48.67 62.71
CA LYS C 26 30.28 49.66 61.82
C LYS C 26 29.49 48.97 60.71
N THR C 27 28.81 49.78 59.92
CA THR C 27 28.03 49.29 58.80
C THR C 27 27.81 50.46 57.84
N LEU C 28 27.18 50.17 56.71
CA LEU C 28 26.86 51.21 55.75
C LEU C 28 25.54 50.88 55.08
N VAL C 29 24.90 51.91 54.54
CA VAL C 29 23.65 51.78 53.81
C VAL C 29 23.46 53.05 53.01
N THR C 30 22.61 52.99 51.99
CA THR C 30 22.26 54.20 51.26
C THR C 30 21.46 55.13 52.17
N ARG C 31 21.66 56.43 51.99
CA ARG C 31 21.00 57.40 52.85
C ARG C 31 19.52 57.52 52.51
N THR C 32 18.77 58.12 53.44
CA THR C 32 17.32 58.24 53.32
C THR C 32 16.99 59.18 52.18
N GLN C 33 16.59 58.63 51.05
CA GLN C 33 16.17 59.42 49.90
C GLN C 33 14.93 58.78 49.29
N GLY C 34 13.93 59.62 49.01
CA GLY C 34 12.66 59.10 48.50
C GLY C 34 11.98 58.20 49.50
N THR C 35 11.37 57.13 49.00
CA THR C 35 10.72 56.17 49.87
C THR C 35 11.74 55.30 50.61
N LYS C 36 12.92 55.10 50.02
CA LYS C 36 13.92 54.23 50.60
C LYS C 36 14.58 54.88 51.81
N ILE C 37 14.10 54.53 53.00
CA ILE C 37 14.66 55.05 54.23
C ILE C 37 15.89 54.22 54.61
N ALA C 38 16.91 54.89 55.13
CA ALA C 38 18.06 54.17 55.63
C ALA C 38 17.74 53.37 56.88
N SER C 39 16.72 53.77 57.63
CA SER C 39 16.38 53.09 58.88
C SER C 39 15.91 51.66 58.61
N ASP C 40 15.04 51.48 57.62
CA ASP C 40 14.57 50.13 57.31
C ASP C 40 15.67 49.26 56.74
N GLY C 41 16.59 49.86 55.96
CA GLY C 41 17.73 49.11 55.48
C GLY C 41 18.63 48.66 56.60
N LEU C 42 18.84 49.51 57.60
CA LEU C 42 19.64 49.13 58.76
C LEU C 42 18.94 48.07 59.58
N LYS C 43 17.61 48.15 59.68
CA LYS C 43 16.86 47.25 60.55
C LYS C 43 16.88 45.82 60.00
N GLY C 44 16.69 44.87 60.91
CA GLY C 44 16.64 43.47 60.53
C GLY C 44 17.95 42.92 60.01
N ARG C 45 19.07 43.27 60.64
CA ARG C 45 20.37 42.75 60.28
C ARG C 45 20.94 41.93 61.44
N VAL C 46 21.54 40.79 61.10
CA VAL C 46 22.08 39.84 62.06
C VAL C 46 23.59 39.89 61.98
N PHE C 47 24.26 39.96 63.13
CA PHE C 47 25.71 40.16 63.18
C PHE C 47 26.35 38.98 63.91
N GLU C 48 26.76 37.96 63.14
CA GLU C 48 27.45 36.81 63.71
C GLU C 48 28.78 37.27 64.29
N VAL C 49 28.88 37.31 65.62
CA VAL C 49 30.07 37.74 66.31
C VAL C 49 30.47 36.66 67.31
N SER C 50 31.70 36.78 67.82
CA SER C 50 32.20 35.81 68.78
C SER C 50 31.82 36.24 70.19
N LEU C 51 32.43 35.58 71.17
CA LEU C 51 32.29 35.98 72.57
C LEU C 51 33.51 36.72 73.08
N ALA C 52 34.70 36.43 72.54
CA ALA C 52 35.90 37.15 72.93
C ALA C 52 35.82 38.61 72.53
N ASP C 53 35.22 38.89 71.37
CA ASP C 53 35.06 40.27 70.91
C ASP C 53 33.92 40.99 71.61
N LEU C 54 33.17 40.31 72.48
CA LEU C 54 32.13 40.94 73.28
C LEU C 54 32.42 40.95 74.77
N GLN C 55 33.40 40.17 75.23
CA GLN C 55 33.77 40.16 76.64
C GLN C 55 35.26 40.43 76.80
N ASN C 56 35.78 40.23 78.01
CA ASN C 56 37.19 40.50 78.28
C ASN C 56 38.05 39.25 78.08
N ASP C 57 37.78 38.21 78.85
CA ASP C 57 38.64 37.01 78.84
C ASP C 57 37.81 35.75 78.86
N GLU C 58 36.76 35.71 78.04
CA GLU C 58 35.91 34.54 77.95
C GLU C 58 36.32 33.69 76.76
N VAL C 59 35.63 32.56 76.56
CA VAL C 59 35.96 31.65 75.48
C VAL C 59 35.60 32.29 74.14
N ALA C 60 36.13 31.70 73.06
CA ALA C 60 35.97 32.23 71.73
C ALA C 60 35.20 31.33 70.78
N PHE C 61 34.82 30.12 71.21
CA PHE C 61 34.11 29.21 70.32
C PHE C 61 32.60 29.34 70.41
N ARG C 62 32.10 30.31 71.16
CA ARG C 62 30.68 30.63 71.19
C ARG C 62 30.42 31.83 70.27
N LYS C 63 29.25 31.85 69.64
CA LYS C 63 28.91 32.90 68.70
C LYS C 63 27.50 33.40 68.97
N PHE C 64 27.30 34.69 68.74
CA PHE C 64 26.03 35.36 68.98
C PHE C 64 25.58 36.05 67.71
N LYS C 65 24.26 36.18 67.57
CA LYS C 65 23.65 36.75 66.37
C LYS C 65 23.35 38.23 66.51
N LEU C 66 22.58 38.62 67.53
CA LEU C 66 22.36 40.02 67.90
C LEU C 66 21.76 40.81 66.74
N ILE C 67 20.52 40.44 66.39
CA ILE C 67 19.79 41.16 65.36
C ILE C 67 19.52 42.59 65.84
N THR C 68 19.57 43.53 64.91
CA THR C 68 19.28 44.91 65.25
C THR C 68 17.78 45.16 65.24
N GLU C 69 17.37 46.18 65.97
CA GLU C 69 15.95 46.46 66.10
C GLU C 69 15.57 47.88 65.69
N ASP C 70 16.39 48.87 66.02
CA ASP C 70 16.05 50.25 65.69
C ASP C 70 17.32 51.08 65.63
N VAL C 71 17.21 52.24 64.98
CA VAL C 71 18.32 53.16 64.81
C VAL C 71 17.84 54.56 65.19
N GLN C 72 18.65 55.26 65.97
CA GLN C 72 18.40 56.67 66.30
C GLN C 72 19.72 57.42 66.19
N GLY C 73 19.67 58.60 65.56
CA GLY C 73 20.89 59.30 65.25
C GLY C 73 21.73 58.49 64.29
N LYS C 74 23.01 58.33 64.62
CA LYS C 74 23.92 57.51 63.83
C LYS C 74 24.42 56.33 64.65
N ASN C 75 23.54 55.73 65.44
CA ASN C 75 23.89 54.57 66.25
C ASN C 75 22.79 53.53 66.13
N CYS C 76 23.19 52.27 65.96
CA CYS C 76 22.27 51.16 65.79
C CYS C 76 22.19 50.36 67.09
N LEU C 77 20.97 50.02 67.49
CA LEU C 77 20.72 49.28 68.71
C LEU C 77 20.25 47.87 68.36
N THR C 78 20.83 46.88 69.02
CA THR C 78 20.59 45.48 68.69
C THR C 78 20.00 44.74 69.88
N ASN C 79 19.31 43.64 69.58
CA ASN C 79 18.74 42.75 70.57
C ASN C 79 19.19 41.32 70.29
N PHE C 80 19.14 40.49 71.33
CA PHE C 80 19.60 39.11 71.20
C PHE C 80 18.74 38.35 70.21
N HIS C 81 19.39 37.62 69.31
CA HIS C 81 18.72 36.84 68.28
C HIS C 81 18.97 35.35 68.39
N GLY C 82 20.19 34.94 68.76
CA GLY C 82 20.50 33.54 68.89
C GLY C 82 21.95 33.28 69.23
N MET C 83 22.24 32.08 69.69
CA MET C 83 23.60 31.67 70.03
C MET C 83 23.90 30.33 69.39
N ASP C 84 25.12 30.18 68.90
CA ASP C 84 25.54 28.95 68.24
C ASP C 84 27.00 28.66 68.55
N LEU C 85 27.29 27.37 68.76
CA LEU C 85 28.68 26.95 68.82
C LEU C 85 29.28 26.95 67.42
N THR C 86 30.58 27.22 67.34
CA THR C 86 31.20 27.38 66.04
C THR C 86 31.56 26.04 65.42
N ARG C 87 31.81 26.08 64.11
CA ARG C 87 31.93 24.88 63.29
C ARG C 87 33.10 24.01 63.72
N ASP C 88 34.29 24.60 63.82
CA ASP C 88 35.46 23.82 64.17
C ASP C 88 35.38 23.29 65.60
N LYS C 89 34.77 24.05 66.51
CA LYS C 89 34.57 23.55 67.86
C LYS C 89 33.65 22.33 67.86
N MET C 90 32.56 22.38 67.09
CA MET C 90 31.66 21.24 67.01
C MET C 90 32.38 20.02 66.42
N CYS C 91 33.13 20.23 65.35
CA CYS C 91 33.83 19.12 64.70
C CYS C 91 34.90 18.53 65.61
N SER C 92 35.62 19.38 66.35
CA SER C 92 36.59 18.89 67.30
C SER C 92 35.93 18.12 68.44
N MET C 93 34.77 18.59 68.91
CA MET C 93 34.06 17.92 69.98
C MET C 93 33.55 16.54 69.59
N VAL C 94 33.03 16.39 68.37
CA VAL C 94 32.54 15.10 67.92
C VAL C 94 33.71 14.16 67.68
N LYS C 95 33.77 13.07 68.43
CA LYS C 95 34.87 12.11 68.33
C LYS C 95 34.33 10.69 68.35
N LYS C 96 35.18 9.76 67.94
CA LYS C 96 34.83 8.34 67.91
C LYS C 96 34.86 7.75 69.33
N TRP C 97 34.37 6.51 69.43
CA TRP C 97 34.42 5.72 70.67
C TRP C 97 33.77 6.43 71.84
N GLN C 98 32.68 7.14 71.58
CA GLN C 98 31.91 7.76 72.65
C GLN C 98 30.50 7.99 72.14
N THR C 99 29.60 8.26 73.10
CA THR C 99 28.19 8.47 72.81
C THR C 99 27.83 9.91 73.10
N MET C 100 27.16 10.56 72.16
CA MET C 100 26.64 11.90 72.37
C MET C 100 25.15 11.83 72.65
N ILE C 101 24.68 12.81 73.42
CA ILE C 101 23.26 12.99 73.71
C ILE C 101 22.90 14.43 73.33
N GLU C 102 21.95 14.57 72.42
CA GLU C 102 21.45 15.88 72.04
C GLU C 102 19.99 16.00 72.42
N ALA C 103 19.60 17.20 72.84
CA ALA C 103 18.24 17.45 73.30
C ALA C 103 17.77 18.79 72.77
N HIS C 104 16.55 18.80 72.23
CA HIS C 104 15.91 20.01 71.74
C HIS C 104 14.66 20.25 72.55
N VAL C 105 14.46 21.50 72.97
CA VAL C 105 13.30 21.86 73.77
C VAL C 105 12.77 23.22 73.33
N ASP C 106 11.45 23.36 73.33
CA ASP C 106 10.77 24.60 72.99
C ASP C 106 10.38 25.28 74.30
N VAL C 107 10.74 26.54 74.46
CA VAL C 107 10.50 27.24 75.72
C VAL C 107 9.94 28.63 75.44
N LYS C 108 8.96 29.05 76.25
CA LYS C 108 8.45 30.41 76.23
C LYS C 108 8.98 31.15 77.44
N THR C 109 9.67 32.26 77.21
CA THR C 109 10.18 33.06 78.31
C THR C 109 9.05 33.90 78.91
N THR C 110 9.31 34.42 80.10
CA THR C 110 8.39 35.39 80.70
C THR C 110 8.34 36.68 79.89
N ASP C 111 9.37 36.94 79.09
CA ASP C 111 9.39 38.10 78.20
C ASP C 111 8.47 37.93 76.99
N GLY C 112 7.92 36.74 76.78
CA GLY C 112 7.11 36.48 75.61
C GLY C 112 7.88 36.01 74.39
N TYR C 113 9.08 35.48 74.58
CA TYR C 113 9.92 35.01 73.48
C TYR C 113 9.90 33.49 73.43
N LEU C 114 9.76 32.95 72.22
CA LEU C 114 9.84 31.52 71.98
C LEU C 114 11.25 31.17 71.54
N LEU C 115 11.85 30.19 72.20
CA LEU C 115 13.22 29.80 71.94
C LEU C 115 13.32 28.29 71.80
N ARG C 116 14.08 27.86 70.81
CA ARG C 116 14.48 26.48 70.66
C ARG C 116 15.88 26.32 71.25
N LEU C 117 16.03 25.33 72.13
CA LEU C 117 17.29 25.04 72.78
C LEU C 117 17.79 23.69 72.28
N PHE C 118 19.06 23.65 71.86
CA PHE C 118 19.72 22.46 71.34
C PHE C 118 20.98 22.29 72.20
N CYS C 119 20.93 21.34 73.11
CA CYS C 119 22.04 21.05 74.00
C CYS C 119 22.70 19.73 73.64
N VAL C 120 24.02 19.69 73.75
CA VAL C 120 24.80 18.52 73.37
C VAL C 120 25.70 18.11 74.53
N GLY C 121 25.88 16.80 74.69
CA GLY C 121 26.80 16.28 75.68
C GLY C 121 27.45 15.03 75.16
N PHE C 122 28.60 14.70 75.73
CA PHE C 122 29.40 13.57 75.27
C PHE C 122 29.88 12.75 76.46
N THR C 123 29.88 11.43 76.31
CA THR C 123 30.37 10.56 77.36
C THR C 123 31.86 10.74 77.55
N LYS C 124 32.32 10.62 78.80
CA LYS C 124 33.71 10.82 79.16
C LYS C 124 34.29 9.53 79.71
N LYS C 125 35.43 9.12 79.16
CA LYS C 125 36.15 7.97 79.70
C LYS C 125 36.89 8.37 80.97
N ARG C 126 36.99 7.43 81.91
CA ARG C 126 37.70 7.70 83.15
C ARG C 126 39.21 7.67 82.92
N ASN C 127 39.93 8.33 83.81
CA ASN C 127 41.38 8.37 83.71
C ASN C 127 42.01 7.02 83.96
N ASN C 128 41.30 6.09 84.60
CA ASN C 128 41.77 4.72 84.80
C ASN C 128 41.08 3.73 83.89
N GLN C 129 40.30 4.21 82.92
CA GLN C 129 39.59 3.32 82.01
C GLN C 129 40.57 2.66 81.07
N ILE C 130 40.42 1.34 80.89
CA ILE C 130 41.29 0.58 80.01
C ILE C 130 40.54 0.28 78.73
N ARG C 131 39.22 0.14 78.84
CA ARG C 131 38.39 -0.15 77.67
C ARG C 131 38.46 0.98 76.65
N LYS C 132 38.57 0.60 75.38
CA LYS C 132 38.78 1.60 74.32
C LYS C 132 37.60 2.56 74.22
N THR C 133 36.38 2.04 74.29
CA THR C 133 35.20 2.86 74.10
C THR C 133 34.49 3.11 75.42
N SER C 134 33.63 4.13 75.41
CA SER C 134 32.75 4.44 76.54
C SER C 134 31.36 4.70 75.95
N TYR C 135 30.58 3.64 75.82
CA TYR C 135 29.25 3.72 75.22
C TYR C 135 28.20 3.65 76.32
N ALA C 136 27.40 4.71 76.43
CA ALA C 136 26.30 4.73 77.40
C ALA C 136 25.15 3.88 76.90
N GLN C 137 24.47 3.22 77.82
CA GLN C 137 23.31 2.42 77.46
C GLN C 137 22.16 3.31 77.02
N HIS C 138 21.23 2.72 76.29
CA HIS C 138 20.15 3.50 75.68
C HIS C 138 19.25 4.13 76.73
N GLN C 139 18.93 3.39 77.80
CA GLN C 139 18.10 3.96 78.85
C GLN C 139 18.82 5.05 79.61
N GLN C 140 20.13 4.90 79.82
CA GLN C 140 20.91 5.96 80.43
C GLN C 140 20.91 7.21 79.56
N VAL C 141 21.02 7.03 78.24
CA VAL C 141 20.95 8.16 77.33
C VAL C 141 19.59 8.83 77.42
N ARG C 142 18.52 8.03 77.49
CA ARG C 142 17.18 8.59 77.63
C ARG C 142 17.04 9.39 78.91
N GLN C 143 17.56 8.86 80.02
CA GLN C 143 17.49 9.56 81.30
C GLN C 143 18.27 10.86 81.24
N ILE C 144 19.45 10.84 80.64
CA ILE C 144 20.26 12.05 80.52
C ILE C 144 19.55 13.10 79.69
N ARG C 145 18.97 12.68 78.55
CA ARG C 145 18.28 13.62 77.69
C ARG C 145 17.08 14.23 78.39
N LYS C 146 16.29 13.42 79.09
CA LYS C 146 15.12 13.95 79.78
C LYS C 146 15.52 14.88 80.92
N LYS C 147 16.54 14.52 81.69
CA LYS C 147 17.00 15.36 82.79
C LYS C 147 17.51 16.71 82.28
N MET C 148 18.37 16.68 81.25
CA MET C 148 18.94 17.91 80.72
C MET C 148 17.99 18.64 79.81
N MET C 149 16.83 18.07 79.51
CA MET C 149 15.75 18.84 78.90
C MET C 149 14.95 19.58 79.96
N GLU C 150 14.58 18.89 81.03
CA GLU C 150 13.69 19.51 82.00
C GLU C 150 14.42 20.59 82.81
N ILE C 151 15.69 20.34 83.17
CA ILE C 151 16.41 21.42 83.84
C ILE C 151 16.73 22.56 82.88
N MET C 152 16.93 22.26 81.60
CA MET C 152 17.15 23.32 80.62
C MET C 152 15.94 24.23 80.51
N THR C 153 14.75 23.65 80.40
CA THR C 153 13.56 24.49 80.33
C THR C 153 13.24 25.12 81.68
N ARG C 154 13.69 24.51 82.78
CA ARG C 154 13.58 25.16 84.08
C ARG C 154 14.39 26.45 84.13
N GLU C 155 15.60 26.41 83.59
CA GLU C 155 16.48 27.59 83.60
C GLU C 155 15.97 28.73 82.75
N VAL C 156 14.97 28.51 81.90
CA VAL C 156 14.48 29.53 80.98
C VAL C 156 13.07 29.97 81.31
N GLN C 157 12.20 29.05 81.73
CA GLN C 157 10.81 29.38 81.94
C GLN C 157 10.62 30.38 83.09
N THR C 158 11.40 30.23 84.16
CA THR C 158 11.18 31.04 85.36
C THR C 158 11.51 32.51 85.11
N ASN C 159 12.67 32.77 84.52
CA ASN C 159 13.21 34.11 84.44
C ASN C 159 12.99 34.72 83.06
N ASP C 160 13.54 35.92 82.87
CA ASP C 160 13.39 36.69 81.65
C ASP C 160 14.60 36.49 80.76
N LEU C 161 14.55 37.08 79.55
CA LEU C 161 15.65 36.99 78.61
C LEU C 161 16.91 37.65 79.16
N LYS C 162 16.75 38.73 79.94
CA LYS C 162 17.90 39.39 80.53
C LYS C 162 18.69 38.45 81.42
N GLU C 163 17.98 37.67 82.25
CA GLU C 163 18.64 36.67 83.09
C GLU C 163 19.04 35.43 82.30
N VAL C 164 18.40 35.17 81.16
CA VAL C 164 18.75 34.01 80.36
C VAL C 164 20.11 34.22 79.70
N VAL C 165 20.31 35.40 79.10
CA VAL C 165 21.53 35.64 78.33
C VAL C 165 22.74 35.68 79.24
N ASN C 166 22.63 36.36 80.39
CA ASN C 166 23.81 36.52 81.24
C ASN C 166 24.17 35.25 81.98
N LYS C 167 23.33 34.21 81.94
CA LYS C 167 23.74 32.92 82.47
C LYS C 167 24.13 31.93 81.38
N LEU C 168 23.64 32.09 80.16
CA LEU C 168 24.18 31.28 79.09
C LEU C 168 25.55 31.78 78.63
N ILE C 169 25.87 33.04 78.91
CA ILE C 169 27.20 33.55 78.55
C ILE C 169 28.33 32.80 79.23
N PRO C 170 28.31 32.57 80.55
CA PRO C 170 29.35 31.73 81.16
C PRO C 170 29.03 30.24 81.16
N ASP C 171 27.89 29.83 80.62
CA ASP C 171 27.51 28.42 80.47
C ASP C 171 27.49 27.71 81.83
N SER C 172 26.79 28.32 82.79
CA SER C 172 26.54 27.62 84.05
C SER C 172 25.56 26.47 83.84
N ILE C 173 24.67 26.60 82.86
CA ILE C 173 23.67 25.57 82.60
C ILE C 173 24.35 24.26 82.23
N GLY C 174 25.34 24.31 81.33
CA GLY C 174 26.08 23.11 80.99
C GLY C 174 26.83 22.52 82.17
N LYS C 175 27.37 23.37 83.04
CA LYS C 175 28.07 22.87 84.22
C LYS C 175 27.14 22.12 85.15
N ASP C 176 25.95 22.67 85.40
CA ASP C 176 25.03 21.94 86.28
C ASP C 176 24.45 20.71 85.58
N ILE C 177 24.31 20.74 84.25
CA ILE C 177 23.94 19.53 83.53
C ILE C 177 24.99 18.44 83.75
N GLU C 178 26.26 18.82 83.64
CA GLU C 178 27.35 17.87 83.88
C GLU C 178 27.28 17.31 85.30
N LYS C 179 27.12 18.18 86.29
CA LYS C 179 27.11 17.72 87.67
C LYS C 179 25.91 16.82 87.95
N ALA C 180 24.75 17.15 87.40
CA ALA C 180 23.57 16.31 87.59
C ALA C 180 23.70 14.98 86.88
N CYS C 181 24.37 14.94 85.73
CA CYS C 181 24.51 13.72 84.97
C CYS C 181 25.67 12.85 85.44
N GLN C 182 26.54 13.38 86.30
CA GLN C 182 27.67 12.58 86.79
C GLN C 182 27.22 11.29 87.45
N SER C 183 26.06 11.31 88.12
CA SER C 183 25.55 10.11 88.77
C SER C 183 25.22 9.02 87.76
N ILE C 184 24.60 9.40 86.64
CA ILE C 184 24.20 8.40 85.64
C ILE C 184 25.40 7.97 84.82
N TYR C 185 25.99 8.89 84.08
CA TYR C 185 27.16 8.62 83.26
C TYR C 185 28.05 9.85 83.23
N PRO C 186 29.35 9.71 83.43
CA PRO C 186 30.21 10.89 83.49
C PRO C 186 30.33 11.59 82.15
N LEU C 187 29.76 12.80 82.07
CA LEU C 187 29.84 13.62 80.89
C LEU C 187 30.85 14.73 81.11
N HIS C 188 31.60 15.06 80.06
CA HIS C 188 32.62 16.11 80.17
C HIS C 188 32.43 17.23 79.17
N ASP C 189 32.03 16.92 77.94
CA ASP C 189 32.01 17.89 76.86
C ASP C 189 30.62 18.49 76.68
N VAL C 190 30.08 19.05 77.76
CA VAL C 190 28.68 19.47 77.81
C VAL C 190 28.57 20.94 77.44
N PHE C 191 27.72 21.24 76.47
CA PHE C 191 27.48 22.60 76.02
C PHE C 191 26.07 22.72 75.49
N VAL C 192 25.56 23.95 75.45
CA VAL C 192 24.33 24.27 74.75
C VAL C 192 24.73 24.62 73.32
N ARG C 193 24.39 23.74 72.37
CA ARG C 193 24.92 23.90 71.02
C ARG C 193 24.29 25.10 70.31
N LYS C 194 22.99 25.30 70.47
CA LYS C 194 22.32 26.31 69.68
C LYS C 194 21.00 26.72 70.31
N VAL C 195 20.84 28.01 70.56
CA VAL C 195 19.54 28.57 70.94
C VAL C 195 19.10 29.53 69.85
N LYS C 196 17.86 29.39 69.41
CA LYS C 196 17.32 30.19 68.32
C LYS C 196 15.95 30.75 68.68
N MET C 197 15.60 31.87 68.07
CA MET C 197 14.34 32.55 68.34
C MET C 197 13.29 32.16 67.31
N LEU C 198 12.04 32.13 67.75
CA LEU C 198 10.92 31.77 66.89
C LEU C 198 9.97 32.93 66.62
N LYS C 199 9.64 33.73 67.63
CA LYS C 199 8.71 34.83 67.45
C LYS C 199 9.00 35.90 68.49
N LYS C 200 8.55 37.13 68.20
CA LYS C 200 8.88 38.26 69.04
C LYS C 200 7.63 39.00 69.49
N PRO C 201 7.62 39.53 70.72
CA PRO C 201 6.42 40.22 71.25
C PRO C 201 6.32 41.69 70.86
N LYS C 202 5.96 41.91 69.59
CA LYS C 202 5.42 43.16 69.06
C LYS C 202 6.44 44.30 69.00
N PHE C 203 7.68 44.11 69.46
CA PHE C 203 8.75 45.10 69.34
C PHE C 203 8.36 46.42 70.03
N GLU C 204 8.29 46.34 71.35
CA GLU C 204 8.13 47.55 72.16
C GLU C 204 9.43 48.35 72.15
N LEU C 205 9.30 49.67 71.96
CA LEU C 205 10.48 50.53 71.93
C LEU C 205 11.10 50.70 73.30
N GLY C 206 10.26 50.91 74.32
CA GLY C 206 10.78 51.15 75.66
C GLY C 206 11.51 49.94 76.23
N LYS C 207 11.06 48.73 75.87
CA LYS C 207 11.74 47.55 76.32
C LYS C 207 13.12 47.41 75.69
N LEU C 208 13.32 47.95 74.49
CA LEU C 208 14.67 48.02 73.93
C LEU C 208 15.49 49.11 74.61
N MET C 209 14.85 50.24 74.90
CA MET C 209 15.55 51.35 75.55
C MET C 209 16.07 50.95 76.92
N GLU C 210 15.28 50.18 77.68
CA GLU C 210 15.71 49.83 79.02
C GLU C 210 16.87 48.85 79.00
N LEU C 211 16.90 47.93 78.04
CA LEU C 211 18.02 47.01 77.97
C LEU C 211 19.27 47.66 77.40
N HIS C 212 19.12 48.69 76.57
CA HIS C 212 20.28 49.44 76.10
C HIS C 212 20.64 50.62 76.99
N GLY C 213 19.90 50.83 78.07
CA GLY C 213 20.20 51.85 79.06
C GLY C 213 20.13 51.28 80.47
N GLU C 214 19.83 52.16 81.41
CA GLU C 214 19.74 51.77 82.82
C GLU C 214 18.34 51.26 83.16
N GLU D 1 87.33 -46.72 52.00
CA GLU D 1 87.30 -45.35 51.47
C GLU D 1 86.21 -44.54 52.16
N TRP D 2 85.35 -45.22 52.92
CA TRP D 2 84.22 -44.57 53.57
C TRP D 2 84.67 -44.06 54.94
N MET D 3 84.54 -42.75 55.16
CA MET D 3 84.91 -42.12 56.42
C MET D 3 83.73 -41.31 56.92
N PRO D 4 82.79 -41.94 57.62
CA PRO D 4 81.57 -41.23 58.03
C PRO D 4 81.86 -40.17 59.07
N VAL D 5 81.05 -39.12 59.03
CA VAL D 5 81.04 -38.08 60.05
C VAL D 5 79.64 -38.04 60.64
N THR D 6 79.42 -38.86 61.67
CA THR D 6 78.15 -39.02 62.36
C THR D 6 78.41 -39.89 63.58
N LYS D 7 77.74 -39.57 64.69
CA LYS D 7 77.85 -40.43 65.87
C LYS D 7 77.34 -41.83 65.58
N LEU D 8 76.24 -41.94 64.83
CA LEU D 8 75.71 -43.24 64.44
C LEU D 8 76.56 -43.88 63.36
N GLY D 9 77.03 -43.08 62.40
CA GLY D 9 77.87 -43.58 61.33
C GLY D 9 79.20 -44.12 61.82
N ARG D 10 79.75 -43.55 62.87
CA ARG D 10 80.97 -44.08 63.45
C ARG D 10 80.73 -45.46 64.05
N LEU D 11 79.61 -45.61 64.76
CA LEU D 11 79.31 -46.88 65.41
C LEU D 11 79.07 -47.99 64.39
N VAL D 12 78.30 -47.70 63.34
CA VAL D 12 77.98 -48.75 62.38
C VAL D 12 79.24 -49.18 61.63
N LYS D 13 80.20 -48.26 61.45
CA LYS D 13 81.41 -48.62 60.74
C LYS D 13 82.29 -49.57 61.55
N ASP D 14 82.37 -49.37 62.87
CA ASP D 14 83.20 -50.21 63.71
C ASP D 14 82.40 -51.28 64.46
N MET D 15 81.17 -51.55 64.03
CA MET D 15 80.43 -52.75 64.42
C MET D 15 80.03 -52.73 65.89
N LYS D 16 79.73 -51.54 66.41
CA LYS D 16 79.11 -51.48 67.72
C LYS D 16 77.62 -51.76 67.64
N ILE D 17 77.07 -51.76 66.43
CA ILE D 17 75.64 -52.01 66.23
C ILE D 17 75.48 -53.38 65.60
N LYS D 18 74.79 -54.28 66.30
CA LYS D 18 74.68 -55.66 65.83
C LYS D 18 73.77 -55.78 64.62
N SER D 19 72.65 -55.06 64.60
CA SER D 19 71.69 -55.15 63.51
C SER D 19 71.00 -53.80 63.34
N LEU D 20 70.38 -53.64 62.18
CA LEU D 20 69.76 -52.36 61.83
C LEU D 20 68.61 -52.00 62.77
N GLU D 21 67.97 -52.99 63.36
CA GLU D 21 66.71 -52.73 64.07
C GLU D 21 66.89 -51.96 65.36
N GLU D 22 68.12 -51.85 65.87
CA GLU D 22 68.35 -51.03 67.05
C GLU D 22 68.07 -49.57 66.75
N ILE D 23 68.49 -49.12 65.56
CA ILE D 23 68.24 -47.75 65.12
C ILE D 23 66.73 -47.52 64.99
N TYR D 24 66.00 -48.52 64.51
CA TYR D 24 64.55 -48.40 64.42
C TYR D 24 63.92 -48.38 65.81
N LEU D 25 64.48 -49.13 66.75
CA LEU D 25 63.97 -49.14 68.11
C LEU D 25 64.10 -47.76 68.75
N PHE D 26 65.24 -47.10 68.57
CA PHE D 26 65.41 -45.77 69.14
C PHE D 26 65.01 -44.65 68.20
N SER D 27 64.49 -44.97 67.01
CA SER D 27 63.99 -43.98 66.05
C SER D 27 65.04 -42.92 65.72
N LEU D 28 66.29 -43.33 65.67
CA LEU D 28 67.36 -42.40 65.33
C LEU D 28 67.30 -42.04 63.85
N PRO D 29 67.55 -40.78 63.50
CA PRO D 29 67.44 -40.38 62.09
C PRO D 29 68.65 -40.83 61.29
N ILE D 30 68.40 -41.60 60.23
CA ILE D 30 69.46 -41.98 59.31
C ILE D 30 69.76 -40.79 58.40
N LYS D 31 71.04 -40.44 58.29
CA LYS D 31 71.45 -39.36 57.41
C LYS D 31 72.62 -39.72 56.51
N GLU D 32 73.16 -40.94 56.62
CA GLU D 32 74.20 -41.41 55.73
C GLU D 32 73.76 -42.74 55.14
N SER D 33 73.75 -42.83 53.82
CA SER D 33 73.25 -44.02 53.16
C SER D 33 74.18 -45.22 53.33
N GLU D 34 75.42 -45.00 53.74
CA GLU D 34 76.36 -46.10 53.94
C GLU D 34 76.01 -46.95 55.15
N ILE D 35 75.07 -46.51 55.98
CA ILE D 35 74.73 -47.28 57.17
C ILE D 35 74.00 -48.57 56.80
N ILE D 36 73.00 -48.45 55.93
CA ILE D 36 72.08 -49.57 55.72
C ILE D 36 72.74 -50.69 54.92
N ASP D 37 73.60 -50.33 53.96
CA ASP D 37 74.17 -51.33 53.07
C ASP D 37 75.18 -52.22 53.78
N PHE D 38 75.80 -51.71 54.85
CA PHE D 38 76.70 -52.54 55.64
C PHE D 38 75.99 -53.78 56.17
N PHE D 39 74.74 -53.60 56.62
CA PHE D 39 73.95 -54.75 57.05
C PHE D 39 73.35 -55.48 55.85
N LEU D 40 72.57 -54.77 55.03
CA LEU D 40 71.80 -55.40 53.97
C LEU D 40 72.54 -55.25 52.64
N GLY D 41 73.80 -55.68 52.63
CA GLY D 41 74.61 -55.66 51.42
C GLY D 41 74.15 -56.71 50.44
N ALA D 42 74.07 -56.31 49.17
CA ALA D 42 73.72 -57.20 48.05
C ALA D 42 72.38 -57.89 48.27
N SER D 43 71.45 -57.20 48.92
CA SER D 43 70.14 -57.80 49.20
C SER D 43 69.02 -56.90 48.70
N LEU D 44 69.24 -55.58 48.77
CA LEU D 44 68.23 -54.64 48.30
C LEU D 44 68.15 -54.67 46.78
N LYS D 45 66.92 -54.73 46.26
CA LYS D 45 66.69 -54.85 44.83
C LYS D 45 66.33 -53.49 44.24
N ASP D 46 67.06 -53.11 43.20
CA ASP D 46 66.81 -51.85 42.52
C ASP D 46 65.63 -51.96 41.57
N GLU D 47 64.80 -50.92 41.52
CA GLU D 47 63.77 -50.81 40.51
C GLU D 47 63.48 -49.33 40.28
N VAL D 48 63.25 -48.97 39.02
CA VAL D 48 62.94 -47.60 38.64
C VAL D 48 61.45 -47.52 38.34
N LEU D 49 60.73 -46.67 39.06
CA LEU D 49 59.29 -46.60 38.91
C LEU D 49 58.91 -45.71 37.72
N LYS D 50 59.24 -44.42 37.80
CA LYS D 50 58.86 -43.52 36.72
C LYS D 50 59.80 -42.33 36.69
N ILE D 51 59.94 -41.76 35.50
CA ILE D 51 60.80 -40.61 35.25
C ILE D 51 59.90 -39.53 34.65
N MET D 52 59.37 -38.66 35.49
CA MET D 52 58.50 -37.62 34.96
C MET D 52 59.34 -36.42 34.52
N PRO D 53 59.16 -35.94 33.30
CA PRO D 53 59.87 -34.74 32.79
C PRO D 53 59.21 -33.42 33.18
N VAL D 54 59.55 -32.92 34.37
CA VAL D 54 58.97 -31.67 34.83
C VAL D 54 59.76 -30.50 34.26
N GLN D 55 59.05 -29.52 33.71
CA GLN D 55 59.72 -28.40 33.07
C GLN D 55 59.20 -27.09 33.65
N LYS D 56 60.09 -26.13 33.78
CA LYS D 56 59.79 -24.81 34.32
C LYS D 56 60.03 -23.76 33.25
N GLN D 57 59.03 -22.91 33.05
CA GLN D 57 59.08 -21.88 32.02
C GLN D 57 59.94 -20.71 32.48
N THR D 58 60.84 -20.26 31.62
CA THR D 58 61.67 -19.09 31.85
C THR D 58 61.42 -18.08 30.73
N ARG D 59 62.21 -17.01 30.73
CA ARG D 59 62.11 -16.04 29.65
C ARG D 59 62.49 -16.65 28.31
N ALA D 60 63.57 -17.42 28.28
CA ALA D 60 64.05 -18.06 27.06
C ALA D 60 63.71 -19.53 27.13
N GLY D 61 62.55 -19.89 26.58
CA GLY D 61 62.14 -21.28 26.57
C GLY D 61 61.84 -21.78 27.97
N GLN D 62 61.93 -23.09 28.12
CA GLN D 62 61.67 -23.73 29.40
C GLN D 62 62.75 -24.77 29.68
N ARG D 63 63.18 -24.83 30.93
CA ARG D 63 64.17 -25.83 31.33
C ARG D 63 63.46 -27.11 31.74
N THR D 64 64.07 -28.24 31.40
CA THR D 64 63.48 -29.56 31.61
C THR D 64 64.36 -30.36 32.57
N ARG D 65 63.79 -30.75 33.70
CA ARG D 65 64.42 -31.61 34.68
C ARG D 65 63.64 -32.92 34.76
N PHE D 66 64.28 -33.95 35.29
CA PHE D 66 63.64 -35.25 35.40
C PHE D 66 63.51 -35.59 36.88
N LYS D 67 62.32 -36.04 37.27
CA LYS D 67 62.06 -36.53 38.61
C LYS D 67 61.94 -38.05 38.55
N ALA D 68 62.82 -38.73 39.26
CA ALA D 68 62.92 -40.18 39.26
C ALA D 68 62.33 -40.72 40.55
N PHE D 69 61.50 -41.75 40.42
CA PHE D 69 60.94 -42.47 41.55
C PHE D 69 61.63 -43.82 41.64
N VAL D 70 62.35 -44.05 42.74
CA VAL D 70 63.11 -45.28 42.92
C VAL D 70 62.65 -45.95 44.21
N ALA D 71 62.19 -47.19 44.09
CA ALA D 71 61.81 -47.98 45.25
C ALA D 71 62.72 -49.19 45.33
N ILE D 72 63.27 -49.44 46.52
CA ILE D 72 64.20 -50.53 46.74
C ILE D 72 63.82 -51.25 48.02
N GLY D 73 64.49 -52.36 48.28
CA GLY D 73 64.25 -53.12 49.49
C GLY D 73 64.34 -54.62 49.28
N ASP D 74 65.00 -55.31 50.20
CA ASP D 74 65.09 -56.75 50.11
C ASP D 74 63.73 -57.37 50.38
N TYR D 75 63.57 -58.62 49.93
CA TYR D 75 62.26 -59.26 50.04
C TYR D 75 62.11 -59.91 51.40
N ASN D 76 62.40 -59.16 52.48
CA ASN D 76 62.34 -59.71 53.83
C ASN D 76 61.87 -58.68 54.85
N GLY D 77 61.00 -57.77 54.46
CA GLY D 77 60.42 -56.84 55.42
C GLY D 77 61.13 -55.53 55.58
N HIS D 78 62.03 -55.17 54.66
CA HIS D 78 62.65 -53.85 54.63
C HIS D 78 62.47 -53.27 53.25
N VAL D 79 61.98 -52.03 53.18
CA VAL D 79 61.64 -51.42 51.91
C VAL D 79 61.76 -49.92 52.07
N GLY D 80 61.98 -49.23 50.96
CA GLY D 80 62.10 -47.79 50.98
C GLY D 80 61.79 -47.19 49.62
N LEU D 81 61.34 -45.94 49.63
CA LEU D 81 61.00 -45.21 48.41
C LEU D 81 61.68 -43.85 48.45
N GLY D 82 62.22 -43.44 47.32
CA GLY D 82 62.87 -42.15 47.20
C GLY D 82 62.47 -41.45 45.93
N VAL D 83 62.42 -40.12 46.01
CA VAL D 83 61.98 -39.27 44.91
C VAL D 83 63.05 -38.20 44.72
N LYS D 84 63.66 -38.15 43.54
CA LYS D 84 64.73 -37.18 43.31
C LYS D 84 64.54 -36.45 42.00
N CYS D 85 64.56 -35.11 42.06
CA CYS D 85 64.51 -34.27 40.87
C CYS D 85 65.90 -33.76 40.56
N SER D 86 66.35 -33.96 39.32
CA SER D 86 67.68 -33.52 38.92
C SER D 86 67.64 -33.06 37.47
N LYS D 87 68.77 -32.57 37.00
CA LYS D 87 68.89 -32.06 35.65
C LYS D 87 69.39 -33.10 34.66
N GLU D 88 69.81 -34.28 35.12
CA GLU D 88 70.15 -35.39 34.26
C GLU D 88 69.48 -36.65 34.77
N VAL D 89 69.16 -37.55 33.83
CA VAL D 89 68.41 -38.75 34.17
C VAL D 89 69.24 -39.66 35.07
N ALA D 90 70.50 -39.90 34.71
CA ALA D 90 71.34 -40.80 35.50
C ALA D 90 71.60 -40.23 36.88
N THR D 91 71.85 -38.91 36.95
CA THR D 91 72.06 -38.28 38.25
C THR D 91 70.81 -38.39 39.11
N ALA D 92 69.64 -38.18 38.51
CA ALA D 92 68.39 -38.31 39.25
C ALA D 92 68.19 -39.74 39.74
N ILE D 93 68.53 -40.73 38.90
CA ILE D 93 68.39 -42.12 39.29
C ILE D 93 69.26 -42.43 40.50
N ARG D 94 70.54 -42.06 40.43
CA ARG D 94 71.42 -42.39 41.54
C ARG D 94 71.07 -41.62 42.80
N GLY D 95 70.67 -40.35 42.65
CA GLY D 95 70.21 -39.60 43.81
C GLY D 95 68.98 -40.19 44.45
N ALA D 96 68.04 -40.67 43.63
CA ALA D 96 66.85 -41.31 44.17
C ALA D 96 67.18 -42.65 44.83
N ILE D 97 68.17 -43.37 44.30
CA ILE D 97 68.62 -44.57 44.97
C ILE D 97 69.17 -44.23 46.35
N ILE D 98 69.97 -43.17 46.45
CA ILE D 98 70.49 -42.76 47.75
C ILE D 98 69.37 -42.34 48.69
N LEU D 99 68.40 -41.59 48.18
CA LEU D 99 67.29 -41.14 49.03
C LEU D 99 66.45 -42.31 49.51
N ALA D 100 66.18 -43.27 48.63
CA ALA D 100 65.45 -44.46 49.05
C ALA D 100 66.25 -45.28 50.05
N LYS D 101 67.57 -45.34 49.89
CA LYS D 101 68.42 -45.99 50.89
C LYS D 101 68.28 -45.30 52.23
N LEU D 102 68.22 -43.98 52.23
CA LEU D 102 68.00 -43.25 53.47
C LEU D 102 66.64 -43.59 54.07
N SER D 103 65.62 -43.69 53.23
CA SER D 103 64.23 -43.85 53.70
C SER D 103 63.81 -45.31 53.76
N ILE D 104 64.56 -46.16 54.45
CA ILE D 104 64.18 -47.55 54.64
C ILE D 104 63.39 -47.67 55.94
N VAL D 105 62.24 -48.32 55.88
CA VAL D 105 61.40 -48.49 57.05
C VAL D 105 61.16 -49.98 57.28
N PRO D 106 60.97 -50.42 58.52
CA PRO D 106 60.65 -51.83 58.75
C PRO D 106 59.21 -52.14 58.37
N VAL D 107 58.96 -53.40 58.05
CA VAL D 107 57.64 -53.88 57.66
C VAL D 107 57.21 -54.94 58.65
N ARG D 108 56.04 -54.76 59.25
CA ARG D 108 55.46 -55.73 60.16
C ARG D 108 54.58 -56.69 59.38
N ARG D 109 54.80 -57.99 59.57
CA ARG D 109 54.01 -59.02 58.91
C ARG D 109 53.15 -59.73 59.95
N GLY D 110 51.86 -59.88 59.66
CA GLY D 110 50.96 -60.57 60.54
C GLY D 110 50.30 -61.76 59.89
N TYR D 111 49.24 -62.28 60.51
CA TYR D 111 48.49 -63.42 59.98
C TYR D 111 47.05 -63.02 59.77
N TRP D 112 46.45 -63.52 58.69
CA TRP D 112 45.01 -63.36 58.50
C TRP D 112 44.22 -64.30 59.38
N GLY D 113 44.77 -65.48 59.66
CA GLY D 113 44.11 -66.47 60.50
C GLY D 113 44.93 -67.75 60.55
N ASN D 114 44.82 -68.49 61.65
CA ASN D 114 45.57 -69.73 61.86
C ASN D 114 47.07 -69.49 61.74
N LYS D 115 47.58 -68.70 62.68
CA LYS D 115 49.02 -68.46 62.78
C LYS D 115 49.76 -69.78 62.94
N ILE D 116 50.51 -70.18 61.92
CA ILE D 116 51.17 -71.47 61.93
C ILE D 116 52.67 -71.30 61.74
N GLY D 117 53.06 -70.64 60.65
CA GLY D 117 54.46 -70.49 60.35
C GLY D 117 54.92 -69.05 60.32
N LYS D 118 55.80 -68.73 59.37
CA LYS D 118 56.27 -67.37 59.21
C LYS D 118 55.12 -66.48 58.74
N PRO D 119 54.99 -65.26 59.27
CA PRO D 119 53.88 -64.39 58.87
C PRO D 119 53.93 -64.03 57.39
N HIS D 120 52.76 -63.84 56.82
CA HIS D 120 52.61 -63.65 55.38
C HIS D 120 51.99 -62.33 54.98
N THR D 121 51.06 -61.79 55.75
CA THR D 121 50.30 -60.61 55.38
C THR D 121 50.49 -59.51 56.42
N VAL D 122 49.88 -58.37 56.15
CA VAL D 122 49.91 -57.23 57.06
C VAL D 122 49.11 -57.61 58.31
N PRO D 123 49.50 -57.13 59.49
CA PRO D 123 48.74 -57.46 60.70
C PRO D 123 47.31 -56.98 60.68
N CYS D 124 47.05 -55.83 60.07
CA CYS D 124 45.71 -55.27 60.02
C CYS D 124 45.59 -54.40 58.78
N LYS D 125 44.37 -53.98 58.48
CA LYS D 125 44.15 -53.08 57.35
C LYS D 125 44.76 -51.72 57.68
N VAL D 126 45.56 -51.20 56.76
CA VAL D 126 46.24 -49.93 56.94
C VAL D 126 45.92 -49.02 55.77
N THR D 127 46.02 -47.72 56.01
CA THR D 127 45.63 -46.72 55.03
C THR D 127 46.73 -45.68 54.90
N GLY D 128 47.26 -45.52 53.68
CA GLY D 128 48.17 -44.45 53.38
C GLY D 128 47.45 -43.19 52.94
N ARG D 129 48.21 -42.12 52.82
CA ARG D 129 47.63 -40.81 52.49
C ARG D 129 48.70 -39.95 51.83
N CYS D 130 48.49 -39.61 50.57
CA CYS D 130 49.37 -38.69 49.85
C CYS D 130 48.53 -38.01 48.77
N GLY D 131 48.13 -36.77 49.04
CA GLY D 131 47.21 -36.13 48.12
C GLY D 131 45.84 -36.79 48.19
N SER D 132 45.14 -36.76 47.06
CA SER D 132 43.82 -37.39 47.01
C SER D 132 43.91 -38.91 46.98
N VAL D 133 45.09 -39.46 46.68
CA VAL D 133 45.23 -40.91 46.61
C VAL D 133 45.16 -41.50 48.01
N LEU D 134 44.29 -42.49 48.18
CA LEU D 134 44.11 -43.19 49.44
C LEU D 134 44.21 -44.68 49.16
N VAL D 135 45.22 -45.33 49.75
CA VAL D 135 45.50 -46.73 49.52
C VAL D 135 45.23 -47.50 50.79
N ARG D 136 44.55 -48.64 50.67
CA ARG D 136 44.21 -49.48 51.79
C ARG D 136 44.75 -50.89 51.54
N LEU D 137 45.62 -51.32 52.44
CA LEU D 137 46.17 -52.68 52.40
C LEU D 137 45.42 -53.51 53.43
N ILE D 138 44.79 -54.57 52.96
CA ILE D 138 43.94 -55.43 53.79
C ILE D 138 44.62 -56.78 53.94
N PRO D 139 44.61 -57.37 55.12
CA PRO D 139 45.19 -58.71 55.28
C PRO D 139 44.45 -59.73 54.43
N ALA D 140 45.20 -60.70 53.93
CA ALA D 140 44.65 -61.74 53.07
C ALA D 140 45.08 -63.11 53.57
N PRO D 141 44.24 -64.12 53.37
CA PRO D 141 44.65 -65.48 53.72
C PRO D 141 45.79 -65.98 52.85
N ARG D 142 46.33 -67.15 53.18
CA ARG D 142 47.45 -67.69 52.44
C ARG D 142 47.06 -68.02 51.00
N GLY D 143 48.02 -67.85 50.09
CA GLY D 143 47.84 -68.26 48.72
C GLY D 143 47.14 -67.24 47.83
N THR D 144 46.64 -66.15 48.38
CA THR D 144 45.99 -65.14 47.55
C THR D 144 46.98 -64.37 46.69
N GLY D 145 48.23 -64.26 47.13
CA GLY D 145 49.14 -63.38 46.44
C GLY D 145 48.80 -61.93 46.77
N ILE D 146 49.33 -61.04 45.95
CA ILE D 146 49.08 -59.61 46.09
C ILE D 146 48.09 -59.21 45.00
N VAL D 147 46.97 -58.63 45.40
CA VAL D 147 46.03 -58.05 44.43
C VAL D 147 46.08 -56.54 44.59
N SER D 148 46.46 -55.88 43.49
CA SER D 148 46.71 -54.44 43.44
C SER D 148 47.01 -54.08 41.99
N ALA D 149 47.22 -52.80 41.75
CA ALA D 149 47.80 -52.38 40.50
C ALA D 149 49.26 -52.82 40.45
N PRO D 150 49.83 -52.98 39.25
CA PRO D 150 51.25 -53.37 39.17
C PRO D 150 52.19 -52.39 39.84
N VAL D 151 51.90 -51.09 39.76
CA VAL D 151 52.82 -50.09 40.28
C VAL D 151 53.05 -50.24 41.78
N PRO D 152 52.04 -50.39 42.64
CA PRO D 152 52.32 -50.74 44.03
C PRO D 152 52.48 -52.22 44.26
N LYS D 153 52.11 -53.06 43.30
CA LYS D 153 52.29 -54.50 43.47
C LYS D 153 53.76 -54.87 43.49
N LYS D 154 54.56 -54.24 42.63
CA LYS D 154 55.99 -54.48 42.69
C LYS D 154 56.58 -53.98 44.01
N LEU D 155 56.07 -52.85 44.51
CA LEU D 155 56.53 -52.32 45.79
C LEU D 155 56.20 -53.28 46.93
N LEU D 156 54.98 -53.82 46.95
CA LEU D 156 54.61 -54.77 47.98
C LEU D 156 55.39 -56.06 47.85
N MET D 157 55.68 -56.50 46.62
CA MET D 157 56.47 -57.70 46.41
C MET D 157 57.86 -57.53 46.99
N MET D 158 58.54 -56.44 46.63
CA MET D 158 59.86 -56.18 47.18
C MET D 158 59.82 -55.81 48.66
N ALA D 159 58.64 -55.53 49.20
CA ALA D 159 58.49 -55.32 50.62
C ALA D 159 58.42 -56.62 51.41
N GLY D 160 58.42 -57.77 50.73
CA GLY D 160 58.40 -59.05 51.40
C GLY D 160 57.03 -59.57 51.74
N ILE D 161 55.97 -58.83 51.43
CA ILE D 161 54.61 -59.31 51.68
C ILE D 161 54.23 -60.31 50.60
N ASP D 162 53.70 -61.46 51.03
CA ASP D 162 53.31 -62.50 50.08
C ASP D 162 51.83 -62.48 49.73
N ASP D 163 50.96 -62.12 50.67
CA ASP D 163 49.53 -62.04 50.41
C ASP D 163 48.98 -60.74 50.96
N CYS D 164 48.15 -60.08 50.16
CA CYS D 164 47.57 -58.79 50.53
C CYS D 164 46.47 -58.41 49.55
N TYR D 165 45.43 -57.75 50.07
CA TYR D 165 44.40 -57.14 49.26
C TYR D 165 44.68 -55.65 49.19
N THR D 166 44.36 -55.02 48.07
CA THR D 166 44.50 -53.57 47.96
C THR D 166 43.20 -52.94 47.48
N SER D 167 42.88 -51.79 48.06
CA SER D 167 41.76 -50.98 47.60
C SER D 167 42.20 -49.53 47.55
N ALA D 168 42.05 -48.90 46.39
CA ALA D 168 42.58 -47.56 46.18
C ALA D 168 41.48 -46.62 45.70
N ARG D 169 41.55 -45.39 46.19
CA ARG D 169 40.70 -44.31 45.71
C ARG D 169 41.57 -43.12 45.32
N GLY D 170 41.07 -42.31 44.40
CA GLY D 170 41.77 -41.12 43.95
C GLY D 170 42.46 -41.35 42.62
N CYS D 171 43.16 -40.30 42.19
CA CYS D 171 43.85 -40.32 40.90
C CYS D 171 45.09 -41.20 41.02
N THR D 172 44.86 -42.51 40.93
CA THR D 172 45.97 -43.46 40.98
C THR D 172 46.89 -43.33 39.77
N ALA D 173 46.43 -42.66 38.71
CA ALA D 173 47.31 -42.39 37.58
C ALA D 173 48.49 -41.52 37.99
N THR D 174 48.34 -40.72 39.03
CA THR D 174 49.47 -39.98 39.58
C THR D 174 50.37 -40.97 40.29
N LEU D 175 51.38 -41.45 39.58
CA LEU D 175 52.21 -42.53 40.09
C LEU D 175 52.98 -42.11 41.32
N GLY D 176 53.47 -40.86 41.36
CA GLY D 176 54.22 -40.41 42.52
C GLY D 176 53.39 -40.42 43.78
N ASN D 177 52.19 -39.85 43.73
CA ASN D 177 51.31 -39.85 44.89
C ASN D 177 50.86 -41.25 45.26
N PHE D 178 50.57 -42.09 44.25
CA PHE D 178 50.13 -43.45 44.52
C PHE D 178 51.21 -44.23 45.27
N ALA D 179 52.44 -44.19 44.76
CA ALA D 179 53.55 -44.89 45.40
C ALA D 179 53.85 -44.31 46.77
N LYS D 180 53.77 -42.98 46.92
CA LYS D 180 54.07 -42.37 48.21
C LYS D 180 53.02 -42.76 49.25
N ALA D 181 51.75 -42.84 48.85
CA ALA D 181 50.71 -43.26 49.77
C ALA D 181 50.88 -44.71 50.17
N THR D 182 51.22 -45.58 49.22
CA THR D 182 51.48 -46.98 49.56
C THR D 182 52.65 -47.09 50.53
N PHE D 183 53.72 -46.33 50.27
CA PHE D 183 54.87 -46.34 51.17
C PHE D 183 54.51 -45.82 52.54
N ASP D 184 53.63 -44.81 52.60
CA ASP D 184 53.18 -44.30 53.88
C ASP D 184 52.43 -45.37 54.66
N ALA D 185 51.57 -46.12 53.98
CA ALA D 185 50.85 -47.20 54.65
C ALA D 185 51.81 -48.26 55.18
N ILE D 186 52.79 -48.66 54.36
CA ILE D 186 53.76 -49.66 54.80
C ILE D 186 54.58 -49.12 55.97
N SER D 187 54.90 -47.83 55.95
CA SER D 187 55.64 -47.24 57.06
C SER D 187 54.83 -47.24 58.34
N LYS D 188 53.54 -46.93 58.25
CA LYS D 188 52.70 -46.85 59.45
C LYS D 188 52.10 -48.19 59.83
N THR D 189 52.49 -49.27 59.14
CA THR D 189 52.16 -50.61 59.64
C THR D 189 52.58 -50.78 61.09
N TYR D 190 53.80 -50.35 61.45
CA TYR D 190 54.21 -50.38 62.85
C TYR D 190 53.55 -49.30 63.68
N SER D 191 53.03 -48.24 63.05
CA SER D 191 52.35 -47.21 63.82
C SER D 191 51.03 -47.70 64.40
N TYR D 192 50.55 -48.86 63.97
CA TYR D 192 49.28 -49.37 64.45
C TYR D 192 49.48 -50.12 65.76
N LEU D 193 48.58 -49.88 66.72
CA LEU D 193 48.65 -50.54 68.01
C LEU D 193 47.89 -51.86 67.98
N THR D 194 48.53 -52.92 68.47
CA THR D 194 48.00 -54.26 68.43
C THR D 194 47.96 -54.84 69.84
N PRO D 195 46.93 -55.62 70.18
CA PRO D 195 46.82 -56.16 71.54
C PRO D 195 48.02 -56.99 71.99
N ASP D 196 48.71 -57.67 71.08
CA ASP D 196 49.88 -58.44 71.49
C ASP D 196 51.02 -57.55 71.95
N LEU D 197 50.95 -56.26 71.66
CA LEU D 197 51.95 -55.29 72.08
C LEU D 197 51.56 -54.57 73.37
N TRP D 198 50.49 -55.00 74.02
CA TRP D 198 50.03 -54.32 75.23
C TRP D 198 51.01 -54.46 76.39
N LYS D 199 51.83 -55.50 76.38
CA LYS D 199 52.78 -55.71 77.47
C LYS D 199 53.79 -54.56 77.52
N GLU D 200 54.18 -54.20 78.74
CA GLU D 200 55.06 -53.05 78.92
C GLU D 200 56.43 -53.33 78.35
N THR D 201 56.95 -52.39 77.57
CA THR D 201 58.28 -52.51 77.01
C THR D 201 59.32 -52.02 78.01
N VAL D 202 60.38 -52.80 78.17
CA VAL D 202 61.48 -52.46 79.07
C VAL D 202 62.53 -51.72 78.26
N PHE D 203 62.79 -50.47 78.62
CA PHE D 203 63.78 -49.68 77.92
C PHE D 203 65.17 -50.24 78.14
N THR D 204 65.95 -50.29 77.07
CA THR D 204 67.33 -50.74 77.12
C THR D 204 68.26 -49.53 77.05
N LYS D 205 69.57 -49.80 77.00
CA LYS D 205 70.55 -48.73 76.92
C LYS D 205 70.58 -48.14 75.51
N SER D 206 70.57 -46.82 75.43
CA SER D 206 70.73 -46.16 74.14
C SER D 206 72.12 -46.44 73.58
N PRO D 207 72.26 -46.59 72.27
CA PRO D 207 73.60 -46.83 71.70
C PRO D 207 74.60 -45.73 72.00
N TYR D 208 74.16 -44.47 71.97
CA TYR D 208 75.07 -43.37 72.25
C TYR D 208 75.57 -43.41 73.68
N GLN D 209 74.66 -43.63 74.62
CA GLN D 209 75.07 -43.73 76.02
C GLN D 209 75.89 -44.98 76.27
N GLU D 210 75.62 -46.06 75.52
CA GLU D 210 76.35 -47.31 75.71
C GLU D 210 77.78 -47.19 75.23
N PHE D 211 78.00 -46.51 74.11
CA PHE D 211 79.34 -46.35 73.54
C PHE D 211 79.77 -44.90 73.53
N THR D 212 79.43 -44.16 74.59
CA THR D 212 79.79 -42.75 74.66
C THR D 212 81.31 -42.55 74.70
N ASP D 213 82.02 -43.38 75.47
CA ASP D 213 83.47 -43.21 75.57
C ASP D 213 84.18 -43.66 74.30
N HIS D 214 83.66 -44.67 73.61
CA HIS D 214 84.24 -45.10 72.35
C HIS D 214 84.13 -43.98 71.31
N LEU D 215 83.01 -43.28 71.30
CA LEU D 215 82.89 -42.10 70.43
C LEU D 215 83.85 -41.00 70.85
N VAL D 216 84.15 -40.89 72.13
CA VAL D 216 85.16 -39.92 72.57
C VAL D 216 86.52 -40.28 72.00
N LYS D 217 86.90 -41.56 72.08
CA LYS D 217 88.22 -41.97 71.60
C LYS D 217 88.32 -42.03 70.09
N THR D 218 87.20 -42.16 69.37
CA THR D 218 87.27 -42.30 67.91
C THR D 218 86.69 -41.11 67.17
N HIS D 219 85.44 -40.74 67.42
CA HIS D 219 84.74 -39.73 66.63
C HIS D 219 84.87 -38.38 67.34
N THR D 220 85.88 -37.62 66.96
CA THR D 220 86.08 -36.28 67.52
C THR D 220 86.52 -35.29 66.44
N ALA E 1 -4.99 -75.26 31.29
CA ALA E 1 -5.16 -76.17 30.18
C ALA E 1 -6.61 -76.55 29.99
N ARG E 2 -6.86 -77.69 29.35
CA ARG E 2 -8.21 -78.15 29.08
C ARG E 2 -8.50 -79.56 29.60
N GLY E 3 -7.50 -80.34 29.96
CA GLY E 3 -7.72 -81.70 30.41
C GLY E 3 -6.53 -82.28 31.14
N PRO E 4 -6.67 -83.52 31.60
CA PRO E 4 -5.59 -84.15 32.36
C PRO E 4 -4.39 -84.47 31.48
N LYS E 5 -3.23 -84.57 32.13
CA LYS E 5 -1.98 -84.85 31.44
C LYS E 5 -1.78 -86.36 31.33
N LYS E 6 -1.55 -86.85 30.12
CA LYS E 6 -1.21 -88.24 29.89
C LYS E 6 0.19 -88.36 29.29
N HIS E 7 1.10 -87.51 29.76
CA HIS E 7 2.50 -87.57 29.37
C HIS E 7 3.35 -87.09 30.53
N LEU E 8 4.63 -87.43 30.49
CA LEU E 8 5.54 -87.00 31.54
C LEU E 8 6.92 -86.79 30.96
N LYS E 9 7.53 -85.66 31.28
CA LYS E 9 8.87 -85.35 30.78
C LYS E 9 9.92 -86.18 31.53
N ARG E 10 11.01 -86.47 30.83
CA ARG E 10 12.09 -87.24 31.45
C ARG E 10 12.70 -86.48 32.61
N VAL E 11 12.92 -85.17 32.45
CA VAL E 11 13.49 -84.37 33.52
C VAL E 11 12.50 -84.25 34.68
N ALA E 12 11.21 -84.13 34.37
CA ALA E 12 10.19 -83.92 35.38
C ALA E 12 9.88 -85.17 36.18
N ALA E 13 10.47 -86.31 35.84
CA ALA E 13 10.21 -87.55 36.54
C ALA E 13 10.72 -87.46 37.98
N PRO E 14 10.15 -88.26 38.88
CA PRO E 14 10.63 -88.26 40.28
C PRO E 14 12.10 -88.65 40.36
N LYS E 15 12.78 -88.03 41.34
CA LYS E 15 14.23 -88.21 41.45
C LYS E 15 14.61 -89.64 41.76
N HIS E 16 13.87 -90.30 42.66
CA HIS E 16 14.25 -91.65 43.09
C HIS E 16 14.10 -92.68 41.98
N TRP E 17 13.43 -92.34 40.89
CA TRP E 17 13.35 -93.26 39.76
C TRP E 17 14.69 -93.48 39.09
N MET E 18 15.64 -92.56 39.30
CA MET E 18 17.00 -92.68 38.76
C MET E 18 16.99 -92.79 37.23
N LEU E 19 16.13 -92.00 36.59
CA LEU E 19 16.05 -91.98 35.15
C LEU E 19 17.10 -91.05 34.58
N ASP E 20 17.76 -91.48 33.51
CA ASP E 20 18.77 -90.68 32.86
C ASP E 20 18.17 -89.83 31.74
N LYS E 21 18.88 -88.75 31.40
CA LYS E 21 18.34 -87.73 30.52
C LYS E 21 18.61 -88.00 29.05
N LEU E 22 19.34 -89.06 28.71
CA LEU E 22 19.78 -89.27 27.34
C LEU E 22 19.05 -90.38 26.61
N THR E 23 18.43 -91.32 27.33
CA THR E 23 17.72 -92.41 26.66
C THR E 23 16.43 -91.94 26.02
N GLY E 24 15.76 -90.94 26.60
CA GLY E 24 14.52 -90.47 26.04
C GLY E 24 14.12 -89.12 26.58
N VAL E 25 13.26 -88.45 25.83
CA VAL E 25 12.73 -87.16 26.24
C VAL E 25 11.61 -87.30 27.26
N PHE E 26 10.91 -88.43 27.24
CA PHE E 26 9.73 -88.62 28.06
C PHE E 26 10.05 -89.52 29.26
N ALA E 27 9.02 -89.79 30.03
CA ALA E 27 9.06 -90.59 31.24
C ALA E 27 7.97 -91.64 31.16
N PRO E 28 8.06 -92.70 31.97
CA PRO E 28 7.03 -93.75 31.93
C PRO E 28 5.60 -93.24 32.12
N ARG E 29 5.39 -92.18 32.92
CA ARG E 29 4.06 -91.61 33.18
C ARG E 29 3.12 -92.71 33.67
N PRO E 30 3.26 -93.13 34.92
CA PRO E 30 2.48 -94.28 35.39
C PRO E 30 0.98 -94.00 35.36
N SER E 31 0.24 -95.06 35.08
CA SER E 31 -1.21 -94.97 35.04
C SER E 31 -1.76 -94.72 36.44
N THR E 32 -3.03 -94.30 36.48
CA THR E 32 -3.67 -94.06 37.75
C THR E 32 -3.84 -95.36 38.52
N GLY E 33 -3.62 -95.31 39.83
CA GLY E 33 -3.69 -96.49 40.65
C GLY E 33 -3.76 -96.19 42.13
N PRO E 34 -3.35 -97.15 42.95
CA PRO E 34 -3.45 -96.98 44.41
C PRO E 34 -2.53 -95.91 44.96
N HIS E 35 -1.45 -95.58 44.27
CA HIS E 35 -0.43 -94.67 44.80
C HIS E 35 -0.33 -93.43 43.94
N LYS E 36 0.07 -92.33 44.57
CA LYS E 36 0.46 -91.15 43.82
C LYS E 36 1.73 -91.43 43.05
N LEU E 37 1.86 -90.78 41.89
CA LEU E 37 3.01 -91.01 41.03
C LEU E 37 4.31 -90.47 41.62
N ARG E 38 4.23 -89.67 42.69
CA ARG E 38 5.42 -89.13 43.31
C ARG E 38 6.16 -90.16 44.16
N GLU E 39 5.55 -91.29 44.47
CA GLU E 39 6.18 -92.26 45.37
C GLU E 39 5.95 -93.69 44.90
N CYS E 40 5.97 -93.92 43.59
CA CYS E 40 5.76 -95.26 43.06
C CYS E 40 6.76 -95.54 41.95
N LEU E 41 7.02 -96.82 41.74
CA LEU E 41 7.80 -97.25 40.59
C LEU E 41 6.89 -97.92 39.58
N PRO E 42 6.81 -97.43 38.35
CA PRO E 42 6.14 -98.21 37.31
C PRO E 42 6.86 -99.52 37.04
N LEU E 43 6.07 -100.52 36.65
CA LEU E 43 6.62 -101.83 36.32
C LEU E 43 7.68 -101.75 35.24
N ILE E 44 7.52 -100.81 34.30
CA ILE E 44 8.45 -100.70 33.19
C ILE E 44 9.86 -100.41 33.69
N ILE E 45 10.02 -99.44 34.59
CA ILE E 45 11.36 -99.17 35.10
C ILE E 45 11.76 -100.18 36.15
N PHE E 46 10.80 -100.75 36.89
CA PHE E 46 11.15 -101.79 37.85
C PHE E 46 11.74 -103.03 37.17
N LEU E 47 11.36 -103.29 35.93
CA LEU E 47 11.86 -104.45 35.20
C LEU E 47 12.97 -104.13 34.23
N ARG E 48 13.09 -102.88 33.76
CA ARG E 48 14.11 -102.54 32.78
C ARG E 48 15.28 -101.78 33.37
N ASN E 49 15.04 -100.88 34.31
CA ASN E 49 16.10 -100.07 34.89
C ASN E 49 16.55 -100.54 36.27
N ARG E 50 15.92 -101.59 36.82
CA ARG E 50 16.28 -102.10 38.13
C ARG E 50 16.82 -103.52 38.06
N LEU E 51 16.02 -104.47 37.55
CA LEU E 51 16.42 -105.86 37.45
C LEU E 51 17.00 -106.20 36.09
N LYS E 52 16.94 -105.28 35.13
CA LYS E 52 17.50 -105.44 33.78
C LYS E 52 16.93 -106.63 33.04
N TYR E 53 15.73 -107.08 33.43
CA TYR E 53 15.10 -108.19 32.72
C TYR E 53 14.75 -107.80 31.29
N ALA E 54 14.25 -106.58 31.10
CA ALA E 54 13.93 -106.05 29.78
C ALA E 54 15.03 -105.12 29.30
N LEU E 55 15.16 -105.02 27.98
CA LEU E 55 16.12 -104.11 27.38
C LEU E 55 15.47 -102.80 26.95
N THR E 56 14.41 -102.87 26.17
CA THR E 56 13.69 -101.68 25.70
C THR E 56 12.28 -101.71 26.25
N GLY E 57 11.45 -100.79 25.76
CA GLY E 57 10.10 -100.68 26.24
C GLY E 57 9.12 -101.71 25.72
N ASP E 58 9.54 -102.58 24.81
CA ASP E 58 8.63 -103.59 24.27
C ASP E 58 8.85 -104.97 24.86
N GLU E 59 10.07 -105.29 25.31
CA GLU E 59 10.26 -106.55 26.03
C GLU E 59 9.44 -106.57 27.31
N VAL E 60 9.40 -105.44 28.03
CA VAL E 60 8.58 -105.36 29.23
C VAL E 60 7.10 -105.45 28.89
N LYS E 61 6.68 -104.87 27.76
CA LYS E 61 5.29 -105.01 27.35
C LYS E 61 4.95 -106.48 27.06
N LYS E 62 5.86 -107.18 26.38
CA LYS E 62 5.63 -108.58 26.08
C LYS E 62 5.58 -109.42 27.35
N ILE E 63 6.46 -109.13 28.31
CA ILE E 63 6.48 -109.93 29.52
C ILE E 63 5.27 -109.61 30.39
N CYS E 64 4.72 -108.41 30.28
CA CYS E 64 3.46 -108.13 30.95
C CYS E 64 2.30 -108.83 30.26
N MET E 65 2.35 -108.93 28.93
CA MET E 65 1.29 -109.63 28.21
C MET E 65 1.32 -111.14 28.44
N GLN E 66 2.50 -111.70 28.72
CA GLN E 66 2.59 -113.10 29.08
C GLN E 66 2.04 -113.41 30.47
N ARG E 67 1.72 -112.37 31.24
CA ARG E 67 1.00 -112.50 32.51
C ARG E 67 1.80 -113.32 33.53
N PHE E 68 3.02 -112.87 33.81
CA PHE E 68 3.84 -113.47 34.84
C PHE E 68 4.04 -112.57 36.04
N ILE E 69 3.95 -111.25 35.85
CA ILE E 69 4.17 -110.29 36.93
C ILE E 69 2.86 -110.22 37.72
N LYS E 70 2.85 -110.79 38.91
CA LYS E 70 1.69 -110.80 39.78
C LYS E 70 1.97 -109.92 40.99
N ILE E 71 1.20 -108.85 41.13
CA ILE E 71 1.42 -107.83 42.14
C ILE E 71 0.33 -107.92 43.19
N ASP E 72 0.74 -107.93 44.46
CA ASP E 72 -0.18 -107.97 45.59
C ASP E 72 -1.09 -109.19 45.53
N GLY E 73 -0.58 -110.29 45.01
CA GLY E 73 -1.37 -111.49 44.81
C GLY E 73 -2.26 -111.46 43.59
N LYS E 74 -2.17 -110.44 42.75
CA LYS E 74 -3.02 -110.29 41.58
C LYS E 74 -2.17 -110.01 40.36
N VAL E 75 -2.53 -110.62 39.23
CA VAL E 75 -1.79 -110.42 38.00
C VAL E 75 -2.17 -109.08 37.40
N ARG E 76 -1.17 -108.36 36.90
CA ARG E 76 -1.37 -107.05 36.30
C ARG E 76 -0.73 -107.04 34.92
N THR E 77 -1.50 -106.69 33.90
CA THR E 77 -0.97 -106.53 32.56
C THR E 77 -0.60 -105.09 32.24
N ASP E 78 -0.80 -104.17 33.18
CA ASP E 78 -0.45 -102.78 32.97
C ASP E 78 1.06 -102.64 32.95
N ILE E 79 1.60 -102.24 31.80
CA ILE E 79 3.04 -102.01 31.70
C ILE E 79 3.46 -100.83 32.58
N THR E 80 2.56 -99.87 32.77
CA THR E 80 2.83 -98.68 33.59
C THR E 80 2.00 -98.68 34.86
N TYR E 81 1.88 -99.83 35.50
CA TYR E 81 1.14 -99.91 36.75
C TYR E 81 1.96 -99.26 37.86
N PRO E 82 1.35 -98.42 38.69
CA PRO E 82 2.06 -97.82 39.83
C PRO E 82 2.18 -98.82 40.96
N ALA E 83 3.40 -99.30 41.19
CA ALA E 83 3.63 -100.25 42.28
C ALA E 83 3.38 -99.58 43.64
N GLY E 84 4.21 -98.60 43.98
CA GLY E 84 4.04 -97.91 45.24
C GLY E 84 4.65 -98.65 46.42
N PHE E 85 4.41 -98.09 47.60
CA PHE E 85 5.10 -98.53 48.81
C PHE E 85 4.67 -99.93 49.23
N MET E 86 5.67 -100.75 49.56
CA MET E 86 5.54 -102.09 50.16
C MET E 86 4.40 -102.91 49.54
N ASP E 87 4.49 -103.08 48.23
CA ASP E 87 3.61 -103.98 47.50
C ASP E 87 4.43 -105.16 46.99
N VAL E 88 3.90 -106.36 47.17
CA VAL E 88 4.62 -107.57 46.83
C VAL E 88 4.61 -107.76 45.31
N ILE E 89 5.78 -107.94 44.73
CA ILE E 89 5.93 -108.28 43.32
C ILE E 89 6.33 -109.75 43.26
N SER E 90 5.46 -110.57 42.67
CA SER E 90 5.69 -112.00 42.59
C SER E 90 5.92 -112.41 41.15
N ILE E 91 6.95 -113.22 40.92
CA ILE E 91 7.22 -113.81 39.62
C ILE E 91 7.33 -115.31 39.85
N ASP E 92 6.32 -116.05 39.39
CA ASP E 92 6.26 -117.48 39.66
C ASP E 92 7.27 -118.26 38.85
N LYS E 93 7.61 -117.78 37.65
CA LYS E 93 8.49 -118.53 36.77
C LYS E 93 9.88 -118.69 37.38
N THR E 94 10.47 -117.58 37.84
CA THR E 94 11.70 -117.66 38.61
C THR E 94 11.44 -117.96 40.08
N GLY E 95 10.18 -117.99 40.51
CA GLY E 95 9.85 -118.26 41.89
C GLY E 95 10.39 -117.25 42.86
N GLU E 96 10.35 -115.97 42.52
CA GLU E 96 10.97 -114.94 43.33
C GLU E 96 9.98 -113.83 43.66
N ASN E 97 10.05 -113.34 44.89
CA ASN E 97 9.14 -112.32 45.40
C ASN E 97 9.94 -111.16 45.98
N PHE E 98 9.44 -109.95 45.73
CA PHE E 98 10.12 -108.72 46.12
C PHE E 98 9.18 -107.85 46.94
N ARG E 99 9.73 -107.22 47.97
CA ARG E 99 9.05 -106.18 48.73
C ARG E 99 9.68 -104.85 48.36
N LEU E 100 8.85 -103.88 47.99
CA LEU E 100 9.32 -102.60 47.45
C LEU E 100 9.37 -101.57 48.57
N ILE E 101 10.56 -101.36 49.13
CA ILE E 101 10.75 -100.54 50.32
C ILE E 101 11.79 -99.48 50.02
N TYR E 102 11.58 -98.28 50.56
CA TYR E 102 12.57 -97.21 50.43
C TYR E 102 13.87 -97.61 51.13
N ASP E 103 14.99 -97.25 50.51
CA ASP E 103 16.29 -97.52 51.13
C ASP E 103 16.63 -96.39 52.10
N THR E 104 17.84 -96.45 52.65
CA THR E 104 18.27 -95.42 53.59
C THR E 104 18.44 -94.07 52.91
N LYS E 105 18.74 -94.05 51.62
CA LYS E 105 19.01 -92.81 50.90
C LYS E 105 17.76 -92.21 50.26
N GLY E 106 16.60 -92.82 50.43
CA GLY E 106 15.38 -92.27 49.90
C GLY E 106 14.98 -92.76 48.53
N ARG E 107 15.33 -94.00 48.19
CA ARG E 107 14.92 -94.59 46.92
C ARG E 107 14.37 -95.98 47.18
N PHE E 108 13.56 -96.45 46.24
CA PHE E 108 13.03 -97.81 46.33
C PHE E 108 14.15 -98.80 46.01
N ALA E 109 14.43 -99.71 46.93
CA ALA E 109 15.50 -100.67 46.79
C ALA E 109 14.94 -102.07 46.61
N VAL E 110 15.60 -102.86 45.78
CA VAL E 110 15.18 -104.24 45.56
C VAL E 110 15.41 -105.03 46.84
N HIS E 111 14.38 -105.70 47.32
CA HIS E 111 14.44 -106.46 48.57
C HIS E 111 13.76 -107.80 48.35
N ARG E 112 14.56 -108.83 48.11
CA ARG E 112 14.02 -110.18 47.95
C ARG E 112 13.46 -110.69 49.27
N ILE E 113 12.34 -111.39 49.20
CA ILE E 113 11.68 -111.93 50.37
C ILE E 113 11.25 -113.36 50.09
N THR E 114 11.10 -114.12 51.17
CA THR E 114 10.64 -115.50 51.05
C THR E 114 9.16 -115.52 50.69
N PRO E 115 8.70 -116.57 50.00
CA PRO E 115 7.27 -116.63 49.62
C PRO E 115 6.31 -116.60 50.81
N GLU E 116 6.65 -117.27 51.91
CA GLU E 116 5.77 -117.20 53.08
C GLU E 116 5.77 -115.81 53.69
N GLU E 117 6.83 -115.04 53.48
CA GLU E 117 6.81 -113.64 53.89
C GLU E 117 5.98 -112.80 52.92
N ALA E 118 6.00 -113.15 51.64
CA ALA E 118 5.23 -112.44 50.63
C ALA E 118 3.75 -112.75 50.71
N LYS E 119 3.35 -113.83 51.38
CA LYS E 119 1.93 -114.14 51.52
C LYS E 119 1.14 -113.04 52.22
N TYR E 120 1.80 -112.18 52.99
CA TYR E 120 1.14 -111.08 53.67
C TYR E 120 1.80 -109.76 53.28
N LYS E 121 1.24 -108.67 53.79
CA LYS E 121 1.71 -107.33 53.45
C LYS E 121 1.15 -106.33 54.45
N LEU E 122 1.99 -105.43 54.93
CA LEU E 122 1.53 -104.40 55.84
C LEU E 122 0.86 -103.27 55.07
N CYS E 123 -0.01 -102.53 55.76
CA CYS E 123 -0.70 -101.39 55.19
C CYS E 123 -0.93 -100.38 56.29
N LYS E 124 -1.24 -99.15 55.91
CA LYS E 124 -1.54 -98.09 56.87
C LYS E 124 -2.93 -97.54 56.61
N VAL E 125 -3.74 -97.46 57.66
CA VAL E 125 -5.07 -96.89 57.55
C VAL E 125 -4.96 -95.37 57.44
N ARG E 126 -5.77 -94.80 56.56
CA ARG E 126 -5.81 -93.35 56.40
C ARG E 126 -7.15 -92.74 56.76
N LYS E 127 -8.25 -93.46 56.57
CA LYS E 127 -9.56 -93.00 56.99
C LYS E 127 -10.40 -94.16 57.50
N ILE E 128 -11.10 -93.91 58.60
CA ILE E 128 -12.08 -94.82 59.17
C ILE E 128 -13.42 -94.10 59.19
N PHE E 129 -14.48 -94.79 58.77
CA PHE E 129 -15.80 -94.17 58.74
C PHE E 129 -16.85 -95.27 58.79
N VAL E 130 -18.11 -94.87 58.65
CA VAL E 130 -19.22 -95.79 58.69
C VAL E 130 -20.16 -95.50 57.51
N GLY E 131 -20.53 -96.55 56.78
CA GLY E 131 -21.55 -96.47 55.77
C GLY E 131 -22.85 -97.08 56.23
N THR E 132 -23.77 -97.22 55.28
CA THR E 132 -25.17 -97.53 55.56
C THR E 132 -25.30 -98.85 56.33
N LYS E 133 -26.47 -99.01 56.94
CA LYS E 133 -26.77 -100.13 57.84
C LYS E 133 -25.81 -100.17 59.03
N GLY E 134 -25.23 -99.01 59.36
CA GLY E 134 -24.27 -98.93 60.45
C GLY E 134 -23.05 -99.79 60.28
N ILE E 135 -22.48 -99.83 59.08
CA ILE E 135 -21.40 -100.76 58.77
C ILE E 135 -20.08 -99.97 58.75
N PRO E 136 -19.15 -100.25 59.65
CA PRO E 136 -17.86 -99.57 59.59
C PRO E 136 -17.08 -99.97 58.35
N HIS E 137 -16.34 -98.99 57.81
CA HIS E 137 -15.49 -99.19 56.64
C HIS E 137 -14.14 -98.53 56.90
N LEU E 138 -13.09 -99.20 56.42
CA LEU E 138 -11.72 -98.81 56.67
C LEU E 138 -10.97 -98.72 55.35
N VAL E 139 -10.39 -97.56 55.05
CA VAL E 139 -9.58 -97.45 53.84
C VAL E 139 -8.11 -97.47 54.26
N THR E 140 -7.27 -97.95 53.36
CA THR E 140 -5.84 -98.01 53.64
C THR E 140 -5.11 -96.89 52.93
N HIS E 141 -3.79 -96.88 53.08
CA HIS E 141 -2.97 -95.89 52.37
C HIS E 141 -2.99 -96.13 50.87
N ASP E 142 -3.14 -97.38 50.45
CA ASP E 142 -3.45 -97.68 49.06
C ASP E 142 -4.92 -97.38 48.80
N ALA E 143 -5.38 -97.69 47.59
CA ALA E 143 -6.77 -97.47 47.25
C ALA E 143 -7.68 -98.59 47.72
N ARG E 144 -7.22 -99.42 48.67
CA ARG E 144 -8.01 -100.57 49.09
C ARG E 144 -8.88 -100.21 50.29
N THR E 145 -10.18 -100.47 50.16
CA THR E 145 -11.12 -100.31 51.25
C THR E 145 -11.63 -101.68 51.68
N ILE E 146 -11.90 -101.81 52.98
CA ILE E 146 -12.33 -103.07 53.56
C ILE E 146 -13.54 -102.80 54.44
N ARG E 147 -14.37 -103.83 54.58
CA ARG E 147 -15.60 -103.77 55.34
C ARG E 147 -15.45 -104.59 56.62
N TYR E 148 -16.18 -104.18 57.64
CA TYR E 148 -16.21 -104.82 58.95
C TYR E 148 -14.82 -104.92 59.56
N PRO E 149 -14.18 -103.79 59.90
CA PRO E 149 -12.89 -103.86 60.58
C PRO E 149 -13.05 -103.92 62.08
N ASP E 150 -11.96 -104.28 62.75
CA ASP E 150 -11.96 -104.30 64.20
C ASP E 150 -12.05 -102.87 64.73
N PRO E 151 -13.03 -102.55 65.58
CA PRO E 151 -13.18 -101.17 66.07
C PRO E 151 -12.05 -100.68 66.94
N LEU E 152 -11.02 -101.48 67.20
CA LEU E 152 -9.88 -101.07 68.01
C LEU E 152 -8.74 -100.52 67.16
N ILE E 153 -9.04 -100.05 65.95
CA ILE E 153 -8.06 -99.38 65.10
C ILE E 153 -8.60 -97.99 64.78
N LYS E 154 -7.83 -96.97 65.12
CA LYS E 154 -8.15 -95.59 64.78
C LYS E 154 -7.32 -95.17 63.57
N VAL E 155 -7.37 -93.88 63.24
CA VAL E 155 -6.64 -93.38 62.08
C VAL E 155 -5.14 -93.53 62.29
N ASN E 156 -4.40 -93.40 61.19
CA ASN E 156 -2.94 -93.51 61.08
C ASN E 156 -2.35 -94.66 61.90
N ASP E 157 -3.05 -95.79 61.94
CA ASP E 157 -2.55 -97.03 62.50
C ASP E 157 -2.14 -97.96 61.36
N THR E 158 -1.63 -99.14 61.73
CA THR E 158 -1.12 -100.10 60.76
C THR E 158 -1.98 -101.36 60.81
N ILE E 159 -2.24 -101.96 59.65
CA ILE E 159 -2.97 -103.21 59.55
C ILE E 159 -2.12 -104.21 58.78
N GLN E 160 -2.45 -105.49 58.95
CA GLN E 160 -1.73 -106.58 58.31
C GLN E 160 -2.69 -107.33 57.40
N ILE E 161 -2.49 -107.21 56.09
CA ILE E 161 -3.40 -107.78 55.10
C ILE E 161 -2.69 -108.94 54.42
N ASP E 162 -3.25 -110.14 54.55
CA ASP E 162 -2.75 -111.31 53.85
C ASP E 162 -3.41 -111.40 52.49
N LEU E 163 -2.68 -111.95 51.53
CA LEU E 163 -3.15 -112.01 50.15
C LEU E 163 -4.27 -113.04 50.01
N GLU E 164 -4.99 -112.92 48.90
CA GLU E 164 -6.06 -113.83 48.46
C GLU E 164 -7.29 -113.73 49.33
N THR E 165 -7.22 -112.96 50.42
CA THR E 165 -8.37 -112.76 51.30
C THR E 165 -8.62 -111.29 51.59
N GLY E 166 -7.57 -110.50 51.77
CA GLY E 166 -7.74 -109.12 52.19
C GLY E 166 -8.17 -108.94 53.63
N LYS E 167 -8.01 -109.96 54.45
CA LYS E 167 -8.46 -109.88 55.84
C LYS E 167 -7.40 -109.21 56.72
N ILE E 168 -7.87 -108.66 57.84
CA ILE E 168 -6.98 -108.03 58.81
C ILE E 168 -6.39 -109.16 59.66
N THR E 169 -5.14 -109.54 59.37
CA THR E 169 -4.49 -110.56 60.19
C THR E 169 -4.15 -110.03 61.57
N ASP E 170 -3.62 -108.81 61.63
CA ASP E 170 -3.28 -108.18 62.91
C ASP E 170 -3.20 -106.67 62.67
N PHE E 171 -2.87 -105.94 63.74
CA PHE E 171 -2.80 -104.49 63.62
C PHE E 171 -1.78 -103.96 64.60
N ILE E 172 -1.32 -102.74 64.32
CA ILE E 172 -0.36 -102.02 65.14
C ILE E 172 -0.97 -100.66 65.49
N LYS E 173 -1.10 -100.41 66.79
CA LYS E 173 -1.60 -99.13 67.28
C LYS E 173 -0.48 -98.09 67.22
N PHE E 174 -0.82 -96.88 66.80
CA PHE E 174 0.15 -95.80 66.70
C PHE E 174 0.33 -95.20 68.10
N ASP E 175 1.47 -95.47 68.71
CA ASP E 175 1.75 -94.99 70.06
C ASP E 175 3.26 -94.86 70.24
N THR E 176 3.64 -94.34 71.40
CA THR E 176 5.06 -94.13 71.71
C THR E 176 5.77 -95.46 71.92
N GLY E 177 6.99 -95.55 71.42
CA GLY E 177 7.80 -96.74 71.59
C GLY E 177 7.69 -97.76 70.50
N ASN E 178 6.95 -97.47 69.44
CA ASN E 178 6.84 -98.38 68.30
C ASN E 178 7.92 -98.07 67.28
N LEU E 179 8.12 -99.01 66.35
CA LEU E 179 9.07 -98.84 65.27
C LEU E 179 8.31 -98.43 64.01
N CYS E 180 8.73 -97.33 63.41
CA CYS E 180 8.06 -96.77 62.25
C CYS E 180 9.05 -96.59 61.10
N MET E 181 8.60 -95.90 60.06
CA MET E 181 9.43 -95.58 58.92
C MET E 181 8.87 -94.34 58.25
N VAL E 182 9.74 -93.47 57.78
CA VAL E 182 9.35 -92.20 57.19
C VAL E 182 9.13 -92.41 55.70
N THR E 183 7.99 -91.93 55.20
CA THR E 183 7.59 -92.13 53.82
C THR E 183 7.49 -90.80 53.07
N GLY E 184 8.43 -89.90 53.30
CA GLY E 184 8.44 -88.65 52.57
C GLY E 184 9.44 -87.69 53.18
N GLY E 185 9.60 -86.57 52.49
CA GLY E 185 10.49 -85.53 52.97
C GLY E 185 11.96 -85.94 52.85
N ALA E 186 12.80 -85.18 53.55
CA ALA E 186 14.24 -85.43 53.49
C ALA E 186 14.62 -86.69 54.26
N ASN E 187 13.80 -87.10 55.23
CA ASN E 187 14.08 -88.26 56.05
C ASN E 187 13.52 -89.54 55.45
N LEU E 188 13.32 -89.58 54.13
CA LEU E 188 12.71 -90.73 53.48
C LEU E 188 13.56 -91.98 53.67
N GLY E 189 12.90 -93.08 54.05
CA GLY E 189 13.55 -94.36 54.17
C GLY E 189 14.20 -94.64 55.50
N ARG E 190 14.20 -93.68 56.41
CA ARG E 190 14.82 -93.90 57.71
C ARG E 190 14.00 -94.86 58.55
N ILE E 191 14.68 -95.54 59.47
CA ILE E 191 14.05 -96.47 60.42
C ILE E 191 14.39 -96.02 61.82
N GLY E 192 13.37 -95.87 62.66
CA GLY E 192 13.59 -95.46 64.03
C GLY E 192 12.48 -95.86 64.98
N VAL E 193 12.40 -95.20 66.13
CA VAL E 193 11.43 -95.52 67.15
C VAL E 193 10.68 -94.25 67.53
N ILE E 194 9.35 -94.35 67.60
CA ILE E 194 8.54 -93.23 68.06
C ILE E 194 8.87 -92.92 69.52
N THR E 195 9.17 -91.66 69.79
CA THR E 195 9.47 -91.20 71.15
C THR E 195 8.52 -90.13 71.65
N ASN E 196 8.06 -89.24 70.78
CA ASN E 196 7.18 -88.15 71.20
C ASN E 196 6.38 -87.66 70.00
N ARG E 197 5.12 -87.31 70.24
CA ARG E 197 4.25 -86.73 69.22
C ARG E 197 3.73 -85.40 69.73
N GLU E 198 4.05 -84.33 69.00
CA GLU E 198 3.46 -83.03 69.25
C GLU E 198 2.37 -82.78 68.22
N ARG E 199 1.27 -82.20 68.68
CA ARG E 199 0.09 -81.98 67.86
C ARG E 199 -0.24 -80.50 67.82
N HIS E 200 -0.57 -80.03 66.62
CA HIS E 200 -0.98 -78.64 66.43
C HIS E 200 -2.35 -78.64 65.76
N PRO E 201 -3.41 -78.29 66.47
CA PRO E 201 -4.74 -78.31 65.85
C PRO E 201 -4.81 -77.34 64.68
N GLY E 202 -5.51 -77.76 63.63
CA GLY E 202 -5.60 -76.96 62.43
C GLY E 202 -4.41 -77.04 61.52
N SER E 203 -3.44 -77.89 61.81
CA SER E 203 -2.25 -78.01 61.00
C SER E 203 -1.75 -79.45 61.08
N PHE E 204 -0.51 -79.67 60.66
CA PHE E 204 0.07 -80.99 60.68
C PHE E 204 0.62 -81.33 62.06
N ASP E 205 0.70 -82.63 62.34
CA ASP E 205 1.23 -83.14 63.59
C ASP E 205 2.63 -83.66 63.38
N VAL E 206 3.54 -83.32 64.29
CA VAL E 206 4.95 -83.64 64.14
C VAL E 206 5.31 -84.70 65.18
N VAL E 207 6.27 -85.55 64.85
CA VAL E 207 6.77 -86.55 65.78
C VAL E 207 8.29 -86.54 65.75
N HIS E 208 8.88 -86.97 66.87
CA HIS E 208 10.32 -87.16 66.98
C HIS E 208 10.60 -88.65 66.99
N VAL E 209 11.52 -89.07 66.13
CA VAL E 209 11.84 -90.48 65.94
C VAL E 209 13.31 -90.69 66.26
N LYS E 210 13.60 -91.64 67.14
CA LYS E 210 14.95 -92.00 67.52
C LYS E 210 15.30 -93.33 66.88
N ASP E 211 16.46 -93.40 66.23
CA ASP E 211 16.84 -94.63 65.55
C ASP E 211 17.56 -95.56 66.52
N ALA E 212 18.05 -96.69 65.99
CA ALA E 212 18.77 -97.65 66.81
C ALA E 212 20.15 -97.12 67.21
N ASN E 213 20.74 -96.26 66.40
CA ASN E 213 22.05 -95.70 66.72
C ASN E 213 21.98 -94.54 67.70
N GLY E 214 20.78 -94.06 68.03
CA GLY E 214 20.60 -92.99 68.98
C GLY E 214 20.30 -91.63 68.38
N ASN E 215 20.39 -91.48 67.06
CA ASN E 215 20.12 -90.20 66.43
C ASN E 215 18.62 -89.93 66.40
N SER E 216 18.26 -88.66 66.62
CA SER E 216 16.87 -88.23 66.66
C SER E 216 16.58 -87.33 65.47
N PHE E 217 15.36 -87.42 64.96
CA PHE E 217 14.94 -86.59 63.83
C PHE E 217 13.42 -86.48 63.84
N ALA E 218 12.93 -85.28 63.53
CA ALA E 218 11.50 -85.01 63.57
C ALA E 218 10.95 -85.02 62.14
N THR E 219 9.67 -85.35 62.03
CA THR E 219 8.98 -85.36 60.74
C THR E 219 7.48 -85.35 60.97
N ARG E 220 6.74 -85.05 59.90
CA ARG E 220 5.29 -84.94 59.98
C ARG E 220 4.64 -86.30 60.17
N LEU E 221 3.43 -86.28 60.76
CA LEU E 221 2.71 -87.50 61.02
C LEU E 221 2.32 -88.21 59.73
N SER E 222 1.92 -87.44 58.71
CA SER E 222 1.50 -88.04 57.44
C SER E 222 2.62 -88.81 56.77
N ASN E 223 3.87 -88.51 57.08
CA ASN E 223 4.99 -89.26 56.53
C ASN E 223 5.28 -90.54 57.31
N ILE E 224 4.71 -90.68 58.50
CA ILE E 224 5.02 -91.80 59.37
C ILE E 224 4.28 -93.05 58.89
N PHE E 225 5.00 -94.16 58.77
CA PHE E 225 4.44 -95.45 58.42
C PHE E 225 4.92 -96.44 59.48
N VAL E 226 4.09 -96.69 60.49
CA VAL E 226 4.49 -97.57 61.58
C VAL E 226 4.49 -99.00 61.08
N ILE E 227 5.60 -99.71 61.30
CA ILE E 227 5.76 -101.07 60.79
C ILE E 227 6.13 -102.08 61.86
N GLY E 228 6.66 -101.70 63.01
CA GLY E 228 7.17 -102.63 63.99
C GLY E 228 6.37 -102.59 65.28
N LYS E 229 6.12 -103.77 65.86
CA LYS E 229 5.45 -103.90 67.15
C LYS E 229 6.45 -103.54 68.24
N GLY E 230 6.55 -102.25 68.51
CA GLY E 230 7.46 -101.78 69.54
C GLY E 230 8.89 -101.72 69.04
N ASN E 231 9.56 -102.87 68.95
CA ASN E 231 10.96 -102.88 68.57
C ASN E 231 11.19 -103.91 67.47
N LYS E 232 10.41 -104.97 67.46
CA LYS E 232 10.56 -106.01 66.45
C LYS E 232 9.84 -105.60 65.18
N PRO E 233 10.52 -105.45 64.05
CA PRO E 233 9.83 -105.10 62.80
C PRO E 233 9.05 -106.29 62.26
N TRP E 234 7.80 -106.03 61.86
CA TRP E 234 6.96 -107.09 61.34
C TRP E 234 7.35 -107.50 59.93
N ILE E 235 8.15 -106.69 59.24
CA ILE E 235 8.63 -107.00 57.89
C ILE E 235 10.15 -107.11 57.95
N SER E 236 10.68 -108.10 57.24
CA SER E 236 12.13 -108.28 57.19
C SER E 236 12.80 -107.02 56.64
N LEU E 237 13.81 -106.55 57.37
CA LEU E 237 14.47 -105.31 56.99
C LEU E 237 15.29 -105.50 55.71
N PRO E 238 15.39 -104.46 54.89
CA PRO E 238 16.28 -104.53 53.73
C PRO E 238 17.74 -104.40 54.13
N ARG E 239 18.65 -104.46 53.17
CA ARG E 239 20.05 -104.27 53.47
C ARG E 239 20.29 -102.84 53.94
N GLY E 240 21.21 -102.68 54.89
CA GLY E 240 21.47 -101.39 55.48
C GLY E 240 20.63 -101.10 56.71
N LYS E 241 19.63 -101.92 56.99
CA LYS E 241 18.84 -101.86 58.21
C LYS E 241 18.11 -100.53 58.38
N GLY E 242 17.94 -99.78 57.29
CA GLY E 242 17.17 -98.56 57.34
C GLY E 242 17.78 -97.44 58.16
N ILE E 243 19.09 -97.47 58.40
CA ILE E 243 19.76 -96.46 59.20
C ILE E 243 20.35 -95.40 58.26
N ARG E 244 20.14 -94.14 58.61
CA ARG E 244 20.70 -93.02 57.85
C ARG E 244 22.07 -92.69 58.41
N LEU E 245 23.07 -92.65 57.54
CA LEU E 245 24.46 -92.45 57.94
C LEU E 245 25.04 -91.24 57.24
N THR E 246 25.91 -90.52 57.94
CA THR E 246 26.50 -89.31 57.39
C THR E 246 27.55 -89.68 56.32
N ILE E 247 27.98 -88.66 55.57
CA ILE E 247 28.84 -88.87 54.42
C ILE E 247 30.19 -89.46 54.80
N ALA E 248 30.59 -89.34 56.06
CA ALA E 248 31.93 -89.79 56.45
C ALA E 248 32.02 -91.31 56.47
N GLU E 249 31.00 -91.99 56.98
CA GLU E 249 31.11 -93.39 57.32
C GLU E 249 30.79 -94.33 56.15
N GLU E 250 30.49 -93.81 54.97
CA GLU E 250 30.43 -94.67 53.79
C GLU E 250 31.65 -94.54 52.89
N ARG E 251 32.41 -93.45 52.99
CA ARG E 251 33.66 -93.35 52.24
C ARG E 251 34.64 -94.42 52.71
N ASP E 252 34.85 -94.52 54.02
CA ASP E 252 35.71 -95.57 54.55
C ASP E 252 35.10 -96.95 54.39
N LYS E 253 33.77 -97.04 54.38
CA LYS E 253 33.13 -98.32 54.10
C LYS E 253 33.43 -98.79 52.68
N ARG E 254 33.33 -97.88 51.71
CA ARG E 254 33.72 -98.21 50.34
C ARG E 254 35.20 -98.55 50.26
N LEU E 255 36.03 -97.83 51.02
CA LEU E 255 37.46 -98.12 51.04
C LEU E 255 37.72 -99.54 51.54
N ALA E 256 37.08 -99.92 52.64
CA ALA E 256 37.26 -101.26 53.18
C ALA E 256 36.74 -102.31 52.23
N ALA E 257 35.58 -102.08 51.62
CA ALA E 257 35.02 -103.05 50.68
C ALA E 257 35.91 -103.23 49.46
N LYS E 258 36.42 -102.13 48.91
CA LYS E 258 37.31 -102.21 47.75
C LYS E 258 38.61 -102.90 48.11
N GLN E 259 39.19 -102.58 49.27
CA GLN E 259 40.43 -103.23 49.69
C GLN E 259 40.22 -104.70 49.96
N SER E 260 39.04 -105.10 50.42
CA SER E 260 38.76 -106.51 50.62
C SER E 260 38.54 -107.23 49.30
N SER E 261 37.86 -106.59 48.35
CA SER E 261 37.52 -107.22 47.09
C SER E 261 38.61 -107.14 46.04
N GLY E 262 39.67 -106.37 46.30
CA GLY E 262 40.76 -106.25 45.34
C GLY E 262 42.10 -105.92 45.97
N MET F 1 -36.53 -82.80 -16.57
CA MET F 1 -36.81 -83.22 -15.20
C MET F 1 -36.97 -84.73 -15.14
N LYS F 2 -35.87 -85.40 -14.79
CA LYS F 2 -35.86 -86.85 -14.71
C LYS F 2 -36.76 -87.33 -13.58
N LEU F 3 -37.24 -88.56 -13.70
CA LEU F 3 -38.11 -89.16 -12.70
C LEU F 3 -37.54 -90.51 -12.31
N ASN F 4 -37.39 -90.74 -11.01
CA ASN F 4 -36.88 -92.00 -10.49
C ASN F 4 -38.07 -92.75 -9.90
N ILE F 5 -38.65 -93.64 -10.71
CA ILE F 5 -39.89 -94.31 -10.35
C ILE F 5 -39.54 -95.62 -9.67
N SER F 6 -40.19 -95.89 -8.54
CA SER F 6 -39.88 -97.07 -7.75
C SER F 6 -41.15 -97.71 -7.18
N PHE F 7 -41.29 -99.01 -7.43
CA PHE F 7 -42.35 -99.81 -6.82
C PHE F 7 -41.77 -100.53 -5.60
N PRO F 8 -42.35 -100.38 -4.42
CA PRO F 8 -41.77 -101.03 -3.23
C PRO F 8 -41.89 -102.55 -3.27
N ALA F 9 -43.03 -103.08 -3.71
CA ALA F 9 -43.27 -104.51 -3.60
C ALA F 9 -42.46 -105.34 -4.58
N THR F 10 -42.14 -104.80 -5.75
CA THR F 10 -41.39 -105.55 -6.74
C THR F 10 -40.03 -104.97 -7.06
N GLY F 11 -39.68 -103.79 -6.53
CA GLY F 11 -38.42 -103.18 -6.87
C GLY F 11 -38.40 -102.74 -8.32
N CYS F 12 -37.26 -102.99 -8.98
CA CYS F 12 -37.05 -102.64 -10.38
C CYS F 12 -37.30 -101.16 -10.64
N GLN F 13 -36.77 -100.32 -9.77
CA GLN F 13 -36.87 -98.88 -9.96
C GLN F 13 -36.11 -98.48 -11.22
N LYS F 14 -36.60 -97.45 -11.89
CA LYS F 14 -35.99 -97.03 -13.15
C LYS F 14 -36.16 -95.53 -13.34
N LEU F 15 -35.32 -94.98 -14.21
CA LEU F 15 -35.26 -93.54 -14.47
C LEU F 15 -35.87 -93.25 -15.84
N ILE F 16 -36.76 -92.25 -15.87
CA ILE F 16 -37.48 -91.88 -17.07
C ILE F 16 -37.33 -90.37 -17.28
N GLU F 17 -36.94 -89.97 -18.48
CA GLU F 17 -36.74 -88.57 -18.82
C GLU F 17 -37.88 -88.13 -19.73
N VAL F 18 -38.89 -87.51 -19.13
CA VAL F 18 -40.03 -87.00 -19.87
C VAL F 18 -39.76 -85.57 -20.27
N ASP F 19 -40.54 -85.09 -21.25
CA ASP F 19 -40.41 -83.71 -21.73
C ASP F 19 -41.72 -82.97 -21.84
N ASP F 20 -42.85 -83.63 -21.65
CA ASP F 20 -44.15 -82.96 -21.73
C ASP F 20 -44.48 -82.36 -20.37
N GLU F 21 -44.39 -81.03 -20.29
CA GLU F 21 -44.62 -80.33 -19.04
C GLU F 21 -46.07 -80.42 -18.59
N ARG F 22 -46.99 -80.70 -19.51
CA ARG F 22 -48.39 -80.85 -19.15
C ARG F 22 -48.60 -82.09 -18.28
N LYS F 23 -47.85 -83.16 -18.53
CA LYS F 23 -47.92 -84.32 -17.67
C LYS F 23 -47.39 -84.00 -16.28
N LEU F 24 -46.31 -83.23 -16.19
CA LEU F 24 -45.65 -82.98 -14.93
C LEU F 24 -46.30 -81.89 -14.09
N ARG F 25 -47.09 -81.00 -14.70
CA ARG F 25 -47.68 -79.90 -13.94
C ARG F 25 -48.71 -80.38 -12.93
N THR F 26 -49.22 -81.61 -13.08
CA THR F 26 -50.11 -82.16 -12.06
C THR F 26 -49.36 -82.48 -10.78
N PHE F 27 -48.03 -82.58 -10.83
CA PHE F 27 -47.22 -82.79 -9.64
C PHE F 27 -46.84 -81.48 -8.97
N TYR F 28 -47.00 -80.36 -9.66
CA TYR F 28 -46.45 -79.10 -9.18
C TYR F 28 -47.22 -78.60 -7.97
N GLU F 29 -46.53 -77.81 -7.15
CA GLU F 29 -47.08 -77.25 -5.91
C GLU F 29 -47.61 -78.34 -5.00
N LYS F 30 -46.83 -79.41 -4.87
CA LYS F 30 -47.19 -80.53 -4.00
C LYS F 30 -46.03 -80.81 -3.05
N ARG F 31 -46.37 -81.08 -1.79
CA ARG F 31 -45.37 -81.36 -0.79
C ARG F 31 -44.93 -82.82 -0.87
N MET F 32 -43.89 -83.14 -0.11
CA MET F 32 -43.40 -84.51 -0.08
C MET F 32 -44.35 -85.41 0.72
N ALA F 33 -44.22 -86.72 0.50
CA ALA F 33 -45.05 -87.74 1.15
C ALA F 33 -46.53 -87.54 0.84
N THR F 34 -46.83 -86.99 -0.33
CA THR F 34 -48.21 -86.79 -0.78
C THR F 34 -48.45 -87.62 -2.02
N GLU F 35 -49.68 -88.10 -2.18
CA GLU F 35 -50.05 -89.00 -3.25
C GLU F 35 -50.82 -88.23 -4.32
N VAL F 36 -50.29 -88.23 -5.54
CA VAL F 36 -50.90 -87.58 -6.69
C VAL F 36 -51.14 -88.64 -7.75
N ALA F 37 -52.33 -88.61 -8.36
CA ALA F 37 -52.66 -89.55 -9.42
C ALA F 37 -51.87 -89.21 -10.68
N ALA F 38 -50.89 -90.04 -11.02
CA ALA F 38 -50.04 -89.81 -12.18
C ALA F 38 -50.59 -90.49 -13.42
N ASP F 39 -51.88 -90.29 -13.69
CA ASP F 39 -52.48 -90.85 -14.89
C ASP F 39 -52.11 -90.08 -16.14
N ALA F 40 -51.58 -88.87 -16.00
CA ALA F 40 -51.26 -88.01 -17.13
C ALA F 40 -50.04 -88.48 -17.89
N LEU F 41 -49.29 -89.45 -17.37
CA LEU F 41 -48.07 -89.93 -18.02
C LEU F 41 -48.43 -90.93 -19.11
N GLY F 42 -49.10 -90.41 -20.15
CA GLY F 42 -49.57 -91.27 -21.20
C GLY F 42 -50.73 -92.14 -20.72
N GLU F 43 -51.13 -93.08 -21.58
CA GLU F 43 -52.19 -94.02 -21.25
C GLU F 43 -51.67 -95.27 -20.53
N GLU F 44 -50.35 -95.44 -20.45
CA GLU F 44 -49.77 -96.59 -19.77
C GLU F 44 -49.70 -96.40 -18.26
N TRP F 45 -49.96 -95.19 -17.76
CA TRP F 45 -49.93 -94.90 -16.33
C TRP F 45 -51.32 -94.63 -15.77
N LYS F 46 -52.37 -95.10 -16.46
CA LYS F 46 -53.73 -94.96 -15.96
C LYS F 46 -53.93 -95.76 -14.67
N GLY F 47 -54.83 -95.28 -13.82
CA GLY F 47 -55.14 -95.96 -12.58
C GLY F 47 -53.99 -96.02 -11.60
N TYR F 48 -53.00 -95.15 -11.76
CA TYR F 48 -51.79 -95.15 -10.95
C TYR F 48 -51.72 -93.87 -10.15
N VAL F 49 -51.59 -93.99 -8.84
CA VAL F 49 -51.33 -92.86 -7.96
C VAL F 49 -49.98 -93.10 -7.28
N VAL F 50 -49.15 -92.07 -7.26
CA VAL F 50 -47.76 -92.20 -6.82
C VAL F 50 -47.49 -91.14 -5.76
N ARG F 51 -46.60 -91.47 -4.84
CA ARG F 51 -46.27 -90.61 -3.71
C ARG F 51 -44.92 -89.93 -3.95
N ILE F 52 -44.88 -88.62 -3.73
CA ILE F 52 -43.63 -87.88 -3.86
C ILE F 52 -42.72 -88.20 -2.68
N SER F 53 -41.46 -88.51 -2.97
CA SER F 53 -40.52 -88.96 -1.95
C SER F 53 -39.22 -88.16 -1.89
N GLY F 54 -38.97 -87.26 -2.82
CA GLY F 54 -37.79 -86.43 -2.77
C GLY F 54 -37.31 -86.06 -4.16
N GLY F 55 -36.11 -85.51 -4.21
CA GLY F 55 -35.54 -85.09 -5.48
C GLY F 55 -34.34 -84.20 -5.26
N ASN F 56 -33.88 -83.59 -6.35
CA ASN F 56 -32.74 -82.70 -6.32
C ASN F 56 -33.04 -81.44 -7.12
N ASP F 57 -32.36 -80.36 -6.75
CA ASP F 57 -32.45 -79.10 -7.47
C ASP F 57 -31.58 -79.17 -8.73
N LYS F 58 -31.50 -78.04 -9.43
CA LYS F 58 -30.65 -77.95 -10.61
C LYS F 58 -29.19 -78.20 -10.26
N GLN F 59 -28.79 -77.88 -9.04
CA GLN F 59 -27.40 -77.99 -8.61
C GLN F 59 -27.15 -79.25 -7.79
N GLY F 60 -28.07 -80.20 -7.81
CA GLY F 60 -27.88 -81.43 -7.06
C GLY F 60 -28.24 -81.36 -5.60
N PHE F 61 -28.78 -80.25 -5.13
CA PHE F 61 -29.15 -80.13 -3.73
C PHE F 61 -30.41 -80.94 -3.46
N PRO F 62 -30.39 -81.87 -2.52
CA PRO F 62 -31.59 -82.64 -2.19
C PRO F 62 -32.62 -81.79 -1.49
N MET F 63 -33.85 -82.28 -1.45
CA MET F 63 -34.95 -81.59 -0.82
C MET F 63 -35.31 -82.25 0.50
N LYS F 64 -35.50 -81.43 1.53
CA LYS F 64 -35.79 -81.90 2.87
C LYS F 64 -37.27 -81.75 3.16
N GLN F 65 -37.82 -82.71 3.89
CA GLN F 65 -39.22 -82.65 4.28
C GLN F 65 -39.40 -81.65 5.41
N GLY F 66 -40.41 -80.79 5.30
CA GLY F 66 -40.72 -79.82 6.32
C GLY F 66 -40.25 -78.41 6.05
N VAL F 67 -39.53 -78.18 4.94
CA VAL F 67 -39.04 -76.84 4.65
C VAL F 67 -40.19 -75.89 4.34
N LEU F 68 -41.25 -76.39 3.71
CA LEU F 68 -42.47 -75.62 3.45
C LEU F 68 -42.20 -74.39 2.58
N THR F 69 -41.31 -74.55 1.62
CA THR F 69 -41.11 -73.55 0.57
C THR F 69 -40.58 -74.26 -0.66
N HIS F 70 -40.56 -73.54 -1.77
CA HIS F 70 -39.91 -74.04 -2.99
C HIS F 70 -38.73 -73.13 -3.29
N GLY F 71 -37.56 -73.74 -3.44
CA GLY F 71 -36.33 -73.01 -3.63
C GLY F 71 -35.26 -73.55 -2.70
N ARG F 72 -34.20 -72.78 -2.54
CA ARG F 72 -33.04 -73.20 -1.77
C ARG F 72 -32.98 -72.41 -0.46
N VAL F 73 -32.78 -73.11 0.65
CA VAL F 73 -32.56 -72.50 1.94
C VAL F 73 -31.30 -73.09 2.55
N ARG F 74 -30.88 -72.54 3.68
CA ARG F 74 -29.74 -73.07 4.42
C ARG F 74 -30.18 -73.40 5.83
N LEU F 75 -29.88 -74.61 6.28
CA LEU F 75 -30.28 -75.07 7.60
C LEU F 75 -29.09 -75.62 8.35
N LEU F 76 -29.13 -75.49 9.67
CA LEU F 76 -28.13 -76.08 10.54
C LEU F 76 -28.51 -77.54 10.77
N LEU F 77 -27.90 -78.44 10.01
CA LEU F 77 -28.25 -79.85 10.03
C LEU F 77 -27.42 -80.56 11.10
N SER F 78 -28.08 -81.07 12.12
CA SER F 78 -27.43 -81.84 13.16
C SER F 78 -27.48 -83.32 12.79
N LYS F 79 -27.15 -84.18 13.76
CA LYS F 79 -27.10 -85.61 13.51
C LYS F 79 -28.48 -86.18 13.21
N GLY F 80 -28.56 -86.99 12.15
CA GLY F 80 -29.71 -87.81 11.90
C GLY F 80 -30.94 -87.10 11.38
N HIS F 81 -30.83 -85.85 10.96
CA HIS F 81 -32.02 -85.15 10.46
C HIS F 81 -32.32 -85.54 9.02
N SER F 82 -31.45 -85.12 8.10
CA SER F 82 -31.55 -85.40 6.68
C SER F 82 -30.35 -84.76 5.99
N CYS F 83 -30.04 -85.26 4.80
CA CYS F 83 -29.09 -84.65 3.86
C CYS F 83 -27.71 -84.45 4.44
N TYR F 84 -27.40 -85.04 5.59
CA TYR F 84 -26.13 -84.78 6.26
C TYR F 84 -25.81 -85.92 7.20
N ARG F 85 -24.54 -86.26 7.29
CA ARG F 85 -24.05 -87.21 8.26
C ARG F 85 -22.90 -86.58 9.03
N PRO F 86 -22.84 -86.80 10.36
CA PRO F 86 -21.80 -86.13 11.16
C PRO F 86 -20.44 -86.78 10.94
N ARG F 87 -19.46 -85.95 10.55
CA ARG F 87 -18.10 -86.46 10.40
C ARG F 87 -17.54 -86.91 11.75
N ARG F 88 -17.80 -86.14 12.80
CA ARG F 88 -17.49 -86.55 14.16
C ARG F 88 -18.73 -86.35 15.02
N THR F 89 -18.62 -86.77 16.28
CA THR F 89 -19.77 -86.74 17.18
C THR F 89 -20.16 -85.31 17.50
N GLY F 90 -21.47 -85.04 17.45
CA GLY F 90 -21.98 -83.73 17.81
C GLY F 90 -21.66 -82.63 16.84
N GLU F 91 -21.25 -82.95 15.63
CA GLU F 91 -20.85 -81.95 14.65
C GLU F 91 -22.06 -81.49 13.84
N ARG F 92 -22.30 -80.19 13.83
CA ARG F 92 -23.40 -79.59 13.09
C ARG F 92 -22.84 -78.63 12.05
N LYS F 93 -23.43 -78.66 10.86
CA LYS F 93 -22.95 -77.85 9.74
C LYS F 93 -24.13 -77.24 9.00
N ARG F 94 -24.02 -75.95 8.70
CA ARG F 94 -25.03 -75.26 7.91
C ARG F 94 -24.87 -75.69 6.46
N LYS F 95 -25.92 -76.27 5.90
CA LYS F 95 -25.89 -76.74 4.51
C LYS F 95 -27.14 -76.30 3.79
N SER F 96 -27.01 -76.18 2.46
CA SER F 96 -28.14 -75.76 1.64
C SER F 96 -28.99 -76.97 1.27
N VAL F 97 -30.31 -76.77 1.29
CA VAL F 97 -31.26 -77.81 0.93
C VAL F 97 -32.39 -77.21 0.09
N ARG F 98 -32.89 -78.01 -0.85
CA ARG F 98 -34.09 -77.67 -1.59
C ARG F 98 -35.32 -77.79 -0.69
N GLY F 99 -36.31 -76.94 -0.94
CA GLY F 99 -37.56 -77.01 -0.22
C GLY F 99 -38.37 -78.21 -0.62
N CYS F 100 -39.45 -78.45 0.14
CA CYS F 100 -40.25 -79.65 -0.02
C CYS F 100 -41.37 -79.51 -1.05
N ILE F 101 -41.52 -78.35 -1.68
CA ILE F 101 -42.50 -78.15 -2.74
C ILE F 101 -41.79 -78.21 -4.08
N VAL F 102 -42.36 -78.97 -5.01
CA VAL F 102 -41.74 -79.24 -6.28
C VAL F 102 -42.29 -78.28 -7.34
N ASP F 103 -41.51 -78.10 -8.40
CA ASP F 103 -41.90 -77.30 -9.55
C ASP F 103 -41.08 -77.77 -10.74
N ALA F 104 -41.05 -76.97 -11.80
CA ALA F 104 -40.24 -77.30 -12.97
C ALA F 104 -38.75 -77.22 -12.71
N ASN F 105 -38.32 -76.62 -11.61
CA ASN F 105 -36.90 -76.44 -11.33
C ASN F 105 -36.36 -77.56 -10.43
N LEU F 106 -36.45 -78.79 -10.92
CA LEU F 106 -35.86 -79.94 -10.25
C LEU F 106 -35.14 -80.79 -11.27
N SER F 107 -33.91 -81.21 -10.93
CA SER F 107 -33.18 -82.12 -11.81
C SER F 107 -33.86 -83.46 -11.87
N VAL F 108 -34.18 -84.05 -10.72
CA VAL F 108 -34.81 -85.35 -10.63
C VAL F 108 -35.98 -85.26 -9.67
N LEU F 109 -36.88 -86.25 -9.76
CA LEU F 109 -38.01 -86.35 -8.86
C LEU F 109 -38.21 -87.82 -8.54
N ASN F 110 -37.96 -88.19 -7.28
CA ASN F 110 -38.17 -89.56 -6.86
C ASN F 110 -39.65 -89.81 -6.59
N LEU F 111 -40.19 -90.87 -7.18
CA LEU F 111 -41.59 -91.21 -7.06
C LEU F 111 -41.70 -92.66 -6.59
N VAL F 112 -42.60 -92.89 -5.64
CA VAL F 112 -42.79 -94.20 -5.03
C VAL F 112 -44.26 -94.58 -5.20
N ILE F 113 -44.52 -95.66 -5.92
CA ILE F 113 -45.90 -96.06 -6.17
C ILE F 113 -46.50 -96.63 -4.88
N VAL F 114 -47.74 -96.24 -4.59
CA VAL F 114 -48.40 -96.71 -3.37
C VAL F 114 -49.34 -97.87 -3.67
N LYS F 115 -50.01 -97.83 -4.83
CA LYS F 115 -50.97 -98.86 -5.17
C LYS F 115 -50.78 -99.30 -6.61
N LYS F 116 -51.04 -100.58 -6.86
CA LYS F 116 -50.91 -101.13 -8.20
C LYS F 116 -52.06 -100.65 -9.09
N GLY F 117 -51.74 -100.35 -10.34
CA GLY F 117 -52.73 -99.90 -11.30
C GLY F 117 -53.53 -101.05 -11.89
N GLU F 118 -53.63 -101.08 -13.22
CA GLU F 118 -54.37 -102.14 -13.89
C GLU F 118 -53.52 -103.04 -14.77
N LYS F 119 -52.34 -102.60 -15.21
CA LYS F 119 -51.46 -103.43 -16.01
C LYS F 119 -50.03 -103.17 -15.60
N ASP F 120 -49.11 -103.95 -16.18
CA ASP F 120 -47.72 -103.96 -15.74
C ASP F 120 -46.89 -102.98 -16.55
N ILE F 121 -46.17 -102.12 -15.85
CA ILE F 121 -45.19 -101.24 -16.50
C ILE F 121 -44.00 -102.08 -16.97
N PRO F 122 -43.53 -101.90 -18.21
CA PRO F 122 -42.40 -102.71 -18.69
C PRO F 122 -41.13 -102.39 -17.92
N GLY F 123 -40.44 -103.45 -17.48
CA GLY F 123 -39.20 -103.31 -16.75
C GLY F 123 -39.34 -102.78 -15.34
N LEU F 124 -40.57 -102.55 -14.87
CA LEU F 124 -40.81 -102.01 -13.54
C LEU F 124 -41.87 -102.74 -12.75
N THR F 125 -42.79 -103.45 -13.41
CA THR F 125 -43.83 -104.22 -12.74
C THR F 125 -43.69 -105.68 -13.14
N ASP F 126 -42.44 -106.14 -13.15
CA ASP F 126 -42.10 -107.51 -13.50
C ASP F 126 -40.71 -107.80 -12.96
N THR F 127 -40.36 -109.08 -12.95
CA THR F 127 -39.06 -109.57 -12.44
C THR F 127 -38.80 -109.07 -11.03
N THR F 128 -39.65 -109.54 -10.12
CA THR F 128 -39.59 -109.12 -8.71
C THR F 128 -38.25 -109.46 -8.08
N VAL F 129 -37.46 -108.43 -7.79
CA VAL F 129 -36.14 -108.66 -7.20
C VAL F 129 -36.29 -109.19 -5.78
N PRO F 130 -35.59 -110.27 -5.43
CA PRO F 130 -35.70 -110.79 -4.07
C PRO F 130 -34.98 -109.92 -3.06
N ARG F 131 -35.47 -109.97 -1.82
CA ARG F 131 -34.78 -109.32 -0.72
C ARG F 131 -33.41 -109.96 -0.55
N ARG F 132 -32.38 -109.10 -0.39
CA ARG F 132 -31.01 -109.56 -0.56
C ARG F 132 -30.63 -110.61 0.46
N LEU F 133 -31.02 -110.42 1.71
CA LEU F 133 -30.66 -111.37 2.75
C LEU F 133 -31.79 -111.47 3.76
N GLY F 134 -32.00 -112.68 4.27
CA GLY F 134 -33.11 -112.94 5.16
C GLY F 134 -32.85 -112.43 6.55
N PRO F 135 -33.85 -112.63 7.42
CA PRO F 135 -33.72 -112.16 8.80
C PRO F 135 -32.62 -112.89 9.55
N LYS F 136 -32.00 -112.18 10.49
CA LYS F 136 -30.90 -112.69 11.29
C LYS F 136 -31.29 -112.99 12.73
N ARG F 137 -32.13 -112.16 13.34
CA ARG F 137 -32.54 -112.40 14.71
C ARG F 137 -33.53 -113.56 14.77
N ALA F 138 -33.43 -114.33 15.85
CA ALA F 138 -34.27 -115.52 16.00
C ALA F 138 -35.75 -115.16 16.03
N SER F 139 -36.10 -114.12 16.77
CA SER F 139 -37.49 -113.66 16.77
C SER F 139 -37.91 -113.15 15.41
N ARG F 140 -36.98 -112.55 14.66
CA ARG F 140 -37.31 -112.05 13.34
C ARG F 140 -37.64 -113.19 12.39
N ILE F 141 -36.87 -114.29 12.45
CA ILE F 141 -37.20 -115.43 11.60
C ILE F 141 -38.40 -116.21 12.14
N ARG F 142 -38.72 -116.03 13.42
CA ARG F 142 -39.92 -116.67 13.96
C ARG F 142 -41.17 -116.16 13.29
N LYS F 143 -41.24 -114.86 13.03
CA LYS F 143 -42.40 -114.31 12.33
C LYS F 143 -42.41 -114.74 10.87
N LEU F 144 -41.23 -114.99 10.28
CA LEU F 144 -41.17 -115.41 8.89
C LEU F 144 -41.67 -116.84 8.72
N PHE F 145 -41.21 -117.75 9.58
CA PHE F 145 -41.58 -119.16 9.45
C PHE F 145 -42.70 -119.57 10.39
N ASN F 146 -43.36 -118.62 11.04
CA ASN F 146 -44.52 -118.87 11.90
C ASN F 146 -44.19 -119.88 13.00
N LEU F 147 -43.07 -119.66 13.68
CA LEU F 147 -42.68 -120.53 14.78
C LEU F 147 -43.64 -120.40 15.95
N SER F 148 -44.01 -121.53 16.54
CA SER F 148 -44.78 -121.47 17.79
C SER F 148 -43.85 -121.25 18.97
N LYS F 149 -42.97 -122.23 19.23
CA LYS F 149 -41.86 -122.13 20.17
C LYS F 149 -41.03 -123.39 20.06
N GLU F 150 -39.71 -123.23 20.14
CA GLU F 150 -38.76 -124.34 20.24
C GLU F 150 -38.87 -125.34 19.10
N ASP F 151 -39.29 -124.88 17.92
CA ASP F 151 -39.54 -125.78 16.80
C ASP F 151 -38.39 -125.74 15.79
N ASP F 152 -37.22 -126.16 16.25
CA ASP F 152 -36.02 -126.30 15.42
C ASP F 152 -35.67 -125.00 14.70
N VAL F 153 -35.35 -123.99 15.50
CA VAL F 153 -34.99 -122.68 14.95
C VAL F 153 -33.71 -122.78 14.13
N ARG F 154 -32.83 -123.73 14.47
CA ARG F 154 -31.56 -123.87 13.76
C ARG F 154 -31.79 -124.24 12.29
N GLN F 155 -32.58 -125.27 12.04
CA GLN F 155 -32.73 -125.78 10.68
C GLN F 155 -33.60 -124.89 9.81
N TYR F 156 -34.34 -123.96 10.40
CA TYR F 156 -35.29 -123.16 9.65
C TYR F 156 -34.73 -121.80 9.27
N VAL F 157 -33.42 -121.61 9.38
CA VAL F 157 -32.77 -120.39 8.90
C VAL F 157 -32.69 -120.47 7.39
N VAL F 158 -32.42 -119.33 6.75
CA VAL F 158 -32.29 -119.27 5.30
C VAL F 158 -30.81 -119.28 4.95
N ARG F 159 -30.40 -120.30 4.20
CA ARG F 159 -29.00 -120.46 3.79
C ARG F 159 -28.86 -119.96 2.36
N LYS F 160 -27.97 -119.00 2.16
CA LYS F 160 -27.81 -118.38 0.85
C LYS F 160 -26.77 -119.14 0.04
N PRO F 161 -27.13 -119.71 -1.11
CA PRO F 161 -26.14 -120.44 -1.91
C PRO F 161 -25.24 -119.50 -2.70
N LEU F 162 -23.96 -119.84 -2.76
CA LEU F 162 -22.97 -119.13 -3.53
C LEU F 162 -22.35 -120.07 -4.56
N ASN F 163 -22.25 -119.58 -5.79
CA ASN F 163 -21.84 -120.36 -6.94
C ASN F 163 -20.81 -119.52 -7.70
N LYS F 164 -19.54 -119.66 -7.34
CA LYS F 164 -18.44 -119.02 -8.06
C LYS F 164 -17.71 -120.06 -8.89
N GLU F 165 -17.24 -119.63 -10.07
CA GLU F 165 -16.58 -120.56 -10.97
C GLU F 165 -15.29 -121.11 -10.38
N GLY F 166 -14.53 -120.27 -9.68
CA GLY F 166 -13.26 -120.70 -9.13
C GLY F 166 -13.38 -121.28 -7.73
N LYS F 167 -14.47 -122.00 -7.47
CA LYS F 167 -14.67 -122.62 -6.17
C LYS F 167 -15.67 -123.74 -6.30
N LYS F 168 -15.72 -124.59 -5.28
CA LYS F 168 -16.80 -125.56 -5.18
C LYS F 168 -18.05 -124.86 -4.64
N PRO F 169 -19.17 -124.93 -5.36
CA PRO F 169 -20.37 -124.21 -4.91
C PRO F 169 -20.85 -124.68 -3.56
N ARG F 170 -21.29 -123.73 -2.73
CA ARG F 170 -21.75 -124.11 -1.40
C ARG F 170 -22.62 -123.00 -0.82
N THR F 171 -23.34 -123.32 0.23
CA THR F 171 -24.25 -122.37 0.85
C THR F 171 -23.61 -121.78 2.11
N LYS F 172 -24.07 -120.58 2.46
CA LYS F 172 -23.58 -119.82 3.60
C LYS F 172 -24.73 -119.59 4.56
N ALA F 173 -24.48 -119.84 5.84
CA ALA F 173 -25.50 -119.76 6.88
C ALA F 173 -25.23 -118.58 7.80
N PRO F 174 -26.19 -117.68 7.98
CA PRO F 174 -25.96 -116.55 8.89
C PRO F 174 -25.85 -116.99 10.34
N LYS F 175 -25.10 -116.22 11.11
CA LYS F 175 -25.04 -116.42 12.55
C LYS F 175 -26.27 -115.77 13.19
N ILE F 176 -27.21 -116.58 13.61
CA ILE F 176 -28.46 -116.09 14.17
C ILE F 176 -28.24 -115.71 15.62
N GLN F 177 -28.87 -114.61 16.04
CA GLN F 177 -28.67 -114.03 17.35
C GLN F 177 -29.91 -114.21 18.22
N ARG F 178 -29.69 -114.01 19.53
CA ARG F 178 -30.74 -114.07 20.55
C ARG F 178 -31.44 -115.44 20.54
N LEU F 179 -30.66 -116.46 20.87
CA LEU F 179 -31.13 -117.83 20.97
C LEU F 179 -31.10 -118.31 22.42
N VAL F 180 -31.77 -119.43 22.65
CA VAL F 180 -31.61 -120.19 23.87
C VAL F 180 -30.45 -121.16 23.62
N THR F 181 -29.32 -120.90 24.27
CA THR F 181 -28.09 -121.59 23.98
C THR F 181 -27.51 -122.14 25.28
N PRO F 182 -26.84 -123.30 25.25
CA PRO F 182 -26.11 -123.74 26.44
C PRO F 182 -25.11 -122.73 26.95
N ARG F 183 -24.47 -121.99 26.03
CA ARG F 183 -23.54 -120.93 26.43
C ARG F 183 -24.25 -119.84 27.22
N VAL F 184 -25.37 -119.36 26.70
CA VAL F 184 -26.09 -118.27 27.35
C VAL F 184 -26.68 -118.74 28.67
N LEU F 185 -27.21 -119.95 28.72
CA LEU F 185 -27.72 -120.50 29.96
C LEU F 185 -26.60 -120.67 30.98
N GLN F 186 -25.39 -121.03 30.51
CA GLN F 186 -24.24 -121.09 31.41
C GLN F 186 -23.93 -119.73 31.99
N HIS F 187 -23.99 -118.68 31.16
CA HIS F 187 -23.77 -117.33 31.68
C HIS F 187 -24.83 -116.97 32.72
N LYS F 188 -26.08 -117.33 32.46
CA LYS F 188 -27.15 -117.04 33.42
C LYS F 188 -26.92 -117.76 34.74
N ARG F 189 -26.57 -119.04 34.68
CA ARG F 189 -26.31 -119.79 35.90
C ARG F 189 -25.08 -119.26 36.61
N ARG F 190 -24.08 -118.80 35.86
CA ARG F 190 -22.88 -118.23 36.46
C ARG F 190 -23.22 -116.98 37.25
N ARG F 191 -24.01 -116.08 36.67
CA ARG F 191 -24.37 -114.86 37.39
C ARG F 191 -25.28 -115.16 38.59
N ILE F 192 -26.20 -116.11 38.45
CA ILE F 192 -27.07 -116.44 39.58
C ILE F 192 -26.28 -117.14 40.67
N ALA F 193 -25.18 -117.80 40.34
CA ALA F 193 -24.31 -118.35 41.36
C ALA F 193 -23.51 -117.25 42.05
N LEU F 194 -23.01 -116.29 41.25
CA LEU F 194 -22.32 -115.13 41.83
C LEU F 194 -23.19 -114.44 42.88
N LYS F 195 -24.49 -114.30 42.59
CA LYS F 195 -25.40 -113.72 43.57
C LYS F 195 -25.40 -114.52 44.88
N LYS F 196 -25.30 -115.84 44.79
CA LYS F 196 -25.35 -116.69 45.97
C LYS F 196 -24.19 -116.41 46.91
N GLN F 197 -22.96 -116.45 46.39
CA GLN F 197 -21.83 -116.21 47.28
C GLN F 197 -21.74 -114.76 47.69
N ARG F 198 -22.24 -113.82 46.87
CA ARG F 198 -22.29 -112.43 47.33
C ARG F 198 -23.17 -112.30 48.56
N THR F 199 -24.39 -112.86 48.51
CA THR F 199 -25.28 -112.78 49.66
C THR F 199 -24.70 -113.52 50.86
N LYS F 200 -24.14 -114.71 50.63
CA LYS F 200 -23.60 -115.50 51.73
C LYS F 200 -22.44 -114.79 52.41
N LYS F 201 -21.53 -114.21 51.63
CA LYS F 201 -20.41 -113.48 52.20
C LYS F 201 -20.90 -112.26 52.96
N ASN F 202 -21.85 -111.53 52.38
CA ASN F 202 -22.38 -110.34 53.04
C ASN F 202 -23.05 -110.68 54.36
N LYS F 203 -23.60 -111.89 54.48
CA LYS F 203 -24.20 -112.31 55.74
C LYS F 203 -23.14 -112.76 56.75
N GLU F 204 -22.21 -113.63 56.32
CA GLU F 204 -21.28 -114.22 57.27
C GLU F 204 -20.28 -113.21 57.79
N GLU F 205 -19.86 -112.26 56.94
CA GLU F 205 -18.96 -111.21 57.41
C GLU F 205 -19.63 -110.37 58.50
N ALA F 206 -20.91 -110.06 58.31
CA ALA F 206 -21.64 -109.32 59.33
C ALA F 206 -21.74 -110.13 60.62
N ALA F 207 -22.01 -111.43 60.51
CA ALA F 207 -22.11 -112.26 61.71
C ALA F 207 -20.79 -112.31 62.47
N GLU F 208 -19.69 -112.52 61.75
CA GLU F 208 -18.37 -112.60 62.38
C GLU F 208 -18.00 -111.27 63.03
N TYR F 209 -18.24 -110.16 62.33
CA TYR F 209 -17.97 -108.85 62.90
C TYR F 209 -18.83 -108.59 64.13
N ALA F 210 -20.09 -109.03 64.11
CA ALA F 210 -20.96 -108.85 65.27
C ALA F 210 -20.44 -109.60 66.47
N LYS F 211 -20.00 -110.85 66.27
CA LYS F 211 -19.45 -111.62 67.39
C LYS F 211 -18.18 -110.97 67.94
N LEU F 212 -17.29 -110.53 67.04
CA LEU F 212 -16.06 -109.88 67.48
C LEU F 212 -16.35 -108.59 68.24
N LEU F 213 -17.31 -107.80 67.73
CA LEU F 213 -17.69 -106.56 68.40
C LEU F 213 -18.29 -106.85 69.77
N ALA F 214 -19.10 -107.91 69.89
CA ALA F 214 -19.65 -108.27 71.19
C ALA F 214 -18.54 -108.62 72.17
N LYS F 215 -17.54 -109.38 71.73
CA LYS F 215 -16.45 -109.75 72.63
C LYS F 215 -15.66 -108.52 73.06
N ARG F 216 -15.33 -107.63 72.13
CA ARG F 216 -14.63 -106.40 72.48
C ARG F 216 -15.44 -105.54 73.45
N MET F 217 -16.75 -105.42 73.21
CA MET F 217 -17.57 -104.60 74.07
C MET F 217 -17.67 -105.18 75.47
N LYS F 218 -17.75 -106.51 75.58
CA LYS F 218 -17.75 -107.13 76.90
C LYS F 218 -16.43 -106.88 77.63
N GLU F 219 -15.31 -107.00 76.92
CA GLU F 219 -14.03 -106.77 77.57
C GLU F 219 -13.86 -105.30 77.98
N ALA F 220 -14.41 -104.38 77.20
CA ALA F 220 -14.36 -102.97 77.59
C ALA F 220 -15.31 -102.68 78.74
N LYS F 221 -16.46 -103.36 78.78
CA LYS F 221 -17.41 -103.19 79.88
C LYS F 221 -16.82 -103.70 81.19
N GLU F 222 -15.91 -104.68 81.12
CA GLU F 222 -15.18 -105.07 82.32
C GLU F 222 -14.36 -103.90 82.87
N LYS F 223 -13.66 -103.19 81.99
CA LYS F 223 -12.91 -102.00 82.42
C LYS F 223 -13.85 -100.93 82.95
N ARG F 224 -15.03 -100.80 82.35
CA ARG F 224 -16.02 -99.86 82.85
C ARG F 224 -16.45 -100.21 84.26
N GLN F 225 -16.70 -101.51 84.53
CA GLN F 225 -17.10 -101.95 85.85
C GLN F 225 -15.96 -101.89 86.87
N GLU F 226 -14.72 -101.78 86.40
CA GLU F 226 -13.60 -101.58 87.33
C GLU F 226 -13.77 -100.32 88.17
N GLN F 227 -14.40 -99.28 87.63
CA GLN F 227 -14.64 -98.07 88.42
C GLN F 227 -15.76 -98.26 89.42
N ILE F 228 -16.79 -99.04 89.07
CA ILE F 228 -17.83 -99.39 90.02
C ILE F 228 -17.24 -100.16 91.19
N ALA F 229 -16.35 -101.12 90.88
CA ALA F 229 -15.65 -101.84 91.93
C ALA F 229 -14.78 -100.93 92.79
N LYS F 230 -14.26 -99.84 92.22
CA LYS F 230 -13.48 -98.90 93.02
C LYS F 230 -14.36 -98.08 93.94
N ARG F 231 -15.49 -97.57 93.43
CA ARG F 231 -16.35 -96.74 94.26
C ARG F 231 -17.16 -97.54 95.27
N ARG F 232 -17.32 -98.84 95.08
CA ARG F 232 -18.10 -99.66 96.01
C ARG F 232 -17.24 -100.41 97.03
N ARG F 233 -16.02 -99.93 97.30
CA ARG F 233 -15.17 -100.60 98.29
C ARG F 233 -14.50 -99.65 99.28
N LEU F 234 -14.38 -98.37 98.99
CA LEU F 234 -13.64 -97.42 99.84
C LEU F 234 -14.53 -96.23 100.14
N SER F 235 -15.02 -96.15 101.37
CA SER F 235 -15.92 -95.08 101.78
C SER F 235 -15.42 -94.25 102.96
N SER F 236 -14.59 -94.80 103.83
CA SER F 236 -14.12 -94.08 105.01
C SER F 236 -12.61 -93.93 105.08
N LEU F 237 -11.84 -94.85 104.52
CA LEU F 237 -10.39 -94.77 104.60
C LEU F 237 -9.83 -93.97 103.42
N SER G 1 7.34 -65.07 129.55
CA SER G 1 7.51 -64.05 128.52
C SER G 1 6.21 -63.87 127.72
N ALA G 2 5.99 -62.66 127.24
CA ALA G 2 4.82 -62.32 126.44
C ALA G 2 5.26 -61.94 125.03
N LYS G 3 4.73 -62.64 124.03
CA LYS G 3 5.05 -62.40 122.63
C LYS G 3 3.98 -61.43 122.10
N ILE G 4 4.15 -60.15 122.40
CA ILE G 4 3.14 -59.16 122.09
C ILE G 4 3.45 -58.36 120.83
N VAL G 5 4.72 -58.09 120.54
CA VAL G 5 5.10 -57.19 119.46
C VAL G 5 5.85 -58.03 118.43
N LYS G 6 5.11 -58.61 117.49
CA LYS G 6 5.64 -59.26 116.30
C LYS G 6 4.53 -59.50 115.27
N PRO G 7 3.96 -58.45 114.66
CA PRO G 7 2.93 -58.69 113.64
C PRO G 7 3.50 -58.84 112.25
N ASN G 8 3.18 -59.95 111.60
CA ASN G 8 3.67 -60.27 110.25
C ASN G 8 2.90 -61.49 109.75
N GLY G 9 3.22 -61.90 108.52
CA GLY G 9 2.58 -63.08 107.95
C GLY G 9 2.97 -64.36 108.65
N GLU G 10 4.24 -64.51 108.99
CA GLU G 10 4.75 -65.68 109.70
C GLU G 10 4.63 -65.40 111.19
N LYS G 11 3.58 -65.94 111.81
CA LYS G 11 3.29 -65.63 113.21
C LYS G 11 4.39 -66.04 114.18
N PRO G 12 4.92 -67.28 114.16
CA PRO G 12 5.95 -67.62 115.13
C PRO G 12 7.24 -66.86 114.88
N ASP G 13 7.97 -66.61 115.96
CA ASP G 13 9.22 -65.85 115.90
C ASP G 13 10.39 -66.71 116.36
N GLU G 14 11.54 -66.47 115.74
CA GLU G 14 12.77 -67.20 116.03
C GLU G 14 13.82 -66.19 116.45
N PHE G 15 14.21 -66.25 117.73
CA PHE G 15 15.26 -65.41 118.33
C PHE G 15 14.83 -63.94 118.44
N GLU G 16 13.68 -63.59 117.85
CA GLU G 16 13.16 -62.24 117.94
C GLU G 16 12.34 -62.01 119.21
N SER G 17 11.97 -63.08 119.90
CA SER G 17 11.28 -62.93 121.19
C SER G 17 12.18 -62.23 122.19
N GLY G 18 13.46 -62.60 122.23
CA GLY G 18 14.40 -61.93 123.12
C GLY G 18 14.60 -60.47 122.76
N ILE G 19 14.58 -60.16 121.47
CA ILE G 19 14.72 -58.77 121.05
C ILE G 19 13.49 -57.96 121.46
N SER G 20 12.30 -58.53 121.26
CA SER G 20 11.06 -57.85 121.67
C SER G 20 10.93 -57.76 123.18
N GLN G 21 11.62 -58.63 123.93
CA GLN G 21 11.55 -58.60 125.38
C GLN G 21 12.06 -57.26 125.92
N ALA G 22 13.16 -56.76 125.36
CA ALA G 22 13.73 -55.50 125.82
C ALA G 22 12.76 -54.34 125.59
N LEU G 23 12.16 -54.27 124.41
CA LEU G 23 11.25 -53.16 124.12
C LEU G 23 9.95 -53.27 124.90
N LEU G 24 9.51 -54.48 125.25
CA LEU G 24 8.31 -54.56 126.08
C LEU G 24 8.62 -54.22 127.54
N GLU G 25 9.79 -54.60 128.04
CA GLU G 25 10.16 -54.22 129.39
C GLU G 25 10.66 -52.79 129.47
N LEU G 26 10.79 -52.10 128.33
CA LEU G 26 11.13 -50.69 128.28
C LEU G 26 10.08 -49.79 128.94
N GLU G 27 9.00 -50.36 129.48
CA GLU G 27 7.99 -49.61 130.23
C GLU G 27 8.60 -48.85 131.39
N MET G 28 7.91 -47.79 131.83
CA MET G 28 8.38 -46.88 132.87
C MET G 28 9.71 -46.23 132.48
N ASN G 29 9.64 -45.44 131.40
CA ASN G 29 10.80 -44.76 130.83
C ASN G 29 10.52 -43.27 130.71
N SER G 30 11.39 -42.54 130.01
CA SER G 30 11.24 -41.09 129.83
C SER G 30 10.23 -40.79 128.73
N ASP G 31 8.99 -41.24 128.96
CA ASP G 31 7.83 -41.00 128.10
C ASP G 31 8.01 -41.58 126.70
N LEU G 32 8.94 -42.52 126.51
CA LEU G 32 9.06 -43.16 125.21
C LEU G 32 7.86 -44.07 124.93
N LYS G 33 7.35 -44.72 125.98
CA LYS G 33 6.20 -45.60 125.80
C LYS G 33 4.98 -44.85 125.29
N ALA G 34 4.85 -43.57 125.63
CA ALA G 34 3.69 -42.79 125.24
C ALA G 34 3.55 -42.71 123.71
N GLN G 35 4.67 -42.52 123.01
CA GLN G 35 4.69 -42.51 121.55
C GLN G 35 5.21 -43.81 120.98
N LEU G 36 5.39 -44.83 121.82
CA LEU G 36 5.85 -46.13 121.33
C LEU G 36 4.73 -47.15 121.30
N ARG G 37 3.70 -46.98 122.15
CA ARG G 37 2.69 -48.02 122.29
C ARG G 37 1.87 -48.23 121.03
N GLU G 38 1.87 -47.28 120.11
CA GLU G 38 1.19 -47.44 118.83
C GLU G 38 2.11 -47.99 117.75
N LEU G 39 3.31 -48.44 118.12
CA LEU G 39 4.32 -48.86 117.18
C LEU G 39 4.63 -50.34 117.40
N ASN G 40 4.88 -51.07 116.31
CA ASN G 40 5.15 -52.49 116.40
C ASN G 40 6.42 -52.84 115.63
N ILE G 41 6.84 -54.09 115.77
CA ILE G 41 8.07 -54.59 115.16
C ILE G 41 7.68 -55.71 114.20
N THR G 42 7.88 -55.46 112.91
CA THR G 42 7.55 -56.47 111.91
C THR G 42 8.49 -57.67 112.03
N ALA G 43 9.79 -57.43 112.16
CA ALA G 43 10.75 -58.53 112.19
C ALA G 43 12.04 -58.08 112.87
N ALA G 44 12.88 -59.06 113.20
CA ALA G 44 14.20 -58.81 113.75
C ALA G 44 15.19 -59.81 113.17
N LYS G 45 16.45 -59.44 113.18
CA LYS G 45 17.51 -60.25 112.58
C LYS G 45 18.80 -60.08 113.35
N GLU G 46 19.59 -61.14 113.42
CA GLU G 46 20.89 -61.15 114.08
C GLU G 46 21.95 -61.60 113.08
N ILE G 47 22.99 -60.80 112.89
CA ILE G 47 24.06 -61.11 111.96
C ILE G 47 25.40 -60.84 112.62
N GLU G 48 26.46 -61.31 111.97
CA GLU G 48 27.84 -61.07 112.38
C GLU G 48 28.47 -60.02 111.48
N VAL G 49 29.20 -59.09 112.08
CA VAL G 49 29.81 -57.98 111.37
C VAL G 49 31.30 -57.97 111.64
N GLY G 50 32.11 -57.92 110.58
CA GLY G 50 33.54 -57.76 110.70
C GLY G 50 34.23 -58.87 111.45
N GLY G 51 34.67 -58.57 112.67
CA GLY G 51 35.32 -59.55 113.51
C GLY G 51 34.35 -60.23 114.46
N GLY G 52 34.48 -59.97 115.75
CA GLY G 52 33.55 -60.51 116.72
C GLY G 52 32.29 -59.71 116.92
N ARG G 53 32.11 -58.64 116.14
CA ARG G 53 30.96 -57.77 116.34
C ARG G 53 29.69 -58.46 115.86
N LYS G 54 28.64 -58.38 116.68
CA LYS G 54 27.33 -58.94 116.38
C LYS G 54 26.33 -57.79 116.31
N ALA G 55 25.52 -57.77 115.25
CA ALA G 55 24.60 -56.69 115.01
C ALA G 55 23.17 -57.20 114.91
N ILE G 56 22.23 -56.36 115.30
CA ILE G 56 20.80 -56.67 115.22
C ILE G 56 20.13 -55.66 114.31
N ILE G 57 19.09 -56.11 113.62
CA ILE G 57 18.37 -55.32 112.64
C ILE G 57 16.89 -55.44 112.92
N ILE G 58 16.17 -54.33 112.88
CA ILE G 58 14.75 -54.31 113.21
C ILE G 58 13.98 -53.84 111.98
N PHE G 59 13.12 -54.70 111.47
CA PHE G 59 12.24 -54.39 110.34
C PHE G 59 10.92 -53.86 110.88
N VAL G 60 10.56 -52.66 110.43
CA VAL G 60 9.35 -51.96 110.87
C VAL G 60 8.46 -51.70 109.66
N PRO G 61 7.16 -51.50 109.85
CA PRO G 61 6.30 -51.18 108.69
C PRO G 61 6.57 -49.80 108.13
N VAL G 62 6.31 -49.68 106.82
CA VAL G 62 6.48 -48.39 106.14
C VAL G 62 5.58 -47.30 106.72
N PRO G 63 4.29 -47.55 106.99
CA PRO G 63 3.49 -46.49 107.64
C PRO G 63 4.06 -46.05 108.97
N GLN G 64 4.67 -46.95 109.73
CA GLN G 64 5.26 -46.62 111.00
C GLN G 64 6.68 -46.10 110.88
N LEU G 65 7.24 -46.06 109.67
CA LEU G 65 8.60 -45.57 109.49
C LEU G 65 8.76 -44.14 109.97
N LYS G 66 7.76 -43.29 109.73
CA LYS G 66 7.86 -41.89 110.16
C LYS G 66 7.96 -41.78 111.67
N SER G 67 7.11 -42.51 112.39
CA SER G 67 7.14 -42.47 113.85
C SER G 67 8.42 -43.09 114.39
N PHE G 68 8.91 -44.16 113.74
CA PHE G 68 10.16 -44.74 114.17
C PHE G 68 11.31 -43.77 113.96
N GLN G 69 11.31 -43.06 112.83
CA GLN G 69 12.43 -42.18 112.52
C GLN G 69 12.44 -40.94 113.40
N LYS G 70 11.26 -40.39 113.70
CA LYS G 70 11.23 -39.17 114.50
C LYS G 70 11.66 -39.40 115.94
N ILE G 71 11.78 -40.65 116.40
CA ILE G 71 12.31 -40.96 117.71
C ILE G 71 13.54 -41.86 117.65
N GLN G 72 14.03 -42.17 116.44
CA GLN G 72 15.13 -43.11 116.28
C GLN G 72 16.40 -42.62 116.98
N VAL G 73 16.61 -41.31 117.02
CA VAL G 73 17.78 -40.74 117.66
C VAL G 73 17.83 -41.05 119.15
N ARG G 74 16.68 -41.38 119.75
CA ARG G 74 16.62 -41.54 121.20
C ARG G 74 16.87 -42.98 121.64
N LEU G 75 16.02 -43.91 121.20
CA LEU G 75 16.02 -45.24 121.79
C LEU G 75 17.21 -46.09 121.40
N VAL G 76 18.04 -45.64 120.45
CA VAL G 76 19.20 -46.42 120.05
C VAL G 76 20.18 -46.56 121.21
N ARG G 77 20.35 -45.52 122.01
CA ARG G 77 21.23 -45.62 123.17
C ARG G 77 20.65 -46.53 124.24
N GLU G 78 19.32 -46.55 124.41
CA GLU G 78 18.71 -47.51 125.33
C GLU G 78 18.94 -48.94 124.87
N LEU G 79 18.77 -49.20 123.57
CA LEU G 79 19.05 -50.54 123.04
C LEU G 79 20.52 -50.91 123.19
N GLU G 80 21.43 -49.94 123.02
CA GLU G 80 22.84 -50.22 123.23
C GLU G 80 23.13 -50.58 124.68
N LYS G 81 22.54 -49.84 125.63
CA LYS G 81 22.77 -50.17 127.03
C LYS G 81 22.16 -51.52 127.40
N LYS G 82 21.03 -51.88 126.80
CA LYS G 82 20.44 -53.19 127.06
C LYS G 82 21.30 -54.30 126.47
N PHE G 83 21.71 -54.16 125.21
CA PHE G 83 22.58 -55.12 124.54
C PHE G 83 23.87 -54.39 124.17
N SER G 84 24.77 -54.28 125.14
CA SER G 84 26.08 -53.70 124.89
C SER G 84 26.87 -54.53 123.89
N GLY G 85 27.63 -53.86 123.04
CA GLY G 85 28.38 -54.51 121.99
C GLY G 85 27.58 -54.90 120.78
N LYS G 86 26.29 -54.57 120.74
CA LYS G 86 25.43 -54.86 119.60
C LYS G 86 24.90 -53.57 119.02
N HIS G 87 24.97 -53.45 117.70
CA HIS G 87 24.49 -52.27 116.99
C HIS G 87 23.14 -52.55 116.35
N VAL G 88 22.21 -51.62 116.52
CA VAL G 88 20.83 -51.78 116.07
C VAL G 88 20.55 -50.76 114.97
N VAL G 89 19.86 -51.20 113.92
CA VAL G 89 19.42 -50.34 112.85
C VAL G 89 17.95 -50.63 112.56
N PHE G 90 17.29 -49.65 111.96
CA PHE G 90 15.87 -49.74 111.60
C PHE G 90 15.76 -49.76 110.07
N ILE G 91 15.24 -50.87 109.54
CA ILE G 91 14.96 -51.03 108.13
C ILE G 91 13.48 -51.31 107.98
N ALA G 92 12.91 -50.91 106.84
CA ALA G 92 11.51 -51.15 106.54
C ALA G 92 11.40 -52.15 105.40
N GLN G 93 10.64 -53.22 105.61
CA GLN G 93 10.40 -54.18 104.55
C GLN G 93 9.60 -53.52 103.43
N ARG G 94 9.90 -53.93 102.20
CA ARG G 94 9.37 -53.24 101.03
C ARG G 94 8.61 -54.13 100.06
N ARG G 95 8.60 -55.45 100.27
CA ARG G 95 7.79 -56.38 99.49
C ARG G 95 8.13 -56.28 98.01
N ILE G 96 9.37 -56.67 97.70
CA ILE G 96 9.87 -56.60 96.33
C ILE G 96 9.07 -57.55 95.45
N LEU G 97 8.48 -57.00 94.38
CA LEU G 97 7.79 -57.87 93.46
C LEU G 97 8.69 -58.22 92.29
N PRO G 98 8.59 -59.43 91.76
CA PRO G 98 9.48 -59.85 90.67
C PRO G 98 9.14 -59.12 89.37
N LYS G 99 10.10 -59.17 88.45
CA LYS G 99 9.93 -58.53 87.15
C LYS G 99 8.83 -59.24 86.35
N PRO G 100 7.89 -58.50 85.77
CA PRO G 100 6.82 -59.15 84.99
C PRO G 100 7.33 -59.71 83.68
N THR G 101 7.42 -61.04 83.58
CA THR G 101 7.86 -61.69 82.37
C THR G 101 6.67 -62.06 81.50
N ARG G 102 6.97 -62.68 80.35
CA ARG G 102 5.94 -63.13 79.42
C ARG G 102 5.27 -64.44 79.85
N LYS G 103 5.53 -64.89 81.07
CA LYS G 103 4.91 -66.10 81.59
C LYS G 103 4.06 -65.77 82.81
N LYS G 107 -5.11 -65.41 87.89
CA LYS G 107 -4.28 -65.03 86.74
C LYS G 107 -4.25 -63.51 86.59
N ASN G 108 -5.06 -62.82 87.37
CA ASN G 108 -5.09 -61.36 87.34
C ASN G 108 -3.78 -60.79 87.86
N LYS G 109 -3.32 -59.72 87.22
CA LYS G 109 -2.09 -59.05 87.62
C LYS G 109 -2.28 -57.55 87.54
N GLN G 110 -2.04 -56.87 88.66
CA GLN G 110 -2.08 -55.41 88.68
C GLN G 110 -0.71 -54.86 88.33
N LYS G 111 -0.70 -53.62 87.86
CA LYS G 111 0.57 -52.99 87.47
C LYS G 111 1.46 -52.79 88.70
N ARG G 112 2.71 -53.20 88.57
CA ARG G 112 3.64 -53.08 89.67
C ARG G 112 4.05 -51.61 89.84
N PRO G 113 3.82 -51.00 90.99
CA PRO G 113 4.29 -49.63 91.20
C PRO G 113 5.81 -49.56 91.18
N ARG G 114 6.32 -48.41 90.74
CA ARG G 114 7.77 -48.23 90.69
C ARG G 114 8.38 -48.23 92.08
N SER G 115 7.59 -47.90 93.11
CA SER G 115 8.10 -47.89 94.47
C SER G 115 8.45 -49.29 94.97
N ARG G 116 7.88 -50.33 94.37
CA ARG G 116 8.13 -51.70 94.81
C ARG G 116 9.25 -52.37 94.06
N THR G 117 9.87 -51.70 93.09
CA THR G 117 10.90 -52.32 92.27
C THR G 117 12.20 -52.45 93.04
N LEU G 118 13.01 -53.44 92.62
CA LEU G 118 14.21 -53.80 93.36
C LEU G 118 15.21 -52.65 93.42
N THR G 119 15.39 -51.94 92.32
CA THR G 119 16.29 -50.79 92.31
C THR G 119 15.79 -49.70 93.25
N ALA G 120 14.48 -49.44 93.24
CA ALA G 120 13.91 -48.42 94.10
C ALA G 120 13.81 -48.88 95.55
N VAL G 121 14.07 -50.15 95.83
CA VAL G 121 14.02 -50.65 97.20
C VAL G 121 15.38 -50.59 97.87
N HIS G 122 16.42 -51.03 97.15
CA HIS G 122 17.74 -51.12 97.76
C HIS G 122 18.31 -49.76 98.09
N ASP G 123 18.11 -48.77 97.21
CA ASP G 123 18.58 -47.43 97.54
C ASP G 123 17.84 -46.87 98.74
N ALA G 124 16.54 -47.14 98.86
CA ALA G 124 15.78 -46.64 100.00
C ALA G 124 16.23 -47.31 101.30
N ILE G 125 16.47 -48.62 101.26
CA ILE G 125 16.91 -49.29 102.48
C ILE G 125 18.32 -48.87 102.86
N LEU G 126 19.20 -48.61 101.88
CA LEU G 126 20.50 -48.05 102.20
C LEU G 126 20.36 -46.64 102.76
N GLU G 127 19.36 -45.89 102.30
CA GLU G 127 19.15 -44.54 102.80
C GLU G 127 18.74 -44.55 104.26
N ASP G 128 17.74 -45.34 104.62
CA ASP G 128 17.30 -45.32 106.01
C ASP G 128 18.10 -46.26 106.91
N LEU G 129 19.06 -47.01 106.34
CA LEU G 129 19.99 -47.75 107.16
C LEU G 129 21.01 -46.84 107.83
N VAL G 130 21.15 -45.60 107.35
CA VAL G 130 22.11 -44.65 107.88
C VAL G 130 21.34 -43.40 108.33
N PHE G 131 20.10 -43.63 108.80
CA PHE G 131 19.11 -42.56 108.92
C PHE G 131 19.55 -41.28 109.62
N PRO G 132 20.31 -41.29 110.74
CA PRO G 132 20.71 -40.01 111.34
C PRO G 132 21.47 -39.10 110.39
N SER G 133 22.11 -39.65 109.36
CA SER G 133 22.65 -38.88 108.25
C SER G 133 21.87 -39.22 106.98
N GLU G 134 22.26 -38.60 105.87
CA GLU G 134 21.69 -38.94 104.58
C GLU G 134 22.78 -38.88 103.53
N ILE G 135 22.53 -39.55 102.41
CA ILE G 135 23.51 -39.66 101.33
C ILE G 135 23.46 -38.38 100.51
N VAL G 136 24.53 -37.59 100.60
CA VAL G 136 24.63 -36.40 99.74
C VAL G 136 25.18 -36.72 98.36
N GLY G 137 25.68 -37.94 98.17
CA GLY G 137 26.21 -38.35 96.88
C GLY G 137 26.52 -39.83 96.83
N LYS G 138 26.26 -40.46 95.69
CA LYS G 138 26.52 -41.88 95.51
C LYS G 138 27.48 -42.07 94.35
N ARG G 139 28.46 -42.95 94.54
CA ARG G 139 29.38 -43.31 93.48
C ARG G 139 29.41 -44.83 93.39
N ILE G 140 29.47 -45.35 92.17
CA ILE G 140 29.59 -46.79 91.96
C ILE G 140 30.80 -47.04 91.06
N ARG G 141 31.67 -47.95 91.50
CA ARG G 141 32.90 -48.24 90.78
C ARG G 141 33.00 -49.74 90.54
N VAL G 142 33.34 -50.12 89.31
CA VAL G 142 33.51 -51.52 88.95
C VAL G 142 34.99 -51.86 89.04
N LYS G 143 35.31 -52.88 89.83
CA LYS G 143 36.70 -53.23 90.11
C LYS G 143 37.24 -54.27 89.13
N LEU G 144 37.15 -53.98 87.84
CA LEU G 144 37.82 -54.66 86.73
C LEU G 144 37.30 -56.07 86.49
N ASP G 145 36.38 -56.58 87.32
CA ASP G 145 35.88 -57.93 87.12
C ASP G 145 34.37 -58.03 87.29
N GLY G 146 33.64 -56.92 87.12
CA GLY G 146 32.20 -56.90 87.27
C GLY G 146 31.70 -56.62 88.66
N SER G 147 32.56 -56.76 89.68
CA SER G 147 32.16 -56.44 91.03
C SER G 147 31.98 -54.94 91.18
N ARG G 148 30.91 -54.55 91.88
CA ARG G 148 30.55 -53.15 92.03
C ARG G 148 30.68 -52.72 93.49
N LEU G 149 31.31 -51.58 93.71
CA LEU G 149 31.52 -51.02 95.05
C LEU G 149 30.84 -49.67 95.12
N ILE G 150 30.01 -49.47 96.15
CA ILE G 150 29.26 -48.24 96.32
C ILE G 150 29.99 -47.38 97.34
N LYS G 151 30.53 -46.25 96.89
CA LYS G 151 31.12 -45.25 97.77
C LYS G 151 30.06 -44.21 98.09
N VAL G 152 29.74 -44.06 99.37
CA VAL G 152 28.64 -43.21 99.80
C VAL G 152 29.21 -41.98 100.49
N HIS G 153 28.87 -40.80 99.96
CA HIS G 153 29.22 -39.54 100.57
C HIS G 153 28.15 -39.20 101.59
N LEU G 154 28.57 -39.01 102.84
CA LEU G 154 27.62 -38.80 103.93
C LEU G 154 27.51 -37.32 104.27
N ASP G 155 26.70 -37.04 105.29
CA ASP G 155 26.33 -35.66 105.61
C ASP G 155 27.53 -34.84 106.06
N LYS G 156 28.35 -35.41 106.96
CA LYS G 156 29.46 -34.74 107.65
C LYS G 156 28.92 -33.70 108.62
N ALA G 157 27.61 -33.46 108.58
CA ALA G 157 26.98 -32.51 109.51
C ALA G 157 27.02 -33.03 110.93
N GLN G 158 26.82 -34.33 111.11
CA GLN G 158 26.94 -34.96 112.42
C GLN G 158 27.97 -36.08 112.34
N GLN G 159 28.79 -36.18 113.39
CA GLN G 159 29.83 -37.20 113.46
C GLN G 159 29.90 -37.90 114.80
N ASN G 160 28.96 -37.62 115.70
CA ASN G 160 29.07 -38.12 117.07
C ASN G 160 28.82 -39.63 117.15
N ASN G 161 27.77 -40.11 116.50
CA ASN G 161 27.37 -41.51 116.61
C ASN G 161 27.31 -42.19 115.25
N VAL G 162 28.01 -41.66 114.25
CA VAL G 162 27.95 -42.20 112.91
C VAL G 162 29.32 -42.65 112.40
N GLU G 163 30.42 -42.13 112.96
CA GLU G 163 31.75 -42.49 112.46
C GLU G 163 32.04 -43.97 112.68
N HIS G 164 31.66 -44.51 113.83
CA HIS G 164 31.99 -45.89 114.16
C HIS G 164 31.06 -46.90 113.50
N LYS G 165 29.96 -46.45 112.90
CA LYS G 165 28.93 -47.36 112.42
C LYS G 165 29.07 -47.72 110.95
N VAL G 166 30.02 -47.12 110.23
CA VAL G 166 30.08 -47.30 108.78
C VAL G 166 30.52 -48.71 108.42
N GLU G 167 31.48 -49.26 109.16
CA GLU G 167 31.92 -50.61 108.89
C GLU G 167 30.86 -51.64 109.27
N THR G 168 30.00 -51.31 110.23
CA THR G 168 28.84 -52.15 110.50
C THR G 168 27.83 -52.06 109.37
N PHE G 169 27.62 -50.85 108.85
CA PHE G 169 26.69 -50.66 107.74
C PHE G 169 27.13 -51.44 106.50
N SER G 170 28.43 -51.44 106.22
CA SER G 170 28.94 -52.19 105.08
C SER G 170 28.58 -53.67 105.20
N GLY G 171 28.84 -54.26 106.36
CA GLY G 171 28.53 -55.67 106.53
C GLY G 171 27.05 -55.98 106.47
N VAL G 172 26.23 -55.16 107.14
CA VAL G 172 24.81 -55.46 107.19
C VAL G 172 24.17 -55.30 105.81
N TYR G 173 24.60 -54.29 105.04
CA TYR G 173 24.10 -54.17 103.68
C TYR G 173 24.61 -55.29 102.78
N LYS G 174 25.86 -55.70 102.94
CA LYS G 174 26.37 -56.82 102.15
C LYS G 174 25.61 -58.10 102.42
N LYS G 175 25.20 -58.32 103.68
CA LYS G 175 24.48 -59.54 104.03
C LYS G 175 23.12 -59.61 103.33
N LEU G 176 22.28 -58.61 103.51
CA LEU G 176 20.91 -58.70 103.01
C LEU G 176 20.77 -58.21 101.58
N THR G 177 21.79 -57.61 100.99
CA THR G 177 21.70 -57.16 99.61
C THR G 177 22.65 -57.91 98.69
N GLY G 178 23.95 -57.92 98.99
CA GLY G 178 24.92 -58.61 98.17
C GLY G 178 25.94 -57.72 97.52
N LYS G 179 25.88 -56.40 97.70
CA LYS G 179 26.83 -55.46 97.12
C LYS G 179 27.57 -54.74 98.24
N ASP G 180 28.87 -54.55 98.05
CA ASP G 180 29.69 -53.92 99.08
C ASP G 180 29.59 -52.40 98.99
N VAL G 181 29.34 -51.77 100.13
CA VAL G 181 29.16 -50.33 100.23
C VAL G 181 30.11 -49.80 101.29
N ASN G 182 31.07 -48.98 100.87
CA ASN G 182 31.91 -48.25 101.79
C ASN G 182 31.48 -46.79 101.85
N PHE G 183 31.82 -46.14 102.95
CA PHE G 183 31.29 -44.83 103.27
C PHE G 183 32.43 -43.85 103.53
N GLU G 184 32.16 -42.57 103.30
CA GLU G 184 33.09 -41.53 103.69
C GLU G 184 32.33 -40.22 103.85
N PHE G 185 32.93 -39.30 104.58
CA PHE G 185 32.36 -37.98 104.82
C PHE G 185 33.14 -36.94 104.05
N PRO G 186 32.60 -36.37 102.98
CA PRO G 186 33.28 -35.27 102.29
C PRO G 186 33.28 -34.01 103.13
N GLU G 187 34.16 -33.09 102.77
CA GLU G 187 34.28 -31.82 103.48
C GLU G 187 33.16 -30.89 103.02
N PHE G 188 33.26 -29.61 103.38
CA PHE G 188 32.24 -28.63 103.04
C PHE G 188 32.05 -28.52 101.54
N GLN G 189 30.78 -28.39 101.13
CA GLN G 189 30.44 -28.31 99.71
C GLN G 189 29.99 -26.90 99.33
N GLY H 1 -21.70 -67.78 27.12
CA GLY H 1 -22.60 -66.65 27.18
C GLY H 1 -22.54 -65.89 28.49
N ILE H 2 -23.55 -66.11 29.33
CA ILE H 2 -23.57 -65.48 30.66
C ILE H 2 -22.44 -66.07 31.48
N SER H 3 -21.67 -65.20 32.15
CA SER H 3 -20.48 -65.60 32.87
C SER H 3 -20.64 -65.32 34.36
N ARG H 4 -19.97 -66.15 35.16
CA ARG H 4 -19.98 -66.03 36.61
C ARG H 4 -18.62 -65.61 37.16
N ASP H 5 -17.73 -65.11 36.31
CA ASP H 5 -16.38 -64.85 36.75
C ASP H 5 -16.32 -63.58 37.60
N ASN H 6 -15.12 -63.28 38.07
CA ASN H 6 -14.87 -62.06 38.82
C ASN H 6 -14.00 -61.06 38.06
N TRP H 7 -13.56 -61.40 36.86
CA TRP H 7 -12.73 -60.49 36.09
C TRP H 7 -13.54 -59.52 35.25
N HIS H 8 -14.86 -59.62 35.26
CA HIS H 8 -15.70 -58.61 34.63
C HIS H 8 -16.15 -57.55 35.61
N LYS H 9 -15.74 -57.64 36.87
CA LYS H 9 -16.06 -56.65 37.89
C LYS H 9 -14.83 -55.80 38.18
N ARG H 10 -15.07 -54.69 38.88
CA ARG H 10 -13.97 -53.90 39.41
C ARG H 10 -13.36 -54.62 40.61
N ARG H 11 -12.19 -54.14 41.04
CA ARG H 11 -11.55 -54.75 42.20
C ARG H 11 -12.00 -54.03 43.47
N LYS H 12 -11.35 -54.35 44.60
CA LYS H 12 -11.77 -53.78 45.86
C LYS H 12 -11.56 -52.27 45.90
N THR H 13 -10.44 -51.79 45.35
CA THR H 13 -10.13 -50.37 45.39
C THR H 13 -10.84 -49.58 44.32
N GLY H 14 -11.54 -50.24 43.40
CA GLY H 14 -12.27 -49.54 42.35
C GLY H 14 -11.57 -49.48 41.01
N GLY H 15 -10.36 -50.05 40.90
CA GLY H 15 -9.69 -50.07 39.62
C GLY H 15 -10.35 -51.03 38.64
N LYS H 16 -10.19 -50.73 37.36
CA LYS H 16 -10.73 -51.59 36.32
C LYS H 16 -9.76 -52.73 36.03
N ARG H 17 -10.28 -53.95 36.06
CA ARG H 17 -9.46 -55.14 35.87
C ARG H 17 -9.42 -55.53 34.40
N LYS H 18 -8.25 -55.93 33.94
CA LYS H 18 -8.16 -56.36 32.54
C LYS H 18 -8.25 -57.87 32.44
N PRO H 19 -8.93 -58.39 31.43
CA PRO H 19 -8.99 -59.85 31.26
C PRO H 19 -7.79 -60.40 30.51
N TYR H 20 -7.13 -61.40 31.08
CA TYR H 20 -5.99 -62.03 30.42
C TYR H 20 -6.38 -63.25 29.61
N HIS H 21 -7.66 -63.61 29.57
CA HIS H 21 -8.13 -64.70 28.74
C HIS H 21 -9.59 -64.48 28.40
N LYS H 22 -10.05 -65.16 27.35
CA LYS H 22 -11.43 -65.05 26.94
C LYS H 22 -12.31 -65.87 27.87
N LYS H 23 -13.63 -65.82 27.62
CA LYS H 23 -14.60 -66.46 28.51
C LYS H 23 -14.39 -67.96 28.55
N ARG H 24 -14.38 -68.52 29.75
CA ARG H 24 -14.17 -69.94 29.95
C ARG H 24 -15.52 -70.64 30.13
N LYS H 25 -15.59 -71.88 29.63
CA LYS H 25 -16.86 -72.60 29.66
C LYS H 25 -17.28 -72.95 31.07
N TYR H 26 -16.34 -73.37 31.92
CA TYR H 26 -16.71 -73.87 33.24
C TYR H 26 -17.38 -72.79 34.08
N GLU H 27 -17.00 -71.53 33.88
CA GLU H 27 -17.61 -70.42 34.59
C GLU H 27 -18.69 -69.74 33.73
N LEU H 28 -19.67 -70.53 33.31
CA LEU H 28 -20.77 -70.01 32.53
C LEU H 28 -21.96 -69.70 33.43
N GLY H 29 -23.01 -69.15 32.82
CA GLY H 29 -24.27 -68.97 33.49
C GLY H 29 -25.40 -69.54 32.65
N ARG H 30 -26.53 -69.76 33.29
CA ARG H 30 -27.68 -70.32 32.62
C ARG H 30 -28.92 -69.48 32.90
N PRO H 31 -29.89 -69.48 31.99
CA PRO H 31 -31.08 -68.65 32.17
C PRO H 31 -31.89 -69.09 33.39
N ALA H 32 -32.62 -68.12 33.97
CA ALA H 32 -33.40 -68.39 35.16
C ALA H 32 -34.52 -69.38 34.85
N ALA H 33 -34.81 -70.23 35.83
CA ALA H 33 -35.86 -71.24 35.64
C ALA H 33 -37.23 -70.59 35.52
N ASN H 34 -37.58 -69.71 36.45
CA ASN H 34 -38.86 -69.02 36.48
C ASN H 34 -40.01 -70.02 36.45
N THR H 35 -40.10 -70.82 37.49
CA THR H 35 -41.13 -71.85 37.56
C THR H 35 -42.49 -71.24 37.85
N LYS H 36 -43.46 -71.53 36.99
CA LYS H 36 -44.83 -71.08 37.17
C LYS H 36 -45.67 -72.20 37.77
N ILE H 37 -46.97 -71.96 37.86
CA ILE H 37 -47.92 -72.92 38.42
C ILE H 37 -48.85 -73.39 37.31
N GLY H 38 -48.82 -74.68 37.03
CA GLY H 38 -49.63 -75.26 35.98
C GLY H 38 -49.36 -76.73 35.83
N PRO H 39 -49.70 -77.30 34.67
CA PRO H 39 -49.43 -78.72 34.44
C PRO H 39 -47.94 -79.02 34.53
N ARG H 40 -47.63 -80.20 35.05
CA ARG H 40 -46.25 -80.58 35.34
C ARG H 40 -45.39 -80.49 34.09
N ARG H 41 -44.23 -79.82 34.22
CA ARG H 41 -43.33 -79.64 33.08
C ARG H 41 -41.93 -79.43 33.62
N ILE H 42 -41.01 -80.33 33.27
CA ILE H 42 -39.64 -80.28 33.75
C ILE H 42 -38.71 -80.65 32.60
N HIS H 43 -37.67 -79.84 32.40
CA HIS H 43 -36.65 -80.14 31.42
C HIS H 43 -35.43 -80.75 32.11
N THR H 44 -34.74 -81.63 31.40
CA THR H 44 -33.49 -82.21 31.88
C THR H 44 -32.34 -81.49 31.22
N VAL H 45 -31.43 -80.94 32.03
CA VAL H 45 -30.29 -80.20 31.52
C VAL H 45 -29.01 -80.86 32.02
N ARG H 46 -28.06 -81.03 31.10
CA ARG H 46 -26.77 -81.64 31.42
C ARG H 46 -25.84 -80.60 32.03
N VAL H 47 -25.21 -80.95 33.15
CA VAL H 47 -24.35 -80.02 33.87
C VAL H 47 -22.93 -80.57 33.88
N ARG H 48 -22.03 -79.84 34.55
CA ARG H 48 -20.63 -80.23 34.60
C ARG H 48 -20.47 -81.64 35.16
N GLY H 49 -19.59 -82.42 34.56
CA GLY H 49 -19.40 -83.79 34.97
C GLY H 49 -20.44 -84.75 34.44
N GLY H 50 -21.28 -84.31 33.51
CA GLY H 50 -22.29 -85.19 32.96
C GLY H 50 -23.47 -85.45 33.86
N ASN H 51 -23.58 -84.72 34.96
CA ASN H 51 -24.68 -84.92 35.89
C ASN H 51 -25.94 -84.24 35.35
N LYS H 52 -27.05 -84.43 36.06
CA LYS H 52 -28.38 -84.06 35.59
C LYS H 52 -28.94 -82.99 36.51
N LYS H 53 -29.59 -81.99 35.93
CA LYS H 53 -30.34 -81.00 36.69
C LYS H 53 -31.74 -80.87 36.11
N TYR H 54 -32.70 -80.56 36.98
CA TYR H 54 -34.11 -80.49 36.61
C TYR H 54 -34.55 -79.03 36.57
N ARG H 55 -34.88 -78.55 35.38
CA ARG H 55 -35.40 -77.20 35.18
C ARG H 55 -36.91 -77.29 35.31
N ALA H 56 -37.44 -76.91 36.47
CA ALA H 56 -38.87 -76.91 36.71
C ALA H 56 -39.48 -75.69 36.04
N LEU H 57 -40.57 -75.89 35.29
CA LEU H 57 -41.17 -74.78 34.56
C LEU H 57 -42.60 -74.49 34.99
N ARG H 58 -43.43 -75.51 35.15
CA ARG H 58 -44.81 -75.34 35.59
C ARG H 58 -45.11 -76.47 36.57
N LEU H 59 -45.21 -76.12 37.85
CA LEU H 59 -45.45 -77.10 38.90
C LEU H 59 -46.77 -76.82 39.61
N ASP H 60 -47.48 -77.88 39.93
CA ASP H 60 -48.74 -77.78 40.64
C ASP H 60 -48.84 -78.68 41.86
N VAL H 61 -47.94 -79.64 42.02
CA VAL H 61 -47.99 -80.61 43.11
C VAL H 61 -46.67 -80.54 43.87
N GLY H 62 -46.76 -80.52 45.20
CA GLY H 62 -45.58 -80.49 46.04
C GLY H 62 -45.85 -81.18 47.35
N ASN H 63 -44.78 -81.73 47.92
CA ASN H 63 -44.87 -82.51 49.15
C ASN H 63 -44.50 -81.59 50.31
N PHE H 64 -45.51 -81.21 51.10
CA PHE H 64 -45.31 -80.26 52.19
C PHE H 64 -45.49 -80.93 53.54
N SER H 65 -44.77 -80.40 54.53
CA SER H 65 -44.73 -80.94 55.87
C SER H 65 -45.33 -79.95 56.86
N TRP H 66 -46.19 -80.47 57.73
CA TRP H 66 -46.78 -79.66 58.80
C TRP H 66 -45.71 -79.17 59.76
N GLY H 67 -44.84 -80.05 60.22
CA GLY H 67 -43.79 -79.66 61.14
C GLY H 67 -44.18 -79.84 62.60
N SER H 68 -45.24 -79.13 63.02
CA SER H 68 -45.66 -79.23 64.42
C SER H 68 -46.26 -80.61 64.71
N GLU H 69 -46.79 -81.29 63.70
CA GLU H 69 -47.36 -82.61 63.87
C GLU H 69 -46.53 -83.71 63.23
N CYS H 70 -45.40 -83.37 62.63
CA CYS H 70 -44.49 -84.33 62.00
C CYS H 70 -45.19 -85.14 60.92
N CYS H 71 -46.13 -84.50 60.21
CA CYS H 71 -46.83 -85.12 59.10
C CYS H 71 -46.37 -84.48 57.80
N THR H 72 -46.45 -85.23 56.71
CA THR H 72 -46.01 -84.74 55.41
C THR H 72 -46.87 -85.35 54.33
N ARG H 73 -47.54 -84.51 53.56
CA ARG H 73 -48.44 -84.99 52.51
C ARG H 73 -48.15 -84.27 51.20
N LYS H 74 -48.40 -84.97 50.10
CA LYS H 74 -48.11 -84.47 48.77
C LYS H 74 -49.37 -83.77 48.25
N THR H 75 -49.48 -82.48 48.52
CA THR H 75 -50.65 -81.69 48.19
C THR H 75 -50.41 -80.87 46.93
N ARG H 76 -51.34 -79.97 46.63
CA ARG H 76 -51.32 -79.19 45.40
C ARG H 76 -51.24 -77.71 45.73
N ILE H 77 -50.41 -77.00 44.97
CA ILE H 77 -50.19 -75.57 45.19
C ILE H 77 -51.25 -74.78 44.45
N ILE H 78 -51.78 -73.74 45.09
CA ILE H 78 -52.74 -72.87 44.42
C ILE H 78 -52.03 -71.67 43.80
N ASP H 79 -51.43 -70.81 44.63
CA ASP H 79 -50.87 -69.58 44.12
C ASP H 79 -49.88 -68.99 45.12
N VAL H 80 -49.10 -68.04 44.66
CA VAL H 80 -48.07 -67.38 45.46
C VAL H 80 -48.69 -66.16 46.12
N VAL H 81 -48.32 -65.90 47.38
CA VAL H 81 -48.91 -64.78 48.10
C VAL H 81 -47.87 -63.74 48.47
N TYR H 82 -46.63 -64.17 48.69
CA TYR H 82 -45.61 -63.25 49.17
C TYR H 82 -44.23 -63.73 48.74
N ASN H 83 -43.34 -62.76 48.55
CA ASN H 83 -41.96 -63.02 48.17
C ASN H 83 -41.10 -61.93 48.79
N ALA H 84 -40.15 -62.33 49.63
CA ALA H 84 -39.30 -61.34 50.28
C ALA H 84 -38.35 -60.67 49.29
N SER H 85 -37.89 -61.40 48.28
CA SER H 85 -36.91 -60.85 47.35
C SER H 85 -37.53 -59.75 46.49
N ASN H 86 -38.69 -60.00 45.90
CA ASN H 86 -39.31 -59.03 45.01
C ASN H 86 -40.80 -59.32 44.92
N ASN H 87 -41.61 -58.27 45.02
CA ASN H 87 -43.06 -58.45 45.02
C ASN H 87 -43.59 -58.78 43.63
N GLU H 88 -42.86 -58.42 42.57
CA GLU H 88 -43.34 -58.71 41.22
C GLU H 88 -43.34 -60.20 40.92
N LEU H 89 -42.50 -60.96 41.62
CA LEU H 89 -42.50 -62.40 41.45
C LEU H 89 -43.84 -63.01 41.88
N VAL H 90 -44.49 -62.42 42.89
CA VAL H 90 -45.80 -62.89 43.29
C VAL H 90 -46.82 -62.65 42.19
N ARG H 91 -46.79 -61.47 41.57
CA ARG H 91 -47.72 -61.17 40.49
C ARG H 91 -47.48 -62.09 39.30
N THR H 92 -46.22 -62.41 39.02
CA THR H 92 -45.94 -63.40 37.98
C THR H 92 -46.23 -64.82 38.42
N LYS H 93 -46.47 -65.04 39.72
CA LYS H 93 -46.72 -66.37 40.28
C LYS H 93 -45.56 -67.32 39.96
N THR H 94 -44.39 -66.98 40.49
CA THR H 94 -43.17 -67.72 40.24
C THR H 94 -42.70 -68.40 41.51
N LEU H 95 -42.31 -69.67 41.39
CA LEU H 95 -41.85 -70.46 42.53
C LEU H 95 -40.34 -70.31 42.68
N VAL H 96 -39.92 -69.71 43.79
CA VAL H 96 -38.51 -69.63 44.14
C VAL H 96 -38.34 -70.29 45.50
N LYS H 97 -37.11 -70.28 46.02
CA LYS H 97 -36.82 -71.03 47.24
C LYS H 97 -37.59 -70.51 48.43
N ASN H 98 -37.54 -69.19 48.68
CA ASN H 98 -38.04 -68.66 49.93
C ASN H 98 -39.44 -68.07 49.83
N CYS H 99 -40.08 -68.12 48.67
CA CYS H 99 -41.44 -67.60 48.55
C CYS H 99 -42.41 -68.50 49.30
N ILE H 100 -43.53 -67.91 49.73
CA ILE H 100 -44.57 -68.64 50.44
C ILE H 100 -45.82 -68.67 49.57
N VAL H 101 -46.46 -69.84 49.52
CA VAL H 101 -47.58 -70.10 48.62
C VAL H 101 -48.70 -70.77 49.40
N LEU H 102 -49.91 -70.66 48.86
CA LEU H 102 -51.07 -71.32 49.44
C LEU H 102 -51.24 -72.70 48.85
N ILE H 103 -51.42 -73.70 49.71
CA ILE H 103 -51.57 -75.09 49.33
C ILE H 103 -52.84 -75.64 49.95
N ASP H 104 -53.34 -76.72 49.35
CA ASP H 104 -54.56 -77.35 49.83
C ASP H 104 -54.35 -77.99 51.18
N SER H 105 -55.33 -77.82 52.06
CA SER H 105 -55.28 -78.39 53.40
C SER H 105 -56.03 -79.70 53.51
N THR H 106 -56.60 -80.20 52.43
CA THR H 106 -57.42 -81.41 52.49
C THR H 106 -56.65 -82.65 52.95
N PRO H 107 -55.45 -82.96 52.44
CA PRO H 107 -54.75 -84.14 52.98
C PRO H 107 -54.44 -84.04 54.46
N TYR H 108 -54.09 -82.84 54.93
CA TYR H 108 -53.84 -82.67 56.36
C TYR H 108 -55.11 -82.75 57.19
N ARG H 109 -56.23 -82.27 56.66
CA ARG H 109 -57.51 -82.45 57.33
C ARG H 109 -57.83 -83.93 57.47
N GLN H 110 -57.66 -84.68 56.39
CA GLN H 110 -57.91 -86.12 56.43
C GLN H 110 -56.98 -86.81 57.43
N TRP H 111 -55.70 -86.43 57.43
CA TRP H 111 -54.77 -87.03 58.36
C TRP H 111 -55.12 -86.69 59.80
N TYR H 112 -55.59 -85.46 60.04
CA TYR H 112 -55.99 -85.08 61.39
C TYR H 112 -57.18 -85.89 61.87
N GLU H 113 -58.19 -86.05 61.01
CA GLU H 113 -59.35 -86.85 61.42
C GLU H 113 -58.97 -88.32 61.57
N SER H 114 -57.99 -88.80 60.80
CA SER H 114 -57.58 -90.19 60.92
C SER H 114 -56.71 -90.43 62.16
N HIS H 115 -55.95 -89.43 62.59
CA HIS H 115 -55.00 -89.59 63.67
C HIS H 115 -55.55 -89.19 65.03
N TYR H 116 -56.57 -88.33 65.07
CA TYR H 116 -57.13 -87.88 66.32
C TYR H 116 -58.63 -88.08 66.44
N ALA H 117 -59.35 -88.18 65.31
CA ALA H 117 -60.82 -88.27 65.29
C ALA H 117 -61.46 -87.05 65.97
N LEU H 118 -60.88 -85.88 65.74
CA LEU H 118 -61.50 -84.63 66.13
C LEU H 118 -61.90 -83.86 64.88
N PRO H 119 -63.11 -83.31 64.83
CA PRO H 119 -63.50 -82.48 63.68
C PRO H 119 -62.59 -81.27 63.55
N LEU H 120 -62.26 -80.94 62.30
CA LEU H 120 -61.35 -79.83 62.01
C LEU H 120 -61.82 -79.16 60.73
N GLY H 121 -62.16 -77.87 60.84
CA GLY H 121 -62.59 -77.13 59.68
C GLY H 121 -64.03 -77.31 59.28
N ARG H 122 -64.89 -77.70 60.21
CA ARG H 122 -66.31 -77.88 59.91
C ARG H 122 -67.13 -76.76 60.53
N LYS H 123 -68.06 -76.22 59.75
CA LYS H 123 -68.84 -75.07 60.17
C LYS H 123 -70.02 -75.49 61.05
N LYS H 124 -70.95 -76.27 60.49
CA LYS H 124 -72.17 -76.66 61.17
C LYS H 124 -72.28 -78.15 61.42
N GLY H 125 -71.68 -78.99 60.59
CA GLY H 125 -71.79 -80.42 60.72
C GLY H 125 -72.79 -81.01 59.72
N ALA H 126 -72.77 -82.34 59.65
CA ALA H 126 -73.63 -83.13 58.76
C ALA H 126 -73.44 -82.67 57.31
N LYS H 127 -72.20 -82.79 56.82
CA LYS H 127 -71.84 -82.36 55.48
C LYS H 127 -71.26 -83.48 54.63
N LEU H 128 -70.45 -84.37 55.20
CA LEU H 128 -69.87 -85.52 54.53
C LEU H 128 -70.17 -86.78 55.32
N THR H 129 -71.44 -86.96 55.65
CA THR H 129 -71.87 -87.96 56.63
C THR H 129 -71.36 -89.39 56.41
N PRO H 130 -71.37 -89.97 55.21
CA PRO H 130 -70.99 -91.40 55.09
C PRO H 130 -69.57 -91.71 55.53
N GLU H 131 -68.72 -90.70 55.68
CA GLU H 131 -67.39 -90.91 56.24
C GLU H 131 -67.21 -90.27 57.61
N GLU H 132 -67.73 -89.06 57.83
CA GLU H 132 -67.52 -88.40 59.11
C GLU H 132 -68.33 -89.01 60.24
N GLU H 133 -69.50 -89.59 59.95
CA GLU H 133 -70.23 -90.33 60.98
C GLU H 133 -69.44 -91.54 61.44
N GLU H 134 -68.77 -92.22 60.51
CA GLU H 134 -67.92 -93.35 60.88
C GLU H 134 -66.73 -92.89 61.70
N ILE H 135 -66.00 -91.88 61.21
CA ILE H 135 -64.76 -91.48 61.86
C ILE H 135 -64.94 -90.83 63.21
N LEU H 136 -66.17 -90.43 63.57
CA LEU H 136 -66.40 -89.89 64.90
C LEU H 136 -66.68 -90.97 65.93
N ASN H 137 -67.37 -92.04 65.57
CA ASN H 137 -67.64 -93.12 66.52
C ASN H 137 -66.62 -94.25 66.44
N LYS H 138 -66.56 -94.93 65.29
CA LYS H 138 -65.69 -96.07 65.06
C LYS H 138 -65.92 -97.23 66.02
N LYS H 139 -66.89 -97.11 66.93
CA LYS H 139 -67.29 -98.10 67.94
C LYS H 139 -66.10 -98.83 68.58
N ARG H 140 -65.02 -98.10 68.82
CA ARG H 140 -63.75 -98.73 69.21
C ARG H 140 -63.84 -99.34 70.60
N SER H 141 -62.92 -100.24 70.89
CA SER H 141 -62.92 -100.96 72.16
C SER H 141 -62.33 -100.07 73.26
N LYS H 142 -62.18 -100.67 74.44
CA LYS H 142 -61.75 -99.90 75.61
C LYS H 142 -60.31 -99.40 75.46
N LYS H 143 -59.41 -100.25 74.97
CA LYS H 143 -58.00 -99.86 74.87
C LYS H 143 -57.80 -98.84 73.76
N ILE H 144 -58.46 -99.05 72.62
CA ILE H 144 -58.36 -98.10 71.52
C ILE H 144 -58.97 -96.77 71.92
N GLN H 145 -60.05 -96.81 72.72
CA GLN H 145 -60.64 -95.56 73.18
C GLN H 145 -59.74 -94.85 74.18
N LYS H 146 -59.10 -95.61 75.08
CA LYS H 146 -58.11 -95.08 76.01
C LYS H 146 -56.89 -94.52 75.31
N LYS H 147 -56.62 -94.97 74.09
CA LYS H 147 -55.56 -94.40 73.27
C LYS H 147 -56.00 -93.18 72.48
N TYR H 148 -57.20 -93.22 71.91
CA TYR H 148 -57.70 -92.08 71.15
C TYR H 148 -57.93 -90.86 72.05
N ASP H 149 -58.45 -91.07 73.26
CA ASP H 149 -58.72 -89.90 74.09
C ASP H 149 -57.44 -89.34 74.69
N GLU H 150 -56.42 -90.16 74.92
CA GLU H 150 -55.16 -89.60 75.37
C GLU H 150 -54.40 -88.91 74.24
N ARG H 151 -54.66 -89.28 72.99
CA ARG H 151 -54.24 -88.41 71.90
C ARG H 151 -55.06 -87.14 71.83
N LYS H 152 -56.35 -87.22 72.17
CA LYS H 152 -57.23 -86.07 72.17
C LYS H 152 -56.78 -85.04 73.19
N LYS H 153 -56.32 -85.49 74.36
CA LYS H 153 -56.02 -84.56 75.44
C LYS H 153 -54.91 -83.59 75.08
N ASN H 154 -54.06 -83.93 74.10
CA ASN H 154 -52.99 -83.04 73.68
C ASN H 154 -53.03 -82.78 72.18
N ALA H 155 -54.10 -83.16 71.50
CA ALA H 155 -54.30 -82.79 70.09
C ALA H 155 -54.84 -81.38 69.94
N LYS H 156 -54.10 -80.40 70.49
CA LYS H 156 -54.52 -79.01 70.43
C LYS H 156 -53.98 -78.35 69.16
N ILE H 157 -54.79 -77.46 68.59
CA ILE H 157 -54.46 -76.75 67.36
C ILE H 157 -54.53 -75.26 67.63
N SER H 158 -53.53 -74.52 67.15
CA SER H 158 -53.51 -73.07 67.31
C SER H 158 -54.67 -72.44 66.56
N SER H 159 -55.14 -71.29 67.06
CA SER H 159 -56.26 -70.60 66.44
C SER H 159 -55.94 -70.15 65.03
N LEU H 160 -54.72 -69.67 64.80
CA LEU H 160 -54.31 -69.26 63.45
C LEU H 160 -54.32 -70.43 62.50
N LEU H 161 -53.94 -71.63 62.97
CA LEU H 161 -53.95 -72.81 62.14
C LEU H 161 -55.37 -73.26 61.82
N GLU H 162 -56.23 -73.33 62.84
CA GLU H 162 -57.56 -73.85 62.60
C GLU H 162 -58.41 -72.88 61.79
N GLU H 163 -58.19 -71.57 61.91
CA GLU H 163 -58.89 -70.63 61.04
C GLU H 163 -58.50 -70.82 59.59
N GLN H 164 -57.21 -71.05 59.33
CA GLN H 164 -56.78 -71.37 57.98
C GLN H 164 -57.41 -72.65 57.48
N PHE H 165 -57.57 -73.64 58.37
CA PHE H 165 -58.26 -74.86 57.99
C PHE H 165 -59.73 -74.59 57.65
N GLN H 166 -60.40 -73.72 58.40
CA GLN H 166 -61.76 -73.33 58.04
C GLN H 166 -61.78 -72.70 56.65
N GLN H 167 -60.80 -71.84 56.37
CA GLN H 167 -60.71 -71.26 55.03
C GLN H 167 -60.36 -72.31 53.97
N GLY H 168 -59.77 -73.43 54.37
CA GLY H 168 -59.48 -74.52 53.45
C GLY H 168 -58.12 -74.46 52.79
N LYS H 169 -57.31 -73.44 53.06
CA LYS H 169 -56.00 -73.29 52.45
C LYS H 169 -54.98 -72.97 53.53
N LEU H 170 -53.74 -73.41 53.29
CA LEU H 170 -52.64 -73.17 54.23
C LEU H 170 -51.47 -72.54 53.50
N LEU H 171 -50.90 -71.48 54.07
CA LEU H 171 -49.73 -70.85 53.47
C LEU H 171 -48.48 -71.51 54.02
N ALA H 172 -47.59 -71.92 53.11
CA ALA H 172 -46.39 -72.66 53.46
C ALA H 172 -45.20 -72.08 52.71
N CYS H 173 -44.02 -72.22 53.31
CA CYS H 173 -42.78 -71.72 52.76
C CYS H 173 -42.03 -72.87 52.10
N ILE H 174 -41.64 -72.67 50.84
CA ILE H 174 -40.88 -73.68 50.12
C ILE H 174 -39.50 -73.80 50.74
N ALA H 175 -38.97 -75.02 50.76
CA ALA H 175 -37.62 -75.28 51.22
C ALA H 175 -36.69 -75.75 50.10
N SER H 176 -37.24 -76.38 49.07
CA SER H 176 -36.43 -76.86 47.95
C SER H 176 -36.09 -75.70 47.01
N ARG H 177 -35.31 -76.02 45.99
CA ARG H 177 -34.87 -75.03 45.00
C ARG H 177 -35.39 -75.42 43.63
N PRO H 178 -36.52 -74.88 43.20
CA PRO H 178 -37.02 -75.17 41.85
C PRO H 178 -36.03 -74.71 40.80
N GLY H 179 -35.92 -75.50 39.74
CA GLY H 179 -34.90 -75.27 38.73
C GLY H 179 -33.57 -75.92 39.03
N GLN H 180 -33.38 -76.43 40.24
CA GLN H 180 -32.21 -77.19 40.61
C GLN H 180 -32.52 -78.63 40.94
N CYS H 181 -33.45 -78.88 41.87
CA CYS H 181 -33.87 -80.23 42.18
C CYS H 181 -35.12 -80.65 41.42
N GLY H 182 -36.00 -79.71 41.09
CA GLY H 182 -37.16 -80.00 40.29
C GLY H 182 -38.46 -80.20 41.04
N ARG H 183 -38.48 -79.95 42.35
CA ARG H 183 -39.71 -80.08 43.11
C ARG H 183 -39.86 -78.85 44.01
N ALA H 184 -41.05 -78.70 44.57
CA ALA H 184 -41.41 -77.53 45.35
C ALA H 184 -41.90 -77.93 46.73
N ASP H 185 -41.12 -78.79 47.40
CA ASP H 185 -41.45 -79.19 48.76
C ASP H 185 -41.25 -78.04 49.73
N GLY H 186 -41.96 -78.09 50.85
CA GLY H 186 -41.87 -77.02 51.81
C GLY H 186 -42.50 -77.38 53.14
N TYR H 187 -42.63 -76.38 53.99
CA TYR H 187 -43.14 -76.57 55.34
C TYR H 187 -44.18 -75.51 55.65
N VAL H 188 -45.19 -75.90 56.42
CA VAL H 188 -46.26 -74.99 56.82
C VAL H 188 -45.75 -74.03 57.88
N LEU H 189 -46.22 -72.79 57.84
CA LEU H 189 -45.81 -71.79 58.82
C LEU H 189 -46.63 -71.88 60.10
N GLU H 190 -45.94 -71.80 61.24
CA GLU H 190 -46.59 -71.74 62.54
C GLU H 190 -45.80 -70.79 63.44
N GLY H 191 -46.47 -70.29 64.47
CA GLY H 191 -45.80 -69.50 65.48
C GLY H 191 -45.44 -68.10 65.01
N LYS H 192 -44.30 -67.62 65.51
CA LYS H 192 -43.89 -66.23 65.27
C LYS H 192 -43.66 -65.97 63.80
N GLU H 193 -43.15 -66.96 63.07
CA GLU H 193 -42.95 -66.79 61.64
C GLU H 193 -44.28 -66.58 60.93
N LEU H 194 -45.29 -67.37 61.29
CA LEU H 194 -46.62 -67.20 60.71
C LEU H 194 -47.22 -65.85 61.06
N GLU H 195 -47.07 -65.43 62.32
CA GLU H 195 -47.58 -64.13 62.74
C GLU H 195 -46.90 -63.00 61.97
N PHE H 196 -45.59 -63.10 61.78
CA PHE H 196 -44.84 -62.10 61.04
C PHE H 196 -45.29 -62.04 59.59
N TYR H 197 -45.46 -63.20 58.96
CA TYR H 197 -45.82 -63.21 57.55
C TYR H 197 -47.25 -62.78 57.32
N LEU H 198 -48.15 -63.02 58.27
CA LEU H 198 -49.50 -62.49 58.14
C LEU H 198 -49.48 -60.97 58.13
N ARG H 199 -48.70 -60.36 59.02
CA ARG H 199 -48.57 -58.91 59.02
C ARG H 199 -47.93 -58.41 57.73
N LYS H 200 -46.96 -59.16 57.20
CA LYS H 200 -46.36 -58.76 55.94
C LYS H 200 -47.36 -58.83 54.78
N ILE H 201 -48.24 -59.81 54.77
CA ILE H 201 -49.30 -59.85 53.77
C ILE H 201 -50.23 -58.65 53.93
N LYS H 202 -50.58 -58.32 55.18
CA LYS H 202 -51.40 -57.14 55.40
C LYS H 202 -50.69 -55.85 55.02
N ALA H 203 -49.36 -55.86 55.01
CA ALA H 203 -48.60 -54.66 54.67
C ALA H 203 -48.83 -54.23 53.22
N ARG H 204 -48.88 -55.20 52.30
CA ARG H 204 -49.08 -54.88 50.89
C ARG H 204 -50.42 -54.20 50.65
N LYS H 205 -51.50 -54.71 51.24
CA LYS H 205 -52.82 -54.13 51.04
C LYS H 205 -53.52 -54.06 52.38
N GLY H 206 -54.00 -52.88 52.75
CA GLY H 206 -54.69 -52.68 54.01
C GLY H 206 -55.45 -51.37 54.08
N PRO I 1 11.18 -81.28 24.41
CA PRO I 1 11.36 -81.55 22.99
C PRO I 1 12.58 -82.41 22.71
N VAL I 2 13.76 -81.81 22.68
CA VAL I 2 14.96 -82.55 22.31
C VAL I 2 15.49 -83.31 23.51
N ALA I 3 16.33 -84.31 23.24
CA ALA I 3 16.99 -85.10 24.26
C ALA I 3 18.44 -84.69 24.47
N ARG I 4 18.82 -83.52 23.98
CA ARG I 4 20.20 -83.08 24.06
C ARG I 4 20.54 -82.69 25.50
N SER I 5 21.82 -82.38 25.72
CA SER I 5 22.31 -82.00 27.04
C SER I 5 22.86 -80.59 27.08
N TRP I 6 23.66 -80.21 26.09
CA TRP I 6 24.30 -78.90 25.94
C TRP I 6 24.89 -78.36 27.24
N VAL I 7 25.43 -79.23 28.08
CA VAL I 7 26.12 -78.82 29.31
C VAL I 7 27.60 -78.79 29.00
N CYS I 8 28.15 -77.59 28.86
CA CYS I 8 29.55 -77.40 28.53
C CYS I 8 30.11 -76.25 29.33
N ARG I 9 31.43 -76.26 29.53
CA ARG I 9 32.11 -75.21 30.27
C ARG I 9 33.45 -74.91 29.60
N LYS I 10 33.98 -73.74 29.92
CA LYS I 10 35.24 -73.27 29.34
C LYS I 10 36.38 -73.60 30.27
N THR I 11 37.42 -74.25 29.74
CA THR I 11 38.50 -74.80 30.54
C THR I 11 39.66 -73.84 30.72
N TYR I 12 39.61 -72.65 30.13
CA TYR I 12 40.71 -71.70 30.24
C TYR I 12 40.14 -70.32 30.51
N VAL I 13 40.94 -69.48 31.15
CA VAL I 13 40.59 -68.09 31.44
C VAL I 13 41.63 -67.21 30.79
N THR I 14 41.18 -66.30 29.92
CA THR I 14 42.10 -65.36 29.30
C THR I 14 42.60 -64.37 30.35
N PRO I 15 43.85 -63.91 30.23
CA PRO I 15 44.41 -63.02 31.26
C PRO I 15 43.64 -61.70 31.36
N ARG I 16 43.59 -61.18 32.59
CA ARG I 16 42.88 -59.93 32.85
C ARG I 16 43.47 -58.79 32.04
N ARG I 17 44.71 -58.44 32.33
CA ARG I 17 45.33 -57.49 31.43
C ARG I 17 46.12 -58.24 30.36
N PRO I 18 46.10 -57.77 29.12
CA PRO I 18 46.91 -58.39 28.08
C PRO I 18 48.24 -57.69 27.89
N PHE I 19 49.15 -58.40 27.22
CA PHE I 19 50.31 -57.80 26.57
C PHE I 19 51.33 -57.28 27.57
N GLU I 20 51.54 -58.02 28.65
CA GLU I 20 52.56 -57.68 29.63
C GLU I 20 53.80 -58.50 29.34
N LYS I 21 54.95 -57.82 29.30
CA LYS I 21 56.19 -58.48 28.89
C LYS I 21 56.58 -59.59 29.85
N SER I 22 56.43 -59.38 31.15
CA SER I 22 56.82 -60.39 32.12
C SER I 22 55.98 -61.66 31.97
N ARG I 23 54.66 -61.50 31.88
CA ARG I 23 53.78 -62.66 31.73
C ARG I 23 54.03 -63.35 30.39
N LEU I 24 54.25 -62.58 29.33
CA LEU I 24 54.53 -63.17 28.03
C LEU I 24 55.80 -63.99 28.07
N ASP I 25 56.84 -63.46 28.69
CA ASP I 25 58.11 -64.18 28.77
C ASP I 25 57.99 -65.43 29.63
N GLN I 26 57.27 -65.34 30.75
CA GLN I 26 57.07 -66.52 31.59
C GLN I 26 56.30 -67.61 30.84
N GLU I 27 55.26 -67.19 30.11
CA GLU I 27 54.47 -68.14 29.35
C GLU I 27 55.28 -68.79 28.24
N LEU I 28 56.13 -68.02 27.57
CA LEU I 28 57.00 -68.59 26.55
C LEU I 28 58.03 -69.53 27.16
N LYS I 29 58.55 -69.20 28.34
CA LYS I 29 59.43 -70.12 29.06
C LYS I 29 58.73 -71.45 29.28
N LEU I 30 57.49 -71.42 29.76
CA LEU I 30 56.74 -72.64 30.00
C LEU I 30 56.48 -73.41 28.70
N ILE I 31 56.11 -72.69 27.65
CA ILE I 31 55.78 -73.34 26.37
C ILE I 31 57.01 -74.03 25.80
N GLY I 32 58.17 -73.35 25.83
CA GLY I 32 59.39 -74.00 25.38
C GLY I 32 59.88 -75.08 26.31
N GLU I 33 59.51 -75.02 27.58
CA GLU I 33 59.90 -76.06 28.52
C GLU I 33 59.12 -77.34 28.29
N TYR I 34 57.83 -77.23 27.95
CA TYR I 34 56.98 -78.41 27.89
C TYR I 34 56.35 -78.67 26.53
N GLY I 35 56.83 -78.03 25.46
CA GLY I 35 56.41 -78.37 24.11
C GLY I 35 54.93 -78.23 23.81
N LEU I 36 54.33 -77.11 24.18
CA LEU I 36 52.91 -76.92 23.95
C LEU I 36 52.64 -76.24 22.61
N ARG I 37 51.50 -76.59 22.02
CA ARG I 37 51.13 -76.05 20.71
C ARG I 37 50.84 -74.55 20.79
N ASN I 38 50.06 -74.15 21.79
CA ASN I 38 49.59 -72.78 21.89
C ASN I 38 49.37 -72.44 23.36
N LYS I 39 49.00 -71.18 23.61
CA LYS I 39 48.85 -70.71 24.98
C LYS I 39 47.54 -71.15 25.62
N ARG I 40 46.61 -71.70 24.83
CA ARG I 40 45.36 -72.19 25.39
C ARG I 40 45.60 -73.37 26.32
N GLU I 41 46.53 -74.25 25.97
CA GLU I 41 46.75 -75.43 26.80
C GLU I 41 47.68 -75.18 27.98
N VAL I 42 48.18 -73.97 28.13
CA VAL I 42 48.77 -73.57 29.41
C VAL I 42 47.80 -72.71 30.21
N TRP I 43 46.92 -71.95 29.54
CA TRP I 43 45.84 -71.29 30.26
C TRP I 43 44.90 -72.31 30.90
N ARG I 44 44.69 -73.46 30.27
CA ARG I 44 43.81 -74.46 30.87
C ARG I 44 44.41 -75.02 32.16
N VAL I 45 45.73 -75.23 32.19
CA VAL I 45 46.32 -75.78 33.41
C VAL I 45 46.44 -74.70 34.46
N LYS I 46 46.60 -73.43 34.05
CA LYS I 46 46.51 -72.35 35.01
C LYS I 46 45.11 -72.30 35.63
N PHE I 47 44.07 -72.48 34.81
CA PHE I 47 42.71 -72.54 35.31
C PHE I 47 42.51 -73.71 36.26
N THR I 48 43.08 -74.88 35.93
CA THR I 48 42.96 -76.04 36.80
C THR I 48 43.62 -75.78 38.15
N LEU I 49 44.82 -75.20 38.14
CA LEU I 49 45.50 -74.88 39.39
C LEU I 49 44.70 -73.87 40.19
N ALA I 50 44.15 -72.85 39.53
CA ALA I 50 43.34 -71.87 40.25
C ALA I 50 42.10 -72.52 40.86
N LYS I 51 41.48 -73.44 40.12
CA LYS I 51 40.28 -74.12 40.61
C LYS I 51 40.61 -74.94 41.86
N ILE I 52 41.74 -75.63 41.85
CA ILE I 52 42.13 -76.41 43.02
C ILE I 52 42.50 -75.48 44.17
N ARG I 53 43.30 -74.45 43.89
CA ARG I 53 43.87 -73.60 44.92
C ARG I 53 42.80 -72.80 45.63
N LYS I 54 41.86 -72.22 44.86
CA LYS I 54 40.82 -71.39 45.47
C LYS I 54 39.92 -72.24 46.37
N ALA I 55 39.58 -73.45 45.92
CA ALA I 55 38.78 -74.35 46.74
C ALA I 55 39.53 -74.73 48.01
N ALA I 56 40.83 -75.01 47.89
CA ALA I 56 41.62 -75.35 49.07
C ALA I 56 41.66 -74.19 50.05
N ARG I 57 41.82 -72.97 49.54
CA ARG I 57 41.84 -71.80 50.40
C ARG I 57 40.51 -71.60 51.09
N GLU I 58 39.41 -71.83 50.36
CA GLU I 58 38.09 -71.76 50.97
C GLU I 58 37.93 -72.79 52.07
N LEU I 59 38.43 -74.00 51.85
CA LEU I 59 38.39 -75.02 52.89
C LEU I 59 39.23 -74.63 54.09
N LEU I 60 40.36 -73.95 53.86
CA LEU I 60 41.16 -73.47 54.98
C LEU I 60 40.42 -72.39 55.78
N THR I 61 39.72 -71.49 55.09
CA THR I 61 38.88 -70.53 55.80
C THR I 61 37.75 -71.21 56.54
N LEU I 62 37.28 -72.35 56.04
CA LEU I 62 36.26 -73.12 56.73
C LEU I 62 36.79 -73.56 58.10
N ASP I 63 35.89 -73.58 59.08
CA ASP I 63 36.27 -73.89 60.45
C ASP I 63 36.76 -75.32 60.57
N GLU I 64 37.68 -75.54 61.51
CA GLU I 64 38.19 -76.87 61.78
C GLU I 64 37.07 -77.76 62.30
N LYS I 65 37.23 -79.07 62.10
CA LYS I 65 36.26 -80.10 62.45
C LYS I 65 34.94 -79.91 61.70
N ASP I 66 34.96 -79.23 60.57
CA ASP I 66 33.78 -79.17 59.72
C ASP I 66 33.65 -80.48 58.96
N PRO I 67 32.47 -81.12 58.95
CA PRO I 67 32.32 -82.34 58.17
C PRO I 67 32.60 -82.16 56.69
N ARG I 68 32.13 -81.07 56.09
CA ARG I 68 32.42 -80.83 54.68
C ARG I 68 33.92 -80.64 54.44
N ARG I 69 34.58 -79.92 55.34
CA ARG I 69 36.01 -79.71 55.22
C ARG I 69 36.76 -81.04 55.31
N LEU I 70 36.50 -81.81 56.37
CA LEU I 70 37.19 -83.08 56.58
C LEU I 70 36.82 -84.14 55.56
N PHE I 71 35.74 -83.94 54.81
CA PHE I 71 35.41 -84.85 53.73
C PHE I 71 36.09 -84.43 52.43
N GLU I 72 35.81 -83.22 51.96
CA GLU I 72 36.30 -82.80 50.65
C GLU I 72 37.80 -82.56 50.62
N GLY I 73 38.41 -82.12 51.73
CA GLY I 73 39.85 -81.97 51.74
C GLY I 73 40.55 -83.29 51.51
N ASN I 74 40.10 -84.34 52.19
CA ASN I 74 40.60 -85.68 51.90
C ASN I 74 40.28 -86.13 50.48
N ALA I 75 39.07 -85.82 50.00
CA ALA I 75 38.66 -86.27 48.67
C ALA I 75 39.57 -85.71 47.58
N LEU I 76 39.90 -84.42 47.68
CA LEU I 76 40.76 -83.82 46.65
C LEU I 76 42.22 -84.24 46.81
N LEU I 77 42.68 -84.35 48.06
CA LEU I 77 44.06 -84.78 48.28
C LEU I 77 44.29 -86.20 47.80
N ARG I 78 43.26 -87.04 47.86
CA ARG I 78 43.41 -88.41 47.40
C ARG I 78 43.72 -88.46 45.91
N ARG I 79 42.94 -87.76 45.10
CA ARG I 79 43.24 -87.73 43.67
C ARG I 79 44.52 -86.96 43.37
N LEU I 80 44.87 -85.97 44.19
CA LEU I 80 46.14 -85.26 44.00
C LEU I 80 47.32 -86.20 44.15
N VAL I 81 47.35 -86.97 45.24
CA VAL I 81 48.45 -87.92 45.39
C VAL I 81 48.30 -89.09 44.42
N ARG I 82 47.09 -89.36 43.93
CA ARG I 82 46.92 -90.39 42.92
C ARG I 82 47.60 -90.02 41.61
N ILE I 83 47.39 -88.78 41.15
CA ILE I 83 48.12 -88.30 39.97
C ILE I 83 49.56 -87.96 40.30
N GLY I 84 49.93 -87.92 41.58
CA GLY I 84 51.32 -87.84 41.96
C GLY I 84 51.91 -86.46 42.01
N VAL I 85 51.10 -85.40 41.90
CA VAL I 85 51.62 -84.05 42.00
C VAL I 85 51.95 -83.66 43.43
N LEU I 86 51.53 -84.47 44.41
CA LEU I 86 51.77 -84.19 45.82
C LEU I 86 52.36 -85.42 46.49
N ASP I 87 53.27 -85.19 47.42
CA ASP I 87 53.83 -86.29 48.20
C ASP I 87 52.77 -86.91 49.08
N GLU I 88 52.85 -88.24 49.24
CA GLU I 88 51.87 -88.94 50.07
C GLU I 88 51.98 -88.54 51.53
N GLY I 89 53.20 -88.33 52.02
CA GLY I 89 53.37 -87.80 53.36
C GLY I 89 52.97 -86.35 53.50
N LYS I 90 52.89 -85.63 52.38
CA LYS I 90 52.53 -84.22 52.38
C LYS I 90 51.02 -84.04 52.18
N MET I 91 50.26 -84.69 53.04
CA MET I 91 48.80 -84.67 52.97
C MET I 91 48.24 -83.63 53.94
N LYS I 92 48.45 -82.36 53.58
CA LYS I 92 47.95 -81.25 54.37
C LYS I 92 47.34 -80.19 53.47
N LEU I 93 46.36 -79.47 54.01
CA LEU I 93 45.70 -78.42 53.25
C LEU I 93 46.63 -77.26 52.97
N ASP I 94 47.52 -76.95 53.92
CA ASP I 94 48.43 -75.81 53.75
C ASP I 94 49.36 -76.02 52.57
N TYR I 95 49.87 -77.24 52.41
CA TYR I 95 50.85 -77.54 51.36
C TYR I 95 50.24 -77.58 49.97
N ILE I 96 48.92 -77.48 49.86
CA ILE I 96 48.30 -77.32 48.54
C ILE I 96 48.66 -75.98 47.94
N LEU I 97 48.65 -74.93 48.77
CA LEU I 97 48.86 -73.58 48.27
C LEU I 97 50.29 -73.36 47.77
N GLY I 98 51.24 -74.17 48.21
CA GLY I 98 52.60 -74.08 47.75
C GLY I 98 52.87 -74.75 46.42
N LEU I 99 51.85 -75.37 45.83
CA LEU I 99 52.01 -76.00 44.53
C LEU I 99 52.12 -74.95 43.44
N LYS I 100 52.46 -75.40 42.24
CA LYS I 100 52.66 -74.50 41.11
C LYS I 100 52.07 -75.11 39.83
N ILE I 101 52.48 -74.57 38.68
CA ILE I 101 51.97 -75.05 37.40
C ILE I 101 52.99 -75.93 36.70
N GLU I 102 54.27 -75.75 37.03
CA GLU I 102 55.31 -76.52 36.34
C GLU I 102 55.18 -78.00 36.64
N ASP I 103 54.87 -78.35 37.89
CA ASP I 103 54.67 -79.75 38.25
C ASP I 103 53.50 -80.35 37.48
N PHE I 104 52.40 -79.62 37.38
CA PHE I 104 51.25 -80.10 36.62
C PHE I 104 51.61 -80.30 35.16
N LEU I 105 52.38 -79.38 34.59
CA LEU I 105 52.80 -79.51 33.20
C LEU I 105 53.68 -80.73 33.00
N GLU I 106 54.61 -80.99 33.93
CA GLU I 106 55.48 -82.13 33.74
C GLU I 106 54.84 -83.45 34.12
N ARG I 107 53.68 -83.43 34.78
CA ARG I 107 52.91 -84.65 34.96
C ARG I 107 52.13 -85.06 33.71
N ARG I 108 52.22 -84.29 32.64
CA ARG I 108 51.56 -84.68 31.40
C ARG I 108 52.23 -85.88 30.78
N LEU I 109 51.48 -86.60 29.94
CA LEU I 109 52.03 -87.74 29.23
C LEU I 109 53.15 -87.34 28.28
N GLN I 110 53.05 -86.17 27.67
CA GLN I 110 54.06 -85.72 26.72
C GLN I 110 55.42 -85.60 27.38
N THR I 111 55.48 -85.01 28.57
CA THR I 111 56.74 -84.91 29.29
C THR I 111 57.18 -86.25 29.85
N GLN I 112 56.21 -87.08 30.26
CA GLN I 112 56.56 -88.33 30.92
C GLN I 112 57.18 -89.31 29.94
N VAL I 113 56.65 -89.40 28.72
CA VAL I 113 57.25 -90.30 27.74
C VAL I 113 58.64 -89.83 27.34
N PHE I 114 58.87 -88.52 27.33
CA PHE I 114 60.20 -88.00 27.04
C PHE I 114 61.17 -88.33 28.17
N LYS I 115 60.75 -88.13 29.42
CA LYS I 115 61.60 -88.44 30.56
C LYS I 115 61.78 -89.92 30.78
N LEU I 116 60.93 -90.76 30.20
CA LEU I 116 61.05 -92.20 30.32
C LEU I 116 62.04 -92.80 29.34
N GLY I 117 62.65 -91.97 28.49
CA GLY I 117 63.61 -92.45 27.52
C GLY I 117 63.03 -93.00 26.24
N LEU I 118 61.71 -92.94 26.08
CA LEU I 118 61.08 -93.47 24.87
C LEU I 118 61.11 -92.49 23.71
N ALA I 119 61.54 -91.26 23.94
CA ALA I 119 61.71 -90.28 22.87
C ALA I 119 63.00 -89.51 23.12
N LYS I 120 63.59 -89.00 22.04
CA LYS I 120 64.83 -88.25 22.16
C LYS I 120 64.63 -86.75 22.36
N SER I 121 63.39 -86.27 22.30
CA SER I 121 63.12 -84.85 22.50
C SER I 121 61.74 -84.67 23.08
N ILE I 122 61.55 -83.56 23.80
CA ILE I 122 60.22 -83.22 24.29
C ILE I 122 59.28 -82.90 23.12
N HIS I 123 59.81 -82.26 22.07
CA HIS I 123 59.02 -82.01 20.89
C HIS I 123 58.81 -83.27 20.06
N HIS I 124 59.79 -84.18 20.05
CA HIS I 124 59.59 -85.47 19.43
C HIS I 124 58.52 -86.28 20.15
N ALA I 125 58.41 -86.09 21.47
CA ALA I 125 57.45 -86.87 22.25
C ALA I 125 56.02 -86.57 21.85
N ARG I 126 55.71 -85.30 21.56
CA ARG I 126 54.35 -84.93 21.17
C ARG I 126 53.93 -85.64 19.89
N VAL I 127 54.78 -85.59 18.85
CA VAL I 127 54.40 -86.23 17.60
C VAL I 127 54.42 -87.75 17.74
N LEU I 128 55.30 -88.28 18.60
CA LEU I 128 55.31 -89.73 18.83
C LEU I 128 54.01 -90.18 19.48
N ILE I 129 53.50 -89.41 20.43
CA ILE I 129 52.19 -89.71 21.01
C ILE I 129 51.09 -89.55 19.97
N ARG I 130 51.15 -88.47 19.19
CA ARG I 130 50.10 -88.19 18.22
C ARG I 130 50.02 -89.22 17.11
N GLN I 131 51.13 -89.89 16.78
CA GLN I 131 51.11 -90.92 15.76
C GLN I 131 50.74 -92.29 16.32
N ARG I 132 50.05 -92.34 17.46
CA ARG I 132 49.51 -93.58 18.03
C ARG I 132 50.65 -94.56 18.32
N HIS I 133 51.80 -94.06 18.74
CA HIS I 133 52.97 -94.90 18.93
C HIS I 133 53.23 -95.24 20.38
N ILE I 134 52.37 -94.81 21.30
CA ILE I 134 52.56 -95.10 22.71
C ILE I 134 51.22 -95.58 23.28
N ARG I 135 51.32 -96.32 24.39
CA ARG I 135 50.15 -96.90 25.03
C ARG I 135 50.36 -96.91 26.53
N VAL I 136 49.25 -96.99 27.27
CA VAL I 136 49.26 -97.07 28.72
C VAL I 136 48.52 -98.33 29.12
N ARG I 137 49.16 -99.15 29.97
CA ARG I 137 48.59 -100.39 30.46
C ARG I 137 48.21 -101.30 29.30
N LYS I 138 46.92 -101.32 28.96
CA LYS I 138 46.43 -102.04 27.79
C LYS I 138 45.71 -101.11 26.81
N GLN I 139 45.80 -99.80 27.01
CA GLN I 139 45.06 -98.85 26.19
C GLN I 139 46.03 -97.92 25.49
N VAL I 140 45.86 -97.76 24.18
CA VAL I 140 46.64 -96.82 23.40
C VAL I 140 46.04 -95.43 23.58
N VAL I 141 46.91 -94.43 23.76
CA VAL I 141 46.51 -93.06 24.03
C VAL I 141 47.15 -92.15 23.00
N ASN I 142 46.36 -91.25 22.41
CA ASN I 142 46.86 -90.27 21.45
C ASN I 142 46.58 -88.84 21.90
N ILE I 143 46.36 -88.63 23.19
CA ILE I 143 46.19 -87.30 23.76
C ILE I 143 47.47 -86.96 24.52
N PRO I 144 48.26 -85.99 24.05
CA PRO I 144 49.48 -85.62 24.79
C PRO I 144 49.21 -85.09 26.18
N SER I 145 48.09 -84.41 26.39
CA SER I 145 47.76 -83.85 27.70
C SER I 145 47.05 -84.86 28.60
N PHE I 146 47.12 -86.14 28.28
CA PHE I 146 46.56 -87.17 29.14
C PHE I 146 47.35 -87.22 30.43
N ILE I 147 46.75 -86.75 31.52
CA ILE I 147 47.41 -86.73 32.81
C ILE I 147 47.61 -88.15 33.31
N VAL I 148 48.79 -88.44 33.83
CA VAL I 148 49.15 -89.78 34.25
C VAL I 148 49.09 -89.88 35.77
N ARG I 149 48.72 -91.06 36.25
CA ARG I 149 48.66 -91.35 37.67
C ARG I 149 49.80 -92.27 38.06
N LEU I 150 50.03 -92.41 39.37
CA LEU I 150 51.13 -93.21 39.85
C LEU I 150 50.92 -94.69 39.55
N ASP I 151 49.68 -95.15 39.56
CA ASP I 151 49.40 -96.54 39.27
C ASP I 151 49.74 -96.91 37.84
N SER I 152 49.50 -96.00 36.90
CA SER I 152 49.80 -96.21 35.50
C SER I 152 51.15 -95.65 35.08
N GLN I 153 51.91 -95.10 36.03
CA GLN I 153 53.22 -94.54 35.72
C GLN I 153 54.18 -95.61 35.19
N LYS I 154 54.19 -96.78 35.82
CA LYS I 154 55.06 -97.87 35.42
C LYS I 154 54.39 -98.83 34.45
N HIS I 155 53.36 -98.40 33.75
CA HIS I 155 52.68 -99.21 32.75
C HIS I 155 52.64 -98.53 31.39
N ILE I 156 53.50 -97.55 31.17
CA ILE I 156 53.58 -96.85 29.89
C ILE I 156 54.55 -97.60 28.99
N ASP I 157 54.10 -97.89 27.77
CA ASP I 157 54.88 -98.72 26.86
C ASP I 157 54.50 -98.40 25.43
N PHE I 158 55.37 -98.81 24.51
CA PHE I 158 55.05 -98.70 23.09
C PHE I 158 53.85 -99.59 22.76
N SER I 159 52.98 -99.08 21.89
CA SER I 159 51.88 -99.90 21.42
C SER I 159 52.41 -101.04 20.57
N LEU I 160 51.73 -102.19 20.64
CA LEU I 160 52.23 -103.38 19.94
C LEU I 160 52.19 -103.20 18.44
N ARG I 161 51.26 -102.42 17.91
CA ARG I 161 51.14 -102.25 16.48
C ARG I 161 52.14 -101.25 15.92
N SER I 162 52.76 -100.43 16.76
CA SER I 162 53.70 -99.43 16.29
C SER I 162 55.02 -100.05 15.88
N PRO I 163 55.75 -99.41 14.96
CA PRO I 163 57.08 -99.91 14.62
C PRO I 163 58.14 -99.44 15.60
N TYR I 164 57.87 -99.58 16.88
CA TYR I 164 58.84 -99.35 17.93
C TYR I 164 58.80 -100.39 19.02
N GLY I 165 57.69 -101.10 19.20
CA GLY I 165 57.58 -102.20 20.13
C GLY I 165 57.71 -103.50 19.36
N GLY I 166 56.59 -104.11 18.99
CA GLY I 166 56.62 -105.30 18.18
C GLY I 166 56.94 -105.00 16.73
N GLY I 167 56.44 -105.82 15.82
CA GLY I 167 56.77 -105.67 14.42
C GLY I 167 55.98 -104.59 13.72
N ARG I 168 55.46 -104.92 12.53
CA ARG I 168 54.67 -104.02 11.71
C ARG I 168 55.45 -102.76 11.37
N PRO I 169 56.46 -102.85 10.50
CA PRO I 169 57.22 -101.65 10.14
C PRO I 169 56.38 -100.68 9.32
N GLY I 170 56.83 -99.43 9.30
CA GLY I 170 56.08 -98.38 8.65
C GLY I 170 56.01 -98.53 7.15
N ARG I 171 55.08 -97.79 6.55
CA ARG I 171 54.89 -97.87 5.11
C ARG I 171 56.09 -97.37 4.34
N VAL I 172 56.80 -96.36 4.86
CA VAL I 172 57.98 -95.87 4.18
C VAL I 172 59.10 -96.90 4.22
N LYS I 173 59.24 -97.60 5.35
CA LYS I 173 60.23 -98.68 5.41
C LYS I 173 59.84 -99.83 4.49
N ARG I 174 58.55 -100.12 4.38
CA ARG I 174 58.11 -101.14 3.45
C ARG I 174 58.42 -100.75 2.00
N LYS I 175 58.23 -99.48 1.65
CA LYS I 175 58.60 -99.02 0.32
C LYS I 175 60.09 -99.01 0.09
N ASN I 176 60.89 -98.70 1.12
CA ASN I 176 62.33 -98.86 1.00
C ASN I 176 62.71 -100.31 0.75
N ALA I 177 62.04 -101.24 1.44
CA ALA I 177 62.31 -102.66 1.24
C ALA I 177 61.96 -103.10 -0.18
N LYS I 178 60.81 -102.66 -0.69
CA LYS I 178 60.44 -103.04 -2.06
C LYS I 178 61.38 -102.41 -3.08
N LYS I 179 61.81 -101.15 -2.86
CA LYS I 179 62.78 -100.54 -3.76
C LYS I 179 64.12 -101.26 -3.71
N GLY I 180 64.54 -101.69 -2.52
CA GLY I 180 65.80 -102.41 -2.40
C GLY I 180 65.75 -103.75 -3.08
N GLN I 181 64.64 -104.48 -2.94
CA GLN I 181 64.55 -105.78 -3.60
C GLN I 181 64.40 -105.63 -5.10
N GLY I 182 63.81 -104.52 -5.57
CA GLY I 182 63.77 -104.27 -7.00
C GLY I 182 65.12 -103.91 -7.57
N GLY I 183 65.87 -103.05 -6.88
CA GLY I 183 67.13 -102.58 -7.43
C GLY I 183 68.25 -103.61 -7.29
N ALA I 184 68.24 -104.38 -6.20
CA ALA I 184 69.27 -105.38 -5.94
C ALA I 184 68.62 -106.70 -5.57
N GLY I 185 69.17 -107.80 -6.09
CA GLY I 185 68.66 -109.12 -5.81
C GLY I 185 68.88 -109.57 -4.38
N ALA J 1 -34.42 -54.17 71.43
CA ALA J 1 -35.20 -54.09 70.21
C ALA J 1 -35.46 -55.47 69.62
N ASP J 2 -36.31 -55.53 68.60
CA ASP J 2 -36.65 -56.79 67.96
C ASP J 2 -35.51 -57.21 67.02
N ILE J 3 -35.73 -58.28 66.26
CA ILE J 3 -34.68 -58.82 65.40
C ILE J 3 -35.20 -59.01 63.99
N GLN J 4 -36.52 -58.95 63.82
CA GLN J 4 -37.14 -59.11 62.50
C GLN J 4 -37.48 -57.73 61.97
N THR J 5 -36.54 -57.15 61.23
CA THR J 5 -36.69 -55.83 60.62
C THR J 5 -36.38 -55.89 59.14
N GLU J 6 -36.96 -56.89 58.46
CA GLU J 6 -36.65 -57.15 57.06
C GLU J 6 -37.84 -57.87 56.44
N ARG J 7 -37.81 -57.98 55.12
CA ARG J 7 -38.95 -58.57 54.40
C ARG J 7 -39.12 -60.04 54.75
N ALA J 8 -38.01 -60.78 54.86
CA ALA J 8 -38.06 -62.20 55.18
C ALA J 8 -38.09 -62.39 56.69
N TYR J 9 -37.99 -63.64 57.14
CA TYR J 9 -37.96 -63.97 58.55
C TYR J 9 -36.58 -64.48 58.93
N GLN J 10 -35.99 -63.90 59.96
CA GLN J 10 -34.65 -64.25 60.40
C GLN J 10 -34.74 -65.26 61.53
N LYS J 11 -34.09 -66.41 61.34
CA LYS J 11 -34.05 -67.45 62.36
C LYS J 11 -32.89 -68.38 62.07
N GLN J 12 -32.42 -69.04 63.11
CA GLN J 12 -31.39 -70.06 62.92
C GLN J 12 -32.02 -71.33 62.36
N PRO J 13 -31.48 -71.90 61.29
CA PRO J 13 -32.12 -73.08 60.69
C PRO J 13 -32.16 -74.29 61.59
N THR J 14 -31.21 -74.42 62.53
CA THR J 14 -31.17 -75.61 63.37
C THR J 14 -32.36 -75.64 64.33
N ILE J 15 -32.73 -74.50 64.89
CA ILE J 15 -33.77 -74.46 65.92
C ILE J 15 -35.14 -74.62 65.28
N PHE J 16 -35.95 -75.52 65.85
CA PHE J 16 -37.34 -75.69 65.47
C PHE J 16 -38.19 -74.86 66.42
N GLN J 17 -38.72 -73.74 65.93
CA GLN J 17 -39.49 -72.85 66.78
C GLN J 17 -40.78 -73.50 67.25
N ASN J 18 -41.49 -74.14 66.33
CA ASN J 18 -42.84 -74.65 66.61
C ASN J 18 -42.79 -76.11 67.04
N LYS J 19 -42.00 -76.41 68.07
CA LYS J 19 -41.82 -77.77 68.55
C LYS J 19 -43.00 -78.22 69.42
N LYS J 20 -44.19 -78.20 68.80
CA LYS J 20 -45.45 -78.48 69.47
C LYS J 20 -45.59 -77.62 70.73
N ARG J 21 -45.43 -76.31 70.54
CA ARG J 21 -45.50 -75.36 71.65
C ARG J 21 -46.96 -75.04 71.90
N VAL J 22 -47.61 -75.92 72.65
CA VAL J 22 -49.06 -75.89 72.78
C VAL J 22 -49.46 -75.73 74.24
N LEU J 23 -50.77 -75.74 74.51
CA LEU J 23 -51.29 -75.35 75.82
C LEU J 23 -50.88 -76.29 76.94
N LEU J 24 -50.37 -77.49 76.62
CA LEU J 24 -49.87 -78.36 77.68
C LEU J 24 -48.72 -77.72 78.44
N GLY J 25 -47.89 -76.93 77.75
CA GLY J 25 -46.92 -76.10 78.42
C GLY J 25 -47.49 -74.74 78.80
N GLU J 26 -46.81 -74.07 79.72
CA GLU J 26 -47.26 -72.77 80.22
C GLU J 26 -47.03 -71.73 79.13
N THR J 27 -48.09 -71.36 78.42
CA THR J 27 -48.03 -70.38 77.35
C THR J 27 -48.64 -69.07 77.85
N GLY J 28 -47.80 -68.07 78.07
CA GLY J 28 -46.36 -68.11 77.89
C GLY J 28 -45.61 -67.87 79.17
N LYS J 29 -44.30 -67.59 79.07
CA LYS J 29 -43.58 -67.47 77.81
C LYS J 29 -42.60 -68.62 77.62
N GLU J 30 -42.72 -69.30 76.48
CA GLU J 30 -41.80 -70.39 76.15
C GLU J 30 -40.51 -69.79 75.60
N LYS J 31 -39.45 -69.84 76.40
CA LYS J 31 -38.15 -69.31 75.98
C LYS J 31 -37.55 -70.21 74.92
N LEU J 32 -37.46 -69.73 73.68
CA LEU J 32 -37.00 -70.56 72.59
C LEU J 32 -35.53 -70.92 72.76
N PRO J 33 -35.12 -72.11 72.38
CA PRO J 33 -33.71 -72.50 72.52
C PRO J 33 -32.84 -71.75 71.53
N ARG J 34 -31.56 -71.64 71.89
CA ARG J 34 -30.56 -70.99 71.05
C ARG J 34 -29.53 -72.03 70.60
N TYR J 35 -29.10 -71.91 69.35
CA TYR J 35 -28.10 -72.81 68.78
C TYR J 35 -26.78 -72.07 68.68
N TYR J 36 -25.75 -72.60 69.34
CA TYR J 36 -24.40 -72.08 69.24
C TYR J 36 -23.43 -73.25 69.19
N LYS J 37 -22.27 -73.01 68.59
CA LYS J 37 -21.26 -74.05 68.46
C LYS J 37 -19.91 -73.54 68.92
N ASN J 38 -19.18 -74.39 69.63
CA ASN J 38 -17.79 -74.09 69.95
C ASN J 38 -16.95 -74.25 68.69
N ILE J 39 -16.13 -73.24 68.39
CA ILE J 39 -15.37 -73.22 67.14
C ILE J 39 -13.99 -73.82 67.29
N GLY J 40 -13.63 -74.33 68.45
CA GLY J 40 -12.36 -74.97 68.63
C GLY J 40 -11.22 -74.00 68.83
N LEU J 41 -10.00 -74.56 68.86
CA LEU J 41 -8.76 -73.81 69.10
C LEU J 41 -8.81 -73.03 70.40
N GLY J 42 -9.57 -73.52 71.38
CA GLY J 42 -9.66 -72.84 72.66
C GLY J 42 -10.27 -71.45 72.58
N PHE J 43 -11.10 -71.20 71.56
CA PHE J 43 -11.72 -69.89 71.38
C PHE J 43 -13.06 -69.90 72.08
N LYS J 44 -13.08 -69.36 73.30
CA LYS J 44 -14.26 -69.42 74.15
C LYS J 44 -15.36 -68.50 73.64
N THR J 45 -16.57 -69.04 73.52
CA THR J 45 -17.67 -68.28 72.96
C THR J 45 -18.07 -67.16 73.91
N PRO J 46 -18.40 -65.97 73.40
CA PRO J 46 -18.81 -64.88 74.29
C PRO J 46 -20.11 -65.20 75.01
N LYS J 47 -20.16 -64.82 76.28
CA LYS J 47 -21.33 -65.13 77.11
C LYS J 47 -22.58 -64.44 76.59
N GLU J 48 -22.41 -63.26 75.98
CA GLU J 48 -23.56 -62.56 75.42
C GLU J 48 -24.15 -63.31 74.23
N ALA J 49 -23.34 -64.11 73.53
CA ALA J 49 -23.85 -64.85 72.39
C ALA J 49 -24.84 -65.93 72.82
N ILE J 50 -24.58 -66.57 73.96
CA ILE J 50 -25.47 -67.64 74.42
C ILE J 50 -26.83 -67.10 74.77
N GLU J 51 -26.88 -65.98 75.49
CA GLU J 51 -28.13 -65.43 75.97
C GLU J 51 -28.69 -64.35 75.06
N GLY J 52 -28.06 -64.08 73.92
CA GLY J 52 -28.55 -63.07 73.02
C GLY J 52 -29.65 -63.58 72.13
N THR J 53 -30.23 -62.65 71.37
CA THR J 53 -31.33 -62.97 70.46
C THR J 53 -31.01 -62.63 69.02
N TYR J 54 -29.77 -62.23 68.72
CA TYR J 54 -29.42 -61.86 67.36
C TYR J 54 -29.41 -63.07 66.44
N ILE J 55 -29.75 -62.83 65.18
CA ILE J 55 -29.72 -63.86 64.15
C ILE J 55 -28.69 -63.43 63.12
N ASP J 56 -27.70 -64.29 62.89
CA ASP J 56 -26.61 -63.98 61.96
C ASP J 56 -26.11 -65.28 61.36
N LYS J 57 -26.41 -65.52 60.09
CA LYS J 57 -25.97 -66.74 59.44
C LYS J 57 -24.46 -66.78 59.23
N LYS J 58 -23.80 -65.62 59.28
CA LYS J 58 -22.35 -65.55 59.14
C LYS J 58 -21.64 -65.41 60.47
N CYS J 59 -22.36 -65.54 61.58
CA CYS J 59 -21.71 -65.50 62.88
C CYS J 59 -20.80 -66.71 63.06
N PRO J 60 -19.58 -66.52 63.56
CA PRO J 60 -18.71 -67.68 63.80
C PRO J 60 -19.31 -68.70 64.75
N PHE J 61 -20.09 -68.24 65.72
CA PHE J 61 -20.58 -69.10 66.80
C PHE J 61 -22.01 -69.55 66.59
N THR J 62 -22.87 -68.70 66.03
CA THR J 62 -24.26 -69.04 65.83
C THR J 62 -24.67 -69.03 64.36
N GLY J 63 -23.69 -69.10 63.44
CA GLY J 63 -23.98 -69.08 62.02
C GLY J 63 -23.31 -70.25 61.31
N ASN J 64 -23.70 -70.43 60.05
CA ASN J 64 -23.24 -71.57 59.27
C ASN J 64 -21.93 -71.24 58.54
N VAL J 65 -20.90 -70.97 59.34
CA VAL J 65 -19.56 -70.77 58.84
C VAL J 65 -18.59 -71.55 59.70
N SER J 66 -17.59 -72.16 59.08
CA SER J 66 -16.56 -72.93 59.77
C SER J 66 -15.22 -72.22 59.59
N ILE J 67 -14.57 -71.90 60.70
CA ILE J 67 -13.31 -71.15 60.66
C ILE J 67 -12.18 -72.15 60.51
N ARG J 68 -11.55 -72.17 59.34
CA ARG J 68 -10.39 -73.01 59.09
C ARG J 68 -9.42 -72.24 58.22
N GLY J 69 -8.14 -72.56 58.36
CA GLY J 69 -7.12 -71.85 57.63
C GLY J 69 -6.31 -70.92 58.51
N ARG J 70 -5.98 -69.74 57.99
CA ARG J 70 -5.09 -68.84 58.71
C ARG J 70 -5.82 -68.12 59.83
N ILE J 71 -5.03 -67.70 60.82
CA ILE J 71 -5.48 -66.83 61.90
C ILE J 71 -4.55 -65.62 61.92
N LEU J 72 -5.12 -64.43 61.97
CA LEU J 72 -4.29 -63.24 61.90
C LEU J 72 -4.93 -62.09 62.68
N SER J 73 -4.12 -61.11 63.03
CA SER J 73 -4.54 -60.01 63.88
C SER J 73 -4.34 -58.68 63.16
N GLY J 74 -5.14 -57.70 63.56
CA GLY J 74 -5.08 -56.38 62.97
C GLY J 74 -5.64 -55.34 63.91
N VAL J 75 -5.77 -54.12 63.39
CA VAL J 75 -6.24 -52.97 64.16
C VAL J 75 -7.45 -52.38 63.45
N VAL J 76 -8.53 -52.16 64.20
CA VAL J 76 -9.76 -51.65 63.62
C VAL J 76 -9.57 -50.22 63.16
N THR J 77 -10.05 -49.90 61.95
CA THR J 77 -9.96 -48.56 61.40
C THR J 77 -11.32 -47.87 61.32
N LYS J 78 -12.28 -48.46 60.63
CA LYS J 78 -13.63 -47.91 60.57
C LYS J 78 -14.65 -49.02 60.80
N MET J 79 -15.82 -48.62 61.30
CA MET J 79 -16.89 -49.57 61.62
C MET J 79 -18.21 -49.15 61.01
N LYS J 80 -18.19 -48.34 59.96
CA LYS J 80 -19.42 -47.85 59.35
C LYS J 80 -19.88 -48.76 58.22
N MET J 81 -20.19 -50.00 58.59
CA MET J 81 -20.75 -50.98 57.67
C MET J 81 -21.67 -51.90 58.44
N GLN J 82 -22.49 -52.64 57.70
CA GLN J 82 -23.49 -53.53 58.28
C GLN J 82 -22.82 -54.87 58.60
N ARG J 83 -22.74 -55.19 59.88
CA ARG J 83 -22.24 -56.48 60.37
C ARG J 83 -20.81 -56.76 59.93
N THR J 84 -20.06 -55.75 59.51
CA THR J 84 -18.67 -55.93 59.13
C THR J 84 -17.91 -54.65 59.38
N ILE J 85 -16.61 -54.78 59.61
CA ILE J 85 -15.73 -53.65 59.87
C ILE J 85 -14.47 -53.84 59.04
N VAL J 86 -13.74 -52.73 58.86
CA VAL J 86 -12.49 -52.73 58.12
C VAL J 86 -11.34 -52.57 59.11
N ILE J 87 -10.29 -53.36 58.91
CA ILE J 87 -9.14 -53.34 59.81
C ILE J 87 -7.88 -53.13 58.98
N ARG J 88 -6.87 -52.56 59.64
CA ARG J 88 -5.60 -52.22 59.00
C ARG J 88 -4.49 -52.96 59.74
N ARG J 89 -3.65 -53.67 59.00
CA ARG J 89 -2.54 -54.41 59.58
C ARG J 89 -1.23 -53.79 59.10
N ASP J 90 -0.52 -53.13 60.01
CA ASP J 90 0.79 -52.60 59.69
C ASP J 90 1.85 -53.67 59.88
N TYR J 91 2.75 -53.78 58.91
CA TYR J 91 3.81 -54.77 58.96
C TYR J 91 5.04 -54.19 58.31
N LEU J 92 6.18 -54.78 58.63
CA LEU J 92 7.47 -54.34 58.11
C LEU J 92 7.90 -55.25 56.96
N HIS J 93 8.14 -54.66 55.81
CA HIS J 93 8.61 -55.38 54.64
C HIS J 93 10.11 -55.14 54.48
N TYR J 94 10.88 -56.22 54.45
CA TYR J 94 12.33 -56.12 54.40
C TYR J 94 12.82 -56.11 52.96
N ILE J 95 13.86 -55.33 52.72
CA ILE J 95 14.53 -55.29 51.43
C ILE J 95 16.00 -55.61 51.66
N ARG J 96 16.52 -56.60 50.92
CA ARG J 96 17.88 -57.06 51.14
C ARG J 96 18.89 -55.96 50.86
N LYS J 97 18.73 -55.27 49.72
CA LYS J 97 19.78 -54.40 49.22
C LYS J 97 20.15 -53.32 50.24
N TYR J 98 19.15 -52.65 50.79
CA TYR J 98 19.40 -51.60 51.77
C TYR J 98 19.40 -52.13 53.20
N ASN J 99 19.17 -53.43 53.38
CA ASN J 99 19.22 -54.07 54.70
C ASN J 99 18.30 -53.37 55.69
N ARG J 100 17.14 -52.93 55.20
CA ARG J 100 16.21 -52.13 56.00
C ARG J 100 14.79 -52.59 55.74
N PHE J 101 13.88 -52.13 56.59
CA PHE J 101 12.48 -52.49 56.49
C PHE J 101 11.69 -51.40 55.79
N GLU J 102 10.38 -51.64 55.66
CA GLU J 102 9.51 -50.73 54.93
C GLU J 102 8.11 -50.87 55.52
N LYS J 103 7.62 -49.81 56.16
CA LYS J 103 6.32 -49.85 56.80
C LYS J 103 5.22 -49.95 55.76
N ARG J 104 4.47 -51.05 55.79
CA ARG J 104 3.40 -51.29 54.82
C ARG J 104 2.14 -51.73 55.56
N HIS J 105 1.01 -51.51 54.89
CA HIS J 105 -0.29 -51.86 55.44
C HIS J 105 -1.15 -52.45 54.35
N LYS J 106 -2.15 -53.23 54.75
CA LYS J 106 -3.12 -53.80 53.83
C LYS J 106 -4.49 -53.79 54.49
N ASN J 107 -5.42 -53.05 53.89
CA ASN J 107 -6.77 -52.95 54.45
C ASN J 107 -7.51 -54.26 54.26
N MET J 108 -8.19 -54.72 55.30
CA MET J 108 -8.99 -55.93 55.24
C MET J 108 -10.37 -55.65 55.80
N SER J 109 -11.40 -56.09 55.09
CA SER J 109 -12.78 -55.99 55.54
C SER J 109 -13.21 -57.34 56.07
N VAL J 110 -13.54 -57.40 57.36
CA VAL J 110 -13.87 -58.66 58.02
C VAL J 110 -15.28 -58.58 58.59
N HIS J 111 -15.92 -59.73 58.69
CA HIS J 111 -17.27 -59.79 59.22
C HIS J 111 -17.25 -59.65 60.73
N LEU J 112 -18.20 -58.87 61.25
CA LEU J 112 -18.31 -58.62 62.68
C LEU J 112 -19.65 -59.15 63.17
N SER J 113 -19.61 -60.21 63.96
CA SER J 113 -20.82 -60.72 64.55
C SER J 113 -21.38 -59.73 65.56
N PRO J 114 -22.70 -59.60 65.68
CA PRO J 114 -23.27 -58.65 66.63
C PRO J 114 -23.02 -59.01 68.09
N CYS J 115 -22.45 -60.18 68.37
CA CYS J 115 -22.17 -60.57 69.75
C CYS J 115 -21.20 -59.59 70.40
N PHE J 116 -20.17 -59.17 69.67
CA PHE J 116 -19.25 -58.16 70.18
C PHE J 116 -19.89 -56.79 70.05
N ARG J 117 -20.01 -56.09 71.16
CA ARG J 117 -20.74 -54.82 71.22
C ARG J 117 -19.82 -53.64 71.46
N ASP J 118 -19.05 -53.65 72.55
CA ASP J 118 -18.17 -52.54 72.88
C ASP J 118 -16.89 -52.66 72.06
N VAL J 119 -17.01 -52.35 70.78
CA VAL J 119 -15.89 -52.32 69.85
C VAL J 119 -15.75 -50.90 69.32
N GLN J 120 -14.57 -50.32 69.48
CA GLN J 120 -14.31 -48.95 69.07
C GLN J 120 -13.07 -48.90 68.19
N ILE J 121 -12.84 -47.73 67.60
CA ILE J 121 -11.72 -47.55 66.69
C ILE J 121 -10.42 -47.63 67.48
N GLY J 122 -9.51 -48.49 67.02
CA GLY J 122 -8.24 -48.66 67.70
C GLY J 122 -8.21 -49.78 68.70
N ASP J 123 -8.93 -50.87 68.45
CA ASP J 123 -8.97 -52.03 69.35
C ASP J 123 -8.47 -53.25 68.60
N ILE J 124 -7.62 -54.03 69.25
CA ILE J 124 -6.97 -55.16 68.57
C ILE J 124 -7.99 -56.27 68.40
N VAL J 125 -8.00 -56.90 67.23
CA VAL J 125 -8.89 -58.03 66.98
C VAL J 125 -8.09 -59.14 66.32
N THR J 126 -8.40 -60.36 66.74
CA THR J 126 -7.89 -61.57 66.10
C THR J 126 -9.03 -62.17 65.30
N VAL J 127 -8.76 -62.51 64.04
CA VAL J 127 -9.76 -63.01 63.12
C VAL J 127 -9.22 -64.30 62.49
N GLY J 128 -10.15 -65.07 61.93
CA GLY J 128 -9.80 -66.33 61.31
C GLY J 128 -10.42 -66.44 59.93
N GLU J 129 -9.74 -67.20 59.08
CA GLU J 129 -10.19 -67.41 57.71
C GLU J 129 -11.39 -68.36 57.68
N CYS J 130 -12.28 -68.12 56.73
CA CYS J 130 -13.44 -68.96 56.51
C CYS J 130 -13.73 -68.97 55.01
N ARG J 131 -14.87 -69.56 54.64
CA ARG J 131 -15.31 -69.47 53.26
C ARG J 131 -15.68 -68.03 52.94
N PRO J 132 -15.50 -67.62 51.68
CA PRO J 132 -15.79 -66.22 51.33
C PRO J 132 -17.25 -65.87 51.58
N LEU J 133 -17.46 -64.72 52.21
CA LEU J 133 -18.79 -64.26 52.57
C LEU J 133 -19.28 -63.09 51.74
N SER J 134 -18.37 -62.25 51.28
CA SER J 134 -18.70 -61.13 50.40
C SER J 134 -17.69 -61.13 49.26
N LYS J 135 -17.70 -60.06 48.48
CA LYS J 135 -16.75 -59.93 47.38
C LYS J 135 -15.32 -59.87 47.91
N THR J 136 -15.10 -59.13 49.00
CA THR J 136 -13.79 -59.01 49.59
C THR J 136 -13.68 -59.58 51.00
N VAL J 137 -14.80 -59.89 51.65
CA VAL J 137 -14.77 -60.38 53.02
C VAL J 137 -14.46 -61.87 53.02
N ARG J 138 -13.41 -62.25 53.73
CA ARG J 138 -13.04 -63.65 53.86
C ARG J 138 -12.73 -64.06 55.28
N PHE J 139 -12.67 -63.13 56.22
CA PHE J 139 -12.26 -63.42 57.58
C PHE J 139 -13.35 -62.99 58.54
N ASN J 140 -13.45 -63.72 59.65
CA ASN J 140 -14.45 -63.45 60.67
C ASN J 140 -13.76 -63.22 62.01
N VAL J 141 -14.28 -62.25 62.78
CA VAL J 141 -13.65 -61.89 64.04
C VAL J 141 -13.87 -62.98 65.07
N LEU J 142 -12.77 -63.44 65.67
CA LEU J 142 -12.83 -64.44 66.74
C LEU J 142 -12.64 -63.85 68.11
N LYS J 143 -11.83 -62.80 68.28
CA LYS J 143 -11.63 -62.26 69.61
C LYS J 143 -11.28 -60.79 69.52
N VAL J 144 -11.77 -60.00 70.48
CA VAL J 144 -11.54 -58.57 70.55
C VAL J 144 -10.85 -58.26 71.88
N THR J 145 -9.74 -57.53 71.81
CA THR J 145 -9.00 -57.08 72.99
C THR J 145 -8.88 -55.56 72.94
N LYS J 146 -9.26 -54.91 74.02
CA LYS J 146 -9.11 -53.47 74.14
C LYS J 146 -7.64 -53.09 74.30
N ALA J 147 -7.30 -51.88 73.88
CA ALA J 147 -5.94 -51.37 73.98
C ALA J 147 -5.99 -50.00 74.67
N ALA J 148 -5.61 -49.97 75.95
CA ALA J 148 -5.62 -48.75 76.78
C ALA J 148 -6.99 -48.09 76.77
N GLY J 149 -8.04 -48.90 76.92
CA GLY J 149 -9.39 -48.40 76.90
C GLY J 149 -10.17 -48.66 78.17
N THR J 150 -11.45 -49.02 78.00
CA THR J 150 -12.39 -49.29 79.09
C THR J 150 -12.60 -48.07 79.99
N LYS J 151 -12.20 -46.89 79.54
CA LYS J 151 -12.35 -45.66 80.32
C LYS J 151 -12.58 -44.51 79.36
N LYS J 152 -13.77 -43.90 79.43
CA LYS J 152 -14.12 -42.75 78.60
C LYS J 152 -14.61 -41.62 79.48
N GLN J 153 -14.17 -40.40 79.16
CA GLN J 153 -14.56 -39.23 79.93
C GLN J 153 -16.00 -38.82 79.65
N GLY K 1 18.17 -26.23 71.19
CA GLY K 1 17.74 -24.85 71.08
C GLY K 1 16.25 -24.69 71.24
N ARG K 2 15.79 -23.43 71.20
CA ARG K 2 14.37 -23.16 71.36
C ARG K 2 13.60 -23.64 70.14
N MET K 3 12.33 -24.00 70.36
CA MET K 3 11.51 -24.55 69.29
C MET K 3 11.25 -23.52 68.20
N HIS K 4 10.93 -22.30 68.58
CA HIS K 4 10.63 -21.23 67.62
C HIS K 4 11.57 -20.05 67.78
N ALA K 5 12.82 -20.31 68.18
CA ALA K 5 13.77 -19.23 68.34
C ALA K 5 15.17 -19.79 68.18
N PRO K 6 16.08 -19.07 67.54
CA PRO K 6 17.46 -19.55 67.37
C PRO K 6 18.35 -19.28 68.58
N GLY K 7 17.83 -19.62 69.76
CA GLY K 7 18.53 -19.39 71.02
C GLY K 7 18.89 -20.71 71.68
N LYS K 8 20.08 -20.76 72.26
CA LYS K 8 20.57 -21.95 72.95
C LYS K 8 20.84 -21.66 74.42
N GLY K 9 19.93 -20.91 75.04
CA GLY K 9 20.13 -20.51 76.43
C GLY K 9 20.05 -21.69 77.37
N LEU K 10 20.71 -21.54 78.53
CA LEU K 10 20.76 -22.59 79.53
C LEU K 10 20.15 -22.12 80.86
N SER K 11 19.21 -21.17 80.78
CA SER K 11 18.51 -20.70 81.98
C SER K 11 17.60 -21.82 82.45
N GLN K 12 18.02 -22.54 83.48
CA GLN K 12 17.31 -23.73 83.94
C GLN K 12 17.22 -23.71 85.46
N SER K 13 16.80 -24.82 86.04
CA SER K 13 16.67 -24.98 87.48
C SER K 13 17.46 -26.20 87.91
N ALA K 14 18.25 -26.04 88.97
CA ALA K 14 19.15 -27.09 89.45
C ALA K 14 18.59 -27.67 90.75
N LEU K 15 17.85 -28.75 90.64
CA LEU K 15 17.32 -29.41 91.83
C LEU K 15 18.45 -30.11 92.58
N PRO K 16 18.63 -29.82 93.86
CA PRO K 16 19.72 -30.47 94.62
C PRO K 16 19.46 -31.96 94.79
N TYR K 17 20.57 -32.69 94.98
CA TYR K 17 20.46 -34.13 95.19
C TYR K 17 19.79 -34.48 96.50
N ARG K 18 19.92 -33.61 97.50
CA ARG K 18 19.27 -33.83 98.80
C ARG K 18 17.77 -33.72 98.64
N ARG K 19 17.09 -34.86 98.72
CA ARG K 19 15.63 -34.89 98.68
C ARG K 19 15.01 -34.69 100.06
N SER K 20 15.83 -34.57 101.10
CA SER K 20 15.34 -34.45 102.46
C SER K 20 14.95 -33.01 102.78
N VAL K 21 13.78 -32.85 103.38
CA VAL K 21 13.33 -31.52 103.82
C VAL K 21 14.25 -31.02 104.92
N PRO K 22 14.70 -29.77 104.86
CA PRO K 22 15.62 -29.27 105.88
C PRO K 22 14.98 -29.24 107.26
N THR K 23 15.83 -29.34 108.29
CA THR K 23 15.33 -29.39 109.66
C THR K 23 14.77 -28.06 110.12
N TRP K 24 15.24 -26.94 109.54
CA TRP K 24 14.76 -25.63 109.96
C TRP K 24 13.35 -25.34 109.45
N LEU K 25 12.80 -26.16 108.57
CA LEU K 25 11.43 -26.02 108.13
C LEU K 25 10.54 -26.87 109.02
N LYS K 26 9.61 -26.22 109.72
CA LYS K 26 8.73 -26.91 110.67
C LYS K 26 7.31 -27.08 110.14
N LEU K 27 7.05 -26.72 108.89
CA LEU K 27 5.74 -26.93 108.32
C LEU K 27 5.51 -28.40 107.99
N THR K 28 4.24 -28.79 107.94
CA THR K 28 3.87 -30.18 107.66
C THR K 28 3.14 -30.26 106.33
N SER K 29 2.97 -31.50 105.87
CA SER K 29 2.35 -31.75 104.57
C SER K 29 0.92 -31.22 104.53
N ASP K 30 0.16 -31.45 105.60
CA ASP K 30 -1.21 -30.95 105.65
C ASP K 30 -1.25 -29.43 105.72
N ASP K 31 -0.28 -28.81 106.38
CA ASP K 31 -0.20 -27.35 106.40
C ASP K 31 0.05 -26.80 105.00
N VAL K 32 0.97 -27.43 104.27
CA VAL K 32 1.21 -27.02 102.88
C VAL K 32 -0.05 -27.25 102.05
N LYS K 33 -0.75 -28.35 102.29
CA LYS K 33 -1.96 -28.65 101.52
C LYS K 33 -3.02 -27.58 101.73
N GLU K 34 -3.27 -27.20 102.99
CA GLU K 34 -4.29 -26.19 103.23
C GLU K 34 -3.84 -24.82 102.74
N GLN K 35 -2.52 -24.54 102.78
CA GLN K 35 -2.03 -23.29 102.21
C GLN K 35 -2.27 -23.23 100.70
N ILE K 36 -2.02 -24.34 100.02
CA ILE K 36 -2.27 -24.41 98.58
C ILE K 36 -3.76 -24.26 98.29
N TYR K 37 -4.61 -24.88 99.13
CA TYR K 37 -6.05 -24.69 98.96
C TYR K 37 -6.46 -23.24 99.13
N LYS K 38 -5.88 -22.57 100.13
CA LYS K 38 -6.21 -21.16 100.36
C LYS K 38 -5.79 -20.30 99.17
N LEU K 39 -4.61 -20.55 98.61
CA LEU K 39 -4.20 -19.78 97.44
C LEU K 39 -4.96 -20.19 96.18
N ALA K 40 -5.48 -21.41 96.11
CA ALA K 40 -6.35 -21.77 95.00
C ALA K 40 -7.67 -21.02 95.08
N LYS K 41 -8.24 -20.92 96.29
CA LYS K 41 -9.41 -20.07 96.49
C LYS K 41 -9.09 -18.61 96.19
N LYS K 42 -7.86 -18.19 96.45
CA LYS K 42 -7.41 -16.88 95.98
C LYS K 42 -7.46 -16.80 94.46
N GLY K 43 -7.08 -17.87 93.77
CA GLY K 43 -7.20 -17.91 92.33
C GLY K 43 -5.90 -17.65 91.59
N LEU K 44 -4.83 -18.33 91.99
CA LEU K 44 -3.51 -18.16 91.39
C LEU K 44 -3.16 -19.38 90.56
N THR K 45 -2.25 -19.17 89.61
CA THR K 45 -1.75 -20.28 88.81
C THR K 45 -0.89 -21.20 89.67
N PRO K 46 -0.75 -22.48 89.29
CA PRO K 46 0.13 -23.37 90.05
C PRO K 46 1.56 -22.87 90.14
N SER K 47 2.10 -22.30 89.06
CA SER K 47 3.45 -21.77 89.09
C SER K 47 3.56 -20.58 90.03
N GLN K 48 2.55 -19.69 90.00
CA GLN K 48 2.55 -18.55 90.91
C GLN K 48 2.47 -19.01 92.36
N ILE K 49 1.64 -20.01 92.64
CA ILE K 49 1.53 -20.54 93.99
C ILE K 49 2.87 -21.13 94.42
N GLY K 50 3.52 -21.88 93.53
CA GLY K 50 4.81 -22.47 93.86
C GLY K 50 5.86 -21.43 94.17
N VAL K 51 5.96 -20.39 93.33
CA VAL K 51 6.98 -19.38 93.55
C VAL K 51 6.69 -18.57 94.80
N ILE K 52 5.40 -18.31 95.09
CA ILE K 52 5.06 -17.58 96.30
C ILE K 52 5.40 -18.39 97.54
N LEU K 53 5.09 -19.69 97.53
CA LEU K 53 5.44 -20.54 98.65
C LEU K 53 6.95 -20.64 98.83
N ARG K 54 7.69 -20.74 97.71
CA ARG K 54 9.15 -20.83 97.81
C ARG K 54 9.74 -19.54 98.36
N ASP K 55 9.23 -18.40 97.90
CA ASP K 55 9.80 -17.12 98.29
C ASP K 55 9.44 -16.76 99.73
N SER K 56 8.19 -16.97 100.12
CA SER K 56 7.70 -16.49 101.41
C SER K 56 7.85 -17.54 102.51
N HIS K 57 7.24 -18.70 102.34
CA HIS K 57 7.25 -19.73 103.37
C HIS K 57 8.40 -20.70 103.23
N GLY K 58 9.24 -20.52 102.22
CA GLY K 58 10.51 -21.24 102.12
C GLY K 58 10.41 -22.75 102.02
N VAL K 59 9.57 -23.24 101.14
CA VAL K 59 9.49 -24.67 100.85
C VAL K 59 10.33 -24.96 99.62
N ALA K 60 11.19 -25.97 99.72
CA ALA K 60 12.05 -26.35 98.60
C ALA K 60 11.21 -26.82 97.43
N GLN K 61 10.51 -27.93 97.60
CA GLN K 61 9.63 -28.48 96.58
C GLN K 61 8.40 -29.06 97.25
N VAL K 62 7.24 -28.84 96.63
CA VAL K 62 6.00 -29.40 97.16
C VAL K 62 6.05 -30.92 97.10
N ARG K 63 6.62 -31.46 96.01
CA ARG K 63 6.82 -32.90 95.92
C ARG K 63 7.76 -33.41 97.02
N PHE K 64 8.76 -32.61 97.38
CA PHE K 64 9.65 -33.02 98.47
C PHE K 64 8.92 -33.04 99.81
N VAL K 65 8.18 -31.98 100.13
CA VAL K 65 7.60 -31.89 101.47
C VAL K 65 6.36 -32.75 101.60
N THR K 66 5.69 -33.07 100.50
CA THR K 66 4.44 -33.82 100.55
C THR K 66 4.52 -35.19 99.89
N GLY K 67 4.99 -35.25 98.65
CA GLY K 67 4.93 -36.46 97.87
C GLY K 67 4.05 -36.40 96.65
N ASN K 68 3.52 -35.22 96.32
CA ASN K 68 2.69 -35.06 95.14
C ASN K 68 2.91 -33.67 94.56
N LYS K 69 2.64 -33.54 93.27
CA LYS K 69 2.82 -32.26 92.59
C LYS K 69 1.65 -31.33 92.89
N ILE K 70 1.85 -30.05 92.59
CA ILE K 70 0.83 -29.04 92.85
C ILE K 70 -0.42 -29.32 92.03
N LEU K 71 -0.24 -29.66 90.75
CA LEU K 71 -1.39 -29.94 89.88
C LEU K 71 -2.17 -31.14 90.37
N ARG K 72 -1.49 -32.23 90.73
CA ARG K 72 -2.17 -33.42 91.21
C ARG K 72 -2.87 -33.16 92.54
N ILE K 73 -2.23 -32.42 93.43
CA ILE K 73 -2.86 -32.08 94.71
C ILE K 73 -4.11 -31.24 94.48
N LEU K 74 -4.04 -30.27 93.57
CA LEU K 74 -5.20 -29.41 93.29
C LEU K 74 -6.34 -30.22 92.69
N LYS K 75 -6.05 -31.06 91.69
CA LYS K 75 -7.11 -31.82 91.06
C LYS K 75 -7.65 -32.91 91.98
N SER K 76 -6.88 -33.33 92.97
CA SER K 76 -7.39 -34.29 93.94
C SER K 76 -8.60 -33.74 94.68
N LYS K 77 -8.53 -32.48 95.11
CA LYS K 77 -9.72 -31.82 95.60
C LYS K 77 -10.70 -31.56 94.46
N GLY K 78 -10.19 -31.23 93.28
CA GLY K 78 -11.03 -30.99 92.13
C GLY K 78 -11.32 -29.54 91.83
N LEU K 79 -10.70 -28.61 92.56
CA LEU K 79 -10.89 -27.18 92.34
C LEU K 79 -9.87 -26.59 91.38
N ALA K 80 -9.00 -27.41 90.82
CA ALA K 80 -8.03 -26.92 89.84
C ALA K 80 -8.76 -26.46 88.58
N PRO K 81 -8.25 -25.43 87.89
CA PRO K 81 -8.88 -25.00 86.65
C PRO K 81 -8.86 -26.09 85.60
N ASP K 82 -9.94 -26.17 84.82
CA ASP K 82 -10.04 -27.20 83.80
C ASP K 82 -9.03 -26.98 82.68
N LEU K 83 -8.81 -25.72 82.30
CA LEU K 83 -7.80 -25.44 81.29
C LEU K 83 -6.40 -25.60 81.89
N PRO K 84 -5.46 -26.16 81.14
CA PRO K 84 -4.07 -26.21 81.61
C PRO K 84 -3.50 -24.81 81.75
N GLU K 85 -2.58 -24.67 82.71
CA GLU K 85 -2.02 -23.36 83.03
C GLU K 85 -1.24 -22.79 81.86
N ASP K 86 -0.30 -23.56 81.32
CA ASP K 86 0.52 -23.06 80.22
C ASP K 86 -0.30 -22.86 78.96
N LEU K 87 -1.24 -23.77 78.69
CA LEU K 87 -2.08 -23.63 77.50
C LEU K 87 -2.96 -22.40 77.60
N TYR K 88 -3.53 -22.14 78.78
CA TYR K 88 -4.32 -20.94 78.98
C TYR K 88 -3.48 -19.69 78.80
N HIS K 89 -2.25 -19.70 79.31
CA HIS K 89 -1.38 -18.55 79.12
C HIS K 89 -1.06 -18.36 77.64
N LEU K 90 -0.86 -19.45 76.91
CA LEU K 90 -0.59 -19.35 75.49
C LEU K 90 -1.77 -18.75 74.74
N ILE K 91 -2.99 -19.19 75.07
CA ILE K 91 -4.18 -18.64 74.41
C ILE K 91 -4.37 -17.18 74.79
N LYS K 92 -4.07 -16.82 76.04
CA LYS K 92 -4.17 -15.42 76.47
C LYS K 92 -3.19 -14.56 75.71
N LYS K 93 -1.97 -15.05 75.49
CA LYS K 93 -1.01 -14.33 74.67
C LYS K 93 -1.50 -14.20 73.24
N ALA K 94 -2.06 -15.28 72.69
CA ALA K 94 -2.52 -15.27 71.31
C ALA K 94 -3.67 -14.29 71.11
N VAL K 95 -4.60 -14.23 72.06
CA VAL K 95 -5.73 -13.32 71.94
C VAL K 95 -5.24 -11.87 71.95
N ALA K 96 -4.29 -11.56 72.83
CA ALA K 96 -3.74 -10.22 72.87
C ALA K 96 -3.03 -9.88 71.57
N VAL K 97 -2.28 -10.83 71.01
CA VAL K 97 -1.60 -10.58 69.74
C VAL K 97 -2.62 -10.34 68.63
N ARG K 98 -3.68 -11.13 68.60
CA ARG K 98 -4.73 -10.96 67.59
C ARG K 98 -5.40 -9.60 67.73
N LYS K 99 -5.67 -9.19 68.97
CA LYS K 99 -6.34 -7.92 69.20
C LYS K 99 -5.44 -6.75 68.85
N HIS K 100 -4.13 -6.90 69.06
CA HIS K 100 -3.20 -5.86 68.65
C HIS K 100 -3.03 -5.81 67.15
N LEU K 101 -3.17 -6.95 66.47
CA LEU K 101 -2.90 -7.02 65.05
C LEU K 101 -3.86 -6.16 64.24
N GLU K 102 -5.14 -6.14 64.61
CA GLU K 102 -6.14 -5.46 63.80
C GLU K 102 -5.89 -3.96 63.76
N ARG K 103 -5.26 -3.40 64.80
CA ARG K 103 -4.93 -1.99 64.79
C ARG K 103 -3.67 -1.69 63.99
N ASN K 104 -2.88 -2.71 63.65
CA ASN K 104 -1.64 -2.54 62.89
C ASN K 104 -1.65 -3.54 61.74
N ARG K 105 -2.26 -3.14 60.62
CA ARG K 105 -2.36 -4.04 59.48
C ARG K 105 -0.99 -4.30 58.85
N LYS K 106 -0.08 -3.34 58.97
CA LYS K 106 1.22 -3.47 58.33
C LYS K 106 2.26 -4.16 59.20
N ASP K 107 1.85 -4.77 60.31
CA ASP K 107 2.82 -5.34 61.24
C ASP K 107 3.07 -6.80 60.86
N LYS K 108 3.90 -6.97 59.82
CA LYS K 108 4.23 -8.30 59.33
C LYS K 108 4.91 -9.13 60.42
N ASP K 109 5.75 -8.47 61.23
CA ASP K 109 6.43 -9.17 62.31
C ASP K 109 5.44 -9.70 63.33
N ALA K 110 4.44 -8.89 63.69
CA ALA K 110 3.42 -9.35 64.62
C ALA K 110 2.63 -10.51 64.02
N LYS K 111 2.33 -10.45 62.72
CA LYS K 111 1.65 -11.56 62.09
C LYS K 111 2.49 -12.83 62.15
N PHE K 112 3.80 -12.70 61.91
CA PHE K 112 4.71 -13.84 61.95
C PHE K 112 4.76 -14.45 63.36
N ARG K 113 4.85 -13.60 64.38
CA ARG K 113 4.86 -14.10 65.75
C ARG K 113 3.53 -14.76 66.10
N LEU K 114 2.43 -14.21 65.58
CA LEU K 114 1.12 -14.85 65.80
C LEU K 114 1.08 -16.24 65.22
N ILE K 115 1.65 -16.41 64.02
CA ILE K 115 1.70 -17.74 63.41
C ILE K 115 2.54 -18.68 64.25
N LEU K 116 3.67 -18.19 64.78
CA LEU K 116 4.49 -19.02 65.66
C LEU K 116 3.71 -19.45 66.89
N ILE K 117 3.02 -18.51 67.52
CA ILE K 117 2.25 -18.81 68.73
C ILE K 117 1.15 -19.81 68.44
N GLU K 118 0.44 -19.62 67.33
CA GLU K 118 -0.64 -20.54 66.97
C GLU K 118 -0.10 -21.94 66.68
N SER K 119 1.07 -22.03 66.06
CA SER K 119 1.68 -23.35 65.85
C SER K 119 1.99 -24.03 67.18
N ARG K 120 2.57 -23.28 68.13
CA ARG K 120 2.86 -23.86 69.43
C ARG K 120 1.58 -24.31 70.12
N ILE K 121 0.53 -23.50 70.05
CA ILE K 121 -0.74 -23.83 70.69
C ILE K 121 -1.33 -25.08 70.08
N HIS K 122 -1.28 -25.20 68.75
CA HIS K 122 -1.83 -26.38 68.10
C HIS K 122 -1.06 -27.64 68.49
N ARG K 123 0.27 -27.53 68.56
CA ARG K 123 1.06 -28.70 68.94
C ARG K 123 0.77 -29.12 70.38
N LEU K 124 0.70 -28.15 71.29
CA LEU K 124 0.39 -28.47 72.68
C LEU K 124 -1.02 -29.04 72.82
N ALA K 125 -1.97 -28.53 72.03
CA ALA K 125 -3.33 -29.04 72.08
C ALA K 125 -3.40 -30.47 71.58
N ARG K 126 -2.63 -30.79 70.53
CA ARG K 126 -2.55 -32.18 70.09
C ARG K 126 -1.96 -33.07 71.18
N TYR K 127 -0.94 -32.57 71.87
CA TYR K 127 -0.35 -33.33 72.97
C TYR K 127 -1.38 -33.61 74.07
N TYR K 128 -2.17 -32.59 74.42
CA TYR K 128 -3.20 -32.79 75.44
C TYR K 128 -4.33 -33.69 74.96
N LYS K 129 -4.67 -33.65 73.67
CA LYS K 129 -5.60 -34.63 73.13
C LYS K 129 -5.07 -36.05 73.30
N THR K 130 -3.76 -36.22 73.06
CA THR K 130 -3.16 -37.54 73.27
C THR K 130 -3.22 -37.95 74.73
N LYS K 131 -2.99 -37.01 75.64
CA LYS K 131 -3.02 -37.31 77.06
C LYS K 131 -4.42 -37.24 77.67
N ARG K 132 -5.46 -37.09 76.84
CA ARG K 132 -6.86 -37.08 77.27
C ARG K 132 -7.20 -35.91 78.19
N VAL K 133 -6.32 -34.92 78.26
CA VAL K 133 -6.63 -33.73 79.06
C VAL K 133 -7.74 -32.93 78.40
N LEU K 134 -7.70 -32.83 77.09
CA LEU K 134 -8.71 -32.12 76.32
C LEU K 134 -9.71 -33.09 75.73
N PRO K 135 -10.94 -32.63 75.47
CA PRO K 135 -11.91 -33.49 74.80
C PRO K 135 -11.44 -33.83 73.40
N PRO K 136 -11.79 -35.02 72.90
CA PRO K 136 -11.34 -35.42 71.56
C PRO K 136 -11.86 -34.52 70.46
N ASN K 137 -12.96 -33.82 70.67
CA ASN K 137 -13.52 -32.91 69.68
C ASN K 137 -13.14 -31.46 69.93
N TRP K 138 -12.28 -31.20 70.92
CA TRP K 138 -11.89 -29.83 71.24
C TRP K 138 -11.10 -29.22 70.09
N LYS K 139 -11.24 -27.91 69.92
CA LYS K 139 -10.54 -27.20 68.87
C LYS K 139 -10.19 -25.79 69.35
N TYR K 140 -9.11 -25.26 68.81
CA TYR K 140 -8.72 -23.87 69.04
C TYR K 140 -9.08 -23.05 67.82
N GLU K 141 -9.88 -22.01 68.02
CA GLU K 141 -10.40 -21.19 66.93
C GLU K 141 -10.07 -19.74 67.20
N SER K 142 -9.62 -19.03 66.17
CA SER K 142 -9.40 -17.59 66.30
C SER K 142 -10.71 -16.85 66.51
N SER K 143 -11.81 -17.39 65.96
CA SER K 143 -13.11 -16.76 66.13
C SER K 143 -13.57 -16.82 67.59
N THR K 144 -13.44 -17.98 68.22
CA THR K 144 -13.87 -18.19 69.60
C THR K 144 -12.72 -18.16 70.59
N ALA K 145 -11.58 -17.58 70.20
CA ALA K 145 -10.45 -17.50 71.11
C ALA K 145 -10.77 -16.62 72.32
N SER K 146 -11.39 -15.45 72.07
CA SER K 146 -11.73 -14.56 73.17
C SER K 146 -12.79 -15.17 74.08
N ALA K 147 -13.77 -15.86 73.49
CA ALA K 147 -14.78 -16.54 74.30
C ALA K 147 -14.16 -17.64 75.14
N LEU K 148 -13.24 -18.40 74.56
CA LEU K 148 -12.64 -19.52 75.27
C LEU K 148 -11.73 -19.03 76.40
N VAL K 149 -10.97 -17.96 76.17
CA VAL K 149 -10.08 -17.45 77.19
C VAL K 149 -10.92 -16.68 78.23
N ALA K 150 -10.44 -16.69 79.47
CA ALA K 150 -11.06 -15.96 80.57
C ALA K 150 -12.52 -16.35 80.79
N ILE L 4 34.67 64.14 52.35
CA ILE L 4 33.74 63.04 52.20
C ILE L 4 34.38 61.72 52.60
N SER L 5 35.60 61.46 52.10
CA SER L 5 36.46 60.34 52.42
C SER L 5 35.88 59.00 51.97
N LEU L 6 34.68 58.96 51.40
CA LEU L 6 34.03 57.73 50.92
C LEU L 6 33.97 56.67 52.01
N GLY L 7 33.82 57.10 53.27
CA GLY L 7 33.83 56.17 54.37
C GLY L 7 33.60 56.84 55.71
N PRO L 8 33.89 56.11 56.80
CA PRO L 8 33.69 56.65 58.14
C PRO L 8 34.95 57.29 58.69
N GLN L 9 34.79 57.92 59.85
CA GLN L 9 35.91 58.48 60.59
C GLN L 9 36.30 57.52 61.71
N VAL L 10 37.58 57.14 61.73
CA VAL L 10 38.09 56.15 62.67
C VAL L 10 39.32 56.72 63.37
N ALA L 11 39.62 56.14 64.53
CA ALA L 11 40.78 56.55 65.31
C ALA L 11 41.99 55.70 64.94
N GLU L 12 43.13 56.03 65.53
CA GLU L 12 44.36 55.30 65.24
C GLU L 12 44.37 53.91 65.90
N GLY L 13 43.90 53.82 67.14
CA GLY L 13 43.99 52.61 67.91
C GLY L 13 42.93 51.56 67.65
N GLU L 14 41.92 51.87 66.85
CA GLU L 14 40.86 50.91 66.54
C GLU L 14 40.74 50.76 65.03
N ASN L 15 40.50 49.52 64.59
CA ASN L 15 40.49 49.17 63.19
C ASN L 15 39.10 48.75 62.76
N VAL L 16 38.68 49.21 61.59
CA VAL L 16 37.35 48.86 61.07
C VAL L 16 37.41 47.50 60.39
N PHE L 17 36.37 46.70 60.60
CA PHE L 17 36.33 45.30 60.19
C PHE L 17 35.37 45.09 59.03
N GLY L 18 35.77 44.23 58.11
CA GLY L 18 34.86 43.69 57.12
C GLY L 18 34.84 42.18 57.23
N VAL L 19 33.91 41.55 56.51
CA VAL L 19 33.75 40.10 56.54
C VAL L 19 33.87 39.56 55.13
N CYS L 20 34.86 38.72 54.88
CA CYS L 20 35.12 38.19 53.55
C CYS L 20 34.62 36.75 53.51
N HIS L 21 33.56 36.53 52.73
CA HIS L 21 33.02 35.20 52.49
C HIS L 21 33.74 34.63 51.27
N ILE L 22 34.79 33.85 51.50
CA ILE L 22 35.57 33.28 50.41
C ILE L 22 35.05 31.89 50.10
N PHE L 23 34.66 31.70 48.85
CA PHE L 23 34.07 30.46 48.35
C PHE L 23 35.12 29.79 47.48
N ALA L 24 35.82 28.82 48.06
CA ALA L 24 36.87 28.09 47.36
C ALA L 24 36.32 26.76 46.90
N SER L 25 36.12 26.62 45.61
CA SER L 25 35.65 25.37 45.02
C SER L 25 36.46 25.12 43.76
N PHE L 26 36.06 24.11 43.00
CA PHE L 26 36.67 23.86 41.71
C PHE L 26 36.01 24.71 40.64
N ASN L 27 36.76 24.94 39.56
CA ASN L 27 36.37 25.70 38.37
C ASN L 27 36.19 27.19 38.63
N ASP L 28 36.28 27.65 39.87
CA ASP L 28 36.20 29.08 40.19
C ASP L 28 36.56 29.29 41.64
N THR L 29 36.85 30.55 41.98
CA THR L 29 37.16 30.97 43.34
C THR L 29 36.55 32.34 43.58
N PHE L 30 35.89 32.49 44.72
CA PHE L 30 35.25 33.75 45.11
C PHE L 30 35.95 34.32 46.33
N VAL L 31 36.31 35.59 46.25
CA VAL L 31 36.97 36.26 47.38
C VAL L 31 36.10 37.43 47.80
N HIS L 32 34.78 37.26 47.62
CA HIS L 32 33.80 38.30 47.89
C HIS L 32 33.86 38.75 49.35
N VAL L 33 33.75 40.07 49.56
CA VAL L 33 33.84 40.67 50.89
C VAL L 33 32.68 41.63 51.08
N THR L 34 32.03 41.54 52.24
CA THR L 34 30.90 42.39 52.60
C THR L 34 31.14 43.05 53.96
N ASP L 35 30.11 43.72 54.48
CA ASP L 35 30.16 44.33 55.79
C ASP L 35 29.95 43.26 56.87
N LEU L 36 29.79 43.71 58.12
CA LEU L 36 29.58 42.78 59.22
C LEU L 36 28.24 42.06 59.09
N SER L 37 27.19 42.78 58.71
CA SER L 37 25.89 42.14 58.55
C SER L 37 25.83 41.29 57.29
N GLY L 38 26.64 41.60 56.30
CA GLY L 38 26.61 40.90 55.04
C GLY L 38 25.53 41.38 54.09
N LYS L 39 24.70 42.34 54.49
CA LYS L 39 23.67 42.86 53.60
C LYS L 39 24.27 43.77 52.54
N GLU L 40 25.36 44.45 52.86
CA GLU L 40 26.01 45.39 51.94
C GLU L 40 27.40 44.87 51.59
N THR L 41 27.72 44.86 50.31
CA THR L 41 28.94 44.26 49.80
C THR L 41 29.97 45.34 49.53
N ILE L 42 31.23 45.04 49.87
CA ILE L 42 32.32 45.95 49.56
C ILE L 42 32.70 45.84 48.09
N CYS L 43 33.17 44.65 47.69
CA CYS L 43 33.52 44.39 46.31
C CYS L 43 33.50 42.89 46.08
N ARG L 44 33.29 42.50 44.83
CA ARG L 44 33.20 41.10 44.44
C ARG L 44 34.06 40.90 43.19
N VAL L 45 35.13 40.13 43.33
CA VAL L 45 35.98 39.75 42.21
C VAL L 45 36.30 38.27 42.33
N THR L 46 36.34 37.57 41.20
CA THR L 46 36.62 36.15 41.18
C THR L 46 37.91 35.89 40.44
N GLY L 47 38.43 34.68 40.61
CA GLY L 47 39.54 34.24 39.79
C GLY L 47 39.15 34.02 38.34
N GLY L 48 37.85 33.86 38.08
CA GLY L 48 37.41 33.67 36.71
C GLY L 48 37.48 34.93 35.87
N MET L 49 37.42 36.10 36.50
CA MET L 49 37.51 37.36 35.78
C MET L 49 38.91 37.94 35.77
N LYS L 50 39.89 37.25 36.36
CA LYS L 50 41.28 37.68 36.28
C LYS L 50 42.07 36.88 35.25
N VAL L 51 41.41 36.00 34.50
CA VAL L 51 42.08 35.18 33.48
C VAL L 51 41.03 34.77 32.45
N LYS L 52 41.47 34.60 31.20
CA LYS L 52 40.58 34.24 30.11
C LYS L 52 40.89 32.88 29.51
N ALA L 53 41.82 32.12 30.08
CA ALA L 53 42.15 30.81 29.54
C ALA L 53 41.08 29.77 29.82
N ASP L 54 40.15 30.07 30.75
CA ASP L 54 39.07 29.16 31.16
C ASP L 54 39.59 27.85 31.72
N ARG L 55 40.84 27.83 32.17
CA ARG L 55 41.42 26.69 32.86
C ARG L 55 42.00 27.05 34.23
N ASP L 56 42.40 28.30 34.43
CA ASP L 56 42.96 28.76 35.68
C ASP L 56 41.96 29.54 36.51
N GLU L 57 40.66 29.34 36.28
CA GLU L 57 39.66 30.09 37.02
C GLU L 57 39.66 29.71 38.49
N SER L 58 40.05 28.48 38.81
CA SER L 58 40.21 28.05 40.19
C SER L 58 41.68 28.05 40.62
N SER L 59 42.56 28.65 39.85
CA SER L 59 43.98 28.58 40.13
C SER L 59 44.35 29.49 41.31
N PRO L 60 45.33 29.08 42.11
CA PRO L 60 45.81 29.95 43.20
C PRO L 60 46.34 31.28 42.73
N TYR L 61 46.93 31.34 41.53
CA TYR L 61 47.41 32.62 41.00
C TYR L 61 46.24 33.57 40.75
N ALA L 62 45.16 33.07 40.15
CA ALA L 62 43.99 33.91 39.92
C ALA L 62 43.35 34.31 41.24
N ALA L 63 43.34 33.41 42.22
CA ALA L 63 42.85 33.76 43.54
C ALA L 63 43.70 34.87 44.16
N MET L 64 45.02 34.81 43.98
CA MET L 64 45.89 35.85 44.49
C MET L 64 45.62 37.20 43.81
N LEU L 65 45.41 37.16 42.49
CA LEU L 65 45.10 38.41 41.78
C LEU L 65 43.80 39.02 42.28
N ALA L 66 42.76 38.20 42.45
CA ALA L 66 41.51 38.71 42.98
C ALA L 66 41.67 39.21 44.41
N ALA L 67 42.51 38.55 45.21
CA ALA L 67 42.76 39.00 46.57
C ALA L 67 43.44 40.36 46.58
N GLN L 68 44.41 40.57 45.69
CA GLN L 68 45.04 41.88 45.61
C GLN L 68 44.07 42.97 45.15
N ASP L 69 43.19 42.64 44.20
CA ASP L 69 42.17 43.61 43.80
C ASP L 69 41.24 43.96 44.97
N VAL L 70 40.83 42.95 45.74
CA VAL L 70 40.02 43.20 46.93
C VAL L 70 40.78 44.06 47.92
N ALA L 71 42.07 43.79 48.09
CA ALA L 71 42.86 44.57 49.03
C ALA L 71 42.91 46.05 48.63
N GLN L 72 43.16 46.32 47.35
CA GLN L 72 43.18 47.70 46.89
C GLN L 72 41.82 48.37 47.03
N ARG L 73 40.75 47.69 46.63
CA ARG L 73 39.42 48.28 46.73
C ARG L 73 39.03 48.54 48.18
N CYS L 74 39.33 47.60 49.07
CA CYS L 74 38.96 47.77 50.47
C CYS L 74 39.80 48.86 51.14
N LYS L 75 41.08 48.96 50.79
CA LYS L 75 41.90 50.02 51.34
C LYS L 75 41.45 51.38 50.85
N GLU L 76 41.03 51.47 49.58
CA GLU L 76 40.54 52.75 49.08
C GLU L 76 39.12 53.05 49.52
N LEU L 77 38.38 52.05 50.00
CA LEU L 77 37.06 52.30 50.58
C LEU L 77 37.09 52.41 52.10
N GLY L 78 38.25 52.22 52.72
CA GLY L 78 38.39 52.44 54.14
C GLY L 78 38.09 51.23 55.02
N ILE L 79 38.77 50.11 54.77
CA ILE L 79 38.68 48.93 55.60
C ILE L 79 40.09 48.48 55.95
N THR L 80 40.33 48.22 57.24
CA THR L 80 41.66 47.88 57.71
C THR L 80 41.81 46.43 58.15
N ALA L 81 40.76 45.79 58.67
CA ALA L 81 40.87 44.42 59.13
C ALA L 81 39.76 43.59 58.53
N LEU L 82 40.06 42.31 58.29
CA LEU L 82 39.13 41.42 57.63
C LEU L 82 38.94 40.15 58.46
N HIS L 83 37.69 39.73 58.58
CA HIS L 83 37.30 38.44 59.12
C HIS L 83 37.14 37.51 57.93
N ILE L 84 37.37 36.21 58.14
CA ILE L 84 37.44 35.26 57.04
C ILE L 84 36.41 34.16 57.25
N LYS L 85 35.66 33.85 56.20
CA LYS L 85 34.66 32.78 56.23
C LYS L 85 34.84 31.90 55.01
N LEU L 86 35.48 30.75 55.20
CA LEU L 86 35.67 29.78 54.12
C LEU L 86 34.38 29.05 53.79
N ARG L 87 34.24 28.70 52.52
CA ARG L 87 33.09 27.96 52.04
C ARG L 87 33.51 27.05 50.90
N ALA L 88 33.35 25.75 51.06
CA ALA L 88 33.54 24.83 49.95
C ALA L 88 32.22 24.71 49.20
N THR L 89 32.15 23.77 48.26
CA THR L 89 30.92 23.59 47.48
C THR L 89 29.76 23.19 48.38
N GLY L 90 30.01 22.30 49.35
CA GLY L 90 28.98 21.91 50.28
C GLY L 90 27.89 21.07 49.63
N GLY L 91 26.75 21.03 50.31
CA GLY L 91 25.63 20.25 49.84
C GLY L 91 25.96 18.77 49.78
N ASN L 92 25.33 18.08 48.82
CA ASN L 92 25.68 16.70 48.56
C ASN L 92 27.08 16.57 47.96
N ARG L 93 27.61 17.65 47.41
CA ARG L 93 28.92 17.64 46.77
C ARG L 93 30.02 17.73 47.83
N THR L 94 31.25 17.96 47.37
CA THR L 94 32.43 17.84 48.23
C THR L 94 32.44 18.92 49.30
N LYS L 95 33.31 18.71 50.29
CA LYS L 95 33.44 19.60 51.43
C LYS L 95 34.82 20.22 51.55
N THR L 96 35.80 19.75 50.81
CA THR L 96 37.14 20.31 50.85
C THR L 96 37.18 21.59 50.03
N PRO L 97 37.71 22.68 50.58
CA PRO L 97 37.81 23.93 49.80
C PRO L 97 38.77 23.79 48.63
N GLY L 98 38.59 24.69 47.66
CA GLY L 98 39.36 24.65 46.46
C GLY L 98 40.80 25.07 46.68
N PRO L 99 41.62 24.95 45.63
CA PRO L 99 43.04 25.28 45.75
C PRO L 99 43.30 26.74 46.07
N GLY L 100 42.44 27.65 45.62
CA GLY L 100 42.72 29.07 45.73
C GLY L 100 42.56 29.66 47.12
N ALA L 101 41.97 28.91 48.05
CA ALA L 101 41.78 29.43 49.40
C ALA L 101 43.10 29.75 50.06
N GLN L 102 44.06 28.84 49.98
CA GLN L 102 45.37 29.06 50.61
C GLN L 102 46.03 30.31 50.05
N SER L 103 46.07 30.43 48.72
CA SER L 103 46.74 31.56 48.09
C SER L 103 46.06 32.87 48.42
N ALA L 104 44.73 32.92 48.30
CA ALA L 104 44.02 34.18 48.56
C ALA L 104 44.15 34.59 50.01
N LEU L 105 43.99 33.64 50.94
CA LEU L 105 44.04 33.97 52.34
C LEU L 105 45.45 34.38 52.75
N ARG L 106 46.47 33.78 52.16
CA ARG L 106 47.84 34.18 52.45
C ARG L 106 48.15 35.54 51.86
N ALA L 107 47.63 35.82 50.66
CA ALA L 107 47.92 37.09 50.01
C ALA L 107 47.22 38.26 50.67
N LEU L 108 46.04 38.04 51.26
CA LEU L 108 45.34 39.14 51.91
C LEU L 108 46.13 39.70 53.08
N ALA L 109 46.83 38.83 53.82
CA ALA L 109 47.59 39.30 54.98
C ALA L 109 48.77 40.16 54.55
N ARG L 110 49.57 39.68 53.60
CA ARG L 110 50.74 40.42 53.16
C ARG L 110 50.43 41.52 52.16
N SER L 111 49.17 41.66 51.76
CA SER L 111 48.75 42.78 50.94
C SER L 111 48.55 44.06 51.75
N GLY L 112 48.72 44.01 53.06
CA GLY L 112 48.58 45.19 53.90
C GLY L 112 47.19 45.34 54.47
N MET L 113 46.70 44.30 55.14
CA MET L 113 45.38 44.31 55.73
C MET L 113 45.34 43.32 56.88
N LYS L 114 44.92 43.78 58.05
CA LYS L 114 44.95 42.94 59.24
C LYS L 114 43.92 41.82 59.14
N ILE L 115 44.20 40.73 59.85
CA ILE L 115 43.37 39.54 59.83
C ILE L 115 42.81 39.31 61.22
N GLY L 116 41.51 39.08 61.32
CA GLY L 116 40.84 38.82 62.56
C GLY L 116 40.47 37.36 62.71
N ARG L 117 39.28 37.13 63.26
CA ARG L 117 38.80 35.76 63.45
C ARG L 117 38.55 35.10 62.10
N ILE L 118 38.86 33.81 62.02
CA ILE L 118 38.60 33.03 60.82
C ILE L 118 37.71 31.86 61.21
N GLU L 119 36.80 31.49 60.30
CA GLU L 119 35.80 30.49 60.64
C GLU L 119 35.33 29.83 59.35
N ASP L 120 34.67 28.69 59.50
CA ASP L 120 34.20 27.89 58.38
C ASP L 120 32.68 27.96 58.30
N VAL L 121 32.17 28.36 57.12
CA VAL L 121 30.73 28.38 56.89
C VAL L 121 30.40 27.49 55.70
N THR L 122 31.16 26.42 55.53
CA THR L 122 30.87 25.46 54.48
C THR L 122 29.52 24.81 54.76
N PRO L 123 28.60 24.78 53.78
CA PRO L 123 27.30 24.17 54.03
C PRO L 123 27.40 22.67 54.24
N ILE L 124 27.20 22.22 55.47
CA ILE L 124 27.27 20.80 55.79
C ILE L 124 25.85 20.31 56.05
N PRO L 125 25.24 19.60 55.11
CA PRO L 125 23.90 19.05 55.37
C PRO L 125 23.96 17.97 56.44
N SER L 126 22.88 17.86 57.20
CA SER L 126 22.70 16.67 58.02
C SER L 126 22.59 15.44 57.13
N ASP L 127 21.59 15.42 56.25
CA ASP L 127 21.46 14.36 55.25
C ASP L 127 20.78 14.97 54.03
N SER L 128 21.56 15.23 52.99
CA SER L 128 21.06 15.91 51.80
C SER L 128 20.30 14.92 50.92
N THR L 129 20.00 15.34 49.70
CA THR L 129 19.29 14.50 48.75
C THR L 129 20.29 13.56 48.06
N ARG L 130 19.84 12.87 47.02
CA ARG L 130 20.70 11.97 46.29
C ARG L 130 21.74 12.75 45.50
N ARG L 131 23.01 12.37 45.64
CA ARG L 131 24.07 13.07 44.94
C ARG L 131 24.07 12.72 43.47
N LYS L 132 24.33 13.71 42.62
CA LYS L 132 24.35 13.50 41.18
C LYS L 132 25.54 12.63 40.79
N GLY L 133 25.28 11.62 39.98
CA GLY L 133 26.36 10.75 39.51
C GLY L 133 25.97 9.29 39.40
N GLY L 134 24.79 8.93 39.90
CA GLY L 134 24.33 7.56 39.84
C GLY L 134 25.00 6.69 40.88
N ARG L 135 24.52 5.45 40.99
CA ARG L 135 25.09 4.55 41.97
C ARG L 135 26.47 4.06 41.57
N ARG L 136 26.71 3.90 40.27
CA ARG L 136 28.01 3.45 39.79
C ARG L 136 29.03 4.58 39.76
N GLY L 137 28.61 5.81 39.97
CA GLY L 137 29.53 6.92 40.03
C GLY L 137 29.92 7.45 38.67
N ARG L 138 30.89 8.36 38.69
CA ARG L 138 31.39 9.01 37.49
C ARG L 138 32.57 8.19 36.96
N ARG L 139 32.27 7.27 36.05
CA ARG L 139 33.32 6.45 35.46
C ARG L 139 34.23 7.32 34.61
N LEU L 140 35.55 7.12 34.76
CA LEU L 140 36.52 7.94 34.07
C LEU L 140 37.58 7.08 33.39
N MET M 1 53.78 -61.31 66.19
CA MET M 1 54.66 -62.26 66.86
C MET M 1 53.84 -63.25 67.69
N GLN M 2 54.53 -64.23 68.28
CA GLN M 2 53.93 -65.24 69.15
C GLN M 2 52.86 -66.04 68.40
N ASN M 3 53.34 -66.78 67.39
CA ASN M 3 52.46 -67.70 66.68
C ASN M 3 52.10 -68.88 67.57
N ASP M 4 51.37 -69.84 67.00
CA ASP M 4 50.90 -70.97 67.78
C ASP M 4 52.05 -71.83 68.30
N ALA M 5 53.18 -71.84 67.59
CA ALA M 5 54.31 -72.65 68.03
C ALA M 5 55.05 -72.01 69.20
N GLY M 6 54.78 -70.75 69.50
CA GLY M 6 55.30 -70.12 70.69
C GLY M 6 56.48 -69.18 70.46
N GLU M 7 57.12 -69.22 69.31
CA GLU M 7 58.25 -68.34 69.08
C GLU M 7 57.77 -66.94 68.71
N PHE M 8 58.58 -65.95 69.08
CA PHE M 8 58.29 -64.55 68.78
C PHE M 8 58.91 -64.23 67.44
N VAL M 9 58.16 -64.47 66.36
CA VAL M 9 58.67 -64.22 65.01
C VAL M 9 58.35 -62.76 64.70
N ASP M 10 59.26 -61.89 65.13
CA ASP M 10 59.21 -60.47 64.86
C ASP M 10 60.62 -59.92 65.01
N LEU M 11 61.02 -59.08 64.06
CA LEU M 11 62.40 -58.61 64.01
C LEU M 11 62.73 -57.58 65.09
N TYR M 12 61.74 -56.93 65.69
CA TYR M 12 61.99 -56.10 66.87
C TYR M 12 60.65 -55.85 67.56
N VAL M 13 60.72 -55.21 68.73
CA VAL M 13 59.54 -54.78 69.47
C VAL M 13 59.65 -53.28 69.69
N PRO M 14 58.80 -52.47 69.06
CA PRO M 14 58.94 -51.02 69.18
C PRO M 14 58.61 -50.52 70.57
N ARG M 15 59.17 -49.36 70.89
CA ARG M 15 59.00 -48.75 72.21
C ARG M 15 57.57 -48.23 72.38
N LYS M 16 57.18 -48.07 73.63
CA LYS M 16 55.90 -47.48 73.99
C LYS M 16 56.15 -46.25 74.84
N CYS M 17 55.47 -45.16 74.50
CA CYS M 17 55.62 -43.92 75.25
C CYS M 17 55.13 -44.10 76.68
N SER M 18 55.87 -43.55 77.64
CA SER M 18 55.49 -43.67 79.04
C SER M 18 54.23 -42.90 79.37
N ALA M 19 53.92 -41.84 78.62
CA ALA M 19 52.76 -40.99 78.90
C ALA M 19 51.54 -41.40 78.09
N SER M 20 51.64 -41.32 76.76
CA SER M 20 50.48 -41.58 75.91
C SER M 20 50.23 -43.06 75.67
N ASN M 21 51.15 -43.93 76.09
CA ASN M 21 51.04 -45.37 75.86
C ASN M 21 50.87 -45.69 74.38
N ARG M 22 51.57 -44.92 73.53
CA ARG M 22 51.49 -45.07 72.09
C ARG M 22 52.77 -45.68 71.55
N ILE M 23 52.65 -46.41 70.44
CA ILE M 23 53.82 -46.99 69.81
C ILE M 23 54.68 -45.90 69.22
N ILE M 24 55.97 -45.91 69.56
CA ILE M 24 56.89 -44.95 68.99
C ILE M 24 57.20 -45.33 67.55
N GLY M 25 57.00 -44.40 66.63
CA GLY M 25 57.22 -44.68 65.23
C GLY M 25 58.69 -44.90 64.92
N ALA M 26 58.95 -45.71 63.90
CA ALA M 26 60.32 -45.96 63.47
C ALA M 26 60.96 -44.70 62.92
N LYS M 27 60.21 -43.92 62.14
CA LYS M 27 60.70 -42.68 61.58
C LYS M 27 60.32 -41.47 62.43
N ASP M 28 59.74 -41.69 63.61
CA ASP M 28 59.35 -40.59 64.47
C ASP M 28 60.58 -39.96 65.12
N HIS M 29 61.15 -38.96 64.47
CA HIS M 29 62.35 -38.30 64.99
C HIS M 29 62.04 -37.32 66.10
N ALA M 30 60.77 -36.97 66.31
CA ALA M 30 60.43 -36.02 67.36
C ALA M 30 60.53 -36.63 68.74
N SER M 31 60.16 -37.90 68.89
CA SER M 31 60.11 -38.55 70.18
C SER M 31 61.51 -38.66 70.80
N ILE M 32 61.56 -38.70 72.13
CA ILE M 32 62.80 -38.73 72.87
C ILE M 32 62.76 -39.84 73.91
N GLN M 33 63.94 -40.24 74.37
CA GLN M 33 64.08 -41.21 75.45
C GLN M 33 65.16 -40.68 76.37
N MET M 34 64.78 -40.28 77.58
CA MET M 34 65.68 -39.58 78.48
C MET M 34 65.84 -40.31 79.81
N ASN M 35 67.00 -40.13 80.42
CA ASN M 35 67.37 -40.79 81.66
C ASN M 35 67.45 -39.75 82.77
N VAL M 36 67.00 -40.14 83.97
CA VAL M 36 67.08 -39.31 85.16
C VAL M 36 67.92 -40.05 86.18
N ALA M 37 68.93 -39.36 86.71
CA ALA M 37 69.88 -39.96 87.64
C ALA M 37 69.41 -39.71 89.06
N GLU M 38 68.93 -40.76 89.72
CA GLU M 38 68.57 -40.69 91.12
C GLU M 38 69.81 -40.66 91.99
N VAL M 39 69.64 -40.27 93.24
CA VAL M 39 70.75 -40.09 94.16
C VAL M 39 70.57 -40.99 95.37
N ASP M 40 71.65 -41.18 96.10
CA ASP M 40 71.61 -42.03 97.28
C ASP M 40 70.98 -41.29 98.45
N LYS M 41 70.71 -42.04 99.52
CA LYS M 41 69.96 -41.51 100.66
C LYS M 41 70.79 -40.51 101.45
N VAL M 42 72.09 -40.76 101.59
CA VAL M 42 72.87 -40.05 102.60
C VAL M 42 73.45 -38.74 102.07
N THR M 43 74.05 -38.75 100.88
CA THR M 43 74.82 -37.60 100.42
C THR M 43 74.35 -36.99 99.11
N GLY M 44 73.44 -37.65 98.39
CA GLY M 44 72.90 -37.04 97.19
C GLY M 44 73.81 -37.08 95.99
N ARG M 45 74.85 -37.91 96.00
CA ARG M 45 75.67 -38.09 94.81
C ARG M 45 75.02 -39.08 93.84
N PHE M 46 75.62 -39.19 92.66
CA PHE M 46 75.16 -40.18 91.70
C PHE M 46 75.40 -41.58 92.24
N ASN M 47 74.36 -42.41 92.17
CA ASN M 47 74.44 -43.79 92.65
C ASN M 47 74.68 -44.79 91.52
N GLY M 48 75.01 -44.31 90.34
CA GLY M 48 75.33 -45.20 89.23
C GLY M 48 74.20 -45.58 88.29
N GLN M 49 73.06 -45.95 88.85
CA GLN M 49 71.92 -46.37 88.04
C GLN M 49 70.90 -45.25 87.94
N PHE M 50 70.06 -45.34 86.90
CA PHE M 50 69.15 -44.26 86.55
C PHE M 50 67.81 -44.85 86.15
N LYS M 51 66.79 -43.99 86.10
CA LYS M 51 65.47 -44.37 85.63
C LYS M 51 65.20 -43.69 84.30
N THR M 52 64.81 -44.47 83.30
CA THR M 52 64.67 -43.97 81.94
C THR M 52 63.21 -43.98 81.50
N TYR M 53 62.80 -42.90 80.86
CA TYR M 53 61.45 -42.75 80.32
C TYR M 53 61.54 -42.39 78.84
N ALA M 54 60.40 -42.45 78.17
CA ALA M 54 60.33 -42.10 76.76
C ALA M 54 59.06 -41.29 76.52
N ILE M 55 59.17 -40.25 75.72
CA ILE M 55 58.05 -39.37 75.38
C ILE M 55 57.88 -39.38 73.87
N CYS M 56 56.65 -39.63 73.43
CA CYS M 56 56.37 -39.71 72.01
C CYS M 56 56.32 -38.32 71.38
N GLY M 57 56.54 -38.30 70.07
CA GLY M 57 56.64 -37.04 69.36
C GLY M 57 55.36 -36.23 69.41
N ALA M 58 54.21 -36.89 69.38
CA ALA M 58 52.95 -36.17 69.46
C ALA M 58 52.81 -35.43 70.77
N ILE M 59 53.16 -36.09 71.88
CA ILE M 59 53.05 -35.45 73.19
C ILE M 59 54.05 -34.30 73.30
N ARG M 60 55.31 -34.54 72.95
CA ARG M 60 56.30 -33.49 73.08
C ARG M 60 56.26 -32.49 71.93
N ARG M 61 55.30 -32.64 71.02
CA ARG M 61 54.99 -31.61 70.03
C ARG M 61 53.84 -30.74 70.50
N MET M 62 52.78 -31.35 71.04
CA MET M 62 51.68 -30.59 71.59
C MET M 62 52.04 -29.90 72.89
N GLY M 63 53.11 -30.33 73.56
CA GLY M 63 53.58 -29.65 74.75
C GLY M 63 53.19 -30.28 76.07
N GLU M 64 52.64 -31.49 76.06
CA GLU M 64 52.28 -32.17 77.29
C GLU M 64 53.46 -32.94 77.89
N SER M 65 54.62 -32.89 77.25
CA SER M 65 55.76 -33.65 77.73
C SER M 65 56.27 -33.17 79.07
N ASP M 66 56.16 -31.86 79.35
CA ASP M 66 56.62 -31.34 80.62
C ASP M 66 55.80 -31.92 81.77
N ASP M 67 54.47 -31.83 81.67
CA ASP M 67 53.61 -32.41 82.68
C ASP M 67 53.75 -33.93 82.72
N SER M 68 54.02 -34.56 81.57
CA SER M 68 54.20 -36.00 81.55
C SER M 68 55.44 -36.42 82.34
N ILE M 69 56.56 -35.72 82.12
CA ILE M 69 57.78 -36.00 82.85
C ILE M 69 57.58 -35.74 84.33
N LEU M 70 56.90 -34.64 84.66
CA LEU M 70 56.64 -34.33 86.06
C LEU M 70 55.78 -35.41 86.72
N ARG M 71 54.78 -35.91 86.01
CA ARG M 71 53.92 -36.96 86.53
C ARG M 71 54.69 -38.27 86.73
N LEU M 72 55.55 -38.62 85.77
CA LEU M 72 56.36 -39.83 85.92
C LEU M 72 57.32 -39.72 87.10
N ALA M 73 57.94 -38.55 87.26
CA ALA M 73 58.83 -38.35 88.41
C ALA M 73 58.05 -38.39 89.72
N LYS M 74 56.82 -37.86 89.72
CA LYS M 74 55.98 -37.96 90.90
C LYS M 74 55.65 -39.42 91.22
N ALA M 75 55.34 -40.21 90.19
CA ALA M 75 54.98 -41.60 90.41
C ALA M 75 56.18 -42.42 90.88
N ASP M 76 57.37 -42.08 90.39
CA ASP M 76 58.59 -42.77 90.79
C ASP M 76 59.25 -42.13 92.00
N GLY M 77 58.65 -41.10 92.58
CA GLY M 77 59.11 -40.55 93.83
C GLY M 77 60.24 -39.57 93.73
N ILE M 78 60.67 -39.21 92.52
CA ILE M 78 61.73 -38.22 92.37
C ILE M 78 61.27 -36.86 92.92
N VAL M 79 60.06 -36.47 92.58
CA VAL M 79 59.51 -35.21 93.05
C VAL M 79 58.84 -35.42 94.40
N SER M 80 59.08 -34.50 95.33
CA SER M 80 58.43 -34.56 96.63
C SER M 80 56.91 -34.47 96.47
N LYS M 81 56.20 -35.24 97.30
CA LYS M 81 54.76 -35.35 97.17
C LYS M 81 54.03 -34.07 97.53
N ASN M 82 54.69 -33.14 98.21
CA ASN M 82 54.14 -31.81 98.50
C ASN M 82 54.49 -30.79 97.43
N PHE M 83 54.66 -31.23 96.19
CA PHE M 83 55.07 -30.38 95.07
C PHE M 83 54.08 -29.25 94.83
N VAL N 1 18.96 -32.35 69.31
CA VAL N 1 18.68 -33.15 70.48
C VAL N 1 19.51 -34.42 70.44
N ARG N 2 19.52 -35.16 71.55
CA ARG N 2 20.26 -36.40 71.65
C ARG N 2 19.31 -37.58 71.47
N MET N 3 19.67 -38.49 70.57
CA MET N 3 18.85 -39.66 70.30
C MET N 3 19.57 -40.99 70.51
N ASN N 4 20.88 -41.03 70.28
CA ASN N 4 21.65 -42.25 70.46
C ASN N 4 22.70 -41.98 71.53
N VAL N 5 22.31 -42.24 72.78
CA VAL N 5 23.14 -41.89 73.93
C VAL N 5 24.45 -42.66 73.90
N LEU N 6 24.38 -43.96 73.63
CA LEU N 6 25.60 -44.77 73.56
C LEU N 6 26.52 -44.30 72.45
N ALA N 7 25.96 -43.92 71.30
CA ALA N 7 26.77 -43.40 70.21
C ALA N 7 27.48 -42.11 70.63
N ASP N 8 26.76 -41.20 71.27
CA ASP N 8 27.37 -39.95 71.71
C ASP N 8 28.50 -40.22 72.70
N ALA N 9 28.26 -41.10 73.66
CA ALA N 9 29.29 -41.42 74.64
C ALA N 9 30.50 -42.05 73.99
N LEU N 10 30.28 -42.97 73.05
CA LEU N 10 31.39 -43.65 72.39
C LEU N 10 32.21 -42.67 71.56
N LYS N 11 31.53 -41.75 70.85
CA LYS N 11 32.26 -40.75 70.08
C LYS N 11 33.07 -39.84 70.99
N SER N 12 32.49 -39.44 72.13
CA SER N 12 33.20 -38.56 73.05
C SER N 12 34.44 -39.23 73.61
N ILE N 13 34.31 -40.48 74.06
CA ILE N 13 35.49 -41.17 74.58
C ILE N 13 36.48 -41.48 73.46
N ASN N 14 36.02 -41.65 72.23
CA ASN N 14 36.96 -41.83 71.12
C ASN N 14 37.78 -40.57 70.90
N ASN N 15 37.14 -39.41 70.94
CA ASN N 15 37.87 -38.14 70.81
C ASN N 15 38.86 -37.98 71.95
N ALA N 16 38.42 -38.28 73.17
CA ALA N 16 39.30 -38.12 74.33
C ALA N 16 40.50 -39.06 74.25
N GLU N 17 40.29 -40.30 73.81
CA GLU N 17 41.41 -41.23 73.71
C GLU N 17 42.32 -40.86 72.55
N LYS N 18 41.77 -40.27 71.49
CA LYS N 18 42.61 -39.74 70.42
C LYS N 18 43.51 -38.64 70.94
N ARG N 19 42.96 -37.73 71.75
CA ARG N 19 43.77 -36.69 72.35
C ARG N 19 44.67 -37.19 73.47
N GLY N 20 44.43 -38.40 73.97
CA GLY N 20 45.27 -38.95 75.01
C GLY N 20 44.89 -38.59 76.42
N LYS N 21 43.66 -38.15 76.65
CA LYS N 21 43.22 -37.77 77.99
C LYS N 21 43.06 -39.00 78.87
N ARG N 22 43.62 -38.94 80.09
CA ARG N 22 43.51 -40.08 81.00
C ARG N 22 42.07 -40.29 81.44
N GLN N 23 41.42 -39.25 81.92
CA GLN N 23 40.06 -39.34 82.45
C GLN N 23 39.10 -38.76 81.43
N VAL N 24 38.08 -39.54 81.07
CA VAL N 24 37.07 -39.12 80.12
C VAL N 24 35.71 -39.14 80.79
N LEU N 25 34.95 -38.07 80.61
CA LEU N 25 33.63 -37.93 81.21
C LEU N 25 32.56 -37.93 80.14
N ILE N 26 31.49 -38.67 80.39
CA ILE N 26 30.31 -38.68 79.53
C ILE N 26 29.09 -38.33 80.38
N ARG N 27 28.29 -37.38 79.89
CA ARG N 27 27.20 -36.80 80.68
C ARG N 27 26.00 -37.73 80.88
N PRO N 28 25.61 -38.62 79.92
CA PRO N 28 24.49 -39.52 80.24
C PRO N 28 24.96 -40.88 80.72
N CYS N 29 24.06 -41.64 81.34
CA CYS N 29 24.35 -42.99 81.78
C CYS N 29 23.19 -43.90 81.41
N SER N 30 23.53 -45.10 80.94
CA SER N 30 22.52 -46.07 80.59
C SER N 30 23.09 -47.47 80.79
N LYS N 31 22.19 -48.45 80.94
CA LYS N 31 22.61 -49.81 81.19
C LYS N 31 23.42 -50.36 80.02
N VAL N 32 23.06 -49.98 78.80
CA VAL N 32 23.82 -50.45 77.64
C VAL N 32 25.23 -49.88 77.66
N ILE N 33 25.38 -48.62 78.05
CA ILE N 33 26.73 -48.04 78.15
C ILE N 33 27.52 -48.72 79.26
N VAL N 34 26.87 -49.00 80.38
CA VAL N 34 27.55 -49.67 81.49
C VAL N 34 28.05 -51.04 81.06
N ARG N 35 27.20 -51.80 80.37
CA ARG N 35 27.61 -53.12 79.91
C ARG N 35 28.66 -53.04 78.81
N PHE N 36 28.60 -52.00 77.97
CA PHE N 36 29.63 -51.80 76.97
C PHE N 36 30.98 -51.58 77.62
N LEU N 37 31.04 -50.69 78.61
CA LEU N 37 32.28 -50.48 79.35
C LEU N 37 32.70 -51.75 80.08
N THR N 38 31.74 -52.53 80.56
CA THR N 38 32.08 -53.77 81.27
C THR N 38 32.75 -54.76 80.33
N VAL N 39 32.20 -54.94 79.13
CA VAL N 39 32.82 -55.88 78.20
C VAL N 39 34.12 -55.33 77.65
N MET N 40 34.31 -54.01 77.66
CA MET N 40 35.63 -53.49 77.35
C MET N 40 36.62 -53.80 78.46
N MET N 41 36.20 -53.70 79.72
CA MET N 41 37.10 -54.03 80.83
C MET N 41 37.47 -55.51 80.81
N LYS N 42 36.51 -56.39 80.49
CA LYS N 42 36.81 -57.81 80.44
C LYS N 42 37.83 -58.17 79.36
N HIS N 43 38.09 -57.27 78.41
CA HIS N 43 39.16 -57.45 77.45
C HIS N 43 40.35 -56.56 77.76
N GLY N 44 40.22 -55.63 78.70
CA GLY N 44 41.33 -54.85 79.19
C GLY N 44 41.65 -53.59 78.41
N TYR N 45 40.79 -53.16 77.49
CA TYR N 45 41.05 -51.95 76.73
C TYR N 45 41.05 -50.72 77.64
N ILE N 46 40.08 -50.62 78.54
CA ILE N 46 39.95 -49.48 79.43
C ILE N 46 40.19 -49.93 80.86
N GLY N 47 40.51 -48.98 81.70
CA GLY N 47 40.75 -49.23 83.11
C GLY N 47 39.52 -49.05 83.96
N GLU N 48 39.73 -48.64 85.20
CA GLU N 48 38.64 -48.42 86.13
C GLU N 48 37.76 -47.26 85.68
N PHE N 49 36.47 -47.39 85.89
CA PHE N 49 35.53 -46.31 85.63
C PHE N 49 34.53 -46.24 86.78
N GLU N 50 34.20 -45.01 87.16
CA GLU N 50 33.22 -44.74 88.21
C GLU N 50 32.04 -44.01 87.59
N ILE N 51 30.90 -44.06 88.29
CA ILE N 51 29.68 -43.43 87.81
C ILE N 51 29.18 -42.45 88.86
N ILE N 52 29.21 -41.17 88.49
CA ILE N 52 28.50 -40.15 89.25
C ILE N 52 27.01 -40.46 89.19
N ASP N 53 26.44 -40.79 90.35
CA ASP N 53 25.06 -41.26 90.47
C ASP N 53 24.24 -40.18 91.15
N ASP N 54 23.64 -39.30 90.35
CA ASP N 54 22.65 -38.36 90.84
C ASP N 54 21.27 -38.99 90.69
N HIS N 55 20.22 -38.20 90.92
CA HIS N 55 18.87 -38.67 90.67
C HIS N 55 18.45 -38.52 89.21
N ARG N 56 19.23 -37.80 88.42
CA ARG N 56 18.97 -37.66 86.99
C ARG N 56 19.71 -38.77 86.25
N ALA N 57 19.79 -38.66 84.93
CA ALA N 57 20.65 -39.56 84.17
C ALA N 57 22.10 -39.35 84.60
N GLY N 58 22.71 -40.40 85.13
CA GLY N 58 24.02 -40.28 85.73
C GLY N 58 25.11 -39.95 84.71
N LYS N 59 26.30 -39.71 85.23
CA LYS N 59 27.45 -39.44 84.39
C LYS N 59 28.54 -40.45 84.69
N ILE N 60 29.45 -40.68 83.74
CA ILE N 60 30.44 -41.74 83.86
C ILE N 60 31.83 -41.19 83.56
N VAL N 61 32.77 -41.47 84.44
CA VAL N 61 34.17 -41.11 84.26
C VAL N 61 34.99 -42.37 84.13
N VAL N 62 35.79 -42.46 83.07
CA VAL N 62 36.56 -43.65 82.73
C VAL N 62 38.03 -43.29 82.68
N ASN N 63 38.90 -44.17 83.17
CA ASN N 63 40.33 -44.01 83.03
C ASN N 63 40.82 -44.88 81.88
N LEU N 64 41.51 -44.26 80.93
CA LEU N 64 41.94 -44.92 79.71
C LEU N 64 43.39 -45.35 79.82
N THR N 65 43.66 -46.60 79.44
CA THR N 65 45.03 -47.10 79.42
C THR N 65 45.78 -46.72 78.15
N GLY N 66 45.09 -46.15 77.17
CA GLY N 66 45.75 -45.71 75.95
C GLY N 66 45.97 -46.79 74.92
N ARG N 67 45.48 -48.01 75.15
CA ARG N 67 45.64 -49.10 74.19
C ARG N 67 44.47 -49.20 73.23
N LEU N 68 43.69 -48.14 73.10
CA LEU N 68 42.54 -48.13 72.22
C LEU N 68 42.87 -47.38 70.92
N ASN N 69 42.17 -47.72 69.87
CA ASN N 69 42.32 -47.03 68.59
C ASN N 69 41.00 -46.48 68.07
N LYS N 70 39.90 -47.21 68.27
CA LYS N 70 38.59 -46.76 67.82
C LYS N 70 37.54 -47.53 68.59
N CYS N 71 36.46 -46.85 68.95
CA CYS N 71 35.34 -47.44 69.66
C CYS N 71 34.03 -47.04 68.98
N GLY N 72 33.96 -47.27 67.68
CA GLY N 72 32.83 -46.82 66.89
C GLY N 72 31.54 -47.54 67.23
N VAL N 73 30.47 -47.02 66.65
CA VAL N 73 29.11 -47.48 66.93
C VAL N 73 28.40 -47.71 65.60
N ILE N 74 27.42 -48.60 65.61
CA ILE N 74 26.55 -48.83 64.46
C ILE N 74 25.17 -48.33 64.87
N SER N 75 24.86 -47.08 64.51
CA SER N 75 23.65 -46.45 65.00
C SER N 75 22.37 -47.12 64.54
N PRO N 76 22.16 -47.45 63.25
CA PRO N 76 21.00 -48.28 62.92
C PRO N 76 21.23 -49.71 63.38
N ARG N 77 20.53 -50.11 64.44
CA ARG N 77 20.81 -51.39 65.08
C ARG N 77 20.29 -52.54 64.23
N PHE N 78 21.11 -52.98 63.28
CA PHE N 78 20.71 -54.01 62.33
C PHE N 78 20.50 -55.34 63.04
N ASP N 79 19.58 -56.14 62.49
CA ASP N 79 19.33 -57.48 62.99
C ASP N 79 20.36 -58.42 62.37
N VAL N 80 21.39 -58.77 63.14
CA VAL N 80 22.47 -59.60 62.65
C VAL N 80 22.21 -61.04 63.07
N GLN N 81 22.40 -61.97 62.14
CA GLN N 81 22.23 -63.38 62.41
C GLN N 81 23.60 -64.05 62.58
N LEU N 82 23.58 -65.36 62.76
CA LEU N 82 24.83 -66.09 62.95
C LEU N 82 25.60 -66.24 61.65
N LYS N 83 24.89 -66.35 60.52
CA LYS N 83 25.56 -66.64 59.26
C LYS N 83 26.20 -65.42 58.62
N ASP N 84 25.76 -64.21 58.96
CA ASP N 84 26.37 -62.99 58.42
C ASP N 84 27.29 -62.32 59.43
N LEU N 85 27.61 -63.01 60.52
CA LEU N 85 28.51 -62.43 61.52
C LEU N 85 29.89 -62.17 60.93
N GLU N 86 30.40 -63.09 60.11
CA GLU N 86 31.70 -62.86 59.48
C GLU N 86 31.62 -61.78 58.41
N LYS N 87 30.46 -61.64 57.74
CA LYS N 87 30.29 -60.57 56.78
C LYS N 87 30.30 -59.22 57.48
N TRP N 88 29.81 -59.17 58.71
CA TRP N 88 29.98 -57.95 59.50
C TRP N 88 31.40 -57.82 60.04
N GLN N 89 32.05 -58.94 60.34
CA GLN N 89 33.38 -58.90 60.93
C GLN N 89 34.41 -58.36 59.95
N ASN N 90 34.41 -58.86 58.73
CA ASN N 90 35.40 -58.41 57.77
C ASN N 90 35.13 -56.99 57.28
N ASN N 91 33.97 -56.42 57.62
CA ASN N 91 33.69 -55.03 57.31
C ASN N 91 33.86 -54.10 58.50
N LEU N 92 33.89 -54.62 59.71
CA LEU N 92 33.96 -53.73 60.87
C LEU N 92 35.27 -53.85 61.63
N LEU N 93 35.87 -55.04 61.65
CA LEU N 93 37.10 -55.23 62.41
C LEU N 93 38.32 -55.01 61.52
N PRO N 94 39.40 -54.49 62.09
CA PRO N 94 40.65 -54.36 61.33
C PRO N 94 41.20 -55.70 60.87
N SER N 95 41.05 -56.75 61.66
CA SER N 95 41.52 -58.08 61.29
C SER N 95 40.76 -59.10 62.14
N ARG N 96 40.95 -60.37 61.81
CA ARG N 96 40.32 -61.44 62.58
C ARG N 96 41.19 -61.91 63.73
N GLN N 97 42.42 -61.40 63.87
CA GLN N 97 43.25 -61.77 65.00
C GLN N 97 42.76 -61.13 66.30
N PHE N 98 42.23 -59.92 66.23
CA PHE N 98 41.81 -59.19 67.41
C PHE N 98 40.56 -58.39 67.06
N GLY N 99 40.19 -57.47 67.95
CA GLY N 99 39.00 -56.67 67.76
C GLY N 99 37.77 -57.32 68.35
N PHE N 100 36.76 -56.49 68.61
CA PHE N 100 35.54 -56.98 69.22
C PHE N 100 34.34 -56.21 68.66
N ILE N 101 33.36 -56.97 68.19
CA ILE N 101 32.10 -56.42 67.70
C ILE N 101 31.05 -56.65 68.77
N VAL N 102 30.36 -55.58 69.16
CA VAL N 102 29.42 -55.61 70.26
C VAL N 102 28.01 -55.78 69.72
N LEU N 103 27.27 -56.72 70.29
CA LEU N 103 25.87 -56.91 69.94
C LEU N 103 25.08 -57.22 71.21
N THR N 104 23.84 -56.76 71.22
CA THR N 104 22.90 -57.14 72.25
C THR N 104 22.22 -58.45 71.87
N THR N 105 22.12 -59.35 72.84
CA THR N 105 21.51 -60.65 72.64
C THR N 105 20.46 -60.88 73.72
N SER N 106 19.57 -61.82 73.45
CA SER N 106 18.55 -62.16 74.43
C SER N 106 19.15 -62.78 75.69
N ALA N 107 20.34 -63.35 75.59
CA ALA N 107 21.05 -63.86 76.75
C ALA N 107 21.89 -62.78 77.44
N GLY N 108 22.02 -61.60 76.86
CA GLY N 108 22.74 -60.51 77.46
C GLY N 108 23.69 -59.85 76.49
N ILE N 109 24.16 -58.67 76.89
CA ILE N 109 25.09 -57.90 76.08
C ILE N 109 26.46 -58.55 76.14
N MET N 110 27.05 -58.79 74.98
CA MET N 110 28.35 -59.43 74.90
C MET N 110 28.93 -59.18 73.52
N ASP N 111 30.09 -59.77 73.25
CA ASP N 111 30.77 -59.60 71.98
C ASP N 111 30.39 -60.71 71.01
N HIS N 112 30.84 -60.56 69.77
CA HIS N 112 30.55 -61.57 68.74
C HIS N 112 31.23 -62.89 69.07
N GLU N 113 32.40 -62.85 69.70
CA GLU N 113 33.08 -64.09 70.07
C GLU N 113 32.23 -64.91 71.04
N GLU N 114 31.70 -64.27 72.07
CA GLU N 114 30.87 -64.98 73.03
C GLU N 114 29.52 -65.36 72.41
N ALA N 115 29.00 -64.51 71.53
CA ALA N 115 27.74 -64.83 70.86
C ALA N 115 27.87 -66.07 70.01
N ARG N 116 28.98 -66.19 69.26
CA ARG N 116 29.25 -67.42 68.54
C ARG N 116 29.51 -68.58 69.49
N ARG N 117 30.13 -68.29 70.65
CA ARG N 117 30.44 -69.36 71.60
C ARG N 117 29.17 -70.00 72.15
N LYS N 118 28.15 -69.21 72.46
CA LYS N 118 26.90 -69.77 72.94
C LYS N 118 25.84 -69.90 71.85
N HIS N 119 26.21 -69.66 70.58
CA HIS N 119 25.37 -69.95 69.42
C HIS N 119 24.03 -69.19 69.49
N THR N 120 24.15 -67.87 69.44
CA THR N 120 22.97 -67.01 69.40
C THR N 120 23.29 -65.74 68.64
N GLY N 121 22.24 -65.08 68.18
CA GLY N 121 22.34 -63.82 67.49
C GLY N 121 21.78 -62.66 68.30
N GLY N 122 21.57 -61.54 67.61
CA GLY N 122 21.06 -60.35 68.28
C GLY N 122 21.08 -59.16 67.35
N LYS N 123 21.17 -57.98 67.95
CA LYS N 123 21.21 -56.72 67.22
C LYS N 123 22.57 -56.05 67.43
N ILE N 124 23.09 -55.44 66.36
CA ILE N 124 24.39 -54.80 66.45
C ILE N 124 24.31 -53.61 67.39
N LEU N 125 25.41 -53.33 68.08
CA LEU N 125 25.45 -52.22 69.02
C LEU N 125 26.67 -51.33 68.82
N GLY N 126 27.80 -51.90 68.44
CA GLY N 126 29.01 -51.11 68.25
C GLY N 126 30.21 -52.04 68.10
N PHE N 127 31.39 -51.43 68.12
CA PHE N 127 32.62 -52.19 68.02
C PHE N 127 33.74 -51.38 68.65
N PHE N 128 34.84 -52.06 68.97
CA PHE N 128 36.02 -51.38 69.47
C PHE N 128 37.25 -52.23 69.17
N PHE N 129 38.37 -51.54 68.94
CA PHE N 129 39.63 -52.20 68.71
C PHE N 129 40.77 -51.21 68.96
N GLY O 1 23.08 -34.75 56.12
CA GLY O 1 23.52 -36.02 55.58
C GLY O 1 22.38 -36.91 55.17
N LYS O 2 22.68 -38.18 54.89
CA LYS O 2 21.66 -39.14 54.49
C LYS O 2 21.02 -39.77 55.71
N CYS O 3 19.76 -40.20 55.54
CA CYS O 3 19.04 -40.87 56.60
C CYS O 3 19.47 -42.34 56.69
N ARG O 4 19.39 -42.88 57.91
CA ARG O 4 19.81 -44.25 58.18
C ARG O 4 18.78 -45.00 59.03
N GLY O 5 17.50 -44.66 58.89
CA GLY O 5 16.49 -45.29 59.70
C GLY O 5 16.26 -46.74 59.34
N LEU O 6 15.66 -47.48 60.27
CA LEU O 6 15.41 -48.89 60.04
C LEU O 6 14.36 -49.10 58.96
N ARG O 7 13.33 -48.26 58.92
CA ARG O 7 12.25 -48.39 57.96
C ARG O 7 12.29 -47.28 56.92
N THR O 8 13.49 -46.89 56.49
CA THR O 8 13.66 -45.88 55.47
C THR O 8 14.01 -46.48 54.12
N ALA O 9 13.86 -47.80 53.95
CA ALA O 9 14.21 -48.43 52.68
C ALA O 9 13.34 -47.91 51.55
N ARG O 10 12.07 -47.64 51.83
CA ARG O 10 11.19 -47.06 50.81
C ARG O 10 11.75 -45.75 50.30
N LYS O 11 12.09 -44.84 51.22
CA LYS O 11 12.63 -43.55 50.80
C LYS O 11 13.96 -43.69 50.10
N LEU O 12 14.83 -44.58 50.59
CA LEU O 12 16.14 -44.76 49.97
C LEU O 12 15.99 -45.27 48.54
N ARG O 13 15.14 -46.27 48.33
CA ARG O 13 15.01 -46.83 46.99
C ARG O 13 14.29 -45.86 46.06
N SER O 14 13.34 -45.07 46.58
CA SER O 14 12.73 -44.04 45.76
C SER O 14 13.74 -42.98 45.36
N HIS O 15 14.60 -42.57 46.29
CA HIS O 15 15.62 -41.57 45.97
C HIS O 15 16.63 -42.12 44.98
N ARG O 16 16.99 -43.39 45.10
CA ARG O 16 17.92 -43.99 44.13
C ARG O 16 17.31 -44.06 42.75
N ARG O 17 16.06 -44.53 42.65
CA ARG O 17 15.44 -44.59 41.34
C ARG O 17 15.14 -43.21 40.78
N ASP O 18 15.09 -42.17 41.61
CA ASP O 18 14.98 -40.82 41.09
C ASP O 18 16.32 -40.31 40.58
N GLN O 19 17.38 -40.47 41.38
CA GLN O 19 18.69 -40.00 40.97
C GLN O 19 19.26 -40.80 39.80
N LYS O 20 18.75 -42.02 39.57
CA LYS O 20 19.24 -42.80 38.44
C LYS O 20 18.82 -42.22 37.10
N TRP O 21 17.91 -41.25 37.08
CA TRP O 21 17.60 -40.57 35.84
C TRP O 21 18.60 -39.47 35.51
N HIS O 22 19.55 -39.20 36.41
CA HIS O 22 20.44 -38.07 36.24
C HIS O 22 21.77 -38.43 35.60
N ASP O 23 21.96 -39.69 35.22
CA ASP O 23 23.16 -40.07 34.49
C ASP O 23 22.79 -40.40 33.04
N LYS O 24 23.79 -40.24 32.16
CA LYS O 24 23.56 -40.38 30.73
C LYS O 24 23.20 -41.81 30.36
N GLN O 25 23.89 -42.79 30.95
CA GLN O 25 23.74 -44.18 30.52
C GLN O 25 22.34 -44.71 30.81
N TYR O 26 21.88 -44.56 32.06
CA TYR O 26 20.56 -45.06 32.42
C TYR O 26 19.47 -44.32 31.66
N LYS O 27 19.62 -42.99 31.52
CA LYS O 27 18.62 -42.21 30.81
C LYS O 27 18.50 -42.66 29.36
N LYS O 28 19.64 -42.83 28.69
CA LYS O 28 19.62 -43.28 27.30
C LYS O 28 19.05 -44.69 27.19
N ALA O 29 19.44 -45.58 28.10
CA ALA O 29 19.05 -46.98 27.99
C ALA O 29 17.63 -47.24 28.42
N HIS O 30 16.98 -46.33 29.14
CA HIS O 30 15.65 -46.61 29.67
C HIS O 30 14.58 -45.61 29.29
N LEU O 31 14.92 -44.40 28.86
CA LEU O 31 13.87 -43.46 28.46
C LEU O 31 13.19 -43.87 27.17
N GLY O 32 13.91 -44.51 26.26
CA GLY O 32 13.35 -44.95 25.01
C GLY O 32 13.32 -43.90 23.91
N THR O 33 13.44 -42.62 24.25
CA THR O 33 13.49 -41.59 23.23
C THR O 33 14.75 -41.72 22.37
N ALA O 34 15.88 -42.04 23.01
CA ALA O 34 17.10 -42.29 22.26
C ALA O 34 16.95 -43.52 21.37
N LEU O 35 16.27 -44.55 21.87
CA LEU O 35 16.02 -45.74 21.07
C LEU O 35 15.17 -45.43 19.85
N LYS O 36 14.14 -44.58 20.02
CA LYS O 36 13.32 -44.19 18.88
C LYS O 36 14.11 -43.35 17.89
N ALA O 37 14.82 -42.33 18.37
CA ALA O 37 15.53 -41.41 17.51
C ALA O 37 16.80 -42.02 16.90
N ASN O 38 17.23 -43.18 17.38
CA ASN O 38 18.38 -43.84 16.78
C ASN O 38 18.01 -44.29 15.38
N PRO O 39 18.73 -43.87 14.35
CA PRO O 39 18.42 -44.36 12.99
C PRO O 39 18.52 -45.87 12.88
N PHE O 40 19.46 -46.47 13.58
CA PHE O 40 19.54 -47.92 13.62
C PHE O 40 18.38 -48.52 14.40
N GLY O 41 17.88 -47.81 15.40
CA GLY O 41 16.80 -48.34 16.24
C GLY O 41 17.22 -49.54 17.05
N GLY O 42 18.43 -49.52 17.62
CA GLY O 42 18.96 -50.63 18.34
C GLY O 42 19.69 -51.66 17.50
N ALA O 43 19.65 -51.52 16.18
CA ALA O 43 20.35 -52.46 15.30
C ALA O 43 21.85 -52.22 15.36
N SER O 44 22.61 -53.32 15.32
CA SER O 44 24.05 -53.18 15.17
C SER O 44 24.42 -52.78 13.75
N HIS O 45 23.76 -53.38 12.77
CA HIS O 45 24.02 -53.12 11.35
C HIS O 45 22.70 -52.85 10.66
N ALA O 46 22.77 -52.09 9.57
CA ALA O 46 21.58 -51.81 8.79
C ALA O 46 21.97 -51.48 7.35
N LYS O 47 21.11 -51.87 6.42
CA LYS O 47 21.35 -51.57 5.01
C LYS O 47 20.57 -50.34 4.58
N GLY O 48 21.00 -49.80 3.45
CA GLY O 48 20.37 -48.64 2.87
C GLY O 48 20.85 -48.43 1.45
N ILE O 49 20.35 -47.35 0.85
CA ILE O 49 20.65 -47.00 -0.53
C ILE O 49 21.39 -45.68 -0.54
N VAL O 50 22.54 -45.64 -1.23
CA VAL O 50 23.34 -44.43 -1.28
C VAL O 50 22.57 -43.34 -2.03
N LEU O 51 22.37 -42.20 -1.37
CA LEU O 51 21.73 -41.07 -2.01
C LEU O 51 22.73 -40.12 -2.65
N GLU O 52 23.91 -39.93 -2.04
CA GLU O 52 24.88 -39.03 -2.65
C GLU O 52 26.27 -39.36 -2.11
N LYS O 53 27.29 -38.85 -2.80
CA LYS O 53 28.66 -38.94 -2.35
C LYS O 53 29.15 -37.55 -1.98
N VAL O 54 29.65 -37.39 -0.75
CA VAL O 54 30.05 -36.10 -0.24
C VAL O 54 31.45 -36.21 0.38
N GLY O 55 32.08 -35.06 0.53
CA GLY O 55 33.33 -34.95 1.25
C GLY O 55 33.20 -33.98 2.39
N VAL O 56 33.76 -34.33 3.54
CA VAL O 56 33.64 -33.50 4.74
C VAL O 56 35.05 -33.10 5.18
N GLU O 57 35.23 -31.82 5.45
CA GLU O 57 36.51 -31.34 5.94
C GLU O 57 36.80 -31.89 7.33
N ALA O 58 38.08 -32.12 7.60
CA ALA O 58 38.50 -32.58 8.91
C ALA O 58 38.50 -31.40 9.91
N LYS O 59 38.96 -31.65 11.12
CA LYS O 59 38.92 -30.65 12.19
C LYS O 59 40.02 -29.62 11.98
N GLN O 60 40.23 -28.77 12.98
CA GLN O 60 41.29 -27.76 12.91
C GLN O 60 42.69 -28.33 12.82
N PRO O 61 43.15 -29.24 13.72
CA PRO O 61 44.54 -29.67 13.64
C PRO O 61 44.85 -30.52 12.42
N ASN O 62 43.84 -31.02 11.71
CA ASN O 62 44.03 -31.80 10.51
C ASN O 62 43.53 -31.02 9.30
N SER O 63 43.80 -31.58 8.12
CA SER O 63 43.34 -30.98 6.87
C SER O 63 43.16 -32.12 5.87
N ALA O 64 41.93 -32.59 5.73
CA ALA O 64 41.65 -33.69 4.83
C ALA O 64 40.18 -33.64 4.45
N ILE O 65 39.86 -34.34 3.36
CA ILE O 65 38.49 -34.44 2.88
C ILE O 65 38.07 -35.88 3.08
N ARG O 66 37.41 -36.16 4.20
CA ARG O 66 36.92 -37.49 4.50
C ARG O 66 35.77 -37.82 3.55
N LYS O 67 35.81 -39.02 2.98
CA LYS O 67 34.86 -39.43 1.96
C LYS O 67 33.68 -40.11 2.64
N CYS O 68 32.49 -39.55 2.46
CA CYS O 68 31.29 -40.09 3.08
C CYS O 68 30.19 -40.19 2.03
N VAL O 69 29.13 -40.89 2.38
CA VAL O 69 27.99 -41.07 1.51
C VAL O 69 26.71 -40.80 2.30
N ARG O 70 25.81 -40.05 1.68
CA ARG O 70 24.47 -39.86 2.18
C ARG O 70 23.63 -41.05 1.77
N VAL O 71 23.14 -41.80 2.76
CA VAL O 71 22.44 -43.06 2.54
C VAL O 71 21.13 -43.02 3.30
N GLN O 72 20.04 -43.36 2.63
CA GLN O 72 18.74 -43.51 3.27
C GLN O 72 18.52 -44.98 3.58
N LEU O 73 18.24 -45.28 4.85
CA LEU O 73 18.02 -46.65 5.27
C LEU O 73 16.76 -47.21 4.61
N ILE O 74 16.78 -48.50 4.30
CA ILE O 74 15.62 -49.14 3.70
C ILE O 74 14.46 -49.16 4.69
N LYS O 75 14.76 -49.41 5.96
CA LYS O 75 13.74 -49.38 6.99
C LYS O 75 13.68 -48.01 7.64
N ASN O 76 12.47 -47.64 8.05
CA ASN O 76 12.13 -46.43 8.83
C ASN O 76 12.50 -45.13 8.11
N GLY O 77 13.06 -45.21 6.92
CA GLY O 77 13.23 -44.03 6.06
C GLY O 77 14.01 -42.88 6.65
N LYS O 78 15.15 -43.15 7.26
CA LYS O 78 16.01 -42.11 7.81
C LYS O 78 17.28 -41.98 6.99
N LYS O 79 17.72 -40.74 6.77
CA LYS O 79 18.91 -40.46 5.99
C LYS O 79 20.08 -40.18 6.93
N ILE O 80 21.19 -40.88 6.70
CA ILE O 80 22.38 -40.79 7.52
C ILE O 80 23.58 -40.57 6.61
N THR O 81 24.74 -40.37 7.24
CA THR O 81 25.99 -40.18 6.53
C THR O 81 26.98 -41.23 7.02
N ALA O 82 27.62 -41.92 6.07
CA ALA O 82 28.50 -43.03 6.40
C ALA O 82 29.88 -42.79 5.81
N PHE O 83 30.90 -42.98 6.63
CA PHE O 83 32.28 -42.84 6.18
C PHE O 83 32.68 -44.03 5.31
N VAL O 84 33.66 -43.82 4.44
CA VAL O 84 34.27 -44.90 3.69
C VAL O 84 35.69 -45.10 4.23
N PRO O 85 35.95 -46.16 4.99
CA PRO O 85 37.19 -46.28 5.76
C PRO O 85 38.32 -47.03 5.03
N ASN O 86 38.70 -46.54 3.86
CA ASN O 86 39.85 -47.11 3.16
C ASN O 86 40.44 -46.07 2.23
N ASP O 87 41.46 -46.47 1.47
CA ASP O 87 42.22 -45.51 0.66
C ASP O 87 41.41 -45.02 -0.53
N GLY O 88 40.78 -45.94 -1.26
CA GLY O 88 40.11 -45.54 -2.47
C GLY O 88 38.80 -46.26 -2.73
N CYS O 89 38.15 -46.72 -1.66
CA CYS O 89 36.92 -47.48 -1.84
C CYS O 89 35.71 -46.62 -2.17
N LEU O 90 35.83 -45.29 -2.14
CA LEU O 90 34.76 -44.47 -2.69
C LEU O 90 34.59 -44.73 -4.18
N ASN O 91 35.70 -45.01 -4.88
CA ASN O 91 35.63 -45.35 -6.29
C ASN O 91 34.85 -46.64 -6.53
N PHE O 92 34.73 -47.49 -5.51
CA PHE O 92 33.90 -48.68 -5.61
C PHE O 92 32.41 -48.37 -5.45
N ILE O 93 32.06 -47.14 -5.07
CA ILE O 93 30.68 -46.78 -4.74
C ILE O 93 30.10 -45.94 -5.87
N GLU O 94 28.91 -46.32 -6.32
CA GLU O 94 28.11 -45.52 -7.24
C GLU O 94 26.70 -45.41 -6.68
N GLU O 95 25.90 -44.53 -7.27
CA GLU O 95 24.57 -44.24 -6.73
C GLU O 95 23.64 -45.44 -6.84
N ASN O 96 22.69 -45.48 -5.91
CA ASN O 96 21.67 -46.52 -5.84
C ASN O 96 22.31 -47.92 -5.67
N ASP O 97 23.02 -48.08 -4.55
CA ASP O 97 23.66 -49.34 -4.21
C ASP O 97 23.19 -49.80 -2.84
N GLU O 98 23.15 -51.11 -2.65
CA GLU O 98 22.83 -51.70 -1.36
C GLU O 98 24.08 -51.65 -0.49
N VAL O 99 24.07 -50.80 0.54
CA VAL O 99 25.23 -50.62 1.40
C VAL O 99 24.83 -50.95 2.83
N LEU O 100 25.68 -51.70 3.51
CA LEU O 100 25.47 -52.07 4.90
C LEU O 100 26.40 -51.26 5.78
N VAL O 101 25.85 -50.62 6.80
CA VAL O 101 26.60 -49.74 7.69
C VAL O 101 26.39 -50.18 9.13
N ALA O 102 27.37 -49.86 9.97
CA ALA O 102 27.33 -50.25 11.37
C ALA O 102 27.77 -49.08 12.24
N GLY O 103 27.99 -49.34 13.53
CA GLY O 103 28.51 -48.30 14.40
C GLY O 103 29.89 -47.86 13.99
N PHE O 104 30.22 -46.63 14.33
CA PHE O 104 31.49 -46.05 13.92
C PHE O 104 32.54 -46.13 15.01
N GLY O 105 32.19 -46.65 16.18
CA GLY O 105 33.19 -46.97 17.17
C GLY O 105 32.87 -46.65 18.61
N ARG O 106 32.12 -45.59 18.88
CA ARG O 106 31.91 -45.13 20.25
C ARG O 106 30.47 -44.76 20.53
N LYS O 107 29.55 -45.66 20.16
CA LYS O 107 28.14 -45.61 20.60
C LYS O 107 27.46 -44.32 20.15
N GLY O 108 27.34 -44.18 18.83
CA GLY O 108 26.68 -43.03 18.26
C GLY O 108 27.42 -41.74 18.54
N HIS O 109 28.72 -41.76 18.33
CA HIS O 109 29.58 -40.60 18.55
C HIS O 109 30.61 -40.52 17.45
N ALA O 110 30.90 -39.30 17.00
CA ALA O 110 31.92 -39.12 15.97
C ALA O 110 33.29 -39.49 16.50
N VAL O 111 34.16 -39.92 15.58
CA VAL O 111 35.51 -40.37 15.91
C VAL O 111 36.52 -39.45 15.23
N GLY O 112 37.45 -38.93 16.01
CA GLY O 112 38.58 -38.20 15.45
C GLY O 112 38.18 -36.93 14.74
N ASP O 113 38.90 -36.63 13.66
CA ASP O 113 38.76 -35.38 12.95
C ASP O 113 37.48 -35.28 12.15
N ILE O 114 36.72 -36.35 12.03
CA ILE O 114 35.51 -36.36 11.20
C ILE O 114 34.34 -35.79 12.00
N PRO O 115 33.76 -34.67 11.58
CA PRO O 115 32.63 -34.11 12.31
C PRO O 115 31.28 -34.58 11.77
N GLY O 116 30.35 -34.83 12.69
CA GLY O 116 28.99 -35.15 12.32
C GLY O 116 28.82 -36.42 11.53
N VAL O 117 29.62 -37.44 11.83
CA VAL O 117 29.53 -38.75 11.18
C VAL O 117 29.51 -39.81 12.27
N ARG O 118 28.52 -40.70 12.21
CA ARG O 118 28.37 -41.76 13.19
C ARG O 118 28.32 -43.15 12.58
N PHE O 119 28.57 -43.27 11.28
CA PHE O 119 28.47 -44.57 10.62
C PHE O 119 29.57 -44.72 9.59
N LYS O 120 29.90 -45.96 9.28
CA LYS O 120 30.80 -46.29 8.19
C LYS O 120 30.22 -47.47 7.42
N VAL O 121 30.49 -47.49 6.11
CA VAL O 121 29.95 -48.56 5.28
C VAL O 121 30.76 -49.83 5.50
N VAL O 122 30.08 -50.96 5.52
CA VAL O 122 30.73 -52.25 5.75
C VAL O 122 30.73 -53.05 4.45
N LYS O 123 29.55 -53.30 3.91
CA LYS O 123 29.42 -54.04 2.66
C LYS O 123 28.70 -53.17 1.63
N VAL O 124 29.11 -53.32 0.37
CA VAL O 124 28.46 -52.65 -0.75
C VAL O 124 28.14 -53.69 -1.80
N ALA O 125 26.93 -53.61 -2.36
CA ALA O 125 26.46 -54.57 -3.37
C ALA O 125 26.55 -56.00 -2.85
N ASN O 126 26.23 -56.16 -1.56
CA ASN O 126 26.25 -57.45 -0.86
C ASN O 126 27.63 -58.09 -0.85
N VAL O 127 28.69 -57.32 -1.04
CA VAL O 127 30.04 -57.83 -0.95
C VAL O 127 30.85 -56.89 -0.06
N SER O 128 31.84 -57.45 0.63
CA SER O 128 32.56 -56.70 1.65
C SER O 128 33.44 -55.63 1.04
N LEU O 129 33.45 -54.46 1.67
CA LEU O 129 34.36 -53.40 1.26
C LEU O 129 35.80 -53.82 1.41
N LEU O 130 36.13 -54.50 2.51
CA LEU O 130 37.49 -54.98 2.70
C LEU O 130 37.87 -56.04 1.67
N ALA O 131 36.91 -56.91 1.32
CA ALA O 131 37.18 -57.90 0.28
C ALA O 131 37.45 -57.23 -1.05
N LEU O 132 36.68 -56.20 -1.39
CA LEU O 132 36.95 -55.45 -2.62
C LEU O 132 38.30 -54.75 -2.55
N TYR O 133 38.64 -54.20 -1.40
CA TYR O 133 39.91 -53.48 -1.26
C TYR O 133 41.10 -54.42 -1.42
N LYS O 134 41.02 -55.60 -0.85
CA LYS O 134 42.08 -56.59 -0.96
C LYS O 134 41.97 -57.43 -2.22
N GLY O 135 40.94 -57.20 -3.04
CA GLY O 135 40.83 -57.91 -4.29
C GLY O 135 40.42 -59.35 -4.16
N LYS O 136 39.76 -59.72 -3.07
CA LYS O 136 39.29 -61.10 -2.92
C LYS O 136 38.24 -61.44 -3.96
N LYS O 137 37.44 -60.46 -4.37
CA LYS O 137 36.51 -60.61 -5.48
C LYS O 137 36.19 -59.21 -6.01
N GLU O 138 35.45 -59.18 -7.10
CA GLU O 138 35.20 -57.94 -7.84
C GLU O 138 33.74 -57.54 -7.71
N ARG O 139 33.37 -56.49 -8.43
CA ARG O 139 31.99 -56.03 -8.44
C ARG O 139 31.08 -57.09 -9.06
N PRO O 140 29.81 -57.14 -8.66
CA PRO O 140 28.90 -58.13 -9.24
C PRO O 140 28.54 -57.80 -10.68
N ARG O 141 29.43 -58.13 -11.61
CA ARG O 141 29.21 -57.85 -13.02
C ARG O 141 28.26 -58.86 -13.64
N ASN P 1 42.28 -116.75 13.49
CA ASN P 1 41.87 -117.76 14.46
C ASN P 1 42.98 -118.03 15.47
N ASP P 2 44.21 -117.69 15.10
CA ASP P 2 45.34 -117.96 15.96
C ASP P 2 45.26 -117.15 17.26
N THR P 3 44.84 -115.88 17.18
CA THR P 3 44.64 -115.05 18.36
C THR P 3 43.25 -114.39 18.25
N VAL P 4 42.22 -115.14 18.66
CA VAL P 4 40.86 -114.64 18.80
C VAL P 4 40.27 -115.31 20.02
N THR P 5 40.03 -114.56 21.08
CA THR P 5 39.37 -115.08 22.27
C THR P 5 38.12 -114.28 22.56
N ILE P 6 37.07 -114.99 22.96
CA ILE P 6 35.75 -114.41 23.17
C ILE P 6 35.36 -114.65 24.61
N ARG P 7 35.44 -113.60 25.44
CA ARG P 7 35.05 -113.67 26.82
C ARG P 7 33.71 -112.96 27.00
N THR P 8 33.03 -113.28 28.09
CA THR P 8 31.74 -112.65 28.38
C THR P 8 31.69 -112.22 29.83
N ARG P 9 30.78 -111.27 30.10
CA ARG P 9 30.51 -110.82 31.45
C ARG P 9 29.07 -110.32 31.52
N LYS P 10 28.68 -109.90 32.72
CA LYS P 10 27.32 -109.46 33.04
C LYS P 10 26.29 -110.47 32.59
N PHE P 11 26.67 -111.75 32.56
CA PHE P 11 25.77 -112.80 32.13
C PHE P 11 24.66 -112.99 33.15
N MET P 12 23.43 -113.13 32.66
CA MET P 12 22.31 -113.43 33.53
C MET P 12 21.24 -114.10 32.68
N THR P 13 20.72 -115.23 33.16
CA THR P 13 19.67 -115.91 32.43
C THR P 13 18.31 -115.39 32.89
N ASN P 14 17.32 -115.53 32.00
CA ASN P 14 15.95 -115.15 32.35
C ASN P 14 14.98 -116.03 31.57
N ARG P 15 14.26 -116.88 32.30
CA ARG P 15 13.17 -117.63 31.70
C ARG P 15 11.94 -116.77 31.49
N LEU P 16 11.97 -115.51 31.91
CA LEU P 16 10.91 -114.57 31.59
C LEU P 16 10.79 -114.42 30.07
N LEU P 17 11.90 -114.13 29.40
CA LEU P 17 11.95 -114.07 27.95
C LEU P 17 12.45 -115.36 27.33
N GLN P 18 12.69 -116.39 28.15
CA GLN P 18 13.19 -117.69 27.71
C GLN P 18 14.52 -117.55 26.98
N ARG P 19 15.49 -116.92 27.64
CA ARG P 19 16.79 -116.72 27.00
C ARG P 19 17.86 -116.51 28.05
N LYS P 20 19.11 -116.64 27.61
CA LYS P 20 20.28 -116.25 28.38
C LYS P 20 20.95 -115.07 27.69
N GLN P 21 21.17 -114.00 28.43
CA GLN P 21 21.65 -112.75 27.87
C GLN P 21 22.87 -112.27 28.63
N MET P 22 23.82 -111.70 27.88
CA MET P 22 25.12 -111.35 28.43
C MET P 22 25.74 -110.27 27.55
N VAL P 23 26.87 -109.72 28.00
CA VAL P 23 27.67 -108.81 27.17
C VAL P 23 29.02 -109.45 26.94
N ILE P 24 29.36 -109.65 25.67
CA ILE P 24 30.57 -110.37 25.28
C ILE P 24 31.56 -109.37 24.70
N ASP P 25 32.82 -109.52 25.09
CA ASP P 25 33.92 -108.67 24.62
C ASP P 25 34.92 -109.51 23.85
N VAL P 26 34.84 -109.44 22.53
CA VAL P 26 35.77 -110.19 21.69
C VAL P 26 37.13 -109.50 21.69
N LEU P 27 38.17 -110.29 21.45
CA LEU P 27 39.54 -109.78 21.43
C LEU P 27 40.17 -110.09 20.08
N HIS P 28 40.32 -109.08 19.24
CA HIS P 28 41.09 -109.19 17.99
C HIS P 28 42.20 -108.17 18.05
N PRO P 29 43.38 -108.53 18.53
CA PRO P 29 44.43 -107.53 18.78
C PRO P 29 44.94 -106.84 17.53
N GLY P 30 45.36 -107.61 16.54
CA GLY P 30 45.94 -107.03 15.35
C GLY P 30 45.05 -107.13 14.13
N LYS P 31 44.00 -107.93 14.23
CA LYS P 31 43.09 -108.12 13.12
C LYS P 31 41.96 -107.10 13.16
N ALA P 32 41.16 -107.08 12.11
CA ALA P 32 40.05 -106.15 12.03
C ALA P 32 38.92 -106.61 12.96
N THR P 33 37.80 -105.90 12.89
CA THR P 33 36.64 -106.25 13.69
C THR P 33 36.06 -107.57 13.20
N VAL P 34 36.00 -108.55 14.10
CA VAL P 34 35.55 -109.90 13.75
C VAL P 34 34.10 -109.88 13.33
N PRO P 35 33.71 -110.58 12.27
CA PRO P 35 32.32 -110.55 11.82
C PRO P 35 31.35 -111.16 12.83
N LYS P 36 30.13 -110.63 12.83
CA LYS P 36 29.10 -111.11 13.73
C LYS P 36 28.76 -112.57 13.50
N THR P 37 28.91 -113.07 12.28
CA THR P 37 28.68 -114.50 12.03
C THR P 37 29.70 -115.35 12.79
N GLU P 38 30.98 -114.98 12.74
CA GLU P 38 32.00 -115.70 13.48
C GLU P 38 31.78 -115.59 14.98
N ILE P 39 31.42 -114.41 15.47
CA ILE P 39 31.10 -114.25 16.88
C ILE P 39 29.93 -115.16 17.26
N ARG P 40 28.91 -115.20 16.41
CA ARG P 40 27.71 -116.00 16.65
C ARG P 40 28.06 -117.47 16.78
N GLU P 41 28.79 -118.02 15.81
CA GLU P 41 29.11 -119.44 15.86
C GLU P 41 30.04 -119.76 17.02
N LYS P 42 30.96 -118.84 17.35
CA LYS P 42 31.86 -119.12 18.46
C LYS P 42 31.11 -119.14 19.79
N LEU P 43 30.20 -118.19 20.00
CA LEU P 43 29.40 -118.19 21.22
C LEU P 43 28.49 -119.41 21.28
N ALA P 44 27.95 -119.81 20.12
CA ALA P 44 27.11 -121.00 20.06
C ALA P 44 27.90 -122.25 20.44
N LYS P 45 29.14 -122.36 19.97
CA LYS P 45 29.98 -123.49 20.35
C LYS P 45 30.35 -123.42 21.82
N MET P 46 30.55 -122.21 22.35
CA MET P 46 30.84 -122.06 23.78
C MET P 46 29.70 -122.57 24.63
N TYR P 47 28.47 -122.23 24.26
CA TYR P 47 27.30 -122.70 24.99
C TYR P 47 26.75 -124.02 24.48
N LYS P 48 27.46 -124.69 23.57
CA LYS P 48 27.07 -125.99 23.04
C LYS P 48 25.66 -125.93 22.43
N THR P 49 25.47 -124.94 21.56
CA THR P 49 24.17 -124.63 20.99
C THR P 49 24.33 -124.45 19.49
N THR P 50 23.25 -124.73 18.76
CA THR P 50 23.27 -124.56 17.31
C THR P 50 23.49 -123.09 16.96
N PRO P 51 24.30 -122.79 15.94
CA PRO P 51 24.64 -121.40 15.60
C PRO P 51 23.64 -120.74 14.66
N ASP P 52 22.36 -120.82 15.00
CA ASP P 52 21.33 -120.07 14.31
C ASP P 52 20.34 -119.37 15.24
N VAL P 53 20.21 -119.83 16.49
CA VAL P 53 19.30 -119.20 17.44
C VAL P 53 19.97 -118.05 18.18
N ILE P 54 21.24 -117.80 17.93
CA ILE P 54 22.02 -116.80 18.63
C ILE P 54 21.79 -115.44 17.96
N PHE P 55 21.93 -114.38 18.74
CA PHE P 55 21.82 -113.03 18.23
C PHE P 55 22.86 -112.16 18.90
N VAL P 56 23.50 -111.28 18.12
CA VAL P 56 24.56 -110.41 18.61
C VAL P 56 24.33 -109.01 18.06
N PHE P 57 24.58 -108.00 18.88
CA PHE P 57 24.37 -106.64 18.43
C PHE P 57 25.21 -105.69 19.27
N GLY P 58 25.30 -104.45 18.79
CA GLY P 58 25.94 -103.37 19.52
C GLY P 58 27.42 -103.55 19.79
N PHE P 59 28.16 -104.01 18.78
CA PHE P 59 29.59 -104.24 18.93
C PHE P 59 30.35 -102.94 18.64
N ARG P 60 30.82 -102.30 19.69
CA ARG P 60 31.64 -101.10 19.59
C ARG P 60 33.09 -101.51 19.81
N THR P 61 33.96 -101.15 18.86
CA THR P 61 35.37 -101.44 18.98
C THR P 61 36.04 -100.37 19.84
N HIS P 62 36.95 -100.79 20.71
CA HIS P 62 37.69 -99.85 21.53
C HIS P 62 38.68 -99.08 20.66
N PHE P 63 39.20 -98.00 21.24
CA PHE P 63 40.18 -97.18 20.54
C PHE P 63 41.47 -97.94 20.31
N GLY P 64 41.96 -97.91 19.07
CA GLY P 64 43.18 -98.63 18.73
C GLY P 64 43.06 -100.14 18.79
N GLY P 65 41.94 -100.68 18.33
CA GLY P 65 41.78 -102.12 18.25
C GLY P 65 41.71 -102.77 19.62
N GLY P 66 41.95 -104.07 19.61
CA GLY P 66 41.95 -104.85 20.85
C GLY P 66 40.60 -105.46 21.10
N LYS P 67 39.85 -104.87 22.03
CA LYS P 67 38.55 -105.42 22.41
C LYS P 67 37.44 -104.76 21.63
N THR P 68 36.39 -105.53 21.36
CA THR P 68 35.14 -105.02 20.84
C THR P 68 34.01 -105.58 21.68
N THR P 69 33.19 -104.70 22.24
CA THR P 69 32.19 -105.09 23.23
C THR P 69 30.80 -104.98 22.64
N GLY P 70 30.00 -106.03 22.82
CA GLY P 70 28.63 -106.02 22.30
C GLY P 70 27.77 -107.01 23.05
N PHE P 71 26.46 -106.76 23.00
CA PHE P 71 25.51 -107.61 23.71
C PHE P 71 25.17 -108.86 22.90
N GLY P 72 24.89 -109.94 23.63
CA GLY P 72 24.51 -111.20 23.03
C GLY P 72 23.33 -111.86 23.72
N MET P 73 22.45 -112.43 22.90
CA MET P 73 21.27 -113.16 23.35
C MET P 73 21.38 -114.58 22.78
N ILE P 74 21.07 -115.57 23.61
CA ILE P 74 20.88 -116.93 23.13
C ILE P 74 19.54 -117.42 23.65
N TYR P 75 18.81 -118.16 22.82
CA TYR P 75 17.45 -118.56 23.14
C TYR P 75 17.36 -120.07 23.27
N ASP P 76 16.57 -120.53 24.25
CA ASP P 76 16.41 -121.96 24.46
C ASP P 76 15.66 -122.64 23.32
N SER P 77 14.92 -121.89 22.51
CA SER P 77 14.22 -122.47 21.38
C SER P 77 14.06 -121.42 20.30
N LEU P 78 14.19 -121.85 19.04
CA LEU P 78 14.09 -120.91 17.93
C LEU P 78 12.69 -120.32 17.84
N ASP P 79 11.66 -121.13 18.15
CA ASP P 79 10.30 -120.61 18.11
C ASP P 79 10.12 -119.48 19.12
N TYR P 80 10.63 -119.66 20.34
CA TYR P 80 10.56 -118.57 21.31
C TYR P 80 11.41 -117.39 20.87
N ALA P 81 12.51 -117.66 20.17
CA ALA P 81 13.32 -116.56 19.65
C ALA P 81 12.51 -115.71 18.67
N LYS P 82 11.78 -116.35 17.76
CA LYS P 82 10.87 -115.59 16.90
C LYS P 82 9.75 -114.93 17.69
N LYS P 83 9.32 -115.55 18.79
CA LYS P 83 8.21 -115.02 19.57
C LYS P 83 8.59 -113.69 20.22
N ASN P 84 9.72 -113.64 20.92
CA ASN P 84 10.13 -112.40 21.59
C ASN P 84 11.46 -111.92 21.03
N GLU P 85 11.39 -111.07 19.99
CA GLU P 85 12.57 -110.46 19.41
C GLU P 85 12.14 -109.30 18.56
N PRO P 86 12.89 -108.19 18.54
CA PRO P 86 12.62 -107.15 17.54
C PRO P 86 12.75 -107.71 16.14
N LYS P 87 11.83 -107.32 15.26
CA LYS P 87 11.73 -107.93 13.96
C LYS P 87 12.93 -107.64 13.07
N HIS P 88 13.65 -106.56 13.34
CA HIS P 88 14.78 -106.22 12.48
C HIS P 88 15.92 -107.22 12.64
N ARG P 89 16.08 -107.78 13.83
CA ARG P 89 17.12 -108.79 14.03
C ARG P 89 16.76 -110.09 13.32
N LEU P 90 15.47 -110.43 13.28
CA LEU P 90 15.03 -111.56 12.46
C LEU P 90 15.28 -111.28 10.98
N ALA P 91 15.00 -110.06 10.54
CA ALA P 91 15.22 -109.71 9.14
C ALA P 91 16.70 -109.72 8.79
N ARG P 92 17.57 -109.43 9.76
CA ARG P 92 19.00 -109.47 9.52
C ARG P 92 19.47 -110.86 9.12
N HIS P 93 18.93 -111.89 9.75
CA HIS P 93 19.22 -113.26 9.38
C HIS P 93 18.30 -113.76 8.28
N GLY P 94 17.29 -112.98 7.91
CA GLY P 94 16.39 -113.34 6.84
C GLY P 94 15.13 -114.06 7.27
N LEU P 95 14.95 -114.29 8.56
CA LEU P 95 13.74 -114.96 9.03
C LEU P 95 12.52 -114.08 8.86
N TYR P 96 12.69 -112.77 8.76
CA TYR P 96 11.60 -111.83 8.61
C TYR P 96 11.87 -110.93 7.41
N GLU P 97 10.78 -110.47 6.79
CA GLU P 97 10.87 -109.54 5.67
C GLU P 97 10.00 -108.33 5.94
N LYS P 98 10.53 -107.14 5.61
CA LYS P 98 9.81 -105.88 5.72
C LYS P 98 9.63 -105.25 4.35
N LYS P 99 9.24 -106.07 3.36
CA LYS P 99 9.13 -105.59 1.98
C LYS P 99 7.92 -104.68 1.84
N LYS P 100 7.99 -103.50 2.45
CA LYS P 100 6.88 -102.57 2.50
C LYS P 100 7.23 -101.30 1.73
N THR P 101 6.20 -100.55 1.37
CA THR P 101 6.42 -99.24 0.79
C THR P 101 6.93 -98.28 1.85
N SER P 102 7.51 -97.18 1.39
CA SER P 102 8.00 -96.18 2.33
C SER P 102 6.83 -95.50 3.04
N ARG P 103 7.13 -94.95 4.21
CA ARG P 103 6.14 -94.21 4.98
C ARG P 103 5.56 -93.04 4.19
N LYS P 104 6.34 -92.47 3.27
CA LYS P 104 5.84 -91.38 2.45
C LYS P 104 4.65 -91.82 1.62
N GLN P 105 4.78 -92.92 0.88
CA GLN P 105 3.65 -93.43 0.10
C GLN P 105 2.57 -94.02 1.00
N ARG P 106 2.97 -94.55 2.16
CA ARG P 106 2.00 -95.12 3.08
C ARG P 106 1.02 -94.07 3.59
N LYS P 107 1.53 -92.88 3.92
CA LYS P 107 0.67 -91.82 4.42
C LYS P 107 -0.27 -91.32 3.33
N GLU P 108 0.22 -91.22 2.09
CA GLU P 108 -0.66 -90.83 0.99
C GLU P 108 -1.73 -91.89 0.74
N ARG P 109 -1.36 -93.17 0.84
CA ARG P 109 -2.35 -94.23 0.74
C ARG P 109 -3.41 -94.10 1.81
N LYS P 110 -3.00 -93.80 3.05
CA LYS P 110 -3.96 -93.64 4.13
C LYS P 110 -4.87 -92.44 3.90
N ASN P 111 -4.29 -91.32 3.45
CA ASN P 111 -5.08 -90.11 3.27
C ASN P 111 -6.03 -90.22 2.08
N ARG P 112 -5.63 -90.95 1.03
CA ARG P 112 -6.46 -91.03 -0.16
C ARG P 112 -7.75 -91.78 0.12
N MET P 113 -7.75 -92.68 1.09
CA MET P 113 -8.94 -93.45 1.41
C MET P 113 -9.91 -92.71 2.30
N LYS P 114 -9.56 -91.51 2.78
CA LYS P 114 -10.53 -90.73 3.54
C LYS P 114 -11.58 -90.09 2.65
N LYS P 115 -11.22 -89.71 1.42
CA LYS P 115 -12.20 -89.16 0.50
C LYS P 115 -13.27 -90.19 0.14
N VAL P 116 -12.88 -91.44 -0.04
CA VAL P 116 -13.83 -92.51 -0.34
C VAL P 116 -14.42 -93.01 0.98
N ARG P 117 -15.73 -92.90 1.12
CA ARG P 117 -16.40 -93.24 2.37
C ARG P 117 -17.34 -94.42 2.14
N GLY P 118 -17.32 -95.36 3.08
CA GLY P 118 -18.33 -96.41 3.11
C GLY P 118 -18.13 -97.52 2.10
N THR P 119 -18.09 -97.17 0.83
CA THR P 119 -18.02 -98.15 -0.24
C THR P 119 -16.71 -98.93 -0.13
N ALA P 120 -16.82 -100.23 0.16
CA ALA P 120 -15.62 -101.06 0.28
C ALA P 120 -14.93 -101.24 -1.06
N LYS P 121 -15.71 -101.43 -2.13
CA LYS P 121 -15.15 -101.71 -3.45
C LYS P 121 -14.34 -100.54 -3.99
N ALA P 122 -14.67 -99.31 -3.60
CA ALA P 122 -13.89 -98.15 -3.98
C ALA P 122 -12.88 -97.76 -2.91
N ASN P 123 -13.14 -98.08 -1.64
CA ASN P 123 -12.16 -97.86 -0.59
C ASN P 123 -10.90 -98.68 -0.84
N VAL P 124 -11.06 -99.94 -1.25
CA VAL P 124 -9.90 -100.76 -1.57
C VAL P 124 -9.17 -100.28 -2.83
N GLY P 125 -9.88 -99.67 -3.76
CA GLY P 125 -9.29 -99.29 -5.04
C GLY P 125 -8.79 -97.87 -5.15
N ALA P 126 -9.10 -97.01 -4.17
CA ALA P 126 -8.62 -95.63 -4.23
C ALA P 126 -7.10 -95.54 -4.18
N GLY P 127 -6.43 -96.53 -3.61
CA GLY P 127 -4.99 -96.55 -3.54
C GLY P 127 -4.28 -97.36 -4.61
N LYS P 128 -4.98 -97.76 -5.67
CA LYS P 128 -4.35 -98.55 -6.71
C LYS P 128 -3.55 -97.66 -7.66
N LYS P 129 -4.20 -96.62 -8.21
CA LYS P 129 -3.49 -95.67 -9.07
C LYS P 129 -2.35 -94.94 -8.36
N PRO P 130 -2.52 -94.38 -7.13
CA PRO P 130 -1.37 -93.75 -6.47
C PRO P 130 -0.57 -94.76 -5.64
N LYS P 131 -0.07 -95.80 -6.31
CA LYS P 131 0.72 -96.83 -5.66
C LYS P 131 2.11 -96.30 -5.28
N THR Q 1 38.88 -18.23 44.72
CA THR Q 1 39.53 -18.16 46.01
C THR Q 1 39.04 -16.96 46.81
N LYS Q 2 38.77 -17.16 48.09
CA LYS Q 2 38.36 -16.06 48.97
C LYS Q 2 39.58 -15.20 49.24
N LYS Q 3 39.59 -13.99 48.68
CA LYS Q 3 40.73 -13.08 48.88
C LYS Q 3 40.85 -12.68 50.34
N ARG Q 4 39.77 -12.19 50.93
CA ARG Q 4 39.78 -11.69 52.29
C ARG Q 4 38.73 -12.42 53.11
N ARG Q 5 39.12 -12.89 54.29
CA ARG Q 5 38.15 -13.49 55.21
C ARG Q 5 37.13 -12.45 55.65
N ASN Q 6 37.55 -11.21 55.84
CA ASN Q 6 36.63 -10.12 56.11
C ASN Q 6 35.77 -9.78 54.89
N ASN Q 7 36.16 -10.24 53.70
CA ASN Q 7 35.51 -9.97 52.42
C ASN Q 7 35.58 -8.50 52.03
N GLY Q 8 36.44 -7.72 52.67
CA GLY Q 8 36.57 -6.31 52.35
C GLY Q 8 35.59 -5.40 53.05
N ARG Q 9 34.65 -5.94 53.83
CA ARG Q 9 33.68 -5.14 54.56
C ARG Q 9 33.56 -5.65 55.97
N ALA Q 10 33.25 -4.75 56.90
CA ALA Q 10 33.16 -5.12 58.31
C ALA Q 10 31.87 -5.84 58.66
N LYS Q 11 31.07 -6.24 57.67
CA LYS Q 11 29.83 -6.96 57.94
C LYS Q 11 30.12 -8.34 58.50
N LYS Q 12 29.73 -8.57 59.76
CA LYS Q 12 29.88 -9.87 60.39
C LYS Q 12 28.55 -10.54 60.66
N GLY Q 13 27.66 -9.89 61.41
CA GLY Q 13 26.35 -10.44 61.69
C GLY Q 13 25.23 -9.63 61.11
N ARG Q 14 25.59 -8.49 60.52
CA ARG Q 14 24.61 -7.61 59.90
C ARG Q 14 24.06 -8.22 58.62
N GLY Q 15 22.84 -7.82 58.27
CA GLY Q 15 22.26 -8.26 57.04
C GLY Q 15 22.54 -7.32 55.89
N HIS Q 16 22.28 -6.03 56.10
CA HIS Q 16 22.50 -5.03 55.07
C HIS Q 16 22.97 -3.74 55.71
N VAL Q 17 23.91 -3.06 55.05
CA VAL Q 17 24.50 -1.82 55.54
C VAL Q 17 24.12 -0.71 54.57
N GLN Q 18 23.67 0.43 55.11
CA GLN Q 18 23.27 1.54 54.25
C GLN Q 18 24.49 2.09 53.51
N PRO Q 19 24.32 2.54 52.27
CA PRO Q 19 25.45 3.00 51.48
C PRO Q 19 25.72 4.48 51.65
N ILE Q 20 26.96 4.86 51.34
CA ILE Q 20 27.38 6.26 51.30
C ILE Q 20 28.11 6.50 49.99
N ARG Q 21 27.82 7.64 49.36
CA ARG Q 21 28.42 7.97 48.08
C ARG Q 21 29.91 8.25 48.24
N CYS Q 22 30.68 7.87 47.22
CA CYS Q 22 32.11 8.19 47.22
C CYS Q 22 32.29 9.69 47.13
N THR Q 23 33.22 10.21 47.93
CA THR Q 23 33.42 11.65 47.97
C THR Q 23 34.17 12.18 46.76
N ASN Q 24 34.76 11.31 45.94
CA ASN Q 24 35.45 11.74 44.74
C ASN Q 24 34.65 11.46 43.47
N CYS Q 25 34.23 10.22 43.26
CA CYS Q 25 33.51 9.83 42.06
C CYS Q 25 32.02 9.63 42.28
N ALA Q 26 31.54 9.81 43.52
CA ALA Q 26 30.12 9.74 43.85
C ALA Q 26 29.52 8.38 43.50
N ARG Q 27 30.16 7.32 44.00
CA ARG Q 27 29.70 5.97 43.78
C ARG Q 27 29.06 5.41 45.04
N CYS Q 28 27.94 4.72 44.88
CA CYS Q 28 27.31 4.05 46.01
C CYS Q 28 28.20 2.93 46.52
N VAL Q 29 28.70 3.08 47.73
CA VAL Q 29 29.59 2.10 48.35
C VAL Q 29 29.03 1.71 49.70
N PRO Q 30 29.07 0.44 50.09
CA PRO Q 30 28.72 0.08 51.47
C PRO Q 30 29.63 0.78 52.46
N LYS Q 31 29.03 1.21 53.57
CA LYS Q 31 29.75 2.07 54.52
C LYS Q 31 30.92 1.34 55.15
N ASP Q 32 30.76 0.07 55.50
CA ASP Q 32 31.87 -0.68 56.05
C ASP Q 32 32.88 -1.11 54.99
N LYS Q 33 32.55 -0.95 53.71
CA LYS Q 33 33.49 -1.26 52.64
C LYS Q 33 34.35 -0.05 52.29
N ALA Q 34 33.76 1.14 52.28
CA ALA Q 34 34.46 2.34 51.85
C ALA Q 34 35.61 2.67 52.79
N ILE Q 35 36.61 3.35 52.26
CA ILE Q 35 37.76 3.77 53.04
C ILE Q 35 37.51 5.16 53.59
N LYS Q 36 37.70 5.34 54.89
CA LYS Q 36 37.40 6.59 55.57
C LYS Q 36 38.70 7.32 55.88
N LYS Q 37 38.80 8.55 55.40
CA LYS Q 37 39.89 9.45 55.71
C LYS Q 37 39.36 10.56 56.60
N PHE Q 38 39.70 10.53 57.88
CA PHE Q 38 39.30 11.59 58.80
C PHE Q 38 40.50 12.51 58.95
N VAL Q 39 40.59 13.50 58.08
CA VAL Q 39 41.74 14.39 58.01
C VAL Q 39 41.52 15.55 58.98
N ILE Q 40 42.48 15.71 59.88
CA ILE Q 40 42.52 16.83 60.81
C ILE Q 40 43.61 17.74 60.25
N ARG Q 41 43.21 18.68 59.41
CA ARG Q 41 44.18 19.46 58.65
C ARG Q 41 44.13 20.92 59.07
N ASN Q 42 45.31 21.53 59.18
CA ASN Q 42 45.38 22.94 59.52
C ASN Q 42 44.80 23.78 58.40
N ILE Q 43 44.18 24.90 58.78
CA ILE Q 43 43.43 25.70 57.81
C ILE Q 43 44.34 26.44 56.85
N VAL Q 44 45.63 26.57 57.14
CA VAL Q 44 46.58 27.21 56.23
C VAL Q 44 47.81 26.32 56.09
N GLU Q 45 48.58 26.59 55.04
CA GLU Q 45 49.84 25.90 54.83
C GLU Q 45 50.88 26.39 55.83
N ALA Q 46 51.95 25.60 55.96
CA ALA Q 46 53.01 25.91 56.92
C ALA Q 46 53.67 27.23 56.59
N ALA Q 47 53.90 27.51 55.31
CA ALA Q 47 54.42 28.81 54.91
C ALA Q 47 53.43 29.93 55.20
N ALA Q 48 52.12 29.65 55.06
CA ALA Q 48 51.10 30.64 55.31
C ALA Q 48 50.91 30.94 56.80
N VAL Q 49 51.34 30.05 57.69
CA VAL Q 49 51.21 30.29 59.13
C VAL Q 49 51.91 31.58 59.52
N ARG Q 50 53.15 31.75 59.06
CA ARG Q 50 53.92 32.94 59.40
C ARG Q 50 53.26 34.20 58.84
N ASP Q 51 52.81 34.15 57.59
CA ASP Q 51 52.22 35.33 56.96
C ASP Q 51 50.94 35.75 57.68
N ILE Q 52 50.11 34.79 58.07
CA ILE Q 52 48.90 35.15 58.81
C ILE Q 52 49.24 35.62 60.21
N SER Q 53 50.31 35.07 60.81
CA SER Q 53 50.73 35.52 62.13
C SER Q 53 51.19 36.98 62.10
N GLU Q 54 51.79 37.41 60.99
CA GLU Q 54 52.17 38.81 60.88
C GLU Q 54 50.97 39.75 60.98
N ALA Q 55 49.92 39.47 60.21
CA ALA Q 55 48.79 40.38 60.10
C ALA Q 55 47.66 40.06 61.06
N SER Q 56 47.82 39.04 61.92
CA SER Q 56 46.77 38.71 62.87
C SER Q 56 46.61 39.82 63.90
N VAL Q 57 45.35 40.22 64.13
CA VAL Q 57 45.08 41.28 65.08
C VAL Q 57 45.36 40.85 66.52
N PHE Q 58 45.17 39.58 66.85
CA PHE Q 58 45.47 39.06 68.17
C PHE Q 58 46.76 38.28 68.12
N ASP Q 59 47.70 38.64 69.00
CA ASP Q 59 48.96 37.90 69.07
C ASP Q 59 48.74 36.46 69.54
N ALA Q 60 47.90 36.28 70.54
CA ALA Q 60 47.59 34.94 71.03
C ALA Q 60 46.27 34.46 70.42
N TYR Q 61 46.31 34.24 69.11
CA TYR Q 61 45.17 33.75 68.36
C TYR Q 61 45.46 32.32 67.91
N VAL Q 62 44.68 31.37 68.44
CA VAL Q 62 44.83 29.99 68.04
C VAL Q 62 44.34 29.80 66.62
N LEU Q 63 45.07 29.01 65.84
CA LEU Q 63 44.70 28.76 64.46
C LEU Q 63 43.69 27.63 64.37
N PRO Q 64 42.51 27.85 63.81
CA PRO Q 64 41.57 26.75 63.61
C PRO Q 64 42.10 25.73 62.63
N LYS Q 65 41.64 24.49 62.80
CA LYS Q 65 42.01 23.39 61.92
C LYS Q 65 40.77 22.87 61.23
N LEU Q 66 40.97 22.17 60.12
CA LEU Q 66 39.88 21.67 59.30
C LEU Q 66 39.65 20.19 59.57
N TYR Q 67 38.42 19.83 59.87
CA TYR Q 67 38.04 18.47 60.26
C TYR Q 67 37.16 17.92 59.14
N VAL Q 68 37.68 17.01 58.32
CA VAL Q 68 36.94 16.52 57.17
C VAL Q 68 36.92 14.99 57.18
N LYS Q 69 35.73 14.42 57.01
CA LYS Q 69 35.57 12.99 56.80
C LYS Q 69 35.31 12.73 55.31
N LEU Q 70 36.20 11.99 54.68
CA LEU Q 70 36.07 11.60 53.28
C LEU Q 70 35.84 10.10 53.18
N HIS Q 71 34.96 9.72 52.26
CA HIS Q 71 34.69 8.32 51.96
C HIS Q 71 35.12 8.03 50.54
N TYR Q 72 35.93 6.99 50.37
CA TYR Q 72 36.49 6.62 49.09
C TYR Q 72 36.01 5.22 48.72
N CYS Q 73 35.56 5.06 47.48
CA CYS Q 73 35.46 3.73 46.90
C CYS Q 73 36.87 3.19 46.69
N VAL Q 74 36.99 1.87 46.57
CA VAL Q 74 38.32 1.28 46.49
C VAL Q 74 39.02 1.70 45.19
N SER Q 75 38.26 1.87 44.10
CA SER Q 75 38.86 2.31 42.85
C SER Q 75 39.47 3.70 42.99
N CYS Q 76 38.69 4.65 43.52
CA CYS Q 76 39.20 6.00 43.72
C CYS Q 76 40.37 6.01 44.71
N ALA Q 77 40.27 5.21 45.77
CA ALA Q 77 41.33 5.16 46.76
C ALA Q 77 42.64 4.67 46.15
N ILE Q 78 42.57 3.60 45.36
CA ILE Q 78 43.78 3.06 44.74
C ILE Q 78 44.31 4.02 43.69
N HIS Q 79 43.42 4.66 42.93
CA HIS Q 79 43.88 5.63 41.94
C HIS Q 79 44.57 6.82 42.60
N SER Q 80 44.05 7.28 43.73
CA SER Q 80 44.68 8.38 44.45
C SER Q 80 45.83 7.93 45.32
N LYS Q 81 46.09 6.62 45.38
CA LYS Q 81 47.23 6.04 46.11
C LYS Q 81 47.16 6.34 47.61
N VAL Q 82 45.95 6.55 48.12
CA VAL Q 82 45.80 6.65 49.57
C VAL Q 82 45.99 5.28 50.20
N VAL Q 83 45.75 4.21 49.45
CA VAL Q 83 45.98 2.85 49.88
C VAL Q 83 46.82 2.16 48.81
N ARG Q 84 47.52 1.11 49.23
CA ARG Q 84 48.44 0.42 48.36
C ARG Q 84 48.24 -1.09 48.48
N ASN Q 85 48.29 -1.77 47.34
CA ASN Q 85 48.20 -3.22 47.34
C ASN Q 85 49.41 -3.83 48.03
N ARG Q 86 49.17 -4.87 48.80
CA ARG Q 86 50.19 -5.55 49.58
C ARG Q 86 50.27 -7.01 49.14
N SER Q 87 51.24 -7.72 49.70
CA SER Q 87 51.38 -9.14 49.39
C SER Q 87 50.28 -9.94 50.10
N ARG Q 88 50.24 -11.23 49.78
CA ARG Q 88 49.24 -12.11 50.40
C ARG Q 88 49.44 -12.18 51.90
N GLU Q 89 50.69 -12.26 52.36
CA GLU Q 89 50.94 -12.26 53.79
C GLU Q 89 50.75 -10.88 54.39
N ALA Q 90 51.20 -9.83 53.69
CA ALA Q 90 51.09 -8.47 54.21
C ALA Q 90 49.66 -7.97 54.24
N ARG Q 91 48.72 -8.67 53.62
CA ARG Q 91 47.32 -8.29 53.72
C ARG Q 91 46.74 -8.61 55.08
N LYS Q 92 47.41 -9.45 55.88
CA LYS Q 92 46.79 -9.97 57.10
C LYS Q 92 46.73 -8.93 58.20
N ASP Q 93 47.80 -8.16 58.39
CA ASP Q 93 47.81 -7.19 59.48
C ASP Q 93 46.84 -6.05 59.20
N ARG Q 94 46.32 -5.46 60.29
CA ARG Q 94 45.32 -4.42 60.19
C ARG Q 94 45.73 -3.12 60.86
N THR Q 95 46.95 -3.03 61.39
CA THR Q 95 47.38 -1.83 62.08
C THR Q 95 47.47 -0.66 61.11
N PRO Q 96 47.10 0.55 61.53
CA PRO Q 96 47.27 1.71 60.66
C PRO Q 96 48.74 2.01 60.44
N PRO Q 97 49.10 2.59 59.29
CA PRO Q 97 50.51 2.92 59.05
C PRO Q 97 50.96 4.01 60.01
N PRO Q 98 52.25 4.04 60.35
CA PRO Q 98 52.74 5.09 61.25
C PRO Q 98 52.59 6.47 60.63
N ARG Q 99 52.37 7.47 61.49
CA ARG Q 99 52.14 8.83 61.04
C ARG Q 99 53.42 9.58 60.71
N PHE Q 100 54.59 9.02 61.05
CA PHE Q 100 55.89 9.69 60.86
C PHE Q 100 55.89 11.06 61.52
N ARG Q 101 55.39 11.11 62.75
CA ARG Q 101 55.20 12.41 63.43
C ARG Q 101 56.49 13.20 63.65
N PRO Q 102 57.64 12.61 64.04
CA PRO Q 102 58.71 13.57 64.34
C PRO Q 102 59.41 14.09 63.08
N PRO R 1 46.03 -30.58 79.77
CA PRO R 1 46.63 -31.51 80.73
C PRO R 1 45.90 -32.84 80.78
N LEU R 2 46.62 -33.92 80.47
CA LEU R 2 46.03 -35.25 80.50
C LEU R 2 45.78 -35.72 81.92
N ALA R 3 46.42 -35.12 82.92
CA ALA R 3 46.35 -35.58 84.30
C ALA R 3 45.32 -34.79 85.11
N LYS R 4 44.32 -34.20 84.46
CA LYS R 4 43.27 -33.51 85.19
C LYS R 4 42.41 -34.51 85.94
N ASP R 5 42.35 -34.39 87.26
CA ASP R 5 41.62 -35.33 88.11
C ASP R 5 40.18 -34.85 88.23
N LEU R 6 39.38 -35.20 87.21
CA LEU R 6 37.96 -34.83 87.22
C LEU R 6 37.17 -35.59 88.27
N LEU R 7 37.70 -36.71 88.77
CA LEU R 7 36.98 -37.48 89.78
C LEU R 7 36.88 -36.70 91.09
N HIS R 8 37.94 -35.99 91.47
CA HIS R 8 37.96 -35.19 92.68
C HIS R 8 38.43 -33.78 92.36
N PRO R 9 37.58 -32.98 91.72
CA PRO R 9 37.93 -31.58 91.48
C PRO R 9 37.70 -30.73 92.71
N SER R 10 38.44 -29.64 92.79
CA SER R 10 38.41 -28.83 94.00
C SER R 10 37.12 -28.03 94.10
N PRO R 11 36.58 -27.85 95.30
CA PRO R 11 35.30 -27.15 95.44
C PRO R 11 35.32 -25.70 94.99
N GLU R 12 36.50 -25.05 94.98
CA GLU R 12 36.54 -23.66 94.55
C GLU R 12 36.21 -23.52 93.06
N GLU R 13 36.87 -24.31 92.20
CA GLU R 13 36.49 -24.26 90.80
C GLU R 13 35.17 -24.98 90.54
N GLU R 14 34.77 -25.89 91.42
CA GLU R 14 33.41 -26.42 91.32
C GLU R 14 32.38 -25.32 91.51
N LYS R 15 32.60 -24.45 92.49
CA LYS R 15 31.72 -23.30 92.68
C LYS R 15 31.85 -22.31 91.54
N ARG R 16 33.06 -22.18 90.98
CA ARG R 16 33.26 -21.30 89.84
C ARG R 16 32.46 -21.77 88.62
N LYS R 17 32.38 -23.07 88.40
CA LYS R 17 31.73 -23.60 87.22
C LYS R 17 30.22 -23.40 87.26
N HIS R 18 29.59 -23.54 86.10
CA HIS R 18 28.14 -23.42 85.99
C HIS R 18 27.45 -24.58 86.69
N LYS R 19 26.21 -24.32 87.13
CA LYS R 19 25.48 -25.29 87.94
C LYS R 19 25.28 -26.61 87.20
N LYS R 20 24.76 -26.56 85.97
CA LYS R 20 24.52 -27.79 85.22
C LYS R 20 25.83 -28.44 84.80
N LYS R 21 26.84 -27.64 84.48
CA LYS R 21 28.12 -28.16 84.03
C LYS R 21 28.99 -28.66 85.18
N ARG R 22 28.53 -28.53 86.42
CA ARG R 22 29.27 -29.06 87.55
C ARG R 22 29.27 -30.58 87.52
N LEU R 23 30.04 -31.17 88.42
CA LEU R 23 30.09 -32.63 88.53
C LEU R 23 28.73 -33.19 88.93
N VAL R 24 28.06 -32.52 89.86
CA VAL R 24 26.71 -32.87 90.29
C VAL R 24 25.89 -31.58 90.26
N GLN R 25 24.61 -31.69 89.92
CA GLN R 25 23.75 -30.52 89.87
C GLN R 25 23.67 -29.88 91.27
N SER R 26 24.36 -28.78 91.44
CA SER R 26 24.44 -28.11 92.74
C SER R 26 23.85 -26.71 92.61
N PRO R 27 22.68 -26.44 93.16
CA PRO R 27 22.10 -25.10 93.04
C PRO R 27 22.93 -24.07 93.78
N ASN R 28 23.00 -22.87 93.21
CA ASN R 28 23.69 -21.76 93.84
C ASN R 28 22.80 -21.00 94.82
N SER R 29 21.50 -21.28 94.83
CA SER R 29 20.59 -20.55 95.69
C SER R 29 20.66 -21.06 97.12
N TYR R 30 20.00 -20.34 98.01
CA TYR R 30 19.96 -20.69 99.44
C TYR R 30 18.79 -19.98 100.08
N PHE R 31 18.69 -20.10 101.40
CA PHE R 31 17.65 -19.43 102.15
C PHE R 31 18.25 -18.67 103.32
N MET R 32 17.60 -17.58 103.69
CA MET R 32 18.09 -16.72 104.75
C MET R 32 16.99 -16.44 105.76
N ASP R 33 17.38 -16.49 107.03
CA ASP R 33 16.58 -16.00 108.15
C ASP R 33 16.73 -14.48 108.16
N VAL R 34 15.64 -13.79 107.84
CA VAL R 34 15.64 -12.33 107.80
C VAL R 34 15.00 -11.81 109.07
N LYS R 35 15.70 -10.90 109.74
CA LYS R 35 15.24 -10.20 110.93
C LYS R 35 15.12 -8.73 110.55
N CYS R 36 13.92 -8.29 110.27
CA CYS R 36 13.71 -6.89 109.95
C CYS R 36 13.67 -6.06 111.22
N PRO R 37 14.09 -4.80 111.17
CA PRO R 37 13.98 -3.93 112.33
C PRO R 37 12.53 -3.61 112.66
N GLY R 38 12.28 -3.37 113.94
CA GLY R 38 10.95 -3.04 114.41
C GLY R 38 10.03 -4.22 114.64
N CYS R 39 10.53 -5.45 114.50
CA CYS R 39 9.75 -6.64 114.76
C CYS R 39 10.60 -7.59 115.60
N TYR R 40 10.11 -8.82 115.77
CA TYR R 40 10.81 -9.79 116.59
C TYR R 40 10.94 -11.12 115.85
N LYS R 41 10.04 -11.39 114.91
CA LYS R 41 9.98 -12.68 114.28
C LYS R 41 11.06 -12.81 113.21
N ILE R 42 11.11 -13.98 112.59
CA ILE R 42 12.12 -14.32 111.59
C ILE R 42 11.41 -14.81 110.34
N THR R 43 11.82 -14.30 109.18
CA THR R 43 11.20 -14.66 107.91
C THR R 43 12.16 -15.53 107.10
N THR R 44 11.65 -16.61 106.52
CA THR R 44 12.42 -17.44 105.61
C THR R 44 12.33 -16.84 104.21
N VAL R 45 13.46 -16.37 103.68
CA VAL R 45 13.48 -15.67 102.40
C VAL R 45 14.42 -16.39 101.45
N PHE R 46 13.92 -16.65 100.24
CA PHE R 46 14.73 -17.25 99.19
C PHE R 46 15.81 -16.26 98.74
N SER R 47 17.00 -16.77 98.43
CA SER R 47 18.10 -15.89 98.05
C SER R 47 17.82 -15.16 96.74
N HIS R 48 17.26 -15.87 95.77
CA HIS R 48 16.93 -15.31 94.47
C HIS R 48 15.46 -15.02 94.33
N ALA R 49 14.83 -14.52 95.40
CA ALA R 49 13.39 -14.33 95.43
C ALA R 49 12.94 -13.38 94.33
N GLN R 50 11.91 -13.78 93.60
CA GLN R 50 11.37 -13.02 92.49
C GLN R 50 10.17 -12.17 92.88
N THR R 51 9.77 -12.19 94.15
CA THR R 51 8.60 -11.46 94.61
C THR R 51 8.98 -10.53 95.76
N VAL R 52 8.17 -9.51 95.95
CA VAL R 52 8.37 -8.56 97.05
C VAL R 52 7.84 -9.19 98.33
N VAL R 53 8.72 -9.89 99.05
CA VAL R 53 8.29 -10.62 100.24
C VAL R 53 7.94 -9.64 101.35
N LEU R 54 6.96 -10.03 102.16
CA LEU R 54 6.48 -9.23 103.28
C LEU R 54 6.38 -10.14 104.50
N CYS R 55 5.79 -9.61 105.57
CA CYS R 55 5.41 -10.45 106.70
C CYS R 55 4.04 -11.05 106.42
N VAL R 56 3.44 -11.66 107.45
CA VAL R 56 2.02 -11.90 107.37
C VAL R 56 1.26 -10.67 107.85
N GLY R 57 1.89 -9.83 108.67
CA GLY R 57 1.24 -8.64 109.18
C GLY R 57 1.93 -7.30 108.97
N CYS R 58 3.26 -7.28 108.83
CA CYS R 58 3.97 -6.01 108.85
C CYS R 58 3.81 -5.29 107.52
N SER R 59 3.70 -3.97 107.58
CA SER R 59 3.69 -3.15 106.39
C SER R 59 5.09 -2.67 106.04
N THR R 60 6.03 -3.61 106.01
CA THR R 60 7.43 -3.32 105.73
C THR R 60 7.90 -4.23 104.61
N VAL R 61 8.52 -3.65 103.59
CA VAL R 61 9.07 -4.42 102.49
C VAL R 61 10.41 -5.00 102.92
N LEU R 62 10.57 -6.31 102.73
CA LEU R 62 11.79 -6.98 103.18
C LEU R 62 12.86 -6.95 102.09
N CYS R 63 12.54 -7.44 100.90
CA CYS R 63 13.46 -7.43 99.78
C CYS R 63 12.71 -7.15 98.50
N GLN R 64 13.45 -6.78 97.47
CA GLN R 64 12.91 -6.50 96.16
C GLN R 64 13.49 -7.44 95.13
N PRO R 65 12.73 -7.76 94.08
CA PRO R 65 13.22 -8.66 93.04
C PRO R 65 14.08 -7.90 92.03
N THR R 66 15.27 -8.43 91.77
CA THR R 66 16.19 -7.89 90.78
C THR R 66 16.55 -9.00 89.79
N GLY R 67 17.56 -8.73 88.96
CA GLY R 67 17.98 -9.65 87.94
C GLY R 67 18.34 -11.03 88.47
N GLY R 68 19.40 -11.14 89.28
CA GLY R 68 19.80 -12.44 89.78
C GLY R 68 19.36 -12.73 91.20
N LYS R 69 19.73 -11.86 92.13
CA LYS R 69 19.52 -12.08 93.55
C LYS R 69 18.55 -11.06 94.10
N ALA R 70 18.02 -11.35 95.28
CA ALA R 70 17.14 -10.42 95.96
C ALA R 70 17.93 -9.20 96.43
N ARG R 71 17.21 -8.10 96.63
CA ARG R 71 17.80 -6.84 97.09
C ARG R 71 17.14 -6.51 98.42
N LEU R 72 17.81 -6.87 99.51
CA LEU R 72 17.25 -6.64 100.83
C LEU R 72 17.28 -5.16 101.18
N THR R 73 16.24 -4.70 101.86
CA THR R 73 16.17 -3.31 102.29
C THR R 73 17.18 -3.06 103.40
N GLU R 74 17.54 -1.78 103.56
CA GLU R 74 18.56 -1.40 104.52
C GLU R 74 18.05 -1.63 105.95
N GLY R 75 18.95 -2.08 106.82
CA GLY R 75 18.65 -2.26 108.22
C GLY R 75 18.13 -3.63 108.61
N CYS R 76 17.91 -4.53 107.65
CA CYS R 76 17.39 -5.86 107.93
C CYS R 76 18.54 -6.84 108.03
N SER R 77 18.67 -7.51 109.17
CA SER R 77 19.71 -8.52 109.32
C SER R 77 19.29 -9.81 108.63
N PHE R 78 20.28 -10.64 108.32
CA PHE R 78 20.00 -11.90 107.65
C PHE R 78 21.08 -12.90 107.99
N ARG R 79 20.69 -14.16 108.11
CA ARG R 79 21.60 -15.26 108.38
C ARG R 79 21.35 -16.38 107.38
N ARG R 80 22.41 -17.08 106.99
CA ARG R 80 22.27 -18.20 106.09
C ARG R 80 21.58 -19.37 106.78
N LYS R 81 20.94 -20.23 105.99
CA LYS R 81 20.38 -21.48 106.49
C LYS R 81 21.14 -22.65 105.88
N GLN R 82 21.89 -23.37 106.72
CA GLN R 82 22.71 -24.53 106.38
C GLN R 82 23.44 -24.39 105.05
N HIS R 83 24.03 -23.22 104.81
CA HIS R 83 24.77 -22.91 103.58
C HIS R 83 23.90 -23.01 102.33
N VAL S 1 29.83 -28.03 -1.78
CA VAL S 1 31.15 -28.58 -1.51
C VAL S 1 32.06 -28.33 -2.71
N HIS S 2 33.36 -28.15 -2.44
CA HIS S 2 34.32 -27.90 -3.51
C HIS S 2 34.47 -29.12 -4.41
N GLY S 3 34.38 -30.32 -3.84
CA GLY S 3 34.42 -31.53 -4.63
C GLY S 3 35.80 -32.14 -4.82
N SER S 4 36.50 -32.40 -3.73
CA SER S 4 37.78 -33.10 -3.78
C SER S 4 37.64 -34.60 -3.97
N LEU S 5 36.42 -35.08 -4.29
CA LEU S 5 36.19 -36.51 -4.44
C LEU S 5 36.93 -37.10 -5.62
N ALA S 6 37.31 -36.26 -6.61
CA ALA S 6 38.05 -36.77 -7.75
C ALA S 6 39.42 -37.28 -7.35
N ARG S 7 40.05 -36.66 -6.35
CA ARG S 7 41.38 -37.05 -5.92
C ARG S 7 41.38 -38.30 -5.03
N ALA S 8 40.23 -38.95 -4.87
CA ALA S 8 40.16 -40.15 -4.06
C ALA S 8 40.91 -41.30 -4.71
N GLY S 9 41.53 -42.13 -3.88
CA GLY S 9 42.27 -43.27 -4.38
C GLY S 9 43.46 -42.90 -5.25
N LYS S 10 44.19 -41.85 -4.87
CA LYS S 10 45.30 -41.39 -5.68
C LYS S 10 46.61 -42.09 -5.32
N VAL S 11 46.94 -42.11 -4.03
CA VAL S 11 48.25 -42.63 -3.61
C VAL S 11 48.34 -44.13 -3.84
N ARG S 12 47.24 -44.86 -3.60
CA ARG S 12 47.27 -46.30 -3.80
C ARG S 12 47.51 -46.64 -5.26
N GLY S 13 46.88 -45.90 -6.17
CA GLY S 13 47.18 -46.08 -7.58
C GLY S 13 48.58 -45.67 -7.94
N GLN S 14 49.07 -44.58 -7.36
CA GLN S 14 50.41 -44.09 -7.67
C GLN S 14 51.52 -44.97 -7.13
N THR S 15 51.23 -45.81 -6.15
CA THR S 15 52.26 -46.61 -5.52
C THR S 15 52.80 -47.64 -6.51
N PRO S 16 54.11 -47.68 -6.75
CA PRO S 16 54.66 -48.76 -7.58
C PRO S 16 54.42 -50.11 -6.93
N LYS S 17 54.15 -51.11 -7.76
CA LYS S 17 53.81 -52.44 -7.29
C LYS S 17 55.06 -53.32 -7.30
N VAL S 18 55.39 -53.88 -6.15
CA VAL S 18 56.46 -54.86 -6.02
C VAL S 18 55.89 -56.12 -5.39
N ALA S 19 56.23 -57.27 -5.95
CA ALA S 19 55.63 -58.53 -5.55
C ALA S 19 56.30 -59.09 -4.30
N LYS S 20 55.52 -59.84 -3.52
CA LYS S 20 56.05 -60.56 -2.37
C LYS S 20 56.92 -61.71 -2.87
N GLN S 21 58.22 -61.62 -2.63
CA GLN S 21 59.14 -62.62 -3.18
C GLN S 21 58.91 -63.98 -2.53
N GLU S 22 59.18 -65.03 -3.31
CA GLU S 22 58.88 -66.39 -2.89
C GLU S 22 59.92 -66.87 -1.90
N LYS S 23 59.47 -67.32 -0.73
CA LYS S 23 60.35 -67.77 0.34
C LYS S 23 59.83 -69.08 0.90
N LYS S 24 60.58 -69.63 1.85
CA LYS S 24 60.23 -70.91 2.45
C LYS S 24 58.97 -70.79 3.29
N LYS S 25 58.24 -71.91 3.39
CA LYS S 25 57.03 -71.96 4.20
C LYS S 25 57.36 -71.82 5.68
N LYS S 26 56.56 -71.02 6.39
CA LYS S 26 56.83 -70.67 7.77
C LYS S 26 56.45 -71.81 8.71
N LYS S 27 57.21 -71.92 9.81
CA LYS S 27 56.86 -72.84 10.87
C LYS S 27 55.55 -72.41 11.52
N THR S 28 54.70 -73.37 11.83
CA THR S 28 53.38 -73.08 12.36
C THR S 28 53.14 -73.88 13.64
N GLY S 29 52.31 -73.33 14.51
CA GLY S 29 51.89 -74.04 15.70
C GLY S 29 53.02 -74.25 16.68
N ARG S 30 53.15 -75.49 17.15
CA ARG S 30 54.20 -75.81 18.12
C ARG S 30 55.58 -75.61 17.51
N ALA S 31 55.71 -75.82 16.20
CA ALA S 31 56.97 -75.52 15.54
C ALA S 31 57.31 -74.03 15.63
N LYS S 32 56.31 -73.17 15.42
CA LYS S 32 56.55 -71.73 15.53
C LYS S 32 56.90 -71.34 16.97
N ARG S 33 56.19 -71.91 17.94
CA ARG S 33 56.50 -71.62 19.33
C ARG S 33 57.90 -72.08 19.71
N ARG S 34 58.29 -73.27 19.23
CA ARG S 34 59.65 -73.75 19.41
C ARG S 34 60.66 -72.79 18.78
N MET S 35 60.34 -72.31 17.57
CA MET S 35 61.26 -71.42 16.86
C MET S 35 61.49 -70.15 17.64
N GLN S 36 60.42 -69.52 18.13
CA GLN S 36 60.60 -68.26 18.86
C GLN S 36 61.21 -68.48 20.23
N TYR S 37 60.87 -69.57 20.91
CA TYR S 37 61.51 -69.91 22.17
C TYR S 37 63.01 -70.05 22.02
N ASN S 38 63.44 -70.87 21.05
CA ASN S 38 64.86 -71.06 20.81
C ASN S 38 65.51 -69.77 20.33
N ARG S 39 64.75 -68.94 19.61
CA ARG S 39 65.28 -67.69 19.10
C ARG S 39 65.62 -66.72 20.24
N ARG S 40 64.68 -66.53 21.17
CA ARG S 40 64.80 -65.44 22.11
C ARG S 40 65.25 -65.87 23.51
N PHE S 41 65.39 -67.16 23.79
CA PHE S 41 65.80 -67.56 25.12
C PHE S 41 67.16 -68.24 25.17
N VAL S 42 67.40 -69.29 24.37
CA VAL S 42 68.66 -70.04 24.45
C VAL S 42 69.64 -69.35 23.49
N ASN S 43 70.28 -68.30 24.00
CA ASN S 43 71.39 -67.61 23.37
C ASN S 43 71.97 -66.61 24.37
N VAL S 44 73.25 -66.31 24.21
CA VAL S 44 73.95 -65.33 25.03
C VAL S 44 74.81 -64.46 24.14
N VAL S 45 74.73 -63.15 24.33
CA VAL S 45 75.58 -62.19 23.62
C VAL S 45 76.53 -61.55 24.63
N PRO S 46 77.84 -61.51 24.35
CA PRO S 46 78.78 -60.90 25.30
C PRO S 46 78.86 -59.39 25.18
N THR S 47 78.72 -58.88 23.96
CA THR S 47 78.77 -57.43 23.74
C THR S 47 77.54 -56.78 24.37
N PHE S 48 77.73 -55.59 24.91
CA PHE S 48 76.65 -54.88 25.60
C PHE S 48 75.71 -54.26 24.57
N GLY S 49 74.85 -53.35 25.03
CA GLY S 49 73.82 -52.79 24.19
C GLY S 49 72.50 -52.72 24.92
N LYS S 50 72.53 -53.07 26.22
CA LYS S 50 71.37 -52.99 27.11
C LYS S 50 70.23 -53.87 26.61
N LYS S 51 70.57 -55.04 26.06
CA LYS S 51 69.62 -56.05 25.60
C LYS S 51 68.66 -55.46 24.55
N LYS S 52 69.26 -55.14 23.40
CA LYS S 52 68.55 -54.47 22.32
C LYS S 52 67.41 -55.36 21.80
N GLY S 53 66.34 -54.72 21.33
CA GLY S 53 65.11 -55.39 20.97
C GLY S 53 65.26 -56.42 19.89
N PRO S 54 64.33 -57.38 19.85
CA PRO S 54 64.43 -58.48 18.88
C PRO S 54 64.35 -58.03 17.44
N ASN S 55 63.57 -56.99 17.15
CA ASN S 55 63.39 -56.50 15.79
C ASN S 55 64.25 -55.28 15.51
N ALA S 56 65.45 -55.24 16.11
CA ALA S 56 66.32 -54.08 16.01
C ALA S 56 66.73 -53.80 14.57
N ASN S 57 66.26 -52.69 14.02
CA ASN S 57 66.59 -52.30 12.66
C ASN S 57 67.70 -51.24 12.69
N SER S 58 68.86 -51.68 13.17
CA SER S 58 70.02 -50.81 13.29
C SER S 58 70.82 -50.81 11.99
P A2M T 27 23.51 -64.79 14.86
OP1 A2M T 27 22.73 -65.84 14.15
O5' A2M T 27 24.02 -63.37 13.83
C5' A2M T 27 23.04 -62.69 13.21
C4' A2M T 27 23.55 -61.33 12.76
O4' A2M T 27 24.04 -60.62 13.86
C3' A2M T 27 24.67 -61.46 11.75
O3' A2M T 27 24.07 -61.78 10.54
C2' A2M T 27 25.38 -60.13 11.92
O2' A2M T 27 24.72 -59.07 11.31
C1' A2M T 27 25.24 -60.03 13.45
CM' A2M T 27 25.11 -57.85 11.88
N9 A2M T 27 26.32 -60.55 14.23
C8 A2M T 27 26.41 -61.62 15.12
N7 A2M T 27 27.64 -61.77 15.64
C5 A2M T 27 28.36 -60.75 15.04
C6 A2M T 27 29.68 -60.33 15.11
N6 A2M T 27 30.58 -60.98 15.93
N1 A2M T 27 30.16 -59.28 14.41
C2 A2M T 27 29.25 -58.65 13.61
N3 A2M T 27 27.95 -58.92 13.42
C4 A2M T 27 27.56 -59.98 14.16
OP2 A2M T 27 24.92 -65.09 15.27
N1 PSU T 93 -3.68 -83.35 22.35
C2 PSU T 93 -2.83 -83.76 21.35
N3 PSU T 93 -1.86 -84.71 21.61
C4 PSU T 93 -1.77 -85.26 22.87
C5 PSU T 93 -2.65 -84.84 23.87
C6 PSU T 93 -3.61 -83.88 23.58
O2 PSU T 93 -2.91 -83.27 20.23
O4 PSU T 93 -0.90 -86.10 23.08
C1' PSU T 93 -2.55 -85.40 25.27
C2' PSU T 93 -1.27 -84.85 25.89
O2' PSU T 93 -0.77 -85.79 26.82
C3' PSU T 93 -1.78 -83.60 26.59
C4' PSU T 93 -3.13 -84.08 27.11
O3' PSU T 93 -0.93 -83.13 27.61
O4' PSU T 93 -3.64 -84.94 26.05
C5' PSU T 93 -4.14 -83.00 27.40
O5' PSU T 93 -4.32 -82.16 26.27
P PSU T 93 -5.11 -80.78 26.42
OP1 PSU T 93 -4.73 -80.19 27.71
OP2 PSU T 93 -4.89 -80.00 25.17
P A2M T 99 5.22 -60.79 22.60
OP1 A2M T 99 6.62 -60.51 22.16
O5' A2M T 99 3.99 -60.81 21.28
C5' A2M T 99 3.61 -59.62 20.81
C4' A2M T 99 2.09 -59.60 20.66
O4' A2M T 99 1.64 -60.89 20.31
C3' A2M T 99 1.41 -59.21 21.95
O3' A2M T 99 1.53 -57.83 22.07
C2' A2M T 99 0.03 -59.83 21.78
O2' A2M T 99 -0.80 -59.14 20.88
C1' A2M T 99 0.51 -61.15 21.12
CM' A2M T 99 -1.97 -59.86 20.63
N9 A2M T 99 0.83 -62.23 22.03
C8 A2M T 99 2.02 -62.86 22.37
N7 A2M T 99 1.85 -63.83 23.29
C5 A2M T 99 0.49 -63.80 23.55
C6 A2M T 99 -0.34 -64.52 24.38
N6 A2M T 99 0.14 -65.53 25.19
N1 A2M T 99 -1.67 -64.30 24.45
C2 A2M T 99 -2.14 -63.32 23.65
N3 A2M T 99 -1.49 -62.52 22.78
C4 A2M T 99 -0.16 -62.81 22.77
OP2 A2M T 99 4.48 -59.73 23.36
N1 PSU T 105 0.04 -62.59 38.64
C2 PSU T 105 1.40 -62.47 38.82
N3 PSU T 105 2.27 -63.09 37.95
C4 PSU T 105 1.77 -63.83 36.90
C5 PSU T 105 0.40 -63.95 36.73
C6 PSU T 105 -0.46 -63.31 37.61
O2 PSU T 105 1.84 -61.82 39.76
O4 PSU T 105 2.56 -64.38 36.13
C1' PSU T 105 -0.20 -64.72 35.59
C2' PSU T 105 0.06 -66.21 35.72
O2' PSU T 105 0.13 -66.77 34.41
C3' PSU T 105 -1.20 -66.68 36.42
C4' PSU T 105 -2.26 -65.79 35.81
O3' PSU T 105 -1.45 -68.05 36.25
O4' PSU T 105 -1.60 -64.53 35.61
C5' PSU T 105 -3.50 -65.59 36.65
O5' PSU T 105 -3.15 -65.09 37.94
P PSU T 105 -4.17 -64.22 38.78
OP1 PSU T 105 -5.40 -65.02 38.97
OP2 PSU T 105 -3.46 -63.65 39.93
N1 PSU T 109 2.16 -71.86 48.21
C2 PSU T 109 0.97 -71.22 47.90
N3 PSU T 109 0.21 -70.66 48.91
C4 PSU T 109 0.62 -70.77 50.22
C5 PSU T 109 1.80 -71.44 50.51
C6 PSU T 109 2.57 -71.97 49.49
O2 PSU T 109 0.61 -71.12 46.74
O4 PSU T 109 -0.06 -70.28 51.12
C1' PSU T 109 2.28 -71.53 51.93
C2' PSU T 109 1.56 -72.62 52.74
O2' PSU T 109 1.47 -72.19 54.09
C3' PSU T 109 2.53 -73.78 52.62
C4' PSU T 109 3.88 -73.11 52.60
O3' PSU T 109 2.41 -74.72 53.67
O4' PSU T 109 3.65 -71.85 51.91
C5' PSU T 109 4.99 -73.85 51.90
O5' PSU T 109 4.63 -74.19 50.58
P PSU T 109 5.70 -74.74 49.55
OP1 PSU T 109 6.41 -75.88 50.18
OP2 PSU T 109 5.03 -74.93 48.25
N1 OMU T 116 -15.44 -81.92 41.43
C2 OMU T 116 -13.98 -82.03 41.06
N3 OMU T 116 -12.95 -82.19 42.14
C4 OMU T 116 -13.35 -82.24 43.53
C5 OMU T 116 -14.80 -82.12 43.89
C6 OMU T 116 -15.81 -81.97 42.82
O2 OMU T 116 -13.64 -82.00 39.90
O4 OMU T 116 -12.57 -82.36 44.34
C1' OMU T 116 -16.48 -81.73 40.40
C2' OMU T 116 -16.84 -83.03 39.68
O2' OMU T 116 -17.10 -82.73 38.31
CM2 OMU T 116 -16.00 -82.24 37.61
C3' OMU T 116 -18.12 -83.44 40.38
C4' OMU T 116 -18.76 -82.11 40.73
O3' OMU T 116 -18.97 -84.24 39.57
O4' OMU T 116 -17.64 -81.24 41.02
C5' OMU T 116 -19.70 -82.12 41.92
O5' OMU T 116 -19.00 -82.51 43.10
P OMU T 116 -19.72 -82.48 44.52
OP1 OMU T 116 -21.09 -83.04 44.33
OP2 OMU T 116 -18.78 -83.10 45.52
N1 OMU T 121 -8.72 -99.09 41.22
C2 OMU T 121 -9.50 -98.33 42.26
N3 OMU T 121 -10.85 -97.78 41.93
C4 OMU T 121 -11.40 -97.98 40.60
C5 OMU T 121 -10.61 -98.74 39.57
C6 OMU T 121 -9.28 -99.28 39.90
O2 OMU T 121 -9.04 -98.16 43.38
O4 OMU T 121 -12.42 -97.57 40.33
C1' OMU T 121 -7.38 -99.63 41.55
C2' OMU T 121 -7.48 -100.87 42.45
O2' OMU T 121 -6.30 -100.95 43.22
CM2 OMU T 121 -6.46 -100.66 44.56
C3' OMU T 121 -7.52 -101.98 41.40
C4' OMU T 121 -6.52 -101.46 40.38
O3' OMU T 121 -7.20 -103.26 41.91
O4' OMU T 121 -6.74 -100.04 40.36
C5' OMU T 121 -6.66 -102.03 38.99
O5' OMU T 121 -7.97 -101.85 38.49
P OMU T 121 -8.30 -102.06 36.96
OP1 OMU T 121 -7.76 -103.40 36.55
OP2 OMU T 121 -9.76 -101.73 36.75
P A2M T 159 -19.78 -82.37 -11.89
OP1 A2M T 159 -19.26 -83.78 -11.99
O5' A2M T 159 -18.84 -82.03 -10.36
C5' A2M T 159 -17.53 -82.29 -10.39
C4' A2M T 159 -16.80 -81.40 -9.38
O4' A2M T 159 -17.07 -80.05 -9.70
C3' A2M T 159 -17.26 -81.66 -7.95
O3' A2M T 159 -16.53 -82.74 -7.49
C2' A2M T 159 -17.07 -80.31 -7.28
O2' A2M T 159 -15.74 -80.05 -6.93
C1' A2M T 159 -17.46 -79.43 -8.48
CM' A2M T 159 -15.56 -78.69 -6.63
N9 A2M T 159 -18.84 -79.06 -8.58
C8 A2M T 159 -19.82 -79.30 -9.55
N7 A2M T 159 -21.01 -78.75 -9.23
C5 A2M T 159 -20.76 -78.12 -8.01
C6 A2M T 159 -21.55 -77.38 -7.14
N6 A2M T 159 -22.88 -77.12 -7.41
N1 A2M T 159 -21.06 -76.86 -5.98
C2 A2M T 159 -19.75 -77.13 -5.73
N3 A2M T 159 -18.86 -77.83 -6.45
C4 A2M T 159 -19.43 -78.31 -7.58
OP2 A2M T 159 -21.25 -82.15 -11.81
P A2M T 166 -37.94 -94.11 0.67
OP1 A2M T 166 -39.31 -94.15 1.27
O5' A2M T 166 -38.09 -95.79 0.00
C5' A2M T 166 -39.04 -95.95 -0.93
C4' A2M T 166 -38.68 -97.15 -1.78
O4' A2M T 166 -37.66 -96.77 -2.67
C3' A2M T 166 -38.17 -98.27 -0.92
O3' A2M T 166 -39.28 -98.88 -0.36
C2' A2M T 166 -37.29 -99.05 -1.87
O2' A2M T 166 -38.01 -99.87 -2.75
C1' A2M T 166 -36.72 -97.83 -2.65
CM' A2M T 166 -37.15 -100.71 -3.46
N9 A2M T 166 -35.45 -97.33 -2.21
C8 A2M T 166 -35.07 -96.18 -1.50
N7 A2M T 166 -33.75 -96.12 -1.29
C5 A2M T 166 -33.27 -97.28 -1.88
C6 A2M T 166 -32.01 -97.84 -2.03
N6 A2M T 166 -30.89 -97.22 -1.54
N1 A2M T 166 -31.81 -99.01 -2.67
C2 A2M T 166 -32.92 -99.61 -3.17
N3 A2M T 166 -34.20 -99.23 -3.11
C4 A2M T 166 -34.31 -98.04 -2.46
OP2 A2M T 166 -36.76 -93.88 1.56
N1 OMU T 172 -21.34 -105.21 24.94
C2 OMU T 172 -20.02 -104.52 24.73
N3 OMU T 172 -18.75 -105.32 24.77
C4 OMU T 172 -18.81 -106.75 25.03
C5 OMU T 172 -20.13 -107.42 25.23
C6 OMU T 172 -21.39 -106.63 25.18
O2 OMU T 172 -19.98 -103.32 24.53
O4 OMU T 172 -17.85 -107.35 25.06
C1' OMU T 172 -22.59 -104.43 24.90
C2' OMU T 172 -23.08 -104.11 23.49
O2' OMU T 172 -22.38 -103.01 22.95
CM2 OMU T 172 -22.73 -102.77 21.62
C3' OMU T 172 -24.55 -103.86 23.75
C4' OMU T 172 -24.88 -104.89 24.82
O3' OMU T 172 -24.72 -102.56 24.30
O4' OMU T 172 -23.63 -105.20 25.48
C5' OMU T 172 -25.51 -106.18 24.31
O5' OMU T 172 -24.56 -107.00 23.65
P OMU T 172 -24.96 -107.83 22.35
OP1 OMU T 172 -23.74 -108.58 21.88
OP2 OMU T 172 -26.22 -108.59 22.69
N1 OMC T 174 -31.40 -98.78 20.82
C2 OMC T 174 -31.92 -99.77 19.95
N3 OMC T 174 -31.85 -101.06 20.31
C4 OMC T 174 -31.30 -101.42 21.45
C5 OMC T 174 -30.76 -100.47 22.36
C6 OMC T 174 -30.83 -99.18 21.98
O2 OMC T 174 -32.43 -99.42 18.89
N4 OMC T 174 -31.28 -102.71 21.76
C1' OMC T 174 -31.44 -97.35 20.46
C2' OMC T 174 -32.60 -96.59 21.12
O2' OMC T 174 -33.07 -95.60 20.21
CM2 OMC T 174 -33.69 -96.13 19.06
C3' OMC T 174 -31.91 -95.93 22.30
C4' OMC T 174 -30.52 -95.63 21.76
O4' OMC T 174 -30.23 -96.74 20.88
O3' OMC T 174 -32.57 -94.77 22.78
C5' OMC T 174 -29.43 -95.50 22.80
O5' OMC T 174 -29.18 -96.75 23.44
P OMC T 174 -27.85 -96.99 24.29
OP1 OMC T 174 -27.61 -95.75 25.13
OP2 OMC T 174 -27.96 -98.35 24.96
N1 OMU T 293 2.69 -63.06 50.28
C2 OMU T 293 3.27 -63.98 49.24
N3 OMU T 293 2.37 -64.70 48.29
C4 OMU T 293 0.93 -64.48 48.37
C5 OMU T 293 0.37 -63.57 49.39
C6 OMU T 293 1.27 -62.87 50.35
O2 OMU T 293 4.47 -64.15 49.19
O4 OMU T 293 0.24 -65.02 47.64
C1' OMU T 293 3.58 -62.37 51.24
C2' OMU T 293 4.15 -61.07 50.67
O2' OMU T 293 5.48 -60.91 51.15
CM2 OMU T 293 6.33 -62.00 50.92
C3' OMU T 293 3.24 -60.03 51.33
C4' OMU T 293 2.98 -60.65 52.69
O3' OMU T 293 3.82 -58.74 51.43
O4' OMU T 293 2.84 -62.06 52.40
C5' OMU T 293 1.74 -60.15 53.39
O5' OMU T 293 0.66 -60.04 52.49
P OMU T 293 -0.80 -59.71 53.02
OP1 OMU T 293 -0.74 -58.44 53.81
OP2 OMU T 293 -1.76 -59.84 51.85
N1 PSU T 345 2.82 -51.14 29.80
C2 PSU T 345 2.76 -51.82 31.00
N3 PSU T 345 3.90 -52.30 31.59
C4 PSU T 345 5.12 -52.10 30.96
C5 PSU T 345 5.18 -51.42 29.76
C6 PSU T 345 4.00 -50.94 29.19
O2 PSU T 345 1.67 -52.00 31.55
O4 PSU T 345 6.15 -52.51 31.48
C1' PSU T 345 6.49 -51.19 29.09
C2' PSU T 345 6.94 -52.42 28.31
O2' PSU T 345 8.35 -52.50 28.36
C3' PSU T 345 6.49 -52.08 26.90
C4' PSU T 345 6.71 -50.58 26.83
O3' PSU T 345 7.18 -52.78 25.89
O4' PSU T 345 6.39 -50.12 28.17
C5' PSU T 345 5.87 -49.85 25.83
O5' PSU T 345 4.50 -50.20 25.94
P PSU T 345 3.37 -49.37 25.19
OP1 PSU T 345 3.73 -49.30 23.76
OP2 PSU T 345 2.05 -49.89 25.59
N1 OMU T 367 14.71 -76.43 24.99
C2 OMU T 367 15.33 -76.89 23.71
N3 OMU T 367 16.51 -76.16 23.15
C4 OMU T 367 17.03 -75.00 23.86
C5 OMU T 367 16.40 -74.55 25.13
C6 OMU T 367 15.24 -75.28 25.68
O2 OMU T 367 14.89 -77.87 23.14
O4 OMU T 367 17.93 -74.44 23.43
C1' OMU T 367 13.55 -77.14 25.57
C2' OMU T 367 13.43 -77.01 27.07
O2' OMU T 367 14.30 -77.89 27.75
CM2 OMU T 367 14.40 -77.64 29.12
C3' OMU T 367 11.95 -77.31 27.28
C4' OMU T 367 11.30 -76.76 26.00
O3' OMU T 367 11.75 -78.71 27.35
O4' OMU T 367 12.38 -76.58 25.05
C5' OMU T 367 10.54 -75.46 26.17
O5' OMU T 367 10.96 -74.75 27.32
P OMU T 367 11.15 -73.17 27.27
OP1 OMU T 367 9.79 -72.54 27.24
OP2 OMU T 367 12.15 -72.77 28.34
P OMG T 375 -5.99 -68.96 13.23
OP1 OMG T 375 -7.50 -68.87 13.37
OP2 OMG T 375 -5.36 -70.10 12.44
O5' OMG T 375 -5.50 -67.58 12.60
C5' OMG T 375 -4.30 -66.96 13.04
C4' OMG T 375 -4.37 -65.48 12.80
O4' OMG T 375 -4.84 -65.23 11.46
C3' OMG T 375 -5.34 -64.72 13.69
O3' OMG T 375 -4.78 -64.35 14.94
C2' OMG T 375 -5.71 -63.52 12.84
O2' OMG T 375 -4.69 -62.55 12.86
CM2 OMG T 375 -5.03 -61.37 12.17
C1' OMG T 375 -5.75 -64.15 11.46
N9 OMG T 375 -7.08 -64.68 11.12
C8 OMG T 375 -7.43 -65.99 10.90
N7 OMG T 375 -8.69 -66.12 10.63
C5 OMG T 375 -9.20 -64.85 10.66
C6 OMG T 375 -10.52 -64.39 10.44
O6 OMG T 375 -11.51 -65.03 10.16
N1 OMG T 375 -10.58 -63.00 10.59
C2 OMG T 375 -9.53 -62.18 10.88
N2 OMG T 375 -9.79 -60.87 10.98
N3 OMG T 375 -8.32 -62.61 11.09
C4 OMG T 375 -8.21 -63.94 10.97
N1 OMC T 401 -12.72 -72.21 -6.95
C2 OMC T 401 -14.10 -72.22 -6.70
N3 OMC T 401 -14.65 -71.18 -6.05
C4 OMC T 401 -13.91 -70.17 -5.64
C5 OMC T 401 -12.51 -70.12 -5.86
C6 OMC T 401 -11.97 -71.16 -6.52
O2 OMC T 401 -14.78 -73.17 -7.08
N4 OMC T 401 -14.51 -69.17 -5.00
C1' OMC T 401 -12.04 -73.32 -7.67
C2' OMC T 401 -12.31 -73.28 -9.17
O2' OMC T 401 -12.30 -74.61 -9.66
CM2 OMC T 401 -13.27 -75.45 -9.07
C3' OMC T 401 -11.09 -72.52 -9.67
C4' OMC T 401 -9.99 -73.06 -8.77
O4' OMC T 401 -10.65 -73.19 -7.48
O3' OMC T 401 -10.82 -72.72 -11.04
C5' OMC T 401 -8.77 -72.17 -8.63
O5' OMC T 401 -9.13 -70.81 -8.54
P OMC T 401 -8.04 -69.71 -8.18
OP1 OMC T 401 -6.93 -69.78 -9.21
OP2 OMC T 401 -8.76 -68.40 -7.91
P A2M T 407 -23.23 -73.47 -1.01
OP1 A2M T 407 -23.76 -74.52 -0.08
O5' A2M T 407 -21.65 -74.31 -1.19
C5' A2M T 407 -21.72 -75.60 -1.55
C4' A2M T 407 -20.35 -76.06 -2.02
O4' A2M T 407 -19.98 -75.30 -3.13
C3' A2M T 407 -19.30 -75.86 -0.95
O3' A2M T 407 -19.45 -76.89 -0.03
C2' A2M T 407 -18.03 -75.77 -1.76
O2' A2M T 407 -17.60 -77.01 -2.24
C1' A2M T 407 -18.63 -74.96 -2.93
CM' A2M T 407 -16.40 -76.88 -2.94
N9 A2M T 407 -18.52 -73.53 -2.79
C8 A2M T 407 -19.45 -72.51 -2.57
N7 A2M T 407 -18.88 -71.29 -2.52
C5 A2M T 407 -17.54 -71.56 -2.72
C6 A2M T 407 -16.41 -70.77 -2.78
N6 A2M T 407 -16.48 -69.40 -2.64
N1 A2M T 407 -15.17 -71.28 -2.99
C2 A2M T 407 -15.11 -72.63 -3.14
N3 A2M T 407 -16.09 -73.54 -3.10
C4 A2M T 407 -17.29 -72.94 -2.89
OP2 A2M T 407 -23.16 -72.05 -0.54
P A2M T 423 19.18 -59.78 6.85
OP1 A2M T 423 19.54 -60.63 5.67
O5' A2M T 423 19.23 -61.20 7.99
C5' A2M T 423 20.38 -61.88 8.05
C4' A2M T 423 20.49 -62.54 9.41
O4' A2M T 423 20.53 -61.55 10.40
C3' A2M T 423 19.30 -63.45 9.68
O3' A2M T 423 19.59 -64.67 9.08
C2' A2M T 423 19.16 -63.36 11.20
O2' A2M T 423 20.05 -64.19 11.91
C1' A2M T 423 19.58 -61.89 11.37
CM' A2M T 423 19.69 -64.22 13.27
N9 A2M T 423 18.48 -60.96 11.37
C8 A2M T 423 17.52 -60.61 10.42
N7 A2M T 423 16.64 -59.70 10.85
C5 A2M T 423 17.04 -59.46 12.15
C6 A2M T 423 16.58 -58.63 13.15
N6 A2M T 423 15.48 -57.81 12.96
N1 A2M T 423 17.15 -58.57 14.37
C2 A2M T 423 18.23 -59.37 14.55
N3 A2M T 423 18.81 -60.23 13.70
C4 A2M T 423 18.18 -60.23 12.51
OP2 A2M T 423 17.90 -59.00 6.82
P OMG T 448 9.06 -83.07 19.32
OP1 OMG T 448 9.54 -82.04 20.33
OP2 OMG T 448 9.04 -82.72 17.82
O5' OMG T 448 9.94 -84.38 19.50
C5' OMG T 448 10.18 -84.94 20.78
C4' OMG T 448 10.54 -86.40 20.69
O4' OMG T 448 9.48 -87.13 20.03
C3' OMG T 448 11.79 -86.70 19.87
O3' OMG T 448 12.98 -86.53 20.61
C2' OMG T 448 11.54 -88.15 19.44
O2' OMG T 448 11.83 -89.03 20.52
CM2 OMG T 448 11.64 -90.39 20.18
C1' OMG T 448 10.04 -88.14 19.21
N9 OMG T 448 9.69 -87.83 17.81
C8 OMG T 448 9.07 -86.70 17.35
N7 OMG T 448 8.90 -86.71 16.07
C5 OMG T 448 9.44 -87.90 15.66
C6 OMG T 448 9.56 -88.45 14.35
O6 OMG T 448 9.18 -87.99 13.29
N1 OMG T 448 10.18 -89.69 14.40
C2 OMG T 448 10.64 -90.31 15.52
N2 OMG T 448 11.21 -91.50 15.35
N3 OMG T 448 10.54 -89.80 16.72
C4 OMG T 448 9.94 -88.61 16.73
N1 OMC T 456 25.80 -71.21 18.06
C2 OMC T 456 25.58 -71.67 19.37
N3 OMC T 456 25.65 -73.01 19.59
C4 OMC T 456 25.90 -73.84 18.62
C5 OMC T 456 26.13 -73.42 17.29
C6 OMC T 456 26.05 -72.09 17.07
O2 OMC T 456 25.34 -70.91 20.28
N4 OMC T 456 25.95 -75.15 18.90
C1' OMC T 456 25.75 -69.77 17.71
C2' OMC T 456 26.89 -68.98 18.35
O2' OMC T 456 26.45 -67.65 18.56
CM2 OMC T 456 26.69 -67.18 19.87
C3' OMC T 456 27.94 -69.03 17.26
C4' OMC T 456 27.11 -68.89 16.00
O4' OMC T 456 25.90 -69.65 16.30
O3' OMC T 456 28.94 -68.03 17.38
C5' OMC T 456 27.74 -69.43 14.74
O5' OMC T 456 27.92 -70.84 14.83
P OMC T 456 28.27 -71.69 13.53
OP1 OMC T 456 28.31 -73.16 13.92
OP2 OMC T 456 27.35 -71.23 12.41
P A2M T 515 22.46 -101.57 6.30
OP1 A2M T 515 23.11 -100.98 5.08
O5' A2M T 515 22.57 -100.02 7.23
C5' A2M T 515 23.62 -99.23 6.96
C4' A2M T 515 23.18 -98.08 6.07
O4' A2M T 515 21.89 -97.63 6.47
C3' A2M T 515 24.13 -96.91 6.17
O3' A2M T 515 25.23 -97.22 5.39
C2' A2M T 515 23.23 -95.73 5.83
O2' A2M T 515 22.91 -95.61 4.47
C1' A2M T 515 22.00 -96.24 6.62
CM' A2M T 515 21.90 -94.65 4.31
N9 A2M T 515 22.01 -95.94 8.02
C8 A2M T 515 21.90 -96.74 9.16
N7 A2M T 515 21.98 -96.05 10.30
C5 A2M T 515 22.18 -94.74 9.87
C6 A2M T 515 22.34 -93.54 10.53
N6 A2M T 515 22.35 -93.46 11.91
N1 A2M T 515 22.52 -92.37 9.86
C2 A2M T 515 22.52 -92.46 8.51
N3 A2M T 515 22.37 -93.52 7.72
C4 A2M T 515 22.20 -94.65 8.45
OP2 A2M T 515 23.11 -102.75 6.96
P OMG T 540 54.93 -48.18 20.78
OP1 OMG T 540 55.99 -49.27 20.92
OP2 OMG T 540 53.81 -48.34 19.77
O5' OMG T 540 54.29 -47.93 22.21
C5' OMG T 540 54.96 -47.15 23.19
C4' OMG T 540 54.04 -46.12 23.78
O4' OMG T 540 53.32 -45.47 22.72
C3' OMG T 540 52.94 -46.68 24.70
O3' OMG T 540 53.22 -46.50 26.07
C2' OMG T 540 51.63 -46.02 24.24
O2' OMG T 540 51.00 -45.32 25.32
CM2 OMG T 540 51.40 -43.98 25.59
C1' OMG T 540 52.10 -45.00 23.21
N9 OMG T 540 51.18 -44.85 22.07
C8 OMG T 540 51.52 -44.97 20.75
N7 OMG T 540 50.52 -44.74 19.95
C5 OMG T 540 49.47 -44.44 20.78
C6 OMG T 540 48.13 -44.10 20.45
O6 OMG T 540 47.61 -44.01 19.36
N1 OMG T 540 47.40 -43.88 21.61
C2 OMG T 540 47.87 -43.96 22.89
N2 OMG T 540 46.99 -43.70 23.87
N3 OMG T 540 49.10 -44.26 23.18
C4 OMG T 540 49.86 -44.50 22.10
N1 OMU T 566 58.84 -33.31 -1.44
C2 OMU T 566 58.51 -34.60 -2.16
N3 OMU T 566 57.78 -34.56 -3.46
C4 OMU T 566 57.38 -33.27 -4.01
C5 OMU T 566 57.70 -32.01 -3.30
C6 OMU T 566 58.43 -32.05 -2.01
O2 OMU T 566 58.87 -35.65 -1.68
O4 OMU T 566 56.80 -33.24 -5.00
C1' OMU T 566 59.58 -33.34 -0.17
C2' OMU T 566 59.99 -31.96 0.32
O2' OMU T 566 61.17 -31.50 -0.29
CM2 OMU T 566 61.52 -30.21 0.06
C3' OMU T 566 60.12 -32.22 1.81
C4' OMU T 566 58.99 -33.20 2.09
O3' OMU T 566 61.37 -32.85 2.07
O4' OMU T 566 58.73 -33.87 0.82
C5' OMU T 566 57.71 -32.57 2.58
O5' OMU T 566 57.84 -31.15 2.72
P OMU T 566 56.79 -30.32 3.56
OP1 OMU T 566 57.03 -30.57 5.03
OP2 OMU T 566 56.79 -28.92 3.02
P OMG T 583 39.19 -72.89 17.10
OP1 OMG T 583 40.17 -73.53 18.08
OP2 OMG T 583 37.77 -73.45 16.97
O5' OMG T 583 39.08 -71.34 17.49
C5' OMG T 583 40.16 -70.66 18.12
C4' OMG T 583 40.88 -69.77 17.14
O4' OMG T 583 40.52 -70.13 15.78
C3' OMG T 583 40.54 -68.29 17.22
O3' OMG T 583 41.22 -67.64 18.27
C2' OMG T 583 40.93 -67.78 15.83
O2' OMG T 583 42.33 -67.51 15.78
CM2 OMG T 583 42.84 -67.33 14.49
C1' OMG T 583 40.63 -68.99 14.95
N9 OMG T 583 39.38 -68.85 14.19
C8 OMG T 583 38.18 -69.47 14.46
N7 OMG T 583 37.26 -69.17 13.59
C5 OMG T 583 37.88 -68.33 12.70
C6 OMG T 583 37.37 -67.68 11.54
O6 OMG T 583 36.25 -67.73 11.08
N1 OMG T 583 38.36 -66.91 10.93
C2 OMG T 583 39.64 -66.77 11.36
N2 OMG T 583 40.43 -65.97 10.63
N3 OMG T 583 40.11 -67.37 12.44
C4 OMG T 583 39.20 -68.13 13.05
N1 PSU T 588 29.10 -53.88 20.40
C2 PSU T 588 29.01 -55.20 20.03
N3 PSU T 588 27.90 -55.66 19.35
C4 PSU T 588 26.88 -54.79 19.06
C5 PSU T 588 26.96 -53.46 19.43
C6 PSU T 588 28.10 -53.02 20.11
O2 PSU T 588 29.93 -55.97 20.31
O4 PSU T 588 25.89 -55.19 18.46
C1' PSU T 588 25.84 -52.52 19.08
C2' PSU T 588 25.07 -52.01 20.30
O2' PSU T 588 23.70 -51.84 19.93
C3' PSU T 588 25.72 -50.65 20.52
C4' PSU T 588 26.07 -50.19 19.12
O3' PSU T 588 24.90 -49.73 21.22
O4' PSU T 588 26.34 -51.41 18.38
C5' PSU T 588 27.26 -49.26 19.00
O5' PSU T 588 28.44 -49.88 19.49
P PSU T 588 29.89 -49.35 19.08
OP1 PSU T 588 29.97 -47.89 19.30
OP2 PSU T 588 30.85 -50.25 19.75
N1 PSU T 590 27.02 -53.63 26.34
C2 PSU T 590 28.19 -54.36 26.25
N3 PSU T 590 28.35 -55.49 27.00
C4 PSU T 590 27.34 -55.92 27.83
C5 PSU T 590 26.17 -55.18 27.91
C6 PSU T 590 26.02 -54.03 27.15
O2 PSU T 590 29.09 -53.99 25.51
O4 PSU T 590 27.47 -56.93 28.50
C1' PSU T 590 25.05 -55.61 28.82
C2' PSU T 590 25.33 -55.24 30.27
O2' PSU T 590 24.75 -56.24 31.10
C3' PSU T 590 24.57 -53.93 30.40
C4' PSU T 590 23.35 -54.16 29.52
O3' PSU T 590 24.23 -53.60 31.73
O4' PSU T 590 23.86 -54.97 28.43
C5' PSU T 590 22.71 -52.91 28.97
O5' PSU T 590 23.65 -52.09 28.31
P PSU T 590 23.17 -50.96 27.30
OP1 PSU T 590 22.28 -50.03 28.03
OP2 PSU T 590 24.36 -50.44 26.59
P A2M T 607 33.21 -22.45 41.52
OP1 A2M T 607 32.55 -21.41 40.68
O5' A2M T 607 33.84 -23.86 40.62
C5' A2M T 607 34.20 -24.91 41.35
C4' A2M T 607 34.71 -25.97 40.44
O4' A2M T 607 35.53 -26.82 41.18
C3' A2M T 607 33.55 -26.79 39.89
O3' A2M T 607 33.04 -26.05 38.84
C2' A2M T 607 34.22 -28.13 39.60
O2' A2M T 607 34.69 -28.23 38.29
C1' A2M T 607 35.43 -28.07 40.59
CM' A2M T 607 35.00 -29.55 37.98
N9 A2M T 607 35.48 -29.06 41.61
C8 A2M T 607 34.49 -29.74 42.35
N7 A2M T 607 35.00 -30.61 43.23
C5 A2M T 607 36.38 -30.49 43.04
C6 A2M T 607 37.48 -31.08 43.61
N6 A2M T 607 37.35 -32.04 44.60
N1 A2M T 607 38.74 -30.79 43.24
C2 A2M T 607 38.86 -29.85 42.28
N3 A2M T 607 37.92 -29.17 41.61
C4 A2M T 607 36.69 -29.53 42.04
OP2 A2M T 607 32.36 -23.34 42.38
N1 PSU T 620 8.57 -39.34 60.90
C2 PSU T 620 9.03 -38.34 61.74
N3 PSU T 620 10.38 -38.12 61.86
C4 PSU T 620 11.26 -38.90 61.15
C5 PSU T 620 10.79 -39.89 60.32
C6 PSU T 620 9.42 -40.10 60.21
O2 PSU T 620 8.23 -37.65 62.37
O4 PSU T 620 12.47 -38.70 61.27
C1' PSU T 620 11.73 -40.75 59.53
C2' PSU T 620 12.53 -41.73 60.38
O2' PSU T 620 13.83 -41.85 59.83
C3' PSU T 620 11.76 -43.03 60.16
C4' PSU T 620 11.27 -42.90 58.73
O3' PSU T 620 12.54 -44.19 60.37
O4' PSU T 620 10.99 -41.49 58.58
C5' PSU T 620 10.04 -43.70 58.39
O5' PSU T 620 8.99 -43.43 59.31
P PSU T 620 7.51 -43.91 58.99
OP1 PSU T 620 7.55 -45.36 58.71
OP2 PSU T 620 6.60 -43.39 60.04
P OMG T 622 15.38 -44.51 66.76
OP1 OMG T 622 16.47 -45.57 66.92
OP2 OMG T 622 13.92 -44.93 66.55
O5' OMG T 622 15.43 -43.55 68.02
C5' OMG T 622 14.24 -43.00 68.57
C4' OMG T 622 14.49 -41.65 69.19
O4' OMG T 622 13.71 -40.65 68.47
C3' OMG T 622 14.07 -41.51 70.65
O3' OMG T 622 15.12 -41.83 71.53
C2' OMG T 622 13.62 -40.06 70.76
O2' OMG T 622 14.73 -39.19 70.90
CM2 OMG T 622 14.38 -37.85 71.11
C1' OMG T 622 13.02 -39.83 69.38
N9 OMG T 622 11.58 -40.17 69.31
C8 OMG T 622 11.02 -41.26 68.67
N7 OMG T 622 9.73 -41.29 68.78
C5 OMG T 622 9.42 -40.18 69.53
C6 OMG T 622 8.16 -39.71 69.97
O6 OMG T 622 7.05 -40.18 69.79
N1 OMG T 622 8.31 -38.54 70.72
C2 OMG T 622 9.49 -37.91 70.99
N2 OMG T 622 9.43 -36.79 71.73
N3 OMG T 622 10.65 -38.36 70.58
C4 OMG T 622 10.55 -39.48 69.86
N1 PSU T 625 13.98 -45.04 81.12
C2 PSU T 625 12.61 -45.10 81.07
N3 PSU T 625 11.87 -45.27 82.21
C4 PSU T 625 12.52 -45.38 83.42
C5 PSU T 625 13.91 -45.33 83.47
C6 PSU T 625 14.63 -45.16 82.30
O2 PSU T 625 12.03 -45.00 79.98
O4 PSU T 625 11.88 -45.53 84.45
C1' PSU T 625 14.63 -45.45 84.77
C2' PSU T 625 14.61 -46.89 85.28
O2' PSU T 625 14.61 -46.86 86.70
C3' PSU T 625 15.92 -47.42 84.75
C4' PSU T 625 16.85 -46.22 84.85
O3' PSU T 625 16.41 -48.54 85.46
O4' PSU T 625 15.98 -45.08 84.57
C5' PSU T 625 18.01 -46.19 83.90
O5' PSU T 625 17.57 -46.28 82.56
P PSU T 625 18.61 -46.27 81.36
OP1 PSU T 625 19.73 -47.15 81.74
OP2 PSU T 625 17.82 -46.55 80.15
N1 OMU T 670 0.85 -58.17 77.34
C2 OMU T 670 0.98 -56.97 76.43
N3 OMU T 670 2.22 -56.14 76.47
C4 OMU T 670 3.30 -56.50 77.38
C5 OMU T 670 3.15 -57.68 78.28
C6 OMU T 670 1.92 -58.50 78.23
O2 OMU T 670 0.09 -56.66 75.64
O4 OMU T 670 4.23 -55.87 77.42
C1' OMU T 670 -0.36 -59.03 77.31
C2' OMU T 670 -0.53 -59.73 75.98
O2' OMU T 670 -1.91 -59.99 75.77
CM2 OMU T 670 -2.64 -58.86 75.41
C3' OMU T 670 0.23 -61.03 76.23
C4' OMU T 670 -0.12 -61.33 77.67
O3' OMU T 670 -0.10 -62.08 75.35
O4' OMU T 670 -0.21 -60.02 78.30
C5' OMU T 670 0.86 -62.20 78.42
O5' OMU T 670 0.81 -61.96 79.81
P OMU T 670 2.12 -62.14 80.71
OP1 OMU T 670 2.37 -63.60 80.89
OP2 OMU T 670 3.20 -61.24 80.14
N1 PSU T 672 6.44 -59.10 71.99
C2 PSU T 672 7.55 -58.31 72.09
N3 PSU T 672 7.78 -57.31 71.17
C4 PSU T 672 6.89 -57.10 70.14
C5 PSU T 672 5.76 -57.91 70.05
C6 PSU T 672 5.55 -58.90 70.99
O2 PSU T 672 8.35 -58.49 73.01
O4 PSU T 672 7.11 -56.21 69.33
C1' PSU T 672 4.75 -57.73 68.94
C2' PSU T 672 5.37 -58.12 67.60
O2' PSU T 672 4.69 -57.41 66.57
C3' PSU T 672 5.03 -59.60 67.55
C4' PSU T 672 3.65 -59.65 68.16
O3' PSU T 672 5.07 -60.15 66.23
O4' PSU T 672 3.68 -58.62 69.19
C5' PSU T 672 3.24 -60.96 68.77
O5' PSU T 672 2.04 -61.45 68.22
P PSU T 672 0.80 -61.85 69.14
OP1 PSU T 672 -0.15 -62.64 68.34
OP2 PSU T 672 1.42 -62.42 70.37
N1 PSU T 685 20.50 -78.41 39.19
C2 PSU T 685 20.18 -77.46 40.15
N3 PSU T 685 20.19 -76.12 39.83
C4 PSU T 685 20.52 -75.72 38.56
C5 PSU T 685 20.85 -76.68 37.60
C6 PSU T 685 20.82 -78.03 37.94
O2 PSU T 685 19.88 -77.82 41.29
O4 PSU T 685 20.54 -74.53 38.28
C1' PSU T 685 21.21 -76.25 36.21
C2' PSU T 685 22.63 -75.68 36.16
O2' PSU T 685 22.67 -74.67 35.18
C3' PSU T 685 23.43 -76.90 35.73
C4' PSU T 685 22.48 -77.59 34.78
O3' PSU T 685 24.67 -76.56 35.12
O4' PSU T 685 21.17 -77.37 35.35
C5' PSU T 685 22.70 -79.08 34.61
O5' PSU T 685 22.62 -79.75 35.86
P PSU T 685 22.47 -81.34 35.92
OP1 PSU T 685 23.49 -81.93 35.04
OP2 PSU T 685 22.41 -81.74 37.35
N1 PSU T 734 14.82 -55.79 73.97
C2 PSU T 734 14.79 -56.75 72.99
N3 PSU T 734 15.74 -56.76 71.99
C4 PSU T 734 16.70 -55.78 71.98
C5 PSU T 734 16.74 -54.81 72.97
C6 PSU T 734 15.77 -54.83 73.97
O2 PSU T 734 13.92 -57.62 73.01
O4 PSU T 734 17.55 -55.77 71.10
C1' PSU T 734 17.80 -53.75 72.97
C2' PSU T 734 17.39 -52.51 72.17
O2' PSU T 734 18.54 -52.00 71.52
C3' PSU T 734 16.95 -51.56 73.29
C4' PSU T 734 17.90 -51.92 74.41
O3' PSU T 734 17.01 -50.19 72.94
O4' PSU T 734 18.10 -53.34 74.28
C5' PSU T 734 17.40 -51.60 75.80
O5' PSU T 734 17.81 -52.57 76.74
P PSU T 734 16.75 -53.28 77.69
OP1 PSU T 734 16.44 -52.31 78.77
OP2 PSU T 734 15.64 -53.81 76.87
N1 PSU T 737 6.41 -51.18 74.84
C2 PSU T 737 6.42 -52.44 75.38
N3 PSU T 737 5.33 -53.27 75.23
C4 PSU T 737 4.23 -52.83 74.53
C5 PSU T 737 4.23 -51.55 73.98
C6 PSU T 737 5.34 -50.74 74.14
O2 PSU T 737 7.40 -52.84 76.01
O4 PSU T 737 3.25 -53.56 74.39
C1' PSU T 737 3.05 -51.06 73.21
C2' PSU T 737 1.95 -50.54 74.14
O2' PSU T 737 0.69 -50.86 73.58
C3' PSU T 737 2.18 -49.04 74.09
C4' PSU T 737 2.66 -48.82 72.65
O3' PSU T 737 1.03 -48.28 74.41
O4' PSU T 737 3.43 -50.01 72.36
C5' PSU T 737 3.51 -47.60 72.43
O5' PSU T 737 4.61 -47.55 73.32
P PSU T 737 5.80 -46.53 73.08
OP1 PSU T 737 5.30 -45.14 72.94
OP2 PSU T 737 6.85 -46.82 74.08
P OMG T 738 1.18 -46.81 75.03
OP1 OMG T 738 1.23 -45.80 73.87
OP2 OMG T 738 2.30 -46.84 76.06
O5' OMG T 738 -0.19 -46.57 75.81
C5' OMG T 738 -0.26 -46.79 77.21
C4' OMG T 738 -0.85 -48.13 77.53
O4' OMG T 738 -0.06 -49.17 76.92
C3' OMG T 738 -0.87 -48.51 79.01
O3' OMG T 738 -1.95 -47.92 79.71
C2' OMG T 738 -0.94 -50.04 78.96
O2' OMG T 738 -2.28 -50.47 78.77
CM2 OMG T 738 -2.43 -51.87 78.66
C1' OMG T 738 -0.15 -50.35 77.68
N9 OMG T 738 1.21 -50.86 77.93
C8 OMG T 738 2.39 -50.22 77.64
N7 OMG T 738 3.42 -50.94 77.94
C5 OMG T 738 2.92 -52.12 78.42
C6 OMG T 738 3.58 -53.28 78.90
O6 OMG T 738 4.76 -53.51 78.99
N1 OMG T 738 2.64 -54.24 79.29
C2 OMG T 738 1.28 -54.12 79.24
N2 OMG T 738 0.57 -55.17 79.67
N3 OMG T 738 0.68 -53.04 78.80
C4 OMG T 738 1.53 -52.09 78.41
N1 PSU T 837 26.33 27.45 27.58
C2 PSU T 837 26.96 28.08 28.64
N3 PSU T 837 26.35 28.13 29.88
C4 PSU T 837 25.11 27.55 30.04
C5 PSU T 837 24.48 26.94 28.97
C6 PSU T 837 25.11 26.89 27.74
O2 PSU T 837 28.07 28.58 28.49
O4 PSU T 837 24.58 27.60 31.15
C1' PSU T 837 23.13 26.28 29.13
C2' PSU T 837 21.99 27.26 29.43
O2' PSU T 837 21.12 26.65 30.37
C3' PSU T 837 21.31 27.37 28.06
C4' PSU T 837 21.51 25.99 27.47
O3' PSU T 837 19.94 27.73 28.15
O4' PSU T 837 22.80 25.57 27.95
C5' PSU T 837 21.49 25.92 25.96
O5' PSU T 837 22.62 26.56 25.39
P PSU T 837 22.76 26.73 23.82
OP1 PSU T 837 21.37 26.76 23.32
OP2 PSU T 837 23.69 27.83 23.54
N1 PSU T 875 10.22 9.97 69.85
C2 PSU T 875 9.04 9.68 69.19
N3 PSU T 875 7.84 10.09 69.72
C4 PSU T 875 7.81 10.79 70.90
C5 PSU T 875 9.00 11.07 71.57
C6 PSU T 875 10.19 10.64 71.03
O2 PSU T 875 9.07 9.07 68.13
O4 PSU T 875 6.73 11.14 71.37
C1' PSU T 875 8.99 11.82 72.87
C2' PSU T 875 8.42 10.97 74.00
O2' PSU T 875 7.73 11.83 74.90
C3' PSU T 875 9.70 10.43 74.64
C4' PSU T 875 10.67 11.59 74.48
O3' PSU T 875 9.53 10.04 75.98
O4' PSU T 875 10.31 12.17 73.20
C5' PSU T 875 12.12 11.22 74.49
O5' PSU T 875 12.42 10.21 73.55
P PSU T 875 13.92 9.87 73.16
OP1 PSU T 875 14.66 9.59 74.41
OP2 PSU T 875 13.90 8.87 72.07
P A2M T 902 0.12 -17.70 51.96
OP1 A2M T 902 -0.95 -16.86 51.36
O5' A2M T 902 1.13 -16.91 53.23
C5' A2M T 902 0.50 -16.61 54.38
C4' A2M T 902 1.52 -16.16 55.41
O4' A2M T 902 2.31 -17.25 55.80
C3' A2M T 902 2.44 -15.10 54.84
O3' A2M T 902 1.72 -13.92 54.79
C2' A2M T 902 3.62 -15.21 55.78
O2' A2M T 902 3.38 -14.63 57.03
C1' A2M T 902 3.62 -16.75 55.91
CM' A2M T 902 4.34 -15.03 57.96
N9 A2M T 902 4.47 -17.45 55.00
C8 A2M T 902 4.22 -18.27 53.90
N7 A2M T 902 5.34 -18.72 53.31
C5 A2M T 902 6.35 -18.15 54.07
C6 A2M T 902 7.73 -18.19 54.02
N6 A2M T 902 8.39 -18.92 53.06
N1 A2M T 902 8.51 -17.54 54.91
C2 A2M T 902 7.86 -16.82 55.85
N3 A2M T 902 6.54 -16.66 56.04
C4 A2M T 902 5.84 -17.35 55.12
OP2 A2M T 902 1.32 -18.06 51.14
N1 PSU T 916 10.94 15.71 45.47
C2 PSU T 916 11.80 14.74 45.94
N3 PSU T 916 13.01 15.08 46.49
C4 PSU T 916 13.36 16.42 46.58
C5 PSU T 916 12.50 17.38 46.10
C6 PSU T 916 11.28 17.02 45.55
O2 PSU T 916 11.48 13.55 45.87
O4 PSU T 916 14.44 16.72 47.07
C1' PSU T 916 12.86 18.84 46.18
C2' PSU T 916 13.94 19.19 45.15
O2' PSU T 916 14.77 20.20 45.69
C3' PSU T 916 13.10 19.74 44.01
C4' PSU T 916 11.98 20.47 44.76
O3' PSU T 916 13.82 20.60 43.15
O4' PSU T 916 11.74 19.63 45.92
C5' PSU T 916 10.70 20.67 44.00
O5' PSU T 916 10.81 20.28 42.65
P PSU T 916 9.60 19.58 41.90
OP1 PSU T 916 8.41 20.44 42.11
OP2 PSU T 916 9.97 19.18 40.53
N1 PSU T 917 13.58 15.56 43.10
C2 PSU T 917 13.52 14.19 43.17
N3 PSU T 917 14.57 13.47 43.69
C4 PSU T 917 15.69 14.13 44.15
C5 PSU T 917 15.76 15.52 44.06
C6 PSU T 917 14.68 16.21 43.53
O2 PSU T 917 12.52 13.59 42.77
O4 PSU T 917 16.63 13.49 44.62
C1' PSU T 917 16.96 16.27 44.55
C2' PSU T 917 18.18 16.07 43.66
O2' PSU T 917 19.34 16.14 44.47
C3' PSU T 917 18.09 17.26 42.73
C4' PSU T 917 17.55 18.35 43.63
O3' PSU T 917 19.33 17.61 42.13
O4' PSU T 917 16.66 17.65 44.53
C5' PSU T 917 16.80 19.47 42.95
O5' PSU T 917 15.61 19.00 42.34
P PSU T 917 14.50 20.02 41.82
OP1 PSU T 917 15.28 21.10 41.16
OP2 PSU T 917 13.49 19.26 41.05
N1 PSU T 927 32.60 14.09 20.77
C2 PSU T 927 32.05 12.85 20.53
N3 PSU T 927 32.72 11.71 20.89
C4 PSU T 927 33.96 11.81 21.48
C5 PSU T 927 34.52 13.06 21.71
C6 PSU T 927 33.81 14.18 21.35
O2 PSU T 927 30.95 12.77 20.01
O4 PSU T 927 34.57 10.78 21.80
C1' PSU T 927 35.86 13.20 22.38
C2' PSU T 927 37.03 12.81 21.48
O2' PSU T 927 38.06 12.28 22.29
C3' PSU T 927 37.45 14.16 20.92
C4' PSU T 927 37.18 15.10 22.08
O3' PSU T 927 38.79 14.21 20.47
O4' PSU T 927 36.02 14.55 22.73
C5' PSU T 927 36.92 16.54 21.71
O5' PSU T 927 36.01 16.62 20.62
P PSU T 927 35.25 17.98 20.30
OP1 PSU T 927 36.27 19.00 20.01
OP2 PSU T 927 34.18 17.72 19.32
N1 PSU T 952 12.44 -12.79 45.29
C2 PSU T 952 12.81 -11.51 45.65
N3 PSU T 952 13.25 -10.62 44.68
C4 PSU T 952 13.31 -11.03 43.37
C5 PSU T 952 12.92 -12.32 43.03
C6 PSU T 952 12.49 -13.19 44.01
O2 PSU T 952 12.76 -11.15 46.82
O4 PSU T 952 13.69 -10.25 42.50
C1' PSU T 952 12.98 -12.77 41.59
C2' PSU T 952 14.40 -13.19 41.19
O2' PSU T 952 14.61 -12.80 39.84
C3' PSU T 952 14.31 -14.70 41.31
C4' PSU T 952 12.90 -15.00 40.87
O3' PSU T 952 15.26 -15.38 40.52
O4' PSU T 952 12.13 -13.88 41.41
C5' PSU T 952 12.32 -16.29 41.36
O5' PSU T 952 12.40 -16.39 42.77
P PSU T 952 11.08 -16.53 43.65
OP1 PSU T 952 10.38 -17.75 43.21
OP2 PSU T 952 11.44 -16.37 45.08
N1 PSU T 1045 7.89 -25.88 27.48
C2 PSU T 1045 8.09 -26.55 28.66
N3 PSU T 1045 7.69 -27.86 28.78
C4 PSU T 1045 7.10 -28.49 27.72
C5 PSU T 1045 6.90 -27.81 26.52
C6 PSU T 1045 7.31 -26.49 26.43
O2 PSU T 1045 8.62 -25.98 29.60
O4 PSU T 1045 6.74 -29.66 27.81
C1' PSU T 1045 6.25 -28.49 25.36
C2' PSU T 1045 4.72 -28.47 25.50
O2' PSU T 1045 4.20 -29.63 24.89
C3' PSU T 1045 4.38 -27.24 24.67
C4' PSU T 1045 5.38 -27.31 23.54
O3' PSU T 1045 3.04 -27.22 24.22
O4' PSU T 1045 6.58 -27.83 24.17
C5' PSU T 1045 5.69 -25.99 22.87
O5' PSU T 1045 6.04 -25.00 23.82
P PSU T 1045 6.86 -23.71 23.40
OP1 PSU T 1045 6.13 -22.98 22.35
OP2 PSU T 1045 7.28 -23.01 24.62
N1 PSU T 1048 0.19 -23.73 33.48
C2 PSU T 1048 1.14 -22.73 33.37
N3 PSU T 1048 1.65 -22.14 34.49
C4 PSU T 1048 1.23 -22.53 35.73
C5 PSU T 1048 0.25 -23.51 35.85
C6 PSU T 1048 -0.24 -24.11 34.70
O2 PSU T 1048 1.53 -22.40 32.26
O4 PSU T 1048 1.69 -21.98 36.73
C1' PSU T 1048 -0.23 -23.97 37.20
C2' PSU T 1048 -1.13 -22.94 37.86
O2' PSU T 1048 -0.96 -23.02 39.27
C3' PSU T 1048 -2.51 -23.42 37.45
C4' PSU T 1048 -2.35 -24.93 37.49
O3' PSU T 1048 -3.55 -22.95 38.30
O4' PSU T 1048 -1.00 -25.16 37.03
C5' PSU T 1048 -3.31 -25.70 36.63
O5' PSU T 1048 -3.30 -25.22 35.30
P PSU T 1048 -3.94 -26.08 34.12
OP1 PSU T 1048 -5.34 -26.38 34.46
OP2 PSU T 1048 -3.63 -25.39 32.85
N1 PSU T 1103 74.26 5.81 -5.65
C2 PSU T 1103 73.20 6.04 -4.81
N3 PSU T 1103 73.19 5.53 -3.53
C4 PSU T 1103 74.25 4.77 -3.11
C5 PSU T 1103 75.32 4.53 -3.95
C6 PSU T 1103 75.30 5.07 -5.23
O2 PSU T 1103 72.25 6.73 -5.21
O4 PSU T 1103 74.24 4.31 -1.97
C1' PSU T 1103 76.49 3.70 -3.49
C2' PSU T 1103 76.19 2.21 -3.63
O2' PSU T 1103 76.84 1.52 -2.58
C3' PSU T 1103 76.87 1.91 -4.97
C4' PSU T 1103 78.10 2.79 -4.92
O3' PSU T 1103 77.18 0.55 -5.15
O4' PSU T 1103 77.64 4.00 -4.25
C5' PSU T 1103 78.70 3.14 -6.26
O5' PSU T 1103 77.71 3.69 -7.12
P PSU T 1103 78.12 4.35 -8.51
OP1 PSU T 1103 79.11 3.47 -9.15
OP2 PSU T 1103 76.88 4.72 -9.20
N1 PSU T 1115 72.31 -11.12 -6.82
C2 PSU T 1115 73.31 -10.59 -6.03
N3 PSU T 1115 73.88 -11.35 -5.03
C4 PSU T 1115 73.45 -12.64 -4.82
C5 PSU T 1115 72.44 -13.16 -5.62
C6 PSU T 1115 71.89 -12.38 -6.62
O2 PSU T 1115 73.69 -9.44 -6.21
O4 PSU T 1115 73.94 -13.32 -3.93
C1' PSU T 1115 71.97 -14.57 -5.41
C2' PSU T 1115 71.01 -14.65 -4.22
O2' PSU T 1115 71.19 -15.91 -3.60
C3' PSU T 1115 69.66 -14.59 -4.92
C4' PSU T 1115 69.90 -15.35 -6.21
O3' PSU T 1115 68.60 -15.14 -4.15
O4' PSU T 1115 71.27 -15.01 -6.56
C5' PSU T 1115 68.99 -15.00 -7.35
O5' PSU T 1115 69.12 -13.62 -7.70
P PSU T 1115 68.48 -13.05 -9.04
OP1 PSU T 1115 67.12 -13.60 -9.14
OP2 PSU T 1115 68.70 -11.59 -9.06
O5' B8N T 1119 62.02 -4.55 9.43
C5' B8N T 1119 63.15 -3.71 9.29
C4' B8N T 1119 63.44 -2.98 10.57
O4' B8N T 1119 62.31 -3.10 11.45
C3' B8N T 1119 64.59 -3.52 11.40
O3' B8N T 1119 65.85 -3.04 10.96
C2' B8N T 1119 64.26 -3.08 12.83
O2' B8N T 1119 64.79 -1.80 13.10
C1' B8N T 1119 62.72 -2.96 12.78
C5 B8N T 1119 61.94 -4.02 13.67
C6 B8N T 1119 61.62 -5.27 13.06
N1 B8N T 1119 60.83 -6.21 14.00
C2 B8N T 1119 60.44 -5.77 15.45
N3 B8N T 1119 60.79 -4.49 15.92
C4 B8N T 1119 61.45 -3.71 15.18
C34 B8N T 1119 59.53 -4.78 19.82
CN1 B8N T 1119 60.43 -7.56 13.52
N34 B8N T 1119 57.36 -3.74 19.39
O2 B8N T 1119 59.82 -6.52 16.13
O4 B8N T 1119 61.72 -2.65 15.66
OP1 B8N T 1119 63.35 -6.57 10.12
OP2 B8N T 1119 60.81 -6.74 9.54
P B8N T 1119 62.16 -6.13 9.30
C31 B8N T 1119 60.45 -4.06 17.30
C32 B8N T 1119 58.96 -3.88 17.56
C33 B8N T 1119 58.77 -3.67 19.07
O36 B8N T 1119 59.17 -5.97 19.71
O35 B8N T 1119 60.51 -4.48 20.54
N1 OMC T 1143 86.12 -30.46 -23.15
C2 OMC T 1143 85.62 -30.23 -21.85
N3 OMC T 1143 84.31 -29.99 -21.70
C4 OMC T 1143 83.49 -29.94 -22.73
C5 OMC T 1143 83.95 -30.18 -24.06
C6 OMC T 1143 85.26 -30.42 -24.19
O2 OMC T 1143 86.38 -30.27 -20.89
N4 OMC T 1143 82.21 -29.70 -22.52
C1' OMC T 1143 87.54 -30.75 -23.43
C2' OMC T 1143 87.96 -32.16 -22.98
O2' OMC T 1143 89.27 -32.08 -22.45
CM2 OMC T 1143 89.33 -31.55 -21.15
C3' OMC T 1143 87.95 -32.92 -24.29
C4' OMC T 1143 88.39 -31.88 -25.29
O4' OMC T 1143 87.73 -30.68 -24.83
O3' OMC T 1143 88.81 -34.05 -24.29
C5' OMC T 1143 88.02 -32.16 -26.72
O5' OMC T 1143 87.30 -31.09 -27.29
P OMC T 1143 85.89 -31.33 -27.99
OP1 OMC T 1143 86.12 -32.19 -29.22
OP2 OMC T 1143 84.89 -31.79 -26.94
N1 OMU T 1159 93.82 -45.16 -31.24
C2 OMU T 1159 95.14 -44.51 -31.60
N3 OMU T 1159 95.67 -44.59 -32.99
C4 OMU T 1159 94.91 -45.29 -34.02
C5 OMU T 1159 93.60 -45.93 -33.66
C6 OMU T 1159 93.08 -45.85 -32.28
O2 OMU T 1159 95.81 -43.92 -30.77
O4 OMU T 1159 95.32 -45.34 -35.08
C1' OMU T 1159 93.26 -45.12 -29.86
C2' OMU T 1159 93.01 -43.70 -29.36
O2' OMU T 1159 93.41 -43.62 -28.01
CM2 OMU T 1159 94.78 -43.78 -27.80
C3' OMU T 1159 91.48 -43.59 -29.47
C4' OMU T 1159 91.03 -45.01 -29.19
O3' OMU T 1159 90.92 -42.65 -28.58
O4' OMU T 1159 92.03 -45.82 -29.85
C5' OMU T 1159 89.67 -45.38 -29.70
O5' OMU T 1159 89.71 -46.42 -30.66
P OMU T 1159 88.51 -47.47 -30.80
OP1 OMU T 1159 87.32 -46.91 -30.09
OP2 OMU T 1159 88.41 -47.85 -32.26
N1 OMU T 1197 80.14 -19.72 -5.01
C2 OMU T 1197 80.12 -18.21 -5.03
N3 OMU T 1197 81.18 -17.45 -4.29
C4 OMU T 1197 82.21 -18.17 -3.57
C5 OMU T 1197 82.20 -19.67 -3.56
C6 OMU T 1197 81.16 -20.43 -4.29
O2 OMU T 1197 79.24 -17.63 -5.64
O4 OMU T 1197 83.01 -17.60 -3.00
C1' OMU T 1197 79.10 -20.46 -5.73
C2' OMU T 1197 79.60 -21.22 -6.94
O2' OMU T 1197 79.71 -20.39 -8.08
CM2 OMU T 1197 80.29 -21.02 -9.17
C3' OMU T 1197 78.54 -22.32 -7.06
C4' OMU T 1197 78.20 -22.62 -5.61
O3' OMU T 1197 77.39 -21.77 -7.71
O4' OMU T 1197 78.57 -21.43 -4.86
C5' OMU T 1197 78.90 -23.82 -5.01
O5' OMU T 1197 80.32 -23.71 -5.10
P OMU T 1197 81.20 -24.95 -5.54
OP1 OMU T 1197 82.59 -24.46 -5.87
OP2 OMU T 1197 81.04 -26.02 -4.50
P OMG T 1199 71.55 -22.78 -4.72
OP1 OMG T 1199 70.95 -21.38 -4.82
OP2 OMG T 1199 72.75 -23.02 -3.83
O5' OMG T 1199 70.39 -23.78 -4.29
C5' OMG T 1199 69.18 -23.85 -5.01
C4' OMG T 1199 68.22 -24.82 -4.35
O4' OMG T 1199 68.66 -26.17 -4.60
C3' OMG T 1199 68.15 -24.72 -2.83
O3' OMG T 1199 67.24 -23.72 -2.40
C2' OMG T 1199 67.75 -26.12 -2.41
O2' OMG T 1199 66.34 -26.30 -2.55
CM2 OMG T 1199 65.89 -27.61 -2.30
C1' OMG T 1199 68.43 -26.98 -3.47
N9 OMG T 1199 69.73 -27.52 -3.04
C8 OMG T 1199 70.98 -27.07 -3.39
N7 OMG T 1199 71.93 -27.77 -2.87
C5 OMG T 1199 71.30 -28.75 -2.15
C6 OMG T 1199 71.83 -29.81 -1.36
O6 OMG T 1199 73.00 -30.10 -1.16
N1 OMG T 1199 70.81 -30.57 -0.79
C2 OMG T 1199 69.48 -30.35 -0.95
N2 OMG T 1199 68.65 -31.19 -0.31
N3 OMG T 1199 68.99 -29.37 -1.67
C4 OMG T 1199 69.93 -28.61 -2.24
P 4AC T 1208 82.93 -16.27 16.88
OP1 4AC T 1208 84.08 -15.42 17.37
OP2 4AC T 1208 82.28 -17.27 17.81
O5' 4AC T 1208 81.78 -15.30 16.33
C5' 4AC T 1208 82.06 -14.37 15.30
C4' 4AC T 1208 80.79 -13.83 14.70
O4' 4AC T 1208 80.08 -14.91 14.03
C3' 4AC T 1208 79.78 -13.30 15.72
O3' 4AC T 1208 80.04 -11.96 16.08
C2' 4AC T 1208 78.45 -13.49 15.00
O2' 4AC T 1208 78.24 -12.45 14.05
C1' 4AC T 1208 78.69 -14.78 14.23
N1 4AC T 1208 78.23 -15.99 14.96
C2 4AC T 1208 76.87 -16.28 15.04
O2 4AC T 1208 76.06 -15.49 14.50
N3 4AC T 1208 76.46 -17.39 15.70
C4 4AC T 1208 77.35 -18.19 16.25
N4 4AC T 1208 76.89 -19.34 16.92
C5 4AC T 1208 78.74 -17.93 16.18
C6 4AC T 1208 79.14 -16.83 15.53
C7 4AC T 1208 75.62 -19.77 17.12
O7 4AC T 1208 74.62 -19.16 16.75
CM7 4AC T 1208 75.51 -21.08 17.85
N1 PSU T 1238 71.53 0.07 49.30
C2 PSU T 1238 71.75 -1.12 48.63
N3 PSU T 1238 73.04 -1.52 48.34
C4 PSU T 1238 74.10 -0.73 48.71
C5 PSU T 1238 73.86 0.46 49.37
C6 PSU T 1238 72.57 0.85 49.67
O2 PSU T 1238 70.80 -1.83 48.30
O4 PSU T 1238 75.25 -1.08 48.45
C1' PSU T 1238 75.01 1.34 49.78
C2' PSU T 1238 75.52 2.18 48.62
O2' PSU T 1238 76.92 2.35 48.75
C3' PSU T 1238 74.81 3.51 48.85
C4' PSU T 1238 74.76 3.60 50.37
O3' PSU T 1238 75.46 4.62 48.26
O4' PSU T 1238 74.59 2.23 50.80
C5' PSU T 1238 73.67 4.46 50.94
O5' PSU T 1238 72.41 4.13 50.37
P PSU T 1238 71.09 4.85 50.86
OP1 PSU T 1238 71.34 6.30 50.90
OP2 PSU T 1238 69.95 4.31 50.07
P A2M T 1254 83.92 -20.04 45.90
OP1 A2M T 1254 85.39 -19.84 46.08
O5' A2M T 1254 83.37 -20.30 44.20
C5' A2M T 1254 83.72 -21.46 43.64
C4' A2M T 1254 82.84 -21.76 42.44
O4' A2M T 1254 81.55 -22.10 42.87
C3' A2M T 1254 82.69 -20.54 41.54
O3' A2M T 1254 83.91 -20.33 40.92
C2' A2M T 1254 81.49 -20.97 40.72
O2' A2M T 1254 81.77 -22.01 39.84
C1' A2M T 1254 80.69 -21.50 41.94
CM' A2M T 1254 80.65 -22.84 39.62
N9 A2M T 1254 79.84 -20.55 42.61
C8 A2M T 1254 79.87 -19.98 43.88
N7 A2M T 1254 78.86 -19.12 44.09
C5 A2M T 1254 78.16 -19.14 42.88
C6 A2M T 1254 77.02 -18.51 42.42
N6 A2M T 1254 76.32 -17.61 43.20
N1 A2M T 1254 76.53 -18.71 41.17
C2 A2M T 1254 77.22 -19.58 40.41
N3 A2M T 1254 78.32 -20.29 40.69
C4 A2M T 1254 78.74 -20.02 41.95
OP2 A2M T 1254 82.99 -18.88 46.10
N1 OMC T 1262 95.81 -3.32 27.31
C2 OMC T 1262 94.93 -2.23 27.23
N3 OMC T 1262 94.30 -1.84 28.37
C4 OMC T 1262 94.49 -2.46 29.51
C5 OMC T 1262 95.37 -3.57 29.62
C6 OMC T 1262 95.99 -3.96 28.49
O2 OMC T 1262 94.75 -1.64 26.19
N4 OMC T 1262 93.83 -2.02 30.58
C1' OMC T 1262 96.54 -3.84 26.14
C2' OMC T 1262 97.62 -2.86 25.67
O2' OMC T 1262 97.78 -3.01 24.27
CM2 OMC T 1262 96.71 -2.48 23.52
C3' OMC T 1262 98.84 -3.39 26.40
C4' OMC T 1262 98.63 -4.89 26.33
O4' OMC T 1262 97.20 -5.04 26.50
O3' OMC T 1262 100.07 -2.97 25.84
C5' OMC T 1262 99.36 -5.71 27.36
O5' OMC T 1262 99.15 -5.19 28.66
P OMC T 1262 99.69 -5.98 29.94
OP1 OMC T 1262 101.18 -6.22 29.74
OP2 OMC T 1262 99.20 -5.24 31.18
N1 OMU T 1313 117.86 15.10 28.45
C2 OMU T 1313 117.93 15.92 27.18
N3 OMU T 1313 119.08 15.73 26.24
C4 OMU T 1313 120.12 14.77 26.56
C5 OMU T 1313 120.04 13.97 27.82
C6 OMU T 1313 118.90 14.16 28.74
O2 OMU T 1313 117.06 16.73 26.91
O4 OMU T 1313 120.99 14.62 25.85
C1' OMU T 1313 116.74 15.28 29.40
C2' OMU T 1313 115.41 14.79 28.84
O2' OMU T 1313 114.38 15.65 29.30
CM2 OMU T 1313 114.49 16.97 28.87
C3' OMU T 1313 115.28 13.41 29.48
C4' OMU T 1313 115.94 13.62 30.83
O3' OMU T 1313 113.95 12.96 29.57
O4' OMU T 1313 117.02 14.52 30.56
C5' OMU T 1313 116.48 12.37 31.48
O5' OMU T 1313 116.09 11.20 30.77
P OMU T 1313 117.03 9.92 30.75
OP1 OMU T 1313 117.58 9.74 32.13
OP2 OMU T 1313 116.27 8.80 30.08
P OMG T 1361 66.23 -19.13 12.78
OP1 OMG T 1361 65.52 -18.93 11.45
OP2 OMG T 1361 67.71 -19.51 12.82
O5' OMG T 1361 66.03 -17.80 13.64
C5' OMG T 1361 65.18 -16.76 13.18
C4' OMG T 1361 65.97 -15.53 12.80
O4' OMG T 1361 66.69 -15.04 13.96
C3' OMG T 1361 67.04 -15.74 11.74
O3' OMG T 1361 66.53 -15.67 10.43
C2' OMG T 1361 68.03 -14.64 12.06
O2' OMG T 1361 67.55 -13.39 11.61
CM2 OMG T 1361 68.49 -12.34 11.67
C1' OMG T 1361 67.99 -14.64 13.58
N9 OMG T 1361 68.95 -15.59 14.17
C8 OMG T 1361 68.64 -16.75 14.83
N7 OMG T 1361 69.71 -17.38 15.25
C5 OMG T 1361 70.75 -16.61 14.83
C6 OMG T 1361 72.14 -16.81 14.97
O6 OMG T 1361 72.71 -17.73 15.54
N1 OMG T 1361 72.87 -15.77 14.40
C2 OMG T 1361 72.34 -14.70 13.75
N2 OMG T 1361 73.21 -13.80 13.26
N3 OMG T 1361 71.05 -14.52 13.61
C4 OMG T 1361 70.31 -15.49 14.16
P G7M T 1510 61.99 21.84 7.26
OP1 G7M T 1510 61.88 23.26 7.78
OP2 G7M T 1510 62.98 20.90 7.88
O5' G7M T 1510 60.54 21.19 7.36
C5' G7M T 1510 59.39 21.84 6.84
C4' G7M T 1510 58.13 21.43 7.58
O4' G7M T 1510 57.20 20.83 6.66
C3' G7M T 1510 58.33 20.38 8.65
O3' G7M T 1510 57.25 20.46 9.57
C2' G7M T 1510 58.25 19.06 7.86
O2' G7M T 1510 57.69 17.97 8.57
C1' G7M T 1510 57.40 19.43 6.62
N9 G7M T 1510 58.01 19.14 5.32
C8 G7M T 1510 59.25 18.70 5.61
N7 G7M T 1510 59.88 18.45 4.44
CN7 G7M T 1510 61.25 17.94 4.41
C5 G7M T 1510 59.03 18.75 3.45
C6 G7M T 1510 59.16 18.69 1.92
O6 G7M T 1510 60.16 18.30 1.42
N1 G7M T 1510 58.06 19.08 1.09
C2 G7M T 1510 56.84 19.54 1.70
N2 G7M T 1510 55.71 19.95 0.86
N3 G7M T 1510 56.72 19.61 3.15
C4 G7M T 1510 57.87 19.19 4.00
N1 OMC T 1574 43.52 -13.39 23.30
C2 OMC T 1574 42.71 -12.36 23.78
N3 OMC T 1574 42.56 -11.25 23.02
C4 OMC T 1574 43.16 -11.13 21.87
C5 OMC T 1574 44.00 -12.16 21.35
C6 OMC T 1574 44.14 -13.26 22.11
O2 OMC T 1574 42.15 -12.47 24.86
N4 OMC T 1574 42.99 -10.02 21.16
C1' OMC T 1574 43.75 -14.64 24.06
C2' OMC T 1574 42.54 -15.58 24.03
O2' OMC T 1574 42.45 -16.23 25.28
CM2 OMC T 1574 41.75 -15.49 26.25
C3' OMC T 1574 42.94 -16.57 22.95
C4' OMC T 1574 44.45 -16.67 23.11
O4' OMC T 1574 44.83 -15.32 23.48
O3' OMC T 1574 42.30 -17.83 23.07
C5' OMC T 1574 45.22 -17.10 21.90
O5' OMC T 1574 45.38 -16.04 20.97
P OMC T 1574 46.60 -16.01 19.97
OP1 OMC T 1574 46.79 -17.42 19.42
OP2 OMC T 1574 46.40 -14.84 19.00
C2 6MZ T 1703 39.42 -11.69 26.58
C4 6MZ T 1703 37.70 -10.19 27.01
C5 6MZ T 1703 38.06 -9.44 25.97
O1P 6MZ T 1703 36.33 -4.60 27.88
O2P 6MZ T 1703 35.54 -4.38 30.18
N9 6MZ T 1703 36.64 -9.59 27.58
N3 6MZ T 1703 38.37 -11.31 27.32
N1 6MZ T 1703 39.80 -10.94 25.52
C6 6MZ T 1703 39.14 -9.84 25.22
N6 6MZ T 1703 39.63 -9.08 24.04
C9 6MZ T 1703 39.92 -7.66 24.14
N7 6MZ T 1703 37.25 -8.41 25.90
C8 6MZ T 1703 36.36 -8.50 26.90
O5' 6MZ T 1703 35.36 -6.68 29.04
C5' 6MZ T 1703 34.36 -7.32 29.88
C4' 6MZ T 1703 34.76 -8.61 30.11
O4' 6MZ T 1703 34.74 -9.42 28.79
C1' 6MZ T 1703 35.89 -10.05 28.74
C2' 6MZ T 1703 36.67 -9.76 30.13
O2' 6MZ T 1703 36.27 -10.73 31.09
C3' 6MZ T 1703 36.25 -8.59 30.52
O3' 6MZ T 1703 36.35 -8.47 32.00
P 6MZ T 1703 35.25 -5.02 28.82
P 4AC T 1713 26.06 -11.47 35.08
OP1 4AC T 1713 25.63 -12.62 34.21
OP2 4AC T 1713 25.92 -10.04 34.59
O5' 4AC T 1713 25.25 -11.58 36.45
C5' 4AC T 1713 25.22 -12.80 37.19
C4' 4AC T 1713 24.39 -12.63 38.44
O4' 4AC T 1713 25.02 -11.63 39.29
C3' 4AC T 1713 22.98 -12.11 38.21
O3' 4AC T 1713 22.07 -13.15 37.89
C2' 4AC T 1713 22.66 -11.40 39.52
O2' 4AC T 1713 22.25 -12.33 40.50
C1' 4AC T 1713 24.03 -10.85 39.92
N1 4AC T 1713 24.22 -9.44 39.50
C2 4AC T 1713 23.75 -8.42 40.34
O2 4AC T 1713 23.17 -8.74 41.39
N3 4AC T 1713 23.94 -7.13 39.97
C4 4AC T 1713 24.56 -6.85 38.85
N4 4AC T 1713 24.68 -5.46 38.60
C5 4AC T 1713 25.05 -7.84 37.99
C6 4AC T 1713 24.87 -9.13 38.35
C7 4AC T 1713 25.28 -4.82 37.57
O7 4AC T 1713 25.87 -5.38 36.66
CM7 4AC T 1713 25.17 -3.32 37.62
C2 MA6 T 1721 29.97 -4.30 16.57
C4 MA6 T 1721 27.74 -4.51 17.24
C5 MA6 T 1721 27.66 -3.18 17.38
P MA6 T 1721 21.90 -4.03 18.46
OP1 MA6 T 1721 20.64 -4.53 19.15
OP2 MA6 T 1721 22.44 -2.84 19.18
O5' MA6 T 1721 23.05 -5.25 18.50
C5' MA6 T 1721 22.76 -6.52 17.96
C4' MA6 T 1721 23.96 -7.22 17.86
O4' MA6 T 1721 24.95 -6.51 16.93
C1' MA6 T 1721 26.11 -6.39 17.56
N9 MA6 T 1721 26.54 -5.02 17.57
N3 MA6 T 1721 28.90 -5.09 16.83
N1 MA6 T 1721 29.89 -2.94 16.72
C6 MA6 T 1721 28.75 -2.39 17.12
N6 MA6 T 1721 29.09 -0.98 17.14
C9 MA6 T 1721 30.50 -0.54 17.26
C10 MA6 T 1721 28.03 0.05 17.04
N7 MA6 T 1721 26.40 -2.87 17.80
C8 MA6 T 1721 25.71 -4.01 17.91
C2' MA6 T 1721 25.90 -6.94 19.07
O2' MA6 T 1721 26.68 -8.15 19.21
C3' MA6 T 1721 24.62 -7.22 19.25
O3' MA6 T 1721 24.50 -8.58 19.85
C2 MA6 T 1722 31.98 -4.48 20.15
C4 MA6 T 1722 29.99 -5.48 20.87
C5 MA6 T 1722 29.44 -4.26 21.04
P MA6 T 1722 23.97 -8.76 21.36
OP1 MA6 T 1722 22.80 -9.72 21.33
OP2 MA6 T 1722 23.82 -7.39 21.95
O5' MA6 T 1722 25.19 -9.49 22.09
C5' MA6 T 1722 26.13 -8.74 22.83
C4' MA6 T 1722 27.54 -9.04 22.41
O4' MA6 T 1722 27.83 -8.37 21.16
C1' MA6 T 1722 29.14 -7.84 21.19
N9 MA6 T 1722 29.05 -6.37 21.21
N3 MA6 T 1722 31.26 -5.59 20.41
N1 MA6 T 1722 31.42 -3.23 20.33
C6 MA6 T 1722 30.18 -3.14 20.77
N6 MA6 T 1722 30.00 -1.70 20.82
C9 MA6 T 1722 28.70 -1.14 20.45
C10 MA6 T 1722 31.11 -0.81 21.26
N7 MA6 T 1722 28.18 -4.42 21.49
C8 MA6 T 1722 27.93 -5.73 21.59
C2' MA6 T 1722 29.82 -8.39 22.43
O2' MA6 T 1722 30.39 -9.65 22.12
C3' MA6 T 1722 28.63 -8.57 23.36
O3' MA6 T 1722 28.86 -9.45 24.44
N SER U 1 -93.90 -8.77 8.17
CA SER U 1 -93.43 -7.43 8.49
C SER U 1 -92.01 -7.47 9.06
N MET U 2 -91.59 -6.36 9.64
CA MET U 2 -90.27 -6.24 10.24
C MET U 2 -90.41 -6.09 11.75
N LEU U 3 -89.70 -6.94 12.49
CA LEU U 3 -89.75 -6.93 13.94
C LEU U 3 -88.41 -6.55 14.56
N ARG U 4 -87.66 -5.67 13.88
CA ARG U 4 -86.38 -5.25 14.42
C ARG U 4 -86.54 -4.51 15.73
N LEU U 5 -87.55 -3.64 15.81
CA LEU U 5 -87.80 -2.91 17.05
C LEU U 5 -88.25 -3.84 18.16
N GLN U 6 -89.16 -4.77 17.86
CA GLN U 6 -89.72 -5.63 18.90
C GLN U 6 -88.66 -6.53 19.52
N LYS U 7 -87.79 -7.12 18.68
CA LYS U 7 -86.78 -8.02 19.20
C LYS U 7 -85.77 -7.28 20.07
N ARG U 8 -85.40 -6.05 19.69
CA ARG U 8 -84.52 -5.26 20.53
C ARG U 8 -85.18 -4.92 21.86
N LEU U 9 -86.45 -4.55 21.83
CA LEU U 9 -87.17 -4.28 23.07
C LEU U 9 -87.32 -5.54 23.91
N ALA U 10 -87.61 -6.66 23.26
CA ALA U 10 -87.76 -7.92 23.99
C ALA U 10 -86.45 -8.31 24.67
N SER U 11 -85.32 -8.11 23.99
CA SER U 11 -84.03 -8.37 24.59
C SER U 11 -83.80 -7.47 25.80
N SER U 12 -84.19 -6.20 25.69
CA SER U 12 -84.03 -5.27 26.81
C SER U 12 -84.90 -5.67 27.99
N VAL U 13 -86.16 -6.05 27.74
CA VAL U 13 -87.05 -6.41 28.84
C VAL U 13 -86.61 -7.73 29.47
N LEU U 14 -86.27 -8.72 28.66
CA LEU U 14 -85.86 -10.01 29.18
C LEU U 14 -84.47 -10.00 29.79
N ARG U 15 -83.74 -8.90 29.64
CA ARG U 15 -82.38 -8.76 30.19
C ARG U 15 -81.44 -9.83 29.64
N CYS U 16 -81.65 -10.23 28.39
CA CYS U 16 -80.79 -11.18 27.72
C CYS U 16 -80.55 -10.69 26.30
N GLY U 17 -79.56 -11.29 25.64
CA GLY U 17 -79.20 -10.87 24.31
C GLY U 17 -80.26 -11.23 23.29
N LYS U 18 -80.11 -10.67 22.09
CA LYS U 18 -81.05 -10.95 21.02
C LYS U 18 -80.99 -12.40 20.55
N LYS U 19 -79.88 -13.09 20.83
CA LYS U 19 -79.77 -14.49 20.43
C LYS U 19 -80.82 -15.34 21.12
N LYS U 20 -81.07 -15.09 22.40
CA LYS U 20 -82.00 -15.91 23.17
C LYS U 20 -83.45 -15.55 22.95
N VAL U 21 -83.74 -14.48 22.22
CA VAL U 21 -85.11 -14.02 22.04
C VAL U 21 -85.76 -14.82 20.92
N TRP U 22 -86.92 -15.40 21.21
CA TRP U 22 -87.69 -16.18 20.25
C TRP U 22 -89.03 -15.52 20.04
N LEU U 23 -89.34 -15.16 18.79
CA LEU U 23 -90.62 -14.58 18.44
C LEU U 23 -91.41 -15.59 17.63
N ASP U 24 -92.67 -15.80 18.02
CA ASP U 24 -93.56 -16.75 17.36
C ASP U 24 -93.73 -16.38 15.89
N PRO U 25 -93.19 -17.19 14.98
CA PRO U 25 -93.39 -16.89 13.55
C PRO U 25 -94.84 -16.95 13.11
N ASN U 26 -95.66 -17.77 13.78
CA ASN U 26 -97.06 -17.88 13.39
C ASN U 26 -97.81 -16.58 13.65
N GLU U 27 -97.67 -16.04 14.86
CA GLU U 27 -98.39 -14.82 15.22
C GLU U 27 -97.56 -13.58 14.96
N THR U 28 -97.06 -13.46 13.73
CA THR U 28 -96.28 -12.28 13.35
C THR U 28 -97.13 -11.02 13.38
N ASN U 29 -98.38 -11.13 12.92
CA ASN U 29 -99.24 -9.95 12.84
C ASN U 29 -99.52 -9.36 14.21
N GLU U 30 -99.73 -10.22 15.21
CA GLU U 30 -100.04 -9.74 16.55
C GLU U 30 -98.85 -9.02 17.17
N ILE U 31 -97.64 -9.54 16.96
CA ILE U 31 -96.45 -8.92 17.53
C ILE U 31 -96.16 -7.58 16.87
N ALA U 32 -96.46 -7.45 15.57
CA ALA U 32 -96.17 -6.21 14.88
C ALA U 32 -96.93 -5.03 15.46
N ASN U 33 -98.10 -5.28 16.05
CA ASN U 33 -98.86 -4.22 16.70
C ASN U 33 -98.23 -3.75 18.00
N ALA U 34 -97.35 -4.54 18.59
CA ALA U 34 -96.71 -4.17 19.85
C ALA U 34 -95.60 -3.18 19.55
N ASN U 35 -95.75 -1.96 20.06
CA ASN U 35 -94.77 -0.91 19.84
C ASN U 35 -94.19 -0.34 21.12
N SER U 36 -94.62 -0.81 22.29
CA SER U 36 -94.15 -0.30 23.55
C SER U 36 -93.70 -1.45 24.45
N ARG U 37 -92.82 -1.11 25.39
CA ARG U 37 -92.35 -2.11 26.34
C ARG U 37 -93.49 -2.72 27.14
N GLN U 38 -94.54 -1.93 27.40
CA GLN U 38 -95.68 -2.44 28.15
C GLN U 38 -96.37 -3.56 27.37
N GLN U 39 -96.52 -3.40 26.06
CA GLN U 39 -97.09 -4.46 25.25
C GLN U 39 -96.19 -5.68 25.23
N ILE U 40 -94.87 -5.47 25.17
CA ILE U 40 -93.93 -6.59 25.15
C ILE U 40 -94.05 -7.41 26.42
N ARG U 41 -94.26 -6.73 27.56
CA ARG U 41 -94.44 -7.45 28.81
C ARG U 41 -95.69 -8.31 28.75
N LYS U 42 -96.75 -7.83 28.10
CA LYS U 42 -97.94 -8.65 27.90
C LYS U 42 -97.64 -9.86 27.03
N LEU U 43 -96.90 -9.67 25.94
CA LEU U 43 -96.64 -10.76 25.02
C LEU U 43 -95.72 -11.80 25.64
N ILE U 44 -94.74 -11.36 26.43
CA ILE U 44 -93.85 -12.29 27.10
C ILE U 44 -94.62 -13.17 28.07
N LYS U 45 -95.51 -12.54 28.85
CA LYS U 45 -96.33 -13.31 29.79
C LYS U 45 -97.34 -14.17 29.06
N ASP U 46 -97.84 -13.72 27.91
CA ASP U 46 -98.79 -14.49 27.12
C ASP U 46 -98.15 -15.62 26.35
N GLY U 47 -96.82 -15.70 26.32
CA GLY U 47 -96.13 -16.82 25.71
C GLY U 47 -95.76 -16.64 24.25
N LEU U 48 -96.16 -15.54 23.61
CA LEU U 48 -95.77 -15.32 22.23
C LEU U 48 -94.28 -15.00 22.10
N ILE U 49 -93.65 -14.50 23.15
CA ILE U 49 -92.22 -14.26 23.18
C ILE U 49 -91.61 -15.10 24.29
N ILE U 50 -90.61 -15.89 23.94
CA ILE U 50 -90.04 -16.89 24.83
C ILE U 50 -88.54 -16.71 24.88
N ARG U 51 -87.98 -16.71 26.09
CA ARG U 51 -86.53 -16.67 26.27
C ARG U 51 -85.96 -18.07 26.07
N LYS U 52 -85.10 -18.23 25.08
CA LYS U 52 -84.51 -19.52 24.82
C LYS U 52 -83.45 -19.86 25.88
N PRO U 53 -83.28 -21.13 26.20
CA PRO U 53 -82.27 -21.51 27.19
C PRO U 53 -80.86 -21.31 26.66
N VAL U 54 -79.93 -21.19 27.61
CA VAL U 54 -78.51 -21.06 27.27
C VAL U 54 -78.04 -22.34 26.59
N THR U 55 -77.23 -22.18 25.54
CA THR U 55 -76.66 -23.32 24.85
C THR U 55 -75.83 -24.18 25.80
N VAL U 56 -75.99 -25.50 25.69
CA VAL U 56 -75.37 -26.42 26.63
C VAL U 56 -73.88 -26.49 26.37
N HIS U 57 -73.08 -26.26 27.40
CA HIS U 57 -71.62 -26.41 27.35
C HIS U 57 -71.23 -27.25 28.55
N SER U 58 -71.32 -28.57 28.40
CA SER U 58 -71.09 -29.48 29.50
C SER U 58 -69.62 -29.54 29.89
N ARG U 59 -69.36 -29.62 31.19
CA ARG U 59 -68.02 -29.82 31.70
C ARG U 59 -67.77 -31.26 32.11
N ALA U 60 -68.68 -32.17 31.77
CA ALA U 60 -68.54 -33.56 32.18
C ALA U 60 -67.32 -34.20 31.56
N ARG U 61 -66.99 -33.82 30.32
CA ARG U 61 -65.75 -34.31 29.70
C ARG U 61 -64.54 -33.84 30.49
N CYS U 62 -64.54 -32.59 30.93
CA CYS U 62 -63.44 -32.09 31.74
C CYS U 62 -63.34 -32.84 33.07
N ARG U 63 -64.48 -33.09 33.71
CA ARG U 63 -64.46 -33.77 35.00
C ARG U 63 -63.91 -35.18 34.87
N LYS U 64 -64.30 -35.89 33.81
CA LYS U 64 -63.74 -37.21 33.57
C LYS U 64 -62.24 -37.13 33.34
N ASN U 65 -61.80 -36.13 32.58
CA ASN U 65 -60.36 -35.91 32.42
C ASN U 65 -59.71 -35.54 33.74
N THR U 66 -60.41 -34.73 34.55
CA THR U 66 -59.84 -34.29 35.82
C THR U 66 -59.62 -35.47 36.77
N LEU U 67 -60.58 -36.38 36.84
CA LEU U 67 -60.43 -37.55 37.72
C LEU U 67 -59.27 -38.43 37.27
N ALA U 68 -59.14 -38.65 35.96
CA ALA U 68 -58.02 -39.43 35.46
C ALA U 68 -56.70 -38.74 35.77
N ARG U 69 -56.66 -37.41 35.66
CA ARG U 69 -55.45 -36.68 35.99
C ARG U 69 -55.13 -36.75 37.48
N ARG U 70 -56.16 -36.81 38.32
CA ARG U 70 -55.93 -37.05 39.74
C ARG U 70 -55.39 -38.44 39.99
N LYS U 71 -55.75 -39.41 39.16
CA LYS U 71 -55.20 -40.75 39.25
C LYS U 71 -53.90 -40.89 38.48
N GLY U 72 -53.42 -39.83 37.85
CA GLY U 72 -52.14 -39.84 37.19
C GLY U 72 -52.17 -40.03 35.70
N ARG U 73 -53.34 -40.23 35.11
CA ARG U 73 -53.42 -40.44 33.67
C ARG U 73 -53.13 -39.14 32.92
N HIS U 74 -52.64 -39.29 31.70
CA HIS U 74 -52.34 -38.19 30.79
C HIS U 74 -51.28 -37.24 31.34
N MET U 75 -50.51 -37.66 32.33
CA MET U 75 -49.41 -36.82 32.80
C MET U 75 -48.12 -37.21 32.09
N GLY U 76 -47.63 -38.43 32.32
CA GLY U 76 -46.47 -38.99 31.66
C GLY U 76 -45.31 -38.04 31.42
N ILE U 77 -44.77 -38.08 30.19
CA ILE U 77 -43.73 -37.17 29.76
C ILE U 77 -44.15 -36.38 28.54
N GLY U 78 -44.70 -37.04 27.53
CA GLY U 78 -45.09 -36.40 26.30
C GLY U 78 -46.36 -35.57 26.39
N LYS U 79 -46.80 -35.28 27.62
CA LYS U 79 -47.92 -34.38 27.82
C LYS U 79 -47.51 -33.15 28.64
N ARG U 80 -46.22 -32.85 28.69
CA ARG U 80 -45.71 -31.69 29.38
C ARG U 80 -45.12 -30.71 28.37
N LYS U 81 -45.44 -29.44 28.53
CA LYS U 81 -44.89 -28.40 27.69
C LYS U 81 -44.01 -27.41 28.44
N GLY U 82 -44.29 -27.14 29.70
CA GLY U 82 -43.50 -26.20 30.45
C GLY U 82 -42.38 -26.87 31.23
N THR U 83 -41.45 -26.04 31.68
CA THR U 83 -40.33 -26.51 32.48
C THR U 83 -40.84 -27.08 33.80
N ALA U 84 -40.11 -28.07 34.34
CA ALA U 84 -40.44 -28.62 35.64
C ALA U 84 -40.49 -27.52 36.70
N ASN U 85 -39.59 -26.54 36.60
CA ASN U 85 -39.70 -25.37 37.46
C ASN U 85 -40.94 -24.56 37.13
N ALA U 86 -41.26 -24.43 35.84
CA ALA U 86 -42.44 -23.65 35.45
C ALA U 86 -43.73 -24.34 35.89
N ARG U 87 -43.79 -25.66 35.77
CA ARG U 87 -45.01 -26.37 36.14
C ARG U 87 -45.24 -26.32 37.64
N MET U 88 -44.18 -26.56 38.43
CA MET U 88 -44.28 -26.52 39.88
C MET U 88 -43.03 -25.81 40.39
N PRO U 89 -43.16 -24.54 40.79
CA PRO U 89 -41.98 -23.78 41.19
C PRO U 89 -41.29 -24.37 42.41
N GLU U 90 -39.96 -24.34 42.39
CA GLU U 90 -39.21 -24.83 43.55
C GLU U 90 -39.39 -23.91 44.75
N LYS U 91 -39.57 -22.61 44.51
CA LYS U 91 -39.81 -21.69 45.62
C LYS U 91 -41.08 -22.03 46.35
N VAL U 92 -42.16 -22.35 45.61
CA VAL U 92 -43.40 -22.78 46.24
C VAL U 92 -43.18 -24.08 47.00
N THR U 93 -42.42 -25.01 46.40
CA THR U 93 -42.05 -26.23 47.11
C THR U 93 -41.21 -25.89 48.33
N TRP U 94 -40.28 -24.94 48.19
CA TRP U 94 -39.50 -24.51 49.35
C TRP U 94 -40.39 -23.84 50.39
N MET U 95 -41.34 -23.01 49.96
CA MET U 95 -42.19 -22.31 50.91
C MET U 95 -43.04 -23.30 51.71
N ARG U 96 -43.65 -24.27 51.04
CA ARG U 96 -44.47 -25.25 51.74
C ARG U 96 -43.62 -26.08 52.70
N ARG U 97 -42.45 -26.52 52.25
CA ARG U 97 -41.63 -27.37 53.10
C ARG U 97 -41.03 -26.62 54.27
N MET U 98 -40.74 -25.33 54.12
CA MET U 98 -40.24 -24.56 55.26
C MET U 98 -41.36 -24.26 56.24
N ARG U 99 -42.51 -23.83 55.74
CA ARG U 99 -43.61 -23.47 56.64
C ARG U 99 -44.13 -24.68 57.40
N ILE U 100 -44.16 -25.82 56.72
CA ILE U 100 -44.72 -27.05 57.36
C ILE U 100 -43.79 -27.41 58.53
N LEU U 101 -42.50 -27.53 58.24
CA LEU U 101 -41.54 -27.88 59.31
C LEU U 101 -41.67 -26.85 60.43
N ARG U 102 -41.42 -25.57 60.13
CA ARG U 102 -41.47 -24.59 61.20
C ARG U 102 -42.73 -24.71 62.03
N ARG U 103 -43.85 -25.07 61.40
CA ARG U 103 -45.06 -25.36 62.16
C ARG U 103 -44.86 -26.57 63.07
N LEU U 104 -44.24 -27.62 62.54
CA LEU U 104 -43.99 -28.78 63.44
C LEU U 104 -43.05 -28.34 64.55
N LEU U 105 -41.94 -27.72 64.19
CA LEU U 105 -40.94 -27.42 65.22
C LEU U 105 -41.53 -26.57 66.33
N ARG U 106 -42.37 -25.60 65.97
CA ARG U 106 -42.96 -24.73 67.00
C ARG U 106 -43.86 -25.52 67.93
N ARG U 107 -44.72 -26.38 67.37
CA ARG U 107 -45.61 -27.17 68.21
C ARG U 107 -44.86 -28.14 69.09
N TYR U 108 -43.67 -28.57 68.67
CA TYR U 108 -42.85 -29.43 69.52
C TYR U 108 -42.25 -28.68 70.69
N ARG U 109 -42.20 -27.34 70.62
CA ARG U 109 -41.56 -26.58 71.69
C ARG U 109 -42.51 -26.38 72.86
N GLU U 110 -43.71 -25.87 72.61
CA GLU U 110 -44.70 -25.71 73.67
C GLU U 110 -45.28 -27.03 74.13
N SER U 111 -45.02 -28.13 73.44
CA SER U 111 -45.33 -29.46 73.95
C SER U 111 -44.18 -30.04 74.76
N LYS U 112 -43.10 -29.29 74.94
CA LYS U 112 -41.94 -29.70 75.74
C LYS U 112 -41.30 -30.97 75.20
N LYS U 113 -41.44 -31.24 73.91
CA LYS U 113 -40.69 -32.34 73.32
C LYS U 113 -39.23 -31.95 73.13
N ILE U 114 -38.96 -30.67 72.86
CA ILE U 114 -37.60 -30.14 72.77
C ILE U 114 -37.55 -28.83 73.54
N ASP U 115 -36.35 -28.48 73.99
CA ASP U 115 -36.16 -27.22 74.68
C ASP U 115 -35.90 -26.12 73.67
N ARG U 116 -35.56 -24.93 74.15
CA ARG U 116 -35.23 -23.83 73.25
C ARG U 116 -33.96 -24.14 72.47
N HIS U 117 -32.97 -24.73 73.14
CA HIS U 117 -31.67 -24.93 72.51
C HIS U 117 -31.75 -25.96 71.39
N MET U 118 -32.44 -27.09 71.61
CA MET U 118 -32.60 -28.07 70.55
C MET U 118 -33.44 -27.51 69.42
N TYR U 119 -34.47 -26.72 69.76
CA TYR U 119 -35.30 -26.11 68.73
C TYR U 119 -34.50 -25.14 67.87
N HIS U 120 -33.63 -24.35 68.49
CA HIS U 120 -32.89 -23.34 67.74
C HIS U 120 -31.91 -23.99 66.77
N SER U 121 -31.24 -25.06 67.19
CA SER U 121 -30.31 -25.73 66.30
C SER U 121 -31.04 -26.34 65.10
N LEU U 122 -32.18 -26.96 65.35
CA LEU U 122 -32.95 -27.54 64.25
C LEU U 122 -33.52 -26.46 63.33
N TYR U 123 -33.96 -25.34 63.92
CA TYR U 123 -34.48 -24.24 63.12
C TYR U 123 -33.42 -23.72 62.16
N LEU U 124 -32.16 -23.69 62.60
CA LEU U 124 -31.09 -23.38 61.67
C LEU U 124 -30.85 -24.53 60.71
N LYS U 125 -31.04 -25.76 61.16
CA LYS U 125 -30.75 -26.91 60.31
C LYS U 125 -31.80 -27.06 59.21
N VAL U 126 -33.08 -26.90 59.55
CA VAL U 126 -34.12 -27.02 58.53
C VAL U 126 -34.01 -25.87 57.54
N LYS U 127 -33.51 -24.72 57.98
CA LYS U 127 -33.23 -23.64 57.04
C LYS U 127 -32.08 -24.00 56.11
N GLY U 128 -31.09 -24.74 56.61
CA GLY U 128 -29.95 -25.13 55.84
C GLY U 128 -30.16 -26.30 54.91
N ASN U 129 -31.40 -26.75 54.76
CA ASN U 129 -31.76 -27.86 53.86
C ASN U 129 -30.99 -29.12 54.22
N VAL U 130 -31.24 -29.62 55.43
CA VAL U 130 -30.71 -30.90 55.86
C VAL U 130 -31.77 -31.98 55.94
N PHE U 131 -33.04 -31.62 55.86
CA PHE U 131 -34.13 -32.60 55.78
C PHE U 131 -34.93 -32.31 54.52
N LYS U 132 -35.03 -33.31 53.64
CA LYS U 132 -35.71 -33.13 52.37
C LYS U 132 -37.21 -33.05 52.49
N ASN U 133 -37.73 -33.39 53.69
CA ASN U 133 -39.21 -33.42 53.92
C ASN U 133 -39.52 -33.26 55.42
N LYS U 134 -40.33 -34.18 55.97
CA LYS U 134 -41.08 -33.94 57.24
C LYS U 134 -40.83 -35.06 58.23
N ARG U 135 -41.40 -36.23 57.97
CA ARG U 135 -41.28 -37.35 58.93
C ARG U 135 -39.81 -37.54 59.29
N ILE U 136 -38.90 -37.29 58.34
CA ILE U 136 -37.47 -37.55 58.64
C ILE U 136 -37.08 -36.70 59.84
N LEU U 137 -37.45 -35.41 59.81
CA LEU U 137 -37.10 -34.52 60.94
C LEU U 137 -37.53 -35.25 62.22
N MET U 138 -38.75 -35.77 62.23
CA MET U 138 -39.23 -36.46 63.44
C MET U 138 -38.19 -37.49 63.86
N GLU U 139 -37.91 -38.45 62.97
CA GLU U 139 -36.97 -39.51 63.31
C GLU U 139 -35.66 -38.93 63.83
N HIS U 140 -35.19 -37.84 63.23
CA HIS U 140 -33.99 -37.19 63.73
C HIS U 140 -34.20 -36.68 65.15
N ILE U 141 -35.39 -36.13 65.42
CA ILE U 141 -35.70 -35.67 66.78
C ILE U 141 -35.73 -36.86 67.74
N HIS U 142 -36.30 -37.99 67.31
CA HIS U 142 -36.35 -39.16 68.18
C HIS U 142 -34.95 -39.64 68.51
N LYS U 143 -34.05 -39.65 67.53
CA LYS U 143 -32.67 -40.03 67.79
C LYS U 143 -32.00 -39.05 68.74
N LEU U 144 -32.25 -37.74 68.55
CA LEU U 144 -31.65 -36.74 69.41
C LEU U 144 -32.17 -36.84 70.84
N LYS U 145 -33.41 -37.30 71.02
CA LYS U 145 -33.91 -37.56 72.36
C LYS U 145 -33.30 -38.84 72.92
N ALA U 146 -33.18 -39.87 72.08
CA ALA U 146 -32.75 -41.18 72.55
C ALA U 146 -31.30 -41.17 73.02
N ASP U 147 -30.40 -40.59 72.21
CA ASP U 147 -29.00 -40.57 72.62
C ASP U 147 -28.80 -39.66 73.84
N LYS U 148 -29.55 -38.56 73.91
CA LYS U 148 -29.47 -37.69 75.06
C LYS U 148 -29.91 -38.40 76.33
N ALA U 149 -31.03 -39.14 76.26
CA ALA U 149 -31.46 -39.90 77.42
C ALA U 149 -30.49 -41.03 77.75
N ARG U 150 -29.84 -41.59 76.73
CA ARG U 150 -28.85 -42.63 76.96
C ARG U 150 -27.67 -42.09 77.76
N LYS U 151 -27.09 -41.00 77.29
CA LYS U 151 -25.96 -40.40 78.00
C LYS U 151 -26.37 -39.78 79.33
N LYS U 152 -27.63 -39.39 79.48
CA LYS U 152 -28.12 -38.90 80.77
C LYS U 152 -28.03 -39.97 81.83
N LEU U 153 -28.57 -41.15 81.56
CA LEU U 153 -28.48 -42.24 82.52
C LEU U 153 -27.06 -42.74 82.67
N LEU U 154 -26.26 -42.69 81.58
CA LEU U 154 -24.85 -43.03 81.71
C LEU U 154 -24.15 -42.14 82.72
N ALA U 155 -24.31 -40.82 82.59
CA ALA U 155 -23.70 -39.89 83.51
C ALA U 155 -24.25 -40.06 84.92
N ASP U 156 -25.56 -40.31 85.03
CA ASP U 156 -26.17 -40.47 86.35
C ASP U 156 -25.59 -41.68 87.08
N GLN U 157 -25.46 -42.81 86.39
CA GLN U 157 -24.94 -43.99 87.07
C GLN U 157 -23.44 -43.88 87.32
N ALA U 158 -22.70 -43.20 86.43
CA ALA U 158 -21.28 -42.97 86.71
C ALA U 158 -21.10 -42.09 87.94
N GLU U 159 -21.91 -41.03 88.05
CA GLU U 159 -21.87 -40.18 89.23
C GLU U 159 -22.30 -40.95 90.47
N ALA U 160 -23.30 -41.83 90.33
CA ALA U 160 -23.72 -42.64 91.46
C ALA U 160 -22.60 -43.54 91.95
N ARG U 161 -21.86 -44.17 91.01
CA ARG U 161 -20.75 -45.02 91.40
C ARG U 161 -19.64 -44.22 92.07
N ARG U 162 -19.29 -43.08 91.49
CA ARG U 162 -18.22 -42.26 92.07
C ARG U 162 -18.59 -41.76 93.46
N SER U 163 -19.83 -41.29 93.61
CA SER U 163 -20.30 -40.84 94.92
C SER U 163 -20.42 -41.99 95.90
N LYS U 164 -20.74 -43.20 95.43
CA LYS U 164 -20.75 -44.37 96.31
C LYS U 164 -19.36 -44.62 96.88
N THR U 165 -18.35 -44.63 96.02
CA THR U 165 -16.99 -44.85 96.49
C THR U 165 -16.55 -43.72 97.42
N LYS U 166 -16.88 -42.48 97.08
CA LYS U 166 -16.47 -41.34 97.89
C LYS U 166 -17.15 -41.36 99.26
N GLU U 167 -18.44 -41.72 99.30
CA GLU U 167 -19.15 -41.80 100.56
C GLU U 167 -18.63 -42.96 101.42
N ALA U 168 -18.29 -44.08 100.76
CA ALA U 168 -17.66 -45.18 101.48
C ALA U 168 -16.34 -44.76 102.10
N ARG U 169 -15.53 -43.99 101.37
CA ARG U 169 -14.28 -43.49 101.93
C ARG U 169 -14.48 -42.50 103.07
N LYS U 170 -15.45 -41.60 102.95
CA LYS U 170 -15.64 -40.59 104.00
C LYS U 170 -16.27 -41.20 105.24
N ARG U 171 -17.00 -42.31 105.10
CA ARG U 171 -17.44 -43.00 106.31
C ARG U 171 -16.38 -43.99 106.80
N ARG U 172 -15.49 -44.44 105.93
CA ARG U 172 -14.33 -45.21 106.35
C ARG U 172 -13.46 -44.40 107.30
N GLU U 173 -13.13 -43.17 106.91
CA GLU U 173 -12.32 -42.33 107.77
C GLU U 173 -13.03 -41.98 109.07
N GLU U 174 -14.35 -42.03 109.11
CA GLU U 174 -15.08 -41.73 110.34
C GLU U 174 -14.75 -42.73 111.44
N ARG U 175 -14.90 -44.02 111.18
CA ARG U 175 -14.56 -45.00 112.19
C ARG U 175 -13.10 -45.42 112.12
N LEU U 176 -12.31 -44.81 111.22
CA LEU U 176 -10.86 -44.82 111.42
C LEU U 176 -10.44 -43.81 112.49
N GLN U 177 -10.88 -42.56 112.34
CA GLN U 177 -10.57 -41.56 113.36
C GLN U 177 -11.28 -41.83 114.67
N ALA U 178 -12.36 -42.61 114.67
CA ALA U 178 -12.94 -43.04 115.93
C ALA U 178 -11.93 -43.83 116.75
N LYS U 179 -11.25 -44.79 116.12
CA LYS U 179 -10.17 -45.49 116.81
C LYS U 179 -8.99 -44.57 117.09
N LYS U 180 -8.66 -43.69 116.15
CA LYS U 180 -7.51 -42.81 116.33
C LYS U 180 -7.70 -41.75 117.40
N GLU U 181 -8.95 -41.51 117.84
CA GLU U 181 -9.22 -40.50 118.84
C GLU U 181 -10.00 -41.04 120.05
N GLU U 182 -10.23 -42.34 120.12
CA GLU U 182 -10.74 -42.94 121.35
C GLU U 182 -9.62 -43.26 122.34
N ILE U 183 -8.37 -43.15 121.92
CA ILE U 183 -7.24 -43.39 122.82
C ILE U 183 -6.87 -42.12 123.57
N ILE U 184 -6.97 -40.96 122.92
CA ILE U 184 -6.51 -39.71 123.53
C ILE U 184 -7.37 -39.32 124.72
N LYS U 185 -8.68 -39.60 124.64
CA LYS U 185 -9.56 -39.20 125.74
C LYS U 185 -9.39 -40.11 126.95
N THR U 186 -8.99 -41.37 126.75
CA THR U 186 -8.78 -42.30 127.85
C THR U 186 -7.32 -42.36 128.29
N LEU U 187 -6.44 -41.58 127.67
CA LEU U 187 -5.01 -41.53 128.00
C LEU U 187 -4.38 -42.90 127.88
N MET V 1 -46.72 -67.30 -16.77
CA MET V 1 -46.17 -68.63 -17.02
C MET V 1 -44.71 -68.73 -16.60
N LYS V 2 -44.15 -67.62 -16.13
CA LYS V 2 -42.79 -67.62 -15.64
C LYS V 2 -42.73 -68.26 -14.26
N VAL V 3 -41.54 -68.23 -13.65
CA VAL V 3 -41.42 -68.65 -12.26
C VAL V 3 -42.17 -67.65 -11.41
N GLU V 4 -43.20 -68.13 -10.72
CA GLU V 4 -44.08 -67.26 -9.95
C GLU V 4 -43.59 -67.16 -8.51
N LEU V 5 -43.47 -65.94 -8.02
CA LEU V 5 -42.91 -65.69 -6.71
C LEU V 5 -44.02 -65.37 -5.72
N CYS V 6 -43.63 -65.14 -4.47
CA CYS V 6 -44.56 -64.77 -3.41
C CYS V 6 -44.05 -63.53 -2.72
N SER V 7 -44.99 -62.79 -2.12
CA SER V 7 -44.70 -61.46 -1.60
C SER V 7 -44.52 -61.50 -0.08
N PHE V 8 -44.37 -60.31 0.50
CA PHE V 8 -44.52 -60.13 1.94
C PHE V 8 -45.85 -60.69 2.42
N SER V 9 -46.94 -60.33 1.74
CA SER V 9 -48.25 -60.81 2.13
C SER V 9 -48.44 -62.30 1.84
N GLY V 10 -47.53 -62.91 1.10
CA GLY V 10 -47.70 -64.29 0.68
C GLY V 10 -48.53 -64.46 -0.56
N TYR V 11 -49.03 -63.36 -1.14
CA TYR V 11 -49.81 -63.45 -2.36
C TYR V 11 -48.93 -63.86 -3.54
N LYS V 12 -49.56 -64.42 -4.56
CA LYS V 12 -48.85 -64.78 -5.77
C LYS V 12 -48.63 -63.54 -6.62
N ILE V 13 -47.40 -63.38 -7.12
CA ILE V 13 -47.03 -62.23 -7.93
C ILE V 13 -46.89 -62.68 -9.38
N TYR V 14 -47.76 -62.16 -10.24
CA TYR V 14 -47.71 -62.48 -11.66
C TYR V 14 -46.63 -61.63 -12.35
N PRO V 15 -46.10 -62.11 -13.48
CA PRO V 15 -45.08 -61.33 -14.19
C PRO V 15 -45.65 -60.00 -14.65
N GLY V 16 -44.80 -58.98 -14.64
CA GLY V 16 -45.23 -57.64 -14.97
C GLY V 16 -46.01 -56.96 -13.88
N HIS V 17 -45.90 -57.41 -12.64
CA HIS V 17 -46.57 -56.80 -11.51
C HIS V 17 -45.57 -56.58 -10.38
N GLY V 18 -45.75 -55.50 -9.65
CA GLY V 18 -44.97 -55.30 -8.44
C GLY V 18 -43.52 -54.95 -8.69
N ARG V 19 -42.74 -55.05 -7.62
CA ARG V 19 -41.34 -54.65 -7.62
C ARG V 19 -40.52 -55.70 -6.89
N ARG V 20 -39.23 -55.72 -7.20
CA ARG V 20 -38.27 -56.59 -6.53
C ARG V 20 -37.27 -55.74 -5.77
N TYR V 21 -36.90 -56.18 -4.58
CA TYR V 21 -36.00 -55.45 -3.71
C TYR V 21 -34.86 -56.35 -3.29
N ALA V 22 -33.63 -55.88 -3.49
CA ALA V 22 -32.43 -56.61 -3.10
C ALA V 22 -31.67 -55.76 -2.09
N ARG V 23 -31.40 -56.33 -0.92
CA ARG V 23 -30.75 -55.59 0.15
C ARG V 23 -29.23 -55.73 0.05
N THR V 24 -28.53 -55.05 0.96
CA THR V 24 -27.07 -55.08 0.95
C THR V 24 -26.54 -56.42 1.43
N ASP V 25 -27.24 -57.09 2.33
CA ASP V 25 -26.79 -58.38 2.85
C ASP V 25 -26.98 -59.52 1.86
N GLY V 26 -27.70 -59.29 0.76
CA GLY V 26 -27.87 -60.28 -0.29
C GLY V 26 -29.27 -60.84 -0.40
N LYS V 27 -30.11 -60.66 0.61
CA LYS V 27 -31.46 -61.20 0.57
C LYS V 27 -32.32 -60.41 -0.40
N VAL V 28 -33.08 -61.12 -1.23
CA VAL V 28 -33.91 -60.53 -2.27
C VAL V 28 -35.37 -60.70 -1.88
N PHE V 29 -36.12 -59.60 -1.91
CA PHE V 29 -37.55 -59.65 -1.63
C PHE V 29 -38.32 -59.01 -2.77
N GLN V 30 -39.56 -59.46 -2.93
CA GLN V 30 -40.44 -58.94 -3.97
C GLN V 30 -41.80 -58.63 -3.36
N PHE V 31 -42.43 -57.58 -3.88
CA PHE V 31 -43.69 -57.10 -3.35
C PHE V 31 -44.71 -56.99 -4.47
N LEU V 32 -45.97 -57.20 -4.12
CA LEU V 32 -47.04 -57.13 -5.10
C LEU V 32 -47.39 -55.68 -5.44
N ASN V 33 -47.32 -54.79 -4.46
CA ASN V 33 -47.59 -53.38 -4.70
C ASN V 33 -46.81 -52.56 -3.68
N ALA V 34 -47.04 -51.25 -3.67
CA ALA V 34 -46.33 -50.40 -2.73
C ALA V 34 -46.81 -50.61 -1.30
N LYS V 35 -48.06 -51.07 -1.12
CA LYS V 35 -48.59 -51.23 0.23
C LYS V 35 -47.82 -52.29 1.00
N CYS V 36 -47.50 -53.41 0.36
CA CYS V 36 -46.69 -54.43 1.01
C CYS V 36 -45.28 -53.91 1.26
N GLU V 37 -44.70 -53.20 0.28
CA GLU V 37 -43.36 -52.66 0.46
C GLU V 37 -43.31 -51.65 1.60
N SER V 38 -44.31 -50.78 1.67
CA SER V 38 -44.37 -49.82 2.77
C SER V 38 -44.51 -50.52 4.11
N ALA V 39 -45.30 -51.59 4.15
CA ALA V 39 -45.41 -52.38 5.37
C ALA V 39 -44.09 -53.02 5.73
N PHE V 40 -43.38 -53.55 4.74
CA PHE V 40 -42.11 -54.22 5.02
C PHE V 40 -41.04 -53.23 5.45
N LEU V 41 -40.92 -52.11 4.74
CA LEU V 41 -39.90 -51.13 5.08
C LEU V 41 -40.17 -50.47 6.42
N SER V 42 -41.42 -50.46 6.88
CA SER V 42 -41.76 -49.93 8.19
C SER V 42 -41.57 -50.94 9.31
N LYS V 43 -41.10 -52.15 8.98
CA LYS V 43 -40.85 -53.21 9.95
C LYS V 43 -42.12 -53.55 10.73
N ARG V 44 -43.12 -54.03 10.00
CA ARG V 44 -44.38 -54.46 10.57
C ARG V 44 -44.54 -55.96 10.39
N ASN V 45 -44.84 -56.65 11.47
CA ASN V 45 -44.90 -58.11 11.43
C ASN V 45 -46.11 -58.55 10.62
N PRO V 46 -45.92 -59.40 9.61
CA PRO V 46 -47.07 -59.86 8.81
C PRO V 46 -48.07 -60.68 9.59
N ARG V 47 -47.69 -61.22 10.74
CA ARG V 47 -48.60 -62.04 11.53
C ARG V 47 -49.59 -61.21 12.34
N GLN V 48 -49.54 -59.88 12.26
CA GLN V 48 -50.49 -59.02 12.95
C GLN V 48 -51.26 -58.14 11.98
N ILE V 49 -51.19 -58.40 10.68
CA ILE V 49 -51.98 -57.69 9.68
C ILE V 49 -53.03 -58.64 9.18
N ASN V 50 -54.30 -58.25 9.28
CA ASN V 50 -55.40 -59.20 9.13
C ASN V 50 -55.45 -59.78 7.71
N TRP V 51 -55.19 -58.95 6.69
CA TRP V 51 -55.34 -59.44 5.33
C TRP V 51 -54.11 -60.19 4.82
N THR V 52 -53.06 -60.30 5.62
CA THR V 52 -51.90 -61.07 5.22
C THR V 52 -52.22 -62.57 5.29
N VAL V 53 -51.73 -63.31 4.30
CA VAL V 53 -51.99 -64.75 4.22
C VAL V 53 -51.40 -65.45 5.45
N LEU V 54 -50.19 -65.05 5.85
CA LEU V 54 -49.57 -65.63 7.03
C LEU V 54 -50.44 -65.47 8.26
N TYR V 55 -51.12 -64.33 8.38
CA TYR V 55 -52.08 -64.14 9.45
C TYR V 55 -53.24 -65.12 9.32
N ARG V 56 -53.70 -65.36 8.09
CA ARG V 56 -54.84 -66.23 7.89
C ARG V 56 -54.54 -67.65 8.35
N ARG V 57 -53.34 -68.15 8.05
CA ARG V 57 -52.97 -69.48 8.50
C ARG V 57 -52.52 -69.49 9.96
N LYS V 58 -52.05 -68.37 10.50
CA LYS V 58 -51.71 -68.33 11.91
C LYS V 58 -52.96 -68.48 12.78
N HIS V 59 -54.02 -67.78 12.41
CA HIS V 59 -55.30 -67.91 13.09
C HIS V 59 -56.19 -68.98 12.48
N LYS V 60 -55.69 -69.71 11.47
CA LYS V 60 -56.39 -70.82 10.84
C LYS V 60 -57.73 -70.37 10.24
N LYS V 61 -57.75 -69.17 9.68
CA LYS V 61 -58.94 -68.68 9.01
C LYS V 61 -59.18 -69.46 7.72
N GLY V 62 -60.44 -69.79 7.47
CA GLY V 62 -60.81 -70.53 6.28
C GLY V 62 -60.86 -72.04 6.45
N GLN V 63 -60.31 -72.57 7.55
CA GLN V 63 -60.37 -74.00 7.83
C GLN V 63 -60.62 -74.25 9.31
N THR V 72 -53.99 -90.74 7.17
CA THR V 72 -54.79 -91.77 7.82
C THR V 72 -53.91 -92.87 8.38
N ARG V 73 -54.48 -93.68 9.28
CA ARG V 73 -53.74 -94.79 9.87
C ARG V 73 -53.56 -95.90 8.83
N ARG V 74 -52.34 -96.01 8.31
CA ARG V 74 -52.00 -97.01 7.31
C ARG V 74 -51.00 -97.99 7.89
N ALA V 75 -51.25 -99.28 7.67
CA ALA V 75 -50.35 -100.33 8.15
C ALA V 75 -50.49 -101.52 7.21
N VAL V 76 -49.54 -101.66 6.29
CA VAL V 76 -49.56 -102.72 5.29
C VAL V 76 -48.19 -103.39 5.26
N LYS V 77 -48.20 -104.71 5.13
CA LYS V 77 -46.98 -105.50 5.05
C LYS V 77 -47.22 -106.67 4.12
N PHE V 78 -46.15 -107.14 3.47
CA PHE V 78 -46.24 -108.17 2.46
C PHE V 78 -45.07 -109.12 2.61
N GLN V 79 -45.14 -110.23 1.86
CA GLN V 79 -44.07 -111.21 1.81
C GLN V 79 -43.43 -111.20 0.43
N ARG V 80 -42.10 -111.19 0.40
CA ARG V 80 -41.35 -111.15 -0.84
C ARG V 80 -40.37 -112.31 -0.89
N ALA V 81 -39.92 -112.61 -2.10
CA ALA V 81 -38.89 -113.62 -2.27
C ALA V 81 -37.57 -113.13 -1.70
N ILE V 82 -36.72 -114.07 -1.30
CA ILE V 82 -35.41 -113.76 -0.75
C ILE V 82 -34.36 -114.63 -1.42
N THR V 83 -33.11 -114.22 -1.32
CA THR V 83 -32.01 -114.98 -1.89
C THR V 83 -31.82 -116.26 -1.11
N GLY V 84 -32.04 -117.40 -1.77
CA GLY V 84 -31.91 -118.70 -1.14
C GLY V 84 -33.20 -119.49 -1.09
N ALA V 85 -34.35 -118.83 -1.09
CA ALA V 85 -35.63 -119.53 -1.08
C ALA V 85 -36.66 -118.65 -1.76
N SER V 86 -37.43 -119.25 -2.66
CA SER V 86 -38.46 -118.51 -3.37
C SER V 86 -39.64 -118.23 -2.44
N LEU V 87 -40.58 -117.43 -2.94
CA LEU V 87 -41.78 -117.12 -2.17
C LEU V 87 -42.59 -118.39 -1.93
N ALA V 88 -42.72 -119.23 -2.94
CA ALA V 88 -43.37 -120.52 -2.74
C ALA V 88 -42.61 -121.39 -1.75
N ASP V 89 -41.28 -121.32 -1.76
CA ASP V 89 -40.48 -122.09 -0.81
C ASP V 89 -40.78 -121.67 0.62
N ILE V 90 -40.71 -120.37 0.89
CA ILE V 90 -40.94 -119.91 2.26
C ILE V 90 -42.40 -120.12 2.65
N MET V 91 -43.32 -120.05 1.67
CA MET V 91 -44.71 -120.34 1.97
C MET V 91 -44.90 -121.79 2.39
N ALA V 92 -44.23 -122.70 1.68
CA ALA V 92 -44.27 -124.11 2.07
C ALA V 92 -43.64 -124.33 3.44
N LYS V 93 -42.59 -123.57 3.75
CA LYS V 93 -41.99 -123.65 5.07
C LYS V 93 -42.96 -123.20 6.15
N ARG V 94 -43.68 -122.11 5.93
CA ARG V 94 -44.53 -121.53 6.95
C ARG V 94 -45.93 -122.13 6.97
N ASN V 95 -46.26 -123.02 6.05
CA ASN V 95 -47.56 -123.66 6.00
C ASN V 95 -47.48 -125.15 6.34
N GLN V 96 -46.72 -125.47 7.38
CA GLN V 96 -46.60 -126.84 7.88
C GLN V 96 -47.51 -127.09 9.08
N LYS V 97 -48.69 -126.45 9.09
CA LYS V 97 -49.57 -126.47 10.25
C LYS V 97 -50.03 -127.87 10.66
N PRO V 98 -50.52 -128.75 9.75
CA PRO V 98 -51.06 -130.03 10.25
C PRO V 98 -50.01 -130.98 10.79
N GLU V 99 -49.51 -130.66 11.98
CA GLU V 99 -48.66 -131.51 12.80
C GLU V 99 -47.32 -131.85 12.15
N VAL V 100 -46.98 -131.20 11.03
CA VAL V 100 -45.66 -131.38 10.46
C VAL V 100 -44.60 -130.77 11.38
N ARG V 101 -44.91 -129.61 11.96
CA ARG V 101 -44.00 -129.01 12.93
C ARG V 101 -43.87 -129.87 14.17
N LYS V 102 -44.96 -130.54 14.58
CA LYS V 102 -44.87 -131.50 15.67
C LYS V 102 -43.99 -132.68 15.29
N ALA V 103 -44.11 -133.17 14.06
CA ALA V 103 -43.27 -134.27 13.59
C ALA V 103 -41.81 -133.88 13.56
N GLN V 104 -41.50 -132.62 13.27
CA GLN V 104 -40.12 -132.15 13.34
C GLN V 104 -39.64 -131.93 14.78
N ARG V 105 -40.49 -131.42 15.66
CA ARG V 105 -40.05 -131.20 17.04
C ARG V 105 -39.84 -132.52 17.77
N GLU V 106 -40.64 -133.55 17.46
CA GLU V 106 -40.45 -134.84 18.11
C GLU V 106 -39.17 -135.51 17.64
N GLN V 107 -38.85 -135.41 16.34
CA GLN V 107 -37.60 -135.98 15.89
C GLN V 107 -36.41 -135.19 16.40
N ALA V 108 -36.55 -133.88 16.58
CA ALA V 108 -35.50 -133.10 17.23
C ALA V 108 -35.30 -133.56 18.67
N ILE V 109 -36.39 -133.82 19.39
CA ILE V 109 -36.29 -134.26 20.78
C ILE V 109 -35.58 -135.60 20.88
N ARG V 110 -36.00 -136.58 20.06
CA ARG V 110 -35.34 -137.87 20.11
C ARG V 110 -33.91 -137.81 19.61
N ALA V 111 -33.60 -136.93 18.65
CA ALA V 111 -32.23 -136.74 18.21
C ALA V 111 -31.35 -136.22 19.33
N ALA V 112 -31.86 -135.23 20.09
CA ALA V 112 -31.10 -134.70 21.21
C ALA V 112 -30.88 -135.76 22.29
N LYS V 113 -31.94 -136.50 22.63
CA LYS V 113 -31.82 -137.53 23.66
C LYS V 113 -30.84 -138.63 23.25
N GLU V 114 -30.93 -139.08 21.99
CA GLU V 114 -30.02 -140.11 21.51
C GLU V 114 -28.59 -139.60 21.39
N ALA V 115 -28.40 -138.31 21.05
CA ALA V 115 -27.05 -137.75 21.03
C ALA V 115 -26.45 -137.71 22.43
N LYS V 116 -27.24 -137.29 23.41
CA LYS V 116 -26.74 -137.26 24.79
C LYS V 116 -26.40 -138.65 25.29
N LYS V 117 -27.29 -139.62 25.03
CA LYS V 117 -27.02 -140.99 25.46
C LYS V 117 -25.80 -141.57 24.74
N ALA V 118 -25.65 -141.27 23.45
CA ALA V 118 -24.51 -141.75 22.70
C ALA V 118 -23.21 -141.15 23.23
N LYS V 119 -23.23 -139.87 23.60
CA LYS V 119 -22.03 -139.26 24.17
C LYS V 119 -21.70 -139.84 25.54
N GLN V 120 -22.71 -140.11 26.38
CA GLN V 120 -22.44 -140.78 27.65
C GLN V 120 -21.85 -142.16 27.44
N ALA V 121 -22.38 -142.91 26.47
CA ALA V 121 -21.84 -144.24 26.18
C ALA V 121 -20.42 -144.17 25.61
N SER V 122 -20.13 -143.15 24.80
CA SER V 122 -18.83 -143.03 24.18
C SER V 122 -17.77 -142.64 25.20
N LYS V 123 -18.08 -141.70 26.08
CA LYS V 123 -17.10 -141.24 27.06
C LYS V 123 -16.79 -142.34 28.07
N LYS V 124 -15.52 -142.42 28.44
CA LYS V 124 -15.07 -143.43 29.40
C LYS V 124 -13.70 -143.07 29.97
N MET W 1 82.30 8.05 44.51
CA MET W 1 81.24 7.16 44.04
C MET W 1 81.81 5.99 43.26
N GLY W 2 81.13 4.84 43.33
CA GLY W 2 81.60 3.65 42.65
C GLY W 2 82.84 3.04 43.24
N ARG W 3 83.12 3.30 44.52
CA ARG W 3 84.33 2.83 45.19
C ARG W 3 83.99 1.85 46.30
N VAL W 4 83.08 0.92 46.02
CA VAL W 4 82.72 -0.12 46.98
C VAL W 4 83.55 -1.36 46.68
N ARG W 5 84.19 -1.89 47.72
CA ARG W 5 85.07 -3.04 47.54
C ARG W 5 84.26 -4.32 47.41
N THR W 6 84.95 -5.38 46.97
CA THR W 6 84.35 -6.68 46.77
C THR W 6 84.90 -7.66 47.82
N LYS W 7 84.19 -8.78 48.00
CA LYS W 7 84.59 -9.74 49.02
C LYS W 7 86.00 -10.29 48.76
N THR W 8 86.45 -10.26 47.51
CA THR W 8 87.78 -10.76 47.20
C THR W 8 88.85 -9.97 47.93
N VAL W 9 88.73 -8.63 47.95
CA VAL W 9 89.69 -7.83 48.69
C VAL W 9 89.30 -7.73 50.16
N LYS W 10 88.00 -7.85 50.47
CA LYS W 10 87.57 -7.73 51.86
C LYS W 10 87.93 -8.97 52.68
N LYS W 11 87.77 -10.16 52.11
CA LYS W 11 88.09 -11.38 52.84
C LYS W 11 89.59 -11.47 53.13
N ALA W 12 90.42 -11.13 52.15
CA ALA W 12 91.86 -11.19 52.36
C ALA W 12 92.32 -10.18 53.41
N ALA W 13 91.76 -8.97 53.38
CA ALA W 13 92.18 -7.94 54.32
C ALA W 13 91.86 -8.33 55.76
N ARG W 14 90.67 -8.91 55.98
CA ARG W 14 90.32 -9.33 57.33
C ARG W 14 91.24 -10.43 57.83
N VAL W 15 91.58 -11.38 56.95
CA VAL W 15 92.39 -12.52 57.37
C VAL W 15 93.80 -12.08 57.76
N ILE W 16 94.42 -11.24 56.92
CA ILE W 16 95.81 -10.88 57.14
C ILE W 16 95.97 -10.02 58.39
N ILE W 17 94.96 -9.22 58.73
CA ILE W 17 95.07 -8.39 59.92
C ILE W 17 95.08 -9.25 61.18
N GLU W 18 94.14 -10.19 61.29
CA GLU W 18 94.04 -11.00 62.49
C GLU W 18 95.08 -12.11 62.55
N LYS W 19 95.82 -12.35 61.46
CA LYS W 19 97.03 -13.15 61.51
C LYS W 19 98.29 -12.36 61.79
N TYR W 20 98.33 -11.09 61.39
CA TYR W 20 99.56 -10.32 61.49
C TYR W 20 99.28 -8.94 62.08
N TYR W 21 98.52 -8.89 63.17
CA TYR W 21 98.15 -7.62 63.76
C TYR W 21 99.34 -6.89 64.35
N THR W 22 100.29 -7.64 64.91
CA THR W 22 101.47 -7.03 65.52
C THR W 22 102.42 -6.42 64.50
N ARG W 23 102.22 -6.69 63.21
CA ARG W 23 103.09 -6.18 62.16
C ARG W 23 102.45 -5.08 61.33
N LEU W 24 101.32 -4.52 61.77
CA LEU W 24 100.59 -3.55 60.98
C LEU W 24 100.35 -2.28 61.78
N GLY W 25 100.19 -1.18 61.06
CA GLY W 25 99.91 0.11 61.66
C GLY W 25 98.84 0.88 60.92
N ASN W 26 98.94 2.20 60.91
CA ASN W 26 97.99 3.06 60.23
C ASN W 26 98.61 3.80 59.04
N ASP W 27 99.70 3.27 58.49
CA ASP W 27 100.34 3.83 57.30
C ASP W 27 100.13 2.88 56.14
N PHE W 28 99.47 3.37 55.09
CA PHE W 28 99.23 2.54 53.92
C PHE W 28 100.54 2.13 53.25
N HIS W 29 101.48 3.08 53.12
CA HIS W 29 102.74 2.79 52.47
C HIS W 29 103.56 1.77 53.25
N THR W 30 103.43 1.76 54.57
CA THR W 30 104.07 0.72 55.37
C THR W 30 103.39 -0.62 55.14
N ASN W 31 102.06 -0.63 55.19
CA ASN W 31 101.32 -1.90 55.10
C ASN W 31 101.47 -2.54 53.74
N LYS W 32 101.52 -1.73 52.68
CA LYS W 32 101.64 -2.28 51.33
C LYS W 32 102.97 -3.00 51.15
N ARG W 33 104.00 -2.58 51.89
CA ARG W 33 105.24 -3.35 51.91
C ARG W 33 105.12 -4.58 52.81
N VAL W 34 104.30 -4.49 53.87
CA VAL W 34 104.08 -5.64 54.73
C VAL W 34 103.38 -6.75 53.97
N CYS W 35 102.38 -6.41 53.17
CA CYS W 35 101.60 -7.41 52.46
C CYS W 35 102.40 -8.13 51.38
N GLU W 36 103.56 -7.62 51.01
CA GLU W 36 104.32 -8.22 49.92
C GLU W 36 104.83 -9.61 50.30
N GLU W 37 105.50 -9.72 51.46
CA GLU W 37 106.11 -10.98 51.82
C GLU W 37 105.11 -11.96 52.45
N ILE W 38 104.05 -11.44 53.06
CA ILE W 38 103.10 -12.32 53.74
C ILE W 38 102.09 -12.91 52.75
N ALA W 39 102.02 -12.40 51.54
CA ALA W 39 101.06 -12.89 50.57
C ALA W 39 101.57 -12.64 49.16
N ILE W 40 101.57 -13.69 48.33
CA ILE W 40 101.96 -13.54 46.94
C ILE W 40 100.78 -13.00 46.16
N ILE W 41 100.71 -11.69 46.02
CA ILE W 41 99.59 -11.01 45.38
C ILE W 41 99.93 -10.84 43.89
N PRO W 42 99.15 -11.43 42.99
CA PRO W 42 99.54 -11.42 41.56
C PRO W 42 99.51 -10.04 40.93
N SER W 43 98.79 -9.09 41.49
CA SER W 43 98.55 -7.80 40.84
C SER W 43 99.04 -6.66 41.71
N LYS W 44 99.77 -5.72 41.09
CA LYS W 44 100.10 -4.48 41.79
C LYS W 44 98.85 -3.68 42.11
N LYS W 45 97.89 -3.65 41.18
CA LYS W 45 96.63 -2.94 41.41
C LYS W 45 95.80 -3.59 42.49
N LEU W 46 96.11 -4.83 42.90
CA LEU W 46 95.39 -5.49 43.96
C LEU W 46 96.05 -5.34 45.32
N ARG W 47 97.39 -5.38 45.36
CA ARG W 47 98.08 -5.34 46.65
C ARG W 47 97.85 -4.00 47.36
N ASN W 48 97.78 -2.91 46.60
CA ASN W 48 97.53 -1.62 47.23
C ASN W 48 96.07 -1.47 47.62
N LYS W 49 95.15 -2.06 46.85
CA LYS W 49 93.76 -2.08 47.27
C LYS W 49 93.57 -2.94 48.51
N ILE W 50 94.33 -4.03 48.61
CA ILE W 50 94.30 -4.86 49.81
C ILE W 50 94.82 -4.06 51.00
N ALA W 51 95.93 -3.34 50.81
CA ALA W 51 96.50 -2.55 51.90
C ALA W 51 95.59 -1.40 52.28
N GLY W 52 94.92 -0.79 51.31
CA GLY W 52 94.08 0.36 51.59
C GLY W 52 92.92 0.02 52.52
N TYR W 53 92.25 -1.10 52.26
CA TYR W 53 91.16 -1.53 53.13
C TYR W 53 91.67 -1.92 54.51
N VAL W 54 92.92 -2.37 54.60
CA VAL W 54 93.50 -2.73 55.89
C VAL W 54 93.59 -1.49 56.78
N THR W 55 94.09 -0.39 56.22
CA THR W 55 94.21 0.85 56.98
C THR W 55 92.85 1.37 57.39
N HIS W 56 91.83 1.17 56.55
CA HIS W 56 90.47 1.50 56.95
C HIS W 56 90.05 0.67 58.15
N LEU W 57 90.40 -0.61 58.14
CA LEU W 57 90.09 -1.47 59.28
C LEU W 57 91.02 -1.21 60.46
N MET W 58 92.28 -0.87 60.19
CA MET W 58 93.22 -0.65 61.29
C MET W 58 92.84 0.57 62.12
N LYS W 59 92.26 1.59 61.48
CA LYS W 59 91.74 2.73 62.25
C LYS W 59 90.63 2.29 63.19
N ARG W 60 89.73 1.43 62.71
CA ARG W 60 88.60 1.02 63.52
C ARG W 60 88.98 -0.01 64.58
N ILE W 61 89.97 -0.88 64.29
CA ILE W 61 90.31 -1.92 65.26
C ILE W 61 91.05 -1.33 66.45
N GLN W 62 91.75 -0.21 66.27
CA GLN W 62 92.40 0.44 67.38
C GLN W 62 91.42 1.22 68.26
N ARG W 63 90.20 1.43 67.79
CA ARG W 63 89.18 2.15 68.55
C ARG W 63 88.22 1.21 69.25
N GLY W 64 87.54 0.34 68.50
CA GLY W 64 86.49 -0.49 69.05
C GLY W 64 86.60 -1.94 68.65
N PRO W 65 85.61 -2.74 69.07
CA PRO W 65 85.65 -4.18 68.80
C PRO W 65 85.11 -4.55 67.42
N VAL W 66 85.96 -4.47 66.39
CA VAL W 66 85.56 -4.88 65.06
C VAL W 66 85.27 -6.38 65.04
N ARG W 67 84.52 -6.81 64.03
CA ARG W 67 84.07 -8.20 63.95
C ARG W 67 85.24 -9.17 63.83
N GLY W 68 86.36 -8.74 63.25
CA GLY W 68 87.54 -9.58 63.25
C GLY W 68 88.15 -9.70 64.63
N ILE W 69 88.88 -10.79 64.85
CA ILE W 69 89.44 -11.05 66.16
C ILE W 69 90.74 -10.27 66.35
N SER W 70 91.11 -10.09 67.61
CA SER W 70 92.37 -9.43 67.95
C SER W 70 92.83 -9.94 69.31
N ILE W 71 94.14 -10.09 69.47
CA ILE W 71 94.69 -10.69 70.68
C ILE W 71 94.41 -9.82 71.90
N LYS W 72 94.75 -8.53 71.81
CA LYS W 72 94.52 -7.65 72.95
C LYS W 72 93.05 -7.30 73.12
N LEU W 73 92.26 -7.40 72.04
CA LEU W 73 90.83 -7.16 72.17
C LEU W 73 90.13 -8.34 72.82
N GLN W 74 90.59 -9.57 72.53
CA GLN W 74 89.97 -10.75 73.11
C GLN W 74 90.24 -10.85 74.61
N GLU W 75 91.46 -10.51 75.04
CA GLU W 75 91.79 -10.67 76.45
C GLU W 75 91.01 -9.68 77.32
N GLU W 76 90.82 -8.48 76.79
CA GLU W 76 90.01 -7.49 77.53
C GLU W 76 88.64 -8.14 77.76
N GLU W 77 88.02 -8.60 76.68
CA GLU W 77 86.66 -9.18 76.81
C GLU W 77 86.69 -10.22 77.94
N ARG W 78 87.67 -11.13 77.89
CA ARG W 78 87.80 -12.12 78.98
C ARG W 78 87.90 -11.36 80.30
N GLU W 79 88.93 -10.53 80.45
CA GLU W 79 89.14 -9.80 81.73
C GLU W 79 87.77 -9.41 82.27
N ARG W 80 87.06 -8.57 81.53
CA ARG W 80 85.81 -7.99 82.07
C ARG W 80 84.84 -9.13 82.37
N ARG W 81 84.59 -9.99 81.40
CA ARG W 81 83.58 -11.06 81.60
C ARG W 81 84.06 -12.08 82.62
N ASP W 82 85.29 -12.58 82.46
CA ASP W 82 85.73 -13.67 83.37
C ASP W 82 85.93 -13.09 84.78
N ASN W 83 85.93 -11.77 84.92
CA ASN W 83 86.26 -11.23 86.27
C ASN W 83 85.35 -10.07 86.69
N TYR W 84 85.96 -8.98 87.15
CA TYR W 84 85.17 -7.89 87.73
C TYR W 84 84.05 -8.47 88.61
N VAL W 85 84.37 -9.55 89.30
CA VAL W 85 83.49 -10.13 90.30
C VAL W 85 83.46 -9.17 91.48
N PRO W 86 82.29 -8.67 91.87
CA PRO W 86 82.25 -7.69 92.97
C PRO W 86 82.68 -8.30 94.29
N GLU W 87 83.28 -7.46 95.14
CA GLU W 87 83.71 -7.91 96.46
C GLU W 87 82.54 -8.36 97.32
N VAL W 88 81.36 -7.76 97.10
CA VAL W 88 80.14 -8.16 97.80
C VAL W 88 79.05 -8.35 96.75
N SER W 89 78.26 -9.40 96.92
CA SER W 89 77.24 -9.73 95.93
C SER W 89 76.13 -8.69 95.93
N ALA W 90 75.37 -8.68 94.83
CA ALA W 90 74.16 -7.88 94.75
C ALA W 90 72.96 -8.61 95.32
N LEU W 91 73.14 -9.84 95.79
CA LEU W 91 72.05 -10.67 96.28
C LEU W 91 72.11 -10.91 97.78
N ASP W 92 73.17 -10.47 98.45
CA ASP W 92 73.30 -10.61 99.90
C ASP W 92 72.90 -9.32 100.61
N GLN W 93 71.89 -8.63 100.09
CA GLN W 93 71.43 -7.38 100.67
C GLN W 93 70.90 -7.61 102.08
N GLU W 94 71.12 -6.61 102.94
CA GLU W 94 70.78 -6.76 104.35
C GLU W 94 69.29 -6.96 104.56
N ILE W 95 68.46 -6.21 103.83
CA ILE W 95 67.02 -6.34 103.89
C ILE W 95 66.49 -6.49 102.47
N ILE W 96 65.35 -7.17 102.34
CA ILE W 96 64.73 -7.46 101.05
C ILE W 96 63.28 -7.02 101.11
N GLU W 97 62.84 -6.30 100.09
CA GLU W 97 61.45 -5.89 99.98
C GLU W 97 60.59 -7.12 99.69
N VAL W 98 59.52 -7.31 100.47
CA VAL W 98 58.73 -8.53 100.43
C VAL W 98 57.26 -8.17 100.26
N ASP W 99 56.61 -8.81 99.30
CA ASP W 99 55.17 -8.69 99.12
C ASP W 99 54.44 -9.60 100.10
N PRO W 100 53.26 -9.19 100.58
CA PRO W 100 52.48 -10.08 101.45
C PRO W 100 52.12 -11.41 100.80
N ASP W 101 51.85 -11.43 99.50
CA ASP W 101 51.61 -12.68 98.81
C ASP W 101 52.85 -13.55 98.81
N THR W 102 54.03 -12.94 98.62
CA THR W 102 55.27 -13.69 98.70
C THR W 102 55.50 -14.24 100.09
N LYS W 103 55.15 -13.46 101.12
CA LYS W 103 55.28 -13.95 102.48
C LYS W 103 54.35 -15.13 102.73
N GLU W 104 53.14 -15.07 102.17
CA GLU W 104 52.22 -16.20 102.28
C GLU W 104 52.80 -17.43 101.58
N MET W 105 53.41 -17.23 100.42
CA MET W 105 54.04 -18.35 99.71
C MET W 105 55.19 -18.93 100.52
N LEU W 106 55.98 -18.07 101.17
CA LEU W 106 57.07 -18.54 102.01
C LEU W 106 56.55 -19.33 103.20
N LYS W 107 55.45 -18.86 103.81
CA LYS W 107 54.86 -19.59 104.93
C LYS W 107 54.34 -20.95 104.47
N LEU W 108 53.77 -21.02 103.27
CA LEU W 108 53.38 -22.30 102.70
C LEU W 108 54.61 -23.18 102.49
N LEU W 109 55.70 -22.59 102.02
CA LEU W 109 56.95 -23.32 101.84
C LEU W 109 57.53 -23.83 103.16
N ASP W 110 57.17 -23.17 104.27
CA ASP W 110 57.62 -23.28 105.68
C ASP W 110 58.91 -22.51 105.92
N PHE W 111 59.48 -21.84 104.93
CA PHE W 111 60.65 -21.00 105.12
C PHE W 111 60.27 -19.55 105.37
N GLY W 112 59.06 -19.30 105.85
CA GLY W 112 58.63 -17.96 106.18
C GLY W 112 59.17 -17.49 107.50
N SER W 113 58.82 -16.25 107.84
CA SER W 113 59.21 -15.60 109.10
C SER W 113 60.74 -15.57 109.27
N LEU W 114 61.42 -15.05 108.25
CA LEU W 114 62.86 -14.88 108.33
C LEU W 114 63.21 -13.47 108.75
N SER W 115 64.50 -13.27 109.06
CA SER W 115 64.95 -11.99 109.57
C SER W 115 64.99 -10.94 108.46
N ASN W 116 65.53 -11.30 107.29
CA ASN W 116 65.77 -10.34 106.23
C ASN W 116 64.54 -10.06 105.37
N LEU W 117 63.34 -10.39 105.84
CA LEU W 117 62.13 -10.21 105.07
C LEU W 117 61.31 -9.07 105.67
N GLN W 118 61.24 -7.95 104.96
CA GLN W 118 60.43 -6.81 105.36
C GLN W 118 59.21 -6.76 104.44
N VAL W 119 58.04 -7.01 105.01
CA VAL W 119 56.81 -7.08 104.20
C VAL W 119 56.43 -5.67 103.77
N THR W 120 56.33 -5.47 102.46
CA THR W 120 55.93 -4.18 101.91
C THR W 120 54.41 -4.06 101.89
N GLN W 121 53.94 -2.94 101.37
CA GLN W 121 52.51 -2.75 101.28
C GLN W 121 52.03 -2.94 99.86
N PRO W 122 51.00 -3.75 99.65
CA PRO W 122 50.53 -4.01 98.28
C PRO W 122 49.91 -2.79 97.65
N THR W 123 49.92 -2.78 96.32
CA THR W 123 49.40 -1.65 95.57
C THR W 123 47.89 -1.53 95.69
N VAL W 124 47.39 -0.33 95.44
CA VAL W 124 45.96 -0.03 95.51
C VAL W 124 45.55 0.63 94.20
N GLY W 125 44.50 0.10 93.57
CA GLY W 125 43.99 0.67 92.34
C GLY W 125 43.94 -0.31 91.19
N MET W 126 44.98 -1.14 91.08
CA MET W 126 45.09 -2.16 90.04
C MET W 126 44.92 -1.57 88.65
N ASN W 127 45.67 -0.49 88.39
CA ASN W 127 45.54 0.28 87.17
C ASN W 127 46.51 -0.16 86.08
N PHE W 128 46.91 -1.42 86.06
CA PHE W 128 47.86 -1.90 85.06
C PHE W 128 47.15 -2.09 83.72
N LYS W 129 47.92 -2.58 82.75
CA LYS W 129 47.54 -2.72 81.33
C LYS W 129 47.38 -1.36 80.67
N THR W 130 47.88 -1.23 79.45
CA THR W 130 47.74 0.00 78.70
C THR W 130 46.31 0.12 78.20
N PRO W 131 45.85 1.35 77.92
CA PRO W 131 44.52 1.52 77.32
C PRO W 131 44.43 0.80 75.98
N ARG W 132 43.29 0.15 75.75
CA ARG W 132 43.14 -0.65 74.56
C ARG W 132 42.87 0.22 73.33
N GLY W 133 43.34 -0.27 72.18
CA GLY W 133 43.15 0.41 70.93
C GLY W 133 43.93 1.72 70.85
N PRO W 134 43.43 2.64 70.04
CA PRO W 134 44.08 3.97 69.97
C PRO W 134 43.92 4.72 71.28
N VAL W 135 44.94 5.52 71.60
CA VAL W 135 44.97 6.36 72.80
C VAL W 135 44.72 5.56 74.07
N MET X 1 120.71 -9.47 1.67
CA MET X 1 120.30 -8.87 0.39
C MET X 1 118.79 -8.98 0.21
N ALA X 2 118.33 -8.65 -1.00
CA ALA X 2 116.90 -8.68 -1.30
C ALA X 2 116.32 -10.08 -1.28
N VAL X 3 117.17 -11.11 -1.35
CA VAL X 3 116.69 -12.49 -1.22
C VAL X 3 116.05 -12.68 0.16
N GLN X 4 116.69 -12.16 1.19
CA GLN X 4 116.12 -12.23 2.53
C GLN X 4 114.88 -11.35 2.63
N ILE X 5 113.84 -11.92 3.22
CA ILE X 5 112.59 -11.21 3.40
C ILE X 5 112.66 -10.38 4.67
N SER X 6 111.80 -9.37 4.75
CA SER X 6 111.71 -8.54 5.94
C SER X 6 111.14 -9.33 7.11
N LYS X 7 111.37 -8.84 8.32
CA LYS X 7 110.85 -9.53 9.49
C LYS X 7 109.33 -9.53 9.54
N LYS X 8 108.72 -8.44 9.06
CA LYS X 8 107.27 -8.33 9.07
C LYS X 8 106.60 -9.41 8.25
N ARG X 9 107.22 -9.84 7.15
CA ARG X 9 106.73 -10.99 6.43
C ARG X 9 107.33 -12.30 6.93
N LYS X 10 108.50 -12.24 7.58
CA LYS X 10 109.18 -13.46 8.00
C LYS X 10 108.44 -14.14 9.12
N PHE X 11 108.04 -13.39 10.15
CA PHE X 11 107.25 -14.00 11.22
C PHE X 11 105.85 -14.40 10.75
N VAL X 12 105.27 -13.67 9.80
CA VAL X 12 103.99 -14.09 9.23
C VAL X 12 104.16 -15.44 8.53
N ALA X 13 105.24 -15.59 7.75
CA ALA X 13 105.48 -16.85 7.06
C ALA X 13 105.75 -17.97 8.06
N ASP X 14 106.45 -17.67 9.15
CA ASP X 14 106.68 -18.69 10.18
C ASP X 14 105.38 -19.13 10.82
N GLY X 15 104.47 -18.18 11.10
CA GLY X 15 103.16 -18.55 11.62
C GLY X 15 102.36 -19.36 10.62
N ILE X 16 102.47 -19.03 9.33
CA ILE X 16 101.79 -19.79 8.29
C ILE X 16 102.31 -21.22 8.25
N PHE X 17 103.63 -21.37 8.32
CA PHE X 17 104.25 -22.69 8.33
C PHE X 17 103.81 -23.50 9.53
N LYS X 18 103.78 -22.86 10.71
CA LYS X 18 103.34 -23.56 11.90
C LYS X 18 101.89 -23.99 11.79
N ALA X 19 101.03 -23.11 11.28
CA ALA X 19 99.61 -23.44 11.15
C ALA X 19 99.41 -24.59 10.16
N GLU X 20 100.08 -24.52 9.01
CA GLU X 20 99.95 -25.59 8.02
C GLU X 20 100.47 -26.91 8.56
N LEU X 21 101.61 -26.89 9.24
CA LEU X 21 102.16 -28.12 9.81
C LEU X 21 101.23 -28.69 10.87
N ASN X 22 100.66 -27.83 11.72
CA ASN X 22 99.74 -28.30 12.74
C ASN X 22 98.49 -28.90 12.12
N GLU X 23 97.95 -28.25 11.08
CA GLU X 23 96.74 -28.77 10.44
C GLU X 23 97.01 -30.12 9.78
N PHE X 24 98.12 -30.23 9.05
CA PHE X 24 98.44 -31.49 8.40
C PHE X 24 98.68 -32.59 9.42
N LEU X 25 99.41 -32.27 10.49
CA LEU X 25 99.69 -33.27 11.51
C LEU X 25 98.41 -33.71 12.20
N THR X 26 97.50 -32.77 12.46
CA THR X 26 96.22 -33.13 13.07
C THR X 26 95.41 -34.04 12.16
N ARG X 27 95.35 -33.71 10.87
CA ARG X 27 94.58 -34.52 9.94
C ARG X 27 95.18 -35.92 9.80
N GLU X 28 96.51 -36.01 9.79
CA GLU X 28 97.13 -37.31 9.60
C GLU X 28 97.06 -38.16 10.87
N LEU X 29 97.22 -37.55 12.03
CA LEU X 29 97.35 -38.28 13.29
C LEU X 29 96.12 -38.13 14.17
N ALA X 30 94.97 -37.79 13.59
CA ALA X 30 93.77 -37.51 14.40
C ALA X 30 93.38 -38.73 15.22
N GLU X 31 93.36 -39.91 14.60
CA GLU X 31 93.09 -41.14 15.31
C GLU X 31 94.32 -41.66 16.06
N ASP X 32 95.48 -41.04 15.87
CA ASP X 32 96.72 -41.52 16.44
C ASP X 32 97.06 -40.86 17.77
N GLY X 33 96.08 -40.26 18.44
CA GLY X 33 96.32 -39.61 19.72
C GLY X 33 97.23 -38.40 19.63
N TYR X 34 97.09 -37.61 18.56
CA TYR X 34 97.90 -36.42 18.41
C TYR X 34 97.50 -35.37 19.44
N SER X 35 98.48 -34.67 19.98
CA SER X 35 98.21 -33.67 21.02
C SER X 35 98.72 -32.28 20.66
N GLY X 36 99.91 -32.17 20.06
CA GLY X 36 100.41 -30.85 19.72
C GLY X 36 101.75 -30.91 19.03
N VAL X 37 102.21 -29.73 18.61
CA VAL X 37 103.46 -29.58 17.88
C VAL X 37 104.18 -28.33 18.38
N GLU X 38 105.50 -28.39 18.43
CA GLU X 38 106.34 -27.24 18.78
C GLU X 38 107.57 -27.25 17.90
N VAL X 39 107.95 -26.08 17.38
CA VAL X 39 109.02 -25.97 16.40
C VAL X 39 110.22 -25.30 17.05
N ARG X 40 111.37 -25.97 17.01
CA ARG X 40 112.65 -25.37 17.37
C ARG X 40 113.37 -25.11 16.04
N VAL X 41 113.24 -23.88 15.55
CA VAL X 41 113.83 -23.50 14.27
C VAL X 41 115.13 -22.75 14.53
N THR X 42 116.17 -23.14 13.82
CA THR X 42 117.48 -22.51 13.87
C THR X 42 117.93 -22.22 12.44
N PRO X 43 118.82 -21.25 12.25
CA PRO X 43 119.34 -20.99 10.90
C PRO X 43 120.03 -22.20 10.29
N THR X 44 120.71 -23.01 11.09
CA THR X 44 121.37 -24.20 10.55
C THR X 44 120.36 -25.22 10.05
N ARG X 45 119.38 -25.57 10.89
CA ARG X 45 118.36 -26.55 10.53
C ARG X 45 117.21 -26.42 11.52
N THR X 46 116.07 -27.01 11.16
CA THR X 46 114.88 -26.91 11.98
C THR X 46 114.50 -28.28 12.55
N GLU X 47 113.86 -28.25 13.71
CA GLU X 47 113.46 -29.46 14.40
C GLU X 47 112.02 -29.32 14.86
N ILE X 48 111.30 -30.44 14.83
CA ILE X 48 109.88 -30.48 15.15
C ILE X 48 109.69 -31.46 16.30
N ILE X 49 108.96 -31.04 17.32
CA ILE X 49 108.60 -31.88 18.45
C ILE X 49 107.11 -32.13 18.38
N ILE X 50 106.72 -33.39 18.27
CA ILE X 50 105.31 -33.77 18.17
C ILE X 50 104.93 -34.48 19.46
N LEU X 51 104.08 -33.83 20.25
CA LEU X 51 103.56 -34.39 21.48
C LEU X 51 102.32 -35.20 21.14
N ALA X 52 102.33 -36.48 21.50
CA ALA X 52 101.19 -37.35 21.26
C ALA X 52 101.07 -38.32 22.42
N THR X 53 99.96 -39.06 22.44
CA THR X 53 99.70 -40.01 23.51
C THR X 53 100.19 -41.41 23.17
N ARG X 54 99.76 -41.95 22.04
CA ARG X 54 100.16 -43.28 21.59
C ARG X 54 101.27 -43.11 20.58
N THR X 55 102.51 -43.08 21.07
CA THR X 55 103.65 -42.84 20.19
C THR X 55 104.18 -44.11 19.54
N GLN X 56 103.75 -45.29 19.99
CA GLN X 56 104.29 -46.52 19.45
C GLN X 56 103.73 -46.85 18.07
N ASN X 57 102.62 -46.24 17.68
CA ASN X 57 102.06 -46.50 16.36
C ASN X 57 102.22 -45.34 15.38
N VAL X 58 102.49 -44.12 15.87
CA VAL X 58 102.84 -43.04 14.95
C VAL X 58 104.19 -43.30 14.32
N LEU X 59 105.02 -44.14 14.94
CA LEU X 59 106.23 -44.66 14.33
C LEU X 59 105.93 -46.04 13.77
N GLY X 60 106.17 -46.21 12.47
CA GLY X 60 105.95 -47.49 11.83
C GLY X 60 107.02 -48.50 12.19
N GLU X 61 107.08 -49.55 11.38
CA GLU X 61 108.14 -50.54 11.55
C GLU X 61 109.49 -49.91 11.30
N LYS X 62 110.29 -49.80 12.36
CA LYS X 62 111.58 -49.11 12.32
C LYS X 62 111.43 -47.68 11.85
N GLY X 63 110.36 -47.03 12.32
CA GLY X 63 110.12 -45.63 12.02
C GLY X 63 109.81 -45.31 10.58
N ARG X 64 109.11 -46.20 9.88
CA ARG X 64 108.75 -45.91 8.50
C ARG X 64 107.80 -44.72 8.41
N ARG X 65 106.84 -44.63 9.33
CA ARG X 65 105.87 -43.53 9.29
C ARG X 65 106.54 -42.19 9.57
N ILE X 66 107.42 -42.15 10.58
CA ILE X 66 108.10 -40.89 10.88
C ILE X 66 109.06 -40.52 9.75
N ARG X 67 109.68 -41.52 9.10
CA ARG X 67 110.50 -41.24 7.92
C ARG X 67 109.65 -40.66 6.79
N GLU X 68 108.44 -41.20 6.61
CA GLU X 68 107.53 -40.67 5.61
C GLU X 68 107.19 -39.21 5.89
N LEU X 69 106.88 -38.90 7.14
CA LEU X 69 106.58 -37.52 7.50
C LEU X 69 107.77 -36.60 7.28
N THR X 70 108.97 -37.06 7.63
CA THR X 70 110.18 -36.26 7.42
C THR X 70 110.38 -35.98 5.94
N ALA X 71 110.15 -36.97 5.08
CA ALA X 71 110.25 -36.74 3.65
C ALA X 71 109.17 -35.78 3.15
N VAL X 72 107.94 -35.95 3.62
CA VAL X 72 106.81 -35.17 3.09
C VAL X 72 106.96 -33.70 3.42
N VAL X 73 107.37 -33.39 4.65
CA VAL X 73 107.49 -31.99 5.03
C VAL X 73 108.54 -31.27 4.19
N GLN X 74 109.67 -31.91 3.89
CA GLN X 74 110.68 -31.25 3.08
C GLN X 74 110.32 -31.22 1.60
N LYS X 75 109.58 -32.21 1.10
CA LYS X 75 109.01 -32.03 -0.25
C LYS X 75 108.04 -30.87 -0.31
N ARG X 76 107.21 -30.70 0.72
CA ARG X 76 106.21 -29.64 0.69
C ARG X 76 106.86 -28.28 0.77
N PHE X 77 107.77 -28.09 1.71
CA PHE X 77 108.32 -26.76 1.98
C PHE X 77 109.70 -26.55 1.36
N GLY X 78 110.14 -27.44 0.47
CA GLY X 78 111.36 -27.22 -0.26
C GLY X 78 112.61 -27.16 0.59
N PHE X 79 112.56 -27.72 1.78
CA PHE X 79 113.70 -27.67 2.68
C PHE X 79 114.84 -28.50 2.11
N PRO X 80 116.09 -28.10 2.39
CA PRO X 80 117.22 -28.92 1.96
C PRO X 80 117.21 -30.28 2.67
N GLU X 81 117.82 -31.26 2.01
CA GLU X 81 117.78 -32.64 2.49
C GLU X 81 118.39 -32.75 3.88
N GLY X 82 117.67 -33.41 4.78
CA GLY X 82 118.15 -33.62 6.12
C GLY X 82 118.21 -32.38 6.99
N SER X 83 117.58 -31.29 6.57
CA SER X 83 117.61 -30.06 7.34
C SER X 83 116.46 -29.95 8.34
N VAL X 84 115.66 -31.00 8.49
CA VAL X 84 114.57 -31.02 9.45
C VAL X 84 114.63 -32.33 10.23
N GLU X 85 114.57 -32.23 11.56
CA GLU X 85 114.49 -33.39 12.42
C GLU X 85 113.09 -33.51 12.99
N LEU X 86 112.66 -34.74 13.28
CA LEU X 86 111.32 -35.02 13.77
C LEU X 86 111.43 -35.90 15.02
N TYR X 87 111.04 -35.35 16.16
CA TYR X 87 111.03 -36.07 17.43
C TYR X 87 109.58 -36.27 17.85
N ALA X 88 109.28 -37.44 18.39
CA ALA X 88 107.95 -37.76 18.89
C ALA X 88 108.05 -38.01 20.39
N GLU X 89 107.23 -37.30 21.16
CA GLU X 89 107.27 -37.36 22.62
C GLU X 89 105.91 -37.74 23.17
N LYS X 90 105.90 -38.67 24.10
CA LYS X 90 104.68 -39.01 24.84
C LYS X 90 104.36 -37.87 25.79
N VAL X 91 103.27 -37.17 25.53
CA VAL X 91 102.88 -36.04 26.36
C VAL X 91 102.43 -36.54 27.73
N ALA X 92 102.96 -35.92 28.78
CA ALA X 92 102.59 -36.29 30.13
C ALA X 92 101.20 -35.79 30.46
N THR X 93 100.46 -36.58 31.24
CA THR X 93 99.09 -36.28 31.67
C THR X 93 98.20 -35.97 30.47
N ARG X 94 97.97 -37.02 29.67
CA ARG X 94 97.13 -36.90 28.50
C ARG X 94 95.68 -36.61 28.86
N GLY X 95 95.30 -36.75 30.12
CA GLY X 95 93.97 -36.42 30.56
C GLY X 95 93.77 -34.94 30.80
N LEU X 96 94.66 -34.12 30.24
CA LEU X 96 94.56 -32.67 30.34
C LEU X 96 94.51 -31.98 28.99
N CYS X 97 95.13 -32.56 27.96
CA CYS X 97 95.13 -31.96 26.63
C CYS X 97 93.75 -32.04 26.03
N ALA X 98 93.11 -30.88 25.84
CA ALA X 98 91.76 -30.87 25.29
C ALA X 98 91.72 -31.40 23.87
N ILE X 99 92.78 -31.17 23.09
CA ILE X 99 92.83 -31.71 21.75
C ILE X 99 92.83 -33.23 21.78
N ALA X 100 93.63 -33.82 22.67
CA ALA X 100 93.66 -35.27 22.80
C ALA X 100 92.32 -35.81 23.27
N GLN X 101 91.71 -35.14 24.26
CA GLN X 101 90.41 -35.59 24.76
C GLN X 101 89.34 -35.51 23.67
N ALA X 102 89.35 -34.44 22.89
CA ALA X 102 88.37 -34.29 21.81
C ALA X 102 88.58 -35.35 20.74
N GLU X 103 89.85 -35.65 20.42
CA GLU X 103 90.10 -36.69 19.42
C GLU X 103 89.65 -38.06 19.92
N SER X 104 89.90 -38.36 21.19
CA SER X 104 89.45 -39.62 21.75
C SER X 104 87.93 -39.70 21.76
N LEU X 105 87.27 -38.58 22.08
CA LEU X 105 85.81 -38.54 22.05
C LEU X 105 85.27 -38.74 20.63
N ARG X 106 85.94 -38.14 19.65
CA ARG X 106 85.54 -38.32 18.25
C ARG X 106 85.66 -39.78 17.84
N TYR X 107 86.76 -40.43 18.24
CA TYR X 107 86.92 -41.86 17.96
C TYR X 107 85.83 -42.67 18.65
N LYS X 108 85.51 -42.33 19.90
CA LYS X 108 84.49 -43.06 20.64
C LYS X 108 83.13 -42.93 19.97
N LEU X 109 82.77 -41.73 19.52
CA LEU X 109 81.48 -41.55 18.88
C LEU X 109 81.42 -42.22 17.52
N LEU X 110 82.52 -42.19 16.77
CA LEU X 110 82.55 -42.96 15.53
C LEU X 110 82.49 -44.47 15.79
N GLY X 111 82.90 -44.90 16.97
CA GLY X 111 82.77 -46.30 17.31
C GLY X 111 81.37 -46.77 17.61
N GLY X 112 80.39 -45.87 17.53
CA GLY X 112 79.01 -46.23 17.80
C GLY X 112 78.62 -46.22 19.26
N LEU X 113 79.49 -45.75 20.15
CA LEU X 113 79.16 -45.68 21.56
C LEU X 113 78.03 -44.68 21.80
N ALA X 114 77.25 -44.93 22.84
CA ALA X 114 76.22 -43.99 23.24
C ALA X 114 76.85 -42.67 23.65
N VAL X 115 76.27 -41.57 23.13
CA VAL X 115 76.87 -40.26 23.32
C VAL X 115 76.90 -39.87 24.79
N ARG X 116 75.79 -40.13 25.51
CA ARG X 116 75.70 -39.67 26.89
C ARG X 116 76.57 -40.51 27.80
N ARG X 117 76.69 -41.81 27.53
CA ARG X 117 77.63 -42.64 28.28
C ARG X 117 79.06 -42.24 27.99
N ALA X 118 79.39 -41.98 26.72
CA ALA X 118 80.76 -41.61 26.36
C ALA X 118 81.16 -40.29 26.98
N CYS X 119 80.24 -39.31 27.00
CA CYS X 119 80.56 -38.03 27.60
C CYS X 119 80.82 -38.15 29.09
N TYR X 120 80.01 -38.96 29.79
CA TYR X 120 80.25 -39.20 31.21
C TYR X 120 81.59 -39.88 31.43
N GLY X 121 81.93 -40.86 30.61
CA GLY X 121 83.22 -41.51 30.75
C GLY X 121 84.37 -40.55 30.53
N VAL X 122 84.26 -39.70 29.51
CA VAL X 122 85.30 -38.73 29.20
C VAL X 122 85.46 -37.72 30.33
N LEU X 123 84.34 -37.22 30.85
CA LEU X 123 84.39 -36.29 31.97
C LEU X 123 84.98 -36.94 33.21
N ARG X 124 84.62 -38.18 33.48
CA ARG X 124 85.19 -38.90 34.62
C ARG X 124 86.70 -39.03 34.46
N PHE X 125 87.15 -39.37 33.26
CA PHE X 125 88.59 -39.51 33.01
C PHE X 125 89.30 -38.18 33.20
N ILE X 126 88.71 -37.09 32.72
CA ILE X 126 89.34 -35.78 32.83
C ILE X 126 89.45 -35.36 34.30
N MET X 127 88.37 -35.54 35.07
CA MET X 127 88.43 -35.15 36.47
C MET X 127 89.35 -36.07 37.27
N GLU X 128 89.45 -37.34 36.89
CA GLU X 128 90.36 -38.24 37.58
C GLU X 128 91.82 -37.90 37.27
N SER X 129 92.08 -37.34 36.08
CA SER X 129 93.43 -36.89 35.77
C SER X 129 93.86 -35.71 36.63
N GLY X 130 92.91 -34.97 37.20
CA GLY X 130 93.24 -33.86 38.07
C GLY X 130 93.10 -32.50 37.40
N ALA X 131 91.98 -31.84 37.67
CA ALA X 131 91.74 -30.50 37.13
C ALA X 131 90.69 -29.82 37.99
N LYS X 132 90.62 -28.50 37.89
CA LYS X 132 89.65 -27.74 38.65
C LYS X 132 88.26 -27.78 38.04
N GLY X 133 88.14 -28.18 36.78
CA GLY X 133 86.84 -28.28 36.15
C GLY X 133 86.96 -28.61 34.69
N CYS X 134 85.88 -29.15 34.15
CA CYS X 134 85.82 -29.49 32.74
C CYS X 134 84.39 -29.36 32.24
N GLU X 135 84.26 -28.97 30.98
CA GLU X 135 82.96 -28.81 30.34
C GLU X 135 83.04 -29.32 28.91
N VAL X 136 82.04 -30.09 28.52
CA VAL X 136 81.95 -30.64 27.17
C VAL X 136 80.59 -30.30 26.59
N VAL X 137 80.58 -29.87 25.33
CA VAL X 137 79.35 -29.49 24.64
C VAL X 137 79.28 -30.28 23.35
N VAL X 138 78.18 -31.00 23.17
CA VAL X 138 77.94 -31.77 21.96
C VAL X 138 76.68 -31.24 21.30
N SER X 139 76.81 -30.82 20.05
CA SER X 139 75.69 -30.25 19.32
C SER X 139 75.51 -30.98 17.99
N GLY X 140 74.27 -31.10 17.56
CA GLY X 140 73.99 -31.71 16.29
C GLY X 140 72.66 -32.43 16.31
N LYS X 141 72.47 -33.30 15.30
CA LYS X 141 71.20 -34.00 15.09
C LYS X 141 71.09 -35.21 16.01
N LEU X 142 71.08 -34.92 17.31
CA LEU X 142 70.80 -35.95 18.29
C LEU X 142 69.33 -36.36 18.20
N ARG X 143 69.05 -37.60 18.60
CA ARG X 143 67.74 -38.26 18.52
C ARG X 143 66.98 -37.89 17.24
N GLY X 144 65.95 -37.05 17.36
CA GLY X 144 65.12 -36.70 16.23
C GLY X 144 65.80 -35.73 15.28
N GLN X 145 64.99 -35.21 14.35
CA GLN X 145 65.50 -34.28 13.34
C GLN X 145 65.95 -32.97 13.97
N ARG X 146 65.24 -32.49 14.97
CA ARG X 146 65.58 -31.21 15.60
C ARG X 146 66.91 -31.33 16.32
N ALA X 147 67.82 -30.42 16.03
CA ALA X 147 69.12 -30.43 16.66
C ALA X 147 69.02 -29.99 18.12
N LYS X 148 69.72 -30.69 19.00
CA LYS X 148 69.74 -30.36 20.42
C LYS X 148 71.17 -30.44 20.93
N SER X 149 71.52 -29.53 21.82
CA SER X 149 72.86 -29.41 22.36
C SER X 149 72.88 -29.86 23.81
N MET X 150 73.84 -30.73 24.14
CA MET X 150 74.01 -31.24 25.48
C MET X 150 75.32 -30.72 26.06
N LYS X 151 75.24 -30.08 27.22
CA LYS X 151 76.40 -29.56 27.92
C LYS X 151 76.57 -30.31 29.24
N PHE X 152 77.73 -30.89 29.44
CA PHE X 152 78.09 -31.53 30.70
C PHE X 152 79.24 -30.74 31.30
N VAL X 153 78.96 -30.01 32.36
CA VAL X 153 79.92 -29.10 32.98
C VAL X 153 80.05 -29.46 34.45
N ASP X 154 81.28 -29.44 34.96
CA ASP X 154 81.48 -29.69 36.38
C ASP X 154 82.79 -29.03 36.80
N GLY X 155 82.90 -28.77 38.10
CA GLY X 155 84.07 -28.10 38.62
C GLY X 155 84.05 -26.60 38.35
N LEU X 156 85.13 -25.95 38.76
CA LEU X 156 85.26 -24.52 38.52
C LEU X 156 85.53 -24.27 37.05
N MET X 157 84.92 -23.20 36.53
CA MET X 157 85.01 -22.90 35.10
C MET X 157 84.79 -21.42 34.88
N ILE X 158 85.86 -20.69 34.60
CA ILE X 158 85.76 -19.27 34.28
C ILE X 158 85.49 -19.11 32.79
N HIS X 159 85.05 -17.91 32.41
CA HIS X 159 84.78 -17.60 31.02
C HIS X 159 85.35 -16.28 30.54
N SER X 160 85.66 -15.34 31.43
CA SER X 160 85.96 -13.98 31.05
C SER X 160 87.34 -13.56 31.54
N GLY X 161 87.93 -12.62 30.82
CA GLY X 161 89.19 -12.03 31.21
C GLY X 161 90.36 -12.57 30.41
N ASP X 162 91.50 -11.93 30.62
CA ASP X 162 92.75 -12.44 30.08
C ASP X 162 93.11 -13.86 30.53
N PRO X 163 93.01 -14.24 31.81
CA PRO X 163 93.61 -15.51 32.25
C PRO X 163 93.01 -16.75 31.61
N VAL X 164 91.84 -16.65 30.98
CA VAL X 164 91.20 -17.82 30.40
C VAL X 164 92.07 -18.46 29.31
N ASN X 165 92.88 -17.65 28.62
CA ASN X 165 93.71 -18.16 27.54
C ASN X 165 94.72 -19.19 28.03
N TYR X 166 95.36 -18.94 29.17
CA TYR X 166 96.32 -19.89 29.71
C TYR X 166 95.76 -20.75 30.83
N TYR X 167 94.47 -20.58 31.15
CA TYR X 167 93.81 -21.51 32.08
C TYR X 167 93.03 -22.62 31.41
N VAL X 168 92.22 -22.33 30.40
CA VAL X 168 91.39 -23.36 29.79
C VAL X 168 92.05 -23.82 28.50
N ASP X 169 91.76 -25.05 28.11
CA ASP X 169 92.17 -25.57 26.82
C ASP X 169 90.91 -25.83 26.00
N THR X 170 90.83 -25.20 24.84
CA THR X 170 89.64 -25.25 24.00
C THR X 170 89.90 -26.14 22.79
N ALA X 171 89.01 -27.09 22.56
CA ALA X 171 89.13 -27.99 21.41
C ALA X 171 87.79 -28.09 20.71
N VAL X 172 87.79 -27.96 19.38
CA VAL X 172 86.58 -28.06 18.58
C VAL X 172 86.82 -29.11 17.51
N ARG X 173 85.94 -30.11 17.45
CA ARG X 173 86.03 -31.20 16.50
C ARG X 173 84.69 -31.42 15.81
N HIS X 174 84.76 -31.96 14.60
CA HIS X 174 83.58 -32.27 13.80
C HIS X 174 83.54 -33.77 13.56
N VAL X 175 82.40 -34.38 13.82
CA VAL X 175 82.21 -35.83 13.67
C VAL X 175 81.22 -36.06 12.55
N LEU X 176 81.54 -36.99 11.65
CA LEU X 176 80.72 -37.24 10.46
C LEU X 176 79.94 -38.53 10.67
N LEU X 177 78.80 -38.42 11.36
CA LEU X 177 77.92 -39.56 11.52
C LEU X 177 76.91 -39.60 10.38
N ARG X 178 76.28 -40.77 10.20
CA ARG X 178 75.36 -40.96 9.09
C ARG X 178 74.20 -39.98 9.15
N GLN X 179 73.76 -39.62 10.35
CA GLN X 179 72.71 -38.62 10.48
C GLN X 179 73.20 -37.24 10.04
N GLY X 180 74.43 -36.90 10.38
CA GLY X 180 74.94 -35.58 10.05
C GLY X 180 76.22 -35.28 10.79
N VAL X 181 76.48 -34.00 11.01
CA VAL X 181 77.71 -33.56 11.65
C VAL X 181 77.45 -33.29 13.12
N LEU X 182 78.32 -33.83 13.97
CA LEU X 182 78.24 -33.64 15.41
C LEU X 182 79.41 -32.76 15.83
N GLY X 183 79.11 -31.56 16.31
CA GLY X 183 80.14 -30.68 16.79
C GLY X 183 80.46 -30.94 18.26
N ILE X 184 81.75 -30.98 18.56
CA ILE X 184 82.25 -31.26 19.91
C ILE X 184 83.12 -30.10 20.35
N LYS X 185 82.80 -29.52 21.50
CA LYS X 185 83.62 -28.49 22.12
C LYS X 185 84.04 -28.96 23.50
N VAL X 186 85.33 -28.83 23.80
CA VAL X 186 85.88 -29.27 25.07
C VAL X 186 86.63 -28.10 25.69
N LYS X 187 86.31 -27.79 26.94
CA LYS X 187 86.98 -26.77 27.73
C LYS X 187 87.47 -27.40 29.02
N ILE X 188 88.73 -27.16 29.35
CA ILE X 188 89.34 -27.74 30.54
C ILE X 188 90.02 -26.63 31.32
N MET X 189 89.70 -26.50 32.60
CA MET X 189 90.37 -25.55 33.47
C MET X 189 91.63 -26.21 34.02
N LEU X 190 92.78 -25.76 33.55
CA LEU X 190 94.04 -26.36 33.98
C LEU X 190 94.34 -25.93 35.42
N PRO X 191 94.70 -26.85 36.29
CA PRO X 191 95.04 -26.48 37.67
C PRO X 191 96.34 -25.69 37.72
N TRP X 192 96.44 -24.85 38.74
CA TRP X 192 97.61 -24.00 38.89
C TRP X 192 98.82 -24.82 39.30
N ASP X 193 99.87 -24.76 38.48
CA ASP X 193 101.09 -25.53 38.73
C ASP X 193 102.28 -24.60 38.77
N PRO X 194 102.86 -24.34 39.95
CA PRO X 194 104.11 -23.57 39.99
C PRO X 194 105.24 -24.24 39.25
N THR X 195 105.26 -25.57 39.20
CA THR X 195 106.25 -26.26 38.38
C THR X 195 106.05 -25.95 36.90
N GLY X 196 104.79 -25.84 36.47
CA GLY X 196 104.48 -25.45 35.12
C GLY X 196 104.41 -26.55 34.11
N LYS X 197 104.63 -27.81 34.52
CA LYS X 197 104.57 -28.92 33.57
C LYS X 197 103.15 -29.20 33.13
N ILE X 198 102.18 -29.10 34.03
CA ILE X 198 100.79 -29.44 33.71
C ILE X 198 99.90 -28.22 33.56
N GLY X 199 100.41 -27.02 33.80
CA GLY X 199 99.60 -25.83 33.66
C GLY X 199 100.41 -24.56 33.82
N PRO X 200 99.72 -23.43 33.89
CA PRO X 200 100.41 -22.15 34.08
C PRO X 200 100.99 -22.03 35.48
N LYS X 201 102.02 -21.19 35.59
CA LYS X 201 102.65 -20.93 36.87
C LYS X 201 102.01 -19.78 37.62
N LYS X 202 101.41 -18.83 36.92
CA LYS X 202 100.76 -17.71 37.56
C LYS X 202 99.53 -18.19 38.33
N PRO X 203 99.31 -17.71 39.54
CA PRO X 203 98.11 -18.07 40.29
C PRO X 203 96.91 -17.28 39.76
N LEU X 204 95.76 -17.57 40.34
CA LEU X 204 94.56 -16.80 40.01
C LEU X 204 94.76 -15.35 40.43
N PRO X 205 94.44 -14.38 39.57
CA PRO X 205 94.63 -12.98 39.96
C PRO X 205 93.83 -12.57 41.19
N ASP X 206 92.64 -13.15 41.38
CA ASP X 206 91.81 -12.84 42.52
C ASP X 206 92.10 -13.72 43.72
N HIS X 207 93.07 -14.62 43.63
CA HIS X 207 93.44 -15.52 44.72
C HIS X 207 94.78 -15.11 45.30
N VAL X 208 94.82 -14.96 46.61
CA VAL X 208 96.04 -14.62 47.34
C VAL X 208 96.35 -15.75 48.32
N SER X 209 97.63 -16.10 48.42
CA SER X 209 98.09 -17.15 49.32
C SER X 209 98.86 -16.50 50.47
N ILE X 210 98.41 -16.73 51.69
CA ILE X 210 98.97 -16.10 52.88
C ILE X 210 99.69 -17.16 53.70
N VAL X 211 100.93 -16.88 54.05
CA VAL X 211 101.74 -17.82 54.82
C VAL X 211 101.36 -17.74 56.30
N GLU X 212 101.48 -18.87 56.98
CA GLU X 212 101.12 -18.94 58.39
C GLU X 212 102.28 -18.49 59.27
N PRO X 213 102.07 -17.53 60.15
CA PRO X 213 103.13 -17.08 61.04
C PRO X 213 103.37 -18.06 62.18
N LYS X 214 104.49 -17.86 62.87
CA LYS X 214 104.83 -18.63 64.05
C LYS X 214 104.41 -17.88 65.30
N ASP X 215 104.85 -18.36 66.47
CA ASP X 215 104.49 -17.71 67.72
C ASP X 215 105.15 -16.34 67.85
N GLU X 216 106.49 -16.30 67.86
CA GLU X 216 107.26 -15.07 67.99
C GLU X 216 106.85 -14.29 69.23
N ILE X 217 106.62 -15.00 70.33
CA ILE X 217 106.04 -14.38 71.52
C ILE X 217 107.11 -13.63 72.31
N LEU X 218 108.08 -14.37 72.87
CA LEU X 218 109.11 -13.87 73.76
C LEU X 218 108.43 -13.11 74.90
N PRO X 219 107.81 -13.80 75.85
CA PRO X 219 107.08 -13.13 76.94
C PRO X 219 107.90 -12.86 78.19
N THR X 220 109.22 -13.06 78.16
CA THR X 220 110.04 -13.02 79.36
C THR X 220 110.72 -11.66 79.51
N THR X 221 111.59 -11.56 80.51
CA THR X 221 112.33 -10.34 80.76
C THR X 221 113.37 -10.12 79.65
N PRO X 222 113.73 -8.87 79.37
CA PRO X 222 114.80 -8.60 78.39
C PRO X 222 116.14 -9.14 78.88
N ILE X 223 116.68 -10.10 78.15
CA ILE X 223 117.96 -10.69 78.46
C ILE X 223 118.90 -10.48 77.28
N SER X 224 120.19 -10.70 77.52
CA SER X 224 121.22 -10.54 76.51
C SER X 224 122.02 -11.83 76.41
N GLU X 225 122.20 -12.31 75.18
CA GLU X 225 122.99 -13.50 74.91
C GLU X 225 124.28 -13.08 74.21
N GLN X 226 125.41 -13.46 74.79
CA GLN X 226 126.71 -13.15 74.21
C GLN X 226 127.11 -14.26 73.26
N LYS X 227 127.30 -13.90 71.98
CA LYS X 227 127.68 -14.89 70.98
C LYS X 227 129.10 -14.63 70.49
N ASP Y 1 96.18 46.42 34.62
CA ASP Y 1 97.49 45.79 34.75
C ASP Y 1 97.59 44.59 33.82
N ILE Y 2 96.50 43.85 33.68
CA ILE Y 2 96.52 42.66 32.85
C ILE Y 2 96.63 43.02 31.38
N LYS Y 3 95.96 44.10 30.96
CA LYS Y 3 96.03 44.65 29.60
C LYS Y 3 95.68 43.58 28.55
N LEU Y 4 94.41 43.17 28.59
CA LEU Y 4 93.91 42.22 27.61
C LEU Y 4 94.02 42.80 26.20
N PHE Y 5 94.69 42.05 25.32
CA PHE Y 5 95.09 42.53 23.99
C PHE Y 5 96.02 43.74 24.09
N GLY Y 6 96.76 43.84 25.19
CA GLY Y 6 97.67 44.95 25.39
C GLY Y 6 97.03 46.21 25.94
N LYS Y 7 95.75 46.18 26.27
CA LYS Y 7 95.03 47.35 26.74
C LYS Y 7 93.75 46.89 27.44
N TRP Y 8 92.84 47.83 27.70
CA TRP Y 8 91.53 47.54 28.28
C TRP Y 8 91.66 46.71 29.56
N SER Y 9 92.24 47.35 30.57
CA SER Y 9 92.42 46.69 31.85
C SER Y 9 91.07 46.37 32.49
N THR Y 10 91.06 45.31 33.30
CA THR Y 10 89.86 44.87 34.00
C THR Y 10 89.66 45.56 35.35
N ASP Y 11 90.55 46.48 35.70
CA ASP Y 11 90.46 47.14 37.01
C ASP Y 11 89.30 48.12 37.07
N ASP Y 12 88.93 48.73 35.95
CA ASP Y 12 87.98 49.83 35.92
C ASP Y 12 86.54 49.39 35.69
N VAL Y 13 86.28 48.10 35.53
CA VAL Y 13 84.94 47.62 35.25
C VAL Y 13 84.28 47.19 36.55
N GLN Y 14 82.95 47.20 36.53
CA GLN Y 14 82.15 46.81 37.69
C GLN Y 14 80.92 46.07 37.20
N ILE Y 15 80.26 45.39 38.13
CA ILE Y 15 78.99 44.74 37.86
C ILE Y 15 77.94 45.41 38.73
N ASN Y 16 76.90 45.95 38.10
CA ASN Y 16 75.94 46.80 38.80
C ASN Y 16 75.12 46.04 39.84
N ASP Y 17 74.88 44.75 39.65
CA ASP Y 17 74.09 43.97 40.59
C ASP Y 17 74.91 42.80 41.11
N ILE Y 18 74.75 42.50 42.40
CA ILE Y 18 75.49 41.40 43.02
C ILE Y 18 75.01 40.04 42.55
N SER Y 19 73.90 39.97 41.83
CA SER Y 19 73.39 38.69 41.34
C SER Y 19 74.32 38.08 40.30
N LEU Y 20 75.17 38.88 39.66
CA LEU Y 20 76.05 38.38 38.62
C LEU Y 20 77.53 38.48 38.98
N GLN Y 21 77.88 39.09 40.11
CA GLN Y 21 79.28 39.24 40.47
C GLN Y 21 79.94 37.90 40.75
N ASP Y 22 79.17 36.90 41.19
CA ASP Y 22 79.73 35.60 41.51
C ASP Y 22 80.18 34.83 40.29
N TYR Y 23 79.61 35.11 39.12
CA TYR Y 23 79.86 34.31 37.92
C TYR Y 23 80.64 35.05 36.86
N ILE Y 24 80.40 36.35 36.66
CA ILE Y 24 81.18 37.10 35.69
C ILE Y 24 82.62 37.19 36.17
N ALA Y 25 83.56 36.90 35.27
CA ALA Y 25 84.95 36.70 35.66
C ALA Y 25 85.86 37.78 35.10
N VAL Y 26 85.44 39.04 35.22
CA VAL Y 26 86.25 40.17 34.80
C VAL Y 26 87.08 40.73 35.96
N LYS Y 27 87.19 39.99 37.06
CA LYS Y 27 87.99 40.45 38.17
C LYS Y 27 89.47 40.32 37.83
N GLU Y 28 90.30 40.91 38.69
CA GLU Y 28 91.75 40.83 38.52
C GLU Y 28 92.25 39.40 38.68
N LYS Y 29 91.65 38.62 39.58
CA LYS Y 29 92.03 37.22 39.74
C LYS Y 29 91.74 36.43 38.47
N TYR Y 30 90.58 36.66 37.87
CA TYR Y 30 90.22 36.03 36.61
C TYR Y 30 90.54 36.91 35.40
N ALA Y 31 91.56 37.76 35.51
CA ALA Y 31 91.98 38.60 34.40
C ALA Y 31 93.04 37.86 33.58
N LYS Y 32 92.90 37.89 32.26
CA LYS Y 32 93.79 37.16 31.37
C LYS Y 32 94.30 38.09 30.27
N TYR Y 33 95.54 37.84 29.85
CA TYR Y 33 96.11 38.60 28.75
C TYR Y 33 95.36 38.34 27.45
N LEU Y 34 95.03 37.07 27.19
CA LEU Y 34 94.55 36.66 25.90
C LEU Y 34 93.43 35.63 26.09
N PRO Y 35 92.29 35.80 25.41
CA PRO Y 35 91.16 34.89 25.60
C PRO Y 35 91.34 33.56 24.88
N HIS Y 36 92.35 32.81 25.29
CA HIS Y 36 92.61 31.48 24.73
C HIS Y 36 93.33 30.67 25.78
N SER Y 37 92.58 29.83 26.49
CA SER Y 37 93.16 29.03 27.57
C SER Y 37 92.45 27.68 27.61
N ALA Y 38 93.22 26.61 27.41
CA ALA Y 38 92.67 25.25 27.49
C ALA Y 38 92.58 24.85 28.97
N GLY Y 39 91.58 25.42 29.64
CA GLY Y 39 91.43 25.27 31.06
C GLY Y 39 90.66 24.06 31.53
N ARG Y 40 90.21 23.19 30.62
CA ARG Y 40 89.43 22.00 30.96
C ARG Y 40 88.20 22.36 31.80
N TYR Y 41 87.55 23.45 31.42
CA TYR Y 41 86.44 23.99 32.21
C TYR Y 41 85.20 23.13 32.13
N ALA Y 42 85.13 22.18 31.19
CA ALA Y 42 83.98 21.31 31.04
C ALA Y 42 84.13 20.02 31.83
N ALA Y 43 85.19 19.88 32.62
CA ALA Y 43 85.43 18.65 33.36
C ALA Y 43 84.63 18.54 34.64
N LYS Y 44 83.95 19.59 35.07
CA LYS Y 44 83.19 19.54 36.31
C LYS Y 44 82.12 20.60 36.28
N ARG Y 45 81.06 20.37 37.06
CA ARG Y 45 79.97 21.33 37.16
C ARG Y 45 80.44 22.64 37.78
N PHE Y 46 79.87 23.75 37.28
CA PHE Y 46 80.12 25.11 37.78
C PHE Y 46 81.56 25.56 37.61
N ARG Y 47 82.35 24.84 36.81
CA ARG Y 47 83.72 25.27 36.58
C ARG Y 47 83.82 26.34 35.49
N LYS Y 48 82.77 26.54 34.69
CA LYS Y 48 82.81 27.59 33.68
C LYS Y 48 82.55 28.96 34.27
N ALA Y 49 82.06 29.04 35.51
CA ALA Y 49 81.82 30.33 36.13
C ALA Y 49 83.12 31.09 36.34
N GLN Y 50 84.12 30.43 36.92
CA GLN Y 50 85.42 31.06 37.12
C GLN Y 50 86.17 31.24 35.81
N CYS Y 51 85.74 30.58 34.75
CA CYS Y 51 86.31 30.84 33.44
C CYS Y 51 86.00 32.27 33.01
N PRO Y 52 86.97 32.98 32.40
CA PRO Y 52 86.71 34.34 31.97
C PRO Y 52 85.57 34.40 30.96
N ILE Y 53 84.77 35.46 31.08
CA ILE Y 53 83.61 35.63 30.21
C ILE Y 53 84.04 35.84 28.76
N VAL Y 54 85.18 36.50 28.55
CA VAL Y 54 85.69 36.70 27.20
C VAL Y 54 86.02 35.37 26.54
N GLU Y 55 86.66 34.47 27.29
CA GLU Y 55 86.95 33.15 26.76
C GLU Y 55 85.66 32.38 26.48
N ARG Y 56 84.65 32.53 27.34
CA ARG Y 56 83.36 31.89 27.11
C ARG Y 56 82.72 32.38 25.82
N LEU Y 57 82.74 33.70 25.60
CA LEU Y 57 82.20 34.27 24.38
C LEU Y 57 82.96 33.79 23.15
N THR Y 58 84.29 33.71 23.27
CA THR Y 58 85.11 33.21 22.16
C THR Y 58 84.75 31.77 21.84
N ASN Y 59 84.58 30.93 22.86
CA ASN Y 59 84.19 29.55 22.61
C ASN Y 59 82.81 29.47 21.98
N SER Y 60 81.87 30.29 22.45
CA SER Y 60 80.50 30.19 21.98
C SER Y 60 80.26 30.86 20.64
N MET Y 61 81.22 31.65 20.15
CA MET Y 61 81.02 32.38 18.90
C MET Y 61 81.16 31.53 17.65
N MET Y 62 81.58 30.27 17.78
CA MET Y 62 81.76 29.40 16.62
C MET Y 62 80.61 28.39 16.57
N MET Y 63 79.91 28.36 15.44
CA MET Y 63 78.76 27.47 15.29
C MET Y 63 78.51 27.23 13.81
N HIS Y 64 77.63 26.27 13.52
CA HIS Y 64 77.11 25.99 12.19
C HIS Y 64 78.22 25.58 11.21
N GLY Y 65 78.90 24.50 11.55
CA GLY Y 65 79.72 23.79 10.58
C GLY Y 65 80.99 24.50 10.16
N ARG Y 66 80.83 25.70 9.62
CA ARG Y 66 81.93 26.49 9.08
C ARG Y 66 82.97 26.76 10.16
N ASN Y 67 82.50 27.07 11.37
CA ASN Y 67 83.36 27.45 12.48
C ASN Y 67 83.09 26.51 13.65
N ASN Y 68 83.96 25.51 13.81
CA ASN Y 68 83.90 24.63 14.96
C ASN Y 68 85.24 24.46 15.67
N GLY Y 69 86.34 24.87 15.05
CA GLY Y 69 87.63 24.81 15.70
C GLY Y 69 88.47 26.02 15.41
N LYS Y 70 87.91 26.98 14.65
CA LYS Y 70 88.66 28.14 14.19
C LYS Y 70 88.74 29.18 15.30
N LYS Y 71 89.40 28.76 16.40
CA LYS Y 71 89.52 29.62 17.57
C LYS Y 71 90.33 30.86 17.27
N LEU Y 72 91.36 30.74 16.42
CA LEU Y 72 92.17 31.90 16.11
C LEU Y 72 91.37 32.96 15.35
N MET Y 73 90.56 32.52 14.39
CA MET Y 73 89.67 33.46 13.71
C MET Y 73 88.67 34.06 14.68
N THR Y 74 88.16 33.25 15.62
CA THR Y 74 87.23 33.81 16.60
C THR Y 74 87.91 34.86 17.48
N VAL Y 75 89.16 34.60 17.88
CA VAL Y 75 89.89 35.54 18.73
C VAL Y 75 90.15 36.84 17.97
N ARG Y 76 90.55 36.74 16.71
CA ARG Y 76 90.76 37.96 15.93
C ARG Y 76 89.43 38.70 15.72
N ILE Y 77 88.32 37.97 15.60
CA ILE Y 77 87.01 38.59 15.45
C ILE Y 77 86.65 39.37 16.71
N VAL Y 78 86.87 38.74 17.88
CA VAL Y 78 86.55 39.39 19.14
C VAL Y 78 87.46 40.60 19.37
N LYS Y 79 88.73 40.48 18.99
CA LYS Y 79 89.66 41.60 19.12
C LYS Y 79 89.20 42.78 18.27
N HIS Y 80 88.89 42.52 17.00
CA HIS Y 80 88.42 43.59 16.13
C HIS Y 80 87.11 44.18 16.62
N ALA Y 81 86.21 43.33 17.13
CA ALA Y 81 84.92 43.83 17.63
C ALA Y 81 85.10 44.72 18.84
N PHE Y 82 85.98 44.33 19.78
CA PHE Y 82 86.24 45.16 20.94
C PHE Y 82 86.90 46.48 20.54
N GLU Y 83 87.84 46.45 19.59
CA GLU Y 83 88.42 47.69 19.11
C GLU Y 83 87.35 48.58 18.48
N ILE Y 84 86.40 47.97 17.77
CA ILE Y 84 85.36 48.73 17.10
C ILE Y 84 84.40 49.35 18.10
N ILE Y 85 84.02 48.60 19.14
CA ILE Y 85 83.14 49.20 20.15
C ILE Y 85 83.87 50.27 20.94
N HIS Y 86 85.17 50.10 21.17
CA HIS Y 86 85.94 51.18 21.80
C HIS Y 86 85.94 52.42 20.94
N LEU Y 87 86.09 52.25 19.62
CA LEU Y 87 86.02 53.38 18.71
C LEU Y 87 84.64 54.04 18.76
N LEU Y 88 83.58 53.24 18.76
CA LEU Y 88 82.23 53.79 18.64
C LEU Y 88 81.74 54.42 19.93
N THR Y 89 82.23 53.98 21.09
CA THR Y 89 81.75 54.50 22.36
C THR Y 89 82.72 55.42 23.07
N GLY Y 90 84.00 55.07 23.09
CA GLY Y 90 84.99 55.86 23.80
C GLY Y 90 85.31 55.40 25.19
N GLU Y 91 84.67 54.33 25.67
CA GLU Y 91 84.93 53.81 27.01
C GLU Y 91 85.45 52.38 26.90
N ASN Y 92 85.61 51.74 28.06
CA ASN Y 92 86.24 50.43 28.11
C ASN Y 92 85.32 49.38 27.48
N PRO Y 93 85.83 48.57 26.56
CA PRO Y 93 84.99 47.53 25.95
C PRO Y 93 84.44 46.51 26.93
N LEU Y 94 85.20 46.20 27.98
CA LEU Y 94 84.75 45.18 28.93
C LEU Y 94 83.51 45.63 29.67
N GLN Y 95 83.43 46.89 30.06
CA GLN Y 95 82.23 47.39 30.73
C GLN Y 95 81.03 47.32 29.81
N VAL Y 96 81.21 47.65 28.52
CA VAL Y 96 80.13 47.54 27.56
C VAL Y 96 79.67 46.09 27.45
N LEU Y 97 80.61 45.15 27.40
CA LEU Y 97 80.25 43.74 27.30
C LEU Y 97 79.49 43.28 28.54
N VAL Y 98 79.94 43.67 29.71
CA VAL Y 98 79.29 43.25 30.95
C VAL Y 98 77.88 43.84 31.03
N ASN Y 99 77.74 45.12 30.68
CA ASN Y 99 76.42 45.73 30.67
C ASN Y 99 75.49 45.07 29.66
N ALA Y 100 76.02 44.70 28.50
CA ALA Y 100 75.23 43.96 27.52
C ALA Y 100 74.77 42.63 28.08
N ILE Y 101 75.65 41.93 28.79
CA ILE Y 101 75.27 40.66 29.40
C ILE Y 101 74.14 40.86 30.41
N ILE Y 102 74.28 41.86 31.28
CA ILE Y 102 73.26 42.09 32.31
C ILE Y 102 71.93 42.44 31.67
N ASN Y 103 71.95 43.33 30.68
CA ASN Y 103 70.71 43.74 30.04
C ASN Y 103 70.17 42.72 29.05
N SER Y 104 70.93 41.67 28.74
CA SER Y 104 70.47 40.61 27.87
C SER Y 104 69.97 39.37 28.62
N GLY Y 105 70.42 39.14 29.84
CA GLY Y 105 69.97 38.00 30.60
C GLY Y 105 68.47 38.01 30.88
N PRO Y 106 67.77 36.98 30.44
CA PRO Y 106 66.32 36.90 30.68
C PRO Y 106 66.04 36.42 32.10
N ARG Y 107 65.41 37.28 32.90
CA ARG Y 107 65.20 37.01 34.32
C ARG Y 107 64.22 35.87 34.57
N GLU Y 108 63.43 35.46 33.58
CA GLU Y 108 62.49 34.37 33.74
C GLU Y 108 62.35 33.62 32.42
N ASP Y 109 61.77 32.42 32.50
CA ASP Y 109 61.43 31.65 31.33
C ASP Y 109 60.19 30.83 31.68
N SER Y 110 59.87 29.85 30.84
CA SER Y 110 58.72 29.01 31.09
C SER Y 110 58.97 27.64 30.47
N THR Y 111 58.44 26.60 31.10
CA THR Y 111 58.64 25.24 30.64
C THR Y 111 57.64 24.31 31.29
N ARG Y 112 57.06 23.41 30.48
CA ARG Y 112 56.19 22.36 30.97
C ARG Y 112 56.18 21.19 30.00
N ILE Y 113 55.82 20.02 30.52
CA ILE Y 113 55.51 18.86 29.70
C ILE Y 113 54.00 18.62 29.64
N GLY Y 114 53.25 19.15 30.60
CA GLY Y 114 51.80 19.08 30.54
C GLY Y 114 51.26 19.91 29.39
N ARG Y 115 49.94 19.85 29.23
CA ARG Y 115 49.32 20.46 28.06
C ARG Y 115 49.39 21.97 28.17
N ALA Y 116 50.43 22.54 27.57
CA ALA Y 116 50.66 23.97 27.63
C ALA Y 116 49.59 24.73 26.84
N GLY Y 117 49.28 25.93 27.32
CA GLY Y 117 48.32 26.79 26.65
C GLY Y 117 48.78 27.21 25.26
N THR Y 118 49.86 27.99 25.20
CA THR Y 118 50.40 28.46 23.93
C THR Y 118 51.75 27.82 23.63
N VAL Y 119 52.75 28.00 24.50
CA VAL Y 119 54.06 27.39 24.30
C VAL Y 119 54.42 26.57 25.53
N ARG Y 120 54.47 27.22 26.69
CA ARG Y 120 54.78 26.56 27.95
C ARG Y 120 53.71 26.92 28.97
N ARG Y 121 53.46 25.99 29.88
CA ARG Y 121 52.31 26.15 30.76
C ARG Y 121 52.68 26.79 32.10
N GLN Y 122 53.88 26.54 32.62
CA GLN Y 122 54.31 27.09 33.90
C GLN Y 122 55.57 27.92 33.74
N ALA Y 123 55.54 29.14 34.27
CA ALA Y 123 56.68 30.03 34.21
C ALA Y 123 57.59 29.81 35.42
N VAL Y 124 58.90 29.79 35.17
CA VAL Y 124 59.90 29.50 36.17
C VAL Y 124 61.05 30.48 36.00
N ASP Y 125 61.55 31.03 37.10
CA ASP Y 125 62.70 31.92 37.03
C ASP Y 125 63.97 31.10 36.83
N VAL Y 126 64.89 31.67 36.06
CA VAL Y 126 66.10 30.94 35.67
C VAL Y 126 67.21 31.18 36.69
N SER Y 127 68.21 30.30 36.66
CA SER Y 127 69.40 30.49 37.47
C SER Y 127 70.25 31.63 36.90
N PRO Y 128 71.09 32.26 37.73
CA PRO Y 128 72.04 33.24 37.19
C PRO Y 128 73.03 32.64 36.21
N LEU Y 129 73.43 31.38 36.41
CA LEU Y 129 74.28 30.72 35.42
C LEU Y 129 73.56 30.59 34.09
N ARG Y 130 72.29 30.18 34.11
CA ARG Y 130 71.51 30.17 32.88
C ARG Y 130 71.34 31.56 32.31
N ARG Y 131 71.25 32.58 33.17
CA ARG Y 131 71.19 33.96 32.72
C ARG Y 131 72.40 34.30 31.86
N VAL Y 132 73.60 34.04 32.39
CA VAL Y 132 74.82 34.36 31.67
C VAL Y 132 74.93 33.51 30.40
N ASN Y 133 74.63 32.21 30.51
CA ASN Y 133 74.77 31.31 29.37
C ASN Y 133 73.86 31.74 28.23
N GLN Y 134 72.60 31.99 28.55
CA GLN Y 134 71.64 32.40 27.54
C GLN Y 134 71.99 33.77 26.98
N ALA Y 135 72.55 34.67 27.79
CA ALA Y 135 72.96 35.96 27.27
C ALA Y 135 74.05 35.82 26.22
N ILE Y 136 75.10 35.04 26.53
CA ILE Y 136 76.18 34.86 25.56
C ILE Y 136 75.68 34.16 24.32
N TRP Y 137 74.86 33.11 24.49
CA TRP Y 137 74.37 32.37 23.34
C TRP Y 137 73.47 33.24 22.47
N LEU Y 138 72.63 34.06 23.09
CA LEU Y 138 71.77 34.96 22.32
C LEU Y 138 72.59 35.99 21.56
N LEU Y 139 73.64 36.52 22.18
CA LEU Y 139 74.48 37.48 21.48
C LEU Y 139 75.15 36.84 20.26
N CYS Y 140 75.71 35.63 20.44
CA CYS Y 140 76.35 34.97 19.32
C CYS Y 140 75.35 34.67 18.19
N THR Y 141 74.17 34.16 18.56
CA THR Y 141 73.17 33.84 17.55
C THR Y 141 72.67 35.08 16.84
N GLY Y 142 72.51 36.19 17.58
CA GLY Y 142 72.07 37.43 16.96
C GLY Y 142 73.08 37.98 15.98
N ALA Y 143 74.36 37.95 16.36
CA ALA Y 143 75.40 38.38 15.43
C ALA Y 143 75.42 37.51 14.18
N ARG Y 144 75.30 36.19 14.36
CA ARG Y 144 75.31 35.29 13.21
C ARG Y 144 74.09 35.52 12.33
N GLU Y 145 72.92 35.72 12.93
CA GLU Y 145 71.71 36.00 12.15
C GLU Y 145 71.82 37.29 11.38
N ALA Y 146 72.41 38.32 12.01
CA ALA Y 146 72.61 39.59 11.31
C ALA Y 146 73.57 39.43 10.14
N ALA Y 147 74.60 38.61 10.31
CA ALA Y 147 75.64 38.49 9.30
C ALA Y 147 75.47 37.29 8.38
N PHE Y 148 74.31 36.63 8.39
CA PHE Y 148 74.14 35.44 7.56
C PHE Y 148 74.29 35.74 6.07
N ARG Y 149 73.57 36.76 5.58
CA ARG Y 149 73.76 37.19 4.20
C ARG Y 149 73.69 38.72 4.15
N ASN Y 150 74.85 39.35 4.32
CA ASN Y 150 74.99 40.79 4.12
C ASN Y 150 76.46 41.13 4.11
N ILE Y 151 76.76 42.37 3.69
CA ILE Y 151 78.14 42.78 3.50
C ILE Y 151 78.87 43.02 4.82
N LYS Y 152 78.13 43.20 5.92
CA LYS Y 152 78.79 43.47 7.18
C LYS Y 152 79.52 42.24 7.68
N THR Y 153 80.57 42.48 8.46
CA THR Y 153 81.42 41.41 8.96
C THR Y 153 81.02 41.03 10.39
N ILE Y 154 81.58 39.91 10.83
CA ILE Y 154 81.23 39.35 12.14
C ILE Y 154 81.62 40.31 13.25
N ALA Y 155 82.79 40.93 13.15
CA ALA Y 155 83.24 41.83 14.20
C ALA Y 155 82.29 43.02 14.36
N GLU Y 156 81.89 43.61 13.24
CA GLU Y 156 80.99 44.76 13.31
C GLU Y 156 79.58 44.35 13.74
N CYS Y 157 79.10 43.18 13.32
CA CYS Y 157 77.81 42.70 13.80
C CYS Y 157 77.83 42.47 15.30
N LEU Y 158 78.89 41.84 15.80
CA LEU Y 158 79.05 41.68 17.23
C LEU Y 158 79.12 43.02 17.94
N ALA Y 159 79.77 44.00 17.30
CA ALA Y 159 79.88 45.33 17.88
C ALA Y 159 78.52 45.98 18.07
N ASP Y 160 77.71 46.01 17.00
CA ASP Y 160 76.41 46.66 17.11
C ASP Y 160 75.50 45.88 18.06
N GLU Y 161 75.60 44.55 18.06
CA GLU Y 161 74.83 43.76 19.00
C GLU Y 161 75.17 44.10 20.44
N LEU Y 162 76.47 44.17 20.76
CA LEU Y 162 76.89 44.51 22.11
C LEU Y 162 76.46 45.90 22.51
N ILE Y 163 76.58 46.87 21.59
CA ILE Y 163 76.21 48.24 21.91
C ILE Y 163 74.70 48.35 22.16
N ASN Y 164 73.91 47.73 21.28
CA ASN Y 164 72.47 47.76 21.43
C ASN Y 164 72.03 47.07 22.72
N ALA Y 165 72.65 45.93 23.05
CA ALA Y 165 72.31 45.25 24.29
C ALA Y 165 72.76 46.02 25.53
N ALA Y 166 73.91 46.69 25.47
CA ALA Y 166 74.39 47.44 26.62
C ALA Y 166 73.53 48.66 26.91
N LYS Y 167 73.09 49.37 25.87
CA LYS Y 167 72.24 50.53 26.12
C LYS Y 167 70.78 50.16 26.34
N GLY Y 168 70.26 49.16 25.62
CA GLY Y 168 68.86 48.84 25.70
C GLY Y 168 68.10 49.56 24.61
N SER Y 169 67.79 48.86 23.52
CA SER Y 169 67.21 49.50 22.35
C SER Y 169 66.00 48.78 21.79
N SER Y 170 65.67 47.59 22.28
CA SER Y 170 64.60 46.75 21.75
C SER Y 170 64.80 46.45 20.26
N ASN Y 171 66.02 46.60 19.77
CA ASN Y 171 66.36 46.30 18.38
C ASN Y 171 67.32 45.14 18.25
N SER Y 172 68.15 44.90 19.27
CA SER Y 172 69.03 43.75 19.25
C SER Y 172 68.23 42.47 19.34
N TYR Y 173 68.71 41.44 18.65
CA TYR Y 173 68.02 40.15 18.66
C TYR Y 173 67.98 39.57 20.06
N ALA Y 174 69.07 39.72 20.82
CA ALA Y 174 69.13 39.15 22.16
C ALA Y 174 68.07 39.76 23.07
N ILE Y 175 68.02 41.09 23.13
CA ILE Y 175 67.03 41.73 24.01
C ILE Y 175 65.63 41.54 23.46
N LYS Y 176 65.47 41.40 22.14
CA LYS Y 176 64.16 41.11 21.58
C LYS Y 176 63.64 39.76 22.05
N LYS Y 177 64.48 38.73 21.96
CA LYS Y 177 64.09 37.41 22.46
C LYS Y 177 63.93 37.43 23.97
N LYS Y 178 64.72 38.23 24.68
CA LYS Y 178 64.55 38.38 26.12
C LYS Y 178 63.16 38.91 26.45
N ASP Y 179 62.75 39.98 25.78
CA ASP Y 179 61.43 40.56 26.01
C ASP Y 179 60.34 39.57 25.64
N GLU Y 180 60.52 38.84 24.54
CA GLU Y 180 59.52 37.86 24.14
C GLU Y 180 59.38 36.75 25.17
N LEU Y 181 60.50 36.23 25.66
CA LEU Y 181 60.46 35.18 26.68
C LEU Y 181 59.80 35.68 27.95
N GLU Y 182 60.15 36.90 28.38
CA GLU Y 182 59.53 37.45 29.58
C GLU Y 182 58.05 37.66 29.39
N ARG Y 183 57.62 38.09 28.21
CA ARG Y 183 56.20 38.31 27.96
C ARG Y 183 55.41 37.00 27.96
N VAL Y 184 55.96 35.96 27.33
CA VAL Y 184 55.29 34.66 27.33
C VAL Y 184 55.23 34.09 28.74
N ALA Y 185 56.33 34.21 29.51
CA ALA Y 185 56.32 33.73 30.89
C ALA Y 185 55.32 34.51 31.72
N LYS Y 186 55.22 35.82 31.49
CA LYS Y 186 54.24 36.64 32.21
C LYS Y 186 52.82 36.21 31.89
N SER Y 187 52.56 35.92 30.61
CA SER Y 187 51.24 35.42 30.22
C SER Y 187 50.94 34.07 30.85
N ASN Y 188 51.93 33.20 30.93
CA ASN Y 188 51.76 31.84 31.43
C ASN Y 188 52.35 31.67 32.82
N ARG Y 189 52.25 32.70 33.66
CA ARG Y 189 52.71 32.61 35.04
C ARG Y 189 51.96 31.52 35.79
N MET Z 1 93.90 -42.35 -17.45
CA MET Z 1 94.52 -41.08 -17.82
C MET Z 1 95.29 -41.22 -19.14
N LEU Z 2 95.33 -40.14 -19.92
CA LEU Z 2 95.94 -40.14 -21.24
C LEU Z 2 97.43 -39.82 -21.18
N MET Z 3 98.09 -40.10 -20.07
CA MET Z 3 99.50 -39.81 -19.93
C MET Z 3 100.34 -40.77 -20.76
N PRO Z 4 101.53 -40.35 -21.18
CA PRO Z 4 102.43 -41.26 -21.89
C PRO Z 4 103.14 -42.21 -20.93
N LYS Z 5 103.70 -43.27 -21.54
CA LYS Z 5 104.46 -44.25 -20.78
C LYS Z 5 105.62 -43.61 -20.03
N LYS Z 6 106.29 -42.65 -20.67
CA LYS Z 6 107.44 -42.00 -20.05
C LYS Z 6 107.04 -41.26 -18.79
N ASN Z 7 105.96 -40.49 -18.83
CA ASN Z 7 105.49 -39.80 -17.63
C ASN Z 7 105.03 -40.78 -16.57
N ARG Z 8 104.32 -41.83 -16.98
CA ARG Z 8 103.83 -42.83 -16.04
C ARG Z 8 104.99 -43.48 -15.28
N ILE Z 9 106.00 -43.94 -16.02
CA ILE Z 9 107.12 -44.63 -15.40
C ILE Z 9 107.97 -43.65 -14.59
N ALA Z 10 108.05 -42.38 -15.02
CA ALA Z 10 108.79 -41.39 -14.24
C ALA Z 10 108.14 -41.18 -12.88
N ILE Z 11 106.81 -41.02 -12.85
CA ILE Z 11 106.12 -40.86 -11.58
C ILE Z 11 106.29 -42.09 -10.72
N TYR Z 12 106.14 -43.28 -11.32
CA TYR Z 12 106.25 -44.50 -10.54
C TYR Z 12 107.65 -44.70 -9.98
N GLU Z 13 108.68 -44.37 -10.76
CA GLU Z 13 110.04 -44.56 -10.25
C GLU Z 13 110.41 -43.50 -9.23
N LEU Z 14 109.85 -42.29 -9.32
CA LEU Z 14 110.03 -41.33 -8.25
C LEU Z 14 109.40 -41.83 -6.96
N LEU Z 15 108.19 -42.39 -7.06
CA LEU Z 15 107.53 -42.94 -5.89
C LEU Z 15 108.28 -44.14 -5.33
N PHE Z 16 108.90 -44.95 -6.19
CA PHE Z 16 109.71 -46.06 -5.70
C PHE Z 16 111.00 -45.59 -5.05
N LYS Z 17 111.61 -44.53 -5.58
CA LYS Z 17 112.78 -43.95 -4.93
C LYS Z 17 112.42 -43.47 -3.53
N GLU Z 18 111.26 -42.81 -3.40
CA GLU Z 18 110.69 -42.59 -2.08
C GLU Z 18 109.18 -42.67 -2.19
N GLY Z 19 108.58 -43.52 -1.36
CA GLY Z 19 107.16 -43.80 -1.42
C GLY Z 19 106.27 -42.75 -0.80
N VAL Z 20 106.58 -41.48 -1.06
CA VAL Z 20 105.73 -40.37 -0.70
C VAL Z 20 105.63 -39.47 -1.93
N MET Z 21 104.46 -38.85 -2.09
CA MET Z 21 104.23 -38.00 -3.24
C MET Z 21 103.44 -36.77 -2.81
N VAL Z 22 104.07 -35.60 -2.93
CA VAL Z 22 103.47 -34.32 -2.55
C VAL Z 22 103.11 -33.57 -3.81
N ALA Z 23 101.87 -33.10 -3.89
CA ALA Z 23 101.43 -32.39 -5.09
C ALA Z 23 100.36 -31.37 -4.74
N LYS Z 24 100.58 -30.12 -5.14
CA LYS Z 24 99.57 -29.09 -4.95
C LYS Z 24 98.37 -29.36 -5.85
N LYS Z 25 97.18 -29.04 -5.33
CA LYS Z 25 95.94 -29.19 -6.08
C LYS Z 25 95.86 -28.05 -7.09
N ASP Z 26 96.54 -28.25 -8.22
CA ASP Z 26 96.59 -27.24 -9.29
C ASP Z 26 96.62 -27.98 -10.61
N VAL Z 27 95.46 -28.17 -11.23
CA VAL Z 27 95.39 -28.85 -12.52
C VAL Z 27 95.99 -27.99 -13.62
N HIS Z 28 96.12 -26.70 -13.41
CA HIS Z 28 96.60 -25.78 -14.44
C HIS Z 28 98.10 -25.55 -14.39
N MET Z 29 98.81 -26.20 -13.48
CA MET Z 29 100.26 -26.05 -13.45
C MET Z 29 100.88 -26.80 -14.63
N PRO Z 30 101.61 -26.12 -15.51
CA PRO Z 30 102.17 -26.82 -16.69
C PRO Z 30 103.13 -27.94 -16.33
N LYS Z 31 103.86 -27.80 -15.23
CA LYS Z 31 104.87 -28.79 -14.86
C LYS Z 31 104.88 -28.95 -13.36
N HIS Z 32 105.07 -30.19 -12.91
CA HIS Z 32 105.34 -30.45 -11.52
C HIS Z 32 106.70 -29.86 -11.14
N PRO Z 33 106.85 -29.36 -9.91
CA PRO Z 33 108.15 -28.85 -9.48
C PRO Z 33 109.28 -29.85 -9.65
N GLU Z 34 109.17 -31.00 -9.01
CA GLU Z 34 110.07 -32.10 -9.30
C GLU Z 34 109.69 -32.73 -10.64
N LEU Z 35 110.68 -33.37 -11.26
CA LEU Z 35 110.53 -34.06 -12.55
C LEU Z 35 110.07 -33.13 -13.67
N ALA Z 36 110.39 -31.83 -13.57
CA ALA Z 36 110.01 -30.90 -14.62
C ALA Z 36 110.80 -31.15 -15.89
N ASP Z 37 111.98 -31.77 -15.79
CA ASP Z 37 112.77 -32.10 -16.96
C ASP Z 37 112.10 -33.16 -17.83
N LYS Z 38 111.16 -33.92 -17.28
CA LYS Z 38 110.46 -34.95 -18.03
C LYS Z 38 109.27 -34.41 -18.81
N ASN Z 39 109.00 -33.10 -18.72
CA ASN Z 39 107.86 -32.46 -19.40
C ASN Z 39 106.54 -33.11 -18.98
N VAL Z 40 106.38 -33.32 -17.68
CA VAL Z 40 105.16 -33.93 -17.15
C VAL Z 40 104.28 -32.85 -16.51
N PRO Z 41 102.99 -32.83 -16.81
CA PRO Z 41 102.10 -31.88 -16.12
C PRO Z 41 101.74 -32.40 -14.73
N ASN Z 42 101.44 -31.45 -13.84
CA ASN Z 42 101.00 -31.79 -12.50
C ASN Z 42 99.65 -32.52 -12.52
N LEU Z 43 98.83 -32.29 -13.54
CA LEU Z 43 97.57 -32.99 -13.66
C LEU Z 43 97.78 -34.49 -13.81
N HIS Z 44 98.76 -34.88 -14.63
CA HIS Z 44 99.10 -36.30 -14.74
C HIS Z 44 99.59 -36.86 -13.42
N VAL Z 45 100.39 -36.09 -12.68
CA VAL Z 45 100.89 -36.53 -11.39
C VAL Z 45 99.73 -36.80 -10.44
N MET Z 46 98.74 -35.91 -10.42
CA MET Z 46 97.59 -36.11 -9.55
C MET Z 46 96.75 -37.30 -9.99
N LYS Z 47 96.51 -37.45 -11.29
CA LYS Z 47 95.63 -38.51 -11.75
C LYS Z 47 96.26 -39.89 -11.60
N ALA Z 48 97.59 -39.99 -11.75
CA ALA Z 48 98.24 -41.27 -11.55
C ALA Z 48 98.07 -41.75 -10.11
N MET Z 49 98.28 -40.86 -9.14
CA MET Z 49 98.10 -41.25 -7.75
C MET Z 49 96.63 -41.49 -7.44
N GLN Z 50 95.72 -40.79 -8.11
CA GLN Z 50 94.30 -41.09 -7.94
C GLN Z 50 93.99 -42.52 -8.39
N SER Z 51 94.52 -42.91 -9.55
CA SER Z 51 94.32 -44.28 -10.03
C SER Z 51 94.94 -45.29 -9.07
N LEU Z 52 96.13 -44.97 -8.55
CA LEU Z 52 96.78 -45.88 -7.61
C LEU Z 52 95.98 -46.02 -6.32
N LYS Z 53 95.36 -44.93 -5.84
CA LYS Z 53 94.53 -45.04 -4.65
C LYS Z 53 93.28 -45.85 -4.93
N SER Z 54 92.65 -45.61 -6.08
CA SER Z 54 91.47 -46.38 -6.45
C SER Z 54 91.78 -47.87 -6.59
N ARG Z 55 93.01 -48.21 -7.00
CA ARG Z 55 93.45 -49.59 -7.00
C ARG Z 55 94.09 -50.01 -5.67
N GLY Z 56 94.12 -49.10 -4.70
CA GLY Z 56 94.56 -49.45 -3.36
C GLY Z 56 96.06 -49.45 -3.14
N TYR Z 57 96.84 -49.00 -4.11
CA TYR Z 57 98.29 -49.04 -3.97
C TYR Z 57 98.85 -47.90 -3.16
N VAL Z 58 98.07 -46.85 -2.89
CA VAL Z 58 98.55 -45.67 -2.19
C VAL Z 58 97.41 -45.13 -1.33
N LYS Z 59 97.75 -44.49 -0.22
CA LYS Z 59 96.77 -43.86 0.64
C LYS Z 59 96.89 -42.34 0.54
N GLU Z 60 95.74 -41.67 0.47
CA GLU Z 60 95.66 -40.25 0.17
C GLU Z 60 95.38 -39.44 1.43
N GLN Z 61 96.08 -38.32 1.56
CA GLN Z 61 95.84 -37.36 2.63
C GLN Z 61 95.90 -35.97 2.02
N PHE Z 62 95.01 -35.08 2.45
CA PHE Z 62 94.91 -33.75 1.86
C PHE Z 62 95.23 -32.66 2.88
N ALA Z 63 96.06 -31.73 2.48
CA ALA Z 63 96.37 -30.53 3.26
C ALA Z 63 95.42 -29.41 2.85
N TRP Z 64 95.78 -28.16 3.17
CA TRP Z 64 95.03 -27.02 2.69
C TRP Z 64 94.84 -27.07 1.19
N ARG Z 65 95.93 -27.28 0.44
CA ARG Z 65 95.84 -27.41 -1.00
C ARG Z 65 96.75 -28.50 -1.55
N HIS Z 66 97.35 -29.33 -0.71
CA HIS Z 66 98.36 -30.29 -1.13
C HIS Z 66 97.95 -31.71 -0.77
N PHE Z 67 98.23 -32.63 -1.68
CA PHE Z 67 98.07 -34.05 -1.47
C PHE Z 67 99.40 -34.64 -1.03
N TYR Z 68 99.33 -35.59 -0.10
CA TYR Z 68 100.48 -36.13 0.61
C TYR Z 68 100.47 -37.65 0.54
N TRP Z 69 100.33 -38.18 -0.68
CA TRP Z 69 100.13 -39.61 -0.87
C TRP Z 69 101.26 -40.43 -0.26
N TYR Z 70 100.88 -41.49 0.47
CA TYR Z 70 101.82 -42.41 1.10
C TYR Z 70 101.69 -43.78 0.44
N LEU Z 71 102.82 -44.31 -0.03
CA LEU Z 71 102.83 -45.61 -0.66
C LEU Z 71 102.52 -46.71 0.34
N THR Z 72 101.83 -47.74 -0.12
CA THR Z 72 101.44 -48.86 0.72
C THR Z 72 102.21 -50.12 0.33
N ASN Z 73 102.04 -51.16 1.15
CA ASN Z 73 102.73 -52.42 0.90
C ASN Z 73 102.27 -53.06 -0.39
N GLU Z 74 100.98 -52.96 -0.72
CA GLU Z 74 100.49 -53.46 -2.00
C GLU Z 74 101.17 -52.72 -3.15
N GLY Z 75 101.25 -51.40 -3.06
CA GLY Z 75 101.98 -50.62 -4.02
C GLY Z 75 103.45 -50.96 -4.10
N ILE Z 76 104.03 -51.51 -3.02
CA ILE Z 76 105.43 -51.92 -3.07
C ILE Z 76 105.63 -53.00 -4.13
N GLN Z 77 104.83 -54.07 -4.06
CA GLN Z 77 104.98 -55.12 -5.08
C GLN Z 77 104.45 -54.66 -6.43
N TYR Z 78 103.44 -53.77 -6.44
CA TYR Z 78 102.96 -53.25 -7.71
C TYR Z 78 104.05 -52.49 -8.45
N LEU Z 79 104.76 -51.61 -7.75
CA LEU Z 79 105.90 -50.93 -8.34
C LEU Z 79 107.04 -51.89 -8.67
N ARG Z 80 107.27 -52.89 -7.81
CA ARG Z 80 108.31 -53.88 -8.08
C ARG Z 80 108.10 -54.56 -9.41
N ASP Z 81 106.91 -55.11 -9.64
CA ASP Z 81 106.70 -55.85 -10.88
C ASP Z 81 106.28 -54.96 -12.03
N TYR Z 82 106.03 -53.67 -11.78
CA TYR Z 82 105.85 -52.75 -12.89
C TYR Z 82 107.18 -52.28 -13.44
N LEU Z 83 108.14 -52.00 -12.56
CA LEU Z 83 109.45 -51.55 -12.98
C LEU Z 83 110.44 -52.68 -13.17
N HIS Z 84 110.02 -53.92 -12.89
CA HIS Z 84 110.84 -55.12 -13.15
C HIS Z 84 112.15 -55.09 -12.38
N LEU Z 85 112.13 -54.46 -11.20
CA LEU Z 85 113.31 -54.42 -10.36
C LEU Z 85 113.38 -55.66 -9.47
N PRO Z 86 114.58 -56.13 -9.13
CA PRO Z 86 114.70 -57.28 -8.24
C PRO Z 86 114.15 -56.95 -6.87
N PRO Z 87 113.60 -57.93 -6.16
CA PRO Z 87 113.01 -57.69 -4.85
C PRO Z 87 114.04 -57.50 -3.72
N GLU Z 88 114.98 -56.58 -3.93
CA GLU Z 88 115.96 -56.21 -2.92
C GLU Z 88 116.00 -54.72 -2.67
N ILE Z 89 115.84 -53.91 -3.71
CA ILE Z 89 115.84 -52.46 -3.56
C ILE Z 89 114.45 -52.01 -3.10
N VAL Z 90 114.42 -51.22 -2.04
CA VAL Z 90 113.16 -50.73 -1.46
C VAL Z 90 113.31 -49.23 -1.22
N PRO Z 91 112.19 -48.52 -1.06
CA PRO Z 91 112.28 -47.08 -0.81
C PRO Z 91 112.99 -46.74 0.49
N ALA Z 92 113.42 -45.48 0.59
CA ALA Z 92 114.12 -45.01 1.78
C ALA Z 92 113.27 -45.09 3.04
N THR Z 93 111.94 -44.98 2.90
CA THR Z 93 111.08 -45.18 4.05
C THR Z 93 111.16 -46.62 4.54
N LEU Z 94 111.22 -47.57 3.61
CA LEU Z 94 111.33 -48.98 3.99
C LEU Z 94 112.69 -49.28 4.62
N ARG Z 95 113.77 -48.84 3.97
CA ARG Z 95 115.11 -48.99 4.52
C ARG Z 95 115.84 -47.66 4.51
N ARG Z 96 116.34 -47.26 5.68
CA ARG Z 96 117.26 -46.12 5.79
C ARG Z 96 118.71 -46.60 5.67
N SER Z 97 118.94 -47.34 4.57
CA SER Z 97 120.18 -48.05 4.27
C SER Z 97 120.48 -49.16 5.27
N ARG Z 98 119.45 -49.70 5.90
CA ARG Z 98 119.59 -50.85 6.79
C ARG Z 98 118.42 -51.82 6.61
N VAL AA 1 116.43 -77.74 -30.91
CA VAL AA 1 115.65 -76.58 -31.27
C VAL AA 1 115.18 -75.87 -29.99
N MET AA 2 115.17 -76.62 -28.88
CA MET AA 2 114.72 -76.05 -27.61
C MET AA 2 115.66 -74.97 -27.08
N ASP AA 3 116.98 -75.17 -27.17
CA ASP AA 3 117.91 -74.09 -26.79
C ASP AA 3 117.71 -72.87 -27.66
N VAL AA 4 117.55 -73.07 -28.98
CA VAL AA 4 117.39 -71.94 -29.88
C VAL AA 4 116.12 -71.16 -29.57
N ASN AA 5 115.02 -71.87 -29.29
CA ASN AA 5 113.77 -71.18 -29.02
C ASN AA 5 113.78 -70.49 -27.66
N THR AA 6 114.30 -71.17 -26.64
CA THR AA 6 114.44 -70.55 -25.33
C THR AA 6 115.47 -69.43 -25.30
N ALA AA 7 116.33 -69.36 -26.31
CA ALA AA 7 117.28 -68.24 -26.39
C ALA AA 7 116.56 -66.92 -26.60
N LEU AA 8 115.65 -66.86 -27.58
CA LEU AA 8 114.88 -65.64 -27.76
C LEU AA 8 113.67 -65.56 -26.86
N GLN AA 9 113.26 -66.67 -26.24
CA GLN AA 9 112.25 -66.62 -25.19
C GLN AA 9 112.62 -65.61 -24.12
N GLU AA 10 113.87 -65.66 -23.65
CA GLU AA 10 114.34 -64.70 -22.66
C GLU AA 10 114.74 -63.36 -23.27
N VAL AA 11 115.12 -63.34 -24.55
CA VAL AA 11 115.44 -62.08 -25.20
C VAL AA 11 114.20 -61.18 -25.26
N LEU AA 12 113.04 -61.77 -25.54
CA LEU AA 12 111.81 -61.00 -25.56
C LEU AA 12 111.50 -60.40 -24.19
N LYS AA 13 111.73 -61.18 -23.13
CA LYS AA 13 111.49 -60.67 -21.77
C LYS AA 13 112.47 -59.55 -21.43
N THR AA 14 113.74 -59.72 -21.77
CA THR AA 14 114.73 -58.68 -21.51
C THR AA 14 114.43 -57.42 -22.31
N ALA AA 15 113.90 -57.58 -23.53
CA ALA AA 15 113.43 -56.42 -24.28
C ALA AA 15 112.25 -55.76 -23.58
N LEU AA 16 111.32 -56.57 -23.06
CA LEU AA 16 110.17 -56.03 -22.32
C LEU AA 16 110.60 -55.28 -21.07
N ILE AA 17 111.76 -55.60 -20.51
CA ILE AA 17 112.33 -54.75 -19.46
C ILE AA 17 112.57 -53.34 -19.97
N HIS AA 18 112.81 -53.20 -21.27
CA HIS AA 18 113.16 -51.92 -21.90
C HIS AA 18 112.10 -51.55 -22.93
N ASP AA 19 112.42 -50.54 -23.74
CA ASP AA 19 111.49 -49.98 -24.72
C ASP AA 19 111.91 -50.31 -26.15
N GLY AA 20 112.39 -51.52 -26.36
CA GLY AA 20 112.84 -51.95 -27.68
C GLY AA 20 112.00 -53.04 -28.30
N LEU AA 21 110.68 -52.91 -28.20
CA LEU AA 21 109.75 -53.96 -28.62
C LEU AA 21 109.25 -53.79 -30.04
N ALA AA 22 108.86 -52.57 -30.41
CA ALA AA 22 108.35 -52.24 -31.75
C ALA AA 22 107.21 -53.16 -32.16
N ARG AA 23 106.28 -53.38 -31.23
CA ARG AA 23 105.18 -54.31 -31.42
C ARG AA 23 104.18 -53.69 -32.41
N GLY AA 24 104.21 -54.17 -33.66
CA GLY AA 24 103.32 -53.67 -34.68
C GLY AA 24 104.03 -53.44 -36.00
N ILE AA 25 103.26 -53.39 -37.09
CA ILE AA 25 103.85 -53.28 -38.42
C ILE AA 25 104.52 -51.93 -38.60
N ARG AA 26 103.85 -50.85 -38.20
CA ARG AA 26 104.43 -49.51 -38.37
C ARG AA 26 105.69 -49.34 -37.54
N GLU AA 27 105.66 -49.78 -36.28
CA GLU AA 27 106.83 -49.68 -35.42
C GLU AA 27 107.96 -50.56 -35.96
N ALA AA 28 107.63 -51.74 -36.48
CA ALA AA 28 108.64 -52.60 -37.08
C ALA AA 28 109.27 -51.93 -38.30
N ALA AA 29 108.45 -51.32 -39.15
CA ALA AA 29 108.96 -50.68 -40.36
C ALA AA 29 109.76 -49.43 -40.06
N LYS AA 30 109.51 -48.79 -38.91
CA LYS AA 30 110.23 -47.57 -38.58
C LYS AA 30 111.74 -47.81 -38.48
N ALA AA 31 112.16 -48.63 -37.50
CA ALA AA 31 113.58 -48.83 -37.23
C ALA AA 31 114.30 -49.52 -38.38
N LEU AA 32 113.57 -50.28 -39.21
CA LEU AA 32 114.20 -50.97 -40.33
C LEU AA 32 114.83 -49.99 -41.30
N ASP AA 33 114.03 -49.14 -41.93
CA ASP AA 33 114.60 -48.17 -42.86
C ASP AA 33 115.17 -46.94 -42.13
N LYS AA 34 115.00 -46.86 -40.81
CA LYS AA 34 115.79 -45.89 -40.06
C LYS AA 34 117.15 -46.45 -39.65
N ARG AA 35 117.41 -47.72 -39.97
CA ARG AA 35 118.68 -48.42 -39.79
C ARG AA 35 119.00 -48.72 -38.32
N GLN AA 36 118.15 -48.30 -37.39
CA GLN AA 36 118.31 -48.67 -35.98
C GLN AA 36 117.50 -49.91 -35.65
N ALA AA 37 117.67 -50.96 -36.45
CA ALA AA 37 117.02 -52.24 -36.24
C ALA AA 37 118.08 -53.28 -35.89
N HIS AA 38 117.71 -54.25 -35.06
CA HIS AA 38 118.71 -55.19 -34.57
C HIS AA 38 118.29 -56.64 -34.79
N LEU AA 39 117.00 -56.94 -34.63
CA LEU AA 39 116.50 -58.29 -34.86
C LEU AA 39 115.00 -58.23 -35.13
N CYS AA 40 114.50 -59.21 -35.88
CA CYS AA 40 113.10 -59.26 -36.24
C CYS AA 40 112.58 -60.68 -36.13
N VAL AA 41 111.34 -60.81 -35.62
CA VAL AA 41 110.64 -62.07 -35.54
C VAL AA 41 109.35 -61.95 -36.34
N LEU AA 42 109.14 -62.89 -37.25
CA LEU AA 42 108.00 -62.89 -38.18
C LEU AA 42 107.17 -64.15 -37.96
N ALA AA 43 105.85 -63.98 -37.93
CA ALA AA 43 104.94 -65.09 -37.74
C ALA AA 43 104.63 -65.75 -39.09
N SER AA 44 105.02 -67.02 -39.22
CA SER AA 44 104.77 -67.74 -40.46
C SER AA 44 103.28 -67.92 -40.71
N ASN AA 45 102.52 -68.23 -39.66
CA ASN AA 45 101.09 -68.53 -39.81
C ASN AA 45 100.31 -67.23 -39.98
N CYS AA 46 100.48 -66.62 -41.14
CA CYS AA 46 99.73 -65.44 -41.54
C CYS AA 46 99.00 -65.74 -42.84
N ASP AA 47 97.68 -65.59 -42.84
CA ASP AA 47 96.89 -65.90 -44.03
C ASP AA 47 97.15 -64.91 -45.16
N GLU AA 48 97.77 -63.77 -44.88
CA GLU AA 48 98.03 -62.78 -45.90
C GLU AA 48 99.46 -62.94 -46.41
N PRO AA 49 99.65 -63.30 -47.68
CA PRO AA 49 101.03 -63.55 -48.15
C PRO AA 49 101.83 -62.28 -48.36
N MET AA 50 101.18 -61.18 -48.77
CA MET AA 50 101.89 -59.93 -48.95
C MET AA 50 102.46 -59.40 -47.63
N TYR AA 51 101.87 -59.78 -46.50
CA TYR AA 51 102.45 -59.46 -45.20
C TYR AA 51 103.89 -59.95 -45.11
N VAL AA 52 104.07 -61.27 -45.16
CA VAL AA 52 105.41 -61.84 -45.00
C VAL AA 52 106.29 -61.47 -46.18
N LYS AA 53 105.72 -61.30 -47.38
CA LYS AA 53 106.51 -60.90 -48.53
C LYS AA 53 107.10 -59.52 -48.34
N LEU AA 54 106.29 -58.56 -47.88
CA LEU AA 54 106.78 -57.21 -47.63
C LEU AA 54 107.75 -57.19 -46.46
N VAL AA 55 107.54 -58.05 -45.46
CA VAL AA 55 108.48 -58.13 -44.34
C VAL AA 55 109.85 -58.60 -44.84
N GLU AA 56 109.88 -59.69 -45.60
CA GLU AA 56 111.16 -60.24 -46.03
C GLU AA 56 111.85 -59.37 -47.06
N ALA AA 57 111.08 -58.66 -47.90
CA ALA AA 57 111.68 -57.77 -48.89
C ALA AA 57 112.48 -56.66 -48.21
N LEU AA 58 111.94 -56.10 -47.13
CA LEU AA 58 112.67 -55.08 -46.40
C LEU AA 58 113.75 -55.66 -45.51
N CYS AA 59 113.53 -56.87 -44.96
CA CYS AA 59 114.52 -57.48 -44.09
C CYS AA 59 115.72 -58.02 -44.85
N ALA AA 60 115.61 -58.23 -46.15
CA ALA AA 60 116.74 -58.68 -46.95
C ALA AA 60 117.74 -57.58 -47.26
N GLU AA 61 117.28 -56.34 -47.45
CA GLU AA 61 118.19 -55.27 -47.84
C GLU AA 61 119.11 -54.86 -46.69
N HIS AA 62 118.57 -54.73 -45.48
CA HIS AA 62 119.35 -54.45 -44.29
C HIS AA 62 119.69 -55.75 -43.58
N GLN AA 63 120.95 -55.89 -43.18
CA GLN AA 63 121.45 -57.14 -42.62
C GLN AA 63 120.90 -57.30 -41.20
N ILE AA 64 119.64 -57.69 -41.13
CA ILE AA 64 118.93 -57.88 -39.87
C ILE AA 64 118.38 -59.30 -39.83
N ASN AA 65 118.52 -59.95 -38.68
CA ASN AA 65 118.02 -61.31 -38.52
C ASN AA 65 116.50 -61.34 -38.63
N LEU AA 66 116.00 -62.39 -39.28
CA LEU AA 66 114.57 -62.65 -39.40
C LEU AA 66 114.30 -64.07 -38.93
N ILE AA 67 113.60 -64.22 -37.82
CA ILE AA 67 113.34 -65.52 -37.22
C ILE AA 67 111.87 -65.87 -37.43
N LYS AA 68 111.62 -67.04 -38.02
CA LYS AA 68 110.26 -67.47 -38.33
C LYS AA 68 109.69 -68.20 -37.12
N VAL AA 69 108.62 -67.65 -36.56
CA VAL AA 69 107.92 -68.27 -35.43
C VAL AA 69 106.64 -68.91 -35.96
N ASP AA 70 106.25 -70.01 -35.31
CA ASP AA 70 105.21 -70.87 -35.88
C ASP AA 70 103.85 -70.17 -35.97
N ASP AA 71 103.46 -69.43 -34.92
CA ASP AA 71 102.14 -68.82 -34.91
C ASP AA 71 102.19 -67.44 -34.28
N ASN AA 72 101.29 -66.57 -34.77
CA ASN AA 72 101.21 -65.20 -34.27
C ASN AA 72 100.65 -65.13 -32.85
N LYS AA 73 99.74 -66.05 -32.49
CA LYS AA 73 99.25 -66.09 -31.12
C LYS AA 73 100.38 -66.43 -30.15
N LYS AA 74 101.19 -67.42 -30.50
CA LYS AA 74 102.35 -67.75 -29.67
C LYS AA 74 103.35 -66.61 -29.65
N LEU AA 75 103.54 -65.92 -30.78
CA LEU AA 75 104.42 -64.75 -30.80
C LEU AA 75 103.92 -63.66 -29.88
N GLY AA 76 102.62 -63.40 -29.89
CA GLY AA 76 102.06 -62.40 -28.99
C GLY AA 76 102.16 -62.82 -27.53
N GLU AA 77 101.99 -64.12 -27.26
CA GLU AA 77 102.18 -64.62 -25.91
C GLU AA 77 103.61 -64.42 -25.43
N TRP AA 78 104.57 -64.64 -26.32
CA TRP AA 78 105.98 -64.53 -25.93
C TRP AA 78 106.43 -63.09 -25.80
N VAL AA 79 105.91 -62.20 -26.66
CA VAL AA 79 106.37 -60.82 -26.62
C VAL AA 79 105.92 -60.12 -25.34
N GLY AA 80 104.77 -60.51 -24.79
CA GLY AA 80 104.33 -59.95 -23.53
C GLY AA 80 103.07 -59.12 -23.62
N LEU AA 81 102.26 -59.34 -24.66
CA LEU AA 81 101.01 -58.61 -24.82
C LEU AA 81 99.83 -59.34 -24.20
N CYS AA 82 99.99 -59.76 -22.95
CA CYS AA 82 98.98 -60.53 -22.24
C CYS AA 82 98.66 -59.89 -20.91
N LYS AA 83 97.51 -60.29 -20.34
CA LYS AA 83 97.06 -59.74 -19.07
C LYS AA 83 97.93 -60.17 -17.90
N ILE AA 84 98.77 -61.20 -18.08
CA ILE AA 84 99.59 -61.79 -17.02
C ILE AA 84 98.65 -62.24 -15.91
N ASP AA 85 97.80 -63.21 -16.22
CA ASP AA 85 96.82 -63.78 -15.31
C ASP AA 85 96.80 -65.29 -15.43
N ARG AA 86 97.99 -65.89 -15.45
CA ARG AA 86 98.12 -67.33 -15.67
C ARG AA 86 97.46 -68.15 -14.58
N GLU AA 87 97.27 -67.58 -13.38
CA GLU AA 87 96.75 -68.35 -12.25
C GLU AA 87 95.26 -68.65 -12.37
N GLY AA 88 94.49 -67.75 -12.98
CA GLY AA 88 93.05 -67.95 -13.04
C GLY AA 88 92.43 -67.44 -14.33
N LYS AA 89 93.22 -67.27 -15.37
CA LYS AA 89 92.73 -66.75 -16.64
C LYS AA 89 93.58 -67.31 -17.77
N PRO AA 90 93.00 -67.49 -18.96
CA PRO AA 90 93.83 -67.67 -20.16
C PRO AA 90 94.66 -66.44 -20.51
N ARG AA 91 94.39 -65.29 -19.90
CA ARG AA 91 95.14 -64.04 -20.11
C ARG AA 91 95.11 -63.65 -21.60
N LYS AA 92 93.90 -63.31 -22.04
CA LYS AA 92 93.59 -63.02 -23.43
C LYS AA 92 94.64 -62.13 -24.07
N VAL AA 93 95.27 -62.64 -25.13
CA VAL AA 93 96.42 -62.03 -25.76
C VAL AA 93 96.08 -61.73 -27.22
N VAL AA 94 96.48 -60.56 -27.69
CA VAL AA 94 96.28 -60.20 -29.09
C VAL AA 94 97.28 -60.97 -29.95
N GLY AA 95 96.92 -61.16 -31.22
CA GLY AA 95 97.79 -61.90 -32.11
C GLY AA 95 98.83 -61.03 -32.76
N CYS AA 96 100.04 -61.02 -32.20
CA CYS AA 96 101.14 -60.23 -32.72
C CYS AA 96 101.89 -61.04 -33.76
N SER AA 97 102.00 -60.49 -34.97
CA SER AA 97 102.58 -61.21 -36.09
C SER AA 97 103.92 -60.64 -36.54
N CYS AA 98 104.47 -59.65 -35.82
CA CYS AA 98 105.82 -59.17 -36.09
C CYS AA 98 106.34 -58.46 -34.86
N VAL AA 99 107.59 -58.75 -34.50
CA VAL AA 99 108.27 -58.09 -33.38
C VAL AA 99 109.64 -57.66 -33.86
N VAL AA 100 110.14 -56.54 -33.34
CA VAL AA 100 111.49 -56.07 -33.63
C VAL AA 100 112.21 -55.87 -32.30
N VAL AA 101 113.24 -56.68 -32.07
CA VAL AA 101 114.14 -56.49 -30.94
C VAL AA 101 115.17 -55.45 -31.34
N LYS AA 102 115.03 -54.23 -30.83
CA LYS AA 102 115.90 -53.13 -31.19
C LYS AA 102 116.60 -52.53 -29.97
N ASP AA 103 116.80 -53.34 -28.93
CA ASP AA 103 117.38 -52.88 -27.68
C ASP AA 103 118.78 -53.44 -27.43
N TYR AA 104 118.92 -54.77 -27.47
CA TYR AA 104 120.15 -55.45 -27.07
C TYR AA 104 120.60 -55.01 -25.68
N GLY AA 105 119.64 -54.93 -24.75
CA GLY AA 105 119.95 -54.45 -23.42
C GLY AA 105 120.89 -55.36 -22.67
N LYS AA 106 120.71 -56.68 -22.82
CA LYS AA 106 121.56 -57.63 -22.11
C LYS AA 106 121.46 -58.97 -22.84
N GLU AA 107 122.62 -59.58 -23.11
CA GLU AA 107 122.69 -60.85 -23.83
C GLU AA 107 123.24 -61.92 -22.89
N SER AA 108 122.35 -62.77 -22.38
CA SER AA 108 122.74 -63.93 -21.60
C SER AA 108 122.61 -65.22 -22.41
N GLN AA 109 121.42 -65.48 -22.94
CA GLN AA 109 121.19 -66.60 -23.85
C GLN AA 109 121.09 -66.14 -25.30
N ALA AA 110 121.20 -64.83 -25.55
CA ALA AA 110 121.14 -64.32 -26.91
C ALA AA 110 122.34 -64.71 -27.74
N LYS AA 111 123.41 -65.20 -27.10
CA LYS AA 111 124.58 -65.65 -27.85
C LYS AA 111 124.25 -66.82 -28.76
N ASP AA 112 123.26 -67.64 -28.38
CA ASP AA 112 122.81 -68.70 -29.26
C ASP AA 112 122.13 -68.15 -30.51
N VAL AA 113 121.33 -67.09 -30.35
CA VAL AA 113 120.73 -66.44 -31.50
C VAL AA 113 121.82 -65.83 -32.39
N ILE AA 114 122.84 -65.25 -31.77
CA ILE AA 114 123.96 -64.69 -32.53
C ILE AA 114 124.69 -65.79 -33.30
N GLU AA 115 124.88 -66.94 -32.67
CA GLU AA 115 125.53 -68.06 -33.36
C GLU AA 115 124.68 -68.58 -34.52
N GLU AA 116 123.36 -68.64 -34.32
CA GLU AA 116 122.49 -69.08 -35.41
C GLU AA 116 122.49 -68.06 -36.55
N TYR AA 117 122.59 -66.77 -36.22
CA TYR AA 117 122.71 -65.75 -37.25
C TYR AA 117 124.04 -65.86 -38.00
N PHE AA 118 125.11 -66.18 -37.27
CA PHE AA 118 126.40 -66.44 -37.91
C PHE AA 118 126.31 -67.64 -38.85
N LYS AA 119 125.60 -68.69 -38.42
CA LYS AA 119 125.41 -69.85 -39.29
C LYS AA 119 124.56 -69.51 -40.50
N CYS AA 120 123.56 -68.64 -40.32
CA CYS AA 120 122.68 -68.25 -41.42
C CYS AA 120 123.38 -67.36 -42.44
N LYS AA 121 124.36 -66.56 -42.02
CA LYS AA 121 125.11 -65.75 -42.97
C LYS AA 121 126.16 -66.55 -43.72
N LYS AA 122 126.40 -67.80 -43.35
CA LYS AA 122 127.38 -68.64 -44.03
C LYS AA 122 126.91 -69.02 -45.43
N THR BA 1 85.46 13.88 -44.61
CA THR BA 1 86.87 13.83 -44.23
C THR BA 1 87.03 13.67 -42.73
N TYR BA 2 88.11 13.00 -42.31
CA TYR BA 2 88.36 12.81 -40.89
C TYR BA 2 88.94 14.07 -40.26
N ARG BA 3 90.11 14.49 -40.71
CA ARG BA 3 90.77 15.68 -40.18
C ARG BA 3 91.01 16.68 -41.32
N GLY BA 4 90.00 16.85 -42.16
CA GLY BA 4 90.16 17.59 -43.40
C GLY BA 4 90.80 16.77 -44.50
N VAL BA 5 91.05 15.49 -44.26
CA VAL BA 5 91.68 14.60 -45.23
C VAL BA 5 90.76 13.40 -45.44
N ASP BA 6 90.63 12.97 -46.70
CA ASP BA 6 89.62 11.99 -47.05
C ASP BA 6 90.24 10.63 -47.32
N LEU BA 7 89.35 9.65 -47.54
CA LEU BA 7 89.74 8.25 -47.71
C LEU BA 7 90.72 8.06 -48.85
N ASP BA 8 90.64 8.90 -49.88
CA ASP BA 8 91.42 8.70 -51.10
C ASP BA 8 92.92 8.67 -50.81
N GLN BA 9 93.35 9.41 -49.79
CA GLN BA 9 94.72 9.32 -49.31
C GLN BA 9 94.81 8.84 -47.87
N LEU BA 10 93.67 8.50 -47.24
CA LEU BA 10 93.74 7.79 -45.98
C LEU BA 10 94.07 6.32 -46.17
N LEU BA 11 93.64 5.73 -47.30
CA LEU BA 11 93.89 4.32 -47.53
C LEU BA 11 95.38 4.00 -47.61
N ASP BA 12 96.15 4.83 -48.30
CA ASP BA 12 97.59 4.61 -48.41
C ASP BA 12 98.36 5.28 -47.28
N MET BA 13 97.67 5.86 -46.31
CA MET BA 13 98.33 6.56 -45.23
C MET BA 13 98.76 5.57 -44.17
N SER BA 14 100.04 5.62 -43.79
CA SER BA 14 100.60 4.62 -42.89
C SER BA 14 100.07 4.79 -41.47
N TYR BA 15 100.24 3.73 -40.68
CA TYR BA 15 99.69 3.71 -39.32
C TYR BA 15 100.35 4.73 -38.43
N GLU BA 16 101.64 4.99 -38.64
CA GLU BA 16 102.38 5.91 -37.77
C GLU BA 16 101.79 7.32 -37.85
N GLN BA 17 101.49 7.78 -39.07
CA GLN BA 17 100.84 9.07 -39.21
C GLN BA 17 99.34 9.00 -39.04
N LEU BA 18 98.75 7.80 -39.10
CA LEU BA 18 97.35 7.66 -38.69
C LEU BA 18 97.21 7.87 -37.19
N MET BA 19 98.25 7.54 -36.43
CA MET BA 19 98.26 7.86 -35.01
C MET BA 19 98.19 9.36 -34.79
N GLN BA 20 98.77 10.15 -35.69
CA GLN BA 20 98.64 11.59 -35.61
C GLN BA 20 97.22 12.05 -35.93
N LEU BA 21 96.37 11.17 -36.44
CA LEU BA 21 95.00 11.52 -36.79
C LEU BA 21 93.96 10.94 -35.84
N TYR BA 22 94.28 9.86 -35.13
CA TYR BA 22 93.34 9.26 -34.20
C TYR BA 22 93.38 9.96 -32.85
N SER BA 23 92.36 9.67 -32.03
CA SER BA 23 92.31 10.16 -30.67
C SER BA 23 93.36 9.44 -29.82
N ALA BA 24 93.52 9.92 -28.58
CA ALA BA 24 94.60 9.43 -27.73
C ALA BA 24 94.42 7.95 -27.39
N ARG BA 25 93.19 7.51 -27.14
CA ARG BA 25 92.96 6.11 -26.83
C ARG BA 25 93.33 5.22 -27.99
N GLN BA 26 92.92 5.60 -29.21
CA GLN BA 26 93.31 4.83 -30.39
C GLN BA 26 94.81 4.91 -30.63
N ARG BA 27 95.45 6.02 -30.25
CA ARG BA 27 96.89 6.14 -30.36
C ARG BA 27 97.59 5.13 -29.47
N ARG BA 28 97.12 5.01 -28.22
CA ARG BA 28 97.67 3.99 -27.32
C ARG BA 28 97.40 2.59 -27.86
N ARG BA 29 96.20 2.37 -28.39
CA ARG BA 29 95.85 1.06 -28.94
C ARG BA 29 96.74 0.67 -30.09
N LEU BA 30 97.03 1.62 -30.98
CA LEU BA 30 97.88 1.34 -32.14
C LEU BA 30 99.35 1.27 -31.77
N ASN BA 31 99.78 2.06 -30.78
CA ASN BA 31 101.15 1.97 -30.29
C ASN BA 31 101.41 0.60 -29.69
N ARG BA 32 100.45 0.08 -28.93
CA ARG BA 32 100.52 -1.31 -28.54
C ARG BA 32 100.16 -2.19 -29.74
N GLY BA 33 100.50 -3.47 -29.63
CA GLY BA 33 100.35 -4.37 -30.75
C GLY BA 33 98.90 -4.64 -31.10
N LEU BA 34 98.70 -4.99 -32.37
CA LEU BA 34 97.42 -5.46 -32.87
C LEU BA 34 97.50 -6.98 -32.99
N ARG BA 35 96.56 -7.67 -32.36
CA ARG BA 35 96.74 -9.11 -32.15
C ARG BA 35 96.23 -9.93 -33.33
N ARG BA 36 96.49 -11.24 -33.21
CA ARG BA 36 96.28 -12.16 -34.32
C ARG BA 36 94.80 -12.30 -34.65
N LYS BA 37 93.94 -12.24 -33.63
CA LYS BA 37 92.50 -12.27 -33.89
C LYS BA 37 92.07 -11.05 -34.70
N GLN BA 38 92.59 -9.87 -34.35
CA GLN BA 38 92.26 -8.67 -35.11
C GLN BA 38 92.75 -8.78 -36.55
N HIS BA 39 93.97 -9.30 -36.73
CA HIS BA 39 94.50 -9.41 -38.08
C HIS BA 39 93.76 -10.47 -38.89
N SER BA 40 93.31 -11.53 -38.24
CA SER BA 40 92.51 -12.54 -38.92
C SER BA 40 91.16 -11.97 -39.35
N LEU BA 41 90.56 -11.13 -38.51
CA LEU BA 41 89.35 -10.44 -38.90
C LEU BA 41 89.60 -9.53 -40.11
N LEU BA 42 90.72 -8.80 -40.09
CA LEU BA 42 91.07 -7.96 -41.22
C LEU BA 42 91.27 -8.79 -42.48
N LYS BA 43 91.79 -10.01 -42.34
CA LYS BA 43 91.95 -10.90 -43.48
C LYS BA 43 90.59 -11.25 -44.10
N ARG BA 44 89.60 -11.56 -43.25
CA ARG BA 44 88.27 -11.84 -43.78
C ARG BA 44 87.65 -10.58 -44.39
N LEU BA 45 87.97 -9.41 -43.84
CA LEU BA 45 87.50 -8.17 -44.44
C LEU BA 45 88.05 -7.99 -45.85
N ARG BA 46 89.36 -8.19 -46.01
CA ARG BA 46 89.97 -8.10 -47.34
C ARG BA 46 89.40 -9.16 -48.28
N LYS BA 47 89.16 -10.37 -47.76
CA LYS BA 47 88.61 -11.43 -48.59
C LYS BA 47 87.20 -11.10 -49.05
N ALA BA 48 86.36 -10.60 -48.15
CA ALA BA 48 85.03 -10.16 -48.54
C ALA BA 48 85.08 -8.98 -49.48
N LYS BA 49 86.11 -8.16 -49.42
CA LYS BA 49 86.26 -7.04 -50.33
C LYS BA 49 86.67 -7.46 -51.74
N LYS BA 50 87.60 -8.42 -51.87
CA LYS BA 50 88.21 -8.67 -53.17
C LYS BA 50 87.22 -9.28 -54.16
N GLU BA 51 86.49 -10.33 -53.76
CA GLU BA 51 85.48 -10.91 -54.65
C GLU BA 51 84.11 -10.26 -54.47
N ALA BA 52 84.06 -9.07 -53.89
CA ALA BA 52 82.79 -8.35 -53.84
C ALA BA 52 82.46 -7.87 -55.24
N PRO BA 53 81.31 -8.27 -55.80
CA PRO BA 53 80.98 -7.85 -57.16
C PRO BA 53 80.71 -6.36 -57.21
N PRO BA 54 80.96 -5.71 -58.36
CA PRO BA 54 80.61 -4.30 -58.49
C PRO BA 54 79.11 -4.10 -58.41
N MET BA 55 78.71 -2.92 -57.94
CA MET BA 55 77.31 -2.58 -57.66
C MET BA 55 76.69 -3.59 -56.68
N GLU BA 56 77.49 -4.00 -55.70
CA GLU BA 56 77.05 -4.97 -54.72
C GLU BA 56 77.85 -4.78 -53.43
N LYS BA 57 77.16 -4.82 -52.30
CA LYS BA 57 77.81 -4.75 -51.01
C LYS BA 57 78.51 -6.07 -50.70
N PRO BA 58 79.62 -6.02 -49.97
CA PRO BA 58 80.27 -7.27 -49.53
C PRO BA 58 79.40 -8.01 -48.55
N GLU BA 59 79.58 -9.33 -48.50
CA GLU BA 59 78.79 -10.16 -47.61
C GLU BA 59 79.11 -9.81 -46.16
N VAL BA 60 78.13 -10.07 -45.29
CA VAL BA 60 78.29 -9.75 -43.87
C VAL BA 60 79.37 -10.63 -43.26
N VAL BA 61 80.24 -10.01 -42.47
CA VAL BA 61 81.29 -10.72 -41.73
C VAL BA 61 80.96 -10.58 -40.27
N LYS BA 62 80.70 -11.69 -39.59
CA LYS BA 62 80.35 -11.64 -38.19
C LYS BA 62 81.59 -11.70 -37.32
N THR BA 63 81.47 -11.19 -36.10
CA THR BA 63 82.54 -11.24 -35.13
C THR BA 63 82.00 -10.99 -33.73
N HIS BA 64 82.68 -11.57 -32.75
CA HIS BA 64 82.48 -11.25 -31.34
C HIS BA 64 83.36 -10.11 -30.85
N LEU BA 65 84.58 -9.98 -31.38
CA LEU BA 65 85.49 -8.95 -30.89
C LEU BA 65 84.94 -7.59 -31.26
N ARG BA 66 84.60 -6.80 -30.24
CA ARG BA 66 83.95 -5.52 -30.42
C ARG BA 66 84.79 -4.35 -29.96
N ASP BA 67 86.02 -4.59 -29.52
CA ASP BA 67 86.96 -3.53 -29.19
C ASP BA 67 87.78 -3.11 -30.41
N MET BA 68 87.49 -3.66 -31.57
CA MET BA 68 88.17 -3.24 -32.79
C MET BA 68 87.82 -1.79 -33.11
N ILE BA 69 88.82 -1.03 -33.51
CA ILE BA 69 88.60 0.34 -33.95
C ILE BA 69 88.46 0.34 -35.46
N ILE BA 70 87.63 1.25 -35.97
CA ILE BA 70 87.34 1.28 -37.39
C ILE BA 70 88.52 1.89 -38.14
N LEU BA 71 89.08 1.14 -39.07
CA LEU BA 71 90.18 1.56 -39.90
C LEU BA 71 89.66 2.06 -41.25
N PRO BA 72 90.39 2.97 -41.90
CA PRO BA 72 89.91 3.50 -43.19
C PRO BA 72 89.74 2.43 -44.26
N GLU BA 73 90.55 1.38 -44.23
CA GLU BA 73 90.37 0.29 -45.19
C GLU BA 73 89.18 -0.59 -44.86
N MET BA 74 88.55 -0.41 -43.70
CA MET BA 74 87.33 -1.13 -43.36
C MET BA 74 86.07 -0.46 -43.89
N VAL BA 75 86.20 0.73 -44.48
CA VAL BA 75 85.03 1.48 -44.94
C VAL BA 75 84.37 0.73 -46.08
N GLY BA 76 83.04 0.68 -46.06
CA GLY BA 76 82.28 0.00 -47.07
C GLY BA 76 81.96 -1.44 -46.78
N SER BA 77 82.08 -1.86 -45.53
CA SER BA 77 81.92 -3.26 -45.14
C SER BA 77 80.63 -3.45 -44.35
N MET BA 78 80.14 -4.69 -44.36
CA MET BA 78 78.99 -5.11 -43.58
C MET BA 78 79.46 -6.09 -42.51
N VAL BA 79 79.23 -5.74 -41.25
CA VAL BA 79 79.75 -6.50 -40.12
C VAL BA 79 78.60 -6.88 -39.20
N GLY BA 80 78.54 -8.15 -38.84
CA GLY BA 80 77.63 -8.62 -37.81
C GLY BA 80 78.31 -8.62 -36.46
N VAL BA 81 78.04 -7.58 -35.68
CA VAL BA 81 78.67 -7.40 -34.37
C VAL BA 81 77.86 -8.18 -33.34
N TYR BA 82 78.54 -9.00 -32.55
CA TYR BA 82 77.84 -9.71 -31.48
C TYR BA 82 77.58 -8.77 -30.32
N ASN BA 83 76.35 -8.79 -29.82
CA ASN BA 83 75.94 -7.89 -28.74
C ASN BA 83 75.47 -8.64 -27.50
N GLY BA 84 75.70 -9.94 -27.44
CA GLY BA 84 75.24 -10.72 -26.31
C GLY BA 84 74.35 -11.87 -26.73
N LYS BA 85 73.47 -11.63 -27.69
CA LYS BA 85 72.64 -12.69 -28.25
C LYS BA 85 72.80 -12.84 -29.75
N THR BA 86 72.73 -11.76 -30.50
CA THR BA 86 72.66 -11.82 -31.96
C THR BA 86 73.85 -11.08 -32.57
N PHE BA 87 73.84 -11.02 -33.90
CA PHE BA 87 74.87 -10.33 -34.69
C PHE BA 87 74.21 -9.19 -35.43
N ASN BA 88 74.25 -8.00 -34.85
CA ASN BA 88 73.63 -6.84 -35.46
C ASN BA 88 74.38 -6.43 -36.72
N GLN BA 89 73.62 -6.14 -37.77
CA GLN BA 89 74.19 -5.70 -39.03
C GLN BA 89 74.61 -4.23 -38.94
N VAL BA 90 75.84 -3.94 -39.39
CA VAL BA 90 76.32 -2.57 -39.43
C VAL BA 90 77.08 -2.36 -40.75
N GLU BA 91 76.93 -1.17 -41.33
CA GLU BA 91 77.67 -0.78 -42.52
C GLU BA 91 78.63 0.33 -42.14
N ILE BA 92 79.92 0.12 -42.45
CA ILE BA 92 80.95 1.07 -42.02
C ILE BA 92 80.95 2.23 -43.02
N LYS BA 93 80.31 3.33 -42.63
CA LYS BA 93 80.44 4.57 -43.39
C LYS BA 93 81.79 5.20 -43.07
N PRO BA 94 82.32 6.05 -43.95
CA PRO BA 94 83.65 6.61 -43.72
C PRO BA 94 83.70 7.74 -42.69
N GLU BA 95 82.65 7.94 -41.89
CA GLU BA 95 82.66 8.94 -40.85
C GLU BA 95 82.56 8.33 -39.46
N MET BA 96 82.75 7.01 -39.33
CA MET BA 96 82.80 6.33 -38.05
C MET BA 96 84.21 5.86 -37.71
N ILE BA 97 85.23 6.53 -38.25
CA ILE BA 97 86.59 6.01 -38.19
C ILE BA 97 87.08 5.96 -36.75
N GLY BA 98 86.94 7.06 -36.01
CA GLY BA 98 87.42 7.11 -34.66
C GLY BA 98 86.45 6.55 -33.65
N HIS BA 99 86.02 5.31 -33.85
CA HIS BA 99 85.03 4.69 -32.97
C HIS BA 99 85.29 3.20 -32.86
N TYR BA 100 84.90 2.64 -31.71
CA TYR BA 100 84.98 1.20 -31.52
C TYR BA 100 83.91 0.50 -32.34
N LEU BA 101 84.26 -0.69 -32.85
CA LEU BA 101 83.32 -1.43 -33.67
C LEU BA 101 82.10 -1.89 -32.87
N GLY BA 102 82.27 -2.07 -31.56
CA GLY BA 102 81.13 -2.47 -30.74
C GLY BA 102 80.22 -1.34 -30.33
N GLU BA 103 80.57 -0.09 -30.63
CA GLU BA 103 79.74 1.04 -30.26
C GLU BA 103 78.48 1.15 -31.09
N PHE BA 104 78.35 0.37 -32.16
CA PHE BA 104 77.22 0.46 -33.07
C PHE BA 104 76.33 -0.77 -33.00
N SER BA 105 76.48 -1.58 -31.96
CA SER BA 105 75.59 -2.72 -31.71
C SER BA 105 75.27 -2.70 -30.21
N ILE BA 106 74.06 -2.24 -29.89
CA ILE BA 106 73.71 -2.01 -28.49
C ILE BA 106 73.57 -3.35 -27.77
N THR BA 107 73.95 -3.36 -26.49
CA THR BA 107 73.87 -4.55 -25.66
C THR BA 107 72.57 -4.64 -24.88
N TYR BA 108 71.68 -3.65 -24.99
CA TYR BA 108 70.44 -3.65 -24.25
C TYR BA 108 69.41 -2.82 -25.00
N LYS BA 109 68.21 -3.36 -25.14
CA LYS BA 109 67.15 -2.59 -25.78
C LYS BA 109 66.68 -1.49 -24.83
N PRO BA 110 66.22 -0.36 -25.39
CA PRO BA 110 65.80 0.76 -24.53
C PRO BA 110 64.62 0.37 -23.65
N VAL BA 111 64.57 0.98 -22.48
CA VAL BA 111 63.60 0.61 -21.45
C VAL BA 111 62.24 1.21 -21.78
N LYS BA 112 61.19 0.43 -21.55
CA LYS BA 112 59.81 0.87 -21.66
C LYS BA 112 59.16 0.59 -20.30
N HIS BA 113 59.10 1.62 -19.46
CA HIS BA 113 58.68 1.41 -18.08
C HIS BA 113 57.21 1.05 -18.01
N GLY BA 114 56.92 -0.07 -17.35
CA GLY BA 114 55.56 -0.51 -17.13
C GLY BA 114 54.99 0.01 -15.82
N ARG BA 115 53.82 -0.50 -15.48
CA ARG BA 115 53.18 -0.11 -14.23
C ARG BA 115 53.94 -0.69 -13.06
N PRO BA 116 54.35 0.12 -12.08
CA PRO BA 116 55.12 -0.41 -10.95
C PRO BA 116 54.31 -1.39 -10.12
N GLY BA 117 55.01 -2.35 -9.53
CA GLY BA 117 54.38 -3.38 -8.74
C GLY BA 117 54.10 -2.97 -7.31
N ILE BA 118 54.50 -3.81 -6.37
CA ILE BA 118 54.20 -3.58 -4.96
C ILE BA 118 55.28 -2.70 -4.33
N GLY BA 119 56.20 -2.20 -5.16
CA GLY BA 119 57.24 -1.33 -4.65
C GLY BA 119 56.70 0.01 -4.21
N ALA BA 120 57.51 0.71 -3.41
CA ALA BA 120 57.16 2.02 -2.85
C ALA BA 120 55.84 1.96 -2.08
N THR BA 121 55.68 0.91 -1.28
CA THR BA 121 54.52 0.68 -0.41
C THR BA 121 53.21 0.61 -1.20
N SER CA 1 133.99 35.36 34.69
CA SER CA 1 134.67 35.44 33.40
C SER CA 1 134.04 34.47 32.40
N LYS CA 2 134.48 33.22 32.46
CA LYS CA 2 134.01 32.16 31.55
C LYS CA 2 133.63 30.92 32.35
N GLY CA 3 132.88 31.10 33.42
CA GLY CA 3 132.42 30.01 34.25
C GLY CA 3 131.48 29.08 33.51
N PRO CA 4 131.90 27.85 33.29
CA PRO CA 4 131.10 26.92 32.46
C PRO CA 4 130.10 26.10 33.27
N LEU CA 5 129.44 25.16 32.58
CA LEU CA 5 128.60 24.15 33.20
C LEU CA 5 127.43 24.75 33.98
N GLN CA 6 126.88 25.87 33.51
CA GLN CA 6 125.66 26.43 34.08
C GLN CA 6 124.62 26.48 32.97
N SER CA 7 123.93 25.36 32.79
CA SER CA 7 122.94 25.23 31.73
C SER CA 7 122.08 24.01 31.99
N VAL CA 8 120.81 24.10 31.59
CA VAL CA 8 119.87 23.00 31.72
C VAL CA 8 119.10 22.83 30.41
N GLN CA 9 118.57 21.63 30.20
CA GLN CA 9 117.72 21.32 29.06
C GLN CA 9 116.45 20.68 29.60
N VAL CA 10 115.40 21.49 29.71
CA VAL CA 10 114.13 21.08 30.31
C VAL CA 10 113.09 21.02 29.22
N PHE CA 11 112.34 19.90 29.18
CA PHE CA 11 111.35 19.70 28.15
C PHE CA 11 109.99 20.25 28.58
N GLY CA 12 109.13 20.45 27.59
CA GLY CA 12 107.74 20.77 27.83
C GLY CA 12 106.87 20.16 26.74
N ARG CA 13 105.89 19.34 27.14
CA ARG CA 13 105.09 18.59 26.19
C ARG CA 13 103.62 18.98 26.33
N LYS CA 14 102.95 19.08 25.20
CA LYS CA 14 101.52 19.42 25.19
C LYS CA 14 100.92 18.90 23.88
N LYS CA 15 100.05 17.90 24.00
CA LYS CA 15 99.34 17.31 22.85
C LYS CA 15 100.32 16.86 21.78
N THR CA 16 101.19 15.92 22.17
CA THR CA 16 102.14 15.23 21.29
C THR CA 16 103.25 16.16 20.84
N ALA CA 17 103.11 17.46 21.13
CA ALA CA 17 104.13 18.45 20.79
C ALA CA 17 105.03 18.63 22.00
N THR CA 18 106.29 18.20 21.87
CA THR CA 18 107.28 18.36 22.92
C THR CA 18 108.28 19.43 22.53
N ALA CA 19 108.67 20.25 23.51
CA ALA CA 19 109.59 21.35 23.31
C ALA CA 19 110.64 21.32 24.40
N VAL CA 20 111.91 21.36 24.02
CA VAL CA 20 113.02 21.36 24.96
C VAL CA 20 113.60 22.76 25.00
N ALA CA 21 113.65 23.34 26.20
CA ALA CA 21 114.18 24.68 26.40
C ALA CA 21 115.61 24.57 26.91
N HIS CA 22 116.58 24.81 26.01
CA HIS CA 22 117.98 24.84 26.40
C HIS CA 22 118.30 26.14 27.12
N CYS CA 23 118.07 26.17 28.43
CA CYS CA 23 118.39 27.35 29.21
C CYS CA 23 119.89 27.39 29.50
N LYS CA 24 120.52 28.50 29.12
CA LYS CA 24 121.96 28.64 29.24
C LYS CA 24 122.28 29.97 29.91
N ARG CA 25 123.33 29.97 30.73
CA ARG CA 25 123.80 31.21 31.35
C ARG CA 25 124.39 32.11 30.28
N GLY CA 26 124.08 33.39 30.35
CA GLY CA 26 124.59 34.34 29.38
C GLY CA 26 123.74 35.60 29.38
N ASN CA 27 123.80 36.32 28.26
CA ASN CA 27 122.96 37.49 28.11
C ASN CA 27 121.49 37.10 28.03
N GLY CA 28 120.63 38.04 28.42
CA GLY CA 28 119.19 37.82 28.30
C GLY CA 28 118.76 37.65 26.86
N LEU CA 29 118.45 36.42 26.48
CA LEU CA 29 118.12 36.12 25.09
C LEU CA 29 117.15 34.95 25.05
N ILE CA 30 116.17 35.02 24.17
CA ILE CA 30 115.18 33.96 23.99
C ILE CA 30 115.04 33.70 22.49
N LYS CA 31 115.11 32.43 22.09
CA LYS CA 31 114.90 32.07 20.71
C LYS CA 31 114.39 30.64 20.62
N VAL CA 32 113.50 30.41 19.66
CA VAL CA 32 112.97 29.07 19.37
C VAL CA 32 113.24 28.76 17.90
N ASN CA 33 113.81 27.58 17.65
CA ASN CA 33 114.12 27.11 16.30
C ASN CA 33 114.97 28.12 15.53
N GLY CA 34 115.84 28.83 16.25
CA GLY CA 34 116.62 29.88 15.63
C GLY CA 34 115.84 31.12 15.29
N ARG CA 35 114.68 31.35 15.91
CA ARG CA 35 113.85 32.48 15.59
C ARG CA 35 113.53 33.26 16.86
N PRO CA 36 113.43 34.59 16.77
CA PRO CA 36 113.09 35.39 17.95
C PRO CA 36 111.65 35.13 18.40
N LEU CA 37 111.41 35.44 19.67
CA LEU CA 37 110.11 35.15 20.29
C LEU CA 37 109.00 35.92 19.60
N GLU CA 38 109.23 37.20 19.30
CA GLU CA 38 108.22 37.99 18.60
C GLU CA 38 108.12 37.56 17.15
N MET CA 39 109.25 37.37 16.49
CA MET CA 39 109.28 36.94 15.09
C MET CA 39 108.92 35.45 15.05
N ILE CA 40 107.61 35.20 15.14
CA ILE CA 40 107.07 33.86 15.27
C ILE CA 40 105.74 33.79 14.51
N GLU CA 41 105.38 32.57 14.11
CA GLU CA 41 104.22 32.37 13.24
C GLU CA 41 102.89 32.82 13.84
N PRO CA 42 102.53 32.52 15.12
CA PRO CA 42 101.17 32.86 15.55
C PRO CA 42 101.05 34.26 16.15
N ARG CA 43 100.95 35.26 15.27
CA ARG CA 43 100.76 36.63 15.73
C ARG CA 43 99.52 36.77 16.60
N THR CA 44 98.48 35.99 16.31
CA THR CA 44 97.27 36.03 17.13
C THR CA 44 97.54 35.56 18.55
N LEU CA 45 98.28 34.46 18.69
CA LEU CA 45 98.56 33.88 20.01
C LEU CA 45 99.94 34.24 20.52
N GLN CA 46 100.48 35.38 20.08
CA GLN CA 46 101.79 35.81 20.54
C GLN CA 46 101.78 36.16 22.03
N TYR CA 47 100.62 36.59 22.54
CA TYR CA 47 100.53 36.97 23.95
C TYR CA 47 100.78 35.80 24.88
N LYS CA 48 100.40 34.59 24.49
CA LYS CA 48 100.70 33.43 25.32
C LYS CA 48 102.19 33.18 25.42
N LEU CA 49 102.93 33.39 24.33
CA LEU CA 49 104.39 33.29 24.40
C LEU CA 49 104.99 34.42 25.23
N LEU CA 50 104.43 35.62 25.12
CA LEU CA 50 104.94 36.74 25.90
C LEU CA 50 104.53 36.65 27.37
N GLU CA 51 103.58 35.76 27.70
CA GLU CA 51 103.05 35.69 29.05
C GLU CA 51 104.09 35.42 30.13
N PRO CA 52 104.99 34.43 30.01
CA PRO CA 52 105.94 34.21 31.12
C PRO CA 52 106.88 35.38 31.35
N VAL CA 53 107.46 35.93 30.28
CA VAL CA 53 108.33 37.08 30.45
C VAL CA 53 107.54 38.29 30.90
N LEU CA 54 106.26 38.37 30.56
CA LEU CA 54 105.44 39.45 31.07
C LEU CA 54 105.23 39.34 32.58
N LEU CA 55 104.95 38.13 33.06
CA LEU CA 55 104.69 37.95 34.48
C LEU CA 55 105.95 37.93 35.33
N LEU CA 56 107.12 37.71 34.73
CA LEU CA 56 108.34 37.68 35.53
C LEU CA 56 109.34 38.79 35.23
N GLY CA 57 109.14 39.61 34.20
CA GLY CA 57 110.06 40.68 33.92
C GLY CA 57 111.37 40.22 33.31
N LYS CA 58 111.96 41.06 32.44
CA LYS CA 58 113.24 40.70 31.85
C LYS CA 58 114.37 40.71 32.87
N GLU CA 59 114.14 41.30 34.05
CA GLU CA 59 115.17 41.32 35.09
C GLU CA 59 115.52 39.91 35.54
N ARG CA 60 114.52 39.05 35.69
CA ARG CA 60 114.79 37.66 36.04
C ARG CA 60 115.39 36.89 34.86
N PHE CA 61 115.28 37.41 33.64
CA PHE CA 61 115.84 36.77 32.46
C PHE CA 61 117.18 37.36 32.05
N ALA CA 62 117.76 38.24 32.87
CA ALA CA 62 118.97 38.94 32.47
C ALA CA 62 120.14 37.99 32.25
N GLY CA 63 120.29 37.01 33.13
CA GLY CA 63 121.37 36.05 33.00
C GLY CA 63 120.94 34.77 32.32
N VAL CA 64 119.90 34.86 31.49
CA VAL CA 64 119.21 33.68 30.97
C VAL CA 64 119.24 33.72 29.45
N ASP CA 65 119.74 32.63 28.85
CA ASP CA 65 119.67 32.40 27.42
C ASP CA 65 118.89 31.13 27.17
N ILE CA 66 117.85 31.23 26.34
CA ILE CA 66 116.94 30.12 26.08
C ILE CA 66 116.94 29.81 24.59
N ARG CA 67 117.15 28.53 24.26
CA ARG CA 67 117.07 28.03 22.91
C ARG CA 67 116.13 26.85 22.90
N VAL CA 68 115.03 26.97 22.17
CA VAL CA 68 113.95 25.98 22.22
C VAL CA 68 113.85 25.28 20.88
N ARG CA 69 113.80 23.95 20.91
CA ARG CA 69 113.60 23.12 19.73
C ARG CA 69 112.30 22.34 19.88
N VAL CA 70 111.49 22.33 18.82
CA VAL CA 70 110.24 21.58 18.79
C VAL CA 70 110.22 20.72 17.55
N LYS CA 71 109.84 19.45 17.70
CA LYS CA 71 109.84 18.51 16.59
C LYS CA 71 108.59 17.61 16.66
N GLY CA 72 107.43 18.22 16.87
CA GLY CA 72 106.21 17.44 16.89
C GLY CA 72 104.99 18.30 17.13
N GLY CA 73 103.83 17.68 16.97
CA GLY CA 73 102.57 18.33 17.23
C GLY CA 73 102.09 19.22 16.11
N GLY CA 74 101.11 20.05 16.44
CA GLY CA 74 100.52 21.03 15.54
C GLY CA 74 101.11 22.40 15.74
N HIS CA 75 100.23 23.42 15.75
CA HIS CA 75 100.65 24.81 15.89
C HIS CA 75 100.40 25.35 17.28
N VAL CA 76 99.15 25.33 17.74
CA VAL CA 76 98.86 25.85 19.07
C VAL CA 76 99.42 24.93 20.14
N ALA CA 77 99.45 23.61 19.87
CA ALA CA 77 100.15 22.70 20.78
C ALA CA 77 101.63 23.04 20.84
N GLN CA 78 102.22 23.43 19.70
CA GLN CA 78 103.60 23.89 19.69
C GLN CA 78 103.77 25.14 20.55
N ILE CA 79 102.83 26.08 20.47
CA ILE CA 79 102.89 27.29 21.28
C ILE CA 79 102.88 26.93 22.76
N TYR CA 80 101.93 26.09 23.17
CA TYR CA 80 101.81 25.73 24.57
C TYR CA 80 103.01 24.94 25.06
N ALA CA 81 103.55 24.04 24.23
CA ALA CA 81 104.78 23.34 24.58
C ALA CA 81 105.93 24.32 24.76
N ILE CA 82 106.03 25.33 23.90
CA ILE CA 82 107.13 26.29 24.01
C ILE CA 82 107.03 27.09 25.30
N ARG CA 83 105.84 27.60 25.61
CA ARG CA 83 105.72 28.43 26.81
C ARG CA 83 105.88 27.60 28.08
N GLN CA 84 105.35 26.37 28.10
CA GLN CA 84 105.58 25.50 29.24
C GLN CA 84 107.07 25.16 29.37
N SER CA 85 107.76 24.98 28.24
CA SER CA 85 109.19 24.72 28.29
C SER CA 85 109.94 25.89 28.90
N ILE CA 86 109.58 27.11 28.50
CA ILE CA 86 110.23 28.30 29.06
C ILE CA 86 110.04 28.35 30.57
N SER CA 87 108.79 28.20 31.01
CA SER CA 87 108.50 28.30 32.44
C SER CA 87 109.20 27.19 33.22
N LYS CA 88 109.13 25.95 32.73
CA LYS CA 88 109.75 24.83 33.43
C LYS CA 88 111.26 24.94 33.48
N ALA CA 89 111.88 25.35 32.37
CA ALA CA 89 113.33 25.53 32.38
C ALA CA 89 113.73 26.64 33.35
N LEU CA 90 112.95 27.72 33.40
CA LEU CA 90 113.29 28.79 34.32
C LEU CA 90 113.19 28.35 35.78
N VAL CA 91 112.12 27.65 36.13
CA VAL CA 91 112.01 27.22 37.53
C VAL CA 91 113.07 26.19 37.87
N ALA CA 92 113.43 25.32 36.91
CA ALA CA 92 114.52 24.38 37.17
C ALA CA 92 115.85 25.11 37.34
N TYR CA 93 116.08 26.16 36.55
CA TYR CA 93 117.31 26.92 36.66
C TYR CA 93 117.42 27.58 38.03
N TYR CA 94 116.35 28.25 38.46
CA TYR CA 94 116.35 28.85 39.79
C TYR CA 94 116.39 27.79 40.89
N GLN CA 95 115.89 26.59 40.61
CA GLN CA 95 115.93 25.53 41.63
C GLN CA 95 117.34 25.04 41.85
N LYS CA 96 118.07 24.74 40.78
CA LYS CA 96 119.35 24.07 40.90
C LYS CA 96 120.55 25.00 40.77
N TYR CA 97 120.36 26.30 40.63
CA TYR CA 97 121.48 27.23 40.61
C TYR CA 97 121.42 28.31 41.67
N VAL CA 98 120.23 28.69 42.14
CA VAL CA 98 120.09 29.62 43.24
C VAL CA 98 119.13 29.02 44.27
N ASP CA 99 118.80 29.83 45.28
CA ASP CA 99 117.98 29.35 46.38
C ASP CA 99 116.55 29.02 45.94
N GLU CA 100 116.04 27.90 46.47
CA GLU CA 100 114.68 27.54 46.16
C GLU CA 100 113.66 28.41 46.90
N ALA CA 101 114.09 29.28 47.81
CA ALA CA 101 113.20 30.35 48.24
C ALA CA 101 112.83 31.24 47.07
N SER CA 102 113.83 31.65 46.28
CA SER CA 102 113.56 32.39 45.05
C SER CA 102 112.80 31.51 44.06
N LYS CA 103 113.16 30.23 43.98
CA LYS CA 103 112.42 29.34 43.08
C LYS CA 103 110.95 29.22 43.48
N LYS CA 104 110.65 29.25 44.78
CA LYS CA 104 109.26 29.17 45.22
C LYS CA 104 108.53 30.47 44.96
N GLU CA 105 109.16 31.61 45.22
CA GLU CA 105 108.50 32.88 44.97
C GLU CA 105 108.41 33.22 43.49
N ILE CA 106 109.07 32.46 42.62
CA ILE CA 106 108.78 32.53 41.19
C ILE CA 106 107.82 31.43 40.73
N LYS CA 107 107.78 30.28 41.42
CA LYS CA 107 106.83 29.23 41.11
C LYS CA 107 105.40 29.68 41.38
N ASP CA 108 105.18 30.35 42.52
CA ASP CA 108 103.82 30.71 42.90
C ASP CA 108 103.22 31.73 41.94
N ILE CA 109 104.05 32.58 41.35
CA ILE CA 109 103.55 33.55 40.38
C ILE CA 109 102.98 32.85 39.15
N LEU CA 110 103.70 31.85 38.66
CA LEU CA 110 103.18 31.06 37.53
C LEU CA 110 101.94 30.28 37.93
N ILE CA 111 101.95 29.67 39.12
CA ILE CA 111 100.85 28.79 39.48
C ILE CA 111 99.59 29.58 39.82
N GLN CA 112 99.72 30.84 40.22
CA GLN CA 112 98.56 31.64 40.55
C GLN CA 112 97.91 32.24 39.31
N TYR CA 113 98.58 32.20 38.16
CA TYR CA 113 98.00 32.73 36.93
C TYR CA 113 97.58 31.60 35.99
N ASP CA 114 98.49 30.67 35.69
CA ASP CA 114 98.18 29.59 34.75
C ASP CA 114 98.94 28.35 35.18
N ARG CA 115 98.20 27.35 35.68
CA ARG CA 115 98.82 26.13 36.14
C ARG CA 115 99.31 25.24 35.00
N THR CA 116 98.89 25.50 33.76
CA THR CA 116 99.36 24.71 32.64
C THR CA 116 100.84 24.97 32.34
N LEU CA 117 101.39 26.08 32.85
CA LEU CA 117 102.80 26.37 32.66
C LEU CA 117 103.71 25.41 33.44
N LEU CA 118 103.17 24.64 34.38
CA LEU CA 118 103.97 23.72 35.17
C LEU CA 118 103.50 22.29 35.11
N VAL CA 119 102.26 22.01 34.70
CA VAL CA 119 101.72 20.66 34.65
C VAL CA 119 101.20 20.40 33.24
N ALA CA 120 101.65 19.32 32.63
CA ALA CA 120 101.22 18.98 31.28
C ALA CA 120 99.77 18.53 31.27
N ASP CA 121 99.13 18.68 30.11
CA ASP CA 121 97.75 18.27 29.95
C ASP CA 121 97.68 16.75 29.77
N PRO CA 122 96.96 16.04 30.63
CA PRO CA 122 96.87 14.58 30.47
C PRO CA 122 96.15 14.15 29.20
N ARG CA 123 95.22 14.95 28.70
CA ARG CA 123 94.45 14.56 27.53
C ARG CA 123 95.34 14.59 26.29
N ARG CA 124 95.32 13.53 25.51
CA ARG CA 124 95.96 13.54 24.19
C ARG CA 124 94.93 13.37 23.08
N CYS CA 125 94.25 12.23 23.04
CA CYS CA 125 93.20 11.91 22.07
C CYS CA 125 92.35 10.80 22.66
N GLU CA 126 91.52 10.19 21.82
CA GLU CA 126 90.78 9.00 22.20
C GLU CA 126 90.64 8.11 20.98
N SER CA 127 90.68 6.80 21.21
CA SER CA 127 90.62 5.84 20.12
C SER CA 127 89.26 5.89 19.42
N LYS CA 128 89.29 5.80 18.10
CA LYS CA 128 88.06 5.74 17.32
C LYS CA 128 87.62 4.29 17.15
N LYS CA 129 86.39 4.01 17.54
CA LYS CA 129 85.85 2.66 17.48
C LYS CA 129 85.19 2.40 16.12
N PHE CA 130 84.97 1.12 15.84
CA PHE CA 130 84.45 0.70 14.55
C PHE CA 130 82.93 0.86 14.43
N GLY CA 131 82.29 1.58 15.36
CA GLY CA 131 80.86 1.75 15.29
C GLY CA 131 80.38 2.97 14.57
N GLY CA 132 81.27 3.92 14.30
CA GLY CA 132 80.89 5.16 13.66
C GLY CA 132 82.08 5.89 13.07
N PRO CA 133 81.87 7.16 12.71
CA PRO CA 133 82.96 7.95 12.12
C PRO CA 133 83.87 8.62 13.14
N GLY CA 134 83.51 8.61 14.41
CA GLY CA 134 84.33 9.23 15.43
C GLY CA 134 84.64 8.32 16.59
N ALA CA 135 85.26 8.88 17.64
CA ALA CA 135 85.55 8.08 18.82
C ALA CA 135 84.27 7.64 19.52
N ARG CA 136 83.31 8.53 19.63
CA ARG CA 136 82.04 8.24 20.31
C ARG CA 136 80.84 8.36 19.41
N ALA CA 137 80.87 9.26 18.43
CA ALA CA 137 79.75 9.42 17.51
C ALA CA 137 79.56 8.15 16.69
N ARG CA 138 78.31 7.79 16.43
CA ARG CA 138 77.99 6.57 15.74
C ARG CA 138 77.36 6.88 14.39
N TYR CA 139 77.45 5.91 13.49
CA TYR CA 139 76.84 6.06 12.17
C TYR CA 139 75.33 6.20 12.32
N GLN CA 140 74.75 7.13 11.58
CA GLN CA 140 73.32 7.40 11.70
C GLN CA 140 72.53 6.20 11.20
N LYS CA 141 71.78 5.57 12.11
CA LYS CA 141 71.00 4.39 11.78
C LYS CA 141 69.54 4.77 11.54
N SER CA 142 68.88 4.01 10.68
CA SER CA 142 67.48 4.19 10.36
C SER CA 142 66.77 2.86 10.41
N TYR CA 143 65.47 2.90 10.68
CA TYR CA 143 64.70 1.69 10.87
C TYR CA 143 63.83 1.34 9.67
N ARG CA 144 63.58 2.30 8.78
CA ARG CA 144 62.70 2.08 7.64
C ARG CA 144 63.40 2.44 6.34
N MET DA 1 92.96 55.62 -8.48
CA MET DA 1 92.76 56.93 -7.86
C MET DA 1 91.32 57.03 -7.36
N SER DA 2 90.54 55.97 -7.62
CA SER DA 2 89.12 55.93 -7.28
C SER DA 2 88.39 57.12 -7.90
N LEU DA 3 88.72 57.43 -9.14
CA LEU DA 3 88.16 58.59 -9.82
C LEU DA 3 86.69 58.35 -10.14
N VAL DA 4 86.04 59.38 -10.66
CA VAL DA 4 84.63 59.31 -11.01
C VAL DA 4 84.46 58.45 -12.26
N ILE DA 5 83.23 58.05 -12.54
CA ILE DA 5 82.96 57.27 -13.74
C ILE DA 5 83.18 58.15 -14.97
N PRO DA 6 83.90 57.69 -15.98
CA PRO DA 6 84.05 58.48 -17.20
C PRO DA 6 82.72 58.64 -17.91
N GLU DA 7 82.58 59.75 -18.64
CA GLU DA 7 81.34 60.02 -19.35
C GLU DA 7 81.06 58.95 -20.40
N LYS DA 8 82.09 58.53 -21.13
CA LYS DA 8 81.95 57.49 -22.14
C LYS DA 8 82.20 56.10 -21.55
N PHE DA 9 81.44 55.79 -20.51
CA PHE DA 9 81.48 54.47 -19.86
C PHE DA 9 80.20 53.74 -20.20
N GLN DA 10 80.33 52.52 -20.72
CA GLN DA 10 79.19 51.71 -21.13
C GLN DA 10 78.88 50.68 -20.07
N HIS DA 11 77.67 50.73 -19.51
CA HIS DA 11 77.29 49.77 -18.49
C HIS DA 11 77.11 48.37 -19.05
N ILE DA 12 76.86 48.24 -20.35
CA ILE DA 12 76.89 46.94 -21.02
C ILE DA 12 77.66 47.11 -22.31
N LEU DA 13 78.24 46.01 -22.79
CA LEU DA 13 78.98 46.00 -24.04
C LEU DA 13 78.48 44.89 -24.94
N ARG DA 14 78.22 45.23 -26.20
CA ARG DA 14 77.83 44.26 -27.21
C ARG DA 14 79.10 43.69 -27.84
N VAL DA 15 79.32 42.40 -27.64
CA VAL DA 15 80.46 41.70 -28.22
C VAL DA 15 79.95 40.45 -28.91
N LEU DA 16 80.51 40.16 -30.09
CA LEU DA 16 80.14 39.00 -30.89
C LEU DA 16 78.65 38.94 -31.15
N ASN DA 17 77.93 38.12 -30.38
CA ASN DA 17 76.49 38.01 -30.52
C ASN DA 17 75.78 38.08 -29.18
N THR DA 18 76.47 38.51 -28.12
CA THR DA 18 75.91 38.58 -26.78
C THR DA 18 76.32 39.88 -26.13
N ASN DA 19 75.97 40.03 -24.86
CA ASN DA 19 76.25 41.23 -24.10
C ASN DA 19 76.93 40.88 -22.78
N ILE DA 20 77.75 41.80 -22.30
CA ILE DA 20 78.42 41.66 -21.00
C ILE DA 20 77.95 42.80 -20.11
N ASP DA 21 78.43 42.81 -18.87
CA ASP DA 21 78.10 43.87 -17.92
C ASP DA 21 79.34 44.72 -17.66
N GLY DA 22 79.23 46.03 -17.90
CA GLY DA 22 80.33 46.92 -17.61
C GLY DA 22 80.49 47.23 -16.13
N ARG DA 23 79.49 46.89 -15.33
CA ARG DA 23 79.55 47.21 -13.90
C ARG DA 23 80.51 46.32 -13.15
N ARG DA 24 80.97 45.24 -13.76
CA ARG DA 24 81.92 44.33 -13.13
C ARG DA 24 83.28 44.45 -13.78
N LYS DA 25 84.26 43.78 -13.18
CA LYS DA 25 85.63 43.78 -13.66
C LYS DA 25 85.69 43.11 -15.02
N ILE DA 26 86.64 43.52 -15.86
CA ILE DA 26 86.69 43.05 -17.24
C ILE DA 26 86.94 41.54 -17.31
N ALA DA 27 87.87 41.03 -16.49
CA ALA DA 27 88.33 39.65 -16.63
C ALA DA 27 87.25 38.65 -16.31
N PHE DA 28 86.20 39.07 -15.61
CA PHE DA 28 85.03 38.25 -15.36
C PHE DA 28 83.82 38.70 -16.15
N ALA DA 29 83.82 39.95 -16.63
CA ALA DA 29 82.74 40.42 -17.49
C ALA DA 29 82.77 39.70 -18.83
N ILE DA 30 83.97 39.51 -19.41
CA ILE DA 30 84.04 38.85 -20.71
C ILE DA 30 83.70 37.37 -20.63
N THR DA 31 83.68 36.80 -19.43
CA THR DA 31 83.26 35.40 -19.26
C THR DA 31 81.77 35.21 -19.51
N ALA DA 32 81.00 36.29 -19.59
CA ALA DA 32 79.58 36.17 -19.90
C ALA DA 32 79.33 35.63 -21.30
N ILE DA 33 80.32 35.74 -22.19
CA ILE DA 33 80.19 35.20 -23.54
C ILE DA 33 80.23 33.67 -23.46
N LYS DA 34 79.31 33.03 -24.17
CA LYS DA 34 79.31 31.58 -24.25
C LYS DA 34 80.60 31.09 -24.91
N GLY DA 35 81.26 30.13 -24.27
CA GLY DA 35 82.50 29.59 -24.76
C GLY DA 35 83.75 30.23 -24.19
N VAL DA 36 83.64 31.42 -23.61
CA VAL DA 36 84.76 32.12 -23.02
C VAL DA 36 84.78 31.80 -21.53
N GLY DA 37 85.82 31.10 -21.09
CA GLY DA 37 85.95 30.72 -19.70
C GLY DA 37 86.86 31.66 -18.91
N ARG DA 38 86.98 31.36 -17.62
CA ARG DA 38 87.72 32.23 -16.72
C ARG DA 38 89.22 32.21 -17.02
N ARG DA 39 89.79 31.01 -17.16
CA ARG DA 39 91.20 30.89 -17.50
C ARG DA 39 91.49 31.43 -18.89
N TYR DA 40 90.57 31.17 -19.84
CA TYR DA 40 90.75 31.70 -21.19
C TYR DA 40 90.77 33.22 -21.17
N ALA DA 41 89.89 33.83 -20.39
CA ALA DA 41 89.91 35.28 -20.23
C ALA DA 41 91.21 35.76 -19.61
N HIS DA 42 91.62 35.10 -18.53
CA HIS DA 42 92.81 35.51 -17.80
C HIS DA 42 94.09 35.29 -18.58
N VAL DA 43 94.06 34.53 -19.66
CA VAL DA 43 95.22 34.45 -20.55
C VAL DA 43 95.09 35.39 -21.75
N VAL DA 44 93.89 35.59 -22.30
CA VAL DA 44 93.79 36.45 -23.47
C VAL DA 44 94.01 37.91 -23.09
N LEU DA 45 93.60 38.31 -21.88
CA LEU DA 45 93.85 39.69 -21.48
C LEU DA 45 95.34 39.95 -21.27
N ARG DA 46 96.05 38.98 -20.68
CA ARG DA 46 97.49 39.14 -20.51
C ARG DA 46 98.19 39.21 -21.86
N LYS DA 47 97.76 38.39 -22.82
CA LYS DA 47 98.38 38.46 -24.13
C LYS DA 47 97.92 39.65 -24.96
N ALA DA 48 96.78 40.26 -24.61
CA ALA DA 48 96.29 41.44 -25.30
C ALA DA 48 96.72 42.73 -24.62
N ASP DA 49 97.47 42.63 -23.52
CA ASP DA 49 98.16 43.77 -22.91
C ASP DA 49 97.17 44.86 -22.46
N ILE DA 50 96.35 44.50 -21.49
CA ILE DA 50 95.47 45.45 -20.83
C ILE DA 50 95.76 45.41 -19.34
N ASP DA 51 95.14 46.34 -18.61
CA ASP DA 51 95.23 46.38 -17.16
C ASP DA 51 94.05 45.63 -16.56
N LEU DA 52 94.32 44.71 -15.64
CA LEU DA 52 93.22 43.95 -15.05
C LEU DA 52 92.41 44.80 -14.10
N THR DA 53 93.03 45.77 -13.43
CA THR DA 53 92.38 46.50 -12.34
C THR DA 53 91.25 47.40 -12.81
N LYS DA 54 91.11 47.63 -14.10
CA LYS DA 54 90.08 48.48 -14.62
C LYS DA 54 88.82 47.68 -14.93
N ARG DA 55 87.68 48.39 -14.99
CA ARG DA 55 86.41 47.74 -15.23
C ARG DA 55 86.16 47.62 -16.74
N ALA DA 56 84.97 47.13 -17.09
CA ALA DA 56 84.71 46.78 -18.48
C ALA DA 56 84.36 47.99 -19.32
N GLY DA 57 83.50 48.87 -18.82
CA GLY DA 57 82.93 49.91 -19.66
C GLY DA 57 83.92 50.97 -20.11
N GLU DA 58 85.00 51.14 -19.36
CA GLU DA 58 86.02 52.12 -19.71
C GLU DA 58 87.12 51.55 -20.60
N LEU DA 59 86.99 50.32 -21.09
CA LEU DA 59 87.79 49.88 -22.22
C LEU DA 59 87.42 50.68 -23.45
N THR DA 60 88.42 51.12 -24.20
CA THR DA 60 88.18 51.97 -25.35
C THR DA 60 87.63 51.13 -26.50
N GLU DA 61 87.13 51.83 -27.51
CA GLU DA 61 86.50 51.18 -28.65
C GLU DA 61 87.51 50.36 -29.46
N ASP DA 62 88.74 50.85 -29.58
CA ASP DA 62 89.78 50.09 -30.26
C ASP DA 62 90.27 48.94 -29.40
N GLU DA 63 90.30 49.13 -28.08
CA GLU DA 63 90.72 48.05 -27.19
C GLU DA 63 89.73 46.90 -27.23
N VAL DA 64 88.43 47.22 -27.37
CA VAL DA 64 87.41 46.18 -27.42
C VAL DA 64 87.63 45.28 -28.63
N GLU DA 65 87.80 45.88 -29.81
CA GLU DA 65 88.01 45.09 -31.01
C GLU DA 65 89.38 44.41 -30.99
N ARG DA 66 90.38 45.02 -30.33
CA ARG DA 66 91.67 44.35 -30.18
C ARG DA 66 91.53 43.08 -29.37
N VAL DA 67 90.82 43.14 -28.26
CA VAL DA 67 90.54 41.94 -27.47
C VAL DA 67 89.73 40.94 -28.29
N ILE DA 68 88.78 41.45 -29.08
CA ILE DA 68 87.92 40.59 -29.89
C ILE DA 68 88.75 39.78 -30.87
N THR DA 69 89.64 40.45 -31.60
CA THR DA 69 90.46 39.73 -32.57
C THR DA 69 91.53 38.87 -31.90
N ILE DA 70 92.02 39.27 -30.72
CA ILE DA 70 92.96 38.43 -29.99
C ILE DA 70 92.30 37.11 -29.62
N MET DA 71 91.09 37.16 -29.09
CA MET DA 71 90.38 35.93 -28.75
C MET DA 71 89.99 35.14 -29.99
N GLN DA 72 89.62 35.84 -31.06
CA GLN DA 72 89.14 35.15 -32.25
C GLN DA 72 90.28 34.48 -33.03
N ASN DA 73 91.51 34.99 -32.91
CA ASN DA 73 92.66 34.44 -33.61
C ASN DA 73 93.72 34.08 -32.59
N PRO DA 74 93.55 32.96 -31.89
CA PRO DA 74 94.49 32.62 -30.81
C PRO DA 74 95.79 32.01 -31.29
N ARG DA 75 95.81 31.42 -32.48
CA ARG DA 75 97.01 30.70 -32.93
C ARG DA 75 98.17 31.66 -33.16
N GLN DA 76 97.91 32.84 -33.69
CA GLN DA 76 98.95 33.77 -34.11
C GLN DA 76 99.34 34.74 -33.01
N TYR DA 77 99.10 34.40 -31.75
CA TYR DA 77 99.55 35.24 -30.64
C TYR DA 77 100.09 34.38 -29.51
N LYS DA 78 100.74 33.27 -29.86
CA LYS DA 78 101.44 32.38 -28.93
C LYS DA 78 100.53 31.81 -27.84
N ILE DA 79 99.21 31.79 -28.07
CA ILE DA 79 98.35 31.04 -27.16
C ILE DA 79 98.62 29.55 -27.34
N PRO DA 80 98.87 28.80 -26.28
CA PRO DA 80 99.20 27.38 -26.43
C PRO DA 80 98.08 26.61 -27.09
N ASP DA 81 98.45 25.64 -27.93
CA ASP DA 81 97.47 24.88 -28.69
C ASP DA 81 96.58 24.06 -27.78
N TRP DA 82 97.04 23.76 -26.57
CA TRP DA 82 96.32 22.92 -25.65
C TRP DA 82 95.34 23.69 -24.78
N PHE DA 83 95.18 24.99 -25.02
CA PHE DA 83 94.30 25.82 -24.21
C PHE DA 83 92.95 26.03 -24.89
N LEU DA 84 92.73 25.45 -26.06
CA LEU DA 84 91.54 25.73 -26.85
C LEU DA 84 90.44 24.71 -26.55
N ASN DA 85 89.41 24.70 -27.40
CA ASN DA 85 88.26 23.82 -27.23
C ASN DA 85 88.15 22.80 -28.36
N ARG DA 86 88.05 23.26 -29.60
CA ARG DA 86 87.94 22.37 -30.75
C ARG DA 86 89.32 22.04 -31.29
N GLN DA 87 90.11 21.42 -30.43
CA GLN DA 87 91.45 20.98 -30.77
C GLN DA 87 91.39 19.65 -31.50
N LYS DA 88 92.20 19.51 -32.56
CA LYS DA 88 92.24 18.30 -33.37
C LYS DA 88 90.84 17.97 -33.90
N ASP DA 89 90.34 18.87 -34.74
CA ASP DA 89 88.92 18.95 -35.05
C ASP DA 89 88.39 17.64 -35.62
N VAL DA 90 87.16 17.31 -35.20
CA VAL DA 90 86.52 16.07 -35.61
C VAL DA 90 86.23 16.08 -37.11
N LYS DA 91 85.98 17.26 -37.68
CA LYS DA 91 85.65 17.38 -39.10
C LYS DA 91 86.89 17.72 -39.94
N ASP DA 92 87.50 18.87 -39.69
CA ASP DA 92 88.57 19.37 -40.56
C ASP DA 92 89.93 19.38 -39.89
N GLY DA 93 90.06 18.78 -38.71
CA GLY DA 93 91.34 18.59 -38.06
C GLY DA 93 92.02 19.83 -37.53
N LYS DA 94 91.53 21.02 -37.83
CA LYS DA 94 92.22 22.23 -37.41
C LYS DA 94 92.07 22.44 -35.90
N TYR DA 95 93.13 22.95 -35.29
CA TYR DA 95 93.16 23.28 -33.87
C TYR DA 95 92.59 24.68 -33.70
N SER DA 96 91.27 24.78 -33.63
CA SER DA 96 90.57 26.05 -33.54
C SER DA 96 89.88 26.18 -32.21
N GLN DA 97 89.43 27.40 -31.92
CA GLN DA 97 88.72 27.73 -30.69
C GLN DA 97 87.56 28.65 -31.04
N VAL DA 98 86.34 28.23 -30.68
CA VAL DA 98 85.12 28.96 -31.01
C VAL DA 98 84.46 29.44 -29.73
N LEU DA 99 83.95 30.67 -29.74
CA LEU DA 99 83.52 31.34 -28.52
C LEU DA 99 82.21 32.10 -28.74
N ALA DA 100 81.28 31.51 -29.48
CA ALA DA 100 80.03 32.21 -29.79
C ALA DA 100 78.92 31.18 -29.96
N ASN DA 101 77.83 31.60 -30.59
CA ASN DA 101 76.82 30.65 -31.03
C ASN DA 101 77.35 29.72 -32.10
N GLY DA 102 78.50 30.05 -32.69
CA GLY DA 102 79.24 29.08 -33.47
C GLY DA 102 79.58 27.84 -32.66
N LEU DA 103 79.93 28.02 -31.38
CA LEU DA 103 80.14 26.87 -30.51
C LEU DA 103 78.87 26.06 -30.35
N ASP DA 104 77.73 26.74 -30.20
CA ASP DA 104 76.46 26.02 -30.03
C ASP DA 104 76.11 25.21 -31.26
N ASN DA 105 76.20 25.82 -32.44
CA ASN DA 105 75.89 25.07 -33.65
C ASN DA 105 76.95 24.04 -33.99
N LYS DA 106 78.19 24.22 -33.54
CA LYS DA 106 79.19 23.18 -33.72
C LYS DA 106 78.93 22.00 -32.81
N LEU DA 107 78.50 22.28 -31.57
CA LEU DA 107 78.10 21.21 -30.65
C LEU DA 107 76.91 20.45 -31.20
N ARG DA 108 75.93 21.17 -31.76
CA ARG DA 108 74.81 20.50 -32.40
C ARG DA 108 75.25 19.74 -33.65
N GLU DA 109 76.26 20.24 -34.36
CA GLU DA 109 76.80 19.52 -35.51
C GLU DA 109 77.38 18.18 -35.08
N ASP DA 110 78.16 18.19 -34.00
CA ASP DA 110 78.70 16.93 -33.47
C ASP DA 110 77.58 16.03 -32.97
N LEU DA 111 76.56 16.61 -32.34
CA LEU DA 111 75.44 15.82 -31.83
C LEU DA 111 74.70 15.12 -32.95
N GLU DA 112 74.40 15.84 -34.04
CA GLU DA 112 73.73 15.21 -35.16
C GLU DA 112 74.66 14.27 -35.93
N ARG DA 113 75.97 14.49 -35.85
CA ARG DA 113 76.90 13.49 -36.37
C ARG DA 113 76.77 12.17 -35.62
N LEU DA 114 76.74 12.24 -34.29
CA LEU DA 114 76.54 11.03 -33.49
C LEU DA 114 75.18 10.40 -33.78
N LYS DA 115 74.13 11.21 -33.91
CA LYS DA 115 72.82 10.66 -34.23
C LYS DA 115 72.81 9.98 -35.59
N LYS DA 116 73.43 10.60 -36.59
CA LYS DA 116 73.44 10.02 -37.94
C LYS DA 116 74.23 8.71 -37.95
N ILE DA 117 75.38 8.67 -37.28
CA ILE DA 117 76.12 7.41 -37.17
C ILE DA 117 75.47 6.45 -36.20
N ARG DA 118 74.40 6.86 -35.52
CA ARG DA 118 73.63 6.06 -34.55
C ARG DA 118 74.56 5.26 -33.62
N ALA DA 119 75.57 5.94 -33.10
CA ALA DA 119 76.44 5.34 -32.10
C ALA DA 119 75.73 5.27 -30.76
N HIS DA 120 76.39 4.60 -29.80
CA HIS DA 120 75.80 4.46 -28.47
C HIS DA 120 75.60 5.82 -27.81
N ARG DA 121 76.63 6.68 -27.85
CA ARG DA 121 76.51 8.00 -27.27
C ARG DA 121 75.45 8.84 -27.98
N GLY DA 122 75.37 8.72 -29.31
CA GLY DA 122 74.36 9.46 -30.03
C GLY DA 122 72.96 9.03 -29.67
N LEU DA 123 72.74 7.72 -29.55
CA LEU DA 123 71.42 7.22 -29.14
C LEU DA 123 71.08 7.67 -27.74
N ARG DA 124 72.05 7.62 -26.82
CA ARG DA 124 71.79 8.05 -25.45
C ARG DA 124 71.45 9.53 -25.41
N HIS DA 125 72.18 10.35 -26.17
CA HIS DA 125 71.88 11.78 -26.24
C HIS DA 125 70.49 12.02 -26.83
N PHE DA 126 70.15 11.28 -27.89
CA PHE DA 126 68.85 11.46 -28.52
C PHE DA 126 67.71 11.08 -27.57
N TRP DA 127 67.90 10.03 -26.80
CA TRP DA 127 66.89 9.64 -25.83
C TRP DA 127 66.91 10.50 -24.57
N GLY DA 128 67.95 11.29 -24.37
CA GLY DA 128 68.06 12.11 -23.19
C GLY DA 128 68.65 11.43 -21.98
N LEU DA 129 69.11 10.19 -22.12
CA LEU DA 129 69.74 9.48 -21.02
C LEU DA 129 71.17 9.99 -20.83
N ARG DA 130 71.83 9.46 -19.80
CA ARG DA 130 73.23 9.75 -19.60
C ARG DA 130 74.06 9.08 -20.69
N VAL DA 131 75.26 9.63 -20.93
CA VAL DA 131 76.12 9.10 -21.97
C VAL DA 131 77.45 8.57 -21.42
N ARG DA 132 77.90 9.03 -20.26
CA ARG DA 132 79.21 8.66 -19.75
C ARG DA 132 79.16 7.41 -18.86
N GLY DA 133 78.06 6.68 -18.89
CA GLY DA 133 77.97 5.43 -18.16
C GLY DA 133 77.70 5.56 -16.68
N GLN DA 134 77.42 6.77 -16.20
CA GLN DA 134 77.03 6.94 -14.80
C GLN DA 134 75.66 6.33 -14.56
N HIS DA 135 75.44 5.90 -13.32
CA HIS DA 135 74.24 5.14 -12.99
C HIS DA 135 72.99 5.99 -13.09
N THR DA 136 71.92 5.40 -13.62
CA THR DA 136 70.63 6.06 -13.70
C THR DA 136 69.61 5.45 -12.75
N LYS DA 137 70.05 4.65 -11.79
CA LYS DA 137 69.13 3.98 -10.88
C LYS DA 137 68.39 4.98 -10.01
N THR DA 138 69.11 5.95 -9.44
CA THR DA 138 68.55 6.82 -8.41
C THR DA 138 68.80 8.31 -8.70
N THR DA 139 69.18 8.65 -9.93
CA THR DA 139 69.40 10.05 -10.28
C THR DA 139 68.76 10.33 -11.63
N GLY DA 140 68.72 11.61 -11.98
CA GLY DA 140 68.10 11.99 -13.24
C GLY DA 140 66.60 11.93 -13.24
N ARG DA 141 65.97 11.89 -12.06
CA ARG DA 141 64.52 11.86 -11.98
C ARG DA 141 63.90 13.25 -12.08
N ARG DA 142 64.71 14.30 -11.94
CA ARG DA 142 64.19 15.66 -12.12
C ARG DA 142 63.73 15.89 -13.55
N GLY DA 143 64.45 15.33 -14.51
CA GLY DA 143 64.07 15.48 -15.90
C GLY DA 143 62.85 14.72 -16.34
N ARG DA 144 62.28 13.90 -15.46
CA ARG DA 144 61.07 13.14 -15.75
C ARG DA 144 59.89 13.50 -14.87
N THR DA 145 60.09 13.62 -13.56
CA THR DA 145 59.01 14.05 -12.67
C THR DA 145 59.49 15.20 -11.78
N PRO EA 1 125.25 44.19 15.03
CA PRO EA 1 124.26 44.44 13.99
C PRO EA 1 124.01 43.22 13.11
N GLY EA 2 124.32 42.03 13.61
CA GLY EA 2 124.14 40.81 12.85
C GLY EA 2 122.70 40.52 12.53
N VAL EA 3 122.35 40.50 11.24
CA VAL EA 3 120.98 40.27 10.79
C VAL EA 3 120.91 38.91 10.09
N THR EA 4 119.96 38.09 10.49
CA THR EA 4 119.69 36.81 9.88
C THR EA 4 118.25 36.80 9.40
N VAL EA 5 118.00 36.11 8.27
CA VAL EA 5 116.66 36.03 7.72
C VAL EA 5 115.71 35.38 8.72
N LYS EA 6 116.22 34.48 9.57
CA LYS EA 6 115.39 33.88 10.62
C LYS EA 6 115.05 34.86 11.72
N ASP EA 7 115.70 36.01 11.77
CA ASP EA 7 115.45 36.99 12.82
C ASP EA 7 114.34 37.97 12.49
N VAL EA 8 113.77 37.90 11.29
CA VAL EA 8 112.70 38.81 10.86
C VAL EA 8 111.56 37.98 10.29
N ASN EA 9 110.48 38.67 9.92
CA ASN EA 9 109.35 38.01 9.30
C ASN EA 9 109.72 37.49 7.93
N GLN EA 10 109.41 36.21 7.70
CA GLN EA 10 109.71 35.61 6.40
C GLN EA 10 108.77 36.13 5.32
N GLN EA 11 107.53 36.44 5.70
CA GLN EA 11 106.55 36.90 4.71
C GLN EA 11 106.92 38.27 4.17
N GLU EA 12 107.48 39.14 5.02
CA GLU EA 12 108.00 40.40 4.51
C GLU EA 12 109.31 40.19 3.75
N PHE EA 13 110.11 39.20 4.18
CA PHE EA 13 111.38 38.95 3.53
C PHE EA 13 111.19 38.48 2.09
N VAL EA 14 110.18 37.66 1.85
CA VAL EA 14 109.98 37.18 0.48
C VAL EA 14 109.58 38.33 -0.43
N ARG EA 15 108.79 39.28 0.08
CA ARG EA 15 108.48 40.47 -0.70
C ARG EA 15 109.74 41.30 -0.95
N ALA EA 16 110.56 41.47 0.08
CA ALA EA 16 111.77 42.28 -0.05
C ALA EA 16 112.72 41.70 -1.09
N LEU EA 17 112.89 40.38 -1.09
CA LEU EA 17 113.81 39.78 -2.04
C LEU EA 17 113.19 39.64 -3.43
N ALA EA 18 111.85 39.52 -3.51
CA ALA EA 18 111.19 39.57 -4.81
C ALA EA 18 111.38 40.93 -5.44
N ALA EA 19 111.37 42.00 -4.64
CA ALA EA 19 111.72 43.33 -5.14
C ALA EA 19 113.15 43.37 -5.66
N PHE EA 20 114.08 42.72 -4.94
CA PHE EA 20 115.47 42.67 -5.37
C PHE EA 20 115.60 42.00 -6.73
N LEU EA 21 114.97 40.84 -6.90
CA LEU EA 21 115.03 40.14 -8.17
C LEU EA 21 114.27 40.88 -9.27
N LYS EA 22 113.23 41.63 -8.92
CA LYS EA 22 112.53 42.43 -9.91
C LYS EA 22 113.41 43.55 -10.44
N LYS EA 23 114.12 44.24 -9.55
CA LYS EA 23 114.98 45.34 -10.00
C LYS EA 23 116.26 44.82 -10.65
N SER EA 24 116.71 43.62 -10.28
CA SER EA 24 117.92 43.03 -10.85
C SER EA 24 117.48 42.07 -11.97
N GLY EA 25 117.48 42.58 -13.20
CA GLY EA 25 117.01 41.82 -14.33
C GLY EA 25 117.97 40.76 -14.82
N LYS EA 26 118.13 39.69 -14.04
CA LYS EA 26 118.96 38.56 -14.44
C LYS EA 26 118.21 37.24 -14.49
N LEU EA 27 116.93 37.22 -14.13
CA LEU EA 27 116.17 35.99 -14.07
C LEU EA 27 115.89 35.45 -15.47
N LYS EA 28 116.11 34.16 -15.65
CA LYS EA 28 115.85 33.48 -16.92
C LYS EA 28 114.37 33.07 -16.93
N VAL EA 29 113.52 33.96 -17.41
CA VAL EA 29 112.08 33.78 -17.38
C VAL EA 29 111.65 33.08 -18.67
N PRO EA 30 110.99 31.92 -18.59
CA PRO EA 30 110.51 31.25 -19.80
C PRO EA 30 109.34 31.99 -20.41
N GLU EA 31 108.99 31.58 -21.63
CA GLU EA 31 108.00 32.30 -22.42
C GLU EA 31 106.56 31.97 -22.04
N TRP EA 32 106.31 30.90 -21.28
CA TRP EA 32 104.95 30.50 -20.97
C TRP EA 32 104.49 30.99 -19.61
N VAL EA 33 105.25 31.88 -18.97
CA VAL EA 33 104.93 32.32 -17.62
C VAL EA 33 103.58 33.03 -17.53
N ASP EA 34 103.06 33.54 -18.65
CA ASP EA 34 101.78 34.21 -18.64
C ASP EA 34 100.60 33.25 -18.79
N THR EA 35 100.85 31.95 -18.94
CA THR EA 35 99.77 31.03 -19.25
C THR EA 35 99.53 29.98 -18.17
N VAL EA 36 100.57 29.28 -17.73
CA VAL EA 36 100.40 28.08 -16.92
C VAL EA 36 99.96 28.41 -15.51
N LYS EA 37 99.51 27.38 -14.78
CA LYS EA 37 99.20 27.49 -13.37
C LYS EA 37 100.33 26.92 -12.54
N LEU EA 38 100.53 27.51 -11.36
CA LEU EA 38 101.62 27.09 -10.48
C LEU EA 38 101.43 25.68 -9.91
N ALA EA 39 100.21 25.17 -9.90
CA ALA EA 39 99.95 23.87 -9.32
C ALA EA 39 98.79 23.21 -10.05
N LYS EA 40 98.78 21.88 -10.02
CA LYS EA 40 97.68 21.13 -10.61
C LYS EA 40 96.38 21.37 -9.87
N HIS EA 41 96.45 21.50 -8.54
CA HIS EA 41 95.26 21.70 -7.72
C HIS EA 41 94.73 23.12 -7.79
N LYS EA 42 95.50 24.07 -8.30
CA LYS EA 42 95.08 25.47 -8.32
C LYS EA 42 94.25 25.74 -9.57
N GLU EA 43 93.03 26.25 -9.35
CA GLU EA 43 92.10 26.46 -10.45
C GLU EA 43 92.42 27.70 -11.27
N LEU EA 44 92.97 28.73 -10.64
CA LEU EA 44 93.09 30.04 -11.28
C LEU EA 44 94.55 30.48 -11.37
N ALA EA 45 94.83 31.26 -12.40
CA ALA EA 45 96.16 31.79 -12.63
C ALA EA 45 96.52 32.80 -11.54
N PRO EA 46 97.81 33.02 -11.29
CA PRO EA 46 98.21 34.02 -10.30
C PRO EA 46 97.82 35.43 -10.75
N TYR EA 47 97.60 36.29 -9.77
CA TYR EA 47 97.20 37.66 -10.06
C TYR EA 47 98.41 38.56 -10.31
N ASP EA 48 99.50 38.34 -9.60
CA ASP EA 48 100.67 39.19 -9.72
C ASP EA 48 101.56 38.73 -10.86
N GLU EA 49 102.04 39.69 -11.66
CA GLU EA 49 102.88 39.37 -12.80
C GLU EA 49 104.28 38.94 -12.39
N ASN EA 50 104.70 39.31 -11.17
CA ASN EA 50 106.02 38.99 -10.66
C ASN EA 50 106.02 37.69 -9.86
N TRP EA 51 105.10 36.78 -10.17
CA TRP EA 51 104.98 35.55 -9.42
C TRP EA 51 106.22 34.68 -9.57
N PHE EA 52 106.88 34.73 -10.73
CA PHE EA 52 108.12 33.98 -10.91
C PHE EA 52 109.19 34.49 -9.95
N TYR EA 53 109.30 35.82 -9.82
CA TYR EA 53 110.22 36.41 -8.85
C TYR EA 53 109.85 36.01 -7.43
N THR EA 54 108.56 36.00 -7.11
CA THR EA 54 108.12 35.59 -5.78
C THR EA 54 108.48 34.14 -5.48
N ARG EA 55 108.28 33.24 -6.45
CA ARG EA 55 108.65 31.84 -6.26
C ARG EA 55 110.15 31.70 -6.07
N ALA EA 56 110.93 32.44 -6.86
CA ALA EA 56 112.39 32.37 -6.71
C ALA EA 56 112.81 32.86 -5.33
N ALA EA 57 112.20 33.95 -4.85
CA ALA EA 57 112.51 34.44 -3.51
C ALA EA 57 112.15 33.41 -2.45
N SER EA 58 110.96 32.81 -2.58
CA SER EA 58 110.50 31.86 -1.57
C SER EA 58 111.39 30.62 -1.54
N THR EA 59 111.79 30.10 -2.71
CA THR EA 59 112.63 28.92 -2.70
C THR EA 59 114.04 29.24 -2.24
N ALA EA 60 114.53 30.45 -2.52
CA ALA EA 60 115.81 30.86 -1.95
C ALA EA 60 115.75 30.89 -0.43
N ARG EA 61 114.66 31.42 0.11
CA ARG EA 61 114.50 31.46 1.55
C ARG EA 61 114.38 30.05 2.13
N HIS EA 62 113.71 29.14 1.42
CA HIS EA 62 113.59 27.76 1.88
C HIS EA 62 114.94 27.05 1.86
N LEU EA 63 115.73 27.26 0.81
CA LEU EA 63 117.06 26.67 0.75
C LEU EA 63 117.98 27.26 1.80
N TYR EA 64 117.73 28.50 2.23
CA TYR EA 64 118.45 29.02 3.38
C TYR EA 64 118.16 28.18 4.62
N LEU EA 65 116.89 27.87 4.86
CA LEU EA 65 116.54 27.10 6.04
C LEU EA 65 117.10 25.69 5.98
N ARG EA 66 117.00 25.05 4.81
CA ARG EA 66 117.59 23.73 4.64
C ARG EA 66 117.91 23.48 3.18
N GLY EA 67 119.10 22.92 2.95
CA GLY EA 67 119.54 22.62 1.60
C GLY EA 67 119.34 21.16 1.23
N GLY EA 68 119.78 20.82 0.02
CA GLY EA 68 119.70 19.47 -0.45
C GLY EA 68 118.35 19.03 -0.97
N ALA EA 69 117.38 19.94 -1.04
CA ALA EA 69 116.03 19.58 -1.44
C ALA EA 69 115.88 19.71 -2.95
N GLY EA 70 115.39 18.65 -3.60
CA GLY EA 70 115.22 18.65 -5.03
C GLY EA 70 113.88 19.21 -5.47
N VAL EA 71 113.59 19.01 -6.76
CA VAL EA 71 112.36 19.53 -7.34
C VAL EA 71 111.15 18.82 -6.74
N GLY EA 72 111.29 17.53 -6.47
CA GLY EA 72 110.22 16.81 -5.79
C GLY EA 72 109.94 17.37 -4.41
N SER EA 73 111.00 17.69 -3.67
CA SER EA 73 110.82 18.31 -2.37
C SER EA 73 110.16 19.68 -2.51
N MET EA 74 110.56 20.45 -3.52
CA MET EA 74 109.96 21.75 -3.75
C MET EA 74 108.47 21.64 -4.02
N THR EA 75 108.08 20.74 -4.93
CA THR EA 75 106.66 20.62 -5.24
C THR EA 75 105.88 20.01 -4.08
N LYS EA 76 106.52 19.18 -3.24
CA LYS EA 76 105.87 18.72 -2.03
C LYS EA 76 105.63 19.87 -1.06
N ILE EA 77 106.59 20.78 -0.95
CA ILE EA 77 106.40 21.97 -0.12
C ILE EA 77 105.30 22.84 -0.67
N TYR EA 78 105.28 23.05 -1.99
CA TYR EA 78 104.35 23.96 -2.64
C TYR EA 78 103.00 23.33 -2.95
N GLY EA 79 102.79 22.07 -2.59
CA GLY EA 79 101.48 21.48 -2.71
C GLY EA 79 100.46 22.16 -1.80
N GLY EA 80 99.20 21.95 -2.12
CA GLY EA 80 98.10 22.61 -1.41
C GLY EA 80 96.89 21.73 -1.28
N ARG EA 81 95.72 22.31 -1.56
CA ARG EA 81 94.44 21.66 -1.35
C ARG EA 81 93.69 21.56 -2.67
N GLN EA 82 93.41 20.33 -3.12
CA GLN EA 82 92.59 20.11 -4.29
C GLN EA 82 91.17 19.80 -3.85
N ARG EA 83 90.22 20.64 -4.24
CA ARG EA 83 88.85 20.46 -3.80
C ARG EA 83 88.17 19.27 -4.46
N ASN EA 84 88.75 18.72 -5.52
CA ASN EA 84 88.31 17.48 -6.16
C ASN EA 84 86.88 17.58 -6.70
N GLY EA 85 86.41 18.79 -6.97
CA GLY EA 85 85.03 18.97 -7.40
C GLY EA 85 84.04 18.58 -6.33
N VAL EA 86 83.18 17.62 -6.64
CA VAL EA 86 82.22 17.14 -5.65
C VAL EA 86 82.82 16.07 -4.74
N MET EA 87 83.91 15.43 -5.15
CA MET EA 87 84.60 14.48 -4.29
C MET EA 87 85.23 15.19 -3.11
N PRO EA 88 85.46 14.48 -2.01
CA PRO EA 88 86.15 15.09 -0.86
C PRO EA 88 87.54 15.56 -1.26
N SER EA 89 87.94 16.67 -0.65
CA SER EA 89 89.20 17.31 -1.01
C SER EA 89 90.39 16.46 -0.58
N HIS EA 90 91.52 16.69 -1.24
CA HIS EA 90 92.73 15.94 -0.97
C HIS EA 90 93.94 16.87 -1.08
N PHE EA 91 95.12 16.29 -0.87
CA PHE EA 91 96.36 17.03 -1.00
C PHE EA 91 97.03 16.69 -2.33
N SER EA 92 97.55 17.72 -2.99
CA SER EA 92 98.25 17.54 -4.25
C SER EA 92 99.45 18.46 -4.31
N ARG EA 93 100.46 18.05 -5.08
CA ARG EA 93 101.68 18.83 -5.24
C ARG EA 93 101.53 19.81 -6.40
N GLY EA 94 102.47 20.77 -6.45
CA GLY EA 94 102.50 21.77 -7.50
C GLY EA 94 103.13 21.25 -8.77
N SER EA 95 103.23 22.15 -9.75
CA SER EA 95 103.82 21.80 -11.03
C SER EA 95 105.31 21.56 -10.87
N LYS EA 96 105.79 20.42 -11.38
CA LYS EA 96 107.21 20.12 -11.29
C LYS EA 96 108.03 21.00 -12.20
N SER EA 97 107.50 21.31 -13.39
CA SER EA 97 108.26 22.08 -14.37
C SER EA 97 108.54 23.50 -13.88
N VAL EA 98 107.58 24.11 -13.19
CA VAL EA 98 107.77 25.47 -12.71
C VAL EA 98 108.91 25.54 -11.71
N ALA EA 99 108.89 24.64 -10.72
CA ALA EA 99 109.97 24.59 -9.73
C ALA EA 99 111.29 24.22 -10.37
N ARG EA 100 111.28 23.29 -11.33
CA ARG EA 100 112.50 22.89 -12.02
C ARG EA 100 113.13 24.08 -12.75
N ARG EA 101 112.31 24.86 -13.45
CA ARG EA 101 112.84 26.01 -14.17
C ARG EA 101 113.27 27.13 -13.22
N VAL EA 102 112.56 27.31 -12.10
CA VAL EA 102 112.99 28.30 -11.11
C VAL EA 102 114.36 27.93 -10.57
N LEU EA 103 114.54 26.65 -10.21
CA LEU EA 103 115.83 26.21 -9.71
C LEU EA 103 116.91 26.35 -10.76
N GLN EA 104 116.59 26.00 -12.02
CA GLN EA 104 117.56 26.11 -13.10
C GLN EA 104 118.00 27.56 -13.30
N ALA EA 105 117.04 28.49 -13.26
CA ALA EA 105 117.37 29.90 -13.35
C ALA EA 105 118.19 30.37 -12.15
N LEU EA 106 117.99 29.75 -10.99
CA LEU EA 106 118.79 30.11 -9.83
C LEU EA 106 120.25 29.74 -9.97
N GLU EA 107 120.60 28.82 -10.88
CA GLU EA 107 122.02 28.64 -11.21
C GLU EA 107 122.55 29.77 -12.08
N GLY EA 108 121.67 30.43 -12.84
CA GLY EA 108 122.12 31.47 -13.75
C GLY EA 108 122.76 32.64 -13.03
N LEU EA 109 122.16 33.06 -11.91
CA LEU EA 109 122.73 34.14 -11.12
C LEU EA 109 123.85 33.65 -10.22
N LYS EA 110 124.11 32.34 -10.20
CA LYS EA 110 125.20 31.72 -9.44
C LYS EA 110 125.07 32.00 -7.94
N MET EA 111 123.94 31.58 -7.39
CA MET EA 111 123.75 31.52 -5.95
C MET EA 111 123.23 30.19 -5.46
N VAL EA 112 122.85 29.29 -6.36
CA VAL EA 112 122.43 27.94 -6.01
C VAL EA 112 123.23 26.96 -6.84
N GLU EA 113 123.79 25.94 -6.19
CA GLU EA 113 124.60 24.94 -6.87
C GLU EA 113 124.15 23.55 -6.46
N LYS EA 114 124.27 22.61 -7.38
CA LYS EA 114 123.88 21.23 -7.11
C LYS EA 114 124.87 20.60 -6.13
N ASP EA 115 124.41 19.58 -5.43
CA ASP EA 115 125.21 18.99 -4.37
C ASP EA 115 125.88 17.70 -4.84
N GLN EA 116 126.81 17.22 -4.01
CA GLN EA 116 127.44 15.93 -4.28
C GLN EA 116 126.43 14.80 -4.21
N ASP EA 117 125.45 14.91 -3.31
CA ASP EA 117 124.33 14.01 -3.27
C ASP EA 117 123.18 14.61 -4.09
N GLY EA 118 121.98 14.06 -3.93
CA GLY EA 118 120.84 14.58 -4.66
C GLY EA 118 120.45 15.97 -4.18
N GLY EA 119 119.86 16.74 -5.09
CA GLY EA 119 119.39 18.06 -4.76
C GLY EA 119 120.45 19.14 -4.92
N ARG EA 120 120.07 20.35 -4.53
CA ARG EA 120 120.94 21.51 -4.64
C ARG EA 120 120.84 22.34 -3.37
N LYS EA 121 121.92 23.07 -3.09
CA LYS EA 121 122.02 23.94 -1.93
C LYS EA 121 122.44 25.33 -2.38
N LEU EA 122 122.60 26.22 -1.40
CA LEU EA 122 123.02 27.58 -1.69
C LEU EA 122 124.54 27.68 -1.72
N THR EA 123 125.04 28.52 -2.62
CA THR EA 123 126.46 28.89 -2.62
C THR EA 123 126.74 29.85 -1.46
N PRO EA 124 128.00 29.99 -1.06
CA PRO EA 124 128.34 31.05 -0.10
C PRO EA 124 127.97 32.43 -0.61
N GLN EA 125 128.02 32.64 -1.92
CA GLN EA 125 127.52 33.90 -2.49
C GLN EA 125 126.04 34.10 -2.17
N GLY EA 126 125.22 33.06 -2.36
CA GLY EA 126 123.83 33.17 -2.00
C GLY EA 126 123.62 33.37 -0.51
N GLN EA 127 124.42 32.68 0.31
CA GLN EA 127 124.32 32.85 1.75
C GLN EA 127 124.68 34.27 2.16
N ARG EA 128 125.57 34.92 1.41
CA ARG EA 128 125.83 36.34 1.62
C ARG EA 128 124.62 37.18 1.24
N ASP EA 129 124.07 36.93 0.04
CA ASP EA 129 123.01 37.80 -0.48
C ASP EA 129 121.75 37.74 0.37
N LEU EA 130 121.38 36.55 0.85
CA LEU EA 130 120.16 36.42 1.65
C LEU EA 130 120.19 37.30 2.88
N ASP EA 131 121.27 37.21 3.67
CA ASP EA 131 121.36 38.04 4.86
C ASP EA 131 121.62 39.51 4.52
N ARG EA 132 122.28 39.77 3.39
CA ARG EA 132 122.46 41.15 2.96
C ARG EA 132 121.11 41.81 2.70
N ILE EA 133 120.20 41.09 2.05
CA ILE EA 133 118.85 41.61 1.86
C ILE EA 133 118.09 41.64 3.18
N ALA EA 134 118.32 40.66 4.06
CA ALA EA 134 117.66 40.66 5.36
C ALA EA 134 118.01 41.88 6.20
N GLY EA 135 119.23 42.40 6.06
CA GLY EA 135 119.62 43.57 6.83
C GLY EA 135 118.74 44.77 6.58
N GLN EA 136 118.47 45.08 5.30
CA GLN EA 136 117.68 46.25 4.98
C GLN EA 136 116.21 46.07 5.36
N VAL EA 137 115.66 44.88 5.23
CA VAL EA 137 114.27 44.69 5.64
C VAL EA 137 114.15 44.74 7.16
N ALA EA 138 115.16 44.27 7.88
CA ALA EA 138 115.16 44.45 9.33
C ALA EA 138 115.24 45.92 9.71
N ALA EA 139 116.07 46.69 9.00
CA ALA EA 139 116.17 48.12 9.26
C ALA EA 139 114.84 48.82 8.99
N ALA EA 140 114.18 48.44 7.89
CA ALA EA 140 112.88 49.04 7.57
C ALA EA 140 111.83 48.67 8.60
N ASN EA 141 111.83 47.41 9.06
CA ASN EA 141 110.87 46.99 10.08
C ASN EA 141 111.10 47.73 11.39
N LYS EA 142 112.35 47.91 11.78
CA LYS EA 142 112.63 48.67 12.99
C LYS EA 142 112.24 50.12 12.84
N LYS EA 143 112.54 50.73 11.70
CA LYS EA 143 112.21 52.13 11.45
C LYS EA 143 111.09 52.25 10.42
CA ALA FA 1 142.90 -9.51 15.27
C ALA FA 1 141.62 -8.79 15.65
N ILE FA 2 141.57 -7.49 15.32
CA ILE FA 2 140.40 -6.68 15.64
C ILE FA 2 139.21 -7.16 14.83
N HIS FA 3 138.06 -7.32 15.49
CA HIS FA 3 136.85 -7.72 14.79
C HIS FA 3 135.66 -7.02 15.41
N ARG FA 4 134.63 -6.81 14.58
CA ARG FA 4 133.44 -6.07 14.99
C ARG FA 4 132.23 -6.79 14.42
N ILE FA 5 131.43 -7.41 15.29
CA ILE FA 5 130.29 -8.22 14.90
C ILE FA 5 129.04 -7.70 15.61
N ARG FA 6 128.00 -7.43 14.82
CA ARG FA 6 126.71 -7.00 15.30
C ARG FA 6 125.78 -8.21 15.40
N ILE FA 7 125.13 -8.35 16.55
CA ILE FA 7 124.16 -9.42 16.80
C ILE FA 7 122.83 -8.77 17.09
N THR FA 8 121.80 -9.17 16.34
CA THR FA 8 120.46 -8.69 16.58
C THR FA 8 119.52 -9.86 16.83
N LEU FA 9 118.57 -9.65 17.73
CA LEU FA 9 117.62 -10.66 18.16
C LEU FA 9 116.21 -10.13 17.97
N THR FA 10 115.31 -11.00 17.49
CA THR FA 10 113.95 -10.58 17.23
C THR FA 10 112.99 -11.73 17.54
N SER FA 11 111.91 -11.44 18.24
CA SER FA 11 110.97 -12.48 18.63
C SER FA 11 109.56 -11.90 18.68
N ARG FA 12 108.63 -12.72 19.16
CA ARG FA 12 107.24 -12.32 19.33
C ARG FA 12 106.87 -11.99 20.77
N ASN FA 13 107.59 -12.55 21.74
CA ASN FA 13 107.29 -12.33 23.15
C ASN FA 13 108.45 -11.60 23.80
N VAL FA 14 108.12 -10.82 24.84
CA VAL FA 14 109.12 -9.95 25.46
C VAL FA 14 109.97 -10.72 26.46
N LYS FA 15 109.38 -11.68 27.17
CA LYS FA 15 110.06 -12.28 28.31
C LYS FA 15 111.27 -13.09 27.87
N SER FA 16 111.06 -14.07 26.99
CA SER FA 16 112.19 -14.88 26.52
C SER FA 16 113.18 -14.05 25.73
N LEU FA 17 112.71 -13.01 25.04
CA LEU FA 17 113.63 -12.14 24.32
C LEU FA 17 114.53 -11.37 25.28
N GLU FA 18 113.99 -10.88 26.39
CA GLU FA 18 114.82 -10.26 27.41
C GLU FA 18 115.78 -11.26 28.03
N LYS FA 19 115.33 -12.50 28.23
CA LYS FA 19 116.21 -13.52 28.78
C LYS FA 19 117.39 -13.80 27.85
N VAL FA 20 117.11 -13.95 26.55
CA VAL FA 20 118.15 -14.26 25.59
C VAL FA 20 119.01 -13.04 25.28
N CYS FA 21 118.52 -11.84 25.59
CA CYS FA 21 119.39 -10.67 25.54
C CYS FA 21 120.30 -10.62 26.76
N ALA FA 22 119.78 -10.99 27.93
CA ALA FA 22 120.53 -10.84 29.16
C ALA FA 22 121.64 -11.88 29.30
N ASP FA 23 121.34 -13.13 28.95
CA ASP FA 23 122.33 -14.19 29.16
C ASP FA 23 123.54 -14.02 28.25
N LEU FA 24 123.34 -13.51 27.03
CA LEU FA 24 124.46 -13.30 26.12
C LEU FA 24 125.44 -12.27 26.69
N ILE FA 25 124.94 -11.13 27.16
CA ILE FA 25 125.83 -10.14 27.75
C ILE FA 25 126.38 -10.62 29.09
N ARG FA 26 125.64 -11.46 29.82
CA ARG FA 26 126.15 -12.01 31.06
C ARG FA 26 127.35 -12.91 30.80
N GLY FA 27 127.30 -13.72 29.74
CA GLY FA 27 128.47 -14.44 29.29
C GLY FA 27 129.57 -13.56 28.73
N ALA FA 28 129.19 -12.47 28.07
CA ALA FA 28 130.18 -11.56 27.49
C ALA FA 28 131.01 -10.88 28.57
N LYS FA 29 130.37 -10.52 29.69
CA LYS FA 29 131.12 -9.96 30.82
C LYS FA 29 132.13 -10.97 31.36
N GLU FA 30 131.73 -12.23 31.48
CA GLU FA 30 132.65 -13.26 31.95
C GLU FA 30 133.80 -13.45 30.97
N LYS FA 31 133.52 -13.40 29.68
CA LYS FA 31 134.55 -13.53 28.67
C LYS FA 31 135.26 -12.22 28.37
N ASN FA 32 134.93 -11.16 29.11
CA ASN FA 32 135.59 -9.84 29.07
C ASN FA 32 135.84 -9.35 27.64
N LEU FA 33 134.76 -9.26 26.87
CA LEU FA 33 134.79 -8.54 25.61
C LEU FA 33 134.34 -7.09 25.85
N LYS FA 34 134.14 -6.34 24.78
CA LYS FA 34 133.57 -5.01 24.86
C LYS FA 34 132.19 -5.01 24.23
N VAL FA 35 131.20 -4.55 24.98
CA VAL FA 35 129.79 -4.71 24.63
C VAL FA 35 129.15 -3.32 24.57
N LYS FA 36 128.42 -3.06 23.50
CA LYS FA 36 127.47 -1.95 23.48
C LYS FA 36 126.15 -2.44 24.07
N GLY FA 37 125.47 -1.54 24.78
CA GLY FA 37 124.25 -1.88 25.46
C GLY FA 37 123.16 -2.34 24.51
N PRO FA 38 122.20 -3.10 25.03
CA PRO FA 38 121.14 -3.62 24.16
C PRO FA 38 120.20 -2.52 23.70
N VAL FA 39 120.34 -2.14 22.44
CA VAL FA 39 119.54 -1.08 21.84
C VAL FA 39 118.15 -1.63 21.58
N ARG FA 40 117.15 -1.07 22.25
CA ARG FA 40 115.76 -1.50 22.09
C ARG FA 40 115.17 -0.74 20.91
N MET FA 41 115.06 -1.40 19.76
CA MET FA 41 114.45 -0.78 18.61
C MET FA 41 112.95 -0.59 18.87
N PRO FA 42 112.32 0.38 18.21
CA PRO FA 42 110.88 0.58 18.41
C PRO FA 42 110.08 -0.66 18.05
N THR FA 43 109.10 -0.98 18.88
CA THR FA 43 108.31 -2.19 18.72
C THR FA 43 107.38 -2.01 17.53
N LYS FA 44 107.43 -2.94 16.58
CA LYS FA 44 106.58 -2.85 15.40
C LYS FA 44 105.31 -3.67 15.62
N THR FA 45 104.17 -3.01 15.61
CA THR FA 45 102.89 -3.64 15.86
C THR FA 45 102.16 -3.86 14.55
N LEU FA 46 101.94 -5.13 14.21
CA LEU FA 46 101.22 -5.50 13.00
C LEU FA 46 99.75 -5.62 13.37
N ARG FA 47 98.92 -4.75 12.80
CA ARG FA 47 97.51 -4.72 13.12
C ARG FA 47 96.67 -5.17 11.93
N ILE FA 48 95.70 -6.03 12.19
CA ILE FA 48 94.75 -6.48 11.18
C ILE FA 48 93.34 -6.36 11.76
N THR FA 49 92.49 -5.59 11.10
CA THR FA 49 91.11 -5.42 11.53
C THR FA 49 90.21 -6.15 10.55
N THR FA 50 89.52 -7.18 11.03
CA THR FA 50 88.70 -8.02 10.17
C THR FA 50 87.31 -8.17 10.77
N ARG FA 51 86.30 -8.20 9.89
CA ARG FA 51 84.93 -8.30 10.37
C ARG FA 51 84.71 -9.63 11.06
N LYS FA 52 84.02 -9.58 12.22
CA LYS FA 52 83.88 -10.76 13.06
C LYS FA 52 83.05 -11.85 12.37
N THR FA 53 81.88 -11.48 11.85
CA THR FA 53 81.01 -12.47 11.26
C THR FA 53 81.60 -12.98 9.94
N PRO FA 54 81.38 -14.24 9.62
CA PRO FA 54 81.82 -14.78 8.32
C PRO FA 54 80.78 -14.68 7.21
N CYS FA 55 79.60 -14.14 7.49
CA CYS FA 55 78.53 -14.05 6.52
C CYS FA 55 78.31 -12.64 6.00
N GLY FA 56 78.20 -11.66 6.89
CA GLY FA 56 77.91 -10.30 6.48
C GLY FA 56 76.63 -9.79 7.10
N GLU FA 57 76.05 -10.59 7.98
CA GLU FA 57 74.84 -10.24 8.71
C GLU FA 57 75.18 -10.09 10.18
N GLY FA 58 74.68 -9.03 10.80
CA GLY FA 58 74.91 -8.82 12.21
C GLY FA 58 74.84 -7.36 12.62
N SER FA 59 75.82 -6.91 13.40
CA SER FA 59 75.82 -5.55 13.91
C SER FA 59 77.12 -4.83 13.57
N LYS FA 60 77.74 -5.21 12.45
CA LYS FA 60 78.99 -4.60 11.98
C LYS FA 60 80.09 -4.67 13.03
N THR FA 61 80.18 -5.80 13.72
CA THR FA 61 81.25 -5.98 14.69
C THR FA 61 82.57 -6.22 13.98
N TRP FA 62 83.66 -5.88 14.65
CA TRP FA 62 84.99 -5.98 14.10
C TRP FA 62 85.93 -6.61 15.13
N ASP FA 63 86.99 -7.22 14.64
CA ASP FA 63 87.97 -7.91 15.47
C ASP FA 63 89.34 -7.36 15.13
N ARG FA 64 90.06 -6.92 16.16
CA ARG FA 64 91.36 -6.30 15.99
C ARG FA 64 92.45 -7.27 16.46
N PHE FA 65 93.31 -7.68 15.54
CA PHE FA 65 94.39 -8.61 15.85
C PHE FA 65 95.71 -7.87 15.80
N GLN FA 66 96.50 -8.01 16.87
CA GLN FA 66 97.78 -7.34 16.97
C GLN FA 66 98.89 -8.38 17.10
N MET FA 67 100.04 -8.04 16.53
CA MET FA 67 101.20 -8.93 16.56
C MET FA 67 102.43 -8.06 16.79
N ARG FA 68 103.03 -8.18 17.96
CA ARG FA 68 104.16 -7.33 18.30
C ARG FA 68 105.48 -7.96 17.86
N ILE FA 69 106.37 -7.14 17.33
CA ILE FA 69 107.73 -7.54 17.00
C ILE FA 69 108.68 -6.63 17.75
N HIS FA 70 109.54 -7.21 18.59
CA HIS FA 70 110.51 -6.48 19.37
C HIS FA 70 111.91 -6.84 18.87
N LYS FA 71 112.74 -5.82 18.67
CA LYS FA 71 114.08 -6.00 18.16
C LYS FA 71 115.09 -5.41 19.14
N ARG FA 72 116.19 -6.13 19.34
CA ARG FA 72 117.28 -5.66 20.18
C ARG FA 72 118.58 -5.78 19.40
N LEU FA 73 119.42 -4.75 19.52
CA LEU FA 73 120.71 -4.70 18.85
C LEU FA 73 121.81 -4.79 19.90
N ILE FA 74 122.72 -5.75 19.74
CA ILE FA 74 123.82 -5.94 20.67
C ILE FA 74 125.11 -6.01 19.87
N ASP FA 75 126.08 -5.19 20.26
CA ASP FA 75 127.35 -5.07 19.54
C ASP FA 75 128.49 -5.61 20.39
N LEU FA 76 129.27 -6.52 19.83
CA LEU FA 76 130.45 -7.08 20.47
C LEU FA 76 131.66 -6.68 19.64
N HIS FA 77 132.58 -5.93 20.25
CA HIS FA 77 133.77 -5.43 19.55
C HIS FA 77 134.98 -5.65 20.45
N SER FA 78 135.64 -6.80 20.30
CA SER FA 78 136.80 -7.07 21.11
C SER FA 78 138.07 -6.96 20.27
N PRO FA 79 139.21 -6.63 20.89
CA PRO FA 79 140.47 -6.55 20.12
C PRO FA 79 140.90 -7.87 19.52
N SER FA 80 140.47 -8.99 20.09
CA SER FA 80 140.88 -10.30 19.58
C SER FA 80 139.79 -10.86 18.66
N GLU FA 81 140.02 -12.09 18.20
CA GLU FA 81 139.02 -12.78 17.38
C GLU FA 81 137.79 -13.08 18.22
N ILE FA 82 136.62 -13.07 17.57
CA ILE FA 82 135.37 -13.14 18.32
C ILE FA 82 134.56 -14.40 17.99
N VAL FA 83 134.68 -14.90 16.75
CA VAL FA 83 133.74 -15.92 16.28
C VAL FA 83 133.97 -17.24 17.01
N LYS FA 84 135.22 -17.67 17.13
CA LYS FA 84 135.51 -18.94 17.77
C LYS FA 84 135.30 -18.91 19.28
N GLN FA 85 135.14 -17.72 19.86
CA GLN FA 85 134.92 -17.64 21.31
C GLN FA 85 133.49 -18.06 21.65
N ILE FA 86 132.53 -17.63 20.86
CA ILE FA 86 131.11 -17.90 21.09
C ILE FA 86 130.58 -18.58 19.84
N THR FA 87 130.57 -19.91 19.83
CA THR FA 87 130.04 -20.67 18.71
C THR FA 87 128.68 -21.31 19.00
N SER FA 88 128.34 -21.51 20.27
CA SER FA 88 127.08 -22.12 20.64
C SER FA 88 125.97 -21.08 20.50
N ILE FA 89 124.94 -21.41 19.73
CA ILE FA 89 123.82 -20.49 19.53
C ILE FA 89 123.03 -20.33 20.82
N SER FA 90 122.69 -21.44 21.47
CA SER FA 90 122.00 -21.47 22.77
C SER FA 90 120.75 -20.59 22.76
N ILE FA 91 119.79 -20.97 21.91
CA ILE FA 91 118.55 -20.21 21.78
C ILE FA 91 117.36 -21.12 22.01
N GLU FA 92 116.26 -20.49 22.39
CA GLU FA 92 114.97 -21.12 22.64
C GLU FA 92 114.03 -20.86 21.46
N PRO FA 93 112.92 -21.60 21.36
CA PRO FA 93 111.95 -21.30 20.30
C PRO FA 93 111.39 -19.89 20.43
N GLY FA 94 111.15 -19.27 19.27
CA GLY FA 94 110.53 -17.97 19.18
C GLY FA 94 111.49 -16.85 18.79
N VAL FA 95 112.74 -16.93 19.26
CA VAL FA 95 113.71 -15.86 19.05
C VAL FA 95 114.60 -16.20 17.88
N GLU FA 96 114.80 -15.24 16.98
CA GLU FA 96 115.64 -15.37 15.81
C GLU FA 96 116.86 -14.48 15.97
N VAL FA 97 118.02 -15.01 15.62
CA VAL FA 97 119.30 -14.34 15.77
C VAL FA 97 119.81 -13.96 14.39
N GLU FA 98 120.67 -12.94 14.34
CA GLU FA 98 121.36 -12.61 13.09
C GLU FA 98 122.77 -12.13 13.41
N VAL FA 99 123.75 -12.79 12.82
CA VAL FA 99 125.15 -12.37 12.93
C VAL FA 99 125.53 -11.57 11.69
N THR FA 100 126.20 -10.44 11.89
CA THR FA 100 126.64 -9.65 10.75
C THR FA 100 127.91 -8.90 11.14
N ILE FA 101 129.01 -9.13 10.43
CA ILE FA 101 130.24 -8.38 10.69
C ILE FA 101 130.01 -6.94 10.30
N ALA FA 102 130.85 -6.04 10.81
CA ALA FA 102 130.74 -4.63 10.47
C ALA FA 102 131.02 -4.37 9.00
N ASP FA 103 131.66 -5.31 8.30
CA ASP FA 103 131.92 -5.15 6.87
C ASP FA 103 130.69 -5.53 6.05
N ALA FA 104 130.22 -6.77 6.19
CA ALA FA 104 129.08 -7.25 5.42
C ALA FA 104 127.77 -6.69 5.98
N ARG GA 1 63.46 44.24 -0.68
CA ARG GA 1 64.70 43.48 -0.72
C ARG GA 1 64.74 42.54 -1.92
N ASP GA 2 65.05 43.11 -3.09
CA ASP GA 2 65.27 42.32 -4.30
C ASP GA 2 66.70 42.41 -4.80
N LYS GA 3 67.22 43.61 -5.02
CA LYS GA 3 68.60 43.81 -5.41
C LYS GA 3 69.03 45.19 -4.92
N LEU GA 4 70.35 45.38 -4.81
CA LEU GA 4 70.89 46.61 -4.24
C LEU GA 4 71.52 47.54 -5.26
N ASN GA 5 71.89 47.02 -6.44
CA ASN GA 5 72.43 47.75 -7.61
C ASN GA 5 73.30 48.93 -7.21
N ASN GA 6 74.30 48.62 -6.38
CA ASN GA 6 75.18 49.64 -5.82
C ASN GA 6 76.08 50.25 -6.90
N LEU GA 7 76.83 51.26 -6.50
CA LEU GA 7 77.67 52.02 -7.41
C LEU GA 7 79.06 51.40 -7.47
N VAL GA 8 79.50 51.06 -8.67
CA VAL GA 8 80.85 50.52 -8.84
C VAL GA 8 81.85 51.64 -9.12
N LEU GA 9 81.40 52.75 -9.68
CA LEU GA 9 82.22 53.94 -9.90
C LEU GA 9 81.47 55.15 -9.40
N PHE GA 10 82.19 56.06 -8.74
CA PHE GA 10 81.55 57.23 -8.17
C PHE GA 10 80.99 58.13 -9.27
N ASP GA 11 79.77 58.61 -9.06
CA ASP GA 11 79.32 59.80 -9.74
C ASP GA 11 79.59 61.00 -8.84
N LYS GA 12 79.46 62.20 -9.42
CA LYS GA 12 79.74 63.41 -8.66
C LYS GA 12 78.77 63.56 -7.49
N ALA GA 13 77.52 63.13 -7.67
CA ALA GA 13 76.52 63.23 -6.60
C ALA GA 13 76.85 62.34 -5.41
N THR GA 14 77.72 61.36 -5.57
CA THR GA 14 78.24 60.59 -4.45
C THR GA 14 79.59 61.10 -3.97
N TYR GA 15 80.43 61.55 -4.90
CA TYR GA 15 81.77 61.98 -4.52
C TYR GA 15 81.74 63.26 -3.70
N ASP GA 16 80.83 64.18 -4.01
CA ASP GA 16 80.73 65.40 -3.20
C ASP GA 16 80.31 65.06 -1.77
N LYS GA 17 79.40 64.08 -1.63
CA LYS GA 17 79.03 63.60 -0.30
C LYS GA 17 80.22 62.95 0.39
N LEU GA 18 81.04 62.23 -0.38
CA LEU GA 18 82.22 61.58 0.17
C LEU GA 18 83.19 62.60 0.73
N CYS GA 19 83.38 63.72 0.02
CA CYS GA 19 84.39 64.70 0.41
C CYS GA 19 84.14 65.33 1.77
N LYS GA 20 82.89 65.40 2.21
CA LYS GA 20 82.58 66.21 3.39
C LYS GA 20 82.21 65.42 4.63
N GLU GA 21 81.44 64.34 4.50
CA GLU GA 21 80.91 63.66 5.68
C GLU GA 21 81.53 62.31 5.97
N VAL GA 22 82.20 61.70 4.99
CA VAL GA 22 82.85 60.41 5.25
C VAL GA 22 83.95 60.53 6.30
N PRO GA 23 84.88 61.53 6.25
CA PRO GA 23 85.85 61.70 7.34
C PRO GA 23 85.31 62.54 8.49
N ASN GA 24 84.08 62.26 8.90
CA ASN GA 24 83.45 63.05 9.95
C ASN GA 24 82.88 62.19 11.08
N TYR GA 25 83.01 60.87 11.01
CA TYR GA 25 82.49 59.99 12.05
C TYR GA 25 83.50 58.90 12.36
N LYS GA 26 83.28 58.28 13.53
CA LYS GA 26 84.30 57.43 14.13
C LYS GA 26 84.45 56.12 13.37
N LEU GA 27 83.40 55.31 13.35
CA LEU GA 27 83.48 53.99 12.75
C LEU GA 27 83.30 54.13 11.24
N ILE GA 28 84.42 54.21 10.53
CA ILE GA 28 84.42 54.21 9.08
C ILE GA 28 85.09 52.91 8.61
N THR GA 29 84.27 52.03 8.02
CA THR GA 29 84.68 50.73 7.54
C THR GA 29 84.11 50.57 6.13
N PRO GA 30 84.70 49.68 5.32
CA PRO GA 30 84.18 49.50 3.95
C PRO GA 30 82.72 49.11 3.89
N ALA GA 31 82.26 48.22 4.78
CA ALA GA 31 80.86 47.82 4.74
C ALA GA 31 79.93 48.96 5.13
N VAL GA 32 80.29 49.70 6.17
CA VAL GA 32 79.44 50.80 6.64
C VAL GA 32 79.37 51.88 5.58
N VAL GA 33 80.51 52.26 5.01
CA VAL GA 33 80.47 53.28 3.97
C VAL GA 33 79.77 52.79 2.72
N SER GA 34 79.85 51.49 2.42
CA SER GA 34 79.14 50.96 1.27
C SER GA 34 77.63 51.04 1.47
N GLU GA 35 77.15 50.67 2.66
CA GLU GA 35 75.72 50.73 2.90
C GLU GA 35 75.23 52.16 3.03
N ARG GA 36 76.11 53.08 3.45
CA ARG GA 36 75.69 54.48 3.56
C ARG GA 36 75.65 55.15 2.19
N LEU GA 37 76.61 54.84 1.31
CA LEU GA 37 76.76 55.55 0.05
C LEU GA 37 76.26 54.75 -1.15
N LYS GA 38 75.67 53.57 -0.93
CA LYS GA 38 75.14 52.71 -2.00
C LYS GA 38 76.20 52.40 -3.04
N ILE GA 39 77.43 52.18 -2.59
CA ILE GA 39 78.52 51.83 -3.46
C ILE GA 39 78.81 50.34 -3.33
N ARG GA 40 79.63 49.82 -4.25
CA ARG GA 40 79.81 48.37 -4.36
C ARG GA 40 80.45 47.80 -3.09
N GLY GA 41 81.55 48.39 -2.65
CA GLY GA 41 82.29 47.87 -1.52
C GLY GA 41 83.75 47.64 -1.85
N SER GA 42 84.03 47.09 -3.03
CA SER GA 42 85.39 47.14 -3.54
C SER GA 42 85.78 48.58 -3.85
N LEU GA 43 84.85 49.33 -4.43
CA LEU GA 43 85.05 50.77 -4.60
C LEU GA 43 85.22 51.45 -3.25
N ALA GA 44 84.46 51.01 -2.25
CA ALA GA 44 84.61 51.56 -0.91
C ALA GA 44 86.00 51.31 -0.35
N ARG GA 45 86.51 50.09 -0.52
CA ARG GA 45 87.85 49.76 -0.05
C ARG GA 45 88.90 50.59 -0.77
N ALA GA 46 88.75 50.77 -2.08
CA ALA GA 46 89.71 51.58 -2.83
C ALA GA 46 89.68 53.04 -2.36
N ALA GA 47 88.48 53.62 -2.29
CA ALA GA 47 88.36 55.00 -1.85
C ALA GA 47 88.83 55.20 -0.42
N LEU GA 48 88.72 54.17 0.42
CA LEU GA 48 89.18 54.29 1.80
C LEU GA 48 90.69 54.44 1.88
N GLN GA 49 91.43 53.66 1.09
CA GLN GA 49 92.87 53.87 1.09
C GLN GA 49 93.26 55.12 0.32
N GLU GA 50 92.42 55.61 -0.60
CA GLU GA 50 92.69 56.94 -1.17
C GLU GA 50 92.55 58.02 -0.12
N LEU GA 51 91.54 57.92 0.75
CA LEU GA 51 91.42 58.88 1.85
C LEU GA 51 92.54 58.70 2.87
N LEU GA 52 93.04 57.47 3.03
CA LEU GA 52 94.24 57.27 3.85
C LEU GA 52 95.43 57.98 3.24
N SER GA 53 95.58 57.91 1.91
CA SER GA 53 96.66 58.62 1.23
C SER GA 53 96.52 60.13 1.42
N LYS GA 54 95.29 60.65 1.35
CA LYS GA 54 95.05 62.04 1.72
C LYS GA 54 95.39 62.30 3.18
N GLY GA 55 95.31 61.29 4.04
CA GLY GA 55 95.83 61.40 5.38
C GLY GA 55 94.89 61.99 6.41
N LEU GA 56 93.66 62.30 6.05
CA LEU GA 56 92.71 62.83 7.02
C LEU GA 56 91.90 61.74 7.70
N ILE GA 57 92.17 60.48 7.40
CA ILE GA 57 91.52 59.34 8.05
C ILE GA 57 92.60 58.37 8.52
N LYS GA 58 92.56 58.01 9.80
CA LYS GA 58 93.55 57.15 10.43
C LYS GA 58 93.14 55.69 10.31
N LEU GA 59 94.12 54.81 10.20
CA LEU GA 59 93.91 53.37 10.26
C LEU GA 59 94.17 52.86 11.67
N VAL GA 60 93.51 51.77 12.04
CA VAL GA 60 93.79 51.10 13.31
C VAL GA 60 94.17 49.63 13.12
N SER GA 61 93.51 48.91 12.20
CA SER GA 61 93.66 47.47 12.12
C SER GA 61 94.59 47.01 11.00
N LYS GA 62 94.23 47.30 9.74
CA LYS GA 62 94.91 46.74 8.56
C LYS GA 62 95.01 45.22 8.66
N HIS GA 63 93.85 44.59 8.58
CA HIS GA 63 93.77 43.13 8.55
C HIS GA 63 93.18 42.67 7.23
N ARG GA 64 93.60 41.46 6.81
CA ARG GA 64 93.13 40.90 5.56
C ARG GA 64 91.61 40.70 5.54
N ALA GA 65 91.00 40.48 6.71
CA ALA GA 65 89.58 40.21 6.78
C ALA GA 65 88.77 41.30 7.44
N GLN GA 66 89.41 42.23 8.14
CA GLN GA 66 88.69 43.33 8.80
C GLN GA 66 89.61 44.53 8.88
N VAL GA 67 89.47 45.46 7.95
CA VAL GA 67 90.23 46.71 7.96
C VAL GA 67 89.34 47.78 8.59
N ILE GA 68 89.91 48.54 9.53
CA ILE GA 68 89.15 49.50 10.32
C ILE GA 68 89.86 50.84 10.31
N TYR GA 69 89.09 51.90 10.08
CA TYR GA 69 89.60 53.27 10.06
C TYR GA 69 88.83 54.12 11.05
N THR GA 70 89.23 55.38 11.15
CA THR GA 70 88.63 56.33 12.08
C THR GA 70 88.95 57.75 11.62
N ARG GA 71 88.21 58.71 12.17
CA ARG GA 71 88.49 60.11 11.89
C ARG GA 71 89.65 60.59 12.76
N ASN GA 72 90.07 61.83 12.53
CA ASN GA 72 91.18 62.39 13.28
C ASN GA 72 90.72 62.84 14.67
N THR GA 73 91.69 63.12 15.53
CA THR GA 73 91.40 63.50 16.91
C THR GA 73 90.98 64.96 16.98
N LYS GA 74 89.79 65.22 17.52
CA LYS GA 74 89.25 66.56 17.66
C LYS GA 74 88.83 66.79 19.10
N GLY GA 75 89.01 68.01 19.58
CA GLY GA 75 88.64 68.36 20.94
C GLY GA 75 89.63 67.88 21.98
N ARG HA 1 52.03 50.78 42.01
CA ARG HA 1 51.08 49.69 41.84
C ARG HA 1 51.78 48.44 41.30
N VAL HA 2 52.91 48.64 40.63
CA VAL HA 2 53.71 47.54 40.09
C VAL HA 2 54.68 47.08 41.15
N GLN HA 3 54.84 45.77 41.27
CA GLN HA 3 55.74 45.22 42.27
C GLN HA 3 57.18 45.33 41.78
N PRO HA 4 58.07 45.90 42.58
CA PRO HA 4 59.45 46.08 42.11
C PRO HA 4 60.22 44.78 42.05
N ILE HA 5 61.23 44.75 41.19
CA ILE HA 5 62.06 43.55 41.03
C ILE HA 5 62.97 43.42 42.23
N LYS HA 6 63.02 42.23 42.80
CA LYS HA 6 63.73 41.97 44.05
C LYS HA 6 64.66 40.78 43.89
N LEU HA 7 65.51 40.58 44.89
CA LEU HA 7 66.52 39.53 44.86
C LEU HA 7 66.41 38.66 46.11
N ALA HA 8 66.64 37.35 45.92
CA ALA HA 8 66.59 36.39 47.01
C ALA HA 8 67.78 35.46 46.93
N ARG HA 9 68.24 35.00 48.09
CA ARG HA 9 69.45 34.20 48.21
C ARG HA 9 69.11 32.79 48.63
N VAL HA 10 69.70 31.81 47.95
CA VAL HA 10 69.40 30.41 48.20
C VAL HA 10 69.98 29.99 49.55
N THR HA 11 69.19 29.27 50.34
CA THR HA 11 69.65 28.71 51.60
C THR HA 11 70.07 27.25 51.45
N LYS HA 12 69.18 26.40 50.95
CA LYS HA 12 69.46 24.98 50.82
C LYS HA 12 68.75 24.45 49.58
N VAL HA 13 69.31 23.37 49.03
CA VAL HA 13 68.81 22.76 47.80
C VAL HA 13 67.95 21.56 48.19
N LEU HA 14 66.74 21.51 47.65
CA LEU HA 14 65.83 20.42 47.96
C LEU HA 14 65.95 19.26 46.98
N GLY HA 15 65.70 19.53 45.70
CA GLY HA 15 65.77 18.48 44.70
C GLY HA 15 65.23 18.96 43.37
N ARG HA 16 65.04 18.00 42.48
CA ARG HA 16 64.57 18.27 41.14
C ARG HA 16 63.04 18.27 41.10
N THR HA 17 62.49 18.81 40.00
CA THR HA 17 61.05 18.86 39.82
C THR HA 17 60.77 18.98 38.33
N GLY HA 18 59.50 18.74 37.97
CA GLY HA 18 59.07 18.82 36.59
C GLY HA 18 59.03 17.50 35.85
N SER HA 19 59.16 16.38 36.55
CA SER HA 19 59.11 15.02 35.99
C SER HA 19 60.20 14.76 34.96
N GLN HA 20 61.19 15.64 34.86
CA GLN HA 20 62.37 15.40 34.03
C GLN HA 20 63.66 15.83 34.69
N GLY HA 21 63.61 16.53 35.82
CA GLY HA 21 64.78 17.19 36.35
C GLY HA 21 65.12 18.48 35.67
N GLN HA 22 64.27 18.98 34.77
CA GLN HA 22 64.53 20.21 34.05
C GLN HA 22 64.51 21.43 34.96
N CYS HA 23 63.91 21.33 36.14
CA CYS HA 23 63.89 22.42 37.10
C CYS HA 23 64.23 21.89 38.47
N THR HA 24 65.09 22.63 39.19
CA THR HA 24 65.44 22.30 40.55
C THR HA 24 64.66 23.18 41.51
N GLN HA 25 64.25 22.61 42.63
CA GLN HA 25 63.44 23.31 43.62
C GLN HA 25 64.32 23.58 44.84
N VAL HA 26 64.42 24.87 45.21
CA VAL HA 26 65.31 25.28 46.29
C VAL HA 26 64.57 26.27 47.20
N ARG HA 27 65.02 26.32 48.44
CA ARG HA 27 64.50 27.28 49.41
C ARG HA 27 65.36 28.54 49.40
N VAL HA 28 64.72 29.70 49.39
CA VAL HA 28 65.41 30.97 49.31
C VAL HA 28 64.91 31.87 50.43
N GLU HA 29 65.71 32.88 50.73
CA GLU HA 29 65.37 33.88 51.74
C GLU HA 29 65.62 35.26 51.17
N PHE HA 30 64.80 36.21 51.60
CA PHE HA 30 64.87 37.57 51.09
C PHE HA 30 66.08 38.30 51.68
N MET HA 31 66.85 38.94 50.81
CA MET HA 31 67.91 39.81 51.29
C MET HA 31 67.33 41.08 51.91
N ASP HA 32 66.12 41.48 51.49
CA ASP HA 32 65.45 42.62 52.08
C ASP HA 32 65.07 42.35 53.53
N ASP HA 33 64.54 41.16 53.81
CA ASP HA 33 64.19 40.75 55.16
C ASP HA 33 64.72 39.32 55.36
N THR HA 34 65.72 39.18 56.22
CA THR HA 34 66.38 37.89 56.39
C THR HA 34 65.41 36.83 56.93
N SER HA 35 64.54 37.22 57.86
CA SER HA 35 63.57 36.29 58.40
C SER HA 35 62.59 35.82 57.33
N ARG HA 36 62.30 36.68 56.36
CA ARG HA 36 61.36 36.33 55.28
C ARG HA 36 62.02 35.31 54.37
N SER HA 37 61.33 34.18 54.15
CA SER HA 37 61.90 33.10 53.34
C SER HA 37 60.77 32.30 52.72
N ILE HA 38 60.99 31.86 51.48
CA ILE HA 38 60.04 31.05 50.75
C ILE HA 38 60.79 29.89 50.10
N ILE HA 39 60.07 29.11 49.30
CA ILE HA 39 60.67 28.04 48.51
C ILE HA 39 60.14 28.16 47.08
N ARG HA 40 61.04 28.07 46.11
CA ARG HA 40 60.69 28.25 44.71
C ARG HA 40 61.32 27.14 43.90
N ASN HA 41 61.02 27.13 42.61
CA ASN HA 41 61.66 26.24 41.65
C ASN HA 41 62.35 27.04 40.57
N VAL HA 42 63.52 26.56 40.16
CA VAL HA 42 64.37 27.27 39.20
C VAL HA 42 64.91 26.28 38.19
N LYS HA 43 65.03 26.73 36.94
CA LYS HA 43 65.65 25.94 35.89
C LYS HA 43 67.12 26.32 35.77
N GLY HA 44 67.92 25.37 35.27
CA GLY HA 44 69.34 25.56 35.18
C GLY HA 44 70.06 25.17 36.45
N PRO HA 45 71.38 25.02 36.38
CA PRO HA 45 72.15 24.55 37.53
C PRO HA 45 72.28 25.63 38.60
N VAL HA 46 71.97 25.27 39.84
CA VAL HA 46 72.08 26.17 40.98
C VAL HA 46 72.81 25.44 42.11
N ARG HA 47 73.82 26.08 42.68
CA ARG HA 47 74.41 25.64 43.93
C ARG HA 47 73.95 26.55 45.06
N GLU HA 48 74.29 26.16 46.29
CA GLU HA 48 73.83 26.92 47.43
C GLU HA 48 74.55 28.25 47.53
N GLY HA 49 73.87 29.23 48.13
CA GLY HA 49 74.46 30.48 48.51
C GLY HA 49 74.32 31.60 47.49
N ASP HA 50 74.15 31.27 46.21
CA ASP HA 50 74.05 32.30 45.19
C ASP HA 50 72.71 33.04 45.28
N VAL HA 51 72.70 34.27 44.82
CA VAL HA 51 71.52 35.12 44.87
C VAL HA 51 70.91 35.22 43.48
N LEU HA 52 69.58 35.10 43.42
CA LEU HA 52 68.86 35.08 42.16
C LEU HA 52 67.76 36.12 42.18
N THR HA 53 67.45 36.66 40.99
CA THR HA 53 66.42 37.67 40.86
C THR HA 53 65.03 37.07 40.97
N LEU HA 54 64.07 37.94 41.26
CA LEU HA 54 62.68 37.51 41.41
C LEU HA 54 61.77 38.65 40.97
N LEU HA 55 61.14 38.49 39.81
CA LEU HA 55 60.19 39.49 39.33
C LEU HA 55 58.86 39.44 40.06
N GLU HA 56 58.49 38.29 40.61
CA GLU HA 56 57.19 38.08 41.21
C GLU HA 56 57.35 37.75 42.69
N SER HA 57 56.28 38.02 43.45
CA SER HA 57 56.35 37.90 44.90
C SER HA 57 56.32 36.44 45.36
N GLU HA 58 55.25 35.73 45.05
CA GLU HA 58 55.13 34.32 45.44
C GLU HA 58 54.35 33.56 44.38
N ARG HA 59 54.89 32.43 43.93
CA ARG HA 59 54.30 31.67 42.84
C ARG HA 59 53.79 30.31 43.29
N GLU HA 60 54.66 29.45 43.83
CA GLU HA 60 54.29 28.08 44.06
C GLU HA 60 55.16 27.47 45.15
N ALA HA 61 54.58 26.54 45.88
CA ALA HA 61 55.28 25.79 46.92
C ALA HA 61 54.50 24.52 47.20
N ARG HA 62 55.11 23.37 46.96
CA ARG HA 62 54.45 22.09 47.14
C ARG HA 62 55.37 21.10 47.85
N ARG HA 63 54.75 20.20 48.61
CA ARG HA 63 55.47 19.16 49.34
C ARG HA 63 55.43 17.89 48.50
N LEU HA 64 56.58 17.50 47.96
CA LEU HA 64 56.65 16.29 47.15
C LEU HA 64 56.52 15.05 48.01
N GLY IA 1 89.14 -28.03 -24.50
CA GLY IA 1 89.88 -27.99 -25.74
C GLY IA 1 91.36 -28.29 -25.54
N HIS IA 2 92.18 -27.85 -26.48
CA HIS IA 2 93.60 -28.08 -26.38
C HIS IA 2 94.27 -27.00 -25.52
N GLN IA 3 95.58 -27.16 -25.31
CA GLN IA 3 96.33 -26.29 -24.41
C GLN IA 3 96.36 -24.84 -24.87
N GLN IA 4 96.09 -24.57 -26.15
CA GLN IA 4 96.11 -23.20 -26.64
C GLN IA 4 94.89 -22.40 -26.19
N LEU IA 5 93.87 -23.03 -25.61
CA LEU IA 5 92.76 -22.27 -25.05
C LEU IA 5 92.26 -22.81 -23.72
N TYR IA 6 92.81 -23.92 -23.21
CA TYR IA 6 92.31 -24.46 -21.95
C TYR IA 6 92.60 -23.52 -20.79
N TRP IA 7 93.78 -22.90 -20.78
CA TRP IA 7 94.14 -21.96 -19.73
C TRP IA 7 94.81 -20.72 -20.31
N SER IA 8 94.45 -20.36 -21.55
CA SER IA 8 95.19 -19.33 -22.27
C SER IA 8 94.86 -17.92 -21.80
N HIS IA 9 93.67 -17.72 -21.25
CA HIS IA 9 93.22 -16.36 -20.95
C HIS IA 9 94.11 -15.77 -19.86
N PRO IA 10 94.65 -14.56 -20.06
CA PRO IA 10 95.68 -14.04 -19.15
C PRO IA 10 95.16 -13.87 -17.74
N ARG IA 11 96.02 -14.21 -16.78
CA ARG IA 11 95.67 -14.11 -15.36
C ARG IA 11 96.86 -13.56 -14.57
N LYS IA 12 97.51 -12.54 -15.12
CA LYS IA 12 98.63 -11.90 -14.45
C LYS IA 12 98.21 -11.07 -13.24
N PHE IA 13 96.91 -10.90 -13.03
CA PHE IA 13 96.39 -9.87 -12.14
C PHE IA 13 94.95 -10.19 -11.78
N GLY IA 14 94.57 -9.82 -10.57
CA GLY IA 14 93.17 -9.85 -10.18
C GLY IA 14 92.79 -11.00 -9.26
N GLN IA 15 91.48 -11.09 -9.06
CA GLN IA 15 90.91 -12.10 -8.18
C GLN IA 15 91.13 -13.50 -8.73
N GLY IA 16 90.99 -13.68 -10.04
CA GLY IA 16 91.32 -14.96 -10.64
C GLY IA 16 92.79 -15.30 -10.53
N SER IA 17 93.66 -14.29 -10.50
CA SER IA 17 95.08 -14.54 -10.34
C SER IA 17 95.40 -14.99 -8.92
N ARG IA 18 94.85 -14.29 -7.93
CA ARG IA 18 95.19 -14.56 -6.53
C ARG IA 18 94.09 -15.41 -5.90
N SER IA 19 94.46 -16.60 -5.45
CA SER IA 19 93.53 -17.51 -4.79
C SER IA 19 93.96 -17.72 -3.35
N CYS IA 20 92.99 -18.00 -2.50
CA CYS IA 20 93.28 -18.23 -1.08
C CYS IA 20 94.10 -19.51 -0.92
N ARG IA 21 95.00 -19.48 0.05
CA ARG IA 21 95.92 -20.59 0.26
C ARG IA 21 95.30 -21.72 1.07
N VAL IA 22 94.18 -21.48 1.73
CA VAL IA 22 93.54 -22.49 2.59
C VAL IA 22 92.20 -22.94 2.02
N CYS IA 23 91.22 -22.04 1.96
CA CYS IA 23 89.89 -22.44 1.52
C CYS IA 23 89.71 -22.31 0.02
N SER IA 24 90.78 -21.93 -0.71
CA SER IA 24 90.80 -21.89 -2.17
C SER IA 24 89.75 -20.94 -2.74
N ASN IA 25 89.33 -19.94 -1.98
CA ASN IA 25 88.36 -18.98 -2.45
C ASN IA 25 89.06 -17.78 -3.08
N ARG IA 26 88.26 -16.87 -3.64
CA ARG IA 26 88.79 -15.68 -4.28
C ARG IA 26 88.26 -14.40 -3.65
N HIS IA 27 87.47 -14.50 -2.59
CA HIS IA 27 86.89 -13.34 -1.94
C HIS IA 27 87.42 -13.22 -0.52
N GLY IA 28 87.52 -11.99 -0.04
CA GLY IA 28 88.05 -11.76 1.29
C GLY IA 28 89.51 -12.11 1.43
N LEU IA 29 90.30 -11.90 0.38
CA LEU IA 29 91.73 -12.15 0.47
C LEU IA 29 92.39 -11.09 1.32
N ILE IA 30 93.48 -11.48 1.98
CA ILE IA 30 94.29 -10.58 2.78
C ILE IA 30 95.71 -10.68 2.24
N ARG IA 31 96.07 -9.78 1.33
CA ARG IA 31 97.42 -9.73 0.80
C ARG IA 31 98.36 -8.92 1.69
N LYS IA 32 97.85 -8.33 2.76
CA LYS IA 32 98.71 -7.68 3.73
C LYS IA 32 99.66 -8.69 4.36
N TYR IA 33 100.93 -8.32 4.45
CA TYR IA 33 102.00 -9.18 4.97
C TYR IA 33 102.13 -10.47 4.18
N GLY IA 34 101.64 -10.50 2.94
CA GLY IA 34 101.72 -11.69 2.12
C GLY IA 34 100.95 -12.86 2.66
N LEU IA 35 99.89 -12.61 3.43
CA LEU IA 35 99.12 -13.69 4.02
C LEU IA 35 98.43 -14.52 2.95
N ASN IA 36 97.69 -13.87 2.05
CA ASN IA 36 96.87 -14.49 1.02
C ASN IA 36 95.83 -15.46 1.60
N MET IA 37 95.61 -15.43 2.90
CA MET IA 37 94.66 -16.32 3.55
C MET IA 37 93.23 -15.90 3.23
N CYS IA 38 92.33 -16.85 3.39
CA CYS IA 38 90.90 -16.53 3.35
C CYS IA 38 90.56 -15.63 4.53
N ARG IA 39 89.53 -14.81 4.35
CA ARG IA 39 89.07 -13.92 5.41
C ARG IA 39 88.71 -14.71 6.67
N GLN IA 40 87.91 -15.76 6.50
CA GLN IA 40 87.48 -16.54 7.66
C GLN IA 40 88.60 -17.46 8.14
N CYS IA 41 89.44 -17.94 7.20
CA CYS IA 41 90.53 -18.82 7.59
C CYS IA 41 91.55 -18.08 8.43
N PHE IA 42 91.72 -16.77 8.22
CA PHE IA 42 92.59 -15.99 9.09
C PHE IA 42 92.07 -16.01 10.53
N ARG IA 43 90.76 -15.85 10.71
CA ARG IA 43 90.19 -15.95 12.04
C ARG IA 43 90.36 -17.35 12.61
N GLN IA 44 90.21 -18.37 11.76
CA GLN IA 44 90.35 -19.75 12.23
C GLN IA 44 91.76 -20.03 12.72
N TYR IA 45 92.77 -19.56 11.98
CA TYR IA 45 94.17 -19.76 12.36
C TYR IA 45 94.80 -18.52 12.97
N ALA IA 46 94.00 -17.68 13.63
CA ALA IA 46 94.52 -16.44 14.20
C ALA IA 46 95.57 -16.72 15.28
N LYS IA 47 95.28 -17.65 16.18
CA LYS IA 47 96.25 -17.96 17.23
C LYS IA 47 97.43 -18.74 16.70
N ASP IA 48 97.21 -19.57 15.68
CA ASP IA 48 98.31 -20.34 15.10
C ASP IA 48 99.33 -19.44 14.41
N ILE IA 49 98.86 -18.40 13.71
CA ILE IA 49 99.78 -17.48 13.06
C ILE IA 49 100.58 -16.70 14.10
N GLY IA 50 99.91 -16.19 15.12
CA GLY IA 50 100.59 -15.43 16.15
C GLY IA 50 99.86 -14.17 16.53
N PHE IA 51 98.90 -13.75 15.71
CA PHE IA 51 98.09 -12.59 16.03
C PHE IA 51 97.22 -12.88 17.24
N ILE IA 52 97.03 -11.85 18.07
CA ILE IA 52 96.21 -11.96 19.26
C ILE IA 52 95.27 -10.77 19.32
N LYS IA 53 94.18 -10.95 20.07
CA LYS IA 53 93.17 -9.91 20.24
C LYS IA 53 93.55 -9.09 21.46
N LEU IA 54 94.43 -8.12 21.23
CA LEU IA 54 94.93 -7.31 22.34
C LEU IA 54 93.87 -6.31 22.82
N ASP IA 55 93.16 -5.68 21.88
CA ASP IA 55 92.15 -4.70 22.24
C ASP IA 55 91.11 -4.54 21.13
N TYR JA 1 67.77 -26.96 -21.20
CA TYR JA 1 66.77 -27.85 -21.76
C TYR JA 1 66.54 -27.58 -23.24
N THR JA 2 66.59 -28.64 -24.05
CA THR JA 2 66.18 -28.62 -25.46
C THR JA 2 66.96 -27.56 -26.25
N THR JA 3 68.26 -27.82 -26.38
CA THR JA 3 69.12 -26.98 -27.20
C THR JA 3 68.58 -26.96 -28.63
N PRO JA 4 68.33 -25.78 -29.21
CA PRO JA 4 67.67 -25.73 -30.53
C PRO JA 4 68.47 -26.39 -31.65
N LYS JA 5 69.80 -26.33 -31.61
CA LYS JA 5 70.58 -26.97 -32.65
C LYS JA 5 70.64 -28.48 -32.42
N LYS JA 6 70.93 -29.21 -33.49
CA LYS JA 6 71.11 -30.65 -33.39
C LYS JA 6 72.37 -30.98 -32.59
N ASN JA 7 72.37 -32.17 -31.99
CA ASN JA 7 73.53 -32.65 -31.27
C ASN JA 7 74.72 -32.75 -32.20
N LYS JA 8 75.86 -32.20 -31.76
CA LYS JA 8 77.03 -32.12 -32.62
C LYS JA 8 77.68 -33.48 -32.77
N HIS JA 9 78.00 -33.85 -34.01
CA HIS JA 9 78.59 -35.14 -34.32
C HIS JA 9 80.11 -35.06 -34.25
N LYS JA 10 80.72 -36.01 -33.57
CA LYS JA 10 82.17 -36.08 -33.46
C LYS JA 10 82.75 -36.89 -34.61
N ARG JA 11 83.93 -36.47 -35.08
CA ARG JA 11 84.57 -37.14 -36.20
C ARG JA 11 84.90 -38.58 -35.85
N LYS JA 12 84.55 -39.49 -36.74
CA LYS JA 12 84.76 -40.92 -36.56
C LYS JA 12 85.89 -41.37 -37.47
N LYS JA 13 86.82 -42.14 -36.91
CA LYS JA 13 88.00 -42.54 -37.65
C LYS JA 13 87.63 -43.52 -38.76
N VAL JA 14 88.55 -43.69 -39.71
CA VAL JA 14 88.28 -44.45 -40.92
C VAL JA 14 88.48 -45.95 -40.75
N LYS JA 15 89.14 -46.40 -39.68
CA LYS JA 15 89.42 -47.81 -39.42
C LYS JA 15 90.19 -48.44 -40.59
N LEU JA 16 91.37 -47.91 -40.83
CA LEU JA 16 92.19 -48.34 -41.96
C LEU JA 16 92.93 -49.63 -41.63
N ALA JA 17 93.12 -50.45 -42.66
CA ALA JA 17 93.85 -51.71 -42.53
C ALA JA 17 95.36 -51.41 -42.57
N VAL JA 18 96.16 -52.46 -42.78
CA VAL JA 18 97.61 -52.31 -42.83
C VAL JA 18 98.01 -51.34 -43.94
N LEU JA 19 99.07 -50.57 -43.69
CA LEU JA 19 99.42 -49.43 -44.53
C LEU JA 19 99.76 -49.85 -45.96
N LYS JA 20 100.84 -50.61 -46.14
CA LYS JA 20 101.25 -51.15 -47.44
C LYS JA 20 101.43 -50.08 -48.52
N TYR JA 21 101.75 -48.84 -48.13
CA TYR JA 21 101.92 -47.80 -49.16
C TYR JA 21 103.38 -47.66 -49.62
N TYR JA 22 103.99 -48.79 -49.96
CA TYR JA 22 105.24 -48.79 -50.72
C TYR JA 22 105.38 -50.16 -51.36
N LYS JA 23 105.67 -50.19 -52.64
CA LYS JA 23 105.53 -51.40 -53.45
C LYS JA 23 106.87 -52.08 -53.65
N VAL JA 24 106.86 -53.41 -53.61
CA VAL JA 24 108.01 -54.23 -53.98
C VAL JA 24 107.56 -55.24 -55.03
N ASP JA 25 108.48 -55.58 -55.93
CA ASP JA 25 108.18 -56.50 -57.01
C ASP JA 25 109.43 -57.33 -57.31
N GLU JA 26 109.29 -58.22 -58.30
CA GLU JA 26 110.31 -59.19 -58.72
C GLU JA 26 111.05 -59.79 -57.53
N ASN JA 27 110.26 -60.46 -56.67
CA ASN JA 27 110.75 -61.10 -55.44
C ASN JA 27 111.38 -60.08 -54.49
N GLY JA 28 110.90 -58.85 -54.52
CA GLY JA 28 111.31 -57.85 -53.56
C GLY JA 28 112.32 -56.85 -54.07
N LYS JA 29 111.85 -55.65 -54.40
CA LYS JA 29 112.72 -54.53 -54.74
C LYS JA 29 112.05 -53.25 -54.26
N ILE JA 30 112.76 -52.46 -53.45
CA ILE JA 30 112.14 -51.33 -52.77
C ILE JA 30 111.72 -50.25 -53.77
N SER JA 31 110.64 -49.56 -53.43
CA SER JA 31 110.15 -48.45 -54.24
C SER JA 31 109.24 -47.61 -53.34
N ARG JA 32 109.65 -46.37 -53.06
CA ARG JA 32 108.90 -45.48 -52.17
C ARG JA 32 107.99 -44.61 -53.02
N LEU JA 33 106.69 -44.78 -52.84
CA LEU JA 33 105.70 -43.96 -53.52
C LEU JA 33 105.26 -42.76 -52.68
N ARG JA 34 105.91 -42.51 -51.56
CA ARG JA 34 105.62 -41.40 -50.67
C ARG JA 34 106.79 -40.42 -50.65
N ARG JA 35 106.68 -39.42 -49.79
CA ARG JA 35 107.78 -38.52 -49.49
C ARG JA 35 108.35 -38.87 -48.12
N GLU JA 36 109.37 -38.13 -47.71
CA GLU JA 36 110.05 -38.38 -46.44
C GLU JA 36 110.24 -37.06 -45.70
N CYS JA 37 110.34 -37.16 -44.38
CA CYS JA 37 110.55 -35.95 -43.58
C CYS JA 37 112.05 -35.71 -43.58
N PRO JA 38 112.56 -34.70 -44.30
CA PRO JA 38 114.02 -34.58 -44.46
C PRO JA 38 114.76 -34.19 -43.19
N SER JA 39 114.05 -33.73 -42.15
CA SER JA 39 114.69 -33.40 -40.88
C SER JA 39 114.94 -34.69 -40.09
N ASP JA 40 115.66 -34.58 -38.98
CA ASP JA 40 116.00 -35.73 -38.15
C ASP JA 40 115.00 -35.98 -37.03
N GLU JA 41 113.97 -35.15 -36.91
CA GLU JA 41 112.98 -35.28 -35.86
C GLU JA 41 111.76 -36.09 -36.25
N CYS JA 42 111.42 -36.14 -37.54
CA CYS JA 42 110.26 -36.91 -37.96
C CYS JA 42 110.55 -38.40 -37.97
N GLY JA 43 111.78 -38.77 -38.28
CA GLY JA 43 112.17 -40.17 -38.32
C GLY JA 43 112.19 -40.66 -39.76
N ALA JA 44 113.26 -41.35 -40.13
CA ALA JA 44 113.36 -41.92 -41.47
C ALA JA 44 112.42 -43.10 -41.67
N GLY JA 45 111.79 -43.59 -40.61
CA GLY JA 45 110.88 -44.71 -40.72
C GLY JA 45 109.48 -44.36 -41.17
N VAL JA 46 109.13 -43.08 -41.22
CA VAL JA 46 107.80 -42.65 -41.56
C VAL JA 46 107.82 -41.91 -42.88
N PHE JA 47 106.64 -41.55 -43.37
CA PHE JA 47 106.48 -40.95 -44.68
C PHE JA 47 105.51 -39.78 -44.62
N MET JA 48 105.62 -38.89 -45.59
CA MET JA 48 104.77 -37.72 -45.65
C MET JA 48 103.40 -38.07 -46.22
N ALA JA 49 102.49 -37.10 -46.17
CA ALA JA 49 101.12 -37.31 -46.63
C ALA JA 49 101.06 -37.36 -48.14
N SER JA 50 99.87 -37.65 -48.66
CA SER JA 50 99.65 -37.82 -50.09
C SER JA 50 98.41 -37.05 -50.53
N HIS JA 51 98.29 -35.81 -50.08
CA HIS JA 51 97.23 -34.96 -50.60
C HIS JA 51 97.53 -34.57 -52.04
N PHE JA 52 96.48 -34.19 -52.76
CA PHE JA 52 96.59 -33.98 -54.20
C PHE JA 52 97.46 -32.77 -54.55
N ASP JA 53 97.72 -31.87 -53.59
CA ASP JA 53 98.50 -30.68 -53.90
C ASP JA 53 99.50 -30.30 -52.80
N ARG JA 54 99.69 -31.16 -51.79
CA ARG JA 54 100.72 -30.92 -50.79
C ARG JA 54 101.01 -32.22 -50.07
N HIS JA 55 102.10 -32.24 -49.30
CA HIS JA 55 102.45 -33.36 -48.44
C HIS JA 55 102.81 -32.84 -47.06
N TYR JA 56 102.60 -33.69 -46.05
CA TYR JA 56 102.72 -33.32 -44.65
C TYR JA 56 103.11 -34.56 -43.83
N CYS JA 57 103.88 -34.35 -42.76
CA CYS JA 57 104.11 -35.42 -41.80
C CYS JA 57 103.72 -34.92 -40.41
N GLY JA 58 103.14 -35.81 -39.61
CA GLY JA 58 102.45 -35.37 -38.41
C GLY JA 58 103.30 -34.98 -37.22
N LYS JA 59 104.54 -34.54 -37.46
CA LYS JA 59 105.40 -34.06 -36.39
C LYS JA 59 106.04 -32.73 -36.77
N CYS JA 60 106.25 -32.55 -38.07
CA CYS JA 60 107.00 -31.46 -38.68
C CYS JA 60 106.50 -31.38 -40.11
N CYS JA 61 107.37 -31.01 -41.05
CA CYS JA 61 107.00 -30.95 -42.46
C CYS JA 61 105.96 -29.87 -42.70
N LEU JA 62 106.34 -28.61 -42.46
CA LEU JA 62 105.59 -27.48 -42.99
C LEU JA 62 105.40 -27.74 -44.48
N THR JA 63 104.15 -27.85 -44.91
CA THR JA 63 103.77 -28.57 -46.13
C THR JA 63 104.52 -28.08 -47.36
N TYR JA 64 105.14 -29.01 -48.06
CA TYR JA 64 105.80 -28.69 -49.33
C TYR JA 64 104.75 -28.47 -50.39
N CYS JA 65 104.37 -27.21 -50.60
CA CYS JA 65 103.36 -26.84 -51.56
C CYS JA 65 104.00 -26.72 -52.94
N PHE JA 66 103.62 -27.62 -53.84
CA PHE JA 66 104.06 -27.57 -55.23
C PHE JA 66 102.95 -26.99 -56.09
N ASN JA 67 103.32 -26.04 -56.96
CA ASN JA 67 102.35 -25.31 -57.77
C ASN JA 67 102.21 -25.92 -59.16
N THR KA 1 114.99 25.53 85.84
CA THR KA 1 114.33 26.62 85.12
C THR KA 1 114.36 26.38 83.61
N GLU KA 2 115.06 25.33 83.21
CA GLU KA 2 115.20 25.01 81.80
C GLU KA 2 114.08 24.06 81.38
N GLN KA 3 113.27 24.49 80.42
CA GLN KA 3 112.20 23.69 79.85
C GLN KA 3 112.25 23.83 78.34
N MET KA 4 111.90 22.76 77.63
CA MET KA 4 111.85 22.84 76.18
C MET KA 4 110.55 23.48 75.73
N THR KA 5 110.66 24.53 74.92
CA THR KA 5 109.51 25.23 74.40
C THR KA 5 109.58 25.27 72.88
N LEU KA 6 108.43 25.40 72.25
CA LEU KA 6 108.34 25.40 70.79
C LEU KA 6 109.02 26.64 70.25
N ARG KA 7 110.23 26.47 69.72
CA ARG KA 7 110.94 27.59 69.12
C ARG KA 7 110.33 27.98 67.79
N GLY KA 8 109.96 27.00 66.97
CA GLY KA 8 109.37 27.33 65.69
C GLY KA 8 109.05 26.09 64.89
N THR KA 9 108.57 26.34 63.66
CA THR KA 9 108.18 25.29 62.74
C THR KA 9 108.81 25.55 61.39
N LEU KA 10 109.02 24.47 60.63
CA LEU KA 10 109.57 24.54 59.29
C LEU KA 10 108.70 23.70 58.38
N LYS KA 11 108.16 24.33 57.34
CA LYS KA 11 107.32 23.71 56.34
C LYS KA 11 107.99 23.82 54.97
N GLY KA 12 107.29 23.33 53.95
CA GLY KA 12 107.82 23.32 52.61
C GLY KA 12 107.86 21.92 52.03
N HIS KA 13 108.22 20.96 52.87
CA HIS KA 13 108.11 19.56 52.50
C HIS KA 13 106.66 19.17 52.28
N ASN KA 14 106.43 18.28 51.32
CA ASN KA 14 105.10 17.79 51.05
C ASN KA 14 104.94 16.30 51.37
N GLY KA 15 106.02 15.63 51.79
CA GLY KA 15 105.96 14.25 52.21
C GLY KA 15 106.27 14.14 53.70
N TRP KA 16 106.15 12.92 54.21
CA TRP KA 16 106.46 12.67 55.61
C TRP KA 16 107.94 12.91 55.87
N VAL KA 17 108.24 13.65 56.93
CA VAL KA 17 109.61 14.01 57.24
C VAL KA 17 110.30 12.82 57.88
N THR KA 18 110.93 11.98 57.06
CA THR KA 18 111.49 10.73 57.56
C THR KA 18 112.72 10.98 58.43
N GLN KA 19 113.63 11.82 57.97
CA GLN KA 19 114.93 11.94 58.64
C GLN KA 19 115.31 13.41 58.81
N ILE KA 20 115.77 13.75 60.01
CA ILE KA 20 116.43 15.01 60.30
C ILE KA 20 117.84 14.70 60.78
N ALA KA 21 118.83 15.32 60.15
CA ALA KA 21 120.23 15.08 60.49
C ALA KA 21 120.94 16.41 60.66
N THR KA 22 121.90 16.43 61.59
CA THR KA 22 122.59 17.65 61.98
C THR KA 22 124.09 17.46 61.85
N THR KA 23 124.79 18.58 61.69
CA THR KA 23 126.24 18.58 61.60
C THR KA 23 126.82 19.62 62.57
N PRO KA 24 128.00 19.33 63.14
CA PRO KA 24 128.69 20.36 63.92
C PRO KA 24 129.48 21.33 63.08
N GLN KA 25 129.88 20.94 61.86
CA GLN KA 25 130.66 21.83 61.02
C GLN KA 25 129.85 23.05 60.60
N PHE KA 26 128.57 22.87 60.32
CA PHE KA 26 127.70 23.96 59.87
C PHE KA 26 126.51 24.04 60.82
N PRO KA 27 126.67 24.71 61.95
CA PRO KA 27 125.57 24.81 62.93
C PRO KA 27 124.36 25.54 62.39
N ASP KA 28 124.51 26.36 61.35
CA ASP KA 28 123.41 27.10 60.77
C ASP KA 28 122.86 26.44 59.52
N MET KA 29 123.20 25.18 59.28
CA MET KA 29 122.69 24.46 58.12
C MET KA 29 122.52 22.99 58.46
N ILE KA 30 121.28 22.51 58.41
CA ILE KA 30 120.97 21.09 58.52
C ILE KA 30 120.03 20.74 57.38
N LEU KA 31 119.94 19.44 57.09
CA LEU KA 31 119.11 18.99 55.98
C LEU KA 31 118.13 17.92 56.44
N SER KA 32 117.01 17.86 55.75
CA SER KA 32 115.88 17.02 56.11
C SER KA 32 115.53 16.10 54.94
N ALA KA 33 115.41 14.80 55.24
CA ALA KA 33 115.02 13.80 54.27
C ALA KA 33 113.56 13.41 54.49
N SER KA 34 112.79 13.39 53.41
CA SER KA 34 111.35 13.21 53.51
C SER KA 34 110.86 12.25 52.43
N ARG KA 35 109.56 11.98 52.47
CA ARG KA 35 108.91 11.07 51.54
C ARG KA 35 108.50 11.76 50.24
N ASP KA 36 108.67 13.07 50.13
CA ASP KA 36 108.35 13.78 48.90
C ASP KA 36 109.43 13.64 47.83
N LYS KA 37 110.36 12.71 48.01
CA LYS KA 37 111.50 12.51 47.10
C LYS KA 37 112.30 13.79 46.93
N THR KA 38 112.46 14.56 48.01
CA THR KA 38 113.16 15.84 47.96
C THR KA 38 113.82 16.05 49.30
N ILE KA 39 115.16 16.07 49.32
CA ILE KA 39 115.92 16.28 50.54
C ILE KA 39 116.28 17.77 50.61
N ILE KA 40 115.75 18.46 51.61
CA ILE KA 40 115.86 19.92 51.67
C ILE KA 40 116.90 20.29 52.71
N MET KA 41 117.96 20.98 52.28
CA MET KA 41 118.88 21.58 53.24
C MET KA 41 118.45 23.02 53.49
N TRP KA 42 118.57 23.44 54.74
CA TRP KA 42 117.93 24.66 55.22
C TRP KA 42 118.96 25.70 55.60
N LYS KA 43 118.75 26.93 55.14
CA LYS KA 43 119.46 28.08 55.67
C LYS KA 43 118.75 28.53 56.93
N LEU KA 44 119.41 28.35 58.08
CA LEU KA 44 118.75 28.59 59.36
C LEU KA 44 118.56 30.07 59.62
N THR KA 45 117.46 30.63 59.10
CA THR KA 45 117.13 32.04 59.28
C THR KA 45 116.43 32.21 60.63
N ARG KA 46 117.24 32.22 61.68
CA ARG KA 46 116.73 32.33 63.04
C ARG KA 46 116.35 33.78 63.30
N ASP KA 47 115.08 34.10 63.10
CA ASP KA 47 114.58 35.45 63.30
C ASP KA 47 113.12 35.36 63.73
N GLU KA 48 112.42 36.49 63.66
CA GLU KA 48 111.02 36.54 64.08
C GLU KA 48 110.05 36.02 63.02
N THR KA 49 110.49 35.91 61.77
CA THR KA 49 109.62 35.36 60.73
C THR KA 49 109.64 33.84 60.74
N ASN KA 50 110.81 33.25 60.54
CA ASN KA 50 110.96 31.80 60.60
C ASN KA 50 112.14 31.43 61.48
N TYR KA 51 112.51 30.16 61.50
CA TYR KA 51 113.78 29.75 62.05
C TYR KA 51 114.74 29.21 60.99
N GLY KA 52 114.23 28.89 59.80
CA GLY KA 52 115.07 28.42 58.72
C GLY KA 52 114.39 28.67 57.39
N ILE KA 53 115.14 28.44 56.32
CA ILE KA 53 114.61 28.56 54.96
C ILE KA 53 115.36 27.55 54.09
N PRO KA 54 114.70 26.88 53.15
CA PRO KA 54 115.39 25.91 52.30
C PRO KA 54 116.51 26.55 51.49
N GLN KA 55 117.60 25.79 51.33
CA GLN KA 55 118.78 26.26 50.61
C GLN KA 55 119.02 25.49 49.32
N ARG KA 56 119.06 24.16 49.38
CA ARG KA 56 119.14 23.33 48.19
C ARG KA 56 118.15 22.18 48.31
N ALA KA 57 117.44 21.91 47.22
CA ALA KA 57 116.43 20.84 47.16
C ALA KA 57 117.04 19.68 46.37
N LEU KA 58 117.72 18.80 47.09
CA LEU KA 58 118.38 17.64 46.50
C LEU KA 58 117.33 16.68 45.94
N ARG KA 59 117.47 16.34 44.67
CA ARG KA 59 116.54 15.44 44.00
C ARG KA 59 117.33 14.39 43.21
N GLY KA 60 116.68 13.27 42.94
CA GLY KA 60 117.33 12.19 42.22
C GLY KA 60 116.91 10.81 42.68
N HIS KA 61 116.22 10.73 43.81
CA HIS KA 61 115.69 9.45 44.26
C HIS KA 61 114.35 9.15 43.58
N SER KA 62 114.03 7.86 43.50
CA SER KA 62 112.84 7.42 42.80
C SER KA 62 111.66 7.11 43.72
N HIS KA 63 111.87 7.04 45.03
CA HIS KA 63 110.78 6.74 45.94
C HIS KA 63 111.09 7.44 47.26
N PHE KA 64 110.42 7.01 48.34
CA PHE KA 64 110.57 7.66 49.64
C PHE KA 64 112.01 7.61 50.11
N VAL KA 65 112.52 8.74 50.57
CA VAL KA 65 113.88 8.85 51.07
C VAL KA 65 113.87 8.59 52.57
N SER KA 66 114.69 7.64 53.02
CA SER KA 66 114.63 7.15 54.39
C SER KA 66 115.58 7.88 55.32
N ASP KA 67 116.88 7.82 55.03
CA ASP KA 67 117.91 8.18 55.98
C ASP KA 67 118.92 9.14 55.34
N VAL KA 68 119.40 10.08 56.15
CA VAL KA 68 120.40 11.03 55.67
C VAL KA 68 121.43 11.22 56.77
N VAL KA 69 122.71 11.24 56.38
CA VAL KA 69 123.82 11.41 57.31
C VAL KA 69 124.84 12.37 56.70
N ILE KA 70 125.26 13.36 57.47
CA ILE KA 70 126.34 14.26 57.04
C ILE KA 70 127.67 13.60 57.36
N SER KA 71 128.65 13.77 56.48
CA SER KA 71 130.01 13.32 56.79
C SER KA 71 130.58 14.17 57.93
N SER KA 72 131.69 13.67 58.49
CA SER KA 72 132.31 14.34 59.62
C SER KA 72 132.80 15.73 59.26
N ASP KA 73 133.38 15.88 58.06
CA ASP KA 73 133.90 17.16 57.62
C ASP KA 73 132.82 18.08 57.05
N GLY KA 74 131.59 17.61 56.95
CA GLY KA 74 130.50 18.43 56.43
C GLY KA 74 130.64 18.79 54.97
N GLN KA 75 131.06 17.83 54.13
CA GLN KA 75 131.16 18.04 52.70
C GLN KA 75 130.28 17.10 51.88
N PHE KA 76 129.97 15.91 52.41
CA PHE KA 76 129.20 14.92 51.68
C PHE KA 76 127.99 14.51 52.52
N ALA KA 77 126.91 14.15 51.83
CA ALA KA 77 125.69 13.70 52.48
C ALA KA 77 125.29 12.35 51.90
N LEU KA 78 125.06 11.38 52.77
CA LEU KA 78 124.65 10.04 52.36
C LEU KA 78 123.16 9.88 52.58
N SER KA 79 122.44 9.49 51.54
CA SER KA 79 120.98 9.40 51.58
C SER KA 79 120.54 8.03 51.09
N GLY KA 80 119.90 7.28 51.98
CA GLY KA 80 119.27 6.03 51.60
C GLY KA 80 117.76 6.17 51.50
N SER KA 81 117.18 5.47 50.53
CA SER KA 81 115.79 5.69 50.15
C SER KA 81 115.09 4.36 49.90
N TRP KA 82 113.76 4.43 49.80
CA TRP KA 82 112.96 3.24 49.53
C TRP KA 82 113.23 2.66 48.16
N ASP KA 83 113.66 3.49 47.21
CA ASP KA 83 113.80 3.04 45.83
C ASP KA 83 114.96 2.07 45.62
N GLY KA 84 115.60 1.57 46.67
CA GLY KA 84 116.67 0.61 46.56
C GLY KA 84 118.03 1.21 46.27
N THR KA 85 118.11 2.53 46.12
CA THR KA 85 119.35 3.20 45.77
C THR KA 85 119.71 4.21 46.86
N LEU KA 86 120.99 4.30 47.17
CA LEU KA 86 121.53 5.32 48.04
C LEU KA 86 122.35 6.27 47.19
N ARG KA 87 122.47 7.51 47.62
CA ARG KA 87 123.19 8.51 46.85
C ARG KA 87 124.11 9.31 47.76
N LEU KA 88 125.32 9.57 47.28
CA LEU KA 88 126.27 10.45 47.95
C LEU KA 88 126.23 11.79 47.24
N TRP KA 89 125.98 12.85 48.00
CA TRP KA 89 125.80 14.19 47.46
C TRP KA 89 126.90 15.12 47.95
N ASP KA 90 127.30 16.05 47.09
CA ASP KA 90 128.18 17.13 47.52
C ASP KA 90 127.33 18.23 48.14
N LEU KA 91 127.81 18.82 49.22
CA LEU KA 91 127.00 19.80 49.93
C LEU KA 91 126.96 21.14 49.20
N THR KA 92 127.97 21.44 48.39
CA THR KA 92 128.04 22.74 47.73
C THR KA 92 127.01 22.85 46.62
N THR KA 93 126.89 21.81 45.78
CA THR KA 93 126.00 21.85 44.63
C THR KA 93 124.79 20.95 44.76
N GLY KA 94 124.76 20.07 45.77
CA GLY KA 94 123.64 19.15 45.90
C GLY KA 94 123.54 18.18 44.75
N THR KA 95 124.67 17.63 44.30
CA THR KA 95 124.70 16.72 43.17
C THR KA 95 125.22 15.37 43.63
N THR KA 96 124.61 14.30 43.11
CA THR KA 96 125.08 12.95 43.37
C THR KA 96 126.39 12.72 42.65
N THR KA 97 127.46 12.54 43.43
CA THR KA 97 128.76 12.18 42.87
C THR KA 97 128.99 10.67 42.84
N ARG KA 98 128.15 9.90 43.54
CA ARG KA 98 128.30 8.45 43.53
C ARG KA 98 126.98 7.82 43.97
N ARG KA 99 126.70 6.64 43.45
CA ARG KA 99 125.43 5.96 43.64
C ARG KA 99 125.68 4.55 44.17
N PHE KA 100 124.77 4.08 45.03
CA PHE KA 100 124.93 2.84 45.77
C PHE KA 100 123.73 1.96 45.47
N VAL KA 101 123.95 0.88 44.73
CA VAL KA 101 122.86 0.00 44.31
C VAL KA 101 123.22 -1.45 44.66
N GLY KA 102 122.17 -2.26 44.80
CA GLY KA 102 122.36 -3.66 45.14
C GLY KA 102 121.31 -4.19 46.09
N HIS KA 103 120.71 -3.31 46.90
CA HIS KA 103 119.60 -3.72 47.73
C HIS KA 103 118.34 -3.93 46.88
N THR KA 104 117.62 -5.01 47.19
CA THR KA 104 116.46 -5.41 46.40
C THR KA 104 115.14 -4.89 46.96
N LYS KA 105 115.19 -4.10 48.02
CA LYS KA 105 113.96 -3.61 48.65
C LYS KA 105 114.24 -2.21 49.20
N ASP KA 106 113.35 -1.72 50.07
CA ASP KA 106 113.48 -0.38 50.60
C ASP KA 106 114.67 -0.28 51.55
N VAL KA 107 115.59 0.63 51.25
CA VAL KA 107 116.75 0.84 52.09
C VAL KA 107 116.31 1.68 53.29
N LEU KA 108 116.15 1.02 54.44
CA LEU KA 108 115.55 1.69 55.59
C LEU KA 108 116.52 2.66 56.26
N SER KA 109 117.80 2.33 56.34
CA SER KA 109 118.72 3.21 57.04
C SER KA 109 120.13 3.06 56.48
N VAL KA 110 120.91 4.12 56.67
CA VAL KA 110 122.32 4.14 56.27
C VAL KA 110 123.11 4.83 57.38
N ALA KA 111 124.27 4.28 57.70
CA ALA KA 111 125.14 4.81 58.73
C ALA KA 111 126.55 5.00 58.19
N PHE KA 112 127.26 5.97 58.76
CA PHE KA 112 128.55 6.43 58.27
C PHE KA 112 129.58 6.31 59.38
N SER KA 113 130.75 5.75 59.05
CA SER KA 113 131.75 5.48 60.06
C SER KA 113 132.48 6.76 60.48
N SER KA 114 133.10 6.69 61.67
CA SER KA 114 133.86 7.83 62.17
C SER KA 114 135.08 8.10 61.30
N ASP KA 115 135.73 7.05 60.79
CA ASP KA 115 136.89 7.23 59.93
C ASP KA 115 136.50 7.66 58.53
N ASN KA 116 135.21 7.84 58.26
CA ASN KA 116 134.68 8.39 57.01
C ASN KA 116 134.98 7.50 55.81
N ARG KA 117 135.07 6.18 56.02
CA ARG KA 117 135.31 5.26 54.92
C ARG KA 117 134.31 4.11 54.87
N GLN KA 118 133.82 3.65 56.00
CA GLN KA 118 132.91 2.51 56.06
C GLN KA 118 131.47 3.02 56.11
N ILE KA 119 130.73 2.80 55.04
CA ILE KA 119 129.31 3.08 54.97
C ILE KA 119 128.59 1.76 55.17
N VAL KA 120 127.48 1.77 55.90
CA VAL KA 120 126.72 0.55 56.09
C VAL KA 120 125.25 0.86 55.81
N SER KA 121 124.53 -0.12 55.28
CA SER KA 121 123.15 0.09 54.89
C SER KA 121 122.30 -1.10 55.32
N GLY KA 122 121.15 -0.78 55.91
CA GLY KA 122 120.17 -1.78 56.27
C GLY KA 122 118.86 -1.55 55.55
N SER KA 123 118.34 -2.61 54.93
CA SER KA 123 117.19 -2.52 54.05
C SER KA 123 116.14 -3.54 54.45
N ARG KA 124 114.98 -3.47 53.78
CA ARG KA 124 113.91 -4.43 54.02
C ARG KA 124 114.22 -5.82 53.48
N ASP KA 125 115.27 -5.97 52.67
CA ASP KA 125 115.62 -7.26 52.11
C ASP KA 125 116.29 -8.20 53.11
N LYS KA 126 116.23 -7.85 54.40
CA LYS KA 126 116.68 -8.69 55.51
C LYS KA 126 118.18 -8.99 55.42
N THR KA 127 118.94 -8.08 54.81
CA THR KA 127 120.39 -8.20 54.73
C THR KA 127 121.00 -6.82 54.93
N ILE KA 128 122.29 -6.81 55.23
CA ILE KA 128 123.05 -5.59 55.46
C ILE KA 128 124.13 -5.48 54.38
N LYS KA 129 124.51 -4.26 54.03
CA LYS KA 129 125.50 -4.04 52.98
C LYS KA 129 126.60 -3.13 53.48
N LEU KA 130 127.83 -3.42 53.08
CA LEU KA 130 129.00 -2.62 53.44
C LEU KA 130 129.53 -1.90 52.20
N TRP KA 131 129.87 -0.63 52.36
CA TRP KA 131 130.20 0.24 51.25
C TRP KA 131 131.46 1.02 51.57
N ASN KA 132 132.19 1.38 50.52
CA ASN KA 132 133.39 2.19 50.66
C ASN KA 132 133.11 3.61 50.16
N THR KA 133 134.15 4.43 50.12
CA THR KA 133 133.99 5.82 49.68
C THR KA 133 133.61 5.89 48.20
N LEU KA 134 134.15 4.98 47.39
CA LEU KA 134 133.96 5.03 45.95
C LEU KA 134 132.71 4.30 45.48
N GLY KA 135 131.87 3.84 46.40
CA GLY KA 135 130.63 3.20 46.00
C GLY KA 135 130.76 1.77 45.57
N VAL KA 136 131.77 1.05 46.05
CA VAL KA 136 131.97 -0.36 45.74
C VAL KA 136 131.58 -1.16 46.97
N CYS KA 137 130.64 -2.09 46.80
CA CYS KA 137 130.16 -2.90 47.92
C CYS KA 137 131.27 -3.85 48.36
N LYS KA 138 131.78 -3.64 49.57
CA LYS KA 138 132.87 -4.48 50.06
C LYS KA 138 132.36 -5.88 50.40
N TYR KA 139 131.30 -5.97 51.20
CA TYR KA 139 130.75 -7.26 51.56
C TYR KA 139 129.29 -7.10 51.98
N THR KA 140 128.50 -8.13 51.68
CA THR KA 140 127.10 -8.19 52.07
C THR KA 140 126.96 -9.13 53.25
N VAL KA 141 126.42 -8.62 54.35
CA VAL KA 141 126.17 -9.41 55.55
C VAL KA 141 124.80 -10.03 55.42
N GLN KA 142 124.77 -11.34 55.22
CA GLN KA 142 123.54 -12.11 55.13
C GLN KA 142 123.48 -13.28 56.10
N ASP KA 143 124.63 -13.80 56.53
CA ASP KA 143 124.65 -14.89 57.49
C ASP KA 143 124.40 -14.36 58.90
N GLU KA 144 123.53 -15.07 59.64
CA GLU KA 144 123.18 -14.74 61.02
C GLU KA 144 122.58 -13.34 61.15
N SER KA 145 122.01 -12.81 60.07
CA SER KA 145 121.38 -11.49 60.11
C SER KA 145 119.94 -11.62 60.60
N HIS KA 146 119.25 -10.49 60.66
CA HIS KA 146 117.86 -10.48 61.10
C HIS KA 146 116.98 -11.23 60.11
N SER KA 147 116.07 -12.05 60.64
CA SER KA 147 115.14 -12.77 59.79
C SER KA 147 114.08 -11.89 59.19
N GLU KA 148 113.93 -10.65 59.65
CA GLU KA 148 112.94 -9.72 59.13
C GLU KA 148 113.60 -8.41 58.72
N TRP KA 149 112.79 -7.38 58.47
CA TRP KA 149 113.31 -6.08 58.05
C TRP KA 149 114.33 -5.55 59.03
N VAL KA 150 115.49 -5.14 58.50
CA VAL KA 150 116.53 -4.50 59.30
C VAL KA 150 116.17 -3.03 59.39
N SER KA 151 115.55 -2.63 60.50
CA SER KA 151 115.00 -1.28 60.59
C SER KA 151 116.09 -0.22 60.64
N CYS KA 152 117.19 -0.47 61.34
CA CYS KA 152 118.18 0.59 61.48
C CYS KA 152 119.56 0.00 61.74
N VAL KA 153 120.59 0.75 61.36
CA VAL KA 153 121.97 0.44 61.69
C VAL KA 153 122.67 1.73 62.10
N ARG KA 154 123.44 1.66 63.20
CA ARG KA 154 124.14 2.83 63.72
C ARG KA 154 125.53 2.45 64.20
N PHE KA 155 126.51 3.29 63.91
CA PHE KA 155 127.91 3.00 64.19
C PHE KA 155 128.25 3.31 65.64
N SER KA 156 129.42 2.82 66.07
CA SER KA 156 130.00 3.25 67.34
C SER KA 156 130.72 4.57 67.16
N PRO KA 157 130.37 5.62 67.91
CA PRO KA 157 131.18 6.84 67.88
C PRO KA 157 132.57 6.65 68.48
N ASN KA 158 132.77 5.63 69.30
CA ASN KA 158 134.07 5.37 69.89
C ASN KA 158 135.07 4.91 68.84
N SER KA 159 136.30 5.41 68.94
CA SER KA 159 137.34 5.01 68.00
C SER KA 159 137.75 3.55 68.22
N SER KA 160 137.82 3.12 69.47
CA SER KA 160 138.17 1.73 69.75
C SER KA 160 136.99 0.82 69.44
N ASN KA 161 137.24 -0.50 69.57
CA ASN KA 161 136.33 -1.64 69.43
C ASN KA 161 135.22 -1.39 68.40
N PRO KA 162 135.55 -1.27 67.12
CA PRO KA 162 134.58 -0.82 66.12
C PRO KA 162 133.39 -1.77 66.01
N ILE KA 163 132.22 -1.27 66.42
CA ILE KA 163 131.01 -2.06 66.50
C ILE KA 163 129.92 -1.33 65.71
N ILE KA 164 129.09 -2.11 65.03
CA ILE KA 164 127.93 -1.58 64.31
C ILE KA 164 126.68 -2.25 64.88
N VAL KA 165 125.73 -1.45 65.34
CA VAL KA 165 124.51 -1.98 65.95
C VAL KA 165 123.41 -1.97 64.90
N SER KA 166 122.49 -2.93 65.03
CA SER KA 166 121.42 -3.08 64.06
C SER KA 166 120.15 -3.50 64.78
N CYS KA 167 119.08 -2.73 64.55
CA CYS KA 167 117.74 -3.03 65.03
C CYS KA 167 116.93 -3.60 63.86
N GLY KA 168 116.24 -4.70 64.12
CA GLY KA 168 115.48 -5.38 63.08
C GLY KA 168 114.09 -5.74 63.55
N TRP KA 169 113.24 -6.08 62.59
CA TRP KA 169 111.84 -6.37 62.84
C TRP KA 169 111.61 -7.79 63.35
N ASP KA 170 112.66 -8.44 63.86
CA ASP KA 170 112.55 -9.78 64.42
C ASP KA 170 112.68 -9.78 65.94
N LYS KA 171 112.46 -8.63 66.57
CA LYS KA 171 112.59 -8.46 68.02
C LYS KA 171 114.00 -8.85 68.49
N LEU KA 172 115.01 -8.30 67.81
CA LEU KA 172 116.38 -8.67 68.09
C LEU KA 172 117.32 -7.53 67.71
N VAL KA 173 118.36 -7.35 68.52
CA VAL KA 173 119.39 -6.36 68.26
C VAL KA 173 120.70 -7.11 68.02
N LYS KA 174 121.35 -6.83 66.89
CA LYS KA 174 122.59 -7.51 66.53
C LYS KA 174 123.73 -6.52 66.38
N VAL KA 175 124.89 -6.87 66.93
CA VAL KA 175 126.07 -6.04 66.86
C VAL KA 175 127.17 -6.80 66.13
N TRP KA 176 127.82 -6.12 65.20
CA TRP KA 176 128.85 -6.72 64.36
C TRP KA 176 130.17 -5.99 64.58
N ASN KA 177 131.19 -6.74 64.99
CA ASN KA 177 132.56 -6.23 65.00
C ASN KA 177 133.01 -6.01 63.57
N LEU KA 178 133.49 -4.80 63.29
CA LEU KA 178 133.78 -4.37 61.94
C LEU KA 178 135.08 -4.95 61.39
N ALA KA 179 136.05 -5.23 62.25
CA ALA KA 179 137.37 -5.66 61.78
C ALA KA 179 137.28 -6.97 60.98
N ASN KA 180 136.26 -7.78 61.27
CA ASN KA 180 136.06 -9.03 60.54
C ASN KA 180 134.59 -9.28 60.23
N CYS KA 181 133.71 -8.30 60.46
CA CYS KA 181 132.27 -8.42 60.21
C CYS KA 181 131.69 -9.64 60.93
N LYS KA 182 131.92 -9.70 62.23
CA LYS KA 182 131.54 -10.88 63.02
C LYS KA 182 130.62 -10.50 64.16
N LEU KA 183 129.57 -11.30 64.36
CA LEU KA 183 128.60 -11.02 65.41
C LEU KA 183 129.25 -11.10 66.79
N LYS KA 184 128.84 -10.20 67.67
CA LYS KA 184 129.32 -10.19 69.05
C LYS KA 184 128.30 -10.69 70.04
N THR KA 185 127.09 -10.15 70.03
CA THR KA 185 126.07 -10.58 70.98
C THR KA 185 124.69 -10.31 70.39
N ASN KA 186 123.71 -11.01 70.93
CA ASN KA 186 122.30 -10.85 70.54
C ASN KA 186 121.52 -10.41 71.76
N HIS KA 187 120.73 -9.35 71.61
CA HIS KA 187 119.97 -8.78 72.70
C HIS KA 187 118.48 -8.83 72.37
N ILE KA 188 117.70 -9.41 73.28
CA ILE KA 188 116.27 -9.60 73.08
C ILE KA 188 115.51 -8.88 74.20
N GLY KA 189 114.19 -8.90 74.08
CA GLY KA 189 113.35 -8.31 75.11
C GLY KA 189 112.12 -7.60 74.59
N HIS KA 190 112.21 -7.06 73.37
CA HIS KA 190 111.06 -6.39 72.79
C HIS KA 190 109.99 -7.41 72.38
N THR KA 191 108.75 -6.93 72.32
CA THR KA 191 107.63 -7.76 71.87
C THR KA 191 107.20 -7.44 70.45
N GLY KA 192 107.40 -6.21 69.97
CA GLY KA 192 107.07 -5.84 68.62
C GLY KA 192 108.32 -5.52 67.82
N TYR KA 193 108.11 -5.23 66.54
CA TYR KA 193 109.22 -4.98 65.64
C TYR KA 193 109.96 -3.71 66.05
N LEU KA 194 111.27 -3.70 65.80
CA LEU KA 194 112.10 -2.58 66.16
C LEU KA 194 112.00 -1.48 65.11
N ASN KA 195 112.25 -0.25 65.55
CA ASN KA 195 112.27 0.90 64.67
C ASN KA 195 113.64 1.57 64.62
N THR KA 196 114.19 1.95 65.77
CA THR KA 196 115.43 2.70 65.81
C THR KA 196 116.18 2.38 67.10
N VAL KA 197 117.45 1.99 66.97
CA VAL KA 197 118.37 1.94 68.11
C VAL KA 197 119.44 3.00 67.88
N THR KA 198 119.77 3.73 68.92
CA THR KA 198 120.81 4.74 68.86
C THR KA 198 121.69 4.62 70.10
N VAL KA 199 122.92 5.12 69.96
CA VAL KA 199 123.93 4.98 71.00
C VAL KA 199 124.28 6.36 71.55
N SER KA 200 124.85 6.36 72.75
CA SER KA 200 125.30 7.58 73.38
C SER KA 200 126.53 8.12 72.66
N PRO KA 201 126.81 9.42 72.80
CA PRO KA 201 128.02 9.98 72.18
C PRO KA 201 129.31 9.32 72.63
N ASP KA 202 129.37 8.86 73.88
CA ASP KA 202 130.51 8.09 74.35
C ASP KA 202 130.39 6.61 74.00
N GLY KA 203 129.30 6.21 73.35
CA GLY KA 203 129.11 4.82 72.96
C GLY KA 203 128.98 3.89 74.15
N SER KA 204 128.15 4.28 75.13
CA SER KA 204 127.97 3.49 76.34
C SER KA 204 126.64 2.73 76.37
N LEU KA 205 125.54 3.36 75.98
CA LEU KA 205 124.21 2.76 76.05
C LEU KA 205 123.54 2.77 74.70
N CYS KA 206 122.77 1.74 74.41
CA CYS KA 206 122.15 1.52 73.10
C CYS KA 206 120.68 1.14 73.23
N ALA KA 207 119.91 1.94 73.96
CA ALA KA 207 118.47 1.73 74.02
C ALA KA 207 117.84 1.82 72.63
N SER KA 208 116.77 1.06 72.43
CA SER KA 208 116.14 0.92 71.12
C SER KA 208 114.65 1.19 71.22
N GLY KA 209 114.11 1.86 70.20
CA GLY KA 209 112.68 2.09 70.08
C GLY KA 209 112.07 1.04 69.17
N GLY KA 210 110.82 0.69 69.44
CA GLY KA 210 110.18 -0.36 68.68
C GLY KA 210 108.67 -0.34 68.85
N LYS KA 211 108.04 -1.38 68.30
CA LYS KA 211 106.60 -1.49 68.31
C LYS KA 211 106.05 -1.79 69.71
N ASP KA 212 106.89 -2.29 70.62
CA ASP KA 212 106.43 -2.73 71.93
C ASP KA 212 105.98 -1.57 72.82
N GLY KA 213 106.40 -0.34 72.54
CA GLY KA 213 106.07 0.79 73.39
C GLY KA 213 107.00 1.00 74.56
N GLN KA 214 108.14 0.34 74.58
CA GLN KA 214 109.11 0.52 75.65
C GLN KA 214 110.51 0.26 75.11
N ALA KA 215 111.48 0.89 75.74
CA ALA KA 215 112.88 0.80 75.35
C ALA KA 215 113.67 0.11 76.46
N MET KA 216 114.70 -0.63 76.06
CA MET KA 216 115.59 -1.30 76.99
C MET KA 216 117.02 -0.83 76.76
N LEU KA 217 117.64 -0.32 77.82
CA LEU KA 217 119.03 0.10 77.74
C LEU KA 217 119.93 -1.14 77.71
N TRP KA 218 120.96 -1.08 76.85
CA TRP KA 218 121.94 -2.15 76.81
C TRP KA 218 123.33 -1.57 76.75
N ASP KA 219 124.30 -2.37 77.19
CA ASP KA 219 125.69 -1.97 77.24
C ASP KA 219 126.36 -2.17 75.88
N LEU KA 220 127.43 -1.41 75.64
CA LEU KA 220 128.25 -1.54 74.44
C LEU KA 220 129.56 -2.28 74.74
N ASN KA 221 130.31 -1.79 75.72
CA ASN KA 221 131.64 -2.35 75.99
C ASN KA 221 131.56 -3.80 76.45
N GLU KA 222 130.59 -4.10 77.31
CA GLU KA 222 130.39 -5.47 77.78
C GLU KA 222 129.16 -6.12 77.13
N GLY KA 223 128.00 -5.48 77.24
CA GLY KA 223 126.79 -5.99 76.65
C GLY KA 223 125.88 -6.67 77.66
N LYS KA 224 124.88 -5.94 78.15
CA LYS KA 224 123.93 -6.43 79.12
C LYS KA 224 122.84 -5.39 79.27
N HIS KA 225 121.68 -5.84 79.74
CA HIS KA 225 120.57 -4.93 80.02
C HIS KA 225 120.81 -4.15 81.29
N LEU KA 226 120.42 -2.87 81.27
CA LEU KA 226 120.51 -2.01 82.44
C LEU KA 226 119.15 -1.59 82.98
N TYR KA 227 118.31 -0.96 82.16
CA TYR KA 227 117.06 -0.43 82.67
C TYR KA 227 116.03 -0.37 81.55
N THR KA 228 114.77 -0.61 81.90
CA THR KA 228 113.67 -0.57 80.95
C THR KA 228 112.84 0.68 81.19
N LEU KA 229 112.65 1.48 80.14
CA LEU KA 229 111.83 2.66 80.18
C LEU KA 229 110.57 2.41 79.36
N ASP KA 230 109.44 2.99 79.78
CA ASP KA 230 108.16 2.78 79.14
C ASP KA 230 107.68 4.08 78.51
N GLY KA 231 107.37 4.05 77.21
CA GLY KA 231 106.81 5.21 76.55
C GLY KA 231 105.31 5.11 76.42
N GLY KA 232 104.67 6.21 76.02
CA GLY KA 232 103.22 6.21 75.88
C GLY KA 232 102.74 5.25 74.80
N ASP KA 233 103.44 5.19 73.68
CA ASP KA 233 103.08 4.31 72.58
C ASP KA 233 104.36 3.89 71.87
N ILE KA 234 104.22 3.43 70.62
CA ILE KA 234 105.37 3.00 69.84
C ILE KA 234 106.35 4.14 69.65
N ILE KA 235 107.63 3.78 69.52
CA ILE KA 235 108.71 4.73 69.31
C ILE KA 235 109.35 4.44 67.97
N ASN KA 236 109.42 5.47 67.12
CA ASN KA 236 109.96 5.33 65.78
C ASN KA 236 111.27 6.08 65.57
N ALA KA 237 111.68 6.92 66.53
CA ALA KA 237 112.93 7.65 66.39
C ALA KA 237 113.54 7.85 67.77
N LEU KA 238 114.86 7.97 67.80
CA LEU KA 238 115.60 8.06 69.04
C LEU KA 238 116.94 8.73 68.76
N CYS KA 239 117.47 9.42 69.78
CA CYS KA 239 118.82 9.96 69.72
C CYS KA 239 119.26 10.32 71.15
N PHE KA 240 120.55 10.58 71.29
CA PHE KA 240 121.17 10.87 72.58
C PHE KA 240 121.68 12.31 72.58
N SER KA 241 121.42 13.01 73.67
CA SER KA 241 121.92 14.38 73.80
C SER KA 241 123.44 14.36 73.94
N PRO KA 242 124.15 15.25 73.25
CA PRO KA 242 125.63 15.20 73.30
C PRO KA 242 126.20 15.66 74.62
N ASN KA 243 125.71 16.79 75.15
CA ASN KA 243 126.29 17.36 76.35
C ASN KA 243 125.89 16.64 77.62
N ARG KA 244 124.70 16.05 77.66
CA ARG KA 244 124.18 15.42 78.86
C ARG KA 244 124.00 13.93 78.64
N TYR KA 245 123.40 13.27 79.63
CA TYR KA 245 122.95 11.89 79.53
C TYR KA 245 121.46 11.81 79.23
N TRP KA 246 120.98 12.70 78.36
CA TRP KA 246 119.56 12.82 78.09
C TRP KA 246 119.15 11.95 76.91
N LEU KA 247 118.03 11.25 77.07
CA LEU KA 247 117.48 10.40 76.03
C LEU KA 247 116.08 10.91 75.68
N CYS KA 248 115.88 11.26 74.41
CA CYS KA 248 114.60 11.75 73.93
C CYS KA 248 114.02 10.76 72.93
N ALA KA 249 112.71 10.52 73.04
CA ALA KA 249 112.03 9.55 72.21
C ALA KA 249 110.90 10.20 71.43
N ALA KA 250 110.81 9.86 70.15
CA ALA KA 250 109.67 10.27 69.34
C ALA KA 250 108.49 9.39 69.66
N THR KA 251 107.88 9.61 70.83
CA THR KA 251 106.85 8.73 71.37
C THR KA 251 105.52 9.06 70.71
N GLY KA 252 105.34 8.51 69.51
CA GLY KA 252 104.10 8.67 68.77
C GLY KA 252 103.80 10.11 68.43
N PRO KA 253 102.69 10.62 68.96
CA PRO KA 253 102.33 12.03 68.76
C PRO KA 253 102.91 13.00 69.79
N SER KA 254 103.91 12.58 70.57
CA SER KA 254 104.49 13.41 71.60
C SER KA 254 105.98 13.15 71.70
N ILE KA 255 106.71 14.14 72.23
CA ILE KA 255 108.13 14.01 72.50
C ILE KA 255 108.33 13.94 74.00
N LYS KA 256 109.23 13.06 74.45
CA LYS KA 256 109.52 12.92 75.86
C LYS KA 256 111.02 12.78 76.08
N ILE KA 257 111.53 13.53 77.04
CA ILE KA 257 112.95 13.53 77.40
C ILE KA 257 113.09 12.95 78.81
N TRP KA 258 114.10 12.08 78.99
CA TRP KA 258 114.47 11.56 80.29
C TRP KA 258 115.98 11.73 80.47
N ASP KA 259 116.42 11.60 81.72
CA ASP KA 259 117.83 11.62 82.04
C ASP KA 259 118.25 10.24 82.55
N LEU KA 260 119.43 9.78 82.12
CA LEU KA 260 119.88 8.46 82.50
C LEU KA 260 120.17 8.36 83.99
N GLU KA 261 120.68 9.42 84.61
CA GLU KA 261 121.04 9.36 86.02
C GLU KA 261 119.80 9.30 86.90
N GLY KA 262 118.82 10.18 86.65
CA GLY KA 262 117.63 10.23 87.48
C GLY KA 262 116.60 9.18 87.18
N LYS KA 263 116.56 8.68 85.93
CA LYS KA 263 115.56 7.72 85.47
C LYS KA 263 114.15 8.25 85.66
N ILE KA 264 113.97 9.55 85.46
CA ILE KA 264 112.68 10.21 85.65
C ILE KA 264 112.35 11.04 84.41
N ILE KA 265 111.08 11.37 84.28
CA ILE KA 265 110.59 12.17 83.16
C ILE KA 265 111.01 13.61 83.39
N VAL KA 266 111.64 14.21 82.37
CA VAL KA 266 112.10 15.59 82.46
C VAL KA 266 111.13 16.55 81.81
N ASP KA 267 110.75 16.31 80.56
CA ASP KA 267 109.86 17.22 79.86
C ASP KA 267 109.12 16.49 78.75
N GLU KA 268 107.95 17.03 78.43
CA GLU KA 268 107.03 16.48 77.44
C GLU KA 268 106.61 17.59 76.48
N LEU KA 269 106.61 17.28 75.19
CA LEU KA 269 106.30 18.23 74.12
C LEU KA 269 105.14 17.69 73.32
N LYS KA 270 104.08 18.50 73.19
CA LYS KA 270 102.84 18.09 72.55
C LYS KA 270 102.47 18.99 71.37
N GLN KA 271 103.46 19.67 70.78
CA GLN KA 271 103.29 20.58 69.65
C GLN KA 271 102.35 21.75 69.95
N GLU KA 272 101.96 21.94 71.21
CA GLU KA 272 100.97 22.94 71.60
C GLU KA 272 99.68 22.78 70.79
N VAL KA 273 99.26 21.53 70.60
CA VAL KA 273 98.09 21.25 69.77
C VAL KA 273 96.83 21.70 70.51
N ILE KA 274 95.97 22.42 69.80
CA ILE KA 274 94.71 22.91 70.37
C ILE KA 274 93.57 22.59 69.41
N SER KA 275 93.86 21.76 68.41
CA SER KA 275 92.81 21.35 67.47
C SER KA 275 91.82 20.41 68.13
N THR KA 276 92.31 19.23 68.57
CA THR KA 276 91.56 18.20 69.30
C THR KA 276 90.10 18.06 68.82
N SER KA 277 89.96 17.88 67.50
CA SER KA 277 88.65 17.85 66.87
C SER KA 277 87.82 16.63 67.24
N SER KA 278 88.41 15.65 67.92
CA SER KA 278 87.79 14.39 68.33
C SER KA 278 87.37 13.53 67.14
N LYS KA 279 87.90 13.81 65.95
CA LYS KA 279 87.64 13.00 64.77
C LYS KA 279 88.88 12.30 64.24
N ALA KA 280 90.07 12.80 64.57
CA ALA KA 280 91.32 12.22 64.10
C ALA KA 280 92.40 12.41 65.17
N GLU KA 281 93.39 11.53 65.14
CA GLU KA 281 94.49 11.59 66.07
C GLU KA 281 95.47 12.70 65.67
N PRO KA 282 96.23 13.23 66.63
CA PRO KA 282 97.25 14.23 66.29
C PRO KA 282 98.37 13.62 65.47
N PRO KA 283 99.09 14.45 64.71
CA PRO KA 283 100.19 13.92 63.88
C PRO KA 283 101.26 13.24 64.71
N GLN KA 284 101.87 12.21 64.13
CA GLN KA 284 102.87 11.41 64.81
C GLN KA 284 104.26 11.98 64.57
N CYS KA 285 105.15 11.78 65.54
CA CYS KA 285 106.54 12.20 65.39
C CYS KA 285 107.29 11.16 64.58
N THR KA 286 108.11 11.61 63.63
CA THR KA 286 108.81 10.74 62.71
C THR KA 286 110.32 10.78 62.87
N SER KA 287 110.92 11.96 62.80
CA SER KA 287 112.37 12.09 62.90
C SER KA 287 112.76 12.86 64.16
N LEU KA 288 113.96 12.57 64.64
CA LEU KA 288 114.49 13.17 65.86
C LEU KA 288 115.95 13.53 65.64
N ALA KA 289 116.34 14.73 66.07
CA ALA KA 289 117.73 15.15 65.89
C ALA KA 289 118.08 16.19 66.94
N TRP KA 290 119.05 15.85 67.79
CA TRP KA 290 119.57 16.80 68.78
C TRP KA 290 120.45 17.82 68.07
N SER KA 291 120.75 18.91 68.77
CA SER KA 291 121.68 19.92 68.28
C SER KA 291 123.11 19.48 68.55
N ALA KA 292 124.02 19.91 67.66
CA ALA KA 292 125.43 19.66 67.88
C ALA KA 292 125.93 20.34 69.15
N ASP KA 293 125.49 21.57 69.39
CA ASP KA 293 125.80 22.26 70.62
C ASP KA 293 124.90 21.83 71.78
N GLY KA 294 123.90 20.99 71.52
CA GLY KA 294 123.05 20.48 72.58
C GLY KA 294 122.14 21.50 73.21
N GLN KA 295 121.63 22.46 72.43
CA GLN KA 295 120.74 23.48 72.96
C GLN KA 295 119.32 23.41 72.40
N THR KA 296 119.10 22.66 71.31
CA THR KA 296 117.79 22.59 70.69
C THR KA 296 117.57 21.21 70.08
N LEU KA 297 116.31 20.93 69.77
CA LEU KA 297 115.90 19.63 69.26
C LEU KA 297 114.99 19.81 68.06
N PHE KA 298 115.19 18.99 67.04
CA PHE KA 298 114.37 19.01 65.84
C PHE KA 298 113.58 17.71 65.75
N ALA KA 299 112.27 17.83 65.50
CA ALA KA 299 111.39 16.67 65.46
C ALA KA 299 110.46 16.77 64.27
N GLY KA 300 110.56 15.81 63.36
CA GLY KA 300 109.68 15.76 62.22
C GLY KA 300 108.30 15.24 62.59
N TYR KA 301 107.36 15.43 61.66
CA TYR KA 301 105.98 15.04 61.92
C TYR KA 301 105.34 14.59 60.62
N THR KA 302 104.21 13.89 60.76
CA THR KA 302 103.46 13.40 59.62
C THR KA 302 102.68 14.50 58.91
N ASP KA 303 102.62 15.70 59.47
CA ASP KA 303 101.88 16.81 58.87
C ASP KA 303 102.72 17.61 57.89
N ASN KA 304 103.72 16.98 57.27
CA ASN KA 304 104.58 17.60 56.27
C ASN KA 304 105.33 18.79 56.85
N LEU KA 305 105.84 18.62 58.08
CA LEU KA 305 106.45 19.74 58.80
C LEU KA 305 107.41 19.18 59.85
N VAL KA 306 108.36 20.03 60.25
CA VAL KA 306 109.29 19.68 61.32
C VAL KA 306 109.34 20.82 62.33
N ARG KA 307 109.22 20.47 63.61
CA ARG KA 307 109.18 21.46 64.69
C ARG KA 307 110.51 21.52 65.41
N VAL KA 308 111.00 22.74 65.63
CA VAL KA 308 112.22 22.98 66.38
C VAL KA 308 111.86 23.53 67.75
N TRP KA 309 112.47 22.94 68.78
CA TRP KA 309 112.21 23.29 70.17
C TRP KA 309 113.52 23.72 70.83
N GLN KA 310 113.44 24.76 71.66
CA GLN KA 310 114.60 25.36 72.29
C GLN KA 310 114.46 25.31 73.81
N VAL KA 311 115.58 25.10 74.49
CA VAL KA 311 115.60 25.07 75.94
C VAL KA 311 115.54 26.49 76.50
N THR KA 312 114.89 26.62 77.66
CA THR KA 312 114.83 27.90 78.34
C THR KA 312 116.15 28.19 79.04
N ILE KA 313 116.67 29.39 78.85
CA ILE KA 313 117.96 29.77 79.43
C ILE KA 313 117.80 30.06 80.91
N ILE NA 1 -112.46 -31.47 27.72
CA ILE NA 1 -111.37 -32.40 28.00
C ILE NA 1 -110.49 -32.57 26.75
N MET NA 2 -109.25 -33.01 26.97
CA MET NA 2 -108.30 -33.17 25.88
C MET NA 2 -108.45 -34.56 25.28
N ASN NA 3 -108.62 -34.63 23.97
CA ASN NA 3 -108.75 -35.91 23.29
C ASN NA 3 -107.57 -36.14 22.35
N GLN NA 4 -107.64 -37.23 21.58
CA GLN NA 4 -106.48 -37.67 20.82
C GLN NA 4 -106.17 -36.72 19.68
N GLU NA 5 -107.19 -36.19 19.01
CA GLU NA 5 -106.94 -35.25 17.92
C GLU NA 5 -106.36 -33.94 18.43
N LYS NA 6 -106.86 -33.46 19.57
CA LYS NA 6 -106.31 -32.26 20.17
C LYS NA 6 -104.86 -32.46 20.58
N LEU NA 7 -104.54 -33.63 21.14
CA LEU NA 7 -103.14 -33.92 21.43
C LEU NA 7 -102.32 -34.10 20.16
N ALA NA 8 -102.93 -34.58 19.08
CA ALA NA 8 -102.20 -34.74 17.82
C ALA NA 8 -101.83 -33.38 17.24
N LYS NA 9 -102.72 -32.40 17.32
CA LYS NA 9 -102.37 -31.07 16.84
C LYS NA 9 -101.45 -30.35 17.84
N LEU NA 10 -101.60 -30.65 19.13
CA LEU NA 10 -100.62 -30.17 20.12
C LEU NA 10 -99.23 -30.71 19.84
N GLN NA 11 -99.15 -31.92 19.29
CA GLN NA 11 -97.86 -32.45 18.84
C GLN NA 11 -97.23 -31.56 17.78
N ALA NA 12 -98.05 -30.99 16.89
CA ALA NA 12 -97.52 -30.08 15.88
C ALA NA 12 -97.11 -28.75 16.48
N GLN NA 13 -97.94 -28.18 17.35
CA GLN NA 13 -97.64 -26.84 17.84
C GLN NA 13 -96.52 -26.84 18.88
N VAL NA 14 -96.38 -27.91 19.67
CA VAL NA 14 -95.50 -27.88 20.83
C VAL NA 14 -94.03 -27.85 20.45
N ARG NA 15 -93.68 -28.28 19.24
CA ARG NA 15 -92.28 -28.35 18.82
C ARG NA 15 -91.90 -27.04 18.14
N ILE NA 16 -90.86 -26.39 18.65
CA ILE NA 16 -90.42 -25.10 18.14
C ILE NA 16 -88.98 -25.16 17.60
N GLY NA 17 -88.50 -26.36 17.30
CA GLY NA 17 -87.15 -26.49 16.80
C GLY NA 17 -86.77 -27.94 16.64
N GLY NA 18 -85.47 -28.18 16.53
CA GLY NA 18 -84.94 -29.52 16.38
C GLY NA 18 -84.70 -30.20 17.72
N LYS NA 19 -83.99 -31.31 17.66
CA LYS NA 19 -83.63 -32.04 18.87
C LYS NA 19 -82.65 -31.22 19.70
N GLY NA 20 -82.88 -31.21 21.01
CA GLY NA 20 -82.06 -30.44 21.92
C GLY NA 20 -82.57 -29.06 22.23
N THR NA 21 -83.65 -28.63 21.59
CA THR NA 21 -84.28 -27.35 21.91
C THR NA 21 -85.39 -27.54 22.92
N ALA NA 22 -85.71 -26.46 23.62
CA ALA NA 22 -86.73 -26.51 24.65
C ALA NA 22 -88.13 -26.65 24.03
N ARG NA 23 -89.09 -26.99 24.87
CA ARG NA 23 -90.48 -27.14 24.46
C ARG NA 23 -91.28 -25.92 24.90
N ARG NA 24 -92.24 -25.53 24.08
CA ARG NA 24 -93.08 -24.37 24.41
C ARG NA 24 -93.96 -24.69 25.61
N LYS NA 25 -94.09 -23.73 26.52
CA LYS NA 25 -94.83 -23.94 27.76
C LYS NA 25 -96.28 -23.48 27.69
N LYS NA 26 -96.58 -22.40 26.96
CA LYS NA 26 -97.93 -21.87 26.92
C LYS NA 26 -98.11 -21.03 25.67
N LYS NA 27 -99.37 -20.92 25.23
CA LYS NA 27 -99.74 -20.03 24.13
C LYS NA 27 -101.19 -19.61 24.35
N VAL NA 28 -101.38 -18.44 24.96
CA VAL NA 28 -102.70 -17.96 25.34
C VAL NA 28 -102.92 -16.60 24.71
N VAL NA 29 -104.08 -16.41 24.10
CA VAL NA 29 -104.47 -15.13 23.52
C VAL NA 29 -105.45 -14.43 24.46
N HIS NA 30 -105.19 -13.15 24.73
CA HIS NA 30 -106.02 -12.33 25.60
C HIS NA 30 -106.05 -10.92 25.05
N ARG NA 31 -107.15 -10.22 25.33
CA ARG NA 31 -107.29 -8.85 24.85
C ARG NA 31 -107.33 -7.86 26.02
P A2M OA 398 -91.87 11.09 -14.72
OP1 A2M OA 398 -91.16 12.39 -14.89
O5' A2M OA 398 -92.23 10.21 -16.26
C5' A2M OA 398 -91.17 9.85 -17.00
C4' A2M OA 398 -91.48 8.57 -17.75
O4' A2M OA 398 -92.14 7.66 -16.89
C3' A2M OA 398 -92.40 8.82 -18.91
O3' A2M OA 398 -91.68 9.50 -19.88
C2' A2M OA 398 -92.93 7.42 -19.17
O2' A2M OA 398 -91.97 6.54 -19.71
C1' A2M OA 398 -93.16 7.08 -17.68
CM' A2M OA 398 -92.42 5.22 -19.61
N9 A2M OA 398 -94.44 7.50 -17.19
C8 A2M OA 398 -94.87 8.65 -16.54
N7 A2M OA 398 -96.19 8.64 -16.27
C5 A2M OA 398 -96.61 7.43 -16.79
C6 A2M OA 398 -97.83 6.79 -16.86
N6 A2M OA 398 -98.98 7.36 -16.33
N1 A2M OA 398 -97.99 5.57 -17.43
C2 A2M OA 398 -96.86 5.02 -17.94
N3 A2M OA 398 -95.61 5.49 -17.96
C4 A2M OA 398 -95.55 6.71 -17.37
OP2 A2M OA 398 -93.32 11.11 -14.33
P A2M OA 400 -97.02 9.54 -25.73
OP1 A2M OA 400 -96.26 10.01 -26.93
O5' A2M OA 400 -98.60 8.73 -26.07
C5' A2M OA 400 -98.52 7.53 -26.64
C4' A2M OA 400 -99.91 6.93 -26.76
O4' A2M OA 400 -100.33 6.49 -25.50
C3' A2M OA 400 -100.88 7.99 -27.26
O3' A2M OA 400 -100.76 7.96 -28.63
C2' A2M OA 400 -102.18 7.59 -26.62
O2' A2M OA 400 -102.86 6.59 -27.33
C1' A2M OA 400 -101.62 6.99 -25.30
CM' A2M OA 400 -103.78 5.91 -26.53
N9 A2M OA 400 -101.60 7.83 -24.14
C8 A2M OA 400 -100.55 8.49 -23.48
N7 A2M OA 400 -100.97 9.19 -22.40
C5 A2M OA 400 -102.34 8.95 -22.38
C6 A2M OA 400 -103.36 9.36 -21.55
N6 A2M OA 400 -103.13 10.19 -20.47
N1 A2M OA 400 -104.64 9.00 -21.75
C2 A2M OA 400 -104.87 8.19 -22.81
N3 A2M OA 400 -104.01 7.70 -23.71
C4 A2M OA 400 -102.75 8.12 -23.45
OP2 A2M OA 400 -97.66 10.56 -24.82
P OMG OA 902 -48.26 22.74 -43.56
OP1 OMG OA 902 -48.64 23.97 -44.36
OP2 OMG OA 902 -47.09 21.85 -43.97
O5' OMG OA 902 -48.05 23.20 -42.04
C5' OMG OA 902 -48.93 24.12 -41.44
C4' OMG OA 902 -48.51 24.46 -40.04
O4' OMG OA 902 -48.81 23.35 -39.16
C3' OMG OA 902 -47.03 24.71 -39.82
O3' OMG OA 902 -46.65 26.02 -40.19
C2' OMG OA 902 -46.87 24.43 -38.34
O2' OMG OA 902 -47.37 25.52 -37.59
CM2 OMG OA 902 -47.84 25.23 -36.29
C1' OMG OA 902 -47.81 23.24 -38.17
N9 OMG OA 902 -47.12 21.95 -38.36
C8 OMG OA 902 -47.25 21.12 -39.43
N7 OMG OA 902 -46.53 20.05 -39.32
C5 OMG OA 902 -45.90 20.16 -38.11
C6 OMG OA 902 -44.99 19.29 -37.47
O6 OMG OA 902 -44.56 18.21 -37.86
N1 OMG OA 902 -44.57 19.83 -36.26
C2 OMG OA 902 -44.98 21.01 -35.73
N2 OMG OA 902 -44.47 21.34 -34.53
N3 OMG OA 902 -45.82 21.81 -36.32
C4 OMG OA 902 -46.25 21.34 -37.50
P 1MA OA 908 -36.81 19.64 -45.65
OP1 1MA OA 908 -37.54 20.14 -46.88
OP2 1MA OA 908 -36.44 20.63 -44.55
O5' 1MA OA 908 -37.66 18.48 -45.00
C5' 1MA OA 908 -38.02 17.34 -45.76
C4' 1MA OA 908 -39.04 16.48 -45.04
O4' 1MA OA 908 -38.48 16.03 -43.78
C3' 1MA OA 908 -40.36 17.18 -44.72
O3' 1MA OA 908 -41.43 16.25 -44.89
C2' 1MA OA 908 -40.21 17.52 -43.24
O2' 1MA OA 908 -41.43 17.63 -42.54
C1' 1MA OA 908 -39.37 16.36 -42.73
N9 1MA OA 908 -38.56 16.67 -41.56
C8 1MA OA 908 -38.34 17.91 -41.01
N7 1MA OA 908 -37.56 17.85 -39.97
C5 1MA OA 908 -37.27 16.53 -39.81
C6 1MA OA 908 -36.45 15.88 -38.83
N6 1MA OA 908 -35.85 16.49 -37.89
N1 1MA OA 908 -36.42 14.49 -39.06
CM1 1MA OA 908 -35.64 13.68 -38.14
C2 1MA OA 908 -37.07 13.88 -40.07
N3 1MA OA 908 -37.80 14.46 -40.96
C4 1MA OA 908 -37.87 15.79 -40.79
P A2M OA 909 -42.14 16.10 -46.32
OP1 A2M OA 909 -41.15 15.86 -47.42
O5' A2M OA 909 -43.39 14.83 -46.09
C5' A2M OA 909 -44.35 15.10 -45.19
C4' A2M OA 909 -44.61 13.88 -44.34
O4' A2M OA 909 -44.49 12.75 -45.14
C3' A2M OA 909 -43.60 13.77 -43.20
O3' A2M OA 909 -44.12 14.54 -42.15
C2' A2M OA 909 -43.46 12.29 -43.00
O2' A2M OA 909 -44.50 11.77 -42.18
C1' A2M OA 909 -43.69 11.83 -44.44
CM' A2M OA 909 -44.83 10.45 -42.52
N9 A2M OA 909 -42.55 11.49 -45.25
C8 A2M OA 909 -41.97 12.09 -46.37
N7 A2M OA 909 -40.90 11.40 -46.83
C5 A2M OA 909 -40.82 10.32 -45.96
C6 A2M OA 909 -39.97 9.25 -45.86
N6 A2M OA 909 -38.92 9.07 -46.73
N1 A2M OA 909 -40.08 8.31 -44.89
C2 A2M OA 909 -41.11 8.50 -44.02
N3 A2M OA 909 -42.03 9.47 -43.98
C4 A2M OA 909 -41.83 10.36 -44.97
OP2 A2M OA 909 -43.18 17.17 -46.50
P A2M OA 912 -36.51 10.14 -36.03
OP1 A2M OA 912 -36.62 10.56 -37.47
O5' A2M OA 912 -37.86 11.23 -35.52
C5' A2M OA 912 -38.17 11.21 -34.21
C4' A2M OA 912 -38.00 12.60 -33.63
O4' A2M OA 912 -37.46 13.44 -34.62
C3' A2M OA 912 -39.32 13.16 -33.17
O3' A2M OA 912 -39.52 12.68 -31.89
C2' A2M OA 912 -39.14 14.65 -33.37
O2' A2M OA 912 -38.46 15.27 -32.31
C1' A2M OA 912 -38.23 14.61 -34.61
CM' A2M OA 912 -37.84 16.46 -32.72
N9 A2M OA 912 -38.85 14.75 -35.89
C8 A2M OA 912 -39.20 13.83 -36.88
N7 A2M OA 912 -39.76 14.41 -37.95
C5 A2M OA 912 -39.77 15.75 -37.63
C6 A2M OA 912 -40.19 16.89 -38.28
N6 A2M OA 912 -40.77 16.83 -39.53
N1 A2M OA 912 -40.08 18.12 -37.75
C2 A2M OA 912 -39.51 18.17 -36.52
N3 A2M OA 912 -39.05 17.19 -35.75
C4 A2M OA 912 -39.21 15.99 -36.35
OP2 A2M OA 912 -35.23 10.36 -35.30
N1 OMC OA 926 -50.82 51.89 -26.61
C2 OMC OA 926 -49.73 52.06 -25.73
N3 OMC OA 926 -48.56 51.50 -26.06
C4 OMC OA 926 -48.40 50.81 -27.16
C5 OMC OA 926 -49.47 50.62 -28.07
C6 OMC OA 926 -50.65 51.17 -27.74
O2 OMC OA 926 -49.88 52.71 -24.71
N4 OMC OA 926 -47.21 50.29 -27.43
C1' OMC OA 926 -52.15 52.46 -26.32
C2' OMC OA 926 -52.19 53.97 -26.54
O2' OMC OA 926 -53.09 54.53 -25.60
CM2 OMC OA 926 -52.72 54.32 -24.26
C3' OMC OA 926 -52.77 54.06 -27.94
C4' OMC OA 926 -53.75 52.91 -27.98
O4' OMC OA 926 -53.09 51.88 -27.21
O3' OMC OA 926 -53.38 55.32 -28.21
C5' OMC OA 926 -54.06 52.37 -29.35
O5' OMC OA 926 -52.88 52.13 -30.08
P OMC OA 926 -52.93 51.42 -31.50
OP1 OMC OA 926 -53.97 52.13 -32.34
OP2 OMC OA 926 -51.50 51.28 -32.00
P OMG OA 1108 -46.91 34.14 -17.94
OP1 OMG OA 1108 -47.50 34.12 -16.54
OP2 OMG OA 1108 -46.29 35.44 -18.48
O5' OMG OA 1108 -45.82 32.99 -18.05
C5' OMG OA 1108 -46.13 31.66 -17.69
C4' OMG OA 1108 -45.02 30.71 -18.06
O4' OMG OA 1108 -44.82 30.70 -19.49
C3' OMG OA 1108 -43.65 31.06 -17.53
O3' OMG OA 1108 -43.51 30.76 -16.15
C2' OMG OA 1108 -42.74 30.25 -18.44
O2' OMG OA 1108 -42.76 28.88 -18.07
CM2 OMG OA 1108 -41.51 28.40 -17.62
C1' OMG OA 1108 -43.48 30.39 -19.78
N9 OMG OA 1108 -42.90 31.47 -20.60
C8 OMG OA 1108 -43.41 32.74 -20.79
N7 OMG OA 1108 -42.66 33.45 -21.57
C5 OMG OA 1108 -41.62 32.64 -21.91
C6 OMG OA 1108 -40.50 32.88 -22.75
O6 OMG OA 1108 -40.20 33.89 -23.36
N1 OMG OA 1108 -39.68 31.75 -22.82
C2 OMG OA 1108 -39.90 30.57 -22.18
N2 OMG OA 1108 -39.00 29.60 -22.38
N3 OMG OA 1108 -40.94 30.35 -21.42
C4 OMG OA 1108 -41.76 31.41 -21.32
P A2M OA 1110 -39.96 29.16 -10.93
OP1 A2M OA 1110 -41.34 28.82 -10.48
O5' A2M OA 1110 -38.62 28.28 -10.12
C5' A2M OA 1110 -38.11 27.24 -10.82
C4' A2M OA 1110 -36.63 27.15 -10.52
O4' A2M OA 1110 -35.91 27.67 -11.60
C3' A2M OA 1110 -36.31 27.97 -9.30
O3' A2M OA 1110 -36.67 27.20 -8.20
C2' A2M OA 1110 -34.84 28.34 -9.50
O2' A2M OA 1110 -33.95 27.49 -8.83
C1' A2M OA 1110 -34.70 28.12 -11.04
CM' A2M OA 1110 -32.64 27.75 -9.24
N9 A2M OA 1110 -34.19 29.24 -11.79
C8 A2M OA 1110 -32.96 29.49 -12.39
N7 A2M OA 1110 -32.89 30.68 -13.00
C5 A2M OA 1110 -34.15 31.23 -12.79
C6 A2M OA 1110 -34.75 32.42 -13.14
N6 A2M OA 1110 -34.08 33.37 -13.87
N1 A2M OA 1110 -36.02 32.72 -12.80
C2 A2M OA 1110 -36.68 31.78 -12.08
N3 A2M OA 1110 -36.26 30.58 -11.64
C4 A2M OA 1110 -34.98 30.35 -12.03
OP2 A2M OA 1110 -39.38 30.51 -10.60
P A2M OA 1120 -48.72 20.58 18.46
OP1 A2M OA 1120 -49.74 21.68 18.48
O5' A2M OA 1120 -49.44 19.81 16.98
C5' A2M OA 1120 -50.53 20.38 16.47
C4' A2M OA 1120 -51.66 19.37 16.42
O4' A2M OA 1120 -52.89 20.06 16.23
C3' A2M OA 1120 -51.48 18.39 15.28
O3' A2M OA 1120 -51.80 17.14 15.80
C2' A2M OA 1120 -52.34 18.98 14.17
O2' A2M OA 1120 -52.84 18.04 13.27
C1' A2M OA 1120 -53.45 19.44 15.10
CM' A2M OA 1120 -51.80 17.43 12.57
N9 A2M OA 1120 -54.49 20.29 14.57
C8 A2M OA 1120 -54.59 21.66 14.35
N7 A2M OA 1120 -55.76 22.02 13.82
C5 A2M OA 1120 -56.45 20.82 13.72
C6 A2M OA 1120 -57.70 20.47 13.27
N6 A2M OA 1120 -58.58 21.42 12.79
N1 A2M OA 1120 -58.15 19.19 13.28
C2 A2M OA 1120 -57.28 18.27 13.75
N3 A2M OA 1120 -56.04 18.43 14.22
C4 A2M OA 1120 -55.68 19.73 14.18
OP2 A2M OA 1120 -48.59 19.69 19.66
N1 PSU OA 1122 -44.95 16.79 15.45
C2 PSU OA 1122 -44.48 18.06 15.22
N3 PSU OA 1122 -43.61 18.30 14.17
C4 PSU OA 1122 -43.22 17.26 13.37
C5 PSU OA 1122 -43.69 15.98 13.61
C6 PSU OA 1122 -44.57 15.77 14.67
O2 PSU OA 1122 -44.84 18.98 15.94
O4 PSU OA 1122 -42.45 17.46 12.44
C1' PSU OA 1122 -43.28 14.84 12.75
C2' PSU OA 1122 -41.87 14.37 13.09
O2' PSU OA 1122 -41.27 13.86 11.92
C3' PSU OA 1122 -42.17 13.23 14.06
C4' PSU OA 1122 -43.42 12.61 13.48
O3' PSU OA 1122 -41.11 12.30 14.19
O4' PSU OA 1122 -44.16 13.75 12.97
C5' PSU OA 1122 -44.26 11.84 14.45
O5' PSU OA 1122 -45.62 11.88 14.10
P PSU OA 1122 -46.73 12.19 15.20
OP1 PSU OA 1122 -46.97 10.94 15.97
OP2 PSU OA 1122 -46.28 13.42 15.89
N1 PSU OA 1168 -44.49 -9.68 24.62
C2 PSU OA 1168 -45.08 -9.18 25.76
N3 PSU OA 1168 -46.30 -9.65 26.18
C4 PSU OA 1168 -46.93 -10.63 25.45
C5 PSU OA 1168 -46.34 -11.13 24.31
C6 PSU OA 1168 -45.10 -10.64 23.90
O2 PSU OA 1168 -44.50 -8.30 26.40
O4 PSU OA 1168 -48.02 -11.06 25.83
C1' PSU OA 1168 -47.02 -12.21 23.51
C2' PSU OA 1168 -48.15 -11.62 22.66
O2' PSU OA 1168 -49.17 -12.60 22.54
C3' PSU OA 1168 -47.44 -11.41 21.32
C4' PSU OA 1168 -46.50 -12.60 21.26
O3' PSU OA 1168 -48.32 -11.35 20.23
O4' PSU OA 1168 -46.09 -12.80 22.64
C5' PSU OA 1168 -45.28 -12.42 20.39
O5' PSU OA 1168 -44.36 -13.49 20.56
P PSU OA 1168 -43.11 -13.63 19.60
OP1 PSU OA 1168 -43.62 -13.90 18.24
OP2 PSU OA 1168 -42.22 -12.46 19.82
P OMG OA 1211 -36.29 33.52 6.42
OP1 OMG OA 1211 -36.84 34.86 6.93
OP2 OMG OA 1211 -36.76 32.97 5.09
O5' OMG OA 1211 -34.71 33.64 6.38
C5' OMG OA 1211 -33.99 34.23 7.46
C4' OMG OA 1211 -33.14 33.23 8.18
O4' OMG OA 1211 -33.25 31.95 7.50
C3' OMG OA 1211 -31.66 33.54 8.22
O3' OMG OA 1211 -31.07 32.93 9.36
C2' OMG OA 1211 -31.15 32.88 6.95
O2' OMG OA 1211 -29.77 32.57 6.98
CM2 OMG OA 1211 -28.93 33.69 7.02
C1' OMG OA 1211 -32.01 31.62 6.88
N9 OMG OA 1211 -32.31 31.18 5.52
C8 OMG OA 1211 -33.54 31.01 4.96
N7 OMG OA 1211 -33.49 30.60 3.73
C5 OMG OA 1211 -32.15 30.49 3.47
C6 OMG OA 1211 -31.48 30.10 2.28
O6 OMG OA 1211 -31.97 29.75 1.21
N1 OMG OA 1211 -30.09 30.14 2.45
C2 OMG OA 1211 -29.46 30.51 3.59
N2 OMG OA 1211 -28.11 30.49 3.58
N3 OMG OA 1211 -30.07 30.87 4.67
C4 OMG OA 1211 -31.40 30.86 4.56
N1 PSU OA 1263 -15.76 37.89 -27.75
C2 PSU OA 1263 -14.82 37.87 -28.75
N3 PSU OA 1263 -15.18 37.94 -30.07
C4 PSU OA 1263 -16.52 38.02 -30.38
C5 PSU OA 1263 -17.47 38.04 -29.38
C6 PSU OA 1263 -17.07 37.98 -28.05
O2 PSU OA 1263 -13.62 37.80 -28.46
O4 PSU OA 1263 -16.87 38.08 -31.56
C1' PSU OA 1263 -18.92 38.14 -29.75
C2' PSU OA 1263 -19.71 36.87 -29.43
O2' PSU OA 1263 -20.53 36.57 -30.55
C3' PSU OA 1263 -20.57 37.32 -28.25
C4' PSU OA 1263 -20.80 38.79 -28.54
O3' PSU OA 1263 -21.79 36.61 -28.14
O4' PSU OA 1263 -19.54 39.23 -29.11
C5' PSU OA 1263 -21.15 39.66 -27.35
O5' PSU OA 1263 -20.35 39.37 -26.23
P PSU OA 1263 -20.86 39.70 -24.76
OP1 PSU OA 1263 -20.70 41.13 -24.43
OP2 PSU OA 1263 -22.20 39.08 -24.66
N1 PSU OA 1269 -24.95 45.22 -38.75
C2 PSU OA 1269 -24.37 44.06 -39.21
N3 PSU OA 1269 -23.06 44.04 -39.61
C4 PSU OA 1269 -22.32 45.21 -39.55
C5 PSU OA 1269 -22.91 46.38 -39.09
C6 PSU OA 1269 -24.23 46.35 -38.69
O2 PSU OA 1269 -25.04 43.02 -39.26
O4 PSU OA 1269 -21.15 45.21 -39.91
C1' PSU OA 1269 -22.10 47.64 -39.02
C2' PSU OA 1269 -22.07 48.34 -40.38
O2' PSU OA 1269 -20.84 49.03 -40.48
C3' PSU OA 1269 -23.22 49.31 -40.24
C4' PSU OA 1269 -23.13 49.73 -38.79
O3' PSU OA 1269 -23.16 50.41 -41.12
O4' PSU OA 1269 -22.71 48.52 -38.10
C5' PSU OA 1269 -24.41 50.24 -38.18
O5' PSU OA 1269 -25.48 49.35 -38.43
P PSU OA 1269 -26.84 49.47 -37.61
OP1 PSU OA 1269 -27.36 50.83 -37.73
OP2 PSU OA 1269 -27.70 48.32 -37.99
N1 PSU OA 1321 20.85 25.94 -56.76
C2 PSU OA 1321 19.62 25.33 -56.80
N3 PSU OA 1321 18.66 25.61 -55.86
C4 PSU OA 1321 18.93 26.54 -54.87
C5 PSU OA 1321 20.18 27.14 -54.83
C6 PSU OA 1321 21.12 26.84 -55.79
O2 PSU OA 1321 19.38 24.51 -57.68
O4 PSU OA 1321 18.09 26.80 -54.03
C1' PSU OA 1321 20.48 28.16 -53.77
C2' PSU OA 1321 20.86 27.53 -52.43
O2' PSU OA 1321 20.36 28.37 -51.40
C3' PSU OA 1321 22.38 27.60 -52.47
C4' PSU OA 1321 22.65 28.87 -53.24
O3' PSU OA 1321 22.98 27.61 -51.19
O4' PSU OA 1321 21.58 28.93 -54.21
C5' PSU OA 1321 23.97 28.91 -53.95
O5' PSU OA 1321 24.16 27.76 -54.76
P PSU OA 1321 25.46 27.59 -55.66
OP1 PSU OA 1321 26.63 27.92 -54.81
OP2 PSU OA 1321 25.39 26.27 -56.32
N1 PSU OA 1358 30.47 15.65 -64.04
C2 PSU OA 1358 30.21 14.62 -63.16
N3 PSU OA 1358 30.00 13.34 -63.62
C4 PSU OA 1358 30.05 13.09 -64.98
C5 PSU OA 1358 30.30 14.13 -65.87
C6 PSU OA 1358 30.51 15.41 -65.36
O2 PSU OA 1358 30.18 14.84 -61.95
O4 PSU OA 1358 29.86 11.94 -65.36
C1' PSU OA 1358 30.35 13.93 -67.35
C2' PSU OA 1358 29.01 13.48 -67.91
O2' PSU OA 1358 29.24 12.66 -69.04
C3' PSU OA 1358 28.39 14.81 -68.33
C4' PSU OA 1358 29.59 15.58 -68.83
O3' PSU OA 1358 27.38 14.69 -69.30
O4' PSU OA 1358 30.68 15.17 -67.97
C5' PSU OA 1358 29.46 17.09 -68.79
O5' PSU OA 1358 30.40 17.72 -69.62
P PSU OA 1358 30.75 19.26 -69.45
OP1 PSU OA 1358 30.24 19.98 -70.64
OP2 PSU OA 1358 30.32 19.68 -68.10
N1 PSU OA 1359 26.53 14.24 -64.16
C2 PSU OA 1359 26.38 14.06 -62.80
N3 PSU OA 1359 26.04 12.82 -62.31
C4 PSU OA 1359 25.87 11.76 -63.17
C5 PSU OA 1359 26.03 11.96 -64.53
C6 PSU OA 1359 26.36 13.22 -65.01
O2 PSU OA 1359 26.53 15.01 -62.04
O4 PSU OA 1359 25.58 10.67 -62.73
C1' PSU OA 1359 25.84 10.82 -65.49
C2' PSU OA 1359 24.36 10.52 -65.70
O2' PSU OA 1359 24.21 9.14 -65.96
C3' PSU OA 1359 24.06 11.33 -66.95
C4' PSU OA 1359 25.35 11.19 -67.74
O3' PSU OA 1359 22.93 10.89 -67.67
O4' PSU OA 1359 26.39 11.17 -66.74
C5' PSU OA 1359 25.62 12.30 -68.73
O5' PSU OA 1359 25.47 13.57 -68.12
P PSU OA 1359 25.85 14.90 -68.90
OP1 PSU OA 1359 25.05 14.99 -70.15
OP2 PSU OA 1359 25.79 16.01 -67.92
N1 PSU OA 1369 12.34 30.73 -65.49
C2 PSU OA 1369 11.32 29.80 -65.50
N3 PSU OA 1369 10.97 29.18 -66.66
C4 PSU OA 1369 11.65 29.46 -67.83
C5 PSU OA 1369 12.68 30.39 -67.81
C6 PSU OA 1369 13.01 31.01 -66.63
O2 PSU OA 1369 10.72 29.55 -64.46
O4 PSU OA 1369 11.31 28.87 -68.85
C1' PSU OA 1369 13.45 30.74 -69.05
C2' PSU OA 1369 12.55 31.41 -70.08
O2' PSU OA 1369 13.03 31.08 -71.38
C3' PSU OA 1369 12.79 32.88 -69.78
C4' PSU OA 1369 14.26 32.91 -69.45
O3' PSU OA 1369 12.45 33.73 -70.85
O4' PSU OA 1369 14.47 31.66 -68.73
C5' PSU OA 1369 14.74 34.06 -68.62
O5' PSU OA 1369 14.17 34.04 -67.32
P PSU OA 1369 14.72 35.00 -66.18
OP1 PSU OA 1369 14.87 36.33 -66.79
OP2 PSU OA 1369 13.87 34.82 -64.98
N1 PSU OA 1437 -14.71 20.65 -58.91
C2 PSU OA 1437 -14.79 21.89 -58.32
N3 PSU OA 1437 -14.24 22.99 -58.96
C4 PSU OA 1437 -13.63 22.84 -60.18
C5 PSU OA 1437 -13.55 21.59 -60.76
C6 PSU OA 1437 -14.11 20.50 -60.10
O2 PSU OA 1437 -15.34 22.03 -57.24
O4 PSU OA 1437 -13.14 23.81 -60.75
C1' PSU OA 1437 -12.89 21.43 -62.09
C2' PSU OA 1437 -11.37 21.27 -61.91
O2' PSU OA 1437 -10.73 21.87 -63.03
C3' PSU OA 1437 -11.22 19.76 -61.93
C4' PSU OA 1437 -12.26 19.33 -62.94
O3' PSU OA 1437 -9.91 19.34 -62.27
O4' PSU OA 1437 -13.36 20.26 -62.73
C5' PSU OA 1437 -12.76 17.92 -62.79
O5' PSU OA 1437 -13.23 17.68 -61.47
P PSU OA 1437 -14.10 16.39 -61.14
OP1 PSU OA 1437 -13.38 15.21 -61.65
OP2 PSU OA 1437 -14.50 16.47 -59.72
N1 PSU OA 1439 -9.02 20.11 -55.65
C2 PSU OA 1439 -9.98 19.79 -54.71
N3 PSU OA 1439 -9.95 20.35 -53.46
C4 PSU OA 1439 -8.94 21.23 -53.13
C5 PSU OA 1439 -7.97 21.55 -54.07
C6 PSU OA 1439 -8.03 20.97 -55.33
O2 PSU OA 1439 -10.87 19.00 -55.02
O4 PSU OA 1439 -8.92 21.74 -52.02
C1' PSU OA 1439 -6.87 22.51 -53.75
C2' PSU OA 1439 -5.84 21.87 -52.82
O2' PSU OA 1439 -5.30 22.88 -51.97
C3' PSU OA 1439 -4.79 21.40 -53.81
C4' PSU OA 1439 -4.81 22.49 -54.86
O3' PSU OA 1439 -3.50 21.23 -53.24
O4' PSU OA 1439 -6.20 22.87 -54.94
C5' PSU OA 1439 -4.31 22.07 -56.22
O5' PSU OA 1439 -4.98 20.91 -56.67
P PSU OA 1439 -4.86 20.43 -58.18
OP1 PSU OA 1439 -3.42 20.32 -58.50
OP2 PSU OA 1439 -5.75 19.28 -58.41
P A2M OA 1448 -18.35 17.50 -42.36
OP1 A2M OA 1448 -19.63 18.00 -41.74
O5' A2M OA 1448 -16.87 18.49 -41.99
C5' A2M OA 1448 -16.57 18.62 -40.68
C4' A2M OA 1448 -15.21 19.29 -40.53
O4' A2M OA 1448 -14.21 18.37 -40.86
C3' A2M OA 1448 -15.04 20.49 -41.42
O3' A2M OA 1448 -15.76 21.54 -40.87
C2' A2M OA 1448 -13.54 20.59 -41.50
O2' A2M OA 1448 -12.96 21.08 -40.33
C1' A2M OA 1448 -13.27 19.10 -41.62
CM' A2M OA 1448 -11.58 21.22 -40.50
N9 A2M OA 1448 -13.25 18.58 -42.95
C8 A2M OA 1448 -14.07 17.71 -43.66
N7 A2M OA 1448 -13.66 17.52 -44.92
C5 A2M OA 1448 -12.53 18.31 -45.01
C6 A2M OA 1448 -11.65 18.58 -46.02
N6 A2M OA 1448 -11.77 18.00 -47.26
N1 A2M OA 1448 -10.59 19.41 -45.86
C2 A2M OA 1448 -10.46 19.97 -44.65
N3 A2M OA 1448 -11.23 19.84 -43.56
C4 A2M OA 1448 -12.26 18.98 -43.80
OP2 A2M OA 1448 -18.15 17.63 -43.84
N1 OMC OA 1792 -54.39 26.76 -26.68
C2 OMC OA 1792 -55.27 27.84 -26.88
N3 OMC OA 1792 -56.29 27.67 -27.74
C4 OMC OA 1792 -56.47 26.54 -28.37
C5 OMC OA 1792 -55.60 25.42 -28.20
C6 OMC OA 1792 -54.59 25.61 -27.35
O2 OMC OA 1792 -55.10 28.89 -26.28
N4 OMC OA 1792 -57.51 26.44 -29.20
C1' OMC OA 1792 -53.21 26.82 -25.77
C2' OMC OA 1792 -53.63 26.90 -24.30
O2' OMC OA 1792 -52.63 27.61 -23.60
CM2 OMC OA 1792 -52.41 28.93 -24.04
C3' OMC OA 1792 -53.59 25.43 -23.90
C4' OMC OA 1792 -52.41 24.90 -24.70
O4' OMC OA 1792 -52.47 25.64 -25.95
O3' OMC OA 1792 -53.42 25.24 -22.51
C5' OMC OA 1792 -52.44 23.42 -24.98
O5' OMC OA 1792 -52.47 22.67 -23.78
P OMC OA 1792 -52.73 21.11 -23.79
OP1 OMC OA 1792 -52.54 20.60 -22.37
OP2 OMC OA 1792 -54.04 20.85 -24.51
P A2M OA 1804 -63.00 -7.63 -19.33
OP1 A2M OA 1804 -62.67 -9.08 -19.43
O5' A2M OA 1804 -61.84 -6.62 -18.36
C5' A2M OA 1804 -60.58 -6.56 -18.80
C4' A2M OA 1804 -59.73 -5.73 -17.83
O4' A2M OA 1804 -60.07 -4.38 -17.99
C3' A2M OA 1804 -59.97 -6.14 -16.40
O3' A2M OA 1804 -59.06 -7.13 -16.11
C2' A2M OA 1804 -59.85 -4.84 -15.63
O2' A2M OA 1804 -58.53 -4.52 -15.32
C1' A2M OA 1804 -60.37 -3.88 -16.71
CM' A2M OA 1804 -58.41 -3.17 -14.96
N9 A2M OA 1804 -61.76 -3.48 -16.72
C8 A2M OA 1804 -62.83 -3.85 -17.53
N7 A2M OA 1804 -63.96 -3.21 -17.23
C5 A2M OA 1804 -63.61 -2.39 -16.18
C6 A2M OA 1804 -64.30 -1.49 -15.41
N6 A2M OA 1804 -65.64 -1.23 -15.61
N1 A2M OA 1804 -63.73 -0.80 -14.40
C2 A2M OA 1804 -62.41 -1.06 -14.20
N3 A2M OA 1804 -61.59 -1.89 -14.85
C4 A2M OA 1804 -62.24 -2.54 -15.84
OP2 A2M OA 1804 -64.19 -7.22 -18.52
P OMG OA 1805 -59.48 -8.33 -15.13
OP1 OMG OA 1805 -58.24 -8.71 -14.32
OP2 OMG OA 1805 -60.19 -9.36 -15.98
O5' OMG OA 1805 -60.54 -7.67 -14.14
C5' OMG OA 1805 -60.13 -7.03 -12.95
C4' OMG OA 1805 -61.13 -5.99 -12.50
O4' OMG OA 1805 -61.89 -5.56 -13.63
C3' OMG OA 1805 -62.17 -6.45 -11.51
O3' OMG OA 1805 -61.68 -6.40 -10.19
C2' OMG OA 1805 -63.35 -5.50 -11.75
O2' OMG OA 1805 -63.26 -4.40 -10.87
CM2 OMG OA 1805 -63.92 -3.20 -11.24
C1' OMG OA 1805 -63.11 -5.02 -13.19
N9 OMG OA 1805 -64.15 -5.41 -14.16
C8 OMG OA 1805 -63.99 -6.38 -15.12
N7 OMG OA 1805 -65.04 -6.51 -15.87
C5 OMG OA 1805 -65.92 -5.58 -15.40
C6 OMG OA 1805 -67.23 -5.27 -15.85
O6 OMG OA 1805 -67.87 -5.77 -16.77
N1 OMG OA 1805 -67.78 -4.23 -15.09
C2 OMG OA 1805 -67.17 -3.61 -14.06
N2 OMG OA 1805 -67.87 -2.63 -13.44
N3 OMG OA 1805 -65.96 -3.89 -13.65
C4 OMG OA 1805 -65.37 -4.88 -14.35
N1 OMC OA 1806 -67.32 -6.03 -10.44
C2 OMC OA 1806 -68.42 -5.70 -11.26
N3 OMC OA 1806 -68.59 -6.38 -12.41
C4 OMC OA 1806 -67.76 -7.32 -12.78
C5 OMC OA 1806 -66.63 -7.68 -11.98
C6 OMC OA 1806 -66.46 -6.99 -10.84
O2 OMC OA 1806 -69.18 -4.83 -10.91
N4 OMC OA 1806 -67.97 -7.95 -13.93
C1' OMC OA 1806 -67.07 -5.32 -9.17
C2' OMC OA 1806 -67.44 -6.15 -7.94
O2' OMC OA 1806 -68.05 -5.29 -6.99
CM2 OMC OA 1806 -69.25 -4.69 -7.45
C3' OMC OA 1806 -66.07 -6.60 -7.42
C4' OMC OA 1806 -65.17 -5.44 -7.82
O4' OMC OA 1806 -65.70 -5.02 -9.10
O3' OMC OA 1806 -66.04 -6.86 -6.04
C5' OMC OA 1806 -63.71 -5.79 -7.96
O5' OMC OA 1806 -63.54 -7.03 -8.61
P OMC OA 1806 -62.11 -7.51 -9.11
OP1 OMC OA 1806 -61.15 -7.37 -7.94
OP2 OMC OA 1806 -62.28 -8.83 -9.83
P A2M OA 1842 -73.48 -1.10 25.57
OP1 A2M OA 1842 -74.84 -0.61 25.97
O5' A2M OA 1842 -72.67 -0.21 26.92
C5' A2M OA 1842 -71.95 0.86 26.57
C4' A2M OA 1842 -70.97 1.16 27.69
O4' A2M OA 1842 -69.90 0.24 27.63
C3' A2M OA 1842 -70.38 2.56 27.56
O3' A2M OA 1842 -71.36 3.45 27.98
C2' A2M OA 1842 -69.09 2.41 28.35
O2' A2M OA 1842 -69.27 2.41 29.73
C1' A2M OA 1842 -68.73 0.98 27.87
CM' A2M OA 1842 -68.58 3.48 30.32
N9 A2M OA 1842 -67.88 0.91 26.72
C8 A2M OA 1842 -68.05 0.38 25.45
N7 A2M OA 1842 -66.96 0.54 24.67
C5 A2M OA 1842 -66.06 1.21 25.49
C6 A2M OA 1842 -64.77 1.68 25.34
N6 A2M OA 1842 -64.09 1.53 24.15
N1 A2M OA 1842 -64.11 2.32 26.32
C2 A2M OA 1842 -64.78 2.46 27.48
N3 A2M OA 1842 -66.02 2.07 27.82
C4 A2M OA 1842 -66.62 1.45 26.77
OP2 A2M OA 1842 -72.96 -0.81 24.20
N1 OMC OA 1863 -75.03 -5.13 -7.02
C2 OMC OA 1863 -74.83 -6.37 -6.41
N3 OMC OA 1863 -73.98 -6.44 -5.37
C4 OMC OA 1863 -73.31 -5.40 -4.95
C5 OMC OA 1863 -73.45 -4.12 -5.56
C6 OMC OA 1863 -74.31 -4.07 -6.58
O2 OMC OA 1863 -75.44 -7.34 -6.81
N4 OMC OA 1863 -72.48 -5.56 -3.92
C1' OMC OA 1863 -75.91 -5.06 -8.21
C2' OMC OA 1863 -77.17 -4.22 -8.09
O2' OMC OA 1863 -78.17 -4.82 -8.90
CM2 OMC OA 1863 -78.13 -6.22 -9.12
C3' OMC OA 1863 -76.76 -2.89 -8.70
C4' OMC OA 1863 -75.56 -3.21 -9.61
O4' OMC OA 1863 -75.17 -4.57 -9.29
O3' OMC OA 1863 -77.80 -2.28 -9.44
C5' OMC OA 1863 -74.37 -2.29 -9.50
O5' OMC OA 1863 -74.49 -1.44 -8.37
P OMC OA 1863 -74.33 0.15 -8.53
OP1 OMC OA 1863 -74.72 0.50 -9.95
OP2 OMC OA 1863 -75.07 0.80 -7.37
P OMG OA 1865 -83.94 -1.48 -6.46
OP1 OMG OA 1865 -84.93 -1.03 -7.53
OP2 OMG OA 1865 -82.74 -0.60 -6.11
O5' OMG OA 1865 -84.74 -1.77 -5.11
C5' OMG OA 1865 -85.45 -2.97 -4.93
C4' OMG OA 1865 -85.22 -3.53 -3.55
O4' OMG OA 1865 -83.82 -3.80 -3.37
C3' OMG OA 1865 -85.58 -2.59 -2.41
O3' OMG OA 1865 -86.95 -2.60 -2.10
C2' OMG OA 1865 -84.69 -3.08 -1.28
O2' OMG OA 1865 -85.27 -4.20 -0.64
CM2 OMG OA 1865 -84.62 -4.53 0.57
C1' OMG OA 1865 -83.45 -3.56 -2.04
N9 OMG OA 1865 -82.36 -2.55 -2.01
C8 OMG OA 1865 -82.49 -1.20 -2.20
N7 OMG OA 1865 -81.35 -0.58 -2.10
C5 OMG OA 1865 -80.44 -1.55 -1.82
C6 OMG OA 1865 -79.04 -1.46 -1.63
O6 OMG OA 1865 -78.34 -0.48 -1.64
N1 OMG OA 1865 -78.48 -2.73 -1.38
C2 OMG OA 1865 -79.18 -3.90 -1.34
N2 OMG OA 1865 -78.46 -5.01 -1.09
N3 OMG OA 1865 -80.47 -3.98 -1.53
C4 OMG OA 1865 -81.05 -2.79 -1.76
N1 PSU OA 2073 -79.98 -36.02 36.86
C2 PSU OA 2073 -80.78 -35.48 35.88
N3 PSU OA 2073 -80.44 -35.61 34.55
C4 PSU OA 2073 -79.30 -36.28 34.20
C5 PSU OA 2073 -78.49 -36.82 35.19
C6 PSU OA 2073 -78.86 -36.69 36.52
O2 PSU OA 2073 -81.80 -34.87 36.20
O4 PSU OA 2073 -79.00 -36.40 33.01
C1' PSU OA 2073 -77.24 -37.58 34.83
C2' PSU OA 2073 -76.12 -36.63 34.42
O2' PSU OA 2073 -75.31 -37.30 33.46
C3' PSU OA 2073 -75.36 -36.47 35.73
C4' PSU OA 2073 -75.48 -37.85 36.35
O3' PSU OA 2073 -74.02 -36.06 35.56
O4' PSU OA 2073 -76.80 -38.29 35.97
C5' PSU OA 2073 -75.35 -37.91 37.85
O5' PSU OA 2073 -75.96 -36.79 38.47
P PSU OA 2073 -76.62 -36.90 39.90
OP1 PSU OA 2073 -75.83 -37.86 40.70
OP2 PSU OA 2073 -76.82 -35.52 40.38
P A2M OA 2228 -64.56 1.35 19.87
OP1 A2M OA 2228 -65.92 0.99 20.40
O5' A2M OA 2228 -64.95 0.78 18.20
C5' A2M OA 2228 -64.11 1.17 17.23
C4' A2M OA 2228 -64.78 1.07 15.86
O4' A2M OA 2228 -65.26 2.35 15.50
C3' A2M OA 2228 -63.79 0.57 14.82
O3' A2M OA 2228 -64.08 -0.76 14.58
C2' A2M OA 2228 -63.85 1.57 13.65
O2' A2M OA 2228 -64.55 1.09 12.50
C1' A2M OA 2228 -64.62 2.74 14.31
CM' A2M OA 2228 -65.94 1.11 12.65
N9 A2M OA 2228 -63.82 3.90 14.58
C8 A2M OA 2228 -62.47 4.17 14.42
N7 A2M OA 2228 -62.13 5.40 14.81
C5 A2M OA 2228 -63.33 5.94 15.24
C6 A2M OA 2228 -63.70 7.17 15.76
N6 A2M OA 2228 -62.77 8.17 15.95
N1 A2M OA 2228 -64.97 7.45 16.11
C2 A2M OA 2228 -65.87 6.46 15.91
N3 A2M OA 2228 -65.70 5.23 15.43
C4 A2M OA 2228 -64.39 5.03 15.10
OP2 A2M OA 2228 -63.34 0.75 20.49
N1 OMC OA 2245 -61.81 0.24 29.64
C2 OMC OA 2245 -63.08 0.07 29.06
N3 OMC OA 2245 -63.13 -0.29 27.76
C4 OMC OA 2245 -62.05 -0.47 27.05
C5 OMC OA 2245 -60.74 -0.31 27.61
C6 OMC OA 2245 -60.69 0.05 28.90
O2 OMC OA 2245 -64.08 0.24 29.72
N4 OMC OA 2245 -62.17 -0.84 25.78
C1' OMC OA 2245 -61.65 0.64 31.05
C2' OMC OA 2245 -61.85 -0.53 32.01
O2' OMC OA 2245 -62.45 -0.03 33.20
CM2 OMC OA 2245 -63.85 -0.25 33.23
C3' OMC OA 2245 -60.41 -0.93 32.29
C4' OMC OA 2245 -59.67 0.40 32.27
O4' OMC OA 2245 -60.35 1.14 31.23
O3' OMC OA 2245 -60.23 -1.61 33.53
C5' OMC OA 2245 -58.21 0.31 31.97
O5' OMC OA 2245 -57.97 -0.54 30.85
P OMC OA 2245 -56.67 -0.33 29.96
OP1 OMC OA 2245 -55.48 -0.85 30.74
OP2 OMC OA 2245 -56.97 -0.88 28.56
P A2M OA 2256 -53.99 -16.42 25.39
OP1 A2M OA 2256 -54.64 -16.17 24.06
O5' A2M OA 2256 -52.32 -16.58 24.66
C5' A2M OA 2256 -51.88 -15.53 23.95
C4' A2M OA 2256 -50.70 -15.97 23.05
O4' A2M OA 2256 -49.75 -16.67 23.83
C3' A2M OA 2256 -51.17 -16.84 21.90
O3' A2M OA 2256 -51.47 -15.95 20.87
C2' A2M OA 2256 -50.01 -17.80 21.71
O2' A2M OA 2256 -49.01 -17.30 20.88
C1' A2M OA 2256 -49.49 -17.88 23.17
CM' A2M OA 2256 -48.17 -18.32 20.42
N9 A2M OA 2256 -49.99 -18.94 24.01
C8 A2M OA 2256 -50.41 -18.93 25.34
N7 A2M OA 2256 -50.82 -20.13 25.78
C5 A2M OA 2256 -50.65 -20.95 24.67
C6 A2M OA 2256 -50.88 -22.28 24.43
N6 A2M OA 2256 -51.39 -23.11 25.42
N1 A2M OA 2256 -50.64 -22.87 23.25
C2 A2M OA 2256 -50.13 -22.06 22.30
N3 A2M OA 2256 -49.85 -20.75 22.34
C4 A2M OA 2256 -50.13 -20.23 23.56
OP2 A2M OA 2256 -54.46 -17.57 26.22
N1 OMC OA 2265 -72.67 -11.91 13.63
C2 OMC OA 2265 -72.04 -13.12 13.31
N3 OMC OA 2265 -72.45 -14.24 13.93
C4 OMC OA 2265 -73.41 -14.21 14.83
C5 OMC OA 2265 -74.07 -13.00 15.19
C6 OMC OA 2265 -73.65 -11.89 14.56
O2 OMC OA 2265 -71.15 -13.13 12.47
N4 OMC OA 2265 -73.78 -15.35 15.40
C1' OMC OA 2265 -72.26 -10.62 13.01
C2' OMC OA 2265 -72.91 -10.38 11.65
O2' OMC OA 2265 -71.96 -9.73 10.81
CM2 OMC OA 2265 -70.73 -10.41 10.66
C3' OMC OA 2265 -74.04 -9.42 12.01
C4' OMC OA 2265 -73.44 -8.61 13.15
O4' OMC OA 2265 -72.64 -9.57 13.87
O3' OMC OA 2265 -74.45 -8.60 10.93
C5' OMC OA 2265 -74.43 -7.96 14.08
O5' OMC OA 2265 -75.30 -8.92 14.65
P OMC OA 2265 -76.29 -8.53 15.84
OP1 OMC OA 2265 -77.06 -7.30 15.42
OP2 OMC OA 2265 -77.03 -9.79 16.27
N1 OMU OA 2278 -52.30 -18.33 -16.29
C2 OMU OA 2278 -53.08 -17.46 -15.34
N3 OMU OA 2278 -54.21 -18.05 -14.55
C4 OMU OA 2278 -54.53 -19.45 -14.68
C5 OMU OA 2278 -53.74 -20.31 -15.62
C6 OMU OA 2278 -52.63 -19.72 -16.41
O2 OMU OA 2278 -52.82 -16.28 -15.22
O4 OMU OA 2278 -55.37 -19.91 -14.08
C1' OMU OA 2278 -51.18 -17.75 -17.07
C2' OMU OA 2278 -50.01 -17.40 -16.16
O2' OMU OA 2278 -49.24 -16.38 -16.79
CM2 OMU OA 2278 -49.82 -15.12 -16.70
C3' OMU OA 2278 -49.25 -18.72 -16.18
C4' OMU OA 2278 -49.37 -19.12 -17.65
O3' OMU OA 2278 -47.92 -18.62 -15.72
O4' OMU OA 2278 -50.73 -18.71 -17.99
C5' OMU OA 2278 -49.17 -20.58 -17.94
O5' OMU OA 2278 -49.91 -21.40 -17.04
P OMU OA 2278 -50.19 -22.92 -17.38
OP1 OMU OA 2278 -48.88 -23.62 -17.58
OP2 OMU OA 2278 -51.18 -23.44 -16.37
N1 PSU OA 2280 -51.37 -18.31 -8.24
C2 PSU OA 2280 -52.34 -19.08 -7.66
N3 PSU OA 2280 -53.12 -18.57 -6.65
C4 PSU OA 2280 -52.92 -17.28 -6.22
C5 PSU OA 2280 -51.94 -16.51 -6.80
C6 PSU OA 2280 -51.16 -17.05 -7.82
O2 PSU OA 2280 -52.51 -20.23 -8.04
O4 PSU OA 2280 -53.62 -16.81 -5.32
C1' PSU OA 2280 -51.71 -15.10 -6.35
C2' PSU OA 2280 -50.93 -15.06 -5.03
O2' PSU OA 2280 -51.37 -13.95 -4.28
C3' PSU OA 2280 -49.51 -14.85 -5.53
C4' PSU OA 2280 -49.71 -13.94 -6.72
O3' PSU OA 2280 -48.65 -14.28 -4.56
O4' PSU OA 2280 -50.95 -14.40 -7.31
C5' PSU OA 2280 -48.62 -13.99 -7.76
O5' PSU OA 2280 -48.23 -15.32 -8.03
P PSU OA 2280 -47.28 -15.66 -9.27
OP1 PSU OA 2280 -46.05 -14.84 -9.13
OP2 PSU OA 2280 -47.17 -17.11 -9.45
N1 OMC OA 2302 -35.46 -28.14 13.20
C2 OMC OA 2302 -35.68 -26.89 13.81
N3 OMC OA 2302 -36.56 -26.05 13.24
C4 OMC OA 2302 -37.20 -26.37 12.14
C5 OMC OA 2302 -37.01 -27.62 11.50
C6 OMC OA 2302 -36.13 -28.46 12.07
O2 OMC OA 2302 -35.09 -26.58 14.82
N4 OMC OA 2302 -38.07 -25.50 11.63
C1' OMC OA 2302 -34.51 -29.17 13.70
C2' OMC OA 2302 -34.83 -29.65 15.11
O2' OMC OA 2302 -33.60 -29.86 15.79
CM2 OMC OA 2302 -32.85 -28.69 15.99
C3' OMC OA 2302 -35.54 -30.96 14.86
C4' OMC OA 2302 -34.84 -31.48 13.61
O4' OMC OA 2302 -34.58 -30.29 12.84
O3' OMC OA 2302 -35.46 -31.86 15.95
C5' OMC OA 2302 -35.64 -32.45 12.78
O5' OMC OA 2302 -36.72 -31.81 12.13
P OMC OA 2302 -37.28 -32.35 10.74
OP1 OMC OA 2302 -37.50 -33.85 10.89
OP2 OMC OA 2302 -38.44 -31.45 10.30
P OMG OA 2317 -16.35 -16.08 37.68
OP1 OMG OA 2317 -15.76 -14.93 38.48
OP2 OMG OA 2317 -16.31 -17.50 38.23
O5' OMG OA 2317 -17.88 -15.75 37.36
C5' OMG OA 2317 -18.54 -16.30 36.23
C4' OMG OA 2317 -19.40 -15.26 35.55
O4' OMG OA 2317 -18.57 -14.23 35.00
C3' OMG OA 2317 -20.23 -15.72 34.37
O3' OMG OA 2317 -21.43 -16.36 34.77
C2' OMG OA 2317 -20.48 -14.42 33.59
O2' OMG OA 2317 -21.64 -13.77 34.09
CM2 OMG OA 2317 -22.61 -13.53 33.09
C1' OMG OA 2317 -19.26 -13.56 33.98
N9 OMG OA 2317 -18.34 -13.34 32.85
C8 OMG OA 2317 -18.07 -12.15 32.25
N7 OMG OA 2317 -17.20 -12.26 31.30
C5 OMG OA 2317 -16.87 -13.58 31.27
C6 OMG OA 2317 -15.97 -14.29 30.43
O6 OMG OA 2317 -15.28 -13.86 29.53
N1 OMG OA 2317 -15.96 -15.64 30.76
C2 OMG OA 2317 -16.69 -16.25 31.73
N2 OMG OA 2317 -16.52 -17.56 31.89
N3 OMG OA 2317 -17.51 -15.59 32.51
C4 OMG OA 2317 -17.58 -14.28 32.23
P OMG OA 2395 -29.14 -22.50 14.75
OP1 OMG OA 2395 -29.31 -21.99 16.18
OP2 OMG OA 2395 -28.91 -21.51 13.62
O5' OMG OA 2395 -27.93 -23.54 14.75
C5' OMG OA 2395 -27.82 -24.52 15.76
C4' OMG OA 2395 -26.78 -25.55 15.43
O4' OMG OA 2395 -27.01 -26.09 14.10
C3' OMG OA 2395 -25.34 -25.06 15.37
O3' OMG OA 2395 -24.76 -24.89 16.65
C2' OMG OA 2395 -24.67 -26.13 14.53
O2' OMG OA 2395 -24.40 -27.29 15.31
CM2 OMG OA 2395 -23.89 -28.37 14.58
C1' OMG OA 2395 -25.77 -26.48 13.53
N9 OMG OA 2395 -25.59 -25.78 12.25
C8 OMG OA 2395 -26.39 -24.80 11.72
N7 OMG OA 2395 -25.96 -24.40 10.56
C5 OMG OA 2395 -24.84 -25.13 10.32
C6 OMG OA 2395 -23.94 -25.12 9.22
O6 OMG OA 2395 -23.98 -24.43 8.20
N1 OMG OA 2395 -22.92 -26.05 9.39
C2 OMG OA 2395 -22.77 -26.86 10.47
N2 OMG OA 2395 -21.71 -27.70 10.46
N3 OMG OA 2395 -23.59 -26.88 11.48
C4 OMG OA 2395 -24.60 -26.00 11.35
N1 PSU OA 2405 -25.62 -0.22 22.78
C2 PSU OA 2405 -26.04 1.05 23.08
N3 PSU OA 2405 -27.09 1.25 23.94
C4 PSU OA 2405 -27.72 0.16 24.49
C5 PSU OA 2405 -27.29 -1.12 24.20
C6 PSU OA 2405 -26.22 -1.29 23.32
O2 PSU OA 2405 -25.47 2.01 22.58
O4 PSU OA 2405 -28.65 0.36 25.27
C1' PSU OA 2405 -27.98 -2.33 24.77
C2' PSU OA 2405 -29.35 -2.37 24.06
O2' PSU OA 2405 -30.28 -3.00 24.92
C3' PSU OA 2405 -29.02 -3.27 22.88
C4' PSU OA 2405 -28.10 -4.30 23.51
O3' PSU OA 2405 -30.17 -3.82 22.26
O4' PSU OA 2405 -27.30 -3.52 24.44
C5' PSU OA 2405 -27.22 -5.08 22.57
O5' PSU OA 2405 -26.62 -4.24 21.59
P PSU OA 2405 -25.85 -4.88 20.36
OP1 PSU OA 2405 -26.71 -5.95 19.81
OP2 PSU OA 2405 -25.38 -3.79 19.46
N1 PSU OA 2407 -29.66 2.01 16.80
C2 PSU OA 2407 -28.70 2.19 15.83
N3 PSU OA 2407 -28.42 3.45 15.35
C4 PSU OA 2407 -29.12 4.52 15.83
C5 PSU OA 2407 -30.09 4.34 16.81
C6 PSU OA 2407 -30.34 3.07 17.29
O2 PSU OA 2407 -28.08 1.23 15.39
O4 PSU OA 2407 -28.88 5.65 15.40
C1' PSU OA 2407 -30.84 5.52 17.36
C2' PSU OA 2407 -31.90 6.07 16.41
O2' PSU OA 2407 -31.94 7.48 16.56
C3' PSU OA 2407 -33.17 5.43 16.96
C4' PSU OA 2407 -32.91 5.37 18.45
O3' PSU OA 2407 -34.34 6.17 16.65
O4' PSU OA 2407 -31.48 5.12 18.54
C5' PSU OA 2407 -33.65 4.30 19.18
O5' PSU OA 2407 -33.38 3.02 18.62
P PSU OA 2407 -34.03 1.71 19.23
OP1 PSU OA 2407 -35.47 1.99 19.43
OP2 PSU OA 2407 -33.60 0.56 18.41
N1 PSU OA 2463 -4.28 -1.14 25.45
C2 PSU OA 2463 -4.31 -0.59 24.19
N3 PSU OA 2463 -3.26 -0.77 23.33
C4 PSU OA 2463 -2.17 -1.49 23.74
C5 PSU OA 2463 -2.13 -2.03 25.02
C6 PSU OA 2463 -3.21 -1.84 25.87
O2 PSU OA 2463 -5.29 0.05 23.82
O4 PSU OA 2463 -1.21 -1.65 22.97
C1' PSU OA 2463 -0.95 -2.84 25.47
C2' PSU OA 2463 0.27 -2.00 25.84
O2' PSU OA 2463 1.43 -2.63 25.32
C3' PSU OA 2463 0.26 -2.06 27.36
C4' PSU OA 2463 -0.33 -3.44 27.64
O3' PSU OA 2463 1.53 -1.90 27.95
O4' PSU OA 2463 -1.30 -3.62 26.59
C5' PSU OA 2463 -0.98 -3.57 28.99
O5' PSU OA 2463 -1.74 -2.40 29.29
P PSU OA 2463 -2.71 -2.36 30.54
OP1 PSU OA 2463 -1.96 -2.56 31.80
OP2 PSU OA 2463 -3.57 -1.16 30.40
N1 OMC OA 2469 5.84 23.34 16.36
C2 OMC OA 2469 5.95 22.03 16.89
N3 OMC OA 2469 4.87 21.50 17.49
C4 OMC OA 2469 3.75 22.15 17.60
C5 OMC OA 2469 3.59 23.48 17.11
C6 OMC OA 2469 4.67 24.02 16.49
O2 OMC OA 2469 6.99 21.40 16.78
N4 OMC OA 2469 2.73 21.56 18.22
C1' OMC OA 2469 6.95 24.02 15.69
C2' OMC OA 2469 8.15 24.28 16.59
O2' OMC OA 2469 8.00 25.46 17.34
CM2 OMC OA 2469 9.02 25.64 18.30
C3' OMC OA 2469 9.30 24.32 15.58
C4' OMC OA 2469 8.85 23.33 14.51
O4' OMC OA 2469 7.41 23.19 14.65
O3' OMC OA 2469 9.40 25.62 15.02
C5' OMC OA 2469 9.48 21.97 14.59
O5' OMC OA 2469 10.42 21.90 15.66
P OMC OA 2469 10.77 20.50 16.33
OP1 OMC OA 2469 12.07 20.64 17.13
OP2 OMC OA 2469 9.51 19.99 17.03
P A2M OA 2486 -5.04 60.28 10.20
OP1 A2M OA 2486 -5.65 61.26 9.26
O5' A2M OA 2486 -6.34 60.51 11.43
C5' A2M OA 2486 -7.59 60.38 10.99
C4' A2M OA 2486 -8.54 60.21 12.16
O4' A2M OA 2486 -8.26 58.97 12.80
C3' A2M OA 2486 -8.36 61.31 13.18
O3' A2M OA 2486 -8.96 62.44 12.66
C2' A2M OA 2486 -8.92 60.64 14.41
O2' A2M OA 2486 -10.31 60.52 14.37
C1' A2M OA 2486 -8.28 59.26 14.17
CM' A2M OA 2486 -10.77 59.72 15.42
N9 A2M OA 2486 -6.95 59.10 14.69
C8 A2M OA 2486 -5.71 58.94 14.08
N7 A2M OA 2486 -4.69 58.84 14.96
C5 A2M OA 2486 -5.33 58.97 16.18
C6 A2M OA 2486 -4.89 58.96 17.49
N6 A2M OA 2486 -3.55 58.82 17.80
N1 A2M OA 2486 -5.72 59.11 18.55
C2 A2M OA 2486 -7.03 59.25 18.23
N3 A2M OA 2486 -7.63 59.28 17.04
C4 A2M OA 2486 -6.72 59.13 16.05
OP2 A2M OA 2486 -3.64 60.49 10.70
P OMG OA 2512 10.97 27.32 22.13
OP1 OMG OA 2512 12.09 26.37 22.55
OP2 OMG OA 2512 10.72 27.60 20.66
O5' OMG OA 2512 9.62 26.77 22.77
C5' OMG OA 2512 9.43 26.79 24.18
C4' OMG OA 2512 7.97 26.71 24.53
O4' OMG OA 2512 7.34 27.98 24.24
C3' OMG OA 2512 7.15 25.71 23.73
O3' OMG OA 2512 7.26 24.40 24.25
C2' OMG OA 2512 5.74 26.28 23.82
O2' OMG OA 2512 5.15 25.93 25.06
CM2 OMG OA 2512 3.95 26.59 25.34
C1' OMG OA 2512 6.02 27.78 23.81
N9 OMG OA 2512 5.86 28.40 22.49
C8 OMG OA 2512 6.86 28.87 21.69
N7 OMG OA 2512 6.41 29.39 20.58
C5 OMG OA 2512 5.05 29.25 20.66
C6 OMG OA 2512 4.04 29.64 19.74
O6 OMG OA 2512 4.17 30.19 18.65
N1 OMG OA 2512 2.77 29.31 20.23
C2 OMG OA 2512 2.52 28.70 21.42
N2 OMG OA 2512 1.23 28.47 21.70
N3 OMG OA 2512 3.45 28.34 22.26
C4 OMG OA 2512 4.69 28.64 21.83
P 5MC OA 2550 -0.84 -9.23 9.31
OP1 5MC OA 2550 -1.80 -10.40 9.48
OP2 5MC OA 2550 0.66 -9.45 9.46
O5' 5MC OA 2550 -1.11 -8.58 7.88
C5' 5MC OA 2550 -2.43 -8.29 7.46
C4' 5MC OA 2550 -2.45 -7.46 6.20
O4' 5MC OA 2550 -1.49 -6.37 6.32
C3' 5MC OA 2550 -2.03 -8.16 4.93
O3' 5MC OA 2550 -3.07 -8.94 4.38
C2' 5MC OA 2550 -1.61 -7.01 4.03
O2' 5MC OA 2550 -2.73 -6.41 3.42
C1' 5MC OA 2550 -1.02 -6.02 5.05
N1 5MC OA 2550 0.46 -6.05 5.07
C2 5MC OA 2550 1.24 -5.56 4.01
O2 5MC OA 2550 0.70 -5.06 3.02
N3 5MC OA 2550 2.57 -5.63 4.13
C4 5MC OA 2550 3.14 -6.16 5.20
N4 5MC OA 2550 4.47 -6.20 5.25
C5 5MC OA 2550 2.38 -6.68 6.30
C6 5MC OA 2550 1.05 -6.59 6.15
CM5 5MC OA 2550 3.04 -7.27 7.51
P A2M OA 2553 -10.91 -7.90 1.75
OP1 A2M OA 2553 -12.15 -8.73 1.93
O5' A2M OA 2553 -11.85 -6.38 1.49
C5' A2M OA 2553 -12.59 -5.96 2.52
C4' A2M OA 2553 -12.79 -4.46 2.36
O4' A2M OA 2553 -13.69 -4.00 3.36
C3' A2M OA 2553 -11.46 -3.71 2.51
O3' A2M OA 2553 -11.25 -3.04 1.31
C2' A2M OA 2553 -11.64 -2.90 3.78
O2' A2M OA 2553 -11.05 -1.64 3.74
C1' A2M OA 2553 -13.14 -2.76 3.68
CM' A2M OA 2553 -10.43 -1.35 4.97
N9 A2M OA 2553 -13.82 -2.17 4.80
C8 A2M OA 2553 -13.57 -2.15 6.17
N7 A2M OA 2553 -14.48 -1.44 6.86
C5 A2M OA 2553 -15.34 -0.99 5.87
C6 A2M OA 2553 -16.47 -0.20 5.87
N6 A2M OA 2553 -16.98 0.31 7.05
N1 A2M OA 2553 -17.14 0.12 4.75
C2 A2M OA 2553 -16.63 -0.38 3.61
N3 A2M OA 2553 -15.56 -1.15 3.41
C4 A2M OA 2553 -14.95 -1.42 4.59
OP2 A2M OA 2553 -9.97 -8.25 0.64
P OMG OA 2560 -3.24 -12.27 -7.69
OP1 OMG OA 2560 -2.46 -13.41 -7.04
OP2 OMG OA 2560 -4.20 -11.44 -6.86
O5' OMG OA 2560 -2.17 -11.29 -8.36
C5' OMG OA 2560 -1.24 -11.77 -9.30
C4' OMG OA 2560 0.18 -11.65 -8.79
O4' OMG OA 2560 0.23 -10.75 -7.67
C3' OMG OA 2560 0.78 -12.93 -8.26
O3' OMG OA 2560 1.24 -13.79 -9.29
C2' OMG OA 2560 1.90 -12.43 -7.35
O2' OMG OA 2560 3.05 -12.13 -8.10
CM2 OMG OA 2560 4.22 -12.06 -7.32
C1' OMG OA 2560 1.31 -11.10 -6.83
N9 OMG OA 2560 0.80 -11.21 -5.46
C8 OMG OA 2560 -0.48 -10.95 -5.04
N7 OMG OA 2560 -0.63 -11.09 -3.77
C5 OMG OA 2560 0.59 -11.50 -3.30
C6 OMG OA 2560 1.00 -11.83 -1.99
O6 OMG OA 2560 0.36 -11.83 -0.95
N1 OMG OA 2560 2.34 -12.20 -1.97
C2 OMG OA 2560 3.17 -12.24 -3.06
N2 OMG OA 2560 4.43 -12.62 -2.83
N3 OMG OA 2560 2.78 -11.93 -4.26
C4 OMG OA 2560 1.49 -11.57 -4.33
N1 OMC OA 2576 4.96 -12.69 2.53
C2 OMC OA 2576 4.68 -12.13 1.26
N3 OMC OA 2576 3.38 -11.99 0.90
C4 OMC OA 2576 2.41 -12.37 1.68
C5 OMC OA 2576 2.64 -12.95 2.96
C6 OMC OA 2576 3.92 -13.10 3.31
O2 OMC OA 2576 5.58 -11.78 0.53
N4 OMC OA 2576 1.14 -12.21 1.27
C1' OMC OA 2576 6.31 -12.97 3.06
C2' OMC OA 2576 7.16 -11.73 3.35
O2' OMC OA 2576 8.45 -11.95 2.81
CM2 OMC OA 2576 8.59 -11.67 1.44
C3' OMC OA 2576 7.25 -11.74 4.88
C4' OMC OA 2576 7.09 -13.21 5.24
O4' OMC OA 2576 6.17 -13.70 4.25
O3' OMC OA 2576 8.46 -11.20 5.37
C5' OMC OA 2576 6.53 -13.48 6.61
O5' OMC OA 2576 5.20 -13.01 6.72
P OMC OA 2576 4.32 -13.35 7.98
OP1 OMC OA 2576 5.14 -13.02 9.23
OP2 OMC OA 2576 2.93 -12.74 7.80
C1' UY1 OA 2586 -6.50 12.11 11.69
C2 UY1 OA 2586 -2.76 10.49 9.70
C2' UY1 OA 2586 -7.64 11.10 11.62
C3' UY1 OA 2586 -7.46 10.36 12.95
C4 UY1 OA 2586 -4.95 11.81 9.55
C4' UY1 OA 2586 -6.99 11.46 13.89
C5 UY1 OA 2586 -5.20 11.54 10.99
C5' UY1 OA 2586 -6.15 11.03 15.05
C6 UY1 OA 2586 -4.22 10.75 11.79
CM2 UY1 OA 2586 -9.34 12.06 10.34
N1 UY1 OA 2586 -3.03 10.23 11.17
N3 UY1 OA 2586 -3.74 11.30 8.90
O2 UY1 OA 2586 -1.80 10.07 9.19
O2' UY1 OA 2586 -8.86 11.81 11.61
O3' UY1 OA 2586 -8.63 9.71 13.40
O4 UY1 OA 2586 -5.72 12.44 8.94
O4' UY1 OA 2586 -6.22 12.36 13.04
O5' UY1 OA 2586 -5.95 12.09 15.97
OP1 UY1 OA 2586 -6.51 13.48 17.98
OP2 UY1 OA 2586 -8.34 12.29 16.59
P UY1 OA 2586 -6.97 12.30 17.17
N1 PSU OA 2590 -7.18 -4.75 18.72
C2 PSU OA 2590 -7.18 -4.13 19.94
N3 PSU OA 2590 -6.64 -4.77 21.04
C4 PSU OA 2590 -6.11 -6.03 20.90
C5 PSU OA 2590 -6.14 -6.65 19.66
C6 PSU OA 2590 -6.67 -5.98 18.57
O2 PSU OA 2590 -7.65 -3.00 20.07
O4 PSU OA 2590 -5.64 -6.61 21.87
C1' PSU OA 2590 -5.52 -8.01 19.49
C2' PSU OA 2590 -6.34 -9.26 19.81
O2' PSU OA 2590 -5.63 -10.03 20.76
C3' PSU OA 2590 -6.39 -9.99 18.46
C4' PSU OA 2590 -5.20 -9.45 17.69
O3' PSU OA 2590 -6.31 -11.40 18.59
O4' PSU OA 2590 -5.04 -8.10 18.18
C5' PSU OA 2590 -5.36 -9.43 16.20
O5' PSU OA 2590 -4.54 -8.44 15.60
P PSU OA 2590 -5.18 -7.34 14.63
OP1 PSU OA 2590 -5.45 -8.00 13.34
OP2 PSU OA 2590 -6.27 -6.66 15.34
P A2M OA 2593 -17.21 -15.71 22.44
OP1 A2M OA 2593 -17.51 -17.17 22.24
O5' A2M OA 2593 -18.62 -14.70 22.93
C5' A2M OA 2593 -19.12 -14.95 24.15
C4' A2M OA 2593 -20.15 -13.89 24.50
O4' A2M OA 2593 -19.47 -12.76 24.97
C3' A2M OA 2593 -20.98 -13.52 23.29
O3' A2M OA 2593 -22.02 -14.44 23.22
C2' A2M OA 2593 -21.30 -12.05 23.55
O2' A2M OA 2593 -22.35 -11.87 24.47
C1' A2M OA 2593 -19.96 -11.68 24.23
CM' A2M OA 2593 -22.25 -10.62 25.10
N9 A2M OA 2593 -18.92 -11.20 23.38
C8 A2M OA 2593 -17.70 -11.74 22.99
N7 A2M OA 2593 -16.99 -10.93 22.18
C5 A2M OA 2593 -17.81 -9.82 22.05
C6 A2M OA 2593 -17.70 -8.63 21.38
N6 A2M OA 2593 -16.60 -8.33 20.60
N1 A2M OA 2593 -18.66 -7.68 21.41
C2 A2M OA 2593 -19.75 -7.97 22.18
N3 A2M OA 2593 -20.02 -9.06 22.89
C4 A2M OA 2593 -19.00 -9.96 22.80
OP2 A2M OA 2593 -16.92 -14.85 21.25
P A2M OA 2598 -25.37 -8.84 5.43
OP1 A2M OA 2598 -26.46 -9.08 4.44
O5' A2M OA 2598 -23.69 -8.82 4.73
C5' A2M OA 2598 -23.40 -7.83 3.88
C4' A2M OA 2598 -21.97 -7.97 3.37
O4' A2M OA 2598 -21.09 -7.46 4.36
C3' A2M OA 2598 -21.60 -9.42 3.12
O3' A2M OA 2598 -22.07 -9.74 1.85
C2' A2M OA 2598 -20.11 -9.43 3.39
O2' A2M OA 2598 -19.35 -8.89 2.35
C1' A2M OA 2598 -20.13 -8.44 4.56
CM' A2M OA 2598 -18.06 -8.61 2.78
N9 A2M OA 2598 -20.34 -9.03 5.85
C8 A2M OA 2598 -21.39 -8.95 6.76
N7 A2M OA 2598 -21.17 -9.66 7.88
C5 A2M OA 2598 -19.91 -10.21 7.66
C6 A2M OA 2598 -19.10 -11.04 8.39
N6 A2M OA 2598 -19.47 -11.50 9.64
N1 A2M OA 2598 -17.88 -11.45 7.94
C2 A2M OA 2598 -17.52 -10.99 6.73
N3 A2M OA 2598 -18.18 -10.18 5.88
C4 A2M OA 2598 -19.38 -9.82 6.40
OP2 A2M OA 2598 -25.02 -9.91 6.42
N1 OMC OA 2609 -32.30 -28.31 -9.20
C2 OMC OA 2609 -31.74 -29.50 -8.71
N3 OMC OA 2609 -32.38 -30.14 -7.72
C4 OMC OA 2609 -33.50 -29.68 -7.21
C5 OMC OA 2609 -34.10 -28.47 -7.68
C6 OMC OA 2609 -33.45 -27.83 -8.67
O2 OMC OA 2609 -30.70 -29.91 -9.19
N4 OMC OA 2609 -34.08 -30.37 -6.23
C1' OMC OA 2609 -31.66 -27.51 -10.28
C2' OMC OA 2609 -31.88 -28.12 -11.66
O2' OMC OA 2609 -30.69 -27.92 -12.42
CM2 OMC OA 2609 -29.67 -28.84 -12.11
C3' OMC OA 2609 -33.00 -27.27 -12.22
C4' OMC OA 2609 -32.76 -25.91 -11.58
O4' OMC OA 2609 -32.24 -26.23 -10.27
O3' OMC OA 2609 -33.00 -27.20 -13.63
C5' OMC OA 2609 -33.97 -25.03 -11.44
O5' OMC OA 2609 -34.88 -25.55 -10.49
P OMC OA 2609 -36.07 -24.67 -9.94
OP1 OMC OA 2609 -36.69 -23.93 -11.12
OP2 OMC OA 2609 -36.96 -25.56 -9.07
N1 PSU OA 2612 -40.43 -28.81 -11.95
C2 PSU OA 2612 -40.76 -29.52 -10.81
N3 PSU OA 2612 -41.15 -30.84 -10.91
C4 PSU OA 2612 -41.20 -31.44 -12.14
C5 PSU OA 2612 -40.87 -30.72 -13.28
C6 PSU OA 2612 -40.48 -29.40 -13.16
O2 PSU OA 2612 -40.71 -28.99 -9.71
O4 PSU OA 2612 -41.55 -32.62 -12.23
C1' PSU OA 2612 -40.93 -31.39 -14.63
C2' PSU OA 2612 -42.38 -31.42 -15.12
O2' PSU OA 2612 -42.55 -32.58 -15.92
C3' PSU OA 2612 -42.42 -30.17 -15.99
C4' PSU OA 2612 -41.04 -30.16 -16.62
O3' PSU OA 2612 -43.48 -30.17 -16.93
O4' PSU OA 2612 -40.17 -30.66 -15.57
C5' PSU OA 2612 -40.56 -28.81 -17.10
O5' PSU OA 2612 -39.28 -28.93 -17.71
P PSU OA 2612 -37.98 -28.37 -16.98
OP1 PSU OA 2612 -36.87 -28.28 -17.94
OP2 PSU OA 2612 -38.39 -27.17 -16.23
N1 PSU OA 2619 -59.85 -18.58 -10.00
C2 PSU OA 2619 -58.60 -18.93 -10.45
N3 PSU OA 2619 -57.70 -17.96 -10.81
C4 PSU OA 2619 -58.05 -16.63 -10.70
C5 PSU OA 2619 -59.31 -16.28 -10.25
C6 PSU OA 2619 -60.21 -17.28 -9.88
O2 PSU OA 2619 -58.30 -20.11 -10.55
O4 PSU OA 2619 -57.25 -15.76 -11.00
C1' PSU OA 2619 -59.69 -14.84 -10.08
C2' PSU OA 2619 -60.04 -14.09 -11.38
O2' PSU OA 2619 -59.38 -12.83 -11.34
C3' PSU OA 2619 -61.55 -13.90 -11.24
C4' PSU OA 2619 -61.77 -13.84 -9.74
O3' PSU OA 2619 -62.03 -12.73 -11.89
O4' PSU OA 2619 -60.77 -14.73 -9.20
C5' PSU OA 2619 -63.14 -14.27 -9.27
O5' PSU OA 2619 -63.14 -14.54 -7.88
P PSU OA 2619 -63.89 -15.82 -7.31
OP1 PSU OA 2619 -65.32 -15.55 -7.10
OP2 PSU OA 2619 -63.50 -16.97 -8.16
N1 PSU OA 2621 -64.06 -16.19 -15.22
C2 PSU OA 2621 -64.79 -17.23 -14.67
N3 PSU OA 2621 -65.02 -18.37 -15.40
C4 PSU OA 2621 -64.49 -18.48 -16.67
C5 PSU OA 2621 -63.75 -17.44 -17.20
C6 PSU OA 2621 -63.54 -16.29 -16.46
O2 PSU OA 2621 -65.25 -17.12 -13.55
O4 PSU OA 2621 -64.68 -19.51 -17.33
C1' PSU OA 2621 -63.19 -17.58 -18.58
C2' PSU OA 2621 -64.21 -17.12 -19.63
O2' PSU OA 2621 -64.13 -17.99 -20.74
C3' PSU OA 2621 -63.68 -15.74 -19.99
C4' PSU OA 2621 -62.18 -15.90 -19.85
O3' PSU OA 2621 -64.06 -15.31 -21.28
O4' PSU OA 2621 -62.03 -16.79 -18.73
C5' PSU OA 2621 -61.42 -14.63 -19.61
O5' PSU OA 2621 -62.11 -13.79 -18.68
P PSU OA 2621 -61.50 -12.40 -18.24
OP1 PSU OA 2621 -61.24 -11.58 -19.45
OP2 PSU OA 2621 -62.41 -11.90 -17.19
P A2M OA 2635 -58.97 7.29 -38.42
OP1 A2M OA 2635 -60.44 7.51 -38.28
O5' A2M OA 2635 -58.49 5.78 -39.31
C5' A2M OA 2635 -57.67 4.93 -38.66
C4' A2M OA 2635 -56.63 4.40 -39.63
O4' A2M OA 2635 -55.50 5.21 -39.53
C3' A2M OA 2635 -56.23 2.97 -39.31
O3' A2M OA 2635 -57.07 2.15 -40.03
C2' A2M OA 2635 -54.76 2.94 -39.65
O2' A2M OA 2635 -54.55 2.74 -41.03
C1' A2M OA 2635 -54.42 4.38 -39.30
CM' A2M OA 2635 -53.31 3.23 -41.43
N9 A2M OA 2635 -53.87 4.66 -37.99
C8 A2M OA 2635 -54.38 5.30 -36.86
N7 A2M OA 2635 -53.51 5.36 -35.85
C5 A2M OA 2635 -52.38 4.74 -36.37
C6 A2M OA 2635 -51.12 4.46 -35.88
N6 A2M OA 2635 -50.75 4.82 -34.60
N1 A2M OA 2635 -50.17 3.83 -36.61
C2 A2M OA 2635 -50.55 3.47 -37.85
N3 A2M OA 2635 -51.70 3.66 -38.50
C4 A2M OA 2635 -52.59 4.30 -37.70
OP2 A2M OA 2635 -58.16 6.94 -37.21
N1 OMC OA 2637 -49.73 -6.21 -45.15
C2 OMC OA 2637 -49.04 -6.68 -46.28
N3 OMC OA 2637 -48.87 -5.84 -47.32
C4 OMC OA 2637 -49.34 -4.61 -47.29
C5 OMC OA 2637 -50.05 -4.10 -46.16
C6 OMC OA 2637 -50.21 -4.94 -45.13
O2 OMC OA 2637 -48.61 -7.82 -46.30
N4 OMC OA 2637 -49.15 -3.83 -48.35
C1' OMC OA 2637 -49.95 -7.06 -43.97
C2' OMC OA 2637 -48.69 -7.19 -43.11
O2' OMC OA 2637 -48.69 -8.48 -42.50
CM2 OMC OA 2637 -47.60 -9.26 -42.88
C3' OMC OA 2637 -48.92 -6.11 -42.07
C4' OMC OA 2637 -50.42 -6.16 -41.85
O4' OMC OA 2637 -50.95 -6.48 -43.16
O3' OMC OA 2637 -48.18 -6.29 -40.88
C5' OMC OA 2637 -51.05 -4.90 -41.35
O5' OMC OA 2637 -50.77 -3.82 -42.22
P OMC OA 2637 -51.76 -2.57 -42.28
OP1 OMC OA 2637 -51.07 -1.47 -43.08
OP2 OMC OA 2637 -53.12 -3.07 -42.71
N1 PSU OA 2652 -42.86 -0.56 -54.52
C2 PSU OA 2652 -42.55 -1.43 -53.50
N3 PSU OA 2652 -41.68 -2.47 -53.72
C4 PSU OA 2652 -41.13 -2.64 -54.97
C5 PSU OA 2652 -41.46 -1.77 -56.00
C6 PSU OA 2652 -42.34 -0.73 -55.75
O2 PSU OA 2652 -43.04 -1.26 -52.39
O4 PSU OA 2652 -40.37 -3.57 -55.18
C1' PSU OA 2652 -40.88 -1.95 -57.36
C2' PSU OA 2652 -41.58 -3.09 -58.10
O2' PSU OA 2652 -40.64 -3.72 -58.94
C3' PSU OA 2652 -42.59 -2.31 -58.93
C4' PSU OA 2652 -41.81 -1.07 -59.32
O3' PSU OA 2652 -43.06 -3.04 -60.05
O4' PSU OA 2652 -41.02 -0.78 -58.13
C5' PSU OA 2652 -42.63 0.14 -59.69
O5' PSU OA 2652 -43.60 0.43 -58.71
P PSU OA 2652 -44.50 1.73 -58.82
OP1 PSU OA 2652 -44.89 1.89 -60.24
OP2 PSU OA 2652 -45.54 1.73 -57.77
N1 OMC OA 2655 -50.88 -9.49 -53.08
C2 OMC OA 2655 -51.66 -8.32 -52.91
N3 OMC OA 2655 -52.38 -7.89 -53.97
C4 OMC OA 2655 -52.38 -8.53 -55.11
C5 OMC OA 2655 -51.61 -9.72 -55.32
C6 OMC OA 2655 -50.89 -10.15 -54.26
O2 OMC OA 2655 -51.67 -7.72 -51.87
N4 OMC OA 2655 -53.12 -8.05 -56.10
C1' OMC OA 2655 -50.06 -10.05 -51.98
C2' OMC OA 2655 -50.91 -10.58 -50.83
O2' OMC OA 2655 -50.20 -10.38 -49.62
CM2 OMC OA 2655 -50.32 -9.07 -49.12
C3' OMC OA 2655 -50.99 -12.06 -51.17
C4' OMC OA 2655 -49.62 -12.34 -51.77
O4' OMC OA 2655 -49.31 -11.13 -52.50
O3' OMC OA 2655 -51.27 -12.87 -50.05
C5' OMC OA 2655 -49.54 -13.53 -52.68
O5' OMC OA 2655 -48.20 -13.85 -53.00
P OMC OA 2655 -47.67 -13.75 -54.50
OP1 OMC OA 2655 -47.71 -15.13 -55.11
OP2 OMC OA 2655 -48.38 -12.59 -55.17
P OMG OA 2667 -39.67 -5.57 -29.97
OP1 OMG OA 2667 -38.34 -5.06 -29.45
OP2 OMG OA 2667 -40.96 -5.23 -29.23
O5' OMG OA 2667 -39.83 -5.10 -31.48
C5' OMG OA 2667 -40.21 -3.77 -31.79
C4' OMG OA 2667 -41.25 -3.72 -32.88
O4' OMG OA 2667 -42.09 -4.90 -32.82
C3' OMG OA 2667 -42.21 -2.56 -32.82
O3' OMG OA 2667 -41.67 -1.38 -33.34
C2' OMG OA 2667 -43.40 -3.10 -33.59
O2' OMG OA 2667 -43.13 -3.07 -34.98
CM2 OMG OA 2667 -44.25 -3.32 -35.79
C1' OMG OA 2667 -43.43 -4.55 -33.13
N9 OMG OA 2667 -44.24 -4.73 -31.92
C8 OMG OA 2667 -43.79 -5.29 -30.74
N7 OMG OA 2667 -44.72 -5.31 -29.83
C5 OMG OA 2667 -45.82 -4.76 -30.43
C6 OMG OA 2667 -47.12 -4.54 -29.91
O6 OMG OA 2667 -47.54 -4.79 -28.81
N1 OMG OA 2667 -47.93 -3.93 -30.88
C2 OMG OA 2667 -47.56 -3.60 -32.15
N2 OMG OA 2667 -48.50 -3.03 -32.92
N3 OMG OA 2667 -46.37 -3.81 -32.61
C4 OMG OA 2667 -45.54 -4.39 -31.73
N1 PSU OA 2688 -18.86 28.43 -0.27
C2 PSU OA 2688 -18.16 29.09 -1.25
N3 PSU OA 2688 -16.85 28.76 -1.52
C4 PSU OA 2688 -16.24 27.75 -0.80
C5 PSU OA 2688 -16.95 27.10 0.20
C6 PSU OA 2688 -18.27 27.45 0.45
O2 PSU OA 2688 -18.70 29.98 -1.90
O4 PSU OA 2688 -15.07 27.46 -1.04
C1' PSU OA 2688 -16.31 26.01 0.99
C2' PSU OA 2688 -15.25 26.55 1.95
O2' PSU OA 2688 -14.17 25.63 2.00
C3' PSU OA 2688 -15.99 26.55 3.28
C4' PSU OA 2688 -16.92 25.37 3.16
O3' PSU OA 2688 -15.13 26.45 4.41
O4' PSU OA 2688 -17.29 25.34 1.76
C5' PSU OA 2688 -18.16 25.42 4.01
O5' PSU OA 2688 -18.88 26.62 3.78
P PSU OA 2688 -20.29 26.86 4.48
OP1 PSU OA 2688 -20.11 26.65 5.93
OP2 PSU OA 2688 -20.80 28.15 3.96
N1 OMU OA 2693 -16.40 42.89 -1.54
C2 OMU OA 2693 -17.62 42.28 -0.90
N3 OMU OA 2693 -17.52 40.96 -0.21
C4 OMU OA 2693 -16.25 40.26 -0.18
C5 OMU OA 2693 -15.05 40.87 -0.82
C6 OMU OA 2693 -15.15 42.19 -1.50
O2 OMU OA 2693 -18.69 42.88 -0.93
O4 OMU OA 2693 -16.17 39.25 0.34
C1' OMU OA 2693 -16.50 44.21 -2.23
C2' OMU OA 2693 -16.37 45.39 -1.27
O2' OMU OA 2693 -17.24 46.41 -1.71
CM2 OMU OA 2693 -18.59 46.08 -1.65
C3' OMU OA 2693 -14.92 45.80 -1.47
C4' OMU OA 2693 -14.70 45.51 -2.94
O3' OMU OA 2693 -14.66 47.15 -1.14
O4' OMU OA 2693 -15.44 44.30 -3.16
C5' OMU OA 2693 -13.27 45.32 -3.35
O5' OMU OA 2693 -12.59 44.44 -2.46
P OMU OA 2693 -11.17 43.83 -2.82
OP1 OMU OA 2693 -10.24 44.98 -3.07
OP2 OMU OA 2693 -10.82 42.79 -1.79
P OMG OA 2863 -14.88 16.98 -31.09
OP1 OMG OA 2863 -13.61 16.60 -30.36
OP2 OMG OA 2863 -15.81 15.90 -31.64
O5' OMG OA 2863 -15.75 17.92 -30.14
C5' OMG OA 2863 -16.94 18.53 -30.59
C4' OMG OA 2863 -17.89 18.77 -29.45
O4' OMG OA 2863 -18.49 17.52 -29.05
C3' OMG OA 2863 -17.26 19.33 -28.18
O3' OMG OA 2863 -17.19 20.75 -28.18
C2' OMG OA 2863 -18.16 18.79 -27.09
O2' OMG OA 2863 -19.37 19.52 -27.01
CM2 OMG OA 2863 -20.24 19.08 -26.02
C1' OMG OA 2863 -18.48 17.41 -27.65
N9 OMG OA 2863 -17.48 16.39 -27.27
C8 OMG OA 2863 -16.60 15.77 -28.11
N7 OMG OA 2863 -15.83 14.92 -27.49
C5 OMG OA 2863 -16.23 14.99 -26.18
C6 OMG OA 2863 -15.75 14.29 -25.04
O6 OMG OA 2863 -14.86 13.46 -24.97
N1 OMG OA 2863 -16.45 14.67 -23.89
C2 OMG OA 2863 -17.45 15.60 -23.84
N2 OMG OA 2863 -18.00 15.82 -22.65
N3 OMG OA 2863 -17.89 16.23 -24.90
C4 OMG OA 2863 -17.25 15.90 -26.02
C2 6MZ OA 2887 -6.37 22.91 -43.90
C4 6MZ OA 2887 -6.96 24.69 -42.52
C5 6MZ OA 2887 -6.23 25.52 -43.27
O1P 6MZ OA 2887 -7.36 29.30 -40.29
O2P 6MZ OA 2887 -8.85 30.41 -38.43
N9 6MZ OA 2887 -7.48 25.42 -41.54
N3 6MZ OA 2887 -7.04 23.39 -42.83
N1 6MZ OA 2887 -5.63 23.74 -44.67
C6 6MZ OA 2887 -5.56 25.02 -44.36
N6 6MZ OA 2887 -4.74 25.88 -45.23
C9 6MZ OA 2887 -3.37 25.48 -45.51
N7 6MZ OA 2887 -6.30 26.74 -42.76
C8 6MZ OA 2887 -7.10 26.68 -41.67
O5' 6MZ OA 2887 -9.68 28.43 -39.77
C5' 6MZ OA 2887 -9.82 27.66 -38.58
C4' 6MZ OA 2887 -9.37 26.24 -38.80
O4' 6MZ OA 2887 -9.33 25.95 -40.21
C1' 6MZ OA 2887 -8.37 24.95 -40.46
C2' 6MZ OA 2887 -7.61 24.69 -39.16
O2' 6MZ OA 2887 -8.14 23.52 -38.56
C3' 6MZ OA 2887 -7.97 25.92 -38.33
O3' 6MZ OA 2887 -7.90 25.70 -36.93
P 6MZ OA 2887 -8.72 29.70 -39.81
N1 OMU OA 2894 6.68 38.79 -31.47
C2 OMU OA 2894 5.39 39.11 -32.17
N3 OMU OA 2894 4.24 38.16 -32.09
C4 OMU OA 2894 4.38 36.92 -31.33
C5 OMU OA 2894 5.68 36.62 -30.64
C6 OMU OA 2894 6.81 37.56 -30.72
O2 OMU OA 2894 5.28 40.15 -32.79
O4 OMU OA 2894 3.52 36.20 -31.27
C1' OMU OA 2894 7.81 39.74 -31.56
C2' OMU OA 2894 7.99 40.57 -30.27
O2' OMU OA 2894 8.23 41.92 -30.64
CM2 OMU OA 2894 7.11 42.56 -31.18
C3' OMU OA 2894 9.24 39.94 -29.66
C4' OMU OA 2894 10.02 39.48 -30.88
O3' OMU OA 2894 9.98 40.84 -28.86
O4' OMU OA 2894 9.00 39.00 -31.77
C5' OMU OA 2894 11.02 38.40 -30.62
O5' OMU OA 2894 10.40 37.22 -30.12
P OMU OA 2894 11.16 35.83 -30.15
OP1 OMU OA 2894 12.47 35.98 -29.43
OP2 OMU OA 2894 10.20 34.74 -29.72
P OMG OA 2895 10.01 40.65 -27.27
OP1 OMG OA 2895 11.34 41.18 -26.77
OP2 OMG OA 2895 9.59 39.22 -26.97
O5' OMG OA 2895 8.87 41.64 -26.77
C5' OMG OA 2895 8.61 42.85 -27.45
C4' OMG OA 2895 7.49 43.63 -26.81
O4' OMG OA 2895 6.22 43.18 -27.34
C3' OMG OA 2895 7.39 43.48 -25.29
O3' OMG OA 2895 6.95 44.71 -24.73
C2' OMG OA 2895 6.29 42.43 -25.14
O2' OMG OA 2895 5.63 42.44 -23.89
CM2 OMG OA 2895 6.33 41.70 -22.91
C1' OMG OA 2895 5.37 42.82 -26.28
N9 OMG OA 2895 4.48 41.76 -26.73
C8 OMG OA 2895 4.77 40.43 -26.95
N7 OMG OA 2895 3.73 39.77 -27.34
C5 OMG OA 2895 2.71 40.69 -27.39
C6 OMG OA 2895 1.34 40.55 -27.75
O6 OMG OA 2895 0.75 39.56 -28.11
N1 OMG OA 2895 0.67 41.78 -27.64
C2 OMG OA 2895 1.23 42.96 -27.25
N2 OMG OA 2895 0.43 44.02 -27.20
N3 OMG OA 2895 2.49 43.07 -26.92
C4 OMG OA 2895 3.17 41.93 -27.01
N1 PSU OA 2960 11.82 68.07 -36.58
C2 PSU OA 2960 12.06 69.26 -37.25
N3 PSU OA 2960 12.53 70.35 -36.56
C4 PSU OA 2960 12.78 70.24 -35.21
C5 PSU OA 2960 12.54 69.05 -34.56
C6 PSU OA 2960 12.06 67.96 -35.27
O2 PSU OA 2960 11.83 69.34 -38.45
O4 PSU OA 2960 13.21 71.20 -34.59
C1' PSU OA 2960 12.83 68.96 -33.09
C2' PSU OA 2960 11.61 69.37 -32.28
O2' PSU OA 2960 12.05 70.01 -31.10
C3' PSU OA 2960 10.98 68.01 -31.96
C4' PSU OA 2960 12.20 67.14 -31.75
O3' PSU OA 2960 10.13 68.05 -30.83
O4' PSU OA 2960 13.16 67.63 -32.73
C5' PSU OA 2960 11.99 65.65 -31.95
O5' PSU OA 2960 11.81 65.34 -33.33
P PSU OA 2960 11.27 63.91 -33.77
OP1 PSU OA 2960 10.04 63.63 -32.99
OP2 PSU OA 2960 11.22 63.89 -35.24
N1 PSU OA 2963 1.09 70.05 -40.06
C2 PSU OA 2963 1.24 69.74 -41.40
N3 PSU OA 2963 0.47 70.37 -42.35
C4 PSU OA 2963 -0.45 71.32 -41.95
C5 PSU OA 2963 -0.61 71.62 -40.61
C6 PSU OA 2963 0.18 70.97 -39.67
O2 PSU OA 2963 2.07 68.90 -41.75
O4 PSU OA 2963 -1.14 71.88 -42.80
C1' PSU OA 2963 -1.61 72.64 -40.19
C2' PSU OA 2963 -3.00 72.00 -40.13
O2' PSU OA 2963 -3.96 72.98 -40.48
C3' PSU OA 2963 -3.10 71.64 -38.66
C4' PSU OA 2963 -2.41 72.81 -37.99
O3' PSU OA 2963 -4.43 71.45 -38.20
O4' PSU OA 2963 -1.31 73.12 -38.89
C5' PSU OA 2963 -1.89 72.54 -36.61
O5' PSU OA 2963 -1.35 71.24 -36.53
P PSU OA 2963 -0.73 70.70 -35.17
OP1 PSU OA 2963 -1.83 70.75 -34.19
OP2 PSU OA 2963 -0.01 69.44 -35.44
N1 PSU OA 2966 -3.88 61.46 -45.16
C2 PSU OA 2966 -2.94 60.80 -44.40
N3 PSU OA 2966 -1.99 60.01 -45.02
C4 PSU OA 2966 -1.99 59.89 -46.39
C5 PSU OA 2966 -2.95 60.56 -47.14
C6 PSU OA 2966 -3.90 61.34 -46.50
O2 PSU OA 2966 -2.94 60.92 -43.18
O4 PSU OA 2966 -1.15 59.20 -46.93
C1' PSU OA 2966 -2.98 60.44 -48.63
C2' PSU OA 2966 -3.52 59.07 -49.04
O2' PSU OA 2966 -2.92 58.71 -50.28
C3' PSU OA 2966 -4.99 59.38 -49.24
C4' PSU OA 2966 -4.96 60.78 -49.84
O3' PSU OA 2966 -5.68 58.46 -50.05
O4' PSU OA 2966 -3.85 61.42 -49.16
C5' PSU OA 2966 -6.21 61.59 -49.65
O5' PSU OA 2966 -6.59 61.60 -48.29
P PSU OA 2966 -7.69 62.62 -47.76
OP1 PSU OA 2966 -8.94 62.39 -48.52
OP2 PSU OA 2966 -7.68 62.50 -46.30
N1 OMU OA 2973 -13.95 52.87 -38.58
C2 OMU OA 2973 -13.43 52.33 -37.28
N3 OMU OA 2973 -12.70 51.02 -37.26
C4 OMU OA 2973 -12.49 50.29 -38.49
C5 OMU OA 2973 -13.01 50.85 -39.78
C6 OMU OA 2973 -13.74 52.14 -39.80
O2 OMU OA 2973 -13.60 52.93 -36.24
O4 OMU OA 2973 -11.94 49.30 -38.48
C1' OMU OA 2973 -14.67 54.17 -38.61
C2' OMU OA 2973 -13.72 55.32 -38.30
O2' OMU OA 2973 -14.49 56.37 -37.74
CM2 OMU OA 2973 -14.61 56.30 -36.36
C3' OMU OA 2973 -13.25 55.70 -39.70
C4' OMU OA 2973 -14.50 55.52 -40.52
O3' OMU OA 2973 -12.72 57.01 -39.78
O4' OMU OA 2973 -15.16 54.36 -39.93
C5' OMU OA 2973 -14.31 55.28 -41.99
O5' OMU OA 2973 -15.52 55.47 -42.70
P OMU OA 2973 -15.53 55.99 -44.20
OP1 OMU OA 2973 -16.92 55.89 -44.73
OP2 OMU OA 2973 -14.78 57.30 -44.24
N1 PSU OA 2979 3.46 59.10 -44.62
C2 PSU OA 2979 2.53 60.08 -44.87
N3 PSU OA 2979 2.16 60.38 -46.16
C4 PSU OA 2979 2.73 59.70 -47.21
C5 PSU OA 2979 3.67 58.72 -46.96
C6 PSU OA 2979 4.02 58.43 -45.66
O2 PSU OA 2979 2.02 60.69 -43.92
O4 PSU OA 2979 2.39 59.98 -48.36
C1' PSU OA 2979 4.30 57.95 -48.07
C2' PSU OA 2979 5.26 58.81 -48.90
O2' PSU OA 2979 5.23 58.34 -50.24
C3' PSU OA 2979 6.59 58.48 -48.26
C4' PSU OA 2979 6.45 57.01 -47.90
O3' PSU OA 2979 7.70 58.72 -49.11
O4' PSU OA 2979 5.05 56.88 -47.52
C5' PSU OA 2979 7.33 56.53 -46.78
O5' PSU OA 2979 7.24 57.39 -45.66
P PSU OA 2979 7.89 56.97 -44.28
OP1 PSU OA 2979 9.36 56.90 -44.47
OP2 PSU OA 2979 7.32 57.85 -43.23
N1 PSU OA 3020 -11.48 82.87 -12.20
C2 PSU OA 3020 -10.36 82.40 -11.54
N3 PSU OA 3020 -10.47 81.41 -10.59
C4 PSU OA 3020 -11.71 80.89 -10.31
C5 PSU OA 3020 -12.82 81.36 -10.97
C6 PSU OA 3020 -12.69 82.36 -11.93
O2 PSU OA 3020 -9.26 82.89 -11.79
O4 PSU OA 3020 -11.81 80.00 -9.47
C1' PSU OA 3020 -14.17 80.78 -10.69
C2' PSU OA 3020 -14.77 81.28 -9.37
O2' PSU OA 3020 -15.47 80.22 -8.75
C3' PSU OA 3020 -15.76 82.34 -9.87
C4' PSU OA 3020 -16.24 81.76 -11.19
O3' PSU OA 3020 -16.82 82.59 -8.97
O4' PSU OA 3020 -15.07 81.10 -11.72
C5' PSU OA 3020 -16.76 82.76 -12.18
O5' PSU OA 3020 -15.78 83.74 -12.49
P PSU OA 3020 -16.02 84.80 -13.65
OP1 PSU OA 3020 -17.37 85.38 -13.48
OP2 PSU OA 3020 -14.84 85.67 -13.69
N1 PSU OA 3028 -6.32 80.14 -7.15
C2 PSU OA 3028 -7.53 80.31 -7.79
N3 PSU OA 3028 -8.60 79.51 -7.49
C4 PSU OA 3028 -8.47 78.54 -6.52
C5 PSU OA 3028 -7.26 78.36 -5.89
C6 PSU OA 3028 -6.19 79.18 -6.22
O2 PSU OA 3028 -7.63 81.18 -8.65
O4 PSU OA 3028 -9.45 77.83 -6.26
C1' PSU OA 3028 -7.06 77.31 -4.83
C2' PSU OA 3028 -7.13 75.91 -5.43
O2' PSU OA 3028 -7.71 75.03 -4.48
C3' PSU OA 3028 -5.65 75.59 -5.62
C4' PSU OA 3028 -5.03 76.26 -4.41
O3' PSU OA 3028 -5.37 74.20 -5.68
O4' PSU OA 3028 -5.80 77.47 -4.23
C5' PSU OA 3028 -3.57 76.61 -4.57
O5' PSU OA 3028 -3.34 77.33 -5.77
P PSU OA 3028 -1.99 78.14 -5.99
OP1 PSU OA 3028 -0.89 77.16 -5.90
OP2 PSU OA 3028 -2.15 78.98 -7.19
P OMG OA 3037 2.68 55.49 -20.84
OP1 OMG OA 3037 3.58 54.27 -20.99
OP2 OMG OA 3037 1.52 55.72 -21.81
O5' OMG OA 3037 2.08 55.49 -19.36
C5' OMG OA 3037 2.91 55.22 -18.24
C4' OMG OA 3037 2.14 55.33 -16.96
O4' OMG OA 3037 1.70 56.70 -16.79
C3' OMG OA 3037 0.86 54.50 -16.89
O3' OMG OA 3037 1.10 53.17 -16.47
C2' OMG OA 3037 0.01 55.30 -15.91
O2' OMG OA 3037 0.44 55.07 -14.58
CM2 OMG OA 3037 -0.47 54.31 -13.80
C1' OMG OA 3037 0.38 56.73 -16.28
N9 OMG OA 3037 -0.50 57.28 -17.33
C8 OMG OA 3037 -0.23 57.36 -18.68
N7 OMG OA 3037 -1.20 57.92 -19.34
C5 OMG OA 3037 -2.14 58.22 -18.39
C6 OMG OA 3037 -3.41 58.84 -18.53
O6 OMG OA 3037 -3.95 59.24 -19.55
N1 OMG OA 3037 -4.04 58.95 -17.30
C2 OMG OA 3037 -3.54 58.55 -16.10
N2 OMG OA 3037 -4.31 58.74 -15.02
N3 OMG OA 3037 -2.38 57.97 -15.97
C4 OMG OA 3037 -1.72 57.84 -17.14
P OMG OA 3059 -34.75 22.80 -27.84
OP1 OMG OA 3059 -35.49 23.04 -29.14
OP2 OMG OA 3059 -35.14 21.63 -26.94
O5' OMG OA 3059 -33.20 22.65 -28.16
C5' OMG OA 3059 -32.49 23.67 -28.86
C4' OMG OA 3059 -31.05 23.28 -29.02
O4' OMG OA 3059 -30.39 23.35 -27.74
C3' OMG OA 3059 -30.82 21.86 -29.50
O3' OMG OA 3059 -30.81 21.75 -30.91
C2' OMG OA 3059 -29.49 21.48 -28.87
O2' OMG OA 3059 -28.41 22.01 -29.63
CM2 OMG OA 3059 -27.16 21.69 -29.08
C1' OMG OA 3059 -29.56 22.25 -27.55
N9 OMG OA 3059 -30.11 21.42 -26.46
C8 OMG OA 3059 -31.42 21.34 -26.07
N7 OMG OA 3059 -31.59 20.53 -25.08
C5 OMG OA 3059 -30.35 20.05 -24.80
C6 OMG OA 3059 -29.92 19.12 -23.82
O6 OMG OA 3059 -30.59 18.54 -22.99
N1 OMG OA 3059 -28.54 18.93 -23.89
C2 OMG OA 3059 -27.70 19.52 -24.78
N2 OMG OA 3059 -26.40 19.21 -24.69
N3 OMG OA 3059 -28.10 20.37 -25.68
C4 OMG OA 3059 -29.41 20.60 -25.65
N1 PSU OA 3070 -17.29 4.31 -41.93
C2 PSU OA 3070 -16.72 4.32 -40.67
N3 PSU OA 3070 -15.37 4.49 -40.52
C4 PSU OA 3070 -14.58 4.64 -41.64
C5 PSU OA 3070 -15.15 4.60 -42.90
C6 PSU OA 3070 -16.52 4.45 -43.02
O2 PSU OA 3070 -17.44 4.19 -39.68
O4 PSU OA 3070 -13.37 4.79 -41.52
C1' PSU OA 3070 -14.32 4.83 -44.12
C2' PSU OA 3070 -13.37 3.73 -44.62
O2' PSU OA 3070 -12.10 4.32 -44.84
C3' PSU OA 3070 -14.00 3.30 -45.94
C4' PSU OA 3070 -14.82 4.50 -46.39
O3' PSU OA 3070 -13.05 2.92 -46.92
O4' PSU OA 3070 -15.21 5.16 -45.17
C5' PSU OA 3070 -16.06 4.17 -47.17
O5' PSU OA 3070 -16.87 3.25 -46.46
P PSU OA 3070 -18.27 2.78 -47.04
OP1 PSU OA 3070 -18.05 2.29 -48.42
OP2 PSU OA 3070 -18.91 1.90 -46.04
N1 PSU OA 3098 2.71 -6.47 -49.78
C2 PSU OA 3098 1.96 -7.61 -49.56
N3 PSU OA 3098 1.24 -8.16 -50.58
C4 PSU OA 3098 1.27 -7.60 -51.83
C5 PSU OA 3098 2.03 -6.46 -52.06
C6 PSU OA 3098 2.76 -5.92 -51.01
O2 PSU OA 3098 1.93 -8.11 -48.44
O4 PSU OA 3098 0.62 -8.09 -52.75
C1' PSU OA 3098 2.07 -5.84 -53.42
C2' PSU OA 3098 0.82 -5.00 -53.68
O2' PSU OA 3098 0.53 -5.05 -55.06
C3' PSU OA 3098 1.31 -3.61 -53.28
C4' PSU OA 3098 2.75 -3.62 -53.76
O3' PSU OA 3098 0.55 -2.56 -53.84
O4' PSU OA 3098 3.19 -4.98 -53.52
C5' PSU OA 3098 3.68 -2.66 -53.07
O5' PSU OA 3098 3.59 -2.80 -51.65
P PSU OA 3098 4.67 -2.13 -50.69
OP1 PSU OA 3098 4.80 -0.68 -50.96
OP2 PSU OA 3098 4.38 -2.57 -49.31
N1 PSU OA 3109 -16.04 9.33 -35.31
C2 PSU OA 3109 -17.02 8.38 -35.54
N3 PSU OA 3109 -17.99 8.60 -36.48
C4 PSU OA 3109 -18.01 9.78 -37.19
C5 PSU OA 3109 -17.05 10.74 -36.94
C6 PSU OA 3109 -16.05 10.49 -36.00
O2 PSU OA 3109 -17.00 7.33 -34.90
O4 PSU OA 3109 -18.88 10.00 -38.02
C1' PSU OA 3109 -17.00 12.01 -37.73
C2' PSU OA 3109 -17.78 13.22 -37.23
O2' PSU OA 3109 -18.43 13.81 -38.36
C3' PSU OA 3109 -16.69 14.16 -36.72
C4' PSU OA 3109 -15.45 13.75 -37.48
O3' PSU OA 3109 -16.99 15.53 -36.90
O4' PSU OA 3109 -15.63 12.35 -37.80
C5' PSU OA 3109 -14.16 13.91 -36.73
O5' PSU OA 3109 -14.26 13.37 -35.42
P PSU OA 3109 -12.95 13.00 -34.58
OP1 PSU OA 3109 -12.19 14.23 -34.34
OP2 PSU OA 3109 -13.27 12.11 -33.44
P 5MC OA 3114 -35.08 14.55 -29.96
OP1 5MC OA 3114 -36.55 14.77 -29.61
OP2 5MC OA 3114 -34.47 15.29 -31.14
O5' 5MC OA 3114 -34.22 14.89 -28.67
C5' 5MC OA 3114 -34.31 14.09 -27.50
C4' 5MC OA 3114 -33.74 14.79 -26.30
O4' 5MC OA 3114 -32.31 14.64 -26.31
C3' 5MC OA 3114 -34.01 16.29 -26.24
O3' 5MC OA 3114 -34.90 16.57 -25.14
C2' 5MC OA 3114 -32.62 16.92 -25.95
O2' 5MC OA 3114 -32.61 17.88 -24.92
C1' 5MC OA 3114 -31.74 15.73 -25.62
N1 5MC OA 3114 -30.35 15.85 -26.06
C2 5MC OA 3114 -29.43 14.87 -25.68
O2 5MC OA 3114 -29.81 13.94 -25.02
N3 5MC OA 3114 -28.15 14.99 -26.08
C4 5MC OA 3114 -27.76 16.01 -26.81
N4 5MC OA 3114 -26.49 16.06 -27.16
C5 5MC OA 3114 -28.65 17.04 -27.22
C6 5MC OA 3114 -29.94 16.90 -26.81
CM5 5MC OA 3114 -28.17 18.18 -28.05
N1 OMC OA 3123 -31.43 -15.99 -18.82
C2 OMC OA 3123 -32.63 -15.52 -19.40
N3 OMC OA 3123 -32.55 -14.53 -20.31
C4 OMC OA 3123 -31.40 -14.00 -20.64
C5 OMC OA 3123 -30.18 -14.43 -20.08
C6 OMC OA 3123 -30.25 -15.43 -19.18
O2 OMC OA 3123 -33.69 -16.02 -19.09
N4 OMC OA 3123 -31.40 -13.01 -21.54
C1' OMC OA 3123 -31.37 -17.07 -17.83
C2' OMC OA 3123 -31.82 -18.41 -18.42
O2' OMC OA 3123 -32.43 -19.17 -17.38
CM2 OMC OA 3123 -33.82 -19.01 -17.37
C3' OMC OA 3123 -30.50 -19.03 -18.82
C4' OMC OA 3123 -29.56 -18.56 -17.73
O4' OMC OA 3123 -30.03 -17.23 -17.40
O3' OMC OA 3123 -30.55 -20.44 -18.93
C5' OMC OA 3123 -28.11 -18.51 -18.11
O5' OMC OA 3123 -27.94 -17.86 -19.36
P OMC OA 3123 -26.49 -17.59 -19.95
OP1 OMC OA 3123 -25.82 -18.93 -20.17
OP2 OMC OA 3123 -26.66 -16.62 -21.11
N1 PSU OA 3124 -31.64 -16.66 -22.44
C2 PSU OA 3124 -31.98 -15.74 -23.40
N3 PSU OA 3124 -33.28 -15.68 -23.87
C4 PSU OA 3124 -34.23 -16.54 -23.35
C5 PSU OA 3124 -33.87 -17.48 -22.40
C6 PSU OA 3124 -32.56 -17.51 -21.95
O2 PSU OA 3124 -31.13 -14.98 -23.86
O4 PSU OA 3124 -35.38 -16.47 -23.78
C1' PSU OA 3124 -34.86 -18.41 -21.78
C2' PSU OA 3124 -35.49 -19.48 -22.68
O2' PSU OA 3124 -36.86 -19.60 -22.33
C3' PSU OA 3124 -34.72 -20.73 -22.27
C4' PSU OA 3124 -34.44 -20.50 -20.80
O3' PSU OA 3124 -35.45 -21.91 -22.49
O4' PSU OA 3124 -34.25 -19.07 -20.69
C5' PSU OA 3124 -33.21 -21.20 -20.26
O5' PSU OA 3124 -32.05 -20.74 -20.92
P PSU OA 3124 -30.61 -21.12 -20.37
OP1 PSU OA 3124 -30.72 -22.58 -20.20
OP2 PSU OA 3124 -29.58 -20.52 -21.26
N1 PSU OA 3138 -14.09 -36.85 -48.84
C2 PSU OA 3138 -13.67 -35.58 -48.54
N3 PSU OA 3138 -13.60 -34.61 -49.52
C4 PSU OA 3138 -13.94 -34.94 -50.80
C5 PSU OA 3138 -14.35 -36.23 -51.11
C6 PSU OA 3138 -14.42 -37.17 -50.10
O2 PSU OA 3138 -13.36 -35.29 -47.38
O4 PSU OA 3138 -13.88 -34.09 -51.69
C1' PSU OA 3138 -14.74 -36.59 -52.51
C2' PSU OA 3138 -13.50 -36.85 -53.37
O2' PSU OA 3138 -13.78 -36.46 -54.71
C3' PSU OA 3138 -13.40 -38.38 -53.29
C4' PSU OA 3138 -14.85 -38.80 -53.28
O3' PSU OA 3138 -12.68 -38.96 -54.37
O4' PSU OA 3138 -15.51 -37.77 -52.50
C5' PSU OA 3138 -15.12 -40.15 -52.66
O5' PSU OA 3138 -16.50 -40.50 -52.78
P PSU OA 3138 -17.16 -41.55 -51.79
OP1 PSU OA 3138 -17.31 -42.81 -52.53
OP2 PSU OA 3138 -16.42 -41.50 -50.51
N1 PSU OA 3160 -18.77 -28.23 -23.85
C2 PSU OA 3160 -17.93 -28.93 -23.02
N3 PSU OA 3160 -18.36 -30.09 -22.41
C4 PSU OA 3160 -19.63 -30.54 -22.64
C5 PSU OA 3160 -20.48 -29.84 -23.48
C6 PSU OA 3160 -20.03 -28.67 -24.08
O2 PSU OA 3160 -16.79 -28.53 -22.82
O4 PSU OA 3160 -20.02 -31.58 -22.11
C1' PSU OA 3160 -21.87 -30.32 -23.72
C2' PSU OA 3160 -22.72 -29.97 -22.49
O2' PSU OA 3160 -23.71 -30.98 -22.34
C3' PSU OA 3160 -23.35 -28.67 -22.95
C4' PSU OA 3160 -23.62 -28.93 -24.42
O3' PSU OA 3160 -24.52 -28.33 -22.21
O4' PSU OA 3160 -22.46 -29.69 -24.83
C5' PSU OA 3160 -23.79 -27.72 -25.29
O5' PSU OA 3160 -22.62 -26.92 -25.30
P PSU OA 3160 -22.16 -26.21 -26.65
OP1 PSU OA 3160 -23.38 -25.74 -27.34
OP2 PSU OA 3160 -21.06 -25.26 -26.37
P OMG OA 3161 -24.40 -27.46 -20.88
OP1 OMG OA 3161 -25.80 -27.11 -20.41
OP2 OMG OA 3161 -23.38 -26.34 -21.12
O5' OMG OA 3161 -23.76 -28.46 -19.82
C5' OMG OA 3161 -24.49 -29.60 -19.37
C4' OMG OA 3161 -23.91 -30.15 -18.10
O4' OMG OA 3161 -22.69 -30.88 -18.41
C3' OMG OA 3161 -23.48 -29.12 -17.08
O3' OMG OA 3161 -24.57 -28.70 -16.26
C2' OMG OA 3161 -22.39 -29.83 -16.31
O2' OMG OA 3161 -22.94 -30.72 -15.36
CM2 OMG OA 3161 -22.18 -30.83 -14.19
C1' OMG OA 3161 -21.73 -30.65 -17.40
N9 OMG OA 3161 -20.59 -29.95 -18.01
C8 OMG OA 3161 -20.59 -29.23 -19.19
N7 OMG OA 3161 -19.41 -28.74 -19.45
C5 OMG OA 3161 -18.61 -29.18 -18.43
C6 OMG OA 3161 -17.23 -28.96 -18.19
O6 OMG OA 3161 -16.44 -28.32 -18.87
N1 OMG OA 3161 -16.82 -29.60 -17.03
C2 OMG OA 3161 -17.62 -30.33 -16.19
N2 OMG OA 3161 -17.04 -30.86 -15.11
N3 OMG OA 3161 -18.89 -30.52 -16.42
C4 OMG OA 3161 -19.33 -29.93 -17.54
N1 OMU OA 3165 -15.97 -15.54 -11.84
C2 OMU OA 3165 -16.16 -15.62 -13.33
N3 OMU OA 3165 -17.09 -16.65 -13.91
C4 OMU OA 3165 -17.79 -17.55 -13.01
C5 OMU OA 3165 -17.59 -17.46 -11.53
C6 OMU OA 3165 -16.67 -16.44 -10.97
O2 OMU OA 3165 -15.57 -14.86 -14.06
O4 OMU OA 3165 -18.50 -18.34 -13.43
C1' OMU OA 3165 -15.05 -14.53 -11.27
C2' OMU OA 3165 -15.67 -13.13 -11.21
O2' OMU OA 3165 -14.63 -12.18 -11.37
CM2 OMU OA 3165 -14.94 -11.11 -12.20
C3' OMU OA 3165 -16.21 -13.10 -9.79
C4' OMU OA 3165 -15.13 -13.84 -9.04
O3' OMU OA 3165 -16.45 -11.80 -9.29
O4' OMU OA 3165 -14.73 -14.90 -9.94
C5' OMU OA 3165 -15.55 -14.45 -7.72
O5' OMU OA 3165 -16.51 -15.47 -7.89
P OMU OA 3165 -16.46 -16.79 -7.01
OP1 OMU OA 3165 -16.49 -16.39 -5.58
OP2 OMU OA 3165 -17.51 -17.74 -7.54
P OMG OA 3166 -17.93 -11.38 -8.89
OP1 OMG OA 3166 -18.10 -9.89 -9.13
OP2 OMG OA 3166 -18.24 -11.97 -7.51
O5' OMG OA 3166 -18.83 -12.15 -9.95
C5' OMG OA 3166 -20.22 -12.26 -9.77
C4' OMG OA 3166 -20.99 -11.66 -10.92
O4' OMG OA 3166 -20.73 -10.23 -11.00
C3' OMG OA 3166 -20.60 -12.16 -12.31
O3' OMG OA 3166 -21.14 -13.43 -12.61
C2' OMG OA 3166 -21.12 -11.04 -13.20
O2' OMG OA 3166 -22.52 -11.12 -13.32
CM2 OMG OA 3166 -22.97 -11.46 -14.61
C1' OMG OA 3166 -20.79 -9.81 -12.35
N9 OMG OA 3166 -19.49 -9.21 -12.71
C8 OMG OA 3166 -18.24 -9.67 -12.39
N7 OMG OA 3166 -17.30 -8.91 -12.85
C5 OMG OA 3166 -17.94 -7.88 -13.48
C6 OMG OA 3166 -17.42 -6.75 -14.15
O6 OMG OA 3166 -16.27 -6.43 -14.34
N1 OMG OA 3166 -18.46 -5.96 -14.66
C2 OMG OA 3166 -19.79 -6.21 -14.52
N2 OMG OA 3166 -20.63 -5.32 -15.07
N3 OMG OA 3166 -20.26 -7.25 -13.90
C4 OMG OA 3166 -19.31 -8.05 -13.40
N1 PSU OA 3167 -14.30 -11.19 -15.74
C2 PSU OA 3167 -13.75 -10.05 -16.27
N3 PSU OA 3167 -14.56 -9.04 -16.74
C4 PSU OA 3167 -15.93 -9.17 -16.67
C5 PSU OA 3167 -16.48 -10.33 -16.14
C6 PSU OA 3167 -15.64 -11.33 -15.67
O2 PSU OA 3167 -12.53 -9.93 -16.34
O4 PSU OA 3167 -16.66 -8.28 -17.08
C1' PSU OA 3167 -17.96 -10.49 -16.06
C2' PSU OA 3167 -18.52 -11.00 -17.39
O2' PSU OA 3167 -19.81 -10.44 -17.56
C3' PSU OA 3167 -18.62 -12.49 -17.13
C4' PSU OA 3167 -19.00 -12.55 -15.67
O3' PSU OA 3167 -19.56 -13.16 -17.96
O4' PSU OA 3167 -18.28 -11.45 -15.07
C5' PSU OA 3167 -18.67 -13.83 -14.94
O5' PSU OA 3167 -19.85 -14.50 -14.51
P PSU OA 3167 -20.16 -14.66 -12.96
OP1 PSU OA 3167 -20.90 -15.94 -12.79
OP2 PSU OA 3167 -18.87 -14.45 -12.26
N1 PSU OA 3188 -30.52 -10.53 -26.07
C2 PSU OA 3188 -30.31 -11.74 -25.44
N3 PSU OA 3188 -31.37 -12.57 -25.19
C4 PSU OA 3188 -32.64 -12.19 -25.57
C5 PSU OA 3188 -32.84 -10.98 -26.19
C6 PSU OA 3188 -31.76 -10.15 -26.45
O2 PSU OA 3188 -29.19 -12.06 -25.11
O4 PSU OA 3188 -33.60 -12.93 -25.34
C1' PSU OA 3188 -34.21 -10.56 -26.61
C2' PSU OA 3188 -35.04 -10.01 -25.44
O2' PSU OA 3188 -36.39 -10.37 -25.65
C3' PSU OA 3188 -34.84 -8.51 -25.60
C4' PSU OA 3188 -34.80 -8.34 -27.10
O3' PSU OA 3188 -35.85 -7.73 -25.00
O4' PSU OA 3188 -34.13 -9.54 -27.58
C5' PSU OA 3188 -34.07 -7.12 -27.60
O5' PSU OA 3188 -32.77 -7.05 -27.03
P PSU OA 3188 -31.64 -6.15 -27.70
OP1 PSU OA 3188 -32.17 -4.77 -27.70
OP2 PSU OA 3188 -30.35 -6.45 -27.05
P A2M OA 3190 -39.62 -4.69 -22.13
OP1 A2M OA 3190 -39.38 -4.70 -23.60
O5' A2M OA 3190 -41.34 -4.95 -21.61
C5' A2M OA 3190 -41.51 -5.35 -20.34
C4' A2M OA 3190 -42.92 -5.02 -19.85
O4' A2M OA 3190 -43.25 -3.71 -20.23
C3' A2M OA 3190 -43.97 -5.93 -20.42
O3' A2M OA 3190 -43.85 -7.15 -19.78
C2' A2M OA 3190 -45.22 -5.12 -20.20
O2' A2M OA 3190 -45.63 -5.12 -18.86
C1' A2M OA 3190 -44.61 -3.76 -20.56
CM' A2M OA 3190 -46.79 -4.34 -18.73
N9 A2M OA 3190 -44.77 -3.39 -21.93
C8 A2M OA 3190 -43.94 -3.44 -23.03
N7 A2M OA 3190 -44.51 -3.00 -24.16
C5 A2M OA 3190 -45.80 -2.65 -23.74
C6 A2M OA 3190 -46.90 -2.13 -24.36
N6 A2M OA 3190 -46.90 -1.83 -25.71
N1 A2M OA 3190 -48.06 -1.87 -23.71
C2 A2M OA 3190 -48.06 -2.16 -22.38
N3 A2M OA 3190 -47.10 -2.66 -21.62
C4 A2M OA 3190 -45.97 -2.88 -22.35
OP2 A2M OA 3190 -39.51 -3.42 -21.37
P UR3 OA 3197 -19.71 -1.45 -9.43
OP1 UR3 OA 3197 -18.38 -0.96 -9.04
OP2 UR3 OA 3197 -20.88 -1.30 -8.49
O5' UR3 OA 3197 -20.12 -0.75 -10.81
C5' UR3 OA 3197 -19.16 -0.59 -11.85
C4' UR3 OA 3197 -19.73 0.22 -12.98
O4' UR3 OA 3197 -20.81 -0.51 -13.60
C1' UR3 OA 3197 -21.79 0.40 -14.07
N1 UR3 OA 3197 -23.09 0.06 -13.42
C6 UR3 OA 3197 -23.10 -0.75 -12.23
C2 UR3 OA 3197 -24.34 0.56 -13.99
O2 UR3 OA 3197 -24.33 1.22 -14.96
N3 UR3 OA 3197 -25.64 0.22 -13.33
C3U UR3 OA 3197 -26.93 0.73 -13.93
C4 UR3 OA 3197 -25.67 -0.58 -12.16
O4 UR3 OA 3197 -26.72 -0.86 -11.63
C5 UR3 OA 3197 -24.39 -1.08 -11.57
C2' UR3 OA 3197 -21.33 1.81 -13.72
O2' UR3 OA 3197 -20.66 2.35 -14.85
C3' UR3 OA 3197 -20.36 1.54 -12.58
O3' UR3 OA 3197 -19.41 2.57 -12.41
N1 PSU OA 3199 -29.59 5.56 -6.56
C2 PSU OA 3199 -30.67 5.91 -5.78
N3 PSU OA 3199 -30.99 7.24 -5.63
C4 PSU OA 3199 -30.24 8.20 -6.25
C5 PSU OA 3199 -29.16 7.84 -7.03
C6 PSU OA 3199 -28.84 6.50 -7.17
O2 PSU OA 3199 -31.33 5.04 -5.23
O4 PSU OA 3199 -30.55 9.39 -6.10
C1' PSU OA 3199 -28.31 8.88 -7.72
C2' PSU OA 3199 -27.46 9.61 -6.68
O2' PSU OA 3199 -27.24 10.93 -7.14
C3' PSU OA 3199 -26.18 8.81 -6.72
C4' PSU OA 3199 -26.05 8.49 -8.20
O3' PSU OA 3199 -25.06 9.51 -6.22
O4' PSU OA 3199 -27.43 8.26 -8.62
C5' PSU OA 3199 -25.21 7.28 -8.54
O5' PSU OA 3199 -25.77 6.09 -8.02
P PSU OA 3199 -25.12 4.68 -8.35
OP1 PSU OA 3199 -23.77 4.77 -7.78
OP2 PSU OA 3199 -26.06 3.63 -7.90
N1 OMC OA 3203 -15.87 3.80 3.97
C2 OMC OA 3203 -15.16 3.29 2.87
N3 OMC OA 3203 -15.45 3.80 1.65
C4 OMC OA 3203 -16.35 4.73 1.49
C5 OMC OA 3203 -17.09 5.27 2.58
C6 OMC OA 3203 -16.80 4.75 3.79
O2 OMC OA 3203 -14.31 2.43 3.01
N4 OMC OA 3203 -16.58 5.18 0.25
C1' OMC OA 3203 -15.63 3.32 5.36
C2' OMC OA 3203 -14.26 3.77 5.88
O2' OMC OA 3203 -13.81 2.82 6.83
CM2 OMC OA 3203 -13.30 1.64 6.26
C3' OMC OA 3203 -14.64 5.06 6.58
C4' OMC OA 3203 -15.97 4.70 7.21
O4' OMC OA 3203 -16.60 3.88 6.20
O3' OMC OA 3203 -13.67 5.49 7.52
C5' OMC OA 3203 -16.85 5.86 7.60
O5' OMC OA 3203 -16.91 6.82 6.56
P OMC OA 3203 -17.95 8.03 6.67
OP1 OMC OA 3203 -17.60 8.83 7.90
OP2 OMC OA 3203 -18.03 8.70 5.31
N1 PSU OA 3219 -20.07 -0.64 -1.71
C2 PSU OA 3219 -20.70 0.57 -1.63
N3 PSU OA 3219 -21.45 0.91 -0.52
C4 PSU OA 3219 -21.56 0.00 0.51
C5 PSU OA 3219 -20.93 -1.22 0.43
C6 PSU OA 3219 -20.18 -1.53 -0.70
O2 PSU OA 3219 -20.60 1.37 -2.56
O4 PSU OA 3219 -22.23 0.29 1.50
C1' PSU OA 3219 -21.02 -2.21 1.56
C2' PSU OA 3219 -22.34 -2.99 1.48
O2' PSU OA 3219 -22.76 -3.28 2.80
C3' PSU OA 3219 -21.88 -4.27 0.78
C4' PSU OA 3219 -20.50 -4.48 1.35
O3' PSU OA 3219 -22.74 -5.38 0.99
O4' PSU OA 3219 -19.97 -3.14 1.48
C5' PSU OA 3219 -19.57 -5.32 0.52
O5' PSU OA 3219 -19.58 -4.91 -0.83
P PSU OA 3219 -18.60 -5.58 -1.89
OP1 PSU OA 3219 -18.73 -7.05 -1.80
OP2 PSU OA 3219 -18.82 -4.90 -3.19
P A2M OA 3238 -70.74 -19.08 -41.12
OP1 A2M OA 3238 -72.21 -19.37 -41.14
O5' A2M OA 3238 -70.16 -17.81 -42.28
C5' A2M OA 3238 -70.59 -16.56 -42.07
C4' A2M OA 3238 -69.75 -15.58 -42.85
O4' A2M OA 3238 -68.43 -15.61 -42.37
C3' A2M OA 3238 -69.72 -15.92 -44.32
O3' A2M OA 3238 -70.87 -15.39 -44.89
C2' A2M OA 3238 -68.37 -15.38 -44.76
O2' A2M OA 3238 -68.36 -14.01 -44.94
C1' A2M OA 3238 -67.59 -15.75 -43.48
CM' A2M OA 3238 -67.22 -13.62 -45.66
N9 A2M OA 3238 -66.99 -17.05 -43.45
C8 A2M OA 3238 -67.13 -18.14 -42.59
N7 A2M OA 3238 -66.37 -19.18 -42.94
C5 A2M OA 3238 -65.71 -18.74 -44.07
C6 A2M OA 3238 -64.78 -19.30 -44.91
N6 A2M OA 3238 -64.31 -20.59 -44.72
N1 A2M OA 3238 -64.27 -18.65 -45.99
C2 A2M OA 3238 -64.73 -17.39 -46.17
N3 A2M OA 3238 -65.62 -16.68 -45.45
C4 A2M OA 3238 -66.08 -17.41 -44.41
OP2 A2M OA 3238 -69.80 -20.11 -41.66
N1 PSU OA 3243 -79.95 -27.49 -51.69
C2 PSU OA 3243 -80.25 -28.79 -51.40
N3 PSU OA 3243 -80.77 -29.12 -50.16
C4 PSU OA 3243 -80.96 -28.14 -49.22
C5 PSU OA 3243 -80.63 -26.82 -49.51
C6 PSU OA 3243 -80.13 -26.52 -50.78
O2 PSU OA 3243 -80.08 -29.67 -52.25
O4 PSU OA 3243 -81.42 -28.44 -48.12
C1' PSU OA 3243 -80.84 -25.69 -48.56
C2' PSU OA 3243 -80.04 -25.72 -47.25
O2' PSU OA 3243 -80.87 -25.24 -46.20
C3' PSU OA 3243 -78.92 -24.72 -47.54
C4' PSU OA 3243 -79.57 -23.72 -48.47
O3' PSU OA 3243 -78.42 -24.11 -46.37
O4' PSU OA 3243 -80.54 -24.49 -49.23
C5' PSU OA 3243 -78.63 -23.03 -49.42
O5' PSU OA 3243 -77.92 -24.00 -50.19
P PSU OA 3243 -76.92 -23.54 -51.34
OP1 PSU OA 3243 -75.91 -22.64 -50.73
OP2 PSU OA 3243 -76.49 -24.74 -52.10
N1 PSU OA 3246 -71.63 -34.42 -47.32
C2 PSU OA 3246 -71.29 -34.67 -48.62
N3 PSU OA 3246 -71.20 -35.96 -49.10
C4 PSU OA 3246 -71.46 -37.00 -48.24
C5 PSU OA 3246 -71.81 -36.75 -46.92
C6 PSU OA 3246 -71.88 -35.45 -46.48
O2 PSU OA 3246 -71.06 -33.73 -49.38
O4 PSU OA 3246 -71.38 -38.16 -48.66
C1' PSU OA 3246 -72.09 -37.88 -45.97
C2' PSU OA 3246 -70.82 -38.63 -45.61
O2' PSU OA 3246 -71.13 -40.01 -45.48
C3' PSU OA 3246 -70.47 -38.04 -44.26
C4' PSU OA 3246 -71.84 -37.80 -43.65
O3' PSU OA 3246 -69.66 -38.87 -43.46
O4' PSU OA 3246 -72.66 -37.39 -44.77
C5' PSU OA 3246 -71.89 -36.75 -42.57
O5' PSU OA 3246 -71.37 -35.51 -43.05
P PSU OA 3246 -71.52 -34.18 -42.19
OP1 PSU OA 3246 -70.98 -34.46 -40.83
OP2 PSU OA 3246 -70.97 -33.06 -42.98
P A2M OA 3257 -37.50 -37.71 -42.45
OP1 A2M OA 3257 -37.85 -37.06 -43.75
O5' A2M OA 3257 -35.83 -38.45 -42.38
C5' A2M OA 3257 -35.42 -38.91 -41.18
C4' A2M OA 3257 -34.74 -37.78 -40.41
O4' A2M OA 3257 -35.54 -37.46 -39.29
C3' A2M OA 3257 -33.35 -38.17 -39.91
O3' A2M OA 3257 -32.47 -38.00 -40.98
C2' A2M OA 3257 -33.20 -37.30 -38.68
O2' A2M OA 3257 -32.90 -35.96 -38.97
C1' A2M OA 3257 -34.65 -37.41 -38.19
CM' A2M OA 3257 -33.15 -35.15 -37.86
N9 A2M OA 3257 -34.95 -38.50 -37.32
C8 A2M OA 3257 -35.73 -39.66 -37.48
N7 A2M OA 3257 -35.73 -40.44 -36.37
C5 A2M OA 3257 -34.91 -39.74 -35.49
C6 A2M OA 3257 -34.49 -39.97 -34.20
N6 A2M OA 3257 -34.87 -41.10 -33.51
N1 A2M OA 3257 -33.68 -39.12 -33.54
C2 A2M OA 3257 -33.29 -38.01 -34.22
N3 A2M OA 3257 -33.60 -37.64 -35.47
C4 A2M OA 3257 -34.42 -38.54 -36.06
OP2 A2M OA 3257 -38.16 -39.01 -42.08
P OMG OA 3285 -31.63 -49.97 -25.99
OP1 OMG OA 3285 -32.42 -50.52 -24.82
OP2 OMG OA 3285 -32.26 -49.87 -27.38
O5' OMG OA 3285 -31.09 -48.54 -25.58
C5' OMG OA 3285 -30.46 -47.70 -26.54
C4' OMG OA 3285 -29.13 -47.19 -26.03
O4' OMG OA 3285 -28.06 -47.68 -26.88
C3' OMG OA 3285 -28.98 -45.67 -26.01
O3' OMG OA 3285 -29.16 -45.13 -24.71
C2' OMG OA 3285 -27.59 -45.40 -26.58
O2' OMG OA 3285 -26.62 -45.44 -25.56
CM2 OMG OA 3285 -25.34 -45.06 -25.99
C1' OMG OA 3285 -27.39 -46.62 -27.48
N9 OMG OA 3285 -27.92 -46.44 -28.85
C8 OMG OA 3285 -28.80 -47.29 -29.48
N7 OMG OA 3285 -29.08 -46.90 -30.69
C5 OMG OA 3285 -28.37 -45.76 -30.87
C6 OMG OA 3285 -28.29 -44.89 -32.00
O6 OMG OA 3285 -28.86 -44.99 -33.07
N1 OMG OA 3285 -27.42 -43.83 -31.75
C2 OMG OA 3285 -26.72 -43.62 -30.60
N2 OMG OA 3285 -25.94 -42.54 -30.54
N3 OMG OA 3285 -26.80 -44.42 -29.56
C4 OMG OA 3285 -27.63 -45.45 -29.74
N1 OMU OA 3287 -30.93 -37.54 -29.24
C2 OMU OA 3287 -31.57 -37.68 -30.59
N3 OMU OA 3287 -32.21 -38.98 -30.98
C4 OMU OA 3287 -32.21 -40.08 -30.04
C5 OMU OA 3287 -31.57 -39.93 -28.71
C6 OMU OA 3287 -30.93 -38.65 -28.33
O2 OMU OA 3287 -31.56 -36.75 -31.38
O4 OMU OA 3287 -32.70 -41.07 -30.33
C1' OMU OA 3287 -30.28 -36.28 -28.86
C2' OMU OA 3287 -31.30 -35.19 -28.53
O2' OMU OA 3287 -30.76 -33.93 -28.92
CM2 OMU OA 3287 -30.55 -33.82 -30.30
C3' OMU OA 3287 -31.35 -35.28 -27.01
C4' OMU OA 3287 -29.92 -35.62 -26.64
O3' OMU OA 3287 -31.80 -34.09 -26.39
O4' OMU OA 3287 -29.49 -36.51 -27.71
C5' OMU OA 3287 -29.73 -36.31 -25.32
O5' OMU OA 3287 -30.51 -37.48 -25.24
P OMU OA 3287 -30.24 -38.55 -24.09
OP1 OMU OA 3287 -30.26 -37.84 -22.77
OP2 OMU OA 3287 -31.16 -39.72 -24.32
P OMG OA 3290 -43.49 -33.01 -30.82
OP1 OMG OA 3290 -44.35 -31.80 -31.16
OP2 OMG OA 3290 -42.93 -33.17 -29.41
O5' OMG OA 3290 -44.31 -34.31 -31.19
C5' OMG OA 3290 -44.78 -34.53 -32.52
C4' OMG OA 3290 -45.41 -35.89 -32.65
O4' OMG OA 3290 -44.39 -36.90 -32.72
C3' OMG OA 3290 -46.28 -36.31 -31.49
O3' OMG OA 3290 -47.59 -35.76 -31.56
C2' OMG OA 3290 -46.25 -37.83 -31.58
O2' OMG OA 3290 -47.12 -38.28 -32.61
CM2 OMG OA 3290 -47.10 -39.68 -32.80
C1' OMG OA 3290 -44.81 -38.07 -32.05
N9 OMG OA 3290 -43.89 -38.31 -30.92
C8 OMG OA 3290 -43.02 -37.39 -30.38
N7 OMG OA 3290 -42.32 -37.89 -29.41
C5 OMG OA 3290 -42.74 -39.19 -29.30
C6 OMG OA 3290 -42.32 -40.21 -28.43
O6 OMG OA 3290 -41.49 -40.16 -27.54
N1 OMG OA 3290 -43.01 -41.40 -28.67
C2 OMG OA 3290 -43.96 -41.58 -29.63
N2 OMG OA 3290 -44.51 -42.80 -29.71
N3 OMG OA 3290 -44.34 -40.63 -30.45
C4 OMG OA 3290 -43.71 -39.47 -30.25
N1 PSU OA 3295 -48.10 -48.92 -16.70
C2 PSU OA 3295 -47.15 -48.46 -17.60
N3 PSU OA 3295 -46.04 -49.22 -17.90
C4 PSU OA 3295 -45.90 -50.44 -17.29
C5 PSU OA 3295 -46.85 -50.90 -16.40
C6 PSU OA 3295 -47.95 -50.12 -16.12
O2 PSU OA 3295 -47.30 -47.36 -18.12
O4 PSU OA 3295 -44.91 -51.14 -17.54
C1' PSU OA 3295 -46.68 -52.25 -15.76
C2' PSU OA 3295 -45.93 -52.17 -14.43
O2' PSU OA 3295 -45.14 -53.35 -14.28
C3' PSU OA 3295 -47.09 -52.19 -13.43
C4' PSU OA 3295 -48.12 -53.07 -14.11
O3' PSU OA 3295 -46.72 -52.69 -12.16
O4' PSU OA 3295 -47.94 -52.81 -15.52
C5' PSU OA 3295 -49.55 -52.80 -13.73
O5' PSU OA 3295 -49.93 -51.46 -14.04
P PSU OA 3295 -51.46 -51.03 -14.11
OP1 PSU OA 3295 -52.19 -51.47 -12.89
OP2 PSU OA 3295 -51.52 -49.61 -14.50
N1 PSU OA 3303 -64.65 -33.71 3.89
C2 PSU OA 3303 -63.89 -33.72 5.05
N3 PSU OA 3303 -62.70 -34.40 5.09
C4 PSU OA 3303 -62.26 -35.07 3.98
C5 PSU OA 3303 -63.02 -35.05 2.81
C6 PSU OA 3303 -64.23 -34.36 2.79
O2 PSU OA 3303 -64.30 -33.12 6.04
O4 PSU OA 3303 -61.20 -35.68 4.00
C1' PSU OA 3303 -62.51 -35.80 1.62
C2' PSU OA 3303 -63.15 -37.19 1.57
O2' PSU OA 3303 -62.15 -38.13 1.22
C3' PSU OA 3303 -64.16 -37.02 0.44
C4' PSU OA 3303 -63.48 -36.05 -0.49
O3' PSU OA 3303 -64.50 -38.24 -0.20
O4' PSU OA 3303 -62.79 -35.14 0.40
C5' PSU OA 3303 -64.38 -35.27 -1.41
O5' PSU OA 3303 -64.92 -36.11 -2.42
P PSU OA 3303 -64.75 -35.75 -3.96
OP1 PSU OA 3303 -66.07 -35.65 -4.61
OP2 PSU OA 3303 -63.80 -34.61 -4.05
P OMG OA 3304 -65.78 -39.07 0.28
OP1 OMG OA 3304 -66.81 -39.02 -0.84
OP2 OMG OA 3304 -66.15 -38.63 1.69
O5' OMG OA 3304 -65.24 -40.57 0.36
C5' OMG OA 3304 -65.09 -41.34 -0.82
C4' OMG OA 3304 -64.32 -42.60 -0.56
O4' OMG OA 3304 -63.01 -42.53 -1.17
C3' OMG OA 3304 -64.01 -42.93 0.89
O3' OMG OA 3304 -65.13 -43.47 1.56
C2' OMG OA 3304 -62.86 -43.90 0.77
O2' OMG OA 3304 -63.34 -45.20 0.45
CM2 OMG OA 3304 -62.36 -46.09 -0.02
C1' OMG OA 3304 -62.12 -43.34 -0.46
N9 OMG OA 3304 -60.94 -42.54 -0.08
C8 OMG OA 3304 -60.80 -41.19 -0.18
N7 OMG OA 3304 -59.63 -40.77 0.22
C5 OMG OA 3304 -58.97 -41.91 0.60
C6 OMG OA 3304 -57.66 -42.08 1.12
O6 OMG OA 3304 -56.82 -41.23 1.34
N1 OMG OA 3304 -57.40 -43.43 1.37
C2 OMG OA 3304 -58.27 -44.45 1.15
N2 OMG OA 3304 -57.81 -45.68 1.46
N3 OMG OA 3304 -59.46 -44.30 0.67
C4 OMG OA 3304 -59.76 -43.02 0.42
N1 PSU OA 3340 -42.05 -45.11 -22.02
C2 PSU OA 3340 -43.14 -44.35 -22.40
N3 PSU OA 3340 -44.34 -44.95 -22.68
C4 PSU OA 3340 -44.45 -46.31 -22.59
C5 PSU OA 3340 -43.36 -47.08 -22.20
C6 PSU OA 3340 -42.16 -46.44 -21.92
O2 PSU OA 3340 -43.03 -43.13 -22.49
O4 PSU OA 3340 -45.51 -46.89 -22.83
C1' PSU OA 3340 -43.51 -48.56 -22.10
C2' PSU OA 3340 -43.15 -49.24 -23.41
O2' PSU OA 3340 -44.00 -50.37 -23.58
C3' PSU OA 3340 -41.71 -49.69 -23.15
C4' PSU OA 3340 -41.72 -50.02 -21.67
O3' PSU OA 3340 -41.31 -50.78 -23.94
O4' PSU OA 3340 -42.63 -49.05 -21.10
C5' PSU OA 3340 -40.39 -49.93 -20.99
O5' PSU OA 3340 -39.84 -48.62 -21.11
P PSU OA 3340 -38.58 -48.17 -20.25
OP1 PSU OA 3340 -37.55 -49.22 -20.37
OP2 PSU OA 3340 -38.27 -46.78 -20.62
N1 PSU OA 3356 -14.55 -40.13 -73.69
C2 PSU OA 3356 -14.98 -38.83 -73.85
N3 PSU OA 3356 -15.87 -38.52 -74.85
C4 PSU OA 3356 -16.34 -39.51 -75.68
C5 PSU OA 3356 -15.91 -40.81 -75.51
C6 PSU OA 3356 -15.00 -41.10 -74.50
O2 PSU OA 3356 -14.56 -37.96 -73.10
O4 PSU OA 3356 -17.15 -39.23 -76.56
C1' PSU OA 3356 -16.41 -41.90 -76.40
C2' PSU OA 3356 -15.75 -41.82 -77.77
O2' PSU OA 3356 -16.70 -42.25 -78.74
C3' PSU OA 3356 -14.63 -42.84 -77.63
C4' PSU OA 3356 -15.28 -43.92 -76.77
O3' PSU OA 3356 -14.18 -43.35 -78.87
O4' PSU OA 3356 -16.11 -43.17 -75.85
C5' PSU OA 3356 -14.34 -44.80 -75.99
O5' PSU OA 3356 -13.49 -44.04 -75.15
P PSU OA 3356 -12.78 -44.71 -73.89
OP1 PSU OA 3356 -12.13 -45.96 -74.31
OP2 PSU OA 3356 -12.00 -43.66 -73.20
N1 PSU OA 3558 -80.00 -30.00 -26.12
C2 PSU OA 3558 -79.54 -31.07 -26.83
N3 PSU OA 3558 -79.92 -32.35 -26.51
C4 PSU OA 3558 -80.78 -32.55 -25.45
C5 PSU OA 3558 -81.24 -31.45 -24.72
C6 PSU OA 3558 -80.85 -30.18 -25.07
O2 PSU OA 3558 -78.77 -30.89 -27.78
O4 PSU OA 3558 -81.13 -33.69 -25.16
C1' PSU OA 3558 -82.19 -31.62 -23.56
C2' PSU OA 3558 -81.51 -32.24 -22.35
O2' PSU OA 3558 -82.47 -33.02 -21.65
C3' PSU OA 3558 -81.15 -31.00 -21.54
C4' PSU OA 3558 -82.34 -30.09 -21.80
O3' PSU OA 3558 -80.94 -31.25 -20.17
O4' PSU OA 3558 -82.70 -30.37 -23.18
C5' PSU OA 3558 -82.09 -28.62 -21.61
O5' PSU OA 3558 -80.96 -28.19 -22.36
P PSU OA 3558 -80.51 -26.66 -22.33
OP1 PSU OA 3558 -80.46 -26.16 -20.95
OP2 PSU OA 3558 -79.32 -26.53 -23.19
N1 PSU OA 3559 -77.47 -31.77 -24.04
C2 PSU OA 3559 -76.71 -31.99 -25.17
N3 PSU OA 3559 -76.47 -33.27 -25.61
C4 PSU OA 3559 -77.02 -34.33 -24.92
C5 PSU OA 3559 -77.79 -34.09 -23.80
C6 PSU OA 3559 -78.01 -32.80 -23.37
O2 PSU OA 3559 -76.23 -31.03 -25.77
O4 PSU OA 3559 -76.81 -35.47 -25.31
C1' PSU OA 3559 -78.39 -35.25 -23.04
C2' PSU OA 3559 -77.35 -35.95 -22.19
O2' PSU OA 3559 -77.67 -37.34 -22.15
C3' PSU OA 3559 -77.58 -35.32 -20.82
C4' PSU OA 3559 -79.08 -35.08 -20.81
O3' PSU OA 3559 -77.16 -36.14 -19.75
O4' PSU OA 3559 -79.39 -34.75 -22.18
C5' PSU OA 3559 -79.54 -33.98 -19.90
O5' PSU OA 3559 -78.91 -32.75 -20.21
P PSU OA 3559 -79.44 -31.38 -19.60
OP1 PSU OA 3559 -79.52 -31.53 -18.13
OP2 PSU OA 3559 -78.62 -30.30 -20.19
N1 PSU OA 3587 -66.91 -55.23 -7.17
C2 PSU OA 3587 -67.15 -53.90 -6.95
N3 PSU OA 3587 -66.48 -52.94 -7.68
C4 PSU OA 3587 -65.56 -53.34 -8.63
C5 PSU OA 3587 -65.32 -54.67 -8.84
C6 PSU OA 3587 -66.01 -55.62 -8.10
O2 PSU OA 3587 -67.97 -53.55 -6.11
O4 PSU OA 3587 -64.96 -52.47 -9.27
C1' PSU OA 3587 -64.32 -55.11 -9.88
C2' PSU OA 3587 -62.88 -54.91 -9.42
O2' PSU OA 3587 -62.09 -54.57 -10.55
C3' PSU OA 3587 -62.53 -56.29 -8.90
C4' PSU OA 3587 -63.26 -57.20 -9.85
O3' PSU OA 3587 -61.13 -56.55 -8.89
O4' PSU OA 3587 -64.49 -56.49 -10.14
C5' PSU OA 3587 -63.59 -58.58 -9.32
O5' PSU OA 3587 -64.23 -58.49 -8.06
P PSU OA 3587 -65.13 -59.68 -7.55
OP1 PSU OA 3587 -64.27 -60.86 -7.33
OP2 PSU OA 3587 -65.97 -59.17 -6.44
N1 PSU OA 3596 -70.28 -57.07 21.52
C2 PSU OA 3596 -69.55 -57.70 20.53
N3 PSU OA 3596 -70.03 -58.83 19.92
C4 PSU OA 3596 -71.26 -59.33 20.29
C5 PSU OA 3596 -71.99 -58.71 21.29
C6 PSU OA 3596 -71.47 -57.57 21.89
O2 PSU OA 3596 -68.46 -57.23 20.20
O4 PSU OA 3596 -71.69 -60.34 19.74
C1' PSU OA 3596 -73.33 -59.27 21.70
C2' PSU OA 3596 -73.23 -60.17 22.93
O2' PSU OA 3596 -74.19 -61.21 22.81
C3' PSU OA 3596 -73.61 -59.21 24.05
C4' PSU OA 3596 -74.65 -58.33 23.39
O3' PSU OA 3596 -74.11 -59.85 25.20
O4' PSU OA 3596 -74.20 -58.21 22.01
C5' PSU OA 3596 -74.79 -56.95 23.99
O5' PSU OA 3596 -73.53 -56.30 24.08
P PSU OA 3596 -73.44 -54.73 24.30
OP1 PSU OA 3596 -74.21 -54.30 25.49
OP2 PSU OA 3596 -72.02 -54.34 24.20
N1 PSU QA 55 -82.60 38.74 5.04
C2 PSU QA 55 -83.88 38.52 5.49
N3 PSU QA 55 -84.94 39.23 4.97
C4 PSU QA 55 -84.70 40.17 3.99
C5 PSU QA 55 -83.40 40.39 3.53
C6 PSU QA 55 -82.36 39.65 4.08
O2 PSU QA 55 -84.09 37.68 6.36
O4 PSU QA 55 -85.63 40.82 3.52
C1' PSU QA 55 -83.15 41.41 2.47
C2' PSU QA 55 -83.09 42.82 3.05
O2' PSU QA 55 -83.62 43.72 2.08
C3' PSU QA 55 -81.59 43.03 3.21
C4' PSU QA 55 -81.03 42.30 2.00
O3' PSU QA 55 -81.21 44.39 3.26
O4' PSU QA 55 -81.90 41.15 1.85
C5' PSU QA 55 -79.61 41.84 2.15
O5' PSU QA 55 -79.44 41.03 3.30
P PSU QA 55 -78.12 40.18 3.52
OP1 PSU QA 55 -76.98 41.09 3.30
OP2 PSU QA 55 -78.25 39.43 4.79
N1 PSU QA 69 -100.58 60.06 4.38
C2 PSU QA 69 -100.87 58.75 4.70
N3 PSU QA 69 -100.84 57.77 3.74
C4 PSU QA 69 -100.54 58.11 2.43
C5 PSU QA 69 -100.27 59.43 2.12
C6 PSU QA 69 -100.28 60.39 3.11
O2 PSU QA 69 -101.14 58.46 5.87
O4 PSU QA 69 -100.53 57.23 1.58
C1' PSU QA 69 -99.90 59.84 0.71
C2' PSU QA 69 -101.02 59.72 -0.31
O2' PSU QA 69 -100.48 59.26 -1.53
C3' PSU QA 69 -101.49 61.16 -0.45
C4' PSU QA 69 -100.21 61.95 -0.26
O3' PSU QA 69 -102.10 61.44 -1.69
O4' PSU QA 69 -99.46 61.18 0.71
C5' PSU QA 69 -100.39 63.35 0.25
O5' PSU QA 69 -101.15 63.37 1.44
P PSU QA 69 -101.14 64.64 2.39
OP1 PSU QA 69 -101.70 65.79 1.66
OP2 PSU QA 69 -101.72 64.23 3.69
P OMG QA 75 -97.64 36.46 -4.11
OP1 OMG QA 75 -96.40 35.59 -4.15
OP2 OMG QA 75 -97.75 37.64 -5.09
O5' OMG QA 75 -98.93 35.53 -4.29
C5' OMG QA 75 -98.86 34.34 -5.06
C4' OMG QA 75 -99.03 33.11 -4.20
O4' OMG QA 75 -97.86 32.93 -3.36
C3' OMG QA 75 -100.17 33.14 -3.20
O3' OMG QA 75 -101.43 32.89 -3.79
C2' OMG QA 75 -99.75 32.10 -2.19
O2' OMG QA 75 -100.08 30.80 -2.66
CM2 OMG QA 75 -99.50 29.73 -1.93
C1' OMG QA 75 -98.23 32.24 -2.19
N9 OMG QA 75 -97.72 32.99 -1.02
C8 OMG QA 75 -97.18 34.25 -1.01
N7 OMG QA 75 -96.82 34.61 0.19
C5 OMG QA 75 -97.13 33.55 0.99
C6 OMG QA 75 -96.95 33.35 2.39
O6 OMG QA 75 -96.48 34.12 3.21
N1 OMG QA 75 -97.41 32.09 2.79
C2 OMG QA 75 -97.95 31.16 1.97
N2 OMG QA 75 -98.34 30.00 2.53
N3 OMG QA 75 -98.11 31.33 0.68
C4 OMG QA 75 -97.69 32.52 0.25
N GLY RA 1 -24.38 28.53 7.17
CA GLY RA 1 -25.69 28.96 6.75
C GLY RA 1 -26.74 28.72 7.82
N ARG RA 2 -26.54 27.65 8.59
CA ARG RA 2 -27.47 27.26 9.64
C ARG RA 2 -26.80 27.44 11.00
N VAL RA 3 -27.55 28.01 11.95
CA VAL RA 3 -27.01 28.27 13.27
C VAL RA 3 -26.68 26.95 13.95
N ILE RA 4 -25.49 26.87 14.53
CA ILE RA 4 -24.94 25.61 15.03
C ILE RA 4 -25.43 25.33 16.45
N ARG RA 5 -25.28 24.09 16.90
CA ARG RA 5 -25.55 23.75 18.29
C ARG RA 5 -24.54 24.45 19.19
N GLY RA 6 -24.99 24.89 20.34
CA GLY RA 6 -24.19 25.74 21.20
C GLY RA 6 -24.45 27.19 20.90
N GLN RA 7 -24.41 27.57 19.63
CA GLN RA 7 -24.94 28.85 19.23
C GLN RA 7 -26.43 28.93 19.52
N ARG RA 8 -27.16 27.83 19.27
CA ARG RA 8 -28.59 27.79 19.55
C ARG RA 8 -28.90 27.73 21.03
N LYS RA 9 -27.91 27.50 21.88
CA LYS RA 9 -28.17 27.38 23.32
C LYS RA 9 -28.42 28.72 23.98
N GLY RA 10 -28.15 29.84 23.30
CA GLY RA 10 -28.36 31.14 23.91
C GLY RA 10 -29.81 31.45 24.19
N ALA RA 11 -30.70 31.09 23.26
CA ALA RA 11 -32.12 31.37 23.44
C ALA RA 11 -32.71 30.59 24.60
N GLY RA 12 -32.17 29.41 24.89
CA GLY RA 12 -32.68 28.61 25.99
C GLY RA 12 -34.05 28.04 25.77
N SER RA 13 -34.44 27.85 24.51
CA SER RA 13 -35.75 27.27 24.23
C SER RA 13 -35.83 25.83 24.74
N VAL RA 14 -34.75 25.09 24.61
CA VAL RA 14 -34.69 23.71 25.06
C VAL RA 14 -33.72 23.54 26.22
N PHE RA 15 -32.61 24.26 26.20
CA PHE RA 15 -31.48 24.01 27.08
C PHE RA 15 -31.62 24.68 28.45
N ARG RA 16 -32.83 25.06 28.83
CA ARG RA 16 -33.03 25.61 30.17
C ARG RA 16 -32.85 24.53 31.22
N ALA RA 17 -32.46 24.95 32.42
CA ALA RA 17 -32.20 24.01 33.50
C ALA RA 17 -33.50 23.36 33.97
N HIS RA 18 -33.41 22.08 34.31
CA HIS RA 18 -34.55 21.31 34.80
C HIS RA 18 -34.64 21.52 36.31
N VAL RA 19 -35.37 22.55 36.70
CA VAL RA 19 -35.40 22.96 38.10
C VAL RA 19 -36.79 22.80 38.72
N LYS RA 20 -37.59 21.89 38.18
CA LYS RA 20 -38.92 21.66 38.74
C LYS RA 20 -38.82 20.99 40.11
N HIS RA 21 -38.03 19.94 40.23
CA HIS RA 21 -37.98 19.13 41.44
C HIS RA 21 -36.83 19.51 42.37
N ARG RA 22 -36.11 20.59 42.08
CA ARG RA 22 -35.02 20.99 42.94
C ARG RA 22 -35.55 21.53 44.27
N LYS RA 23 -34.72 21.37 45.30
CA LYS RA 23 -35.12 21.72 46.66
C LYS RA 23 -35.01 23.21 46.95
N GLY RA 24 -34.38 23.98 46.08
CA GLY RA 24 -34.22 25.41 46.28
C GLY RA 24 -32.80 25.85 45.97
N ALA RA 25 -32.55 27.13 46.26
CA ALA RA 25 -31.24 27.72 46.07
C ALA RA 25 -30.47 27.65 47.39
N ALA RA 26 -29.41 26.85 47.42
CA ALA RA 26 -28.63 26.66 48.63
C ALA RA 26 -27.69 27.84 48.81
N ARG RA 27 -27.96 28.65 49.83
CA ARG RA 27 -27.18 29.84 50.10
C ARG RA 27 -27.00 30.00 51.60
N LEU RA 28 -25.97 30.74 51.98
CA LEU RA 28 -25.81 31.12 53.38
C LEU RA 28 -26.86 32.15 53.76
N ARG RA 29 -27.13 32.24 55.07
CA ARG RA 29 -28.09 33.22 55.54
C ARG RA 29 -27.54 34.63 55.35
N ALA RA 30 -28.44 35.59 55.21
CA ALA RA 30 -28.03 36.97 55.00
C ALA RA 30 -27.31 37.51 56.24
N VAL RA 31 -26.28 38.30 56.01
CA VAL RA 31 -25.53 38.89 57.11
C VAL RA 31 -26.41 39.89 57.85
N ASP RA 32 -26.35 39.86 59.17
CA ASP RA 32 -27.15 40.75 60.00
C ASP RA 32 -26.31 41.15 61.21
N PHE RA 33 -26.96 41.77 62.19
CA PHE RA 33 -26.25 42.21 63.38
C PHE RA 33 -25.66 41.03 64.15
N ALA RA 34 -26.43 39.96 64.32
CA ALA RA 34 -25.95 38.82 65.07
C ALA RA 34 -24.75 38.17 64.40
N GLU RA 35 -24.84 37.96 63.09
CA GLU RA 35 -23.72 37.36 62.38
C GLU RA 35 -22.53 38.31 62.30
N ARG RA 36 -22.79 39.62 62.34
CA ARG RA 36 -21.73 40.60 62.23
C ARG RA 36 -20.94 40.74 63.52
N HIS RA 37 -21.59 40.65 64.67
CA HIS RA 37 -20.90 40.86 65.94
C HIS RA 37 -20.74 39.60 66.76
N GLY RA 38 -21.80 38.83 66.98
CA GLY RA 38 -21.68 37.66 67.81
C GLY RA 38 -21.84 36.37 67.04
N TYR RA 39 -22.71 35.48 67.53
CA TYR RA 39 -23.00 34.25 66.85
C TYR RA 39 -24.45 33.87 67.12
N ILE RA 40 -25.03 33.12 66.20
CA ILE RA 40 -26.38 32.61 66.33
C ILE RA 40 -26.34 31.10 66.12
N LYS RA 41 -27.01 30.37 67.00
CA LYS RA 41 -26.99 28.91 66.96
C LYS RA 41 -28.24 28.40 66.24
N GLY RA 42 -28.04 27.66 65.16
CA GLY RA 42 -29.13 27.01 64.46
C GLY RA 42 -29.01 25.51 64.57
N ILE RA 43 -30.08 24.81 64.21
CA ILE RA 43 -30.17 23.36 64.36
C ILE RA 43 -30.39 22.74 62.99
N VAL RA 44 -29.59 21.73 62.66
CA VAL RA 44 -29.72 21.05 61.37
C VAL RA 44 -30.89 20.08 61.46
N LYS RA 45 -32.05 20.50 60.95
CA LYS RA 45 -33.22 19.63 60.98
C LYS RA 45 -33.23 18.56 59.92
N ASP RA 46 -32.62 18.80 58.75
CA ASP RA 46 -32.76 17.83 57.68
C ASP RA 46 -31.53 17.79 56.80
N ILE RA 47 -31.34 16.66 56.14
CA ILE RA 47 -30.38 16.50 55.06
C ILE RA 47 -31.11 15.88 53.88
N ILE RA 48 -31.06 16.54 52.73
CA ILE RA 48 -31.83 16.12 51.57
C ILE RA 48 -30.93 16.06 50.35
N HIS RA 49 -31.44 15.38 49.32
CA HIS RA 49 -30.71 15.20 48.06
C HIS RA 49 -31.25 16.18 47.03
N ASP RA 50 -30.36 16.97 46.45
CA ASP RA 50 -30.77 17.93 45.43
C ASP RA 50 -30.62 17.30 44.06
N PRO RA 51 -31.70 17.14 43.30
CA PRO RA 51 -31.58 16.60 41.94
C PRO RA 51 -30.70 17.48 41.08
N GLY RA 52 -29.86 16.84 40.26
CA GLY RA 52 -28.92 17.56 39.44
C GLY RA 52 -27.71 18.08 40.17
N ARG RA 53 -27.60 17.81 41.48
CA ARG RA 53 -26.48 18.26 42.28
C ARG RA 53 -25.90 17.08 43.03
N GLY RA 54 -24.59 16.86 42.88
CA GLY RA 54 -23.93 15.81 43.64
C GLY RA 54 -23.89 16.11 45.12
N ALA RA 55 -23.69 17.36 45.48
CA ALA RA 55 -23.59 17.72 46.89
C ALA RA 55 -24.96 17.68 47.54
N PRO RA 56 -25.13 16.94 48.64
CA PRO RA 56 -26.39 17.01 49.38
C PRO RA 56 -26.57 18.36 50.02
N LEU RA 57 -27.83 18.72 50.28
CA LEU RA 57 -28.17 19.99 50.90
C LEU RA 57 -28.63 19.76 52.32
N ALA RA 58 -28.45 20.77 53.16
CA ALA RA 58 -28.81 20.70 54.56
C ALA RA 58 -29.85 21.77 54.88
N LYS RA 59 -30.93 21.35 55.54
CA LYS RA 59 -31.98 22.26 55.99
C LYS RA 59 -31.75 22.56 57.47
N VAL RA 60 -31.53 23.83 57.77
CA VAL RA 60 -31.17 24.30 59.10
C VAL RA 60 -32.17 25.35 59.54
N VAL RA 61 -32.63 25.24 60.78
CA VAL RA 61 -33.62 26.15 61.35
C VAL RA 61 -32.92 27.10 62.31
N PHE RA 62 -33.18 28.38 62.16
CA PHE RA 62 -32.68 29.43 63.05
C PHE RA 62 -33.84 30.16 63.69
N ARG RA 63 -33.61 30.66 64.90
CA ARG RA 63 -34.59 31.52 65.56
C ARG RA 63 -34.46 32.94 65.01
N ASP RA 64 -35.58 33.54 64.69
CA ASP RA 64 -35.56 34.92 64.23
C ASP RA 64 -35.28 35.85 65.40
N PRO RA 65 -34.26 36.71 65.31
CA PRO RA 65 -33.89 37.55 66.46
C PRO RA 65 -34.71 38.81 66.60
N TYR RA 66 -35.59 39.12 65.66
CA TYR RA 66 -36.37 40.35 65.72
C TYR RA 66 -37.86 40.12 65.90
N ARG RA 67 -38.46 39.13 65.25
CA ARG RA 67 -39.85 38.79 65.46
C ARG RA 67 -39.95 37.31 65.78
N PHE RA 68 -41.04 36.93 66.42
CA PHE RA 68 -41.22 35.53 66.80
C PHE RA 68 -41.49 34.66 65.58
N LYS RA 69 -40.45 34.06 65.02
CA LYS RA 69 -40.61 33.18 63.87
C LYS RA 69 -39.39 32.28 63.78
N LYS RA 70 -39.53 31.21 63.01
CA LYS RA 70 -38.46 30.25 62.79
C LYS RA 70 -37.99 30.36 61.36
N ARG RA 71 -36.85 31.04 61.16
CA ARG RA 71 -36.26 31.14 59.83
C ARG RA 71 -35.68 29.80 59.45
N THR RA 72 -35.95 29.37 58.22
CA THR RA 72 -35.47 28.10 57.70
C THR RA 72 -34.48 28.38 56.57
N GLU RA 73 -33.20 28.17 56.84
CA GLU RA 73 -32.18 28.34 55.82
C GLU RA 73 -31.91 27.02 55.13
N LEU RA 74 -31.24 27.11 53.97
CA LEU RA 74 -30.93 25.95 53.14
C LEU RA 74 -29.43 25.99 52.87
N PHE RA 75 -28.64 25.41 53.76
CA PHE RA 75 -27.20 25.43 53.64
C PHE RA 75 -26.72 24.25 52.80
N ILE RA 76 -25.42 24.28 52.49
CA ILE RA 76 -24.76 23.20 51.75
C ILE RA 76 -24.15 22.27 52.78
N ALA RA 77 -24.48 20.99 52.68
CA ALA RA 77 -24.08 20.00 53.69
C ALA RA 77 -22.59 19.72 53.58
N ALA RA 78 -21.81 20.35 54.44
CA ALA RA 78 -20.40 19.98 54.57
C ALA RA 78 -20.29 18.61 55.22
N GLU RA 79 -19.37 17.80 54.72
CA GLU RA 79 -19.26 16.42 55.20
C GLU RA 79 -18.88 16.39 56.66
N GLY RA 80 -19.57 15.55 57.42
CA GLY RA 80 -19.37 15.40 58.84
C GLY RA 80 -20.53 15.88 59.69
N ILE RA 81 -21.42 16.69 59.12
CA ILE RA 81 -22.56 17.17 59.88
C ILE RA 81 -23.69 16.15 59.82
N HIS RA 82 -24.56 16.20 60.82
CA HIS RA 82 -25.67 15.25 60.92
C HIS RA 82 -26.90 15.98 61.43
N THR RA 83 -28.04 15.30 61.31
CA THR RA 83 -29.29 15.87 61.81
C THR RA 83 -29.25 15.98 63.32
N GLY RA 84 -30.03 16.94 63.85
CA GLY RA 84 -30.05 17.16 65.27
C GLY RA 84 -28.78 17.73 65.83
N GLN RA 85 -27.95 18.34 65.00
CA GLN RA 85 -26.67 18.89 65.43
C GLN RA 85 -26.73 20.41 65.30
N PHE RA 86 -26.06 21.10 66.22
CA PHE RA 86 -26.07 22.55 66.21
C PHE RA 86 -24.93 23.10 65.35
N VAL RA 87 -25.23 24.18 64.65
CA VAL RA 87 -24.24 24.96 63.92
C VAL RA 87 -24.30 26.38 64.43
N TYR RA 88 -23.21 27.11 64.24
CA TYR RA 88 -23.07 28.46 64.76
C TYR RA 88 -22.61 29.38 63.65
N CYS RA 89 -23.35 30.47 63.43
CA CYS RA 89 -23.04 31.42 62.37
C CYS RA 89 -22.71 32.77 62.98
N GLY RA 90 -21.57 33.33 62.60
CA GLY RA 90 -21.18 34.63 63.10
C GLY RA 90 -19.68 34.72 63.26
N LYS RA 91 -19.23 35.91 63.66
CA LYS RA 91 -17.80 36.14 63.82
C LYS RA 91 -17.26 35.41 65.04
N LYS RA 92 -18.05 35.30 66.10
CA LYS RA 92 -17.57 34.77 67.37
C LYS RA 92 -17.68 33.25 67.45
N ALA RA 93 -18.19 32.59 66.42
CA ALA RA 93 -18.26 31.15 66.42
C ALA RA 93 -16.87 30.54 66.37
N GLN RA 94 -16.72 29.37 66.99
CA GLN RA 94 -15.45 28.68 67.03
C GLN RA 94 -15.35 27.67 65.90
N LEU RA 95 -14.13 27.21 65.65
CA LEU RA 95 -13.85 26.34 64.51
C LEU RA 95 -14.45 24.97 64.74
N ASN RA 96 -15.53 24.67 64.02
CA ASN RA 96 -16.09 23.34 64.00
C ASN RA 96 -16.69 23.09 62.64
N ILE RA 97 -16.74 21.82 62.25
CA ILE RA 97 -17.27 21.46 60.93
C ILE RA 97 -18.76 21.80 60.90
N GLY RA 98 -19.11 22.79 60.09
CA GLY RA 98 -20.48 23.25 59.94
C GLY RA 98 -20.67 24.71 60.32
N ASN RA 99 -19.78 25.25 61.14
CA ASN RA 99 -19.90 26.64 61.54
C ASN RA 99 -19.65 27.58 60.38
N VAL RA 100 -20.36 28.70 60.38
CA VAL RA 100 -20.26 29.71 59.34
C VAL RA 100 -19.65 30.94 59.98
N LEU RA 101 -18.38 31.19 59.69
CA LEU RA 101 -17.67 32.29 60.30
C LEU RA 101 -16.77 32.96 59.26
N PRO RA 102 -16.52 34.25 59.39
CA PRO RA 102 -15.77 34.97 58.35
C PRO RA 102 -14.33 34.52 58.27
N VAL RA 103 -13.75 34.67 57.07
CA VAL RA 103 -12.39 34.26 56.83
C VAL RA 103 -11.39 35.15 57.57
N GLY RA 104 -11.81 36.33 58.02
CA GLY RA 104 -10.90 37.21 58.74
C GLY RA 104 -10.42 36.62 60.05
N THR RA 105 -11.30 35.90 60.74
CA THR RA 105 -10.97 35.30 62.04
C THR RA 105 -10.55 33.85 61.92
N MET RA 106 -9.92 33.48 60.81
CA MET RA 106 -9.51 32.11 60.59
C MET RA 106 -8.00 31.96 60.69
N PRO RA 107 -7.52 30.78 61.05
CA PRO RA 107 -6.07 30.53 61.07
C PRO RA 107 -5.50 30.48 59.65
N GLU RA 108 -4.17 30.36 59.60
CA GLU RA 108 -3.46 30.39 58.32
C GLU RA 108 -3.60 29.09 57.54
N GLY RA 109 -3.95 27.99 58.19
CA GLY RA 109 -4.02 26.70 57.53
C GLY RA 109 -5.40 26.14 57.33
N THR RA 110 -6.45 26.92 57.55
CA THR RA 110 -7.80 26.39 57.50
C THR RA 110 -8.27 26.21 56.06
N ILE RA 111 -9.30 25.39 55.90
CA ILE RA 111 -9.96 25.17 54.62
C ILE RA 111 -11.46 25.35 54.83
N VAL RA 112 -12.13 25.88 53.80
CA VAL RA 112 -13.52 26.26 53.89
C VAL RA 112 -14.31 25.57 52.79
N CYS RA 113 -15.63 25.58 52.95
CA CYS RA 113 -16.55 24.84 52.10
C CYS RA 113 -17.35 25.74 51.17
N CYS RA 114 -18.10 26.69 51.73
CA CYS RA 114 -19.01 27.54 50.96
C CYS RA 114 -18.54 28.99 51.16
N LEU RA 115 -17.65 29.45 50.28
CA LEU RA 115 -16.95 30.71 50.47
C LEU RA 115 -17.60 31.80 49.62
N GLU RA 116 -17.78 32.97 50.21
CA GLU RA 116 -18.34 34.10 49.50
C GLU RA 116 -17.33 34.70 48.52
N GLU RA 117 -17.84 35.29 47.44
CA GLU RA 117 -16.98 36.02 46.52
C GLU RA 117 -16.78 37.45 46.96
N LYS RA 118 -17.80 38.05 47.57
CA LYS RA 118 -17.75 39.43 48.02
C LYS RA 118 -18.19 39.48 49.48
N PRO RA 119 -17.73 40.47 50.23
CA PRO RA 119 -18.22 40.64 51.60
C PRO RA 119 -19.66 41.13 51.61
N GLY RA 120 -20.58 40.26 52.01
CA GLY RA 120 -21.96 40.66 52.12
C GLY RA 120 -22.93 39.72 51.42
N ASP RA 121 -22.51 39.13 50.32
CA ASP RA 121 -23.37 38.23 49.57
C ASP RA 121 -23.41 36.88 50.28
N ARG RA 122 -23.94 35.88 49.60
CA ARG RA 122 -24.00 34.53 50.14
C ARG RA 122 -22.95 33.66 49.46
N GLY RA 123 -22.95 32.38 49.80
CA GLY RA 123 -21.87 31.50 49.37
C GLY RA 123 -21.81 31.33 47.87
N LYS RA 124 -20.61 31.53 47.30
CA LYS RA 124 -20.42 31.44 45.86
C LYS RA 124 -19.27 30.56 45.42
N LEU RA 125 -18.34 30.21 46.30
CA LEU RA 125 -17.15 29.48 45.90
C LEU RA 125 -17.12 28.10 46.54
N ALA RA 126 -16.56 27.14 45.79
CA ALA RA 126 -16.35 25.78 46.24
C ALA RA 126 -17.64 25.07 46.65
N ARG RA 127 -18.75 25.43 45.99
CA ARG RA 127 -20.03 24.82 46.33
C ARG RA 127 -20.16 23.40 45.79
N ALA RA 128 -19.47 23.08 44.70
CA ALA RA 128 -19.59 21.77 44.09
C ALA RA 128 -19.04 20.69 45.00
N SER RA 129 -19.61 19.49 44.89
CA SER RA 129 -19.30 18.40 45.82
C SER RA 129 -17.84 17.98 45.73
N GLY RA 130 -17.30 17.61 46.88
CA GLY RA 130 -15.95 17.08 46.95
C GLY RA 130 -14.84 18.11 46.84
N ASN RA 131 -15.16 19.39 46.85
CA ASN RA 131 -14.17 20.45 46.69
C ASN RA 131 -14.14 21.33 47.93
N TYR RA 132 -13.08 22.14 48.03
CA TYR RA 132 -12.91 23.02 49.18
C TYR RA 132 -11.88 24.08 48.82
N ALA RA 133 -12.05 25.26 49.42
CA ALA RA 133 -11.06 26.31 49.28
C ALA RA 133 -10.13 26.28 50.49
N THR RA 134 -8.99 26.95 50.38
CA THR RA 134 -8.00 26.90 51.45
C THR RA 134 -7.51 28.31 51.74
N VAL RA 135 -7.73 28.80 52.96
CA VAL RA 135 -7.23 30.11 53.33
C VAL RA 135 -5.73 30.03 53.54
N ILE RA 136 -4.98 30.93 52.89
CA ILE RA 136 -3.52 30.91 52.92
C ILE RA 136 -2.97 31.95 53.89
N SER RA 137 -3.30 33.21 53.67
CA SER RA 137 -2.68 34.27 54.46
C SER RA 137 -3.67 35.40 54.72
N HIS RA 138 -3.53 36.00 55.90
CA HIS RA 138 -4.25 37.21 56.25
C HIS RA 138 -3.29 38.38 56.27
N ASN RA 139 -3.86 39.57 56.39
CA ASN RA 139 -3.12 40.78 56.73
C ASN RA 139 -4.10 41.78 57.33
N PRO RA 140 -3.87 42.25 58.55
CA PRO RA 140 -4.80 43.20 59.17
C PRO RA 140 -5.00 44.47 58.36
N GLU RA 141 -3.97 44.94 57.67
CA GLU RA 141 -4.13 46.07 56.78
C GLU RA 141 -5.02 45.69 55.61
N THR RA 142 -5.74 46.69 55.09
CA THR RA 142 -6.62 46.63 53.92
C THR RA 142 -7.62 45.49 53.96
N LYS RA 143 -7.81 44.89 55.13
CA LYS RA 143 -8.89 43.93 55.41
C LYS RA 143 -8.90 42.74 54.46
N LYS RA 144 -7.79 42.41 53.84
CA LYS RA 144 -7.77 41.41 52.79
C LYS RA 144 -7.35 40.06 53.33
N THR RA 145 -7.53 39.04 52.50
CA THR RA 145 -7.19 37.66 52.84
C THR RA 145 -7.03 36.89 51.54
N ARG RA 146 -5.98 36.09 51.45
CA ARG RA 146 -5.67 35.35 50.24
C ARG RA 146 -6.12 33.90 50.41
N VAL RA 147 -6.77 33.37 49.38
CA VAL RA 147 -7.28 31.99 49.41
C VAL RA 147 -6.90 31.29 48.12
N LYS RA 148 -6.87 29.96 48.21
CA LYS RA 148 -6.64 29.08 47.07
C LYS RA 148 -7.93 28.37 46.73
N LEU RA 149 -8.33 28.47 45.49
CA LEU RA 149 -9.56 27.89 44.99
C LEU RA 149 -9.32 26.46 44.55
N PRO RA 150 -10.37 25.66 44.36
CA PRO RA 150 -10.18 24.28 43.91
C PRO RA 150 -9.41 24.16 42.61
N SER RA 151 -9.51 25.15 41.72
CA SER RA 151 -8.75 25.13 40.47
C SER RA 151 -7.27 25.43 40.67
N GLY RA 152 -6.84 25.70 41.90
CA GLY RA 152 -5.46 26.05 42.16
C GLY RA 152 -5.12 27.51 41.97
N SER RA 153 -6.11 28.37 41.74
CA SER RA 153 -5.87 29.79 41.55
C SER RA 153 -5.95 30.52 42.88
N LYS RA 154 -5.07 31.50 43.05
CA LYS RA 154 -5.07 32.35 44.23
C LYS RA 154 -5.95 33.56 43.99
N LYS RA 155 -6.69 33.96 45.02
CA LYS RA 155 -7.55 35.12 44.93
C LYS RA 155 -7.50 35.89 46.24
N VAL RA 156 -7.78 37.19 46.16
CA VAL RA 156 -7.76 38.08 47.31
C VAL RA 156 -9.17 38.57 47.55
N ILE RA 157 -9.69 38.31 48.74
CA ILE RA 157 -11.06 38.67 49.09
C ILE RA 157 -11.04 39.39 50.44
N SER RA 158 -12.09 40.13 50.70
CA SER RA 158 -12.19 40.86 51.95
C SER RA 158 -12.32 39.89 53.12
N SER RA 159 -11.88 40.35 54.29
CA SER RA 159 -11.90 39.50 55.48
C SER RA 159 -13.31 39.23 55.97
N ALA RA 160 -14.29 40.00 55.53
CA ALA RA 160 -15.68 39.84 55.96
C ALA RA 160 -16.41 38.74 55.19
N ASN RA 161 -15.73 38.04 54.30
CA ASN RA 161 -16.37 37.00 53.51
C ASN RA 161 -16.59 35.77 54.38
N ARG RA 162 -17.85 35.48 54.70
CA ARG RA 162 -18.14 34.32 55.52
C ARG RA 162 -17.94 33.04 54.73
N ALA RA 163 -17.70 31.95 55.45
CA ALA RA 163 -17.45 30.67 54.82
C ALA RA 163 -17.80 29.56 55.80
N VAL RA 164 -17.95 28.35 55.27
CA VAL RA 164 -18.32 27.18 56.06
C VAL RA 164 -17.07 26.35 56.32
N VAL RA 165 -16.79 26.08 57.59
CA VAL RA 165 -15.62 25.31 57.96
C VAL RA 165 -15.80 23.87 57.55
N GLY RA 166 -14.77 23.29 56.95
CA GLY RA 166 -14.80 21.91 56.51
C GLY RA 166 -14.88 21.81 55.00
N VAL RA 167 -15.09 20.58 54.53
CA VAL RA 167 -15.24 20.31 53.11
C VAL RA 167 -16.68 19.87 52.86
N VAL RA 168 -17.15 20.11 51.63
CA VAL RA 168 -18.49 19.71 51.24
C VAL RA 168 -18.52 18.20 51.01
N ALA RA 169 -19.67 17.60 51.30
CA ALA RA 169 -19.85 16.18 51.11
C ALA RA 169 -19.88 15.84 49.62
N GLY RA 170 -20.03 14.56 49.32
CA GLY RA 170 -20.03 14.07 47.96
C GLY RA 170 -18.86 13.17 47.62
N GLY RA 171 -17.75 13.30 48.34
CA GLY RA 171 -16.64 12.37 48.18
C GLY RA 171 -16.09 12.32 46.77
N GLY RA 172 -15.62 11.14 46.39
CA GLY RA 172 -15.12 10.93 45.04
C GLY RA 172 -16.20 10.48 44.09
N ARG RA 173 -17.16 11.37 43.82
CA ARG RA 173 -18.28 11.01 42.95
C ARG RA 173 -17.82 10.65 41.55
N ILE RA 174 -16.83 11.38 41.03
CA ILE RA 174 -16.29 11.08 39.71
C ILE RA 174 -15.46 9.81 39.69
N ASP RA 175 -15.16 9.23 40.85
CA ASP RA 175 -14.32 8.03 40.87
C ASP RA 175 -15.02 6.85 40.22
N LYS RA 176 -16.31 6.68 40.48
CA LYS RA 176 -17.05 5.55 39.92
C LYS RA 176 -17.29 5.76 38.43
N PRO RA 177 -16.86 4.84 37.58
CA PRO RA 177 -17.24 4.92 36.16
C PRO RA 177 -18.75 4.75 36.00
N ILE RA 178 -19.32 5.50 35.06
CA ILE RA 178 -20.77 5.48 34.88
C ILE RA 178 -21.22 4.15 34.30
N LEU RA 179 -20.42 3.58 33.38
CA LEU RA 179 -20.53 2.21 32.89
C LEU RA 179 -21.71 1.96 31.96
N LYS RA 180 -22.61 2.93 31.81
CA LYS RA 180 -23.79 2.70 31.01
C LYS RA 180 -24.24 4.00 30.36
N ALA RA 181 -24.81 3.88 29.16
CA ALA RA 181 -25.43 5.04 28.53
C ALA RA 181 -26.59 5.55 29.37
N GLY RA 182 -27.38 4.63 29.90
CA GLY RA 182 -28.58 5.02 30.62
C GLY RA 182 -28.29 5.76 31.90
N ARG RA 183 -27.23 5.37 32.61
CA ARG RA 183 -26.90 6.06 33.85
C ARG RA 183 -26.50 7.49 33.59
N ALA RA 184 -25.70 7.73 32.54
CA ALA RA 184 -25.37 9.10 32.16
C ALA RA 184 -26.61 9.86 31.70
N TYR RA 185 -27.50 9.18 30.96
CA TYR RA 185 -28.72 9.83 30.51
C TYR RA 185 -29.56 10.30 31.69
N HIS RA 186 -29.73 9.44 32.69
CA HIS RA 186 -30.50 9.80 33.86
C HIS RA 186 -29.78 10.86 34.69
N LYS RA 187 -28.45 10.85 34.68
CA LYS RA 187 -27.71 11.89 35.38
C LYS RA 187 -27.97 13.25 34.76
N TYR RA 188 -27.86 13.35 33.44
CA TYR RA 188 -28.04 14.64 32.79
C TYR RA 188 -29.49 15.05 32.64
N LYS RA 189 -30.43 14.11 32.75
CA LYS RA 189 -31.84 14.47 32.78
C LYS RA 189 -32.15 15.32 34.00
N ALA RA 190 -31.44 15.08 35.11
CA ALA RA 190 -31.62 15.88 36.30
C ALA RA 190 -31.04 17.27 36.17
N LYS RA 191 -30.27 17.55 35.12
CA LYS RA 191 -29.64 18.85 34.98
C LYS RA 191 -30.18 19.65 33.80
N ARG RA 192 -30.03 19.14 32.58
CA ARG RA 192 -30.40 19.88 31.38
C ARG RA 192 -30.19 18.98 30.17
N ASN RA 193 -30.74 19.41 29.04
CA ASN RA 193 -30.64 18.64 27.80
C ASN RA 193 -29.33 19.00 27.10
N CYS RA 194 -28.24 18.37 27.57
CA CYS RA 194 -26.94 18.56 26.94
C CYS RA 194 -26.16 17.27 26.82
N TRP RA 195 -26.76 16.11 27.13
CA TRP RA 195 -25.97 14.88 27.21
C TRP RA 195 -25.54 14.36 25.84
N PRO RA 196 -26.46 14.01 24.92
CA PRO RA 196 -25.99 13.38 23.68
C PRO RA 196 -25.28 14.38 22.80
N ARG RA 197 -23.96 14.25 22.70
CA ARG RA 197 -23.14 15.21 22.00
C ARG RA 197 -22.74 14.64 20.64
N VAL RA 198 -23.17 15.29 19.57
CA VAL RA 198 -22.81 14.88 18.22
C VAL RA 198 -21.48 15.54 17.87
N ARG RA 199 -20.52 14.74 17.41
CA ARG RA 199 -19.23 15.28 17.04
C ARG RA 199 -19.36 16.19 15.82
N GLY RA 200 -18.69 17.33 15.88
CA GLY RA 200 -18.78 18.30 14.80
C GLY RA 200 -18.22 17.81 13.48
N VAL RA 201 -17.27 16.87 13.52
CA VAL RA 201 -16.72 16.34 12.29
C VAL RA 201 -17.73 15.46 11.56
N ALA RA 202 -18.74 14.95 12.26
CA ALA RA 202 -19.73 14.09 11.65
C ALA RA 202 -20.88 14.84 11.03
N MET RA 203 -20.98 16.15 11.23
CA MET RA 203 -22.10 16.91 10.71
C MET RA 203 -21.86 17.29 9.25
N ASN RA 204 -22.91 17.79 8.62
CA ASN RA 204 -22.78 18.42 7.32
C ASN RA 204 -22.16 19.80 7.51
N PRO RA 205 -21.55 20.36 6.46
CA PRO RA 205 -20.79 21.62 6.64
C PRO RA 205 -21.63 22.79 7.09
N VAL RA 206 -22.95 22.74 6.93
CA VAL RA 206 -23.77 23.90 7.29
C VAL RA 206 -24.11 23.93 8.78
N GLU RA 207 -23.95 22.82 9.49
CA GLU RA 207 -24.23 22.80 10.93
C GLU RA 207 -23.00 22.99 11.79
N HIS RA 208 -21.81 23.04 11.20
CA HIS RA 208 -20.58 23.15 11.98
C HIS RA 208 -19.45 23.56 11.07
N PRO RA 209 -18.50 24.36 11.56
CA PRO RA 209 -17.30 24.64 10.76
C PRO RA 209 -16.48 23.40 10.47
N PHE RA 210 -16.59 22.37 11.30
CA PHE RA 210 -15.80 21.14 11.12
C PHE RA 210 -16.52 20.10 10.28
N GLY RA 211 -17.77 20.32 9.93
CA GLY RA 211 -18.56 19.29 9.28
C GLY RA 211 -18.21 19.11 7.81
N GLY RA 212 -18.65 17.99 7.27
CA GLY RA 212 -18.48 17.72 5.86
C GLY RA 212 -17.14 17.11 5.50
N GLY RA 213 -17.02 16.75 4.25
CA GLY RA 213 -15.82 16.13 3.72
C GLY RA 213 -15.98 14.63 3.55
N ASN RA 214 -15.27 14.08 2.56
CA ASN RA 214 -15.32 12.65 2.32
C ASN RA 214 -14.62 11.85 3.41
N HIS RA 215 -13.89 12.50 4.31
CA HIS RA 215 -13.35 11.85 5.49
C HIS RA 215 -13.75 12.65 6.71
N GLN RA 216 -13.79 11.98 7.86
CA GLN RA 216 -14.18 12.62 9.11
C GLN RA 216 -12.96 13.32 9.71
N HIS RA 217 -12.51 14.35 9.00
CA HIS RA 217 -11.34 15.11 9.39
C HIS RA 217 -11.73 16.55 9.66
N ILE RA 218 -10.98 17.20 10.56
CA ILE RA 218 -11.28 18.57 10.92
C ILE RA 218 -10.99 19.52 9.77
N GLY RA 219 -9.87 19.31 9.08
CA GLY RA 219 -9.52 20.14 7.94
C GLY RA 219 -8.82 21.41 8.29
N LYS RA 220 -9.28 22.10 9.32
CA LYS RA 220 -8.69 23.32 9.81
C LYS RA 220 -8.13 23.10 11.21
N PRO RA 221 -7.17 23.91 11.64
CA PRO RA 221 -6.66 23.78 13.01
C PRO RA 221 -7.77 23.94 14.03
N SER RA 222 -7.76 23.09 15.04
CA SER RA 222 -8.78 23.10 16.07
C SER RA 222 -8.52 24.13 17.16
N THR RA 223 -7.39 24.83 17.11
CA THR RA 223 -7.10 25.91 18.04
C THR RA 223 -7.62 27.21 17.45
N ILE RA 224 -8.74 27.70 17.98
CA ILE RA 224 -9.41 28.87 17.44
C ILE RA 224 -9.15 30.07 18.34
N ARG RA 225 -9.10 31.25 17.74
CA ARG RA 225 -8.74 32.45 18.46
C ARG RA 225 -9.84 32.84 19.46
N ARG RA 226 -9.44 33.60 20.47
CA ARG RA 226 -10.40 34.09 21.45
C ARG RA 226 -11.41 35.03 20.81
N ASP RA 227 -10.94 35.90 19.92
CA ASP RA 227 -11.80 36.91 19.31
C ASP RA 227 -12.61 36.38 18.14
N ALA RA 228 -12.75 35.06 18.02
CA ALA RA 228 -13.54 34.50 16.93
C ALA RA 228 -14.99 34.89 17.08
N PRO RA 229 -15.71 35.16 15.99
CA PRO RA 229 -17.12 35.52 16.09
C PRO RA 229 -17.95 34.35 16.58
N ALA RA 230 -19.15 34.67 17.02
CA ALA RA 230 -20.09 33.63 17.46
C ALA RA 230 -20.40 32.70 16.29
N GLY RA 231 -20.49 31.41 16.58
CA GLY RA 231 -20.74 30.44 15.54
C GLY RA 231 -19.49 30.00 14.79
N ARG RA 232 -18.32 30.46 15.18
CA ARG RA 232 -17.07 30.02 14.59
C ARG RA 232 -16.15 29.34 15.58
N LYS RA 233 -16.02 29.88 16.79
CA LYS RA 233 -15.09 29.31 17.76
C LYS RA 233 -15.62 27.95 18.23
N VAL RA 234 -14.97 26.90 17.73
CA VAL RA 234 -15.29 25.53 18.08
C VAL RA 234 -13.99 24.79 18.34
N GLY RA 235 -14.11 23.64 19.00
CA GLY RA 235 -12.91 22.88 19.33
C GLY RA 235 -12.14 23.57 20.45
N LEU RA 236 -10.82 23.56 20.32
CA LEU RA 236 -9.97 24.16 21.34
C LEU RA 236 -10.00 25.67 21.20
N ILE RA 237 -10.46 26.35 22.24
CA ILE RA 237 -10.65 27.79 22.22
C ILE RA 237 -9.50 28.46 22.97
N ALA RA 238 -8.70 29.25 22.25
CA ALA RA 238 -7.61 30.01 22.83
C ALA RA 238 -6.67 29.13 23.63
N ALA RA 239 -6.33 27.98 23.05
CA ALA RA 239 -5.51 27.00 23.74
C ALA RA 239 -4.09 27.52 23.90
N ARG RA 240 -3.67 27.72 25.16
CA ARG RA 240 -2.30 28.14 25.40
C ARG RA 240 -1.31 27.06 25.04
N ARG RA 241 -1.73 25.81 25.08
CA ARG RA 241 -0.88 24.69 24.68
C ARG RA 241 -1.80 23.52 24.34
N THR RA 242 -1.24 22.54 23.65
CA THR RA 242 -1.98 21.33 23.31
C THR RA 242 -1.06 20.13 23.51
N GLY RA 243 -1.66 18.95 23.55
CA GLY RA 243 -0.88 17.73 23.57
C GLY RA 243 -1.13 16.82 24.74
N ARG RA 244 -0.10 16.60 25.56
CA ARG RA 244 -0.14 15.58 26.59
C ARG RA 244 0.26 16.08 27.97
N LEU RA 245 0.82 17.29 28.09
CA LEU RA 245 1.24 17.88 29.36
C LEU RA 245 2.28 16.98 30.05
N ARG RA 246 3.43 16.85 29.40
CA ARG RA 246 4.50 16.02 29.93
C ARG RA 246 5.22 16.73 31.07
N GLY RA 247 5.31 16.07 32.22
CA GLY RA 247 6.15 16.53 33.31
C GLY RA 247 5.42 16.90 34.58
N THR RA 248 4.30 17.61 34.46
CA THR RA 248 3.57 18.08 35.63
C THR RA 248 2.16 18.55 35.26
N SER SA 1 -26.58 -10.88 -31.92
CA SER SA 1 -25.53 -11.70 -31.32
C SER SA 1 -26.00 -13.14 -31.19
N HIS SA 2 -25.07 -14.06 -31.39
CA HIS SA 2 -25.39 -15.48 -31.29
C HIS SA 2 -25.65 -15.88 -29.84
N ARG SA 3 -26.45 -16.91 -29.66
CA ARG SA 3 -26.68 -17.46 -28.33
C ARG SA 3 -25.41 -18.15 -27.83
N LYS SA 4 -25.24 -18.14 -26.50
CA LYS SA 4 -24.00 -18.65 -25.92
C LYS SA 4 -23.82 -20.14 -26.19
N PHE SA 5 -24.89 -20.91 -26.06
CA PHE SA 5 -24.79 -22.35 -26.23
C PHE SA 5 -25.83 -22.83 -27.22
N SER SA 6 -25.41 -23.70 -28.13
CA SER SA 6 -26.33 -24.29 -29.09
C SER SA 6 -27.26 -25.27 -28.40
N ALA SA 7 -28.50 -25.34 -28.88
CA ALA SA 7 -29.49 -26.19 -28.26
C ALA SA 7 -30.51 -26.62 -29.31
N PRO SA 8 -30.97 -27.87 -29.26
CA PRO SA 8 -32.03 -28.30 -30.18
C PRO SA 8 -33.31 -27.56 -29.91
N ARG SA 9 -34.08 -27.33 -30.97
CA ARG SA 9 -35.33 -26.63 -30.82
C ARG SA 9 -36.40 -27.54 -30.21
N HIS SA 10 -37.38 -26.92 -29.58
CA HIS SA 10 -38.45 -27.65 -28.90
C HIS SA 10 -39.63 -27.84 -29.86
N GLY SA 11 -40.06 -29.09 -30.02
CA GLY SA 11 -41.22 -29.37 -30.83
C GLY SA 11 -40.91 -29.42 -32.31
N SER SA 12 -41.44 -30.42 -33.01
CA SER SA 12 -41.23 -30.53 -34.44
C SER SA 12 -42.04 -29.49 -35.20
N LEU SA 13 -41.49 -29.04 -36.31
CA LEU SA 13 -42.20 -28.14 -37.21
C LEU SA 13 -43.05 -28.89 -38.22
N GLY SA 14 -42.97 -30.22 -38.25
CA GLY SA 14 -43.78 -30.97 -39.19
C GLY SA 14 -45.22 -31.11 -38.79
N PHE SA 15 -45.57 -30.71 -37.58
CA PHE SA 15 -46.93 -30.77 -37.08
C PHE SA 15 -47.40 -29.39 -36.63
N LEU SA 16 -46.98 -28.35 -37.37
CA LEU SA 16 -47.18 -26.98 -36.91
C LEU SA 16 -48.65 -26.57 -36.71
N PRO SA 17 -49.59 -26.85 -37.62
CA PRO SA 17 -50.96 -26.39 -37.36
C PRO SA 17 -51.57 -27.12 -36.19
N ARG SA 18 -51.11 -26.77 -34.99
CA ARG SA 18 -51.48 -27.47 -33.76
C ARG SA 18 -52.91 -27.11 -33.38
N LYS SA 19 -53.83 -27.66 -34.17
CA LYS SA 19 -55.24 -27.33 -34.06
C LYS SA 19 -56.06 -28.58 -33.83
N ARG SA 20 -57.26 -28.39 -33.31
CA ARG SA 20 -58.21 -29.50 -33.21
C ARG SA 20 -58.50 -30.02 -34.60
N SER SA 21 -58.44 -31.34 -34.77
CA SER SA 21 -58.67 -31.93 -36.08
C SER SA 21 -60.12 -31.74 -36.51
N SER SA 22 -60.31 -31.37 -37.78
CA SER SA 22 -61.65 -31.23 -38.32
C SER SA 22 -62.36 -32.55 -38.48
N ARG SA 23 -61.66 -33.68 -38.35
CA ARG SA 23 -62.25 -34.99 -38.46
C ARG SA 23 -62.03 -35.75 -37.16
N HIS SA 24 -63.02 -36.58 -36.80
CA HIS SA 24 -62.92 -37.40 -35.62
C HIS SA 24 -62.64 -38.87 -35.95
N ARG SA 25 -63.06 -39.33 -37.12
CA ARG SA 25 -62.80 -40.71 -37.49
C ARG SA 25 -61.31 -40.96 -37.71
N GLY SA 26 -60.67 -40.07 -38.45
CA GLY SA 26 -59.28 -40.26 -38.79
C GLY SA 26 -59.14 -40.87 -40.17
N LYS SA 27 -58.80 -40.06 -41.16
CA LYS SA 27 -58.77 -40.48 -42.56
C LYS SA 27 -57.38 -40.99 -42.94
N VAL SA 28 -57.35 -41.78 -43.99
CA VAL SA 28 -56.15 -42.53 -44.33
C VAL SA 28 -55.07 -41.60 -44.90
N LYS SA 29 -55.44 -40.77 -45.89
CA LYS SA 29 -54.61 -39.76 -46.54
C LYS SA 29 -53.54 -40.36 -47.45
N SER SA 30 -53.31 -41.67 -47.38
CA SER SA 30 -52.38 -42.34 -48.26
C SER SA 30 -52.57 -43.85 -48.24
N PHE SA 31 -52.96 -44.42 -49.36
CA PHE SA 31 -53.14 -45.85 -49.44
C PHE SA 31 -51.92 -46.51 -50.07
N PRO SA 32 -51.68 -47.79 -49.78
CA PRO SA 32 -50.52 -48.47 -50.37
C PRO SA 32 -50.56 -48.48 -51.89
N LYS SA 33 -49.39 -48.35 -52.49
CA LYS SA 33 -49.28 -48.32 -53.95
C LYS SA 33 -49.75 -49.65 -54.54
N ASP SA 34 -50.58 -49.56 -55.57
CA ASP SA 34 -51.23 -50.72 -56.15
C ASP SA 34 -50.37 -51.35 -57.23
N ASP SA 35 -50.44 -52.68 -57.33
CA ASP SA 35 -49.79 -53.43 -58.38
C ASP SA 35 -50.72 -54.56 -58.79
N PRO SA 36 -50.94 -54.77 -60.09
CA PRO SA 36 -51.89 -55.80 -60.52
C PRO SA 36 -51.45 -57.22 -60.18
N SER SA 37 -50.17 -57.44 -59.94
CA SER SA 37 -49.67 -58.80 -59.74
C SER SA 37 -50.24 -59.42 -58.46
N LYS SA 38 -50.34 -58.63 -57.39
CA LYS SA 38 -50.81 -59.14 -56.12
C LYS SA 38 -52.29 -59.49 -56.20
N PRO SA 39 -52.78 -60.37 -55.33
CA PRO SA 39 -54.21 -60.71 -55.34
C PRO SA 39 -55.06 -59.55 -54.83
N VAL SA 40 -56.34 -59.63 -55.15
CA VAL SA 40 -57.28 -58.60 -54.74
C VAL SA 40 -57.43 -58.61 -53.22
N HIS SA 41 -57.29 -57.44 -52.62
CA HIS SA 41 -57.36 -57.36 -51.16
C HIS SA 41 -57.73 -55.94 -50.76
N LEU SA 42 -58.09 -55.80 -49.49
CA LEU SA 42 -58.39 -54.50 -48.91
C LEU SA 42 -57.12 -53.92 -48.26
N THR SA 43 -57.21 -52.65 -47.88
CA THR SA 43 -56.05 -51.94 -47.38
C THR SA 43 -56.25 -51.30 -46.00
N ALA SA 44 -57.46 -51.27 -45.48
CA ALA SA 44 -57.71 -50.60 -44.21
C ALA SA 44 -58.88 -51.25 -43.50
N PHE SA 45 -58.97 -50.98 -42.20
CA PHE SA 45 -60.05 -51.52 -41.39
C PHE SA 45 -60.31 -50.56 -40.24
N LEU SA 46 -61.49 -50.66 -39.65
CA LEU SA 46 -61.89 -49.78 -38.55
C LEU SA 46 -61.99 -50.57 -37.26
N GLY SA 47 -61.38 -50.04 -36.20
CA GLY SA 47 -61.45 -50.66 -34.90
C GLY SA 47 -61.75 -49.62 -33.84
N TYR SA 48 -61.91 -50.11 -32.61
CA TYR SA 48 -62.17 -49.25 -31.46
C TYR SA 48 -61.21 -49.61 -30.35
N LYS SA 49 -60.52 -48.61 -29.82
CA LYS SA 49 -59.52 -48.83 -28.78
C LYS SA 49 -60.24 -49.15 -27.47
N ALA SA 50 -60.05 -50.36 -26.96
CA ALA SA 50 -60.68 -50.77 -25.72
C ALA SA 50 -59.80 -50.44 -24.52
N GLY SA 51 -58.59 -50.98 -24.48
CA GLY SA 51 -57.71 -50.75 -23.35
C GLY SA 51 -56.35 -51.37 -23.61
N MET SA 52 -55.49 -51.23 -22.61
CA MET SA 52 -54.12 -51.70 -22.68
C MET SA 52 -53.86 -52.75 -21.61
N THR SA 53 -52.99 -53.69 -21.93
CA THR SA 53 -52.57 -54.70 -20.97
C THR SA 53 -51.14 -55.12 -21.32
N HIS SA 54 -50.66 -56.19 -20.70
CA HIS SA 54 -49.32 -56.67 -20.97
C HIS SA 54 -49.34 -58.18 -21.13
N ILE SA 55 -48.35 -58.68 -21.89
CA ILE SA 55 -48.26 -60.08 -22.25
C ILE SA 55 -46.90 -60.62 -21.81
N VAL SA 56 -46.69 -61.91 -22.08
CA VAL SA 56 -45.41 -62.57 -21.84
C VAL SA 56 -45.13 -63.46 -23.04
N ARG SA 57 -43.92 -63.33 -23.60
CA ARG SA 57 -43.59 -64.09 -24.79
C ARG SA 57 -42.10 -64.38 -24.85
N GLU SA 58 -41.75 -65.36 -25.68
CA GLU SA 58 -40.36 -65.67 -25.98
C GLU SA 58 -39.79 -64.63 -26.92
N VAL SA 59 -38.51 -64.76 -27.22
CA VAL SA 59 -37.82 -63.88 -28.16
C VAL SA 59 -37.04 -64.76 -29.14
N ASP SA 60 -37.18 -64.45 -30.43
CA ASP SA 60 -36.49 -65.18 -31.50
C ASP SA 60 -35.46 -64.29 -32.19
N ARG SA 61 -34.69 -63.54 -31.40
CA ARG SA 61 -33.73 -62.58 -31.95
C ARG SA 61 -32.32 -63.00 -31.59
N PRO SA 62 -31.60 -63.67 -32.49
CA PRO SA 62 -30.23 -64.08 -32.19
C PRO SA 62 -29.32 -62.87 -32.04
N GLY SA 63 -28.30 -63.03 -31.20
CA GLY SA 63 -27.39 -61.94 -30.94
C GLY SA 63 -27.87 -60.93 -29.94
N SER SA 64 -29.01 -61.18 -29.29
CA SER SA 64 -29.58 -60.26 -28.32
C SER SA 64 -29.57 -60.89 -26.93
N LYS SA 65 -29.51 -60.02 -25.92
CA LYS SA 65 -29.48 -60.48 -24.53
C LYS SA 65 -30.79 -61.11 -24.08
N VAL SA 66 -31.85 -61.00 -24.87
CA VAL SA 66 -33.16 -61.55 -24.52
C VAL SA 66 -33.49 -62.78 -25.34
N ASN SA 67 -32.55 -63.27 -26.16
CA ASN SA 67 -32.83 -64.41 -27.01
C ASN SA 67 -33.11 -65.64 -26.18
N LYS SA 68 -34.17 -66.37 -26.56
CA LYS SA 68 -34.66 -67.54 -25.83
C LYS SA 68 -34.96 -67.22 -24.37
N LYS SA 69 -35.46 -66.02 -24.12
CA LYS SA 69 -35.82 -65.59 -22.78
C LYS SA 69 -37.24 -65.02 -22.79
N GLU SA 70 -37.89 -65.11 -21.64
CA GLU SA 70 -39.25 -64.60 -21.48
C GLU SA 70 -39.20 -63.10 -21.22
N VAL SA 71 -39.99 -62.35 -22.00
CA VAL SA 71 -40.08 -60.91 -21.83
C VAL SA 71 -41.55 -60.52 -21.75
N VAL SA 72 -41.80 -59.37 -21.13
CA VAL SA 72 -43.14 -58.79 -21.10
C VAL SA 72 -43.18 -57.64 -22.08
N GLU SA 73 -44.38 -57.39 -22.61
CA GLU SA 73 -44.57 -56.32 -23.56
C GLU SA 73 -45.96 -55.73 -23.38
N ALA SA 74 -46.03 -54.41 -23.52
CA ALA SA 74 -47.31 -53.72 -23.46
C ALA SA 74 -48.03 -53.87 -24.79
N VAL SA 75 -49.33 -54.15 -24.73
CA VAL SA 75 -50.16 -54.34 -25.90
C VAL SA 75 -51.43 -53.53 -25.73
N THR SA 76 -52.00 -53.10 -26.86
CA THR SA 76 -53.22 -52.32 -26.89
C THR SA 76 -54.30 -53.13 -27.59
N ILE SA 77 -55.46 -53.26 -26.96
CA ILE SA 77 -56.55 -54.05 -27.51
C ILE SA 77 -57.44 -53.15 -28.36
N VAL SA 78 -57.70 -53.56 -29.59
CA VAL SA 78 -58.58 -52.85 -30.50
C VAL SA 78 -59.67 -53.82 -30.93
N GLU SA 79 -60.88 -53.61 -30.42
CA GLU SA 79 -62.01 -54.43 -30.82
C GLU SA 79 -62.41 -54.08 -32.24
N THR SA 80 -62.49 -55.10 -33.10
CA THR SA 80 -62.73 -54.91 -34.53
C THR SA 80 -63.88 -55.82 -34.95
N PRO SA 81 -65.13 -55.37 -34.79
CA PRO SA 81 -66.25 -56.12 -35.35
C PRO SA 81 -66.18 -56.11 -36.88
N PRO SA 82 -66.68 -57.14 -37.54
CA PRO SA 82 -66.62 -57.18 -39.01
C PRO SA 82 -67.38 -56.03 -39.61
N MET SA 83 -66.85 -55.48 -40.69
CA MET SA 83 -67.43 -54.31 -41.33
C MET SA 83 -68.33 -54.72 -42.49
N VAL SA 84 -69.28 -53.84 -42.81
CA VAL SA 84 -70.26 -54.10 -43.85
C VAL SA 84 -70.02 -53.11 -44.98
N VAL SA 85 -69.88 -53.63 -46.20
CA VAL SA 85 -69.66 -52.79 -47.37
C VAL SA 85 -71.00 -52.46 -48.00
N VAL SA 86 -71.25 -51.17 -48.21
CA VAL SA 86 -72.54 -50.70 -48.69
C VAL SA 86 -72.39 -49.78 -49.90
N GLY SA 87 -71.27 -49.88 -50.61
CA GLY SA 87 -71.13 -49.09 -51.81
C GLY SA 87 -69.72 -49.11 -52.34
N ILE SA 88 -69.59 -48.64 -53.58
CA ILE SA 88 -68.31 -48.57 -54.29
C ILE SA 88 -68.21 -47.22 -54.98
N VAL SA 89 -67.09 -46.53 -54.78
CA VAL SA 89 -66.75 -45.32 -55.52
C VAL SA 89 -65.62 -45.66 -56.47
N GLY SA 90 -65.65 -45.08 -57.67
CA GLY SA 90 -64.53 -45.13 -58.59
C GLY SA 90 -63.86 -43.77 -58.63
N TYR SA 91 -62.54 -43.77 -58.67
CA TYR SA 91 -61.78 -42.55 -58.88
C TYR SA 91 -61.16 -42.56 -60.27
N VAL SA 92 -61.02 -41.38 -60.85
CA VAL SA 92 -60.38 -41.21 -62.15
C VAL SA 92 -59.28 -40.18 -62.01
N GLU SA 93 -58.14 -40.46 -62.64
CA GLU SA 93 -56.98 -39.58 -62.57
C GLU SA 93 -57.16 -38.41 -63.53
N THR SA 94 -56.75 -37.23 -63.08
CA THR SA 94 -56.79 -36.00 -63.86
C THR SA 94 -55.45 -35.31 -63.67
N PRO SA 95 -55.09 -34.40 -64.58
CA PRO SA 95 -53.92 -33.54 -64.34
C PRO SA 95 -54.07 -32.65 -63.11
N ARG SA 96 -55.22 -32.69 -62.42
CA ARG SA 96 -55.42 -31.97 -61.17
C ARG SA 96 -55.59 -32.92 -59.99
N GLY SA 97 -55.40 -34.22 -60.19
CA GLY SA 97 -55.48 -35.18 -59.11
C GLY SA 97 -56.55 -36.22 -59.35
N LEU SA 98 -56.76 -37.06 -58.34
CA LEU SA 98 -57.82 -38.04 -58.38
C LEU SA 98 -59.15 -37.38 -58.07
N ARG SA 99 -60.17 -37.69 -58.86
CA ARG SA 99 -61.50 -37.16 -58.59
C ARG SA 99 -62.54 -38.27 -58.67
N THR SA 100 -63.61 -38.09 -57.90
CA THR SA 100 -64.63 -39.12 -57.74
C THR SA 100 -65.48 -39.19 -59.00
N PHE SA 101 -65.30 -40.24 -59.78
CA PHE SA 101 -66.04 -40.39 -61.03
C PHE SA 101 -67.50 -40.74 -60.75
N LYS SA 102 -67.75 -41.87 -60.12
CA LYS SA 102 -69.11 -42.35 -59.94
C LYS SA 102 -69.20 -43.20 -58.68
N THR SA 103 -70.34 -43.10 -58.00
CA THR SA 103 -70.61 -43.84 -56.77
C THR SA 103 -71.86 -44.68 -56.94
N VAL SA 104 -71.80 -45.94 -56.52
CA VAL SA 104 -72.92 -46.86 -56.56
C VAL SA 104 -73.10 -47.46 -55.18
N PHE SA 105 -74.27 -47.27 -54.59
CA PHE SA 105 -74.58 -47.86 -53.30
C PHE SA 105 -75.31 -49.19 -53.48
N ALA SA 106 -75.54 -49.86 -52.37
CA ALA SA 106 -76.18 -51.17 -52.36
C ALA SA 106 -77.50 -51.11 -51.62
N GLU SA 107 -78.41 -51.99 -52.01
CA GLU SA 107 -79.74 -52.03 -51.41
C GLU SA 107 -79.66 -52.54 -49.98
N HIS SA 108 -80.74 -52.31 -49.23
CA HIS SA 108 -80.88 -52.76 -47.84
C HIS SA 108 -79.76 -52.21 -46.96
N ILE SA 109 -79.65 -50.89 -46.94
CA ILE SA 109 -78.68 -50.24 -46.07
C ILE SA 109 -79.14 -50.35 -44.62
N SER SA 110 -78.23 -50.74 -43.75
CA SER SA 110 -78.55 -50.90 -42.34
C SER SA 110 -78.92 -49.57 -41.71
N ASP SA 111 -79.78 -49.64 -40.69
CA ASP SA 111 -80.23 -48.43 -40.00
C ASP SA 111 -79.07 -47.72 -39.33
N GLU SA 112 -78.17 -48.46 -38.70
CA GLU SA 112 -77.02 -47.83 -38.05
C GLU SA 112 -76.14 -47.12 -39.08
N CYS SA 113 -75.98 -47.71 -40.25
CA CYS SA 113 -75.25 -47.03 -41.32
C CYS SA 113 -76.00 -45.77 -41.77
N LYS SA 114 -77.32 -45.85 -41.88
CA LYS SA 114 -78.10 -44.69 -42.29
C LYS SA 114 -78.11 -43.59 -41.24
N ARG SA 115 -77.78 -43.90 -39.98
CA ARG SA 115 -77.67 -42.85 -38.99
C ARG SA 115 -76.60 -41.83 -39.31
N ARG SA 116 -75.58 -42.20 -40.10
CA ARG SA 116 -74.49 -41.27 -40.38
C ARG SA 116 -74.97 -40.06 -41.17
N PHE SA 117 -75.96 -40.23 -42.03
CA PHE SA 117 -76.44 -39.14 -42.85
C PHE SA 117 -77.35 -38.18 -42.10
N TYR SA 118 -77.73 -38.49 -40.86
CA TYR SA 118 -78.65 -37.67 -40.09
C TYR SA 118 -77.94 -37.13 -38.85
N LYS SA 119 -78.00 -35.81 -38.66
CA LYS SA 119 -77.51 -35.24 -37.42
C LYS SA 119 -78.49 -35.46 -36.27
N ASN SA 120 -79.78 -35.58 -36.57
CA ASN SA 120 -80.81 -35.84 -35.56
C ASN SA 120 -81.66 -37.00 -36.04
N TRP SA 121 -81.21 -38.22 -35.74
CA TRP SA 121 -81.95 -39.41 -36.16
C TRP SA 121 -83.30 -39.50 -35.49
N HIS SA 122 -83.42 -38.97 -34.26
CA HIS SA 122 -84.68 -39.09 -33.53
C HIS SA 122 -85.78 -38.30 -34.20
N LYS SA 123 -85.53 -37.02 -34.51
CA LYS SA 123 -86.55 -36.20 -35.14
C LYS SA 123 -86.70 -36.48 -36.62
N SER SA 124 -85.76 -37.20 -37.23
CA SER SA 124 -85.84 -37.47 -38.66
C SER SA 124 -86.90 -38.53 -38.95
N LYS SA 125 -87.42 -38.49 -40.17
CA LYS SA 125 -88.36 -39.50 -40.64
C LYS SA 125 -87.67 -40.64 -41.36
N LYS SA 126 -86.33 -40.65 -41.38
CA LYS SA 126 -85.53 -41.75 -41.93
C LYS SA 126 -85.86 -41.99 -43.40
N LYS SA 127 -85.61 -40.95 -44.20
CA LYS SA 127 -85.93 -40.96 -45.62
C LYS SA 127 -84.73 -41.27 -46.49
N ALA SA 128 -83.56 -41.53 -45.91
CA ALA SA 128 -82.34 -41.68 -46.69
C ALA SA 128 -82.41 -42.91 -47.58
N PHE SA 129 -82.03 -42.74 -48.84
CA PHE SA 129 -81.92 -43.81 -49.83
C PHE SA 129 -83.22 -44.54 -50.10
N THR SA 130 -84.36 -44.00 -49.63
CA THR SA 130 -85.63 -44.65 -49.88
C THR SA 130 -85.96 -44.68 -51.36
N LYS SA 131 -85.63 -43.62 -52.09
CA LYS SA 131 -85.85 -43.62 -53.53
C LYS SA 131 -84.66 -44.13 -54.31
N TYR SA 132 -83.45 -44.07 -53.74
CA TYR SA 132 -82.30 -44.65 -54.41
C TYR SA 132 -82.39 -46.17 -54.46
N CYS SA 133 -82.86 -46.79 -53.37
CA CYS SA 133 -82.98 -48.24 -53.36
C CYS SA 133 -84.04 -48.73 -54.35
N LYS SA 134 -84.93 -47.84 -54.79
CA LYS SA 134 -85.93 -48.23 -55.77
C LYS SA 134 -85.30 -48.62 -57.10
N LYS SA 135 -84.18 -48.00 -57.45
CA LYS SA 135 -83.57 -48.27 -58.74
C LYS SA 135 -82.88 -49.62 -58.80
N TRP SA 136 -82.68 -50.29 -57.67
CA TRP SA 136 -82.13 -51.64 -57.70
C TRP SA 136 -83.14 -52.66 -58.21
N GLN SA 137 -84.40 -52.28 -58.37
CA GLN SA 137 -85.46 -53.21 -58.73
C GLN SA 137 -86.00 -53.00 -60.13
N ASP SA 138 -86.27 -51.77 -60.52
CA ASP SA 138 -86.85 -51.51 -61.83
C ASP SA 138 -85.82 -51.70 -62.94
N GLU SA 139 -86.31 -51.83 -64.17
CA GLU SA 139 -85.43 -52.08 -65.29
C GLU SA 139 -84.56 -50.87 -65.61
N ASP SA 140 -85.14 -49.67 -65.53
CA ASP SA 140 -84.39 -48.46 -65.83
C ASP SA 140 -83.24 -48.27 -64.86
N GLY SA 141 -83.51 -48.45 -63.57
CA GLY SA 141 -82.47 -48.29 -62.57
C GLY SA 141 -81.38 -49.34 -62.68
N LYS SA 142 -81.77 -50.59 -62.95
CA LYS SA 142 -80.78 -51.64 -63.12
C LYS SA 142 -79.90 -51.38 -64.34
N LYS SA 143 -80.51 -50.92 -65.44
CA LYS SA 143 -79.73 -50.60 -66.62
C LYS SA 143 -78.79 -49.43 -66.35
N GLN SA 144 -79.26 -48.42 -65.61
CA GLN SA 144 -78.41 -47.30 -65.24
C GLN SA 144 -77.24 -47.77 -64.39
N LEU SA 145 -77.50 -48.67 -63.45
CA LEU SA 145 -76.43 -49.18 -62.60
C LEU SA 145 -75.42 -50.00 -63.40
N GLU SA 146 -75.90 -50.81 -64.33
CA GLU SA 146 -74.99 -51.58 -65.18
C GLU SA 146 -74.15 -50.66 -66.06
N LYS SA 147 -74.75 -49.59 -66.57
CA LYS SA 147 -73.99 -48.63 -67.35
C LYS SA 147 -72.94 -47.93 -66.49
N ASP SA 148 -73.29 -47.61 -65.25
CA ASP SA 148 -72.32 -47.02 -64.33
C ASP SA 148 -71.18 -47.99 -64.05
N PHE SA 149 -71.49 -49.28 -63.87
CA PHE SA 149 -70.45 -50.27 -63.67
C PHE SA 149 -69.55 -50.39 -64.89
N SER SA 150 -70.13 -50.34 -66.09
CA SER SA 150 -69.33 -50.38 -67.30
C SER SA 150 -68.44 -49.15 -67.42
N SER SA 151 -68.96 -47.98 -67.06
CA SER SA 151 -68.15 -46.77 -67.09
C SER SA 151 -67.01 -46.86 -66.09
N MET SA 152 -67.26 -47.39 -64.90
CA MET SA 152 -66.18 -47.61 -63.94
C MET SA 152 -65.16 -48.59 -64.48
N LYS SA 153 -65.63 -49.66 -65.12
CA LYS SA 153 -64.75 -50.67 -65.68
C LYS SA 153 -63.83 -50.06 -66.73
N LYS SA 154 -64.36 -49.21 -67.60
CA LYS SA 154 -63.60 -48.71 -68.73
C LYS SA 154 -62.92 -47.36 -68.49
N TYR SA 155 -63.17 -46.70 -67.37
CA TYR SA 155 -62.60 -45.38 -67.16
C TYR SA 155 -61.83 -45.22 -65.86
N CYS SA 156 -62.31 -45.78 -64.75
CA CYS SA 156 -61.69 -45.53 -63.45
C CYS SA 156 -60.36 -46.26 -63.34
N GLN SA 157 -59.40 -45.63 -62.67
CA GLN SA 157 -58.11 -46.25 -62.41
C GLN SA 157 -58.08 -47.00 -61.09
N VAL SA 158 -58.72 -46.45 -60.05
CA VAL SA 158 -58.81 -47.13 -58.77
C VAL SA 158 -60.26 -47.11 -58.31
N ILE SA 159 -60.60 -48.05 -57.44
CA ILE SA 159 -61.91 -48.11 -56.83
C ILE SA 159 -61.74 -48.28 -55.32
N ARG SA 160 -62.73 -47.81 -54.58
CA ARG SA 160 -62.76 -47.92 -53.13
C ARG SA 160 -64.16 -48.36 -52.70
N VAL SA 161 -64.22 -49.01 -51.54
CA VAL SA 161 -65.46 -49.51 -50.99
C VAL SA 161 -65.81 -48.71 -49.76
N ILE SA 162 -67.10 -48.43 -49.59
CA ILE SA 162 -67.63 -47.77 -48.40
C ILE SA 162 -68.00 -48.87 -47.43
N ALA SA 163 -67.43 -48.82 -46.23
CA ALA SA 163 -67.70 -49.83 -45.22
C ALA SA 163 -68.00 -49.14 -43.90
N HIS SA 164 -68.90 -49.74 -43.14
CA HIS SA 164 -69.31 -49.21 -41.85
C HIS SA 164 -69.24 -50.30 -40.80
N THR SA 165 -69.00 -49.88 -39.56
CA THR SA 165 -68.99 -50.80 -38.44
C THR SA 165 -70.42 -51.09 -37.98
N GLN SA 166 -70.55 -52.10 -37.13
CA GLN SA 166 -71.85 -52.51 -36.59
C GLN SA 166 -71.85 -52.13 -35.11
N MET SA 167 -72.32 -50.90 -34.84
CA MET SA 167 -72.27 -50.38 -33.48
C MET SA 167 -73.17 -51.12 -32.52
N ARG SA 168 -74.18 -51.83 -33.02
CA ARG SA 168 -75.04 -52.60 -32.13
C ARG SA 168 -74.32 -53.78 -31.50
N LEU SA 169 -73.18 -54.17 -32.06
CA LEU SA 169 -72.37 -55.24 -31.48
C LEU SA 169 -71.39 -54.72 -30.44
N LEU SA 170 -71.38 -53.41 -30.20
CA LEU SA 170 -70.52 -52.79 -29.21
C LEU SA 170 -71.34 -52.30 -28.03
N PRO SA 171 -70.75 -52.28 -26.84
CA PRO SA 171 -71.45 -51.74 -25.67
C PRO SA 171 -71.36 -50.24 -25.51
N LEU SA 172 -70.85 -49.52 -26.51
CA LEU SA 172 -70.69 -48.08 -26.40
C LEU SA 172 -72.04 -47.39 -26.49
N ARG SA 173 -72.10 -46.17 -25.92
CA ARG SA 173 -73.34 -45.41 -25.92
C ARG SA 173 -73.73 -45.01 -27.34
N GLN SA 174 -72.75 -44.76 -28.20
CA GLN SA 174 -73.04 -44.36 -29.57
C GLN SA 174 -73.63 -45.53 -30.34
N LYS SA 175 -74.70 -45.24 -31.09
CA LYS SA 175 -75.27 -46.21 -32.01
C LYS SA 175 -74.99 -45.91 -33.47
N LYS SA 176 -74.63 -44.66 -33.79
CA LYS SA 176 -74.39 -44.28 -35.17
C LYS SA 176 -73.11 -44.92 -35.69
N ALA SA 177 -73.18 -45.51 -36.88
CA ALA SA 177 -72.05 -46.23 -37.44
C ALA SA 177 -70.99 -45.26 -37.97
N HIS SA 178 -69.90 -45.82 -38.47
CA HIS SA 178 -68.77 -45.03 -38.98
C HIS SA 178 -68.48 -45.46 -40.41
N LEU SA 179 -68.92 -44.66 -41.37
CA LEU SA 179 -68.61 -44.91 -42.77
C LEU SA 179 -67.13 -44.61 -43.04
N MET SA 180 -66.53 -45.38 -43.93
CA MET SA 180 -65.15 -45.12 -44.32
C MET SA 180 -64.92 -45.66 -45.73
N GLU SA 181 -63.91 -45.09 -46.38
CA GLU SA 181 -63.47 -45.53 -47.69
C GLU SA 181 -62.24 -46.40 -47.55
N ILE SA 182 -62.28 -47.60 -48.12
CA ILE SA 182 -61.15 -48.51 -48.11
C ILE SA 182 -60.76 -48.79 -49.55
N GLN SA 183 -59.49 -48.55 -49.87
CA GLN SA 183 -59.03 -48.79 -51.23
C GLN SA 183 -58.82 -50.27 -51.47
N VAL SA 184 -59.14 -50.72 -52.68
CA VAL SA 184 -58.97 -52.11 -53.09
C VAL SA 184 -57.73 -52.21 -53.95
N ASN SA 185 -56.81 -53.09 -53.58
CA ASN SA 185 -55.53 -53.20 -54.26
C ASN SA 185 -55.35 -54.61 -54.82
N GLY SA 186 -54.38 -54.73 -55.71
CA GLY SA 186 -53.97 -56.02 -56.25
C GLY SA 186 -54.82 -56.58 -57.37
N GLY SA 187 -54.82 -55.93 -58.51
CA GLY SA 187 -55.47 -56.50 -59.68
C GLY SA 187 -55.93 -55.41 -60.62
N THR SA 188 -56.45 -55.85 -61.76
CA THR SA 188 -56.99 -54.91 -62.74
C THR SA 188 -58.29 -54.31 -62.22
N VAL SA 189 -58.69 -53.19 -62.84
CA VAL SA 189 -59.86 -52.46 -62.40
C VAL SA 189 -61.11 -53.31 -62.55
N ALA SA 190 -61.24 -54.01 -63.67
CA ALA SA 190 -62.39 -54.89 -63.86
C ALA SA 190 -62.40 -56.00 -62.82
N GLU SA 191 -61.24 -56.57 -62.53
CA GLU SA 191 -61.16 -57.67 -61.57
C GLU SA 191 -61.56 -57.21 -60.17
N LYS SA 192 -61.06 -56.04 -59.75
CA LYS SA 192 -61.42 -55.58 -58.42
C LYS SA 192 -62.87 -55.12 -58.37
N LEU SA 193 -63.42 -54.59 -59.46
CA LEU SA 193 -64.84 -54.28 -59.49
C LEU SA 193 -65.67 -55.55 -59.36
N ASP SA 194 -65.28 -56.61 -60.06
CA ASP SA 194 -66.00 -57.87 -59.96
C ASP SA 194 -65.91 -58.44 -58.55
N TRP SA 195 -64.74 -58.32 -57.92
CA TRP SA 195 -64.60 -58.79 -56.54
C TRP SA 195 -65.47 -57.97 -55.60
N ALA SA 196 -65.48 -56.65 -55.76
CA ALA SA 196 -66.19 -55.79 -54.84
C ALA SA 196 -67.70 -55.91 -55.00
N ARG SA 197 -68.18 -56.15 -56.23
CA ARG SA 197 -69.61 -56.23 -56.45
C ARG SA 197 -70.23 -57.40 -55.71
N GLU SA 198 -69.46 -58.46 -55.47
CA GLU SA 198 -69.97 -59.61 -54.73
C GLU SA 198 -69.88 -59.43 -53.23
N ARG SA 199 -69.17 -58.41 -52.74
CA ARG SA 199 -69.10 -58.13 -51.32
C ARG SA 199 -70.11 -57.09 -50.85
N LEU SA 200 -70.96 -56.60 -51.74
CA LEU SA 200 -72.01 -55.68 -51.32
C LEU SA 200 -72.98 -56.39 -50.40
N GLU SA 201 -73.37 -55.72 -49.32
CA GLU SA 201 -74.23 -56.21 -48.25
C GLU SA 201 -73.59 -57.35 -47.46
N GLN SA 202 -72.34 -57.69 -47.74
CA GLN SA 202 -71.66 -58.77 -47.03
C GLN SA 202 -70.88 -58.21 -45.83
N GLN SA 203 -70.22 -59.11 -45.12
CA GLN SA 203 -69.39 -58.74 -43.98
C GLN SA 203 -67.93 -59.06 -44.29
N VAL SA 204 -67.05 -58.20 -43.83
CA VAL SA 204 -65.61 -58.35 -44.02
C VAL SA 204 -64.96 -58.51 -42.65
N PRO SA 205 -64.65 -59.74 -42.25
CA PRO SA 205 -63.93 -59.94 -41.00
C PRO SA 205 -62.50 -59.45 -41.12
N VAL SA 206 -61.90 -59.15 -39.96
CA VAL SA 206 -60.53 -58.66 -39.95
C VAL SA 206 -59.54 -59.73 -40.38
N ASN SA 207 -59.93 -61.01 -40.35
CA ASN SA 207 -59.05 -62.07 -40.81
C ASN SA 207 -58.74 -61.93 -42.29
N GLN SA 208 -59.74 -61.55 -43.08
CA GLN SA 208 -59.56 -61.41 -44.51
C GLN SA 208 -58.73 -60.18 -44.89
N VAL SA 209 -58.52 -59.25 -43.96
CA VAL SA 209 -57.79 -58.03 -44.27
C VAL SA 209 -56.38 -58.13 -43.72
N PHE SA 210 -56.26 -58.33 -42.41
CA PHE SA 210 -54.96 -58.40 -41.77
C PHE SA 210 -54.60 -59.85 -41.45
N GLY SA 211 -53.41 -60.03 -40.87
CA GLY SA 211 -52.92 -61.36 -40.56
C GLY SA 211 -52.05 -61.34 -39.32
N GLN SA 212 -51.55 -62.52 -38.97
CA GLN SA 212 -50.73 -62.68 -37.79
C GLN SA 212 -49.37 -62.00 -37.98
N ASP SA 213 -48.80 -61.54 -36.87
CA ASP SA 213 -47.42 -61.04 -36.73
C ASP SA 213 -46.92 -60.26 -37.94
N GLU SA 214 -47.70 -59.26 -38.33
CA GLU SA 214 -47.34 -58.38 -39.42
C GLU SA 214 -47.42 -56.93 -38.97
N MET SA 215 -46.67 -56.06 -39.64
CA MET SA 215 -46.59 -54.67 -39.26
C MET SA 215 -47.61 -53.86 -40.05
N ILE SA 216 -48.35 -53.01 -39.33
CA ILE SA 216 -49.35 -52.13 -39.90
C ILE SA 216 -49.12 -50.72 -39.38
N ASP SA 217 -49.99 -49.81 -39.79
CA ASP SA 217 -49.97 -48.43 -39.31
C ASP SA 217 -51.31 -48.11 -38.65
N VAL SA 218 -51.27 -47.20 -37.69
CA VAL SA 218 -52.42 -46.82 -36.89
C VAL SA 218 -52.70 -45.34 -37.11
N ILE SA 219 -53.94 -45.02 -37.47
CA ILE SA 219 -54.37 -43.66 -37.71
C ILE SA 219 -55.46 -43.32 -36.71
N GLY SA 220 -55.31 -42.19 -36.03
CA GLY SA 220 -56.30 -41.81 -35.05
C GLY SA 220 -56.17 -40.35 -34.68
N VAL SA 221 -56.88 -39.97 -33.61
CA VAL SA 221 -56.85 -38.62 -33.07
C VAL SA 221 -56.42 -38.72 -31.61
N THR SA 222 -55.44 -37.90 -31.24
CA THR SA 222 -54.89 -37.98 -29.89
C THR SA 222 -55.92 -37.57 -28.85
N LYS SA 223 -55.56 -37.78 -27.59
CA LYS SA 223 -56.43 -37.38 -26.48
C LYS SA 223 -56.54 -35.87 -26.41
N GLY SA 224 -57.76 -35.39 -26.17
CA GLY SA 224 -57.95 -33.96 -26.00
C GLY SA 224 -57.37 -33.50 -24.68
N LYS SA 225 -56.60 -32.42 -24.71
CA LYS SA 225 -56.02 -31.86 -23.51
C LYS SA 225 -56.45 -30.43 -23.24
N GLY SA 226 -57.31 -29.87 -24.08
CA GLY SA 226 -57.77 -28.52 -23.87
C GLY SA 226 -56.69 -27.48 -24.11
N TYR SA 227 -57.01 -26.26 -23.72
CA TYR SA 227 -56.05 -25.16 -23.81
C TYR SA 227 -54.89 -25.44 -22.87
N LYS SA 228 -53.67 -25.26 -23.36
CA LYS SA 228 -52.49 -25.60 -22.58
C LYS SA 228 -51.44 -24.51 -22.71
N GLY SA 229 -50.62 -24.38 -21.69
CA GLY SA 229 -49.54 -23.43 -21.72
C GLY SA 229 -48.38 -23.92 -22.58
N VAL SA 230 -47.38 -23.05 -22.71
CA VAL SA 230 -46.22 -23.41 -23.52
C VAL SA 230 -45.44 -24.54 -22.88
N THR SA 231 -45.40 -24.58 -21.55
CA THR SA 231 -44.61 -25.60 -20.86
C THR SA 231 -45.15 -27.00 -21.13
N SER SA 232 -46.46 -27.16 -21.20
CA SER SA 232 -47.03 -28.46 -21.54
C SER SA 232 -47.13 -28.67 -23.05
N ARG SA 233 -47.38 -27.61 -23.81
CA ARG SA 233 -47.59 -27.75 -25.24
C ARG SA 233 -46.31 -28.00 -26.01
N TRP SA 234 -45.16 -27.59 -25.47
CA TRP SA 234 -43.91 -27.73 -26.18
C TRP SA 234 -42.76 -28.20 -25.31
N HIS SA 235 -43.00 -28.50 -24.03
CA HIS SA 235 -41.98 -29.04 -23.12
C HIS SA 235 -40.78 -28.10 -23.02
N THR SA 236 -41.04 -26.79 -22.99
CA THR SA 236 -39.99 -25.81 -22.89
C THR SA 236 -39.46 -25.74 -21.45
N LYS SA 237 -38.30 -25.10 -21.30
CA LYS SA 237 -37.69 -24.96 -19.99
C LYS SA 237 -38.47 -23.98 -19.13
N LYS SA 238 -38.71 -24.36 -17.89
CA LYS SA 238 -39.40 -23.48 -16.95
C LYS SA 238 -38.48 -22.37 -16.49
N LEU SA 239 -39.03 -21.16 -16.38
CA LEU SA 239 -38.27 -20.05 -15.85
C LEU SA 239 -38.05 -20.23 -14.35
N PRO SA 240 -37.03 -19.59 -13.79
CA PRO SA 240 -36.73 -19.78 -12.37
C PRO SA 240 -37.82 -19.19 -11.48
N ARG SA 241 -37.68 -19.47 -10.19
CA ARG SA 241 -38.68 -19.07 -9.21
C ARG SA 241 -38.78 -17.56 -9.05
N LYS SA 242 -37.72 -16.82 -9.39
CA LYS SA 242 -37.69 -15.38 -9.16
C LYS SA 242 -38.37 -14.59 -10.27
N THR SA 243 -38.96 -15.25 -11.26
CA THR SA 243 -39.60 -14.54 -12.36
C THR SA 243 -40.84 -13.82 -11.87
N HIS SA 244 -41.00 -12.56 -12.30
CA HIS SA 244 -42.06 -11.71 -11.79
C HIS SA 244 -43.42 -12.10 -12.36
N ARG SA 245 -43.58 -11.99 -13.68
CA ARG SA 245 -44.89 -12.20 -14.28
C ARG SA 245 -45.28 -13.66 -14.41
N GLY SA 246 -44.35 -14.59 -14.24
CA GLY SA 246 -44.72 -16.00 -14.32
C GLY SA 246 -43.65 -16.88 -14.94
N LEU SA 247 -43.46 -18.07 -14.37
CA LEU SA 247 -42.35 -18.92 -14.79
C LEU SA 247 -42.73 -19.91 -15.86
N ARG SA 248 -44.02 -20.25 -16.01
CA ARG SA 248 -44.42 -21.20 -17.04
C ARG SA 248 -44.66 -20.48 -18.37
N LYS SA 249 -43.69 -19.71 -18.83
CA LYS SA 249 -43.80 -18.97 -20.08
C LYS SA 249 -42.55 -19.18 -20.90
N VAL SA 250 -42.58 -18.65 -22.13
CA VAL SA 250 -41.42 -18.58 -22.99
C VAL SA 250 -40.86 -17.16 -22.89
N ALA SA 251 -39.58 -17.05 -22.56
CA ALA SA 251 -39.02 -15.76 -22.19
C ALA SA 251 -38.98 -14.80 -23.37
N CYS SA 252 -38.30 -15.18 -24.45
CA CYS SA 252 -38.17 -14.34 -25.64
C CYS SA 252 -38.93 -14.99 -26.78
N ILE SA 253 -39.83 -14.23 -27.39
CA ILE SA 253 -40.64 -14.74 -28.49
C ILE SA 253 -40.14 -14.21 -29.83
N GLY SA 254 -38.90 -13.78 -29.91
CA GLY SA 254 -38.32 -13.28 -31.15
C GLY SA 254 -37.50 -12.03 -30.88
N ALA SA 255 -36.59 -11.75 -31.81
CA ALA SA 255 -35.73 -10.58 -31.67
C ALA SA 255 -36.50 -9.31 -32.04
N TRP SA 256 -35.78 -8.18 -32.00
CA TRP SA 256 -36.39 -6.91 -32.42
C TRP SA 256 -36.76 -6.97 -33.90
N HIS SA 257 -35.91 -7.52 -34.71
CA HIS SA 257 -36.27 -7.71 -36.10
C HIS SA 257 -36.52 -9.20 -36.37
N PRO SA 258 -37.40 -9.54 -37.32
CA PRO SA 258 -38.09 -8.68 -38.29
C PRO SA 258 -39.38 -8.04 -37.77
N ALA SA 259 -39.42 -7.59 -36.52
CA ALA SA 259 -40.53 -6.82 -35.96
C ALA SA 259 -41.84 -7.58 -35.99
N ARG SA 260 -41.80 -8.91 -35.95
CA ARG SA 260 -43.00 -9.72 -35.88
C ARG SA 260 -42.71 -10.93 -34.99
N VAL SA 261 -43.69 -11.83 -34.91
CA VAL SA 261 -43.56 -13.06 -34.15
C VAL SA 261 -43.43 -14.21 -35.13
N ALA SA 262 -42.32 -14.93 -35.05
CA ALA SA 262 -42.05 -16.01 -35.98
C ALA SA 262 -43.01 -17.17 -35.75
N PHE SA 263 -43.36 -17.84 -36.85
CA PHE SA 263 -44.27 -18.99 -36.78
C PHE SA 263 -43.66 -20.19 -36.06
N SER SA 264 -42.32 -20.27 -35.98
CA SER SA 264 -41.70 -21.39 -35.31
C SER SA 264 -41.64 -21.22 -33.79
N VAL SA 265 -41.92 -20.02 -33.29
CA VAL SA 265 -41.82 -19.77 -31.86
C VAL SA 265 -42.97 -20.48 -31.15
N ALA SA 266 -42.63 -21.24 -30.11
CA ALA SA 266 -43.63 -21.97 -29.35
C ALA SA 266 -44.53 -21.00 -28.59
N ARG SA 267 -45.84 -21.23 -28.66
CA ARG SA 267 -46.80 -20.38 -27.98
C ARG SA 267 -47.97 -21.23 -27.50
N ALA SA 268 -48.71 -20.69 -26.53
CA ALA SA 268 -49.80 -21.41 -25.91
C ALA SA 268 -50.95 -21.61 -26.90
N GLY SA 269 -51.68 -22.70 -26.71
CA GLY SA 269 -52.81 -22.98 -27.57
C GLY SA 269 -53.38 -24.35 -27.28
N GLN SA 270 -54.21 -24.83 -28.20
CA GLN SA 270 -54.83 -26.14 -28.04
C GLN SA 270 -53.77 -27.23 -28.11
N LYS SA 271 -53.87 -28.18 -27.18
CA LYS SA 271 -53.00 -29.34 -27.13
C LYS SA 271 -53.84 -30.61 -27.23
N GLY SA 272 -53.37 -31.56 -28.01
CA GLY SA 272 -54.09 -32.80 -28.18
C GLY SA 272 -55.22 -32.67 -29.19
N TYR SA 273 -55.97 -33.76 -29.32
CA TYR SA 273 -57.02 -33.89 -30.33
C TYR SA 273 -56.48 -33.57 -31.72
N HIS SA 274 -55.30 -34.09 -32.01
CA HIS SA 274 -54.64 -33.89 -33.29
C HIS SA 274 -54.65 -35.21 -34.06
N HIS SA 275 -54.79 -35.10 -35.37
CA HIS SA 275 -54.77 -36.29 -36.22
C HIS SA 275 -53.33 -36.79 -36.35
N ARG SA 276 -53.12 -38.08 -36.09
CA ARG SA 276 -51.79 -38.65 -36.11
C ARG SA 276 -51.81 -40.04 -36.74
N THR SA 277 -50.68 -40.43 -37.31
CA THR SA 277 -50.45 -41.77 -37.82
C THR SA 277 -49.13 -42.27 -37.26
N GLU SA 278 -49.14 -43.48 -36.71
CA GLU SA 278 -47.94 -44.13 -36.21
C GLU SA 278 -47.69 -45.38 -37.04
N ILE SA 279 -46.47 -45.52 -37.54
CA ILE SA 279 -46.12 -46.61 -38.42
C ILE SA 279 -45.41 -47.70 -37.62
N ASN SA 280 -45.31 -48.88 -38.22
CA ASN SA 280 -44.60 -50.03 -37.66
C ASN SA 280 -45.17 -50.45 -36.31
N LYS SA 281 -46.42 -50.91 -36.33
CA LYS SA 281 -47.03 -51.52 -35.16
C LYS SA 281 -47.34 -52.97 -35.49
N LYS SA 282 -46.88 -53.87 -34.63
CA LYS SA 282 -46.98 -55.30 -34.90
C LYS SA 282 -48.30 -55.85 -34.37
N ILE SA 283 -48.96 -56.65 -35.19
CA ILE SA 283 -50.21 -57.31 -34.80
C ILE SA 283 -49.83 -58.61 -34.11
N TYR SA 284 -49.92 -58.61 -32.78
CA TYR SA 284 -49.49 -59.79 -32.04
C TYR SA 284 -50.50 -60.92 -32.10
N LYS SA 285 -51.78 -60.60 -32.07
CA LYS SA 285 -52.79 -61.65 -32.06
C LYS SA 285 -54.09 -61.10 -32.61
N ILE SA 286 -54.89 -61.99 -33.17
CA ILE SA 286 -56.23 -61.67 -33.65
C ILE SA 286 -57.20 -62.62 -32.99
N GLY SA 287 -58.07 -62.08 -32.14
CA GLY SA 287 -59.02 -62.91 -31.44
C GLY SA 287 -60.17 -63.35 -32.33
N GLN SA 288 -60.85 -64.40 -31.89
CA GLN SA 288 -61.98 -64.95 -32.64
C GLN SA 288 -63.33 -64.40 -32.16
N GLY SA 289 -63.33 -63.59 -31.11
CA GLY SA 289 -64.57 -63.05 -30.59
C GLY SA 289 -65.39 -64.11 -29.86
N TYR SA 290 -66.54 -63.68 -29.37
CA TYR SA 290 -67.46 -64.61 -28.72
C TYR SA 290 -68.13 -65.50 -29.77
N LEU SA 291 -68.24 -66.78 -29.45
CA LEU SA 291 -68.89 -67.74 -30.33
C LEU SA 291 -69.82 -68.62 -29.53
N ILE SA 292 -70.81 -69.20 -30.22
CA ILE SA 292 -71.71 -70.18 -29.62
C ILE SA 292 -71.89 -71.31 -30.60
N LYS SA 293 -71.22 -72.44 -30.34
CA LYS SA 293 -71.44 -73.64 -31.13
C LYS SA 293 -72.53 -74.51 -30.52
N ASP SA 294 -72.36 -74.92 -29.27
CA ASP SA 294 -73.43 -75.46 -28.44
C ASP SA 294 -73.64 -74.62 -27.19
N GLY SA 295 -72.58 -74.37 -26.44
CA GLY SA 295 -72.61 -73.45 -25.32
C GLY SA 295 -71.80 -72.19 -25.62
N LYS SA 296 -71.69 -71.36 -24.58
CA LYS SA 296 -70.97 -70.11 -24.70
C LYS SA 296 -69.48 -70.38 -24.80
N LEU SA 297 -68.84 -69.91 -25.86
CA LEU SA 297 -67.43 -70.19 -26.10
C LEU SA 297 -66.63 -68.92 -25.82
N ILE SA 298 -65.76 -68.99 -24.82
CA ILE SA 298 -64.96 -67.85 -24.39
C ILE SA 298 -63.46 -68.13 -24.43
N LYS SA 299 -63.05 -69.40 -24.48
CA LYS SA 299 -61.68 -69.80 -24.18
C LYS SA 299 -60.69 -69.21 -25.18
N ASN SA 300 -61.07 -69.10 -26.45
CA ASN SA 300 -60.19 -68.62 -27.50
C ASN SA 300 -59.78 -67.16 -27.34
N ASN SA 301 -60.48 -66.40 -26.49
CA ASN SA 301 -60.15 -65.00 -26.33
C ASN SA 301 -58.78 -64.82 -25.70
N ALA SA 302 -58.50 -65.57 -24.63
CA ALA SA 302 -57.25 -65.42 -23.91
C ALA SA 302 -56.53 -66.73 -23.67
N SER SA 303 -56.86 -67.78 -24.42
CA SER SA 303 -56.22 -69.08 -24.22
C SER SA 303 -55.02 -69.19 -25.14
N THR SA 304 -53.84 -68.88 -24.61
CA THR SA 304 -52.62 -69.18 -25.35
C THR SA 304 -52.28 -70.65 -25.19
N ASP SA 305 -51.45 -71.15 -26.11
CA ASP SA 305 -51.11 -72.57 -26.13
C ASP SA 305 -50.37 -73.02 -24.89
N TYR SA 306 -49.66 -72.12 -24.21
CA TYR SA 306 -48.98 -72.45 -22.96
C TYR SA 306 -49.81 -72.14 -21.73
N ASP SA 307 -51.00 -71.59 -21.89
CA ASP SA 307 -51.82 -71.22 -20.74
C ASP SA 307 -52.99 -72.20 -20.54
N LEU SA 308 -53.78 -72.44 -21.58
CA LEU SA 308 -54.94 -73.34 -21.52
C LEU SA 308 -55.89 -72.95 -20.39
N SER SA 309 -56.21 -71.66 -20.33
CA SER SA 309 -57.13 -71.13 -19.34
C SER SA 309 -58.38 -70.65 -20.04
N ASP SA 310 -59.54 -71.08 -19.55
CA ASP SA 310 -60.82 -70.71 -20.13
C ASP SA 310 -61.21 -69.31 -19.63
N LYS SA 311 -60.51 -68.32 -20.18
CA LYS SA 311 -60.69 -66.93 -19.77
C LYS SA 311 -60.79 -66.03 -21.00
N SER SA 312 -61.44 -64.90 -20.81
CA SER SA 312 -61.63 -63.93 -21.88
C SER SA 312 -60.47 -62.95 -21.91
N ILE SA 313 -60.35 -62.24 -23.03
CA ILE SA 313 -59.41 -61.13 -23.11
C ILE SA 313 -59.87 -59.97 -22.25
N ASN SA 314 -61.13 -59.95 -21.86
CA ASN SA 314 -61.63 -58.89 -20.99
C ASN SA 314 -60.99 -59.04 -19.61
N PRO SA 315 -60.47 -57.96 -19.03
CA PRO SA 315 -59.86 -58.07 -17.70
C PRO SA 315 -60.90 -58.35 -16.65
N LEU SA 316 -60.43 -58.87 -15.51
CA LEU SA 316 -61.31 -59.14 -14.39
C LEU SA 316 -61.98 -57.85 -13.94
N GLY SA 317 -63.29 -57.90 -13.80
CA GLY SA 317 -64.05 -56.70 -13.54
C GLY SA 317 -64.33 -55.86 -14.77
N GLY SA 318 -63.92 -56.31 -15.95
CA GLY SA 318 -64.20 -55.60 -17.18
C GLY SA 318 -63.17 -54.53 -17.48
N PHE SA 319 -63.15 -54.10 -18.74
CA PHE SA 319 -62.27 -53.03 -19.14
C PHE SA 319 -62.66 -51.72 -18.47
N VAL SA 320 -61.67 -50.90 -18.18
CA VAL SA 320 -61.92 -49.59 -17.61
C VAL SA 320 -62.39 -48.65 -18.71
N HIS SA 321 -63.52 -47.99 -18.49
CA HIS SA 321 -64.09 -46.94 -19.33
C HIS SA 321 -64.53 -47.43 -20.70
N TYR SA 322 -64.39 -48.71 -21.02
CA TYR SA 322 -64.79 -49.21 -22.34
C TYR SA 322 -65.98 -50.15 -22.26
N GLY SA 323 -65.87 -51.24 -21.51
CA GLY SA 323 -66.91 -52.24 -21.51
C GLY SA 323 -66.37 -53.66 -21.63
N GLU SA 324 -67.14 -54.52 -22.26
CA GLU SA 324 -66.79 -55.92 -22.42
C GLU SA 324 -66.58 -56.21 -23.91
N VAL SA 325 -65.42 -56.75 -24.26
CA VAL SA 325 -65.12 -57.07 -25.65
C VAL SA 325 -65.85 -58.33 -26.04
N THR SA 326 -66.62 -58.26 -27.12
CA THR SA 326 -67.41 -59.38 -27.60
C THR SA 326 -67.02 -59.85 -28.99
N ASN SA 327 -66.82 -58.93 -29.92
CA ASN SA 327 -66.50 -59.29 -31.30
C ASN SA 327 -65.01 -59.61 -31.43
N ASP SA 328 -64.54 -59.72 -32.66
CA ASP SA 328 -63.13 -59.98 -32.90
C ASP SA 328 -62.30 -58.76 -32.52
N PHE SA 329 -61.08 -59.01 -32.06
CA PHE SA 329 -60.19 -57.95 -31.64
C PHE SA 329 -58.81 -58.15 -32.24
N VAL SA 330 -58.06 -57.06 -32.33
CA VAL SA 330 -56.68 -57.07 -32.81
C VAL SA 330 -55.80 -56.54 -31.70
N MET SA 331 -54.78 -57.31 -31.33
CA MET SA 331 -53.86 -56.94 -30.26
C MET SA 331 -52.59 -56.38 -30.89
N LEU SA 332 -52.42 -55.07 -30.82
CA LEU SA 332 -51.23 -54.42 -31.33
C LEU SA 332 -50.13 -54.43 -30.28
N LYS SA 333 -48.95 -53.97 -30.69
CA LYS SA 333 -47.79 -53.89 -29.80
C LYS SA 333 -47.55 -52.44 -29.43
N GLY SA 334 -47.46 -52.18 -28.13
CA GLY SA 334 -47.15 -50.85 -27.66
C GLY SA 334 -48.37 -49.96 -27.59
N CYS SA 335 -48.10 -48.68 -27.36
CA CYS SA 335 -49.15 -47.69 -27.19
C CYS SA 335 -49.80 -47.35 -28.52
N VAL SA 336 -51.04 -46.88 -28.45
CA VAL SA 336 -51.81 -46.47 -29.61
C VAL SA 336 -52.54 -45.18 -29.26
N VAL SA 337 -52.54 -44.23 -30.20
CA VAL SA 337 -53.12 -42.91 -29.94
C VAL SA 337 -54.61 -43.03 -29.64
N GLY SA 338 -55.14 -41.98 -29.01
CA GLY SA 338 -56.55 -41.90 -28.72
C GLY SA 338 -56.90 -42.40 -27.32
N THR SA 339 -58.10 -42.04 -26.89
CA THR SA 339 -58.61 -42.44 -25.60
C THR SA 339 -59.16 -43.86 -25.69
N LYS SA 340 -59.81 -44.32 -24.63
CA LYS SA 340 -60.62 -45.51 -24.74
C LYS SA 340 -61.83 -45.23 -25.61
N LYS SA 341 -62.48 -46.30 -26.07
CA LYS SA 341 -63.60 -46.30 -27.00
C LYS SA 341 -63.43 -45.26 -28.10
N ARG SA 342 -62.23 -45.13 -28.64
CA ARG SA 342 -61.94 -44.22 -29.73
C ARG SA 342 -61.85 -45.01 -31.03
N VAL SA 343 -62.51 -44.52 -32.07
CA VAL SA 343 -62.48 -45.19 -33.37
C VAL SA 343 -61.15 -44.90 -34.04
N LEU SA 344 -60.51 -45.95 -34.56
CA LEU SA 344 -59.18 -45.88 -35.13
C LEU SA 344 -59.16 -46.63 -36.45
N THR SA 345 -58.21 -46.26 -37.31
CA THR SA 345 -58.07 -46.91 -38.61
C THR SA 345 -56.75 -47.68 -38.65
N LEU SA 346 -56.83 -48.95 -39.00
CA LEU SA 346 -55.63 -49.76 -39.18
C LEU SA 346 -55.37 -49.92 -40.67
N ARG SA 347 -54.16 -49.58 -41.08
CA ARG SA 347 -53.80 -49.48 -42.50
C ARG SA 347 -52.65 -50.41 -42.80
N LYS SA 348 -52.71 -51.07 -43.96
CA LYS SA 348 -51.61 -51.90 -44.42
C LYS SA 348 -50.34 -51.07 -44.56
N SER SA 349 -49.21 -51.68 -44.28
CA SER SA 349 -47.94 -50.96 -44.29
C SER SA 349 -47.61 -50.48 -45.69
N LEU SA 350 -47.26 -49.20 -45.81
CA LEU SA 350 -46.92 -48.62 -47.09
C LEU SA 350 -45.52 -48.99 -47.55
N LEU SA 351 -44.67 -49.46 -46.64
CA LEU SA 351 -43.28 -49.76 -46.94
C LEU SA 351 -43.13 -51.24 -47.24
N VAL SA 352 -41.89 -51.70 -47.33
CA VAL SA 352 -41.57 -53.11 -47.49
C VAL SA 352 -40.84 -53.57 -46.23
N GLN SA 353 -41.36 -54.62 -45.61
CA GLN SA 353 -40.86 -55.10 -44.33
C GLN SA 353 -39.83 -56.20 -44.58
N THR SA 354 -38.56 -55.88 -44.33
CA THR SA 354 -37.48 -56.84 -44.47
C THR SA 354 -36.53 -56.88 -43.28
N LYS SA 355 -36.64 -55.96 -42.34
CA LYS SA 355 -35.78 -55.98 -41.18
C LYS SA 355 -36.16 -57.13 -40.25
N ARG SA 356 -35.21 -57.52 -39.39
CA ARG SA 356 -35.43 -58.66 -38.51
C ARG SA 356 -36.49 -58.36 -37.47
N ARG SA 357 -36.65 -57.10 -37.08
CA ARG SA 357 -37.75 -56.72 -36.20
C ARG SA 357 -39.08 -57.04 -36.84
N ALA SA 358 -39.23 -56.70 -38.12
CA ALA SA 358 -40.41 -57.10 -38.86
C ALA SA 358 -40.28 -58.57 -39.25
N LEU SA 359 -41.37 -59.10 -39.82
CA LEU SA 359 -41.48 -60.49 -40.30
C LEU SA 359 -40.99 -61.49 -39.25
N GLU SA 360 -41.09 -61.12 -37.98
CA GLU SA 360 -40.63 -61.94 -36.88
C GLU SA 360 -41.82 -62.65 -36.24
N LYS SA 361 -41.73 -63.98 -36.13
CA LYS SA 361 -42.83 -64.75 -35.56
C LYS SA 361 -43.07 -64.37 -34.11
N ILE SA 362 -44.33 -64.17 -33.76
CA ILE SA 362 -44.72 -63.78 -32.41
C ILE SA 362 -45.63 -64.85 -31.85
N ASP SA 363 -45.22 -65.45 -30.73
CA ASP SA 363 -46.00 -66.45 -30.04
C ASP SA 363 -46.12 -66.07 -28.58
N LEU SA 364 -47.34 -66.08 -28.06
CA LEU SA 364 -47.62 -65.57 -26.73
C LEU SA 364 -47.63 -66.71 -25.72
N LYS SA 365 -46.88 -66.54 -24.63
CA LYS SA 365 -46.89 -67.54 -23.57
C LYS SA 365 -47.95 -67.27 -22.53
N PHE SA 366 -48.27 -66.00 -22.27
CA PHE SA 366 -49.23 -65.66 -21.24
C PHE SA 366 -49.79 -64.27 -21.51
N ILE SA 367 -51.07 -64.09 -21.24
CA ILE SA 367 -51.75 -62.81 -21.39
C ILE SA 367 -52.34 -62.40 -20.05
N ASP SA 368 -51.99 -61.22 -19.60
CA ASP SA 368 -52.48 -60.74 -18.32
C ASP SA 368 -53.94 -60.32 -18.43
N THR SA 369 -54.78 -60.84 -17.52
CA THR SA 369 -56.19 -60.50 -17.48
C THR SA 369 -56.63 -60.05 -16.10
N THR SA 370 -55.71 -59.48 -15.31
CA THR SA 370 -56.05 -59.08 -13.96
C THR SA 370 -56.92 -57.83 -13.97
N SER SA 371 -57.36 -57.44 -12.78
CA SER SA 371 -58.26 -56.30 -12.63
C SER SA 371 -57.50 -55.01 -12.90
N LYS SA 372 -57.81 -54.34 -14.01
CA LYS SA 372 -57.21 -53.06 -14.31
C LYS SA 372 -57.83 -51.92 -13.52
N PHE SA 373 -58.95 -52.17 -12.84
CA PHE SA 373 -59.64 -51.16 -12.07
C PHE SA 373 -59.00 -51.02 -10.70
N GLY SA 374 -57.70 -50.78 -10.66
CA GLY SA 374 -56.98 -50.71 -9.40
C GLY SA 374 -55.65 -51.43 -9.49
N HIS SA 375 -55.44 -52.40 -8.60
CA HIS SA 375 -54.21 -53.21 -8.59
C HIS SA 375 -54.65 -54.67 -8.49
N GLY SA 376 -54.93 -55.28 -9.63
CA GLY SA 376 -55.41 -56.65 -9.62
C GLY SA 376 -54.31 -57.63 -9.24
N ARG SA 377 -54.74 -58.77 -8.72
CA ARG SA 377 -53.81 -59.84 -8.35
C ARG SA 377 -54.34 -61.21 -8.72
N PHE SA 378 -55.48 -61.30 -9.42
CA PHE SA 378 -56.05 -62.56 -9.84
C PHE SA 378 -56.39 -62.47 -11.32
N GLN SA 379 -56.33 -63.62 -11.99
CA GLN SA 379 -56.64 -63.64 -13.42
C GLN SA 379 -58.09 -63.98 -13.69
N THR SA 380 -58.64 -64.98 -13.00
CA THR SA 380 -59.97 -65.48 -13.29
C THR SA 380 -60.81 -65.53 -12.02
N MET SA 381 -62.13 -65.56 -12.22
CA MET SA 381 -63.07 -65.69 -11.12
C MET SA 381 -62.81 -66.97 -10.34
N GLU SA 382 -62.59 -68.08 -11.06
CA GLU SA 382 -62.36 -69.35 -10.39
C GLU SA 382 -61.07 -69.32 -9.57
N GLU SA 383 -60.02 -68.71 -10.12
CA GLU SA 383 -58.77 -68.60 -9.36
C GLU SA 383 -58.96 -67.79 -8.09
N LYS SA 384 -59.65 -66.64 -8.20
CA LYS SA 384 -59.87 -65.82 -7.02
C LYS SA 384 -60.73 -66.54 -5.98
N LYS SA 385 -61.78 -67.22 -6.43
CA LYS SA 385 -62.64 -67.96 -5.50
C LYS SA 385 -61.89 -69.08 -4.83
N ALA SA 386 -61.07 -69.81 -5.59
CA ALA SA 386 -60.30 -70.91 -5.03
C ALA SA 386 -59.30 -70.40 -4.01
N PHE SA 387 -58.68 -69.26 -4.27
CA PHE SA 387 -57.69 -68.75 -3.34
C PHE SA 387 -58.34 -68.21 -2.07
N MET SA 388 -59.46 -67.49 -2.21
CA MET SA 388 -60.04 -66.82 -1.06
C MET SA 388 -61.06 -67.66 -0.30
N GLY SA 389 -61.44 -68.82 -0.84
CA GLY SA 389 -62.42 -69.66 -0.19
C GLY SA 389 -63.81 -69.04 -0.20
N PRO SA 390 -64.71 -69.59 0.61
CA PRO SA 390 -66.05 -69.00 0.71
C PRO SA 390 -66.01 -67.67 1.44
N LEU SA 391 -67.02 -66.84 1.17
CA LEU SA 391 -67.13 -65.52 1.77
C LEU SA 391 -68.48 -65.38 2.44
N LYS SA 392 -68.65 -64.28 3.17
CA LYS SA 392 -69.89 -64.05 3.90
C LYS SA 392 -71.07 -63.88 2.95
N LYS SA 393 -70.88 -63.19 1.82
CA LYS SA 393 -71.98 -62.96 0.90
C LYS SA 393 -72.48 -64.29 0.30
N ASP SA 394 -71.55 -65.16 -0.11
CA ASP SA 394 -71.97 -66.46 -0.63
C ASP SA 394 -72.54 -67.34 0.47
N ARG SA 395 -72.01 -67.24 1.68
CA ARG SA 395 -72.55 -68.02 2.79
C ARG SA 395 -74.00 -67.65 3.06
N ILE SA 396 -74.30 -66.36 3.14
CA ILE SA 396 -75.68 -65.96 3.36
C ILE SA 396 -76.53 -66.22 2.11
N ALA SA 397 -75.96 -66.16 0.92
CA ALA SA 397 -76.71 -66.48 -0.29
C ALA SA 397 -77.18 -67.93 -0.26
N LYS SA 398 -76.29 -68.85 0.06
CA LYS SA 398 -76.68 -70.24 0.24
C LYS SA 398 -77.57 -70.45 1.45
N GLU SA 399 -77.42 -69.63 2.51
CA GLU SA 399 -78.30 -69.70 3.66
C GLU SA 399 -79.75 -69.38 3.30
N GLU SA 400 -79.96 -68.37 2.47
CA GLU SA 400 -81.31 -68.04 1.99
C GLU SA 400 -81.79 -69.00 0.90
N GLY SA 401 -80.90 -69.47 0.03
CA GLY SA 401 -81.31 -70.31 -1.08
C GLY SA 401 -81.44 -71.80 -0.79
N ALA SA 402 -80.97 -72.26 0.38
CA ALA SA 402 -81.03 -73.66 0.78
C ALA SA 402 -80.39 -74.59 -0.25
N MET TA 1 -68.13 84.00 -62.35
CA MET TA 1 -69.19 83.68 -61.40
C MET TA 1 -68.78 84.02 -59.98
N ALA TA 2 -67.49 83.78 -59.66
CA ALA TA 2 -66.98 84.16 -58.35
C ALA TA 2 -66.89 85.68 -58.21
N CYS TA 3 -66.52 86.36 -59.29
CA CYS TA 3 -66.36 87.81 -59.25
C CYS TA 3 -67.69 88.55 -59.16
N ALA TA 4 -68.80 87.87 -59.46
CA ALA TA 4 -70.13 88.48 -59.46
C ALA TA 4 -70.93 87.96 -58.29
N ARG TA 5 -71.60 88.86 -57.58
CA ARG TA 5 -72.45 88.49 -56.45
C ARG TA 5 -73.87 88.97 -56.72
N PRO TA 6 -74.83 88.07 -56.92
CA PRO TA 6 -76.19 88.50 -57.26
C PRO TA 6 -76.94 89.06 -56.07
N LEU TA 7 -78.24 89.28 -56.26
CA LEU TA 7 -79.13 89.74 -55.20
C LEU TA 7 -80.11 88.63 -54.86
N ILE TA 8 -80.36 88.44 -53.57
CA ILE TA 8 -81.27 87.42 -53.07
C ILE TA 8 -82.47 88.13 -52.46
N SER TA 9 -83.67 87.74 -52.89
CA SER TA 9 -84.88 88.35 -52.36
C SER TA 9 -85.25 87.70 -51.04
N VAL TA 10 -85.44 88.53 -50.01
CA VAL TA 10 -85.93 88.06 -48.73
C VAL TA 10 -87.43 87.80 -48.85
N TYR TA 11 -87.85 86.61 -48.45
CA TYR TA 11 -89.23 86.20 -48.58
C TYR TA 11 -89.99 86.50 -47.31
N SER TA 12 -91.22 87.01 -47.45
CA SER TA 12 -92.07 87.22 -46.31
C SER TA 12 -92.46 85.88 -45.69
N GLU TA 13 -92.96 85.95 -44.45
CA GLU TA 13 -93.31 84.73 -43.74
C GLU TA 13 -94.44 83.96 -44.41
N LYS TA 14 -95.21 84.62 -45.28
CA LYS TA 14 -96.23 83.92 -46.05
C LYS TA 14 -95.66 83.11 -47.20
N GLY TA 15 -94.37 83.27 -47.51
CA GLY TA 15 -93.74 82.50 -48.56
C GLY TA 15 -93.32 83.34 -49.74
N GLU TA 16 -94.16 84.31 -50.12
CA GLU TA 16 -93.86 85.14 -51.27
C GLU TA 16 -92.73 86.12 -50.95
N SER TA 17 -92.14 86.67 -52.01
CA SER TA 17 -91.07 87.63 -51.84
C SER TA 17 -91.58 88.93 -51.24
N SER TA 18 -90.81 89.50 -50.34
CA SER TA 18 -91.15 90.75 -49.68
C SER TA 18 -90.70 91.97 -50.47
N GLY TA 19 -89.99 91.78 -51.58
CA GLY TA 19 -89.49 92.88 -52.36
C GLY TA 19 -88.17 93.45 -51.89
N LYS TA 20 -87.64 92.97 -50.77
CA LYS TA 20 -86.34 93.38 -50.27
C LYS TA 20 -85.28 92.45 -50.83
N ASN TA 21 -84.13 93.00 -51.18
CA ASN TA 21 -83.03 92.22 -51.75
C ASN TA 21 -81.76 92.51 -50.98
N VAL TA 22 -80.99 91.47 -50.72
CA VAL TA 22 -79.69 91.57 -50.07
C VAL TA 22 -78.64 91.02 -51.02
N THR TA 23 -77.52 91.73 -51.13
CA THR TA 23 -76.43 91.24 -51.97
C THR TA 23 -75.85 89.96 -51.40
N LEU TA 24 -75.38 89.09 -52.29
CA LEU TA 24 -74.85 87.81 -51.86
C LEU TA 24 -73.57 88.01 -51.07
N PRO TA 25 -73.46 87.46 -49.87
CA PRO TA 25 -72.19 87.48 -49.16
C PRO TA 25 -71.12 86.73 -49.94
N ALA TA 26 -69.90 87.25 -49.88
CA ALA TA 26 -68.80 86.65 -50.62
C ALA TA 26 -68.42 85.27 -50.11
N VAL TA 27 -68.89 84.89 -48.92
CA VAL TA 27 -68.57 83.56 -48.38
C VAL TA 27 -69.21 82.48 -49.25
N PHE TA 28 -70.32 82.77 -49.90
CA PHE TA 28 -70.98 81.77 -50.73
C PHE TA 28 -70.23 81.48 -52.01
N LYS TA 29 -69.25 82.32 -52.37
CA LYS TA 29 -68.38 82.05 -53.50
C LYS TA 29 -67.02 81.52 -53.07
N ALA TA 30 -66.86 81.17 -51.81
CA ALA TA 30 -65.61 80.61 -51.32
C ALA TA 30 -65.37 79.25 -51.96
N PRO TA 31 -64.10 78.81 -52.03
CA PRO TA 31 -63.82 77.50 -52.64
C PRO TA 31 -64.41 76.36 -51.83
N ILE TA 32 -65.37 75.67 -52.44
CA ILE TA 32 -65.87 74.42 -51.87
C ILE TA 32 -64.75 73.39 -51.90
N ARG TA 33 -64.49 72.73 -50.77
CA ARG TA 33 -63.37 71.81 -50.67
C ARG TA 33 -63.75 70.66 -49.74
N PRO TA 34 -64.39 69.63 -50.29
CA PRO TA 34 -64.92 68.56 -49.45
C PRO TA 34 -63.85 67.76 -48.72
N ASP TA 35 -62.62 67.71 -49.24
CA ASP TA 35 -61.59 66.97 -48.52
C ASP TA 35 -61.25 67.64 -47.20
N ILE TA 36 -61.09 68.97 -47.20
CA ILE TA 36 -60.86 69.67 -45.94
C ILE TA 36 -62.12 69.61 -45.08
N VAL TA 37 -63.29 69.69 -45.69
CA VAL TA 37 -64.52 69.59 -44.91
C VAL TA 37 -64.57 68.26 -44.16
N ASN TA 38 -64.27 67.17 -44.86
CA ASN TA 38 -64.31 65.85 -44.25
C ASN TA 38 -63.22 65.70 -43.20
N PHE TA 39 -62.03 66.23 -43.48
CA PHE TA 39 -60.93 66.13 -42.52
C PHE TA 39 -61.28 66.85 -41.22
N VAL TA 40 -61.82 68.08 -41.34
CA VAL TA 40 -62.17 68.85 -40.16
C VAL TA 40 -63.32 68.18 -39.41
N HIS TA 41 -64.32 67.69 -40.14
CA HIS TA 41 -65.44 67.02 -39.48
C HIS TA 41 -64.97 65.77 -38.74
N THR TA 42 -64.08 64.99 -39.36
CA THR TA 42 -63.56 63.79 -38.73
C THR TA 42 -62.77 64.13 -37.47
N ASN TA 43 -61.87 65.10 -37.55
CA ASN TA 43 -61.04 65.43 -36.42
C ASN TA 43 -61.75 66.29 -35.39
N LEU TA 44 -62.96 66.76 -35.66
CA LEU TA 44 -63.73 67.48 -34.68
C LEU TA 44 -64.83 66.64 -34.04
N ARG TA 45 -65.26 65.56 -34.66
CA ARG TA 45 -66.20 64.67 -34.00
C ARG TA 45 -65.57 63.94 -32.82
N LYS TA 46 -64.24 63.82 -32.80
CA LYS TA 46 -63.58 63.10 -31.71
C LYS TA 46 -63.57 63.91 -30.42
N ASN TA 47 -63.62 65.24 -30.52
CA ASN TA 47 -63.47 66.07 -29.33
C ASN TA 47 -64.64 65.93 -28.36
N ASN TA 48 -65.80 65.51 -28.83
CA ASN TA 48 -66.95 65.33 -27.95
C ASN TA 48 -67.02 63.93 -27.36
N ARG TA 49 -66.03 63.08 -27.64
CA ARG TA 49 -66.07 61.72 -27.15
C ARG TA 49 -65.83 61.65 -25.65
N GLN TA 50 -66.50 60.72 -25.01
CA GLN TA 50 -66.33 60.46 -23.58
C GLN TA 50 -65.52 59.19 -23.39
N PRO TA 51 -64.46 59.23 -22.59
CA PRO TA 51 -63.53 58.10 -22.55
C PRO TA 51 -64.15 56.84 -21.98
N TYR TA 52 -63.67 55.70 -22.48
CA TYR TA 52 -64.02 54.39 -21.97
C TYR TA 52 -62.76 53.57 -21.79
N ALA TA 53 -62.76 52.70 -20.78
CA ALA TA 53 -61.62 51.84 -20.52
C ALA TA 53 -62.07 50.67 -19.68
N VAL TA 54 -61.22 49.65 -19.61
CA VAL TA 54 -61.48 48.48 -18.78
C VAL TA 54 -60.72 48.65 -17.48
N SER TA 55 -61.22 48.00 -16.43
CA SER TA 55 -60.63 48.13 -15.11
C SER TA 55 -59.21 47.60 -15.08
N GLU TA 56 -58.30 48.37 -14.48
CA GLU TA 56 -56.89 47.99 -14.47
C GLU TA 56 -56.64 46.76 -13.61
N LEU TA 57 -57.54 46.43 -12.70
CA LEU TA 57 -57.41 45.25 -11.87
C LEU TA 57 -58.23 44.08 -12.39
N ALA TA 58 -58.88 44.23 -13.54
CA ALA TA 58 -59.70 43.17 -14.08
C ALA TA 58 -58.83 42.01 -14.52
N GLY TA 59 -59.21 40.80 -14.10
CA GLY TA 59 -58.47 39.61 -14.47
C GLY TA 59 -57.12 39.46 -13.82
N HIS TA 60 -56.75 40.33 -12.90
CA HIS TA 60 -55.46 40.28 -12.22
C HIS TA 60 -55.65 40.37 -10.71
N GLN TA 61 -56.57 39.57 -10.19
CA GLN TA 61 -56.83 39.47 -8.76
C GLN TA 61 -56.97 38.00 -8.37
N THR TA 62 -56.04 37.18 -8.86
CA THR TA 62 -56.11 35.73 -8.74
C THR TA 62 -54.99 35.13 -7.91
N SER TA 63 -53.79 35.72 -7.93
CA SER TA 63 -52.62 35.17 -7.24
C SER TA 63 -52.29 33.76 -7.71
N ALA TA 64 -52.54 33.49 -8.99
CA ALA TA 64 -52.22 32.21 -9.58
C ALA TA 64 -50.77 32.20 -10.06
N GLU TA 65 -50.24 31.01 -10.31
CA GLU TA 65 -48.90 30.88 -10.85
C GLU TA 65 -48.80 29.57 -11.61
N SER TA 66 -47.76 29.47 -12.44
CA SER TA 66 -47.57 28.29 -13.25
C SER TA 66 -47.26 27.08 -12.38
N TRP TA 67 -47.86 25.94 -12.73
CA TRP TA 67 -47.57 24.71 -12.01
C TRP TA 67 -46.12 24.29 -12.19
N GLY TA 68 -45.59 24.44 -13.41
CA GLY TA 68 -44.24 24.00 -13.70
C GLY TA 68 -44.15 23.48 -15.12
N THR TA 69 -43.45 22.36 -15.30
CA THR TA 69 -43.33 21.76 -16.63
C THR TA 69 -43.49 20.25 -16.65
N GLY TA 70 -43.41 19.56 -15.51
CA GLY TA 70 -43.46 18.12 -15.52
C GLY TA 70 -44.77 17.54 -15.05
N ARG TA 71 -45.84 18.34 -15.15
CA ARG TA 71 -47.16 17.92 -14.67
C ARG TA 71 -48.14 17.68 -15.81
N ALA TA 72 -47.64 17.49 -17.03
CA ALA TA 72 -48.43 17.08 -18.20
C ALA TA 72 -49.51 18.08 -18.57
N VAL TA 73 -49.40 19.32 -18.12
CA VAL TA 73 -50.34 20.38 -18.46
C VAL TA 73 -49.54 21.58 -18.97
N ALA TA 74 -50.27 22.56 -19.49
CA ALA TA 74 -49.64 23.73 -20.07
C ALA TA 74 -48.94 24.56 -19.00
N ARG TA 75 -48.06 25.44 -19.44
CA ARG TA 75 -47.29 26.30 -18.55
C ARG TA 75 -48.03 27.56 -18.16
N ILE TA 76 -49.27 27.72 -18.61
CA ILE TA 76 -50.08 28.88 -18.20
C ILE TA 76 -50.30 28.82 -16.70
N PRO TA 77 -50.35 29.96 -16.00
CA PRO TA 77 -50.58 29.92 -14.55
C PRO TA 77 -51.91 29.27 -14.20
N ARG TA 78 -51.90 28.49 -13.12
CA ARG TA 78 -53.08 27.82 -12.61
C ARG TA 78 -53.46 28.42 -11.27
N VAL TA 79 -54.76 28.53 -11.02
CA VAL TA 79 -55.23 29.08 -9.75
C VAL TA 79 -54.85 28.15 -8.62
N ARG TA 80 -54.31 28.72 -7.55
CA ARG TA 80 -53.89 27.93 -6.41
C ARG TA 80 -55.09 27.45 -5.62
N GLY TA 81 -54.85 26.53 -4.69
CA GLY TA 81 -55.90 26.02 -3.85
C GLY TA 81 -56.71 24.94 -4.53
N GLY TA 82 -57.75 24.49 -3.83
CA GLY TA 82 -58.60 23.44 -4.31
C GLY TA 82 -59.98 23.53 -3.71
N GLY TA 83 -60.85 22.62 -4.12
CA GLY TA 83 -62.20 22.56 -3.61
C GLY TA 83 -63.22 23.38 -4.35
N THR TA 84 -62.89 23.86 -5.55
CA THR TA 84 -63.81 24.66 -6.33
C THR TA 84 -63.49 24.49 -7.81
N HIS TA 85 -64.43 24.90 -8.66
CA HIS TA 85 -64.23 24.80 -10.10
C HIS TA 85 -63.10 25.69 -10.57
N ARG TA 86 -62.89 26.82 -9.89
CA ARG TA 86 -61.87 27.77 -10.32
C ARG TA 86 -60.46 27.21 -10.15
N SER TA 87 -60.26 26.27 -9.24
CA SER TA 87 -58.92 25.73 -8.99
C SER TA 87 -58.42 24.94 -10.19
N GLY TA 88 -57.14 25.12 -10.49
CA GLY TA 88 -56.52 24.44 -11.61
C GLY TA 88 -56.77 25.07 -12.96
N GLN TA 89 -57.47 26.19 -13.02
CA GLN TA 89 -57.82 26.84 -14.27
C GLN TA 89 -56.81 27.92 -14.63
N GLY TA 90 -56.79 28.28 -15.91
CA GLY TA 90 -55.89 29.31 -16.37
C GLY TA 90 -56.28 30.68 -15.89
N ALA TA 91 -55.30 31.59 -15.91
CA ALA TA 91 -55.51 32.95 -15.47
C ALA TA 91 -54.42 33.83 -16.05
N PHE TA 92 -54.62 35.15 -15.92
CA PHE TA 92 -53.65 36.20 -16.24
C PHE TA 92 -53.31 36.28 -17.72
N GLY TA 93 -53.95 35.52 -18.58
CA GLY TA 93 -53.65 35.51 -20.00
C GLY TA 93 -54.81 36.07 -20.80
N ASN TA 94 -54.49 36.65 -21.95
CA ASN TA 94 -55.54 37.10 -22.86
C ASN TA 94 -56.29 35.93 -23.47
N MET TA 95 -55.68 34.76 -23.49
CA MET TA 95 -56.30 33.57 -24.05
C MET TA 95 -57.11 32.77 -23.04
N CYS TA 96 -57.05 33.13 -21.76
CA CYS TA 96 -57.72 32.37 -20.71
C CYS TA 96 -59.06 32.99 -20.39
N ARG TA 97 -60.02 32.13 -20.03
CA ARG TA 97 -61.33 32.62 -19.62
C ARG TA 97 -61.21 33.27 -18.25
N GLY TA 98 -61.50 34.56 -18.18
CA GLY TA 98 -61.35 35.33 -16.98
C GLY TA 98 -60.08 36.13 -16.89
N GLY TA 99 -59.08 35.80 -17.69
CA GLY TA 99 -57.87 36.61 -17.73
C GLY TA 99 -58.12 37.95 -18.40
N ARG TA 100 -57.23 38.90 -18.13
CA ARG TA 100 -57.42 40.23 -18.66
C ARG TA 100 -57.17 40.25 -20.16
N MET TA 101 -57.80 41.20 -20.83
CA MET TA 101 -57.63 41.33 -22.28
C MET TA 101 -56.21 41.74 -22.61
N PHE TA 102 -55.78 41.36 -23.81
CA PHE TA 102 -54.48 41.79 -24.31
C PHE TA 102 -54.46 43.30 -24.42
N ALA TA 103 -53.44 43.93 -23.82
CA ALA TA 103 -53.25 45.37 -23.85
C ALA TA 103 -54.52 46.09 -23.42
N PRO TA 104 -54.84 46.08 -22.13
CA PRO TA 104 -56.12 46.65 -21.69
C PRO TA 104 -56.23 48.12 -22.06
N THR TA 105 -57.43 48.52 -22.45
CA THR TA 105 -57.65 49.90 -22.86
C THR TA 105 -57.49 50.82 -21.66
N LYS TA 106 -56.71 51.89 -21.84
CA LYS TA 106 -56.44 52.83 -20.77
C LYS TA 106 -56.99 54.19 -21.16
N THR TA 107 -57.31 54.99 -20.14
CA THR TA 107 -58.07 56.21 -20.36
C THR TA 107 -57.32 57.22 -21.23
N TRP TA 108 -55.98 57.23 -21.17
CA TRP TA 108 -55.20 58.19 -21.93
C TRP TA 108 -54.96 57.69 -23.35
N ARG TA 109 -56.06 57.58 -24.09
CA ARG TA 109 -56.03 57.10 -25.46
C ARG TA 109 -55.86 58.23 -26.46
N ARG TA 110 -55.72 59.47 -25.99
CA ARG TA 110 -55.71 60.67 -26.84
C ARG TA 110 -57.00 60.75 -27.67
N TRP TA 111 -58.11 60.91 -26.94
CA TRP TA 111 -59.41 60.95 -27.58
C TRP TA 111 -59.62 62.21 -28.41
N HIS TA 112 -58.83 63.25 -28.21
CA HIS TA 112 -59.10 64.55 -28.79
C HIS TA 112 -58.04 64.92 -29.81
N ARG TA 113 -58.48 65.56 -30.89
CA ARG TA 113 -57.60 66.08 -31.92
C ARG TA 113 -57.82 67.59 -32.04
N ARG TA 114 -56.74 68.35 -32.00
CA ARG TA 114 -56.83 69.79 -32.20
C ARG TA 114 -56.63 70.11 -33.67
N VAL TA 115 -57.46 71.00 -34.19
CA VAL TA 115 -57.46 71.36 -35.60
C VAL TA 115 -57.16 72.85 -35.71
N ASN TA 116 -56.38 73.22 -36.73
CA ASN TA 116 -56.00 74.60 -36.91
C ASN TA 116 -57.23 75.49 -37.09
N THR TA 117 -57.18 76.67 -36.49
CA THR TA 117 -58.31 77.58 -36.53
C THR TA 117 -58.63 78.00 -37.96
N THR TA 118 -57.59 78.29 -38.74
CA THR TA 118 -57.82 78.66 -40.13
C THR TA 118 -58.38 77.49 -40.91
N GLN TA 119 -57.98 76.27 -40.58
CA GLN TA 119 -58.56 75.09 -41.21
C GLN TA 119 -60.06 74.99 -40.90
N LYS TA 120 -60.42 75.21 -39.63
CA LYS TA 120 -61.83 75.15 -39.27
C LYS TA 120 -62.63 76.23 -39.97
N ARG TA 121 -62.06 77.43 -40.07
CA ARG TA 121 -62.73 78.50 -40.79
C ARG TA 121 -62.87 78.17 -42.27
N TYR TA 122 -61.86 77.53 -42.85
CA TYR TA 122 -61.95 77.07 -44.24
C TYR TA 122 -63.09 76.08 -44.41
N ALA TA 123 -63.23 75.15 -43.46
CA ALA TA 123 -64.32 74.18 -43.52
C ALA TA 123 -65.66 74.87 -43.45
N ILE TA 124 -65.81 75.85 -42.57
CA ILE TA 124 -67.07 76.60 -42.49
C ILE TA 124 -67.35 77.32 -43.79
N CYS TA 125 -66.33 77.97 -44.36
CA CYS TA 125 -66.53 78.70 -45.61
C CYS TA 125 -66.94 77.75 -46.73
N SER TA 126 -66.29 76.59 -46.82
CA SER TA 126 -66.65 75.63 -47.86
C SER TA 126 -68.07 75.11 -47.68
N ALA TA 127 -68.45 74.80 -46.44
CA ALA TA 127 -69.83 74.33 -46.20
C ALA TA 127 -70.84 75.40 -46.56
N LEU TA 128 -70.56 76.66 -46.20
CA LEU TA 128 -71.47 77.75 -46.51
C LEU TA 128 -71.60 77.94 -48.02
N ALA TA 129 -70.47 77.85 -48.74
CA ALA TA 129 -70.51 77.99 -50.18
C ALA TA 129 -71.25 76.83 -50.84
N ALA TA 130 -71.12 75.63 -50.28
CA ALA TA 130 -71.81 74.48 -50.84
C ALA TA 130 -73.30 74.55 -50.59
N SER TA 131 -73.72 75.15 -49.46
CA SER TA 131 -75.14 75.24 -49.15
C SER TA 131 -75.91 76.05 -50.17
N ALA TA 132 -75.23 76.91 -50.94
CA ALA TA 132 -75.90 77.74 -51.92
C ALA TA 132 -76.11 77.05 -53.26
N LEU TA 133 -75.53 75.89 -53.47
CA LEU TA 133 -75.66 75.31 -54.80
C LEU TA 133 -76.74 74.24 -54.80
N PRO TA 134 -77.61 74.22 -55.82
CA PRO TA 134 -78.70 73.24 -55.82
C PRO TA 134 -78.25 71.80 -55.88
N ALA TA 135 -77.31 71.47 -56.77
CA ALA TA 135 -76.92 70.09 -56.95
C ALA TA 135 -76.29 69.52 -55.69
N LEU TA 136 -75.47 70.31 -54.99
CA LEU TA 136 -74.83 69.82 -53.78
C LEU TA 136 -75.84 69.54 -52.68
N VAL TA 137 -76.81 70.44 -52.49
CA VAL TA 137 -77.81 70.23 -51.45
C VAL TA 137 -78.76 69.10 -51.85
N MET TA 138 -79.15 69.06 -53.12
CA MET TA 138 -80.01 67.98 -53.59
C MET TA 138 -79.31 66.62 -53.48
N SER TA 139 -77.98 66.62 -53.53
CA SER TA 139 -77.23 65.40 -53.31
C SER TA 139 -77.34 64.87 -51.89
N LYS TA 140 -77.85 65.68 -50.97
CA LYS TA 140 -78.19 65.21 -49.64
C LYS TA 140 -79.65 64.79 -49.52
N GLY TA 141 -80.41 64.91 -50.60
CA GLY TA 141 -81.81 64.52 -50.60
C GLY TA 141 -82.68 65.35 -49.67
N HIS TA 142 -82.51 66.67 -49.72
CA HIS TA 142 -83.21 67.55 -48.80
C HIS TA 142 -84.63 67.90 -49.26
N ARG TA 143 -85.08 67.35 -50.39
CA ARG TA 143 -86.41 67.62 -50.94
C ARG TA 143 -86.64 69.12 -51.13
N ILE TA 144 -85.66 69.75 -51.77
CA ILE TA 144 -85.74 71.18 -52.09
C ILE TA 144 -86.21 71.29 -53.54
N GLU TA 145 -87.53 71.27 -53.71
CA GLU TA 145 -88.11 71.32 -55.05
C GLU TA 145 -88.92 72.58 -55.28
N GLU TA 146 -89.85 72.90 -54.38
CA GLU TA 146 -90.65 74.11 -54.50
C GLU TA 146 -90.09 75.26 -53.69
N VAL TA 147 -88.85 75.15 -53.20
CA VAL TA 147 -88.22 76.25 -52.49
C VAL TA 147 -87.93 77.34 -53.50
N PRO TA 148 -88.45 78.55 -53.31
CA PRO TA 148 -88.24 79.61 -54.32
C PRO TA 148 -86.79 80.01 -54.51
N GLU TA 149 -85.97 79.94 -53.46
CA GLU TA 149 -84.57 80.33 -53.56
C GLU TA 149 -83.77 79.58 -52.50
N LEU TA 150 -82.72 78.89 -52.92
CA LEU TA 150 -82.00 78.01 -52.02
C LEU TA 150 -81.13 78.76 -51.00
N PRO TA 151 -80.48 79.87 -51.34
CA PRO TA 151 -80.00 80.76 -50.28
C PRO TA 151 -81.18 81.47 -49.64
N LEU TA 152 -82.00 80.70 -48.92
CA LEU TA 152 -83.31 81.16 -48.47
C LEU TA 152 -83.14 82.11 -47.30
N VAL TA 153 -83.71 83.30 -47.43
CA VAL TA 153 -83.62 84.34 -46.39
C VAL TA 153 -85.03 84.77 -46.04
N VAL TA 154 -85.39 84.63 -44.77
CA VAL TA 154 -86.69 85.03 -44.29
C VAL TA 154 -86.57 86.35 -43.56
N GLU TA 155 -87.71 87.01 -43.36
CA GLU TA 155 -87.75 88.27 -42.68
C GLU TA 155 -87.44 88.10 -41.19
N ASP TA 156 -87.06 89.20 -40.55
CA ASP TA 156 -86.63 89.17 -39.16
C ASP TA 156 -87.78 88.91 -38.19
N LYS TA 157 -89.03 88.92 -38.66
CA LYS TA 157 -90.16 88.59 -37.81
C LYS TA 157 -90.03 87.19 -37.21
N VAL TA 158 -89.34 86.29 -37.92
CA VAL TA 158 -89.22 84.90 -37.47
C VAL TA 158 -88.56 84.82 -36.11
N GLU TA 159 -87.58 85.69 -35.85
CA GLU TA 159 -86.82 85.62 -34.60
C GLU TA 159 -87.71 85.86 -33.38
N GLY TA 160 -88.81 86.57 -33.56
CA GLY TA 160 -89.72 86.88 -32.48
C GLY TA 160 -90.81 85.85 -32.26
N TYR TA 161 -90.73 84.70 -32.90
CA TYR TA 161 -91.76 83.68 -32.76
C TYR TA 161 -91.78 83.10 -31.36
N LYS TA 162 -92.95 82.61 -30.95
CA LYS TA 162 -93.13 82.02 -29.63
C LYS TA 162 -93.88 80.70 -29.64
N LYS TA 163 -94.47 80.29 -30.76
CA LYS TA 163 -95.27 79.08 -30.80
C LYS TA 163 -94.80 78.16 -31.91
N THR TA 164 -95.10 76.87 -31.75
CA THR TA 164 -94.69 75.87 -32.71
C THR TA 164 -95.55 75.91 -33.96
N LYS TA 165 -96.85 76.19 -33.80
CA LYS TA 165 -97.78 76.09 -34.92
C LYS TA 165 -97.47 77.12 -35.99
N GLU TA 166 -97.09 78.33 -35.59
CA GLU TA 166 -96.71 79.34 -36.57
C GLU TA 166 -95.44 78.96 -37.31
N ALA TA 167 -94.49 78.34 -36.62
CA ALA TA 167 -93.28 77.85 -37.31
C ALA TA 167 -93.63 76.76 -38.32
N VAL TA 168 -94.53 75.85 -37.95
CA VAL TA 168 -94.95 74.80 -38.88
C VAL TA 168 -95.65 75.40 -40.09
N LEU TA 169 -96.52 76.39 -39.86
CA LEU TA 169 -97.18 77.07 -40.96
C LEU TA 169 -96.17 77.77 -41.87
N LEU TA 170 -95.15 78.40 -41.27
CA LEU TA 170 -94.11 79.03 -42.06
C LEU TA 170 -93.36 78.02 -42.91
N LEU TA 171 -93.05 76.86 -42.34
CA LEU TA 171 -92.36 75.83 -43.12
C LEU TA 171 -93.23 75.33 -44.27
N LYS TA 172 -94.53 75.16 -44.01
CA LYS TA 172 -95.43 74.75 -45.08
C LYS TA 172 -95.49 75.80 -46.17
N LYS TA 173 -95.52 77.08 -45.79
CA LYS TA 173 -95.60 78.14 -46.79
C LYS TA 173 -94.30 78.32 -47.56
N LEU TA 174 -93.16 77.99 -46.95
CA LEU TA 174 -91.90 77.93 -47.67
C LEU TA 174 -91.70 76.61 -48.40
N LYS TA 175 -92.65 75.67 -48.25
CA LYS TA 175 -92.66 74.40 -48.98
C LYS TA 175 -91.50 73.50 -48.60
N ALA TA 176 -90.85 73.78 -47.47
CA ALA TA 176 -89.80 72.91 -46.95
C ALA TA 176 -90.36 71.78 -46.11
N TRP TA 177 -91.68 71.71 -45.94
CA TRP TA 177 -92.30 70.73 -45.07
C TRP TA 177 -92.11 69.31 -45.60
N ASN TA 178 -91.80 69.16 -46.89
CA ASN TA 178 -91.52 67.84 -47.44
C ASN TA 178 -90.30 67.21 -46.77
N ASP TA 179 -89.30 68.03 -46.48
CA ASP TA 179 -88.11 67.51 -45.81
C ASP TA 179 -88.44 67.03 -44.40
N ILE TA 180 -89.29 67.76 -43.69
CA ILE TA 180 -89.71 67.33 -42.36
C ILE TA 180 -90.50 66.03 -42.45
N LYS TA 181 -91.37 65.91 -43.46
CA LYS TA 181 -92.08 64.65 -43.65
C LYS TA 181 -91.13 63.52 -44.00
N LYS TA 182 -90.05 63.82 -44.72
CA LYS TA 182 -89.03 62.82 -44.98
C LYS TA 182 -88.36 62.36 -43.70
N VAL TA 183 -88.10 63.30 -42.79
CA VAL TA 183 -87.55 62.93 -41.48
C VAL TA 183 -88.53 62.05 -40.72
N TYR TA 184 -89.82 62.40 -40.76
CA TYR TA 184 -90.85 61.58 -40.13
C TYR TA 184 -90.86 60.17 -40.69
N ALA TA 185 -90.75 60.02 -42.00
CA ALA TA 185 -90.66 58.71 -42.62
C ALA TA 185 -89.34 58.02 -42.31
N SER TA 186 -88.30 58.77 -42.00
CA SER TA 186 -86.98 58.20 -41.71
C SER TA 186 -86.78 57.88 -40.24
N GLN TA 187 -87.75 58.19 -39.39
CA GLN TA 187 -87.68 57.80 -37.98
C GLN TA 187 -87.90 56.30 -37.89
N ARG TA 188 -86.89 55.57 -37.43
CA ARG TA 188 -87.03 54.14 -37.19
C ARG TA 188 -86.05 53.71 -36.10
N MET TA 189 -86.13 52.44 -35.73
CA MET TA 189 -85.26 51.91 -34.71
C MET TA 189 -83.84 51.75 -35.24
N ARG TA 190 -82.86 51.99 -34.38
CA ARG TA 190 -81.47 51.79 -34.77
C ARG TA 190 -81.13 50.31 -34.81
N ALA TA 191 -80.30 49.92 -35.77
CA ALA TA 191 -79.80 48.57 -35.83
C ALA TA 191 -78.62 48.42 -34.87
N GLY TA 192 -78.48 47.22 -34.31
CA GLY TA 192 -77.32 46.91 -33.50
C GLY TA 192 -77.53 47.13 -32.02
N LYS TA 193 -76.42 47.18 -31.30
CA LYS TA 193 -76.41 47.28 -29.85
C LYS TA 193 -76.50 48.71 -29.33
N GLY TA 194 -76.56 49.70 -30.22
CA GLY TA 194 -76.74 51.06 -29.76
C GLY TA 194 -78.06 51.29 -29.07
N LYS TA 195 -79.04 50.41 -29.30
CA LYS TA 195 -80.31 50.49 -28.59
C LYS TA 195 -80.11 50.29 -27.10
N MET TA 196 -79.21 49.39 -26.71
CA MET TA 196 -78.93 49.15 -25.31
C MET TA 196 -78.23 50.33 -24.64
N ARG TA 197 -77.74 51.28 -25.42
CA ARG TA 197 -76.93 52.39 -24.90
C ARG TA 197 -77.58 53.73 -25.20
N ASN TA 198 -78.90 53.79 -25.08
CA ASN TA 198 -79.71 55.01 -25.18
C ASN TA 198 -79.69 55.63 -26.57
N ARG TA 199 -79.05 54.99 -27.54
CA ARG TA 199 -79.19 55.39 -28.94
C ARG TA 199 -80.26 54.52 -29.62
N ARG TA 200 -81.46 54.58 -29.04
CA ARG TA 200 -82.55 53.73 -29.49
C ARG TA 200 -83.07 54.14 -30.85
N ARG TA 201 -83.24 55.44 -31.08
CA ARG TA 201 -83.88 55.94 -32.28
C ARG TA 201 -82.88 56.71 -33.13
N ILE TA 202 -83.06 56.64 -34.45
CA ILE TA 202 -82.28 57.42 -35.40
C ILE TA 202 -83.24 58.08 -36.38
N GLN TA 203 -82.77 59.14 -37.01
CA GLN TA 203 -83.60 59.88 -37.95
C GLN TA 203 -82.69 60.66 -38.90
N ARG TA 204 -83.26 61.01 -40.05
CA ARG TA 204 -82.56 61.87 -41.00
C ARG TA 204 -82.44 63.28 -40.44
N ARG TA 205 -81.36 63.97 -40.81
CA ARG TA 205 -81.21 65.37 -40.45
C ARG TA 205 -82.23 66.21 -41.23
N GLY TA 206 -82.55 67.37 -40.68
CA GLY TA 206 -83.46 68.30 -41.32
C GLY TA 206 -82.78 69.60 -41.67
N PRO TA 207 -83.55 70.58 -42.14
CA PRO TA 207 -82.97 71.88 -42.47
C PRO TA 207 -82.47 72.60 -41.23
N CYS TA 208 -81.39 73.37 -41.41
CA CYS TA 208 -80.74 74.07 -40.33
C CYS TA 208 -81.12 75.55 -40.36
N ILE TA 209 -81.66 76.04 -39.25
CA ILE TA 209 -82.07 77.43 -39.14
C ILE TA 209 -80.92 78.22 -38.55
N ILE TA 210 -80.65 79.38 -39.14
CA ILE TA 210 -79.59 80.26 -38.67
C ILE TA 210 -80.18 81.62 -38.36
N TYR TA 211 -79.92 82.11 -37.15
CA TYR TA 211 -80.49 83.35 -36.66
C TYR TA 211 -79.38 84.23 -36.10
N ASN TA 212 -79.66 85.53 -36.04
CA ASN TA 212 -78.74 86.49 -35.47
C ASN TA 212 -79.07 86.80 -34.01
N GLU TA 213 -80.35 86.94 -33.68
CA GLU TA 213 -80.78 87.22 -32.32
C GLU TA 213 -81.87 86.24 -31.91
N ASP TA 214 -81.73 85.66 -30.73
CA ASP TA 214 -82.69 84.68 -30.23
C ASP TA 214 -83.72 85.40 -29.39
N ASN TA 215 -84.89 85.62 -29.99
CA ASN TA 215 -86.04 86.19 -29.28
C ASN TA 215 -87.18 85.18 -29.17
N GLY TA 216 -86.86 83.91 -28.95
CA GLY TA 216 -87.85 82.86 -28.83
C GLY TA 216 -87.93 81.94 -30.03
N ILE TA 217 -87.06 82.10 -31.02
CA ILE TA 217 -87.08 81.22 -32.19
C ILE TA 217 -86.74 79.78 -31.77
N ILE TA 218 -85.81 79.63 -30.83
CA ILE TA 218 -85.45 78.30 -30.35
C ILE TA 218 -86.65 77.63 -29.69
N LYS TA 219 -87.38 78.39 -28.86
CA LYS TA 219 -88.56 77.84 -28.22
C LYS TA 219 -89.64 77.51 -29.24
N ALA TA 220 -89.81 78.36 -30.25
CA ALA TA 220 -90.83 78.11 -31.26
C ALA TA 220 -90.52 76.84 -32.04
N PHE TA 221 -89.27 76.67 -32.45
CA PHE TA 221 -88.79 75.42 -33.01
C PHE TA 221 -88.35 74.51 -31.87
N ARG TA 222 -87.51 73.52 -32.15
CA ARG TA 222 -86.91 72.57 -31.22
C ARG TA 222 -87.87 71.43 -30.88
N ASN TA 223 -89.13 71.50 -31.27
CA ASN TA 223 -90.00 70.33 -31.19
C ASN TA 223 -90.18 69.65 -32.53
N ILE TA 224 -89.76 70.29 -33.62
CA ILE TA 224 -89.82 69.70 -34.94
C ILE TA 224 -88.67 68.72 -35.08
N PRO TA 225 -88.92 67.46 -35.41
CA PRO TA 225 -87.83 66.51 -35.64
C PRO TA 225 -86.95 66.95 -36.80
N GLY TA 226 -85.65 66.75 -36.65
CA GLY TA 226 -84.69 67.12 -37.67
C GLY TA 226 -84.26 68.57 -37.66
N ILE TA 227 -85.08 69.47 -37.13
CA ILE TA 227 -84.75 70.89 -37.15
C ILE TA 227 -83.65 71.17 -36.14
N THR TA 228 -82.57 71.79 -36.61
CA THR TA 228 -81.48 72.23 -35.75
C THR TA 228 -81.30 73.73 -35.92
N LEU TA 229 -81.31 74.46 -34.80
CA LEU TA 229 -81.06 75.88 -34.81
C LEU TA 229 -79.61 76.16 -34.47
N LEU TA 230 -79.10 77.27 -34.98
CA LEU TA 230 -77.69 77.58 -34.78
C LEU TA 230 -77.49 79.07 -34.94
N ASN TA 231 -76.98 79.73 -33.91
CA ASN TA 231 -76.65 81.15 -34.00
C ASN TA 231 -75.57 81.38 -35.05
N VAL TA 232 -75.66 82.51 -35.75
CA VAL TA 232 -74.73 82.77 -36.83
C VAL TA 232 -73.32 82.97 -36.29
N SER TA 233 -73.17 83.60 -35.13
CA SER TA 233 -71.85 83.90 -34.60
C SER TA 233 -71.13 82.67 -34.06
N LYS TA 234 -71.81 81.53 -33.95
CA LYS TA 234 -71.25 80.31 -33.39
C LYS TA 234 -71.51 79.13 -34.32
N LEU TA 235 -71.19 79.31 -35.60
CA LEU TA 235 -71.42 78.26 -36.58
C LEU TA 235 -70.63 77.02 -36.24
N ASN TA 236 -71.25 75.86 -36.45
CA ASN TA 236 -70.66 74.58 -36.13
C ASN TA 236 -70.52 73.74 -37.39
N ILE TA 237 -69.29 73.27 -37.65
CA ILE TA 237 -69.08 72.42 -38.83
C ILE TA 237 -69.80 71.09 -38.67
N LEU TA 238 -69.95 70.60 -37.44
CA LEU TA 238 -70.64 69.34 -37.22
C LEU TA 238 -72.12 69.42 -37.57
N LYS TA 239 -72.70 70.62 -37.56
CA LYS TA 239 -74.08 70.80 -38.01
C LYS TA 239 -74.15 71.21 -39.47
N LEU TA 240 -73.17 71.97 -39.96
CA LEU TA 240 -73.17 72.34 -41.36
C LEU TA 240 -72.98 71.12 -42.26
N ALA TA 241 -72.09 70.21 -41.88
CA ALA TA 241 -71.90 68.94 -42.58
C ALA TA 241 -72.30 67.83 -41.61
N PRO TA 242 -73.53 67.34 -41.68
CA PRO TA 242 -74.01 66.40 -40.65
C PRO TA 242 -73.22 65.12 -40.59
N GLY TA 243 -72.70 64.64 -41.72
CA GLY TA 243 -71.90 63.43 -41.72
C GLY TA 243 -70.60 63.60 -42.48
N GLY TA 244 -70.01 64.79 -42.41
CA GLY TA 244 -68.84 65.07 -43.19
C GLY TA 244 -69.11 65.34 -44.65
N HIS TA 245 -70.38 65.49 -45.03
CA HIS TA 245 -70.76 65.77 -46.41
C HIS TA 245 -71.36 67.16 -46.48
N VAL TA 246 -70.92 67.93 -47.47
CA VAL TA 246 -71.43 69.29 -47.63
C VAL TA 246 -72.82 69.25 -48.26
N GLY TA 247 -73.51 70.38 -48.18
CA GLY TA 247 -74.77 70.54 -48.86
C GLY TA 247 -75.99 70.38 -47.98
N ARG TA 248 -75.97 70.97 -46.79
CA ARG TA 248 -77.12 70.93 -45.91
C ARG TA 248 -78.04 72.11 -46.20
N PHE TA 249 -79.33 71.83 -46.33
CA PHE TA 249 -80.31 72.89 -46.51
C PHE TA 249 -80.29 73.82 -45.30
N CYS TA 250 -80.11 75.11 -45.56
CA CYS TA 250 -80.01 76.11 -44.52
C CYS TA 250 -80.99 77.24 -44.80
N ILE TA 251 -81.66 77.69 -43.75
CA ILE TA 251 -82.61 78.80 -43.82
C ILE TA 251 -82.07 79.93 -42.97
N TRP TA 252 -81.90 81.10 -43.59
CA TRP TA 252 -81.23 82.24 -42.97
C TRP TA 252 -82.24 83.30 -42.58
N THR TA 253 -82.03 83.90 -41.40
CA THR TA 253 -82.70 85.12 -41.03
C THR TA 253 -81.94 86.29 -41.64
N GLU TA 254 -82.67 87.34 -42.03
CA GLU TA 254 -82.06 88.44 -42.76
C GLU TA 254 -80.97 89.13 -41.94
N SER TA 255 -81.16 89.27 -40.63
CA SER TA 255 -80.13 89.90 -39.81
C SER TA 255 -78.83 89.10 -39.84
N ALA TA 256 -78.94 87.77 -39.70
CA ALA TA 256 -77.75 86.93 -39.78
C ALA TA 256 -77.14 86.98 -41.17
N PHE TA 257 -77.99 87.02 -42.20
CA PHE TA 257 -77.50 87.08 -43.57
C PHE TA 257 -76.68 88.33 -43.81
N ARG TA 258 -77.14 89.47 -43.29
CA ARG TA 258 -76.39 90.71 -43.41
C ARG TA 258 -75.12 90.68 -42.56
N LYS TA 259 -75.19 90.10 -41.37
CA LYS TA 259 -74.00 90.01 -40.52
C LYS TA 259 -72.97 89.03 -41.06
N LEU TA 260 -73.37 88.18 -42.00
CA LEU TA 260 -72.45 87.17 -42.54
C LEU TA 260 -71.25 87.80 -43.22
N ASP TA 261 -71.40 88.99 -43.79
CA ASP TA 261 -70.25 89.67 -44.40
C ASP TA 261 -69.23 90.08 -43.34
N GLU TA 262 -69.68 90.76 -42.29
CA GLU TA 262 -68.76 91.18 -41.23
C GLU TA 262 -68.21 89.99 -40.46
N LEU TA 263 -68.89 88.85 -40.51
CA LEU TA 263 -68.40 87.69 -39.78
C LEU TA 263 -67.19 87.05 -40.45
N TYR TA 264 -67.07 87.15 -41.78
CA TYR TA 264 -65.98 86.52 -42.50
C TYR TA 264 -65.25 87.42 -43.47
N GLY TA 265 -65.81 88.58 -43.83
CA GLY TA 265 -65.12 89.50 -44.69
C GLY TA 265 -65.15 89.13 -46.15
N THR TA 266 -65.23 90.13 -47.02
CA THR TA 266 -65.17 89.96 -48.45
C THR TA 266 -63.70 89.79 -48.86
N TRP TA 267 -63.46 89.36 -50.10
CA TRP TA 267 -62.10 89.31 -50.61
C TRP TA 267 -61.42 90.67 -50.59
N ARG TA 268 -62.21 91.75 -50.58
CA ARG TA 268 -61.69 93.11 -50.51
C ARG TA 268 -61.84 93.74 -49.15
N LYS TA 269 -62.32 93.00 -48.14
CA LYS TA 269 -62.53 93.57 -46.82
C LYS TA 269 -62.22 92.53 -45.76
N ALA TA 270 -61.33 92.87 -44.83
CA ALA TA 270 -61.00 91.96 -43.74
C ALA TA 270 -62.22 91.74 -42.85
N ALA TA 271 -62.28 90.56 -42.25
CA ALA TA 271 -63.38 90.21 -41.36
C ALA TA 271 -63.34 91.10 -40.13
N SER TA 272 -64.36 91.94 -39.97
CA SER TA 272 -64.38 92.89 -38.87
C SER TA 272 -64.57 92.19 -37.53
N LEU TA 273 -65.31 91.09 -37.49
CA LEU TA 273 -65.65 90.40 -36.26
C LEU TA 273 -64.68 89.28 -35.92
N LYS TA 274 -63.57 89.17 -36.65
CA LYS TA 274 -62.54 88.19 -36.33
C LYS TA 274 -61.13 88.78 -36.32
N SER TA 275 -60.92 89.95 -36.91
CA SER TA 275 -59.74 90.79 -36.71
C SER TA 275 -58.46 90.22 -37.31
N ASN TA 276 -58.49 88.98 -37.77
CA ASN TA 276 -57.31 88.44 -38.44
C ASN TA 276 -57.64 87.56 -39.63
N TYR TA 277 -58.90 87.42 -40.01
CA TYR TA 277 -59.29 86.41 -40.99
C TYR TA 277 -59.75 87.06 -42.29
N ASN TA 278 -59.50 86.36 -43.39
CA ASN TA 278 -60.01 86.71 -44.69
C ASN TA 278 -60.43 85.44 -45.41
N LEU TA 279 -61.24 85.60 -46.45
CA LEU TA 279 -61.69 84.45 -47.20
C LEU TA 279 -60.51 83.81 -47.92
N PRO TA 280 -60.49 82.48 -48.03
CA PRO TA 280 -59.41 81.81 -48.75
C PRO TA 280 -59.44 82.16 -50.23
N MET TA 281 -58.26 82.12 -50.85
CA MET TA 281 -58.11 82.48 -52.24
C MET TA 281 -58.24 81.26 -53.12
N HIS TA 282 -58.98 81.41 -54.22
CA HIS TA 282 -59.14 80.33 -55.18
C HIS TA 282 -57.82 80.01 -55.85
N LYS TA 283 -57.58 78.72 -56.11
CA LYS TA 283 -56.47 78.31 -56.96
C LYS TA 283 -56.91 78.05 -58.39
N MET TA 284 -58.19 78.28 -58.70
CA MET TA 284 -58.70 78.10 -60.06
C MET TA 284 -59.90 79.02 -60.19
N ILE TA 285 -59.72 80.15 -60.87
CA ILE TA 285 -60.76 81.18 -60.92
C ILE TA 285 -61.98 80.68 -61.67
N ASN TA 286 -61.77 80.12 -62.86
CA ASN TA 286 -62.87 79.69 -63.72
C ASN TA 286 -62.85 78.17 -63.78
N THR TA 287 -63.92 77.53 -63.31
CA THR TA 287 -64.04 76.09 -63.30
C THR TA 287 -64.94 75.56 -64.41
N ASP TA 288 -65.35 76.42 -65.34
CA ASP TA 288 -66.19 76.02 -66.47
C ASP TA 288 -65.30 75.29 -67.47
N LEU TA 289 -64.99 74.04 -67.15
CA LEU TA 289 -63.99 73.28 -67.90
C LEU TA 289 -64.42 73.07 -69.35
N SER TA 290 -65.71 72.83 -69.59
CA SER TA 290 -66.18 72.66 -70.96
C SER TA 290 -65.96 73.92 -71.77
N ARG TA 291 -66.25 75.09 -71.18
CA ARG TA 291 -66.04 76.34 -71.90
C ARG TA 291 -64.56 76.63 -72.10
N ILE TA 292 -63.71 76.29 -71.13
CA ILE TA 292 -62.27 76.48 -71.31
C ILE TA 292 -61.76 75.61 -72.46
N LEU TA 293 -62.18 74.35 -72.50
CA LEU TA 293 -61.75 73.46 -73.57
C LEU TA 293 -62.36 73.83 -74.91
N LYS TA 294 -63.51 74.50 -74.93
CA LYS TA 294 -64.15 74.91 -76.17
C LYS TA 294 -63.82 76.35 -76.55
N SER TA 295 -62.96 77.02 -75.79
CA SER TA 295 -62.57 78.37 -76.13
C SER TA 295 -61.80 78.40 -77.44
N PRO TA 296 -62.01 79.42 -78.28
CA PRO TA 296 -61.30 79.48 -79.56
C PRO TA 296 -59.80 79.57 -79.43
N GLU TA 297 -59.28 80.24 -78.40
CA GLU TA 297 -57.83 80.32 -78.23
C GLU TA 297 -57.23 78.94 -77.98
N ILE TA 298 -57.87 78.15 -77.13
CA ILE TA 298 -57.39 76.79 -76.88
C ILE TA 298 -57.55 75.94 -78.13
N GLN TA 299 -58.72 76.02 -78.77
CA GLN TA 299 -59.00 75.21 -79.95
C GLN TA 299 -58.06 75.53 -81.11
N ARG TA 300 -57.51 76.74 -81.16
CA ARG TA 300 -56.66 77.10 -82.28
C ARG TA 300 -55.30 76.40 -82.21
N ALA TA 301 -54.84 76.07 -81.01
CA ALA TA 301 -53.50 75.53 -80.82
C ALA TA 301 -53.46 74.01 -80.74
N LEU TA 302 -54.60 73.33 -80.78
CA LEU TA 302 -54.60 71.89 -80.69
C LEU TA 302 -54.30 71.26 -82.05
N ARG TA 303 -53.69 70.08 -82.02
CA ARG TA 303 -53.52 69.30 -83.22
C ARG TA 303 -54.82 68.54 -83.54
N ALA TA 304 -54.88 68.01 -84.75
CA ALA TA 304 -56.05 67.25 -85.15
C ALA TA 304 -56.16 65.96 -84.34
N PRO TA 305 -57.35 65.60 -83.88
CA PRO TA 305 -57.50 64.39 -83.08
C PRO TA 305 -57.26 63.14 -83.91
N ARG TA 306 -56.83 62.08 -83.23
CA ARG TA 306 -56.63 60.77 -83.84
C ARG TA 306 -57.73 59.85 -83.32
N LYS TA 307 -58.77 59.66 -84.12
CA LYS TA 307 -59.94 58.90 -83.72
C LYS TA 307 -60.02 57.52 -84.37
N LYS TA 308 -59.02 57.12 -85.14
CA LYS TA 308 -59.05 55.83 -85.82
C LYS TA 308 -58.38 54.78 -84.94
N ILE TA 309 -59.14 53.79 -84.51
CA ILE TA 309 -58.59 52.72 -83.69
C ILE TA 309 -57.75 51.80 -84.57
N HIS TA 310 -56.51 51.57 -84.17
CA HIS TA 310 -55.59 50.71 -84.92
C HIS TA 310 -55.46 49.39 -84.16
N ARG TA 311 -56.34 48.44 -84.48
CA ARG TA 311 -56.26 47.13 -83.86
C ARG TA 311 -55.12 46.33 -84.47
N ARG TA 312 -54.77 45.24 -83.79
CA ARG TA 312 -53.68 44.38 -84.27
C ARG TA 312 -54.10 43.66 -85.53
N VAL TA 313 -53.21 43.63 -86.51
CA VAL TA 313 -53.49 43.01 -87.80
C VAL TA 313 -52.98 41.58 -87.77
N LEU TA 314 -53.86 40.62 -88.02
CA LEU TA 314 -53.45 39.23 -88.08
C LEU TA 314 -52.48 39.02 -89.24
N LYS TA 315 -51.34 38.40 -88.97
CA LYS TA 315 -50.29 38.25 -89.96
C LYS TA 315 -50.65 37.10 -90.89
N LYS TA 316 -51.20 37.44 -92.05
CA LYS TA 316 -51.35 36.45 -93.10
C LYS TA 316 -49.99 36.16 -93.71
N ASN TA 317 -49.62 34.89 -93.77
CA ASN TA 317 -48.24 34.53 -94.05
C ASN TA 317 -47.91 34.72 -95.52
N PRO TA 318 -46.91 35.52 -95.86
CA PRO TA 318 -46.37 35.48 -97.23
C PRO TA 318 -45.67 34.16 -97.45
N LEU TA 319 -45.40 33.87 -98.72
CA LEU TA 319 -44.99 32.57 -99.25
C LEU TA 319 -46.09 31.53 -99.10
N LYS TA 320 -47.25 31.92 -98.56
CA LYS TA 320 -48.44 31.10 -98.53
C LYS TA 320 -49.69 31.84 -98.96
N ASN TA 321 -49.72 33.16 -98.87
CA ASN TA 321 -50.84 33.97 -99.34
C ASN TA 321 -50.34 34.85 -100.48
N LEU TA 322 -50.87 34.61 -101.68
CA LEU TA 322 -50.33 35.25 -102.88
C LEU TA 322 -50.50 36.75 -102.83
N ARG TA 323 -51.69 37.23 -102.48
CA ARG TA 323 -51.92 38.68 -102.48
C ARG TA 323 -51.11 39.38 -101.41
N ILE TA 324 -50.91 38.74 -100.26
CA ILE TA 324 -50.04 39.31 -99.24
C ILE TA 324 -48.61 39.40 -99.76
N MET TA 325 -48.15 38.34 -100.44
CA MET TA 325 -46.79 38.36 -100.98
C MET TA 325 -46.63 39.44 -102.04
N LEU TA 326 -47.66 39.68 -102.85
CA LEU TA 326 -47.58 40.75 -103.83
C LEU TA 326 -47.62 42.12 -103.17
N LYS TA 327 -48.40 42.26 -102.09
CA LYS TA 327 -48.42 43.52 -101.36
C LYS TA 327 -47.05 43.86 -100.81
N LEU TA 328 -46.36 42.89 -100.22
CA LEU TA 328 -45.03 43.17 -99.71
C LEU TA 328 -43.98 43.31 -100.82
N ASN TA 329 -44.08 42.49 -101.86
CA ASN TA 329 -43.09 42.45 -102.94
C ASN TA 329 -43.83 42.28 -104.26
N PRO TA 330 -44.11 43.38 -104.97
CA PRO TA 330 -44.86 43.28 -106.23
C PRO TA 330 -44.15 42.49 -107.31
N TYR TA 331 -42.81 42.46 -107.30
CA TYR TA 331 -42.09 41.76 -108.37
C TYR TA 331 -42.25 40.26 -108.26
N ALA TA 332 -42.74 39.77 -107.12
CA ALA TA 332 -42.98 38.34 -106.95
C ALA TA 332 -44.01 37.82 -107.94
N LYS TA 333 -44.96 38.66 -108.37
CA LYS TA 333 -45.93 38.22 -109.36
C LYS TA 333 -45.25 37.85 -110.67
N THR TA 334 -44.39 38.73 -111.18
CA THR TA 334 -43.70 38.45 -112.43
C THR TA 334 -42.71 37.31 -112.25
N MET TA 335 -42.06 37.22 -111.09
CA MET TA 335 -41.16 36.10 -110.86
C MET TA 335 -41.91 34.78 -110.88
N ARG TA 336 -43.08 34.74 -110.24
CA ARG TA 336 -43.90 33.54 -110.21
C ARG TA 336 -44.36 33.16 -111.61
N ARG TA 337 -44.85 34.13 -112.37
CA ARG TA 337 -45.33 33.80 -113.71
C ARG TA 337 -44.18 33.36 -114.61
N ASN TA 338 -42.99 33.94 -114.43
CA ASN TA 338 -41.84 33.55 -115.24
C ASN TA 338 -41.42 32.13 -114.92
N THR TA 339 -41.34 31.78 -113.63
CA THR TA 339 -40.91 30.42 -113.33
C THR TA 339 -41.98 29.40 -113.72
N ILE TA 340 -43.26 29.77 -113.63
CA ILE TA 340 -44.30 28.84 -114.05
C ILE TA 340 -44.25 28.61 -115.56
N LEU TA 341 -44.10 29.69 -116.33
CA LEU TA 341 -44.00 29.53 -117.77
C LEU TA 341 -42.75 28.76 -118.16
N ARG TA 342 -41.64 29.01 -117.46
CA ARG TA 342 -40.41 28.25 -117.72
C ARG TA 342 -40.58 26.77 -117.42
N GLN TA 343 -41.22 26.45 -116.29
CA GLN TA 343 -41.46 25.05 -115.94
C GLN TA 343 -42.37 24.38 -116.95
N ALA TA 344 -43.41 25.08 -117.40
CA ALA TA 344 -44.29 24.52 -118.41
C ALA TA 344 -43.54 24.27 -119.72
N ARG TA 345 -42.71 25.23 -120.14
CA ARG TA 345 -41.92 25.07 -121.35
C ARG TA 345 -40.98 23.88 -121.25
N ASN TA 346 -40.25 23.78 -120.15
CA ASN TA 346 -39.30 22.69 -119.99
C ASN TA 346 -40.01 21.34 -119.88
N HIS TA 347 -41.16 21.32 -119.22
CA HIS TA 347 -41.93 20.08 -119.13
C HIS TA 347 -42.42 19.64 -120.50
N LYS TA 348 -42.93 20.57 -121.29
CA LYS TA 348 -43.39 20.23 -122.64
C LYS TA 348 -42.24 19.73 -123.49
N LEU TA 349 -41.06 20.37 -123.35
CA LEU TA 349 -39.90 19.92 -124.10
C LEU TA 349 -39.49 18.52 -123.69
N ARG TA 350 -39.41 18.26 -122.39
CA ARG TA 350 -39.04 16.94 -121.91
C ARG TA 350 -40.11 15.90 -122.14
N VAL TA 351 -41.33 16.31 -122.48
CA VAL TA 351 -42.36 15.36 -122.89
C VAL TA 351 -42.18 15.00 -124.35
N ASP TA 352 -42.18 16.01 -125.23
CA ASP TA 352 -42.24 15.69 -126.65
C ASP TA 352 -40.91 15.20 -127.19
N LYS TA 353 -39.79 15.71 -126.66
CA LYS TA 353 -38.49 15.19 -127.06
C LYS TA 353 -38.34 13.72 -126.65
N ALA TA 354 -38.80 13.38 -125.44
CA ALA TA 354 -38.76 12.00 -124.99
C ALA TA 354 -39.68 11.13 -125.84
N ALA TA 355 -40.85 11.65 -126.22
CA ALA TA 355 -41.74 10.89 -127.10
C ALA TA 355 -41.11 10.66 -128.47
N ALA TA 356 -40.44 11.68 -129.02
CA ALA TA 356 -39.75 11.51 -130.30
C ALA TA 356 -38.63 10.48 -130.19
N ALA TA 357 -37.88 10.51 -129.09
CA ALA TA 357 -36.84 9.51 -128.88
C ALA TA 357 -37.42 8.12 -128.76
N ALA TA 358 -38.54 7.97 -128.06
CA ALA TA 358 -39.19 6.67 -127.94
C ALA TA 358 -39.69 6.17 -129.29
N ALA TA 359 -40.25 7.06 -130.10
CA ALA TA 359 -40.70 6.68 -131.43
C ALA TA 359 -39.52 6.26 -132.31
N ALA TA 360 -38.40 6.98 -132.22
CA ALA TA 360 -37.22 6.61 -132.99
C ALA TA 360 -36.61 5.31 -132.50
N LEU TA 361 -36.76 5.00 -131.21
CA LEU TA 361 -36.29 3.72 -130.69
C LEU TA 361 -37.00 2.56 -131.35
N GLN TA 362 -38.32 2.69 -131.58
CA GLN TA 362 -39.06 1.64 -132.27
C GLN TA 362 -38.53 1.41 -133.68
N ALA TA 363 -38.24 2.51 -134.41
CA ALA TA 363 -37.72 2.36 -135.76
C ALA TA 363 -36.33 1.73 -135.75
N LYS TA 364 -35.45 2.17 -134.84
CA LYS TA 364 -34.10 1.61 -134.80
C LYS TA 364 -34.08 0.20 -134.22
N SER TA 365 -35.15 -0.24 -133.58
CA SER TA 365 -35.29 -1.63 -133.16
C SER TA 365 -35.98 -2.49 -134.20
N ASP TA 366 -36.77 -1.89 -135.08
CA ASP TA 366 -37.50 -2.59 -136.13
C ASP TA 366 -37.16 -1.98 -137.48
N GLU TA 367 -35.87 -1.82 -137.76
CA GLU TA 367 -35.42 -1.23 -139.01
C GLU TA 367 -35.92 -2.01 -140.23
N LYS TA 368 -36.17 -3.31 -140.08
CA LYS TA 368 -36.65 -4.17 -141.16
C LYS TA 368 -35.76 -4.11 -142.41
N GLY UA 1 45.01 21.10 -60.16
CA GLY UA 1 43.90 21.97 -59.79
C GLY UA 1 43.23 21.53 -58.51
N PHE UA 2 43.25 22.41 -57.51
CA PHE UA 2 42.65 22.08 -56.22
C PHE UA 2 41.83 23.23 -55.66
N VAL UA 3 41.74 24.34 -56.38
CA VAL UA 3 40.88 25.46 -56.01
C VAL UA 3 39.66 25.45 -56.93
N LYS UA 4 38.49 25.62 -56.33
CA LYS UA 4 37.27 25.74 -57.12
C LYS UA 4 37.40 26.93 -58.06
N VAL UA 5 37.04 26.73 -59.33
CA VAL UA 5 37.22 27.77 -60.34
C VAL UA 5 36.27 28.92 -60.00
N VAL UA 6 36.83 30.02 -59.51
CA VAL UA 6 36.02 31.15 -59.07
C VAL UA 6 35.27 31.76 -60.26
N LYS UA 7 35.99 32.02 -61.35
CA LYS UA 7 35.38 32.58 -62.55
C LYS UA 7 35.01 31.47 -63.52
N ASN UA 8 34.01 30.69 -63.13
CA ASN UA 8 33.57 29.56 -63.93
C ASN UA 8 32.35 29.93 -64.76
N LYS UA 9 31.79 28.93 -65.44
CA LYS UA 9 30.73 29.18 -66.40
C LYS UA 9 29.47 29.69 -65.71
N ALA UA 10 29.14 29.15 -64.54
CA ALA UA 10 28.00 29.67 -63.79
C ALA UA 10 28.24 31.12 -63.36
N TYR UA 11 29.47 31.44 -62.95
CA TYR UA 11 29.80 32.80 -62.58
C TYR UA 11 29.59 33.74 -63.77
N PHE UA 12 30.03 33.34 -64.95
CA PHE UA 12 29.84 34.18 -66.12
C PHE UA 12 28.38 34.23 -66.57
N LYS UA 13 27.60 33.20 -66.28
CA LYS UA 13 26.18 33.23 -66.59
C LYS UA 13 25.41 34.20 -65.69
N ARG UA 14 25.73 34.22 -64.40
CA ARG UA 14 25.01 35.09 -63.46
C ARG UA 14 25.69 36.42 -63.22
N TYR UA 15 26.82 36.69 -63.87
CA TYR UA 15 27.48 37.98 -63.66
C TYR UA 15 26.68 39.10 -64.31
N GLN UA 16 26.45 40.17 -63.54
CA GLN UA 16 25.79 41.37 -64.04
C GLN UA 16 26.80 42.50 -64.02
N VAL UA 17 27.18 42.98 -65.21
CA VAL UA 17 28.11 44.09 -65.29
C VAL UA 17 27.42 45.36 -64.82
N LYS UA 18 28.21 46.29 -64.30
CA LYS UA 18 27.69 47.58 -63.89
C LYS UA 18 27.47 48.46 -65.11
N PHE UA 19 27.12 49.72 -64.87
CA PHE UA 19 26.99 50.66 -65.96
C PHE UA 19 28.35 50.86 -66.63
N ARG UA 20 28.33 51.08 -67.94
CA ARG UA 20 29.57 51.06 -68.71
C ARG UA 20 30.54 52.14 -68.24
N ARG UA 21 30.03 53.34 -67.99
CA ARG UA 21 30.92 54.42 -67.56
C ARG UA 21 31.43 54.16 -66.15
N ARG UA 22 30.63 53.54 -65.29
CA ARG UA 22 31.11 53.18 -63.96
C ARG UA 22 32.20 52.13 -64.05
N ARG UA 23 32.05 51.15 -64.95
CA ARG UA 23 33.11 50.17 -65.17
C ARG UA 23 34.37 50.83 -65.69
N GLU UA 24 34.21 51.81 -66.58
CA GLU UA 24 35.35 52.61 -67.03
C GLU UA 24 35.86 53.55 -65.95
N GLY UA 25 35.15 53.67 -64.84
CA GLY UA 25 35.58 54.54 -63.75
C GLY UA 25 35.56 56.00 -64.10
N LYS UA 26 34.49 56.46 -64.75
CA LYS UA 26 34.39 57.85 -65.17
C LYS UA 26 33.25 58.60 -64.52
N THR UA 27 32.18 57.93 -64.09
CA THR UA 27 31.00 58.61 -63.59
C THR UA 27 30.59 58.01 -62.26
N ASP UA 28 30.41 58.87 -61.26
CA ASP UA 28 29.88 58.47 -59.96
C ASP UA 28 28.37 58.68 -59.99
N TYR UA 29 27.64 57.60 -60.25
CA TYR UA 29 26.19 57.72 -60.45
C TYR UA 29 25.45 58.11 -59.19
N TYR UA 30 25.99 57.76 -58.02
CA TYR UA 30 25.37 58.15 -56.76
C TYR UA 30 25.30 59.67 -56.64
N ALA UA 31 26.40 60.35 -57.00
CA ALA UA 31 26.38 61.80 -57.01
C ALA UA 31 25.64 62.35 -58.22
N ARG UA 32 25.68 61.64 -59.35
CA ARG UA 32 25.04 62.13 -60.57
C ARG UA 32 23.53 62.21 -60.39
N LYS UA 33 22.94 61.22 -59.71
CA LYS UA 33 21.50 61.25 -59.49
C LYS UA 33 21.10 62.44 -58.63
N ARG UA 34 21.90 62.80 -57.64
CA ARG UA 34 21.62 63.99 -56.86
C ARG UA 34 21.95 65.27 -57.59
N LEU UA 35 22.81 65.23 -58.60
CA LEU UA 35 23.23 66.43 -59.30
C LEU UA 35 22.29 66.79 -60.45
N VAL UA 36 22.12 65.89 -61.42
CA VAL UA 36 21.54 66.27 -62.70
C VAL UA 36 20.03 66.11 -62.77
N ILE UA 37 19.40 65.54 -61.77
CA ILE UA 37 17.97 65.26 -61.82
C ILE UA 37 17.20 66.50 -61.41
N GLN UA 38 16.29 66.94 -62.26
CA GLN UA 38 15.46 68.10 -62.00
C GLN UA 38 14.23 67.70 -61.21
N ASP UA 39 13.78 68.61 -60.35
CA ASP UA 39 12.56 68.37 -59.58
C ASP UA 39 11.36 68.22 -60.51
N LYS UA 40 10.50 67.25 -60.20
CA LYS UA 40 9.41 66.90 -61.11
C LYS UA 40 8.41 68.05 -61.23
N ASN UA 41 8.20 68.79 -60.15
CA ASN UA 41 7.28 69.92 -60.22
C ASN UA 41 7.86 71.11 -60.97
N LYS UA 42 9.10 71.01 -61.45
CA LYS UA 42 9.68 72.05 -62.28
C LYS UA 42 9.64 71.71 -63.76
N TYR UA 43 9.24 70.48 -64.11
CA TYR UA 43 8.91 70.07 -65.48
C TYR UA 43 10.15 70.17 -66.35
N ASN UA 44 10.09 70.82 -67.51
CA ASN UA 44 11.18 70.81 -68.48
C ASN UA 44 12.22 71.88 -68.23
N THR UA 45 12.23 72.48 -67.04
CA THR UA 45 13.21 73.51 -66.72
C THR UA 45 14.60 72.89 -66.68
N PRO UA 46 15.56 73.41 -67.43
CA PRO UA 46 16.90 72.83 -67.42
C PRO UA 46 17.59 73.01 -66.07
N LYS UA 47 18.43 72.05 -65.74
CA LYS UA 47 19.22 72.05 -64.51
C LYS UA 47 20.68 72.10 -64.92
N TYR UA 48 21.20 73.30 -65.11
CA TYR UA 48 22.56 73.44 -65.61
C TYR UA 48 23.58 73.06 -64.53
N ARG UA 49 24.65 72.41 -64.97
CA ARG UA 49 25.76 72.06 -64.10
C ARG UA 49 27.07 72.37 -64.81
N MET UA 50 28.09 72.62 -64.01
CA MET UA 50 29.42 72.98 -64.50
C MET UA 50 30.36 71.80 -64.26
N ILE UA 51 30.61 71.04 -65.31
CA ILE UA 51 31.51 69.90 -65.23
C ILE UA 51 32.95 70.40 -65.39
N VAL UA 52 33.79 70.07 -64.42
CA VAL UA 52 35.21 70.40 -64.47
C VAL UA 52 36.00 69.10 -64.34
N ARG UA 53 36.90 68.86 -65.28
CA ARG UA 53 37.74 67.68 -65.27
C ARG UA 53 39.20 68.10 -65.39
N VAL UA 54 40.08 67.40 -64.69
CA VAL UA 54 41.50 67.71 -64.65
C VAL UA 54 42.26 66.57 -65.30
N THR UA 55 43.08 66.90 -66.28
CA THR UA 55 43.89 65.95 -67.02
C THR UA 55 45.35 66.26 -66.78
N ASN UA 56 46.21 65.25 -66.96
CA ASN UA 56 47.64 65.42 -66.71
C ASN UA 56 48.24 66.53 -67.56
N ARG UA 57 47.63 66.85 -68.71
CA ARG UA 57 48.10 67.94 -69.55
C ARG UA 57 46.97 68.81 -70.05
N ASP UA 58 45.83 68.83 -69.34
CA ASP UA 58 44.72 69.68 -69.77
C ASP UA 58 43.76 69.88 -68.61
N ILE UA 59 42.91 70.89 -68.77
CA ILE UA 59 41.77 71.14 -67.88
C ILE UA 59 40.56 71.42 -68.76
N ILE UA 60 39.46 70.73 -68.49
CA ILE UA 60 38.27 70.81 -69.31
C ILE UA 60 37.13 71.36 -68.45
N CYS UA 61 36.44 72.37 -68.96
CA CYS UA 61 35.27 72.93 -68.30
C CYS UA 61 34.12 72.99 -69.28
N GLN UA 62 32.98 72.43 -68.89
CA GLN UA 62 31.79 72.37 -69.73
C GLN UA 62 30.57 72.76 -68.91
N ILE UA 63 29.53 73.23 -69.60
CA ILE UA 63 28.26 73.55 -68.97
C ILE UA 63 27.19 72.72 -69.66
N ALA UA 64 26.49 71.90 -68.88
CA ALA UA 64 25.60 70.92 -69.49
C ALA UA 64 24.32 70.77 -68.67
N TYR UA 65 23.27 70.34 -69.34
CA TYR UA 65 22.01 69.99 -68.70
C TYR UA 65 21.57 68.61 -69.17
N ALA UA 66 20.85 67.91 -68.29
CA ALA UA 66 20.51 66.53 -68.56
C ALA UA 66 19.46 66.42 -69.67
N ARG UA 67 19.55 65.31 -70.40
CA ARG UA 67 18.53 64.94 -71.38
C ARG UA 67 18.43 63.42 -71.42
N ILE UA 68 17.30 62.93 -71.90
CA ILE UA 68 17.10 61.49 -71.99
C ILE UA 68 18.04 60.87 -73.01
N GLU UA 69 18.17 61.51 -74.18
CA GLU UA 69 19.06 61.00 -75.22
C GLU UA 69 20.53 61.13 -74.87
N GLY UA 70 20.87 61.92 -73.87
CA GLY UA 70 22.25 62.16 -73.49
C GLY UA 70 22.41 63.63 -73.16
N ASP UA 71 23.34 63.92 -72.25
CA ASP UA 71 23.53 65.28 -71.78
C ASP UA 71 23.99 66.19 -72.91
N MET UA 72 23.43 67.40 -72.95
CA MET UA 72 23.75 68.38 -73.97
C MET UA 72 24.59 69.49 -73.37
N ILE UA 73 25.70 69.80 -74.02
CA ILE UA 73 26.62 70.84 -73.56
C ILE UA 73 26.39 72.09 -74.38
N VAL UA 74 26.16 73.21 -73.70
CA VAL UA 74 25.92 74.47 -74.39
C VAL UA 74 27.16 75.34 -74.48
N CYS UA 75 28.18 75.09 -73.67
CA CYS UA 75 29.38 75.91 -73.67
C CYS UA 75 30.51 75.13 -73.02
N ALA UA 76 31.61 74.96 -73.74
CA ALA UA 76 32.76 74.21 -73.25
C ALA UA 76 34.01 75.04 -73.44
N ALA UA 77 34.85 75.12 -72.42
CA ALA UA 77 36.13 75.81 -72.48
C ALA UA 77 37.22 74.84 -72.04
N TYR UA 78 38.28 74.76 -72.82
CA TYR UA 78 39.38 73.85 -72.55
C TYR UA 78 40.64 74.62 -72.23
N ALA UA 79 41.55 73.97 -71.49
CA ALA UA 79 42.80 74.63 -71.16
C ALA UA 79 43.76 74.70 -72.33
N HIS UA 80 43.60 73.85 -73.34
CA HIS UA 80 44.56 73.82 -74.42
C HIS UA 80 44.43 75.02 -75.36
N GLU UA 81 43.36 75.80 -75.25
CA GLU UA 81 43.20 76.99 -76.07
C GLU UA 81 43.71 78.24 -75.38
N LEU UA 82 44.33 78.11 -74.20
CA LEU UA 82 44.95 79.27 -73.57
C LEU UA 82 46.05 79.93 -74.41
N PRO UA 83 46.93 79.21 -75.11
CA PRO UA 83 47.93 79.91 -75.93
C PRO UA 83 47.36 80.79 -77.04
N LYS UA 84 46.05 80.70 -77.32
CA LYS UA 84 45.46 81.54 -78.34
C LYS UA 84 45.59 83.02 -77.99
N TYR UA 85 45.57 83.35 -76.71
CA TYR UA 85 45.87 84.70 -76.25
C TYR UA 85 46.40 84.64 -74.83
N GLY UA 86 47.52 85.32 -74.58
CA GLY UA 86 48.06 85.39 -73.24
C GLY UA 86 48.99 84.24 -72.88
N VAL UA 87 48.61 83.50 -71.84
CA VAL UA 87 49.49 82.47 -71.29
C VAL UA 87 49.54 81.27 -72.21
N LYS UA 88 50.73 80.69 -72.36
CA LYS UA 88 50.92 79.49 -73.17
C LYS UA 88 51.54 78.34 -72.39
N VAL UA 89 52.37 78.60 -71.40
CA VAL UA 89 53.07 77.57 -70.67
C VAL UA 89 52.48 77.51 -69.25
N GLY UA 90 52.83 76.45 -68.53
CA GLY UA 90 52.30 76.28 -67.19
C GLY UA 90 50.81 76.03 -67.14
N LEU UA 91 50.31 75.18 -68.02
CA LEU UA 91 48.89 74.84 -68.04
C LEU UA 91 48.60 73.89 -66.88
N THR UA 92 47.40 73.32 -66.88
CA THR UA 92 46.90 72.32 -65.92
C THR UA 92 47.27 72.64 -64.47
N ASN UA 93 47.37 73.93 -64.14
CA ASN UA 93 47.64 74.38 -62.79
C ASN UA 93 46.48 75.24 -62.31
N TYR UA 94 46.62 75.77 -61.08
CA TYR UA 94 45.52 76.51 -60.48
C TYR UA 94 45.24 77.81 -61.23
N ALA UA 95 46.28 78.51 -61.67
CA ALA UA 95 46.09 79.75 -62.41
C ALA UA 95 45.38 79.49 -63.72
N ALA UA 96 45.81 78.46 -64.45
CA ALA UA 96 45.12 78.12 -65.69
C ALA UA 96 43.68 77.69 -65.44
N ALA UA 97 43.44 77.01 -64.32
CA ALA UA 97 42.07 76.63 -63.98
C ALA UA 97 41.20 77.86 -63.77
N TYR UA 98 41.73 78.86 -63.05
CA TYR UA 98 41.00 80.11 -62.90
C TYR UA 98 40.75 80.77 -64.24
N CYS UA 99 41.76 80.78 -65.10
CA CYS UA 99 41.62 81.42 -66.41
C CYS UA 99 40.55 80.74 -67.24
N THR UA 100 40.53 79.41 -67.26
CA THR UA 100 39.54 78.74 -68.09
C THR UA 100 38.14 78.82 -67.47
N GLY UA 101 38.04 78.87 -66.14
CA GLY UA 101 36.74 79.12 -65.55
C GLY UA 101 36.19 80.48 -65.92
N LEU UA 102 37.04 81.50 -65.86
CA LEU UA 102 36.63 82.84 -66.29
C LEU UA 102 36.27 82.84 -67.77
N LEU UA 103 37.05 82.13 -68.59
CA LEU UA 103 36.76 82.06 -70.02
C LEU UA 103 35.41 81.42 -70.28
N LEU UA 104 35.12 80.31 -69.60
CA LEU UA 104 33.83 79.65 -69.78
C LEU UA 104 32.69 80.56 -69.36
N ALA UA 105 32.85 81.25 -68.23
CA ALA UA 105 31.81 82.16 -67.76
C ALA UA 105 31.54 83.26 -68.76
N ARG UA 106 32.61 83.93 -69.23
CA ARG UA 106 32.43 85.03 -70.17
C ARG UA 106 31.86 84.54 -71.50
N ARG UA 107 32.29 83.37 -71.96
CA ARG UA 107 31.76 82.84 -73.21
C ARG UA 107 30.28 82.53 -73.10
N LEU UA 108 29.87 81.95 -71.97
CA LEU UA 108 28.45 81.65 -71.78
C LEU UA 108 27.63 82.93 -71.72
N LEU UA 109 28.09 83.93 -70.98
CA LEU UA 109 27.34 85.17 -70.89
C LEU UA 109 27.32 85.90 -72.23
N ASN UA 110 28.37 85.76 -73.03
CA ASN UA 110 28.37 86.37 -74.35
C ASN UA 110 27.41 85.66 -75.29
N ARG UA 111 27.32 84.33 -75.18
CA ARG UA 111 26.33 83.60 -75.97
C ARG UA 111 24.92 83.99 -75.57
N PHE UA 112 24.67 84.14 -74.26
CA PHE UA 112 23.33 84.44 -73.79
C PHE UA 112 23.01 85.94 -73.84
N GLY UA 113 23.97 86.78 -74.20
CA GLY UA 113 23.73 88.20 -74.29
C GLY UA 113 23.82 88.95 -72.98
N MET UA 114 24.12 88.27 -71.87
CA MET UA 114 24.25 88.92 -70.57
C MET UA 114 25.70 89.35 -70.34
N ASP UA 115 26.17 90.24 -71.22
CA ASP UA 115 27.56 90.70 -71.17
C ASP UA 115 27.71 91.95 -70.32
N LYS UA 116 27.02 93.04 -70.70
CA LYS UA 116 27.16 94.30 -69.98
C LYS UA 116 26.62 94.18 -68.56
N ILE UA 117 25.49 93.49 -68.39
CA ILE UA 117 25.04 93.13 -67.06
C ILE UA 117 25.77 91.87 -66.61
N TYR UA 118 25.83 91.68 -65.29
CA TYR UA 118 26.52 90.54 -64.68
C TYR UA 118 27.98 90.47 -65.15
N GLU UA 119 28.66 91.61 -65.13
CA GLU UA 119 30.06 91.62 -65.50
C GLU UA 119 30.96 90.93 -64.49
N GLY UA 120 30.44 90.63 -63.30
CA GLY UA 120 31.25 89.96 -62.31
C GLY UA 120 32.28 90.89 -61.70
N GLN UA 121 33.25 90.28 -61.03
CA GLN UA 121 34.30 91.02 -60.34
C GLN UA 121 35.46 91.20 -61.31
N VAL UA 122 35.59 92.41 -61.86
CA VAL UA 122 36.67 92.70 -62.79
C VAL UA 122 38.01 92.65 -62.07
N GLU UA 123 38.10 93.31 -60.93
CA GLU UA 123 39.33 93.27 -60.13
C GLU UA 123 39.46 91.89 -59.50
N VAL UA 124 40.55 91.20 -59.81
CA VAL UA 124 40.75 89.84 -59.31
C VAL UA 124 41.30 89.92 -57.90
N THR UA 125 40.52 89.45 -56.94
CA THR UA 125 40.97 89.32 -55.56
C THR UA 125 40.50 87.98 -55.01
N GLY UA 126 41.23 87.49 -54.01
CA GLY UA 126 40.94 86.18 -53.47
C GLY UA 126 39.71 86.10 -52.59
N ASP UA 127 39.12 87.23 -52.24
CA ASP UA 127 38.02 87.24 -51.30
C ASP UA 127 36.76 86.70 -51.95
N GLU UA 128 35.77 86.42 -51.12
CA GLU UA 128 34.51 85.83 -51.59
C GLU UA 128 33.74 86.84 -52.43
N TYR UA 129 33.19 86.35 -53.55
CA TYR UA 129 32.34 87.17 -54.40
C TYR UA 129 31.24 86.32 -54.99
N ASN UA 130 30.01 86.84 -54.96
CA ASN UA 130 28.87 86.18 -55.55
C ASN UA 130 28.05 87.20 -56.35
N VAL UA 131 27.64 86.82 -57.54
CA VAL UA 131 26.88 87.72 -58.41
C VAL UA 131 25.42 87.69 -57.98
N GLU UA 132 24.77 88.85 -58.05
CA GLU UA 132 23.37 88.99 -57.68
C GLU UA 132 22.56 89.50 -58.86
N SER UA 133 21.30 89.11 -58.90
CA SER UA 133 20.43 89.49 -60.01
C SER UA 133 20.10 90.98 -59.94
N ILE UA 134 19.77 91.53 -61.10
CA ILE UA 134 19.44 92.95 -61.25
C ILE UA 134 18.02 93.06 -61.77
N ASP UA 135 17.21 93.87 -61.09
CA ASP UA 135 15.85 94.11 -61.54
C ASP UA 135 15.86 94.81 -62.90
N GLY UA 136 14.88 94.48 -63.73
CA GLY UA 136 14.83 94.98 -65.08
C GLY UA 136 15.73 94.25 -66.05
N GLN UA 137 16.41 93.21 -65.60
CA GLN UA 137 17.32 92.42 -66.40
C GLN UA 137 16.94 90.95 -66.33
N PRO UA 138 17.33 90.14 -67.30
CA PRO UA 138 17.09 88.70 -67.22
C PRO UA 138 17.83 88.09 -66.04
N GLY UA 139 17.27 87.00 -65.52
CA GLY UA 139 17.83 86.40 -64.32
C GLY UA 139 19.24 85.92 -64.52
N ALA UA 140 20.03 85.99 -63.45
CA ALA UA 140 21.42 85.58 -63.51
C ALA UA 140 21.54 84.08 -63.71
N PHE UA 141 22.54 83.67 -64.47
CA PHE UA 141 22.74 82.24 -64.73
C PHE UA 141 23.20 81.55 -63.45
N THR UA 142 22.67 80.34 -63.23
CA THR UA 142 22.99 79.56 -62.04
C THR UA 142 23.29 78.13 -62.46
N CYS UA 143 24.43 77.62 -62.01
CA CYS UA 143 24.80 76.22 -62.22
C CYS UA 143 25.55 75.74 -61.00
N TYR UA 144 25.64 74.42 -60.86
CA TYR UA 144 26.28 73.81 -59.71
C TYR UA 144 27.52 73.04 -60.16
N LEU UA 145 28.57 73.13 -59.36
CA LEU UA 145 29.84 72.49 -59.70
C LEU UA 145 29.69 70.97 -59.69
N ASP UA 146 30.23 70.32 -60.71
CA ASP UA 146 30.25 68.87 -60.81
C ASP UA 146 31.71 68.44 -60.77
N ALA UA 147 32.22 68.24 -59.55
CA ALA UA 147 33.62 67.87 -59.38
C ALA UA 147 33.92 66.48 -59.90
N GLY UA 148 32.98 65.54 -59.72
CA GLY UA 148 33.20 64.19 -60.19
C GLY UA 148 33.93 63.35 -59.17
N LEU UA 149 34.85 62.49 -59.64
CA LEU UA 149 35.55 61.57 -58.77
C LEU UA 149 36.75 62.19 -58.07
N ALA UA 150 37.08 63.43 -58.37
CA ALA UA 150 38.23 64.06 -57.72
C ALA UA 150 37.92 64.37 -56.27
N ARG UA 151 38.84 64.00 -55.38
CA ARG UA 151 38.65 64.26 -53.96
C ARG UA 151 38.73 65.75 -53.69
N THR UA 152 37.66 66.30 -53.10
CA THR UA 152 37.54 67.75 -52.93
C THR UA 152 38.16 68.19 -51.61
N THR UA 153 39.46 68.03 -51.53
CA THR UA 153 40.19 68.61 -50.41
C THR UA 153 40.41 70.10 -50.66
N THR UA 154 40.89 70.78 -49.63
CA THR UA 154 41.15 72.21 -49.73
C THR UA 154 42.25 72.48 -50.74
N GLY UA 155 41.96 73.33 -51.71
CA GLY UA 155 42.93 73.73 -52.70
C GLY UA 155 42.87 73.02 -54.03
N ASN UA 156 41.78 72.31 -54.33
CA ASN UA 156 41.68 71.63 -55.62
C ASN UA 156 41.51 72.64 -56.75
N LYS UA 157 41.96 72.24 -57.94
CA LYS UA 157 41.88 73.13 -59.11
C LYS UA 157 40.44 73.29 -59.59
N VAL UA 158 39.56 72.35 -59.25
CA VAL UA 158 38.15 72.54 -59.59
C VAL UA 158 37.58 73.73 -58.84
N PHE UA 159 38.05 73.97 -57.62
CA PHE UA 159 37.60 75.15 -56.89
C PHE UA 159 38.18 76.42 -57.50
N GLY UA 160 39.37 76.36 -58.07
CA GLY UA 160 39.89 77.49 -58.82
C GLY UA 160 39.07 77.78 -60.06
N ALA UA 161 38.64 76.73 -60.76
CA ALA UA 161 37.74 76.90 -61.88
C ALA UA 161 36.43 77.53 -61.44
N LEU UA 162 35.91 77.10 -60.28
CA LEU UA 162 34.70 77.70 -59.74
C LEU UA 162 34.90 79.18 -59.41
N LYS UA 163 36.06 79.51 -58.83
CA LYS UA 163 36.35 80.91 -58.53
C LYS UA 163 36.42 81.75 -59.79
N GLY UA 164 37.04 81.21 -60.83
CA GLY UA 164 37.05 81.90 -62.11
C GLY UA 164 35.65 82.10 -62.67
N ALA UA 165 34.81 81.09 -62.53
CA ALA UA 165 33.43 81.20 -63.01
C ALA UA 165 32.66 82.28 -62.25
N VAL UA 166 32.73 82.25 -60.92
CA VAL UA 166 31.96 83.22 -60.15
C VAL UA 166 32.52 84.62 -60.32
N ASP UA 167 33.81 84.75 -60.60
CA ASP UA 167 34.34 86.07 -60.94
C ASP UA 167 33.89 86.49 -62.33
N GLY UA 168 33.67 85.53 -63.23
CA GLY UA 168 33.04 85.85 -64.50
C GLY UA 168 31.58 86.17 -64.40
N GLY UA 169 30.95 85.83 -63.29
CA GLY UA 169 29.56 86.20 -63.06
C GLY UA 169 28.56 85.06 -63.15
N LEU UA 170 28.90 83.92 -62.57
CA LEU UA 170 28.00 82.78 -62.49
C LEU UA 170 27.55 82.59 -61.05
N SER UA 171 26.24 82.46 -60.85
CA SER UA 171 25.67 82.29 -59.52
C SER UA 171 25.77 80.82 -59.10
N ILE UA 172 26.99 80.43 -58.75
CA ILE UA 172 27.29 79.07 -58.30
C ILE UA 172 27.34 79.08 -56.78
N PRO UA 173 26.44 78.38 -56.09
CA PRO UA 173 26.54 78.30 -54.63
C PRO UA 173 27.82 77.60 -54.21
N HIS UA 174 28.50 78.18 -53.23
CA HIS UA 174 29.80 77.67 -52.80
C HIS UA 174 30.14 78.33 -51.46
N SER UA 175 31.35 78.04 -50.99
CA SER UA 175 31.91 78.70 -49.83
C SER UA 175 33.43 78.68 -49.95
N THR UA 176 34.07 79.55 -49.18
CA THR UA 176 35.52 79.67 -49.21
C THR UA 176 36.22 78.65 -48.32
N LYS UA 177 35.50 77.61 -47.88
CA LYS UA 177 36.11 76.60 -47.02
C LYS UA 177 37.14 75.77 -47.78
N ARG UA 178 36.88 75.49 -49.04
CA ARG UA 178 37.76 74.63 -49.83
C ARG UA 178 38.77 75.39 -50.66
N PHE UA 179 38.77 76.72 -50.59
CA PHE UA 179 39.74 77.50 -51.33
C PHE UA 179 41.13 77.35 -50.71
N PRO UA 180 42.19 77.54 -51.51
CA PRO UA 180 43.55 77.43 -50.95
C PRO UA 180 43.84 78.42 -49.84
N GLY UA 181 43.21 79.59 -49.84
CA GLY UA 181 43.47 80.56 -48.79
C GLY UA 181 42.86 80.23 -47.45
N TYR UA 182 41.97 79.24 -47.40
CA TYR UA 182 41.34 78.86 -46.14
C TYR UA 182 42.36 78.23 -45.20
N ASP UA 183 42.20 78.51 -43.91
CA ASP UA 183 43.05 77.94 -42.87
C ASP UA 183 42.24 76.91 -42.09
N SER UA 184 42.75 75.69 -42.03
CA SER UA 184 42.05 74.65 -41.29
C SER UA 184 42.13 74.89 -39.79
N GLU UA 185 43.27 75.37 -39.30
CA GLU UA 185 43.46 75.51 -37.86
C GLU UA 185 42.62 76.64 -37.30
N SER UA 186 42.64 77.80 -37.95
CA SER UA 186 41.95 78.98 -37.45
C SER UA 186 40.52 79.09 -37.96
N LYS UA 187 40.12 78.25 -38.92
CA LYS UA 187 38.80 78.29 -39.54
C LYS UA 187 38.51 79.69 -40.10
N GLU UA 188 39.54 80.33 -40.63
CA GLU UA 188 39.43 81.67 -41.18
C GLU UA 188 40.05 81.70 -42.57
N PHE UA 189 39.38 82.40 -43.48
CA PHE UA 189 39.82 82.50 -44.86
C PHE UA 189 40.77 83.68 -44.99
N ASN UA 190 42.02 83.40 -45.35
CA ASN UA 190 43.03 84.45 -45.43
C ASN UA 190 42.73 85.42 -46.56
N ALA UA 191 42.23 84.92 -47.69
CA ALA UA 191 41.83 85.70 -48.86
C ALA UA 191 42.98 86.47 -49.50
N GLU UA 192 44.22 86.18 -49.12
CA GLU UA 192 45.38 86.79 -49.76
C GLU UA 192 46.30 85.76 -50.38
N VAL UA 193 46.63 84.70 -49.67
CA VAL UA 193 47.39 83.61 -50.28
C VAL UA 193 46.54 82.93 -51.35
N HIS UA 194 45.22 82.97 -51.21
CA HIS UA 194 44.36 82.48 -52.28
C HIS UA 194 44.52 83.33 -53.53
N ARG UA 195 44.60 84.65 -53.37
CA ARG UA 195 44.83 85.51 -54.52
C ARG UA 195 46.21 85.25 -55.13
N LYS UA 196 47.20 84.97 -54.26
CA LYS UA 196 48.53 84.63 -54.76
C LYS UA 196 48.50 83.34 -55.57
N HIS UA 197 47.73 82.34 -55.11
CA HIS UA 197 47.58 81.12 -55.89
C HIS UA 197 46.86 81.38 -57.21
N ILE UA 198 45.86 82.28 -57.20
CA ILE UA 198 45.15 82.62 -58.42
C ILE UA 198 46.12 83.23 -59.44
N MET UA 199 46.96 84.16 -58.98
CA MET UA 199 47.97 84.75 -59.83
C MET UA 199 49.18 83.85 -60.05
N GLY UA 200 49.21 82.68 -59.42
CA GLY UA 200 50.34 81.79 -59.55
C GLY UA 200 51.58 82.24 -58.83
N GLN UA 201 51.43 83.09 -57.80
CA GLN UA 201 52.59 83.62 -57.09
C GLN UA 201 53.36 82.52 -56.37
N ASN UA 202 52.67 81.47 -55.92
CA ASN UA 202 53.37 80.34 -55.33
C ASN UA 202 54.22 79.61 -56.36
N VAL UA 203 53.74 79.53 -57.60
CA VAL UA 203 54.54 78.93 -58.67
C VAL UA 203 55.78 79.76 -58.95
N ALA UA 204 55.63 81.08 -59.02
CA ALA UA 204 56.78 81.95 -59.25
C ALA UA 204 57.77 81.86 -58.10
N ASP UA 205 57.25 81.77 -56.87
CA ASP UA 205 58.11 81.57 -55.71
C ASP UA 205 58.86 80.25 -55.80
N TYR UA 206 58.22 79.20 -56.29
CA TYR UA 206 58.91 77.94 -56.51
C TYR UA 206 60.01 78.09 -57.56
N MET UA 207 59.72 78.82 -58.64
CA MET UA 207 60.74 79.01 -59.68
C MET UA 207 61.96 79.76 -59.13
N ARG UA 208 61.73 80.85 -58.40
CA ARG UA 208 62.87 81.58 -57.86
C ARG UA 208 63.56 80.80 -56.75
N TYR UA 209 62.82 79.93 -56.06
CA TYR UA 209 63.45 79.04 -55.08
C TYR UA 209 64.39 78.07 -55.77
N LEU UA 210 63.91 77.41 -56.83
CA LEU UA 210 64.74 76.48 -57.57
C LEU UA 210 65.91 77.16 -58.27
N MET UA 211 65.78 78.45 -58.56
CA MET UA 211 66.90 79.17 -59.15
C MET UA 211 68.08 79.33 -58.20
N GLU UA 212 67.89 79.05 -56.90
CA GLU UA 212 68.94 79.28 -55.92
C GLU UA 212 69.60 77.99 -55.45
N GLU UA 213 68.82 77.01 -54.99
CA GLU UA 213 69.41 75.82 -54.37
C GLU UA 213 70.08 74.90 -55.37
N ASP UA 214 69.51 74.73 -56.56
CA ASP UA 214 70.11 73.83 -57.54
C ASP UA 214 69.66 74.21 -58.93
N GLU UA 215 70.61 74.43 -59.85
CA GLU UA 215 70.28 74.97 -61.16
C GLU UA 215 69.66 73.91 -62.06
N ASP UA 216 70.30 72.74 -62.17
CA ASP UA 216 69.82 71.72 -63.10
C ASP UA 216 68.45 71.20 -62.69
N ALA UA 217 68.16 71.17 -61.40
CA ALA UA 217 66.82 70.82 -60.95
C ALA UA 217 65.79 71.82 -61.46
N TYR UA 218 66.13 73.11 -61.40
CA TYR UA 218 65.25 74.14 -61.93
C TYR UA 218 65.03 73.96 -63.43
N LYS UA 219 66.11 73.66 -64.15
CA LYS UA 219 65.98 73.45 -65.59
C LYS UA 219 65.09 72.25 -65.89
N LYS UA 220 65.31 71.14 -65.21
CA LYS UA 220 64.53 69.93 -65.46
C LYS UA 220 63.06 70.15 -65.11
N GLN UA 221 62.79 70.89 -64.03
CA GLN UA 221 61.40 71.16 -63.66
C GLN UA 221 60.74 72.09 -64.68
N PHE UA 222 61.28 73.29 -64.85
CA PHE UA 222 60.67 74.28 -65.74
C PHE UA 222 61.42 74.36 -67.06
N SER UA 223 61.58 73.21 -67.71
CA SER UA 223 62.24 73.19 -69.01
C SER UA 223 61.46 74.00 -70.05
N GLN UA 224 60.16 73.74 -70.17
CA GLN UA 224 59.37 74.47 -71.15
C GLN UA 224 59.17 75.93 -70.77
N TYR UA 225 59.36 76.28 -69.50
CA TYR UA 225 59.36 77.69 -69.11
C TYR UA 225 60.52 78.42 -69.75
N ILE UA 226 61.71 77.80 -69.71
CA ILE UA 226 62.90 78.38 -70.34
C ILE UA 226 62.65 78.59 -71.81
N LYS UA 227 61.98 77.65 -72.46
CA LYS UA 227 61.45 77.89 -73.80
C LYS UA 227 60.48 79.05 -73.75
N ASN UA 228 60.85 80.15 -74.41
CA ASN UA 228 60.19 81.45 -74.44
C ASN UA 228 60.38 82.23 -73.14
N SER UA 229 61.04 81.67 -72.13
CA SER UA 229 61.58 82.39 -70.99
C SER UA 229 60.49 83.21 -70.27
N VAL UA 230 59.52 82.49 -69.75
CA VAL UA 230 58.45 83.10 -68.96
C VAL UA 230 59.01 83.26 -67.54
N THR UA 231 59.54 84.44 -67.26
CA THR UA 231 60.19 84.69 -65.99
C THR UA 231 59.17 84.77 -64.86
N PRO UA 232 59.57 84.44 -63.63
CA PRO UA 232 58.61 84.47 -62.51
C PRO UA 232 58.01 85.83 -62.24
N ASP UA 233 58.77 86.91 -62.46
CA ASP UA 233 58.30 88.24 -62.08
C ASP UA 233 57.16 88.72 -62.97
N MET UA 234 57.12 88.29 -64.23
CA MET UA 234 56.13 88.75 -65.18
C MET UA 234 54.87 87.90 -65.19
N MET UA 235 54.79 86.90 -64.31
CA MET UA 235 53.66 85.98 -64.33
C MET UA 235 52.36 86.70 -64.00
N GLU UA 236 52.39 87.59 -62.99
CA GLU UA 236 51.19 88.32 -62.61
C GLU UA 236 50.68 89.19 -63.74
N GLU UA 237 51.60 89.91 -64.40
CA GLU UA 237 51.20 90.75 -65.53
C GLU UA 237 50.67 89.91 -66.66
N MET UA 238 51.28 88.76 -66.93
CA MET UA 238 50.81 87.89 -68.00
C MET UA 238 49.39 87.41 -67.71
N TYR UA 239 49.12 87.02 -66.46
CA TYR UA 239 47.80 86.52 -66.13
C TYR UA 239 46.77 87.65 -66.17
N LYS UA 240 47.15 88.86 -65.75
CA LYS UA 240 46.23 89.98 -65.85
C LYS UA 240 45.90 90.31 -67.31
N LYS UA 241 46.91 90.25 -68.18
CA LYS UA 241 46.67 90.47 -69.60
C LYS UA 241 45.78 89.38 -70.17
N ALA UA 242 45.98 88.14 -69.73
CA ALA UA 242 45.14 87.05 -70.19
C ALA UA 242 43.69 87.26 -69.77
N HIS UA 243 43.48 87.69 -68.52
CA HIS UA 243 42.12 87.96 -68.05
C HIS UA 243 41.49 89.10 -68.84
N ALA UA 244 42.26 90.15 -69.11
CA ALA UA 244 41.73 91.27 -69.89
C ALA UA 244 41.34 90.81 -71.29
N ALA UA 245 42.17 89.98 -71.92
CA ALA UA 245 41.83 89.46 -73.24
C ALA UA 245 40.61 88.56 -73.18
N ILE UA 246 40.46 87.79 -72.10
CA ILE UA 246 39.30 86.92 -71.96
C ILE UA 246 38.03 87.75 -71.90
N ARG UA 247 38.01 88.79 -71.06
CA ARG UA 247 36.84 89.67 -71.03
C ARG UA 247 36.66 90.43 -72.33
N GLU UA 248 37.75 90.68 -73.05
CA GLU UA 248 37.65 91.39 -74.33
C GLU UA 248 36.93 90.53 -75.37
N ASN UA 249 37.35 89.28 -75.53
CA ASN UA 249 36.78 88.41 -76.56
C ASN UA 249 36.90 86.97 -76.12
N PRO UA 250 35.82 86.40 -75.56
CA PRO UA 250 35.82 84.98 -75.20
C PRO UA 250 35.24 84.05 -76.27
N VAL UA 251 34.92 84.57 -77.46
CA VAL UA 251 34.27 83.76 -78.47
C VAL UA 251 35.25 82.73 -79.00
N TYR UA 252 34.80 81.47 -79.06
CA TYR UA 252 35.58 80.38 -79.61
C TYR UA 252 34.97 79.93 -80.93
N GLU UA 253 35.80 79.78 -81.95
CA GLU UA 253 35.35 79.32 -83.26
C GLU UA 253 35.91 77.94 -83.54
N LYS UA 254 35.18 77.19 -84.37
CA LYS UA 254 35.65 75.88 -84.80
C LYS UA 254 36.63 76.09 -85.95
N LYS UA 255 37.89 75.72 -85.71
CA LYS UA 255 38.91 75.87 -86.74
C LYS UA 255 38.59 74.97 -87.93
N PRO UA 256 38.76 75.47 -89.16
CA PRO UA 256 38.31 74.70 -90.33
C PRO UA 256 39.34 73.66 -90.74
N LYS UA 257 38.88 72.42 -90.89
CA LYS UA 257 39.73 71.34 -91.38
C LYS UA 257 38.84 70.28 -92.00
N LYS UA 258 38.80 70.24 -93.33
CA LYS UA 258 37.91 69.33 -94.05
C LYS UA 258 38.60 68.55 -95.15
N GLU UA 259 39.85 68.85 -95.47
CA GLU UA 259 40.57 68.27 -96.61
C GLU UA 259 41.25 66.95 -96.26
N VAL UA 260 40.49 66.08 -95.62
CA VAL UA 260 41.01 64.81 -95.10
C VAL UA 260 40.34 63.66 -95.84
N LYS UA 261 41.15 62.66 -96.22
CA LYS UA 261 40.61 61.45 -96.81
C LYS UA 261 40.19 60.48 -95.71
N LYS UA 262 39.54 59.40 -96.12
CA LYS UA 262 39.13 58.36 -95.17
C LYS UA 262 40.16 57.26 -95.08
N LYS UA 263 41.40 57.63 -94.79
CA LYS UA 263 42.47 56.65 -94.63
C LYS UA 263 42.20 55.85 -93.36
N ARG UA 264 41.82 54.59 -93.53
CA ARG UA 264 41.37 53.76 -92.42
C ARG UA 264 42.57 53.10 -91.76
N TRP UA 265 42.80 53.43 -90.48
CA TRP UA 265 43.91 52.86 -89.74
C TRP UA 265 43.52 51.59 -89.00
N ASN UA 266 42.28 51.46 -88.57
CA ASN UA 266 41.82 50.28 -87.85
C ASN UA 266 41.68 49.10 -88.81
N ARG UA 267 41.85 47.90 -88.27
CA ARG UA 267 41.67 46.70 -89.06
C ARG UA 267 40.19 46.37 -89.17
N PRO UA 268 39.63 46.27 -90.37
CA PRO UA 268 38.23 45.86 -90.50
C PRO UA 268 38.02 44.45 -90.01
N LYS UA 269 36.83 44.20 -89.47
CA LYS UA 269 36.54 42.94 -88.81
C LYS UA 269 36.45 41.81 -89.84
N MET UA 270 36.98 40.65 -89.46
CA MET UA 270 36.94 39.48 -90.34
C MET UA 270 35.52 38.97 -90.49
N SER UA 271 35.25 38.33 -91.62
CA SER UA 271 33.92 37.84 -91.94
C SER UA 271 33.77 36.38 -91.56
N LEU UA 272 32.52 35.91 -91.60
CA LEU UA 272 32.20 34.54 -91.23
C LEU UA 272 32.85 33.53 -92.18
N ALA UA 273 32.80 33.82 -93.49
CA ALA UA 273 33.42 32.92 -94.45
C ALA UA 273 34.93 32.86 -94.24
N GLN UA 274 35.55 34.00 -93.97
CA GLN UA 274 36.98 34.02 -93.69
C GLN UA 274 37.30 33.22 -92.44
N LYS UA 275 36.47 33.35 -91.41
CA LYS UA 275 36.69 32.61 -90.17
C LYS UA 275 36.59 31.10 -90.40
N LYS UA 276 35.55 30.67 -91.11
CA LYS UA 276 35.38 29.25 -91.40
C LYS UA 276 36.52 28.71 -92.24
N ASP UA 277 36.92 29.45 -93.27
CA ASP UA 277 38.01 28.99 -94.12
C ASP UA 277 39.33 28.95 -93.35
N ARG UA 278 39.54 29.90 -92.43
CA ARG UA 278 40.75 29.86 -91.61
C ARG UA 278 40.75 28.65 -90.71
N VAL UA 279 39.60 28.31 -90.11
CA VAL UA 279 39.53 27.12 -89.28
C VAL UA 279 39.83 25.87 -90.09
N ALA UA 280 39.24 25.79 -91.29
CA ALA UA 280 39.51 24.63 -92.15
C ALA UA 280 40.97 24.54 -92.54
N GLN UA 281 41.59 25.69 -92.85
CA GLN UA 281 43.00 25.71 -93.21
C GLN UA 281 43.87 25.27 -92.04
N LYS UA 282 43.54 25.72 -90.84
CA LYS UA 282 44.30 25.31 -89.66
C LYS UA 282 44.18 23.82 -89.43
N LYS UA 283 42.97 23.27 -89.56
CA LYS UA 283 42.78 21.83 -89.39
C LYS UA 283 43.57 21.04 -90.43
N ALA UA 284 43.49 21.46 -91.71
CA ALA UA 284 44.19 20.76 -92.76
C ALA UA 284 45.70 20.84 -92.58
N SER UA 285 46.22 22.01 -92.22
CA SER UA 285 47.65 22.18 -92.00
C SER UA 285 48.12 21.34 -90.82
N PHE UA 286 47.35 21.31 -89.73
CA PHE UA 286 47.72 20.50 -88.58
C PHE UA 286 47.76 19.03 -88.94
N LEU UA 287 46.75 18.55 -89.67
CA LEU UA 287 46.73 17.14 -90.06
C LEU UA 287 47.88 16.81 -91.00
N ARG UA 288 48.14 17.70 -91.97
CA ARG UA 288 49.22 17.46 -92.92
C ARG UA 288 50.58 17.43 -92.23
N ALA UA 289 50.81 18.34 -91.28
CA ALA UA 289 52.03 18.29 -90.50
C ALA UA 289 52.09 17.06 -89.61
N GLN UA 290 50.95 16.58 -89.15
CA GLN UA 290 50.94 15.36 -88.33
C GLN UA 290 51.30 14.13 -89.14
N GLU UA 291 50.86 14.06 -90.40
CA GLU UA 291 51.11 12.87 -91.20
C GLU UA 291 52.59 12.62 -91.48
N ARG UA 292 53.46 13.61 -91.26
CA ARG UA 292 54.89 13.38 -91.46
C ARG UA 292 55.40 12.32 -90.48
N ALA UA 293 54.97 12.39 -89.23
CA ALA UA 293 55.36 11.46 -88.16
C ALA UA 293 56.87 11.35 -88.01
N LYS VA 1 -72.18 52.32 -125.39
CA LYS VA 1 -71.92 51.20 -124.52
C LYS VA 1 -71.88 49.91 -125.34
N GLY VA 2 -70.69 49.36 -125.53
CA GLY VA 2 -70.53 48.19 -126.37
C GLY VA 2 -70.75 46.88 -125.64
N LYS VA 3 -70.68 45.79 -126.39
CA LYS VA 3 -70.82 44.46 -125.82
C LYS VA 3 -69.61 44.13 -124.95
N PRO VA 4 -69.81 43.34 -123.91
CA PRO VA 4 -68.67 42.91 -123.08
C PRO VA 4 -67.73 42.01 -123.87
N HIS VA 5 -66.47 42.03 -123.47
CA HIS VA 5 -65.46 41.18 -124.10
C HIS VA 5 -64.92 40.19 -123.08
N CYS VA 6 -64.28 39.14 -123.60
CA CYS VA 6 -63.68 38.13 -122.76
C CYS VA 6 -62.45 38.69 -122.05
N SER VA 7 -61.94 37.92 -121.10
CA SER VA 7 -60.91 38.43 -120.19
C SER VA 7 -59.61 38.77 -120.90
N ARG VA 8 -59.31 38.10 -122.02
CA ARG VA 8 -58.13 38.37 -122.84
C ARG VA 8 -56.82 38.12 -122.09
N ASN VA 9 -56.91 37.60 -120.87
CA ASN VA 9 -55.74 37.18 -120.10
C ASN VA 9 -56.05 35.82 -119.52
N PRO VA 10 -55.81 34.75 -120.29
CA PRO VA 10 -56.19 33.41 -119.82
C PRO VA 10 -55.46 33.05 -118.54
N VAL VA 11 -56.18 32.38 -117.65
CA VAL VA 11 -55.61 32.02 -116.36
C VAL VA 11 -54.77 30.76 -116.52
N LEU VA 12 -53.59 30.78 -115.92
CA LEU VA 12 -52.72 29.62 -115.83
C LEU VA 12 -52.53 29.13 -114.41
N VAL VA 13 -52.53 30.03 -113.44
CA VAL VA 13 -52.54 29.71 -112.01
C VAL VA 13 -53.54 30.64 -111.36
N ARG VA 14 -54.31 30.12 -110.41
CA ARG VA 14 -55.37 30.88 -109.76
C ARG VA 14 -54.83 32.20 -109.21
N GLY VA 15 -55.43 33.30 -109.65
CA GLY VA 15 -55.03 34.62 -109.21
C GLY VA 15 -53.90 35.26 -109.98
N ILE VA 16 -53.30 34.56 -110.94
CA ILE VA 16 -52.20 35.11 -111.72
C ILE VA 16 -52.55 34.96 -113.20
N GLY VA 17 -52.50 36.07 -113.93
CA GLY VA 17 -52.74 36.03 -115.36
C GLY VA 17 -51.54 35.54 -116.14
N ARG VA 18 -51.79 35.19 -117.40
CA ARG VA 18 -50.73 34.68 -118.24
C ARG VA 18 -49.80 35.78 -118.74
N TYR VA 19 -50.33 36.96 -119.04
CA TYR VA 19 -49.55 38.05 -119.60
C TYR VA 19 -49.27 39.10 -118.54
N SER VA 20 -48.32 39.98 -118.85
CA SER VA 20 -47.84 40.98 -117.91
C SER VA 20 -48.64 42.26 -118.06
N ARG VA 21 -48.26 43.28 -117.29
CA ARG VA 21 -48.95 44.56 -117.32
C ARG VA 21 -48.83 45.21 -118.70
N SER VA 22 -47.61 45.28 -119.23
CA SER VA 22 -47.42 45.89 -120.54
C SER VA 22 -48.03 45.03 -121.64
N ALA VA 23 -47.96 43.70 -121.50
CA ALA VA 23 -48.55 42.83 -122.51
C ALA VA 23 -50.06 43.03 -122.59
N MET VA 24 -50.73 43.07 -121.43
CA MET VA 24 -52.17 43.33 -121.44
C MET VA 24 -52.49 44.76 -121.85
N TYR VA 25 -51.60 45.72 -121.57
CA TYR VA 25 -51.78 47.07 -122.08
C TYR VA 25 -51.80 47.07 -123.60
N SER VA 26 -50.83 46.37 -124.22
CA SER VA 26 -50.78 46.29 -125.66
C SER VA 26 -52.00 45.56 -126.21
N ARG VA 27 -52.41 44.47 -125.56
CA ARG VA 27 -53.56 43.71 -126.04
C ARG VA 27 -54.86 44.47 -125.91
N LYS VA 28 -55.00 45.31 -124.89
CA LYS VA 28 -56.18 46.14 -124.72
C LYS VA 28 -56.12 47.44 -125.51
N ALA VA 29 -54.94 47.78 -126.06
CA ALA VA 29 -54.73 49.03 -126.79
C ALA VA 29 -55.09 50.24 -125.92
N MET VA 30 -54.65 50.21 -124.67
CA MET VA 30 -54.93 51.31 -123.75
C MET VA 30 -54.22 52.60 -124.14
N TYR VA 31 -53.24 52.52 -125.05
CA TYR VA 31 -52.57 53.71 -125.53
C TYR VA 31 -53.49 54.65 -126.30
N LYS VA 32 -54.59 54.14 -126.85
CA LYS VA 32 -55.52 54.95 -127.61
C LYS VA 32 -56.87 55.14 -126.93
N ARG VA 33 -57.21 54.35 -125.92
CA ARG VA 33 -58.47 54.49 -125.20
C ARG VA 33 -58.30 55.41 -123.99
N LYS VA 34 -57.73 56.58 -124.24
CA LYS VA 34 -57.45 57.53 -123.17
C LYS VA 34 -58.62 58.51 -123.06
N TYR VA 35 -59.18 58.61 -121.85
CA TYR VA 35 -60.30 59.50 -121.59
C TYR VA 35 -59.97 60.34 -120.36
N SER VA 36 -60.12 61.66 -120.49
CA SER VA 36 -59.73 62.60 -119.44
C SER VA 36 -60.92 63.34 -118.84
N ALA VA 37 -61.72 64.01 -119.67
CA ALA VA 37 -62.86 64.78 -119.20
C ALA VA 37 -64.14 63.97 -119.31
N ALA VA 38 -65.11 64.34 -118.48
CA ALA VA 38 -66.40 63.65 -118.46
C ALA VA 38 -67.39 64.29 -119.42
N LYS VA 49 -82.92 61.17 -107.69
CA LYS VA 49 -82.48 59.83 -107.33
C LYS VA 49 -83.67 58.92 -107.04
N VAL VA 50 -84.07 58.87 -105.77
CA VAL VA 50 -85.20 58.06 -105.32
C VAL VA 50 -86.25 59.00 -104.75
N LEU VA 51 -87.48 58.88 -105.25
CA LEU VA 51 -88.58 59.75 -104.83
C LEU VA 51 -89.18 59.17 -103.55
N ALA VA 52 -88.52 59.47 -102.42
CA ALA VA 52 -88.98 58.95 -101.13
C ALA VA 52 -90.26 59.62 -100.66
N THR VA 53 -90.58 60.80 -101.18
CA THR VA 53 -91.82 61.51 -100.84
C THR VA 53 -92.62 61.75 -102.09
N VAL VA 54 -93.93 61.54 -102.01
CA VAL VA 54 -94.83 61.73 -103.13
C VAL VA 54 -95.97 62.65 -102.68
N THR VA 55 -96.35 63.59 -103.55
CA THR VA 55 -97.49 64.43 -103.29
C THR VA 55 -98.76 63.77 -103.80
N LYS VA 56 -99.81 63.79 -102.98
CA LYS VA 56 -101.08 63.18 -103.33
C LYS VA 56 -102.20 64.17 -103.08
N PRO VA 57 -103.17 64.29 -103.98
CA PRO VA 57 -104.38 65.06 -103.66
C PRO VA 57 -105.11 64.44 -102.48
N VAL VA 58 -105.65 65.29 -101.62
CA VAL VA 58 -106.19 64.81 -100.35
C VAL VA 58 -107.61 64.30 -100.51
N GLY VA 59 -108.41 64.93 -101.36
CA GLY VA 59 -109.82 64.61 -101.44
C GLY VA 59 -110.61 65.28 -100.33
N GLY VA 60 -111.79 65.78 -100.65
CA GLY VA 60 -112.57 66.56 -99.70
C GLY VA 60 -112.21 68.03 -99.73
N ASP VA 61 -113.20 68.90 -99.64
CA ASP VA 61 -112.95 70.33 -99.76
C ASP VA 61 -112.20 70.85 -98.52
N LYS VA 62 -111.60 72.03 -98.69
CA LYS VA 62 -110.94 72.81 -97.64
C LYS VA 62 -110.01 71.98 -96.76
N ASN VA 63 -109.49 70.88 -97.29
CA ASN VA 63 -108.57 70.01 -96.57
C ASN VA 63 -107.15 70.15 -97.08
N GLY VA 64 -106.77 71.36 -97.50
CA GLY VA 64 -105.48 71.56 -98.10
C GLY VA 64 -105.45 71.11 -99.56
N GLY VA 65 -104.43 71.56 -100.27
CA GLY VA 65 -104.30 71.19 -101.66
C GLY VA 65 -103.87 69.75 -101.83
N THR VA 66 -102.66 69.45 -101.38
CA THR VA 66 -102.11 68.11 -101.47
C THR VA 66 -101.34 67.80 -100.19
N ARG VA 67 -101.08 66.52 -99.99
CA ARG VA 67 -100.31 66.02 -98.86
C ARG VA 67 -99.00 65.45 -99.37
N VAL VA 68 -97.90 65.84 -98.73
CA VAL VA 68 -96.57 65.33 -99.10
C VAL VA 68 -96.35 64.09 -98.24
N VAL VA 69 -96.86 62.96 -98.71
CA VAL VA 69 -96.74 61.71 -97.97
C VAL VA 69 -95.34 61.15 -98.22
N LYS VA 70 -94.59 60.95 -97.15
CA LYS VA 70 -93.24 60.44 -97.24
C LYS VA 70 -93.24 58.93 -96.97
N LEU VA 71 -92.47 58.20 -97.77
CA LEU VA 71 -92.34 56.77 -97.59
C LEU VA 71 -91.32 56.47 -96.49
N ARG VA 72 -91.38 55.24 -95.98
CA ARG VA 72 -90.48 54.77 -94.92
C ARG VA 72 -90.56 55.68 -93.69
N LYS VA 73 -91.74 55.65 -93.08
CA LYS VA 73 -92.03 56.51 -91.95
C LYS VA 73 -91.07 56.25 -90.80
N MET VA 74 -90.91 57.25 -89.94
CA MET VA 74 -89.98 57.15 -88.83
C MET VA 74 -90.41 56.05 -87.86
N PRO VA 75 -89.46 55.35 -87.25
CA PRO VA 75 -89.82 54.30 -86.30
C PRO VA 75 -90.59 54.85 -85.12
N ARG VA 76 -91.59 54.09 -84.67
CA ARG VA 76 -92.44 54.50 -83.56
C ARG VA 76 -91.99 53.94 -82.23
N TYR VA 77 -90.91 53.16 -82.20
CA TYR VA 77 -90.38 52.67 -80.94
C TYR VA 77 -88.92 52.31 -81.15
N TYR VA 78 -88.11 52.51 -80.13
CA TYR VA 78 -86.72 52.11 -80.15
C TYR VA 78 -86.44 51.17 -78.98
N PRO VA 79 -85.61 50.16 -79.18
CA PRO VA 79 -85.20 49.32 -78.06
C PRO VA 79 -84.35 50.11 -77.08
N THR VA 80 -84.24 49.59 -75.86
CA THR VA 80 -83.44 50.25 -74.83
C THR VA 80 -81.97 50.34 -75.25
N GLU VA 81 -81.51 49.41 -76.07
CA GLU VA 81 -80.14 49.45 -76.58
C GLU VA 81 -80.07 48.60 -77.84
N ASP VA 82 -79.04 48.86 -78.64
CA ASP VA 82 -78.84 48.18 -79.92
C ASP VA 82 -77.49 47.48 -79.92
N VAL VA 83 -77.19 46.83 -81.03
CA VAL VA 83 -75.95 46.09 -81.23
C VAL VA 83 -75.13 46.82 -82.29
N PRO VA 84 -73.87 47.14 -82.02
CA PRO VA 84 -73.04 47.77 -83.05
C PRO VA 84 -72.84 46.84 -84.24
N ARG VA 85 -72.70 47.43 -85.42
CA ARG VA 85 -72.63 46.66 -86.64
C ARG VA 85 -71.31 45.90 -86.73
N LYS VA 86 -71.33 44.83 -87.52
CA LYS VA 86 -70.15 43.99 -87.71
C LYS VA 86 -69.14 44.71 -88.60
N LEU VA 87 -67.97 44.10 -88.74
CA LEU VA 87 -66.98 44.58 -89.68
C LEU VA 87 -67.14 43.86 -91.02
N LEU VA 88 -66.26 44.17 -91.96
CA LEU VA 88 -66.36 43.63 -93.32
C LEU VA 88 -65.35 42.52 -93.52
N SER VA 89 -65.80 41.42 -94.12
CA SER VA 89 -65.03 40.19 -94.19
C SER VA 89 -64.40 39.93 -95.57
N HIS VA 90 -64.62 40.83 -96.53
CA HIS VA 90 -64.06 40.75 -97.90
C HIS VA 90 -64.23 39.38 -98.53
N GLY VA 91 -65.26 38.64 -98.15
CA GLY VA 91 -65.47 37.31 -98.67
C GLY VA 91 -66.59 36.59 -97.96
N LYS VA 92 -66.39 35.32 -97.63
CA LYS VA 92 -67.38 34.51 -96.92
C LYS VA 92 -68.71 34.49 -97.67
N LYS VA 93 -68.63 33.96 -98.89
CA LYS VA 93 -69.80 33.90 -99.75
C LYS VA 93 -70.86 32.97 -99.17
N PRO VA 94 -72.14 33.23 -99.45
CA PRO VA 94 -73.19 32.32 -98.96
C PRO VA 94 -73.11 30.95 -99.62
N PHE VA 95 -73.79 29.99 -99.00
CA PHE VA 95 -73.74 28.60 -99.44
C PHE VA 95 -74.17 28.45 -100.89
N SER VA 96 -75.14 29.25 -101.33
CA SER VA 96 -75.59 29.18 -102.71
C SER VA 96 -74.50 29.63 -103.67
N GLN VA 97 -73.63 30.54 -103.24
CA GLN VA 97 -72.60 31.09 -104.11
C GLN VA 97 -71.27 30.34 -104.01
N HIS VA 98 -71.20 29.30 -103.19
CA HIS VA 98 -69.96 28.55 -103.04
C HIS VA 98 -69.66 27.73 -104.28
N VAL VA 99 -68.37 27.66 -104.63
CA VAL VA 99 -67.95 26.77 -105.70
C VAL VA 99 -68.06 25.32 -105.23
N ARG VA 100 -68.58 24.47 -106.10
CA ARG VA 100 -68.81 23.07 -105.77
C ARG VA 100 -67.64 22.22 -106.23
N LYS VA 101 -67.27 21.25 -105.40
CA LYS VA 101 -66.18 20.34 -105.69
C LYS VA 101 -66.70 18.91 -105.73
N LEU VA 102 -66.13 18.11 -106.63
CA LEU VA 102 -66.51 16.72 -106.78
C LEU VA 102 -65.26 15.86 -106.79
N ARG VA 103 -65.34 14.69 -106.16
CA ARG VA 103 -64.21 13.78 -106.13
C ARG VA 103 -63.89 13.27 -107.53
N ALA VA 104 -62.60 13.06 -107.80
CA ALA VA 104 -62.17 12.60 -109.10
C ALA VA 104 -62.64 11.19 -109.41
N SER VA 105 -62.98 10.40 -108.40
CA SER VA 105 -63.43 9.04 -108.59
C SER VA 105 -64.92 8.94 -108.89
N ILE VA 106 -65.62 10.06 -108.93
CA ILE VA 106 -67.06 10.07 -109.16
C ILE VA 106 -67.31 10.60 -110.57
N THR VA 107 -67.84 9.74 -111.42
CA THR VA 107 -68.19 10.04 -112.80
C THR VA 107 -69.64 9.66 -113.02
N PRO VA 108 -70.32 10.30 -113.97
CA PRO VA 108 -71.70 9.91 -114.29
C PRO VA 108 -71.76 8.45 -114.73
N GLY VA 109 -72.54 7.67 -113.99
CA GLY VA 109 -72.64 6.24 -114.21
C GLY VA 109 -71.84 5.41 -113.24
N THR VA 110 -71.20 6.03 -112.26
CA THR VA 110 -70.41 5.28 -111.29
C THR VA 110 -71.33 4.67 -110.24
N ILE VA 111 -71.02 3.43 -109.85
CA ILE VA 111 -71.79 2.74 -108.82
C ILE VA 111 -71.31 3.20 -107.46
N LEU VA 112 -72.24 3.68 -106.63
CA LEU VA 112 -71.93 4.17 -105.31
C LEU VA 112 -72.60 3.31 -104.25
N ILE VA 113 -72.09 3.40 -103.02
CA ILE VA 113 -72.64 2.68 -101.88
C ILE VA 113 -73.10 3.69 -100.86
N ILE VA 114 -74.38 3.59 -100.47
CA ILE VA 114 -74.96 4.50 -99.50
C ILE VA 114 -74.53 4.08 -98.11
N LEU VA 115 -74.01 5.03 -97.33
CA LEU VA 115 -73.49 4.76 -96.00
C LEU VA 115 -74.42 5.22 -94.89
N THR VA 116 -75.50 5.92 -95.21
CA THR VA 116 -76.41 6.47 -94.21
C THR VA 116 -77.84 6.21 -94.64
N GLY VA 117 -78.78 6.65 -93.83
CA GLY VA 117 -80.19 6.59 -94.18
C GLY VA 117 -80.76 5.20 -94.07
N ARG VA 118 -82.05 5.10 -94.41
CA ARG VA 118 -82.72 3.80 -94.41
C ARG VA 118 -82.20 2.91 -95.54
N HIS VA 119 -81.58 3.49 -96.55
CA HIS VA 119 -80.96 2.72 -97.62
C HIS VA 119 -79.48 2.49 -97.39
N ARG VA 120 -79.10 2.35 -96.12
CA ARG VA 120 -77.70 2.11 -95.75
C ARG VA 120 -77.19 0.83 -96.39
N GLY VA 121 -76.01 0.91 -96.99
CA GLY VA 121 -75.38 -0.25 -97.58
C GLY VA 121 -75.91 -0.68 -98.92
N LYS VA 122 -76.79 0.11 -99.53
CA LYS VA 122 -77.33 -0.21 -100.85
C LYS VA 122 -76.45 0.38 -101.94
N ARG VA 123 -76.41 -0.31 -103.08
CA ARG VA 123 -75.61 0.12 -104.22
C ARG VA 123 -76.51 0.80 -105.24
N VAL VA 124 -76.17 2.03 -105.59
CA VAL VA 124 -76.97 2.86 -106.50
C VAL VA 124 -76.10 3.37 -107.63
N VAL VA 125 -76.70 4.13 -108.55
CA VAL VA 125 -76.03 4.65 -109.73
C VAL VA 125 -76.02 6.17 -109.66
N PHE VA 126 -74.85 6.76 -109.84
CA PHE VA 126 -74.73 8.21 -109.84
C PHE VA 126 -75.11 8.78 -111.20
N LEU VA 127 -75.84 9.89 -111.19
CA LEU VA 127 -76.28 10.53 -112.42
C LEU VA 127 -75.58 11.88 -112.64
N LYS VA 128 -75.76 12.82 -111.71
CA LYS VA 128 -75.21 14.15 -111.87
C LYS VA 128 -75.16 14.82 -110.52
N GLN VA 129 -74.39 15.90 -110.43
CA GLN VA 129 -74.27 16.70 -109.23
C GLN VA 129 -75.15 17.94 -109.35
N LEU VA 130 -76.03 18.14 -108.37
CA LEU VA 130 -76.95 19.26 -108.44
C LEU VA 130 -76.23 20.56 -108.13
N ALA VA 131 -76.98 21.67 -108.25
CA ALA VA 131 -76.42 22.98 -107.98
C ALA VA 131 -76.01 23.12 -106.51
N SER VA 132 -76.76 22.48 -105.60
CA SER VA 132 -76.37 22.51 -104.20
C SER VA 132 -75.14 21.68 -103.91
N GLY VA 133 -74.70 20.86 -104.86
CA GLY VA 133 -73.56 20.00 -104.69
C GLY VA 133 -73.89 18.57 -104.33
N LEU VA 134 -75.12 18.31 -103.90
CA LEU VA 134 -75.53 16.96 -103.57
C LEU VA 134 -75.65 16.12 -104.83
N LEU VA 135 -75.08 14.91 -104.78
CA LEU VA 135 -75.22 13.97 -105.89
C LEU VA 135 -76.64 13.46 -105.95
N LEU VA 136 -77.18 13.41 -107.17
CA LEU VA 136 -78.50 12.85 -107.44
C LEU VA 136 -78.31 11.43 -107.96
N VAL VA 137 -78.72 10.44 -107.16
CA VAL VA 137 -78.50 9.05 -107.50
C VAL VA 137 -79.82 8.31 -107.46
N THR VA 138 -79.90 7.24 -108.25
CA THR VA 138 -81.03 6.32 -108.17
C THR VA 138 -80.59 4.94 -108.64
N GLY VA 139 -80.38 4.04 -107.70
CA GLY VA 139 -80.47 2.64 -108.00
C GLY VA 139 -81.90 2.43 -108.43
N PRO VA 140 -82.10 1.70 -109.53
CA PRO VA 140 -83.46 1.60 -110.10
C PRO VA 140 -84.45 1.04 -109.09
N LEU VA 141 -85.65 1.63 -109.08
CA LEU VA 141 -86.68 1.19 -108.15
C LEU VA 141 -87.06 -0.26 -108.39
N VAL VA 142 -87.02 -0.70 -109.65
CA VAL VA 142 -87.24 -2.11 -109.96
C VAL VA 142 -86.11 -2.97 -109.45
N LEU VA 143 -84.95 -2.39 -109.13
CA LEU VA 143 -83.80 -3.17 -108.68
C LEU VA 143 -83.72 -3.25 -107.16
N ASN VA 144 -83.55 -2.11 -106.48
CA ASN VA 144 -83.23 -2.14 -105.07
C ASN VA 144 -84.01 -1.10 -104.27
N ARG VA 145 -85.23 -0.78 -104.68
CA ARG VA 145 -86.14 0.06 -103.89
C ARG VA 145 -85.53 1.41 -103.55
N VAL VA 146 -84.87 2.03 -104.52
CA VAL VA 146 -84.25 3.33 -104.34
C VAL VA 146 -84.90 4.30 -105.33
N PRO VA 147 -85.45 5.41 -104.88
CA PRO VA 147 -85.98 6.39 -105.83
C PRO VA 147 -84.90 7.36 -106.28
N LEU VA 148 -85.27 8.34 -107.10
CA LEU VA 148 -84.38 9.46 -107.38
C LEU VA 148 -84.14 10.24 -106.10
N ARG VA 149 -82.95 10.14 -105.53
CA ARG VA 149 -82.71 10.69 -104.20
C ARG VA 149 -81.38 11.42 -104.16
N ARG VA 150 -81.34 12.48 -103.36
CA ARG VA 150 -80.11 13.20 -103.13
C ARG VA 150 -79.26 12.49 -102.09
N THR VA 151 -77.96 12.77 -102.14
CA THR VA 151 -77.03 12.31 -101.12
C THR VA 151 -75.79 13.18 -101.18
N HIS VA 152 -74.98 13.11 -100.14
CA HIS VA 152 -73.74 13.87 -100.12
C HIS VA 152 -72.58 13.00 -100.58
N GLN VA 153 -71.68 13.60 -101.36
CA GLN VA 153 -70.54 12.86 -101.87
C GLN VA 153 -69.61 12.38 -100.76
N LYS VA 154 -69.66 13.02 -99.59
CA LYS VA 154 -68.84 12.59 -98.48
C LYS VA 154 -69.30 11.24 -97.94
N PHE VA 155 -70.61 10.98 -97.95
CA PHE VA 155 -71.19 9.79 -97.36
C PHE VA 155 -71.38 8.66 -98.37
N VAL VA 156 -70.64 8.67 -99.48
CA VAL VA 156 -70.74 7.61 -100.47
C VAL VA 156 -69.34 7.13 -100.81
N ILE VA 157 -69.27 5.91 -101.36
CA ILE VA 157 -68.03 5.28 -101.75
C ILE VA 157 -68.10 4.96 -103.24
N ALA VA 158 -67.10 5.41 -103.99
CA ALA VA 158 -67.10 5.27 -105.43
C ALA VA 158 -66.38 3.99 -105.82
N THR VA 159 -67.14 3.00 -106.29
CA THR VA 159 -66.54 1.79 -106.81
C THR VA 159 -65.89 2.06 -108.16
N SER VA 160 -64.88 1.26 -108.49
CA SER VA 160 -64.16 1.44 -109.74
C SER VA 160 -65.00 1.08 -110.95
N THR VA 161 -66.04 0.28 -110.79
CA THR VA 161 -66.89 -0.11 -111.92
C THR VA 161 -67.77 1.05 -112.35
N LYS VA 162 -68.10 1.06 -113.64
CA LYS VA 162 -68.91 2.13 -114.22
C LYS VA 162 -69.83 1.54 -115.28
N ILE VA 163 -70.93 2.24 -115.54
CA ILE VA 163 -71.81 1.94 -116.66
C ILE VA 163 -71.98 3.21 -117.47
N ASP VA 164 -71.82 3.11 -118.78
CA ASP VA 164 -71.84 4.30 -119.63
C ASP VA 164 -73.25 4.84 -119.73
N ILE VA 165 -73.58 5.82 -118.90
CA ILE VA 165 -74.89 6.45 -118.92
C ILE VA 165 -74.89 7.74 -119.74
N SER VA 166 -73.93 7.89 -120.65
CA SER VA 166 -73.89 9.04 -121.53
C SER VA 166 -75.13 9.06 -122.43
N ASN VA 167 -75.26 10.16 -123.16
CA ASN VA 167 -76.33 10.49 -124.12
C ASN VA 167 -77.70 9.95 -123.72
N VAL VA 168 -78.07 10.16 -122.47
CA VAL VA 168 -79.43 9.92 -122.00
C VAL VA 168 -80.10 11.28 -121.79
N LYS VA 169 -81.41 11.25 -121.61
CA LYS VA 169 -82.21 12.47 -121.49
C LYS VA 169 -82.65 12.63 -120.05
N ILE VA 170 -81.88 13.41 -119.29
CA ILE VA 170 -82.25 13.75 -117.92
C ILE VA 170 -83.17 14.96 -117.95
N PRO VA 171 -84.36 14.88 -117.36
CA PRO VA 171 -85.28 16.02 -117.39
C PRO VA 171 -84.68 17.25 -116.71
N LYS VA 172 -84.98 18.41 -117.28
CA LYS VA 172 -84.40 19.66 -116.78
C LYS VA 172 -84.99 20.03 -115.42
N HIS VA 173 -86.25 19.65 -115.17
CA HIS VA 173 -86.95 20.07 -113.96
C HIS VA 173 -86.59 19.24 -112.74
N LEU VA 174 -85.47 18.54 -112.76
CA LEU VA 174 -84.99 17.78 -111.60
C LEU VA 174 -83.95 18.64 -110.88
N THR VA 175 -84.41 19.40 -109.90
CA THR VA 175 -83.58 20.35 -109.18
C THR VA 175 -83.65 20.11 -107.67
N ASP VA 176 -82.84 20.87 -106.94
CA ASP VA 176 -82.88 20.79 -105.48
C ASP VA 176 -84.24 21.24 -104.94
N ALA VA 177 -84.87 22.22 -105.60
CA ALA VA 177 -86.23 22.58 -105.23
C ALA VA 177 -87.19 21.42 -105.46
N TYR VA 178 -86.97 20.66 -106.54
CA TYR VA 178 -87.79 19.48 -106.79
C TYR VA 178 -87.60 18.45 -105.69
N PHE VA 179 -86.37 18.24 -105.23
CA PHE VA 179 -86.09 17.24 -104.21
C PHE VA 179 -86.13 17.82 -102.80
N LYS VA 180 -86.65 19.03 -102.64
CA LYS VA 180 -86.73 19.62 -101.31
C LYS VA 180 -87.83 18.95 -100.50
N LYS VA 181 -87.57 18.76 -99.21
CA LYS VA 181 -88.59 18.22 -98.32
C LYS VA 181 -89.72 19.21 -98.15
N LYS VA 182 -90.89 18.70 -97.80
CA LYS VA 182 -92.09 19.51 -97.64
C LYS VA 182 -92.52 19.53 -96.18
N LYS VA 183 -93.34 20.52 -95.83
CA LYS VA 183 -93.86 20.65 -94.49
C LYS VA 183 -95.23 21.33 -94.54
N LEU VA 184 -96.03 21.04 -93.52
CA LEU VA 184 -97.32 21.70 -93.33
C LEU VA 184 -97.41 22.44 -92.01
N ARG VA 185 -96.97 21.83 -90.92
CA ARG VA 185 -97.07 22.43 -89.60
C ARG VA 185 -96.26 23.72 -89.53
N LYS VA 186 -96.73 24.67 -88.69
CA LYS VA 186 -97.90 24.57 -87.82
C LYS VA 186 -98.79 25.82 -87.87
N PRO VA 187 -99.68 25.89 -88.86
CA PRO VA 187 -100.66 26.96 -88.90
C PRO VA 187 -101.92 26.58 -88.13
N ARG VA 188 -102.79 27.58 -87.94
CA ARG VA 188 -104.09 27.50 -87.25
C ARG VA 188 -104.01 26.73 -85.92
N HIS VA 189 -102.81 26.66 -85.32
CA HIS VA 189 -102.58 25.81 -84.17
C HIS VA 189 -101.27 26.22 -83.50
N GLN VA 190 -101.32 26.68 -82.25
CA GLN VA 190 -100.14 27.14 -81.56
C GLN VA 190 -99.74 26.22 -80.42
N GLU VA 191 -100.65 25.95 -79.49
CA GLU VA 191 -100.39 25.04 -78.38
C GLU VA 191 -100.98 23.68 -78.71
N GLY VA 192 -100.26 22.61 -78.35
CA GLY VA 192 -100.67 21.30 -78.78
C GLY VA 192 -101.75 20.69 -77.92
N GLU VA 193 -103.00 20.79 -78.40
CA GLU VA 193 -104.14 20.16 -77.74
C GLU VA 193 -104.95 19.38 -78.76
N ILE VA 194 -104.94 19.85 -80.01
CA ILE VA 194 -105.55 19.15 -81.14
C ILE VA 194 -104.43 18.52 -81.94
N PHE VA 195 -104.53 17.20 -82.16
CA PHE VA 195 -103.44 16.46 -82.78
C PHE VA 195 -103.28 16.86 -84.25
N ASP VA 196 -102.07 17.27 -84.61
CA ASP VA 196 -101.71 17.56 -85.99
C ASP VA 196 -100.98 16.40 -86.65
N THR VA 197 -101.37 15.16 -86.32
CA THR VA 197 -100.75 13.97 -86.88
C THR VA 197 -101.02 13.78 -88.37
N GLU VA 198 -101.76 14.69 -89.00
CA GLU VA 198 -101.93 14.66 -90.43
C GLU VA 198 -100.62 15.04 -91.12
N LYS VA 199 -100.54 14.73 -92.42
CA LYS VA 199 -99.40 15.01 -93.29
C LYS VA 199 -98.22 14.10 -92.93
N GLU VA 200 -98.36 13.32 -91.85
CA GLU VA 200 -97.26 12.51 -91.36
C GLU VA 200 -96.83 11.45 -92.39
N LYS VA 201 -97.80 10.83 -93.05
CA LYS VA 201 -97.47 9.90 -94.13
C LYS VA 201 -97.06 10.70 -95.35
N TYR VA 202 -95.78 10.60 -95.72
CA TYR VA 202 -95.28 11.33 -96.87
C TYR VA 202 -95.91 10.78 -98.15
N GLU VA 203 -96.45 11.67 -98.96
CA GLU VA 203 -97.19 11.27 -100.15
C GLU VA 203 -96.27 11.23 -101.36
N ILE VA 204 -96.32 10.10 -102.07
CA ILE VA 204 -95.48 9.92 -103.26
C ILE VA 204 -96.16 10.62 -104.44
N THR VA 205 -95.45 11.56 -105.05
CA THR VA 205 -96.04 12.36 -106.11
C THR VA 205 -96.19 11.55 -107.39
N GLU VA 206 -97.31 11.75 -108.08
CA GLU VA 206 -97.47 11.15 -109.40
C GLU VA 206 -96.40 11.65 -110.36
N GLN VA 207 -96.03 12.93 -110.26
CA GLN VA 207 -94.91 13.44 -111.03
C GLN VA 207 -93.63 12.70 -110.69
N ARG VA 208 -93.42 12.41 -109.40
CA ARG VA 208 -92.25 11.65 -108.99
C ARG VA 208 -92.24 10.27 -109.61
N LYS VA 209 -93.39 9.58 -109.60
CA LYS VA 209 -93.47 8.25 -110.19
C LYS VA 209 -93.18 8.30 -111.69
N ILE VA 210 -93.75 9.29 -112.38
CA ILE VA 210 -93.53 9.40 -113.82
C ILE VA 210 -92.07 9.66 -114.13
N ASP VA 211 -91.44 10.57 -113.38
CA ASP VA 211 -90.03 10.87 -113.61
C ASP VA 211 -89.15 9.67 -113.30
N GLN VA 212 -89.46 8.94 -112.23
CA GLN VA 212 -88.70 7.74 -111.90
C GLN VA 212 -88.80 6.70 -113.01
N LYS VA 213 -90.02 6.51 -113.53
CA LYS VA 213 -90.20 5.57 -114.64
C LYS VA 213 -89.42 6.01 -115.86
N ALA VA 214 -89.48 7.30 -116.19
CA ALA VA 214 -88.79 7.80 -117.38
C ALA VA 214 -87.29 7.67 -117.26
N VAL VA 215 -86.74 7.96 -116.07
CA VAL VA 215 -85.30 7.84 -115.87
C VAL VA 215 -84.87 6.38 -115.93
N ASP VA 216 -85.60 5.50 -115.24
CA ASP VA 216 -85.20 4.10 -115.21
C ASP VA 216 -85.37 3.42 -116.56
N SER VA 217 -86.25 3.95 -117.43
CA SER VA 217 -86.46 3.35 -118.74
C SER VA 217 -85.19 3.39 -119.59
N GLN VA 218 -84.40 4.46 -119.48
CA GLN VA 218 -83.17 4.57 -120.25
C GLN VA 218 -81.95 4.08 -119.48
N ILE VA 219 -82.15 3.55 -118.28
CA ILE VA 219 -81.06 3.08 -117.44
C ILE VA 219 -81.02 1.56 -117.36
N LEU VA 220 -82.17 0.93 -117.11
CA LEU VA 220 -82.20 -0.51 -116.91
C LEU VA 220 -81.71 -1.32 -118.11
N PRO VA 221 -82.09 -1.03 -119.37
CA PRO VA 221 -81.50 -1.79 -120.48
C PRO VA 221 -79.99 -1.69 -120.55
N LYS VA 222 -79.42 -0.53 -120.22
CA LYS VA 222 -77.98 -0.40 -120.18
C LYS VA 222 -77.37 -1.18 -119.01
N ILE VA 223 -78.14 -1.39 -117.94
CA ILE VA 223 -77.68 -2.26 -116.86
C ILE VA 223 -77.63 -3.70 -117.32
N LYS VA 224 -78.65 -4.15 -118.05
CA LYS VA 224 -78.70 -5.54 -118.51
C LYS VA 224 -77.60 -5.88 -119.52
N ALA VA 225 -76.89 -4.88 -120.05
CA ALA VA 225 -75.88 -5.15 -121.07
C ALA VA 225 -74.76 -6.03 -120.54
N ILE VA 226 -74.30 -5.77 -119.32
CA ILE VA 226 -73.18 -6.53 -118.75
C ILE VA 226 -73.72 -7.61 -117.83
N PRO VA 227 -73.02 -8.74 -117.69
CA PRO VA 227 -73.57 -9.87 -116.93
C PRO VA 227 -73.71 -9.55 -115.45
N GLN VA 228 -74.76 -10.15 -114.86
CA GLN VA 228 -75.08 -10.14 -113.42
C GLN VA 228 -74.74 -8.80 -112.75
N LEU VA 229 -75.15 -7.72 -113.40
CA LEU VA 229 -75.05 -6.41 -112.77
C LEU VA 229 -76.31 -6.09 -111.97
N GLN VA 230 -77.47 -6.55 -112.45
CA GLN VA 230 -78.71 -6.36 -111.70
C GLN VA 230 -78.66 -7.10 -110.36
N GLY VA 231 -78.07 -8.30 -110.33
CA GLY VA 231 -77.89 -8.99 -109.07
C GLY VA 231 -76.95 -8.25 -108.13
N TYR VA 232 -75.87 -7.70 -108.67
CA TYR VA 232 -74.93 -6.94 -107.86
C TYR VA 232 -75.59 -5.71 -107.26
N LEU VA 233 -76.39 -5.00 -108.04
CA LEU VA 233 -77.09 -3.83 -107.54
C LEU VA 233 -78.20 -4.19 -106.58
N ARG VA 234 -78.82 -5.36 -106.78
CA ARG VA 234 -79.83 -5.84 -105.84
C ARG VA 234 -79.20 -6.18 -104.49
N SER VA 235 -78.03 -6.78 -104.51
CA SER VA 235 -77.35 -7.13 -103.27
C SER VA 235 -76.84 -5.89 -102.56
N VAL VA 236 -76.81 -5.95 -101.24
CA VAL VA 236 -76.33 -4.86 -100.41
C VAL VA 236 -74.88 -5.09 -100.07
N PHE VA 237 -74.22 -4.06 -99.57
CA PHE VA 237 -72.84 -4.18 -99.13
C PHE VA 237 -72.78 -4.50 -97.65
N ALA VA 238 -71.86 -5.37 -97.28
CA ALA VA 238 -71.69 -5.77 -95.88
C ALA VA 238 -70.20 -5.85 -95.59
N LEU VA 239 -69.89 -6.20 -94.34
CA LEU VA 239 -68.52 -6.38 -93.89
C LEU VA 239 -68.33 -7.79 -93.34
N THR VA 240 -67.21 -8.40 -93.72
CA THR VA 240 -66.84 -9.72 -93.24
C THR VA 240 -65.56 -9.59 -92.42
N ASN VA 241 -65.48 -10.36 -91.33
CA ASN VA 241 -64.36 -10.24 -90.40
C ASN VA 241 -63.01 -10.50 -91.06
N GLY VA 242 -62.97 -11.24 -92.17
CA GLY VA 242 -61.73 -11.46 -92.86
C GLY VA 242 -61.23 -10.29 -93.67
N ILE VA 243 -62.10 -9.31 -93.94
CA ILE VA 243 -61.76 -8.20 -94.82
C ILE VA 243 -61.76 -6.90 -94.05
N TYR VA 244 -60.98 -5.94 -94.56
CA TYR VA 244 -60.84 -4.61 -93.98
C TYR VA 244 -60.92 -3.57 -95.08
N PRO VA 245 -61.58 -2.44 -94.82
CA PRO VA 245 -61.80 -1.44 -95.88
C PRO VA 245 -60.53 -0.87 -96.46
N HIS VA 246 -59.48 -0.69 -95.65
CA HIS VA 246 -58.24 -0.19 -96.21
C HIS VA 246 -57.53 -1.22 -97.07
N LYS VA 247 -57.77 -2.51 -96.83
CA LYS VA 247 -57.21 -3.55 -97.67
C LYS VA 247 -58.04 -3.81 -98.92
N LEU VA 248 -59.33 -3.47 -98.91
CA LEU VA 248 -60.18 -3.63 -100.06
C LEU VA 248 -59.88 -2.55 -101.10
N VAL VA 249 -60.25 -2.83 -102.34
CA VAL VA 249 -60.21 -1.86 -103.43
C VAL VA 249 -61.59 -1.85 -104.07
N PHE VA 250 -62.22 -0.69 -104.05
CA PHE VA 250 -63.56 -0.57 -104.61
C PHE VA 250 -63.50 -0.11 -106.06
N ASN WA 1 -68.41 77.75 -101.94
CA ASN WA 1 -67.13 77.14 -102.31
C ASN WA 1 -67.11 75.66 -101.97
N PHE WA 2 -68.29 75.06 -101.88
CA PHE WA 2 -68.39 73.64 -101.57
C PHE WA 2 -67.67 72.80 -102.62
N ALA WA 3 -68.02 73.01 -103.89
CA ALA WA 3 -67.31 72.33 -104.98
C ALA WA 3 -65.88 72.79 -105.11
N GLU WA 4 -65.58 74.04 -104.74
CA GLU WA 4 -64.21 74.53 -104.81
C GLU WA 4 -63.30 73.74 -103.89
N LEU WA 5 -63.72 73.51 -102.65
CA LEU WA 5 -62.95 72.67 -101.74
C LEU WA 5 -63.06 71.19 -102.06
N LYS WA 6 -64.16 70.76 -102.69
CA LYS WA 6 -64.24 69.39 -103.20
C LYS WA 6 -63.14 69.15 -104.23
N ILE WA 7 -62.89 70.13 -105.09
CA ILE WA 7 -61.83 70.04 -106.08
C ILE WA 7 -60.47 69.94 -105.39
N LYS WA 8 -60.27 70.73 -104.33
CA LYS WA 8 -59.01 70.68 -103.60
C LYS WA 8 -58.78 69.31 -102.98
N ARG WA 9 -59.82 68.74 -102.36
CA ARG WA 9 -59.67 67.41 -101.79
C ARG WA 9 -59.42 66.35 -102.87
N LEU WA 10 -60.08 66.48 -104.02
CA LEU WA 10 -59.80 65.59 -105.13
C LEU WA 10 -58.35 65.71 -105.59
N ARG WA 11 -57.83 66.93 -105.65
CA ARG WA 11 -56.45 67.16 -106.06
C ARG WA 11 -55.48 66.49 -105.10
N LYS WA 12 -55.72 66.66 -103.79
CA LYS WA 12 -54.83 66.06 -102.81
C LYS WA 12 -54.89 64.53 -102.86
N LYS WA 13 -56.09 63.97 -103.00
CA LYS WA 13 -56.22 62.53 -103.11
C LYS WA 13 -55.53 62.01 -104.37
N PHE WA 14 -55.66 62.75 -105.47
CA PHE WA 14 -55.01 62.36 -106.73
C PHE WA 14 -53.50 62.37 -106.58
N ALA WA 15 -52.95 63.39 -105.93
CA ALA WA 15 -51.51 63.46 -105.71
C ALA WA 15 -51.04 62.31 -104.83
N GLN WA 16 -51.80 61.97 -103.79
CA GLN WA 16 -51.42 60.85 -102.93
C GLN WA 16 -51.45 59.54 -103.71
N LYS WA 17 -52.45 59.36 -104.58
CA LYS WA 17 -52.51 58.17 -105.41
C LYS WA 17 -51.32 58.08 -106.35
N MET WA 18 -50.95 59.21 -106.96
CA MET WA 18 -49.78 59.22 -107.84
C MET WA 18 -48.51 58.86 -107.08
N LEU WA 19 -48.36 59.40 -105.86
CA LEU WA 19 -47.19 59.08 -105.05
C LEU WA 19 -47.15 57.60 -104.68
N ARG WA 20 -48.30 57.02 -104.34
CA ARG WA 20 -48.36 55.59 -104.02
C ARG WA 20 -47.97 54.76 -105.23
N LYS WA 21 -48.50 55.12 -106.41
CA LYS WA 21 -48.17 54.38 -107.62
C LYS WA 21 -46.68 54.46 -107.93
N ALA WA 22 -46.09 55.65 -107.78
CA ALA WA 22 -44.66 55.80 -108.04
C ALA WA 22 -43.84 54.97 -107.05
N ARG WA 23 -44.23 54.97 -105.78
CA ARG WA 23 -43.48 54.19 -104.80
C ARG WA 23 -43.59 52.69 -105.09
N ARG WA 24 -44.77 52.23 -105.50
CA ARG WA 24 -44.92 50.82 -105.85
C ARG WA 24 -44.06 50.45 -107.04
N LYS WA 25 -44.01 51.33 -108.05
CA LYS WA 25 -43.15 51.05 -109.21
C LYS WA 25 -41.68 51.02 -108.81
N LEU WA 26 -41.28 51.92 -107.92
CA LEU WA 26 -39.90 51.92 -107.44
C LEU WA 26 -39.57 50.62 -106.73
N ILE WA 27 -40.48 50.14 -105.88
CA ILE WA 27 -40.25 48.88 -105.17
C ILE WA 27 -40.13 47.73 -106.16
N TYR WA 28 -41.01 47.70 -107.16
CA TYR WA 28 -40.97 46.65 -108.17
C TYR WA 28 -39.63 46.62 -108.88
N GLU WA 29 -39.16 47.79 -109.33
CA GLU WA 29 -37.92 47.82 -110.09
C GLU WA 29 -36.71 47.53 -109.22
N LYS WA 30 -36.72 47.97 -107.96
CA LYS WA 30 -35.63 47.66 -107.05
C LYS WA 30 -35.54 46.16 -106.79
N ALA WA 31 -36.70 45.50 -106.64
CA ALA WA 31 -36.70 44.06 -106.46
C ALA WA 31 -36.18 43.35 -107.71
N LYS WA 32 -36.56 43.84 -108.89
CA LYS WA 32 -36.04 43.26 -110.12
C LYS WA 32 -34.51 43.39 -110.19
N HIS WA 33 -33.98 44.56 -109.84
CA HIS WA 33 -32.54 44.75 -109.86
C HIS WA 33 -31.85 43.87 -108.82
N TYR WA 34 -32.48 43.68 -107.66
CA TYR WA 34 -31.92 42.76 -106.67
C TYR WA 34 -31.88 41.33 -107.19
N HIS WA 35 -32.91 40.91 -107.92
CA HIS WA 35 -32.89 39.59 -108.53
C HIS WA 35 -31.73 39.46 -109.50
N LYS WA 36 -31.52 40.49 -110.32
CA LYS WA 36 -30.39 40.47 -111.25
C LYS WA 36 -29.07 40.39 -110.51
N GLU WA 37 -28.92 41.15 -109.43
CA GLU WA 37 -27.68 41.13 -108.65
C GLU WA 37 -27.44 39.76 -108.02
N TYR WA 38 -28.50 39.16 -107.46
CA TYR WA 38 -28.35 37.86 -106.83
C TYR WA 38 -27.91 36.81 -107.84
N ARG WA 39 -28.55 36.80 -109.02
CA ARG WA 39 -28.15 35.81 -110.01
C ARG WA 39 -26.74 36.08 -110.53
N GLN WA 40 -26.34 37.36 -110.60
CA GLN WA 40 -24.97 37.67 -111.00
C GLN WA 40 -23.96 37.10 -110.02
N MET WA 41 -24.19 37.31 -108.72
CA MET WA 41 -23.26 36.78 -107.72
C MET WA 41 -23.23 35.26 -107.75
N TYR WA 42 -24.42 34.64 -107.84
CA TYR WA 42 -24.51 33.18 -107.81
C TYR WA 42 -23.78 32.56 -108.98
N ARG WA 43 -23.94 33.11 -110.18
CA ARG WA 43 -23.21 32.57 -111.32
C ARG WA 43 -21.74 32.97 -111.30
N THR WA 44 -21.42 34.11 -110.69
CA THR WA 44 -20.04 34.58 -110.67
C THR WA 44 -19.16 33.66 -109.83
N GLU WA 45 -19.67 33.23 -108.67
CA GLU WA 45 -18.89 32.29 -107.85
C GLU WA 45 -18.61 31.00 -108.61
N ILE WA 46 -19.65 30.47 -109.28
CA ILE WA 46 -19.51 29.23 -110.02
C ILE WA 46 -18.52 29.41 -111.17
N ARG WA 47 -18.58 30.55 -111.86
CA ARG WA 47 -17.68 30.78 -112.98
C ARG WA 47 -16.24 30.92 -112.52
N MET WA 48 -16.02 31.59 -111.38
CA MET WA 48 -14.67 31.69 -110.85
C MET WA 48 -14.10 30.32 -110.50
N ALA WA 49 -14.89 29.51 -109.80
CA ALA WA 49 -14.42 28.16 -109.48
C ALA WA 49 -14.18 27.34 -110.75
N ARG WA 50 -15.06 27.50 -111.74
CA ARG WA 50 -14.96 26.75 -112.98
C ARG WA 50 -13.71 27.11 -113.78
N MET WA 51 -13.35 28.39 -113.82
CA MET WA 51 -12.11 28.79 -114.48
C MET WA 51 -10.87 28.41 -113.68
N ALA WA 52 -10.95 28.39 -112.35
CA ALA WA 52 -9.82 27.90 -111.56
C ALA WA 52 -9.57 26.42 -111.83
N ARG WA 53 -10.63 25.62 -111.85
CA ARG WA 53 -10.47 24.20 -112.18
C ARG WA 53 -10.00 24.01 -113.61
N LYS WA 54 -10.42 24.88 -114.52
CA LYS WA 54 -9.92 24.84 -115.88
C LYS WA 54 -8.43 25.09 -115.93
N ALA WA 55 -7.96 26.06 -115.16
CA ALA WA 55 -6.54 26.39 -115.11
C ALA WA 55 -5.74 25.43 -114.23
N GLY WA 56 -6.40 24.56 -113.48
CA GLY WA 56 -5.72 23.61 -112.63
C GLY WA 56 -5.42 24.10 -111.23
N ASN WA 57 -5.78 25.34 -110.90
CA ASN WA 57 -5.58 25.85 -109.56
C ASN WA 57 -6.86 25.77 -108.74
N PHE WA 58 -6.73 25.98 -107.44
CA PHE WA 58 -7.88 25.96 -106.55
C PHE WA 58 -8.40 27.37 -106.33
N TYR WA 59 -9.71 27.51 -106.34
CA TYR WA 59 -10.36 28.78 -106.05
C TYR WA 59 -10.82 28.79 -104.60
N VAL WA 60 -10.35 29.76 -103.83
CA VAL WA 60 -10.77 29.94 -102.44
C VAL WA 60 -11.89 30.96 -102.43
N PRO WA 61 -13.13 30.58 -102.09
CA PRO WA 61 -14.21 31.56 -101.99
C PRO WA 61 -13.98 32.49 -100.82
N ALA WA 62 -14.56 33.68 -100.91
CA ALA WA 62 -14.48 34.64 -99.83
C ALA WA 62 -15.14 34.08 -98.59
N GLU WA 63 -14.53 34.35 -97.44
CA GLU WA 63 -15.08 33.87 -96.17
C GLU WA 63 -16.45 34.52 -95.94
N PRO WA 64 -17.44 33.74 -95.51
CA PRO WA 64 -18.78 34.30 -95.32
C PRO WA 64 -18.77 35.40 -94.27
N LYS WA 65 -19.57 36.44 -94.52
CA LYS WA 65 -19.62 37.58 -93.62
C LYS WA 65 -20.99 37.78 -92.99
N LEU WA 66 -21.94 36.90 -93.28
CA LEU WA 66 -23.22 36.89 -92.60
C LEU WA 66 -23.42 35.53 -91.96
N ALA WA 67 -23.82 35.52 -90.69
CA ALA WA 67 -24.08 34.27 -90.00
C ALA WA 67 -25.44 34.34 -89.32
N PHE WA 68 -26.03 33.18 -89.12
CA PHE WA 68 -27.27 33.04 -88.38
C PHE WA 68 -27.00 32.21 -87.14
N VAL WA 69 -27.43 32.71 -85.98
CA VAL WA 69 -27.14 32.10 -84.69
C VAL WA 69 -28.46 31.73 -84.02
N ILE WA 70 -28.56 30.49 -83.55
CA ILE WA 70 -29.74 30.00 -82.86
C ILE WA 70 -29.33 29.49 -81.49
N ARG WA 71 -29.98 30.02 -80.45
CA ARG WA 71 -29.77 29.48 -79.12
C ARG WA 71 -30.51 28.16 -78.98
N ILE WA 72 -29.83 27.15 -78.46
CA ILE WA 72 -30.42 25.82 -78.42
C ILE WA 72 -30.55 25.33 -76.97
N ARG WA 73 -29.72 25.86 -76.08
CA ARG WA 73 -29.77 25.43 -74.69
C ARG WA 73 -30.57 26.41 -73.84
N GLY WA 74 -31.03 25.91 -72.69
CA GLY WA 74 -31.97 26.65 -71.87
C GLY WA 74 -31.35 27.78 -71.07
N ILE WA 75 -32.08 28.28 -70.08
CA ILE WA 75 -31.64 29.40 -69.27
C ILE WA 75 -31.32 28.98 -67.84
N ASN WA 76 -31.23 27.68 -67.58
CA ASN WA 76 -30.97 27.18 -66.23
C ASN WA 76 -29.48 26.93 -66.07
N GLY WA 77 -28.88 27.53 -65.04
CA GLY WA 77 -27.48 27.31 -64.75
C GLY WA 77 -26.52 27.83 -65.78
N VAL WA 78 -26.74 29.04 -66.28
CA VAL WA 78 -25.86 29.61 -67.30
C VAL WA 78 -24.72 30.36 -66.61
N SER WA 79 -23.50 30.15 -67.09
CA SER WA 79 -22.36 30.88 -66.57
C SER WA 79 -22.50 32.36 -66.91
N PRO WA 80 -21.96 33.25 -66.05
CA PRO WA 80 -22.21 34.69 -66.25
C PRO WA 80 -21.69 35.25 -67.56
N LYS WA 81 -20.52 34.79 -68.02
CA LYS WA 81 -19.99 35.31 -69.27
C LYS WA 81 -20.84 34.88 -70.45
N VAL WA 82 -21.24 33.61 -70.48
CA VAL WA 82 -22.12 33.13 -71.53
C VAL WA 82 -23.44 33.88 -71.50
N ARG WA 83 -23.96 34.15 -70.30
CA ARG WA 83 -25.21 34.90 -70.18
C ARG WA 83 -25.06 36.30 -70.75
N LYS WA 84 -23.95 36.96 -70.45
CA LYS WA 84 -23.75 38.32 -70.95
C LYS WA 84 -23.62 38.32 -72.47
N VAL WA 85 -22.90 37.34 -73.02
CA VAL WA 85 -22.75 37.29 -74.47
C VAL WA 85 -24.09 37.03 -75.15
N LEU WA 86 -24.90 36.13 -74.58
CA LEU WA 86 -26.22 35.87 -75.16
C LEU WA 86 -27.11 37.10 -75.08
N GLN WA 87 -27.02 37.85 -73.97
CA GLN WA 87 -27.76 39.10 -73.89
C GLN WA 87 -27.31 40.08 -74.95
N LEU WA 88 -26.01 40.14 -75.21
CA LEU WA 88 -25.51 41.03 -76.26
C LEU WA 88 -25.89 40.56 -77.65
N LEU WA 89 -26.11 39.26 -77.83
CA LEU WA 89 -26.58 38.72 -79.11
C LEU WA 89 -28.10 38.64 -79.18
N ARG WA 90 -28.80 39.14 -78.16
CA ARG WA 90 -30.26 39.19 -78.13
C ARG WA 90 -30.86 37.79 -78.20
N LEU WA 91 -30.26 36.84 -77.51
CA LEU WA 91 -30.83 35.51 -77.33
C LEU WA 91 -31.07 35.33 -75.84
N ARG WA 92 -32.24 35.80 -75.39
CA ARG WA 92 -32.67 35.62 -74.02
C ARG WA 92 -33.66 34.46 -73.88
N GLN WA 93 -33.95 33.78 -74.98
CA GLN WA 93 -34.91 32.69 -74.99
C GLN WA 93 -34.32 31.53 -75.77
N ILE WA 94 -34.74 30.33 -75.43
CA ILE WA 94 -34.32 29.15 -76.17
C ILE WA 94 -35.02 29.16 -77.52
N PHE WA 95 -34.37 28.60 -78.54
CA PHE WA 95 -34.86 28.60 -79.91
C PHE WA 95 -35.13 30.01 -80.41
N ASN WA 96 -34.21 30.91 -80.11
CA ASN WA 96 -34.23 32.26 -80.65
C ASN WA 96 -33.03 32.45 -81.56
N GLY WA 97 -33.26 33.05 -82.73
CA GLY WA 97 -32.24 33.21 -83.73
C GLY WA 97 -32.05 34.66 -84.09
N THR WA 98 -30.87 34.95 -84.63
CA THR WA 98 -30.52 36.31 -85.01
C THR WA 98 -29.44 36.30 -86.08
N PHE WA 99 -29.31 37.43 -86.75
CA PHE WA 99 -28.32 37.60 -87.81
C PHE WA 99 -27.13 38.38 -87.25
N VAL WA 100 -25.92 37.90 -87.53
CA VAL WA 100 -24.69 38.47 -87.00
C VAL WA 100 -23.75 38.75 -88.15
N LYS WA 101 -23.24 39.98 -88.22
CA LYS WA 101 -22.19 40.30 -89.17
C LYS WA 101 -20.87 39.72 -88.66
N LEU WA 102 -20.17 38.99 -89.53
CA LEU WA 102 -19.02 38.21 -89.13
C LEU WA 102 -17.75 39.04 -89.23
N ASN WA 103 -16.93 38.95 -88.19
CA ASN WA 103 -15.62 39.60 -88.14
C ASN WA 103 -14.83 38.90 -87.02
N LYS WA 104 -13.65 39.42 -86.74
CA LYS WA 104 -12.83 38.87 -85.67
C LYS WA 104 -13.54 38.97 -84.33
N ALA WA 105 -14.10 40.14 -84.03
CA ALA WA 105 -14.76 40.35 -82.74
C ALA WA 105 -16.00 39.46 -82.60
N SER WA 106 -16.83 39.41 -83.64
CA SER WA 106 -18.03 38.59 -83.58
C SER WA 106 -17.70 37.12 -83.50
N ILE WA 107 -16.69 36.66 -84.24
CA ILE WA 107 -16.30 35.26 -84.20
C ILE WA 107 -15.77 34.89 -82.82
N ASN WA 108 -14.95 35.77 -82.23
CA ASN WA 108 -14.47 35.51 -80.88
C ASN WA 108 -15.59 35.49 -79.87
N MET WA 109 -16.59 36.35 -80.06
CA MET WA 109 -17.75 36.34 -79.18
C MET WA 109 -18.52 35.03 -79.30
N LEU WA 110 -18.72 34.55 -80.52
CA LEU WA 110 -19.41 33.29 -80.73
C LEU WA 110 -18.63 32.12 -80.14
N ARG WA 111 -17.30 32.21 -80.13
CA ARG WA 111 -16.49 31.13 -79.58
C ARG WA 111 -16.79 30.92 -78.10
N ILE WA 112 -17.15 31.99 -77.39
CA ILE WA 112 -17.44 31.86 -75.96
C ILE WA 112 -18.74 31.10 -75.73
N VAL WA 113 -19.77 31.40 -76.52
CA VAL WA 113 -21.05 30.75 -76.38
C VAL WA 113 -21.16 29.54 -77.30
N GLU WA 114 -20.02 29.05 -77.80
CA GLU WA 114 -19.99 27.89 -78.69
C GLU WA 114 -20.78 26.69 -78.18
N PRO WA 115 -20.70 26.28 -76.91
CA PRO WA 115 -21.52 25.14 -76.47
C PRO WA 115 -23.00 25.45 -76.39
N TYR WA 116 -23.40 26.71 -76.26
CA TYR WA 116 -24.80 27.06 -76.05
C TYR WA 116 -25.55 27.43 -77.32
N ILE WA 117 -24.87 27.52 -78.47
CA ILE WA 117 -25.51 28.00 -79.69
C ILE WA 117 -25.22 27.03 -80.82
N ALA WA 118 -26.00 27.18 -81.89
CA ALA WA 118 -25.71 26.56 -83.18
C ALA WA 118 -25.78 27.68 -84.21
N TRP WA 119 -24.67 27.93 -84.90
CA TRP WA 119 -24.60 29.03 -85.83
C TRP WA 119 -24.01 28.57 -87.15
N GLY WA 120 -24.41 29.25 -88.21
CA GLY WA 120 -24.02 28.83 -89.53
C GLY WA 120 -24.15 29.94 -90.55
N TYR WA 121 -23.96 29.58 -91.81
CA TYR WA 121 -24.04 30.55 -92.87
C TYR WA 121 -25.32 30.33 -93.66
N PRO WA 122 -26.32 31.19 -93.51
CA PRO WA 122 -27.58 31.00 -94.24
C PRO WA 122 -27.41 31.29 -95.71
N ASN WA 123 -28.34 30.77 -96.50
CA ASN WA 123 -28.40 31.08 -97.91
C ASN WA 123 -29.60 31.98 -98.19
N LEU WA 124 -29.77 32.34 -99.46
CA LEU WA 124 -30.78 33.33 -99.83
C LEU WA 124 -32.19 32.85 -99.51
N LYS WA 125 -32.46 31.57 -99.77
CA LYS WA 125 -33.79 31.04 -99.46
C LYS WA 125 -34.06 31.05 -97.96
N SER WA 126 -33.05 30.71 -97.17
CA SER WA 126 -33.22 30.74 -95.72
C SER WA 126 -33.51 32.15 -95.24
N VAL WA 127 -32.77 33.13 -95.75
CA VAL WA 127 -33.02 34.52 -95.35
C VAL WA 127 -34.42 34.95 -95.76
N ASN WA 128 -34.82 34.63 -97.00
CA ASN WA 128 -36.13 35.03 -97.48
C ASN WA 128 -37.23 34.44 -96.62
N GLU WA 129 -37.17 33.14 -96.35
CA GLU WA 129 -38.20 32.51 -95.55
C GLU WA 129 -38.23 33.04 -94.13
N LEU WA 130 -37.06 33.25 -93.52
CA LEU WA 130 -37.06 33.79 -92.16
C LEU WA 130 -37.72 35.17 -92.10
N ILE WA 131 -37.29 36.08 -92.98
CA ILE WA 131 -37.83 37.44 -92.92
C ILE WA 131 -39.31 37.45 -93.27
N TYR WA 132 -39.74 36.60 -94.21
CA TYR WA 132 -41.13 36.64 -94.61
C TYR WA 132 -42.04 35.98 -93.57
N LYS WA 133 -41.61 34.87 -92.96
CA LYS WA 133 -42.49 34.15 -92.06
C LYS WA 133 -42.46 34.68 -90.64
N ARG WA 134 -41.29 35.08 -90.14
CA ARG WA 134 -41.17 35.55 -88.76
C ARG WA 134 -40.65 36.96 -88.70
N GLY WA 135 -40.98 37.78 -89.70
CA GLY WA 135 -40.52 39.15 -89.72
C GLY WA 135 -41.24 40.03 -88.73
N TYR WA 136 -40.54 40.44 -87.67
CA TYR WA 136 -41.10 41.33 -86.66
C TYR WA 136 -40.14 42.49 -86.46
N GLY WA 137 -40.66 43.70 -86.54
CA GLY WA 137 -39.86 44.90 -86.33
C GLY WA 137 -39.97 45.38 -84.91
N LYS WA 138 -38.87 45.92 -84.39
CA LYS WA 138 -38.82 46.49 -83.05
C LYS WA 138 -39.06 47.99 -83.17
N ILE WA 139 -40.35 48.33 -83.26
CA ILE WA 139 -40.79 49.71 -83.46
C ILE WA 139 -41.36 50.24 -82.16
N ASN WA 140 -40.80 51.36 -81.69
CA ASN WA 140 -41.27 52.01 -80.46
C ASN WA 140 -41.25 51.05 -79.29
N LYS WA 141 -40.21 50.22 -79.22
CA LYS WA 141 -40.08 49.18 -78.21
C LYS WA 141 -41.29 48.25 -78.21
N LYS WA 142 -41.79 47.96 -79.41
CA LYS WA 142 -42.86 46.99 -79.60
C LYS WA 142 -42.45 46.03 -80.71
N ARG WA 143 -42.90 44.79 -80.59
CA ARG WA 143 -42.67 43.76 -81.60
C ARG WA 143 -43.89 43.72 -82.52
N ILE WA 144 -43.76 44.33 -83.69
CA ILE WA 144 -44.87 44.45 -84.63
C ILE WA 144 -44.59 43.57 -85.83
N ALA WA 145 -45.56 42.71 -86.18
CA ALA WA 145 -45.40 41.85 -87.35
C ALA WA 145 -45.34 42.68 -88.61
N LEU WA 146 -44.42 42.32 -89.51
CA LEU WA 146 -44.13 43.12 -90.70
C LEU WA 146 -45.10 42.73 -91.81
N THR WA 147 -46.27 43.35 -91.78
CA THR WA 147 -47.29 43.12 -92.80
C THR WA 147 -47.53 44.36 -93.66
N ASP WA 148 -46.57 45.27 -93.72
CA ASP WA 148 -46.68 46.46 -94.55
C ASP WA 148 -45.30 47.01 -94.84
N ASN WA 149 -45.10 47.45 -96.08
CA ASN WA 149 -43.87 48.13 -96.43
C ASN WA 149 -43.77 49.48 -95.74
N ALA WA 150 -44.92 50.08 -95.39
CA ALA WA 150 -44.92 51.36 -94.71
C ALA WA 150 -44.28 51.26 -93.33
N LEU WA 151 -44.42 50.11 -92.66
CA LEU WA 151 -43.79 49.94 -91.36
C LEU WA 151 -42.28 50.07 -91.46
N ILE WA 152 -41.68 49.42 -92.46
CA ILE WA 152 -40.25 49.54 -92.66
C ILE WA 152 -39.88 50.94 -93.10
N ALA WA 153 -40.68 51.53 -93.99
CA ALA WA 153 -40.34 52.84 -94.54
C ALA WA 153 -40.37 53.93 -93.47
N ARG WA 154 -41.28 53.81 -92.51
CA ARG WA 154 -41.44 54.88 -91.52
C ARG WA 154 -40.23 55.00 -90.61
N SER WA 155 -39.57 53.88 -90.31
CA SER WA 155 -38.49 53.87 -89.35
C SER WA 155 -37.13 53.54 -89.96
N LEU WA 156 -37.06 53.27 -91.25
CA LEU WA 156 -35.78 52.95 -91.87
C LEU WA 156 -35.59 53.59 -93.23
N GLY WA 157 -36.44 54.57 -93.61
CA GLY WA 157 -36.30 55.17 -94.91
C GLY WA 157 -35.10 56.06 -95.07
N LYS WA 158 -34.55 56.56 -93.96
CA LYS WA 158 -33.37 57.42 -94.04
C LYS WA 158 -32.16 56.66 -94.55
N TYR WA 159 -32.13 55.34 -94.34
CA TYR WA 159 -31.04 54.51 -94.83
C TYR WA 159 -31.33 53.92 -96.21
N GLY WA 160 -32.46 54.29 -96.82
CA GLY WA 160 -32.81 53.78 -98.13
C GLY WA 160 -33.52 52.45 -98.14
N ILE WA 161 -33.71 51.82 -96.98
CA ILE WA 161 -34.44 50.57 -96.88
C ILE WA 161 -35.92 50.89 -96.72
N ILE WA 162 -36.71 50.56 -97.73
CA ILE WA 162 -38.11 50.98 -97.74
C ILE WA 162 -39.04 49.82 -98.04
N CYS WA 163 -38.48 48.63 -98.26
CA CYS WA 163 -39.29 47.47 -98.56
C CYS WA 163 -38.64 46.23 -97.98
N MET WA 164 -39.43 45.15 -97.92
CA MET WA 164 -38.92 43.88 -97.43
C MET WA 164 -37.78 43.38 -98.32
N GLU WA 165 -37.86 43.65 -99.62
CA GLU WA 165 -36.75 43.28 -100.50
C GLU WA 165 -35.49 44.06 -100.14
N ASP WA 166 -35.63 45.35 -99.84
CA ASP WA 166 -34.48 46.13 -99.38
C ASP WA 166 -33.91 45.55 -98.10
N LEU WA 167 -34.78 45.18 -97.16
CA LEU WA 167 -34.31 44.61 -95.90
C LEU WA 167 -33.57 43.30 -96.13
N ILE WA 168 -34.10 42.45 -97.00
CA ILE WA 168 -33.44 41.18 -97.29
C ILE WA 168 -32.11 41.42 -97.97
N HIS WA 169 -32.04 42.41 -98.86
CA HIS WA 169 -30.78 42.74 -99.50
C HIS WA 169 -29.74 43.19 -98.47
N GLU WA 170 -30.15 44.06 -97.55
CA GLU WA 170 -29.23 44.53 -96.52
C GLU WA 170 -28.78 43.41 -95.61
N ILE WA 171 -29.66 42.45 -95.32
CA ILE WA 171 -29.28 41.37 -94.43
C ILE WA 171 -28.36 40.38 -95.14
N TYR WA 172 -28.76 39.90 -96.31
CA TYR WA 172 -27.99 38.87 -97.00
C TYR WA 172 -26.65 39.43 -97.51
N THR WA 173 -26.69 40.57 -98.17
CA THR WA 173 -25.48 41.27 -98.58
C THR WA 173 -25.22 42.34 -97.54
N VAL WA 174 -24.10 42.22 -96.82
CA VAL WA 174 -23.83 43.10 -95.69
C VAL WA 174 -23.63 44.50 -96.22
N GLY WA 175 -24.62 45.38 -96.03
CA GLY WA 175 -24.57 46.73 -96.52
C GLY WA 175 -24.04 47.70 -95.50
N LYS WA 176 -24.14 48.99 -95.83
CA LYS WA 176 -23.65 50.02 -94.95
C LYS WA 176 -24.43 50.07 -93.64
N ARG WA 177 -25.74 49.88 -93.72
CA ARG WA 177 -26.63 50.07 -92.59
C ARG WA 177 -27.13 48.73 -92.05
N PHE WA 178 -26.28 47.71 -92.14
CA PHE WA 178 -26.65 46.38 -91.69
C PHE WA 178 -26.94 46.36 -90.19
N LYS WA 179 -26.16 47.11 -89.42
CA LYS WA 179 -26.39 47.16 -87.97
C LYS WA 179 -27.77 47.70 -87.66
N GLU WA 180 -28.15 48.79 -88.31
CA GLU WA 180 -29.47 49.37 -88.08
C GLU WA 180 -30.59 48.43 -88.53
N ALA WA 181 -30.42 47.78 -89.68
CA ALA WA 181 -31.45 46.85 -90.15
C ALA WA 181 -31.61 45.68 -89.19
N ASN WA 182 -30.49 45.09 -88.77
CA ASN WA 182 -30.57 43.93 -87.89
C ASN WA 182 -31.12 44.32 -86.52
N ASN WA 183 -30.75 45.50 -86.02
CA ASN WA 183 -31.31 45.95 -84.75
C ASN WA 183 -32.79 46.23 -84.87
N PHE WA 184 -33.23 46.73 -86.03
CA PHE WA 184 -34.65 46.93 -86.26
C PHE WA 184 -35.40 45.61 -86.22
N LEU WA 185 -34.81 44.56 -86.82
CA LEU WA 185 -35.44 43.25 -86.76
C LEU WA 185 -35.48 42.73 -85.33
N TRP WA 186 -36.66 42.32 -84.89
CA TRP WA 186 -36.77 41.60 -83.64
C TRP WA 186 -36.05 40.26 -83.75
N PRO WA 187 -35.44 39.77 -82.68
CA PRO WA 187 -34.87 38.42 -82.72
C PRO WA 187 -35.93 37.38 -83.03
N PHE WA 188 -35.63 36.52 -83.99
CA PHE WA 188 -36.63 35.55 -84.44
C PHE WA 188 -36.89 34.52 -83.36
N LYS WA 189 -38.16 34.18 -83.18
CA LYS WA 189 -38.57 33.20 -82.19
C LYS WA 189 -38.99 31.93 -82.94
N LEU WA 190 -38.04 31.04 -83.16
CA LEU WA 190 -38.32 29.88 -84.00
C LEU WA 190 -38.95 28.76 -83.19
N SER WA 191 -39.64 27.87 -83.90
CA SER WA 191 -40.28 26.74 -83.26
C SER WA 191 -39.26 25.67 -82.92
N SER WA 192 -39.74 24.55 -82.39
CA SER WA 192 -38.86 23.45 -82.08
C SER WA 192 -38.41 22.77 -83.37
N PRO WA 193 -37.23 22.16 -83.37
CA PRO WA 193 -36.77 21.47 -84.58
C PRO WA 193 -37.59 20.21 -84.86
N ARG WA 194 -38.42 20.28 -85.89
CA ARG WA 194 -39.22 19.12 -86.27
C ARG WA 194 -38.31 18.02 -86.77
N GLY WA 195 -38.56 16.80 -86.31
CA GLY WA 195 -37.68 15.69 -86.58
C GLY WA 195 -36.62 15.46 -85.53
N GLY WA 196 -36.44 16.39 -84.61
CA GLY WA 196 -35.55 16.19 -83.48
C GLY WA 196 -34.11 16.53 -83.80
N MET WA 197 -33.36 16.83 -82.73
CA MET WA 197 -31.94 17.09 -82.83
C MET WA 197 -31.17 15.77 -82.66
N LYS WA 198 -29.86 15.84 -82.80
CA LYS WA 198 -29.02 14.66 -82.58
C LYS WA 198 -28.59 14.57 -81.13
N LYS WA 199 -27.82 15.55 -80.66
CA LYS WA 199 -27.50 15.68 -79.24
C LYS WA 199 -27.04 17.11 -79.01
N LYS WA 200 -27.79 17.86 -78.21
CA LYS WA 200 -27.49 19.28 -78.07
C LYS WA 200 -26.27 19.54 -77.20
N THR WA 201 -25.80 18.55 -76.44
CA THR WA 201 -24.74 18.79 -75.48
C THR WA 201 -23.35 18.63 -76.07
N THR WA 202 -23.23 18.25 -77.34
CA THR WA 202 -21.93 18.08 -77.97
C THR WA 202 -21.87 18.87 -79.26
N HIS WA 203 -20.64 19.16 -79.69
CA HIS WA 203 -20.41 19.98 -80.86
C HIS WA 203 -20.90 19.28 -82.12
N PHE WA 204 -21.20 20.07 -83.14
CA PHE WA 204 -21.72 19.51 -84.38
C PHE WA 204 -20.71 18.62 -85.07
N VAL WA 205 -19.41 18.89 -84.89
CA VAL WA 205 -18.39 18.07 -85.54
C VAL WA 205 -18.19 16.73 -84.85
N GLU WA 206 -18.75 16.54 -83.67
CA GLU WA 206 -18.65 15.28 -82.95
C GLU WA 206 -20.01 14.62 -82.79
N GLY WA 207 -20.83 14.69 -83.84
CA GLY WA 207 -22.13 14.07 -83.79
C GLY WA 207 -23.13 14.77 -82.89
N GLY WA 208 -22.96 16.07 -82.67
CA GLY WA 208 -23.89 16.81 -81.85
C GLY WA 208 -24.70 17.84 -82.62
N ASP WA 209 -25.05 18.95 -81.97
CA ASP WA 209 -25.88 19.95 -82.61
C ASP WA 209 -25.29 21.34 -82.41
N ALA WA 210 -24.58 21.54 -81.30
CA ALA WA 210 -24.02 22.83 -81.01
C ALA WA 210 -22.78 23.10 -81.86
N GLY WA 211 -22.41 24.37 -81.93
CA GLY WA 211 -21.20 24.73 -82.63
C GLY WA 211 -21.41 25.40 -83.98
N ASN WA 212 -20.45 25.22 -84.88
CA ASN WA 212 -20.48 25.86 -86.18
C ASN WA 212 -20.75 24.84 -87.27
N ARG WA 213 -21.73 25.13 -88.11
CA ARG WA 213 -21.99 24.32 -89.29
C ARG WA 213 -22.07 25.24 -90.50
N GLU WA 214 -21.26 24.97 -91.52
CA GLU WA 214 -21.20 25.88 -92.65
C GLU WA 214 -22.52 25.97 -93.41
N ASP WA 215 -22.99 24.85 -93.93
CA ASP WA 215 -24.20 24.86 -94.75
C ASP WA 215 -25.40 24.20 -94.11
N GLN WA 216 -25.21 23.38 -93.07
CA GLN WA 216 -26.34 22.64 -92.52
C GLN WA 216 -27.25 23.52 -91.68
N ILE WA 217 -26.89 24.79 -91.46
CA ILE WA 217 -27.80 25.68 -90.76
C ILE WA 217 -29.05 25.93 -91.58
N ASN WA 218 -28.95 25.84 -92.91
CA ASN WA 218 -30.14 25.91 -93.75
C ASN WA 218 -31.05 24.72 -93.49
N ARG WA 219 -30.46 23.52 -93.42
CA ARG WA 219 -31.23 22.32 -93.10
C ARG WA 219 -31.91 22.47 -91.75
N LEU WA 220 -31.20 23.01 -90.77
CA LEU WA 220 -31.79 23.22 -89.45
C LEU WA 220 -32.92 24.24 -89.51
N ILE WA 221 -32.76 25.29 -90.31
CA ILE WA 221 -33.81 26.30 -90.42
C ILE WA 221 -35.08 25.70 -91.01
N ARG WA 222 -34.93 24.84 -92.03
CA ARG WA 222 -36.12 24.23 -92.63
C ARG WA 222 -36.92 23.44 -91.62
N ARG WA 223 -36.25 22.68 -90.75
CA ARG WA 223 -36.96 21.93 -89.73
C ARG WA 223 -37.37 22.76 -88.53
N MET WA 224 -36.80 23.95 -88.35
CA MET WA 224 -37.03 24.75 -87.16
C MET WA 224 -38.10 25.82 -87.34
N ASN WA 225 -38.13 26.51 -88.48
CA ASN WA 225 -39.08 27.59 -88.68
C ASN WA 225 -40.50 27.07 -88.87
N LYS XA 1 -45.42 47.77 102.23
CA LYS XA 1 -45.87 47.13 103.45
C LYS XA 1 -46.92 46.07 103.15
N VAL XA 2 -47.74 46.34 102.13
CA VAL XA 2 -48.80 45.45 101.70
C VAL XA 2 -48.58 44.96 100.28
N VAL XA 3 -47.39 45.19 99.71
CA VAL XA 3 -47.10 44.77 98.35
C VAL XA 3 -47.14 43.25 98.27
N ASN XA 4 -47.86 42.74 97.27
CA ASN XA 4 -48.03 41.30 97.16
C ASN XA 4 -46.73 40.64 96.72
N PRO XA 5 -46.25 39.64 97.45
CA PRO XA 5 -45.01 38.96 97.02
C PRO XA 5 -45.13 38.27 95.69
N LEU XA 6 -46.35 38.00 95.21
CA LEU XA 6 -46.52 37.37 93.91
C LEU XA 6 -45.99 38.24 92.78
N PHE XA 7 -46.00 39.55 92.97
CA PHE XA 7 -45.42 40.45 91.98
C PHE XA 7 -43.89 40.37 92.03
N GLU XA 8 -43.27 40.35 90.86
CA GLU XA 8 -41.83 40.44 90.78
C GLU XA 8 -41.44 41.02 89.43
N LYS XA 9 -40.23 41.56 89.38
CA LYS XA 9 -39.68 42.07 88.12
C LYS XA 9 -39.33 40.90 87.22
N ARG XA 10 -39.54 41.08 85.92
CA ARG XA 10 -39.16 40.10 84.91
C ARG XA 10 -38.31 40.79 83.86
N PRO XA 11 -37.05 41.07 84.19
CA PRO XA 11 -36.19 41.77 83.23
C PRO XA 11 -35.78 40.86 82.09
N LYS XA 12 -35.71 41.43 80.90
CA LYS XA 12 -35.30 40.70 79.70
C LYS XA 12 -33.99 41.26 79.18
N ASN XA 13 -33.06 40.38 78.86
CA ASN XA 13 -31.76 40.77 78.32
C ASN XA 13 -31.78 40.61 76.81
N PHE XA 14 -31.34 41.65 76.10
CA PHE XA 14 -31.42 41.69 74.65
C PHE XA 14 -30.10 41.35 73.98
N GLY XA 15 -29.31 40.48 74.60
CA GLY XA 15 -28.08 40.04 73.97
C GLY XA 15 -28.34 39.13 72.80
N ILE XA 16 -27.28 38.86 72.03
CA ILE XA 16 -27.41 38.09 70.81
C ILE XA 16 -27.80 36.65 71.15
N GLY XA 17 -28.84 36.16 70.48
CA GLY XA 17 -29.30 34.80 70.69
C GLY XA 17 -30.24 34.62 71.87
N GLN XA 18 -30.34 35.61 72.74
CA GLN XA 18 -31.24 35.57 73.89
C GLN XA 18 -32.58 36.20 73.48
N ASP XA 19 -33.38 36.59 74.47
CA ASP XA 19 -34.69 37.21 74.26
C ASP XA 19 -34.67 38.21 73.12
N ILE XA 20 -35.70 38.15 72.27
CA ILE XA 20 -35.66 38.86 71.00
C ILE XA 20 -35.66 40.38 71.22
N GLN XA 21 -35.19 41.09 70.21
CA GLN XA 21 -35.04 42.53 70.31
C GLN XA 21 -36.40 43.21 70.36
N PRO XA 22 -36.54 44.30 71.11
CA PRO XA 22 -37.80 45.05 71.11
C PRO XA 22 -37.88 45.93 69.87
N LYS XA 23 -39.09 46.45 69.63
CA LYS XA 23 -39.36 47.27 68.46
C LYS XA 23 -38.78 48.66 68.69
N ARG XA 24 -37.47 48.78 68.46
CA ARG XA 24 -36.79 50.05 68.62
C ARG XA 24 -36.99 50.92 67.38
N ASP XA 25 -36.45 52.14 67.43
CA ASP XA 25 -36.55 53.05 66.30
C ASP XA 25 -35.73 52.54 65.12
N LEU XA 26 -36.30 52.67 63.92
CA LEU XA 26 -35.62 52.25 62.70
C LEU XA 26 -35.64 53.34 61.63
N THR XA 27 -35.86 54.60 62.01
CA THR XA 27 -35.98 55.66 61.03
C THR XA 27 -34.70 55.88 60.24
N ARG XA 28 -33.56 55.44 60.77
CA ARG XA 28 -32.33 55.54 59.99
C ARG XA 28 -32.21 54.45 58.94
N PHE XA 29 -32.99 53.37 59.06
CA PHE XA 29 -32.89 52.25 58.14
C PHE XA 29 -34.20 52.00 57.41
N VAL XA 30 -35.09 52.99 57.36
CA VAL XA 30 -36.36 52.83 56.67
C VAL XA 30 -36.12 52.86 55.17
N LYS XA 31 -36.70 51.89 54.46
CA LYS XA 31 -36.70 51.91 53.00
C LYS XA 31 -37.57 53.09 52.56
N TRP XA 32 -36.94 54.15 52.15
CA TRP XA 32 -37.73 55.33 51.86
C TRP XA 32 -38.20 55.33 50.41
N PRO XA 33 -39.32 56.01 50.13
CA PRO XA 33 -39.77 56.14 48.74
C PRO XA 33 -38.79 56.95 47.91
N ARG XA 34 -38.85 56.72 46.59
CA ARG XA 34 -37.83 57.22 45.69
C ARG XA 34 -37.76 58.74 45.71
N TYR XA 35 -38.92 59.41 45.76
CA TYR XA 35 -38.91 60.86 45.78
C TYR XA 35 -38.30 61.41 47.07
N ILE XA 36 -38.53 60.73 48.20
CA ILE XA 36 -37.92 61.17 49.46
C ILE XA 36 -36.41 61.00 49.40
N ARG XA 37 -35.95 59.84 48.91
CA ARG XA 37 -34.51 59.65 48.78
C ARG XA 37 -33.90 60.67 47.83
N LEU XA 38 -34.62 60.98 46.75
CA LEU XA 38 -34.12 61.96 45.78
C LEU XA 38 -33.99 63.34 46.40
N GLN XA 39 -35.02 63.79 47.13
CA GLN XA 39 -34.94 65.14 47.68
C GLN XA 39 -33.92 65.22 48.81
N ARG XA 40 -33.66 64.12 49.51
CA ARG XA 40 -32.61 64.14 50.52
C ARG XA 40 -31.23 64.17 49.89
N GLN XA 41 -31.01 63.31 48.90
CA GLN XA 41 -29.71 63.28 48.23
C GLN XA 41 -29.46 64.54 47.42
N ARG XA 42 -30.50 65.30 47.08
CA ARG XA 42 -30.28 66.59 46.45
C ARG XA 42 -29.55 67.54 47.39
N ALA XA 43 -30.01 67.64 48.64
CA ALA XA 43 -29.32 68.45 49.62
C ALA XA 43 -27.94 67.87 49.95
N ILE XA 44 -27.82 66.54 49.95
CA ILE XA 44 -26.52 65.94 50.19
C ILE XA 44 -25.53 66.33 49.09
N LEU XA 45 -25.97 66.32 47.83
CA LEU XA 45 -25.11 66.77 46.74
C LEU XA 45 -24.79 68.25 46.86
N TYR XA 46 -25.77 69.05 47.29
CA TYR XA 46 -25.48 70.45 47.53
C TYR XA 46 -24.40 70.64 48.58
N LYS XA 47 -24.34 69.77 49.58
CA LYS XA 47 -23.22 69.81 50.51
C LYS XA 47 -21.93 69.31 49.89
N ARG XA 48 -22.00 68.25 49.08
CA ARG XA 48 -20.78 67.64 48.53
C ARG XA 48 -20.09 68.54 47.53
N LEU XA 49 -20.84 69.08 46.57
CA LEU XA 49 -20.25 69.75 45.42
C LEU XA 49 -19.71 71.11 45.80
N LYS XA 50 -18.93 71.69 44.89
CA LYS XA 50 -18.44 73.05 45.04
C LYS XA 50 -19.52 74.01 44.54
N VAL XA 51 -20.22 74.63 45.47
CA VAL XA 51 -21.23 75.62 45.09
C VAL XA 51 -20.54 76.87 44.56
N PRO XA 52 -20.88 77.33 43.36
CA PRO XA 52 -20.34 78.60 42.88
C PRO XA 52 -20.80 79.73 43.76
N PRO XA 53 -20.02 80.80 43.87
CA PRO XA 53 -20.40 81.91 44.77
C PRO XA 53 -21.74 82.53 44.44
N ALA XA 54 -22.14 82.54 43.16
CA ALA XA 54 -23.41 83.13 42.77
C ALA XA 54 -24.60 82.41 43.40
N ILE XA 55 -24.45 81.14 43.78
CA ILE XA 55 -25.48 80.44 44.53
C ILE XA 55 -25.15 80.38 46.02
N ASN XA 56 -23.88 80.28 46.39
CA ASN XA 56 -23.52 80.23 47.79
C ASN XA 56 -23.86 81.52 48.52
N GLN XA 57 -23.98 82.63 47.81
CA GLN XA 57 -24.43 83.87 48.43
C GLN XA 57 -25.84 83.75 48.98
N PHE XA 58 -26.65 82.85 48.41
CA PHE XA 58 -27.99 82.62 48.91
C PHE XA 58 -28.02 81.81 50.21
N THR XA 59 -26.93 81.13 50.56
CA THR XA 59 -26.87 80.45 51.84
C THR XA 59 -26.88 81.46 52.98
N GLN XA 60 -26.15 82.55 52.85
CA GLN XA 60 -26.21 83.62 53.84
C GLN XA 60 -27.58 84.29 53.79
N ALA XA 61 -28.13 84.57 54.97
CA ALA XA 61 -29.44 85.20 55.06
C ALA XA 61 -29.55 85.95 56.38
N LEU XA 62 -30.63 86.70 56.53
CA LEU XA 62 -30.86 87.46 57.75
C LEU XA 62 -31.11 86.53 58.93
N ASP XA 63 -30.72 86.98 60.11
CA ASP XA 63 -30.96 86.21 61.31
C ASP XA 63 -32.36 86.49 61.85
N ARG XA 64 -32.71 85.77 62.93
CA ARG XA 64 -34.08 85.81 63.45
C ARG XA 64 -34.45 87.21 63.92
N GLN XA 65 -33.56 87.88 64.65
CA GLN XA 65 -33.89 89.17 65.25
C GLN XA 65 -34.17 90.22 64.18
N THR XA 66 -33.28 90.33 63.19
CA THR XA 66 -33.49 91.31 62.12
C THR XA 66 -34.70 90.94 61.27
N ALA XA 67 -34.86 89.65 60.96
CA ALA XA 67 -35.97 89.23 60.11
C ALA XA 67 -37.31 89.52 60.77
N THR XA 68 -37.39 89.36 62.09
CA THR XA 68 -38.65 89.60 62.79
C THR XA 68 -39.11 91.04 62.61
N GLN XA 69 -38.23 92.00 62.89
CA GLN XA 69 -38.59 93.39 62.74
C GLN XA 69 -38.73 93.81 61.28
N LEU XA 70 -37.99 93.16 60.37
CA LEU XA 70 -38.15 93.47 58.96
C LEU XA 70 -39.54 93.09 58.48
N LEU XA 71 -40.00 91.88 58.82
CA LEU XA 71 -41.35 91.48 58.46
C LEU XA 71 -42.40 92.28 59.22
N LYS XA 72 -42.11 92.67 60.46
CA LYS XA 72 -43.05 93.50 61.21
C LYS XA 72 -43.25 94.84 60.52
N LEU XA 73 -42.17 95.44 60.03
CA LEU XA 73 -42.30 96.67 59.25
C LEU XA 73 -43.02 96.42 57.92
N ALA XA 74 -42.66 95.33 57.25
CA ALA XA 74 -43.26 95.04 55.94
C ALA XA 74 -44.75 94.76 56.03
N HIS XA 75 -45.22 94.30 57.19
CA HIS XA 75 -46.64 94.03 57.37
C HIS XA 75 -47.50 95.29 57.24
N LYS XA 76 -46.90 96.46 57.39
CA LYS XA 76 -47.64 97.72 57.29
C LYS XA 76 -47.82 98.18 55.85
N TYR XA 77 -47.31 97.44 54.87
CA TYR XA 77 -47.42 97.82 53.48
C TYR XA 77 -47.84 96.64 52.63
N ARG XA 78 -48.68 95.77 53.19
CA ARG XA 78 -49.19 94.66 52.41
C ARG XA 78 -50.11 95.17 51.30
N PRO XA 79 -50.05 94.60 50.11
CA PRO XA 79 -50.96 95.02 49.04
C PRO XA 79 -52.40 94.73 49.43
N GLU XA 80 -53.29 95.64 49.03
CA GLU XA 80 -54.71 95.47 49.33
C GLU XA 80 -55.25 94.23 48.64
N THR XA 81 -56.04 93.45 49.37
CA THR XA 81 -56.61 92.23 48.83
C THR XA 81 -57.90 92.53 48.08
N LYS XA 82 -58.44 91.50 47.44
CA LYS XA 82 -59.69 91.63 46.70
C LYS XA 82 -60.88 91.96 47.61
N GLN XA 83 -60.76 91.70 48.91
CA GLN XA 83 -61.83 92.06 49.84
C GLN XA 83 -61.89 93.57 50.03
N GLU XA 84 -60.78 94.17 50.46
CA GLU XA 84 -60.77 95.61 50.71
C GLU XA 84 -60.74 96.43 49.43
N LYS XA 85 -60.30 95.85 48.31
CA LYS XA 85 -60.32 96.59 47.07
C LYS XA 85 -61.75 96.85 46.61
N LYS XA 86 -62.66 95.91 46.89
CA LYS XA 86 -64.07 96.14 46.59
C LYS XA 86 -64.60 97.33 47.38
N GLN XA 87 -64.24 97.42 48.66
CA GLN XA 87 -64.67 98.56 49.47
C GLN XA 87 -64.07 99.87 48.95
N ARG XA 88 -62.78 99.84 48.60
CA ARG XA 88 -62.13 101.04 48.08
C ARG XA 88 -62.78 101.49 46.78
N LEU XA 89 -63.06 100.55 45.88
CA LEU XA 89 -63.64 100.91 44.59
C LEU XA 89 -65.10 101.37 44.74
N LEU XA 90 -65.84 100.77 45.68
CA LEU XA 90 -67.20 101.23 45.93
C LEU XA 90 -67.20 102.65 46.50
N ALA XA 91 -66.27 102.93 47.42
CA ALA XA 91 -66.15 104.28 47.94
C ALA XA 91 -65.76 105.26 46.83
N ARG XA 92 -64.86 104.83 45.94
CA ARG XA 92 -64.45 105.69 44.83
C ARG XA 92 -65.61 105.99 43.91
N ALA XA 93 -66.42 104.98 43.59
CA ALA XA 93 -67.59 105.19 42.74
C ALA XA 93 -68.62 106.07 43.42
N GLU XA 94 -68.80 105.90 44.74
CA GLU XA 94 -69.74 106.74 45.47
C GLU XA 94 -69.30 108.20 45.45
N LYS XA 95 -68.00 108.45 45.66
CA LYS XA 95 -67.51 109.82 45.65
C LYS XA 95 -67.55 110.42 44.25
N LYS XA 96 -67.31 109.60 43.22
CA LYS XA 96 -67.45 110.07 41.85
C LYS XA 96 -68.88 110.44 41.52
N ALA XA 97 -69.84 109.61 41.94
CA ALA XA 97 -71.25 109.92 41.70
C ALA XA 97 -71.67 111.18 42.45
N ALA XA 98 -71.24 111.32 43.70
CA ALA XA 98 -71.51 112.53 44.48
C ALA XA 98 -70.42 112.66 45.52
N GLY XA 99 -69.51 113.61 45.33
CA GLY XA 99 -69.49 114.54 44.22
C GLY XA 99 -68.06 114.92 43.83
N LYS XA 100 -67.10 114.10 44.25
CA LYS XA 100 -65.70 114.44 44.04
C LYS XA 100 -65.31 114.33 42.57
N GLY XA 101 -65.73 113.27 41.89
CA GLY XA 101 -65.37 113.07 40.50
C GLY XA 101 -64.23 112.09 40.33
N ASP XA 102 -63.16 112.52 39.65
CA ASP XA 102 -61.99 111.66 39.48
C ASP XA 102 -61.35 111.34 40.82
N VAL XA 103 -60.83 112.36 41.49
CA VAL XA 103 -60.28 112.28 42.86
C VAL XA 103 -59.25 111.17 43.00
N PRO XA 104 -58.03 111.34 42.46
CA PRO XA 104 -56.98 110.33 42.71
C PRO XA 104 -56.65 110.17 44.19
N THR XA 105 -56.70 111.26 44.95
CA THR XA 105 -56.55 111.25 46.42
C THR XA 105 -55.24 110.58 46.87
N LYS XA 106 -54.16 110.83 46.14
CA LYS XA 106 -52.80 110.53 46.58
C LYS XA 106 -52.63 109.03 46.88
N ARG XA 107 -52.64 108.25 45.78
CA ARG XA 107 -52.43 106.81 45.78
C ARG XA 107 -51.32 106.40 46.74
N PRO XA 108 -51.61 105.53 47.71
CA PRO XA 108 -50.67 105.30 48.81
C PRO XA 108 -49.49 104.44 48.37
N PRO XA 109 -48.37 104.53 49.10
CA PRO XA 109 -47.26 103.62 48.82
C PRO XA 109 -47.64 102.18 49.13
N VAL XA 110 -47.00 101.26 48.41
CA VAL XA 110 -47.29 99.83 48.54
C VAL XA 110 -46.02 99.05 48.24
N LEU XA 111 -45.87 97.90 48.89
CA LEU XA 111 -44.75 97.02 48.63
C LEU XA 111 -44.94 96.31 47.30
N ARG XA 112 -44.04 96.55 46.36
CA ARG XA 112 -44.14 95.92 45.05
C ARG XA 112 -43.65 94.48 45.12
N ALA XA 113 -44.22 93.64 44.25
CA ALA XA 113 -43.92 92.22 44.23
C ALA XA 113 -43.70 91.76 42.80
N GLY XA 114 -42.99 90.64 42.67
CA GLY XA 114 -42.69 90.07 41.37
C GLY XA 114 -41.32 90.48 40.88
N VAL XA 115 -40.53 89.51 40.40
CA VAL XA 115 -39.14 89.78 40.07
C VAL XA 115 -39.05 90.71 38.86
N ASN XA 116 -39.96 90.57 37.90
CA ASN XA 116 -39.94 91.44 36.73
C ASN XA 116 -40.24 92.88 37.12
N THR XA 117 -41.20 93.08 38.02
CA THR XA 117 -41.49 94.42 38.52
C THR XA 117 -40.31 94.97 39.31
N VAL XA 118 -39.68 94.13 40.13
CA VAL XA 118 -38.61 94.59 41.02
C VAL XA 118 -37.39 95.02 40.21
N THR XA 119 -37.01 94.22 39.23
CA THR XA 119 -35.76 94.49 38.51
C THR XA 119 -35.83 95.77 37.69
N THR XA 120 -36.99 96.15 37.18
CA THR XA 120 -37.09 97.41 36.46
C THR XA 120 -36.90 98.59 37.40
N LEU XA 121 -37.49 98.52 38.59
CA LEU XA 121 -37.27 99.56 39.60
C LEU XA 121 -35.81 99.61 40.01
N VAL XA 122 -35.16 98.45 40.11
CA VAL XA 122 -33.75 98.43 40.45
C VAL XA 122 -32.92 99.11 39.37
N GLU XA 123 -33.23 98.83 38.10
CA GLU XA 123 -32.50 99.48 37.02
C GLU XA 123 -32.75 100.98 36.98
N ASN XA 124 -33.96 101.41 37.32
CA ASN XA 124 -34.26 102.83 37.37
C ASN XA 124 -33.85 103.48 38.69
N LYS XA 125 -33.32 102.71 39.63
CA LYS XA 125 -32.94 103.13 40.97
C LYS XA 125 -34.11 103.69 41.77
N LYS XA 126 -35.34 103.53 41.29
CA LYS XA 126 -36.49 104.00 42.05
C LYS XA 126 -36.81 103.09 43.21
N ALA XA 127 -36.32 101.85 43.18
CA ALA XA 127 -36.47 100.96 44.32
C ALA XA 127 -35.55 101.39 45.44
N GLN XA 128 -36.04 101.29 46.67
CA GLN XA 128 -35.27 101.70 47.84
C GLN XA 128 -34.69 100.54 48.62
N LEU XA 129 -35.33 99.37 48.58
CA LEU XA 129 -34.81 98.20 49.27
C LEU XA 129 -35.29 96.95 48.56
N VAL XA 130 -34.48 95.90 48.56
CA VAL XA 130 -34.82 94.64 47.88
C VAL XA 130 -34.69 93.50 48.89
N VAL XA 131 -35.70 92.64 48.93
CA VAL XA 131 -35.67 91.42 49.73
C VAL XA 131 -35.87 90.24 48.81
N ILE XA 132 -34.98 89.27 48.90
CA ILE XA 132 -34.96 88.09 48.02
C ILE XA 132 -35.08 86.85 48.89
N ALA XA 133 -36.01 85.97 48.52
CA ALA XA 133 -36.12 84.67 49.17
C ALA XA 133 -34.94 83.80 48.78
N HIS XA 134 -34.42 83.04 49.75
CA HIS XA 134 -33.24 82.23 49.48
C HIS XA 134 -33.57 81.01 48.63
N ASP XA 135 -34.82 80.54 48.68
CA ASP XA 135 -35.18 79.19 48.29
C ASP XA 135 -35.96 79.14 46.98
N VAL XA 136 -35.58 79.95 46.01
CA VAL XA 136 -36.18 79.84 44.69
C VAL XA 136 -35.65 78.55 44.06
N ASP XA 137 -36.49 77.52 44.01
CA ASP XA 137 -36.02 76.21 43.57
C ASP XA 137 -35.55 76.20 42.11
N PRO XA 138 -36.26 76.79 41.14
CA PRO XA 138 -35.62 77.02 39.84
C PRO XA 138 -34.67 78.20 39.92
N ILE XA 139 -33.45 77.97 40.40
CA ILE XA 139 -32.61 79.09 40.83
C ILE XA 139 -31.88 79.70 39.64
N GLU XA 140 -32.62 80.50 38.88
CA GLU XA 140 -32.07 81.42 37.90
C GLU XA 140 -32.77 82.76 37.94
N LEU XA 141 -33.92 82.85 38.60
CA LEU XA 141 -34.71 84.07 38.61
C LEU XA 141 -34.05 85.18 39.39
N VAL XA 142 -33.19 84.84 40.36
CA VAL XA 142 -32.64 85.81 41.29
C VAL XA 142 -31.12 85.76 41.37
N VAL XA 143 -30.46 84.94 40.56
CA VAL XA 143 -29.00 84.85 40.64
C VAL XA 143 -28.33 86.14 40.20
N PHE XA 144 -29.03 86.98 39.42
CA PHE XA 144 -28.47 88.24 38.99
C PHE XA 144 -28.87 89.41 39.88
N LEU XA 145 -29.87 89.24 40.74
CA LEU XA 145 -30.34 90.34 41.57
C LEU XA 145 -29.29 90.88 42.54
N PRO XA 146 -28.51 90.06 43.27
CA PRO XA 146 -27.50 90.66 44.17
C PRO XA 146 -26.48 91.51 43.43
N ALA XA 147 -25.94 91.01 42.33
CA ALA XA 147 -24.95 91.78 41.58
C ALA XA 147 -25.56 93.04 40.99
N LEU XA 148 -26.78 92.95 40.48
CA LEU XA 148 -27.45 94.12 39.92
C LEU XA 148 -27.72 95.16 41.00
N CYS XA 149 -28.15 94.72 42.18
CA CYS XA 149 -28.39 95.63 43.29
C CYS XA 149 -27.09 96.30 43.72
N ARG XA 150 -26.00 95.54 43.77
CA ARG XA 150 -24.70 96.13 44.09
C ARG XA 150 -24.30 97.17 43.05
N LYS XA 151 -24.54 96.88 41.78
CA LYS XA 151 -24.19 97.83 40.72
C LYS XA 151 -25.00 99.12 40.83
N MET XA 152 -26.30 98.99 41.07
CA MET XA 152 -27.16 100.17 41.14
C MET XA 152 -27.13 100.84 42.51
N GLY XA 153 -26.44 100.25 43.49
CA GLY XA 153 -26.29 100.87 44.78
C GLY XA 153 -27.44 100.66 45.74
N VAL XA 154 -28.51 100.00 45.31
CA VAL XA 154 -29.68 99.78 46.17
C VAL XA 154 -29.36 98.67 47.16
N PRO XA 155 -29.87 98.74 48.38
CA PRO XA 155 -29.62 97.67 49.37
C PRO XA 155 -30.46 96.44 49.07
N TYR XA 156 -29.83 95.27 49.23
CA TYR XA 156 -30.49 93.99 49.02
C TYR XA 156 -30.21 93.08 50.21
N CYS XA 157 -31.21 92.30 50.59
CA CYS XA 157 -31.05 91.33 51.65
C CYS XA 157 -31.72 90.02 51.24
N ILE XA 158 -31.28 88.93 51.85
CA ILE XA 158 -31.79 87.59 51.57
C ILE XA 158 -32.48 87.07 52.82
N ILE XA 159 -33.71 86.61 52.66
CA ILE XA 159 -34.51 86.13 53.78
C ILE XA 159 -34.86 84.66 53.56
N LYS XA 160 -35.12 83.98 54.66
CA LYS XA 160 -35.43 82.56 54.64
C LYS XA 160 -36.92 82.36 54.42
N GLY XA 161 -37.26 81.69 53.33
CA GLY XA 161 -38.64 81.29 53.10
C GLY XA 161 -39.40 82.17 52.12
N LYS XA 162 -39.60 81.67 50.90
CA LYS XA 162 -40.48 82.35 49.97
C LYS XA 162 -41.94 82.25 50.39
N ALA XA 163 -42.27 81.26 51.22
CA ALA XA 163 -43.62 81.20 51.78
C ALA XA 163 -43.93 82.43 52.62
N ARG XA 164 -42.92 82.94 53.31
CA ARG XA 164 -43.12 84.15 54.11
C ARG XA 164 -43.48 85.33 53.23
N LEU XA 165 -42.79 85.49 52.10
CA LEU XA 165 -43.12 86.55 51.16
C LEU XA 165 -44.51 86.33 50.57
N GLY XA 166 -44.85 85.07 50.27
CA GLY XA 166 -46.16 84.78 49.74
C GLY XA 166 -47.28 85.16 50.70
N ARG XA 167 -47.12 84.79 51.98
CA ARG XA 167 -48.09 85.20 52.99
C ARG XA 167 -48.09 86.69 53.19
N LEU XA 168 -46.95 87.35 52.98
CA LEU XA 168 -46.90 88.81 53.05
C LEU XA 168 -47.71 89.47 51.93
N VAL XA 169 -47.71 88.89 50.74
CA VAL XA 169 -48.44 89.48 49.62
C VAL XA 169 -49.74 88.73 49.34
N HIS XA 170 -50.22 87.94 50.30
CA HIS XA 170 -51.49 87.21 50.18
C HIS XA 170 -51.49 86.29 48.97
N ARG XA 171 -50.42 85.51 48.82
CA ARG XA 171 -50.35 84.49 47.80
C ARG XA 171 -49.67 83.26 48.39
N LYS XA 172 -49.51 82.24 47.56
CA LYS XA 172 -48.80 81.05 48.00
C LYS XA 172 -47.32 81.34 48.16
N THR XA 173 -46.71 81.96 47.15
CA THR XA 173 -45.27 82.14 47.14
C THR XA 173 -44.91 83.38 46.33
N CYS XA 174 -44.14 84.27 46.93
CA CYS XA 174 -43.58 85.41 46.23
C CYS XA 174 -42.05 85.28 46.20
N THR XA 175 -41.47 85.64 45.06
CA THR XA 175 -40.03 85.45 44.90
C THR XA 175 -39.26 86.58 45.57
N THR XA 176 -39.51 87.82 45.16
CA THR XA 176 -38.81 88.98 45.70
C THR XA 176 -39.81 90.09 45.97
N VAL XA 177 -39.47 90.95 46.93
CA VAL XA 177 -40.28 92.14 47.20
C VAL XA 177 -39.35 93.34 47.24
N ALA XA 178 -39.90 94.52 46.97
CA ALA XA 178 -39.12 95.73 46.89
C ALA XA 178 -39.83 96.86 47.62
N PHE XA 179 -39.14 97.42 48.61
CA PHE XA 179 -39.59 98.61 49.29
C PHE XA 179 -39.30 99.82 48.41
N THR XA 180 -40.36 100.46 47.94
CA THR XA 180 -40.32 101.72 47.23
C THR XA 180 -40.47 102.82 48.29
N GLN XA 181 -40.83 104.04 47.90
CA GLN XA 181 -40.97 105.12 48.87
C GLN XA 181 -41.92 104.72 50.00
N VAL XA 182 -41.61 105.20 51.20
CA VAL XA 182 -42.20 104.69 52.43
C VAL XA 182 -42.73 105.87 53.22
N ASN XA 183 -43.58 105.56 54.21
CA ASN XA 183 -44.17 106.60 55.05
C ASN XA 183 -43.08 107.34 55.82
N SER XA 184 -43.33 108.64 56.03
CA SER XA 184 -42.33 109.49 56.69
C SER XA 184 -42.06 109.04 58.11
N GLU XA 185 -43.10 108.65 58.85
CA GLU XA 185 -42.89 108.17 60.21
C GLU XA 185 -42.16 106.83 60.23
N ASP XA 186 -42.18 106.08 59.14
CA ASP XA 186 -41.49 104.80 59.04
C ASP XA 186 -40.11 104.94 58.41
N LYS XA 187 -39.75 106.13 57.92
CA LYS XA 187 -38.45 106.32 57.29
C LYS XA 187 -37.31 106.05 58.26
N GLY XA 188 -37.51 106.38 59.54
CA GLY XA 188 -36.46 106.11 60.52
C GLY XA 188 -36.19 104.63 60.71
N ALA XA 189 -37.25 103.84 60.85
CA ALA XA 189 -37.09 102.39 60.94
C ALA XA 189 -36.50 101.83 59.66
N LEU XA 190 -36.94 102.35 58.51
CA LEU XA 190 -36.40 101.88 57.24
C LEU XA 190 -34.90 102.15 57.16
N ALA XA 191 -34.45 103.34 57.56
CA ALA XA 191 -33.03 103.66 57.52
C ALA XA 191 -32.25 102.80 58.48
N LYS XA 192 -32.81 102.56 59.68
CA LYS XA 192 -32.14 101.69 60.64
C LYS XA 192 -31.96 100.29 60.08
N LEU XA 193 -32.95 99.78 59.36
CA LEU XA 193 -32.80 98.48 58.72
C LEU XA 193 -31.79 98.53 57.59
N VAL XA 194 -31.87 99.59 56.77
CA VAL XA 194 -31.10 99.65 55.52
C VAL XA 194 -29.61 99.77 55.81
N GLU XA 195 -29.23 100.51 56.85
CA GLU XA 195 -27.82 100.61 57.18
C GLU XA 195 -27.24 99.25 57.55
N ALA XA 196 -27.97 98.47 58.34
CA ALA XA 196 -27.51 97.13 58.70
C ALA XA 196 -27.48 96.22 57.48
N ILE XA 197 -28.46 96.34 56.59
CA ILE XA 197 -28.48 95.52 55.38
C ILE XA 197 -27.28 95.83 54.51
N ARG XA 198 -26.97 97.12 54.34
CA ARG XA 198 -25.84 97.54 53.53
C ARG XA 198 -24.53 97.05 54.14
N THR XA 199 -24.43 97.11 55.47
CA THR XA 199 -23.25 96.57 56.14
C THR XA 199 -23.13 95.06 55.90
N ASN XA 200 -24.25 94.35 55.96
CA ASN XA 200 -24.21 92.90 55.91
C ASN XA 200 -23.92 92.39 54.50
N TYR XA 201 -24.50 93.01 53.48
CA TYR XA 201 -24.46 92.47 52.12
C TYR XA 201 -23.69 93.35 51.16
N ASN XA 202 -24.11 94.61 50.99
CA ASN XA 202 -23.56 95.45 49.92
C ASN XA 202 -22.12 95.82 50.18
N ASP XA 203 -21.74 95.97 51.46
CA ASP XA 203 -20.41 96.46 51.78
C ASP XA 203 -19.34 95.40 51.52
N ARG XA 204 -19.64 94.13 51.83
CA ARG XA 204 -18.68 93.05 51.74
C ARG XA 204 -18.93 92.16 50.53
N TYR XA 205 -19.33 92.76 49.41
CA TYR XA 205 -19.73 91.99 48.24
C TYR XA 205 -18.53 91.37 47.54
N ASP XA 206 -17.33 91.92 47.74
CA ASP XA 206 -16.16 91.43 47.03
C ASP XA 206 -15.82 90.00 47.44
N GLU XA 207 -15.76 89.72 48.74
CA GLU XA 207 -15.52 88.35 49.18
C GLU XA 207 -16.75 87.48 49.03
N ILE XA 208 -17.93 88.07 48.91
CA ILE XA 208 -19.12 87.29 48.57
C ILE XA 208 -18.96 86.73 47.17
N ARG XA 209 -18.39 87.52 46.25
CA ARG XA 209 -18.15 87.06 44.89
C ARG XA 209 -17.16 85.90 44.82
N ARG XA 210 -16.39 85.64 45.88
CA ARG XA 210 -15.45 84.53 45.89
C ARG XA 210 -15.73 83.50 46.97
N HIS XA 211 -16.80 83.67 47.75
CA HIS XA 211 -17.11 82.76 48.85
C HIS XA 211 -17.83 81.55 48.28
N TRP XA 212 -17.05 80.52 47.93
CA TRP XA 212 -17.63 79.28 47.43
C TRP XA 212 -18.30 78.51 48.57
N GLY XA 213 -19.06 77.49 48.21
CA GLY XA 213 -19.79 76.70 49.17
C GLY XA 213 -19.62 75.21 48.93
N GLY XA 214 -20.03 74.42 49.92
CA GLY XA 214 -19.98 72.99 49.80
C GLY XA 214 -18.59 72.42 50.04
N ASN XA 215 -18.28 71.36 49.28
CA ASN XA 215 -17.01 70.64 49.40
C ASN XA 215 -16.78 70.13 50.83
N VAL XA 216 -17.84 69.66 51.46
CA VAL XA 216 -17.76 69.04 52.78
C VAL XA 216 -18.16 67.58 52.64
N LEU XA 217 -17.32 66.69 53.16
CA LEU XA 217 -17.52 65.27 52.99
C LEU XA 217 -18.54 64.75 54.01
N GLY XA 218 -18.75 63.45 53.99
CA GLY XA 218 -19.64 62.81 54.94
C GLY XA 218 -19.01 62.69 56.31
N PRO XA 219 -19.86 62.59 57.33
CA PRO XA 219 -19.31 62.42 58.70
C PRO XA 219 -18.46 61.19 58.85
N LYS XA 220 -18.84 60.08 58.22
CA LYS XA 220 -18.05 58.86 58.33
C LYS XA 220 -16.68 59.03 57.69
N SER XA 221 -16.64 59.61 56.48
CA SER XA 221 -15.38 59.82 55.78
C SER XA 221 -14.49 60.77 56.56
N VAL XA 222 -15.07 61.86 57.07
CA VAL XA 222 -14.30 62.80 57.87
C VAL XA 222 -13.77 62.12 59.13
N ALA XA 223 -14.59 61.30 59.77
CA ALA XA 223 -14.18 60.62 60.98
C ALA XA 223 -13.02 59.67 60.73
N ARG XA 224 -13.08 58.90 59.64
CA ARG XA 224 -11.99 57.95 59.40
C ARG XA 224 -10.74 58.67 58.92
N ILE XA 225 -10.88 59.80 58.21
CA ILE XA 225 -9.71 60.57 57.84
C ILE XA 225 -9.04 61.14 59.09
N ALA XA 226 -9.84 61.65 60.03
CA ALA XA 226 -9.28 62.14 61.29
C ALA XA 226 -8.65 61.00 62.08
N LYS XA 227 -9.25 59.81 62.01
CA LYS XA 227 -8.68 58.66 62.69
C LYS XA 227 -7.34 58.27 62.09
N LEU XA 228 -7.21 58.33 60.76
CA LEU XA 228 -5.92 58.09 60.13
C LEU XA 228 -4.90 59.15 60.54
N GLU XA 229 -5.33 60.40 60.62
CA GLU XA 229 -4.43 61.47 61.05
C GLU XA 229 -3.92 61.20 62.46
N LYS XA 230 -4.83 60.82 63.36
CA LYS XA 230 -4.41 60.48 64.73
C LYS XA 230 -3.51 59.25 64.73
N ALA XA 231 -3.84 58.24 63.92
CA ALA XA 231 -3.12 56.99 63.93
C ALA XA 231 -1.74 57.10 63.32
N LYS XA 232 -1.47 58.18 62.59
CA LYS XA 232 -0.09 58.49 62.20
C LYS XA 232 0.59 59.48 63.14
N ALA XA 233 -0.16 60.46 63.67
CA ALA XA 233 0.43 61.44 64.57
C ALA XA 233 0.85 60.81 65.88
N LYS XA 234 0.25 59.69 66.27
CA LYS XA 234 0.66 59.06 67.52
C LYS XA 234 2.08 58.51 67.42
N GLU XA 235 2.40 57.80 66.35
CA GLU XA 235 3.78 57.34 66.20
C GLU XA 235 4.71 58.48 65.81
N LEU XA 236 4.20 59.54 65.17
CA LEU XA 236 5.04 60.72 65.00
C LEU XA 236 5.43 61.33 66.35
N ALA XA 237 4.49 61.40 67.29
CA ALA XA 237 4.77 61.94 68.62
C ALA XA 237 5.71 61.05 69.40
N THR XA 238 5.51 59.72 69.33
CA THR XA 238 6.44 58.82 70.00
C THR XA 238 7.78 58.73 69.29
N LYS XA 239 7.87 59.17 68.03
CA LYS XA 239 9.13 59.17 67.31
C LYS XA 239 9.96 60.40 67.65
N LEU XA 240 9.36 61.58 67.60
CA LEU XA 240 10.08 62.81 67.89
C LEU XA 240 9.96 63.15 69.37
N GLY XA 241 10.66 64.21 69.76
CA GLY XA 241 10.66 64.65 71.16
C GLY XA 241 11.87 64.16 71.93
N MET YA 1 -14.21 -15.81 -86.95
CA MET YA 1 -14.31 -15.96 -88.41
C MET YA 1 -15.15 -17.16 -88.77
N LYS YA 2 -16.19 -16.95 -89.58
CA LYS YA 2 -17.10 -18.02 -89.97
C LYS YA 2 -16.54 -18.69 -91.21
N THR YA 3 -16.08 -19.93 -91.07
CA THR YA 3 -15.58 -20.69 -92.21
C THR YA 3 -16.73 -21.02 -93.16
N ILE YA 4 -16.47 -20.89 -94.45
CA ILE YA 4 -17.52 -21.10 -95.46
C ILE YA 4 -18.00 -22.55 -95.42
N LEU YA 5 -17.07 -23.49 -95.46
CA LEU YA 5 -17.45 -24.90 -95.59
C LEU YA 5 -16.39 -25.77 -94.93
N SER YA 6 -16.84 -26.75 -94.15
CA SER YA 6 -15.99 -27.78 -93.62
C SER YA 6 -16.60 -29.14 -93.94
N ASN YA 7 -15.79 -30.03 -94.51
CA ASN YA 7 -16.31 -31.31 -94.97
C ASN YA 7 -15.31 -32.41 -94.68
N GLN YA 8 -15.84 -33.62 -94.56
CA GLN YA 8 -15.03 -34.82 -94.39
C GLN YA 8 -15.82 -36.02 -94.90
N THR YA 9 -15.11 -36.97 -95.47
CA THR YA 9 -15.71 -38.15 -96.08
C THR YA 9 -15.20 -39.41 -95.38
N VAL YA 10 -16.11 -40.35 -95.14
CA VAL YA 10 -15.78 -41.64 -94.55
C VAL YA 10 -16.10 -42.72 -95.56
N ASP YA 11 -15.35 -43.82 -95.48
CA ASP YA 11 -15.46 -44.93 -96.41
C ASP YA 11 -16.19 -46.08 -95.74
N ILE YA 12 -17.14 -46.66 -96.47
CA ILE YA 12 -17.94 -47.79 -95.99
C ILE YA 12 -17.54 -49.02 -96.78
N PRO YA 13 -17.01 -50.07 -96.15
CA PRO YA 13 -16.67 -51.29 -96.89
C PRO YA 13 -17.90 -51.94 -97.50
N GLU YA 14 -17.64 -52.82 -98.47
CA GLU YA 14 -18.72 -53.35 -99.30
C GLU YA 14 -19.61 -54.33 -98.54
N ASN YA 15 -19.12 -54.92 -97.46
CA ASN YA 15 -19.91 -55.89 -96.72
C ASN YA 15 -20.84 -55.26 -95.71
N VAL YA 16 -20.84 -53.93 -95.61
CA VAL YA 16 -21.66 -53.18 -94.67
C VAL YA 16 -22.31 -52.03 -95.42
N ASP YA 17 -23.56 -51.71 -95.07
CA ASP YA 17 -24.25 -50.62 -95.73
C ASP YA 17 -24.90 -49.70 -94.71
N ILE YA 18 -24.96 -48.41 -95.05
CA ILE YA 18 -25.48 -47.38 -94.15
C ILE YA 18 -26.68 -46.71 -94.80
N THR YA 19 -27.76 -46.62 -94.05
CA THR YA 19 -29.00 -45.96 -94.45
C THR YA 19 -29.20 -44.70 -93.62
N LEU YA 20 -29.65 -43.64 -94.28
CA LEU YA 20 -29.89 -42.35 -93.64
C LEU YA 20 -31.38 -42.06 -93.61
N LYS YA 21 -31.91 -41.87 -92.41
CA LYS YA 21 -33.25 -41.33 -92.22
C LYS YA 21 -33.09 -40.02 -91.47
N GLY YA 22 -33.22 -38.91 -92.20
CA GLY YA 22 -32.90 -37.62 -91.63
C GLY YA 22 -31.42 -37.58 -91.28
N ARG YA 23 -31.13 -37.21 -90.03
CA ARG YA 23 -29.77 -37.19 -89.53
C ARG YA 23 -29.42 -38.42 -88.72
N THR YA 24 -30.32 -39.40 -88.63
CA THR YA 24 -30.07 -40.62 -87.89
C THR YA 24 -29.44 -41.66 -88.80
N VAL YA 25 -28.30 -42.18 -88.39
CA VAL YA 25 -27.50 -43.11 -89.18
C VAL YA 25 -27.83 -44.52 -88.73
N ILE YA 26 -28.05 -45.41 -89.69
CA ILE YA 26 -28.22 -46.84 -89.42
C ILE YA 26 -27.13 -47.58 -90.17
N VAL YA 27 -26.34 -48.37 -89.46
CA VAL YA 27 -25.24 -49.13 -90.04
C VAL YA 27 -25.58 -50.61 -89.91
N LYS YA 28 -25.60 -51.32 -91.03
CA LYS YA 28 -25.99 -52.72 -91.09
C LYS YA 28 -24.82 -53.52 -91.63
N GLY YA 29 -24.25 -54.38 -90.79
CA GLY YA 29 -23.12 -55.18 -91.16
C GLY YA 29 -23.28 -56.64 -90.77
N PRO YA 30 -22.22 -57.43 -90.96
CA PRO YA 30 -22.31 -58.87 -90.65
C PRO YA 30 -22.61 -59.17 -89.20
N ARG YA 31 -22.14 -58.35 -88.26
CA ARG YA 31 -22.32 -58.66 -86.85
C ARG YA 31 -23.65 -58.18 -86.29
N GLY YA 32 -24.41 -57.41 -87.04
CA GLY YA 32 -25.68 -56.93 -86.56
C GLY YA 32 -25.98 -55.56 -87.13
N THR YA 33 -26.75 -54.78 -86.37
CA THR YA 33 -27.21 -53.46 -86.80
C THR YA 33 -27.03 -52.47 -85.66
N LEU YA 34 -26.49 -51.30 -85.97
CA LEU YA 34 -26.38 -50.20 -85.03
C LEU YA 34 -27.13 -49.00 -85.57
N ARG YA 35 -27.63 -48.17 -84.66
CA ARG YA 35 -28.40 -46.99 -85.03
C ARG YA 35 -28.07 -45.88 -84.06
N ARG YA 36 -27.67 -44.73 -84.59
CA ARG YA 36 -27.31 -43.60 -83.74
C ARG YA 36 -27.79 -42.30 -84.38
N ASP YA 37 -28.35 -41.42 -83.57
CA ASP YA 37 -28.89 -40.15 -84.03
C ASP YA 37 -27.88 -39.03 -83.82
N PHE YA 38 -27.97 -38.01 -84.67
CA PHE YA 38 -27.14 -36.80 -84.55
C PHE YA 38 -28.00 -35.57 -84.74
N ASN YA 39 -29.18 -35.56 -84.13
CA ASN YA 39 -30.09 -34.43 -84.28
C ASN YA 39 -29.65 -33.19 -83.54
N HIS YA 40 -28.62 -33.29 -82.69
CA HIS YA 40 -28.15 -32.14 -81.93
C HIS YA 40 -27.03 -31.39 -82.62
N ILE YA 41 -26.65 -31.78 -83.84
CA ILE YA 41 -25.59 -31.13 -84.58
C ILE YA 41 -26.12 -30.72 -85.94
N ASN YA 42 -25.89 -29.46 -86.32
CA ASN YA 42 -26.42 -28.91 -87.56
C ASN YA 42 -25.45 -29.22 -88.69
N VAL YA 43 -25.59 -30.42 -89.26
CA VAL YA 43 -24.73 -30.89 -90.34
C VAL YA 43 -25.59 -31.46 -91.44
N GLU YA 44 -24.96 -31.72 -92.58
CA GLU YA 44 -25.63 -32.33 -93.73
C GLU YA 44 -24.88 -33.60 -94.11
N LEU YA 45 -25.58 -34.73 -94.09
CA LEU YA 45 -24.98 -36.02 -94.38
C LEU YA 45 -25.47 -36.51 -95.74
N SER YA 46 -24.55 -36.92 -96.61
CA SER YA 46 -24.91 -37.34 -97.95
C SER YA 46 -24.19 -38.63 -98.31
N LEU YA 47 -24.93 -39.60 -98.84
CA LEU YA 47 -24.33 -40.81 -99.38
C LEU YA 47 -23.82 -40.51 -100.79
N LEU YA 48 -22.51 -40.61 -100.97
CA LEU YA 48 -21.91 -40.15 -102.22
C LEU YA 48 -22.00 -41.19 -103.32
N GLY YA 49 -21.43 -42.38 -103.08
CA GLY YA 49 -21.20 -43.34 -104.14
C GLY YA 49 -22.24 -44.45 -104.18
N LYS YA 50 -22.60 -44.83 -105.41
CA LYS YA 50 -23.25 -46.11 -105.68
C LYS YA 50 -22.22 -47.20 -105.95
N LYS YA 51 -20.95 -46.83 -105.97
CA LYS YA 51 -19.81 -47.70 -106.23
C LYS YA 51 -19.19 -48.23 -104.94
N LYS YA 52 -18.82 -47.34 -104.02
CA LYS YA 52 -18.19 -47.68 -102.76
C LYS YA 52 -18.99 -47.19 -101.57
N LYS YA 53 -19.98 -46.33 -101.80
CA LYS YA 53 -20.86 -45.76 -100.78
C LYS YA 53 -20.03 -45.06 -99.69
N ARG YA 54 -19.35 -44.00 -100.11
CA ARG YA 54 -18.79 -43.10 -99.13
C ARG YA 54 -19.90 -42.27 -98.50
N LEU YA 55 -19.60 -41.69 -97.35
CA LEU YA 55 -20.52 -40.78 -96.67
C LEU YA 55 -19.81 -39.47 -96.39
N ARG YA 56 -20.38 -38.37 -96.88
CA ARG YA 56 -19.77 -37.06 -96.73
C ARG YA 56 -20.59 -36.21 -95.78
N VAL YA 57 -19.89 -35.50 -94.89
CA VAL YA 57 -20.53 -34.59 -93.96
C VAL YA 57 -20.17 -33.16 -94.35
N ASP YA 58 -21.14 -32.27 -94.22
CA ASP YA 58 -20.97 -30.87 -94.58
C ASP YA 58 -21.41 -29.98 -93.43
N LYS YA 59 -20.62 -28.94 -93.19
CA LYS YA 59 -20.96 -27.89 -92.22
C LYS YA 59 -20.71 -26.56 -92.91
N TRP YA 60 -21.78 -25.82 -93.18
CA TRP YA 60 -21.72 -24.54 -93.86
C TRP YA 60 -21.84 -23.40 -92.86
N TRP YA 61 -20.97 -22.41 -92.98
CA TRP YA 61 -20.98 -21.22 -92.13
C TRP YA 61 -20.93 -21.58 -90.65
N GLY YA 62 -19.86 -22.28 -90.28
CA GLY YA 62 -19.67 -22.72 -88.92
C GLY YA 62 -18.50 -22.02 -88.27
N ASN YA 63 -18.55 -21.92 -86.94
CA ASN YA 63 -17.45 -21.39 -86.16
C ASN YA 63 -16.54 -22.54 -85.74
N ARG YA 64 -15.56 -22.25 -84.89
CA ARG YA 64 -14.60 -23.26 -84.46
C ARG YA 64 -15.28 -24.38 -83.68
N LYS YA 65 -16.21 -24.03 -82.80
CA LYS YA 65 -16.85 -25.02 -81.94
C LYS YA 65 -17.61 -26.05 -82.76
N GLU YA 66 -18.37 -25.60 -83.76
CA GLU YA 66 -19.14 -26.54 -84.56
C GLU YA 66 -18.34 -27.17 -85.68
N LEU YA 67 -17.24 -26.55 -86.11
CA LEU YA 67 -16.30 -27.25 -86.98
C LEU YA 67 -15.63 -28.39 -86.24
N ALA YA 68 -15.46 -28.28 -84.93
CA ALA YA 68 -14.89 -29.39 -84.17
C ALA YA 68 -15.76 -30.63 -84.25
N THR YA 69 -17.09 -30.45 -84.24
CA THR YA 69 -18.02 -31.58 -84.20
C THR YA 69 -18.02 -32.41 -85.47
N VAL YA 70 -17.47 -31.88 -86.57
CA VAL YA 70 -17.46 -32.62 -87.82
C VAL YA 70 -16.68 -33.92 -87.68
N ARG YA 71 -15.45 -33.83 -87.16
CA ARG YA 71 -14.66 -35.04 -87.01
C ARG YA 71 -15.20 -35.91 -85.88
N THR YA 72 -15.89 -35.32 -84.91
CA THR YA 72 -16.57 -36.13 -83.91
C THR YA 72 -17.61 -37.04 -84.56
N ILE YA 73 -18.41 -36.47 -85.47
CA ILE YA 73 -19.39 -37.28 -86.19
C ILE YA 73 -18.71 -38.33 -87.05
N CYS YA 74 -17.62 -37.95 -87.73
CA CYS YA 74 -16.93 -38.90 -88.59
C CYS YA 74 -16.36 -40.06 -87.79
N SER YA 75 -15.77 -39.76 -86.63
CA SER YA 75 -15.22 -40.81 -85.78
C SER YA 75 -16.32 -41.69 -85.21
N HIS YA 76 -17.47 -41.10 -84.86
CA HIS YA 76 -18.58 -41.92 -84.38
C HIS YA 76 -19.06 -42.89 -85.45
N VAL YA 77 -19.17 -42.41 -86.69
CA VAL YA 77 -19.61 -43.28 -87.78
C VAL YA 77 -18.58 -44.37 -88.03
N GLN YA 78 -17.30 -44.02 -88.02
CA GLN YA 78 -16.27 -45.03 -88.22
C GLN YA 78 -16.26 -46.06 -87.11
N ASN YA 79 -16.52 -45.63 -85.87
CA ASN YA 79 -16.63 -46.59 -84.77
C ASN YA 79 -17.83 -47.50 -84.94
N MET YA 80 -18.94 -46.96 -85.44
CA MET YA 80 -20.10 -47.81 -85.73
C MET YA 80 -19.76 -48.87 -86.77
N ILE YA 81 -19.07 -48.46 -87.83
CA ILE YA 81 -18.66 -49.42 -88.85
C ILE YA 81 -17.72 -50.46 -88.27
N LYS YA 82 -16.78 -50.01 -87.43
CA LYS YA 82 -15.83 -50.92 -86.81
C LYS YA 82 -16.55 -51.94 -85.93
N GLY YA 83 -17.55 -51.49 -85.16
CA GLY YA 83 -18.29 -52.42 -84.32
C GLY YA 83 -19.10 -53.42 -85.13
N VAL YA 84 -19.81 -52.94 -86.17
CA VAL YA 84 -20.66 -53.84 -86.92
C VAL YA 84 -19.88 -54.78 -87.82
N THR YA 85 -18.62 -54.47 -88.14
CA THR YA 85 -17.82 -55.38 -88.93
C THR YA 85 -16.94 -56.28 -88.08
N LEU YA 86 -16.10 -55.69 -87.23
CA LEU YA 86 -15.18 -56.45 -86.39
C LEU YA 86 -15.75 -56.75 -85.02
N GLY YA 87 -16.25 -55.73 -84.33
CA GLY YA 87 -16.75 -55.91 -82.98
C GLY YA 87 -15.74 -55.47 -81.94
N PHE YA 88 -16.19 -54.72 -80.94
CA PHE YA 88 -15.28 -54.16 -79.94
C PHE YA 88 -15.11 -55.15 -78.80
N ARG YA 89 -13.86 -55.39 -78.43
CA ARG YA 89 -13.51 -56.29 -77.33
C ARG YA 89 -12.58 -55.56 -76.38
N TYR YA 90 -12.91 -55.61 -75.09
CA TYR YA 90 -12.12 -54.99 -74.04
C TYR YA 90 -11.62 -56.08 -73.10
N LYS YA 91 -10.34 -56.04 -72.77
CA LYS YA 91 -9.73 -56.96 -71.83
C LYS YA 91 -9.49 -56.21 -70.53
N MET YA 92 -9.91 -56.79 -69.41
CA MET YA 92 -9.73 -56.20 -68.09
C MET YA 92 -8.97 -57.17 -67.21
N ARG YA 93 -7.86 -56.72 -66.65
CA ARG YA 93 -7.09 -57.50 -65.70
C ARG YA 93 -7.52 -57.16 -64.28
N SER YA 94 -7.38 -58.14 -63.39
CA SER YA 94 -7.66 -57.94 -61.97
C SER YA 94 -6.34 -58.03 -61.21
N VAL YA 95 -5.98 -56.94 -60.54
CA VAL YA 95 -4.75 -56.87 -59.77
C VAL YA 95 -5.09 -56.96 -58.29
N TYR YA 96 -4.30 -57.76 -57.57
CA TYR YA 96 -4.52 -57.98 -56.15
C TYR YA 96 -3.21 -58.45 -55.54
N ALA YA 97 -3.00 -58.06 -54.28
CA ALA YA 97 -1.80 -58.44 -53.55
C ALA YA 97 -2.05 -59.62 -52.62
N HIS YA 98 -3.03 -59.49 -51.72
CA HIS YA 98 -3.31 -60.51 -50.72
C HIS YA 98 -4.62 -61.24 -50.98
N PHE YA 99 -5.70 -60.51 -51.26
CA PHE YA 99 -7.01 -61.12 -51.43
C PHE YA 99 -7.29 -61.25 -52.92
N PRO YA 100 -7.32 -62.46 -53.47
CA PRO YA 100 -7.71 -62.61 -54.87
C PRO YA 100 -9.16 -62.20 -55.07
N ILE YA 101 -9.43 -61.63 -56.24
CA ILE YA 101 -10.76 -61.13 -56.57
C ILE YA 101 -11.53 -62.22 -57.30
N ASN YA 102 -12.64 -62.65 -56.73
CA ASN YA 102 -13.48 -63.69 -57.30
C ASN YA 102 -14.60 -63.02 -58.11
N VAL YA 103 -14.63 -63.30 -59.40
CA VAL YA 103 -15.59 -62.70 -60.31
C VAL YA 103 -16.49 -63.81 -60.85
N VAL YA 104 -17.80 -63.61 -60.69
CA VAL YA 104 -18.79 -64.59 -61.13
C VAL YA 104 -19.69 -63.92 -62.16
N ILE YA 105 -19.86 -64.59 -63.30
CA ILE YA 105 -20.66 -64.07 -64.39
C ILE YA 105 -22.06 -64.68 -64.28
N GLN YA 106 -23.07 -63.82 -64.15
CA GLN YA 106 -24.45 -64.26 -64.05
C GLN YA 106 -25.03 -64.41 -65.46
N GLU YA 107 -26.36 -64.44 -65.56
CA GLU YA 107 -27.09 -64.79 -66.78
C GLU YA 107 -26.59 -64.03 -67.99
N ASN YA 108 -26.16 -64.79 -69.00
CA ASN YA 108 -25.83 -64.30 -70.34
C ASN YA 108 -24.75 -63.22 -70.31
N GLY YA 109 -23.95 -63.16 -69.26
CA GLY YA 109 -22.96 -62.11 -69.15
C GLY YA 109 -23.51 -60.75 -68.82
N SER YA 110 -24.79 -60.65 -68.45
CA SER YA 110 -25.41 -59.36 -68.21
C SER YA 110 -25.16 -58.84 -66.81
N LEU YA 111 -24.63 -59.65 -65.90
CA LEU YA 111 -24.41 -59.24 -64.52
C LEU YA 111 -23.08 -59.79 -64.04
N VAL YA 112 -22.33 -58.97 -63.31
CA VAL YA 112 -21.01 -59.33 -62.81
C VAL YA 112 -21.02 -59.20 -61.30
N GLU YA 113 -20.54 -60.24 -60.62
CA GLU YA 113 -20.45 -60.24 -59.17
C GLU YA 113 -18.99 -60.33 -58.74
N ILE YA 114 -18.61 -59.44 -57.83
CA ILE YA 114 -17.28 -59.42 -57.24
C ILE YA 114 -17.40 -59.80 -55.77
N ARG YA 115 -16.68 -60.84 -55.36
CA ARG YA 115 -16.85 -61.43 -54.05
C ARG YA 115 -15.89 -60.85 -53.01
N ASN YA 116 -14.58 -60.97 -53.25
CA ASN YA 116 -13.62 -60.70 -52.19
C ASN YA 116 -12.69 -59.56 -52.55
N PHE YA 117 -13.25 -58.46 -53.06
CA PHE YA 117 -12.45 -57.28 -53.35
C PHE YA 117 -11.83 -56.75 -52.07
N LEU YA 118 -10.52 -56.87 -51.94
CA LEU YA 118 -9.77 -56.49 -50.74
C LEU YA 118 -10.25 -57.22 -49.50
N GLY YA 119 -10.87 -58.40 -49.68
CA GLY YA 119 -11.26 -59.22 -48.56
C GLY YA 119 -12.48 -58.75 -47.79
N GLU YA 120 -13.21 -57.76 -48.29
CA GLU YA 120 -14.37 -57.27 -47.58
C GLU YA 120 -15.62 -58.04 -48.03
N LYS YA 121 -16.59 -58.12 -47.12
CA LYS YA 121 -17.74 -59.00 -47.31
C LYS YA 121 -18.75 -58.48 -48.32
N TYR YA 122 -18.64 -57.22 -48.75
CA TYR YA 122 -19.62 -56.66 -49.67
C TYR YA 122 -19.50 -57.31 -51.04
N ILE YA 123 -20.62 -57.79 -51.57
CA ILE YA 123 -20.67 -58.45 -52.86
C ILE YA 123 -21.05 -57.40 -53.89
N ARG YA 124 -20.08 -56.97 -54.68
CA ARG YA 124 -20.33 -55.96 -55.69
C ARG YA 124 -21.13 -56.56 -56.85
N ARG YA 125 -22.17 -55.86 -57.27
CA ARG YA 125 -23.07 -56.33 -58.31
C ARG YA 125 -23.19 -55.25 -59.37
N VAL YA 126 -22.69 -55.51 -60.58
CA VAL YA 126 -22.69 -54.53 -61.65
C VAL YA 126 -23.46 -55.11 -62.83
N ARG YA 127 -24.49 -54.40 -63.27
CA ARG YA 127 -25.27 -54.82 -64.44
C ARG YA 127 -24.73 -54.17 -65.70
N MET YA 128 -24.42 -54.99 -66.70
CA MET YA 128 -23.92 -54.51 -67.97
C MET YA 128 -25.04 -53.87 -68.78
N ARG YA 129 -24.68 -52.97 -69.67
CA ARG YA 129 -25.66 -52.40 -70.57
C ARG YA 129 -26.13 -53.47 -71.56
N PRO YA 130 -27.38 -53.40 -72.01
CA PRO YA 130 -27.87 -54.39 -72.97
C PRO YA 130 -27.07 -54.36 -74.26
N GLY YA 131 -26.88 -55.54 -74.85
CA GLY YA 131 -26.03 -55.66 -76.01
C GLY YA 131 -24.57 -55.83 -75.71
N VAL YA 132 -24.17 -55.83 -74.45
CA VAL YA 132 -22.79 -56.05 -74.04
C VAL YA 132 -22.69 -57.42 -73.41
N ALA YA 133 -21.71 -58.21 -73.86
CA ALA YA 133 -21.48 -59.54 -73.32
C ALA YA 133 -20.20 -59.53 -72.50
N CYS YA 134 -20.26 -60.10 -71.30
CA CYS YA 134 -19.11 -60.18 -70.41
C CYS YA 134 -18.83 -61.64 -70.10
N SER YA 135 -17.55 -62.01 -70.13
CA SER YA 135 -17.17 -63.39 -69.88
C SER YA 135 -15.77 -63.44 -69.32
N VAL YA 136 -15.34 -64.63 -68.92
CA VAL YA 136 -14.01 -64.86 -68.37
C VAL YA 136 -13.24 -65.73 -69.35
N SER YA 137 -12.17 -65.18 -69.91
CA SER YA 137 -11.39 -65.92 -70.90
C SER YA 137 -10.54 -66.99 -70.23
N GLN YA 138 -10.21 -68.01 -71.02
CA GLN YA 138 -9.34 -69.08 -70.57
C GLN YA 138 -7.88 -68.83 -70.93
N ALA YA 139 -7.58 -67.72 -71.61
CA ALA YA 139 -6.20 -67.43 -72.00
C ALA YA 139 -5.34 -67.12 -70.78
N GLN YA 140 -5.84 -66.27 -69.89
CA GLN YA 140 -5.10 -65.89 -68.69
C GLN YA 140 -5.98 -66.09 -67.47
N LYS YA 141 -5.31 -66.24 -66.32
CA LYS YA 141 -6.01 -66.54 -65.08
C LYS YA 141 -6.91 -65.38 -64.66
N ASP YA 142 -6.41 -64.16 -64.73
CA ASP YA 142 -7.15 -62.97 -64.30
C ASP YA 142 -7.47 -62.12 -65.51
N GLU YA 143 -8.56 -62.46 -66.19
CA GLU YA 143 -8.99 -61.69 -67.36
C GLU YA 143 -10.51 -61.70 -67.46
N LEU YA 144 -11.05 -60.56 -67.86
CA LEU YA 144 -12.46 -60.43 -68.19
C LEU YA 144 -12.56 -59.83 -69.59
N ILE YA 145 -13.37 -60.45 -70.43
CA ILE YA 145 -13.56 -60.00 -71.81
C ILE YA 145 -14.96 -59.41 -71.92
N LEU YA 146 -15.03 -58.16 -72.36
CA LEU YA 146 -16.29 -57.48 -72.62
C LEU YA 146 -16.37 -57.19 -74.10
N GLU YA 147 -17.28 -57.87 -74.78
CA GLU YA 147 -17.43 -57.71 -76.22
C GLU YA 147 -18.78 -57.12 -76.54
N GLY YA 148 -18.87 -56.49 -77.71
CA GLY YA 148 -20.13 -55.91 -78.14
C GLY YA 148 -20.00 -55.21 -79.47
N ASN YA 149 -21.09 -54.57 -79.86
CA ASN YA 149 -21.14 -53.80 -81.10
C ASN YA 149 -20.91 -52.31 -80.86
N ASP YA 150 -21.44 -51.77 -79.77
CA ASP YA 150 -21.28 -50.36 -79.49
C ASP YA 150 -20.07 -50.13 -78.59
N ILE YA 151 -19.09 -49.39 -79.11
CA ILE YA 151 -17.92 -49.03 -78.33
C ILE YA 151 -18.33 -48.22 -77.11
N GLU YA 152 -19.32 -47.35 -77.26
CA GLU YA 152 -19.82 -46.56 -76.14
C GLU YA 152 -20.30 -47.47 -75.01
N LEU YA 153 -21.18 -48.42 -75.34
CA LEU YA 153 -21.74 -49.29 -74.31
C LEU YA 153 -20.67 -50.18 -73.69
N VAL YA 154 -19.78 -50.74 -74.52
CA VAL YA 154 -18.75 -51.63 -74.01
C VAL YA 154 -17.82 -50.90 -73.05
N SER YA 155 -17.33 -49.73 -73.48
CA SER YA 155 -16.40 -48.99 -72.63
C SER YA 155 -17.09 -48.45 -71.39
N ASN YA 156 -18.38 -48.10 -71.50
CA ASN YA 156 -19.11 -47.64 -70.33
C ASN YA 156 -19.27 -48.77 -69.31
N SER YA 157 -19.55 -49.98 -69.78
CA SER YA 157 -19.62 -51.13 -68.88
C SER YA 157 -18.27 -51.38 -68.22
N ALA YA 158 -17.19 -51.31 -68.99
CA ALA YA 158 -15.86 -51.49 -68.43
C ALA YA 158 -15.55 -50.43 -67.38
N ALA YA 159 -15.93 -49.17 -67.65
CA ALA YA 159 -15.72 -48.12 -66.69
C ALA YA 159 -16.56 -48.33 -65.44
N LEU YA 160 -17.77 -48.87 -65.60
CA LEU YA 160 -18.60 -49.17 -64.44
C LEU YA 160 -17.93 -50.21 -63.54
N ILE YA 161 -17.38 -51.27 -64.13
CA ILE YA 161 -16.66 -52.26 -63.34
C ILE YA 161 -15.43 -51.64 -62.68
N GLN YA 162 -14.68 -50.85 -63.45
CA GLN YA 162 -13.44 -50.27 -62.94
C GLN YA 162 -13.71 -49.33 -61.77
N GLN YA 163 -14.79 -48.55 -61.85
CA GLN YA 163 -15.13 -47.66 -60.75
C GLN YA 163 -15.77 -48.39 -59.59
N ALA YA 164 -16.47 -49.50 -59.85
CA ALA YA 164 -16.98 -50.32 -58.75
C ALA YA 164 -15.85 -50.89 -57.92
N THR YA 165 -14.77 -51.30 -58.57
CA THR YA 165 -13.58 -51.78 -57.87
C THR YA 165 -12.68 -50.58 -57.56
N THR YA 166 -12.85 -50.00 -56.38
CA THR YA 166 -12.12 -48.78 -56.02
C THR YA 166 -11.81 -48.81 -54.54
N VAL YA 167 -10.55 -48.55 -54.19
CA VAL YA 167 -10.13 -48.48 -52.80
C VAL YA 167 -10.54 -47.12 -52.23
N LYS YA 168 -10.94 -47.12 -50.95
CA LYS YA 168 -11.37 -45.91 -50.29
C LYS YA 168 -10.69 -45.80 -48.94
N ASN YA 169 -10.49 -44.56 -48.49
CA ASN YA 169 -9.93 -44.24 -47.19
C ASN YA 169 -8.52 -44.77 -46.99
N LYS YA 170 -7.79 -45.00 -48.09
CA LYS YA 170 -6.43 -45.50 -48.02
C LYS YA 170 -5.57 -44.76 -49.03
N ASP YA 171 -4.28 -45.07 -49.05
CA ASP YA 171 -3.37 -44.52 -50.04
C ASP YA 171 -3.48 -45.35 -51.31
N ILE YA 172 -4.00 -44.74 -52.37
CA ILE YA 172 -4.22 -45.49 -53.61
C ILE YA 172 -2.91 -45.89 -54.27
N ARG YA 173 -1.84 -45.13 -54.04
CA ARG YA 173 -0.55 -45.47 -54.61
C ARG YA 173 0.08 -46.69 -53.95
N LYS YA 174 -0.34 -47.02 -52.73
CA LYS YA 174 0.12 -48.22 -52.05
C LYS YA 174 -0.83 -49.40 -52.23
N PHE YA 175 -2.13 -49.16 -52.09
CA PHE YA 175 -3.13 -50.19 -52.36
C PHE YA 175 -3.53 -50.04 -53.83
N LEU YA 176 -2.91 -50.86 -54.68
CA LEU YA 176 -3.10 -50.78 -56.12
C LEU YA 176 -4.13 -51.76 -56.64
N ASP YA 177 -4.86 -52.42 -55.75
CA ASP YA 177 -5.74 -53.50 -56.16
C ASP YA 177 -6.95 -52.97 -56.92
N GLY YA 178 -7.61 -53.86 -57.63
CA GLY YA 178 -8.82 -53.54 -58.35
C GLY YA 178 -8.89 -54.27 -59.67
N ILE YA 179 -9.71 -53.76 -60.57
CA ILE YA 179 -9.82 -54.25 -61.93
C ILE YA 179 -9.63 -53.08 -62.88
N TYR YA 180 -8.70 -53.23 -63.83
CA TYR YA 180 -8.38 -52.17 -64.76
C TYR YA 180 -8.27 -52.71 -66.17
N VAL YA 181 -8.65 -51.89 -67.14
CA VAL YA 181 -8.64 -52.29 -68.55
C VAL YA 181 -7.19 -52.33 -69.03
N SER YA 182 -6.79 -53.49 -69.57
CA SER YA 182 -5.44 -53.63 -70.09
C SER YA 182 -5.35 -53.09 -71.51
N GLU YA 183 -6.17 -53.62 -72.41
CA GLU YA 183 -6.20 -53.16 -73.79
C GLU YA 183 -7.64 -53.10 -74.27
N LYS YA 184 -7.86 -52.28 -75.29
CA LYS YA 184 -9.17 -52.12 -75.91
C LYS YA 184 -9.03 -52.67 -77.33
N GLY YA 185 -9.23 -53.97 -77.47
CA GLY YA 185 -8.98 -54.67 -78.71
C GLY YA 185 -10.21 -54.76 -79.59
N THR YA 186 -10.13 -55.66 -80.57
CA THR YA 186 -11.19 -55.89 -81.51
C THR YA 186 -11.55 -57.38 -81.51
N VAL YA 187 -12.54 -57.72 -82.33
CA VAL YA 187 -12.94 -59.10 -82.54
C VAL YA 187 -12.70 -59.43 -84.01
N GLN YA 188 -12.26 -60.68 -84.26
CA GLN YA 188 -12.01 -61.26 -85.57
C GLN YA 188 -10.71 -60.75 -86.19
N GLN YA 189 -10.10 -59.74 -85.57
CA GLN YA 189 -8.75 -59.28 -85.89
C GLN YA 189 -8.56 -59.01 -87.38
N ALA YA 190 -9.54 -58.36 -87.99
CA ALA YA 190 -9.50 -58.06 -89.41
C ALA YA 190 -9.51 -56.57 -89.67
N GLY ZA 1 4.26 -2.26 -38.20
CA GLY ZA 1 5.39 -1.38 -38.42
C GLY ZA 1 5.20 -0.44 -39.59
N ARG ZA 2 4.42 -0.87 -40.57
CA ARG ZA 2 4.14 -0.06 -41.74
C ARG ZA 2 2.69 -0.27 -42.16
N ARG ZA 3 2.07 0.81 -42.63
CA ARG ZA 3 0.73 0.71 -43.17
C ARG ZA 3 0.76 -0.06 -44.48
N PRO ZA 4 -0.38 -0.63 -44.88
CA PRO ZA 4 -0.47 -1.18 -46.24
C PRO ZA 4 -0.27 -0.07 -47.27
N ALA ZA 5 0.31 -0.44 -48.41
CA ALA ZA 5 0.70 0.55 -49.41
C ALA ZA 5 -0.49 1.22 -50.07
N ARG ZA 6 -1.70 0.66 -49.92
CA ARG ZA 6 -2.86 1.24 -50.57
C ARG ZA 6 -3.25 2.59 -49.99
N CYS ZA 7 -2.76 2.93 -48.80
CA CYS ZA 7 -3.09 4.22 -48.20
C CYS ZA 7 -2.25 5.35 -48.76
N TYR ZA 8 -1.18 5.04 -49.48
CA TYR ZA 8 -0.27 6.05 -50.03
C TYR ZA 8 0.05 5.73 -51.48
N ARG ZA 9 -0.98 5.42 -52.26
CA ARG ZA 9 -0.75 5.01 -53.64
C ARG ZA 9 -0.73 6.22 -54.59
N TYR ZA 10 -1.82 6.98 -54.62
CA TYR ZA 10 -1.94 8.07 -55.57
C TYR ZA 10 -1.17 9.29 -55.10
N CYS ZA 11 -1.01 10.25 -56.00
CA CYS ZA 11 -0.30 11.49 -55.71
C CYS ZA 11 -1.31 12.57 -55.32
N LYS ZA 12 -1.87 12.40 -54.12
CA LYS ZA 12 -2.91 13.29 -53.64
C LYS ZA 12 -2.37 14.50 -52.91
N ASN ZA 13 -1.05 14.62 -52.76
CA ASN ZA 13 -0.46 15.69 -51.98
C ASN ZA 13 0.69 16.33 -52.75
N LYS ZA 14 0.99 17.57 -52.38
CA LYS ZA 14 2.13 18.25 -52.94
C LYS ZA 14 3.41 17.57 -52.49
N PRO ZA 15 4.50 17.70 -53.25
CA PRO ZA 15 5.77 17.11 -52.82
C PRO ZA 15 6.22 17.68 -51.49
N TYR ZA 16 6.77 16.81 -50.66
CA TYR ZA 16 7.16 17.15 -49.29
C TYR ZA 16 8.59 16.67 -49.05
N PRO ZA 17 9.56 17.30 -49.69
CA PRO ZA 17 10.93 16.78 -49.64
C PRO ZA 17 11.56 16.97 -48.28
N LYS ZA 18 12.55 16.13 -47.99
CA LYS ZA 18 13.31 16.24 -46.75
C LYS ZA 18 14.16 17.49 -46.79
N SER ZA 19 13.93 18.41 -45.86
CA SER ZA 19 14.64 19.68 -45.83
C SER ZA 19 14.60 20.23 -44.41
N ARG ZA 20 14.99 21.49 -44.27
CA ARG ZA 20 14.98 22.12 -42.94
C ARG ZA 20 13.55 22.32 -42.45
N PHE ZA 21 12.59 22.45 -43.36
CA PHE ZA 21 11.20 22.57 -42.95
C PHE ZA 21 10.66 21.24 -42.45
N CYS ZA 22 11.07 20.14 -43.06
CA CYS ZA 22 10.64 18.80 -42.67
C CYS ZA 22 11.83 18.04 -42.12
N ARG ZA 23 12.05 18.16 -40.81
CA ARG ZA 23 13.11 17.45 -40.13
C ARG ZA 23 12.54 16.25 -39.37
N GLY ZA 24 13.42 15.28 -39.09
CA GLY ZA 24 13.01 14.07 -38.42
C GLY ZA 24 12.58 12.95 -39.33
N VAL ZA 25 12.90 13.02 -40.62
CA VAL ZA 25 12.48 11.97 -41.56
C VAL ZA 25 13.31 10.72 -41.31
N PRO ZA 26 12.68 9.55 -41.17
CA PRO ZA 26 13.46 8.31 -41.11
C PRO ZA 26 14.14 8.04 -42.44
N ASP ZA 27 15.27 7.36 -42.36
CA ASP ZA 27 16.07 7.10 -43.55
C ASP ZA 27 15.35 6.16 -44.50
N ALA ZA 28 15.65 6.31 -45.79
CA ALA ZA 28 15.00 5.52 -46.82
C ALA ZA 28 15.39 4.05 -46.71
N LYS ZA 29 14.46 3.18 -47.10
CA LYS ZA 29 14.71 1.74 -47.02
C LYS ZA 29 15.72 1.30 -48.07
N ILE ZA 30 15.66 1.88 -49.25
CA ILE ZA 30 16.58 1.53 -50.33
C ILE ZA 30 17.76 2.48 -50.30
N ARG ZA 31 18.97 1.94 -50.37
CA ARG ZA 31 20.18 2.74 -50.23
C ARG ZA 31 21.04 2.72 -51.48
N ILE ZA 32 21.18 1.56 -52.14
CA ILE ZA 32 22.05 1.40 -53.29
C ILE ZA 32 21.20 1.45 -54.55
N PHE ZA 33 21.64 2.21 -55.55
CA PHE ZA 33 20.88 2.41 -56.76
C PHE ZA 33 21.48 1.74 -57.99
N ASP ZA 34 22.77 1.38 -57.96
CA ASP ZA 34 23.42 0.72 -59.07
C ASP ZA 34 24.01 -0.60 -58.62
N LEU ZA 35 23.85 -1.63 -59.45
CA LEU ZA 35 24.31 -2.96 -59.11
C LEU ZA 35 24.95 -3.61 -60.33
N GLY ZA 36 25.81 -4.58 -60.07
CA GLY ZA 36 26.48 -5.28 -61.15
C GLY ZA 36 27.81 -4.64 -61.50
N ARG ZA 37 28.30 -4.97 -62.69
CA ARG ZA 37 29.60 -4.49 -63.16
C ARG ZA 37 29.46 -3.04 -63.59
N LYS ZA 38 29.47 -2.15 -62.60
CA LYS ZA 38 29.35 -0.72 -62.87
C LYS ZA 38 30.59 -0.17 -63.57
N LYS ZA 39 31.72 -0.84 -63.48
CA LYS ZA 39 32.93 -0.38 -64.14
C LYS ZA 39 32.96 -0.70 -65.62
N ALA ZA 40 31.98 -1.44 -66.12
CA ALA ZA 40 31.97 -1.82 -67.53
C ALA ZA 40 31.77 -0.61 -68.42
N LYS ZA 41 32.49 -0.57 -69.53
CA LYS ZA 41 32.42 0.54 -70.46
C LYS ZA 41 31.19 0.41 -71.34
N VAL ZA 42 31.00 1.40 -72.22
CA VAL ZA 42 29.80 1.45 -73.04
C VAL ZA 42 29.78 0.31 -74.06
N ASP ZA 43 30.95 -0.07 -74.57
CA ASP ZA 43 31.01 -1.15 -75.56
C ASP ZA 43 30.74 -2.51 -74.94
N GLU ZA 44 30.87 -2.65 -73.63
CA GLU ZA 44 30.71 -3.96 -73.00
C GLU ZA 44 29.24 -4.36 -72.94
N PHE ZA 45 28.35 -3.42 -72.63
CA PHE ZA 45 26.93 -3.71 -72.41
C PHE ZA 45 26.10 -2.86 -73.38
N PRO ZA 46 25.95 -3.30 -74.62
CA PRO ZA 46 25.17 -2.50 -75.57
C PRO ZA 46 23.68 -2.56 -75.34
N LEU ZA 47 23.16 -3.72 -74.97
CA LEU ZA 47 21.70 -3.87 -74.88
C LEU ZA 47 21.18 -3.18 -73.62
N GLY ZA 48 20.06 -2.48 -73.78
CA GLY ZA 48 19.44 -1.78 -72.67
C GLY ZA 48 17.94 -1.96 -72.60
N GLY ZA 49 17.46 -2.42 -71.45
CA GLY ZA 49 16.04 -2.57 -71.21
C GLY ZA 49 15.57 -1.68 -70.09
N HIS ZA 50 14.29 -1.32 -70.13
CA HIS ZA 50 13.71 -0.40 -69.16
C HIS ZA 50 12.36 -0.91 -68.72
N MET ZA 51 12.00 -0.55 -67.49
CA MET ZA 51 10.66 -0.80 -66.95
C MET ZA 51 9.93 0.53 -66.86
N VAL ZA 52 8.79 0.62 -67.53
CA VAL ZA 52 8.05 1.87 -67.69
C VAL ZA 52 6.66 1.70 -67.06
N SER ZA 53 6.34 2.55 -66.10
CA SER ZA 53 5.03 2.50 -65.46
C SER ZA 53 3.95 3.03 -66.40
N ASP ZA 54 2.71 2.60 -66.15
CA ASP ZA 54 1.57 3.13 -66.87
C ASP ZA 54 0.65 3.97 -66.00
N GLU ZA 55 0.91 4.07 -64.70
CA GLU ZA 55 0.05 4.78 -63.78
C GLU ZA 55 0.83 5.89 -63.10
N TYR ZA 56 0.20 7.05 -62.95
CA TYR ZA 56 0.78 8.16 -62.19
C TYR ZA 56 0.51 7.89 -60.73
N GLU ZA 57 1.44 7.21 -60.07
CA GLU ZA 57 1.25 6.77 -58.70
C GLU ZA 57 2.53 7.07 -57.92
N GLN ZA 58 2.59 6.54 -56.70
CA GLN ZA 58 3.76 6.66 -55.84
C GLN ZA 58 4.24 5.27 -55.47
N LEU ZA 59 5.54 5.04 -55.56
CA LEU ZA 59 6.14 3.76 -55.22
C LEU ZA 59 6.94 3.91 -53.93
N SER ZA 60 6.72 2.99 -52.99
CA SER ZA 60 7.42 3.06 -51.72
C SER ZA 60 8.87 2.67 -51.88
N SER ZA 61 9.72 3.25 -51.02
CA SER ZA 61 11.13 2.89 -51.01
C SER ZA 61 11.31 1.41 -50.66
N GLU ZA 62 10.45 0.88 -49.80
CA GLU ZA 62 10.49 -0.54 -49.49
C GLU ZA 62 10.22 -1.38 -50.73
N ALA ZA 63 9.23 -0.97 -51.54
CA ALA ZA 63 8.95 -1.68 -52.78
C ALA ZA 63 10.11 -1.57 -53.75
N LEU ZA 64 10.73 -0.39 -53.81
CA LEU ZA 64 11.91 -0.24 -54.67
C LEU ZA 64 13.02 -1.17 -54.26
N GLU ZA 65 13.28 -1.27 -52.95
CA GLU ZA 65 14.30 -2.17 -52.45
C GLU ZA 65 13.98 -3.62 -52.76
N ALA ZA 66 12.72 -4.02 -52.54
CA ALA ZA 66 12.32 -5.40 -52.80
C ALA ZA 66 12.46 -5.76 -54.27
N ALA ZA 67 11.99 -4.88 -55.16
CA ALA ZA 67 12.13 -5.12 -56.58
C ALA ZA 67 13.60 -5.14 -57.00
N ARG ZA 68 14.42 -4.29 -56.39
CA ARG ZA 68 15.84 -4.28 -56.69
C ARG ZA 68 16.48 -5.61 -56.35
N ILE ZA 69 16.21 -6.13 -55.15
CA ILE ZA 69 16.77 -7.41 -54.76
C ILE ZA 69 16.25 -8.52 -55.66
N CYS ZA 70 14.95 -8.49 -55.99
CA CYS ZA 70 14.37 -9.54 -56.82
C CYS ZA 70 15.00 -9.56 -58.20
N ALA ZA 71 15.21 -8.39 -58.80
CA ALA ZA 71 15.87 -8.34 -60.11
C ALA ZA 71 17.32 -8.77 -60.00
N ASN ZA 72 18.02 -8.32 -58.95
CA ASN ZA 72 19.44 -8.62 -58.83
C ASN ZA 72 19.68 -10.12 -58.66
N LYS ZA 73 18.84 -10.79 -57.87
CA LYS ZA 73 19.04 -12.21 -57.63
C LYS ZA 73 18.92 -13.01 -58.92
N TYR ZA 74 17.86 -12.78 -59.68
CA TYR ZA 74 17.68 -13.49 -60.94
C TYR ZA 74 18.76 -13.14 -61.94
N MET ZA 75 19.14 -11.87 -62.04
CA MET ZA 75 20.17 -11.49 -63.00
C MET ZA 75 21.51 -12.12 -62.66
N VAL ZA 76 21.87 -12.13 -61.36
CA VAL ZA 76 23.11 -12.76 -60.93
C VAL ZA 76 23.08 -14.25 -61.24
N LYS ZA 77 21.95 -14.91 -60.95
CA LYS ZA 77 21.86 -16.34 -61.17
C LYS ZA 77 21.94 -16.68 -62.66
N SER ZA 78 21.29 -15.89 -63.51
CA SER ZA 78 21.22 -16.22 -64.92
C SER ZA 78 22.47 -15.77 -65.68
N CYS ZA 79 22.71 -14.47 -65.73
CA CYS ZA 79 23.76 -13.90 -66.57
C CYS ZA 79 25.08 -13.74 -65.84
N GLY ZA 80 25.29 -14.46 -64.75
CA GLY ZA 80 26.45 -14.27 -63.92
C GLY ZA 80 26.31 -13.03 -63.06
N ARG ZA 81 27.25 -12.88 -62.13
CA ARG ZA 81 27.23 -11.76 -61.21
C ARG ZA 81 28.01 -10.56 -61.71
N ASP ZA 82 28.56 -10.63 -62.92
CA ASP ZA 82 29.31 -9.52 -63.49
C ASP ZA 82 28.92 -9.23 -64.93
N GLY ZA 83 27.84 -9.82 -65.42
CA GLY ZA 83 27.46 -9.67 -66.81
C GLY ZA 83 26.34 -8.69 -67.06
N PHE ZA 84 26.09 -7.80 -66.12
CA PHE ZA 84 25.01 -6.83 -66.27
C PHE ZA 84 25.27 -5.63 -65.39
N HIS ZA 85 24.49 -4.57 -65.61
CA HIS ZA 85 24.50 -3.41 -64.74
C HIS ZA 85 23.07 -2.89 -64.63
N MET ZA 86 22.56 -2.83 -63.41
CA MET ZA 86 21.22 -2.34 -63.15
C MET ZA 86 21.26 -1.00 -62.45
N ARG ZA 87 20.26 -0.17 -62.73
CA ARG ZA 87 20.16 1.17 -62.19
C ARG ZA 87 18.71 1.48 -61.89
N VAL ZA 88 18.41 1.79 -60.64
CA VAL ZA 88 17.09 2.25 -60.24
C VAL ZA 88 17.05 3.76 -60.45
N ARG ZA 89 16.18 4.23 -61.34
CA ARG ZA 89 16.12 5.63 -61.70
C ARG ZA 89 15.01 6.37 -60.95
N LEU ZA 90 14.80 6.00 -59.70
CA LEU ZA 90 13.86 6.71 -58.84
C LEU ZA 90 14.46 6.85 -57.46
N HIS ZA 91 14.24 8.01 -56.85
CA HIS ZA 91 14.74 8.28 -55.50
C HIS ZA 91 13.57 8.68 -54.62
N PRO ZA 92 13.42 8.09 -53.45
CA PRO ZA 92 12.26 8.41 -52.60
C PRO ZA 92 12.39 9.78 -51.95
N PHE ZA 93 12.24 10.83 -52.74
CA PHE ZA 93 12.37 12.20 -52.25
C PHE ZA 93 11.07 12.75 -51.69
N HIS ZA 94 9.98 12.01 -51.76
CA HIS ZA 94 8.71 12.46 -51.21
C HIS ZA 94 8.50 11.80 -49.86
N VAL ZA 95 7.89 12.52 -48.93
CA VAL ZA 95 7.71 12.04 -47.56
C VAL ZA 95 6.24 11.87 -47.29
N ILE ZA 96 5.86 10.69 -46.82
CA ILE ZA 96 4.49 10.40 -46.41
C ILE ZA 96 4.44 10.42 -44.89
N ARG ZA 97 3.41 11.08 -44.36
CA ARG ZA 97 3.25 11.29 -42.94
C ARG ZA 97 2.18 10.36 -42.39
N ILE ZA 98 2.22 10.12 -41.09
CA ILE ZA 98 1.23 9.33 -40.39
C ILE ZA 98 0.60 10.19 -39.29
N ASN ZA 99 -0.72 10.14 -39.20
CA ASN ZA 99 -1.41 10.72 -38.05
C ASN ZA 99 -1.52 9.62 -37.01
N LYS ZA 100 -0.56 9.60 -36.10
CA LYS ZA 100 -0.43 8.49 -35.16
C LYS ZA 100 -1.60 8.49 -34.19
N MET ZA 101 -2.35 7.40 -34.19
CA MET ZA 101 -3.45 7.19 -33.25
C MET ZA 101 -3.03 6.16 -32.21
N LEU ZA 102 -3.24 6.48 -30.95
CA LEU ZA 102 -2.88 5.57 -29.86
C LEU ZA 102 -3.81 4.36 -29.90
N SER ZA 103 -3.30 3.25 -30.41
CA SER ZA 103 -4.09 2.03 -30.60
C SER ZA 103 -4.30 1.34 -29.25
N CYS ZA 104 -5.16 1.96 -28.44
CA CYS ZA 104 -5.56 1.43 -27.15
C CYS ZA 104 -7.08 1.34 -27.10
N ALA ZA 105 -7.59 0.72 -26.03
CA ALA ZA 105 -9.02 0.50 -25.90
C ALA ZA 105 -9.72 1.74 -25.35
N GLY ZA 106 -9.44 2.90 -25.93
CA GLY ZA 106 -10.10 4.12 -25.52
C GLY ZA 106 -9.60 5.35 -26.25
N ALA ZA 107 -10.53 6.19 -26.69
CA ALA ZA 107 -10.19 7.49 -27.25
C ALA ZA 107 -10.02 8.56 -26.19
N ASP ZA 108 -10.32 8.24 -24.93
CA ASP ZA 108 -10.22 9.21 -23.84
C ASP ZA 108 -8.79 9.36 -23.35
N ARG ZA 109 -7.88 8.46 -23.74
CA ARG ZA 109 -6.48 8.57 -23.34
C ARG ZA 109 -5.74 9.58 -24.21
N LEU ZA 110 -6.23 10.82 -24.24
CA LEU ZA 110 -5.63 11.91 -25.00
C LEU ZA 110 -5.45 11.55 -26.46
N GLN ZA 111 -6.45 10.87 -27.03
CA GLN ZA 111 -6.39 10.55 -28.45
C GLN ZA 111 -6.56 11.79 -29.31
N THR ZA 112 -7.34 12.77 -28.82
CA THR ZA 112 -7.43 14.13 -29.34
C THR ZA 112 -8.17 14.14 -30.69
N GLY ZA 113 -8.45 12.96 -31.23
CA GLY ZA 113 -9.18 12.88 -32.48
C GLY ZA 113 -8.41 13.50 -33.62
N MET ZA 114 -9.08 14.36 -34.38
CA MET ZA 114 -8.49 15.03 -35.53
C MET ZA 114 -7.88 16.37 -35.22
N ARG ZA 115 -7.89 16.79 -33.95
CA ARG ZA 115 -7.28 18.06 -33.60
C ARG ZA 115 -5.76 17.95 -33.70
N GLY ZA 116 -5.15 18.90 -34.40
CA GLY ZA 116 -3.73 18.82 -34.67
C GLY ZA 116 -3.41 17.62 -35.55
N ALA ZA 117 -4.20 17.45 -36.61
CA ALA ZA 117 -4.12 16.25 -37.43
C ALA ZA 117 -2.82 16.12 -38.20
N PHE ZA 118 -2.02 17.18 -38.31
CA PHE ZA 118 -0.75 17.07 -39.00
C PHE ZA 118 0.17 16.12 -38.25
N GLY ZA 119 0.78 15.19 -38.98
CA GLY ZA 119 1.51 14.12 -38.33
C GLY ZA 119 3.00 14.08 -38.62
N LYS ZA 120 3.70 13.26 -37.84
CA LYS ZA 120 5.14 13.09 -38.03
C LYS ZA 120 5.43 12.39 -39.35
N PRO ZA 121 6.62 12.61 -39.91
CA PRO ZA 121 7.00 11.86 -41.11
C PRO ZA 121 7.04 10.37 -40.82
N GLN ZA 122 6.56 9.58 -41.77
CA GLN ZA 122 6.45 8.15 -41.61
C GLN ZA 122 7.32 7.36 -42.58
N GLY ZA 123 7.37 7.77 -43.84
CA GLY ZA 123 8.18 7.03 -44.80
C GLY ZA 123 8.53 7.91 -45.98
N THR ZA 124 9.32 7.34 -46.88
CA THR ZA 124 9.75 8.02 -48.09
C THR ZA 124 9.35 7.19 -49.30
N VAL ZA 125 8.70 7.86 -50.26
CA VAL ZA 125 8.27 7.25 -51.50
C VAL ZA 125 8.76 8.12 -52.66
N ALA ZA 126 8.82 7.50 -53.83
CA ALA ZA 126 9.21 8.18 -55.05
C ALA ZA 126 7.98 8.41 -55.92
N ARG ZA 127 7.82 9.64 -56.38
CA ARG ZA 127 6.65 10.04 -57.17
C ARG ZA 127 6.96 9.77 -58.64
N VAL ZA 128 6.22 8.85 -59.25
CA VAL ZA 128 6.45 8.44 -60.63
C VAL ZA 128 5.30 8.93 -61.50
N HIS ZA 129 5.65 9.42 -62.69
CA HIS ZA 129 4.68 9.90 -63.66
C HIS ZA 129 4.36 8.80 -64.65
N ILE ZA 130 3.63 9.17 -65.71
CA ILE ZA 130 3.29 8.24 -66.78
C ILE ZA 130 4.39 8.25 -67.82
N GLY ZA 131 4.93 7.08 -68.13
CA GLY ZA 131 5.98 6.95 -69.10
C GLY ZA 131 7.38 7.05 -68.55
N GLN ZA 132 7.54 7.32 -67.27
CA GLN ZA 132 8.88 7.46 -66.69
C GLN ZA 132 9.49 6.09 -66.44
N VAL ZA 133 10.81 6.02 -66.59
CA VAL ZA 133 11.53 4.76 -66.43
C VAL ZA 133 11.77 4.49 -64.96
N ILE ZA 134 11.46 3.27 -64.53
CA ILE ZA 134 11.69 2.89 -63.14
C ILE ZA 134 13.06 2.24 -62.98
N MET ZA 135 13.32 1.21 -63.77
CA MET ZA 135 14.55 0.45 -63.69
C MET ZA 135 15.15 0.33 -65.08
N SER ZA 136 16.48 0.36 -65.13
CA SER ZA 136 17.22 0.26 -66.39
C SER ZA 136 18.31 -0.77 -66.23
N ILE ZA 137 18.36 -1.73 -67.14
CA ILE ZA 137 19.36 -2.80 -67.11
C ILE ZA 137 20.11 -2.81 -68.43
N ARG ZA 138 21.43 -2.71 -68.36
CA ARG ZA 138 22.28 -2.83 -69.53
C ARG ZA 138 23.09 -4.11 -69.43
N THR ZA 139 23.27 -4.77 -70.56
CA THR ZA 139 23.96 -6.05 -70.60
C THR ZA 139 24.36 -6.34 -72.04
N LYS ZA 140 24.85 -7.57 -72.26
CA LYS ZA 140 25.20 -8.02 -73.59
C LYS ZA 140 23.95 -8.16 -74.45
N LEU ZA 141 24.17 -8.20 -75.77
CA LEU ZA 141 23.06 -8.20 -76.71
C LEU ZA 141 22.28 -9.51 -76.70
N GLN ZA 142 22.84 -10.58 -76.13
CA GLN ZA 142 22.19 -11.88 -76.14
C GLN ZA 142 21.50 -12.24 -74.83
N ASN ZA 143 21.42 -11.31 -73.88
CA ASN ZA 143 20.77 -11.56 -72.60
C ASN ZA 143 19.37 -10.99 -72.53
N GLU ZA 144 18.74 -10.75 -73.68
CA GLU ZA 144 17.44 -10.10 -73.72
C GLU ZA 144 16.37 -10.94 -73.05
N GLU ZA 145 16.38 -12.25 -73.29
CA GLU ZA 145 15.36 -13.12 -72.71
C GLU ZA 145 15.50 -13.21 -71.20
N HIS ZA 146 16.72 -13.06 -70.68
CA HIS ZA 146 16.90 -13.02 -69.23
C HIS ZA 146 16.48 -11.67 -68.65
N VAL ZA 147 16.77 -10.59 -69.36
CA VAL ZA 147 16.39 -9.27 -68.88
C VAL ZA 147 14.87 -9.15 -68.80
N ILE ZA 148 14.17 -9.68 -69.81
CA ILE ZA 148 12.72 -9.62 -69.81
C ILE ZA 148 12.15 -10.39 -68.63
N GLU ZA 149 12.71 -11.58 -68.35
CA GLU ZA 149 12.21 -12.37 -67.22
C GLU ZA 149 12.49 -11.69 -65.89
N ALA ZA 150 13.68 -11.11 -65.74
CA ALA ZA 150 14.01 -10.42 -64.49
C ALA ZA 150 13.09 -9.24 -64.27
N LEU ZA 151 12.85 -8.44 -65.31
CA LEU ZA 151 11.95 -7.31 -65.16
C LEU ZA 151 10.50 -7.75 -64.95
N ARG ZA 152 10.09 -8.86 -65.57
CA ARG ZA 152 8.75 -9.39 -65.36
C ARG ZA 152 8.56 -9.81 -63.91
N ARG ZA 153 9.57 -10.45 -63.33
CA ARG ZA 153 9.50 -10.77 -61.90
C ARG ZA 153 9.48 -9.52 -61.05
N ALA ZA 154 10.25 -8.50 -61.44
CA ALA ZA 154 10.31 -7.28 -60.65
C ALA ZA 154 8.99 -6.52 -60.68
N LYS ZA 155 8.22 -6.67 -61.77
CA LYS ZA 155 6.96 -5.95 -61.90
C LYS ZA 155 5.97 -6.31 -60.81
N PHE ZA 156 6.04 -7.54 -60.30
CA PHE ZA 156 5.05 -8.00 -59.34
C PHE ZA 156 5.18 -7.31 -57.98
N LYS ZA 157 6.25 -6.57 -57.75
CA LYS ZA 157 6.44 -5.86 -56.50
C LYS ZA 157 5.90 -4.44 -56.53
N PHE ZA 158 5.09 -4.10 -57.52
CA PHE ZA 158 4.60 -2.74 -57.67
C PHE ZA 158 3.09 -2.72 -57.81
N PRO ZA 159 2.43 -1.68 -57.30
CA PRO ZA 159 0.97 -1.62 -57.34
C PRO ZA 159 0.42 -1.48 -58.75
N GLY ZA 160 0.92 -0.50 -59.49
CA GLY ZA 160 0.41 -0.21 -60.81
C GLY ZA 160 0.90 -1.20 -61.85
N ARG ZA 161 0.48 -0.96 -63.08
CA ARG ZA 161 0.83 -1.81 -64.21
C ARG ZA 161 2.06 -1.25 -64.89
N GLN ZA 162 2.96 -2.12 -65.32
CA GLN ZA 162 4.23 -1.72 -65.91
C GLN ZA 162 4.47 -2.48 -67.21
N LYS ZA 163 5.16 -1.83 -68.14
CA LYS ZA 163 5.55 -2.42 -69.41
C LYS ZA 163 7.06 -2.55 -69.48
N ILE ZA 164 7.53 -3.50 -70.26
CA ILE ZA 164 8.95 -3.74 -70.43
C ILE ZA 164 9.34 -3.31 -71.84
N HIS ZA 165 10.28 -2.38 -71.95
CA HIS ZA 165 10.66 -1.85 -73.25
C HIS ZA 165 12.15 -2.02 -73.45
N ILE ZA 166 12.52 -2.71 -74.52
CA ILE ZA 166 13.92 -2.82 -74.92
C ILE ZA 166 14.25 -1.57 -75.73
N SER ZA 167 14.99 -0.66 -75.11
CA SER ZA 167 15.22 0.64 -75.72
C SER ZA 167 16.12 0.52 -76.94
N LYS ZA 168 15.82 1.33 -77.96
CA LYS ZA 168 16.67 1.42 -79.13
C LYS ZA 168 17.98 2.13 -78.85
N LYS ZA 169 18.11 2.80 -77.70
CA LYS ZA 169 19.34 3.47 -77.35
C LYS ZA 169 20.43 2.47 -77.04
N TRP ZA 170 21.67 2.94 -77.07
CA TRP ZA 170 22.84 2.12 -76.81
C TRP ZA 170 23.17 2.22 -75.32
N GLY ZA 171 23.00 1.12 -74.61
CA GLY ZA 171 23.32 1.08 -73.19
C GLY ZA 171 22.47 2.07 -72.40
N PHE ZA 172 23.12 2.80 -71.51
CA PHE ZA 172 22.45 3.83 -70.72
C PHE ZA 172 22.63 5.22 -71.33
N THR ZA 173 23.25 5.31 -72.50
CA THR ZA 173 23.46 6.59 -73.14
C THR ZA 173 22.17 7.07 -73.80
N LYS ZA 174 22.17 8.34 -74.19
CA LYS ZA 174 21.05 8.96 -74.88
C LYS ZA 174 21.21 8.90 -76.40
N PHE ZA 175 21.91 7.89 -76.90
CA PHE ZA 175 22.16 7.74 -78.33
C PHE ZA 175 21.72 6.36 -78.77
N ASN ZA 176 21.23 6.28 -80.01
CA ASN ZA 176 20.68 5.05 -80.54
C ASN ZA 176 21.79 4.02 -80.76
N ALA ZA 177 21.39 2.76 -80.89
CA ALA ZA 177 22.35 1.68 -81.02
C ALA ZA 177 23.12 1.78 -82.33
N ASP ZA 178 22.40 1.93 -83.45
CA ASP ZA 178 23.07 2.00 -84.74
C ASP ZA 178 23.93 3.24 -84.87
N GLU ZA 179 23.43 4.38 -84.40
CA GLU ZA 179 24.15 5.64 -84.51
C GLU ZA 179 25.18 5.83 -83.40
N PHE ZA 180 25.64 4.75 -82.79
CA PHE ZA 180 26.65 4.84 -81.73
C PHE ZA 180 28.04 4.49 -82.22
N GLU ZA 181 28.19 3.32 -82.85
CA GLU ZA 181 29.52 2.87 -83.28
C GLU ZA 181 30.10 3.81 -84.32
N ASP ZA 182 29.28 4.27 -85.26
CA ASP ZA 182 29.78 5.21 -86.26
C ASP ZA 182 30.16 6.54 -85.65
N MET ZA 183 29.41 7.00 -84.63
CA MET ZA 183 29.77 8.25 -83.96
C MET ZA 183 31.08 8.10 -83.21
N VAL ZA 184 31.32 6.96 -82.58
CA VAL ZA 184 32.62 6.73 -81.93
C VAL ZA 184 33.73 6.66 -82.98
N ALA ZA 185 33.43 6.05 -84.14
CA ALA ZA 185 34.43 5.96 -85.20
C ALA ZA 185 34.82 7.35 -85.72
N LYS ZA 186 33.83 8.23 -85.88
CA LYS ZA 186 34.11 9.59 -86.32
C LYS ZA 186 34.41 10.52 -85.15
N LYS ZA 187 34.51 9.97 -83.94
CA LYS ZA 187 35.00 10.69 -82.76
C LYS ZA 187 34.08 11.84 -82.35
N CYS ZA 188 32.77 11.67 -82.54
CA CYS ZA 188 31.83 12.58 -81.91
C CYS ZA 188 31.51 12.18 -80.48
N LEU ZA 189 31.91 10.98 -80.07
CA LEU ZA 189 31.69 10.50 -78.72
C LEU ZA 189 33.00 9.94 -78.16
N ILE ZA 190 33.28 10.27 -76.91
CA ILE ZA 190 34.46 9.77 -76.22
C ILE ZA 190 34.01 8.86 -75.09
N PRO ZA 191 34.36 7.58 -75.11
CA PRO ZA 191 33.98 6.69 -74.00
C PRO ZA 191 34.66 7.12 -72.70
N ASP ZA 192 33.92 7.01 -71.60
CA ASP ZA 192 34.47 7.30 -70.28
C ASP ZA 192 33.56 6.67 -69.25
N GLY ZA 193 34.12 5.82 -68.40
CA GLY ZA 193 33.32 5.14 -67.39
C GLY ZA 193 32.25 4.28 -68.02
N CYS ZA 194 31.01 4.44 -67.53
CA CYS ZA 194 29.87 3.77 -68.11
C CYS ZA 194 29.14 4.63 -69.13
N GLY ZA 195 29.68 5.80 -69.46
CA GLY ZA 195 29.02 6.69 -70.40
C GLY ZA 195 29.90 7.18 -71.52
N VAL ZA 196 29.38 8.10 -72.33
CA VAL ZA 196 30.15 8.72 -73.39
C VAL ZA 196 29.98 10.23 -73.29
N LYS ZA 197 31.05 10.94 -73.64
CA LYS ZA 197 31.05 12.39 -73.65
C LYS ZA 197 30.82 12.86 -75.08
N TYR ZA 198 29.78 13.67 -75.26
CA TYR ZA 198 29.53 14.28 -76.56
C TYR ZA 198 30.60 15.32 -76.86
N VAL ZA 199 31.07 15.33 -78.09
CA VAL ZA 199 32.10 16.30 -78.49
C VAL ZA 199 31.50 17.22 -79.54
N PRO ZA 200 31.09 18.43 -79.19
CA PRO ZA 200 30.56 19.36 -80.18
C PRO ZA 200 31.65 19.86 -81.10
N SER ZA 201 31.23 20.25 -82.30
CA SER ZA 201 32.15 20.84 -83.26
C SER ZA 201 32.28 22.35 -83.07
N HIS ZA 202 32.53 22.75 -81.83
CA HIS ZA 202 32.75 24.16 -81.49
C HIS ZA 202 33.54 24.22 -80.20
N GLY ZA 203 34.15 25.39 -79.96
CA GLY ZA 203 35.07 25.55 -78.87
C GLY ZA 203 36.47 25.78 -79.40
N PRO ZA 204 37.47 25.71 -78.51
CA PRO ZA 204 38.85 25.86 -78.96
C PRO ZA 204 39.27 24.70 -79.85
N LEU ZA 205 40.15 25.01 -80.82
CA LEU ZA 205 40.72 23.94 -81.63
C LEU ZA 205 41.67 23.05 -80.85
N ASP ZA 206 42.10 23.48 -79.65
CA ASP ZA 206 43.02 22.67 -78.87
C ASP ZA 206 42.39 21.35 -78.48
N LYS ZA 207 41.13 21.38 -78.04
CA LYS ZA 207 40.46 20.15 -77.64
C LYS ZA 207 40.21 19.23 -78.84
N TRP ZA 208 40.04 19.80 -80.04
CA TRP ZA 208 39.90 18.96 -81.22
C TRP ZA 208 41.23 18.36 -81.63
N ARG ZA 209 42.31 19.13 -81.59
CA ARG ZA 209 43.58 18.65 -82.11
C ARG ZA 209 44.34 17.79 -81.11
N VAL ZA 210 44.01 17.82 -79.83
CA VAL ZA 210 44.51 16.78 -78.94
C VAL ZA 210 43.90 15.44 -79.30
N LEU ZA 211 42.63 15.44 -79.73
CA LEU ZA 211 42.10 14.29 -80.41
C LEU ZA 211 42.64 14.26 -81.84
N HIS ZA 212 42.40 13.12 -82.51
CA HIS ZA 212 42.97 12.85 -83.84
C HIS ZA 212 44.49 12.97 -83.80
N SER ZA 213 45.08 12.67 -82.64
CA SER ZA 213 46.50 12.86 -82.41
C SER ZA 213 46.94 12.15 -81.14
N LYS AB 6 67.36 47.45 -76.42
CA LYS AB 6 66.66 46.19 -76.61
C LYS AB 6 65.26 46.26 -76.00
N GLU AB 7 65.16 45.91 -74.73
CA GLU AB 7 63.88 45.92 -74.04
C GLU AB 7 63.41 47.35 -73.80
N ASN AB 8 62.10 47.52 -73.74
CA ASN AB 8 61.54 48.84 -73.47
C ASN AB 8 61.90 49.28 -72.05
N PRO AB 9 62.26 50.54 -71.85
CA PRO AB 9 62.62 50.99 -70.49
C PRO AB 9 61.48 50.90 -69.50
N MET AB 10 60.23 50.91 -69.99
CA MET AB 10 59.09 50.91 -69.10
C MET AB 10 58.90 49.57 -68.40
N ARG AB 11 59.49 48.49 -68.92
CA ARG AB 11 59.27 47.16 -68.37
C ARG AB 11 60.29 46.78 -67.30
N GLU AB 12 61.18 47.69 -66.92
CA GLU AB 12 62.21 47.34 -65.96
C GLU AB 12 61.60 47.10 -64.58
N LEU AB 13 62.16 46.13 -63.86
CA LEU AB 13 61.65 45.74 -62.57
C LEU AB 13 62.14 46.70 -61.49
N ARG AB 14 61.23 47.06 -60.58
CA ARG AB 14 61.55 48.05 -59.56
C ARG AB 14 60.83 47.68 -58.26
N ILE AB 15 61.33 48.25 -57.17
CA ILE AB 15 60.82 47.97 -55.83
C ILE AB 15 59.68 48.93 -55.52
N ARG AB 16 58.56 48.40 -55.05
CA ARG AB 16 57.42 49.23 -54.68
C ARG AB 16 57.41 49.57 -53.20
N LYS AB 17 57.53 48.56 -52.34
CA LYS AB 17 57.53 48.77 -50.90
C LYS AB 17 58.27 47.61 -50.26
N LEU AB 18 58.63 47.77 -48.99
CA LEU AB 18 59.43 46.75 -48.34
C LEU AB 18 58.67 46.07 -47.20
N CYS AB 19 57.78 46.81 -46.54
CA CYS AB 19 56.78 46.26 -45.63
C CYS AB 19 57.43 45.47 -44.47
N LEU AB 20 58.09 46.22 -43.60
CA LEU AB 20 58.61 45.63 -42.37
C LEU AB 20 57.47 45.33 -41.42
N ASN AB 21 57.58 44.20 -40.72
CA ASN AB 21 56.52 43.83 -39.79
C ASN AB 21 57.10 43.03 -38.61
N ILE AB 22 56.58 43.30 -37.41
CA ILE AB 22 56.93 42.57 -36.20
C ILE AB 22 55.66 42.18 -35.49
N CYS AB 23 55.48 40.89 -35.25
CA CYS AB 23 54.26 40.37 -34.62
C CYS AB 23 54.63 39.73 -33.28
N VAL AB 24 54.69 40.56 -32.24
CA VAL AB 24 54.99 40.06 -30.91
C VAL AB 24 53.72 39.45 -30.33
N GLY AB 25 53.86 38.69 -29.24
CA GLY AB 25 52.74 37.92 -28.74
C GLY AB 25 51.60 38.77 -28.19
N GLU AB 26 51.92 39.77 -27.37
CA GLU AB 26 50.91 40.52 -26.64
C GLU AB 26 51.20 42.01 -26.75
N SER AB 27 50.45 42.80 -26.00
CA SER AB 27 50.55 44.25 -26.03
C SER AB 27 51.54 44.74 -24.99
N GLY AB 28 51.59 46.06 -24.79
CA GLY AB 28 52.33 46.63 -23.68
C GLY AB 28 53.66 47.23 -24.08
N ASP AB 29 54.53 47.33 -23.07
CA ASP AB 29 55.86 47.90 -23.27
C ASP AB 29 56.65 47.12 -24.32
N ARG AB 30 56.43 45.81 -24.39
CA ARG AB 30 57.08 45.01 -25.41
C ARG AB 30 56.73 45.52 -26.80
N LEU AB 31 55.44 45.75 -27.04
CA LEU AB 31 55.01 46.23 -28.35
C LEU AB 31 55.48 47.66 -28.61
N THR AB 32 55.46 48.51 -27.59
CA THR AB 32 55.91 49.88 -27.79
C THR AB 32 57.40 49.92 -28.14
N ARG AB 33 58.21 49.12 -27.45
CA ARG AB 33 59.63 49.07 -27.78
C ARG AB 33 59.86 48.46 -29.15
N ALA AB 34 59.04 47.47 -29.52
CA ALA AB 34 59.14 46.91 -30.88
C ALA AB 34 58.81 47.95 -31.93
N ALA AB 35 57.84 48.82 -31.68
CA ALA AB 35 57.56 49.93 -32.58
C ALA AB 35 58.75 50.88 -32.64
N LYS AB 36 59.39 51.12 -31.50
CA LYS AB 36 60.57 51.96 -31.48
C LYS AB 36 61.69 51.36 -32.31
N VAL AB 37 61.77 50.02 -32.39
CA VAL AB 37 62.76 49.38 -33.25
C VAL AB 37 62.59 49.82 -34.69
N LEU AB 38 61.36 49.73 -35.21
CA LEU AB 38 61.12 50.16 -36.58
C LEU AB 38 61.34 51.65 -36.74
N GLU AB 39 60.97 52.43 -35.72
CA GLU AB 39 61.15 53.88 -35.78
C GLU AB 39 62.62 54.24 -35.94
N GLN AB 40 63.49 53.62 -35.14
CA GLN AB 40 64.92 53.91 -35.26
C GLN AB 40 65.53 53.23 -36.48
N LEU AB 41 64.90 52.17 -36.98
CA LEU AB 41 65.40 51.51 -38.18
C LEU AB 41 65.20 52.36 -39.42
N THR AB 42 64.04 53.02 -39.52
CA THR AB 42 63.68 53.72 -40.74
C THR AB 42 63.64 55.24 -40.64
N GLY AB 43 63.78 55.82 -39.46
CA GLY AB 43 63.50 57.23 -39.31
C GLY AB 43 62.07 57.56 -39.65
N GLN AB 44 61.14 56.69 -39.29
CA GLN AB 44 59.76 56.80 -39.73
C GLN AB 44 58.86 56.07 -38.75
N THR AB 45 57.74 56.69 -38.39
CA THR AB 45 56.87 56.13 -37.36
C THR AB 45 56.09 54.94 -37.92
N PRO AB 46 56.13 53.78 -37.26
CA PRO AB 46 55.32 52.65 -37.69
C PRO AB 46 53.91 52.75 -37.11
N VAL AB 47 53.08 51.76 -37.43
CA VAL AB 47 51.70 51.73 -36.99
C VAL AB 47 51.40 50.37 -36.37
N PHE AB 48 50.51 50.36 -35.39
CA PHE AB 48 50.10 49.14 -34.73
C PHE AB 48 48.95 48.50 -35.49
N SER AB 49 48.84 47.18 -35.37
CA SER AB 49 47.77 46.42 -35.98
C SER AB 49 46.99 45.71 -34.88
N LYS AB 50 45.68 45.94 -34.85
CA LYS AB 50 44.84 45.29 -33.86
C LYS AB 50 44.65 43.81 -34.21
N ALA AB 51 44.49 43.00 -33.17
CA ALA AB 51 44.15 41.59 -33.38
C ALA AB 51 42.74 41.48 -33.94
N ARG AB 52 42.59 40.65 -34.98
CA ARG AB 52 41.29 40.51 -35.62
C ARG AB 52 40.27 39.91 -34.67
N TYR AB 53 40.64 38.85 -33.96
CA TYR AB 53 39.73 38.12 -33.11
C TYR AB 53 40.45 37.76 -31.82
N THR AB 54 39.84 36.87 -31.05
CA THR AB 54 40.40 36.39 -29.79
C THR AB 54 40.74 34.91 -29.93
N VAL AB 55 41.97 34.55 -29.59
CA VAL AB 55 42.42 33.17 -29.64
C VAL AB 55 42.79 32.72 -28.23
N ARG AB 56 42.17 31.64 -27.78
CA ARG AB 56 42.43 31.15 -26.42
C ARG AB 56 43.88 30.67 -26.28
N SER AB 57 44.40 29.97 -27.28
CA SER AB 57 45.73 29.40 -27.17
C SER AB 57 46.82 30.47 -27.18
N PHE AB 58 46.68 31.46 -28.05
CA PHE AB 58 47.74 32.46 -28.20
C PHE AB 58 47.71 33.53 -27.12
N GLY AB 59 46.66 33.57 -26.31
CA GLY AB 59 46.54 34.57 -25.27
C GLY AB 59 46.13 35.93 -25.75
N ILE AB 60 45.82 36.09 -27.03
CA ILE AB 60 45.44 37.39 -27.58
C ILE AB 60 43.94 37.60 -27.39
N ARG AB 61 43.50 38.84 -27.54
CA ARG AB 61 42.09 39.19 -27.45
C ARG AB 61 41.70 40.06 -28.62
N ARG AB 62 40.40 40.16 -28.86
CA ARG AB 62 39.89 40.89 -30.01
C ARG AB 62 40.19 42.38 -29.89
N ASN AB 63 40.58 42.98 -31.01
CA ASN AB 63 40.89 44.41 -31.10
C ASN AB 63 42.01 44.80 -30.13
N GLU AB 64 42.95 43.89 -29.90
CA GLU AB 64 44.08 44.15 -29.03
C GLU AB 64 45.33 44.37 -29.88
N LYS AB 65 46.10 45.40 -29.52
CA LYS AB 65 47.32 45.73 -30.26
C LYS AB 65 48.32 44.60 -30.10
N ILE AB 66 48.64 43.93 -31.20
CA ILE AB 66 49.49 42.75 -31.18
C ILE AB 66 50.77 42.97 -31.98
N ALA AB 67 50.65 43.48 -33.19
CA ALA AB 67 51.78 43.63 -34.09
C ALA AB 67 51.96 45.09 -34.48
N VAL AB 68 53.19 45.42 -34.87
CA VAL AB 68 53.53 46.74 -35.36
C VAL AB 68 54.26 46.59 -36.70
N HIS AB 69 53.87 47.40 -37.67
CA HIS AB 69 54.40 47.25 -39.01
C HIS AB 69 54.48 48.61 -39.68
N CYS AB 70 55.30 48.68 -40.72
CA CYS AB 70 55.47 49.92 -41.48
C CYS AB 70 55.88 49.56 -42.90
N THR AB 71 55.74 50.53 -43.78
CA THR AB 71 56.10 50.37 -45.18
C THR AB 71 57.16 51.39 -45.57
N VAL AB 72 58.18 50.93 -46.28
CA VAL AB 72 59.28 51.77 -46.73
C VAL AB 72 59.35 51.69 -48.25
N ARG AB 73 59.41 52.85 -48.90
CA ARG AB 73 59.45 52.94 -50.35
C ARG AB 73 60.61 53.84 -50.77
N GLY AB 74 60.77 53.98 -52.09
CA GLY AB 74 61.81 54.83 -52.61
C GLY AB 74 63.19 54.24 -52.42
N ALA AB 75 64.19 55.10 -52.55
CA ALA AB 75 65.57 54.68 -52.35
C ALA AB 75 65.86 54.31 -50.91
N LYS AB 76 65.01 54.75 -49.98
CA LYS AB 76 65.20 54.41 -48.58
C LYS AB 76 65.10 52.91 -48.36
N ALA AB 77 64.12 52.26 -49.01
CA ALA AB 77 63.98 50.83 -48.88
C ALA AB 77 65.09 50.05 -49.60
N GLU AB 78 65.76 50.69 -50.57
CA GLU AB 78 66.79 50.00 -51.31
C GLU AB 78 67.96 49.59 -50.42
N GLU AB 79 68.37 50.49 -49.52
CA GLU AB 79 69.43 50.15 -48.59
C GLU AB 79 68.95 49.18 -47.50
N ILE AB 80 67.68 49.27 -47.11
CA ILE AB 80 67.16 48.36 -46.09
C ILE AB 80 67.12 46.94 -46.63
N LEU AB 81 66.75 46.78 -47.90
CA LEU AB 81 66.72 45.45 -48.51
C LEU AB 81 68.10 44.81 -48.53
N GLU AB 82 69.14 45.56 -48.91
CA GLU AB 82 70.46 44.97 -48.95
C GLU AB 82 71.02 44.74 -47.54
N LYS AB 83 70.67 45.60 -46.59
CA LYS AB 83 71.06 45.34 -45.21
C LYS AB 83 70.43 44.05 -44.70
N GLY AB 84 69.17 43.81 -45.05
CA GLY AB 84 68.55 42.54 -44.69
C GLY AB 84 69.17 41.36 -45.40
N LEU AB 85 69.48 41.53 -46.69
CA LEU AB 85 70.06 40.45 -47.47
C LEU AB 85 71.45 40.08 -46.98
N LYS AB 86 72.17 41.04 -46.39
CA LYS AB 86 73.48 40.74 -45.83
C LYS AB 86 73.38 39.71 -44.71
N VAL AB 87 72.25 39.68 -44.00
CA VAL AB 87 72.05 38.67 -42.96
C VAL AB 87 72.04 37.29 -43.58
N ARG AB 88 71.31 37.13 -44.68
CA ARG AB 88 71.21 35.83 -45.33
C ARG AB 88 72.33 35.59 -46.33
N GLU AB 89 73.29 36.52 -46.43
CA GLU AB 89 74.46 36.37 -47.28
C GLU AB 89 74.07 36.16 -48.74
N TYR AB 90 73.03 36.88 -49.17
CA TYR AB 90 72.53 36.84 -50.54
C TYR AB 90 72.12 35.43 -50.96
N GLU AB 91 71.41 34.73 -50.08
CA GLU AB 91 70.93 33.38 -50.38
C GLU AB 91 69.46 33.28 -49.99
N LEU AB 92 68.62 32.90 -50.94
CA LEU AB 92 67.20 32.69 -50.70
C LEU AB 92 66.78 31.33 -51.24
N ARG AB 93 65.90 30.65 -50.52
CA ARG AB 93 65.31 29.43 -51.04
C ARG AB 93 64.27 29.76 -52.10
N LYS AB 94 64.00 28.78 -52.97
CA LYS AB 94 63.04 28.99 -54.04
C LYS AB 94 61.62 29.15 -53.50
N ASN AB 95 61.33 28.58 -52.34
CA ASN AB 95 60.00 28.72 -51.76
C ASN AB 95 59.78 30.10 -51.16
N ASN AB 96 60.85 30.87 -50.96
CA ASN AB 96 60.73 32.18 -50.34
C ASN AB 96 59.97 33.17 -51.22
N PHE AB 97 59.93 32.93 -52.53
CA PHE AB 97 59.21 33.81 -53.44
C PHE AB 97 57.72 33.51 -53.38
N SER AB 98 56.94 34.39 -54.00
CA SER AB 98 55.51 34.19 -54.17
C SER AB 98 55.19 34.17 -55.66
N ASP AB 99 54.16 33.40 -56.02
CA ASP AB 99 53.80 33.24 -57.42
C ASP AB 99 53.28 34.53 -58.03
N THR AB 100 52.84 35.50 -57.21
CA THR AB 100 52.37 36.76 -57.76
C THR AB 100 53.53 37.64 -58.24
N GLY AB 101 54.74 37.38 -57.79
CA GLY AB 101 55.89 38.13 -58.28
C GLY AB 101 56.63 38.94 -57.25
N ASN AB 102 56.68 38.47 -56.00
CA ASN AB 102 57.44 39.13 -54.96
C ASN AB 102 57.88 38.10 -53.94
N PHE AB 103 58.70 38.53 -52.97
CA PHE AB 103 59.29 37.60 -52.03
C PHE AB 103 59.52 38.31 -50.70
N GLY AB 104 60.06 37.56 -49.74
CA GLY AB 104 60.34 38.08 -48.42
C GLY AB 104 61.00 37.01 -47.57
N PHE AB 105 61.34 37.40 -46.35
CA PHE AB 105 62.03 36.52 -45.42
C PHE AB 105 61.86 37.07 -44.01
N GLY AB 106 62.58 36.47 -43.07
CA GLY AB 106 62.53 36.89 -41.68
C GLY AB 106 63.92 36.96 -41.08
N ILE AB 107 64.11 37.88 -40.15
CA ILE AB 107 65.39 38.09 -39.49
C ILE AB 107 65.20 37.86 -38.00
N GLN AB 108 66.06 37.02 -37.42
CA GLN AB 108 65.94 36.65 -36.02
C GLN AB 108 66.35 37.79 -35.09
N GLU AB 109 67.33 38.61 -35.49
CA GLU AB 109 67.85 39.68 -34.64
C GLU AB 109 67.79 41.01 -35.36
N HIS AB 110 67.39 42.04 -34.64
CA HIS AB 110 67.47 43.43 -35.10
C HIS AB 110 68.72 44.14 -34.63
N ILE AB 111 69.33 43.68 -33.53
CA ILE AB 111 70.53 44.31 -32.99
C ILE AB 111 71.68 44.17 -33.98
N ASP AB 112 71.66 43.10 -34.77
CA ASP AB 112 72.74 42.82 -35.72
C ASP AB 112 72.94 43.94 -36.73
N LEU AB 113 71.89 44.67 -37.08
CA LEU AB 113 71.95 45.72 -38.08
C LEU AB 113 71.51 47.05 -37.48
N GLY AB 114 72.24 48.11 -37.82
CA GLY AB 114 71.82 49.46 -37.51
C GLY AB 114 72.01 49.88 -36.07
N ILE AB 115 71.23 49.30 -35.17
CA ILE AB 115 71.16 49.74 -33.78
C ILE AB 115 71.92 48.76 -32.90
N LYS AB 116 72.72 49.29 -31.99
CA LYS AB 116 73.40 48.47 -31.01
C LYS AB 116 72.40 47.92 -29.99
N TYR AB 117 72.89 47.09 -29.08
CA TYR AB 117 72.02 46.53 -28.06
C TYR AB 117 71.69 47.56 -27.01
N ASP AB 118 70.59 48.28 -27.20
CA ASP AB 118 70.08 49.16 -26.16
C ASP AB 118 69.30 48.30 -25.18
N PRO AB 119 69.71 48.21 -23.91
CA PRO AB 119 69.07 47.27 -22.99
C PRO AB 119 67.59 47.53 -22.77
N SER AB 120 67.16 48.78 -22.89
CA SER AB 120 65.73 49.07 -22.84
C SER AB 120 65.00 48.39 -23.99
N ILE AB 121 65.55 48.52 -25.20
CA ILE AB 121 64.99 47.83 -26.36
C ILE AB 121 65.16 46.34 -26.19
N GLY AB 122 64.20 45.57 -26.71
CA GLY AB 122 64.18 44.14 -26.52
C GLY AB 122 65.14 43.40 -27.44
N ILE AB 123 64.87 42.11 -27.58
CA ILE AB 123 65.71 41.22 -28.38
C ILE AB 123 65.03 40.86 -29.70
N TYR AB 124 64.01 41.62 -30.09
CA TYR AB 124 63.10 41.20 -31.14
C TYR AB 124 63.75 41.23 -32.52
N GLY AB 125 63.37 40.25 -33.34
CA GLY AB 125 63.67 40.27 -34.76
C GLY AB 125 62.57 40.97 -35.53
N LEU AB 126 62.48 40.64 -36.82
CA LEU AB 126 61.52 41.33 -37.68
C LEU AB 126 61.29 40.51 -38.94
N ASP AB 127 60.42 41.03 -39.83
CA ASP AB 127 59.99 40.30 -41.00
C ASP AB 127 59.97 41.25 -42.21
N PHE AB 128 60.63 40.82 -43.28
CA PHE AB 128 60.77 41.58 -44.52
C PHE AB 128 59.85 40.96 -45.57
N TYR AB 129 59.16 41.79 -46.35
CA TYR AB 129 58.42 41.27 -47.49
C TYR AB 129 58.40 42.34 -48.58
N VAL AB 130 59.34 42.22 -49.51
CA VAL AB 130 59.51 43.24 -50.54
C VAL AB 130 58.53 42.96 -51.67
N VAL AB 131 57.93 44.03 -52.21
CA VAL AB 131 56.97 43.93 -53.30
C VAL AB 131 57.62 44.56 -54.52
N LEU AB 132 57.87 43.74 -55.54
CA LEU AB 132 58.43 44.26 -56.77
C LEU AB 132 57.36 44.99 -57.57
N GLY AB 133 57.79 45.67 -58.63
CA GLY AB 133 56.83 46.38 -59.45
C GLY AB 133 57.48 46.86 -60.72
N ARG AB 134 56.64 47.40 -61.59
CA ARG AB 134 57.05 48.02 -62.84
C ARG AB 134 56.38 49.37 -62.92
N PRO AB 135 56.93 50.28 -63.74
CA PRO AB 135 56.17 51.49 -64.09
C PRO AB 135 54.84 51.12 -64.71
N GLY AB 136 53.79 51.79 -64.26
CA GLY AB 136 52.44 51.44 -64.67
C GLY AB 136 51.67 50.57 -63.70
N PHE AB 137 52.29 50.11 -62.61
CA PHE AB 137 51.55 49.40 -61.59
C PHE AB 137 50.58 50.29 -60.83
N SER AB 138 50.76 51.60 -60.89
CA SER AB 138 49.91 52.52 -60.12
C SER AB 138 48.49 52.61 -60.66
N ILE AB 139 48.24 52.09 -61.87
CA ILE AB 139 46.91 52.19 -62.45
C ILE AB 139 45.90 51.35 -61.68
N ALA AB 140 46.35 50.32 -60.97
CA ALA AB 140 45.43 49.57 -60.11
C ALA AB 140 45.09 50.33 -58.85
N ASP AB 141 45.97 51.22 -58.40
CA ASP AB 141 45.72 52.06 -57.24
C ASP AB 141 45.13 53.41 -57.60
N LYS AB 142 45.02 53.71 -58.89
CA LYS AB 142 44.45 54.98 -59.32
C LYS AB 142 42.98 55.08 -58.92
N LYS AB 143 42.55 56.30 -58.59
CA LYS AB 143 41.19 56.51 -58.12
C LYS AB 143 40.19 56.61 -59.27
N ARG AB 144 40.55 57.30 -60.35
CA ARG AB 144 39.68 57.46 -61.50
C ARG AB 144 40.23 56.65 -62.67
N ARG AB 145 39.33 55.98 -63.39
CA ARG AB 145 39.67 55.10 -64.51
C ARG AB 145 40.66 54.02 -64.10
N THR AB 146 40.38 53.41 -62.94
CA THR AB 146 41.20 52.30 -62.48
C THR AB 146 40.95 51.07 -63.35
N GLY AB 147 41.84 50.08 -63.22
CA GLY AB 147 41.68 48.86 -63.99
C GLY AB 147 42.81 47.90 -63.71
N CYS AB 148 42.75 46.76 -64.40
CA CYS AB 148 43.79 45.75 -64.29
C CYS AB 148 45.05 46.20 -65.01
N ILE AB 149 46.16 45.52 -64.70
CA ILE AB 149 47.48 45.89 -65.22
C ILE AB 149 47.86 45.11 -66.47
N GLY AB 150 47.09 44.14 -66.88
CA GLY AB 150 47.45 43.36 -68.05
C GLY AB 150 48.30 42.14 -67.71
N ALA AB 151 48.09 41.08 -68.46
CA ALA AB 151 48.80 39.82 -68.19
C ALA AB 151 50.27 39.92 -68.56
N LYS AB 152 50.58 40.44 -69.75
CA LYS AB 152 51.95 40.51 -70.21
C LYS AB 152 52.80 41.37 -69.29
N HIS AB 153 52.20 42.35 -68.65
CA HIS AB 153 52.91 43.33 -67.85
C HIS AB 153 52.97 42.93 -66.39
N ARG AB 154 52.37 41.79 -66.06
CA ARG AB 154 52.52 41.21 -64.73
C ARG AB 154 53.91 40.62 -64.56
N ILE AB 155 54.35 40.53 -63.30
CA ILE AB 155 55.66 39.98 -62.96
C ILE AB 155 55.49 38.56 -62.46
N SER AB 156 56.28 37.65 -62.99
CA SER AB 156 56.23 36.24 -62.63
C SER AB 156 57.34 35.88 -61.65
N LYS AB 157 57.23 34.68 -61.09
CA LYS AB 157 58.27 34.16 -60.20
C LYS AB 157 59.60 34.04 -60.94
N GLU AB 158 59.56 33.63 -62.21
CA GLU AB 158 60.77 33.51 -63.00
C GLU AB 158 61.45 34.87 -63.14
N GLU AB 159 60.66 35.91 -63.44
CA GLU AB 159 61.25 37.25 -63.58
C GLU AB 159 61.74 37.80 -62.25
N ALA AB 160 61.04 37.50 -61.16
CA ALA AB 160 61.51 37.91 -59.84
C ALA AB 160 62.86 37.28 -59.53
N MET AB 161 63.04 36.01 -59.89
CA MET AB 161 64.33 35.37 -59.70
C MET AB 161 65.41 36.01 -60.55
N ARG AB 162 65.10 36.38 -61.80
CA ARG AB 162 66.09 37.06 -62.63
C ARG AB 162 66.50 38.39 -61.99
N TRP AB 163 65.52 39.16 -61.51
CA TRP AB 163 65.82 40.45 -60.90
C TRP AB 163 66.67 40.27 -59.65
N PHE AB 164 66.35 39.28 -58.82
CA PHE AB 164 67.14 39.03 -57.63
C PHE AB 164 68.56 38.61 -57.97
N GLN AB 165 68.72 37.73 -58.96
CA GLN AB 165 70.04 37.24 -59.31
C GLN AB 165 70.87 38.26 -60.06
N GLN AB 166 70.24 39.28 -60.65
CA GLN AB 166 70.98 40.29 -61.41
C GLN AB 166 71.28 41.53 -60.59
N LYS AB 167 70.27 42.16 -59.99
CA LYS AB 167 70.51 43.40 -59.27
C LYS AB 167 71.26 43.15 -57.97
N TYR AB 168 71.02 42.00 -57.32
CA TYR AB 168 71.63 41.71 -56.03
C TYR AB 168 72.53 40.50 -56.04
N ASP AB 169 72.84 39.94 -57.21
CA ASP AB 169 73.74 38.78 -57.39
C ASP AB 169 73.49 37.70 -56.34
N GLY AB 170 72.21 37.39 -56.11
CA GLY AB 170 71.84 36.41 -55.12
C GLY AB 170 71.96 34.99 -55.62
N ILE AB 171 71.76 34.06 -54.69
CA ILE AB 171 71.85 32.63 -54.97
C ILE AB 171 70.56 31.97 -54.51
N ILE AB 172 69.96 31.17 -55.39
CA ILE AB 172 68.70 30.48 -55.11
C ILE AB 172 69.01 29.05 -54.71
N LEU AB 173 68.54 28.66 -53.53
CA LEU AB 173 68.78 27.34 -53.00
C LEU AB 173 67.54 26.48 -53.23
N PRO AB 174 67.63 25.41 -54.00
CA PRO AB 174 66.43 24.58 -54.24
C PRO AB 174 66.03 23.77 -53.02
N GLY AB 175 65.45 24.44 -52.02
CA GLY AB 175 65.05 23.77 -50.80
C GLY AB 175 63.57 23.92 -50.48
N ALA BB 1 -31.33 49.50 -28.63
CA ALA BB 1 -30.94 48.92 -29.91
C ALA BB 1 -31.18 49.89 -31.05
N PRO BB 2 -30.28 50.86 -31.22
CA PRO BB 2 -30.44 51.82 -32.31
C PRO BB 2 -30.30 51.16 -33.67
N SER BB 3 -31.01 51.72 -34.65
CA SER BB 3 -31.00 51.19 -36.01
C SER BB 3 -30.77 52.33 -36.98
N ARG BB 4 -29.67 52.25 -37.73
CA ARG BB 4 -29.31 53.21 -38.79
C ARG BB 4 -29.21 54.61 -38.18
N ASN BB 5 -29.38 55.63 -39.00
CA ASN BB 5 -29.32 57.00 -38.53
C ASN BB 5 -30.53 57.32 -37.67
N GLY BB 6 -30.30 58.03 -36.58
CA GLY BB 6 -31.39 58.39 -35.69
C GLY BB 6 -30.89 59.30 -34.60
N MET BB 7 -31.82 59.82 -33.82
CA MET BB 7 -31.54 60.71 -32.72
C MET BB 7 -31.53 59.92 -31.42
N VAL BB 8 -30.47 60.08 -30.63
CA VAL BB 8 -30.39 59.39 -29.34
C VAL BB 8 -31.35 60.06 -28.37
N LEU BB 9 -32.21 59.27 -27.76
CA LEU BB 9 -33.26 59.78 -26.89
C LEU BB 9 -33.13 59.17 -25.50
N LYS BB 10 -33.60 59.92 -24.50
CA LYS BB 10 -33.54 59.51 -23.11
C LYS BB 10 -34.93 59.65 -22.50
N PRO BB 11 -35.84 58.74 -22.82
CA PRO BB 11 -37.20 58.84 -22.26
C PRO BB 11 -37.20 58.56 -20.77
N HIS BB 12 -38.00 59.33 -20.04
CA HIS BB 12 -38.05 59.22 -18.59
C HIS BB 12 -39.24 58.34 -18.17
N PHE BB 13 -39.26 57.11 -18.68
CA PHE BB 13 -40.35 56.19 -18.42
C PHE BB 13 -39.90 54.93 -17.70
N HIS BB 14 -38.81 55.02 -16.94
CA HIS BB 14 -38.28 53.88 -16.21
C HIS BB 14 -38.77 53.84 -14.76
N LYS BB 15 -39.65 54.76 -14.37
CA LYS BB 15 -39.99 54.96 -12.97
C LYS BB 15 -41.43 54.57 -12.67
N ASP BB 16 -41.97 53.63 -13.44
CA ASP BB 16 -43.35 53.16 -13.29
C ASP BB 16 -44.34 54.31 -13.39
N TRP BB 17 -44.30 54.98 -14.54
CA TRP BB 17 -45.09 56.20 -14.76
C TRP BB 17 -46.59 55.93 -14.81
N GLN BB 18 -47.00 54.70 -15.08
CA GLN BB 18 -48.42 54.42 -15.26
C GLN BB 18 -49.21 54.64 -13.97
N ARG BB 19 -48.57 54.45 -12.81
CA ARG BB 19 -49.30 54.50 -11.56
C ARG BB 19 -49.83 55.91 -11.26
N ARG BB 20 -49.05 56.93 -11.57
CA ARG BB 20 -49.43 58.32 -11.29
C ARG BB 20 -49.58 59.04 -12.63
N VAL BB 21 -50.81 59.10 -13.13
CA VAL BB 21 -51.13 59.77 -14.39
C VAL BB 21 -52.25 60.75 -14.12
N ALA BB 22 -52.07 62.00 -14.53
CA ALA BB 22 -53.06 63.05 -14.35
C ALA BB 22 -53.70 63.34 -15.70
N THR BB 23 -54.94 62.92 -15.88
CA THR BB 23 -55.69 63.20 -17.09
C THR BB 23 -56.45 64.50 -16.95
N TRP BB 24 -56.86 65.05 -18.09
CA TRP BB 24 -57.55 66.33 -18.13
C TRP BB 24 -58.95 66.19 -18.70
N PHE BB 25 -59.63 65.09 -18.39
CA PHE BB 25 -61.03 64.97 -18.76
C PHE BB 25 -61.92 65.86 -17.91
N ASN BB 26 -61.43 66.29 -16.76
CA ASN BB 26 -62.14 67.21 -15.89
C ASN BB 26 -61.86 68.66 -16.20
N GLN BB 27 -61.11 68.93 -17.28
CA GLN BB 27 -60.76 70.31 -17.63
C GLN BB 27 -61.98 71.19 -17.91
N PRO BB 28 -62.95 70.81 -18.75
CA PRO BB 28 -64.11 71.69 -18.93
C PRO BB 28 -64.92 71.87 -17.68
N ALA BB 29 -65.04 70.83 -16.85
CA ALA BB 29 -65.75 70.96 -15.59
C ALA BB 29 -65.05 71.95 -14.67
N ARG BB 30 -63.72 71.89 -14.62
CA ARG BB 30 -62.97 72.84 -13.81
C ARG BB 30 -63.15 74.26 -14.32
N LYS BB 31 -63.13 74.45 -15.65
CA LYS BB 31 -63.32 75.78 -16.20
C LYS BB 31 -64.71 76.32 -15.86
N ILE BB 32 -65.73 75.47 -15.97
CA ILE BB 32 -67.09 75.92 -15.67
C ILE BB 32 -67.22 76.24 -14.19
N ARG BB 33 -66.61 75.43 -13.32
CA ARG BB 33 -66.63 75.73 -11.90
C ARG BB 33 -65.96 77.06 -11.61
N ARG BB 34 -64.82 77.32 -12.26
CA ARG BB 34 -64.12 78.57 -12.03
C ARG BB 34 -64.93 79.77 -12.49
N ARG BB 35 -65.58 79.64 -13.66
CA ARG BB 35 -66.44 80.72 -14.14
C ARG BB 35 -67.62 80.95 -13.19
N LYS BB 36 -68.21 79.87 -12.69
CA LYS BB 36 -69.33 80.01 -11.77
C LYS BB 36 -68.89 80.66 -10.47
N ALA BB 37 -67.70 80.29 -9.97
CA ALA BB 37 -67.18 80.94 -8.77
C ALA BB 37 -66.91 82.42 -9.02
N ARG BB 38 -66.41 82.76 -10.20
CA ARG BB 38 -66.22 84.16 -10.55
C ARG BB 38 -67.53 84.93 -10.54
N GLN BB 39 -68.57 84.34 -11.13
CA GLN BB 39 -69.87 85.00 -11.14
C GLN BB 39 -70.46 85.11 -9.75
N ALA BB 40 -70.25 84.10 -8.92
CA ALA BB 40 -70.72 84.16 -7.53
C ALA BB 40 -70.00 85.27 -6.77
N LYS BB 41 -68.69 85.41 -6.98
CA LYS BB 41 -67.97 86.50 -6.34
C LYS BB 41 -68.46 87.86 -6.82
N ALA BB 42 -68.71 87.98 -8.12
CA ALA BB 42 -69.20 89.25 -8.66
C ALA BB 42 -70.56 89.60 -8.07
N ARG BB 43 -71.45 88.61 -7.91
CA ARG BB 43 -72.72 88.89 -7.26
C ARG BB 43 -72.55 89.20 -5.79
N ARG BB 44 -71.58 88.55 -5.12
CA ARG BB 44 -71.40 88.75 -3.69
C ARG BB 44 -70.90 90.15 -3.37
N ILE BB 45 -69.95 90.65 -4.16
CA ILE BB 45 -69.49 92.03 -4.03
C ILE BB 45 -70.00 92.79 -5.25
N ALA BB 46 -71.14 93.48 -5.09
CA ALA BB 46 -71.80 94.06 -6.26
C ALA BB 46 -71.05 95.27 -6.81
N PRO BB 47 -70.91 96.38 -6.08
CA PRO BB 47 -70.37 97.59 -6.73
C PRO BB 47 -68.85 97.60 -6.82
N ARG BB 48 -68.17 96.79 -6.03
CA ARG BB 48 -66.72 96.72 -6.10
C ARG BB 48 -66.29 96.06 -7.41
N PRO BB 49 -65.10 96.37 -7.90
CA PRO BB 49 -64.65 95.79 -9.18
C PRO BB 49 -64.56 94.28 -9.10
N ALA BB 50 -64.88 93.62 -10.22
CA ALA BB 50 -64.88 92.17 -10.26
C ALA BB 50 -63.50 91.59 -10.04
N SER BB 51 -62.48 92.18 -10.67
CA SER BB 51 -61.12 91.66 -10.55
C SER BB 51 -60.62 91.76 -9.12
N GLY BB 52 -60.87 92.88 -8.46
CA GLY BB 52 -60.48 93.04 -7.09
C GLY BB 52 -59.66 94.29 -6.86
N PRO BB 53 -58.69 94.20 -5.95
CA PRO BB 53 -57.88 95.38 -5.62
C PRO BB 53 -57.02 95.81 -6.80
N ILE BB 54 -56.74 97.11 -6.83
CA ILE BB 54 -55.91 97.65 -7.89
C ILE BB 54 -54.46 97.24 -7.68
N ARG BB 55 -53.81 96.80 -8.72
CA ARG BB 55 -52.42 96.44 -8.65
C ARG BB 55 -51.55 97.59 -9.13
N PRO BB 56 -50.32 97.72 -8.64
CA PRO BB 56 -49.45 98.83 -9.03
C PRO BB 56 -48.70 98.57 -10.33
N ILE BB 57 -48.13 99.64 -10.87
CA ILE BB 57 -47.29 99.57 -12.06
C ILE BB 57 -45.90 99.09 -11.64
N VAL BB 58 -45.44 98.02 -12.25
CA VAL BB 58 -44.23 97.31 -11.80
C VAL BB 58 -43.38 96.93 -12.99
N ARG BB 59 -42.09 97.25 -12.91
CA ARG BB 59 -41.13 96.83 -13.92
C ARG BB 59 -40.62 95.43 -13.62
N CYS BB 60 -40.36 94.66 -14.67
CA CYS BB 60 -39.94 93.28 -14.51
C CYS BB 60 -38.49 93.21 -14.03
N PRO BB 61 -38.15 92.19 -13.24
CA PRO BB 61 -36.80 92.13 -12.65
C PRO BB 61 -35.67 91.93 -13.64
N THR BB 62 -35.73 90.85 -14.40
CA THR BB 62 -34.56 90.35 -15.09
C THR BB 62 -34.34 91.13 -16.38
N VAL BB 63 -33.08 91.14 -16.83
CA VAL BB 63 -32.69 91.86 -18.03
C VAL BB 63 -33.44 91.36 -19.28
N ARG BB 64 -33.97 90.15 -19.23
CA ARG BB 64 -34.75 89.67 -20.36
C ARG BB 64 -36.05 90.45 -20.51
N TYR BB 65 -36.63 90.90 -19.41
CA TYR BB 65 -37.97 91.48 -19.45
C TYR BB 65 -38.07 92.89 -18.88
N HIS BB 66 -36.95 93.54 -18.55
CA HIS BB 66 -37.06 94.84 -17.89
C HIS BB 66 -37.66 95.92 -18.81
N THR BB 67 -37.70 95.67 -20.11
CA THR BB 67 -38.34 96.61 -21.01
C THR BB 67 -39.86 96.54 -20.97
N LYS BB 68 -40.42 95.54 -20.30
CA LYS BB 68 -41.85 95.34 -20.22
C LYS BB 68 -42.32 95.58 -18.79
N VAL BB 69 -43.46 96.26 -18.65
CA VAL BB 69 -44.01 96.64 -17.36
C VAL BB 69 -45.29 95.85 -17.12
N ARG BB 70 -45.38 95.20 -15.97
CA ARG BB 70 -46.53 94.40 -15.59
C ARG BB 70 -47.16 94.97 -14.34
N ALA BB 71 -48.15 94.25 -13.80
CA ALA BB 71 -48.84 94.64 -12.59
C ALA BB 71 -48.33 93.81 -11.42
N GLY BB 72 -47.91 94.49 -10.36
CA GLY BB 72 -47.30 93.83 -9.22
C GLY BB 72 -48.32 93.39 -8.19
N ARG BB 73 -47.84 93.21 -6.96
CA ARG BB 73 -48.68 92.71 -5.89
C ARG BB 73 -49.47 93.82 -5.22
N GLY BB 74 -48.78 94.83 -4.70
CA GLY BB 74 -49.45 95.90 -3.99
C GLY BB 74 -48.62 97.16 -3.98
N PHE BB 75 -49.28 98.26 -3.65
CA PHE BB 75 -48.60 99.54 -3.59
C PHE BB 75 -47.75 99.62 -2.34
N SER BB 76 -46.55 100.19 -2.47
CA SER BB 76 -45.63 100.22 -1.34
C SER BB 76 -46.10 101.23 -0.30
N LEU BB 77 -45.62 101.04 0.93
CA LEU BB 77 -46.02 101.92 2.01
C LEU BB 77 -45.52 103.34 1.79
N GLU BB 78 -44.33 103.49 1.21
CA GLU BB 78 -43.85 104.83 0.92
C GLU BB 78 -44.69 105.49 -0.16
N GLU BB 79 -45.13 104.72 -1.16
CA GLU BB 79 -46.07 105.23 -2.15
C GLU BB 79 -47.35 105.72 -1.49
N LEU BB 80 -47.89 104.93 -0.57
CA LEU BB 80 -49.09 105.35 0.15
C LEU BB 80 -48.82 106.60 0.99
N ARG BB 81 -47.63 106.70 1.57
CA ARG BB 81 -47.30 107.87 2.38
C ARG BB 81 -47.30 109.14 1.53
N VAL BB 82 -46.62 109.10 0.38
CA VAL BB 82 -46.59 110.30 -0.45
C VAL BB 82 -47.92 110.54 -1.14
N ALA BB 83 -48.76 109.52 -1.27
CA ALA BB 83 -50.10 109.71 -1.78
C ALA BB 83 -51.11 110.07 -0.71
N GLY BB 84 -50.69 110.13 0.55
CA GLY BB 84 -51.57 110.54 1.62
C GLY BB 84 -52.69 109.56 1.90
N ILE BB 85 -52.38 108.26 1.86
CA ILE BB 85 -53.35 107.20 2.11
C ILE BB 85 -52.80 106.33 3.23
N HIS BB 86 -53.62 106.08 4.25
CA HIS BB 86 -53.18 105.24 5.35
C HIS BB 86 -53.12 103.78 4.93
N LYS BB 87 -52.10 103.08 5.42
CA LYS BB 87 -51.85 101.71 4.99
C LYS BB 87 -52.91 100.73 5.45
N LYS BB 88 -53.76 101.12 6.41
CA LYS BB 88 -54.89 100.28 6.80
C LYS BB 88 -56.18 100.69 6.12
N VAL BB 89 -56.33 101.98 5.80
CA VAL BB 89 -57.51 102.44 5.05
C VAL BB 89 -57.44 101.96 3.61
N ALA BB 90 -56.23 101.82 3.06
CA ALA BB 90 -56.09 101.43 1.64
C ALA BB 90 -56.68 100.06 1.38
N ARG BB 91 -56.42 99.09 2.25
CA ARG BB 91 -57.00 97.77 2.10
C ARG BB 91 -58.51 97.79 2.18
N THR BB 92 -59.08 98.67 3.00
CA THR BB 92 -60.52 98.76 3.15
C THR BB 92 -61.20 99.44 1.97
N ILE BB 93 -60.52 100.40 1.32
CA ILE BB 93 -61.10 101.03 0.14
C ILE BB 93 -60.79 100.24 -1.13
N GLY BB 94 -59.89 99.28 -1.06
CA GLY BB 94 -59.62 98.39 -2.16
C GLY BB 94 -58.28 98.57 -2.84
N ILE BB 95 -57.24 98.92 -2.10
CA ILE BB 95 -55.90 99.13 -2.65
C ILE BB 95 -54.99 98.09 -2.04
N SER BB 96 -54.38 97.27 -2.88
CA SER BB 96 -53.44 96.26 -2.43
C SER BB 96 -52.13 96.91 -1.98
N VAL BB 97 -51.57 96.37 -0.91
CA VAL BB 97 -50.32 96.90 -0.35
C VAL BB 97 -49.25 95.81 -0.40
N ASP BB 98 -48.00 96.25 -0.50
CA ASP BB 98 -46.84 95.35 -0.54
C ASP BB 98 -45.81 95.88 0.43
N PRO BB 99 -45.98 95.61 1.73
CA PRO BB 99 -45.10 96.23 2.74
C PRO BB 99 -43.64 95.85 2.60
N ARG BB 100 -43.34 94.70 2.00
CA ARG BB 100 -41.97 94.24 1.85
C ARG BB 100 -41.33 94.74 0.56
N ARG BB 101 -42.00 95.61 -0.17
CA ARG BB 101 -41.47 96.18 -1.40
C ARG BB 101 -41.05 97.62 -1.15
N ARG BB 102 -39.81 97.95 -1.50
CA ARG BB 102 -39.28 99.29 -1.36
C ARG BB 102 -39.05 99.90 -2.74
N ASN BB 103 -38.94 101.22 -2.77
CA ASN BB 103 -38.84 101.99 -4.01
C ASN BB 103 -37.40 102.41 -4.23
N LYS BB 104 -36.93 102.27 -5.47
CA LYS BB 104 -35.57 102.62 -5.83
C LYS BB 104 -35.47 103.88 -6.68
N SER BB 105 -36.46 104.13 -7.55
CA SER BB 105 -36.39 105.24 -8.48
C SER BB 105 -37.59 106.17 -8.32
N THR BB 106 -37.29 107.47 -8.28
CA THR BB 106 -38.35 108.46 -8.14
C THR BB 106 -39.27 108.46 -9.34
N GLU BB 107 -38.80 108.01 -10.51
CA GLU BB 107 -39.68 107.93 -11.67
C GLU BB 107 -40.77 106.89 -11.47
N SER BB 108 -40.40 105.69 -11.04
CA SER BB 108 -41.40 104.67 -10.74
C SER BB 108 -42.30 105.10 -9.59
N LEU BB 109 -41.71 105.76 -8.58
CA LEU BB 109 -42.51 106.29 -7.49
C LEU BB 109 -43.54 107.30 -7.99
N GLN BB 110 -43.13 108.20 -8.88
CA GLN BB 110 -44.04 109.20 -9.42
C GLN BB 110 -45.14 108.55 -10.24
N ALA BB 111 -44.79 107.56 -11.06
CA ALA BB 111 -45.82 106.87 -11.84
C ALA BB 111 -46.83 106.17 -10.93
N ASN BB 112 -46.34 105.52 -9.87
CA ASN BB 112 -47.24 104.83 -8.97
C ASN BB 112 -48.15 105.81 -8.24
N VAL BB 113 -47.63 106.97 -7.83
CA VAL BB 113 -48.50 107.91 -7.14
C VAL BB 113 -49.46 108.60 -8.10
N GLN BB 114 -49.08 108.76 -9.37
CA GLN BB 114 -50.07 109.20 -10.35
C GLN BB 114 -51.19 108.19 -10.48
N ARG BB 115 -50.84 106.90 -10.50
CA ARG BB 115 -51.85 105.85 -10.54
C ARG BB 115 -52.76 105.93 -9.32
N LEU BB 116 -52.17 106.12 -8.14
CA LEU BB 116 -52.96 106.20 -6.91
C LEU BB 116 -53.86 107.42 -6.91
N LYS BB 117 -53.36 108.56 -7.39
CA LYS BB 117 -54.18 109.76 -7.45
C LYS BB 117 -55.33 109.58 -8.42
N GLU BB 118 -55.07 108.96 -9.57
CA GLU BB 118 -56.14 108.70 -10.52
C GLU BB 118 -57.20 107.77 -9.92
N TYR BB 119 -56.75 106.73 -9.22
CA TYR BB 119 -57.70 105.81 -8.60
C TYR BB 119 -58.52 106.52 -7.52
N ARG BB 120 -57.88 107.38 -6.74
CA ARG BB 120 -58.61 108.13 -5.72
C ARG BB 120 -59.64 109.05 -6.37
N SER BB 121 -59.27 109.71 -7.47
CA SER BB 121 -60.20 110.58 -8.16
C SER BB 121 -61.37 109.79 -8.74
N LYS BB 122 -61.11 108.62 -9.30
CA LYS BB 122 -62.16 107.83 -9.92
C LYS BB 122 -62.92 106.96 -8.93
N LEU BB 123 -62.54 106.97 -7.66
CA LEU BB 123 -63.20 106.14 -6.66
C LEU BB 123 -64.52 106.78 -6.25
N ILE BB 124 -65.62 106.08 -6.48
CA ILE BB 124 -66.92 106.45 -5.93
C ILE BB 124 -67.12 105.67 -4.65
N LEU BB 125 -67.32 106.38 -3.54
CA LEU BB 125 -67.40 105.78 -2.22
C LEU BB 125 -68.82 105.86 -1.71
N PHE BB 126 -69.42 104.71 -1.42
CA PHE BB 126 -70.72 104.70 -0.78
C PHE BB 126 -70.57 105.15 0.68
N PRO BB 127 -71.58 105.82 1.22
CA PRO BB 127 -71.60 106.08 2.66
C PRO BB 127 -71.75 104.78 3.43
N ARG BB 128 -71.26 104.79 4.67
CA ARG BB 128 -71.38 103.61 5.52
C ARG BB 128 -72.84 103.28 5.80
N LYS BB 129 -73.65 104.30 6.07
CA LYS BB 129 -75.09 104.15 6.20
C LYS BB 129 -75.74 105.02 5.13
N PRO BB 130 -76.55 104.44 4.24
CA PRO BB 130 -77.12 105.25 3.15
C PRO BB 130 -78.00 106.38 3.62
N SER BB 131 -78.63 106.26 4.79
CA SER BB 131 -79.49 107.33 5.29
C SER BB 131 -78.68 108.56 5.67
N ALA BB 132 -77.49 108.36 6.25
CA ALA BB 132 -76.65 109.46 6.74
C ALA BB 132 -75.30 109.42 6.05
N PRO BB 133 -75.13 110.13 4.93
CA PRO BB 133 -73.82 110.23 4.29
C PRO BB 133 -72.99 111.32 4.95
N LYS BB 134 -71.82 110.95 5.48
CA LYS BB 134 -71.01 111.89 6.24
C LYS BB 134 -69.98 112.59 5.36
N LYS BB 135 -69.05 111.83 4.79
CA LYS BB 135 -67.96 112.42 4.01
C LYS BB 135 -67.60 111.61 2.78
N GLY BB 136 -68.36 110.57 2.45
CA GLY BB 136 -68.01 109.70 1.35
C GLY BB 136 -68.15 110.34 -0.02
N ASP BB 137 -69.38 110.58 -0.46
CA ASP BB 137 -69.64 111.08 -1.81
C ASP BB 137 -71.04 111.68 -1.85
N SER BB 138 -71.48 112.02 -3.05
CA SER BB 138 -72.81 112.57 -3.29
C SER BB 138 -73.63 111.58 -4.11
N SER BB 139 -74.88 111.38 -3.70
CA SER BB 139 -75.72 110.39 -4.36
C SER BB 139 -76.07 110.78 -5.79
N ALA BB 140 -75.97 112.06 -6.14
CA ALA BB 140 -76.31 112.48 -7.49
C ALA BB 140 -75.37 111.87 -8.52
N GLU BB 141 -74.10 111.69 -8.16
CA GLU BB 141 -73.12 111.12 -9.07
C GLU BB 141 -72.97 109.61 -8.90
N GLU BB 142 -73.80 108.99 -8.07
CA GLU BB 142 -73.71 107.55 -7.84
C GLU BB 142 -75.03 106.82 -8.02
N LEU BB 143 -76.13 107.54 -8.25
CA LEU BB 143 -77.41 106.88 -8.49
C LEU BB 143 -77.35 105.98 -9.71
N LYS BB 144 -76.74 106.46 -10.79
CA LYS BB 144 -76.62 105.68 -12.02
C LYS BB 144 -75.19 105.31 -12.37
N LEU BB 145 -74.20 106.02 -11.84
CA LEU BB 145 -72.81 105.71 -12.16
C LEU BB 145 -72.27 104.50 -11.40
N ALA BB 146 -73.01 104.01 -10.41
CA ALA BB 146 -72.55 102.87 -9.63
C ALA BB 146 -72.68 101.59 -10.43
N THR BB 147 -71.62 101.23 -11.16
CA THR BB 147 -71.60 100.05 -11.99
C THR BB 147 -70.32 99.28 -11.72
N GLN BB 148 -70.43 97.96 -11.60
CA GLN BB 148 -69.26 97.13 -11.36
C GLN BB 148 -68.36 97.15 -12.59
N LEU BB 149 -67.07 97.40 -12.39
CA LEU BB 149 -66.12 97.46 -13.47
C LEU BB 149 -65.55 96.08 -13.75
N THR BB 150 -66.02 95.45 -14.82
CA THR BB 150 -65.49 94.16 -15.22
C THR BB 150 -64.06 94.30 -15.70
N GLY BB 151 -63.28 93.24 -15.57
CA GLY BB 151 -61.91 93.24 -15.98
C GLY BB 151 -61.01 93.89 -14.95
N PRO BB 152 -59.71 93.92 -15.22
CA PRO BB 152 -58.78 94.53 -14.28
C PRO BB 152 -58.99 96.02 -14.14
N VAL BB 153 -58.70 96.53 -12.96
CA VAL BB 153 -58.89 97.95 -12.65
C VAL BB 153 -57.74 98.73 -13.27
N MET BB 154 -58.03 99.50 -14.32
CA MET BB 154 -57.05 100.32 -15.03
C MET BB 154 -55.86 99.47 -15.46
N PRO BB 155 -56.04 98.60 -16.45
CA PRO BB 155 -54.98 97.63 -16.79
C PRO BB 155 -53.69 98.32 -17.22
N VAL BB 156 -52.57 97.72 -16.82
CA VAL BB 156 -51.27 98.28 -17.12
C VAL BB 156 -50.95 98.06 -18.59
N ARG BB 157 -50.55 99.12 -19.28
CA ARG BB 157 -50.25 99.07 -20.70
C ARG BB 157 -48.82 99.49 -20.93
N ASN BB 158 -48.15 98.80 -21.84
CA ASN BB 158 -46.75 99.11 -22.17
C ASN BB 158 -46.72 100.30 -23.12
N VAL BB 159 -46.41 101.47 -22.59
CA VAL BB 159 -46.34 102.69 -23.39
C VAL BB 159 -44.96 102.81 -23.99
N TYR BB 160 -44.89 103.32 -25.22
CA TYR BB 160 -43.64 103.49 -25.93
C TYR BB 160 -43.54 104.93 -26.41
N LYS BB 161 -42.47 105.61 -26.02
CA LYS BB 161 -42.26 106.98 -26.45
C LYS BB 161 -41.92 107.03 -27.93
N LYS BB 162 -42.61 107.89 -28.67
CA LYS BB 162 -42.39 108.04 -30.10
C LYS BB 162 -41.50 109.24 -30.34
N GLU BB 163 -40.50 109.06 -31.21
CA GLU BB 163 -39.52 110.09 -31.51
C GLU BB 163 -39.74 110.57 -32.95
N LYS BB 164 -39.89 111.88 -33.11
CA LYS BB 164 -39.98 112.47 -34.43
C LYS BB 164 -38.64 112.33 -35.15
N ALA BB 165 -38.69 112.06 -36.45
CA ALA BB 165 -37.47 111.93 -37.25
C ALA BB 165 -36.68 113.22 -37.21
N ARG BB 166 -35.38 113.11 -36.97
CA ARG BB 166 -34.51 114.27 -36.82
C ARG BB 166 -33.33 114.17 -37.76
N VAL BB 167 -32.56 115.24 -37.82
CA VAL BB 167 -31.38 115.33 -38.67
C VAL BB 167 -30.17 114.80 -37.91
N ILE BB 168 -29.45 113.87 -38.53
CA ILE BB 168 -28.31 113.23 -37.87
C ILE BB 168 -27.18 114.25 -37.72
N THR BB 169 -26.63 114.34 -36.53
CA THR BB 169 -25.52 115.25 -36.29
C THR BB 169 -24.19 114.58 -36.62
N GLU BB 170 -23.19 115.42 -36.88
CA GLU BB 170 -21.87 114.89 -37.22
C GLU BB 170 -21.24 114.16 -36.06
N GLU BB 171 -21.51 114.59 -34.83
CA GLU BB 171 -21.03 113.84 -33.67
C GLU BB 171 -21.66 112.46 -33.63
N GLU BB 172 -22.95 112.37 -33.93
CA GLU BB 172 -23.62 111.08 -33.99
C GLU BB 172 -23.02 110.19 -35.07
N LYS BB 173 -22.69 110.77 -36.23
CA LYS BB 173 -22.07 109.98 -37.27
C LYS BB 173 -20.61 109.61 -36.98
N ASN BB 174 -19.93 110.39 -36.14
CA ASN BB 174 -18.55 110.10 -35.79
C ASN BB 174 -18.42 109.23 -34.55
N PHE BB 175 -19.50 108.99 -33.81
CA PHE BB 175 -19.46 108.13 -32.63
C PHE BB 175 -19.27 106.69 -33.09
N LYS BB 176 -18.14 106.09 -32.71
CA LYS BB 176 -17.85 104.71 -33.07
C LYS BB 176 -18.43 103.78 -32.01
N ALA BB 177 -19.60 103.23 -32.30
CA ALA BB 177 -20.34 102.44 -31.32
C ALA BB 177 -19.60 101.15 -30.98
N PHE BB 178 -19.11 100.43 -31.99
CA PHE BB 178 -18.46 99.16 -31.74
C PHE BB 178 -17.17 99.32 -30.95
N ALA BB 179 -16.36 100.32 -31.33
CA ALA BB 179 -15.15 100.60 -30.58
C ALA BB 179 -15.49 101.03 -29.16
N SER BB 180 -16.57 101.81 -29.01
CA SER BB 180 -16.99 102.23 -27.68
C SER BB 180 -17.36 101.04 -26.82
N LEU BB 181 -18.10 100.08 -27.38
CA LEU BB 181 -18.49 98.90 -26.63
C LEU BB 181 -17.29 98.05 -26.25
N ARG BB 182 -16.36 97.85 -27.19
CA ARG BB 182 -15.18 97.05 -26.90
C ARG BB 182 -14.34 97.70 -25.81
N MET BB 183 -14.16 99.01 -25.89
CA MET BB 183 -13.37 99.71 -24.89
C MET BB 183 -14.07 99.72 -23.54
N ALA BB 184 -15.40 99.79 -23.53
CA ALA BB 184 -16.13 99.71 -22.28
C ALA BB 184 -15.94 98.35 -21.63
N ARG BB 185 -16.01 97.28 -22.42
CA ARG BB 185 -15.75 95.95 -21.88
C ARG BB 185 -14.33 95.85 -21.34
N ALA BB 186 -13.36 96.39 -22.08
CA ALA BB 186 -11.97 96.31 -21.64
C ALA BB 186 -11.77 97.06 -20.32
N ASN BB 187 -12.32 98.26 -20.21
CA ASN BB 187 -12.18 99.03 -18.98
C ASN BB 187 -12.85 98.32 -17.81
N ALA BB 188 -14.04 97.77 -18.05
CA ALA BB 188 -14.74 97.06 -16.98
C ALA BB 188 -13.95 95.84 -16.52
N ARG BB 189 -13.29 95.16 -17.46
CA ARG BB 189 -12.54 93.96 -17.08
C ARG BB 189 -11.23 94.31 -16.40
N LEU BB 190 -10.58 95.39 -16.81
CA LEU BB 190 -9.24 95.71 -16.33
C LEU BB 190 -9.20 96.82 -15.29
N PHE BB 191 -10.35 97.25 -14.79
CA PHE BB 191 -10.37 98.36 -13.83
C PHE BB 191 -9.61 98.01 -12.56
N GLY BB 192 -9.90 96.85 -11.97
CA GLY BB 192 -9.27 96.49 -10.72
C GLY BB 192 -7.78 96.26 -10.86
N ILE BB 193 -7.38 95.52 -11.89
CA ILE BB 193 -5.96 95.21 -12.06
C ILE BB 193 -5.17 96.47 -12.40
N ARG BB 194 -5.76 97.40 -13.16
CA ARG BB 194 -5.08 98.67 -13.42
C ARG BB 194 -4.88 99.45 -12.13
N ALA BB 195 -5.90 99.44 -11.27
CA ALA BB 195 -5.78 100.13 -9.98
C ALA BB 195 -4.69 99.50 -9.13
N LYS BB 196 -4.61 98.17 -9.13
CA LYS BB 196 -3.58 97.51 -8.34
C LYS BB 196 -2.18 97.82 -8.89
N ARG BB 197 -2.02 97.83 -10.21
CA ARG BB 197 -0.72 98.18 -10.79
C ARG BB 197 -0.36 99.62 -10.48
N ALA BB 198 -1.35 100.53 -10.51
CA ALA BB 198 -1.08 101.92 -10.16
C ALA BB 198 -0.69 102.05 -8.71
N LYS BB 199 -1.33 101.28 -7.83
CA LYS BB 199 -0.96 101.28 -6.41
C LYS BB 199 0.47 100.80 -6.22
N GLU BB 200 0.84 99.73 -6.94
CA GLU BB 200 2.19 99.20 -6.82
C GLU BB 200 3.21 100.18 -7.39
N ALA BB 201 2.86 100.89 -8.46
CA ALA BB 201 3.72 101.95 -8.98
C ALA BB 201 3.88 103.07 -7.97
N ALA BB 202 2.81 103.43 -7.25
CA ALA BB 202 2.92 104.40 -6.18
C ALA BB 202 3.84 103.91 -5.07
N GLU BB 203 3.77 102.62 -4.74
CA GLU BB 203 4.70 102.06 -3.77
C GLU BB 203 6.15 102.16 -4.25
N GLN BB 204 6.40 101.86 -5.52
CA GLN BB 204 7.76 101.96 -6.07
C GLN BB 204 8.23 103.39 -6.23
N ASP BB 205 7.32 104.36 -6.30
CA ASP BB 205 7.68 105.76 -6.46
C ASP BB 205 8.02 106.45 -5.15
N VAL BB 206 7.90 105.77 -4.02
CA VAL BB 206 8.35 106.31 -2.74
C VAL BB 206 9.57 105.57 -2.20
N GLU BB 207 10.16 104.69 -3.02
CA GLU BB 207 11.39 104.00 -2.65
C GLU BB 207 12.47 104.12 -3.74
N LYS BB 208 12.28 105.01 -4.71
CA LYS BB 208 13.24 105.14 -5.80
C LYS BB 208 14.60 105.62 -5.31
N LYS BB 209 14.63 106.49 -4.31
CA LYS BB 209 15.86 106.97 -3.69
C LYS BB 209 15.85 106.55 -2.22
N LYS BB 210 16.27 105.32 -1.96
CA LYS BB 210 16.35 104.79 -0.61
C LYS BB 210 17.58 103.89 -0.46
N VAL CB 1 -29.20 -32.80 -99.14
CA VAL CB 1 -30.30 -32.06 -98.52
C VAL CB 1 -30.51 -30.73 -99.22
N PHE CB 2 -29.48 -29.90 -99.23
CA PHE CB 2 -29.58 -28.59 -99.86
C PHE CB 2 -29.60 -28.75 -101.38
N ARG CB 3 -30.72 -28.38 -102.00
CA ARG CB 3 -30.86 -28.46 -103.44
C ARG CB 3 -30.49 -27.18 -104.16
N ARG CB 4 -30.39 -26.06 -103.45
CA ARG CB 4 -30.09 -24.77 -104.06
C ARG CB 4 -28.92 -24.15 -103.33
N PHE CB 5 -27.93 -23.69 -104.08
CA PHE CB 5 -26.74 -23.06 -103.52
C PHE CB 5 -26.60 -21.65 -104.04
N VAL CB 6 -26.01 -20.78 -103.21
CA VAL CB 6 -25.61 -19.48 -103.69
C VAL CB 6 -24.34 -19.65 -104.53
N GLU CB 7 -24.42 -19.28 -105.80
CA GLU CB 7 -23.33 -19.54 -106.72
C GLU CB 7 -23.37 -18.51 -107.83
N VAL CB 8 -22.28 -18.43 -108.59
CA VAL CB 8 -22.20 -17.49 -109.70
C VAL CB 8 -23.20 -17.90 -110.77
N GLY CB 9 -24.04 -16.97 -111.19
CA GLY CB 9 -25.07 -17.26 -112.16
C GLY CB 9 -26.37 -17.76 -111.58
N ARG CB 10 -26.46 -17.92 -110.27
CA ARG CB 10 -27.71 -18.31 -109.65
C ARG CB 10 -28.73 -17.18 -109.76
N VAL CB 11 -29.94 -17.52 -110.20
CA VAL CB 11 -31.01 -16.55 -110.33
C VAL CB 11 -31.86 -16.59 -109.07
N ALA CB 12 -32.08 -15.42 -108.47
CA ALA CB 12 -32.86 -15.31 -107.25
C ALA CB 12 -34.01 -14.33 -107.45
N TYR CB 13 -35.01 -14.46 -106.59
CA TYR CB 13 -36.18 -13.60 -106.59
C TYR CB 13 -36.08 -12.64 -105.42
N VAL CB 14 -36.29 -11.35 -105.69
CA VAL CB 14 -36.22 -10.33 -104.64
C VAL CB 14 -37.49 -10.43 -103.81
N SER CB 15 -37.35 -10.80 -102.54
CA SER CB 15 -38.50 -10.86 -101.66
C SER CB 15 -38.98 -9.46 -101.30
N PHE CB 16 -38.13 -8.69 -100.62
CA PHE CB 16 -38.49 -7.34 -100.23
C PHE CB 16 -37.35 -6.38 -100.55
N GLY CB 17 -37.49 -5.12 -100.14
CA GLY CB 17 -36.50 -4.13 -100.43
C GLY CB 17 -36.94 -3.23 -101.56
N PRO CB 18 -36.02 -2.38 -102.03
CA PRO CB 18 -36.38 -1.43 -103.09
C PRO CB 18 -36.77 -2.08 -104.40
N HIS CB 19 -36.35 -3.32 -104.64
CA HIS CB 19 -36.57 -3.99 -105.92
C HIS CB 19 -37.40 -5.24 -105.76
N ALA CB 20 -38.34 -5.24 -104.82
CA ALA CB 20 -39.13 -6.42 -104.53
C ALA CB 20 -39.98 -6.82 -105.73
N GLY CB 21 -40.15 -8.13 -105.91
CA GLY CB 21 -40.95 -8.64 -107.00
C GLY CB 21 -40.23 -8.81 -108.31
N LYS CB 22 -38.90 -8.75 -108.33
CA LYS CB 22 -38.12 -8.88 -109.55
C LYS CB 22 -37.17 -10.05 -109.46
N LEU CB 23 -36.52 -10.34 -110.58
CA LEU CB 23 -35.56 -11.44 -110.68
C LEU CB 23 -34.19 -10.88 -110.96
N VAL CB 24 -33.18 -11.41 -110.26
CA VAL CB 24 -31.82 -10.95 -110.41
C VAL CB 24 -30.90 -12.16 -110.50
N ALA CB 25 -29.67 -11.91 -110.95
CA ALA CB 25 -28.67 -12.95 -111.13
C ALA CB 25 -27.42 -12.59 -110.33
N ILE CB 26 -26.98 -13.51 -109.49
CA ILE CB 26 -25.85 -13.26 -108.61
C ILE CB 26 -24.58 -13.19 -109.45
N VAL CB 27 -23.96 -12.01 -109.51
CA VAL CB 27 -22.71 -11.87 -110.24
C VAL CB 27 -21.53 -12.27 -109.36
N ASP CB 28 -21.51 -11.77 -108.13
CA ASP CB 28 -20.41 -12.06 -107.21
C ASP CB 28 -20.91 -11.99 -105.78
N VAL CB 29 -20.16 -12.60 -104.87
CA VAL CB 29 -20.54 -12.72 -103.48
C VAL CB 29 -19.46 -12.10 -102.61
N ILE CB 30 -19.87 -11.39 -101.56
CA ILE CB 30 -18.95 -10.74 -100.64
C ILE CB 30 -19.43 -10.91 -99.21
N ASP CB 31 -18.49 -11.27 -98.33
CA ASP CB 31 -18.61 -11.19 -96.86
C ASP CB 31 -19.87 -11.85 -96.31
N GLN CB 32 -20.31 -12.95 -96.95
CA GLN CB 32 -21.33 -13.84 -96.40
C GLN CB 32 -22.69 -13.18 -96.32
N ASN CB 33 -22.74 -11.90 -96.61
CA ASN CB 33 -23.97 -11.15 -96.40
C ASN CB 33 -24.40 -10.38 -97.63
N ARG CB 34 -23.47 -9.95 -98.47
CA ARG CB 34 -23.82 -9.12 -99.60
C ARG CB 34 -23.43 -9.80 -100.90
N ALA CB 35 -24.03 -9.33 -101.98
CA ALA CB 35 -23.69 -9.88 -103.29
C ALA CB 35 -23.80 -8.77 -104.32
N LEU CB 36 -22.79 -8.68 -105.17
CA LEU CB 36 -22.90 -7.89 -106.38
C LEU CB 36 -23.87 -8.62 -107.31
N VAL CB 37 -25.03 -8.04 -107.53
CA VAL CB 37 -26.10 -8.69 -108.25
C VAL CB 37 -26.61 -7.74 -109.33
N ASP CB 38 -27.11 -8.31 -110.42
CA ASP CB 38 -27.42 -7.51 -111.60
C ASP CB 38 -28.43 -8.27 -112.45
N GLY CB 39 -29.65 -7.75 -112.53
CA GLY CB 39 -30.62 -8.25 -113.48
C GLY CB 39 -30.84 -7.26 -114.61
N PRO CB 40 -30.22 -7.51 -115.76
CA PRO CB 40 -30.31 -6.55 -116.86
C PRO CB 40 -31.64 -6.61 -117.58
N CYS CB 41 -32.21 -7.81 -117.72
CA CYS CB 41 -33.49 -7.96 -118.38
C CYS CB 41 -34.66 -7.63 -117.49
N THR CB 42 -34.44 -7.43 -116.20
CA THR CB 42 -35.50 -7.14 -115.25
C THR CB 42 -35.42 -5.73 -114.69
N GLN CB 43 -34.68 -4.84 -115.37
CA GLN CB 43 -34.54 -3.44 -114.99
C GLN CB 43 -33.99 -3.30 -113.57
N VAL CB 44 -32.88 -3.96 -113.31
CA VAL CB 44 -32.14 -3.84 -112.04
C VAL CB 44 -30.67 -3.76 -112.40
N ARG CB 45 -30.08 -2.57 -112.29
CA ARG CB 45 -28.69 -2.43 -112.64
C ARG CB 45 -27.80 -3.08 -111.57
N ARG CB 46 -26.54 -3.25 -111.90
CA ARG CB 46 -25.60 -3.92 -111.03
C ARG CB 46 -25.40 -3.14 -109.75
N GLN CB 47 -25.53 -3.82 -108.61
CA GLN CB 47 -25.43 -3.15 -107.32
C GLN CB 47 -25.28 -4.19 -106.22
N ALA CB 48 -24.86 -3.72 -105.05
CA ALA CB 48 -24.75 -4.59 -103.90
C ALA CB 48 -26.12 -4.86 -103.30
N MET CB 49 -26.30 -6.06 -102.78
CA MET CB 49 -27.59 -6.41 -102.22
C MET CB 49 -27.44 -7.47 -101.14
N PRO CB 50 -28.10 -7.31 -99.99
CA PRO CB 50 -27.98 -8.31 -98.92
C PRO CB 50 -28.70 -9.60 -99.26
N PHE CB 51 -28.25 -10.67 -98.61
CA PHE CB 51 -28.84 -11.99 -98.88
C PHE CB 51 -30.18 -12.16 -98.21
N LYS CB 52 -30.44 -11.43 -97.12
CA LYS CB 52 -31.68 -11.62 -96.38
C LYS CB 52 -32.91 -11.25 -97.18
N CYS CB 53 -32.76 -10.45 -98.23
CA CYS CB 53 -33.86 -10.12 -99.12
C CYS CB 53 -33.82 -10.90 -100.43
N MET CB 54 -33.13 -12.03 -100.44
CA MET CB 54 -33.04 -12.87 -101.62
C MET CB 54 -33.62 -14.25 -101.34
N GLN CB 55 -34.40 -14.75 -102.28
CA GLN CB 55 -34.86 -16.14 -102.27
C GLN CB 55 -34.38 -16.81 -103.54
N LEU CB 56 -33.67 -17.93 -103.38
CA LEU CB 56 -33.05 -18.59 -104.52
C LEU CB 56 -34.10 -19.32 -105.34
N THR CB 57 -34.03 -19.14 -106.65
CA THR CB 57 -34.88 -19.87 -107.58
C THR CB 57 -34.14 -21.12 -108.04
N ASP CB 58 -34.67 -21.79 -109.07
CA ASP CB 58 -34.08 -23.01 -109.59
C ASP CB 58 -33.45 -22.80 -110.95
N PHE CB 59 -33.04 -21.57 -111.25
CA PHE CB 59 -32.38 -21.23 -112.51
C PHE CB 59 -30.96 -20.77 -112.24
N ILE CB 60 -30.01 -21.35 -112.95
CA ILE CB 60 -28.60 -20.99 -112.81
C ILE CB 60 -28.07 -20.62 -114.17
N LEU CB 61 -27.60 -19.39 -114.31
CA LEU CB 61 -26.93 -18.97 -115.52
C LEU CB 61 -25.47 -19.44 -115.48
N LYS CB 62 -24.86 -19.51 -116.66
CA LYS CB 62 -23.51 -20.03 -116.81
C LYS CB 62 -22.63 -18.95 -117.42
N PHE CB 63 -21.92 -18.22 -116.57
CA PHE CB 63 -20.92 -17.25 -117.03
C PHE CB 63 -19.91 -17.06 -115.92
N PRO CB 64 -18.68 -16.70 -116.24
CA PRO CB 64 -17.68 -16.46 -115.19
C PRO CB 64 -18.05 -15.28 -114.32
N HIS CB 65 -17.60 -15.32 -113.08
CA HIS CB 65 -17.88 -14.23 -112.15
C HIS CB 65 -17.16 -12.96 -112.59
N SER CB 66 -17.70 -11.83 -112.15
CA SER CB 66 -17.16 -10.50 -112.46
C SER CB 66 -17.11 -10.27 -113.97
N ALA CB 67 -18.20 -10.58 -114.64
CA ALA CB 67 -18.36 -10.31 -116.06
C ALA CB 67 -19.19 -9.05 -116.26
N HIS CB 68 -19.18 -8.54 -117.49
CA HIS CB 68 -19.89 -7.31 -117.78
C HIS CB 68 -21.39 -7.56 -117.95
N GLN CB 69 -22.14 -6.47 -117.84
CA GLN CB 69 -23.59 -6.55 -117.97
C GLN CB 69 -24.00 -7.03 -119.35
N LYS CB 70 -23.18 -6.75 -120.37
CA LYS CB 70 -23.44 -7.29 -121.70
C LYS CB 70 -23.47 -8.81 -121.68
N TYR CB 71 -22.43 -9.42 -121.08
CA TYR CB 71 -22.38 -10.87 -121.02
C TYR CB 71 -23.49 -11.43 -120.15
N VAL CB 72 -23.80 -10.75 -119.05
CA VAL CB 72 -24.92 -11.20 -118.20
C VAL CB 72 -26.22 -11.19 -118.98
N ARG CB 73 -26.46 -10.13 -119.75
CA ARG CB 73 -27.70 -10.03 -120.51
C ARG CB 73 -27.77 -11.06 -121.62
N GLN CB 74 -26.63 -11.35 -122.26
CA GLN CB 74 -26.61 -12.40 -123.27
C GLN CB 74 -26.92 -13.75 -122.66
N ALA CB 75 -26.33 -14.03 -121.49
CA ALA CB 75 -26.59 -15.30 -120.82
C ALA CB 75 -28.04 -15.40 -120.37
N TRP CB 76 -28.64 -14.27 -120.00
CA TRP CB 76 -30.06 -14.28 -119.66
C TRP CB 76 -30.91 -14.49 -120.89
N GLN CB 77 -30.56 -13.86 -122.00
CA GLN CB 77 -31.36 -13.92 -123.21
C GLN CB 77 -31.36 -15.32 -123.80
N LYS CB 78 -30.17 -15.89 -123.97
CA LYS CB 78 -30.08 -17.28 -124.39
C LYS CB 78 -30.59 -18.16 -123.25
N ALA CB 79 -31.51 -19.06 -123.58
CA ALA CB 79 -32.29 -19.80 -122.59
C ALA CB 79 -32.98 -18.82 -121.63
N ASP CB 80 -33.92 -18.08 -122.20
CA ASP CB 80 -34.53 -16.93 -121.52
C ASP CB 80 -35.16 -17.35 -120.21
N ILE CB 81 -34.84 -16.60 -119.16
CA ILE CB 81 -35.32 -16.95 -117.83
C ILE CB 81 -36.69 -16.32 -117.59
N ASN CB 82 -37.06 -15.32 -118.36
CA ASN CB 82 -38.35 -14.67 -118.15
C ASN CB 82 -39.51 -15.63 -118.41
N THR CB 83 -39.52 -16.26 -119.58
CA THR CB 83 -40.61 -17.17 -119.92
C THR CB 83 -40.55 -18.43 -119.07
N LYS CB 84 -39.35 -18.95 -118.83
CA LYS CB 84 -39.21 -20.13 -117.98
C LYS CB 84 -39.73 -19.84 -116.58
N TRP CB 85 -39.42 -18.66 -116.04
CA TRP CB 85 -39.91 -18.27 -114.73
C TRP CB 85 -41.42 -18.12 -114.73
N ALA CB 86 -41.97 -17.47 -115.75
CA ALA CB 86 -43.42 -17.35 -115.82
C ALA CB 86 -44.10 -18.69 -115.95
N ALA CB 87 -43.41 -19.70 -116.47
CA ALA CB 87 -43.95 -21.04 -116.57
C ALA CB 87 -43.94 -21.79 -115.23
N THR CB 88 -43.31 -21.25 -114.20
CA THR CB 88 -43.24 -21.94 -112.93
C THR CB 88 -44.52 -21.72 -112.12
N ARG CB 89 -44.74 -22.61 -111.15
CA ARG CB 89 -45.88 -22.45 -110.25
C ARG CB 89 -45.70 -21.26 -109.33
N TRP CB 90 -44.46 -20.88 -109.05
CA TRP CB 90 -44.18 -19.75 -108.18
C TRP CB 90 -44.69 -18.45 -108.78
N ALA CB 91 -44.34 -18.20 -110.05
CA ALA CB 91 -44.70 -16.93 -110.67
C ALA CB 91 -46.20 -16.78 -110.82
N LYS CB 92 -46.89 -17.87 -111.20
CA LYS CB 92 -48.34 -17.77 -111.33
C LYS CB 92 -49.00 -17.61 -109.97
N LYS CB 93 -48.41 -18.17 -108.91
CA LYS CB 93 -48.92 -17.90 -107.57
C LYS CB 93 -48.78 -16.42 -107.22
N ILE CB 94 -47.64 -15.82 -107.57
CA ILE CB 94 -47.46 -14.40 -107.34
C ILE CB 94 -48.49 -13.59 -108.12
N GLU CB 95 -48.70 -13.96 -109.39
CA GLU CB 95 -49.66 -13.27 -110.24
C GLU CB 95 -51.08 -13.38 -109.67
N ALA CB 96 -51.45 -14.58 -109.20
CA ALA CB 96 -52.77 -14.79 -108.65
C ALA CB 96 -52.96 -13.97 -107.38
N ARG CB 97 -51.94 -13.92 -106.52
CA ARG CB 97 -52.02 -13.09 -105.34
C ARG CB 97 -52.20 -11.62 -105.71
N GLU CB 98 -51.46 -11.15 -106.73
CA GLU CB 98 -51.57 -9.76 -107.13
C GLU CB 98 -52.96 -9.44 -107.67
N ARG CB 99 -53.51 -10.32 -108.50
CA ARG CB 99 -54.81 -10.02 -109.08
C ARG CB 99 -55.92 -10.16 -108.05
N LYS CB 100 -55.75 -11.04 -107.07
CA LYS CB 100 -56.70 -11.08 -105.96
C LYS CB 100 -56.63 -9.79 -105.14
N ALA CB 101 -55.42 -9.26 -104.95
CA ALA CB 101 -55.29 -8.01 -104.23
C ALA CB 101 -55.96 -6.87 -104.98
N LYS CB 102 -55.83 -6.84 -106.30
CA LYS CB 102 -56.41 -5.78 -107.10
C LYS CB 102 -57.83 -6.09 -107.55
N MET CB 103 -58.42 -7.19 -107.08
CA MET CB 103 -59.79 -7.52 -107.40
C MET CB 103 -60.75 -6.46 -106.86
N THR CB 104 -61.71 -6.07 -107.68
CA THR CB 104 -62.64 -5.01 -107.32
C THR CB 104 -63.87 -5.58 -106.61
N ASP CB 105 -64.81 -4.69 -106.29
CA ASP CB 105 -66.01 -5.10 -105.57
C ASP CB 105 -66.93 -5.95 -106.44
N PHE CB 106 -67.20 -5.51 -107.66
CA PHE CB 106 -68.04 -6.28 -108.56
C PHE CB 106 -67.40 -7.62 -108.87
N ASP CB 107 -66.07 -7.63 -109.05
CA ASP CB 107 -65.36 -8.87 -109.22
C ASP CB 107 -65.50 -9.77 -108.01
N ARG CB 108 -65.45 -9.18 -106.81
CA ARG CB 108 -65.65 -9.97 -105.59
C ARG CB 108 -67.05 -10.57 -105.54
N PHE CB 109 -68.06 -9.82 -105.98
CA PHE CB 109 -69.43 -10.33 -105.97
C PHE CB 109 -69.58 -11.49 -106.94
N LYS CB 110 -69.04 -11.34 -108.16
CA LYS CB 110 -69.09 -12.44 -109.12
C LYS CB 110 -68.31 -13.64 -108.63
N VAL CB 111 -67.18 -13.42 -107.99
CA VAL CB 111 -66.40 -14.51 -107.40
C VAL CB 111 -67.21 -15.21 -106.32
N MET CB 112 -67.92 -14.44 -105.50
CA MET CB 112 -68.75 -15.03 -104.46
C MET CB 112 -69.82 -15.92 -105.05
N LYS CB 113 -70.48 -15.45 -106.12
CA LYS CB 113 -71.50 -16.27 -106.76
C LYS CB 113 -70.90 -17.53 -107.37
N ALA CB 114 -69.76 -17.40 -108.04
CA ALA CB 114 -69.13 -18.55 -108.67
C ALA CB 114 -68.71 -19.58 -107.63
N LYS CB 115 -68.13 -19.12 -106.52
CA LYS CB 115 -67.74 -20.02 -105.44
C LYS CB 115 -68.95 -20.69 -104.81
N LYS CB 116 -70.03 -19.93 -104.62
CA LYS CB 116 -71.29 -20.51 -104.15
C LYS CB 116 -71.70 -21.71 -105.00
N MET CB 117 -71.83 -21.49 -106.31
CA MET CB 117 -72.30 -22.55 -107.19
C MET CB 117 -71.33 -23.72 -107.25
N ARG CB 118 -70.03 -23.43 -107.38
CA ARG CB 118 -69.03 -24.47 -107.48
C ARG CB 118 -68.98 -25.31 -106.21
N ASN CB 119 -69.02 -24.65 -105.05
CA ASN CB 119 -69.00 -25.38 -103.79
C ASN CB 119 -70.24 -26.25 -103.65
N ARG CB 120 -71.41 -25.74 -104.04
CA ARG CB 120 -72.62 -26.53 -103.92
C ARG CB 120 -72.55 -27.77 -104.79
N ILE CB 121 -72.11 -27.63 -106.04
CA ILE CB 121 -72.05 -28.79 -106.93
C ILE CB 121 -71.01 -29.79 -106.44
N ILE CB 122 -69.85 -29.29 -105.99
CA ILE CB 122 -68.79 -30.17 -105.51
C ILE CB 122 -69.25 -30.94 -104.28
N LYS CB 123 -69.91 -30.26 -103.35
CA LYS CB 123 -70.40 -30.93 -102.15
C LYS CB 123 -71.45 -31.99 -102.49
N ASN CB 124 -72.33 -31.68 -103.45
CA ASN CB 124 -73.31 -32.67 -103.88
C ASN CB 124 -72.62 -33.90 -104.45
N GLU CB 125 -71.60 -33.70 -105.28
CA GLU CB 125 -70.86 -34.83 -105.83
C GLU CB 125 -70.14 -35.61 -104.74
N VAL CB 126 -69.63 -34.92 -103.71
CA VAL CB 126 -68.96 -35.59 -102.61
C VAL CB 126 -69.93 -36.48 -101.85
N LYS CB 127 -71.14 -35.97 -101.60
CA LYS CB 127 -72.15 -36.78 -100.92
C LYS CB 127 -72.53 -37.99 -101.75
N LYS CB 128 -72.64 -37.80 -103.07
CA LYS CB 128 -72.92 -38.94 -103.95
C LYS CB 128 -71.81 -39.98 -103.88
N LEU CB 129 -70.56 -39.53 -103.87
CA LEU CB 129 -69.44 -40.46 -103.76
C LEU CB 129 -69.46 -41.20 -102.43
N GLN CB 130 -69.78 -40.49 -101.35
CA GLN CB 130 -69.86 -41.13 -100.03
C GLN CB 130 -70.92 -42.22 -100.02
N LYS CB 131 -72.12 -41.90 -100.53
CA LYS CB 131 -73.19 -42.88 -100.51
C LYS CB 131 -72.87 -44.05 -101.43
N ALA CB 132 -72.21 -43.81 -102.55
CA ALA CB 132 -71.81 -44.90 -103.43
C ALA CB 132 -70.78 -45.80 -102.78
N ALA CB 133 -69.78 -45.21 -102.11
CA ALA CB 133 -68.78 -46.00 -101.42
C ALA CB 133 -69.36 -46.74 -100.22
N LEU CB 134 -70.47 -46.27 -99.67
CA LEU CB 134 -71.10 -46.96 -98.56
C LEU CB 134 -71.69 -48.31 -98.93
N LEU CB 135 -71.82 -48.63 -100.21
CA LEU CB 135 -72.51 -49.84 -100.66
C LEU CB 135 -71.55 -51.03 -100.70
N LYS CB 136 -71.06 -51.43 -99.53
CA LYS CB 136 -70.18 -52.57 -99.37
C LYS CB 136 -70.87 -53.62 -98.51
N ALA CB 137 -70.74 -54.89 -98.90
CA ALA CB 137 -71.27 -56.01 -98.12
C ALA CB 137 -70.42 -57.25 -98.43
N SER CB 138 -69.49 -57.55 -97.54
CA SER CB 138 -68.55 -58.65 -97.72
C SER CB 138 -67.99 -59.06 -96.37
N PRO CB 139 -67.69 -60.36 -96.17
CA PRO CB 139 -67.08 -60.84 -94.93
C PRO CB 139 -65.72 -60.23 -94.65
N GLY DB 1 -37.01 93.52 33.09
CA GLY DB 1 -35.85 93.01 32.38
C GLY DB 1 -35.43 91.64 32.85
N ALA DB 2 -36.22 91.06 33.76
CA ALA DB 2 -35.84 89.82 34.41
C ALA DB 2 -35.68 88.70 33.39
N TYR DB 3 -36.62 88.58 32.46
CA TYR DB 3 -36.49 87.56 31.44
C TYR DB 3 -35.31 87.82 30.51
N LYS DB 4 -34.97 89.10 30.29
CA LYS DB 4 -33.76 89.41 29.53
C LYS DB 4 -32.52 88.89 30.25
N TYR DB 5 -32.46 89.09 31.57
CA TYR DB 5 -31.35 88.55 32.35
C TYR DB 5 -31.31 87.03 32.27
N ILE DB 6 -32.47 86.38 32.36
CA ILE DB 6 -32.50 84.93 32.27
C ILE DB 6 -32.03 84.46 30.90
N GLN DB 7 -32.40 85.18 29.84
CA GLN DB 7 -31.96 84.84 28.49
C GLN DB 7 -30.44 84.92 28.38
N GLU DB 8 -29.88 86.05 28.78
CA GLU DB 8 -28.43 86.20 28.71
C GLU DB 8 -27.70 85.22 29.61
N LEU DB 9 -28.33 84.86 30.74
CA LEU DB 9 -27.74 83.84 31.61
C LEU DB 9 -27.71 82.49 30.94
N TRP DB 10 -28.85 82.07 30.37
CA TRP DB 10 -28.95 80.76 29.75
C TRP DB 10 -28.15 80.66 28.46
N ARG DB 11 -27.77 81.77 27.86
CA ARG DB 11 -26.84 81.74 26.74
C ARG DB 11 -25.39 81.62 27.21
N LYS DB 12 -25.15 81.23 28.46
CA LYS DB 12 -23.81 81.02 28.99
C LYS DB 12 -23.70 79.62 29.58
N LYS DB 13 -24.10 78.61 28.82
CA LYS DB 13 -24.19 77.25 29.32
C LYS DB 13 -22.85 76.69 29.77
N GLN DB 14 -21.74 77.25 29.30
CA GLN DB 14 -20.43 76.77 29.71
C GLN DB 14 -19.84 77.61 30.85
N SER DB 15 -20.62 78.50 31.43
CA SER DB 15 -20.18 79.21 32.62
C SER DB 15 -20.22 78.29 33.83
N ASP DB 16 -19.63 78.75 34.93
CA ASP DB 16 -19.48 77.91 36.11
C ASP DB 16 -20.84 77.61 36.75
N VAL DB 17 -21.64 78.66 36.97
CA VAL DB 17 -22.93 78.48 37.63
C VAL DB 17 -23.87 77.67 36.75
N MET DB 18 -23.86 77.93 35.44
CA MET DB 18 -24.71 77.15 34.55
C MET DB 18 -24.26 75.71 34.49
N ARG DB 19 -22.95 75.46 34.49
CA ARG DB 19 -22.46 74.09 34.52
C ARG DB 19 -22.92 73.37 35.77
N PHE DB 20 -22.83 74.02 36.93
CA PHE DB 20 -23.28 73.39 38.16
C PHE DB 20 -24.78 73.10 38.12
N LEU DB 21 -25.57 74.08 37.68
CA LEU DB 21 -27.02 73.88 37.66
C LEU DB 21 -27.42 72.77 36.69
N LEU DB 22 -26.80 72.75 35.51
CA LEU DB 22 -27.10 71.70 34.54
C LEU DB 22 -26.69 70.34 35.07
N ARG DB 23 -25.55 70.24 35.74
CA ARG DB 23 -25.14 68.96 36.30
C ARG DB 23 -26.13 68.48 37.35
N VAL DB 24 -26.52 69.36 38.27
CA VAL DB 24 -27.44 68.96 39.34
C VAL DB 24 -28.79 68.54 38.77
N ARG DB 25 -29.31 69.34 37.84
CA ARG DB 25 -30.62 69.03 37.29
C ARG DB 25 -30.58 67.79 36.39
N CYS DB 26 -29.48 67.58 35.67
CA CYS DB 26 -29.35 66.35 34.89
C CYS DB 26 -29.34 65.13 35.79
N TRP DB 27 -28.63 65.21 36.91
CA TRP DB 27 -28.65 64.09 37.86
C TRP DB 27 -30.05 63.87 38.40
N GLN DB 28 -30.73 64.95 38.77
CA GLN DB 28 -32.07 64.83 39.34
C GLN DB 28 -33.03 64.19 38.35
N TYR DB 29 -32.98 64.63 37.09
CA TYR DB 29 -33.85 64.06 36.08
C TYR DB 29 -33.46 62.63 35.74
N ARG DB 30 -32.18 62.28 35.86
CA ARG DB 30 -31.80 60.88 35.73
C ARG DB 30 -32.42 60.02 36.81
N GLN DB 31 -32.50 60.53 38.04
CA GLN DB 31 -33.14 59.77 39.11
C GLN DB 31 -34.63 59.54 38.88
N LEU DB 32 -35.31 60.45 38.18
CA LEU DB 32 -36.74 60.30 37.98
C LEU DB 32 -37.03 59.33 36.83
N SER DB 33 -38.31 59.18 36.53
CA SER DB 33 -38.75 58.30 35.45
C SER DB 33 -38.46 58.92 34.10
N ALA DB 34 -38.59 58.09 33.05
CA ALA DB 34 -38.39 58.59 31.70
C ALA DB 34 -39.44 59.61 31.31
N LEU DB 35 -40.70 59.34 31.62
CA LEU DB 35 -41.80 60.25 31.35
C LEU DB 35 -42.36 60.74 32.68
N HIS DB 36 -42.39 62.05 32.87
CA HIS DB 36 -42.75 62.55 34.19
C HIS DB 36 -43.29 63.97 34.09
N ARG DB 37 -44.44 64.22 34.70
CA ARG DB 37 -45.01 65.56 34.65
C ARG DB 37 -44.24 66.51 35.54
N ALA DB 38 -43.72 67.57 34.96
CA ALA DB 38 -43.08 68.61 35.76
C ALA DB 38 -44.14 69.46 36.45
N PRO DB 39 -43.94 69.81 37.72
CA PRO DB 39 -44.94 70.63 38.41
C PRO DB 39 -44.98 72.05 37.89
N ARG DB 40 -43.87 72.56 37.37
CA ARG DB 40 -43.81 73.89 36.80
C ARG DB 40 -42.68 73.89 35.78
N PRO DB 41 -42.74 74.76 34.77
CA PRO DB 41 -41.66 74.80 33.78
C PRO DB 41 -40.34 75.22 34.41
N THR DB 42 -39.28 74.48 34.06
CA THR DB 42 -37.96 74.81 34.56
C THR DB 42 -37.43 76.11 33.96
N ARG DB 43 -37.73 76.36 32.68
CA ARG DB 43 -37.31 77.55 31.97
C ARG DB 43 -38.53 78.38 31.62
N PRO DB 44 -39.03 79.19 32.55
CA PRO DB 44 -40.23 79.97 32.26
C PRO DB 44 -40.05 80.95 31.11
N ASP DB 45 -38.86 81.54 30.97
CA ASP DB 45 -38.64 82.49 29.89
C ASP DB 45 -38.69 81.81 28.53
N LYS DB 46 -38.04 80.66 28.40
CA LYS DB 46 -38.10 79.92 27.14
C LYS DB 46 -39.50 79.37 26.89
N ALA DB 47 -40.21 79.00 27.96
CA ALA DB 47 -41.56 78.50 27.82
C ALA DB 47 -42.49 79.56 27.24
N ARG DB 48 -42.49 80.75 27.84
CA ARG DB 48 -43.34 81.81 27.33
C ARG DB 48 -42.82 82.38 26.01
N ARG DB 49 -41.53 82.20 25.72
CA ARG DB 49 -41.02 82.51 24.39
C ARG DB 49 -41.65 81.59 23.35
N LEU DB 50 -41.74 80.30 23.66
CA LEU DB 50 -42.41 79.36 22.77
C LEU DB 50 -43.92 79.53 22.74
N GLY DB 51 -44.50 80.15 23.77
CA GLY DB 51 -45.92 80.39 23.81
C GLY DB 51 -46.62 79.91 25.06
N TYR DB 52 -45.91 79.38 26.04
CA TYR DB 52 -46.52 78.97 27.29
C TYR DB 52 -47.05 80.19 28.04
N LYS DB 53 -48.17 79.98 28.73
CA LYS DB 53 -48.76 81.02 29.55
C LYS DB 53 -49.08 80.44 30.92
N ALA DB 54 -48.95 81.27 31.95
CA ALA DB 54 -49.13 80.80 33.33
C ALA DB 54 -50.61 80.85 33.72
N LYS DB 55 -51.40 80.08 32.99
CA LYS DB 55 -52.81 79.93 33.27
C LYS DB 55 -53.14 78.44 33.30
N GLN DB 56 -54.33 78.12 33.78
CA GLN DB 56 -54.79 76.74 33.75
C GLN DB 56 -54.97 76.28 32.30
N GLY DB 57 -54.76 74.99 32.07
CA GLY DB 57 -54.77 74.44 30.75
C GLY DB 57 -53.40 74.29 30.12
N TYR DB 58 -52.36 74.77 30.78
CA TYR DB 58 -50.98 74.58 30.33
C TYR DB 58 -50.29 73.66 31.33
N VAL DB 59 -49.75 72.55 30.84
CA VAL DB 59 -48.98 71.64 31.68
C VAL DB 59 -47.65 71.33 30.99
N ILE DB 60 -46.68 70.90 31.78
CA ILE DB 60 -45.33 70.64 31.30
C ILE DB 60 -45.00 69.19 31.61
N TYR DB 61 -44.54 68.46 30.61
CA TYR DB 61 -44.12 67.08 30.76
C TYR DB 61 -42.66 66.95 30.38
N ARG DB 62 -41.86 66.41 31.29
CA ARG DB 62 -40.45 66.13 31.03
C ARG DB 62 -40.32 64.75 30.43
N ILE DB 63 -39.63 64.67 29.29
CA ILE DB 63 -39.43 63.43 28.56
C ILE DB 63 -37.93 63.19 28.43
N ARG DB 64 -37.51 61.98 28.75
CA ARG DB 64 -36.11 61.58 28.69
C ARG DB 64 -35.92 60.61 27.53
N VAL DB 65 -34.98 60.93 26.64
CA VAL DB 65 -34.71 60.09 25.48
C VAL DB 65 -33.24 59.68 25.51
N ARG DB 66 -32.94 58.64 24.76
CA ARG DB 66 -31.57 58.15 24.67
C ARG DB 66 -30.87 58.80 23.48
N ARG DB 67 -29.54 58.79 23.53
CA ARG DB 67 -28.72 59.44 22.53
C ARG DB 67 -28.19 58.42 21.53
N GLY DB 68 -27.46 58.91 20.54
CA GLY DB 68 -26.90 58.07 19.51
C GLY DB 68 -27.81 57.90 18.32
N GLY DB 69 -27.26 57.31 17.27
CA GLY DB 69 -27.99 57.11 16.03
C GLY DB 69 -28.94 55.93 16.11
N ARG DB 70 -29.59 55.66 14.98
CA ARG DB 70 -30.57 54.60 14.87
C ARG DB 70 -29.89 53.34 14.33
N LYS DB 71 -29.62 52.40 15.21
CA LYS DB 71 -29.12 51.10 14.78
C LYS DB 71 -30.23 50.37 14.03
N ARG DB 72 -29.90 49.81 12.88
CA ARG DB 72 -30.90 49.21 12.02
C ARG DB 72 -31.47 47.95 12.66
N PRO DB 73 -32.77 47.85 12.86
CA PRO DB 73 -33.36 46.68 13.54
C PRO DB 73 -33.46 45.45 12.65
N VAL DB 74 -32.35 44.74 12.53
CA VAL DB 74 -32.28 43.54 11.71
C VAL DB 74 -31.63 42.42 12.53
N PRO DB 75 -31.99 41.15 12.29
CA PRO DB 75 -31.38 40.07 13.04
C PRO DB 75 -29.92 39.89 12.65
N LYS DB 76 -29.05 39.85 13.65
CA LYS DB 76 -27.62 39.58 13.50
C LYS DB 76 -26.93 40.56 12.56
N GLY DB 77 -27.53 41.72 12.32
CA GLY DB 77 -26.94 42.71 11.44
C GLY DB 77 -26.93 42.33 9.98
N ALA DB 78 -27.60 41.24 9.61
CA ALA DB 78 -27.58 40.75 8.23
C ALA DB 78 -28.74 41.40 7.48
N THR DB 79 -28.43 42.41 6.68
CA THR DB 79 -29.41 43.06 5.83
C THR DB 79 -29.29 42.46 4.44
N TYR DB 80 -30.31 41.71 4.03
CA TYR DB 80 -30.27 41.01 2.77
C TYR DB 80 -30.55 42.00 1.65
N GLY DB 81 -29.54 42.27 0.84
CA GLY DB 81 -29.67 43.22 -0.25
C GLY DB 81 -28.31 43.57 -0.81
N LYS DB 82 -28.31 44.63 -1.63
CA LYS DB 82 -27.08 45.08 -2.25
C LYS DB 82 -26.13 45.64 -1.19
N PRO DB 83 -24.83 45.68 -1.49
CA PRO DB 83 -23.86 46.17 -0.50
C PRO DB 83 -24.10 47.61 -0.06
N VAL DB 84 -24.79 48.42 -0.86
CA VAL DB 84 -25.06 49.80 -0.47
C VAL DB 84 -25.97 49.85 0.75
N HIS DB 85 -26.79 48.83 0.96
CA HIS DB 85 -27.71 48.78 2.09
C HIS DB 85 -27.21 47.90 3.22
N HIS DB 86 -25.94 47.50 3.19
CA HIS DB 86 -25.41 46.63 4.22
C HIS DB 86 -25.15 47.34 5.54
N GLY DB 87 -25.27 48.66 5.57
CA GLY DB 87 -24.92 49.41 6.76
C GLY DB 87 -25.87 49.11 7.91
N VAL DB 88 -25.29 49.03 9.12
CA VAL DB 88 -26.04 48.83 10.35
C VAL DB 88 -25.73 49.91 11.37
N ASN DB 89 -24.44 50.09 11.69
CA ASN DB 89 -24.03 51.20 12.54
C ASN DB 89 -23.94 52.49 11.72
N GLN DB 90 -23.65 53.58 12.42
CA GLN DB 90 -23.46 54.90 11.84
C GLN DB 90 -24.68 55.42 11.11
N LEU DB 91 -25.84 54.80 11.28
CA LEU DB 91 -27.07 55.26 10.66
C LEU DB 91 -27.75 56.26 11.57
N LYS DB 92 -28.33 57.29 10.98
CA LYS DB 92 -28.89 58.41 11.71
C LYS DB 92 -30.38 58.55 11.42
N PHE DB 93 -31.15 58.81 12.46
CA PHE DB 93 -32.59 58.98 12.31
C PHE DB 93 -32.90 60.30 11.62
N ALA DB 94 -33.96 60.30 10.81
CA ALA DB 94 -34.32 61.49 10.06
C ALA DB 94 -34.85 62.59 10.96
N ARG DB 95 -35.53 62.24 12.05
CA ARG DB 95 -36.12 63.21 12.95
C ARG DB 95 -35.26 63.35 14.21
N SER DB 96 -35.33 64.53 14.81
CA SER DB 96 -34.48 64.86 15.94
C SER DB 96 -34.95 64.15 17.20
N LEU DB 97 -34.03 64.07 18.18
CA LEU DB 97 -34.41 63.55 19.49
C LEU DB 97 -35.48 64.41 20.13
N GLN DB 98 -35.49 65.71 19.84
CA GLN DB 98 -36.56 66.56 20.33
C GLN DB 98 -37.90 66.14 19.75
N SER DB 99 -37.92 65.82 18.45
CA SER DB 99 -39.15 65.32 17.83
C SER DB 99 -39.56 64.00 18.45
N VAL DB 100 -38.60 63.13 18.77
CA VAL DB 100 -38.92 61.87 19.41
C VAL DB 100 -39.54 62.09 20.77
N ALA DB 101 -38.98 63.01 21.56
CA ALA DB 101 -39.53 63.30 22.88
C ALA DB 101 -40.95 63.85 22.78
N GLU DB 102 -41.16 64.77 21.84
CA GLU DB 102 -42.49 65.31 21.65
C GLU DB 102 -43.48 64.23 21.22
N GLU DB 103 -43.05 63.34 20.34
CA GLU DB 103 -43.92 62.25 19.90
C GLU DB 103 -44.29 61.33 21.05
N ARG DB 104 -43.33 60.98 21.90
CA ARG DB 104 -43.65 60.12 23.04
C ARG DB 104 -44.58 60.81 24.02
N ALA DB 105 -44.34 62.10 24.29
CA ALA DB 105 -45.22 62.82 25.20
C ALA DB 105 -46.65 62.87 24.65
N GLY DB 106 -46.80 63.15 23.36
CA GLY DB 106 -48.13 63.19 22.78
C GLY DB 106 -48.81 61.83 22.76
N ARG DB 107 -48.03 60.78 22.45
CA ARG DB 107 -48.60 59.44 22.41
C ARG DB 107 -49.09 59.01 23.79
N HIS DB 108 -48.36 59.39 24.84
CA HIS DB 108 -48.81 59.04 26.18
C HIS DB 108 -50.02 59.88 26.57
N CYS DB 109 -49.93 61.21 26.46
CA CYS DB 109 -51.05 62.09 26.80
C CYS DB 109 -51.73 62.52 25.51
N GLY DB 110 -52.31 61.54 24.81
CA GLY DB 110 -53.02 61.77 23.57
C GLY DB 110 -54.24 62.65 23.66
N ALA DB 111 -54.74 62.90 24.87
CA ALA DB 111 -55.90 63.78 25.02
C ALA DB 111 -55.54 65.26 24.97
N LEU DB 112 -54.25 65.59 25.04
CA LEU DB 112 -53.81 66.98 25.02
C LEU DB 112 -53.27 67.34 23.64
N ARG DB 113 -52.71 68.54 23.53
CA ARG DB 113 -52.09 69.00 22.30
C ARG DB 113 -50.69 69.50 22.60
N VAL DB 114 -49.70 69.02 21.86
CA VAL DB 114 -48.33 69.44 22.05
C VAL DB 114 -48.15 70.81 21.40
N LEU DB 115 -47.65 71.78 22.17
CA LEU DB 115 -47.41 73.12 21.63
C LEU DB 115 -45.98 73.27 21.15
N ASN DB 116 -45.01 73.09 22.05
CA ASN DB 116 -43.60 73.15 21.70
C ASN DB 116 -42.82 72.37 22.76
N SER DB 117 -41.50 72.48 22.71
CA SER DB 117 -40.66 71.84 23.70
C SER DB 117 -39.30 72.51 23.70
N TYR DB 118 -38.53 72.26 24.76
CA TYR DB 118 -37.23 72.89 24.88
C TYR DB 118 -36.29 72.01 25.69
N TRP DB 119 -35.02 72.06 25.30
CA TRP DB 119 -33.95 71.33 25.98
C TRP DB 119 -33.78 71.84 27.41
N VAL DB 120 -33.62 70.92 28.35
CA VAL DB 120 -33.50 71.30 29.76
C VAL DB 120 -32.30 70.62 30.42
N GLY DB 121 -31.52 69.89 29.63
CA GLY DB 121 -30.39 69.17 30.18
C GLY DB 121 -30.06 67.93 29.37
N GLU DB 122 -28.78 67.60 29.29
CA GLU DB 122 -28.35 66.44 28.52
C GLU DB 122 -27.25 65.71 29.26
N ASP DB 123 -27.14 64.42 28.98
CA ASP DB 123 -26.14 63.54 29.57
C ASP DB 123 -25.38 62.85 28.45
N SER DB 124 -24.54 61.89 28.81
CA SER DB 124 -23.89 61.08 27.78
C SER DB 124 -24.86 60.10 27.14
N THR DB 125 -25.67 59.44 27.97
CA THR DB 125 -26.61 58.43 27.48
C THR DB 125 -28.06 58.89 27.55
N TYR DB 126 -28.30 60.15 27.91
CA TYR DB 126 -29.65 60.68 28.00
C TYR DB 126 -29.65 62.12 27.50
N LYS DB 127 -30.85 62.60 27.15
CA LYS DB 127 -31.06 63.99 26.78
C LYS DB 127 -32.48 64.36 27.16
N PHE DB 128 -32.62 65.47 27.89
CA PHE DB 128 -33.88 65.80 28.54
C PHE DB 128 -34.53 67.02 27.91
N PHE DB 129 -35.81 66.86 27.58
CA PHE DB 129 -36.63 67.94 27.05
C PHE DB 129 -37.88 68.11 27.90
N GLU DB 130 -38.38 69.34 27.94
CA GLU DB 130 -39.64 69.66 28.59
C GLU DB 130 -40.60 70.11 27.51
N VAL DB 131 -41.78 69.50 27.48
CA VAL DB 131 -42.75 69.71 26.42
C VAL DB 131 -43.96 70.43 26.98
N ILE DB 132 -44.37 71.49 26.30
CA ILE DB 132 -45.55 72.27 26.69
C ILE DB 132 -46.79 71.60 26.11
N LEU DB 133 -47.77 71.35 26.96
CA LEU DB 133 -49.01 70.73 26.55
C LEU DB 133 -50.17 71.66 26.84
N ILE DB 134 -51.21 71.55 26.01
CA ILE DB 134 -52.42 72.35 26.17
C ILE DB 134 -53.61 71.42 26.24
N ASP DB 135 -54.45 71.60 27.24
CA ASP DB 135 -55.70 70.87 27.32
C ASP DB 135 -56.70 71.55 26.38
N PRO DB 136 -57.15 70.87 25.33
CA PRO DB 136 -58.05 71.49 24.36
C PRO DB 136 -59.50 71.55 24.79
N PHE DB 137 -59.82 71.24 26.04
CA PHE DB 137 -61.19 71.27 26.51
C PHE DB 137 -61.39 72.05 27.80
N HIS DB 138 -60.32 72.51 28.44
CA HIS DB 138 -60.49 73.38 29.60
C HIS DB 138 -61.07 74.71 29.16
N LYS DB 139 -62.02 75.21 29.94
CA LYS DB 139 -62.79 76.38 29.51
C LYS DB 139 -61.92 77.63 29.42
N ALA DB 140 -60.86 77.72 30.22
CA ALA DB 140 -59.98 78.88 30.16
C ALA DB 140 -59.31 78.99 28.79
N ILE DB 141 -58.81 77.88 28.27
CA ILE DB 141 -58.26 77.88 26.91
C ILE DB 141 -59.37 78.04 25.89
N ARG DB 142 -60.52 77.41 26.16
CA ARG DB 142 -61.58 77.35 25.17
C ARG DB 142 -62.20 78.72 24.89
N ARG DB 143 -62.36 79.53 25.94
CA ARG DB 143 -63.07 80.80 25.83
C ARG DB 143 -62.17 81.94 25.39
N ASN DB 144 -60.89 81.69 25.19
CA ASN DB 144 -59.95 82.75 24.86
C ASN DB 144 -59.52 82.64 23.41
N PRO DB 145 -59.67 83.71 22.62
CA PRO DB 145 -59.12 83.68 21.26
C PRO DB 145 -57.60 83.71 21.29
N ASP DB 146 -56.98 83.59 20.12
CA ASP DB 146 -55.55 83.41 19.92
C ASP DB 146 -55.07 82.07 20.47
N THR DB 147 -55.95 81.30 21.10
CA THR DB 147 -55.67 79.94 21.53
C THR DB 147 -56.77 78.96 21.12
N GLN DB 148 -57.89 79.44 20.58
CA GLN DB 148 -58.93 78.54 20.11
C GLN DB 148 -58.48 77.70 18.93
N TRP DB 149 -57.45 78.14 18.21
CA TRP DB 149 -57.01 77.42 17.03
C TRP DB 149 -56.49 76.03 17.37
N ILE DB 150 -55.91 75.86 18.56
CA ILE DB 150 -55.42 74.55 18.96
C ILE DB 150 -56.56 73.57 19.18
N THR DB 151 -57.77 74.06 19.41
CA THR DB 151 -58.90 73.20 19.69
C THR DB 151 -59.56 72.65 18.43
N LYS DB 152 -59.15 73.11 17.25
CA LYS DB 152 -59.71 72.58 16.03
C LYS DB 152 -59.29 71.13 15.83
N PRO DB 153 -60.16 70.29 15.25
CA PRO DB 153 -59.82 68.88 15.09
C PRO DB 153 -58.64 68.64 14.17
N VAL DB 154 -58.30 69.58 13.30
CA VAL DB 154 -57.15 69.41 12.43
C VAL DB 154 -55.85 69.47 13.23
N HIS DB 155 -55.87 70.11 14.40
CA HIS DB 155 -54.66 70.39 15.14
C HIS DB 155 -54.40 69.39 16.26
N LYS DB 156 -54.87 68.16 16.13
CA LYS DB 156 -54.59 67.14 17.12
C LYS DB 156 -53.40 66.29 16.68
N HIS DB 157 -52.60 65.87 17.66
CA HIS DB 157 -51.39 65.08 17.43
C HIS DB 157 -50.46 65.78 16.44
N ARG DB 158 -50.26 67.08 16.66
CA ARG DB 158 -49.40 67.86 15.78
C ARG DB 158 -47.96 67.35 15.80
N GLU DB 159 -47.54 66.76 16.92
CA GLU DB 159 -46.20 66.25 17.07
C GLU DB 159 -45.92 65.05 16.17
N MET DB 160 -46.96 64.37 15.69
CA MET DB 160 -46.77 63.17 14.87
C MET DB 160 -46.84 63.46 13.38
N ARG DB 161 -47.18 64.68 12.98
CA ARG DB 161 -47.24 65.04 11.56
C ARG DB 161 -46.21 66.09 11.21
N GLY DB 162 -45.24 66.36 12.07
CA GLY DB 162 -44.24 67.37 11.81
C GLY DB 162 -44.77 68.79 11.78
N LEU DB 163 -45.73 69.11 12.67
CA LEU DB 163 -46.24 70.47 12.75
C LEU DB 163 -45.67 71.27 13.90
N THR DB 164 -45.00 70.63 14.84
CA THR DB 164 -44.32 71.37 15.89
C THR DB 164 -43.03 71.97 15.36
N SER DB 165 -42.43 72.85 16.16
CA SER DB 165 -41.21 73.53 15.72
C SER DB 165 -40.08 72.54 15.49
N ALA DB 166 -39.91 71.57 16.39
CA ALA DB 166 -38.83 70.62 16.24
C ALA DB 166 -39.08 69.68 15.07
N GLY DB 167 -40.31 69.17 14.96
CA GLY DB 167 -40.61 68.24 13.89
C GLY DB 167 -40.55 68.88 12.51
N ARG DB 168 -40.94 70.15 12.41
CA ARG DB 168 -40.96 70.82 11.12
C ARG DB 168 -39.56 71.02 10.56
N LYS DB 169 -38.54 71.06 11.43
CA LYS DB 169 -37.18 71.27 10.95
C LYS DB 169 -36.71 70.10 10.10
N SER DB 170 -37.06 68.88 10.48
CA SER DB 170 -36.62 67.70 9.74
C SER DB 170 -37.26 67.62 8.36
N ARG DB 171 -38.40 68.27 8.16
CA ARG DB 171 -39.07 68.18 6.87
C ARG DB 171 -38.34 68.95 5.79
N GLY DB 172 -37.43 69.84 6.16
CA GLY DB 172 -36.69 70.61 5.19
C GLY DB 172 -37.45 71.77 4.58
N LEU DB 173 -38.56 72.18 5.21
CA LEU DB 173 -39.34 73.29 4.67
C LEU DB 173 -38.56 74.59 4.75
N GLY DB 174 -38.72 75.42 3.74
CA GLY DB 174 -38.05 76.71 3.71
C GLY DB 174 -38.25 77.39 2.39
N LYS DB 175 -37.92 78.68 2.38
CA LYS DB 175 -38.01 79.51 1.19
C LYS DB 175 -36.62 79.74 0.63
N GLY DB 176 -36.44 79.41 -0.65
CA GLY DB 176 -35.24 79.78 -1.36
C GLY DB 176 -34.62 78.61 -2.10
N HIS DB 177 -33.45 78.88 -2.67
CA HIS DB 177 -32.75 77.89 -3.47
C HIS DB 177 -32.29 76.70 -2.66
N LYS DB 178 -32.09 76.86 -1.36
CA LYS DB 178 -31.63 75.76 -0.53
C LYS DB 178 -32.75 74.79 -0.16
N PHE DB 179 -34.00 75.12 -0.46
CA PHE DB 179 -35.14 74.33 0.00
C PHE DB 179 -36.05 74.00 -1.17
N HIS DB 180 -35.45 73.52 -2.25
CA HIS DB 180 -36.23 73.15 -3.43
C HIS DB 180 -36.95 71.81 -3.26
N HIS DB 181 -36.53 70.99 -2.30
CA HIS DB 181 -37.16 69.68 -2.14
C HIS DB 181 -38.57 69.77 -1.61
N THR DB 182 -38.96 70.90 -1.00
CA THR DB 182 -40.25 71.02 -0.37
C THR DB 182 -41.17 72.00 -1.09
N ILE DB 183 -40.85 72.34 -2.34
CA ILE DB 183 -41.68 73.26 -3.09
C ILE DB 183 -42.97 72.54 -3.47
N GLY DB 184 -44.06 72.90 -2.79
CA GLY DB 184 -45.33 72.25 -3.04
C GLY DB 184 -45.97 71.77 -1.76
N GLY DB 185 -45.21 71.79 -0.66
CA GLY DB 185 -45.75 71.41 0.63
C GLY DB 185 -44.89 70.43 1.40
N SER DB 186 -44.29 69.48 0.71
CA SER DB 186 -43.47 68.47 1.36
C SER DB 186 -42.64 67.76 0.29
N ARG DB 187 -41.76 66.87 0.75
CA ARG DB 187 -41.00 66.04 -0.18
C ARG DB 187 -41.94 65.22 -1.05
N ARG DB 188 -42.96 64.63 -0.44
CA ARG DB 188 -43.92 63.82 -1.20
C ARG DB 188 -44.66 64.66 -2.23
N ALA DB 189 -45.08 65.87 -1.85
CA ALA DB 189 -45.83 66.71 -2.78
C ALA DB 189 -44.95 67.13 -3.94
N ALA DB 190 -43.72 67.56 -3.65
CA ALA DB 190 -42.82 67.96 -4.72
C ALA DB 190 -42.50 66.78 -5.64
N TRP DB 191 -42.27 65.60 -5.07
CA TRP DB 191 -41.98 64.43 -5.88
C TRP DB 191 -43.15 64.04 -6.75
N ARG DB 192 -44.37 64.13 -6.20
CA ARG DB 192 -45.55 63.82 -6.99
C ARG DB 192 -45.71 64.80 -8.14
N ARG DB 193 -45.54 66.09 -7.87
CA ARG DB 193 -45.70 67.08 -8.93
C ARG DB 193 -44.64 66.92 -10.00
N ARG DB 194 -43.44 66.53 -9.62
CA ARG DB 194 -42.36 66.39 -10.58
C ARG DB 194 -42.32 65.03 -11.26
N ASN DB 195 -43.06 64.04 -10.78
CA ASN DB 195 -43.04 62.73 -11.39
C ASN DB 195 -44.43 62.31 -11.87
N THR DB 196 -45.37 63.24 -11.87
CA THR DB 196 -46.71 62.98 -12.40
C THR DB 196 -46.74 63.36 -13.88
N LEU DB 197 -47.06 62.39 -14.72
CA LEU DB 197 -47.14 62.62 -16.16
C LEU DB 197 -48.43 63.38 -16.45
N GLN DB 198 -48.33 64.69 -16.65
CA GLN DB 198 -49.49 65.48 -16.98
C GLN DB 198 -49.90 65.24 -18.43
N LEU DB 199 -50.83 64.32 -18.64
CA LEU DB 199 -51.32 64.00 -19.98
C LEU DB 199 -52.57 64.83 -20.22
N HIS DB 200 -52.47 65.83 -21.08
CA HIS DB 200 -53.55 66.78 -21.28
C HIS DB 200 -54.69 66.14 -22.07
N ARG DB 201 -55.70 66.95 -22.37
CA ARG DB 201 -56.77 66.47 -23.23
C ARG DB 201 -56.42 66.65 -24.71
N TYR DB 202 -55.61 67.66 -25.03
CA TYR DB 202 -55.07 67.84 -26.36
C TYR DB 202 -53.55 67.73 -26.30
N ARG DB 203 -52.97 66.89 -27.16
CA ARG DB 203 -51.53 66.75 -27.23
C ARG DB 203 -51.04 66.90 -28.67
N GLU EB 1 -60.43 -9.87 -81.25
CA GLU EB 1 -61.52 -10.48 -82.01
C GLU EB 1 -62.49 -11.20 -81.08
N VAL EB 2 -63.70 -11.45 -81.59
CA VAL EB 2 -64.76 -12.01 -80.75
C VAL EB 2 -64.46 -13.45 -80.35
N GLN EB 3 -63.74 -14.19 -81.19
CA GLN EB 3 -63.38 -15.55 -80.83
C GLN EB 3 -62.29 -15.55 -79.75
N VAL EB 4 -62.25 -16.62 -78.98
CA VAL EB 4 -61.24 -16.77 -77.95
C VAL EB 4 -59.96 -17.28 -78.59
N LEU EB 5 -58.89 -16.50 -78.51
CA LEU EB 5 -57.63 -16.90 -79.10
C LEU EB 5 -57.03 -18.06 -78.32
N VAL EB 6 -56.88 -19.20 -78.99
CA VAL EB 6 -56.37 -20.42 -78.37
C VAL EB 6 -54.97 -20.67 -78.90
N LEU EB 7 -54.00 -20.78 -78.00
CA LEU EB 7 -52.60 -20.92 -78.36
C LEU EB 7 -52.05 -22.24 -77.85
N ASP EB 8 -51.10 -22.79 -78.62
CA ASP EB 8 -50.41 -24.01 -78.24
C ASP EB 8 -49.06 -23.66 -77.60
N GLY EB 9 -48.79 -24.24 -76.44
CA GLY EB 9 -47.58 -23.89 -75.72
C GLY EB 9 -46.32 -24.58 -76.16
N ARG EB 10 -46.42 -25.55 -77.06
CA ARG EB 10 -45.24 -26.30 -77.47
C ARG EB 10 -44.34 -25.46 -78.35
N GLY EB 11 -43.06 -25.42 -78.02
CA GLY EB 11 -42.09 -24.71 -78.82
C GLY EB 11 -42.11 -23.20 -78.67
N HIS EB 12 -42.81 -22.67 -77.68
CA HIS EB 12 -42.96 -21.24 -77.49
C HIS EB 12 -42.11 -20.80 -76.30
N LEU EB 13 -41.37 -19.72 -76.47
CA LEU EB 13 -40.56 -19.19 -75.37
C LEU EB 13 -41.44 -18.55 -74.31
N LEU EB 14 -41.07 -18.79 -73.05
CA LEU EB 14 -41.93 -18.42 -71.92
C LEU EB 14 -42.15 -16.91 -71.87
N GLY EB 15 -41.07 -16.14 -71.79
CA GLY EB 15 -41.20 -14.70 -71.63
C GLY EB 15 -41.85 -14.03 -72.83
N ARG EB 16 -41.46 -14.45 -74.04
CA ARG EB 16 -42.01 -13.86 -75.24
C ARG EB 16 -43.51 -14.11 -75.34
N LEU EB 17 -43.91 -15.38 -75.19
CA LEU EB 17 -45.32 -15.72 -75.29
C LEU EB 17 -46.11 -15.06 -74.17
N ALA EB 18 -45.54 -14.97 -72.97
CA ALA EB 18 -46.22 -14.30 -71.88
C ALA EB 18 -46.45 -12.83 -72.17
N ALA EB 19 -45.45 -12.16 -72.75
CA ALA EB 19 -45.61 -10.75 -73.09
C ALA EB 19 -46.71 -10.55 -74.13
N ILE EB 20 -46.72 -11.39 -75.16
CA ILE EB 20 -47.76 -11.26 -76.18
C ILE EB 20 -49.14 -11.51 -75.58
N VAL EB 21 -49.26 -12.54 -74.74
CA VAL EB 21 -50.54 -12.86 -74.12
C VAL EB 21 -50.99 -11.73 -73.20
N ALA EB 22 -50.05 -11.13 -72.48
CA ALA EB 22 -50.40 -10.02 -71.60
C ALA EB 22 -50.92 -8.84 -72.39
N LYS EB 23 -50.28 -8.51 -73.51
CA LYS EB 23 -50.79 -7.42 -74.34
C LYS EB 23 -52.16 -7.75 -74.90
N GLN EB 24 -52.38 -9.01 -75.30
CA GLN EB 24 -53.69 -9.40 -75.82
C GLN EB 24 -54.79 -9.24 -74.77
N VAL EB 25 -54.54 -9.74 -73.56
CA VAL EB 25 -55.59 -9.66 -72.55
C VAL EB 25 -55.79 -8.23 -72.08
N LEU EB 26 -54.75 -7.40 -72.13
CA LEU EB 26 -54.95 -5.98 -71.83
C LEU EB 26 -55.72 -5.26 -72.94
N LEU EB 27 -55.60 -5.71 -74.18
CA LEU EB 27 -56.46 -5.23 -75.25
C LEU EB 27 -57.82 -5.89 -75.21
N GLY EB 28 -58.02 -6.85 -74.31
CA GLY EB 28 -59.35 -7.37 -74.09
C GLY EB 28 -59.72 -8.55 -74.96
N ARG EB 29 -58.74 -9.30 -75.43
CA ARG EB 29 -58.99 -10.52 -76.20
C ARG EB 29 -58.84 -11.70 -75.25
N LYS EB 30 -59.88 -12.51 -75.13
CA LYS EB 30 -59.82 -13.71 -74.30
C LYS EB 30 -58.80 -14.68 -74.87
N VAL EB 31 -57.92 -15.18 -74.01
CA VAL EB 31 -56.82 -16.05 -74.42
C VAL EB 31 -56.87 -17.34 -73.62
N VAL EB 32 -56.79 -18.47 -74.31
CA VAL EB 32 -56.68 -19.78 -73.70
C VAL EB 32 -55.41 -20.43 -74.21
N VAL EB 33 -54.50 -20.76 -73.29
CA VAL EB 33 -53.21 -21.34 -73.63
C VAL EB 33 -53.22 -22.80 -73.18
N VAL EB 34 -52.81 -23.70 -74.07
CA VAL EB 34 -52.79 -25.12 -73.76
C VAL EB 34 -51.38 -25.66 -73.92
N ARG EB 35 -51.14 -26.82 -73.32
CA ARG EB 35 -49.83 -27.47 -73.32
C ARG EB 35 -48.75 -26.55 -72.78
N CYS EB 36 -49.01 -25.97 -71.60
CA CYS EB 36 -48.01 -25.12 -70.98
C CYS EB 36 -46.75 -25.89 -70.64
N GLU EB 37 -46.86 -27.20 -70.46
CA GLU EB 37 -45.69 -28.04 -70.23
C GLU EB 37 -44.78 -28.09 -71.45
N GLY EB 38 -45.29 -27.76 -72.63
CA GLY EB 38 -44.48 -27.71 -73.84
C GLY EB 38 -43.70 -26.44 -74.04
N ILE EB 39 -43.81 -25.51 -73.10
CA ILE EB 39 -43.09 -24.24 -73.22
C ILE EB 39 -41.61 -24.47 -73.01
N ASN EB 40 -40.80 -23.91 -73.90
CA ASN EB 40 -39.35 -23.98 -73.77
C ASN EB 40 -38.81 -22.67 -73.22
N ILE EB 41 -37.78 -22.77 -72.39
CA ILE EB 41 -37.09 -21.64 -71.81
C ILE EB 41 -35.64 -21.65 -72.28
N SER EB 42 -35.14 -20.49 -72.69
CA SER EB 42 -33.77 -20.39 -73.12
C SER EB 42 -32.82 -20.63 -71.95
N GLY EB 43 -31.58 -20.95 -72.28
CA GLY EB 43 -30.59 -21.29 -71.27
C GLY EB 43 -30.65 -22.77 -70.91
N ASN EB 44 -29.60 -23.23 -70.24
CA ASN EB 44 -29.51 -24.64 -69.93
C ASN EB 44 -30.47 -25.01 -68.81
N PHE EB 45 -30.82 -26.30 -68.79
CA PHE EB 45 -31.81 -26.78 -67.83
C PHE EB 45 -31.33 -26.59 -66.40
N TYR EB 46 -30.03 -26.79 -66.16
CA TYR EB 46 -29.52 -26.62 -64.80
C TYR EB 46 -29.59 -25.16 -64.37
N ARG EB 47 -29.31 -24.23 -65.29
CA ARG EB 47 -29.43 -22.81 -64.98
C ARG EB 47 -30.86 -22.45 -64.63
N ASN EB 48 -31.81 -22.92 -65.44
CA ASN EB 48 -33.21 -22.59 -65.16
C ASN EB 48 -33.70 -23.24 -63.86
N LYS EB 49 -33.25 -24.46 -63.58
CA LYS EB 49 -33.60 -25.10 -62.32
C LYS EB 49 -33.04 -24.34 -61.14
N LEU EB 50 -31.81 -23.82 -61.27
CA LEU EB 50 -31.25 -22.98 -60.21
C LEU EB 50 -32.06 -21.71 -60.02
N LYS EB 51 -32.51 -21.10 -61.12
CA LYS EB 51 -33.33 -19.89 -61.02
C LYS EB 51 -34.61 -20.19 -60.24
N TYR EB 52 -35.28 -21.28 -60.58
CA TYR EB 52 -36.53 -21.58 -59.89
C TYR EB 52 -36.28 -22.01 -58.46
N LEU EB 53 -35.14 -22.63 -58.17
CA LEU EB 53 -34.81 -22.95 -56.78
C LEU EB 53 -34.56 -21.69 -55.96
N ALA EB 54 -33.93 -20.69 -56.56
CA ALA EB 54 -33.79 -19.41 -55.88
C ALA EB 54 -35.16 -18.79 -55.61
N PHE EB 55 -36.06 -18.87 -56.59
CA PHE EB 55 -37.42 -18.40 -56.38
C PHE EB 55 -38.09 -19.16 -55.23
N LEU EB 56 -37.85 -20.47 -55.16
CA LEU EB 56 -38.36 -21.27 -54.06
C LEU EB 56 -37.82 -20.79 -52.73
N ARG EB 57 -36.53 -20.45 -52.70
CA ARG EB 57 -35.89 -20.00 -51.47
C ARG EB 57 -36.49 -18.69 -50.99
N LYS EB 58 -36.81 -17.79 -51.91
CA LYS EB 58 -37.47 -16.54 -51.51
C LYS EB 58 -38.84 -16.85 -50.92
N ARG EB 59 -39.00 -16.58 -49.62
CA ARG EB 59 -40.27 -16.77 -48.93
C ARG EB 59 -40.28 -15.88 -47.70
N MET EB 60 -41.47 -15.66 -47.16
CA MET EB 60 -41.61 -14.86 -45.95
C MET EB 60 -41.12 -15.67 -44.75
N ASN EB 61 -40.06 -15.19 -44.11
CA ASN EB 61 -39.45 -15.94 -43.02
C ASN EB 61 -40.34 -15.97 -41.78
N THR EB 62 -41.04 -14.88 -41.50
CA THR EB 62 -41.87 -14.83 -40.30
C THR EB 62 -43.02 -15.82 -40.38
N ASN EB 63 -43.71 -15.86 -41.52
CA ASN EB 63 -44.84 -16.76 -41.71
C ASN EB 63 -44.91 -17.12 -43.19
N PRO EB 64 -44.44 -18.31 -43.56
CA PRO EB 64 -44.47 -18.71 -44.97
C PRO EB 64 -45.86 -18.87 -45.53
N SER EB 65 -46.89 -19.04 -44.69
CA SER EB 65 -48.24 -19.18 -45.18
C SER EB 65 -48.73 -17.92 -45.88
N ARG EB 66 -48.23 -16.76 -45.47
CA ARG EB 66 -48.52 -15.50 -46.14
C ARG EB 66 -47.48 -15.13 -47.18
N GLY EB 67 -46.46 -15.96 -47.35
CA GLY EB 67 -45.37 -15.65 -48.26
C GLY EB 67 -45.74 -15.92 -49.70
N PRO EB 68 -44.77 -15.83 -50.59
CA PRO EB 68 -45.04 -16.12 -52.01
C PRO EB 68 -45.53 -17.55 -52.18
N TYR EB 69 -46.53 -17.70 -53.05
CA TYR EB 69 -47.13 -19.01 -53.30
C TYR EB 69 -46.45 -19.61 -54.52
N HIS EB 70 -45.49 -20.50 -54.27
CA HIS EB 70 -44.68 -21.07 -55.35
C HIS EB 70 -45.50 -22.14 -56.05
N PHE EB 71 -45.99 -21.81 -57.24
CA PHE EB 71 -46.78 -22.76 -57.99
C PHE EB 71 -45.88 -23.74 -58.71
N ARG EB 72 -46.27 -25.02 -58.71
CA ARG EB 72 -45.48 -26.06 -59.34
C ARG EB 72 -46.03 -26.53 -60.68
N ALA EB 73 -47.32 -26.37 -60.92
CA ALA EB 73 -47.89 -26.76 -62.21
C ALA EB 73 -47.37 -25.83 -63.30
N PRO EB 74 -47.06 -26.36 -64.48
CA PRO EB 74 -46.59 -25.48 -65.58
C PRO EB 74 -47.60 -24.43 -65.98
N SER EB 75 -48.88 -24.77 -65.98
CA SER EB 75 -49.90 -23.79 -66.34
C SER EB 75 -49.93 -22.65 -65.34
N ARG EB 76 -49.86 -22.97 -64.05
CA ARG EB 76 -49.85 -21.92 -63.03
C ARG EB 76 -48.56 -21.12 -63.07
N ILE EB 77 -47.44 -21.76 -63.42
CA ILE EB 77 -46.18 -21.04 -63.56
C ILE EB 77 -46.27 -20.02 -64.67
N PHE EB 78 -46.82 -20.43 -65.82
CA PHE EB 78 -46.97 -19.50 -66.93
C PHE EB 78 -47.98 -18.41 -66.58
N TRP EB 79 -49.04 -18.76 -65.86
CA TRP EB 79 -50.01 -17.76 -65.43
C TRP EB 79 -49.38 -16.73 -64.51
N ARG EB 80 -48.54 -17.16 -63.59
CA ARG EB 80 -47.82 -16.23 -62.73
C ARG EB 80 -46.84 -15.38 -63.53
N THR EB 81 -46.21 -15.97 -64.56
CA THR EB 81 -45.33 -15.21 -65.42
C THR EB 81 -46.10 -14.09 -66.13
N VAL EB 82 -47.30 -14.41 -66.62
CA VAL EB 82 -48.14 -13.39 -67.23
C VAL EB 82 -48.54 -12.34 -66.21
N ARG EB 83 -48.90 -12.77 -65.00
CA ARG EB 83 -49.29 -11.82 -63.95
C ARG EB 83 -48.16 -10.87 -63.61
N GLY EB 84 -46.92 -11.34 -63.73
CA GLY EB 84 -45.79 -10.45 -63.52
C GLY EB 84 -45.75 -9.30 -64.52
N MET EB 85 -46.22 -9.54 -65.75
CA MET EB 85 -46.21 -8.54 -66.80
C MET EB 85 -47.49 -7.70 -66.82
N LEU EB 86 -48.27 -7.73 -65.75
CA LEU EB 86 -49.54 -7.02 -65.72
C LEU EB 86 -49.63 -6.14 -64.48
N PRO EB 87 -50.41 -5.07 -64.55
CA PRO EB 87 -50.73 -4.31 -63.33
C PRO EB 87 -51.84 -4.98 -62.52
N HIS EB 88 -51.54 -6.20 -62.06
CA HIS EB 88 -52.55 -7.04 -61.42
C HIS EB 88 -53.03 -6.50 -60.09
N LYS EB 89 -52.38 -5.48 -59.53
CA LYS EB 89 -52.84 -4.88 -58.30
C LYS EB 89 -53.94 -3.86 -58.52
N THR EB 90 -54.34 -3.62 -59.76
CA THR EB 90 -55.44 -2.73 -60.10
C THR EB 90 -56.61 -3.51 -60.65
N LYS EB 91 -57.76 -2.83 -60.71
CA LYS EB 91 -58.97 -3.46 -61.23
C LYS EB 91 -58.82 -3.85 -62.69
N ARG EB 92 -58.22 -2.97 -63.49
CA ARG EB 92 -58.01 -3.27 -64.91
C ARG EB 92 -57.07 -4.46 -65.06
N GLY EB 93 -56.02 -4.52 -64.26
CA GLY EB 93 -55.12 -5.66 -64.31
C GLY EB 93 -55.80 -6.96 -63.94
N GLN EB 94 -56.61 -6.93 -62.88
CA GLN EB 94 -57.32 -8.15 -62.48
C GLN EB 94 -58.32 -8.58 -63.54
N ALA EB 95 -59.03 -7.62 -64.16
CA ALA EB 95 -59.96 -7.95 -65.22
C ALA EB 95 -59.24 -8.56 -66.41
N ALA EB 96 -58.09 -7.99 -66.79
CA ALA EB 96 -57.32 -8.56 -67.89
C ALA EB 96 -56.83 -9.96 -67.57
N LEU EB 97 -56.39 -10.17 -66.32
CA LEU EB 97 -55.96 -11.51 -65.90
C LEU EB 97 -57.09 -12.50 -65.97
N ASP EB 98 -58.31 -12.07 -65.64
CA ASP EB 98 -59.46 -12.97 -65.71
C ASP EB 98 -59.82 -13.38 -67.12
N ARG EB 99 -59.33 -12.69 -68.14
CA ARG EB 99 -59.60 -13.07 -69.52
C ARG EB 99 -58.64 -14.12 -70.03
N LEU EB 100 -57.68 -14.54 -69.22
CA LEU EB 100 -56.69 -15.54 -69.61
C LEU EB 100 -56.96 -16.85 -68.87
N LYS EB 101 -56.96 -17.95 -69.61
CA LYS EB 101 -57.14 -19.27 -69.06
C LYS EB 101 -55.94 -20.13 -69.44
N VAL EB 102 -55.36 -20.81 -68.47
CA VAL EB 102 -54.17 -21.63 -68.68
C VAL EB 102 -54.49 -23.07 -68.33
N PHE EB 103 -53.98 -23.99 -69.14
CA PHE EB 103 -54.21 -25.40 -68.92
C PHE EB 103 -52.96 -26.20 -69.26
N ASP EB 104 -52.65 -27.19 -68.42
CA ASP EB 104 -51.63 -28.17 -68.74
C ASP EB 104 -52.21 -29.22 -69.67
N GLY EB 105 -51.48 -29.55 -70.74
CA GLY EB 105 -52.05 -30.45 -71.71
C GLY EB 105 -53.17 -29.76 -72.48
N ILE EB 106 -54.07 -30.56 -73.04
CA ILE EB 106 -55.20 -30.01 -73.78
C ILE EB 106 -56.51 -30.58 -73.25
N PRO EB 107 -57.32 -29.79 -72.56
CA PRO EB 107 -58.61 -30.28 -72.08
C PRO EB 107 -59.59 -30.52 -73.22
N PRO EB 108 -60.61 -31.33 -72.98
CA PRO EB 108 -61.61 -31.63 -74.03
C PRO EB 108 -62.39 -30.41 -74.52
N PRO EB 109 -62.52 -29.32 -73.75
CA PRO EB 109 -63.12 -28.11 -74.37
C PRO EB 109 -62.34 -27.57 -75.54
N TYR EB 110 -61.04 -27.86 -75.63
CA TYR EB 110 -60.22 -27.30 -76.69
C TYR EB 110 -59.52 -28.34 -77.55
N ASP EB 111 -59.60 -29.62 -77.22
CA ASP EB 111 -58.97 -30.63 -78.06
C ASP EB 111 -59.66 -30.76 -79.41
N LYS EB 112 -60.92 -30.34 -79.51
CA LYS EB 112 -61.64 -30.31 -80.78
C LYS EB 112 -61.57 -28.95 -81.45
N LYS EB 113 -60.50 -28.20 -81.22
CA LYS EB 113 -60.37 -26.86 -81.79
C LYS EB 113 -58.97 -26.68 -82.37
N LYS EB 114 -58.90 -25.87 -83.41
CA LYS EB 114 -57.62 -25.49 -83.99
C LYS EB 114 -56.86 -24.59 -83.02
N ARG EB 115 -55.55 -24.79 -82.94
CA ARG EB 115 -54.70 -24.07 -81.98
C ARG EB 115 -53.76 -23.14 -82.73
N MET EB 116 -53.77 -21.86 -82.36
CA MET EB 116 -52.91 -20.87 -82.99
C MET EB 116 -51.48 -20.99 -82.47
N VAL EB 117 -50.56 -20.40 -83.22
CA VAL EB 117 -49.15 -20.39 -82.85
C VAL EB 117 -48.60 -18.99 -83.12
N VAL EB 118 -47.88 -18.43 -82.14
CA VAL EB 118 -47.27 -17.12 -82.26
C VAL EB 118 -45.87 -17.30 -82.85
N PRO EB 119 -45.62 -16.87 -84.09
CA PRO EB 119 -44.28 -17.02 -84.64
C PRO EB 119 -43.21 -16.27 -83.88
N ALA EB 120 -43.53 -15.08 -83.35
CA ALA EB 120 -42.53 -14.23 -82.72
C ALA EB 120 -42.09 -14.76 -81.36
N ALA EB 121 -42.76 -15.75 -80.81
CA ALA EB 121 -42.39 -16.35 -79.53
C ALA EB 121 -41.88 -17.77 -79.69
N LEU EB 122 -41.56 -18.18 -80.91
CA LEU EB 122 -41.21 -19.56 -81.20
C LEU EB 122 -39.73 -19.80 -80.97
N LYS EB 123 -39.43 -20.94 -80.34
CA LYS EB 123 -38.04 -21.32 -80.13
C LYS EB 123 -37.34 -21.59 -81.45
N VAL EB 124 -38.09 -21.98 -82.48
CA VAL EB 124 -37.49 -22.37 -83.74
C VAL EB 124 -36.86 -21.19 -84.45
N VAL EB 125 -37.39 -19.98 -84.26
CA VAL EB 125 -36.91 -18.84 -85.02
C VAL EB 125 -36.25 -17.81 -84.12
N ARG EB 126 -36.66 -17.74 -82.86
CA ARG EB 126 -36.12 -16.73 -81.97
C ARG EB 126 -34.88 -17.19 -81.24
N LEU EB 127 -34.52 -18.46 -81.31
CA LEU EB 127 -33.40 -19.01 -80.59
C LEU EB 127 -32.42 -19.66 -81.56
N LYS EB 128 -31.13 -19.43 -81.34
CA LYS EB 128 -30.12 -20.04 -82.17
C LYS EB 128 -30.13 -21.55 -81.98
N PRO EB 129 -29.91 -22.33 -83.03
CA PRO EB 129 -30.00 -23.79 -82.90
C PRO EB 129 -28.95 -24.38 -81.99
N THR EB 130 -27.84 -23.70 -81.74
CA THR EB 130 -26.75 -24.23 -80.94
C THR EB 130 -26.90 -23.91 -79.47
N ARG EB 131 -28.01 -23.34 -79.04
CA ARG EB 131 -28.20 -22.90 -77.67
C ARG EB 131 -29.14 -23.84 -76.95
N LYS EB 132 -28.78 -24.18 -75.71
CA LYS EB 132 -29.55 -25.16 -74.94
C LYS EB 132 -30.89 -24.59 -74.52
N PHE EB 133 -31.88 -25.47 -74.45
CA PHE EB 133 -33.22 -25.10 -74.01
C PHE EB 133 -33.75 -26.20 -73.11
N ALA EB 134 -34.70 -25.83 -72.25
CA ALA EB 134 -35.24 -26.74 -71.26
C ALA EB 134 -36.75 -26.84 -71.39
N TYR EB 135 -37.29 -28.02 -71.15
CA TYR EB 135 -38.73 -28.20 -71.19
C TYR EB 135 -39.36 -27.86 -69.85
N LEU EB 136 -40.42 -27.05 -69.91
CA LEU EB 136 -41.11 -26.64 -68.68
C LEU EB 136 -41.69 -27.84 -67.95
N GLY EB 137 -42.15 -28.85 -68.69
CA GLY EB 137 -42.68 -30.03 -68.05
C GLY EB 137 -41.63 -30.77 -67.23
N ARG EB 138 -40.45 -30.97 -67.80
CA ARG EB 138 -39.37 -31.62 -67.07
C ARG EB 138 -38.95 -30.78 -65.87
N LEU EB 139 -38.87 -29.47 -66.05
CA LEU EB 139 -38.49 -28.60 -64.94
C LEU EB 139 -39.50 -28.70 -63.81
N ALA EB 140 -40.79 -28.66 -64.15
CA ALA EB 140 -41.83 -28.77 -63.13
C ALA EB 140 -41.79 -30.11 -62.43
N HIS EB 141 -41.61 -31.20 -63.19
CA HIS EB 141 -41.58 -32.52 -62.57
C HIS EB 141 -40.38 -32.67 -61.65
N GLU EB 142 -39.24 -32.08 -62.00
CA GLU EB 142 -38.08 -32.17 -61.15
C GLU EB 142 -38.10 -31.17 -59.99
N VAL EB 143 -38.96 -30.16 -60.03
CA VAL EB 143 -39.07 -29.22 -58.92
C VAL EB 143 -40.24 -29.53 -58.00
N GLY EB 144 -41.18 -30.39 -58.40
CA GLY EB 144 -42.27 -30.71 -57.49
C GLY EB 144 -43.63 -30.97 -58.10
N TRP EB 145 -43.79 -30.78 -59.41
CA TRP EB 145 -45.03 -31.13 -60.06
C TRP EB 145 -45.31 -32.63 -59.92
N LYS EB 146 -46.58 -32.97 -59.74
CA LYS EB 146 -46.97 -34.34 -59.43
C LYS EB 146 -47.53 -35.10 -60.61
N TYR EB 147 -48.10 -34.42 -61.60
CA TYR EB 147 -48.90 -35.08 -62.62
C TYR EB 147 -48.24 -35.05 -64.00
N GLN EB 148 -46.94 -35.26 -64.05
CA GLN EB 148 -46.26 -35.28 -65.35
C GLN EB 148 -46.62 -36.53 -66.14
N ALA EB 149 -46.66 -37.69 -65.47
CA ALA EB 149 -46.88 -38.95 -66.19
C ALA EB 149 -48.31 -39.06 -66.69
N VAL EB 150 -49.29 -38.77 -65.84
CA VAL EB 150 -50.68 -38.90 -66.23
C VAL EB 150 -51.02 -37.91 -67.35
N THR EB 151 -50.40 -36.73 -67.33
CA THR EB 151 -50.56 -35.80 -68.44
C THR EB 151 -50.01 -36.39 -69.73
N ALA EB 152 -48.88 -37.09 -69.65
CA ALA EB 152 -48.32 -37.73 -70.84
C ALA EB 152 -49.25 -38.80 -71.38
N THR EB 153 -49.83 -39.62 -70.51
CA THR EB 153 -50.74 -40.66 -70.98
C THR EB 153 -51.99 -40.06 -71.61
N LEU EB 154 -52.55 -39.02 -70.98
CA LEU EB 154 -53.72 -38.35 -71.56
C LEU EB 154 -53.38 -37.74 -72.91
N GLU EB 155 -52.18 -37.17 -73.03
CA GLU EB 155 -51.75 -36.62 -74.32
C GLU EB 155 -51.60 -37.72 -75.35
N GLU EB 156 -51.14 -38.91 -74.94
CA GLU EB 156 -51.04 -40.02 -75.87
C GLU EB 156 -52.41 -40.42 -76.40
N LYS EB 157 -53.40 -40.52 -75.50
CA LYS EB 157 -54.75 -40.87 -75.93
C LYS EB 157 -55.31 -39.81 -76.86
N ARG EB 158 -55.10 -38.53 -76.52
CA ARG EB 158 -55.57 -37.44 -77.35
C ARG EB 158 -54.91 -37.48 -78.73
N LYS EB 159 -53.61 -37.78 -78.77
CA LYS EB 159 -52.91 -37.85 -80.04
C LYS EB 159 -53.45 -38.99 -80.91
N GLU EB 160 -53.75 -40.14 -80.30
CA GLU EB 160 -54.33 -41.24 -81.07
C GLU EB 160 -55.68 -40.84 -81.66
N LYS EB 161 -56.54 -40.24 -80.85
CA LYS EB 161 -57.86 -39.85 -81.34
C LYS EB 161 -57.74 -38.78 -82.43
N ALA EB 162 -56.82 -37.83 -82.26
CA ALA EB 162 -56.60 -36.81 -83.26
C ALA EB 162 -56.06 -37.40 -84.55
N LYS EB 163 -55.21 -38.42 -84.45
CA LYS EB 163 -54.72 -39.08 -85.66
C LYS EB 163 -55.85 -39.77 -86.40
N ILE EB 164 -56.76 -40.41 -85.67
CA ILE EB 164 -57.91 -41.02 -86.32
C ILE EB 164 -58.74 -39.95 -87.04
N HIS EB 165 -58.99 -38.82 -86.36
CA HIS EB 165 -59.75 -37.75 -86.99
C HIS EB 165 -59.03 -37.20 -88.22
N TYR EB 166 -57.70 -37.08 -88.14
CA TYR EB 166 -56.94 -36.58 -89.27
C TYR EB 166 -57.02 -37.53 -90.46
N ARG EB 167 -57.00 -38.84 -90.21
CA ARG EB 167 -57.14 -39.77 -91.32
C ARG EB 167 -58.52 -39.70 -91.94
N LYS EB 168 -59.55 -39.49 -91.11
CA LYS EB 168 -60.88 -39.24 -91.67
C LYS EB 168 -60.90 -37.98 -92.53
N LYS EB 169 -60.22 -36.92 -92.07
CA LYS EB 169 -60.15 -35.70 -92.85
C LYS EB 169 -59.42 -35.92 -94.17
N LYS EB 170 -58.34 -36.71 -94.14
CA LYS EB 170 -57.63 -37.05 -95.37
C LYS EB 170 -58.51 -37.79 -96.34
N GLN EB 171 -59.30 -38.75 -95.83
CA GLN EB 171 -60.23 -39.46 -96.69
C GLN EB 171 -61.23 -38.51 -97.33
N LEU EB 172 -61.75 -37.57 -96.53
CA LEU EB 172 -62.68 -36.59 -97.08
C LEU EB 172 -62.02 -35.73 -98.14
N MET EB 173 -60.77 -35.31 -97.91
CA MET EB 173 -60.09 -34.47 -98.89
C MET EB 173 -59.79 -35.21 -100.16
N ARG EB 174 -59.39 -36.48 -100.05
CA ARG EB 174 -59.17 -37.32 -101.24
C ARG EB 174 -60.46 -37.47 -102.03
N LEU EB 175 -61.57 -37.70 -101.33
CA LEU EB 175 -62.86 -37.82 -102.02
C LEU EB 175 -63.25 -36.51 -102.68
N ARG EB 176 -62.95 -35.38 -102.03
CA ARG EB 176 -63.26 -34.09 -102.63
C ARG EB 176 -62.45 -33.86 -103.90
N LYS EB 177 -61.15 -34.17 -103.86
CA LYS EB 177 -60.32 -34.03 -105.06
C LYS EB 177 -60.79 -34.96 -106.17
N GLN EB 178 -61.18 -36.19 -105.80
CA GLN EB 178 -61.71 -37.10 -106.81
C GLN EB 178 -63.03 -36.60 -107.36
N ALA EB 179 -63.84 -35.92 -106.55
CA ALA EB 179 -65.08 -35.33 -107.05
C ALA EB 179 -64.79 -34.21 -108.05
N GLU EB 180 -63.78 -33.39 -107.76
CA GLU EB 180 -63.36 -32.38 -108.73
C GLU EB 180 -62.89 -33.03 -110.02
N LYS EB 181 -62.18 -34.15 -109.91
CA LYS EB 181 -61.80 -34.91 -111.10
C LYS EB 181 -63.02 -35.44 -111.85
N ASN EB 182 -64.04 -35.88 -111.11
CA ASN EB 182 -65.22 -36.49 -111.73
C ASN EB 182 -66.02 -35.46 -112.49
N VAL EB 183 -66.47 -34.41 -111.81
CA VAL EB 183 -67.26 -33.36 -112.46
C VAL EB 183 -66.32 -32.21 -112.82
N GLU EB 184 -66.12 -32.02 -114.10
CA GLU EB 184 -65.23 -30.99 -114.60
C GLU EB 184 -65.87 -30.13 -115.68
N LYS EB 185 -66.67 -30.71 -116.56
CA LYS EB 185 -67.28 -29.95 -117.65
C LYS EB 185 -68.41 -29.06 -117.16
N LYS EB 186 -69.04 -29.41 -116.04
CA LYS EB 186 -70.04 -28.56 -115.41
C LYS EB 186 -69.43 -27.68 -114.33
N ILE EB 187 -68.11 -27.73 -114.16
CA ILE EB 187 -67.44 -26.93 -113.15
C ILE EB 187 -66.56 -25.85 -113.75
N ASP EB 188 -65.92 -26.12 -114.89
CA ASP EB 188 -64.95 -25.18 -115.46
C ASP EB 188 -65.57 -23.85 -115.87
N LYS EB 189 -66.89 -23.78 -115.97
CA LYS EB 189 -67.54 -22.51 -116.28
C LYS EB 189 -67.27 -21.47 -115.20
N TYR EB 190 -67.39 -21.87 -113.93
CA TYR EB 190 -67.12 -20.96 -112.83
C TYR EB 190 -65.67 -21.01 -112.36
N THR EB 191 -64.94 -22.07 -112.69
CA THR EB 191 -63.54 -22.16 -112.29
C THR EB 191 -62.72 -21.05 -112.94
N GLU EB 192 -63.00 -20.76 -114.22
CA GLU EB 192 -62.29 -19.70 -114.92
C GLU EB 192 -62.51 -18.35 -114.25
N VAL EB 193 -63.67 -18.15 -113.63
CA VAL EB 193 -63.92 -16.90 -112.91
C VAL EB 193 -62.92 -16.73 -111.77
N LEU EB 194 -62.71 -17.80 -110.99
CA LEU EB 194 -61.74 -17.74 -109.91
C LEU EB 194 -60.32 -17.62 -110.44
N LYS EB 195 -60.03 -18.29 -111.56
CA LYS EB 195 -58.69 -18.22 -112.14
C LYS EB 195 -58.37 -16.81 -112.61
N THR EB 196 -59.37 -16.08 -113.13
CA THR EB 196 -59.15 -14.72 -113.58
C THR EB 196 -59.15 -13.70 -112.45
N HIS EB 197 -59.32 -14.14 -111.20
CA HIS EB 197 -59.26 -13.21 -110.08
C HIS EB 197 -58.35 -13.71 -108.97
N GLY EB 198 -57.61 -14.79 -109.19
CA GLY EB 198 -56.54 -15.19 -108.31
C GLY EB 198 -56.84 -16.37 -107.40
N LEU EB 199 -58.11 -16.60 -107.08
CA LEU EB 199 -58.45 -17.75 -106.26
C LEU EB 199 -58.33 -19.03 -107.08
N LEU EB 200 -57.78 -20.07 -106.45
CA LEU EB 200 -57.64 -21.40 -107.06
C LEU EB 200 -56.83 -21.31 -108.36
N VAL EB 201 -55.55 -21.01 -108.19
CA VAL EB 201 -54.57 -20.86 -109.27
C VAL EB 201 -54.73 -21.88 -110.39
N VAL FB 1 -95.99 14.05 -28.76
CA VAL FB 1 -94.63 14.38 -29.16
C VAL FB 1 -94.40 13.86 -30.57
N ARG FB 2 -93.43 14.44 -31.27
CA ARG FB 2 -93.16 14.11 -32.67
C ARG FB 2 -92.31 12.86 -32.70
N TYR FB 3 -92.97 11.71 -32.86
CA TYR FB 3 -92.24 10.47 -33.10
C TYR FB 3 -91.53 10.53 -34.43
N SER FB 4 -90.30 10.06 -34.47
CA SER FB 4 -89.63 9.87 -35.76
C SER FB 4 -90.31 8.74 -36.52
N LEU FB 5 -90.29 8.85 -37.85
CA LEU FB 5 -90.89 7.87 -38.75
C LEU FB 5 -92.39 7.73 -38.47
N ASP FB 6 -93.10 8.80 -38.76
CA ASP FB 6 -94.55 8.79 -38.62
C ASP FB 6 -95.17 7.71 -39.51
N PRO FB 7 -96.22 7.04 -39.05
CA PRO FB 7 -96.78 5.93 -39.83
C PRO FB 7 -97.46 6.43 -41.10
N GLU FB 8 -97.68 5.49 -42.03
CA GLU FB 8 -98.32 5.83 -43.29
C GLU FB 8 -99.76 6.27 -43.08
N ASN FB 9 -100.41 5.84 -41.99
CA ASN FB 9 -101.72 6.34 -41.62
C ASN FB 9 -101.95 6.10 -40.13
N PRO FB 10 -102.38 7.11 -39.40
CA PRO FB 10 -102.60 6.97 -37.95
C PRO FB 10 -104.00 6.45 -37.63
N THR FB 11 -104.45 5.45 -38.37
CA THR FB 11 -105.70 4.77 -38.07
C THR FB 11 -105.52 3.29 -37.78
N LYS FB 12 -104.43 2.69 -38.22
CA LYS FB 12 -104.10 1.31 -37.89
C LYS FB 12 -102.85 1.22 -37.03
N SER FB 13 -102.48 2.31 -36.35
CA SER FB 13 -101.20 2.42 -35.68
C SER FB 13 -101.39 2.80 -34.22
N CYS FB 14 -100.44 2.36 -33.39
CA CYS FB 14 -100.35 2.77 -32.00
C CYS FB 14 -98.90 3.07 -31.68
N LYS FB 15 -98.69 3.95 -30.71
CA LYS FB 15 -97.36 4.45 -30.39
C LYS FB 15 -97.10 4.33 -28.89
N SER FB 16 -95.83 4.17 -28.55
CA SER FB 16 -95.42 4.16 -27.15
C SER FB 16 -94.03 4.77 -27.04
N ARG FB 17 -93.74 5.29 -25.85
CA ARG FB 17 -92.51 6.03 -25.62
C ARG FB 17 -92.13 5.97 -24.15
N GLY FB 18 -90.83 5.92 -23.90
CA GLY FB 18 -90.31 6.08 -22.56
C GLY FB 18 -89.02 6.86 -22.60
N SER FB 19 -88.80 7.65 -21.57
CA SER FB 19 -87.66 8.57 -21.52
C SER FB 19 -86.91 8.37 -20.21
N ASN FB 20 -85.57 8.42 -20.29
CA ASN FB 20 -84.69 8.34 -19.13
C ASN FB 20 -84.94 7.06 -18.33
N LEU FB 21 -84.66 5.93 -18.96
CA LEU FB 21 -84.83 4.63 -18.33
C LEU FB 21 -83.49 4.07 -17.91
N ARG FB 22 -83.44 3.47 -16.72
CA ARG FB 22 -82.20 3.00 -16.11
C ARG FB 22 -81.77 1.66 -16.72
N VAL FB 23 -81.56 1.66 -18.03
CA VAL FB 23 -81.10 0.49 -18.75
C VAL FB 23 -79.93 0.89 -19.62
N HIS FB 24 -79.11 -0.11 -19.96
CA HIS FB 24 -77.91 0.15 -20.73
C HIS FB 24 -78.24 0.35 -22.20
N PHE FB 25 -77.72 1.44 -22.77
CA PHE FB 25 -78.10 1.84 -24.11
C PHE FB 25 -77.71 0.80 -25.15
N LYS FB 26 -76.50 0.25 -25.05
CA LYS FB 26 -76.04 -0.72 -26.05
C LYS FB 26 -76.86 -1.99 -26.00
N ASN FB 27 -77.11 -2.50 -24.80
CA ASN FB 27 -77.90 -3.71 -24.65
C ASN FB 27 -79.32 -3.49 -25.16
N THR FB 28 -79.91 -2.34 -24.83
CA THR FB 28 -81.25 -2.03 -25.28
C THR FB 28 -81.30 -1.91 -26.81
N ARG FB 29 -80.27 -1.31 -27.40
CA ARG FB 29 -80.25 -1.17 -28.85
C ARG FB 29 -80.17 -2.52 -29.54
N GLU FB 30 -79.31 -3.40 -29.03
CA GLU FB 30 -79.22 -4.75 -29.61
C GLU FB 30 -80.53 -5.51 -29.45
N THR FB 31 -81.16 -5.40 -28.27
CA THR FB 31 -82.42 -6.10 -28.06
C THR FB 31 -83.52 -5.56 -28.95
N ALA FB 32 -83.56 -4.24 -29.16
CA ALA FB 32 -84.56 -3.65 -30.04
C ALA FB 32 -84.34 -4.09 -31.48
N GLN FB 33 -83.10 -4.10 -31.94
CA GLN FB 33 -82.81 -4.58 -33.29
C GLN FB 33 -83.21 -6.04 -33.45
N ALA FB 34 -83.06 -6.83 -32.39
CA ALA FB 34 -83.46 -8.23 -32.46
C ALA FB 34 -84.96 -8.38 -32.70
N ILE FB 35 -85.77 -7.55 -32.03
CA ILE FB 35 -87.22 -7.72 -32.08
C ILE FB 35 -87.89 -6.85 -33.13
N LYS FB 36 -87.15 -6.00 -33.83
CA LYS FB 36 -87.75 -5.14 -34.83
C LYS FB 36 -88.36 -5.95 -35.97
N GLY FB 37 -89.55 -5.55 -36.39
CA GLY FB 37 -90.20 -6.17 -37.53
C GLY FB 37 -90.89 -7.49 -37.27
N MET FB 38 -91.28 -7.77 -36.04
CA MET FB 38 -91.89 -9.04 -35.69
C MET FB 38 -93.31 -8.85 -35.17
N HIS FB 39 -94.06 -9.94 -35.18
CA HIS FB 39 -95.38 -9.95 -34.57
C HIS FB 39 -95.28 -9.78 -33.06
N ILE FB 40 -96.36 -9.25 -32.47
CA ILE FB 40 -96.34 -8.93 -31.04
C ILE FB 40 -96.25 -10.19 -30.19
N ARG FB 41 -97.00 -11.24 -30.54
CA ARG FB 41 -96.94 -12.48 -29.77
C ARG FB 41 -95.57 -13.13 -29.87
N LYS FB 42 -95.01 -13.18 -31.08
CA LYS FB 42 -93.68 -13.74 -31.25
C LYS FB 42 -92.65 -12.93 -30.49
N ALA FB 43 -92.78 -11.60 -30.51
CA ALA FB 43 -91.84 -10.75 -29.80
C ALA FB 43 -91.95 -10.96 -28.29
N THR FB 44 -93.16 -11.09 -27.76
CA THR FB 44 -93.32 -11.31 -26.33
C THR FB 44 -92.75 -12.67 -25.91
N LYS FB 45 -93.01 -13.71 -26.70
CA LYS FB 45 -92.42 -15.01 -26.40
C LYS FB 45 -90.92 -14.97 -26.50
N TYR FB 46 -90.38 -14.22 -27.46
CA TYR FB 46 -88.95 -14.08 -27.63
C TYR FB 46 -88.32 -13.37 -26.44
N LEU FB 47 -88.99 -12.33 -25.94
CA LEU FB 47 -88.50 -11.64 -24.76
C LEU FB 47 -88.54 -12.53 -23.53
N LYS FB 48 -89.59 -13.35 -23.40
CA LYS FB 48 -89.64 -14.31 -22.30
C LYS FB 48 -88.50 -15.32 -22.41
N ASP FB 49 -88.20 -15.76 -23.63
CA ASP FB 49 -87.08 -16.68 -23.84
C ASP FB 49 -85.75 -16.03 -23.47
N VAL FB 50 -85.59 -14.75 -23.78
CA VAL FB 50 -84.38 -14.04 -23.36
C VAL FB 50 -84.31 -13.99 -21.84
N THR FB 51 -85.45 -13.72 -21.19
CA THR FB 51 -85.47 -13.66 -19.73
C THR FB 51 -85.08 -15.00 -19.13
N LEU FB 52 -85.58 -16.09 -19.71
CA LEU FB 52 -85.25 -17.43 -19.25
C LEU FB 52 -83.95 -17.96 -19.84
N GLN FB 53 -83.22 -17.14 -20.59
CA GLN FB 53 -81.96 -17.52 -21.23
C GLN FB 53 -82.14 -18.73 -22.13
N LYS FB 54 -83.23 -18.74 -22.89
CA LYS FB 54 -83.49 -19.78 -23.87
C LYS FB 54 -83.13 -19.36 -25.28
N GLN FB 55 -83.38 -18.10 -25.62
CA GLN FB 55 -82.99 -17.52 -26.89
C GLN FB 55 -82.20 -16.25 -26.61
N CYS FB 56 -81.13 -16.04 -27.37
CA CYS FB 56 -80.23 -14.93 -27.13
C CYS FB 56 -80.44 -13.84 -28.18
N VAL FB 57 -80.21 -12.59 -27.77
CA VAL FB 57 -80.19 -11.49 -28.73
C VAL FB 57 -78.79 -11.47 -29.33
N PRO FB 58 -78.66 -11.20 -30.61
CA PRO FB 58 -77.34 -11.13 -31.22
C PRO FB 58 -76.72 -9.76 -31.06
N PHE FB 59 -75.53 -9.70 -30.48
CA PHE FB 59 -74.82 -8.45 -30.34
C PHE FB 59 -74.04 -8.21 -31.63
N ARG FB 60 -74.52 -7.29 -32.45
CA ARG FB 60 -73.94 -7.08 -33.77
C ARG FB 60 -73.00 -5.88 -33.80
N ARG FB 61 -73.48 -4.70 -33.44
CA ARG FB 61 -72.63 -3.51 -33.48
C ARG FB 61 -71.76 -3.41 -32.24
N TYR FB 62 -72.38 -3.30 -31.07
CA TYR FB 62 -71.64 -3.11 -29.82
C TYR FB 62 -71.29 -4.48 -29.23
N ASN FB 63 -70.43 -5.18 -29.96
CA ASN FB 63 -70.10 -6.57 -29.66
C ASN FB 63 -68.72 -6.75 -29.04
N GLY FB 64 -68.03 -5.66 -28.71
CA GLY FB 64 -66.68 -5.75 -28.21
C GLY FB 64 -66.56 -6.47 -26.89
N GLY FB 65 -65.87 -7.61 -26.90
CA GLY FB 65 -65.72 -8.41 -25.71
C GLY FB 65 -66.89 -9.29 -25.37
N VAL FB 66 -67.94 -9.31 -26.19
CA VAL FB 66 -69.10 -10.13 -25.92
C VAL FB 66 -68.78 -11.58 -26.25
N GLY FB 67 -69.02 -12.47 -25.30
CA GLY FB 67 -68.67 -13.86 -25.49
C GLY FB 67 -69.56 -14.57 -26.48
N ARG FB 68 -69.05 -15.68 -27.00
CA ARG FB 68 -69.78 -16.48 -27.96
C ARG FB 68 -70.85 -17.30 -27.24
N CYS FB 69 -71.94 -17.57 -27.96
CA CYS FB 69 -73.03 -18.39 -27.45
C CYS FB 69 -73.58 -19.26 -28.57
N ALA FB 70 -74.05 -20.45 -28.18
CA ALA FB 70 -74.54 -21.40 -29.17
C ALA FB 70 -75.81 -20.90 -29.84
N GLN FB 71 -76.69 -20.23 -29.08
CA GLN FB 71 -78.00 -19.87 -29.58
C GLN FB 71 -77.97 -18.75 -30.61
N ALA FB 72 -76.81 -18.12 -30.83
CA ALA FB 72 -76.72 -17.07 -31.84
C ALA FB 72 -76.87 -17.60 -33.25
N LYS FB 73 -76.82 -18.92 -33.44
CA LYS FB 73 -76.93 -19.49 -34.78
C LYS FB 73 -78.34 -19.34 -35.36
N GLN FB 74 -79.34 -19.03 -34.53
CA GLN FB 74 -80.65 -18.72 -35.07
C GLN FB 74 -80.60 -17.49 -35.96
N TRP FB 75 -79.86 -16.47 -35.53
CA TRP FB 75 -79.54 -15.35 -36.38
C TRP FB 75 -78.26 -15.68 -37.17
N GLY FB 76 -77.90 -14.80 -38.09
CA GLY FB 76 -76.67 -14.99 -38.83
C GLY FB 76 -75.50 -14.39 -38.09
N TRP FB 77 -75.30 -14.81 -36.85
CA TRP FB 77 -74.33 -14.16 -35.98
C TRP FB 77 -73.73 -15.20 -35.03
N THR FB 78 -72.62 -14.79 -34.40
CA THR FB 78 -71.89 -15.63 -33.47
C THR FB 78 -71.99 -15.14 -32.03
N GLN FB 79 -71.83 -13.85 -31.80
CA GLN FB 79 -71.97 -13.31 -30.46
C GLN FB 79 -73.43 -13.08 -30.11
N GLY FB 80 -73.69 -13.02 -28.81
CA GLY FB 80 -75.03 -12.76 -28.32
C GLY FB 80 -75.13 -12.87 -26.82
N ARG FB 81 -76.19 -12.32 -26.24
CA ARG FB 81 -76.36 -12.32 -24.79
C ARG FB 81 -77.83 -12.29 -24.45
N TRP FB 82 -78.12 -12.13 -23.16
CA TRP FB 82 -79.50 -12.17 -22.64
C TRP FB 82 -79.72 -11.00 -21.69
N PRO FB 83 -79.97 -9.81 -22.22
CA PRO FB 83 -80.19 -8.65 -21.34
C PRO FB 83 -81.53 -8.71 -20.63
N LYS FB 84 -81.51 -9.09 -19.35
CA LYS FB 84 -82.74 -9.27 -18.60
C LYS FB 84 -83.47 -7.95 -18.39
N LYS FB 85 -82.74 -6.92 -17.99
CA LYS FB 85 -83.38 -5.64 -17.69
C LYS FB 85 -83.94 -4.99 -18.96
N SER FB 86 -83.19 -5.07 -20.06
CA SER FB 86 -83.70 -4.55 -21.32
C SER FB 86 -84.94 -5.31 -21.77
N ALA FB 87 -84.92 -6.64 -21.60
CA ALA FB 87 -86.10 -7.43 -21.95
C ALA FB 87 -87.30 -7.01 -21.11
N GLU FB 88 -87.11 -6.79 -19.81
CA GLU FB 88 -88.20 -6.36 -18.95
C GLU FB 88 -88.73 -5.00 -19.37
N PHE FB 89 -87.84 -4.06 -19.68
CA PHE FB 89 -88.29 -2.73 -20.05
C PHE FB 89 -89.04 -2.74 -21.37
N LEU FB 90 -88.54 -3.53 -22.34
CA LEU FB 90 -89.25 -3.64 -23.60
C LEU FB 90 -90.59 -4.33 -23.42
N LEU FB 91 -90.67 -5.27 -22.48
CA LEU FB 91 -91.95 -5.90 -22.17
C LEU FB 91 -92.93 -4.89 -21.61
N HIS FB 92 -92.45 -4.00 -20.72
CA HIS FB 92 -93.31 -2.97 -20.18
C HIS FB 92 -93.81 -2.05 -21.27
N MET FB 93 -92.92 -1.64 -22.17
CA MET FB 93 -93.33 -0.76 -23.26
C MET FB 93 -94.29 -1.47 -24.21
N LEU FB 94 -94.09 -2.76 -24.43
CA LEU FB 94 -95.00 -3.52 -25.28
C LEU FB 94 -96.38 -3.63 -24.67
N LYS FB 95 -96.45 -3.84 -23.36
CA LYS FB 95 -97.74 -3.86 -22.69
C LYS FB 95 -98.42 -2.50 -22.79
N ASN FB 96 -97.64 -1.42 -22.64
CA ASN FB 96 -98.20 -0.08 -22.79
C ASN FB 96 -98.75 0.14 -24.20
N ALA FB 97 -98.01 -0.29 -25.22
CA ALA FB 97 -98.47 -0.16 -26.59
C ALA FB 97 -99.71 -0.99 -26.86
N GLU FB 98 -99.78 -2.20 -26.29
CA GLU FB 98 -100.97 -3.03 -26.44
C GLU FB 98 -102.18 -2.36 -25.82
N SER FB 99 -102.01 -1.78 -24.62
CA SER FB 99 -103.12 -1.07 -23.99
C SER FB 99 -103.55 0.14 -24.81
N ASN FB 100 -102.59 0.88 -25.37
CA ASN FB 100 -102.94 2.01 -26.23
C ASN FB 100 -103.71 1.55 -27.46
N ALA FB 101 -103.28 0.45 -28.08
CA ALA FB 101 -103.99 -0.07 -29.24
C ALA FB 101 -105.41 -0.50 -28.88
N GLU FB 102 -105.57 -1.16 -27.74
CA GLU FB 102 -106.91 -1.56 -27.31
C GLU FB 102 -107.78 -0.36 -27.04
N LEU FB 103 -107.21 0.70 -26.46
CA LEU FB 103 -107.96 1.94 -26.30
C LEU FB 103 -108.36 2.53 -27.63
N LYS FB 104 -107.47 2.51 -28.61
CA LYS FB 104 -107.77 2.98 -29.95
C LYS FB 104 -108.76 2.08 -30.67
N GLY FB 105 -108.99 0.87 -30.16
CA GLY FB 105 -110.05 0.03 -30.67
C GLY FB 105 -109.69 -0.73 -31.92
N LEU FB 106 -108.61 -1.49 -31.87
CA LEU FB 106 -108.18 -2.32 -32.98
C LEU FB 106 -107.62 -3.62 -32.43
N ASP FB 107 -107.87 -4.72 -33.14
CA ASP FB 107 -107.55 -6.04 -32.63
C ASP FB 107 -106.05 -6.23 -32.48
N VAL FB 108 -105.66 -6.96 -31.43
CA VAL FB 108 -104.25 -7.12 -31.09
C VAL FB 108 -103.59 -8.28 -31.81
N ASP FB 109 -104.34 -9.10 -32.53
CA ASP FB 109 -103.79 -10.28 -33.18
C ASP FB 109 -103.01 -9.95 -34.45
N SER FB 110 -102.85 -8.67 -34.79
CA SER FB 110 -102.15 -8.32 -36.02
C SER FB 110 -101.18 -7.16 -35.85
N LEU FB 111 -100.75 -6.88 -34.62
CA LEU FB 111 -99.81 -5.79 -34.40
C LEU FB 111 -98.40 -6.24 -34.72
N VAL FB 112 -97.73 -5.50 -35.59
CA VAL FB 112 -96.36 -5.77 -36.00
C VAL FB 112 -95.53 -4.53 -35.69
N ILE FB 113 -94.37 -4.74 -35.06
CA ILE FB 113 -93.52 -3.64 -34.64
C ILE FB 113 -92.80 -3.09 -35.86
N GLU FB 114 -93.39 -2.11 -36.52
CA GLU FB 114 -92.74 -1.57 -37.71
C GLU FB 114 -91.62 -0.59 -37.37
N HIS FB 115 -91.70 0.10 -36.23
CA HIS FB 115 -90.64 1.06 -35.92
C HIS FB 115 -90.27 0.97 -34.46
N ILE FB 116 -88.98 1.06 -34.18
CA ILE FB 116 -88.48 1.11 -32.81
C ILE FB 116 -87.13 1.81 -32.82
N GLN FB 117 -86.97 2.75 -31.89
CA GLN FB 117 -85.77 3.58 -31.83
C GLN FB 117 -85.28 3.68 -30.41
N VAL FB 118 -83.96 3.58 -30.25
CA VAL FB 118 -83.27 3.76 -28.98
C VAL FB 118 -82.30 4.91 -29.13
N ASN FB 119 -82.33 5.84 -28.19
CA ASN FB 119 -81.50 7.04 -28.22
C ASN FB 119 -80.59 7.04 -27.00
N LYS FB 120 -79.89 8.16 -26.80
CA LYS FB 120 -79.04 8.34 -25.63
C LYS FB 120 -79.63 9.45 -24.77
N ALA FB 121 -80.12 9.08 -23.60
CA ALA FB 121 -80.64 10.05 -22.65
C ALA FB 121 -79.48 10.81 -22.00
N PRO FB 122 -79.76 11.96 -21.38
CA PRO FB 122 -78.70 12.65 -20.64
C PRO FB 122 -78.13 11.76 -19.55
N LYS FB 123 -76.81 11.83 -19.37
CA LYS FB 123 -76.14 10.94 -18.45
C LYS FB 123 -76.32 11.41 -17.02
N MET FB 124 -76.08 10.48 -16.09
CA MET FB 124 -76.14 10.77 -14.67
C MET FB 124 -74.78 10.51 -14.03
N ARG FB 125 -74.34 11.44 -13.20
CA ARG FB 125 -72.98 11.44 -12.68
C ARG FB 125 -72.90 10.63 -11.40
N ARG FB 126 -71.85 9.80 -11.30
CA ARG FB 126 -71.49 9.13 -10.08
C ARG FB 126 -69.97 9.06 -9.99
N ARG FB 127 -69.47 8.83 -8.79
CA ARG FB 127 -68.04 8.87 -8.53
C ARG FB 127 -67.47 7.48 -8.35
N THR FB 128 -66.15 7.40 -8.46
CA THR FB 128 -65.41 6.21 -8.07
C THR FB 128 -64.03 6.64 -7.59
N TYR FB 129 -63.39 5.78 -6.81
CA TYR FB 129 -62.12 6.09 -6.20
C TYR FB 129 -61.05 5.17 -6.77
N ARG FB 130 -59.91 5.74 -7.15
CA ARG FB 130 -58.86 5.02 -7.83
C ARG FB 130 -57.59 5.00 -6.99
N ALA FB 131 -56.50 4.57 -7.63
CA ALA FB 131 -55.28 4.22 -6.90
C ALA FB 131 -54.69 5.43 -6.17
N HIS FB 132 -54.19 6.40 -6.93
CA HIS FB 132 -53.44 7.50 -6.31
C HIS FB 132 -54.35 8.67 -5.95
N GLY FB 133 -55.39 8.37 -5.18
CA GLY FB 133 -56.30 9.41 -4.73
C GLY FB 133 -56.97 10.16 -5.86
N ARG FB 134 -57.33 9.45 -6.93
CA ARG FB 134 -57.89 10.07 -8.12
C ARG FB 134 -59.35 9.68 -8.28
N ILE FB 135 -60.14 10.61 -8.78
CA ILE FB 135 -61.58 10.44 -8.95
C ILE FB 135 -61.88 10.40 -10.44
N ASN FB 136 -62.67 9.41 -10.86
CA ASN FB 136 -63.08 9.31 -12.24
C ASN FB 136 -64.58 9.19 -12.33
N PRO FB 137 -65.18 9.60 -13.46
CA PRO FB 137 -66.63 9.49 -13.60
C PRO FB 137 -67.08 8.05 -13.59
N TYR FB 138 -68.32 7.87 -13.10
CA TYR FB 138 -69.00 6.58 -13.07
C TYR FB 138 -70.36 6.71 -13.74
N MET FB 139 -70.35 7.33 -14.91
CA MET FB 139 -71.58 7.75 -15.58
C MET FB 139 -72.41 6.54 -16.02
N SER FB 140 -73.71 6.77 -16.14
CA SER FB 140 -74.64 5.80 -16.70
C SER FB 140 -74.96 6.16 -18.14
N SER FB 141 -75.66 5.27 -18.82
CA SER FB 141 -76.11 5.50 -20.19
C SER FB 141 -77.59 5.14 -20.31
N PRO FB 142 -78.48 5.97 -19.78
CA PRO FB 142 -79.91 5.73 -19.96
C PRO FB 142 -80.32 6.01 -21.40
N CYS FB 143 -81.50 5.54 -21.76
CA CYS FB 143 -81.93 5.65 -23.14
C CYS FB 143 -83.39 6.03 -23.23
N HIS FB 144 -83.74 6.76 -24.29
CA HIS FB 144 -85.12 6.98 -24.69
C HIS FB 144 -85.50 5.91 -25.70
N ILE FB 145 -86.67 5.32 -25.53
CA ILE FB 145 -87.16 4.30 -26.43
C ILE FB 145 -88.49 4.76 -26.99
N GLU FB 146 -88.66 4.63 -28.30
CA GLU FB 146 -89.97 4.86 -28.91
C GLU FB 146 -90.30 3.69 -29.84
N MET FB 147 -91.59 3.42 -29.97
CA MET FB 147 -92.01 2.31 -30.81
C MET FB 147 -93.36 2.62 -31.45
N ILE FB 148 -93.50 2.20 -32.70
CA ILE FB 148 -94.73 2.35 -33.47
C ILE FB 148 -95.09 1.00 -34.05
N LEU FB 149 -96.32 0.56 -33.79
CA LEU FB 149 -96.84 -0.71 -34.24
C LEU FB 149 -97.95 -0.47 -35.26
N THR FB 150 -98.19 -1.45 -36.12
CA THR FB 150 -99.23 -1.34 -37.12
C THR FB 150 -99.97 -2.67 -37.28
N GLU FB 151 -101.18 -2.58 -37.82
CA GLU FB 151 -101.95 -3.76 -38.16
C GLU FB 151 -101.62 -4.22 -39.58
N LYS FB 152 -101.27 -5.50 -39.71
CA LYS FB 152 -101.03 -6.09 -41.03
C LYS FB 152 -101.17 -7.59 -40.91
N GLU FB 153 -101.89 -8.19 -41.86
CA GLU FB 153 -102.21 -9.61 -41.78
C GLU FB 153 -102.32 -10.22 -43.18
N GLY GB 1 -39.66 30.46 -70.81
CA GLY GB 1 -38.96 31.33 -69.90
C GLY GB 1 -37.88 32.15 -70.57
N VAL GB 2 -37.84 33.44 -70.26
CA VAL GB 2 -36.87 34.35 -70.86
C VAL GB 2 -35.88 34.81 -69.80
N ASP GB 3 -34.65 35.04 -70.24
CA ASP GB 3 -33.57 35.46 -69.34
C ASP GB 3 -33.56 36.98 -69.25
N ILE GB 4 -34.51 37.52 -68.49
CA ILE GB 4 -34.57 38.94 -68.20
C ILE GB 4 -34.67 39.11 -66.69
N ARG GB 5 -34.75 40.36 -66.25
CA ARG GB 5 -34.87 40.68 -64.84
C ARG GB 5 -36.00 41.68 -64.66
N HIS GB 6 -36.94 41.38 -63.77
CA HIS GB 6 -38.14 42.18 -63.61
C HIS GB 6 -38.05 43.17 -62.47
N ASN GB 7 -36.86 43.36 -61.90
CA ASN GB 7 -36.73 44.20 -60.72
C ASN GB 7 -37.01 45.67 -61.01
N LYS GB 8 -36.96 46.09 -62.27
CA LYS GB 8 -37.20 47.49 -62.63
C LYS GB 8 -38.32 47.63 -63.65
N ASP GB 9 -39.20 46.63 -63.76
CA ASP GB 9 -40.30 46.71 -64.71
C ASP GB 9 -41.26 47.84 -64.35
N ARG GB 10 -41.56 47.99 -63.07
CA ARG GB 10 -42.51 49.00 -62.61
C ARG GB 10 -41.74 50.28 -62.31
N LYS GB 11 -41.74 51.20 -63.26
CA LYS GB 11 -41.13 52.50 -63.02
C LYS GB 11 -41.92 53.26 -61.97
N VAL GB 12 -41.20 53.86 -61.03
CA VAL GB 12 -41.80 54.56 -59.91
C VAL GB 12 -41.88 56.04 -60.29
N ARG GB 13 -43.05 56.47 -60.74
CA ARG GB 13 -43.27 57.86 -61.07
C ARG GB 13 -44.74 58.21 -60.84
N ARG GB 14 -44.98 59.47 -60.50
CA ARG GB 14 -46.34 59.92 -60.23
C ARG GB 14 -47.11 60.02 -61.53
N LYS GB 15 -48.22 59.28 -61.62
CA LYS GB 15 -49.11 59.38 -62.75
C LYS GB 15 -50.36 60.20 -62.45
N GLU GB 16 -50.67 60.41 -61.16
CA GLU GB 16 -51.81 61.20 -60.76
C GLU GB 16 -51.50 61.79 -59.40
N PRO GB 17 -52.10 62.92 -59.03
CA PRO GB 17 -51.79 63.53 -57.74
C PRO GB 17 -52.40 62.73 -56.60
N LYS GB 18 -51.60 62.46 -55.57
CA LYS GB 18 -52.10 61.76 -54.39
C LYS GB 18 -53.10 62.60 -53.61
N SER GB 19 -53.13 63.91 -53.85
CA SER GB 19 -54.05 64.78 -53.13
C SER GB 19 -55.48 64.53 -53.61
N GLN GB 20 -56.43 64.99 -52.79
CA GLN GB 20 -57.84 64.88 -53.10
C GLN GB 20 -58.48 66.24 -53.35
N ASP GB 21 -57.68 67.26 -53.63
CA ASP GB 21 -58.21 68.59 -53.88
C ASP GB 21 -58.92 68.60 -55.22
N ILE GB 22 -60.21 68.96 -55.20
CA ILE GB 22 -61.00 68.91 -56.42
C ILE GB 22 -60.56 69.98 -57.42
N TYR GB 23 -60.18 71.17 -56.94
CA TYR GB 23 -59.66 72.18 -57.85
C TYR GB 23 -58.36 71.71 -58.51
N LEU GB 24 -57.48 71.11 -57.71
CA LEU GB 24 -56.23 70.60 -58.26
C LEU GB 24 -56.49 69.50 -59.28
N ARG GB 25 -57.45 68.61 -59.00
CA ARG GB 25 -57.74 67.55 -59.96
C ARG GB 25 -58.39 68.09 -61.22
N LEU GB 26 -59.18 69.16 -61.10
CA LEU GB 26 -59.77 69.78 -62.28
C LEU GB 26 -58.70 70.37 -63.18
N LEU GB 27 -57.77 71.11 -62.59
CA LEU GB 27 -56.68 71.64 -63.42
C LEU GB 27 -55.74 70.54 -63.90
N VAL GB 28 -55.65 69.43 -63.17
CA VAL GB 28 -54.93 68.27 -63.68
C VAL GB 28 -55.60 67.72 -64.93
N LYS GB 29 -56.94 67.64 -64.90
CA LYS GB 29 -57.67 67.24 -66.11
C LYS GB 29 -57.35 68.17 -67.26
N LEU GB 30 -57.39 69.48 -67.00
CA LEU GB 30 -57.16 70.46 -68.05
C LEU GB 30 -55.77 70.31 -68.65
N TYR GB 31 -54.75 70.20 -67.79
CA TYR GB 31 -53.40 70.11 -68.32
C TYR GB 31 -53.09 68.73 -68.90
N ARG GB 32 -53.78 67.68 -68.44
CA ARG GB 32 -53.66 66.39 -69.10
C ARG GB 32 -54.16 66.48 -70.53
N PHE GB 33 -55.32 67.10 -70.71
CA PHE GB 33 -55.85 67.30 -72.06
C PHE GB 33 -54.90 68.14 -72.89
N LEU GB 34 -54.35 69.21 -72.31
CA LEU GB 34 -53.45 70.07 -73.05
C LEU GB 34 -52.18 69.33 -73.48
N ALA GB 35 -51.55 68.62 -72.55
CA ALA GB 35 -50.33 67.90 -72.88
C ALA GB 35 -50.59 66.77 -73.86
N ARG GB 36 -51.79 66.19 -73.82
CA ARG GB 36 -52.09 65.13 -74.78
C ARG GB 36 -52.34 65.69 -76.17
N ARG GB 37 -53.06 66.80 -76.27
CA ARG GB 37 -53.50 67.31 -77.55
C ARG GB 37 -52.61 68.41 -78.13
N THR GB 38 -51.52 68.76 -77.46
CA THR GB 38 -50.57 69.71 -78.00
C THR GB 38 -49.17 69.11 -77.96
N ASN GB 39 -48.29 69.67 -78.77
CA ASN GB 39 -46.90 69.24 -78.84
C ASN GB 39 -45.98 70.04 -77.93
N SER GB 40 -46.53 70.97 -77.15
CA SER GB 40 -45.69 71.82 -76.31
C SER GB 40 -45.18 71.03 -75.11
N THR GB 41 -43.85 70.92 -75.01
CA THR GB 41 -43.26 70.24 -73.87
C THR GB 41 -43.46 71.01 -72.58
N PHE GB 42 -43.73 72.31 -72.67
CA PHE GB 42 -44.02 73.10 -71.47
C PHE GB 42 -45.25 72.56 -70.76
N ASN GB 43 -46.28 72.19 -71.52
CA ASN GB 43 -47.46 71.59 -70.93
C ASN GB 43 -47.12 70.29 -70.23
N GLN GB 44 -46.26 69.47 -70.83
CA GLN GB 44 -45.86 68.21 -70.20
C GLN GB 44 -45.14 68.47 -68.89
N VAL GB 45 -44.23 69.44 -68.87
CA VAL GB 45 -43.48 69.73 -67.65
C VAL GB 45 -44.41 70.25 -66.56
N VAL GB 46 -45.32 71.15 -66.91
CA VAL GB 46 -46.26 71.67 -65.92
C VAL GB 46 -47.15 70.56 -65.39
N LEU GB 47 -47.63 69.70 -66.28
CA LEU GB 47 -48.51 68.61 -65.87
C LEU GB 47 -47.78 67.65 -64.93
N LYS GB 48 -46.53 67.32 -65.23
CA LYS GB 48 -45.81 66.40 -64.35
C LYS GB 48 -45.41 67.07 -63.05
N ARG GB 49 -45.25 68.39 -63.03
CA ARG GB 49 -45.01 69.07 -61.77
C ARG GB 49 -46.27 69.17 -60.93
N LEU GB 50 -47.45 69.16 -61.57
CA LEU GB 50 -48.69 69.20 -60.80
C LEU GB 50 -48.86 67.95 -59.96
N PHE GB 51 -48.44 66.79 -60.46
CA PHE GB 51 -48.56 65.56 -59.69
C PHE GB 51 -47.63 65.54 -58.49
N MET GB 52 -46.64 66.41 -58.45
CA MET GB 52 -45.57 66.28 -57.47
C MET GB 52 -46.06 66.59 -56.07
N SER GB 53 -45.34 66.06 -55.09
CA SER GB 53 -45.67 66.29 -53.69
C SER GB 53 -45.30 67.72 -53.30
N ARG GB 54 -45.69 68.10 -52.08
CA ARG GB 54 -45.42 69.45 -51.60
C ARG GB 54 -43.92 69.70 -51.49
N THR GB 55 -43.17 68.69 -51.04
CA THR GB 55 -41.72 68.83 -50.92
C THR GB 55 -41.04 68.93 -52.27
N ASN GB 56 -41.64 68.40 -53.33
CA ASN GB 56 -41.12 68.56 -54.67
C ASN GB 56 -41.63 69.84 -55.33
N ARG GB 57 -42.46 70.61 -54.63
CA ARG GB 57 -42.93 71.91 -55.11
C ARG GB 57 -42.63 72.93 -54.01
N PRO GB 58 -41.34 73.23 -53.78
CA PRO GB 58 -41.00 74.11 -52.68
C PRO GB 58 -41.48 75.52 -52.94
N PRO GB 59 -41.78 76.29 -51.91
CA PRO GB 59 -42.21 77.68 -52.11
C PRO GB 59 -41.10 78.51 -52.72
N LEU GB 60 -41.49 79.41 -53.62
CA LEU GB 60 -40.57 80.27 -54.33
C LEU GB 60 -40.65 81.67 -53.76
N SER GB 61 -39.52 82.19 -53.28
CA SER GB 61 -39.51 83.51 -52.68
C SER GB 61 -39.59 84.60 -53.75
N LEU GB 62 -40.22 85.72 -53.38
CA LEU GB 62 -40.36 86.85 -54.28
C LEU GB 62 -39.00 87.37 -54.71
N SER GB 63 -38.04 87.40 -53.79
CA SER GB 63 -36.70 87.90 -54.12
C SER GB 63 -36.05 87.02 -55.18
N ARG GB 64 -36.17 85.70 -55.03
CA ARG GB 64 -35.61 84.80 -56.02
C ARG GB 64 -36.31 84.96 -57.36
N MET GB 65 -37.64 85.12 -57.35
CA MET GB 65 -38.36 85.29 -58.61
C MET GB 65 -37.94 86.58 -59.30
N ILE GB 66 -37.76 87.66 -58.54
CA ILE GB 66 -37.33 88.93 -59.12
C ILE GB 66 -35.92 88.81 -59.68
N ARG GB 67 -35.02 88.14 -58.96
CA ARG GB 67 -33.66 87.97 -59.47
C ARG GB 67 -33.65 87.17 -60.76
N LYS GB 68 -34.43 86.09 -60.83
CA LYS GB 68 -34.49 85.31 -62.07
C LYS GB 68 -35.21 86.05 -63.19
N MET GB 69 -36.13 86.97 -62.86
CA MET GB 69 -36.82 87.74 -63.88
C MET GB 69 -36.00 88.92 -64.39
N LYS GB 70 -35.05 89.41 -63.60
CA LYS GB 70 -34.21 90.52 -64.03
C LYS GB 70 -33.25 90.17 -65.16
N LEU GB 71 -33.11 88.89 -65.48
CA LEU GB 71 -32.16 88.46 -66.49
C LEU GB 71 -32.54 89.02 -67.87
N PRO GB 72 -31.55 89.33 -68.70
CA PRO GB 72 -31.84 89.94 -70.00
C PRO GB 72 -32.65 89.01 -70.90
N GLY GB 73 -33.49 89.61 -71.73
CA GLY GB 73 -34.34 88.87 -72.63
C GLY GB 73 -35.59 88.31 -72.00
N ARG GB 74 -35.82 88.56 -70.71
CA ARG GB 74 -37.00 88.06 -70.02
C ARG GB 74 -38.05 89.15 -69.82
N GLU GB 75 -37.92 90.27 -70.50
CA GLU GB 75 -38.85 91.37 -70.34
C GLU GB 75 -40.19 91.05 -70.97
N ASN GB 76 -41.27 91.45 -70.28
CA ASN GB 76 -42.64 91.23 -70.75
C ASN GB 76 -42.93 89.75 -71.00
N LYS GB 77 -42.39 88.89 -70.15
CA LYS GB 77 -42.61 87.46 -70.22
C LYS GB 77 -43.33 86.99 -68.97
N THR GB 78 -44.27 86.07 -69.13
CA THR GB 78 -44.97 85.52 -67.99
C THR GB 78 -44.01 84.70 -67.14
N ALA GB 79 -44.22 84.72 -65.82
CA ALA GB 79 -43.44 83.90 -64.91
C ALA GB 79 -44.36 82.83 -64.32
N VAL GB 80 -43.99 81.56 -64.52
CA VAL GB 80 -44.82 80.44 -64.14
C VAL GB 80 -44.06 79.60 -63.12
N VAL GB 81 -44.70 79.32 -61.98
CA VAL GB 81 -44.14 78.42 -60.98
C VAL GB 81 -45.25 77.52 -60.48
N VAL GB 82 -44.93 76.25 -60.28
CA VAL GB 82 -45.90 75.25 -59.81
C VAL GB 82 -45.69 75.15 -58.30
N GLY GB 83 -46.47 75.93 -57.55
CA GLY GB 83 -46.36 75.89 -56.11
C GLY GB 83 -46.82 77.20 -55.50
N THR GB 84 -46.24 77.50 -54.34
CA THR GB 84 -46.60 78.68 -53.56
C THR GB 84 -45.53 79.74 -53.73
N ILE GB 85 -45.95 80.98 -53.98
CA ILE GB 85 -45.03 82.10 -54.04
C ILE GB 85 -45.02 82.81 -52.69
N THR GB 86 -43.83 83.08 -52.18
CA THR GB 86 -43.63 83.62 -50.85
C THR GB 86 -43.11 85.06 -50.95
N ASP GB 87 -43.71 85.95 -50.20
CA ASP GB 87 -43.19 87.31 -50.09
C ASP GB 87 -41.92 87.32 -49.26
N ASP GB 88 -40.91 88.06 -49.72
CA ASP GB 88 -39.66 88.22 -49.01
C ASP GB 88 -39.54 89.67 -48.56
N VAL GB 89 -39.21 89.87 -47.28
CA VAL GB 89 -39.17 91.21 -46.72
C VAL GB 89 -37.78 91.80 -46.86
N ARG GB 90 -36.92 91.11 -47.59
CA ARG GB 90 -35.56 91.57 -47.83
C ARG GB 90 -35.41 92.32 -49.14
N VAL GB 91 -36.51 92.56 -49.85
CA VAL GB 91 -36.50 93.37 -51.08
C VAL GB 91 -37.32 94.63 -50.83
N GLN GB 92 -36.80 95.75 -51.34
CA GLN GB 92 -37.43 97.04 -51.12
C GLN GB 92 -38.18 97.56 -52.34
N GLU GB 93 -37.73 97.23 -53.55
CA GLU GB 93 -38.37 97.70 -54.76
C GLU GB 93 -38.82 96.50 -55.59
N VAL GB 94 -40.12 96.42 -55.83
CA VAL GB 94 -40.71 95.31 -56.56
C VAL GB 94 -40.98 95.77 -57.99
N PRO GB 95 -40.37 95.16 -59.00
CA PRO GB 95 -40.66 95.54 -60.38
C PRO GB 95 -42.00 95.01 -60.85
N LYS GB 96 -42.46 95.55 -61.96
CA LYS GB 96 -43.71 95.11 -62.57
C LYS GB 96 -43.56 93.68 -63.06
N LEU GB 97 -44.54 92.84 -62.74
CA LEU GB 97 -44.43 91.41 -62.97
C LEU GB 97 -45.72 90.83 -63.54
N LYS GB 98 -45.58 89.78 -64.32
CA LYS GB 98 -46.71 88.94 -64.75
C LYS GB 98 -46.46 87.55 -64.19
N VAL GB 99 -47.33 87.10 -63.30
CA VAL GB 99 -47.07 85.94 -62.46
C VAL GB 99 -48.20 84.94 -62.61
N CYS GB 100 -47.86 83.67 -62.75
CA CYS GB 100 -48.81 82.57 -62.62
C CYS GB 100 -48.27 81.58 -61.62
N ALA GB 101 -49.06 81.27 -60.59
CA ALA GB 101 -48.64 80.36 -59.55
C ALA GB 101 -49.84 79.57 -59.05
N LEU GB 102 -49.55 78.40 -58.47
CA LEU GB 102 -50.61 77.59 -57.91
C LEU GB 102 -51.26 78.28 -56.72
N ARG GB 103 -50.45 78.91 -55.87
CA ARG GB 103 -50.95 79.58 -54.68
C ARG GB 103 -50.06 80.77 -54.40
N VAL GB 104 -50.65 81.89 -54.01
CA VAL GB 104 -49.92 83.11 -53.74
C VAL GB 104 -50.22 83.56 -52.32
N THR GB 105 -49.17 83.86 -51.56
CA THR GB 105 -49.33 84.41 -50.23
C THR GB 105 -50.08 85.73 -50.32
N SER GB 106 -50.94 86.00 -49.33
CA SER GB 106 -51.76 87.20 -49.35
C SER GB 106 -50.91 88.46 -49.39
N ARG GB 107 -49.85 88.51 -48.58
CA ARG GB 107 -48.99 89.68 -48.57
C ARG GB 107 -48.25 89.83 -49.89
N ALA GB 108 -47.80 88.71 -50.48
CA ALA GB 108 -47.14 88.78 -51.78
C ALA GB 108 -48.09 89.29 -52.86
N ARG GB 109 -49.34 88.81 -52.83
CA ARG GB 109 -50.34 89.29 -53.77
C ARG GB 109 -50.59 90.78 -53.60
N SER GB 110 -50.68 91.24 -52.34
CA SER GB 110 -50.88 92.66 -52.09
C SER GB 110 -49.72 93.49 -52.61
N ARG GB 111 -48.49 93.06 -52.35
CA ARG GB 111 -47.32 93.80 -52.81
C ARG GB 111 -47.26 93.83 -54.34
N ILE GB 112 -47.55 92.70 -54.97
CA ILE GB 112 -47.49 92.63 -56.44
C ILE GB 112 -48.53 93.55 -57.06
N LEU GB 113 -49.76 93.50 -56.55
CA LEU GB 113 -50.80 94.36 -57.09
C LEU GB 113 -50.50 95.84 -56.84
N ARG GB 114 -49.97 96.16 -55.66
CA ARG GB 114 -49.60 97.55 -55.39
C ARG GB 114 -48.48 98.01 -56.30
N ALA GB 115 -47.52 97.13 -56.63
CA ALA GB 115 -46.50 97.44 -57.61
C ALA GB 115 -47.03 97.43 -59.03
N GLY GB 116 -48.26 96.94 -59.24
CA GLY GB 116 -48.86 96.95 -60.55
C GLY GB 116 -48.79 95.63 -61.28
N GLY GB 117 -48.30 94.58 -60.63
CA GLY GB 117 -48.20 93.30 -61.29
C GLY GB 117 -49.55 92.64 -61.50
N LYS GB 118 -49.55 91.61 -62.34
CA LYS GB 118 -50.75 90.87 -62.66
C LYS GB 118 -50.56 89.42 -62.25
N ILE GB 119 -51.59 88.83 -61.66
CA ILE GB 119 -51.53 87.47 -61.13
C ILE GB 119 -52.61 86.64 -61.81
N LEU GB 120 -52.22 85.48 -62.31
CA LEU GB 120 -53.10 84.59 -63.06
C LEU GB 120 -53.09 83.21 -62.42
N THR GB 121 -54.27 82.63 -62.26
CA THR GB 121 -54.33 81.23 -61.90
C THR GB 121 -53.94 80.37 -63.10
N PHE GB 122 -53.66 79.09 -62.82
CA PHE GB 122 -53.17 78.21 -63.88
C PHE GB 122 -54.24 77.97 -64.94
N ASP GB 123 -55.51 77.99 -64.56
CA ASP GB 123 -56.55 77.86 -65.58
C ASP GB 123 -56.58 79.06 -66.50
N GLN GB 124 -56.31 80.25 -65.95
CA GLN GB 124 -56.21 81.44 -66.80
C GLN GB 124 -54.93 81.47 -67.59
N LEU GB 125 -53.90 80.74 -67.14
CA LEU GB 125 -52.66 80.66 -67.89
C LEU GB 125 -52.88 79.97 -69.24
N ALA GB 126 -53.72 78.94 -69.27
CA ALA GB 126 -54.02 78.27 -70.53
C ALA GB 126 -54.72 79.21 -71.48
N LEU GB 127 -55.66 80.00 -70.98
CA LEU GB 127 -56.34 80.98 -71.82
C LEU GB 127 -55.36 82.02 -72.33
N ASP GB 128 -54.42 82.44 -71.49
CA ASP GB 128 -53.41 83.40 -71.92
C ASP GB 128 -52.54 82.82 -73.03
N SER GB 129 -51.83 81.74 -72.73
CA SER GB 129 -50.95 81.08 -73.71
C SER GB 129 -51.21 79.59 -73.64
N PRO GB 130 -51.93 79.03 -74.62
CA PRO GB 130 -52.16 77.58 -74.61
C PRO GB 130 -50.88 76.77 -74.68
N LYS GB 131 -49.88 77.24 -75.42
CA LYS GB 131 -48.60 76.56 -75.53
C LYS GB 131 -47.56 77.09 -74.57
N GLY GB 132 -47.93 78.03 -73.70
CA GLY GB 132 -46.96 78.66 -72.83
C GLY GB 132 -45.94 79.49 -73.55
N CYS GB 133 -46.34 80.17 -74.63
CA CYS GB 133 -45.42 81.02 -75.36
C CYS GB 133 -45.08 82.26 -74.53
N GLY GB 134 -43.80 82.64 -74.56
CA GLY GB 134 -43.36 83.78 -73.78
C GLY GB 134 -43.49 83.58 -72.29
N THR GB 135 -43.18 82.37 -71.82
CA THR GB 135 -43.30 82.02 -70.41
C THR GB 135 -41.98 81.47 -69.91
N VAL GB 136 -41.60 81.88 -68.70
CA VAL GB 136 -40.39 81.42 -68.04
C VAL GB 136 -40.80 80.58 -66.85
N LEU GB 137 -40.35 79.34 -66.83
CA LEU GB 137 -40.72 78.40 -65.78
C LEU GB 137 -39.65 78.43 -64.70
N LEU GB 138 -40.06 78.77 -63.49
CA LEU GB 138 -39.17 78.82 -62.34
C LEU GB 138 -39.47 77.63 -61.42
N SER GB 139 -38.68 77.54 -60.35
CA SER GB 139 -38.90 76.52 -59.34
C SER GB 139 -38.20 76.95 -58.06
N GLY GB 140 -38.80 76.62 -56.93
CA GLY GB 140 -38.22 76.93 -55.64
C GLY GB 140 -37.02 76.06 -55.37
N PRO GB 141 -36.27 76.38 -54.33
CA PRO GB 141 -35.11 75.56 -53.96
C PRO GB 141 -35.54 74.16 -53.55
N ARG GB 142 -35.21 73.16 -54.37
CA ARG GB 142 -35.61 71.80 -54.06
C ARG GB 142 -34.92 71.27 -52.81
N LYS GB 143 -33.63 71.57 -52.66
CA LYS GB 143 -32.88 71.12 -51.50
C LYS GB 143 -32.90 72.13 -50.36
N GLY GB 144 -33.65 73.21 -50.51
CA GLY GB 144 -33.74 74.20 -49.46
C GLY GB 144 -34.63 73.76 -48.31
N ARG GB 145 -34.35 72.59 -47.75
CA ARG GB 145 -35.14 72.02 -46.68
C ARG GB 145 -34.21 71.63 -45.54
N GLU GB 146 -34.80 71.53 -44.35
CA GLU GB 146 -34.01 71.16 -43.17
C GLU GB 146 -33.47 69.74 -43.29
N VAL GB 147 -34.24 68.83 -43.90
CA VAL GB 147 -33.89 67.43 -43.91
C VAL GB 147 -32.66 67.14 -44.75
N TYR GB 148 -32.30 68.02 -45.69
CA TYR GB 148 -31.15 67.74 -46.54
C TYR GB 148 -29.83 67.98 -45.83
N ARG GB 149 -29.85 68.72 -44.71
CA ARG GB 149 -28.62 68.92 -43.95
C ARG GB 149 -28.16 67.65 -43.26
N HIS GB 150 -29.05 66.69 -43.04
CA HIS GB 150 -28.67 65.42 -42.44
C HIS GB 150 -28.31 64.36 -43.45
N PHE GB 151 -28.64 64.57 -44.72
CA PHE GB 151 -28.43 63.55 -45.73
C PHE GB 151 -27.00 63.58 -46.24
N GLY GB 152 -26.57 62.46 -46.83
CA GLY GB 152 -25.24 62.33 -47.39
C GLY GB 152 -24.45 61.26 -46.67
N LYS GB 153 -23.14 61.51 -46.50
CA LYS GB 153 -22.29 60.58 -45.80
C LYS GB 153 -22.61 60.58 -44.31
N ALA GB 154 -22.09 59.57 -43.61
CA ALA GB 154 -22.33 59.46 -42.18
C ALA GB 154 -21.60 60.58 -41.44
N PRO GB 155 -22.18 61.10 -40.35
CA PRO GB 155 -21.51 62.19 -39.61
C PRO GB 155 -20.15 61.81 -39.07
N GLY GB 156 -19.98 60.57 -38.64
CA GLY GB 156 -18.72 60.15 -38.05
C GLY GB 156 -17.71 59.67 -39.07
N THR GB 157 -17.70 60.29 -40.24
CA THR GB 157 -16.75 59.95 -41.29
C THR GB 157 -16.01 61.20 -41.73
N PRO GB 158 -14.77 61.06 -42.18
CA PRO GB 158 -14.02 62.23 -42.65
C PRO GB 158 -14.66 62.84 -43.87
N HIS GB 159 -14.47 64.15 -44.02
CA HIS GB 159 -14.98 64.93 -45.16
C HIS GB 159 -16.49 64.82 -45.29
N SER GB 160 -17.19 64.72 -44.17
CA SER GB 160 -18.65 64.71 -44.14
C SER GB 160 -19.11 65.88 -43.29
N HIS GB 161 -20.01 66.69 -43.84
CA HIS GB 161 -20.50 67.86 -43.14
C HIS GB 161 -22.01 67.77 -42.94
N THR GB 162 -22.48 66.61 -42.52
CA THR GB 162 -23.91 66.39 -42.33
C THR GB 162 -24.28 66.67 -40.87
N LYS GB 163 -25.39 67.36 -40.69
CA LYS GB 163 -25.85 67.71 -39.36
C LYS GB 163 -26.32 66.46 -38.63
N PRO GB 164 -25.72 66.12 -37.49
CA PRO GB 164 -26.19 64.96 -36.74
C PRO GB 164 -27.50 65.26 -36.04
N TYR GB 165 -28.27 64.21 -35.79
CA TYR GB 165 -29.54 64.33 -35.07
C TYR GB 165 -29.27 64.37 -33.59
N VAL GB 166 -29.56 65.50 -32.95
CA VAL GB 166 -29.38 65.66 -31.52
C VAL GB 166 -30.63 66.29 -30.92
N ARG GB 167 -30.94 65.87 -29.70
CA ARG GB 167 -32.11 66.44 -29.01
C ARG GB 167 -31.87 67.88 -28.59
N SER GB 168 -30.61 68.29 -28.43
CA SER GB 168 -30.29 69.65 -28.05
C SER GB 168 -28.93 70.02 -28.58
N LYS GB 169 -28.68 71.32 -28.67
CA LYS GB 169 -27.39 71.85 -29.10
C LYS GB 169 -26.68 72.44 -27.89
N GLY GB 170 -25.45 72.01 -27.67
CA GLY GB 170 -24.68 72.50 -26.54
C GLY GB 170 -23.34 71.82 -26.49
N ARG GB 171 -22.50 72.30 -25.57
CA ARG GB 171 -21.16 71.76 -25.43
C ARG GB 171 -21.17 70.35 -24.84
N LYS GB 172 -22.25 69.94 -24.21
CA LYS GB 172 -22.33 68.62 -23.61
C LYS GB 172 -22.88 67.57 -24.56
N PHE GB 173 -23.37 67.95 -25.73
CA PHE GB 173 -24.09 67.06 -26.62
C PHE GB 173 -23.20 66.71 -27.81
N GLU GB 174 -22.60 65.53 -27.78
CA GLU GB 174 -21.92 64.93 -28.92
C GLU GB 174 -20.80 65.84 -29.43
N ARG GB 175 -19.83 66.11 -28.55
CA ARG GB 175 -18.71 66.96 -28.92
C ARG GB 175 -17.36 66.47 -28.43
N ALA GB 176 -17.28 65.37 -27.68
CA ALA GB 176 -16.04 65.03 -27.00
C ALA GB 176 -15.17 64.06 -27.77
N ARG GB 177 -15.62 62.83 -27.97
CA ARG GB 177 -14.77 61.76 -28.50
C ARG GB 177 -15.20 61.47 -29.93
N GLY GB 178 -14.42 61.93 -30.89
CA GLY GB 178 -14.77 61.87 -32.29
C GLY GB 178 -14.98 63.22 -32.94
N ARG GB 179 -15.04 64.28 -32.15
CA ARG GB 179 -15.15 65.63 -32.67
C ARG GB 179 -13.88 66.45 -32.52
N ARG GB 180 -13.06 66.13 -31.52
CA ARG GB 180 -11.80 66.84 -31.31
C ARG GB 180 -10.71 65.83 -31.02
N ALA GB 181 -9.49 66.17 -31.44
CA ALA GB 181 -8.35 65.27 -31.28
C ALA GB 181 -7.96 65.09 -29.82
N SER GB 182 -8.43 65.95 -28.93
CA SER GB 182 -8.09 65.81 -27.51
C SER GB 182 -8.64 64.51 -26.93
N ARG GB 183 -9.87 64.16 -27.30
CA ARG GB 183 -10.52 62.96 -26.79
C ARG GB 183 -10.51 61.91 -27.90
N GLY GB 184 -9.43 61.15 -27.97
CA GLY GB 184 -9.35 60.02 -28.89
C GLY GB 184 -8.97 60.39 -30.30
N TYR GB 185 -9.91 60.97 -31.05
CA TYR GB 185 -9.67 61.30 -32.45
C TYR GB 185 -10.62 62.40 -32.86
N LYS GB 186 -10.29 63.06 -33.97
CA LYS GB 186 -11.04 64.22 -34.43
C LYS GB 186 -11.84 63.95 -35.69
N ASN GB 187 -11.24 63.25 -36.66
CA ASN GB 187 -11.78 62.97 -38.01
C ASN GB 187 -12.98 63.79 -38.50
N LYS HB 1 -16.00 11.82 -82.46
CA LYS HB 1 -16.55 11.78 -83.81
C LYS HB 1 -17.64 10.72 -83.89
N ALA HB 2 -18.69 11.00 -84.66
CA ALA HB 2 -19.78 10.06 -84.84
C ALA HB 2 -19.51 9.22 -86.09
N SER HB 3 -20.53 8.50 -86.56
CA SER HB 3 -20.38 7.63 -87.71
C SER HB 3 -21.70 7.63 -88.48
N GLY HB 4 -21.89 6.62 -89.32
CA GLY HB 4 -23.04 6.54 -90.18
C GLY HB 4 -22.65 5.80 -91.45
N THR HB 5 -22.92 6.38 -92.60
CA THR HB 5 -22.38 5.91 -93.87
C THR HB 5 -21.31 6.91 -94.26
N LEU HB 6 -20.06 6.57 -93.98
CA LEU HB 6 -18.97 7.51 -94.18
C LEU HB 6 -18.75 7.76 -95.66
N ARG HB 7 -18.02 8.84 -95.94
CA ARG HB 7 -17.63 9.15 -97.31
C ARG HB 7 -16.26 9.81 -97.30
N GLU HB 8 -15.53 9.64 -98.39
CA GLU HB 8 -14.17 10.14 -98.49
C GLU HB 8 -14.15 11.57 -99.03
N TYR HB 9 -13.32 12.41 -98.42
CA TYR HB 9 -13.12 13.78 -98.85
C TYR HB 9 -11.65 14.03 -99.08
N LYS HB 10 -11.32 14.59 -100.24
CA LYS HB 10 -9.99 15.12 -100.49
C LYS HB 10 -9.97 16.55 -99.99
N VAL HB 11 -9.09 16.83 -99.03
CA VAL HB 11 -8.97 18.16 -98.43
C VAL HB 11 -7.55 18.65 -98.67
N VAL HB 12 -7.43 19.77 -99.36
CA VAL HB 12 -6.16 20.43 -99.58
C VAL HB 12 -6.18 21.75 -98.82
N GLY HB 13 -5.15 21.97 -98.01
CA GLY HB 13 -5.06 23.17 -97.20
C GLY HB 13 -3.65 23.71 -97.16
N ARG HB 14 -3.55 24.96 -96.70
CA ARG HB 14 -2.26 25.61 -96.60
C ARG HB 14 -2.31 26.68 -95.53
N CYS HB 15 -1.14 27.02 -94.99
CA CYS HB 15 -1.05 28.12 -94.05
C CYS HB 15 -1.28 29.46 -94.77
N LEU HB 16 -1.64 30.46 -93.99
CA LEU HB 16 -1.77 31.79 -94.54
C LEU HB 16 -0.40 32.32 -94.97
N PRO HB 17 -0.34 33.13 -96.01
CA PRO HB 17 0.96 33.62 -96.50
C PRO HB 17 1.67 34.49 -95.48
N THR HB 18 2.76 33.99 -94.94
CA THR HB 18 3.57 34.73 -93.99
C THR HB 18 4.46 35.73 -94.72
N PRO HB 19 4.95 36.76 -94.02
CA PRO HB 19 5.90 37.68 -94.67
C PRO HB 19 7.31 37.12 -94.68
N LYS HB 20 7.44 35.82 -94.95
CA LYS HB 20 8.71 35.18 -95.28
C LYS HB 20 8.61 34.28 -96.50
N CYS HB 21 7.42 33.79 -96.85
CA CYS HB 21 7.22 32.96 -98.03
C CYS HB 21 5.77 33.12 -98.46
N HIS HB 22 5.56 33.84 -99.56
CA HIS HB 22 4.21 34.13 -100.02
C HIS HB 22 3.47 32.89 -100.51
N THR HB 23 4.18 31.80 -100.80
CA THR HB 23 3.57 30.59 -101.32
C THR HB 23 3.96 29.42 -100.42
N PRO HB 24 3.27 29.27 -99.29
CA PRO HB 24 3.51 28.08 -98.46
C PRO HB 24 3.03 26.83 -99.19
N PRO HB 25 3.64 25.68 -98.91
CA PRO HB 25 3.25 24.45 -99.61
C PRO HB 25 1.84 24.01 -99.26
N LEU HB 26 1.20 23.35 -100.22
CA LEU HB 26 -0.16 22.84 -100.06
C LEU HB 26 -0.11 21.39 -99.64
N TYR HB 27 -0.92 21.02 -98.65
CA TYR HB 27 -0.97 19.66 -98.14
C TYR HB 27 -2.34 19.06 -98.42
N ARG HB 28 -2.35 17.85 -98.97
CA ARG HB 28 -3.56 17.14 -99.36
C ARG HB 28 -3.71 15.90 -98.49
N MET HB 29 -4.91 15.68 -97.97
CA MET HB 29 -5.20 14.49 -97.20
C MET HB 29 -6.55 13.91 -97.59
N ARG HB 30 -6.66 12.60 -97.47
CA ARG HB 30 -7.92 11.89 -97.66
C ARG HB 30 -8.52 11.62 -96.30
N ILE HB 31 -9.71 12.13 -96.05
CA ILE HB 31 -10.36 12.04 -94.75
C ILE HB 31 -11.71 11.39 -94.92
N PHE HB 32 -11.98 10.35 -94.15
CA PHE HB 32 -13.26 9.67 -94.18
C PHE HB 32 -14.15 10.25 -93.09
N ALA HB 33 -15.27 10.84 -93.48
CA ALA HB 33 -16.14 11.53 -92.52
C ALA HB 33 -17.57 11.39 -92.98
N PRO HB 34 -18.54 11.51 -92.08
CA PRO HB 34 -19.95 11.56 -92.51
C PRO HB 34 -20.25 12.75 -93.40
N ASN HB 35 -19.54 13.86 -93.22
CA ASN HB 35 -19.85 15.07 -93.97
C ASN HB 35 -18.62 15.97 -94.01
N HIS HB 36 -18.70 16.99 -94.88
CA HIS HB 36 -17.55 17.83 -95.14
C HIS HB 36 -17.18 18.66 -93.92
N VAL HB 37 -18.12 18.88 -93.01
CA VAL HB 37 -17.80 19.65 -91.81
C VAL HB 37 -16.83 18.87 -90.94
N VAL HB 38 -17.14 17.60 -90.70
CA VAL HB 38 -16.26 16.71 -89.95
C VAL HB 38 -14.97 16.50 -90.71
N ALA HB 39 -15.04 16.44 -92.05
CA ALA HB 39 -13.83 16.31 -92.86
C ALA HB 39 -12.90 17.48 -92.63
N LYS HB 40 -13.42 18.70 -92.67
CA LYS HB 40 -12.60 19.88 -92.44
C LYS HB 40 -12.03 19.91 -91.04
N SER HB 41 -12.82 19.48 -90.04
CA SER HB 41 -12.30 19.43 -88.68
C SER HB 41 -11.16 18.43 -88.57
N ARG HB 42 -11.34 17.23 -89.11
CA ARG HB 42 -10.30 16.20 -88.99
C ARG HB 42 -9.06 16.57 -89.78
N PHE HB 43 -9.21 17.31 -90.88
CA PHE HB 43 -8.05 17.75 -91.63
C PHE HB 43 -7.14 18.63 -90.78
N TRP HB 44 -7.72 19.62 -90.09
CA TRP HB 44 -6.94 20.41 -89.16
C TRP HB 44 -6.39 19.57 -88.03
N TYR HB 45 -7.19 18.63 -87.50
CA TYR HB 45 -6.71 17.80 -86.40
C TYR HB 45 -5.48 16.99 -86.78
N PHE HB 46 -5.39 16.55 -88.04
CA PHE HB 46 -4.24 15.78 -88.46
C PHE HB 46 -3.06 16.64 -88.90
N VAL HB 47 -3.32 17.75 -89.61
CA VAL HB 47 -2.20 18.59 -90.01
C VAL HB 47 -1.58 19.28 -88.81
N SER HB 48 -2.35 19.55 -87.76
CA SER HB 48 -1.79 20.09 -86.54
C SER HB 48 -0.91 19.09 -85.80
N GLN HB 49 -1.06 17.80 -86.07
CA GLN HB 49 -0.16 16.80 -85.50
C GLN HB 49 1.08 16.61 -86.36
N LEU HB 50 0.90 16.52 -87.68
CA LEU HB 50 2.05 16.26 -88.54
C LEU HB 50 2.95 17.49 -88.70
N LYS HB 51 2.37 18.67 -88.84
CA LYS HB 51 3.13 19.90 -88.97
C LYS HB 51 2.70 20.88 -87.89
N LYS HB 52 3.43 21.99 -87.80
CA LYS HB 52 3.11 23.06 -86.86
C LYS HB 52 2.08 24.00 -87.47
N MET HB 53 0.93 23.44 -87.79
CA MET HB 53 -0.16 24.18 -88.41
C MET HB 53 -1.25 24.50 -87.39
N LYS HB 54 -2.14 25.42 -87.78
CA LYS HB 54 -3.29 25.75 -86.97
C LYS HB 54 -4.41 26.18 -87.89
N LYS HB 55 -5.65 25.92 -87.45
CA LYS HB 55 -6.80 26.30 -88.26
C LYS HB 55 -6.89 27.80 -88.42
N SER HB 56 -6.67 28.55 -87.34
CA SER HB 56 -6.70 30.00 -87.42
C SER HB 56 -5.46 30.58 -88.09
N SER HB 57 -4.41 29.78 -88.25
CA SER HB 57 -3.19 30.23 -88.91
C SER HB 57 -3.18 29.91 -90.40
N GLY HB 58 -4.22 29.27 -90.91
CA GLY HB 58 -4.23 28.89 -92.31
C GLY HB 58 -5.62 28.85 -92.91
N GLU HB 59 -5.80 28.02 -93.94
CA GLU HB 59 -7.07 27.93 -94.64
C GLU HB 59 -7.10 26.62 -95.40
N ILE HB 60 -8.32 26.25 -95.82
CA ILE HB 60 -8.55 25.06 -96.62
C ILE HB 60 -8.93 25.52 -98.02
N VAL HB 61 -8.08 25.23 -98.99
CA VAL HB 61 -8.34 25.66 -100.35
C VAL HB 61 -9.26 24.70 -101.10
N TYR HB 62 -9.35 23.44 -100.67
CA TYR HB 62 -10.25 22.52 -101.35
C TYR HB 62 -10.77 21.49 -100.37
N CYS HB 63 -12.05 21.17 -100.50
CA CYS HB 63 -12.67 20.12 -99.67
C CYS HB 63 -13.79 19.50 -100.51
N GLY HB 64 -13.46 18.42 -101.21
CA GLY HB 64 -14.38 17.81 -102.14
C GLY HB 64 -14.53 16.32 -101.92
N GLN HB 65 -15.77 15.85 -102.06
CA GLN HB 65 -16.04 14.43 -101.94
C GLN HB 65 -15.41 13.69 -103.10
N VAL HB 66 -14.79 12.55 -102.80
CA VAL HB 66 -14.14 11.71 -103.79
C VAL HB 66 -15.06 10.52 -104.05
N PHE HB 67 -15.66 10.49 -105.24
CA PHE HB 67 -16.52 9.38 -105.59
C PHE HB 67 -15.69 8.13 -105.83
N GLU HB 68 -16.30 6.97 -105.57
CA GLU HB 68 -15.60 5.71 -105.77
C GLU HB 68 -15.35 5.50 -107.26
N LYS HB 69 -14.09 5.18 -107.60
CA LYS HB 69 -13.71 5.09 -109.01
C LYS HB 69 -14.39 3.92 -109.70
N SER HB 70 -14.43 2.76 -109.05
CA SER HB 70 -15.05 1.57 -109.63
C SER HB 70 -15.99 0.95 -108.61
N PRO HB 71 -17.18 1.55 -108.42
CA PRO HB 71 -18.12 1.01 -107.44
C PRO HB 71 -18.81 -0.26 -107.88
N LEU HB 72 -18.60 -0.73 -109.11
CA LEU HB 72 -19.20 -1.96 -109.58
C LEU HB 72 -18.21 -3.12 -109.60
N ARG HB 73 -17.07 -2.97 -108.92
CA ARG HB 73 -16.04 -4.00 -108.90
C ARG HB 73 -15.80 -4.46 -107.48
N VAL HB 74 -15.81 -5.76 -107.27
CA VAL HB 74 -15.44 -6.33 -105.98
C VAL HB 74 -13.92 -6.25 -105.83
N LYS HB 75 -13.46 -5.71 -104.71
CA LYS HB 75 -12.05 -5.51 -104.50
C LYS HB 75 -11.73 -5.64 -103.02
N ASN HB 76 -10.45 -5.88 -102.72
CA ASN HB 76 -9.99 -6.12 -101.37
C ASN HB 76 -9.29 -4.87 -100.86
N PHE HB 77 -9.72 -4.40 -99.69
CA PHE HB 77 -9.17 -3.20 -99.08
C PHE HB 77 -8.38 -3.57 -97.83
N GLY HB 78 -7.14 -3.07 -97.76
CA GLY HB 78 -6.30 -3.20 -96.59
C GLY HB 78 -6.15 -1.85 -95.92
N ILE HB 79 -6.41 -1.83 -94.62
CA ILE HB 79 -6.43 -0.59 -93.85
C ILE HB 79 -5.42 -0.69 -92.72
N TRP HB 80 -4.45 0.22 -92.71
CA TRP HB 80 -3.52 0.38 -91.61
C TRP HB 80 -4.01 1.53 -90.74
N LEU HB 81 -4.01 1.30 -89.42
CA LEU HB 81 -4.52 2.30 -88.50
C LEU HB 81 -3.78 2.19 -87.18
N ARG HB 82 -4.06 3.14 -86.29
CA ARG HB 82 -3.68 3.07 -84.89
C ARG HB 82 -4.92 3.39 -84.06
N TYR HB 83 -5.15 2.60 -83.02
CA TYR HB 83 -6.30 2.81 -82.15
C TYR HB 83 -5.82 2.89 -80.71
N ASP HB 84 -6.64 3.49 -79.86
CA ASP HB 84 -6.33 3.66 -78.45
C ASP HB 84 -7.16 2.67 -77.65
N SER HB 85 -6.49 1.72 -77.02
CA SER HB 85 -7.17 0.76 -76.15
C SER HB 85 -7.38 1.40 -74.78
N ARG HB 86 -7.90 0.62 -73.83
CA ARG HB 86 -8.06 1.13 -72.48
C ARG HB 86 -6.73 1.29 -71.76
N SER HB 87 -5.67 0.66 -72.26
CA SER HB 87 -4.39 0.72 -71.56
C SER HB 87 -3.21 0.85 -72.53
N GLY HB 88 -3.43 1.45 -73.69
CA GLY HB 88 -2.33 1.69 -74.60
C GLY HB 88 -2.80 1.89 -76.02
N THR HB 89 -1.82 2.14 -76.89
CA THR HB 89 -2.04 2.37 -78.31
C THR HB 89 -1.34 1.30 -79.12
N HIS HB 90 -2.03 0.74 -80.11
CA HIS HB 90 -1.48 -0.31 -80.94
C HIS HB 90 -1.75 -0.03 -82.40
N ASN HB 91 -0.81 -0.41 -83.26
CA ASN HB 91 -1.02 -0.37 -84.69
C ASN HB 91 -1.74 -1.63 -85.16
N MET HB 92 -2.58 -1.48 -86.18
CA MET HB 92 -3.38 -2.58 -86.67
C MET HB 92 -3.44 -2.53 -88.19
N TYR HB 93 -3.57 -3.72 -88.79
CA TYR HB 93 -3.76 -3.87 -90.22
C TYR HB 93 -4.91 -4.84 -90.45
N ARG HB 94 -5.99 -4.35 -91.02
CA ARG HB 94 -7.19 -5.14 -91.25
C ARG HB 94 -7.49 -5.22 -92.74
N GLU HB 95 -8.31 -6.20 -93.12
CA GLU HB 95 -8.68 -6.41 -94.51
C GLU HB 95 -10.18 -6.62 -94.63
N TYR HB 96 -10.76 -6.10 -95.71
CA TYR HB 96 -12.19 -6.20 -95.93
C TYR HB 96 -12.47 -6.28 -97.42
N ARG HB 97 -13.71 -6.65 -97.75
CA ARG HB 97 -14.19 -6.69 -99.12
C ARG HB 97 -15.39 -5.77 -99.26
N ASP HB 98 -15.29 -4.80 -100.16
CA ASP HB 98 -16.39 -3.89 -100.40
C ASP HB 98 -16.22 -3.25 -101.77
N LEU HB 99 -17.31 -2.69 -102.28
CA LEU HB 99 -17.25 -2.00 -103.56
C LEU HB 99 -16.56 -0.66 -103.43
N THR HB 100 -16.83 0.08 -102.34
CA THR HB 100 -16.37 1.44 -102.18
C THR HB 100 -15.38 1.54 -101.03
N THR HB 101 -14.43 2.47 -101.19
CA THR HB 101 -13.45 2.72 -100.14
C THR HB 101 -14.14 3.23 -98.88
N ALA HB 102 -15.12 4.11 -99.04
CA ALA HB 102 -15.86 4.61 -97.89
C ALA HB 102 -16.60 3.48 -97.19
N GLY HB 103 -17.19 2.57 -97.96
CA GLY HB 103 -17.83 1.41 -97.35
C GLY HB 103 -16.85 0.54 -96.60
N ALA HB 104 -15.64 0.38 -97.15
CA ALA HB 104 -14.62 -0.40 -96.47
C ALA HB 104 -14.22 0.23 -95.15
N VAL HB 105 -14.05 1.55 -95.14
CA VAL HB 105 -13.66 2.24 -93.91
C VAL HB 105 -14.79 2.19 -92.89
N THR HB 106 -16.03 2.29 -93.35
CA THR HB 106 -17.16 2.14 -92.43
C THR HB 106 -17.18 0.74 -91.83
N GLN HB 107 -16.93 -0.28 -92.66
CA GLN HB 107 -16.82 -1.64 -92.14
C GLN HB 107 -15.73 -1.75 -91.11
N CYS HB 108 -14.59 -1.10 -91.35
CA CYS HB 108 -13.50 -1.13 -90.40
C CYS HB 108 -13.90 -0.48 -89.08
N TYR HB 109 -14.60 0.64 -89.14
CA TYR HB 109 -15.05 1.29 -87.92
C TYR HB 109 -16.00 0.41 -87.14
N ARG HB 110 -16.96 -0.22 -87.82
CA ARG HB 110 -17.88 -1.13 -87.14
C ARG HB 110 -17.14 -2.31 -86.53
N ASP HB 111 -16.19 -2.88 -87.26
CA ASP HB 111 -15.45 -4.03 -86.76
C ASP HB 111 -14.62 -3.67 -85.54
N MET HB 112 -13.97 -2.50 -85.57
CA MET HB 112 -13.19 -2.08 -84.41
C MET HB 112 -14.09 -1.84 -83.21
N GLY HB 113 -15.20 -1.14 -83.41
CA GLY HB 113 -16.12 -0.89 -82.31
C GLY HB 113 -16.71 -2.16 -81.73
N ALA HB 114 -16.88 -3.19 -82.55
CA ALA HB 114 -17.45 -4.43 -82.06
C ALA HB 114 -16.40 -5.30 -81.37
N ARG HB 115 -15.30 -5.57 -82.05
CA ARG HB 115 -14.31 -6.52 -81.58
C ARG HB 115 -13.34 -5.95 -80.55
N HIS HB 116 -13.29 -4.63 -80.39
CA HIS HB 116 -12.34 -4.05 -79.44
C HIS HB 116 -12.94 -2.92 -78.62
N ARG HB 117 -14.21 -2.59 -78.79
CA ARG HB 117 -14.89 -1.52 -78.06
C ARG HB 117 -14.18 -0.18 -78.27
N ALA HB 118 -13.53 -0.02 -79.41
CA ALA HB 118 -12.79 1.20 -79.70
C ALA HB 118 -13.74 2.23 -80.31
N ARG HB 119 -13.77 3.42 -79.72
CA ARG HB 119 -14.65 4.46 -80.20
C ARG HB 119 -14.02 5.19 -81.38
N ALA HB 120 -14.87 5.92 -82.11
CA ALA HB 120 -14.46 6.55 -83.35
C ALA HB 120 -13.36 7.59 -83.11
N HIS HB 121 -13.44 8.34 -82.02
CA HIS HB 121 -12.40 9.32 -81.73
C HIS HB 121 -11.08 8.64 -81.41
N SER HB 122 -11.12 7.47 -80.79
CA SER HB 122 -9.89 6.73 -80.52
C SER HB 122 -9.29 6.15 -81.78
N ILE HB 123 -10.13 5.67 -82.72
CA ILE HB 123 -9.62 5.10 -83.95
C ILE HB 123 -8.99 6.19 -84.80
N GLN HB 124 -7.79 5.90 -85.31
CA GLN HB 124 -7.01 6.82 -86.14
C GLN HB 124 -6.54 6.07 -87.38
N ILE HB 125 -7.25 6.25 -88.49
CA ILE HB 125 -6.85 5.62 -89.74
C ILE HB 125 -5.64 6.35 -90.31
N MET HB 126 -4.64 5.59 -90.75
CA MET HB 126 -3.47 6.18 -91.36
C MET HB 126 -3.25 5.77 -92.82
N LYS HB 127 -3.81 4.65 -93.28
CA LYS HB 127 -3.63 4.30 -94.68
C LYS HB 127 -4.74 3.36 -95.12
N VAL HB 128 -5.21 3.57 -96.35
CA VAL HB 128 -6.18 2.71 -97.00
C VAL HB 128 -5.65 2.36 -98.38
N GLU HB 129 -5.71 1.08 -98.75
CA GLU HB 129 -5.15 0.66 -100.02
C GLU HB 129 -6.02 -0.43 -100.63
N GLU HB 130 -6.06 -0.50 -101.95
CA GLU HB 130 -6.72 -1.58 -102.67
C GLU HB 130 -5.66 -2.60 -103.06
N ILE HB 131 -5.69 -3.77 -102.43
CA ILE HB 131 -4.66 -4.77 -102.60
C ILE HB 131 -5.18 -5.90 -103.47
N ALA HB 132 -4.24 -6.60 -104.11
CA ALA HB 132 -4.58 -7.76 -104.92
C ALA HB 132 -4.93 -8.94 -104.01
N ALA HB 133 -5.56 -9.95 -104.62
CA ALA HB 133 -6.02 -11.10 -103.85
C ALA HB 133 -4.85 -11.89 -103.26
N SER HB 134 -3.77 -12.05 -104.04
CA SER HB 134 -2.63 -12.82 -103.56
C SER HB 134 -1.95 -12.12 -102.39
N LYS HB 135 -2.03 -10.79 -102.34
CA LYS HB 135 -1.40 -10.05 -101.25
C LYS HB 135 -2.19 -10.11 -99.95
N CYS HB 136 -3.41 -10.66 -99.98
CA CYS HB 136 -4.23 -10.72 -98.78
C CYS HB 136 -3.63 -11.69 -97.77
N ARG HB 137 -3.94 -11.45 -96.50
CA ARG HB 137 -3.46 -12.29 -95.41
C ARG HB 137 -4.56 -12.83 -94.52
N ARG HB 138 -5.66 -12.12 -94.35
CA ARG HB 138 -6.71 -12.58 -93.46
C ARG HB 138 -7.46 -13.74 -94.09
N PRO HB 139 -7.57 -14.88 -93.41
CA PRO HB 139 -8.33 -16.01 -93.98
C PRO HB 139 -9.79 -15.70 -94.24
N ALA HB 140 -10.41 -14.86 -93.41
CA ALA HB 140 -11.79 -14.48 -93.62
C ALA HB 140 -11.99 -13.78 -94.96
N VAL HB 141 -11.00 -13.03 -95.42
CA VAL HB 141 -11.08 -12.41 -96.73
C VAL HB 141 -10.64 -13.38 -97.83
N LYS HB 142 -9.62 -14.19 -97.55
CA LYS HB 142 -9.09 -15.08 -98.58
C LYS HB 142 -10.09 -16.17 -98.97
N GLN HB 143 -10.96 -16.57 -98.05
CA GLN HB 143 -11.86 -17.67 -98.34
C GLN HB 143 -12.89 -17.34 -99.41
N PHE HB 144 -13.10 -16.07 -99.73
CA PHE HB 144 -14.01 -15.69 -100.79
C PHE HB 144 -13.35 -15.61 -102.16
N HIS HB 145 -12.04 -15.81 -102.23
CA HIS HB 145 -11.34 -15.80 -103.52
C HIS HB 145 -11.46 -17.17 -104.16
N ASP HB 146 -12.66 -17.45 -104.65
CA ASP HB 146 -12.96 -18.74 -105.28
C ASP HB 146 -13.77 -18.47 -106.54
N SER HB 147 -13.21 -18.83 -107.69
CA SER HB 147 -13.95 -18.72 -108.94
C SER HB 147 -15.11 -19.71 -109.01
N LYS HB 148 -15.10 -20.74 -108.17
CA LYS HB 148 -16.16 -21.74 -108.10
C LYS HB 148 -16.79 -21.76 -106.72
N ILE HB 149 -17.07 -20.57 -106.18
CA ILE HB 149 -17.64 -20.48 -104.84
C ILE HB 149 -19.08 -20.97 -104.86
N LYS HB 150 -19.44 -21.79 -103.88
CA LYS HB 150 -20.77 -22.38 -103.85
C LYS HB 150 -21.11 -22.77 -102.43
N PHE HB 151 -22.27 -22.33 -101.94
CA PHE HB 151 -22.71 -22.63 -100.59
C PHE HB 151 -24.21 -22.37 -100.52
N PRO HB 152 -24.93 -23.09 -99.66
CA PRO HB 152 -26.34 -22.77 -99.44
C PRO HB 152 -26.50 -21.78 -98.30
N LEU HB 153 -27.74 -21.43 -97.99
CA LEU HB 153 -28.04 -20.64 -96.79
C LEU HB 153 -28.79 -21.54 -95.82
N PRO HB 154 -28.15 -22.06 -94.79
CA PRO HB 154 -28.72 -23.18 -94.02
C PRO HB 154 -30.01 -22.87 -93.29
N HIS HB 155 -30.00 -21.85 -92.46
CA HIS HB 155 -31.08 -21.61 -91.50
C HIS HB 155 -31.69 -20.24 -91.80
N ARG HB 156 -32.76 -20.23 -92.58
CA ARG HB 156 -33.47 -19.01 -92.93
C ARG HB 156 -34.54 -18.73 -91.88
N VAL HB 157 -34.27 -17.80 -90.98
CA VAL HB 157 -35.22 -17.43 -89.95
C VAL HB 157 -36.29 -16.53 -90.54
N LEU HB 158 -37.55 -16.80 -90.21
CA LEU HB 158 -38.65 -15.95 -90.64
C LEU HB 158 -38.47 -14.54 -90.09
N ARG HB 159 -38.64 -13.54 -90.95
CA ARG HB 159 -38.46 -12.16 -90.56
C ARG HB 159 -39.78 -11.41 -90.35
N ARG HB 160 -40.84 -11.81 -91.04
CA ARG HB 160 -42.16 -11.20 -90.82
C ARG HB 160 -42.86 -11.91 -89.67
N GLN HB 161 -42.26 -11.76 -88.48
CA GLN HB 161 -42.78 -12.46 -87.32
C GLN HB 161 -44.08 -11.85 -86.81
N HIS HB 162 -44.28 -10.56 -87.06
CA HIS HB 162 -45.50 -9.89 -86.63
C HIS HB 162 -46.51 -9.71 -87.75
N LYS HB 163 -46.23 -10.25 -88.93
CA LYS HB 163 -47.15 -10.19 -90.06
C LYS HB 163 -47.32 -11.60 -90.60
N PRO HB 164 -48.26 -12.38 -90.06
CA PRO HB 164 -49.18 -12.04 -88.97
C PRO HB 164 -48.53 -12.23 -87.61
N ARG HB 165 -49.17 -11.74 -86.54
CA ARG HB 165 -48.70 -12.03 -85.19
C ARG HB 165 -49.17 -13.39 -84.68
N PHE HB 166 -50.26 -13.91 -85.23
CA PHE HB 166 -50.76 -15.23 -84.87
C PHE HB 166 -51.09 -15.99 -86.14
N THR HB 167 -50.88 -17.31 -86.09
CA THR HB 167 -51.17 -18.17 -87.24
C THR HB 167 -51.39 -19.58 -86.75
N THR HB 168 -51.82 -20.44 -87.67
CA THR HB 168 -52.05 -21.85 -87.36
C THR HB 168 -50.90 -22.75 -87.73
N LYS HB 169 -50.11 -22.40 -88.75
CA LYS HB 169 -49.02 -23.24 -89.20
C LYS HB 169 -47.70 -22.70 -88.67
N ARG HB 170 -46.84 -23.60 -88.23
CA ARG HB 170 -45.50 -23.20 -87.82
C ARG HB 170 -44.65 -22.90 -89.06
N PRO HB 171 -43.75 -21.93 -88.95
CA PRO HB 171 -42.97 -21.52 -90.13
C PRO HB 171 -41.97 -22.59 -90.53
N ASN HB 172 -41.52 -22.48 -91.78
CA ASN HB 172 -40.51 -23.36 -92.33
C ASN HB 172 -39.20 -22.60 -92.47
N THR HB 173 -38.11 -23.24 -92.08
CA THR HB 173 -36.78 -22.63 -92.16
C THR HB 173 -36.04 -23.06 -93.42
N PHE HB 174 -36.00 -24.36 -93.69
CA PHE HB 174 -35.36 -24.85 -94.89
C PHE HB 174 -36.18 -24.49 -96.11
N PHE HB 175 -35.52 -23.90 -97.10
CA PHE HB 175 -36.20 -23.52 -98.34
C PHE HB 175 -35.55 -24.22 -99.52
N THR IB 1 -7.02 34.71 -41.43
CA THR IB 1 -5.91 34.45 -40.51
C THR IB 1 -4.62 34.98 -41.12
N ASN IB 2 -4.68 35.31 -42.40
CA ASN IB 2 -3.54 35.91 -43.08
C ASN IB 2 -3.19 37.26 -42.45
N THR IB 3 -1.90 37.56 -42.40
CA THR IB 3 -1.46 38.81 -41.79
C THR IB 3 -1.83 39.99 -42.67
N LYS IB 4 -2.01 41.16 -42.03
CA LYS IB 4 -2.34 42.40 -42.72
C LYS IB 4 -1.10 43.22 -43.06
N GLY IB 5 0.04 42.58 -43.26
CA GLY IB 5 1.25 43.33 -43.54
C GLY IB 5 1.17 44.06 -44.86
N LYS IB 6 1.86 45.19 -44.94
CA LYS IB 6 1.83 46.00 -46.15
C LYS IB 6 2.61 45.38 -47.30
N ARG IB 7 3.42 44.36 -47.06
CA ARG IB 7 4.23 43.77 -48.11
C ARG IB 7 4.10 42.25 -48.14
N ARG IB 8 3.02 41.70 -47.60
CA ARG IB 8 2.83 40.26 -47.61
C ARG IB 8 2.57 39.77 -49.02
N GLY IB 9 3.27 38.70 -49.40
CA GLY IB 9 3.07 38.11 -50.71
C GLY IB 9 3.65 38.89 -51.86
N THR IB 10 4.63 39.74 -51.61
CA THR IB 10 5.26 40.56 -52.65
C THR IB 10 6.68 40.11 -52.94
N ARG IB 11 7.02 38.88 -52.56
CA ARG IB 11 8.38 38.39 -52.67
C ARG IB 11 8.89 38.43 -54.10
N TYR IB 12 8.13 37.83 -55.01
CA TYR IB 12 8.47 37.90 -56.43
C TYR IB 12 8.00 39.20 -57.08
N MET IB 13 7.00 39.86 -56.50
CA MET IB 13 6.45 41.05 -57.13
C MET IB 13 7.43 42.22 -57.06
N PHE IB 14 8.02 42.47 -55.90
CA PHE IB 14 8.92 43.59 -55.73
C PHE IB 14 10.37 43.23 -56.02
N SER IB 15 10.67 41.95 -56.25
CA SER IB 15 12.04 41.56 -56.56
C SER IB 15 12.44 42.08 -57.93
N ARG IB 16 13.70 42.48 -58.06
CA ARG IB 16 14.19 42.96 -59.34
C ARG IB 16 14.31 41.80 -60.33
N PRO IB 17 14.13 42.08 -61.62
CA PRO IB 17 14.30 41.03 -62.62
C PRO IB 17 15.74 40.54 -62.68
N PHE IB 18 15.92 39.37 -63.30
CA PHE IB 18 17.22 38.72 -63.31
C PHE IB 18 18.25 39.57 -64.04
N ARG IB 19 19.43 39.71 -63.42
CA ARG IB 19 20.52 40.52 -63.93
C ARG IB 19 20.11 41.97 -64.17
N LYS IB 20 19.17 42.47 -63.37
CA LYS IB 20 18.75 43.86 -63.43
C LYS IB 20 18.94 44.56 -62.10
N HIS IB 21 19.73 43.98 -61.20
CA HIS IB 21 19.99 44.59 -59.91
C HIS IB 21 20.88 45.81 -60.05
N GLY IB 22 21.02 46.56 -58.96
CA GLY IB 22 21.97 47.64 -58.93
C GLY IB 22 21.38 49.03 -59.01
N VAL IB 23 22.14 49.94 -59.62
CA VAL IB 23 21.74 51.35 -59.65
C VAL IB 23 20.52 51.53 -60.54
N VAL IB 24 19.62 52.40 -60.11
CA VAL IB 24 18.45 52.75 -60.93
C VAL IB 24 18.91 53.48 -62.17
N PRO IB 25 18.41 53.13 -63.36
CA PRO IB 25 18.70 53.94 -64.54
C PRO IB 25 18.18 55.36 -64.37
N LEU IB 26 18.96 56.33 -64.82
CA LEU IB 26 18.60 57.73 -64.62
C LEU IB 26 17.55 58.20 -65.62
N ALA IB 27 17.30 57.44 -66.67
CA ALA IB 27 16.19 57.78 -67.56
C ALA IB 27 14.85 57.74 -66.85
N THR IB 28 14.73 56.91 -65.81
CA THR IB 28 13.50 56.90 -65.02
C THR IB 28 13.29 58.24 -64.32
N TYR IB 29 14.36 58.80 -63.77
CA TYR IB 29 14.25 60.10 -63.13
C TYR IB 29 14.10 61.23 -64.16
N MET IB 30 14.62 61.05 -65.36
CA MET IB 30 14.59 62.11 -66.35
C MET IB 30 13.28 62.18 -67.13
N ARG IB 31 12.26 61.42 -66.74
CA ARG IB 31 10.97 61.56 -67.39
C ARG IB 31 10.28 62.83 -66.94
N ILE IB 32 9.29 63.25 -67.72
CA ILE IB 32 8.49 64.43 -67.43
C ILE IB 32 7.03 64.03 -67.36
N TYR IB 33 6.36 64.42 -66.28
CA TYR IB 33 4.95 64.11 -66.08
C TYR IB 33 4.18 65.39 -65.85
N LYS IB 34 2.98 65.46 -66.40
CA LYS IB 34 2.08 66.60 -66.25
C LYS IB 34 0.79 66.17 -65.56
N LYS IB 35 -0.15 67.09 -65.46
CA LYS IB 35 -1.46 66.76 -64.90
C LYS IB 35 -2.38 66.25 -66.00
N GLY IB 36 -3.11 65.18 -65.70
CA GLY IB 36 -4.08 64.62 -66.60
C GLY IB 36 -3.56 63.48 -67.46
N ASP IB 37 -2.24 63.31 -67.54
CA ASP IB 37 -1.69 62.21 -68.33
C ASP IB 37 -1.84 60.89 -67.58
N ILE IB 38 -1.55 59.80 -68.28
CA ILE IB 38 -1.81 58.45 -67.81
C ILE IB 38 -0.49 57.74 -67.59
N VAL IB 39 -0.36 57.07 -66.44
CA VAL IB 39 0.84 56.33 -66.11
C VAL IB 39 0.47 54.94 -65.61
N ASP IB 40 1.47 54.06 -65.61
CA ASP IB 40 1.34 52.70 -65.11
C ASP IB 40 2.21 52.55 -63.86
N ILE IB 41 1.67 51.94 -62.82
CA ILE IB 41 2.36 51.80 -61.55
C ILE IB 41 3.09 50.47 -61.55
N LYS IB 42 4.42 50.51 -61.64
CA LYS IB 42 5.21 49.29 -61.54
C LYS IB 42 5.44 48.90 -60.09
N GLY IB 43 6.10 49.76 -59.32
CA GLY IB 43 6.42 49.46 -57.94
C GLY IB 43 7.70 48.67 -57.79
N MET IB 44 8.81 49.22 -58.28
CA MET IB 44 10.09 48.54 -58.15
C MET IB 44 10.56 48.56 -56.71
N GLY IB 45 11.27 47.50 -56.33
CA GLY IB 45 11.70 47.32 -54.96
C GLY IB 45 13.03 47.95 -54.58
N THR IB 46 13.73 48.55 -55.53
CA THR IB 46 15.03 49.14 -55.21
C THR IB 46 14.89 50.33 -54.27
N VAL IB 47 13.92 51.20 -54.52
CA VAL IB 47 13.70 52.39 -53.71
C VAL IB 47 12.58 52.08 -52.73
N GLN IB 48 12.91 52.04 -51.44
CA GLN IB 48 11.91 51.74 -50.44
C GLN IB 48 10.97 52.91 -50.22
N LYS IB 49 11.49 54.14 -50.32
CA LYS IB 49 10.66 55.32 -50.08
C LYS IB 49 9.63 55.47 -51.19
N GLY IB 50 8.42 55.89 -50.82
CA GLY IB 50 7.38 56.14 -51.78
C GLY IB 50 6.89 54.91 -52.52
N MET IB 51 7.05 53.73 -51.93
CA MET IB 51 6.57 52.53 -52.58
C MET IB 51 5.04 52.50 -52.59
N PRO IB 52 4.43 52.13 -53.71
CA PRO IB 52 2.98 51.90 -53.71
C PRO IB 52 2.64 50.60 -53.00
N HIS IB 53 1.36 50.45 -52.66
CA HIS IB 53 0.91 49.23 -52.02
C HIS IB 53 0.92 48.07 -53.00
N LYS IB 54 0.83 46.86 -52.46
CA LYS IB 54 0.86 45.67 -53.30
C LYS IB 54 -0.33 45.62 -54.26
N CYS IB 55 -1.46 46.19 -53.86
CA CYS IB 55 -2.65 46.13 -54.70
C CYS IB 55 -2.50 47.01 -55.93
N TYR IB 56 -1.78 48.11 -55.82
CA TYR IB 56 -1.61 49.02 -56.94
C TYR IB 56 -0.50 48.61 -57.90
N HIS IB 57 0.21 47.53 -57.61
CA HIS IB 57 1.17 47.00 -58.56
C HIS IB 57 0.44 46.49 -59.80
N GLY IB 58 0.89 46.93 -60.97
CA GLY IB 58 0.29 46.53 -62.22
C GLY IB 58 -0.96 47.29 -62.62
N LYS IB 59 -1.30 48.36 -61.90
CA LYS IB 59 -2.47 49.15 -62.25
C LYS IB 59 -2.09 50.37 -63.07
N THR IB 60 -3.12 51.06 -63.56
CA THR IB 60 -2.96 52.22 -64.41
C THR IB 60 -3.79 53.38 -63.85
N GLY IB 61 -3.16 54.54 -63.72
CA GLY IB 61 -3.82 55.69 -63.12
C GLY IB 61 -3.54 56.96 -63.91
N ARG IB 62 -4.15 58.04 -63.44
CA ARG IB 62 -4.00 59.36 -64.05
C ARG IB 62 -3.37 60.30 -63.05
N VAL IB 63 -2.35 61.05 -63.49
CA VAL IB 63 -1.61 61.94 -62.62
C VAL IB 63 -2.38 63.24 -62.45
N TYR IB 64 -2.57 63.65 -61.20
CA TYR IB 64 -3.26 64.91 -60.91
C TYR IB 64 -2.44 65.89 -60.11
N ASN IB 65 -1.45 65.42 -59.34
CA ASN IB 65 -0.62 66.30 -58.52
C ASN IB 65 0.84 65.95 -58.76
N VAL IB 66 1.70 66.96 -58.75
CA VAL IB 66 3.13 66.79 -59.03
C VAL IB 66 3.92 67.45 -57.91
N THR IB 67 4.92 66.76 -57.39
CA THR IB 67 5.79 67.30 -56.35
C THR IB 67 7.24 67.24 -56.79
N GLN IB 68 8.17 67.42 -55.85
CA GLN IB 68 9.59 67.41 -56.19
C GLN IB 68 10.02 66.07 -56.76
N HIS IB 69 9.62 64.98 -56.10
CA HIS IB 69 10.05 63.64 -56.50
C HIS IB 69 8.92 62.69 -56.83
N ALA IB 70 7.76 62.83 -56.19
CA ALA IB 70 6.64 61.94 -56.44
C ALA IB 70 5.52 62.68 -57.12
N VAL IB 71 4.49 61.92 -57.52
CA VAL IB 71 3.33 62.48 -58.19
C VAL IB 71 2.08 61.93 -57.52
N GLY IB 72 0.99 62.68 -57.65
CA GLY IB 72 -0.31 62.24 -57.17
C GLY IB 72 -1.08 61.58 -58.30
N ILE IB 73 -1.51 60.35 -58.05
CA ILE IB 73 -2.17 59.53 -59.05
C ILE IB 73 -3.56 59.16 -58.56
N VAL IB 74 -4.56 59.39 -59.39
CA VAL IB 74 -5.90 58.86 -59.17
C VAL IB 74 -5.99 57.52 -59.89
N VAL IB 75 -6.38 56.49 -59.16
CA VAL IB 75 -6.44 55.13 -59.70
C VAL IB 75 -7.79 54.53 -59.32
N ASN IB 76 -8.23 53.55 -60.10
CA ASN IB 76 -9.48 52.85 -59.83
C ASN IB 76 -9.18 51.55 -59.09
N LYS IB 77 -9.65 51.46 -57.84
CA LYS IB 77 -9.46 50.27 -57.03
C LYS IB 77 -10.81 49.64 -56.76
N GLN IB 78 -10.90 48.34 -56.97
CA GLN IB 78 -12.14 47.58 -56.77
C GLN IB 78 -12.17 47.05 -55.35
N VAL IB 79 -13.18 47.47 -54.59
CA VAL IB 79 -13.42 46.97 -53.24
C VAL IB 79 -14.77 46.28 -53.25
N LYS IB 80 -14.77 44.97 -52.95
CA LYS IB 80 -15.97 44.15 -53.02
C LYS IB 80 -16.67 44.28 -54.35
N GLY IB 81 -17.76 45.05 -54.40
CA GLY IB 81 -18.50 45.23 -55.62
C GLY IB 81 -18.58 46.66 -56.10
N LYS IB 82 -17.79 47.56 -55.50
CA LYS IB 82 -17.77 48.96 -55.88
C LYS IB 82 -16.34 49.38 -56.18
N ILE IB 83 -16.12 49.90 -57.38
CA ILE IB 83 -14.84 50.46 -57.76
C ILE IB 83 -14.83 51.91 -57.34
N LEU IB 84 -13.98 52.24 -56.38
CA LEU IB 84 -13.91 53.60 -55.84
C LEU IB 84 -12.51 54.16 -56.09
N ALA IB 85 -12.46 55.41 -56.52
CA ALA IB 85 -11.20 56.00 -56.96
C ALA IB 85 -10.33 56.37 -55.77
N LYS IB 86 -9.15 55.78 -55.70
CA LYS IB 86 -8.16 56.13 -54.70
C LYS IB 86 -7.23 57.20 -55.25
N ARG IB 87 -6.65 57.98 -54.35
CA ARG IB 87 -5.65 58.97 -54.70
C ARG IB 87 -4.41 58.68 -53.87
N ILE IB 88 -3.28 58.46 -54.54
CA ILE IB 88 -2.07 57.99 -53.90
C ILE IB 88 -0.88 58.85 -54.31
N ASN IB 89 0.16 58.80 -53.50
CA ASN IB 89 1.43 59.44 -53.80
C ASN IB 89 2.47 58.35 -54.04
N VAL IB 90 3.07 58.38 -55.22
CA VAL IB 90 4.02 57.34 -55.64
C VAL IB 90 5.23 58.03 -56.25
N ARG IB 91 6.41 57.64 -55.81
CA ARG IB 91 7.64 58.22 -56.36
C ARG IB 91 7.83 57.76 -57.80
N ILE IB 92 8.55 58.57 -58.57
CA ILE IB 92 8.68 58.35 -60.01
C ILE IB 92 9.41 57.07 -60.34
N GLU IB 93 10.15 56.49 -59.39
CA GLU IB 93 10.85 55.24 -59.66
C GLU IB 93 9.88 54.08 -59.87
N HIS IB 94 8.65 54.20 -59.39
CA HIS IB 94 7.69 53.10 -59.47
C HIS IB 94 6.71 53.23 -60.63
N ILE IB 95 6.87 54.23 -61.51
CA ILE IB 95 5.89 54.49 -62.55
C ILE IB 95 6.58 54.73 -63.89
N LYS IB 96 5.79 54.59 -64.95
CA LYS IB 96 6.23 54.93 -66.29
C LYS IB 96 5.03 55.38 -67.11
N HIS IB 97 5.33 56.01 -68.24
CA HIS IB 97 4.27 56.57 -69.08
C HIS IB 97 3.42 55.48 -69.70
N SER IB 98 2.20 55.83 -70.08
CA SER IB 98 1.28 54.89 -70.71
C SER IB 98 1.44 54.96 -72.22
N LYS IB 99 2.11 53.97 -72.79
CA LYS IB 99 2.29 53.93 -74.23
C LYS IB 99 0.97 53.78 -74.98
N SER IB 100 -0.04 53.18 -74.33
CA SER IB 100 -1.36 53.14 -74.94
C SER IB 100 -1.92 54.55 -75.13
N ARG IB 101 -1.82 55.38 -74.09
CA ARG IB 101 -2.27 56.76 -74.19
C ARG IB 101 -1.46 57.53 -75.22
N ASP IB 102 -0.14 57.31 -75.24
CA ASP IB 102 0.71 58.00 -76.20
C ASP IB 102 0.33 57.63 -77.64
N SER IB 103 0.11 56.34 -77.88
CA SER IB 103 -0.35 55.90 -79.20
C SER IB 103 -1.73 56.46 -79.51
N PHE IB 104 -2.56 56.65 -78.49
CA PHE IB 104 -3.88 57.24 -78.74
C PHE IB 104 -3.75 58.69 -79.21
N LEU IB 105 -2.90 59.48 -78.57
CA LEU IB 105 -2.64 60.83 -79.07
C LEU IB 105 -2.04 60.80 -80.46
N LYS IB 106 -1.13 59.87 -80.72
CA LYS IB 106 -0.54 59.77 -82.05
C LYS IB 106 -1.61 59.50 -83.11
N ARG IB 107 -2.53 58.59 -82.80
CA ARG IB 107 -3.60 58.28 -83.74
C ARG IB 107 -4.55 59.46 -83.90
N VAL IB 108 -4.80 60.20 -82.82
CA VAL IB 108 -5.66 61.38 -82.91
C VAL IB 108 -5.02 62.43 -83.82
N LYS IB 109 -3.72 62.68 -83.64
CA LYS IB 109 -3.03 63.65 -84.48
C LYS IB 109 -3.04 63.22 -85.94
N GLU IB 110 -2.74 61.95 -86.20
CA GLU IB 110 -2.75 61.46 -87.57
C GLU IB 110 -4.15 61.54 -88.18
N ASN IB 111 -5.18 61.21 -87.39
CA ASN IB 111 -6.55 61.25 -87.88
C ASN IB 111 -6.96 62.66 -88.24
N ASP IB 112 -6.64 63.63 -87.37
CA ASP IB 112 -7.00 65.01 -87.66
C ASP IB 112 -6.23 65.53 -88.88
N GLN IB 113 -4.95 65.18 -88.99
CA GLN IB 113 -4.19 65.63 -90.15
C GLN IB 113 -4.74 65.03 -91.44
N LYS IB 114 -5.13 63.76 -91.41
CA LYS IB 114 -5.70 63.13 -92.59
C LYS IB 114 -7.08 63.69 -92.90
N LYS IB 115 -7.85 64.06 -91.89
CA LYS IB 115 -9.13 64.73 -92.12
C LYS IB 115 -8.92 66.07 -92.81
N LYS IB 116 -7.91 66.82 -92.36
CA LYS IB 116 -7.58 68.08 -93.00
C LYS IB 116 -7.15 67.86 -94.45
N GLU IB 117 -6.35 66.82 -94.68
CA GLU IB 117 -5.93 66.50 -96.04
C GLU IB 117 -7.13 66.15 -96.92
N ALA IB 118 -8.07 65.38 -96.38
CA ALA IB 118 -9.25 64.99 -97.15
C ALA IB 118 -10.12 66.20 -97.47
N LYS IB 119 -10.31 67.09 -96.50
CA LYS IB 119 -11.05 68.32 -96.79
C LYS IB 119 -10.29 69.22 -97.76
N GLU IB 120 -8.97 69.12 -97.80
CA GLU IB 120 -8.19 69.94 -98.73
C GLU IB 120 -8.28 69.43 -100.16
N LYS IB 121 -8.25 68.11 -100.37
CA LYS IB 121 -8.24 67.58 -101.72
C LYS IB 121 -9.53 66.89 -102.12
N GLY IB 122 -10.60 67.06 -101.36
CA GLY IB 122 -11.94 66.78 -101.84
C GLY IB 122 -12.66 65.52 -101.39
N THR IB 123 -11.97 64.39 -101.39
CA THR IB 123 -12.68 63.12 -101.27
C THR IB 123 -12.82 62.69 -99.81
N TRP IB 124 -13.60 61.63 -99.62
CA TRP IB 124 -13.86 61.06 -98.31
C TRP IB 124 -12.94 59.87 -98.06
N VAL IB 125 -12.43 59.78 -96.82
CA VAL IB 125 -11.55 58.70 -96.42
C VAL IB 125 -12.06 58.13 -95.11
N GLN IB 126 -11.82 56.83 -94.92
CA GLN IB 126 -12.22 56.17 -93.68
C GLN IB 126 -11.27 56.55 -92.55
N LEU IB 127 -11.82 56.68 -91.35
CA LEU IB 127 -11.03 56.95 -90.16
C LEU IB 127 -11.23 55.91 -89.08
N LYS IB 128 -12.45 55.38 -88.93
CA LYS IB 128 -12.72 54.35 -87.94
C LYS IB 128 -11.99 53.07 -88.31
N ARG IB 129 -11.34 52.46 -87.31
CA ARG IB 129 -10.68 51.19 -87.52
C ARG IB 129 -11.70 50.06 -87.52
N GLN IB 130 -11.56 49.15 -88.44
CA GLN IB 130 -12.53 48.07 -88.42
C GLN IB 130 -11.92 46.81 -87.83
N PRO IB 131 -12.73 45.96 -87.20
CA PRO IB 131 -12.22 44.65 -86.81
C PRO IB 131 -11.89 43.83 -88.04
N ALA IB 132 -10.97 42.88 -87.87
CA ALA IB 132 -10.44 42.06 -88.95
C ALA IB 132 -11.58 41.45 -89.78
N PRO IB 133 -11.77 41.91 -91.01
CA PRO IB 133 -12.87 41.41 -91.83
C PRO IB 133 -12.61 40.00 -92.32
N PRO IB 134 -13.64 39.29 -92.74
CA PRO IB 134 -13.42 37.97 -93.34
C PRO IB 134 -12.56 38.06 -94.59
N ARG IB 135 -11.73 37.04 -94.79
CA ARG IB 135 -10.80 37.05 -95.91
C ARG IB 135 -11.55 36.93 -97.22
N GLU IB 136 -11.21 37.81 -98.17
CA GLU IB 136 -11.87 37.85 -99.46
C GLU IB 136 -11.42 36.67 -100.34
N ALA IB 137 -12.13 36.49 -101.44
CA ALA IB 137 -11.82 35.40 -102.35
C ALA IB 137 -10.47 35.61 -103.03
N HIS IB 138 -9.76 34.52 -103.26
CA HIS IB 138 -8.44 34.59 -103.87
C HIS IB 138 -8.12 33.24 -104.51
N PHE IB 139 -7.11 33.25 -105.36
CA PHE IB 139 -6.66 32.07 -106.09
C PHE IB 139 -5.32 31.62 -105.56
N VAL IB 140 -5.14 30.30 -105.45
CA VAL IB 140 -3.89 29.71 -104.99
C VAL IB 140 -3.32 28.90 -106.15
N ARG IB 141 -2.09 29.19 -106.54
CA ARG IB 141 -1.47 28.58 -107.70
C ARG IB 141 -0.65 27.37 -107.28
N THR IB 142 -0.94 26.22 -107.88
CA THR IB 142 -0.13 25.03 -107.65
C THR IB 142 1.19 25.10 -108.42
N ASN IB 143 1.22 25.83 -109.54
CA ASN IB 143 2.41 25.98 -110.38
C ASN IB 143 2.94 24.63 -110.86
N GLY IB 144 2.02 23.70 -111.14
CA GLY IB 144 2.38 22.38 -111.61
C GLY IB 144 2.71 21.39 -110.53
N LYS IB 145 2.77 21.82 -109.27
CA LYS IB 145 3.10 20.92 -108.18
C LYS IB 145 1.84 20.33 -107.59
N GLU IB 146 1.80 18.99 -107.53
CA GLU IB 146 0.73 18.33 -106.81
C GLU IB 146 0.89 18.59 -105.31
N PRO IB 147 -0.20 18.84 -104.59
CA PRO IB 147 -0.10 19.00 -103.14
C PRO IB 147 0.46 17.75 -102.49
N GLU IB 148 1.34 17.95 -101.50
CA GLU IB 148 2.05 16.83 -100.90
C GLU IB 148 1.12 16.03 -100.00
N LEU IB 149 1.10 14.72 -100.18
CA LEU IB 149 0.24 13.86 -99.39
C LEU IB 149 0.79 13.70 -97.98
N LEU IB 150 -0.07 13.87 -96.99
CA LEU IB 150 0.29 13.73 -95.58
C LEU IB 150 -0.52 12.61 -94.95
N GLU IB 151 0.17 11.67 -94.31
CA GLU IB 151 -0.49 10.59 -93.59
C GLU IB 151 0.13 10.46 -92.21
N PRO IB 152 -0.69 10.19 -91.20
CA PRO IB 152 -0.15 9.99 -89.84
C PRO IB 152 0.78 8.79 -89.79
N ILE IB 153 1.90 8.96 -89.10
CA ILE IB 153 2.85 7.86 -88.92
C ILE IB 153 2.29 6.94 -87.84
N PRO IB 154 2.58 5.64 -87.90
CA PRO IB 154 2.09 4.72 -86.86
C PRO IB 154 2.72 5.03 -85.52
N TYR IB 155 1.95 4.76 -84.47
CA TYR IB 155 2.45 4.95 -83.11
C TYR IB 155 3.59 3.98 -82.83
N GLU IB 156 4.65 4.50 -82.23
CA GLU IB 156 5.75 3.69 -81.74
C GLU IB 156 6.19 4.22 -80.38
N PHE IB 157 6.52 3.32 -79.48
CA PHE IB 157 6.88 3.70 -78.12
C PHE IB 157 8.28 4.29 -78.12
N MET IB 158 8.40 5.54 -77.66
CA MET IB 158 9.66 6.27 -77.76
C MET IB 158 10.74 5.61 -76.92
N ALA IB 159 10.56 5.59 -75.60
CA ALA IB 159 11.55 5.01 -74.70
C ALA IB 159 10.91 4.57 -73.39
N GLN JB 1 -87.00 -37.13 59.60
CA GLN JB 1 -86.17 -38.23 59.11
C GLN JB 1 -86.90 -39.02 58.04
N VAL JB 2 -88.06 -38.50 57.61
CA VAL JB 2 -88.88 -39.13 56.59
C VAL JB 2 -89.03 -38.16 55.43
N LEU JB 3 -88.74 -38.63 54.22
CA LEU JB 3 -88.77 -37.76 53.05
C LEU JB 3 -90.20 -37.56 52.56
N LYS JB 4 -90.86 -38.65 52.18
CA LYS JB 4 -92.30 -38.68 51.92
C LYS JB 4 -92.69 -37.73 50.77
N PHE JB 5 -92.24 -38.10 49.58
CA PHE JB 5 -92.67 -37.40 48.37
C PHE JB 5 -93.94 -38.03 47.81
N THR JB 6 -94.62 -37.27 46.95
CA THR JB 6 -95.84 -37.74 46.31
C THR JB 6 -95.81 -37.37 44.83
N LEU JB 7 -96.49 -38.19 44.04
CA LEU JB 7 -96.68 -37.99 42.61
C LEU JB 7 -98.17 -37.95 42.32
N ASP JB 8 -98.58 -37.04 41.45
CA ASP JB 8 -100.00 -36.84 41.14
C ASP JB 8 -100.28 -37.31 39.71
N CYS JB 9 -100.54 -38.61 39.55
CA CYS JB 9 -100.92 -39.17 38.27
C CYS JB 9 -102.45 -39.26 38.20
N THR JB 10 -103.06 -38.10 37.96
CA THR JB 10 -104.52 -38.00 37.89
C THR JB 10 -105.01 -37.52 36.54
N HIS JB 11 -104.46 -36.40 36.04
CA HIS JB 11 -104.90 -35.86 34.76
C HIS JB 11 -104.68 -36.81 33.59
N PRO JB 12 -103.54 -37.50 33.44
CA PRO JB 12 -103.46 -38.46 32.32
C PRO JB 12 -104.28 -39.72 32.55
N VAL JB 13 -104.43 -40.18 33.79
CA VAL JB 13 -105.16 -41.42 34.01
C VAL JB 13 -106.66 -41.21 33.83
N GLU JB 14 -107.16 -40.00 34.06
CA GLU JB 14 -108.57 -39.75 33.79
C GLU JB 14 -108.84 -39.60 32.30
N ASP JB 15 -107.85 -39.15 31.52
CA ASP JB 15 -107.97 -39.19 30.07
C ASP JB 15 -107.81 -40.60 29.51
N GLY JB 16 -107.08 -41.46 30.22
CA GLY JB 16 -106.85 -42.81 29.76
C GLY JB 16 -105.67 -42.99 28.83
N ILE JB 17 -104.89 -41.93 28.60
CA ILE JB 17 -103.70 -42.07 27.76
C ILE JB 17 -102.68 -42.98 28.44
N MET JB 18 -102.69 -43.03 29.76
CA MET JB 18 -101.84 -43.95 30.51
C MET JB 18 -102.54 -44.30 31.81
N ASP JB 19 -101.92 -45.18 32.58
CA ASP JB 19 -102.44 -45.60 33.86
C ASP JB 19 -101.34 -45.53 34.90
N ALA JB 20 -101.74 -45.28 36.15
CA ALA JB 20 -100.77 -45.19 37.23
C ALA JB 20 -100.16 -46.55 37.55
N ALA JB 21 -100.84 -47.64 37.18
CA ALA JB 21 -100.34 -48.97 37.50
C ALA JB 21 -99.03 -49.26 36.77
N ASN JB 22 -98.91 -48.83 35.51
CA ASN JB 22 -97.68 -49.08 34.77
C ASN JB 22 -96.52 -48.29 35.35
N PHE JB 23 -96.76 -47.04 35.77
CA PHE JB 23 -95.69 -46.25 36.35
C PHE JB 23 -95.31 -46.78 37.72
N GLU JB 24 -96.29 -47.30 38.47
CA GLU JB 24 -96.02 -48.09 39.66
C GLU JB 24 -95.08 -49.25 39.36
N GLN JB 25 -95.40 -50.03 38.33
CA GLN JB 25 -94.57 -51.17 37.93
C GLN JB 25 -93.18 -50.73 37.49
N PHE JB 26 -93.04 -49.50 36.99
CA PHE JB 26 -91.77 -49.02 36.50
C PHE JB 26 -90.84 -48.51 37.60
N LEU JB 27 -91.37 -47.76 38.57
CA LEU JB 27 -90.50 -47.04 39.51
C LEU JB 27 -89.66 -47.95 40.38
N GLN JB 28 -90.26 -49.02 40.92
CA GLN JB 28 -89.65 -49.74 42.03
C GLN JB 28 -88.36 -50.45 41.67
N GLU JB 29 -88.12 -50.72 40.39
CA GLU JB 29 -86.87 -51.34 39.97
C GLU JB 29 -85.84 -50.36 39.45
N ARG JB 30 -86.27 -49.21 38.95
CA ARG JB 30 -85.33 -48.20 38.46
C ARG JB 30 -84.91 -47.23 39.54
N ILE JB 31 -85.53 -47.29 40.71
CA ILE JB 31 -85.05 -46.50 41.85
C ILE JB 31 -83.73 -47.10 42.31
N LYS JB 32 -82.71 -46.25 42.43
CA LYS JB 32 -81.37 -46.67 42.82
C LYS JB 32 -81.06 -46.12 44.21
N VAL JB 33 -80.89 -47.01 45.17
CA VAL JB 33 -80.46 -46.63 46.51
C VAL JB 33 -78.98 -47.00 46.62
N ASN JB 34 -78.13 -45.99 46.79
CA ASN JB 34 -76.68 -46.17 46.84
C ASN JB 34 -76.17 -46.92 45.61
N GLY JB 35 -76.74 -46.59 44.45
CA GLY JB 35 -76.37 -47.21 43.20
C GLY JB 35 -76.98 -48.56 42.93
N LYS JB 36 -77.83 -49.06 43.83
CA LYS JB 36 -78.42 -50.38 43.68
C LYS JB 36 -79.81 -50.24 43.08
N ALA JB 37 -79.96 -50.70 41.84
CA ALA JB 37 -81.25 -50.69 41.17
C ALA JB 37 -82.00 -51.99 41.47
N GLY JB 38 -83.32 -51.88 41.52
CA GLY JB 38 -84.16 -53.02 41.83
C GLY JB 38 -84.34 -53.21 43.33
N ASN JB 39 -85.42 -53.90 43.72
CA ASN JB 39 -85.76 -54.28 45.10
C ASN JB 39 -85.72 -53.09 46.07
N LEU JB 40 -85.81 -51.87 45.54
CA LEU JB 40 -85.92 -50.64 46.32
C LEU JB 40 -84.75 -50.46 47.28
N GLY JB 41 -83.56 -50.89 46.86
CA GLY JB 41 -82.39 -50.79 47.72
C GLY JB 41 -82.50 -51.62 48.97
N GLY JB 42 -82.94 -52.87 48.82
CA GLY JB 42 -83.16 -53.74 49.97
C GLY JB 42 -84.38 -53.36 50.78
N GLY JB 43 -85.38 -52.79 50.14
CA GLY JB 43 -86.60 -52.43 50.85
C GLY JB 43 -86.46 -51.29 51.82
N VAL JB 44 -85.39 -50.50 51.73
CA VAL JB 44 -85.23 -49.34 52.61
C VAL JB 44 -86.15 -48.20 52.22
N VAL JB 45 -86.64 -48.18 50.99
CA VAL JB 45 -87.57 -47.16 50.51
C VAL JB 45 -88.88 -47.86 50.19
N THR JB 46 -89.98 -47.37 50.77
CA THR JB 46 -91.28 -47.97 50.58
C THR JB 46 -92.08 -47.19 49.55
N ILE JB 47 -92.82 -47.92 48.72
CA ILE JB 47 -93.58 -47.35 47.61
C ILE JB 47 -95.01 -47.88 47.67
N GLU JB 48 -95.98 -46.99 47.49
CA GLU JB 48 -97.37 -47.41 47.44
C GLU JB 48 -98.17 -46.38 46.65
N ARG JB 49 -99.39 -46.77 46.28
CA ARG JB 49 -100.21 -46.00 45.35
C ARG JB 49 -101.65 -46.00 45.83
N SER JB 50 -102.33 -44.87 45.61
CA SER JB 50 -103.75 -44.74 45.90
C SER JB 50 -104.60 -44.74 44.64
N LYS JB 51 -104.07 -45.32 43.55
CA LYS JB 51 -104.71 -45.48 42.25
C LYS JB 51 -104.84 -44.15 41.50
N SER JB 52 -104.50 -43.05 42.17
CA SER JB 52 -104.37 -41.76 41.51
C SER JB 52 -103.15 -40.98 41.97
N LYS JB 53 -102.54 -41.35 43.10
CA LYS JB 53 -101.34 -40.70 43.61
C LYS JB 53 -100.34 -41.78 43.98
N ILE JB 54 -99.06 -41.50 43.73
CA ILE JB 54 -98.00 -42.47 43.98
C ILE JB 54 -97.03 -41.88 45.01
N THR JB 55 -97.04 -42.41 46.23
CA THR JB 55 -96.22 -41.81 47.27
C THR JB 55 -95.00 -42.67 47.56
N VAL JB 56 -93.88 -41.99 47.81
CA VAL JB 56 -92.60 -42.62 48.07
C VAL JB 56 -92.13 -42.19 49.45
N THR JB 57 -91.90 -43.16 50.33
CA THR JB 57 -91.42 -42.88 51.67
C THR JB 57 -90.00 -43.40 51.82
N SER JB 58 -89.10 -42.51 52.21
CA SER JB 58 -87.70 -42.86 52.39
C SER JB 58 -87.20 -42.35 53.73
N GLU JB 59 -86.28 -43.10 54.33
CA GLU JB 59 -85.63 -42.70 55.57
C GLU JB 59 -84.13 -42.49 55.39
N VAL JB 60 -83.68 -42.38 54.14
CA VAL JB 60 -82.28 -42.12 53.82
C VAL JB 60 -82.24 -40.90 52.92
N PRO JB 61 -81.10 -40.19 52.87
CA PRO JB 61 -81.00 -39.00 52.00
C PRO JB 61 -81.34 -39.30 50.55
N PHE JB 62 -82.40 -38.66 50.07
CA PHE JB 62 -82.96 -38.95 48.76
C PHE JB 62 -83.28 -37.65 48.04
N SER JB 63 -83.30 -37.72 46.71
CA SER JB 63 -83.53 -36.55 45.88
C SER JB 63 -84.91 -36.59 45.26
N LYS JB 64 -85.67 -35.50 45.43
CA LYS JB 64 -86.92 -35.38 44.71
C LYS JB 64 -86.67 -35.16 43.23
N ARG JB 65 -85.55 -34.55 42.89
CA ARG JB 65 -85.18 -34.42 41.49
C ARG JB 65 -84.89 -35.78 40.86
N TYR JB 66 -84.49 -36.77 41.67
CA TYR JB 66 -84.36 -38.12 41.15
C TYR JB 66 -85.72 -38.68 40.74
N LEU JB 67 -86.76 -38.41 41.54
CA LEU JB 67 -88.10 -38.81 41.15
C LEU JB 67 -88.53 -38.10 39.87
N LYS JB 68 -88.21 -36.82 39.77
CA LYS JB 68 -88.53 -36.07 38.55
C LYS JB 68 -87.83 -36.68 37.33
N TYR JB 69 -86.55 -37.01 37.47
CA TYR JB 69 -85.79 -37.58 36.37
C TYR JB 69 -86.34 -38.94 35.98
N LEU JB 70 -86.70 -39.77 36.96
CA LEU JB 70 -87.30 -41.07 36.66
C LEU JB 70 -88.63 -40.91 35.94
N THR JB 71 -89.44 -39.94 36.37
CA THR JB 71 -90.71 -39.70 35.72
C THR JB 71 -90.51 -39.27 34.28
N LYS JB 72 -89.54 -38.38 34.03
CA LYS JB 72 -89.26 -37.95 32.67
C LYS JB 72 -88.75 -39.11 31.81
N LYS JB 73 -87.92 -39.98 32.37
CA LYS JB 73 -87.44 -41.13 31.62
C LYS JB 73 -88.59 -42.08 31.27
N TYR JB 74 -89.49 -42.30 32.22
CA TYR JB 74 -90.67 -43.12 31.93
C TYR JB 74 -91.52 -42.49 30.85
N LEU JB 75 -91.68 -41.16 30.90
CA LEU JB 75 -92.46 -40.47 29.89
C LEU JB 75 -91.83 -40.61 28.51
N LYS JB 76 -90.51 -40.52 28.43
CA LYS JB 76 -89.83 -40.76 27.16
C LYS JB 76 -90.03 -42.18 26.68
N LYS JB 77 -89.96 -43.15 27.59
CA LYS JB 77 -90.13 -44.54 27.20
C LYS JB 77 -91.54 -44.82 26.70
N ASN JB 78 -92.54 -44.16 27.26
CA ASN JB 78 -93.93 -44.37 26.88
C ASN JB 78 -94.45 -43.32 25.91
N ASN JB 79 -93.56 -42.47 25.37
CA ASN JB 79 -93.90 -41.42 24.42
C ASN JB 79 -94.87 -40.40 25.01
N LEU JB 80 -94.94 -40.32 26.33
CA LEU JB 80 -95.80 -39.34 26.98
C LEU JB 80 -95.08 -38.04 27.29
N ARG JB 81 -93.76 -37.98 27.09
CA ARG JB 81 -93.02 -36.76 27.35
C ARG JB 81 -93.46 -35.64 26.43
N ASP JB 82 -93.95 -35.98 25.24
CA ASP JB 82 -94.33 -34.96 24.27
C ASP JB 82 -95.53 -34.16 24.74
N TRP JB 83 -96.49 -34.82 25.40
CA TRP JB 83 -97.72 -34.16 25.81
C TRP JB 83 -97.74 -33.76 27.27
N LEU JB 84 -96.98 -34.44 28.13
CA LEU JB 84 -97.05 -34.21 29.56
C LEU JB 84 -95.82 -33.47 30.06
N ARG JB 85 -95.97 -32.83 31.21
CA ARG JB 85 -94.93 -32.01 31.81
C ARG JB 85 -95.07 -32.09 33.32
N VAL JB 86 -93.96 -32.37 34.01
CA VAL JB 86 -93.98 -32.51 35.45
C VAL JB 86 -93.64 -31.17 36.09
N VAL JB 87 -94.44 -30.77 37.06
CA VAL JB 87 -94.28 -29.49 37.75
C VAL JB 87 -94.42 -29.73 39.24
N ALA JB 88 -93.52 -29.15 40.02
CA ALA JB 88 -93.63 -29.23 41.48
C ALA JB 88 -94.75 -28.31 41.93
N ASN JB 89 -95.96 -28.86 42.06
CA ASN JB 89 -97.10 -28.06 42.47
C ASN JB 89 -96.95 -27.56 43.89
N SER JB 90 -96.27 -28.33 44.75
CA SER JB 90 -96.02 -27.94 46.12
C SER JB 90 -94.77 -28.67 46.60
N LYS JB 91 -94.42 -28.47 47.86
CA LYS JB 91 -93.29 -29.17 48.44
C LYS JB 91 -93.55 -30.66 48.48
N GLU JB 92 -92.49 -31.44 48.28
CA GLU JB 92 -92.48 -32.90 48.20
C GLU JB 92 -93.65 -33.45 47.41
N SER JB 93 -94.06 -32.76 46.35
CA SER JB 93 -95.18 -33.21 45.54
C SER JB 93 -94.94 -32.78 44.09
N TYR JB 94 -95.00 -33.74 43.18
CA TYR JB 94 -94.94 -33.47 41.75
C TYR JB 94 -96.29 -33.75 41.13
N GLU JB 95 -96.61 -33.01 40.07
CA GLU JB 95 -97.89 -33.14 39.37
C GLU JB 95 -97.58 -33.04 37.89
N LEU JB 96 -97.97 -34.06 37.13
CA LEU JB 96 -97.78 -33.99 35.68
C LEU JB 96 -99.07 -33.58 35.00
N ARG JB 97 -98.96 -32.59 34.13
CA ARG JB 97 -100.12 -32.00 33.48
C ARG JB 97 -99.81 -31.79 32.00
N TYR JB 98 -100.73 -31.11 31.31
CA TYR JB 98 -100.62 -30.95 29.87
C TYR JB 98 -100.02 -29.60 29.51
N PHE JB 99 -99.44 -29.53 28.32
CA PHE JB 99 -99.07 -28.24 27.75
C PHE JB 99 -100.33 -27.48 27.38
N GLN JB 100 -100.32 -26.18 27.66
CA GLN JB 100 -101.52 -25.36 27.59
C GLN JB 100 -101.57 -24.60 26.26
N ILE JB 101 -102.78 -24.50 25.71
CA ILE JB 101 -103.01 -23.71 24.51
C ILE JB 101 -103.88 -22.51 24.86
N SER KB 1 -22.36 -61.80 -28.66
CA SER KB 1 -22.01 -60.95 -27.52
C SER KB 1 -23.24 -60.54 -26.73
N GLY KB 2 -23.84 -59.41 -27.11
CA GLY KB 2 -25.02 -58.90 -26.42
C GLY KB 2 -24.76 -57.50 -25.89
N ALA KB 3 -25.73 -56.63 -26.08
CA ALA KB 3 -25.62 -55.23 -25.70
C ALA KB 3 -26.54 -54.91 -24.53
N LYS KB 4 -26.16 -53.89 -23.77
CA LYS KB 4 -26.89 -53.49 -22.57
C LYS KB 4 -28.07 -52.61 -22.95
N PHE KB 5 -29.25 -52.96 -22.46
CA PHE KB 5 -30.45 -52.20 -22.75
C PHE KB 5 -30.47 -50.91 -21.93
N ARG KB 6 -31.40 -50.03 -22.27
CA ARG KB 6 -31.52 -48.76 -21.57
C ARG KB 6 -32.29 -48.94 -20.26
N ILE KB 7 -31.78 -48.33 -19.20
CA ILE KB 7 -32.37 -48.41 -17.87
C ILE KB 7 -32.47 -47.01 -17.29
N SER KB 8 -33.23 -46.90 -16.20
CA SER KB 8 -33.37 -45.64 -15.50
C SER KB 8 -32.04 -45.19 -14.92
N LEU KB 9 -31.77 -43.88 -15.01
CA LEU KB 9 -30.44 -43.39 -14.66
C LEU KB 9 -30.27 -43.23 -13.16
N GLY KB 10 -31.02 -42.30 -12.56
CA GLY KB 10 -31.08 -42.23 -11.11
C GLY KB 10 -29.93 -41.52 -10.41
N LEU KB 11 -28.71 -41.61 -10.95
CA LEU KB 11 -27.52 -41.06 -10.31
C LEU KB 11 -26.87 -40.03 -11.22
N PRO KB 12 -27.17 -38.74 -11.04
CA PRO KB 12 -26.55 -37.72 -11.88
C PRO KB 12 -25.17 -37.31 -11.38
N VAL KB 13 -24.59 -36.30 -12.02
CA VAL KB 13 -23.30 -35.77 -11.60
C VAL KB 13 -23.45 -35.07 -10.27
N GLY KB 14 -22.56 -35.37 -9.33
CA GLY KB 14 -22.61 -34.81 -8.01
C GLY KB 14 -23.12 -35.76 -6.96
N ALA KB 15 -23.52 -36.96 -7.34
CA ALA KB 15 -24.02 -37.93 -6.37
C ALA KB 15 -22.87 -38.51 -5.55
N VAL KB 16 -23.20 -38.95 -4.34
CA VAL KB 16 -22.26 -39.60 -3.44
C VAL KB 16 -22.76 -41.01 -3.20
N ILE KB 17 -21.93 -41.99 -3.54
CA ILE KB 17 -22.27 -43.41 -3.41
C ILE KB 17 -21.24 -44.06 -2.50
N ASN KB 18 -21.46 -45.34 -2.20
CA ASN KB 18 -20.51 -46.12 -1.43
C ASN KB 18 -19.48 -46.75 -2.34
N CYS KB 19 -18.32 -47.06 -1.77
CA CYS KB 19 -17.23 -47.72 -2.48
C CYS KB 19 -17.15 -49.14 -1.95
N ALA KB 20 -17.81 -50.06 -2.66
CA ALA KB 20 -18.06 -51.40 -2.13
C ALA KB 20 -16.81 -52.28 -2.11
N ASP KB 21 -15.73 -51.92 -2.80
CA ASP KB 21 -14.57 -52.80 -2.87
C ASP KB 21 -13.75 -52.67 -1.59
N ASN KB 22 -12.56 -53.25 -1.60
CA ASN KB 22 -11.67 -53.26 -0.44
C ASN KB 22 -10.44 -52.38 -0.66
N THR KB 23 -10.63 -51.25 -1.32
CA THR KB 23 -9.54 -50.32 -1.59
C THR KB 23 -9.32 -49.32 -0.46
N GLY KB 24 -10.06 -49.45 0.63
CA GLY KB 24 -9.92 -48.51 1.72
C GLY KB 24 -10.65 -47.20 1.53
N ALA KB 25 -11.48 -47.09 0.50
CA ALA KB 25 -12.26 -45.90 0.26
C ALA KB 25 -13.70 -46.12 0.69
N LYS KB 26 -14.28 -45.12 1.36
CA LYS KB 26 -15.64 -45.22 1.86
C LYS KB 26 -16.68 -44.69 0.88
N ASN KB 27 -16.57 -43.44 0.46
CA ASN KB 27 -17.55 -42.85 -0.43
C ASN KB 27 -16.90 -42.41 -1.73
N LEU KB 28 -17.71 -42.36 -2.78
CA LEU KB 28 -17.30 -41.89 -4.09
C LEU KB 28 -18.21 -40.74 -4.49
N TYR KB 29 -17.62 -39.72 -5.10
CA TYR KB 29 -18.35 -38.55 -5.57
C TYR KB 29 -18.24 -38.56 -7.08
N ILE KB 30 -19.38 -38.70 -7.76
CA ILE KB 30 -19.39 -38.80 -9.21
C ILE KB 30 -19.23 -37.41 -9.81
N ILE KB 31 -18.30 -37.27 -10.75
CA ILE KB 31 -18.08 -35.99 -11.41
C ILE KB 31 -18.51 -35.98 -12.87
N SER KB 32 -18.60 -37.13 -13.52
CA SER KB 32 -19.03 -37.19 -14.92
C SER KB 32 -19.32 -38.63 -15.27
N VAL KB 33 -19.99 -38.82 -16.41
CA VAL KB 33 -20.38 -40.13 -16.89
C VAL KB 33 -19.75 -40.34 -18.25
N LYS KB 34 -19.08 -41.49 -18.42
CA LYS KB 34 -18.47 -41.81 -19.71
C LYS KB 34 -19.55 -42.00 -20.76
N GLY KB 35 -19.26 -41.55 -21.97
CA GLY KB 35 -20.15 -41.80 -23.09
C GLY KB 35 -21.35 -40.89 -23.19
N ILE KB 36 -21.44 -39.86 -22.36
CA ILE KB 36 -22.55 -38.91 -22.42
C ILE KB 36 -22.16 -37.79 -23.37
N LYS KB 37 -22.82 -37.73 -24.52
CA LYS KB 37 -22.60 -36.63 -25.45
C LYS KB 37 -23.02 -35.31 -24.83
N GLY KB 38 -24.16 -35.29 -24.16
CA GLY KB 38 -24.62 -34.12 -23.43
C GLY KB 38 -25.78 -33.43 -24.11
N ARG KB 39 -26.41 -32.55 -23.34
CA ARG KB 39 -27.50 -31.71 -23.81
C ARG KB 39 -27.55 -30.50 -22.89
N LEU KB 40 -28.03 -29.38 -23.43
CA LEU KB 40 -28.02 -28.13 -22.68
C LEU KB 40 -28.85 -28.25 -21.42
N ASN KB 41 -28.25 -27.86 -20.29
CA ASN KB 41 -28.90 -27.90 -18.98
C ASN KB 41 -29.44 -29.27 -18.64
N ARG KB 42 -28.71 -30.33 -18.97
CA ARG KB 42 -29.04 -31.68 -18.57
C ARG KB 42 -27.86 -32.29 -17.84
N LEU KB 43 -28.07 -32.68 -16.59
CA LEU KB 43 -27.01 -33.27 -15.80
C LEU KB 43 -26.70 -34.66 -16.34
N PRO KB 44 -25.43 -34.98 -16.61
CA PRO KB 44 -25.09 -36.35 -17.00
C PRO KB 44 -25.38 -37.30 -15.85
N ALA KB 45 -25.99 -38.43 -16.18
CA ALA KB 45 -26.44 -39.39 -15.18
C ALA KB 45 -26.04 -40.79 -15.58
N ALA KB 46 -25.87 -41.66 -14.60
CA ALA KB 46 -25.42 -43.02 -14.84
C ALA KB 46 -26.21 -44.00 -13.99
N GLY KB 47 -26.61 -45.10 -14.62
CA GLY KB 47 -27.15 -46.24 -13.92
C GLY KB 47 -26.06 -47.26 -13.60
N VAL KB 48 -26.50 -48.46 -13.21
CA VAL KB 48 -25.56 -49.52 -12.92
C VAL KB 48 -24.88 -49.96 -14.21
N GLY KB 49 -23.63 -50.39 -14.09
CA GLY KB 49 -22.88 -50.82 -15.25
C GLY KB 49 -22.39 -49.71 -16.14
N ASP KB 50 -22.42 -48.46 -15.69
CA ASP KB 50 -21.97 -47.32 -16.47
C ASP KB 50 -20.66 -46.81 -15.90
N MET KB 51 -19.67 -46.64 -16.76
CA MET KB 51 -18.37 -46.15 -16.33
C MET KB 51 -18.44 -44.66 -16.03
N VAL KB 52 -17.92 -44.27 -14.87
CA VAL KB 52 -17.97 -42.89 -14.41
C VAL KB 52 -16.57 -42.49 -13.93
N MET KB 53 -16.40 -41.19 -13.72
CA MET KB 53 -15.21 -40.66 -13.05
C MET KB 53 -15.64 -40.20 -11.67
N ALA KB 54 -14.88 -40.57 -10.64
CA ALA KB 54 -15.27 -40.24 -9.29
C ALA KB 54 -14.05 -39.92 -8.45
N THR KB 55 -14.27 -39.12 -7.42
CA THR KB 55 -13.24 -38.80 -6.44
C THR KB 55 -13.75 -39.19 -5.06
N VAL KB 56 -12.90 -39.81 -4.25
CA VAL KB 56 -13.35 -40.21 -2.93
C VAL KB 56 -13.35 -39.01 -2.00
N LYS KB 57 -14.49 -38.76 -1.36
CA LYS KB 57 -14.57 -37.67 -0.40
C LYS KB 57 -13.81 -38.01 0.87
N LYS KB 58 -13.91 -39.25 1.33
CA LYS KB 58 -13.23 -39.70 2.53
C LYS KB 58 -12.67 -41.09 2.29
N GLY KB 59 -11.66 -41.45 3.08
CA GLY KB 59 -11.03 -42.74 2.94
C GLY KB 59 -9.53 -42.67 3.11
N LYS KB 60 -8.80 -43.52 2.39
CA LYS KB 60 -7.36 -43.51 2.48
C LYS KB 60 -6.81 -42.19 1.91
N PRO KB 61 -5.86 -41.56 2.60
CA PRO KB 61 -5.33 -40.28 2.11
C PRO KB 61 -4.63 -40.40 0.76
N GLU KB 62 -4.08 -41.56 0.44
CA GLU KB 62 -3.32 -41.73 -0.79
C GLU KB 62 -4.21 -41.68 -2.03
N LEU KB 63 -5.52 -41.74 -1.89
CA LEU KB 63 -6.43 -41.72 -3.01
C LEU KB 63 -7.43 -40.57 -2.98
N ARG KB 64 -7.32 -39.66 -1.99
CA ARG KB 64 -8.39 -38.69 -1.77
C ARG KB 64 -8.50 -37.71 -2.92
N LYS KB 65 -7.44 -36.96 -3.19
CA LYS KB 65 -7.52 -35.85 -4.14
C LYS KB 65 -7.03 -36.29 -5.53
N LYS KB 66 -7.68 -37.32 -6.06
CA LYS KB 66 -7.39 -37.79 -7.41
C LYS KB 66 -8.69 -38.27 -8.04
N VAL KB 67 -8.67 -38.37 -9.37
CA VAL KB 67 -9.83 -38.78 -10.15
C VAL KB 67 -9.62 -40.22 -10.58
N HIS KB 68 -10.56 -41.10 -10.24
CA HIS KB 68 -10.43 -42.49 -10.60
C HIS KB 68 -11.65 -42.98 -11.36
N PRO KB 69 -11.47 -43.84 -12.35
CA PRO KB 69 -12.63 -44.46 -13.00
C PRO KB 69 -13.32 -45.43 -12.07
N ALA KB 70 -14.65 -45.46 -12.16
CA ALA KB 70 -15.45 -46.31 -11.30
C ALA KB 70 -16.60 -46.88 -12.10
N VAL KB 71 -17.15 -47.97 -11.60
CA VAL KB 71 -18.33 -48.61 -12.20
C VAL KB 71 -19.37 -48.78 -11.10
N VAL KB 72 -20.58 -48.32 -11.36
CA VAL KB 72 -21.67 -48.44 -10.39
C VAL KB 72 -22.20 -49.87 -10.40
N ILE KB 73 -22.32 -50.46 -9.22
CA ILE KB 73 -22.79 -51.83 -9.10
C ILE KB 73 -24.16 -51.93 -8.45
N ARG KB 74 -24.59 -50.93 -7.69
CA ARG KB 74 -25.91 -50.95 -7.06
C ARG KB 74 -26.51 -49.56 -7.13
N GLN KB 75 -27.79 -49.48 -7.46
CA GLN KB 75 -28.49 -48.21 -7.52
C GLN KB 75 -29.78 -48.30 -6.72
N ARG KB 76 -30.22 -47.16 -6.21
CA ARG KB 76 -31.41 -47.10 -5.37
C ARG KB 76 -32.66 -46.72 -6.16
N LYS KB 77 -32.53 -46.44 -7.45
CA LYS KB 77 -33.66 -46.11 -8.29
C LYS KB 77 -34.11 -47.35 -9.05
N SER KB 78 -35.41 -47.64 -8.98
CA SER KB 78 -35.96 -48.82 -9.64
C SER KB 78 -35.84 -48.69 -11.15
N TYR KB 79 -35.77 -49.84 -11.82
CA TYR KB 79 -35.66 -49.85 -13.27
C TYR KB 79 -36.28 -51.13 -13.79
N ARG KB 80 -36.66 -51.11 -15.06
CA ARG KB 80 -37.24 -52.26 -15.72
C ARG KB 80 -36.15 -53.13 -16.33
N ARG KB 81 -36.31 -54.45 -16.22
CA ARG KB 81 -35.32 -55.40 -16.66
C ARG KB 81 -35.88 -56.29 -17.77
N LYS KB 82 -36.57 -55.66 -18.72
CA LYS KB 82 -37.05 -56.31 -19.95
C LYS KB 82 -38.03 -57.45 -19.69
N ASP KB 83 -38.34 -57.75 -18.43
CA ASP KB 83 -39.27 -58.84 -18.15
C ASP KB 83 -40.28 -58.48 -17.06
N GLY KB 84 -40.44 -57.21 -16.72
CA GLY KB 84 -41.48 -56.76 -15.83
C GLY KB 84 -41.04 -56.52 -14.40
N VAL KB 85 -39.90 -57.08 -13.99
CA VAL KB 85 -39.44 -56.84 -12.63
C VAL KB 85 -38.88 -55.43 -12.51
N PHE KB 86 -39.04 -54.84 -11.34
CA PHE KB 86 -38.53 -53.51 -11.05
C PHE KB 86 -37.59 -53.65 -9.86
N LEU KB 87 -36.34 -53.95 -10.14
CA LEU KB 87 -35.36 -54.22 -9.11
C LEU KB 87 -34.63 -52.95 -8.72
N TYR KB 88 -34.50 -52.76 -7.41
CA TYR KB 88 -33.72 -51.64 -6.90
C TYR KB 88 -33.02 -52.09 -5.62
N PHE KB 89 -31.85 -51.50 -5.38
CA PHE KB 89 -31.01 -51.92 -4.27
C PHE KB 89 -31.19 -51.00 -3.08
N GLU KB 90 -30.65 -51.44 -1.93
CA GLU KB 90 -30.81 -50.69 -0.69
C GLU KB 90 -30.10 -49.35 -0.75
N ASP KB 91 -28.99 -49.26 -1.47
CA ASP KB 91 -28.21 -48.03 -1.53
C ASP KB 91 -27.54 -47.93 -2.89
N ASN KB 92 -26.81 -46.83 -3.09
CA ASN KB 92 -26.06 -46.60 -4.30
C ASN KB 92 -24.58 -46.88 -4.02
N ALA KB 93 -23.98 -47.74 -4.82
CA ALA KB 93 -22.61 -48.16 -4.57
C ALA KB 93 -21.93 -48.56 -5.86
N GLY KB 94 -20.62 -48.37 -5.90
CA GLY KB 94 -19.80 -48.75 -7.04
C GLY KB 94 -18.41 -49.12 -6.57
N VAL KB 95 -17.57 -49.47 -7.54
CA VAL KB 95 -16.19 -49.89 -7.28
C VAL KB 95 -15.25 -49.15 -8.20
N ILE KB 96 -14.00 -49.04 -7.76
CA ILE KB 96 -12.96 -48.32 -8.50
C ILE KB 96 -12.24 -49.30 -9.41
N VAL KB 97 -12.15 -48.95 -10.70
CA VAL KB 97 -11.49 -49.78 -11.69
C VAL KB 97 -10.55 -48.91 -12.51
N ASN KB 98 -9.66 -49.56 -13.25
CA ASN KB 98 -8.81 -48.83 -14.17
C ASN KB 98 -9.58 -48.48 -15.43
N ASN KB 99 -8.93 -47.70 -16.30
CA ASN KB 99 -9.55 -47.38 -17.59
C ASN KB 99 -9.69 -48.60 -18.49
N LYS KB 100 -8.91 -49.65 -18.25
CA LYS KB 100 -9.05 -50.87 -19.03
C LYS KB 100 -10.29 -51.64 -18.64
N GLY KB 101 -10.57 -51.73 -17.34
CA GLY KB 101 -11.74 -52.43 -16.86
C GLY KB 101 -11.50 -53.27 -15.62
N GLU KB 102 -10.22 -53.58 -15.35
CA GLU KB 102 -9.89 -54.40 -14.20
C GLU KB 102 -10.07 -53.63 -12.90
N MET KB 103 -10.54 -54.33 -11.88
CA MET KB 103 -10.81 -53.70 -10.59
C MET KB 103 -9.51 -53.48 -9.82
N LYS KB 104 -9.39 -52.31 -9.21
CA LYS KB 104 -8.25 -52.05 -8.33
C LYS KB 104 -8.30 -52.94 -7.09
N GLY KB 105 -9.49 -53.11 -6.52
CA GLY KB 105 -9.65 -53.94 -5.35
C GLY KB 105 -9.68 -55.41 -5.69
N SER KB 106 -9.97 -56.21 -4.68
CA SER KB 106 -10.02 -57.65 -4.84
C SER KB 106 -11.36 -58.28 -4.52
N ALA KB 107 -12.10 -57.75 -3.55
CA ALA KB 107 -13.38 -58.30 -3.17
C ALA KB 107 -14.41 -57.18 -3.03
N ILE KB 108 -15.68 -57.53 -3.23
CA ILE KB 108 -16.77 -56.58 -3.20
C ILE KB 108 -17.77 -57.02 -2.15
N THR KB 109 -18.14 -56.10 -1.26
CA THR KB 109 -19.17 -56.37 -0.27
C THR KB 109 -20.54 -56.02 -0.85
N GLY KB 110 -21.52 -56.87 -0.56
CA GLY KB 110 -22.86 -56.67 -1.04
C GLY KB 110 -23.05 -57.22 -2.43
N PRO KB 111 -24.28 -57.19 -2.92
CA PRO KB 111 -24.58 -57.76 -4.23
C PRO KB 111 -24.14 -56.85 -5.35
N VAL KB 112 -24.13 -57.42 -6.56
CA VAL KB 112 -23.78 -56.70 -7.79
C VAL KB 112 -24.90 -56.94 -8.78
N ALA KB 113 -25.39 -55.87 -9.41
CA ALA KB 113 -26.45 -55.99 -10.38
C ALA KB 113 -25.99 -56.79 -11.60
N LYS KB 114 -26.94 -57.52 -12.19
CA LYS KB 114 -26.61 -58.36 -13.34
C LYS KB 114 -26.15 -57.53 -14.52
N GLU KB 115 -26.71 -56.33 -14.69
CA GLU KB 115 -26.34 -55.48 -15.82
C GLU KB 115 -24.88 -55.06 -15.72
N CYS KB 116 -24.40 -54.79 -14.52
CA CYS KB 116 -22.98 -54.52 -14.34
C CYS KB 116 -22.16 -55.79 -14.48
N ALA KB 117 -22.69 -56.91 -13.97
CA ALA KB 117 -21.91 -58.13 -13.90
C ALA KB 117 -21.59 -58.67 -15.29
N ASP KB 118 -22.60 -58.78 -16.15
CA ASP KB 118 -22.35 -59.33 -17.48
C ASP KB 118 -21.55 -58.36 -18.33
N LEU KB 119 -21.68 -57.06 -18.08
CA LEU KB 119 -20.92 -56.08 -18.85
C LEU KB 119 -19.44 -56.12 -18.49
N TRP KB 120 -19.12 -56.26 -17.21
CA TRP KB 120 -17.73 -56.37 -16.77
C TRP KB 120 -17.49 -57.72 -16.12
N PRO KB 121 -16.95 -58.70 -16.85
CA PRO KB 121 -16.63 -59.99 -16.24
C PRO KB 121 -15.59 -59.91 -15.14
N ARG KB 122 -14.73 -58.88 -15.16
CA ARG KB 122 -13.78 -58.70 -14.07
C ARG KB 122 -14.51 -58.47 -12.76
N ILE KB 123 -15.52 -57.61 -12.78
CA ILE KB 123 -16.32 -57.38 -11.58
C ILE KB 123 -17.14 -58.62 -11.24
N ALA KB 124 -17.65 -59.31 -12.26
CA ALA KB 124 -18.49 -60.49 -12.04
C ALA KB 124 -17.72 -61.59 -11.32
N SER KB 125 -16.44 -61.76 -11.67
CA SER KB 125 -15.62 -62.77 -11.00
C SER KB 125 -15.43 -62.49 -9.52
N ASN KB 126 -15.48 -61.22 -9.12
CA ASN KB 126 -15.32 -60.84 -7.72
C ASN KB 126 -16.64 -60.57 -7.03
N ALA KB 127 -17.75 -60.66 -7.74
CA ALA KB 127 -19.05 -60.35 -7.17
C ALA KB 127 -19.45 -61.39 -6.13
N GLY KB 128 -19.91 -60.93 -4.97
CA GLY KB 128 -20.38 -61.85 -3.95
C GLY KB 128 -21.67 -62.55 -4.35
N SER KB 129 -22.58 -61.83 -4.98
CA SER KB 129 -23.85 -62.39 -5.41
C SER KB 129 -24.38 -61.57 -6.58
N ILE KB 130 -25.32 -62.16 -7.32
CA ILE KB 130 -25.90 -61.53 -8.50
C ILE KB 130 -27.39 -61.32 -8.24
N ALA KB 131 -27.86 -60.10 -8.46
CA ALA KB 131 -29.27 -59.79 -8.30
C ALA KB 131 -29.93 -59.56 -9.65
N LYS LB 1 -41.01 62.55 70.60
CA LYS LB 1 -40.75 61.25 71.22
C LYS LB 1 -41.71 60.20 70.71
N LYS LB 2 -42.89 60.62 70.28
CA LYS LB 2 -43.92 59.72 69.80
C LYS LB 2 -43.79 59.41 68.30
N LYS LB 3 -42.91 60.11 67.59
CA LYS LB 3 -42.63 59.81 66.19
C LYS LB 3 -41.71 58.61 66.14
N ILE LB 4 -42.29 57.42 66.03
CA ILE LB 4 -41.54 56.16 66.09
C ILE LB 4 -41.85 55.36 64.83
N ARG LB 5 -40.86 54.59 64.38
CA ARG LB 5 -41.02 53.70 63.23
C ARG LB 5 -40.47 52.33 63.64
N THR LB 6 -41.37 51.45 64.07
CA THR LB 6 -40.98 50.10 64.46
C THR LB 6 -40.78 49.19 63.26
N SER LB 7 -41.19 49.61 62.07
CA SER LB 7 -41.07 48.81 60.87
C SER LB 7 -40.25 49.56 59.83
N PRO LB 8 -39.24 48.92 59.23
CA PRO LB 8 -38.44 49.62 58.22
C PRO LB 8 -39.13 49.75 56.88
N THR LB 9 -40.17 48.98 56.62
CA THR LB 9 -40.88 49.05 55.34
C THR LB 9 -41.84 50.23 55.37
N PHE LB 10 -41.74 51.10 54.38
CA PHE LB 10 -42.63 52.24 54.26
C PHE LB 10 -43.81 51.86 53.40
N ARG LB 11 -45.00 51.85 53.99
CA ARG LB 11 -46.22 51.56 53.26
C ARG LB 11 -46.96 52.86 52.98
N ARG LB 12 -47.76 52.86 51.92
CA ARG LB 12 -48.49 54.06 51.55
C ARG LB 12 -49.51 54.38 52.62
N PRO LB 13 -49.54 55.61 53.13
CA PRO LB 13 -50.52 55.95 54.17
C PRO LB 13 -51.95 55.86 53.65
N LYS LB 14 -52.85 55.44 54.53
CA LYS LB 14 -54.24 55.26 54.15
C LYS LB 14 -54.92 56.61 53.99
N THR LB 15 -55.65 56.77 52.88
CA THR LB 15 -56.39 57.99 52.60
C THR LB 15 -57.85 57.64 52.36
N LEU LB 16 -58.75 58.45 52.92
CA LEU LB 16 -60.17 58.19 52.74
C LEU LB 16 -60.59 58.42 51.29
N ARG LB 17 -61.42 57.51 50.79
CA ARG LB 17 -61.90 57.56 49.42
C ARG LB 17 -63.39 57.87 49.45
N LEU LB 18 -63.75 59.07 49.01
CA LEU LB 18 -65.13 59.54 49.12
C LEU LB 18 -66.05 58.73 48.22
N ARG LB 19 -67.31 58.62 48.66
CA ARG LB 19 -68.33 57.96 47.86
C ARG LB 19 -68.61 58.79 46.62
N ARG LB 20 -68.98 58.10 45.54
CA ARG LB 20 -69.41 58.81 44.33
C ARG LB 20 -70.66 59.62 44.62
N GLN LB 21 -70.59 60.91 44.32
CA GLN LB 21 -71.71 61.84 44.53
C GLN LB 21 -71.95 62.62 43.25
N PRO LB 22 -72.45 61.97 42.21
CA PRO LB 22 -72.59 62.64 40.92
C PRO LB 22 -73.63 63.74 40.98
N LYS LB 23 -73.38 64.82 40.24
CA LYS LB 23 -74.32 65.92 40.14
C LYS LB 23 -75.46 65.60 39.17
N TYR LB 24 -75.37 64.49 38.44
CA TYR LB 24 -76.41 64.10 37.51
C TYR LB 24 -76.29 62.60 37.30
N PRO LB 25 -77.39 61.87 37.15
CA PRO LB 25 -77.29 60.45 36.78
C PRO LB 25 -76.82 60.32 35.34
N ARG LB 26 -76.00 59.30 35.08
CA ARG LB 26 -75.49 59.10 33.73
C ARG LB 26 -76.61 58.79 32.75
N LYS LB 27 -77.56 57.96 33.16
CA LYS LB 27 -78.74 57.67 32.35
C LYS LB 27 -79.97 58.25 33.04
N SER LB 28 -80.94 58.67 32.22
CA SER LB 28 -82.10 59.37 32.74
C SER LB 28 -82.96 58.48 33.62
N ALA LB 29 -83.31 57.30 33.13
CA ALA LB 29 -84.21 56.42 33.86
C ALA LB 29 -83.62 55.01 33.91
N PRO LB 30 -83.88 54.27 34.98
CA PRO LB 30 -83.43 52.87 35.04
C PRO LB 30 -84.08 52.05 33.94
N ARG LB 31 -83.31 51.11 33.38
CA ARG LB 31 -83.84 50.27 32.33
C ARG LB 31 -84.89 49.31 32.87
N ARG LB 32 -86.01 49.22 32.18
CA ARG LB 32 -87.05 48.29 32.58
C ARG LB 32 -86.59 46.85 32.38
N ASN LB 33 -87.15 45.95 33.18
CA ASN LB 33 -86.80 44.53 33.11
C ASN LB 33 -87.35 43.96 31.81
N LYS LB 34 -86.48 43.80 30.82
CA LYS LB 34 -86.89 43.11 29.60
C LYS LB 34 -87.23 41.66 29.88
N LEU LB 35 -86.55 41.05 30.84
CA LEU LB 35 -86.81 39.66 31.22
C LEU LB 35 -87.82 39.63 32.36
N ASP LB 36 -89.06 39.98 32.03
CA ASP LB 36 -90.14 39.91 33.00
C ASP LB 36 -90.73 38.51 33.02
N HIS LB 37 -91.74 38.31 33.88
CA HIS LB 37 -92.28 36.97 34.09
C HIS LB 37 -92.95 36.41 32.84
N TYR LB 38 -93.58 37.28 32.05
CA TYR LB 38 -94.24 36.80 30.84
C TYR LB 38 -93.24 36.40 29.77
N ALA LB 39 -92.13 37.12 29.67
CA ALA LB 39 -91.08 36.72 28.74
C ALA LB 39 -90.31 35.50 29.25
N ILE LB 40 -90.36 35.22 30.54
CA ILE LB 40 -89.68 34.04 31.06
C ILE LB 40 -90.35 32.77 30.53
N ILE LB 41 -91.68 32.71 30.62
CA ILE LB 41 -92.43 31.54 30.15
C ILE LB 41 -92.91 31.84 28.74
N LYS LB 42 -92.30 31.18 27.76
CA LYS LB 42 -92.68 31.41 26.38
C LYS LB 42 -93.96 30.67 26.03
N PHE LB 43 -93.93 29.34 26.13
CA PHE LB 43 -95.08 28.51 25.82
C PHE LB 43 -94.86 27.09 26.35
N PRO LB 44 -95.91 26.42 26.80
CA PRO LB 44 -95.74 25.03 27.27
C PRO LB 44 -95.56 24.06 26.11
N LEU LB 45 -95.12 22.87 26.46
CA LEU LB 45 -94.89 21.80 25.50
C LEU LB 45 -96.02 20.78 25.57
N THR LB 46 -96.42 20.27 24.40
CA THR LB 46 -97.56 19.37 24.30
C THR LB 46 -97.21 18.07 23.59
N THR LB 47 -95.98 17.57 23.77
CA THR LB 47 -95.58 16.31 23.16
C THR LB 47 -96.12 15.14 23.99
N GLU LB 48 -95.89 13.93 23.49
CA GLU LB 48 -96.28 12.73 24.24
C GLU LB 48 -95.53 12.64 25.56
N SER LB 49 -94.25 13.01 25.55
CA SER LB 49 -93.49 13.02 26.81
C SER LB 49 -94.09 14.01 27.79
N ALA LB 50 -94.50 15.18 27.31
CA ALA LB 50 -95.14 16.16 28.18
C ALA LB 50 -96.47 15.63 28.72
N MET LB 51 -97.25 14.96 27.86
CA MET LB 51 -98.53 14.41 28.30
C MET LB 51 -98.32 13.35 29.38
N LYS LB 52 -97.32 12.49 29.20
CA LYS LB 52 -97.03 11.49 30.21
C LYS LB 52 -96.53 12.14 31.50
N LYS LB 53 -95.70 13.17 31.39
CA LYS LB 53 -95.16 13.85 32.56
C LYS LB 53 -96.27 14.50 33.37
N ILE LB 54 -97.26 15.08 32.70
CA ILE LB 54 -98.31 15.80 33.41
C ILE LB 54 -99.12 14.85 34.28
N GLU LB 55 -99.58 13.74 33.71
CA GLU LB 55 -100.49 12.86 34.43
C GLU LB 55 -99.78 11.72 35.16
N ASP LB 56 -98.46 11.62 35.06
CA ASP LB 56 -97.73 10.62 35.82
C ASP LB 56 -96.78 11.23 36.83
N ASN LB 57 -95.92 12.14 36.41
CA ASN LB 57 -94.94 12.76 37.30
C ASN LB 57 -95.43 14.06 37.90
N ASN LB 58 -96.68 14.45 37.63
CA ASN LB 58 -97.26 15.69 38.16
C ASN LB 58 -96.41 16.89 37.79
N THR LB 59 -95.87 16.89 36.57
CA THR LB 59 -94.86 17.83 36.13
C THR LB 59 -95.32 18.53 34.86
N LEU LB 60 -95.09 19.84 34.80
CA LEU LB 60 -95.40 20.64 33.63
C LEU LB 60 -94.12 20.92 32.86
N VAL LB 61 -94.22 20.83 31.52
CA VAL LB 61 -93.07 21.07 30.65
C VAL LB 61 -93.28 22.42 29.97
N PHE LB 62 -92.35 23.33 30.19
CA PHE LB 62 -92.43 24.67 29.61
C PHE LB 62 -91.19 24.98 28.79
N ILE LB 63 -91.40 25.59 27.64
CA ILE LB 63 -90.30 26.17 26.88
C ILE LB 63 -90.10 27.59 27.38
N VAL LB 64 -88.91 27.88 27.90
CA VAL LB 64 -88.63 29.12 28.59
C VAL LB 64 -87.48 29.83 27.90
N ASP LB 65 -87.28 31.09 28.27
CA ASP LB 65 -86.15 31.85 27.75
C ASP LB 65 -84.84 31.27 28.27
N VAL LB 66 -83.80 31.34 27.43
CA VAL LB 66 -82.53 30.73 27.77
C VAL LB 66 -81.81 31.47 28.89
N LYS LB 67 -82.12 32.76 29.10
CA LYS LB 67 -81.45 33.51 30.13
C LYS LB 67 -82.01 33.26 31.52
N ALA LB 68 -83.19 32.66 31.63
CA ALA LB 68 -83.81 32.45 32.92
C ALA LB 68 -83.17 31.28 33.66
N ASN LB 69 -83.13 31.38 34.98
CA ASN LB 69 -82.64 30.31 35.83
C ASN LB 69 -83.82 29.66 36.54
N LYS LB 70 -83.51 28.66 37.38
CA LYS LB 70 -84.55 27.92 38.07
C LYS LB 70 -85.33 28.81 39.02
N HIS LB 71 -84.65 29.71 39.73
CA HIS LB 71 -85.33 30.61 40.65
C HIS LB 71 -86.30 31.52 39.91
N GLN LB 72 -85.86 32.11 38.79
CA GLN LB 72 -86.72 32.99 38.03
C GLN LB 72 -87.91 32.24 37.44
N ILE LB 73 -87.67 31.03 36.94
CA ILE LB 73 -88.77 30.24 36.40
C ILE LB 73 -89.77 29.89 37.49
N LYS LB 74 -89.28 29.53 38.68
CA LYS LB 74 -90.16 29.21 39.80
C LYS LB 74 -91.02 30.40 40.16
N GLN LB 75 -90.40 31.58 40.31
CA GLN LB 75 -91.19 32.77 40.63
C GLN LB 75 -92.19 33.11 39.54
N ALA LB 76 -91.78 33.02 38.27
CA ALA LB 76 -92.66 33.38 37.18
C ALA LB 76 -93.87 32.46 37.14
N VAL LB 77 -93.65 31.16 37.27
CA VAL LB 77 -94.78 30.23 37.28
C VAL LB 77 -95.67 30.49 38.49
N LYS LB 78 -95.06 30.68 39.66
CA LYS LB 78 -95.83 30.79 40.89
C LYS LB 78 -96.72 32.02 40.89
N LYS LB 79 -96.23 33.15 40.37
CA LYS LB 79 -97.01 34.38 40.53
C LYS LB 79 -98.20 34.41 39.57
N LEU LB 80 -98.04 33.91 38.35
CA LEU LB 80 -99.09 34.04 37.34
C LEU LB 80 -99.86 32.76 37.11
N TYR LB 81 -99.55 31.69 37.83
CA TYR LB 81 -100.39 30.50 37.82
C TYR LB 81 -100.93 30.15 39.20
N ASP LB 82 -100.54 30.89 40.24
CA ASP LB 82 -101.13 30.79 41.57
C ASP LB 82 -101.03 29.38 42.13
N ILE LB 83 -99.90 28.73 41.87
CA ILE LB 83 -99.67 27.35 42.28
C ILE LB 83 -98.38 27.30 43.08
N ASP LB 84 -98.12 26.15 43.68
CA ASP LB 84 -96.88 25.89 44.39
C ASP LB 84 -96.10 24.80 43.66
N VAL LB 85 -94.80 25.01 43.54
CA VAL LB 85 -93.93 24.11 42.78
C VAL LB 85 -93.00 23.40 43.75
N ALA LB 86 -92.58 22.19 43.36
CA ALA LB 86 -91.66 21.41 44.16
C ALA LB 86 -90.21 21.66 43.74
N LYS LB 87 -89.90 21.41 42.48
CA LYS LB 87 -88.55 21.62 41.98
C LYS LB 87 -88.62 21.91 40.49
N VAL LB 88 -87.52 22.47 39.97
CA VAL LB 88 -87.42 22.83 38.56
C VAL LB 88 -86.15 22.20 37.99
N ASN LB 89 -86.31 21.48 36.89
CA ASN LB 89 -85.19 20.86 36.18
C ASN LB 89 -85.07 21.51 34.82
N THR LB 90 -83.85 21.87 34.43
CA THR LB 90 -83.60 22.68 33.26
C THR LB 90 -82.63 22.00 32.33
N LEU LB 91 -82.98 21.94 31.04
CA LEU LB 91 -82.04 21.49 30.02
C LEU LB 91 -82.14 22.43 28.84
N ILE LB 92 -81.23 22.27 27.89
CA ILE LB 92 -81.25 23.04 26.65
C ILE LB 92 -81.41 22.06 25.50
N ARG LB 93 -82.49 22.23 24.74
CA ARG LB 93 -82.77 21.35 23.62
C ARG LB 93 -81.74 21.56 22.51
N PRO LB 94 -81.60 20.57 21.61
CA PRO LB 94 -80.69 20.75 20.48
C PRO LB 94 -81.08 21.88 19.54
N ASP LB 95 -82.32 22.37 19.61
CA ASP LB 95 -82.76 23.48 18.78
C ASP LB 95 -82.48 24.83 19.42
N GLY LB 96 -81.76 24.86 20.54
CA GLY LB 96 -81.37 26.10 21.17
C GLY LB 96 -82.31 26.62 22.22
N GLU LB 97 -83.52 26.09 22.31
CA GLU LB 97 -84.46 26.54 23.32
C GLU LB 97 -84.11 25.92 24.67
N LYS LB 98 -84.74 26.43 25.72
CA LYS LB 98 -84.56 25.92 27.07
C LYS LB 98 -85.85 25.24 27.52
N LYS LB 99 -85.73 24.02 28.01
CA LYS LB 99 -86.88 23.23 28.43
C LYS LB 99 -86.83 23.04 29.93
N ALA LB 100 -87.96 23.24 30.60
CA ALA LB 100 -88.04 23.18 32.05
C ALA LB 100 -89.13 22.21 32.46
N TYR LB 101 -88.77 21.23 33.28
CA TYR LB 101 -89.72 20.34 33.94
C TYR LB 101 -89.96 20.89 35.34
N VAL LB 102 -91.17 21.34 35.61
CA VAL LB 102 -91.51 21.94 36.88
C VAL LB 102 -92.47 21.00 37.60
N ARG LB 103 -92.05 20.48 38.74
CA ARG LB 103 -92.88 19.57 39.51
C ARG LB 103 -93.76 20.37 40.47
N LEU LB 104 -95.07 20.13 40.40
CA LEU LB 104 -96.01 20.87 41.23
C LEU LB 104 -96.05 20.28 42.64
N ALA LB 105 -96.56 21.08 43.57
CA ALA LB 105 -96.67 20.65 44.95
C ALA LB 105 -97.72 19.55 45.08
N PRO LB 106 -97.57 18.65 46.07
CA PRO LB 106 -98.51 17.53 46.19
C PRO LB 106 -99.96 17.95 46.40
N ASP LB 107 -100.21 19.05 47.11
CA ASP LB 107 -101.58 19.48 47.32
C ASP LB 107 -102.23 19.95 46.03
N TYR LB 108 -101.45 20.52 45.12
CA TYR LB 108 -101.95 20.91 43.82
C TYR LB 108 -102.02 19.68 42.91
N ASP LB 109 -102.56 19.88 41.71
CA ASP LB 109 -102.61 18.82 40.71
C ASP LB 109 -102.14 19.39 39.37
N ALA LB 110 -101.37 18.58 38.64
CA ALA LB 110 -100.91 19.01 37.33
C ALA LB 110 -102.01 18.92 36.28
N LEU LB 111 -102.90 17.93 36.38
CA LEU LB 111 -103.86 17.68 35.32
C LEU LB 111 -104.85 18.81 35.15
N ASP LB 112 -105.48 19.24 36.25
CA ASP LB 112 -106.45 20.32 36.16
C ASP LB 112 -105.79 21.65 35.82
N VAL LB 113 -104.55 21.85 36.27
CA VAL LB 113 -103.81 23.06 35.90
C VAL LB 113 -103.56 23.08 34.40
N ALA LB 114 -103.15 21.94 33.84
CA ALA LB 114 -102.97 21.87 32.39
C ALA LB 114 -104.28 22.06 31.66
N ASN LB 115 -105.37 21.55 32.20
CA ASN LB 115 -106.68 21.73 31.58
C ASN LB 115 -107.07 23.20 31.53
N LYS LB 116 -106.90 23.91 32.65
CA LYS LB 116 -107.29 25.32 32.68
C LYS LB 116 -106.31 26.19 31.91
N ILE LB 117 -105.05 25.76 31.75
CA ILE LB 117 -104.15 26.45 30.86
C ILE LB 117 -104.58 26.27 29.41
N GLY LB 118 -105.00 25.06 29.06
CA GLY LB 118 -105.53 24.82 27.73
C GLY LB 118 -104.62 24.01 26.83
N ILE LB 119 -103.92 23.04 27.41
CA ILE LB 119 -103.07 22.16 26.62
C ILE LB 119 -103.67 20.76 26.62
N ILE LB 120 -104.98 20.68 26.76
CA ILE LB 120 -105.68 19.41 26.70
C ILE LB 120 -105.66 18.88 25.27
N MET MB 1 -86.89 68.57 -26.01
CA MET MB 1 -86.85 67.38 -25.18
C MET MB 1 -86.41 67.69 -23.75
N LYS MB 2 -86.07 66.63 -23.01
CA LYS MB 2 -85.69 66.79 -21.61
C LYS MB 2 -84.43 67.63 -21.47
N PHE MB 3 -84.46 68.56 -20.53
CA PHE MB 3 -83.32 69.42 -20.23
C PHE MB 3 -82.87 69.35 -18.79
N ASN MB 4 -83.75 69.01 -17.86
CA ASN MB 4 -83.40 68.92 -16.45
C ASN MB 4 -82.38 67.83 -16.25
N PRO MB 5 -81.15 68.17 -15.85
CA PRO MB 5 -80.12 67.14 -15.68
C PRO MB 5 -80.42 66.16 -14.57
N PHE MB 6 -81.17 66.58 -13.54
CA PHE MB 6 -81.42 65.69 -12.41
C PHE MB 6 -82.34 64.53 -12.76
N VAL MB 7 -83.19 64.69 -13.77
CA VAL MB 7 -84.03 63.60 -14.25
C VAL MB 7 -83.32 62.95 -15.43
N THR MB 8 -83.34 61.62 -15.46
CA THR MB 8 -82.54 60.86 -16.41
C THR MB 8 -83.38 60.42 -17.60
N SER MB 9 -82.71 59.79 -18.55
CA SER MB 9 -83.38 59.18 -19.69
C SER MB 9 -82.80 57.82 -20.02
N ASP MB 10 -81.96 57.25 -19.16
CA ASP MB 10 -81.38 55.95 -19.43
C ASP MB 10 -82.44 54.86 -19.37
N ARG MB 11 -82.38 53.95 -20.34
CA ARG MB 11 -83.36 52.87 -20.40
C ARG MB 11 -83.25 51.96 -19.18
N SER MB 12 -82.02 51.59 -18.80
CA SER MB 12 -81.83 50.70 -17.66
C SER MB 12 -82.32 51.34 -16.38
N LYS MB 13 -81.98 52.61 -16.17
CA LYS MB 13 -82.39 53.30 -14.95
C LYS MB 13 -83.91 53.47 -14.91
N ASN MB 14 -84.52 53.79 -16.05
CA ASN MB 14 -85.97 53.95 -16.08
C ASN MB 14 -86.68 52.63 -15.82
N ARG MB 15 -86.18 51.54 -16.41
CA ARG MB 15 -86.79 50.24 -16.14
C ARG MB 15 -86.64 49.84 -14.68
N LYS MB 16 -85.48 50.13 -14.10
CA LYS MB 16 -85.29 49.85 -12.67
C LYS MB 16 -86.26 50.63 -11.81
N ARG MB 17 -86.36 51.94 -12.05
CA ARG MB 17 -87.28 52.78 -11.29
C ARG MB 17 -88.73 52.37 -11.51
N HIS MB 18 -89.05 51.78 -12.65
CA HIS MB 18 -90.40 51.32 -12.92
C HIS MB 18 -90.71 50.01 -12.18
N PHE MB 19 -89.83 49.02 -12.33
CA PHE MB 19 -90.12 47.70 -11.78
C PHE MB 19 -89.99 47.67 -10.27
N ASN MB 20 -88.93 48.27 -9.72
CA ASN MB 20 -88.74 48.24 -8.28
C ASN MB 20 -89.46 49.37 -7.56
N ALA MB 21 -90.51 49.90 -8.17
CA ALA MB 21 -91.22 51.02 -7.58
C ALA MB 21 -92.02 50.56 -6.36
N PRO MB 22 -92.00 51.31 -5.27
CA PRO MB 22 -92.87 51.01 -4.14
C PRO MB 22 -94.33 51.20 -4.50
N SER MB 23 -95.19 50.64 -3.66
CA SER MB 23 -96.63 50.61 -3.97
C SER MB 23 -97.21 52.02 -4.05
N HIS MB 24 -96.72 52.94 -3.23
CA HIS MB 24 -97.32 54.27 -3.18
C HIS MB 24 -97.10 55.05 -4.46
N ILE MB 25 -96.16 54.65 -5.30
CA ILE MB 25 -96.04 55.21 -6.65
C ILE MB 25 -96.44 54.21 -7.72
N ARG MB 26 -96.52 52.92 -7.41
CA ARG MB 26 -97.18 51.99 -8.32
C ARG MB 26 -98.64 52.39 -8.50
N ARG MB 27 -99.25 52.95 -7.46
CA ARG MB 27 -100.60 53.46 -7.59
C ARG MB 27 -100.68 54.58 -8.63
N LYS MB 28 -99.72 55.50 -8.61
CA LYS MB 28 -99.70 56.57 -9.60
C LYS MB 28 -99.42 56.01 -10.99
N ILE MB 29 -98.54 55.02 -11.09
CA ILE MB 29 -98.23 54.42 -12.39
C ILE MB 29 -99.48 53.75 -12.96
N MET MB 30 -100.21 53.02 -12.13
CA MET MB 30 -101.43 52.32 -12.56
C MET MB 30 -102.56 53.34 -12.58
N SER MB 31 -102.65 54.08 -13.68
CA SER MB 31 -103.69 55.07 -13.89
C SER MB 31 -104.40 54.78 -15.21
N SER MB 32 -105.69 55.10 -15.24
CA SER MB 32 -106.49 54.82 -16.42
C SER MB 32 -107.20 56.08 -16.86
N PRO MB 33 -107.39 56.25 -18.17
CA PRO MB 33 -108.12 57.42 -18.67
C PRO MB 33 -109.60 57.32 -18.34
N LEU MB 34 -110.25 58.48 -18.37
CA LEU MB 34 -111.69 58.54 -18.11
C LEU MB 34 -112.46 58.51 -19.42
N SER MB 35 -113.76 58.24 -19.30
CA SER MB 35 -114.63 58.28 -20.47
C SER MB 35 -114.83 59.72 -20.92
N LYS MB 36 -115.43 59.88 -22.10
CA LYS MB 36 -115.70 61.22 -22.61
C LYS MB 36 -116.66 61.98 -21.70
N GLU MB 37 -117.70 61.29 -21.22
CA GLU MB 37 -118.66 61.95 -20.34
C GLU MB 37 -118.01 62.38 -19.03
N LEU MB 38 -117.16 61.51 -18.47
CA LEU MB 38 -116.49 61.87 -17.22
C LEU MB 38 -115.48 62.98 -17.44
N ARG MB 39 -114.80 62.97 -18.60
CA ARG MB 39 -113.86 64.04 -18.90
C ARG MB 39 -114.57 65.36 -19.14
N GLN MB 40 -115.81 65.30 -19.62
CA GLN MB 40 -116.62 66.51 -19.72
C GLN MB 40 -117.06 66.97 -18.33
N LYS MB 41 -117.46 66.03 -17.47
CA LYS MB 41 -117.99 66.39 -16.16
C LYS MB 41 -116.91 66.99 -15.27
N TYR MB 42 -115.76 66.32 -15.17
CA TYR MB 42 -114.62 66.82 -14.43
C TYR MB 42 -113.51 67.17 -15.41
N ASN MB 43 -112.93 68.35 -15.25
CA ASN MB 43 -111.89 68.84 -16.15
C ASN MB 43 -110.55 68.15 -15.86
N VAL MB 44 -110.59 66.82 -15.94
CA VAL MB 44 -109.42 65.97 -15.72
C VAL MB 44 -109.39 64.92 -16.82
N ARG MB 45 -108.22 64.32 -17.00
CA ARG MB 45 -108.02 63.30 -18.02
C ARG MB 45 -107.73 61.93 -17.42
N SER MB 46 -106.70 61.81 -16.61
CA SER MB 46 -106.28 60.53 -16.05
C SER MB 46 -106.64 60.47 -14.57
N MET MB 47 -106.58 59.25 -14.05
CA MET MB 47 -106.91 58.99 -12.65
C MET MB 47 -106.33 57.64 -12.24
N PRO MB 48 -105.70 57.54 -11.08
CA PRO MB 48 -105.23 56.23 -10.61
C PRO MB 48 -106.41 55.29 -10.39
N ILE MB 49 -106.18 54.01 -10.69
CA ILE MB 49 -107.25 53.04 -10.59
C ILE MB 49 -107.63 52.82 -9.12
N ARG MB 50 -108.84 52.34 -8.91
CA ARG MB 50 -109.40 52.20 -7.57
C ARG MB 50 -110.09 50.85 -7.45
N LYS MB 51 -110.28 50.41 -6.21
CA LYS MB 51 -110.81 49.08 -5.94
C LYS MB 51 -112.22 48.89 -6.51
N ASP MB 52 -113.11 49.84 -6.25
CA ASP MB 52 -114.54 49.63 -6.48
C ASP MB 52 -115.11 50.58 -7.53
N ASP MB 53 -114.41 50.75 -8.64
CA ASP MB 53 -114.97 51.42 -9.79
C ASP MB 53 -115.14 50.41 -10.92
N GLU MB 54 -115.98 50.78 -11.89
CA GLU MB 54 -116.28 49.90 -13.01
C GLU MB 54 -115.80 50.53 -14.31
N VAL MB 55 -115.12 49.73 -15.13
CA VAL MB 55 -114.49 50.19 -16.36
C VAL MB 55 -114.92 49.27 -17.51
N GLN MB 56 -114.39 49.57 -18.70
CA GLN MB 56 -114.57 48.70 -19.86
C GLN MB 56 -113.25 48.56 -20.59
N VAL MB 57 -113.10 47.44 -21.28
CA VAL MB 57 -111.84 47.08 -21.93
C VAL MB 57 -111.85 47.62 -23.35
N VAL MB 58 -110.74 48.24 -23.75
CA VAL MB 58 -110.63 48.83 -25.08
C VAL MB 58 -109.56 48.16 -25.93
N ARG MB 59 -108.71 47.32 -25.37
CA ARG MB 59 -107.66 46.66 -26.12
C ARG MB 59 -107.59 45.20 -25.73
N GLY MB 60 -107.07 44.39 -26.64
CA GLY MB 60 -106.87 42.98 -26.35
C GLY MB 60 -108.01 42.11 -26.80
N HIS MB 61 -108.04 40.90 -26.25
CA HIS MB 61 -109.06 39.93 -26.64
C HIS MB 61 -110.42 40.29 -26.07
N TYR MB 62 -110.46 40.90 -24.89
CA TYR MB 62 -111.70 41.13 -24.17
C TYR MB 62 -112.32 42.50 -24.44
N LYS MB 63 -112.12 43.04 -25.64
CA LYS MB 63 -112.70 44.33 -25.97
C LYS MB 63 -114.23 44.23 -26.01
N GLY MB 64 -114.89 45.30 -25.58
CA GLY MB 64 -116.33 45.34 -25.60
C GLY MB 64 -116.89 46.53 -24.84
N GLN MB 65 -118.17 46.84 -25.06
CA GLN MB 65 -118.81 47.96 -24.39
C GLN MB 65 -119.32 47.61 -23.00
N GLN MB 66 -119.28 46.33 -22.63
CA GLN MB 66 -119.78 45.93 -21.33
C GLN MB 66 -118.94 46.55 -20.21
N ILE MB 67 -119.61 46.86 -19.11
CA ILE MB 67 -118.99 47.56 -17.99
C ILE MB 67 -118.85 46.58 -16.84
N GLY MB 68 -117.64 46.43 -16.34
CA GLY MB 68 -117.36 45.49 -15.26
C GLY MB 68 -116.68 46.19 -14.10
N LYS MB 69 -117.08 45.82 -12.89
CA LYS MB 69 -116.50 46.38 -11.69
C LYS MB 69 -115.18 45.68 -11.38
N VAL MB 70 -114.15 46.46 -11.06
CA VAL MB 70 -112.88 45.91 -10.62
C VAL MB 70 -113.08 45.20 -9.28
N VAL MB 71 -112.52 44.01 -9.15
CA VAL MB 71 -112.62 43.26 -7.90
C VAL MB 71 -111.29 43.17 -7.16
N GLN MB 72 -110.17 43.43 -7.81
CA GLN MB 72 -108.85 43.39 -7.17
C GLN MB 72 -107.79 44.09 -8.02
N VAL MB 73 -107.10 45.05 -7.44
CA VAL MB 73 -106.02 45.75 -8.12
C VAL MB 73 -104.71 45.16 -7.61
N TYR MB 74 -104.06 44.34 -8.42
CA TYR MB 74 -102.86 43.63 -8.04
C TYR MB 74 -101.68 44.49 -8.47
N ARG MB 75 -101.19 45.30 -7.54
CA ARG MB 75 -100.15 46.27 -7.88
C ARG MB 75 -98.82 45.60 -8.12
N LYS MB 76 -98.57 44.45 -7.49
CA LYS MB 76 -97.29 43.77 -7.66
C LYS MB 76 -97.10 43.30 -9.09
N LYS MB 77 -98.15 42.79 -9.71
CA LYS MB 77 -98.11 42.40 -11.11
C LYS MB 77 -98.63 43.50 -12.03
N TYR MB 78 -98.91 44.69 -11.49
CA TYR MB 78 -99.34 45.83 -12.28
C TYR MB 78 -100.61 45.54 -13.08
N VAL MB 79 -101.54 44.78 -12.51
CA VAL MB 79 -102.73 44.35 -13.24
C VAL MB 79 -103.97 44.62 -12.40
N ILE MB 80 -105.13 44.43 -13.03
CA ILE MB 80 -106.42 44.54 -12.37
C ILE MB 80 -107.28 43.36 -12.79
N TYR MB 81 -108.24 43.02 -11.92
CA TYR MB 81 -109.19 41.97 -12.20
C TYR MB 81 -110.59 42.58 -12.29
N ILE MB 82 -111.31 42.24 -13.34
CA ILE MB 82 -112.64 42.78 -13.58
C ILE MB 82 -113.66 41.68 -13.37
N GLU MB 83 -114.93 42.08 -13.25
CA GLU MB 83 -115.98 41.16 -12.82
C GLU MB 83 -116.17 40.02 -13.82
N ARG MB 84 -116.18 40.33 -15.11
CA ARG MB 84 -116.46 39.31 -16.12
C ARG MB 84 -115.26 38.98 -16.99
N VAL MB 85 -114.14 39.67 -16.82
CA VAL MB 85 -112.94 39.37 -17.60
C VAL MB 85 -112.24 38.21 -16.89
N GLN MB 86 -112.64 36.99 -17.25
CA GLN MB 86 -112.16 35.80 -16.57
C GLN MB 86 -111.95 34.71 -17.60
N ARG MB 87 -111.49 33.55 -17.14
CA ARG MB 87 -111.18 32.46 -18.03
C ARG MB 87 -111.44 31.15 -17.31
N GLU MB 88 -112.06 30.22 -18.03
CA GLU MB 88 -112.30 28.87 -17.53
C GLU MB 88 -110.99 28.08 -17.66
N LYS MB 89 -110.41 27.71 -16.54
CA LYS MB 89 -109.17 26.94 -16.57
C LYS MB 89 -109.49 25.45 -16.70
N ALA MB 90 -108.47 24.61 -16.53
CA ALA MB 90 -108.60 23.20 -16.87
C ALA MB 90 -109.67 22.49 -16.04
N ASN MB 91 -109.62 22.66 -14.72
CA ASN MB 91 -110.52 21.93 -13.84
C ASN MB 91 -111.93 22.50 -13.79
N GLY MB 92 -112.29 23.38 -14.73
CA GLY MB 92 -113.62 23.92 -14.82
C GLY MB 92 -113.88 25.13 -13.96
N THR MB 93 -112.93 25.54 -13.14
CA THR MB 93 -113.09 26.75 -12.35
C THR MB 93 -112.72 27.97 -13.20
N THR MB 94 -112.87 29.15 -12.61
CA THR MB 94 -112.63 30.40 -13.32
C THR MB 94 -111.57 31.21 -12.59
N VAL MB 95 -110.70 31.85 -13.36
CA VAL MB 95 -109.69 32.76 -12.83
C VAL MB 95 -109.75 34.07 -13.59
N HIS MB 96 -109.69 35.18 -12.87
CA HIS MB 96 -109.77 36.49 -13.49
C HIS MB 96 -108.50 36.79 -14.28
N VAL MB 97 -108.68 37.44 -15.42
CA VAL MB 97 -107.57 37.72 -16.33
C VAL MB 97 -106.91 39.02 -15.89
N GLY MB 98 -105.59 38.99 -15.68
CA GLY MB 98 -104.87 40.17 -15.28
C GLY MB 98 -104.51 41.05 -16.46
N ILE MB 99 -105.11 42.23 -16.54
CA ILE MB 99 -104.86 43.14 -17.65
C ILE MB 99 -104.34 44.47 -17.09
N HIS MB 100 -103.60 45.18 -17.94
CA HIS MB 100 -102.99 46.43 -17.53
C HIS MB 100 -104.04 47.52 -17.41
N PRO MB 101 -103.97 48.35 -16.36
CA PRO MB 101 -104.98 49.40 -16.18
C PRO MB 101 -104.97 50.44 -17.29
N SER MB 102 -103.85 50.61 -17.98
CA SER MB 102 -103.78 51.61 -19.04
C SER MB 102 -104.60 51.22 -20.26
N LYS MB 103 -105.08 49.99 -20.35
CA LYS MB 103 -105.86 49.53 -21.48
C LYS MB 103 -107.36 49.54 -21.21
N VAL MB 104 -107.80 50.21 -20.14
CA VAL MB 104 -109.21 50.36 -19.85
C VAL MB 104 -109.51 51.83 -19.65
N VAL MB 105 -110.79 52.17 -19.76
CA VAL MB 105 -111.27 53.54 -19.54
C VAL MB 105 -112.30 53.50 -18.42
N ILE MB 106 -112.14 54.41 -17.46
CA ILE MB 106 -113.06 54.43 -16.32
C ILE MB 106 -114.38 55.04 -16.76
N THR MB 107 -115.47 54.33 -16.45
CA THR MB 107 -116.80 54.78 -16.83
C THR MB 107 -117.64 55.27 -15.66
N ARG MB 108 -117.34 54.83 -14.44
CA ARG MB 108 -118.10 55.26 -13.27
C ARG MB 108 -117.19 55.14 -12.06
N LEU MB 109 -116.78 56.29 -11.51
CA LEU MB 109 -115.80 56.32 -10.44
C LEU MB 109 -116.42 55.88 -9.12
N LYS MB 110 -115.54 55.51 -8.18
CA LYS MB 110 -115.92 55.33 -6.79
C LYS MB 110 -115.50 56.59 -6.04
N LEU MB 111 -116.48 57.37 -5.62
CA LEU MB 111 -116.24 58.74 -5.17
C LEU MB 111 -116.32 58.82 -3.65
N ASP MB 112 -115.29 59.40 -3.04
CA ASP MB 112 -115.32 59.79 -1.64
C ASP MB 112 -114.54 61.09 -1.52
N LYS MB 113 -114.28 61.50 -0.28
CA LYS MB 113 -113.64 62.80 -0.05
C LYS MB 113 -112.23 62.87 -0.61
N ASP MB 114 -111.46 61.78 -0.53
CA ASP MB 114 -110.11 61.80 -1.10
C ASP MB 114 -110.14 61.91 -2.62
N ARG MB 115 -111.03 61.16 -3.27
CA ARG MB 115 -111.14 61.26 -4.72
C ARG MB 115 -111.61 62.63 -5.14
N LYS MB 116 -112.56 63.22 -4.40
CA LYS MB 116 -113.00 64.56 -4.72
C LYS MB 116 -111.86 65.57 -4.57
N LYS MB 117 -111.05 65.40 -3.52
CA LYS MB 117 -109.90 66.30 -3.32
C LYS MB 117 -108.93 66.19 -4.49
N ILE MB 118 -108.60 64.97 -4.90
CA ILE MB 118 -107.67 64.79 -6.02
C ILE MB 118 -108.26 65.37 -7.30
N LEU MB 119 -109.54 65.13 -7.53
CA LEU MB 119 -110.18 65.61 -8.75
C LEU MB 119 -110.19 67.12 -8.82
N GLU MB 120 -110.54 67.79 -7.72
CA GLU MB 120 -110.54 69.24 -7.74
C GLU MB 120 -109.13 69.80 -7.83
N ARG MB 121 -108.15 69.11 -7.23
CA ARG MB 121 -106.76 69.55 -7.37
C ARG MB 121 -106.31 69.51 -8.83
N LYS MB 122 -106.55 68.38 -9.50
CA LYS MB 122 -106.16 68.27 -10.90
C LYS MB 122 -106.91 69.26 -11.78
N ALA MB 123 -108.21 69.44 -11.52
CA ALA MB 123 -108.99 70.39 -12.32
C ALA MB 123 -108.47 71.80 -12.13
N LYS MB 124 -108.15 72.18 -10.89
CA LYS MB 124 -107.62 73.50 -10.64
C LYS MB 124 -106.28 73.70 -11.34
N SER MB 125 -105.42 72.68 -11.31
CA SER MB 125 -104.13 72.79 -12.00
C SER MB 125 -104.32 72.95 -13.51
N ARG MB 126 -105.22 72.16 -14.10
CA ARG MB 126 -105.43 72.28 -15.54
C ARG MB 126 -106.04 73.63 -15.91
N GLN MB 127 -106.95 74.14 -15.07
CA GLN MB 127 -107.51 75.46 -15.34
C GLN MB 127 -106.48 76.55 -15.20
N VAL MB 128 -105.55 76.42 -14.24
CA VAL MB 128 -104.46 77.38 -14.13
C VAL MB 128 -103.59 77.34 -15.38
N GLY MB 129 -103.31 76.14 -15.88
CA GLY MB 129 -102.57 76.04 -17.13
C GLY MB 129 -103.30 76.69 -18.29
N LYS MB 130 -104.61 76.48 -18.37
CA LYS MB 130 -105.40 77.06 -19.46
C LYS MB 130 -105.40 78.58 -19.39
N GLU MB 131 -105.60 79.15 -18.20
CA GLU MB 131 -105.60 80.60 -18.11
C GLU MB 131 -104.21 81.19 -18.25
N LYS MB 132 -103.17 80.41 -17.98
CA LYS MB 132 -101.81 80.85 -18.30
C LYS MB 132 -101.60 80.87 -19.81
N GLY MB 133 -102.15 79.90 -20.52
CA GLY MB 133 -102.00 79.78 -21.95
C GLY MB 133 -102.67 80.83 -22.81
N LYS MB 134 -103.13 81.93 -22.22
CA LYS MB 134 -103.73 83.01 -22.99
C LYS MB 134 -102.72 84.12 -23.26
N GLY NB 1 -29.75 8.52 99.32
CA GLY NB 1 -30.41 7.22 99.26
C GLY NB 1 -31.73 7.25 98.53
N LYS NB 2 -32.76 6.70 99.16
CA LYS NB 2 -34.11 6.67 98.59
C LYS NB 2 -34.68 8.08 98.61
N PHE NB 3 -34.61 8.77 97.47
CA PHE NB 3 -35.01 10.16 97.39
C PHE NB 3 -36.47 10.34 97.04
N MET NB 4 -37.22 9.25 96.83
CA MET NB 4 -38.65 9.34 96.53
C MET NB 4 -39.43 9.46 97.84
N LYS NB 5 -39.22 10.57 98.50
CA LYS NB 5 -39.80 10.82 99.82
C LYS NB 5 -41.02 11.70 99.69
N PRO NB 6 -41.93 11.66 100.67
CA PRO NB 6 -43.05 12.60 100.68
C PRO NB 6 -42.55 14.04 100.76
N GLY NB 7 -43.25 14.92 100.05
CA GLY NB 7 -42.84 16.31 99.95
C GLY NB 7 -41.92 16.61 98.81
N LYS NB 8 -41.40 15.60 98.13
CA LYS NB 8 -40.54 15.83 96.98
C LYS NB 8 -41.38 16.33 95.80
N VAL NB 9 -40.72 17.05 94.89
CA VAL NB 9 -41.36 17.62 93.72
C VAL NB 9 -40.92 16.82 92.51
N VAL NB 10 -41.89 16.33 91.74
CA VAL NB 10 -41.63 15.53 90.55
C VAL NB 10 -42.37 16.14 89.37
N LEU NB 11 -42.03 15.65 88.18
CA LEU NB 11 -42.68 16.07 86.95
C LEU NB 11 -43.40 14.88 86.34
N VAL NB 12 -44.68 15.08 86.00
CA VAL NB 12 -45.45 14.01 85.38
C VAL NB 12 -45.04 13.89 83.92
N LEU NB 13 -44.70 12.67 83.51
CA LEU NB 13 -44.19 12.45 82.16
C LEU NB 13 -45.24 11.88 81.21
N ALA NB 14 -46.17 11.07 81.70
CA ALA NB 14 -47.15 10.41 80.86
C ALA NB 14 -48.56 10.73 81.33
N GLY NB 15 -49.52 10.54 80.44
CA GLY NB 15 -50.91 10.75 80.79
C GLY NB 15 -51.41 12.13 80.45
N ARG NB 16 -52.67 12.37 80.81
CA ARG NB 16 -53.33 13.63 80.51
C ARG NB 16 -52.63 14.79 81.19
N TYR NB 17 -52.05 14.55 82.36
CA TYR NB 17 -51.36 15.59 83.13
C TYR NB 17 -49.86 15.62 82.85
N SER NB 18 -49.47 15.27 81.63
CA SER NB 18 -48.06 15.25 81.28
C SER NB 18 -47.46 16.64 81.38
N GLY NB 19 -46.22 16.71 81.88
CA GLY NB 19 -45.53 17.97 81.98
C GLY NB 19 -45.90 18.82 83.17
N ARG NB 20 -46.74 18.31 84.08
CA ARG NB 20 -47.16 19.08 85.23
C ARG NB 20 -46.21 18.86 86.41
N LYS NB 21 -45.90 19.93 87.12
CA LYS NB 21 -45.21 19.83 88.39
C LYS NB 21 -46.14 19.25 89.43
N ALA NB 22 -45.59 18.48 90.36
CA ALA NB 22 -46.42 17.80 91.34
C ALA NB 22 -45.59 17.47 92.57
N VAL NB 23 -46.27 17.12 93.65
CA VAL NB 23 -45.63 16.79 94.92
C VAL NB 23 -46.05 15.38 95.33
N ILE NB 24 -45.07 14.60 95.76
CA ILE NB 24 -45.35 13.24 96.21
C ILE NB 24 -45.96 13.29 97.60
N VAL NB 25 -47.24 12.91 97.71
CA VAL NB 25 -47.89 12.82 99.00
C VAL NB 25 -47.33 11.61 99.73
N LYS NB 26 -47.24 10.48 99.03
CA LYS NB 26 -46.78 9.24 99.64
C LYS NB 26 -46.08 8.41 98.58
N ASN NB 27 -45.22 7.49 99.03
CA ASN NB 27 -44.51 6.58 98.14
C ASN NB 27 -44.70 5.15 98.62
N ILE NB 28 -44.66 4.21 97.68
CA ILE NB 28 -44.83 2.79 97.97
C ILE NB 28 -43.57 2.01 97.66
N ASP NB 29 -43.08 2.13 96.42
CA ASP NB 29 -41.79 1.59 95.95
C ASP NB 29 -41.63 0.10 96.22
N ASP NB 30 -42.70 -0.61 96.56
CA ASP NB 30 -42.59 -2.02 96.86
C ASP NB 30 -43.72 -2.86 96.28
N GLY NB 31 -44.76 -2.28 95.71
CA GLY NB 31 -45.87 -3.04 95.19
C GLY NB 31 -46.87 -3.39 96.28
N THR NB 32 -48.06 -3.81 95.84
CA THR NB 32 -49.12 -4.15 96.77
C THR NB 32 -49.87 -5.43 96.37
N SER NB 33 -49.24 -6.30 95.58
CA SER NB 33 -49.79 -7.55 95.05
C SER NB 33 -50.93 -7.32 94.07
N ASP NB 34 -51.37 -6.08 93.91
CA ASP NB 34 -52.27 -5.68 92.84
C ASP NB 34 -51.76 -4.45 92.11
N ARG NB 35 -50.77 -3.75 92.68
CA ARG NB 35 -50.05 -2.68 92.01
C ARG NB 35 -48.57 -2.96 92.20
N PRO NB 36 -48.05 -4.03 91.59
CA PRO NB 36 -46.71 -4.52 91.94
C PRO NB 36 -45.60 -3.53 91.64
N TYR NB 37 -45.84 -2.58 90.76
CA TYR NB 37 -44.84 -1.63 90.33
C TYR NB 37 -44.54 -0.62 91.44
N SER NB 38 -43.31 -0.12 91.44
CA SER NB 38 -42.90 0.89 92.41
C SER NB 38 -43.52 2.23 92.03
N HIS NB 39 -44.36 2.78 92.90
CA HIS NB 39 -45.17 3.93 92.56
C HIS NB 39 -45.28 4.88 93.74
N ALA NB 40 -46.11 5.91 93.56
CA ALA NB 40 -46.28 6.95 94.56
C ALA NB 40 -47.62 7.63 94.35
N LEU NB 41 -48.30 7.92 95.46
CA LEU NB 41 -49.49 8.75 95.45
C LEU NB 41 -49.06 10.21 95.42
N VAL NB 42 -49.55 10.94 94.42
CA VAL NB 42 -48.98 12.24 94.07
C VAL NB 42 -50.11 13.23 93.85
N ALA NB 43 -49.95 14.44 94.38
CA ALA NB 43 -50.88 15.53 94.15
C ALA NB 43 -50.23 16.58 93.26
N GLY NB 44 -50.87 16.89 92.14
CA GLY NB 44 -50.34 17.86 91.20
C GLY NB 44 -51.35 18.95 90.92
N ILE NB 45 -50.99 19.83 89.99
CA ILE NB 45 -51.84 20.94 89.59
C ILE NB 45 -52.08 20.84 88.09
N ASP NB 46 -53.34 21.02 87.70
CA ASP NB 46 -53.71 20.99 86.28
C ASP NB 46 -53.55 22.35 85.64
N ARG NB 47 -54.10 23.39 86.26
CA ARG NB 47 -54.08 24.74 85.71
C ARG NB 47 -53.14 25.59 86.56
N TYR NB 48 -52.04 26.00 85.97
CA TYR NB 48 -51.15 26.93 86.64
C TYR NB 48 -51.85 28.27 86.82
N PRO NB 49 -51.61 28.96 87.94
CA PRO NB 49 -52.19 30.30 88.10
C PRO NB 49 -51.61 31.27 87.08
N ARG NB 50 -52.46 32.18 86.61
CA ARG NB 50 -52.03 33.12 85.59
C ARG NB 50 -51.15 34.21 86.19
N LYS NB 51 -50.31 34.80 85.32
CA LYS NB 51 -49.42 35.85 85.75
C LYS NB 51 -50.20 37.10 86.16
N VAL NB 52 -49.78 37.72 87.26
CA VAL NB 52 -50.47 38.87 87.83
C VAL NB 52 -49.51 40.06 87.86
N THR NB 53 -50.03 41.24 87.53
CA THR NB 53 -49.26 42.47 87.53
C THR NB 53 -49.84 43.45 88.55
N ALA NB 54 -49.11 44.55 88.76
CA ALA NB 54 -49.52 45.54 89.76
C ALA NB 54 -50.82 46.22 89.37
N ALA NB 55 -50.89 46.74 88.14
CA ALA NB 55 -52.07 47.48 87.68
C ALA NB 55 -53.06 46.51 87.04
N MET NB 56 -53.64 45.67 87.89
CA MET NB 56 -54.56 44.64 87.42
C MET NB 56 -55.94 44.73 88.06
N GLY NB 57 -56.03 44.99 89.35
CA GLY NB 57 -57.31 45.02 90.04
C GLY NB 57 -57.44 43.85 90.98
N LYS NB 58 -58.10 44.09 92.12
CA LYS NB 58 -58.17 43.07 93.17
C LYS NB 58 -58.98 41.86 92.73
N LYS NB 59 -60.16 42.10 92.15
CA LYS NB 59 -61.01 40.98 91.73
C LYS NB 59 -60.38 40.20 90.59
N LYS NB 60 -59.75 40.91 89.65
CA LYS NB 60 -59.07 40.23 88.55
C LYS NB 60 -57.89 39.40 89.07
N ILE NB 61 -57.16 39.94 90.04
CA ILE NB 61 -56.06 39.21 90.65
C ILE NB 61 -56.57 37.95 91.34
N ALA NB 62 -57.66 38.08 92.08
CA ALA NB 62 -58.24 36.94 92.78
C ALA NB 62 -58.71 35.88 91.77
N LYS NB 63 -59.34 36.31 90.68
CA LYS NB 63 -59.80 35.37 89.67
C LYS NB 63 -58.64 34.65 89.01
N ARG NB 64 -57.56 35.38 88.71
CA ARG NB 64 -56.38 34.78 88.09
C ARG NB 64 -55.56 33.96 89.07
N SER NB 65 -55.80 34.11 90.37
CA SER NB 65 -55.06 33.39 91.39
C SER NB 65 -55.67 32.05 91.75
N LYS NB 66 -56.61 31.56 90.95
CA LYS NB 66 -57.25 30.28 91.22
C LYS NB 66 -56.45 29.14 90.59
N ILE NB 67 -56.40 28.01 91.29
CA ILE NB 67 -55.61 26.86 90.88
C ILE NB 67 -56.49 25.63 90.85
N LYS NB 68 -56.46 24.90 89.74
CA LYS NB 68 -57.13 23.61 89.62
C LYS NB 68 -56.09 22.51 89.75
N SER NB 69 -56.33 21.56 90.66
CA SER NB 69 -55.36 20.53 90.98
C SER NB 69 -55.92 19.16 90.63
N PHE NB 70 -55.13 18.13 90.96
CA PHE NB 70 -55.51 16.74 90.70
C PHE NB 70 -54.69 15.85 91.63
N VAL NB 71 -55.16 14.61 91.77
CA VAL NB 71 -54.46 13.60 92.56
C VAL NB 71 -54.45 12.30 91.77
N LYS NB 72 -53.30 11.61 91.78
CA LYS NB 72 -53.16 10.38 91.03
C LYS NB 72 -52.23 9.42 91.76
N VAL NB 73 -52.13 8.21 91.23
CA VAL NB 73 -51.13 7.23 91.63
C VAL NB 73 -50.29 6.96 90.40
N TYR NB 74 -49.03 7.36 90.44
CA TYR NB 74 -48.18 7.36 89.25
C TYR NB 74 -47.05 6.36 89.42
N ASN NB 75 -46.78 5.60 88.37
CA ASN NB 75 -45.63 4.72 88.34
C ASN NB 75 -44.35 5.53 88.37
N TYR NB 76 -43.29 4.94 88.95
CA TYR NB 76 -42.02 5.64 89.02
C TYR NB 76 -41.43 5.89 87.63
N ASN NB 77 -41.69 5.00 86.68
CA ASN NB 77 -41.17 5.19 85.34
C ASN NB 77 -41.83 6.36 84.61
N HIS NB 78 -42.94 6.88 85.11
CA HIS NB 78 -43.61 8.02 84.52
C HIS NB 78 -43.37 9.31 85.29
N LEU NB 79 -42.44 9.31 86.24
CA LEU NB 79 -42.16 10.48 87.06
C LEU NB 79 -40.71 10.89 86.94
N MET NB 80 -40.48 12.20 86.88
CA MET NB 80 -39.14 12.77 86.86
C MET NB 80 -38.93 13.52 88.15
N PRO NB 81 -38.21 12.95 89.12
CA PRO NB 81 -38.01 13.65 90.40
C PRO NB 81 -37.06 14.82 90.25
N THR NB 82 -37.37 15.90 90.95
CA THR NB 82 -36.54 17.10 90.96
C THR NB 82 -35.89 17.26 92.32
N ARG NB 83 -34.85 18.09 92.35
CA ARG NB 83 -34.15 18.35 93.60
C ARG NB 83 -35.02 19.10 94.58
N TYR NB 84 -36.00 19.86 94.09
CA TYR NB 84 -36.80 20.70 94.97
C TYR NB 84 -37.75 19.86 95.81
N SER NB 85 -38.28 20.49 96.86
CA SER NB 85 -39.25 19.86 97.73
C SER NB 85 -40.06 20.94 98.42
N VAL NB 86 -41.36 20.72 98.54
CA VAL NB 86 -42.27 21.68 99.15
C VAL NB 86 -42.90 21.05 100.39
N ASP NB 87 -43.01 21.85 101.45
CA ASP NB 87 -43.52 21.38 102.73
C ASP NB 87 -45.00 21.76 102.90
N ILE NB 88 -45.82 21.27 101.97
CA ILE NB 88 -47.26 21.50 102.01
C ILE NB 88 -47.90 20.40 102.85
N PRO NB 89 -48.54 20.73 103.97
CA PRO NB 89 -49.09 19.71 104.87
C PRO NB 89 -50.45 19.17 104.45
N LEU NB 90 -50.43 18.23 103.53
CA LEU NB 90 -51.65 17.58 103.08
C LEU NB 90 -52.05 16.50 104.08
N ASP NB 91 -53.37 16.39 104.31
CA ASP NB 91 -53.88 15.43 105.28
C ASP NB 91 -53.90 14.03 104.66
N LYS NB 92 -53.24 13.09 105.32
CA LYS NB 92 -53.21 11.72 104.83
C LYS NB 92 -54.58 11.06 104.88
N THR NB 93 -55.40 11.45 105.86
CA THR NB 93 -56.75 10.90 105.95
C THR NB 93 -57.58 11.30 104.74
N VAL NB 94 -57.49 12.57 104.33
CA VAL NB 94 -58.22 13.02 103.15
C VAL NB 94 -57.62 12.42 101.88
N VAL NB 95 -56.30 12.48 101.75
CA VAL NB 95 -55.61 12.00 100.56
C VAL NB 95 -54.95 10.67 100.89
N ASN NB 96 -55.61 9.58 100.51
CA ASN NB 96 -55.08 8.24 100.70
C ASN NB 96 -55.26 7.45 99.40
N LYS NB 97 -54.62 6.29 99.35
CA LYS NB 97 -54.59 5.52 98.12
C LYS NB 97 -55.96 4.98 97.74
N ASP NB 98 -56.77 4.61 98.73
CA ASP NB 98 -58.06 3.99 98.50
C ASP NB 98 -59.18 5.01 98.32
N VAL NB 99 -58.85 6.24 97.91
CA VAL NB 99 -59.88 7.24 97.68
C VAL NB 99 -60.43 7.19 96.25
N PHE NB 100 -59.72 6.55 95.33
CA PHE NB 100 -60.08 6.62 93.92
C PHE NB 100 -61.32 5.82 93.57
N ARG NB 101 -61.81 4.97 94.48
CA ARG NB 101 -63.04 4.26 94.19
C ARG NB 101 -64.28 5.15 94.32
N ASP NB 102 -64.22 6.16 95.19
CA ASP NB 102 -65.37 7.03 95.41
C ASP NB 102 -65.14 8.37 94.71
N PRO NB 103 -65.91 8.69 93.67
CA PRO NB 103 -65.73 9.99 93.00
C PRO NB 103 -65.97 11.19 93.91
N ALA NB 104 -66.94 11.10 94.83
CA ALA NB 104 -67.18 12.22 95.74
C ALA NB 104 -65.99 12.41 96.68
N LEU NB 105 -65.43 11.32 97.19
CA LEU NB 105 -64.26 11.43 98.05
C LEU NB 105 -63.06 11.93 97.28
N LYS NB 106 -62.92 11.54 96.02
CA LYS NB 106 -61.85 12.08 95.18
C LYS NB 106 -62.04 13.58 94.97
N ARG NB 107 -63.29 14.02 94.77
CA ARG NB 107 -63.56 15.44 94.66
C ARG NB 107 -63.17 16.17 95.93
N LYS NB 108 -63.49 15.59 97.10
CA LYS NB 108 -63.10 16.20 98.36
C LYS NB 108 -61.58 16.30 98.47
N ALA NB 109 -60.87 15.24 98.08
CA ALA NB 109 -59.41 15.28 98.12
C ALA NB 109 -58.85 16.36 97.20
N ARG NB 110 -59.43 16.47 96.01
CA ARG NB 110 -58.95 17.50 95.07
C ARG NB 110 -59.25 18.89 95.59
N ARG NB 111 -60.40 19.08 96.23
CA ARG NB 111 -60.71 20.37 96.83
C ARG NB 111 -59.73 20.73 97.93
N GLU NB 112 -59.39 19.77 98.79
CA GLU NB 112 -58.42 20.02 99.85
C GLU NB 112 -57.05 20.35 99.27
N ALA NB 113 -56.63 19.60 98.25
CA ALA NB 113 -55.36 19.90 97.58
C ALA NB 113 -55.38 21.28 96.94
N LYS NB 114 -56.51 21.65 96.34
CA LYS NB 114 -56.65 22.97 95.73
C LYS NB 114 -56.46 24.07 96.76
N VAL NB 115 -57.16 23.98 97.89
CA VAL NB 115 -57.07 25.07 98.86
C VAL NB 115 -55.68 25.11 99.49
N LYS NB 116 -55.07 23.95 99.73
CA LYS NB 116 -53.72 23.94 100.28
C LYS NB 116 -52.72 24.56 99.30
N PHE NB 117 -52.82 24.17 98.02
CA PHE NB 117 -51.94 24.72 97.00
C PHE NB 117 -52.13 26.22 96.85
N GLU NB 118 -53.38 26.69 96.92
CA GLU NB 118 -53.63 28.11 96.79
C GLU NB 118 -53.04 28.89 97.95
N GLU NB 119 -53.24 28.39 99.18
CA GLU NB 119 -52.72 29.12 100.33
C GLU NB 119 -51.20 29.08 100.38
N ARG NB 120 -50.58 28.05 99.82
CA ARG NB 120 -49.12 28.06 99.71
C ARG NB 120 -48.65 28.93 98.54
N TYR NB 121 -49.45 29.02 97.49
CA TYR NB 121 -49.12 29.89 96.36
C TYR NB 121 -49.10 31.35 96.79
N LYS NB 122 -50.04 31.75 97.65
CA LYS NB 122 -49.94 33.08 98.24
C LYS NB 122 -48.71 33.15 99.14
N THR NB 123 -48.44 34.36 99.64
CA THR NB 123 -47.28 34.70 100.47
C THR NB 123 -45.96 34.52 99.75
N GLY NB 124 -45.96 34.27 98.45
CA GLY NB 124 -44.74 34.27 97.66
C GLY NB 124 -43.73 33.21 98.03
N LYS NB 125 -44.17 31.97 98.25
CA LYS NB 125 -43.26 30.87 98.55
C LYS NB 125 -43.35 29.82 97.45
N ASN NB 126 -42.21 29.21 97.14
CA ASN NB 126 -42.11 28.14 96.16
C ASN NB 126 -42.64 28.57 94.80
N LYS NB 127 -42.07 29.68 94.28
CA LYS NB 127 -42.54 30.23 93.02
C LYS NB 127 -42.30 29.29 91.86
N TRP NB 128 -41.21 28.53 91.90
CA TRP NB 128 -40.92 27.58 90.84
C TRP NB 128 -41.97 26.47 90.78
N PHE NB 129 -42.50 26.08 91.93
CA PHE NB 129 -43.50 25.01 91.96
C PHE NB 129 -44.80 25.43 91.28
N PHE NB 130 -45.12 26.72 91.29
CA PHE NB 130 -46.36 27.21 90.71
C PHE NB 130 -46.17 27.85 89.34
N GLN NB 131 -44.93 28.11 88.95
CA GLN NB 131 -44.64 28.60 87.61
C GLN NB 131 -44.83 27.48 86.60
N LYS NB 132 -45.40 27.82 85.45
CA LYS NB 132 -45.65 26.82 84.42
C LYS NB 132 -44.34 26.36 83.79
N LEU NB 133 -44.20 25.05 83.62
CA LEU NB 133 -43.06 24.51 82.90
C LEU NB 133 -43.17 24.88 81.42
N ARG NB 134 -42.04 25.26 80.83
CA ARG NB 134 -41.98 25.65 79.44
C ARG NB 134 -41.28 24.54 78.67
N PHE NB 135 -41.99 23.95 77.71
CA PHE NB 135 -41.42 22.88 76.89
C PHE NB 135 -42.18 22.74 75.57
N PRO OB 1 -56.63 54.94 -36.78
CA PRO OB 1 -57.23 54.04 -37.78
C PRO OB 1 -56.49 52.73 -37.90
N SER OB 2 -57.01 51.69 -37.25
CA SER OB 2 -56.35 50.39 -37.29
C SER OB 2 -56.41 49.77 -38.68
N ARG OB 3 -57.47 50.07 -39.43
CA ARG OB 3 -57.68 49.44 -40.73
C ARG OB 3 -56.62 49.78 -41.75
N LEU OB 4 -55.82 50.81 -41.51
CA LEU OB 4 -54.75 51.19 -42.43
C LEU OB 4 -53.40 50.60 -42.03
N ARG OB 5 -53.36 49.75 -41.02
CA ARG OB 5 -52.09 49.32 -40.44
C ARG OB 5 -51.75 47.90 -40.88
N LYS OB 6 -50.46 47.58 -40.75
CA LYS OB 6 -49.93 46.34 -41.30
C LYS OB 6 -50.49 45.10 -40.63
N THR OB 7 -50.94 45.23 -39.37
CA THR OB 7 -51.45 44.07 -38.66
C THR OB 7 -52.65 43.46 -39.37
N ARG OB 8 -53.49 44.30 -39.98
CA ARG OB 8 -54.61 43.79 -40.74
C ARG OB 8 -54.15 43.00 -41.96
N LYS OB 9 -53.03 43.39 -42.56
CA LYS OB 9 -52.52 42.71 -43.73
C LYS OB 9 -51.58 41.55 -43.39
N LEU OB 10 -51.18 41.42 -42.13
CA LEU OB 10 -50.27 40.35 -41.72
C LEU OB 10 -50.99 39.15 -41.12
N ARG OB 11 -52.31 39.16 -41.08
CA ARG OB 11 -53.04 38.00 -40.58
C ARG OB 11 -52.82 36.81 -41.51
N GLY OB 12 -52.64 35.64 -40.93
CA GLY OB 12 -52.37 34.45 -41.70
C GLY OB 12 -50.91 34.22 -42.03
N HIS OB 13 -50.02 35.12 -41.60
CA HIS OB 13 -48.58 34.96 -41.76
C HIS OB 13 -47.99 34.74 -40.38
N VAL OB 14 -47.44 33.55 -40.15
CA VAL OB 14 -47.16 33.09 -38.79
C VAL OB 14 -46.14 33.98 -38.08
N SER OB 15 -45.24 34.60 -38.83
CA SER OB 15 -44.19 35.40 -38.23
C SER OB 15 -44.56 36.87 -38.09
N HIS OB 16 -45.70 37.28 -38.64
CA HIS OB 16 -46.19 38.65 -38.52
C HIS OB 16 -45.18 39.67 -39.03
N GLY OB 17 -44.48 39.32 -40.10
CA GLY OB 17 -43.52 40.24 -40.67
C GLY OB 17 -42.22 40.36 -39.92
N HIS OB 18 -42.00 39.51 -38.91
CA HIS OB 18 -40.77 39.57 -38.12
C HIS OB 18 -39.85 38.39 -38.38
N GLY OB 19 -40.16 37.56 -39.36
CA GLY OB 19 -39.22 36.51 -39.72
C GLY OB 19 -39.40 35.25 -38.91
N ARG OB 20 -39.01 34.13 -39.51
CA ARG OB 20 -39.12 32.83 -38.87
C ARG OB 20 -37.88 32.48 -38.05
N ILE OB 21 -36.70 32.86 -38.54
CA ILE OB 21 -35.46 32.43 -37.89
C ILE OB 21 -35.15 33.29 -36.68
N GLY OB 22 -34.89 34.58 -36.91
CA GLY OB 22 -34.56 35.46 -35.81
C GLY OB 22 -35.74 35.83 -34.95
N LYS OB 23 -36.96 35.72 -35.49
CA LYS OB 23 -38.19 36.00 -34.76
C LYS OB 23 -38.21 37.40 -34.19
N HIS OB 24 -39.12 37.67 -33.25
CA HIS OB 24 -39.16 38.94 -32.53
C HIS OB 24 -39.01 38.62 -31.05
N ARG OB 25 -37.77 38.55 -30.58
CA ARG OB 25 -37.52 38.29 -29.18
C ARG OB 25 -37.69 39.56 -28.36
N LYS OB 26 -37.56 39.41 -27.04
CA LYS OB 26 -37.86 40.51 -26.13
C LYS OB 26 -36.94 41.70 -26.33
N HIS OB 27 -35.65 41.53 -26.07
CA HIS OB 27 -34.69 42.63 -26.16
C HIS OB 27 -33.32 42.08 -26.51
N PRO OB 28 -33.07 41.81 -27.78
CA PRO OB 28 -31.72 41.42 -28.19
C PRO OB 28 -30.80 42.63 -28.20
N GLY OB 29 -29.58 42.40 -27.76
CA GLY OB 29 -28.59 43.47 -27.78
C GLY OB 29 -28.77 44.53 -26.72
N GLY OB 30 -29.55 44.26 -25.67
CA GLY OB 30 -29.72 45.20 -24.59
C GLY OB 30 -30.95 46.06 -24.74
N ARG OB 31 -31.13 46.96 -23.77
CA ARG OB 31 -32.29 47.82 -23.67
C ARG OB 31 -31.88 49.28 -23.75
N GLY OB 32 -32.65 50.06 -24.50
CA GLY OB 32 -32.32 51.47 -24.65
C GLY OB 32 -31.01 51.65 -25.36
N ASN OB 33 -30.20 52.57 -24.87
CA ASN OB 33 -28.87 52.81 -25.41
C ASN OB 33 -27.83 51.89 -24.75
N ALA OB 34 -28.14 50.60 -24.72
CA ALA OB 34 -27.25 49.65 -24.06
C ALA OB 34 -26.03 49.38 -24.92
N GLY OB 35 -24.88 49.26 -24.27
CA GLY OB 35 -23.66 48.92 -24.98
C GLY OB 35 -23.22 49.92 -26.02
N GLY OB 36 -23.29 51.20 -25.69
CA GLY OB 36 -22.83 52.23 -26.62
C GLY OB 36 -21.35 52.21 -26.87
N LEU OB 37 -20.59 51.47 -26.06
CA LEU OB 37 -19.16 51.38 -26.22
C LEU OB 37 -18.64 49.98 -26.50
N HIS OB 38 -19.51 48.97 -26.49
CA HIS OB 38 -19.07 47.59 -26.67
C HIS OB 38 -19.54 46.99 -27.99
N HIS OB 39 -20.84 46.90 -28.24
CA HIS OB 39 -21.34 46.29 -29.46
C HIS OB 39 -22.13 47.25 -30.33
N HIS OB 40 -22.59 48.37 -29.78
CA HIS OB 40 -23.15 49.46 -30.57
C HIS OB 40 -22.13 50.57 -30.76
N ARG OB 41 -20.86 50.29 -30.46
CA ARG OB 41 -19.81 51.28 -30.64
C ARG OB 41 -19.71 51.73 -32.10
N ILE OB 42 -19.89 50.80 -33.03
CA ILE OB 42 -19.83 51.13 -34.44
C ILE OB 42 -20.94 52.11 -34.80
N ASN OB 43 -22.16 51.84 -34.35
CA ASN OB 43 -23.28 52.74 -34.64
C ASN OB 43 -23.06 54.10 -34.03
N PHE OB 44 -22.61 54.16 -32.78
CA PHE OB 44 -22.41 55.44 -32.12
C PHE OB 44 -21.31 56.24 -32.79
N ASP OB 45 -20.20 55.60 -33.14
CA ASP OB 45 -19.13 56.33 -33.80
C ASP OB 45 -19.52 56.76 -35.21
N LYS OB 46 -20.35 55.97 -35.88
CA LYS OB 46 -20.74 56.29 -37.24
C LYS OB 46 -21.73 57.45 -37.28
N TYR OB 47 -22.71 57.45 -36.40
CA TYR OB 47 -23.80 58.40 -36.50
C TYR OB 47 -23.71 59.56 -35.51
N HIS OB 48 -23.14 59.34 -34.34
CA HIS OB 48 -23.11 60.36 -33.30
C HIS OB 48 -21.69 60.49 -32.76
N PRO OB 49 -20.81 61.15 -33.50
CA PRO OB 49 -19.46 61.37 -32.99
C PRO OB 49 -19.47 62.33 -31.80
N GLY OB 50 -18.48 62.17 -30.93
CA GLY OB 50 -18.36 63.05 -29.79
C GLY OB 50 -19.28 62.73 -28.64
N TYR OB 51 -19.99 61.60 -28.69
CA TYR OB 51 -21.01 61.32 -27.70
C TYR OB 51 -20.43 61.09 -26.31
N PHE OB 52 -19.30 60.39 -26.23
CA PHE OB 52 -18.74 60.03 -24.94
C PHE OB 52 -17.66 61.01 -24.51
N GLY OB 53 -17.71 61.42 -23.25
CA GLY OB 53 -16.68 62.27 -22.66
C GLY OB 53 -17.23 63.62 -22.23
N LYS OB 54 -16.32 64.44 -21.73
CA LYS OB 54 -16.65 65.79 -21.27
C LYS OB 54 -15.86 66.82 -22.07
N VAL OB 55 -16.47 67.99 -22.25
CA VAL OB 55 -15.84 69.11 -22.93
C VAL OB 55 -16.07 70.37 -22.10
N GLY OB 56 -14.99 71.09 -21.82
CA GLY OB 56 -15.11 72.44 -21.31
C GLY OB 56 -15.53 72.54 -19.86
N MET OB 57 -15.69 73.78 -19.42
CA MET OB 57 -16.02 74.07 -18.04
C MET OB 57 -17.49 73.81 -17.77
N LYS OB 58 -17.83 73.68 -16.50
CA LYS OB 58 -19.22 73.58 -16.05
C LYS OB 58 -19.57 74.82 -15.25
N HIS OB 59 -20.79 75.33 -15.46
CA HIS OB 59 -21.26 76.53 -14.78
C HIS OB 59 -22.49 76.17 -13.96
N TYR OB 60 -22.37 76.23 -12.64
CA TYR OB 60 -23.51 75.96 -11.77
C TYR OB 60 -24.51 77.12 -11.84
N HIS OB 61 -25.80 76.78 -11.82
CA HIS OB 61 -26.89 77.74 -11.78
C HIS OB 61 -26.80 78.72 -12.95
N LEU OB 62 -26.93 78.17 -14.15
CA LEU OB 62 -26.91 78.99 -15.35
C LEU OB 62 -28.29 79.60 -15.59
N LYS OB 63 -28.36 80.92 -15.56
CA LYS OB 63 -29.61 81.63 -15.81
C LYS OB 63 -29.62 82.04 -17.28
N ARG OB 64 -30.49 81.39 -18.07
CA ARG OB 64 -30.58 81.74 -19.48
C ARG OB 64 -31.03 83.17 -19.69
N ASN OB 65 -31.83 83.71 -18.76
CA ASN OB 65 -32.29 85.08 -18.89
C ASN OB 65 -31.15 86.09 -18.75
N GLN OB 66 -30.04 85.71 -18.13
CA GLN OB 66 -28.90 86.61 -18.06
C GLN OB 66 -28.35 86.88 -19.44
N SER OB 67 -28.20 85.86 -20.26
CA SER OB 67 -27.59 85.97 -21.58
C SER OB 67 -28.62 86.13 -22.68
N PHE OB 68 -29.73 86.80 -22.39
CA PHE OB 68 -30.77 87.00 -23.41
C PHE OB 68 -30.34 88.12 -24.32
N CYS OB 69 -30.08 87.79 -25.59
CA CYS OB 69 -29.62 88.77 -26.57
C CYS OB 69 -30.02 88.33 -27.97
N PRO OB 70 -31.28 88.55 -28.34
CA PRO OB 70 -31.70 88.22 -29.70
C PRO OB 70 -31.08 89.16 -30.72
N THR OB 71 -30.94 88.66 -31.94
CA THR OB 71 -30.25 89.36 -33.01
C THR OB 71 -31.21 89.69 -34.13
N VAL OB 72 -30.94 90.79 -34.82
CA VAL OB 72 -31.70 91.19 -36.00
C VAL OB 72 -30.72 91.65 -37.07
N ASN OB 73 -30.95 91.24 -38.31
CA ASN OB 73 -30.05 91.58 -39.40
C ASN OB 73 -30.49 92.86 -40.10
N LEU OB 74 -29.56 93.43 -40.85
CA LEU OB 74 -29.79 94.72 -41.49
C LEU OB 74 -30.92 94.64 -42.51
N ASP OB 75 -30.96 93.57 -43.29
CA ASP OB 75 -32.02 93.43 -44.29
C ASP OB 75 -33.39 93.26 -43.65
N LYS OB 76 -33.45 92.84 -42.39
CA LYS OB 76 -34.70 92.78 -41.66
C LYS OB 76 -34.93 94.01 -40.79
N LEU OB 77 -33.96 94.93 -40.73
CA LEU OB 77 -34.09 96.10 -39.86
C LEU OB 77 -35.26 96.98 -40.27
N TRP OB 78 -35.42 97.24 -41.57
CA TRP OB 78 -36.50 98.10 -42.00
C TRP OB 78 -37.87 97.45 -41.87
N THR OB 79 -37.92 96.15 -41.61
CA THR OB 79 -39.19 95.47 -41.40
C THR OB 79 -39.79 95.76 -40.03
N LEU OB 80 -39.04 96.40 -39.13
CA LEU OB 80 -39.52 96.64 -37.78
C LEU OB 80 -40.38 97.89 -37.65
N VAL OB 81 -40.53 98.66 -38.73
CA VAL OB 81 -41.38 99.85 -38.71
C VAL OB 81 -42.38 99.74 -39.85
N SER OB 82 -43.33 100.67 -39.86
CA SER OB 82 -44.34 100.71 -40.90
C SER OB 82 -43.72 101.07 -42.24
N GLU OB 83 -44.33 100.55 -43.30
CA GLU OB 83 -43.90 100.93 -44.64
C GLU OB 83 -44.12 102.41 -44.89
N GLN OB 84 -45.13 102.99 -44.24
CA GLN OB 84 -45.36 104.42 -44.33
C GLN OB 84 -44.16 105.21 -43.83
N THR OB 85 -43.54 104.75 -42.74
CA THR OB 85 -42.33 105.40 -42.25
C THR OB 85 -41.23 105.37 -43.31
N ARG OB 86 -41.05 104.21 -43.95
CA ARG OB 86 -39.97 104.08 -44.92
C ARG OB 86 -40.19 104.98 -46.13
N VAL OB 87 -41.41 105.00 -46.67
CA VAL OB 87 -41.63 105.82 -47.85
C VAL OB 87 -41.56 107.30 -47.50
N ASN OB 88 -42.05 107.67 -46.31
CA ASN OB 88 -41.98 109.07 -45.89
C ASN OB 88 -40.54 109.52 -45.76
N ALA OB 89 -39.69 108.68 -45.15
CA ALA OB 89 -38.27 109.01 -45.04
C ALA OB 89 -37.60 109.02 -46.41
N ALA OB 90 -38.05 108.17 -47.33
CA ALA OB 90 -37.43 108.10 -48.64
C ALA OB 90 -37.69 109.35 -49.45
N LYS OB 91 -38.94 109.79 -49.50
CA LYS OB 91 -39.29 110.94 -50.33
C LYS OB 91 -39.38 112.23 -49.54
N ASN OB 92 -38.96 112.24 -48.29
CA ASN OB 92 -39.01 113.45 -47.49
C ASN OB 92 -37.99 114.46 -48.00
N LYS OB 93 -38.39 115.73 -48.02
CA LYS OB 93 -37.55 116.77 -48.59
C LYS OB 93 -36.31 117.02 -47.74
N THR OB 94 -36.48 117.10 -46.42
CA THR OB 94 -35.36 117.40 -45.54
C THR OB 94 -34.52 116.16 -45.30
N GLY OB 95 -33.43 116.34 -44.56
CA GLY OB 95 -32.51 115.26 -44.27
C GLY OB 95 -32.82 114.55 -42.97
N ALA OB 96 -34.05 114.73 -42.47
CA ALA OB 96 -34.44 114.08 -41.22
C ALA OB 96 -34.41 112.57 -41.37
N ALA OB 97 -33.91 111.91 -40.35
CA ALA OB 97 -33.82 110.46 -40.42
C ALA OB 97 -34.72 109.81 -39.39
N PRO OB 98 -35.46 108.77 -39.77
CA PRO OB 98 -36.33 108.09 -38.81
C PRO OB 98 -35.50 107.32 -37.80
N ILE OB 99 -36.08 107.14 -36.62
CA ILE OB 99 -35.43 106.47 -35.49
C ILE OB 99 -36.06 105.10 -35.34
N ILE OB 100 -35.22 104.07 -35.29
CA ILE OB 100 -35.66 102.68 -35.15
C ILE OB 100 -35.18 102.15 -33.81
N ASP OB 101 -36.10 101.53 -33.07
CA ASP OB 101 -35.79 101.00 -31.74
C ASP OB 101 -35.97 99.50 -31.77
N VAL OB 102 -34.87 98.77 -31.99
CA VAL OB 102 -34.93 97.32 -31.99
C VAL OB 102 -35.23 96.79 -30.60
N VAL OB 103 -34.92 97.57 -29.55
CA VAL OB 103 -35.30 97.18 -28.20
C VAL OB 103 -36.83 97.19 -28.08
N ARG OB 104 -37.47 98.21 -28.64
CA ARG OB 104 -38.92 98.24 -28.70
C ARG OB 104 -39.45 97.08 -29.53
N SER OB 105 -38.77 96.76 -30.63
CA SER OB 105 -39.18 95.64 -31.47
C SER OB 105 -38.85 94.28 -30.86
N GLY OB 106 -38.09 94.24 -29.77
CA GLY OB 106 -37.75 92.99 -29.13
C GLY OB 106 -36.38 92.42 -29.40
N TYR OB 107 -35.49 93.19 -30.02
CA TYR OB 107 -34.14 92.74 -30.32
C TYR OB 107 -33.12 93.60 -29.60
N TYR OB 108 -31.91 93.05 -29.41
CA TYR OB 108 -30.86 93.73 -28.68
C TYR OB 108 -29.65 94.05 -29.54
N LYS OB 109 -29.09 93.05 -30.22
CA LYS OB 109 -27.87 93.22 -31.00
C LYS OB 109 -28.20 93.21 -32.49
N VAL OB 110 -27.60 94.15 -33.22
CA VAL OB 110 -27.85 94.30 -34.64
C VAL OB 110 -26.66 93.73 -35.40
N LEU OB 111 -26.93 92.84 -36.34
CA LEU OB 111 -25.91 92.24 -37.18
C LEU OB 111 -26.00 92.77 -38.59
N GLY OB 112 -24.88 92.69 -39.31
CA GLY OB 112 -24.78 93.33 -40.60
C GLY OB 112 -24.97 92.43 -41.80
N LYS OB 113 -25.94 91.53 -41.75
CA LYS OB 113 -26.21 90.66 -42.88
C LYS OB 113 -27.06 91.38 -43.92
N GLY OB 114 -26.58 91.39 -45.16
CA GLY OB 114 -27.30 92.05 -46.24
C GLY OB 114 -26.84 93.48 -46.44
N LYS OB 115 -27.71 94.23 -47.11
CA LYS OB 115 -27.47 95.65 -47.38
C LYS OB 115 -28.74 96.44 -47.13
N LEU OB 116 -28.56 97.70 -46.83
CA LEU OB 116 -29.65 98.63 -46.56
C LEU OB 116 -29.94 99.50 -47.77
N PRO OB 117 -31.16 100.00 -47.90
CA PRO OB 117 -31.44 101.00 -48.94
C PRO OB 117 -30.65 102.28 -48.68
N LYS OB 118 -30.30 102.96 -49.77
CA LYS OB 118 -29.41 104.12 -49.70
C LYS OB 118 -30.16 105.34 -49.16
N GLN OB 119 -30.50 105.27 -47.88
CA GLN OB 119 -31.14 106.37 -47.18
C GLN OB 119 -30.65 106.41 -45.75
N PRO OB 120 -30.59 107.59 -45.13
CA PRO OB 120 -30.15 107.66 -43.73
C PRO OB 120 -31.23 107.17 -42.78
N VAL OB 121 -30.78 106.71 -41.62
CA VAL OB 121 -31.65 106.22 -40.56
C VAL OB 121 -30.84 106.16 -39.27
N ILE OB 122 -31.52 106.36 -38.14
CA ILE OB 122 -30.90 106.27 -36.83
C ILE OB 122 -31.36 104.97 -36.19
N VAL OB 123 -30.42 104.20 -35.64
CA VAL OB 123 -30.69 102.90 -35.06
C VAL OB 123 -30.24 102.92 -33.60
N LYS OB 124 -31.15 102.56 -32.71
CA LYS OB 124 -30.84 102.41 -31.29
C LYS OB 124 -30.83 100.93 -30.94
N ALA OB 125 -29.75 100.47 -30.33
CA ALA OB 125 -29.62 99.07 -29.98
C ALA OB 125 -28.73 98.91 -28.76
N LYS OB 126 -28.85 97.76 -28.11
CA LYS OB 126 -27.97 97.45 -26.99
C LYS OB 126 -26.55 97.18 -27.47
N PHE OB 127 -26.42 96.51 -28.61
CA PHE OB 127 -25.10 96.21 -29.17
C PHE OB 127 -25.15 96.31 -30.68
N PHE OB 128 -23.98 96.52 -31.26
CA PHE OB 128 -23.82 96.54 -32.70
C PHE OB 128 -22.61 95.70 -33.08
N SER OB 129 -22.59 95.20 -34.30
CA SER OB 129 -21.40 94.55 -34.81
C SER OB 129 -20.60 95.52 -35.65
N ARG OB 130 -19.33 95.16 -35.87
CA ARG OB 130 -18.42 96.04 -36.60
C ARG OB 130 -18.92 96.31 -38.01
N ARG OB 131 -19.21 95.25 -38.75
CA ARG OB 131 -19.68 95.41 -40.13
C ARG OB 131 -21.05 96.08 -40.18
N ALA OB 132 -21.92 95.80 -39.22
CA ALA OB 132 -23.23 96.42 -39.20
C ALA OB 132 -23.11 97.93 -39.02
N GLU OB 133 -22.32 98.37 -38.04
CA GLU OB 133 -22.16 99.80 -37.83
C GLU OB 133 -21.44 100.45 -39.01
N GLU OB 134 -20.50 99.72 -39.62
CA GLU OB 134 -19.82 100.26 -40.80
C GLU OB 134 -20.81 100.49 -41.94
N LYS OB 135 -21.69 99.52 -42.18
CA LYS OB 135 -22.68 99.67 -43.25
C LYS OB 135 -23.65 100.80 -42.93
N ILE OB 136 -24.06 100.92 -41.67
CA ILE OB 136 -24.97 101.99 -41.28
C ILE OB 136 -24.32 103.35 -41.51
N LYS OB 137 -23.05 103.48 -41.14
CA LYS OB 137 -22.33 104.73 -41.40
C LYS OB 137 -22.17 104.98 -42.89
N SER OB 138 -21.92 103.92 -43.67
CA SER OB 138 -21.71 104.07 -45.10
C SER OB 138 -22.99 104.49 -45.83
N VAL OB 139 -24.15 104.11 -45.32
CA VAL OB 139 -25.41 104.51 -45.93
C VAL OB 139 -25.94 105.80 -45.34
N GLY OB 140 -25.09 106.56 -44.64
CA GLY OB 140 -25.48 107.85 -44.14
C GLY OB 140 -26.19 107.84 -42.81
N GLY OB 141 -26.28 106.69 -42.13
CA GLY OB 141 -26.94 106.61 -40.86
C GLY OB 141 -25.99 106.77 -39.69
N ALA OB 142 -26.53 106.50 -38.50
CA ALA OB 142 -25.74 106.56 -37.28
C ALA OB 142 -26.32 105.59 -36.26
N CYS OB 143 -25.49 105.20 -35.30
CA CYS OB 143 -25.87 104.25 -34.27
C CYS OB 143 -25.77 104.92 -32.90
N VAL OB 144 -26.82 104.75 -32.10
CA VAL OB 144 -26.82 105.22 -30.72
C VAL OB 144 -27.04 104.03 -29.80
N LEU OB 145 -26.32 104.00 -28.68
CA LEU OB 145 -26.37 102.88 -27.76
C LEU OB 145 -27.32 103.19 -26.62
N VAL OB 146 -28.25 102.28 -26.36
CA VAL OB 146 -29.19 102.42 -25.27
C VAL OB 146 -28.96 101.30 -24.27
N ALA OB 147 -29.43 101.53 -23.05
CA ALA OB 147 -29.28 100.54 -22.00
C ALA OB 147 -30.63 99.95 -21.62
N ALA PB 1 -20.87 23.05 -32.14
CA ALA PB 1 -20.19 24.25 -31.64
C ALA PB 1 -19.41 24.93 -32.77
N LYS PB 2 -18.60 24.17 -33.48
CA LYS PB 2 -17.82 24.72 -34.58
C LYS PB 2 -18.74 25.13 -35.72
N SER PB 3 -18.40 26.25 -36.36
CA SER PB 3 -19.21 26.81 -37.43
C SER PB 3 -18.33 27.15 -38.62
N LYS PB 4 -18.96 27.60 -39.69
CA LYS PB 4 -18.22 28.01 -40.89
C LYS PB 4 -17.34 29.21 -40.57
N ASN PB 5 -16.10 29.17 -41.05
CA ASN PB 5 -15.15 30.21 -40.70
C ASN PB 5 -15.31 31.44 -41.59
N HIS PB 6 -15.13 31.27 -42.90
CA HIS PB 6 -15.16 32.40 -43.81
C HIS PB 6 -15.28 31.89 -45.23
N THR PB 7 -16.10 32.58 -46.03
CA THR PB 7 -16.19 32.27 -47.45
C THR PB 7 -16.67 33.52 -48.19
N THR PB 8 -16.36 33.57 -49.48
CA THR PB 8 -16.81 34.64 -50.35
C THR PB 8 -17.77 34.16 -51.42
N HIS PB 9 -18.37 32.98 -51.22
CA HIS PB 9 -19.32 32.45 -52.17
C HIS PB 9 -20.56 33.33 -52.25
N ASN PB 10 -21.14 33.44 -53.44
CA ASN PB 10 -22.33 34.20 -53.77
C ASN PB 10 -22.09 35.71 -53.71
N GLN PB 11 -20.92 36.15 -53.23
CA GLN PB 11 -20.68 37.58 -53.06
C GLN PB 11 -20.51 38.29 -54.39
N SER PB 12 -19.88 37.64 -55.36
CA SER PB 12 -19.75 38.23 -56.69
C SER PB 12 -21.13 38.41 -57.33
N ARG PB 13 -22.00 37.43 -57.19
CA ARG PB 13 -23.36 37.56 -57.70
C ARG PB 13 -24.11 38.68 -56.98
N LYS PB 14 -23.92 38.79 -55.65
CA LYS PB 14 -24.55 39.87 -54.91
C LYS PB 14 -24.10 41.23 -55.42
N TRP PB 15 -22.80 41.38 -55.69
CA TRP PB 15 -22.28 42.62 -56.22
C TRP PB 15 -22.86 42.92 -57.60
N HIS PB 16 -22.89 41.92 -58.47
CA HIS PB 16 -23.35 42.15 -59.83
C HIS PB 16 -24.87 42.33 -59.93
N ARG PB 17 -25.62 42.01 -58.87
CA ARG PB 17 -27.06 42.31 -58.90
C ARG PB 17 -27.30 43.81 -59.07
N ASN PB 18 -26.61 44.63 -58.31
CA ASN PB 18 -26.67 46.08 -58.49
C ASN PB 18 -25.53 46.61 -59.34
N GLY PB 19 -24.66 45.73 -59.82
CA GLY PB 19 -23.62 46.13 -60.73
C GLY PB 19 -22.43 46.73 -60.02
N ILE PB 20 -21.29 46.71 -60.72
CA ILE PB 20 -20.05 47.26 -60.21
C ILE PB 20 -19.90 48.65 -60.83
N LYS PB 21 -20.32 49.67 -60.10
CA LYS PB 21 -20.36 51.03 -60.63
C LYS PB 21 -18.95 51.61 -60.67
N LYS PB 22 -18.50 51.96 -61.87
CA LYS PB 22 -17.27 52.71 -61.98
C LYS PB 22 -17.47 54.11 -61.41
N PRO PB 23 -16.42 54.72 -60.86
CA PRO PB 23 -16.58 56.07 -60.29
C PRO PB 23 -17.02 57.06 -61.35
N ARG PB 24 -17.89 57.98 -60.95
CA ARG PB 24 -18.45 58.97 -61.86
C ARG PB 24 -17.37 60.01 -62.18
N SER PB 25 -16.74 59.88 -63.34
CA SER PB 25 -15.73 60.82 -63.77
C SER PB 25 -16.41 61.98 -64.51
N GLN PB 26 -16.20 63.19 -64.00
CA GLN PB 26 -16.82 64.37 -64.56
C GLN PB 26 -15.81 65.50 -64.61
N ARG PB 27 -16.15 66.53 -65.38
CA ARG PB 27 -15.24 67.64 -65.59
C ARG PB 27 -14.97 68.39 -64.29
N TYR PB 28 -13.82 69.06 -64.24
CA TYR PB 28 -13.40 69.86 -63.10
C TYR PB 28 -13.30 69.01 -61.83
N GLU PB 29 -12.33 68.10 -61.87
CA GLU PB 29 -12.01 67.26 -60.73
C GLU PB 29 -11.64 68.11 -59.53
N SER PB 30 -11.82 67.53 -58.34
CA SER PB 30 -11.53 68.24 -57.10
C SER PB 30 -10.03 68.52 -56.97
N LEU PB 31 -9.72 69.59 -56.25
CA LEU PB 31 -8.34 70.01 -56.02
C LEU PB 31 -7.88 69.76 -54.59
N LYS PB 32 -8.58 68.89 -53.86
CA LYS PB 32 -8.18 68.58 -52.50
C LYS PB 32 -7.00 67.62 -52.52
N GLY PB 33 -5.91 68.00 -51.85
CA GLY PB 33 -4.69 67.22 -51.84
C GLY PB 33 -3.58 67.75 -52.71
N VAL PB 34 -3.86 68.74 -53.56
CA VAL PB 34 -2.82 69.32 -54.40
C VAL PB 34 -1.83 70.08 -53.54
N ASP PB 35 -0.60 70.22 -54.05
CA ASP PB 35 0.47 70.98 -53.41
C ASP PB 35 -0.05 72.35 -52.96
N PRO PB 36 0.01 72.66 -51.67
CA PRO PB 36 -0.48 73.97 -51.21
C PRO PB 36 0.25 75.14 -51.83
N LYS PB 37 1.54 74.99 -52.11
CA LYS PB 37 2.28 76.07 -52.77
C LYS PB 37 1.71 76.36 -54.15
N PHE PB 38 1.52 75.31 -54.95
CA PHE PB 38 0.94 75.47 -56.27
C PHE PB 38 -0.49 76.00 -56.18
N LEU PB 39 -1.24 75.56 -55.17
CA LEU PB 39 -2.62 75.99 -55.01
C LEU PB 39 -2.69 77.48 -54.71
N ARG PB 40 -1.86 77.96 -53.79
CA ARG PB 40 -1.90 79.38 -53.45
C ARG PB 40 -1.29 80.23 -54.55
N ASN PB 41 -0.41 79.66 -55.38
CA ASN PB 41 -0.02 80.35 -56.61
C ASN PB 41 -1.21 80.48 -57.55
N MET PB 42 -1.95 79.39 -57.74
CA MET PB 42 -3.07 79.39 -58.67
C MET PB 42 -4.17 80.32 -58.21
N ARG PB 43 -4.34 80.47 -56.90
CA ARG PB 43 -5.35 81.41 -56.40
C ARG PB 43 -5.00 82.84 -56.79
N PHE PB 44 -3.73 83.22 -56.64
CA PHE PB 44 -3.32 84.56 -57.07
C PHE PB 44 -3.45 84.71 -58.57
N ALA PB 45 -3.11 83.67 -59.33
CA ALA PB 45 -3.24 83.73 -60.79
C ALA PB 45 -4.69 83.94 -61.20
N LYS PB 46 -5.61 83.22 -60.56
CA LYS PB 46 -7.03 83.38 -60.87
C LYS PB 46 -7.54 84.73 -60.41
N LYS PB 47 -7.08 85.21 -59.26
CA LYS PB 47 -7.53 86.48 -58.73
C LYS PB 47 -7.12 87.63 -59.65
N HIS PB 48 -5.89 87.59 -60.15
CA HIS PB 48 -5.40 88.69 -60.98
C HIS PB 48 -5.72 88.51 -62.46
N ASN PB 49 -6.74 87.72 -62.80
CA ASN PB 49 -7.24 87.75 -64.15
C ASN PB 49 -8.08 88.98 -64.44
N LYS PB 50 -8.47 89.74 -63.41
CA LYS PB 50 -9.23 90.94 -63.63
C LYS PB 50 -8.43 91.96 -64.43
N LYS PB 51 -7.16 92.15 -64.06
CA LYS PB 51 -6.30 93.04 -64.83
C LYS PB 51 -5.98 92.40 -66.18
N GLY PB 52 -5.69 93.26 -67.16
CA GLY PB 52 -5.48 92.79 -68.52
C GLY PB 52 -6.76 92.47 -69.26
N LEU PB 53 -7.92 92.74 -68.68
CA LEU PB 53 -9.18 92.46 -69.34
C LEU PB 53 -9.36 93.31 -70.59
N LYS PB 54 -8.98 94.59 -70.53
CA LYS PB 54 -9.12 95.47 -71.68
C LYS PB 54 -8.27 94.99 -72.84
N LYS PB 55 -7.05 94.55 -72.56
CA LYS PB 55 -6.19 93.99 -73.59
C LYS PB 55 -6.81 92.74 -74.19
N MET PB 56 -7.43 91.91 -73.35
CA MET PB 56 -8.03 90.68 -73.83
C MET PB 56 -9.15 90.96 -74.82
N GLN PB 57 -10.08 91.84 -74.46
CA GLN PB 57 -11.19 92.14 -75.35
C GLN PB 57 -10.74 92.89 -76.59
N ALA PB 58 -9.74 93.77 -76.46
CA ALA PB 58 -9.22 94.47 -77.64
C ALA PB 58 -8.59 93.49 -78.61
N ASN PB 59 -7.77 92.55 -78.10
CA ASN PB 59 -7.17 91.55 -78.95
C ASN PB 59 -8.22 90.66 -79.59
N ASN PB 60 -9.23 90.27 -78.83
CA ASN PB 60 -10.30 89.44 -79.38
C ASN PB 60 -11.04 90.15 -80.49
N ALA PB 61 -11.37 91.43 -80.28
CA ALA PB 61 -12.10 92.20 -81.29
C ALA PB 61 -11.26 92.38 -82.56
N LYS PB 62 -9.98 92.71 -82.41
CA LYS PB 62 -9.16 92.92 -83.60
C LYS PB 62 -8.88 91.62 -84.34
N ALA PB 63 -8.73 90.51 -83.61
CA ALA PB 63 -8.56 89.21 -84.25
C ALA PB 63 -9.84 88.79 -84.96
N MET PB 64 -10.99 89.04 -84.35
CA MET PB 64 -12.26 88.75 -85.00
C MET PB 64 -12.42 89.57 -86.26
N SER PB 65 -12.03 90.84 -86.22
CA SER PB 65 -12.10 91.68 -87.42
C SER PB 65 -11.16 91.16 -88.51
N ALA PB 66 -9.95 90.78 -88.14
CA ALA PB 66 -8.99 90.28 -89.13
C ALA PB 66 -9.47 88.98 -89.77
N ARG PB 67 -9.94 88.04 -88.94
CA ARG PB 67 -10.48 86.80 -89.49
C ARG PB 67 -11.73 87.05 -90.32
N ALA PB 68 -12.56 88.00 -89.90
CA ALA PB 68 -13.77 88.30 -90.65
C ALA PB 68 -13.45 88.86 -92.03
N GLU PB 69 -12.49 89.79 -92.12
CA GLU PB 69 -12.15 90.32 -93.43
C GLU PB 69 -11.43 89.29 -94.28
N ALA PB 70 -10.59 88.45 -93.66
CA ALA PB 70 -9.93 87.38 -94.42
C ALA PB 70 -10.96 86.42 -95.00
N ILE PB 71 -11.98 86.06 -94.22
CA ILE PB 71 -13.03 85.18 -94.72
C ILE PB 71 -13.84 85.89 -95.80
N LYS PB 72 -14.17 87.16 -95.57
CA LYS PB 72 -15.01 87.94 -96.47
C LYS PB 72 -14.28 88.42 -97.70
N ALA PB 73 -13.00 88.08 -97.86
CA ALA PB 73 -12.28 88.37 -99.10
C ALA PB 73 -12.68 87.39 -100.21
N LEU PB 74 -13.97 87.43 -100.56
CA LEU PB 74 -14.49 86.59 -101.63
C LEU PB 74 -14.19 87.21 -102.99
N VAL PB 75 -13.87 86.35 -103.96
CA VAL PB 75 -13.62 86.68 -105.38
C VAL PB 75 -12.99 88.05 -105.62
N VAL PB 88 -26.47 59.29 -117.83
CA VAL PB 88 -27.40 59.19 -118.93
C VAL PB 88 -28.80 58.91 -118.43
N SER PB 89 -29.34 57.74 -118.78
CA SER PB 89 -30.71 57.40 -118.40
C SER PB 89 -30.80 57.08 -116.91
N ARG PB 90 -30.12 56.01 -116.48
CA ARG PB 90 -30.06 55.58 -115.09
C ARG PB 90 -31.47 55.37 -114.51
N LYS PB 91 -32.12 54.35 -115.07
CA LYS PB 91 -33.55 54.10 -114.83
C LYS PB 91 -33.87 54.03 -113.35
N LEU PB 92 -33.06 53.31 -112.57
CA LEU PB 92 -33.33 53.17 -111.14
C LEU PB 92 -33.26 54.53 -110.44
N ASP PB 93 -32.24 55.32 -110.76
CA ASP PB 93 -32.10 56.63 -110.14
C ASP PB 93 -33.23 57.56 -110.54
N ARG PB 94 -33.67 57.50 -111.80
CA ARG PB 94 -34.80 58.32 -112.24
C ARG PB 94 -36.07 57.93 -111.49
N LEU PB 95 -36.31 56.62 -111.31
CA LEU PB 95 -37.46 56.18 -110.57
C LEU PB 95 -37.40 56.63 -109.11
N ALA PB 96 -36.20 56.59 -108.51
CA ALA PB 96 -36.06 57.08 -107.15
C ALA PB 96 -36.37 58.58 -107.08
N TYR PB 97 -35.86 59.35 -108.04
CA TYR PB 97 -36.12 60.79 -108.06
C TYR PB 97 -37.59 61.08 -108.21
N ILE PB 98 -38.28 60.34 -109.07
CA ILE PB 98 -39.73 60.53 -109.21
C ILE PB 98 -40.44 60.15 -107.92
N ALA PB 99 -40.04 59.05 -107.30
CA ALA PB 99 -40.66 58.60 -106.07
C ALA PB 99 -40.36 59.51 -104.88
N HIS PB 100 -39.41 60.41 -105.00
CA HIS PB 100 -39.22 61.41 -103.96
C HIS PB 100 -40.49 62.24 -103.82
N PRO PB 101 -41.05 62.36 -102.61
CA PRO PB 101 -42.32 63.09 -102.46
C PRO PB 101 -42.25 64.54 -102.87
N LYS PB 102 -41.10 65.19 -102.70
CA LYS PB 102 -40.97 66.61 -103.02
C LYS PB 102 -40.20 66.85 -104.31
N LEU PB 103 -39.13 66.10 -104.57
CA LEU PB 103 -38.31 66.36 -105.75
C LEU PB 103 -39.00 65.94 -107.03
N GLY PB 104 -39.75 64.84 -106.99
CA GLY PB 104 -40.36 64.32 -108.19
C GLY PB 104 -41.80 64.76 -108.40
N LYS PB 105 -42.20 65.85 -107.74
CA LYS PB 105 -43.58 66.30 -107.84
C LYS PB 105 -43.95 66.65 -109.28
N ARG PB 106 -43.17 67.50 -109.92
CA ARG PB 106 -43.45 67.85 -111.32
C ARG PB 106 -43.23 66.66 -112.24
N ALA PB 107 -42.23 65.83 -111.95
CA ALA PB 107 -41.95 64.68 -112.79
C ALA PB 107 -43.13 63.73 -112.86
N ARG PB 108 -43.77 63.47 -111.72
CA ARG PB 108 -44.97 62.63 -111.74
C ARG PB 108 -46.22 63.39 -112.17
N ALA PB 109 -46.26 64.71 -111.95
CA ALA PB 109 -47.40 65.48 -112.41
C ALA PB 109 -47.49 65.48 -113.94
N ARG PB 110 -46.34 65.52 -114.62
CA ARG PB 110 -46.35 65.48 -116.08
C ARG PB 110 -46.96 64.19 -116.59
N ILE PB 111 -46.51 63.05 -116.07
CA ILE PB 111 -47.05 61.77 -116.54
C ILE PB 111 -48.50 61.61 -116.09
N ALA PB 112 -48.86 62.20 -114.96
CA ALA PB 112 -50.25 62.14 -114.50
C ALA PB 112 -51.17 62.88 -115.47
N LYS PB 113 -50.79 64.08 -115.88
CA LYS PB 113 -51.61 64.84 -116.81
C LYS PB 113 -51.51 64.32 -118.23
N GLY PB 114 -50.46 63.55 -118.55
CA GLY PB 114 -50.37 62.96 -119.88
C GLY PB 114 -51.03 61.60 -120.01
N LEU PB 115 -51.29 60.93 -118.89
CA LEU PB 115 -51.95 59.64 -118.94
C LEU PB 115 -53.43 59.75 -119.24
N ARG PB 116 -54.04 60.92 -119.00
CA ARG PB 116 -55.45 61.11 -119.23
C ARG PB 116 -55.74 61.67 -120.63
N LEU PB 117 -54.88 62.55 -121.13
CA LEU PB 117 -55.09 63.21 -122.40
C LEU PB 117 -54.49 62.41 -123.55
N CYS PB 118 -54.92 62.73 -124.77
CA CYS PB 118 -54.40 62.09 -125.97
C CYS PB 118 -54.53 63.06 -127.13
N ARG PB 119 -53.41 63.35 -127.79
CA ARG PB 119 -53.38 64.29 -128.89
C ARG PB 119 -52.53 63.73 -130.02
N PRO PB 120 -52.84 64.06 -131.26
CA PRO PB 120 -52.03 63.57 -132.38
C PRO PB 120 -50.66 64.24 -132.43
N LYS PB 121 -49.75 63.61 -133.16
CA LYS PB 121 -48.40 64.11 -133.39
C LYS PB 121 -47.66 64.36 -132.08
N LYS QB 1 -2.89 4.31 81.13
CA LYS QB 1 -2.95 3.27 82.15
C LYS QB 1 -4.32 3.24 82.80
N SER QB 2 -4.98 4.40 82.83
CA SER QB 2 -6.30 4.49 83.45
C SER QB 2 -7.33 3.66 82.70
N LEU QB 3 -7.24 3.64 81.36
CA LEU QB 3 -8.23 2.91 80.57
C LEU QB 3 -8.10 1.40 80.78
N GLU QB 4 -6.88 0.86 80.71
CA GLU QB 4 -6.72 -0.56 80.97
C GLU QB 4 -7.03 -0.88 82.44
N SER QB 5 -6.75 0.06 83.34
CA SER QB 5 -7.08 -0.12 84.74
C SER QB 5 -8.58 -0.28 84.94
N ILE QB 6 -9.36 0.64 84.37
CA ILE QB 6 -10.81 0.56 84.55
C ILE QB 6 -11.38 -0.64 83.81
N ASN QB 7 -10.76 -1.02 82.68
CA ASN QB 7 -11.23 -2.20 81.96
C ASN QB 7 -11.03 -3.47 82.78
N SER QB 8 -9.83 -3.65 83.33
CA SER QB 8 -9.55 -4.81 84.17
C SER QB 8 -10.38 -4.78 85.43
N ARG QB 9 -10.60 -3.59 86.01
CA ARG QB 9 -11.42 -3.48 87.19
C ARG QB 9 -12.87 -3.87 86.90
N LEU QB 10 -13.38 -3.48 85.73
CA LEU QB 10 -14.72 -3.88 85.34
C LEU QB 10 -14.82 -5.39 85.15
N GLN QB 11 -13.81 -5.98 84.50
CA GLN QB 11 -13.82 -7.42 84.33
C GLN QB 11 -13.79 -8.14 85.68
N LEU QB 12 -12.98 -7.64 86.61
CA LEU QB 12 -12.93 -8.24 87.94
C LEU QB 12 -14.21 -7.98 88.74
N VAL QB 13 -14.89 -6.87 88.49
CA VAL QB 13 -16.21 -6.64 89.09
C VAL QB 13 -17.18 -7.72 88.62
N MET QB 14 -17.15 -8.02 87.33
CA MET QB 14 -17.87 -9.19 86.86
C MET QB 14 -17.33 -10.43 87.56
N LYS QB 15 -18.22 -11.40 87.74
CA LYS QB 15 -18.00 -12.70 88.39
C LYS QB 15 -17.35 -12.60 89.76
N SER QB 16 -17.37 -11.41 90.38
CA SER QB 16 -16.96 -11.28 91.77
C SER QB 16 -17.98 -10.47 92.57
N GLY QB 17 -18.65 -9.53 91.91
CA GLY QB 17 -19.64 -8.70 92.57
C GLY QB 17 -20.83 -8.48 91.66
N LYS QB 18 -21.97 -8.26 92.28
CA LYS QB 18 -23.21 -8.16 91.51
C LYS QB 18 -23.36 -6.79 90.87
N TYR QB 19 -24.05 -6.78 89.73
CA TYR QB 19 -24.18 -5.60 88.91
C TYR QB 19 -25.55 -5.64 88.22
N VAL QB 20 -25.80 -4.68 87.35
CA VAL QB 20 -27.03 -4.66 86.57
C VAL QB 20 -26.75 -3.87 85.30
N LEU QB 21 -27.37 -4.29 84.20
CA LEU QB 21 -27.10 -3.79 82.87
C LEU QB 21 -28.33 -3.10 82.31
N GLY QB 22 -28.11 -2.09 81.49
CA GLY QB 22 -29.22 -1.48 80.79
C GLY QB 22 -29.74 -0.23 81.48
N TYR QB 23 -30.30 0.66 80.66
CA TYR QB 23 -30.70 1.99 81.15
C TYR QB 23 -31.92 1.91 82.05
N LYS QB 24 -32.93 1.12 81.66
CA LYS QB 24 -34.14 1.02 82.46
C LYS QB 24 -33.85 0.38 83.82
N GLN QB 25 -33.14 -0.74 83.82
CA GLN QB 25 -32.79 -1.39 85.08
C GLN QB 25 -31.86 -0.51 85.91
N THR QB 26 -30.97 0.23 85.26
CA THR QB 26 -30.11 1.16 85.97
C THR QB 26 -30.93 2.21 86.71
N LEU QB 27 -31.92 2.80 86.03
CA LEU QB 27 -32.80 3.76 86.68
C LEU QB 27 -33.56 3.12 87.84
N LYS QB 28 -34.03 1.89 87.65
CA LYS QB 28 -34.75 1.21 88.72
C LYS QB 28 -33.88 1.03 89.95
N MET QB 29 -32.64 0.57 89.77
CA MET QB 29 -31.75 0.38 90.91
C MET QB 29 -31.34 1.70 91.54
N ILE QB 30 -31.16 2.75 90.74
CA ILE QB 30 -30.82 4.05 91.31
C ILE QB 30 -31.95 4.58 92.18
N ARG QB 31 -33.18 4.53 91.67
CA ARG QB 31 -34.29 5.01 92.49
C ARG QB 31 -34.58 4.09 93.65
N GLN QB 32 -34.17 2.83 93.58
CA GLN QB 32 -34.20 1.97 94.77
C GLN QB 32 -33.08 2.34 95.74
N GLY QB 33 -32.01 2.98 95.26
CA GLY QB 33 -30.99 3.53 96.12
C GLY QB 33 -29.80 2.64 96.38
N LYS QB 34 -29.85 1.36 96.01
CA LYS QB 34 -28.75 0.45 96.28
C LYS QB 34 -27.65 0.51 95.23
N ALA QB 35 -27.82 1.31 94.19
CA ALA QB 35 -26.74 1.48 93.21
C ALA QB 35 -25.61 2.28 93.84
N LYS QB 36 -24.37 1.96 93.43
CA LYS QB 36 -23.20 2.65 93.93
C LYS QB 36 -22.43 3.38 92.84
N LEU QB 37 -22.04 2.67 91.79
CA LEU QB 37 -21.28 3.26 90.69
C LEU QB 37 -21.99 2.96 89.38
N VAL QB 38 -22.26 4.01 88.61
CA VAL QB 38 -22.97 3.93 87.35
C VAL QB 38 -22.03 4.39 86.24
N ILE QB 39 -21.80 3.52 85.27
CA ILE QB 39 -20.91 3.81 84.16
C ILE QB 39 -21.75 4.04 82.91
N LEU QB 40 -21.47 5.14 82.23
CA LEU QB 40 -22.18 5.53 81.02
C LEU QB 40 -21.17 5.66 79.89
N ALA QB 41 -21.46 5.00 78.76
CA ALA QB 41 -20.60 5.16 77.60
C ALA QB 41 -20.82 6.53 76.98
N ASN QB 42 -19.78 7.03 76.29
CA ASN QB 42 -19.88 8.31 75.61
C ASN QB 42 -20.89 8.29 74.49
N ASN QB 43 -21.21 7.10 73.97
CA ASN QB 43 -22.22 6.95 72.93
C ASN QB 43 -23.63 7.22 73.43
N CYS QB 44 -23.81 7.37 74.74
CA CYS QB 44 -25.13 7.62 75.29
C CYS QB 44 -25.71 8.90 74.72
N PRO QB 45 -27.01 8.91 74.39
CA PRO QB 45 -27.65 10.16 74.00
C PRO QB 45 -27.58 11.17 75.13
N ALA QB 46 -27.43 12.44 74.76
CA ALA QB 46 -27.14 13.48 75.75
C ALA QB 46 -28.27 13.62 76.75
N LEU QB 47 -29.51 13.46 76.30
CA LEU QB 47 -30.64 13.52 77.22
C LEU QB 47 -30.53 12.43 78.29
N ARG QB 48 -30.26 11.20 77.88
CA ARG QB 48 -30.11 10.11 78.83
C ARG QB 48 -28.91 10.32 79.74
N LYS QB 49 -27.80 10.84 79.21
CA LYS QB 49 -26.63 11.15 80.03
C LYS QB 49 -27.00 12.13 81.13
N SER QB 50 -27.63 13.25 80.75
CA SER QB 50 -27.97 14.28 81.72
C SER QB 50 -29.00 13.77 82.73
N GLU QB 51 -29.98 12.99 82.28
CA GLU QB 51 -30.98 12.46 83.19
C GLU QB 51 -30.35 11.53 84.22
N ILE QB 52 -29.46 10.64 83.77
CA ILE QB 52 -28.81 9.73 84.70
C ILE QB 52 -27.89 10.49 85.64
N GLU QB 53 -27.23 11.55 85.14
CA GLU QB 53 -26.41 12.38 86.01
C GLU QB 53 -27.25 13.04 87.08
N TYR QB 54 -28.43 13.54 86.73
CA TYR QB 54 -29.32 14.15 87.71
C TYR QB 54 -29.78 13.13 88.74
N TYR QB 55 -30.15 11.92 88.29
CA TYR QB 55 -30.54 10.88 89.22
C TYR QB 55 -29.40 10.55 90.18
N ALA QB 56 -28.18 10.44 89.66
CA ALA QB 56 -27.05 10.12 90.52
C ALA QB 56 -26.73 11.26 91.48
N MET QB 57 -26.94 12.50 91.05
CA MET QB 57 -26.74 13.63 91.95
C MET QB 57 -27.75 13.57 93.10
N LEU QB 58 -29.00 13.23 92.79
CA LEU QB 58 -29.98 13.08 93.86
C LEU QB 58 -29.63 11.92 94.78
N ALA QB 59 -29.17 10.80 94.22
CA ALA QB 59 -28.95 9.59 95.00
C ALA QB 59 -27.56 9.49 95.62
N LYS QB 60 -26.69 10.46 95.36
CA LYS QB 60 -25.32 10.46 95.88
C LYS QB 60 -24.56 9.19 95.48
N THR QB 61 -24.70 8.79 94.22
CA THR QB 61 -23.97 7.65 93.68
C THR QB 61 -23.07 8.12 92.56
N GLY QB 62 -21.91 7.48 92.42
CA GLY QB 62 -20.93 7.94 91.45
C GLY QB 62 -21.33 7.59 90.03
N VAL QB 63 -20.90 8.42 89.08
CA VAL QB 63 -21.11 8.17 87.66
C VAL QB 63 -19.79 8.39 86.94
N HIS QB 64 -19.37 7.40 86.18
CA HIS QB 64 -18.12 7.46 85.42
C HIS QB 64 -18.43 7.42 83.93
N HIS QB 65 -17.82 8.34 83.18
CA HIS QB 65 -17.94 8.36 81.73
C HIS QB 65 -16.89 7.44 81.14
N TYR QB 66 -17.34 6.30 80.62
CA TYR QB 66 -16.42 5.33 80.04
C TYR QB 66 -15.79 5.89 78.76
N SER QB 67 -14.49 5.70 78.64
CA SER QB 67 -13.75 6.18 77.47
C SER QB 67 -13.78 5.17 76.34
N GLY QB 68 -14.98 4.70 76.01
CA GLY QB 68 -15.16 3.74 74.95
C GLY QB 68 -16.35 4.09 74.08
N ASN QB 69 -17.26 3.14 73.90
CA ASN QB 69 -18.59 3.42 73.34
C ASN QB 69 -19.51 2.29 73.78
N ASN QB 70 -20.77 2.37 73.34
CA ASN QB 70 -21.75 1.36 73.72
C ASN QB 70 -21.43 -0.01 73.13
N ILE QB 71 -20.59 -0.06 72.10
CA ILE QB 71 -20.23 -1.35 71.52
C ILE QB 71 -19.18 -2.04 72.37
N GLU QB 72 -18.05 -1.38 72.62
CA GLU QB 72 -16.98 -2.03 73.35
C GLU QB 72 -17.19 -2.02 74.86
N LEU QB 73 -18.16 -1.26 75.36
CA LEU QB 73 -18.49 -1.37 76.77
C LEU QB 73 -19.01 -2.78 77.09
N GLY QB 74 -19.85 -3.33 76.20
CA GLY QB 74 -20.29 -4.69 76.38
C GLY QB 74 -19.15 -5.70 76.29
N THR QB 75 -18.21 -5.46 75.40
CA THR QB 75 -17.04 -6.32 75.29
C THR QB 75 -16.22 -6.29 76.58
N ALA QB 76 -16.06 -5.10 77.17
CA ALA QB 76 -15.39 -5.00 78.46
C ALA QB 76 -16.17 -5.74 79.54
N CYS QB 77 -17.50 -5.62 79.52
CA CYS QB 77 -18.34 -6.35 80.45
C CYS QB 77 -18.35 -7.85 80.21
N GLY QB 78 -17.83 -8.30 79.06
CA GLY QB 78 -17.86 -9.70 78.72
C GLY QB 78 -19.10 -10.16 78.00
N LYS QB 79 -19.96 -9.24 77.58
CA LYS QB 79 -21.19 -9.57 76.90
C LYS QB 79 -21.10 -9.20 75.42
N TYR QB 80 -21.91 -9.90 74.62
CA TYR QB 80 -21.93 -9.70 73.18
C TYR QB 80 -22.97 -8.70 72.72
N TYR QB 81 -23.73 -8.13 73.64
CA TYR QB 81 -24.75 -7.14 73.30
C TYR QB 81 -24.30 -5.77 73.76
N ARG QB 82 -24.70 -4.75 73.00
CA ARG QB 82 -24.33 -3.38 73.36
C ARG QB 82 -24.97 -2.99 74.68
N VAL QB 83 -24.17 -2.37 75.55
CA VAL QB 83 -24.65 -1.81 76.80
C VAL QB 83 -24.31 -0.33 76.84
N CYS QB 84 -25.27 0.48 77.25
CA CYS QB 84 -25.11 1.91 77.27
C CYS QB 84 -24.91 2.49 78.67
N THR QB 85 -25.47 1.84 79.68
CA THR QB 85 -25.34 2.33 81.05
C THR QB 85 -25.53 1.16 82.01
N LEU QB 86 -24.61 1.00 82.95
CA LEU QB 86 -24.70 -0.09 83.91
C LEU QB 86 -24.41 0.40 85.32
N ALA QB 87 -24.91 -0.34 86.30
CA ALA QB 87 -24.78 0.03 87.70
C ALA QB 87 -24.29 -1.15 88.53
N ILE QB 88 -23.27 -0.92 89.33
CA ILE QB 88 -22.65 -1.98 90.15
C ILE QB 88 -23.25 -1.94 91.54
N ILE QB 89 -23.81 -3.07 91.98
CA ILE QB 89 -24.42 -3.12 93.30
C ILE QB 89 -23.35 -3.27 94.37
N ASP QB 90 -22.51 -4.29 94.25
CA ASP QB 90 -21.36 -4.46 95.12
C ASP QB 90 -20.14 -4.73 94.27
N PRO QB 91 -19.02 -4.07 94.58
CA PRO QB 91 -17.81 -4.25 93.75
C PRO QB 91 -17.25 -5.66 93.81
N GLY QB 92 -16.91 -6.15 95.00
CA GLY QB 92 -16.28 -7.44 95.14
C GLY QB 92 -14.81 -7.48 94.78
N ASP QB 93 -14.23 -6.35 94.35
CA ASP QB 93 -12.82 -6.31 94.00
C ASP QB 93 -12.13 -5.02 94.43
N SER QB 94 -12.79 -4.18 95.22
CA SER QB 94 -12.24 -2.93 95.72
C SER QB 94 -11.80 -2.00 94.60
N ASP QB 95 -12.58 -1.95 93.52
CA ASP QB 95 -12.37 -0.91 92.52
C ASP QB 95 -12.87 0.45 92.99
N ILE QB 96 -13.71 0.46 94.03
CA ILE QB 96 -14.20 1.68 94.65
C ILE QB 96 -13.68 1.74 96.07
N ILE QB 97 -13.75 2.94 96.66
CA ILE QB 97 -13.20 3.21 97.98
C ILE QB 97 -14.35 3.43 98.95
N ARG QB 98 -14.33 2.71 100.06
CA ARG QB 98 -15.36 2.87 101.08
C ARG QB 98 -14.92 3.84 102.16
N ASN RB 1 -101.42 -40.81 -12.28
CA ASN RB 1 -102.27 -39.67 -11.96
C ASN RB 1 -101.41 -38.41 -11.82
N GLU RB 2 -101.98 -37.38 -11.20
CA GLU RB 2 -101.27 -36.12 -11.02
C GLU RB 2 -101.24 -35.67 -9.58
N VAL RB 3 -101.65 -36.52 -8.63
CA VAL RB 3 -101.65 -36.18 -7.21
C VAL RB 3 -100.79 -37.13 -6.39
N VAL RB 4 -100.50 -38.33 -6.91
CA VAL RB 4 -99.89 -39.38 -6.11
C VAL RB 4 -98.51 -38.96 -5.61
N THR RB 5 -98.11 -39.52 -4.47
CA THR RB 5 -96.82 -39.28 -3.87
C THR RB 5 -96.00 -40.56 -3.93
N ARG RB 6 -94.67 -40.41 -3.92
CA ARG RB 6 -93.77 -41.54 -4.04
C ARG RB 6 -92.59 -41.37 -3.09
N GLU RB 7 -91.86 -42.46 -2.89
CA GLU RB 7 -90.67 -42.47 -2.05
C GLU RB 7 -89.47 -42.85 -2.89
N TYR RB 8 -88.40 -42.06 -2.80
CA TYR RB 8 -87.19 -42.29 -3.56
C TYR RB 8 -85.99 -42.28 -2.64
N THR RB 9 -84.86 -42.72 -3.16
CA THR RB 9 -83.56 -42.54 -2.52
C THR RB 9 -82.58 -41.96 -3.52
N ILE RB 10 -81.72 -41.07 -3.04
CA ILE RB 10 -80.85 -40.27 -3.89
C ILE RB 10 -79.41 -40.52 -3.49
N ASN RB 11 -78.55 -40.74 -4.49
CA ASN RB 11 -77.11 -40.90 -4.30
C ASN RB 11 -76.48 -39.51 -4.30
N ILE RB 12 -76.58 -38.86 -3.15
CA ILE RB 12 -76.03 -37.52 -2.98
C ILE RB 12 -74.53 -37.55 -3.21
N HIS RB 13 -73.86 -38.62 -2.79
CA HIS RB 13 -72.43 -38.75 -3.03
C HIS RB 13 -72.12 -38.71 -4.53
N LYS RB 14 -72.91 -39.43 -5.33
CA LYS RB 14 -72.73 -39.41 -6.77
C LYS RB 14 -72.96 -38.02 -7.34
N ARG RB 15 -74.03 -37.34 -6.92
CA ARG RB 15 -74.34 -36.05 -7.51
C ARG RB 15 -73.47 -34.91 -6.99
N ILE RB 16 -72.72 -35.12 -5.90
CA ILE RB 16 -71.83 -34.09 -5.36
C ILE RB 16 -70.37 -34.46 -5.53
N HIS RB 17 -70.08 -35.57 -6.19
CA HIS RB 17 -68.70 -35.86 -6.58
C HIS RB 17 -68.07 -34.73 -7.37
N GLY RB 18 -67.04 -34.10 -6.80
CA GLY RB 18 -66.30 -33.06 -7.49
C GLY RB 18 -66.56 -31.65 -6.98
N VAL RB 19 -67.55 -31.45 -6.14
CA VAL RB 19 -67.89 -30.11 -5.67
C VAL RB 19 -66.96 -29.73 -4.52
N GLY RB 20 -66.60 -28.45 -4.46
CA GLY RB 20 -65.71 -27.96 -3.43
C GLY RB 20 -66.35 -27.96 -2.05
N PHE RB 21 -65.50 -27.74 -1.05
CA PHE RB 21 -65.91 -27.93 0.33
C PHE RB 21 -67.02 -26.96 0.74
N LYS RB 22 -66.90 -25.69 0.34
CA LYS RB 22 -67.84 -24.69 0.82
C LYS RB 22 -69.13 -24.63 0.02
N LYS RB 23 -69.30 -25.48 -0.98
CA LYS RB 23 -70.52 -25.49 -1.77
C LYS RB 23 -71.20 -26.84 -1.81
N ARG RB 24 -70.73 -27.82 -1.05
CA ARG RB 24 -71.25 -29.18 -1.18
C ARG RB 24 -72.71 -29.27 -0.75
N ALA RB 25 -73.03 -28.75 0.43
CA ALA RB 25 -74.43 -28.79 0.88
C ALA RB 25 -75.37 -27.94 0.03
N PRO RB 26 -75.08 -26.68 -0.29
CA PRO RB 26 -75.99 -25.95 -1.19
C PRO RB 26 -76.11 -26.60 -2.56
N ARG RB 27 -75.03 -27.15 -3.09
CA ARG RB 27 -75.11 -27.87 -4.36
C ARG RB 27 -75.97 -29.11 -4.21
N ALA RB 28 -75.90 -29.76 -3.05
CA ALA RB 28 -76.77 -30.91 -2.80
C ALA RB 28 -78.22 -30.50 -2.82
N LEU RB 29 -78.55 -29.37 -2.19
CA LEU RB 29 -79.94 -28.93 -2.20
C LEU RB 29 -80.39 -28.54 -3.60
N LYS RB 30 -79.51 -27.89 -4.37
CA LYS RB 30 -79.86 -27.56 -5.75
C LYS RB 30 -80.09 -28.82 -6.58
N GLU RB 31 -79.27 -29.85 -6.38
CA GLU RB 31 -79.45 -31.09 -7.13
C GLU RB 31 -80.71 -31.82 -6.67
N ILE RB 32 -81.05 -31.74 -5.39
CA ILE RB 32 -82.32 -32.31 -4.93
C ILE RB 32 -83.49 -31.61 -5.59
N ARG RB 33 -83.41 -30.28 -5.70
CA ARG RB 33 -84.47 -29.54 -6.37
C ARG RB 33 -84.58 -29.94 -7.84
N LYS RB 34 -83.43 -30.09 -8.51
CA LYS RB 34 -83.44 -30.52 -9.91
C LYS RB 34 -83.98 -31.94 -10.05
N PHE RB 35 -83.64 -32.81 -9.11
CA PHE RB 35 -84.17 -34.17 -9.12
C PHE RB 35 -85.68 -34.16 -8.94
N ALA RB 36 -86.17 -33.33 -8.02
CA ALA RB 36 -87.61 -33.21 -7.82
C ALA RB 36 -88.29 -32.69 -9.07
N MET RB 37 -87.68 -31.73 -9.76
CA MET RB 37 -88.20 -31.28 -11.04
C MET RB 37 -88.19 -32.37 -12.10
N LYS RB 38 -87.18 -33.24 -12.11
CA LYS RB 38 -87.07 -34.27 -13.13
C LYS RB 38 -88.23 -35.28 -13.08
N GLU RB 39 -88.42 -35.93 -11.93
CA GLU RB 39 -89.42 -37.00 -11.85
C GLU RB 39 -90.85 -36.48 -11.71
N MET RB 40 -91.04 -35.17 -11.55
CA MET RB 40 -92.38 -34.65 -11.36
C MET RB 40 -92.85 -33.69 -12.44
N GLY RB 41 -91.94 -33.00 -13.12
CA GLY RB 41 -92.36 -32.03 -14.10
C GLY RB 41 -92.84 -30.72 -13.53
N THR RB 42 -92.78 -30.54 -12.22
CA THR RB 42 -93.27 -29.33 -11.58
C THR RB 42 -92.11 -28.43 -11.24
N PRO RB 43 -92.01 -27.25 -11.85
CA PRO RB 43 -90.93 -26.32 -11.47
C PRO RB 43 -91.03 -25.82 -10.05
N ASP RB 44 -92.20 -25.89 -9.42
CA ASP RB 44 -92.37 -25.45 -8.04
C ASP RB 44 -92.03 -26.58 -7.10
N VAL RB 45 -90.97 -26.41 -6.32
CA VAL RB 45 -90.48 -27.42 -5.38
C VAL RB 45 -90.32 -26.78 -4.02
N ARG RB 46 -90.86 -27.42 -2.99
CA ARG RB 46 -90.72 -26.98 -1.61
C ARG RB 46 -89.93 -28.02 -0.83
N ILE RB 47 -88.80 -27.61 -0.27
CA ILE RB 47 -87.92 -28.49 0.49
C ILE RB 47 -88.24 -28.30 1.97
N ASP RB 48 -88.58 -29.40 2.64
CA ASP RB 48 -88.99 -29.32 4.04
C ASP RB 48 -87.80 -28.96 4.93
N THR RB 49 -88.13 -28.30 6.05
CA THR RB 49 -87.09 -27.91 7.00
C THR RB 49 -86.39 -29.11 7.60
N ARG RB 50 -87.13 -30.18 7.87
CA ARG RB 50 -86.51 -31.40 8.39
C ARG RB 50 -85.55 -31.99 7.38
N LEU RB 51 -85.91 -31.98 6.10
CA LEU RB 51 -84.99 -32.45 5.07
C LEU RB 51 -83.75 -31.58 4.99
N ASN RB 52 -83.93 -30.26 5.11
CA ASN RB 52 -82.78 -29.36 5.10
C ASN RB 52 -81.86 -29.63 6.28
N LYS RB 53 -82.44 -29.90 7.45
CA LYS RB 53 -81.67 -30.26 8.63
C LYS RB 53 -80.92 -31.57 8.40
N ALA RB 54 -81.58 -32.55 7.78
CA ALA RB 54 -80.92 -33.82 7.50
C ALA RB 54 -79.76 -33.63 6.54
N VAL RB 55 -79.92 -32.76 5.55
CA VAL RB 55 -78.84 -32.49 4.61
C VAL RB 55 -77.67 -31.83 5.33
N TRP RB 56 -77.95 -30.82 6.15
CA TRP RB 56 -76.90 -30.10 6.85
C TRP RB 56 -76.53 -30.73 8.20
N ALA RB 57 -76.93 -31.98 8.44
CA ALA RB 57 -76.71 -32.58 9.74
C ALA RB 57 -75.22 -32.71 10.04
N LYS RB 58 -74.43 -33.12 9.06
CA LYS RB 58 -73.01 -33.33 9.25
C LYS RB 58 -72.19 -32.19 8.66
N GLY RB 59 -72.66 -30.96 8.84
CA GLY RB 59 -71.88 -29.81 8.46
C GLY RB 59 -72.08 -29.38 7.02
N ILE RB 60 -71.06 -28.74 6.44
CA ILE RB 60 -71.17 -28.18 5.12
C ILE RB 60 -70.39 -28.99 4.07
N ARG RB 61 -69.36 -29.73 4.47
CA ARG RB 61 -68.58 -30.49 3.52
C ARG RB 61 -68.80 -31.99 3.60
N ASN RB 62 -69.22 -32.52 4.74
CA ASN RB 62 -69.47 -33.96 4.88
C ASN RB 62 -70.96 -34.25 4.76
N VAL RB 63 -71.50 -33.94 3.58
CA VAL RB 63 -72.91 -34.24 3.29
C VAL RB 63 -73.10 -35.75 3.27
N PRO RB 64 -74.21 -36.28 3.79
CA PRO RB 64 -74.42 -37.73 3.74
C PRO RB 64 -74.44 -38.26 2.32
N TYR RB 65 -73.91 -39.48 2.15
CA TYR RB 65 -73.73 -40.04 0.82
C TYR RB 65 -75.07 -40.29 0.12
N ARG RB 66 -76.06 -40.79 0.85
CA ARG RB 66 -77.37 -41.07 0.30
C ARG RB 66 -78.43 -40.45 1.18
N ILE RB 67 -79.63 -40.27 0.63
CA ILE RB 67 -80.75 -39.74 1.40
C ILE RB 67 -82.02 -40.44 0.93
N ARG RB 68 -82.97 -40.58 1.84
CA ARG RB 68 -84.26 -41.16 1.52
C ARG RB 68 -85.33 -40.08 1.60
N VAL RB 69 -85.90 -39.73 0.46
CA VAL RB 69 -86.84 -38.61 0.38
C VAL RB 69 -88.20 -39.12 -0.06
N ARG RB 70 -89.21 -38.28 0.12
CA ARG RB 70 -90.58 -38.58 -0.27
C ARG RB 70 -91.09 -37.38 -1.06
N LEU RB 71 -91.36 -37.58 -2.34
CA LEU RB 71 -91.96 -36.54 -3.18
C LEU RB 71 -93.46 -36.62 -3.09
N SER RB 72 -94.12 -35.46 -3.01
CA SER RB 72 -95.57 -35.39 -3.01
C SER RB 72 -96.00 -34.30 -3.98
N ARG RB 73 -96.64 -34.69 -5.07
CA ARG RB 73 -97.09 -33.76 -6.10
C ARG RB 73 -98.50 -33.32 -5.75
N LYS RB 74 -98.61 -32.21 -5.02
CA LYS RB 74 -99.89 -31.71 -4.56
C LYS RB 74 -100.38 -30.59 -5.46
N ARG RB 75 -101.65 -30.23 -5.29
CA ARG RB 75 -102.25 -29.16 -6.07
C ARG RB 75 -101.81 -27.81 -5.54
N ASN RB 76 -101.29 -26.96 -6.44
CA ASN RB 76 -100.94 -25.59 -6.11
C ASN RB 76 -102.14 -24.66 -6.17
N GLU RB 77 -103.35 -25.20 -6.12
CA GLU RB 77 -104.57 -24.41 -6.28
C GLU RB 77 -105.00 -23.81 -4.94
N ASP RB 78 -104.10 -22.99 -4.39
CA ASP RB 78 -104.40 -22.19 -3.22
C ASP RB 78 -104.31 -20.69 -3.51
N GLU RB 79 -103.80 -20.29 -4.67
CA GLU RB 79 -103.76 -18.90 -5.08
C GLU RB 79 -103.66 -18.87 -6.60
N ASP RB 80 -103.48 -17.67 -7.16
CA ASP RB 80 -103.36 -17.52 -8.60
C ASP RB 80 -101.92 -17.81 -8.99
N SER RB 81 -101.63 -19.09 -9.21
CA SER RB 81 -100.28 -19.54 -9.49
C SER RB 81 -100.14 -19.92 -10.96
N PRO RB 82 -98.98 -19.66 -11.56
CA PRO RB 82 -98.74 -20.10 -12.94
C PRO RB 82 -98.82 -21.61 -13.12
N ASN RB 83 -98.39 -22.37 -12.10
CA ASN RB 83 -98.41 -23.81 -12.15
C ASN RB 83 -99.43 -24.34 -11.15
N LYS RB 84 -100.22 -25.32 -11.56
CA LYS RB 84 -101.26 -25.86 -10.70
C LYS RB 84 -100.78 -27.00 -9.82
N LEU RB 85 -99.55 -27.47 -10.00
CA LEU RB 85 -99.03 -28.59 -9.24
C LEU RB 85 -97.66 -28.22 -8.68
N TYR RB 86 -97.46 -28.47 -7.39
CA TYR RB 86 -96.19 -28.22 -6.72
C TYR RB 86 -95.72 -29.49 -6.03
N THR RB 87 -94.41 -29.70 -6.03
CA THR RB 87 -93.81 -30.90 -5.44
C THR RB 87 -93.22 -30.54 -4.09
N LEU RB 88 -93.73 -31.15 -3.04
CA LEU RB 88 -93.22 -30.97 -1.68
C LEU RB 88 -92.38 -32.21 -1.37
N VAL RB 89 -91.14 -32.00 -0.99
CA VAL RB 89 -90.26 -33.11 -0.66
C VAL RB 89 -90.05 -33.15 0.85
N THR RB 90 -90.13 -34.35 1.42
CA THR RB 90 -89.90 -34.59 2.84
C THR RB 90 -88.81 -35.63 2.99
N TYR RB 91 -88.32 -35.77 4.22
CA TYR RB 91 -87.23 -36.67 4.56
C TYR RB 91 -87.77 -37.86 5.34
N VAL RB 92 -87.45 -39.06 4.89
CA VAL RB 92 -87.87 -40.29 5.55
C VAL RB 92 -86.64 -40.92 6.19
N PRO RB 93 -86.53 -40.93 7.52
CA PRO RB 93 -85.34 -41.51 8.16
C PRO RB 93 -85.33 -43.02 8.01
N VAL RB 94 -84.20 -43.55 7.59
CA VAL RB 94 -84.03 -44.99 7.40
C VAL RB 94 -82.72 -45.42 8.03
N THR RB 95 -82.65 -46.68 8.41
CA THR RB 95 -81.47 -47.22 9.05
C THR RB 95 -80.46 -47.76 8.05
N THR RB 96 -80.92 -48.25 6.91
CA THR RB 96 -80.02 -48.81 5.91
C THR RB 96 -80.56 -48.53 4.52
N PHE RB 97 -79.68 -48.63 3.53
CA PHE RB 97 -80.03 -48.36 2.15
C PHE RB 97 -80.01 -49.61 1.28
N LYS RB 98 -79.72 -50.78 1.84
CA LYS RB 98 -79.65 -51.99 1.04
C LYS RB 98 -81.04 -52.38 0.54
N ASN RB 99 -81.11 -52.74 -0.74
CA ASN RB 99 -82.31 -53.29 -1.37
C ASN RB 99 -83.49 -52.33 -1.35
N LEU RB 100 -83.24 -51.03 -1.24
CA LEU RB 100 -84.34 -50.07 -1.17
C LEU RB 100 -84.78 -49.69 -2.59
N GLN RB 101 -86.05 -49.91 -2.88
CA GLN RB 101 -86.62 -49.64 -4.18
C GLN RB 101 -87.53 -48.42 -4.11
N THR RB 102 -87.75 -47.80 -5.27
CA THR RB 102 -88.71 -46.71 -5.38
C THR RB 102 -90.11 -47.30 -5.34
N VAL RB 103 -90.94 -46.82 -4.41
CA VAL RB 103 -92.25 -47.40 -4.16
C VAL RB 103 -93.31 -46.32 -4.29
N ASN RB 104 -94.44 -46.69 -4.89
CA ASN RB 104 -95.60 -45.81 -4.98
C ASN RB 104 -96.37 -45.90 -3.67
N VAL RB 105 -96.31 -44.86 -2.87
CA VAL RB 105 -96.95 -44.83 -1.56
C VAL RB 105 -98.28 -44.10 -1.66
N ASP RB 106 -99.31 -44.68 -1.05
CA ASP RB 106 -100.64 -44.09 -1.11
C ASP RB 106 -100.70 -42.82 -0.27
N GLU RB 107 -101.79 -42.08 -0.43
CA GLU RB 107 -101.99 -40.85 0.32
C GLU RB 107 -102.24 -41.13 1.80
N ALA SB 1 -90.32 31.56 -73.10
CA ALA SB 1 -91.53 32.14 -72.53
C ALA SB 1 -91.18 33.38 -71.71
N ALA SB 2 -89.89 33.63 -71.55
CA ALA SB 2 -89.39 34.77 -70.77
C ALA SB 2 -88.74 35.78 -71.71
N LEU SB 3 -88.24 36.86 -71.11
CA LEU SB 3 -87.54 37.88 -71.89
C LEU SB 3 -86.18 37.36 -72.33
N ARG SB 4 -85.60 38.05 -73.31
CA ARG SB 4 -84.33 37.62 -73.85
C ARG SB 4 -83.28 38.71 -73.71
N PRO SB 5 -82.03 38.35 -73.46
CA PRO SB 5 -80.96 39.35 -73.42
C PRO SB 5 -80.68 39.89 -74.81
N LEU SB 6 -79.97 41.02 -74.84
CA LEU SB 6 -79.60 41.61 -76.12
C LEU SB 6 -78.70 40.67 -76.91
N VAL SB 7 -77.70 40.10 -76.26
CA VAL SB 7 -76.83 39.09 -76.85
C VAL SB 7 -76.67 37.98 -75.82
N LYS SB 8 -76.37 36.79 -76.31
CA LYS SB 8 -76.13 35.62 -75.46
C LYS SB 8 -74.84 34.96 -75.92
N PRO SB 9 -73.69 35.48 -75.54
CA PRO SB 9 -72.42 34.87 -75.93
C PRO SB 9 -72.21 33.54 -75.23
N LYS SB 10 -71.35 32.73 -75.82
CA LYS SB 10 -71.03 31.41 -75.27
C LYS SB 10 -70.20 31.62 -74.01
N ILE SB 11 -70.83 31.48 -72.85
CA ILE SB 11 -70.14 31.70 -71.59
C ILE SB 11 -69.12 30.59 -71.38
N VAL SB 12 -67.88 30.97 -71.13
CA VAL SB 12 -66.78 30.02 -70.98
C VAL SB 12 -66.23 30.14 -69.57
N LYS SB 13 -66.21 29.04 -68.83
CA LYS SB 13 -65.65 28.98 -67.50
C LYS SB 13 -64.36 28.18 -67.55
N LYS SB 14 -63.26 28.81 -67.15
CA LYS SB 14 -61.97 28.13 -67.16
C LYS SB 14 -61.96 26.97 -66.17
N ARG SB 15 -62.48 27.19 -64.97
CA ARG SB 15 -62.70 26.15 -63.99
C ARG SB 15 -64.11 26.28 -63.45
N THR SB 16 -64.81 25.16 -63.35
CA THR SB 16 -66.19 25.16 -62.86
C THR SB 16 -66.28 24.79 -61.38
N LYS SB 17 -65.45 23.86 -60.92
CA LYS SB 17 -65.49 23.45 -59.53
C LYS SB 17 -64.87 24.51 -58.62
N LYS SB 18 -65.03 24.32 -57.32
CA LYS SB 18 -64.55 25.27 -56.33
C LYS SB 18 -63.13 24.92 -55.89
N PHE SB 19 -62.40 25.95 -55.47
CA PHE SB 19 -61.06 25.77 -54.90
C PHE SB 19 -61.21 25.50 -53.41
N ILE SB 20 -61.36 24.22 -53.08
CA ILE SB 20 -61.53 23.85 -51.67
C ILE SB 20 -60.21 23.99 -50.93
N ARG SB 21 -60.32 24.22 -49.62
CA ARG SB 21 -59.14 24.44 -48.80
C ARG SB 21 -58.37 23.14 -48.61
N HIS SB 22 -57.06 23.27 -48.42
CA HIS SB 22 -56.23 22.10 -48.19
C HIS SB 22 -56.58 21.42 -46.88
N GLN SB 23 -56.71 20.10 -46.92
CA GLN SB 23 -57.06 19.25 -45.78
C GLN SB 23 -58.40 19.64 -45.16
N SER SB 24 -59.29 20.26 -45.94
CA SER SB 24 -60.62 20.58 -45.43
C SER SB 24 -61.48 19.35 -45.29
N ASP SB 25 -61.15 18.27 -46.01
CA ASP SB 25 -61.91 17.03 -45.90
C ASP SB 25 -61.56 16.27 -44.63
N ARG SB 26 -60.30 16.31 -44.20
CA ARG SB 26 -59.86 15.51 -43.07
C ARG SB 26 -60.37 16.02 -41.74
N TYR SB 27 -60.89 17.24 -41.67
CA TYR SB 27 -61.35 17.80 -40.41
C TYR SB 27 -62.69 18.48 -40.62
N VAL SB 28 -63.47 18.51 -39.55
CA VAL SB 28 -64.73 19.25 -39.58
C VAL SB 28 -64.50 20.71 -39.20
N LYS SB 29 -63.51 20.99 -38.35
CA LYS SB 29 -63.21 22.34 -37.92
C LYS SB 29 -62.72 23.23 -39.05
N ILE SB 30 -62.34 22.66 -40.19
CA ILE SB 30 -61.88 23.43 -41.34
C ILE SB 30 -63.02 23.52 -42.33
N LYS SB 31 -63.51 24.73 -42.57
CA LYS SB 31 -64.59 24.90 -43.52
C LYS SB 31 -64.03 24.97 -44.94
N ARG SB 32 -64.92 24.85 -45.92
CA ARG SB 32 -64.51 24.79 -47.32
C ARG SB 32 -64.04 26.13 -47.86
N ASN SB 33 -64.12 27.20 -47.08
CA ASN SB 33 -63.60 28.49 -47.51
C ASN SB 33 -62.12 28.38 -47.80
N TRP SB 34 -61.69 28.98 -48.92
CA TRP SB 34 -60.30 28.89 -49.31
C TRP SB 34 -59.41 29.69 -48.38
N ARG SB 35 -58.27 29.10 -48.00
CA ARG SB 35 -57.23 29.80 -47.26
C ARG SB 35 -55.90 29.43 -47.88
N LYS SB 36 -55.06 30.43 -48.11
CA LYS SB 36 -53.78 30.19 -48.75
C LYS SB 36 -52.83 29.48 -47.78
N PRO SB 37 -52.31 28.30 -48.13
CA PRO SB 37 -51.37 27.63 -47.23
C PRO SB 37 -50.02 28.34 -47.26
N ARG SB 38 -49.48 28.61 -46.07
CA ARG SB 38 -48.20 29.29 -45.94
C ARG SB 38 -47.18 28.47 -45.18
N GLY SB 39 -47.44 27.17 -45.00
CA GLY SB 39 -46.51 26.33 -44.27
C GLY SB 39 -45.26 26.05 -45.07
N ILE SB 40 -44.18 25.72 -44.35
CA ILE SB 40 -42.89 25.46 -45.00
C ILE SB 40 -42.81 24.08 -45.63
N ASP SB 41 -43.71 23.17 -45.28
CA ASP SB 41 -43.72 21.84 -45.86
C ASP SB 41 -44.95 21.57 -46.71
N ASN SB 42 -45.73 22.60 -47.03
CA ASN SB 42 -47.03 22.39 -47.66
C ASN SB 42 -46.88 22.09 -49.14
N ARG SB 43 -47.13 20.83 -49.53
CA ARG SB 43 -46.98 20.43 -50.91
C ARG SB 43 -48.01 21.12 -51.81
N VAL SB 44 -49.16 21.48 -51.23
CA VAL SB 44 -50.13 22.26 -51.99
C VAL SB 44 -49.57 23.65 -52.29
N ARG SB 45 -48.94 24.29 -51.31
CA ARG SB 45 -48.30 25.58 -51.57
C ARG SB 45 -47.20 25.44 -52.60
N ARG SB 46 -46.38 24.39 -52.47
CA ARG SB 46 -45.30 24.18 -53.41
C ARG SB 46 -45.78 23.68 -54.76
N ARG SB 47 -47.07 23.38 -54.89
CA ARG SB 47 -47.68 22.98 -56.17
C ARG SB 47 -47.13 21.67 -56.69
N PHE SB 48 -46.98 20.68 -55.82
CA PHE SB 48 -46.61 19.34 -56.27
C PHE SB 48 -47.72 18.76 -57.12
N LYS SB 49 -47.35 17.84 -58.01
CA LYS SB 49 -48.33 17.25 -58.91
C LYS SB 49 -49.29 16.37 -58.13
N GLY SB 50 -50.53 16.30 -58.61
CA GLY SB 50 -51.53 15.47 -57.98
C GLY SB 50 -52.02 15.97 -56.64
N GLN SB 51 -52.02 17.28 -56.43
CA GLN SB 51 -52.49 17.86 -55.19
C GLN SB 51 -53.67 18.79 -55.49
N ILE SB 52 -54.13 19.51 -54.45
CA ILE SB 52 -55.21 20.45 -54.62
C ILE SB 52 -54.70 21.68 -55.35
N LEU SB 53 -55.42 22.08 -56.40
CA LEU SB 53 -55.02 23.26 -57.17
C LEU SB 53 -55.21 24.52 -56.35
N MET SB 54 -54.25 25.43 -56.46
CA MET SB 54 -54.34 26.71 -55.77
C MET SB 54 -54.90 27.76 -56.70
N PRO SB 55 -55.87 28.56 -56.26
CA PRO SB 55 -56.41 29.60 -57.13
C PRO SB 55 -55.36 30.66 -57.43
N ASN SB 56 -55.46 31.22 -58.64
CA ASN SB 56 -54.57 32.31 -59.05
C ASN SB 56 -55.26 33.08 -60.15
N ILE SB 57 -54.59 34.13 -60.61
CA ILE SB 57 -55.14 35.05 -61.60
C ILE SB 57 -55.48 34.36 -62.91
N GLY SB 58 -54.85 33.22 -63.20
CA GLY SB 58 -55.04 32.60 -64.49
C GLY SB 58 -56.45 32.08 -64.72
N TYR SB 59 -57.17 31.80 -63.65
CA TYR SB 59 -58.52 31.27 -63.75
C TYR SB 59 -59.57 32.36 -63.89
N GLY SB 60 -59.14 33.60 -64.09
CA GLY SB 60 -60.07 34.71 -64.24
C GLY SB 60 -60.99 34.54 -65.43
N SER SB 61 -62.28 34.74 -65.22
CA SER SB 61 -63.24 34.61 -66.31
C SER SB 61 -63.11 35.78 -67.28
N ASN SB 62 -63.74 35.62 -68.44
CA ASN SB 62 -63.68 36.65 -69.47
C ASN SB 62 -64.35 37.93 -69.01
N LYS SB 63 -63.80 39.06 -69.43
CA LYS SB 63 -64.36 40.36 -69.04
C LYS SB 63 -65.75 40.57 -69.62
N LYS SB 64 -65.96 40.13 -70.86
CA LYS SB 64 -67.29 40.30 -71.47
C LYS SB 64 -68.34 39.51 -70.73
N THR SB 65 -68.02 38.29 -70.31
CA THR SB 65 -69.00 37.40 -69.71
C THR SB 65 -68.91 37.34 -68.20
N LYS SB 66 -68.17 38.25 -67.58
CA LYS SB 66 -68.05 38.23 -66.13
C LYS SB 66 -69.37 38.59 -65.47
N HIS SB 67 -69.70 37.87 -64.40
CA HIS SB 67 -70.93 38.05 -63.63
C HIS SB 67 -72.18 37.85 -64.49
N MET SB 68 -72.07 37.13 -65.59
CA MET SB 68 -73.23 36.86 -66.44
C MET SB 68 -73.92 35.58 -65.98
N LEU SB 69 -75.21 35.68 -65.70
CA LEU SB 69 -75.98 34.52 -65.31
C LEU SB 69 -76.17 33.58 -66.49
N PRO SB 70 -76.44 32.29 -66.23
CA PRO SB 70 -76.70 31.36 -67.34
C PRO SB 70 -77.87 31.77 -68.21
N SER SB 71 -78.82 32.54 -67.68
CA SER SB 71 -79.87 33.11 -68.51
C SER SB 71 -79.35 34.18 -69.45
N GLY SB 72 -78.11 34.65 -69.27
CA GLY SB 72 -77.52 35.64 -70.13
C GLY SB 72 -77.55 37.04 -69.60
N PHE SB 73 -78.30 37.29 -68.53
CA PHE SB 73 -78.40 38.63 -67.96
C PHE SB 73 -77.36 38.79 -66.86
N ARG SB 74 -77.45 39.90 -66.13
CA ARG SB 74 -76.63 40.13 -64.95
C ARG SB 74 -77.55 40.58 -63.82
N LYS SB 75 -77.43 39.95 -62.66
CA LYS SB 75 -78.39 40.18 -61.60
C LYS SB 75 -78.12 41.51 -60.90
N PHE SB 76 -79.20 42.08 -60.35
CA PHE SB 76 -79.11 43.31 -59.58
C PHE SB 76 -80.11 43.23 -58.44
N LEU SB 77 -79.63 43.37 -57.22
CA LEU SB 77 -80.49 43.29 -56.05
C LEU SB 77 -81.37 44.53 -55.93
N VAL SB 78 -82.65 44.32 -55.62
CA VAL SB 78 -83.59 45.40 -55.37
C VAL SB 78 -84.32 45.13 -54.06
N HIS SB 79 -84.92 46.19 -53.54
CA HIS SB 79 -85.67 46.12 -52.29
C HIS SB 79 -87.09 46.64 -52.39
N ASN SB 80 -87.39 47.53 -53.34
CA ASN SB 80 -88.73 48.09 -53.46
C ASN SB 80 -88.95 48.52 -54.90
N VAL SB 81 -90.16 49.00 -55.17
CA VAL SB 81 -90.53 49.39 -56.53
C VAL SB 81 -89.73 50.59 -56.99
N LYS SB 82 -89.33 51.46 -56.06
CA LYS SB 82 -88.60 52.67 -56.42
C LYS SB 82 -87.28 52.35 -57.09
N GLU SB 83 -86.57 51.33 -56.59
CA GLU SB 83 -85.31 50.94 -57.18
C GLU SB 83 -85.49 50.12 -58.46
N LEU SB 84 -86.71 49.78 -58.82
CA LEU SB 84 -86.93 49.00 -60.04
C LEU SB 84 -86.77 49.84 -61.30
N GLU SB 85 -87.12 51.13 -61.22
CA GLU SB 85 -87.17 51.96 -62.43
C GLU SB 85 -85.79 52.32 -62.96
N VAL SB 86 -84.73 52.15 -62.18
CA VAL SB 86 -83.40 52.47 -62.69
C VAL SB 86 -82.98 51.49 -63.77
N LEU SB 87 -83.58 50.31 -63.81
CA LEU SB 87 -83.27 49.30 -64.81
C LEU SB 87 -84.21 49.36 -66.01
N LEU SB 88 -85.03 50.41 -66.09
CA LEU SB 88 -85.94 50.55 -67.22
C LEU SB 88 -85.19 50.68 -68.53
N MET SB 89 -84.07 51.41 -68.52
CA MET SB 89 -83.26 51.59 -69.71
C MET SB 89 -82.24 50.48 -69.91
N CYS SB 90 -82.23 49.47 -69.05
CA CYS SB 90 -81.28 48.38 -69.12
C CYS SB 90 -82.00 47.03 -69.14
N ASN SB 91 -83.04 46.94 -69.96
CA ASN SB 91 -83.84 45.71 -70.01
C ASN SB 91 -83.02 44.54 -70.50
N LYS SB 92 -82.32 44.70 -71.62
CA LYS SB 92 -81.60 43.59 -72.25
C LYS SB 92 -80.15 43.52 -71.82
N SER SB 93 -79.82 44.04 -70.65
CA SER SB 93 -78.48 43.89 -70.09
C SER SB 93 -78.46 43.51 -68.62
N TYR SB 94 -79.51 43.79 -67.87
CA TYR SB 94 -79.53 43.50 -66.45
C TYR SB 94 -80.92 43.02 -66.06
N CYS SB 95 -80.98 42.21 -65.01
CA CYS SB 95 -82.23 41.70 -64.47
C CYS SB 95 -82.27 41.92 -62.97
N ALA SB 96 -83.42 42.39 -62.49
CA ALA SB 96 -83.58 42.69 -61.08
C ALA SB 96 -84.09 41.47 -60.32
N GLU SB 97 -83.58 41.29 -59.11
CA GLU SB 97 -84.06 40.25 -58.23
C GLU SB 97 -84.37 40.86 -56.87
N ILE SB 98 -85.52 40.47 -56.31
CA ILE SB 98 -85.98 41.05 -55.05
C ILE SB 98 -85.19 40.45 -53.90
N ALA SB 99 -84.99 41.25 -52.85
CA ALA SB 99 -84.27 40.78 -51.68
C ALA SB 99 -85.08 39.72 -50.93
N HIS SB 100 -84.39 38.97 -50.08
CA HIS SB 100 -85.03 37.87 -49.36
C HIS SB 100 -85.95 38.38 -48.26
N ASN SB 101 -85.68 39.57 -47.72
CA ASN SB 101 -86.42 40.10 -46.60
C ASN SB 101 -87.63 40.93 -47.02
N VAL SB 102 -87.89 41.07 -48.32
CA VAL SB 102 -89.03 41.84 -48.77
C VAL SB 102 -90.31 41.03 -48.58
N SER SB 103 -91.34 41.67 -48.02
CA SER SB 103 -92.60 40.99 -47.75
C SER SB 103 -93.29 40.58 -49.04
N SER SB 104 -94.14 39.56 -48.92
CA SER SB 104 -94.85 39.06 -50.09
C SER SB 104 -95.81 40.11 -50.66
N LYS SB 105 -96.50 40.84 -49.78
CA LYS SB 105 -97.47 41.83 -50.23
C LYS SB 105 -96.81 43.00 -50.94
N ASN SB 106 -95.50 43.20 -50.73
CA ASN SB 106 -94.79 44.24 -51.47
C ASN SB 106 -94.15 43.68 -52.72
N ARG SB 107 -93.62 42.45 -52.64
CA ARG SB 107 -93.00 41.86 -53.81
C ARG SB 107 -94.02 41.51 -54.87
N LYS SB 108 -95.29 41.34 -54.51
CA LYS SB 108 -96.33 41.22 -55.53
C LYS SB 108 -96.41 42.48 -56.38
N ALA SB 109 -96.40 43.65 -55.74
CA ALA SB 109 -96.39 44.90 -56.48
C ALA SB 109 -95.10 45.09 -57.26
N ILE SB 110 -93.97 44.64 -56.70
CA ILE SB 110 -92.70 44.72 -57.42
C ILE SB 110 -92.76 43.90 -58.70
N VAL SB 111 -93.27 42.67 -58.60
CA VAL SB 111 -93.38 41.81 -59.77
C VAL SB 111 -94.37 42.40 -60.77
N GLU SB 112 -95.46 42.99 -60.26
CA GLU SB 112 -96.43 43.63 -61.15
C GLU SB 112 -95.81 44.78 -61.93
N ARG SB 113 -94.98 45.59 -61.27
CA ARG SB 113 -94.34 46.70 -61.96
C ARG SB 113 -93.29 46.20 -62.94
N ALA SB 114 -92.56 45.13 -62.57
CA ALA SB 114 -91.58 44.55 -63.47
C ALA SB 114 -92.24 43.96 -64.71
N ALA SB 115 -93.44 43.42 -64.57
CA ALA SB 115 -94.17 42.91 -65.73
C ALA SB 115 -94.48 44.02 -66.71
N GLN SB 116 -94.89 45.19 -66.21
CA GLN SB 116 -95.13 46.32 -67.10
C GLN SB 116 -93.84 46.78 -67.76
N LEU SB 117 -92.78 46.96 -66.96
CA LEU SB 117 -91.54 47.50 -67.51
C LEU SB 117 -90.75 46.51 -68.34
N ALA SB 118 -91.16 45.24 -68.36
CA ALA SB 118 -90.47 44.18 -69.10
C ALA SB 118 -89.01 44.06 -68.66
N ILE SB 119 -88.84 43.88 -67.36
CA ILE SB 119 -87.56 43.58 -66.76
C ILE SB 119 -87.62 42.18 -66.19
N ARG SB 120 -86.70 41.32 -66.59
CA ARG SB 120 -86.72 39.94 -66.14
C ARG SB 120 -86.42 39.85 -64.65
N VAL SB 121 -87.15 38.97 -63.97
CA VAL SB 121 -86.97 38.75 -62.53
C VAL SB 121 -86.53 37.32 -62.34
N THR SB 122 -85.45 37.12 -61.59
CA THR SB 122 -84.94 35.78 -61.38
C THR SB 122 -85.84 34.98 -60.45
N ASN SB 123 -86.53 35.64 -59.52
CA ASN SB 123 -87.47 34.98 -58.61
C ASN SB 123 -88.81 35.70 -58.64
N PRO SB 124 -89.58 35.53 -59.72
CA PRO SB 124 -90.91 36.14 -59.76
C PRO SB 124 -91.90 35.46 -58.85
N ASN SB 125 -91.73 34.18 -58.59
CA ASN SB 125 -92.60 33.41 -57.68
C ASN SB 125 -91.75 33.00 -56.48
N ALA SB 126 -91.67 33.90 -55.50
CA ALA SB 126 -90.78 33.71 -54.37
C ALA SB 126 -91.49 33.64 -53.03
N ARG SB 127 -92.75 34.06 -52.94
CA ARG SB 127 -93.50 33.96 -51.68
C ARG SB 127 -94.99 33.85 -52.03
N LEU SB 128 -95.48 32.62 -52.07
CA LEU SB 128 -96.88 32.37 -52.42
C LEU SB 128 -97.33 30.98 -51.97
N SER TB 1 -77.98 -4.62 -93.60
CA SER TB 1 -77.61 -6.01 -93.39
C SER TB 1 -76.10 -6.19 -93.50
N GLY TB 2 -75.37 -5.67 -92.51
CA GLY TB 2 -73.93 -5.81 -92.51
C GLY TB 2 -73.35 -5.03 -91.35
N ARG TB 3 -72.09 -5.37 -91.03
CA ARG TB 3 -71.43 -4.70 -89.92
C ARG TB 3 -71.23 -3.22 -90.21
N LEU TB 4 -70.78 -2.88 -91.41
CA LEU TB 4 -70.76 -1.54 -91.96
C LEU TB 4 -69.89 -0.56 -91.17
N TRP TB 5 -69.13 -1.02 -90.18
CA TRP TB 5 -68.13 -0.18 -89.55
C TRP TB 5 -66.95 -1.05 -89.14
N SER TB 6 -65.80 -0.41 -89.01
CA SER TB 6 -64.56 -1.12 -88.68
C SER TB 6 -64.44 -1.25 -87.17
N LYS TB 7 -64.01 -2.44 -86.73
CA LYS TB 7 -63.82 -2.69 -85.31
C LYS TB 7 -62.52 -2.05 -84.83
N ALA TB 8 -62.57 -1.39 -83.68
CA ALA TB 8 -61.37 -0.87 -83.03
C ALA TB 8 -61.46 -1.17 -81.55
N ILE TB 9 -60.30 -1.21 -80.90
CA ILE TB 9 -60.21 -1.50 -79.48
C ILE TB 9 -59.69 -0.24 -78.80
N PHE TB 10 -60.44 0.24 -77.81
CA PHE TB 10 -59.98 1.41 -77.05
C PHE TB 10 -58.87 0.99 -76.11
N ALA TB 11 -57.65 1.47 -76.36
CA ALA TB 11 -56.48 1.03 -75.63
C ALA TB 11 -56.05 1.99 -74.52
N GLY TB 12 -56.71 3.12 -74.36
CA GLY TB 12 -56.35 4.05 -73.31
C GLY TB 12 -56.09 5.45 -73.80
N TYR TB 13 -55.98 6.40 -72.87
CA TYR TB 13 -55.74 7.78 -73.24
C TYR TB 13 -54.31 7.98 -73.71
N LYS TB 14 -54.11 9.03 -74.51
CA LYS TB 14 -52.77 9.50 -74.80
C LYS TB 14 -52.09 9.93 -73.51
N ARG TB 15 -50.89 9.44 -73.27
CA ARG TB 15 -50.31 9.52 -71.95
C ARG TB 15 -48.79 9.51 -72.02
N GLY TB 16 -48.18 10.05 -70.97
CA GLY TB 16 -46.79 9.79 -70.67
C GLY TB 16 -46.67 8.65 -69.68
N LEU TB 17 -45.49 8.53 -69.09
CA LEU TB 17 -45.30 7.50 -68.07
C LEU TB 17 -46.10 7.81 -66.83
N ARG TB 18 -46.09 9.07 -66.39
CA ARG TB 18 -46.81 9.47 -65.19
C ARG TB 18 -47.77 10.62 -65.44
N ASN TB 19 -48.22 10.80 -66.69
CA ASN TB 19 -49.20 11.82 -67.01
C ASN TB 19 -50.19 11.25 -68.01
N GLN TB 20 -51.42 11.74 -67.98
CA GLN TB 20 -52.49 11.18 -68.79
C GLN TB 20 -53.35 12.32 -69.32
N ARG TB 21 -53.22 12.60 -70.61
CA ARG TB 21 -54.10 13.57 -71.27
C ARG TB 21 -55.40 12.84 -71.60
N GLU TB 22 -56.44 13.12 -70.81
CA GLU TB 22 -57.70 12.42 -70.98
C GLU TB 22 -58.50 12.94 -72.17
N HIS TB 23 -58.13 14.10 -72.72
CA HIS TB 23 -58.93 14.71 -73.77
C HIS TB 23 -58.86 13.98 -75.09
N THR TB 24 -57.90 13.07 -75.26
CA THR TB 24 -57.80 12.30 -76.48
C THR TB 24 -57.51 10.84 -76.14
N ALA TB 25 -57.91 9.95 -77.04
CA ALA TB 25 -57.88 8.52 -76.80
C ALA TB 25 -57.07 7.81 -77.86
N LEU TB 26 -56.64 6.60 -77.55
CA LEU TB 26 -55.90 5.76 -78.50
C LEU TB 26 -56.71 4.53 -78.84
N LEU TB 27 -56.76 4.22 -80.14
CA LEU TB 27 -57.51 3.07 -80.64
C LEU TB 27 -56.60 2.20 -81.49
N LYS TB 28 -56.84 0.89 -81.40
CA LYS TB 28 -56.20 -0.09 -82.27
C LYS TB 28 -57.26 -0.68 -83.18
N ILE TB 29 -57.22 -0.33 -84.46
CA ILE TB 29 -58.18 -0.81 -85.44
C ILE TB 29 -57.77 -2.22 -85.87
N GLU TB 30 -58.74 -3.13 -85.93
CA GLU TB 30 -58.44 -4.50 -86.30
C GLU TB 30 -57.88 -4.58 -87.72
N GLY TB 31 -56.82 -5.36 -87.89
CA GLY TB 31 -56.22 -5.56 -89.18
C GLY TB 31 -55.28 -4.46 -89.63
N VAL TB 32 -55.02 -3.46 -88.80
CA VAL TB 32 -54.15 -2.34 -89.15
C VAL TB 32 -52.95 -2.41 -88.23
N TYR TB 33 -51.81 -2.84 -88.76
CA TYR TB 33 -50.61 -3.01 -87.96
C TYR TB 33 -49.42 -2.25 -88.51
N ALA TB 34 -49.62 -1.35 -89.47
CA ALA TB 34 -48.55 -0.54 -90.02
C ALA TB 34 -49.00 0.90 -90.12
N ARG TB 35 -48.08 1.83 -89.82
CA ARG TB 35 -48.43 3.24 -89.82
C ARG TB 35 -48.84 3.73 -91.20
N ASP TB 36 -48.16 3.27 -92.24
CA ASP TB 36 -48.45 3.73 -93.59
C ASP TB 36 -49.80 3.25 -94.11
N GLU TB 37 -50.43 2.28 -93.45
CA GLU TB 37 -51.76 1.84 -93.84
C GLU TB 37 -52.87 2.49 -93.02
N THR TB 38 -52.53 3.44 -92.14
CA THR TB 38 -53.52 4.13 -91.33
C THR TB 38 -54.10 5.36 -92.03
N GLU TB 39 -53.64 5.67 -93.24
CA GLU TB 39 -54.11 6.89 -93.90
C GLU TB 39 -55.59 6.82 -94.22
N PHE TB 40 -56.11 5.62 -94.49
CA PHE TB 40 -57.51 5.48 -94.85
C PHE TB 40 -58.43 5.89 -93.71
N TYR TB 41 -58.12 5.51 -92.48
CA TYR TB 41 -59.01 5.78 -91.37
C TYR TB 41 -58.83 7.17 -90.80
N LEU TB 42 -57.88 7.94 -91.28
CA LEU TB 42 -57.70 9.29 -90.79
C LEU TB 42 -58.90 10.16 -91.15
N GLY TB 43 -59.41 10.88 -90.16
CA GLY TB 43 -60.57 11.73 -90.36
C GLY TB 43 -61.89 11.03 -90.28
N LYS TB 44 -61.90 9.70 -90.18
CA LYS TB 44 -63.16 8.97 -90.13
C LYS TB 44 -63.83 9.16 -88.77
N ARG TB 45 -65.16 9.25 -88.79
CA ARG TB 45 -65.92 9.36 -87.56
C ARG TB 45 -65.88 8.04 -86.81
N CYS TB 46 -65.85 8.12 -85.48
CA CYS TB 46 -65.82 6.95 -84.61
C CYS TB 46 -66.82 7.13 -83.48
N ALA TB 47 -67.35 6.01 -83.00
CA ALA TB 47 -68.42 6.01 -82.03
C ALA TB 47 -68.15 4.98 -80.95
N TYR TB 48 -68.46 5.35 -79.71
CA TYR TB 48 -68.46 4.43 -78.58
C TYR TB 48 -69.90 4.21 -78.16
N VAL TB 49 -70.35 2.96 -78.20
CA VAL TB 49 -71.74 2.62 -77.95
C VAL TB 49 -71.83 1.81 -76.67
N TYR TB 50 -72.70 2.24 -75.76
CA TYR TB 50 -72.92 1.53 -74.52
C TYR TB 50 -74.41 1.56 -74.17
N LYS TB 51 -74.75 0.87 -73.10
CA LYS TB 51 -76.13 0.79 -72.64
C LYS TB 51 -76.24 1.29 -71.21
N ALA TB 52 -77.35 1.96 -70.91
CA ALA TB 52 -77.59 2.55 -69.61
C ALA TB 52 -78.89 2.05 -69.05
N LYS TB 53 -79.16 2.41 -67.79
CA LYS TB 53 -80.40 2.02 -67.13
C LYS TB 53 -81.58 2.82 -67.67
N ASN TB 54 -81.40 4.14 -67.82
CA ASN TB 54 -82.49 4.99 -68.26
C ASN TB 54 -82.63 4.94 -69.77
N ASN TB 55 -83.87 4.91 -70.24
CA ASN TB 55 -84.13 4.93 -71.67
C ASN TB 55 -83.81 6.31 -72.23
N THR TB 56 -83.23 6.32 -73.43
CA THR TB 56 -82.94 7.56 -74.13
C THR TB 56 -83.49 7.49 -75.55
N VAL TB 57 -83.91 8.64 -76.06
CA VAL TB 57 -84.47 8.67 -77.41
C VAL TB 57 -83.39 8.37 -78.43
N THR TB 58 -83.84 8.06 -79.65
CA THR TB 58 -82.94 7.73 -80.74
C THR TB 58 -83.42 8.47 -81.98
N PRO TB 59 -82.53 9.14 -82.72
CA PRO TB 59 -82.95 9.81 -83.95
C PRO TB 59 -83.49 8.83 -84.97
N GLY TB 60 -84.74 9.03 -85.36
CA GLY TB 60 -85.40 8.11 -86.27
C GLY TB 60 -85.65 6.74 -85.68
N GLY TB 61 -86.09 6.68 -84.43
CA GLY TB 61 -86.38 5.41 -83.80
C GLY TB 61 -86.98 5.61 -82.44
N LYS TB 62 -87.52 4.52 -81.89
CA LYS TB 62 -88.10 4.56 -80.56
C LYS TB 62 -87.01 4.70 -79.51
N PRO TB 63 -87.33 5.29 -78.35
CA PRO TB 63 -86.34 5.38 -77.27
C PRO TB 63 -85.89 4.00 -76.80
N ASN TB 64 -84.61 3.90 -76.45
CA ASN TB 64 -84.02 2.64 -76.03
C ASN TB 64 -82.98 2.94 -74.96
N LYS TB 65 -82.26 1.90 -74.54
CA LYS TB 65 -81.23 2.03 -73.52
C LYS TB 65 -79.86 2.35 -74.10
N THR TB 66 -79.75 2.51 -75.42
CA THR TB 66 -78.45 2.70 -76.05
C THR TB 66 -78.05 4.16 -76.03
N ARG TB 67 -76.84 4.44 -75.56
CA ARG TB 67 -76.23 5.76 -75.62
C ARG TB 67 -74.94 5.66 -76.42
N VAL TB 68 -74.57 6.75 -77.08
CA VAL TB 68 -73.41 6.77 -77.96
C VAL TB 68 -72.62 8.05 -77.72
N ILE TB 69 -71.30 7.95 -77.79
CA ILE TB 69 -70.39 9.08 -77.72
C ILE TB 69 -69.66 9.17 -79.04
N TRP TB 70 -69.69 10.36 -79.65
CA TRP TB 70 -69.16 10.56 -80.99
C TRP TB 70 -67.76 11.17 -80.93
N GLY TB 71 -67.02 10.96 -82.00
CA GLY TB 71 -65.72 11.60 -82.14
C GLY TB 71 -65.19 11.30 -83.52
N LYS TB 72 -63.93 11.66 -83.74
CA LYS TB 72 -63.29 11.30 -85.00
C LYS TB 72 -61.83 10.97 -84.79
N VAL TB 73 -61.29 10.17 -85.70
CA VAL TB 73 -59.88 9.82 -85.69
C VAL TB 73 -59.07 10.96 -86.27
N THR TB 74 -58.04 11.39 -85.55
CA THR TB 74 -57.27 12.57 -85.91
C THR TB 74 -55.97 12.21 -86.64
N ARG TB 75 -55.14 11.39 -86.03
CA ARG TB 75 -53.82 11.12 -86.58
C ARG TB 75 -53.34 9.76 -86.12
N ALA TB 76 -52.24 9.31 -86.72
CA ALA TB 76 -51.64 8.04 -86.35
C ALA TB 76 -50.94 8.16 -85.01
N HIS TB 77 -50.55 7.00 -84.48
CA HIS TB 77 -49.84 6.96 -83.20
C HIS TB 77 -48.86 5.80 -83.26
N GLY TB 78 -47.57 6.11 -83.30
CA GLY TB 78 -46.55 5.09 -83.32
C GLY TB 78 -46.42 4.42 -84.67
N ASN TB 79 -45.52 3.45 -84.74
CA ASN TB 79 -45.26 2.70 -85.96
C ASN TB 79 -46.08 1.43 -86.07
N SER TB 80 -46.83 1.06 -85.04
CA SER TB 80 -47.60 -0.16 -85.05
C SER TB 80 -49.03 0.03 -85.54
N GLY TB 81 -49.39 1.24 -85.94
CA GLY TB 81 -50.70 1.47 -86.52
C GLY TB 81 -51.76 1.97 -85.56
N MET TB 82 -51.42 2.28 -84.32
CA MET TB 82 -52.38 2.87 -83.40
C MET TB 82 -52.78 4.26 -83.89
N VAL TB 83 -54.00 4.66 -83.55
CA VAL TB 83 -54.51 5.95 -84.00
C VAL TB 83 -55.02 6.73 -82.80
N ARG TB 84 -54.98 8.05 -82.93
CA ARG TB 84 -55.52 8.95 -81.92
C ARG TB 84 -56.91 9.39 -82.33
N ALA TB 85 -57.77 9.61 -81.35
CA ALA TB 85 -59.13 10.01 -81.60
C ALA TB 85 -59.53 11.10 -80.60
N LYS TB 86 -60.34 12.04 -81.09
CA LYS TB 86 -60.92 13.08 -80.27
C LYS TB 86 -62.41 12.85 -80.16
N PHE TB 87 -62.99 13.25 -79.04
CA PHE TB 87 -64.41 13.04 -78.79
C PHE TB 87 -65.04 14.30 -78.23
N ARG TB 88 -66.36 14.39 -78.38
CA ARG TB 88 -67.09 15.51 -77.80
C ARG TB 88 -67.03 15.47 -76.27
N SER TB 89 -66.94 14.29 -75.69
CA SER TB 89 -66.70 14.12 -74.26
C SER TB 89 -65.68 13.03 -74.07
N ASN TB 90 -64.79 13.22 -73.10
CA ASN TB 90 -63.74 12.25 -72.83
C ASN TB 90 -64.35 10.93 -72.39
N LEU TB 91 -63.86 9.83 -72.97
CA LEU TB 91 -64.47 8.54 -72.78
C LEU TB 91 -64.30 8.06 -71.33
N PRO TB 92 -65.28 7.31 -70.81
CA PRO TB 92 -65.12 6.74 -69.47
C PRO TB 92 -63.99 5.73 -69.44
N ALA TB 93 -63.31 5.67 -68.29
CA ALA TB 93 -62.15 4.79 -68.16
C ALA TB 93 -62.54 3.33 -68.05
N LYS TB 94 -63.81 3.02 -67.83
CA LYS TB 94 -64.23 1.62 -67.80
C LYS TB 94 -64.31 1.01 -69.20
N ALA TB 95 -64.22 1.83 -70.23
CA ALA TB 95 -64.33 1.35 -71.61
C ALA TB 95 -62.99 0.90 -72.18
N ILE TB 96 -61.91 0.94 -71.40
CA ILE TB 96 -60.62 0.50 -71.91
C ILE TB 96 -60.67 -0.98 -72.22
N GLY TB 97 -60.24 -1.33 -73.43
CA GLY TB 97 -60.35 -2.70 -73.88
C GLY TB 97 -61.71 -3.08 -74.40
N HIS TB 98 -62.49 -2.12 -74.88
CA HIS TB 98 -63.80 -2.39 -75.44
C HIS TB 98 -63.86 -1.87 -76.88
N ARG TB 99 -65.04 -2.00 -77.47
CA ARG TB 99 -65.22 -1.82 -78.90
C ARG TB 99 -65.52 -0.36 -79.24
N ILE TB 100 -64.90 0.11 -80.32
CA ILE TB 100 -65.18 1.41 -80.91
C ILE TB 100 -65.46 1.17 -82.39
N ARG TB 101 -66.51 1.80 -82.91
CA ARG TB 101 -66.84 1.64 -84.31
C ARG TB 101 -66.26 2.78 -85.13
N VAL TB 102 -65.65 2.44 -86.26
CA VAL TB 102 -65.19 3.43 -87.22
C VAL TB 102 -66.21 3.43 -88.35
N MET TB 103 -66.99 4.51 -88.44
CA MET TB 103 -68.22 4.50 -89.22
C MET TB 103 -67.99 4.61 -90.72
N LEU TB 104 -66.78 4.96 -91.15
CA LEU TB 104 -66.42 5.21 -92.54
C LEU TB 104 -67.20 6.36 -93.17
N TYR TB 105 -67.81 7.22 -92.34
CA TYR TB 105 -68.69 8.26 -92.88
C TYR TB 105 -67.97 9.27 -93.75
N PRO TB 106 -66.85 9.87 -93.34
CA PRO TB 106 -66.20 10.83 -94.26
C PRO TB 106 -65.23 10.14 -95.24
N SER TB 107 -65.81 9.53 -96.27
CA SER TB 107 -65.00 8.79 -97.24
C SER TB 107 -64.26 9.76 -98.16
N ARG TB 108 -62.96 9.56 -98.29
CA ARG TB 108 -62.13 10.35 -99.18
C ARG TB 108 -61.76 9.61 -100.45
N ILE TB 109 -62.38 8.45 -100.71
CA ILE TB 109 -62.07 7.67 -101.88
C ILE TB 109 -63.12 7.92 -102.96
N VAL UB 1 -69.55 -15.31 33.33
CA VAL UB 1 -69.35 -14.13 34.17
C VAL UB 1 -69.88 -12.90 33.44
N GLN UB 2 -70.36 -11.93 34.22
CA GLN UB 2 -70.89 -10.68 33.67
C GLN UB 2 -69.82 -9.61 33.84
N ARG UB 3 -69.23 -9.19 32.72
CA ARG UB 3 -68.18 -8.18 32.75
C ARG UB 3 -68.78 -6.83 33.14
N LEU UB 4 -67.92 -5.95 33.63
CA LEU UB 4 -68.35 -4.69 34.22
C LEU UB 4 -67.90 -3.50 33.38
N THR UB 5 -68.46 -2.34 33.70
CA THR UB 5 -68.15 -1.10 33.01
C THR UB 5 -68.08 0.03 34.03
N TYR UB 6 -67.44 1.13 33.62
CA TYR UB 6 -67.42 2.32 34.44
C TYR UB 6 -68.81 2.94 34.53
N ARG UB 7 -68.99 3.78 35.55
CA ARG UB 7 -70.23 4.52 35.69
C ARG UB 7 -70.08 6.02 35.47
N ARG UB 8 -68.88 6.56 35.59
CA ARG UB 8 -68.60 7.95 35.30
C ARG UB 8 -67.87 8.06 33.97
N ARG UB 9 -67.77 9.29 33.47
CA ARG UB 9 -67.19 9.53 32.16
C ARG UB 9 -65.68 9.44 32.15
N LEU UB 10 -65.03 9.35 33.31
CA LEU UB 10 -63.60 9.13 33.34
C LEU UB 10 -63.30 7.73 32.85
N SER UB 11 -62.44 7.62 31.83
CA SER UB 11 -62.16 6.35 31.19
C SER UB 11 -60.67 6.00 31.26
N TYR UB 12 -59.98 6.48 32.27
CA TYR UB 12 -58.58 6.14 32.48
C TYR UB 12 -58.38 5.73 33.93
N ASN UB 13 -57.47 4.79 34.13
CA ASN UB 13 -57.23 4.21 35.46
C ASN UB 13 -56.39 5.14 36.32
N THR UB 14 -56.92 6.34 36.54
CA THR UB 14 -56.22 7.35 37.32
C THR UB 14 -56.31 7.03 38.81
N ALA UB 15 -55.56 7.80 39.60
CA ALA UB 15 -55.57 7.61 41.04
C ALA UB 15 -56.93 7.93 41.64
N SER UB 16 -57.62 8.94 41.13
CA SER UB 16 -58.94 9.32 41.62
C SER UB 16 -60.06 8.55 40.94
N ASN UB 17 -59.75 7.41 40.33
CA ASN UB 17 -60.75 6.59 39.66
C ASN UB 17 -60.78 5.16 40.20
N LYS UB 18 -60.31 4.95 41.42
CA LYS UB 18 -60.24 3.60 41.99
C LYS UB 18 -61.65 3.10 42.29
N THR UB 19 -61.95 1.89 41.85
CA THR UB 19 -63.27 1.30 42.02
C THR UB 19 -63.16 -0.04 42.73
N ARG UB 20 -64.22 -0.42 43.42
CA ARG UB 20 -64.32 -1.72 44.04
C ARG UB 20 -65.64 -2.37 43.64
N LEU UB 21 -65.62 -3.69 43.56
CA LEU UB 21 -66.79 -4.45 43.14
C LEU UB 21 -67.77 -4.58 44.30
N SER UB 22 -69.05 -4.58 43.96
CA SER UB 22 -70.09 -4.77 44.97
C SER UB 22 -71.28 -5.46 44.32
N ARG UB 23 -72.10 -6.09 45.15
CA ARG UB 23 -73.27 -6.83 44.69
C ARG UB 23 -74.52 -6.18 45.24
N THR UB 24 -75.38 -5.71 44.34
CA THR UB 24 -76.63 -5.07 44.69
C THR UB 24 -77.67 -6.11 45.10
N PRO UB 25 -78.74 -5.69 45.77
CA PRO UB 25 -79.87 -6.60 45.98
C PRO UB 25 -80.51 -7.06 44.69
N GLY UB 26 -80.27 -6.35 43.59
CA GLY UB 26 -80.76 -6.79 42.29
C GLY UB 26 -79.98 -7.93 41.68
N ASN UB 27 -79.02 -8.49 42.42
CA ASN UB 27 -78.19 -9.61 41.97
C ASN UB 27 -77.39 -9.24 40.73
N ARG UB 28 -76.63 -8.17 40.84
CA ARG UB 28 -75.73 -7.75 39.78
C ARG UB 28 -74.49 -7.14 40.41
N ILE UB 29 -73.41 -7.08 39.63
CA ILE UB 29 -72.12 -6.62 40.10
C ILE UB 29 -71.90 -5.21 39.55
N VAL UB 30 -71.54 -4.29 40.43
CA VAL UB 30 -71.34 -2.89 40.04
C VAL UB 30 -70.07 -2.36 40.68
N TYR UB 31 -69.58 -1.25 40.12
CA TYR UB 31 -68.45 -0.55 40.69
C TYR UB 31 -68.91 0.50 41.71
N LEU UB 32 -68.10 0.69 42.73
CA LEU UB 32 -68.26 1.78 43.67
C LEU UB 32 -66.93 2.52 43.75
N TYR UB 33 -66.97 3.84 43.58
CA TYR UB 33 -65.75 4.63 43.49
C TYR UB 33 -65.23 4.85 44.91
N THR UB 34 -64.13 4.18 45.24
CA THR UB 34 -63.63 4.20 46.60
C THR UB 34 -62.96 5.53 46.93
N LYS UB 35 -63.15 5.99 48.16
CA LYS UB 35 -62.41 7.13 48.65
C LYS UB 35 -60.94 6.77 48.82
N LYS UB 36 -60.09 7.77 48.64
CA LYS UB 36 -58.66 7.56 48.87
C LYS UB 36 -58.43 7.27 50.35
N VAL UB 37 -57.37 6.50 50.62
CA VAL UB 37 -57.02 6.12 51.98
C VAL UB 37 -56.16 7.22 52.58
N GLY UB 38 -56.65 7.82 53.66
CA GLY UB 38 -55.90 8.85 54.35
C GLY UB 38 -54.81 8.26 55.21
N LYS UB 39 -53.99 9.16 55.75
CA LYS UB 39 -52.88 8.77 56.59
C LYS UB 39 -53.02 9.41 57.96
N ALA UB 40 -52.59 8.67 58.99
CA ALA UB 40 -52.56 9.23 60.33
C ALA UB 40 -51.53 10.34 60.41
N PRO UB 41 -51.77 11.35 61.25
CA PRO UB 41 -50.80 12.45 61.36
C PRO UB 41 -49.44 11.97 61.83
N LYS UB 42 -48.40 12.55 61.27
CA LYS UB 42 -47.05 12.19 61.66
C LYS UB 42 -46.63 12.96 62.90
N SER UB 43 -45.58 12.47 63.55
CA SER UB 43 -45.08 13.12 64.74
C SER UB 43 -44.41 14.44 64.39
N ALA UB 44 -44.80 15.51 65.10
CA ALA UB 44 -44.26 16.83 64.82
C ALA UB 44 -42.77 16.92 65.11
N CYS UB 45 -42.25 16.06 65.98
CA CYS UB 45 -40.81 15.99 66.16
C CYS UB 45 -40.11 15.56 64.88
N GLY UB 46 -40.67 14.59 64.18
CA GLY UB 46 -40.10 14.13 62.94
C GLY UB 46 -38.95 13.15 63.08
N VAL UB 47 -38.64 12.71 64.29
CA VAL UB 47 -37.53 11.78 64.49
C VAL UB 47 -38.05 10.36 64.33
N CYS UB 48 -38.96 9.96 65.21
CA CYS UB 48 -39.53 8.63 65.13
C CYS UB 48 -40.46 8.51 63.91
N PRO UB 49 -40.40 7.40 63.18
CA PRO UB 49 -41.09 7.34 61.89
C PRO UB 49 -42.54 6.92 62.00
N GLY UB 50 -42.90 6.26 63.11
CA GLY UB 50 -44.24 5.73 63.24
C GLY UB 50 -45.27 6.85 63.30
N ARG UB 51 -46.41 6.61 62.67
CA ARG UB 51 -47.49 7.57 62.71
C ARG UB 51 -48.20 7.52 64.06
N LEU UB 52 -48.99 8.55 64.32
CA LEU UB 52 -49.62 8.69 65.63
C LEU UB 52 -50.72 7.65 65.82
N ARG UB 53 -51.17 7.52 67.05
CA ARG UB 53 -52.21 6.59 67.42
C ARG UB 53 -53.36 7.33 68.10
N GLY UB 54 -54.54 6.72 68.06
CA GLY UB 54 -55.71 7.33 68.65
C GLY UB 54 -56.35 8.40 67.81
N VAL UB 55 -55.85 8.63 66.60
CA VAL UB 55 -56.36 9.67 65.70
C VAL UB 55 -56.82 9.00 64.42
N ARG UB 56 -58.08 9.26 64.03
CA ARG UB 56 -58.62 8.66 62.82
C ARG UB 56 -57.89 9.19 61.59
N ALA UB 57 -57.64 8.30 60.64
CA ALA UB 57 -56.94 8.65 59.41
C ALA UB 57 -57.95 8.72 58.27
N VAL UB 58 -58.31 9.94 57.90
CA VAL UB 58 -59.28 10.19 56.85
C VAL UB 58 -58.70 11.21 55.87
N ARG UB 59 -59.49 11.57 54.88
CA ARG UB 59 -59.09 12.64 53.98
C ARG UB 59 -59.06 13.96 54.74
N PRO UB 60 -58.21 14.91 54.32
CA PRO UB 60 -58.06 16.14 55.09
C PRO UB 60 -59.34 16.94 55.28
N LYS UB 61 -60.21 16.97 54.26
CA LYS UB 61 -61.43 17.77 54.39
C LYS UB 61 -62.46 17.12 55.28
N VAL UB 62 -62.31 15.82 55.57
CA VAL UB 62 -63.23 15.15 56.48
C VAL UB 62 -63.00 15.60 57.92
N LEU UB 63 -61.79 16.09 58.23
CA LEU UB 63 -61.50 16.54 59.59
C LEU UB 63 -62.36 17.73 60.01
N MET UB 64 -62.91 18.46 59.04
CA MET UB 64 -63.85 19.53 59.38
C MET UB 64 -65.10 18.97 60.04
N ARG UB 65 -65.64 17.87 59.51
CA ARG UB 65 -66.86 17.30 60.04
C ARG UB 65 -66.60 16.24 61.10
N LEU UB 66 -65.36 15.82 61.30
CA LEU UB 66 -65.04 14.92 62.39
C LEU UB 66 -65.12 15.65 63.73
N SER UB 67 -65.43 14.88 64.77
CA SER UB 67 -65.53 15.46 66.11
C SER UB 67 -64.16 15.84 66.64
N LYS UB 68 -64.15 16.76 67.61
CA LYS UB 68 -62.90 17.22 68.19
C LYS UB 68 -62.19 16.10 68.93
N THR UB 69 -62.95 15.25 69.63
CA THR UB 69 -62.35 14.17 70.41
C THR UB 69 -61.58 13.21 69.53
N LYS UB 70 -62.15 12.84 68.38
CA LYS UB 70 -61.50 11.87 67.50
C LYS UB 70 -60.22 12.39 66.89
N LYS UB 71 -60.05 13.70 66.80
CA LYS UB 71 -58.90 14.26 66.09
C LYS UB 71 -57.65 14.35 66.95
N HIS UB 72 -57.79 14.54 68.25
CA HIS UB 72 -56.64 14.80 69.10
C HIS UB 72 -56.62 13.84 70.29
N VAL UB 73 -55.53 13.86 71.02
CA VAL UB 73 -55.30 12.99 72.17
C VAL UB 73 -55.21 13.85 73.42
N SER UB 74 -55.82 13.40 74.51
CA SER UB 74 -55.89 14.16 75.74
C SER UB 74 -54.52 14.15 76.41
N ARG UB 75 -53.63 14.99 75.89
CA ARG UB 75 -52.27 15.13 76.40
C ARG UB 75 -51.70 16.41 75.81
N ALA UB 76 -50.73 16.98 76.52
CA ALA UB 76 -49.99 18.10 75.97
C ALA UB 76 -49.32 17.68 74.66
N TYR UB 77 -49.47 18.51 73.64
CA TYR UB 77 -49.07 18.19 72.27
C TYR UB 77 -49.76 16.93 71.76
N GLY UB 78 -50.93 16.61 72.30
CA GLY UB 78 -51.64 15.41 71.88
C GLY UB 78 -52.26 15.61 70.52
N GLY UB 79 -52.10 14.61 69.65
CA GLY UB 79 -52.57 14.70 68.30
C GLY UB 79 -51.60 15.36 67.35
N SER UB 80 -50.49 15.90 67.85
CA SER UB 80 -49.46 16.48 67.01
C SER UB 80 -48.09 15.86 67.24
N MET UB 81 -47.77 15.52 68.49
CA MET UB 81 -46.48 14.91 68.81
C MET UB 81 -46.70 13.71 69.71
N CYS UB 82 -45.81 12.72 69.55
CA CYS UB 82 -45.93 11.45 70.24
C CYS UB 82 -45.54 11.57 71.70
N ALA UB 83 -46.07 10.64 72.50
CA ALA UB 83 -45.88 10.68 73.95
C ALA UB 83 -44.41 10.53 74.32
N LYS UB 84 -43.69 9.63 73.65
CA LYS UB 84 -42.30 9.38 73.98
C LYS UB 84 -41.46 10.64 73.80
N CYS UB 85 -41.57 11.28 72.64
CA CYS UB 85 -40.81 12.49 72.41
C CYS UB 85 -41.31 13.65 73.25
N VAL UB 86 -42.59 13.63 73.67
CA VAL UB 86 -43.06 14.62 74.63
C VAL UB 86 -42.34 14.48 75.95
N ARG UB 87 -42.21 13.25 76.47
CA ARG UB 87 -41.43 13.04 77.68
C ARG UB 87 -39.98 13.45 77.47
N ASP UB 88 -39.43 13.17 76.29
CA ASP UB 88 -38.07 13.57 75.98
C ASP UB 88 -37.91 15.08 76.10
N ARG UB 89 -38.84 15.84 75.52
CA ARG UB 89 -38.74 17.28 75.58
C ARG UB 89 -38.95 17.83 76.99
N ILE UB 90 -39.84 17.22 77.76
CA ILE UB 90 -40.03 17.65 79.16
C ILE UB 90 -38.73 17.47 79.93
N LYS UB 91 -38.13 16.29 79.83
CA LYS UB 91 -36.88 16.05 80.55
C LYS UB 91 -35.78 16.98 80.06
N ARG UB 92 -35.69 17.20 78.74
CA ARG UB 92 -34.64 18.06 78.21
C ARG UB 92 -34.79 19.48 78.71
N ALA UB 93 -36.01 20.01 78.68
CA ALA UB 93 -36.23 21.37 79.16
C ALA UB 93 -35.90 21.51 80.63
N PHE UB 94 -36.35 20.56 81.45
CA PHE UB 94 -36.08 20.67 82.88
C PHE UB 94 -34.59 20.57 83.16
N LEU UB 95 -33.91 19.64 82.50
CA LEU UB 95 -32.49 19.45 82.75
C LEU UB 95 -31.67 20.65 82.27
N ILE UB 96 -32.06 21.26 81.16
CA ILE UB 96 -31.30 22.41 80.68
C ILE UB 96 -31.55 23.63 81.55
N GLU UB 97 -32.77 23.77 82.08
CA GLU UB 97 -32.99 24.81 83.09
C GLU UB 97 -32.11 24.58 84.32
N GLU UB 98 -32.00 23.32 84.75
CA GLU UB 98 -31.10 23.00 85.84
C GLU UB 98 -29.66 23.36 85.50
N GLN UB 99 -29.27 23.12 84.24
CA GLN UB 99 -27.92 23.47 83.78
C GLN UB 99 -27.68 24.97 83.85
N LYS UB 100 -28.68 25.76 83.46
CA LYS UB 100 -28.55 27.21 83.58
C LYS UB 100 -28.41 27.63 85.03
N ILE UB 101 -29.16 27.00 85.93
CA ILE UB 101 -28.97 27.27 87.36
C ILE UB 101 -27.55 26.92 87.79
N VAL UB 102 -27.03 25.79 87.29
CA VAL UB 102 -25.69 25.35 87.65
C VAL UB 102 -24.65 26.39 87.22
N VAL UB 103 -24.75 26.87 85.97
CA VAL UB 103 -23.76 27.83 85.50
C VAL UB 103 -23.91 29.18 86.19
N LYS UB 104 -25.14 29.56 86.56
CA LYS UB 104 -25.31 30.78 87.33
C LYS UB 104 -24.62 30.68 88.68
N VAL UB 105 -24.79 29.55 89.37
CA VAL UB 105 -24.11 29.35 90.64
C VAL UB 105 -22.59 29.29 90.45
N LEU UB 106 -22.15 28.69 89.35
CA LEU UB 106 -20.72 28.56 89.08
C LEU UB 106 -20.05 29.92 88.89
N LYS UB 107 -20.71 30.83 88.18
CA LYS UB 107 -20.15 32.16 88.06
C LYS UB 107 -20.38 33.01 89.32
N ALA UB 108 -21.43 32.71 90.10
CA ALA UB 108 -21.67 33.46 91.32
C ALA UB 108 -20.62 33.15 92.38
N GLN UB 109 -20.16 31.90 92.43
CA GLN UB 109 -19.06 31.60 93.35
C GLN UB 109 -17.74 32.13 92.83
N ALA UB 110 -17.59 32.23 91.50
CA ALA UB 110 -16.35 32.74 90.93
C ALA UB 110 -16.20 34.24 91.15
N GLN UB 111 -17.30 34.98 91.08
CA GLN UB 111 -17.24 36.43 91.24
C GLN UB 111 -16.99 36.86 92.68
N SER UB 112 -16.70 35.93 93.60
CA SER UB 112 -16.35 36.30 94.96
C SER UB 112 -14.97 36.95 95.04
N GLN UB 113 -14.08 36.66 94.09
CA GLN UB 113 -12.76 37.26 94.02
C GLN UB 113 -12.73 38.26 92.88
N LYS UB 114 -12.27 39.48 93.18
CA LYS UB 114 -12.21 40.54 92.18
C LYS UB 114 -11.08 40.28 91.21
N ALA VB 1 -111.78 46.42 16.93
CA ALA VB 1 -111.01 45.40 17.61
C ALA VB 1 -109.53 45.74 17.61
N LYS VB 2 -109.23 47.03 17.68
CA LYS VB 2 -107.85 47.51 17.67
C LYS VB 2 -107.72 48.65 18.68
N ILE VB 3 -106.49 48.91 19.08
CA ILE VB 3 -106.19 50.04 19.94
C ILE VB 3 -105.31 51.02 19.17
N LYS VB 4 -105.47 52.30 19.48
CA LYS VB 4 -104.81 53.37 18.76
C LYS VB 4 -103.73 53.99 19.64
N ALA VB 5 -103.03 54.97 19.09
CA ALA VB 5 -101.91 55.60 19.78
C ALA VB 5 -102.26 56.97 20.33
N ARG VB 6 -102.99 57.79 19.55
CA ARG VB 6 -103.30 59.14 20.01
C ARG VB 6 -104.24 59.14 21.21
N ASP VB 7 -105.12 58.14 21.28
CA ASP VB 7 -106.07 58.09 22.39
C ASP VB 7 -105.37 57.69 23.70
N LEU VB 8 -104.36 56.83 23.60
CA LEU VB 8 -103.68 56.35 24.80
C LEU VB 8 -102.85 57.43 25.48
N ARG VB 9 -102.60 58.56 24.81
CA ARG VB 9 -101.76 59.60 25.40
C ARG VB 9 -102.43 60.31 26.56
N GLY VB 10 -103.76 60.20 26.69
CA GLY VB 10 -104.45 60.81 27.79
C GLY VB 10 -104.54 59.98 29.06
N LYS VB 11 -104.09 58.73 29.02
CA LYS VB 11 -104.20 57.85 30.17
C LYS VB 11 -103.06 58.11 31.16
N LYS VB 12 -103.08 57.34 32.25
CA LYS VB 12 -102.06 57.40 33.27
C LYS VB 12 -101.29 56.09 33.35
N LYS VB 13 -100.26 56.09 34.20
CA LYS VB 13 -99.32 54.97 34.24
C LYS VB 13 -99.96 53.68 34.71
N GLU VB 14 -100.83 53.76 35.72
CA GLU VB 14 -101.41 52.55 36.29
C GLU VB 14 -102.32 51.84 35.29
N GLU VB 15 -103.25 52.58 34.68
CA GLU VB 15 -104.13 51.97 33.70
C GLU VB 15 -103.39 51.59 32.42
N LEU VB 16 -102.35 52.34 32.05
CA LEU VB 16 -101.52 51.93 30.92
C LEU VB 16 -100.84 50.60 31.19
N LEU VB 17 -100.32 50.42 32.40
CA LEU VB 17 -99.68 49.16 32.77
C LEU VB 17 -100.71 48.02 32.82
N LYS VB 18 -101.90 48.30 33.31
CA LYS VB 18 -102.95 47.28 33.34
C LYS VB 18 -103.32 46.86 31.92
N GLN VB 19 -103.45 47.83 31.01
CA GLN VB 19 -103.75 47.52 29.62
C GLN VB 19 -102.63 46.70 28.99
N LEU VB 20 -101.38 47.02 29.32
CA LEU VB 20 -100.25 46.25 28.83
C LEU VB 20 -100.30 44.81 29.37
N ASP VB 21 -100.62 44.66 30.66
CA ASP VB 21 -100.65 43.33 31.26
C ASP VB 21 -101.74 42.46 30.67
N ASP VB 22 -102.90 43.04 30.38
CA ASP VB 22 -103.95 42.28 29.70
C ASP VB 22 -103.48 41.79 28.34
N LEU VB 23 -102.78 42.66 27.59
CA LEU VB 23 -102.26 42.25 26.31
C LEU VB 23 -101.23 41.13 26.46
N LYS VB 24 -100.39 41.21 27.50
CA LYS VB 24 -99.40 40.17 27.72
C LYS VB 24 -100.05 38.82 28.02
N VAL VB 25 -101.05 38.81 28.89
CA VAL VB 25 -101.68 37.52 29.23
C VAL VB 25 -102.44 36.98 28.02
N GLU VB 26 -103.07 37.85 27.23
CA GLU VB 26 -103.75 37.37 26.04
C GLU VB 26 -102.76 36.83 25.02
N LEU VB 27 -101.59 37.45 24.90
CA LEU VB 27 -100.55 36.92 24.03
C LEU VB 27 -100.07 35.56 24.51
N SER VB 28 -99.94 35.39 25.82
CA SER VB 28 -99.53 34.10 26.36
C SER VB 28 -100.53 33.01 26.01
N GLN VB 29 -101.81 33.31 26.19
CA GLN VB 29 -102.83 32.33 25.81
C GLN VB 29 -102.87 32.08 24.30
N LEU VB 30 -102.59 33.11 23.50
CA LEU VB 30 -102.53 32.88 22.06
C LEU VB 30 -101.35 31.99 21.69
N ARG VB 31 -100.22 32.15 22.36
CA ARG VB 31 -99.10 31.24 22.12
C ARG VB 31 -99.44 29.81 22.55
N VAL VB 32 -100.18 29.67 23.65
CA VAL VB 32 -100.66 28.35 24.05
C VAL VB 32 -101.52 27.74 22.95
N ALA VB 33 -102.41 28.55 22.37
CA ALA VB 33 -103.23 28.08 21.25
C ALA VB 33 -102.37 27.71 20.05
N LYS VB 34 -101.31 28.47 19.80
CA LYS VB 34 -100.38 28.14 18.72
C LYS VB 34 -99.74 26.77 18.93
N VAL VB 35 -99.31 26.48 20.16
CA VAL VB 35 -98.73 25.17 20.44
C VAL VB 35 -99.77 24.07 20.29
N THR VB 36 -100.98 24.29 20.81
CA THR VB 36 -102.04 23.30 20.72
C THR VB 36 -102.78 23.34 19.39
N GLY VB 37 -102.24 24.03 18.40
CA GLY VB 37 -102.86 24.07 17.09
C GLY VB 37 -103.79 25.25 16.90
N GLY VB 38 -104.93 25.22 17.58
CA GLY VB 38 -105.88 26.32 17.48
C GLY VB 38 -106.41 26.49 16.07
N ALA VB 39 -106.65 27.75 15.70
CA ALA VB 39 -107.18 28.07 14.38
C ALA VB 39 -106.49 29.33 13.86
N ALA VB 40 -106.60 29.52 12.55
CA ALA VB 40 -105.97 30.66 11.90
C ALA VB 40 -106.51 31.98 12.43
N SER VB 41 -107.76 32.01 12.89
CA SER VB 41 -108.32 33.24 13.46
C SER VB 41 -107.55 33.66 14.70
N LYS VB 42 -107.18 32.70 15.54
CA LYS VB 42 -106.36 33.02 16.70
C LYS VB 42 -104.90 33.23 16.32
N LEU VB 43 -104.40 32.52 15.30
CA LEU VB 43 -103.01 32.67 14.91
C LEU VB 43 -102.73 34.07 14.38
N SER VB 44 -103.62 34.59 13.53
CA SER VB 44 -103.38 35.88 12.92
C SER VB 44 -103.48 37.02 13.93
N LYS VB 45 -104.14 36.82 15.05
CA LYS VB 45 -104.28 37.88 16.04
C LYS VB 45 -103.02 38.05 16.88
N ILE VB 46 -102.06 37.12 16.77
CA ILE VB 46 -100.82 37.23 17.52
C ILE VB 46 -100.06 38.49 17.11
N ARG VB 47 -100.00 38.75 15.81
CA ARG VB 47 -99.32 39.96 15.33
C ARG VB 47 -100.03 41.22 15.83
N VAL VB 48 -101.36 41.21 15.84
CA VAL VB 48 -102.11 42.36 16.32
C VAL VB 48 -101.80 42.62 17.79
N VAL VB 49 -101.79 41.55 18.59
CA VAL VB 49 -101.49 41.72 20.02
C VAL VB 49 -100.05 42.18 20.22
N ARG VB 50 -99.12 41.64 19.42
CA ARG VB 50 -97.72 42.03 19.55
C ARG VB 50 -97.53 43.52 19.25
N LYS VB 51 -98.13 43.98 18.15
CA LYS VB 51 -98.03 45.39 17.82
C LYS VB 51 -98.77 46.27 18.81
N SER VB 52 -99.85 45.77 19.42
CA SER VB 52 -100.51 46.54 20.48
C SER VB 52 -99.60 46.68 21.69
N ILE VB 53 -98.88 45.61 22.04
CA ILE VB 53 -97.92 45.67 23.14
C ILE VB 53 -96.83 46.68 22.83
N ALA VB 54 -96.33 46.65 21.59
CA ALA VB 54 -95.31 47.61 21.18
C ALA VB 54 -95.84 49.04 21.28
N ARG VB 55 -97.09 49.24 20.87
CA ARG VB 55 -97.70 50.56 20.93
C ARG VB 55 -97.81 51.06 22.35
N VAL VB 56 -98.29 50.22 23.26
CA VAL VB 56 -98.42 50.64 24.65
C VAL VB 56 -97.05 50.95 25.24
N LEU VB 57 -96.07 50.10 24.97
CA LEU VB 57 -94.74 50.31 25.53
C LEU VB 57 -94.11 51.59 25.00
N THR VB 58 -94.26 51.87 23.71
CA THR VB 58 -93.65 53.09 23.20
C THR VB 58 -94.39 54.33 23.67
N VAL VB 59 -95.70 54.23 23.92
CA VAL VB 59 -96.41 55.36 24.51
C VAL VB 59 -95.90 55.62 25.91
N ILE VB 60 -95.71 54.56 26.71
CA ILE VB 60 -95.19 54.72 28.07
C ILE VB 60 -93.81 55.34 28.03
N ASN VB 61 -92.95 54.83 27.15
CA ASN VB 61 -91.58 55.33 27.06
C ASN VB 61 -91.54 56.79 26.62
N GLN VB 62 -92.36 57.16 25.63
CA GLN VB 62 -92.40 58.54 25.18
C GLN VB 62 -92.89 59.47 26.28
N THR VB 63 -93.93 59.05 27.01
CA THR VB 63 -94.44 59.87 28.10
C THR VB 63 -93.38 60.08 29.18
N GLN VB 64 -92.73 59.00 29.61
CA GLN VB 64 -91.71 59.13 30.65
C GLN VB 64 -90.54 59.98 30.17
N LYS VB 65 -90.14 59.81 28.91
CA LYS VB 65 -89.01 60.56 28.39
C LYS VB 65 -89.33 62.05 28.30
N GLU VB 66 -90.56 62.39 27.87
CA GLU VB 66 -90.97 63.78 27.83
C GLU VB 66 -91.00 64.38 29.24
N ASN VB 67 -91.50 63.61 30.20
CA ASN VB 67 -91.53 64.10 31.57
C ASN VB 67 -90.12 64.35 32.09
N LEU VB 68 -89.18 63.44 31.79
CA LEU VB 68 -87.80 63.65 32.20
C LEU VB 68 -87.19 64.86 31.52
N ARG VB 69 -87.50 65.08 30.25
CA ARG VB 69 -86.97 66.24 29.54
C ARG VB 69 -87.47 67.53 30.17
N LYS VB 70 -88.76 67.60 30.49
CA LYS VB 70 -89.29 68.80 31.12
C LYS VB 70 -88.78 68.95 32.55
N PHE VB 71 -88.47 67.84 33.22
CA PHE VB 71 -87.88 67.90 34.54
C PHE VB 71 -86.47 68.48 34.50
N TYR VB 72 -85.66 68.05 33.53
CA TYR VB 72 -84.26 68.45 33.44
C TYR VB 72 -84.05 69.70 32.60
N LYS VB 73 -85.12 70.28 32.06
CA LYS VB 73 -85.00 71.51 31.29
C LYS VB 73 -84.47 72.63 32.16
N GLY VB 74 -83.37 73.25 31.74
CA GLY VB 74 -82.79 74.38 32.44
C GLY VB 74 -81.78 74.05 33.51
N LYS VB 75 -81.56 72.77 33.81
CA LYS VB 75 -80.57 72.39 34.82
C LYS VB 75 -79.20 72.26 34.19
N LYS VB 76 -78.17 72.46 35.03
CA LYS VB 76 -76.80 72.54 34.53
C LYS VB 76 -76.34 71.22 33.92
N TYR VB 77 -76.59 70.11 34.62
CA TYR VB 77 -76.10 68.81 34.19
C TYR VB 77 -77.27 67.89 33.90
N LYS VB 78 -77.25 67.27 32.72
CA LYS VB 78 -78.35 66.47 32.26
C LYS VB 78 -77.85 65.07 31.90
N PRO VB 79 -78.74 64.07 31.94
CA PRO VB 79 -78.32 62.71 31.56
C PRO VB 79 -77.89 62.64 30.10
N LEU VB 80 -76.97 61.72 29.84
CA LEU VB 80 -76.35 61.62 28.52
C LEU VB 80 -77.38 61.29 27.44
N ASP VB 81 -78.32 60.40 27.75
CA ASP VB 81 -79.39 60.08 26.82
C ASP VB 81 -80.32 61.25 26.58
N LEU VB 82 -80.36 62.23 27.49
CA LEU VB 82 -81.16 63.43 27.28
C LEU VB 82 -80.41 64.50 26.52
N ARG VB 83 -79.09 64.53 26.63
CA ARG VB 83 -78.30 65.49 25.88
C ARG VB 83 -78.39 65.20 24.38
N PRO VB 84 -78.29 66.22 23.54
CA PRO VB 84 -78.36 65.99 22.09
C PRO VB 84 -77.20 65.12 21.60
N LYS VB 85 -77.47 64.38 20.54
CA LYS VB 85 -76.53 63.42 19.96
C LYS VB 85 -76.36 63.71 18.48
N LYS VB 86 -76.05 64.96 18.16
CA LYS VB 86 -75.84 65.34 16.76
C LYS VB 86 -74.75 64.49 16.12
N THR VB 87 -73.52 64.64 16.61
CA THR VB 87 -72.35 63.93 16.09
C THR VB 87 -71.26 64.11 17.14
N ARG VB 88 -70.36 63.13 17.24
CA ARG VB 88 -69.26 63.24 18.20
C ARG VB 88 -68.42 64.48 17.93
N ALA VB 89 -68.05 64.70 16.66
CA ALA VB 89 -67.31 65.91 16.32
C ALA VB 89 -68.15 67.16 16.54
N MET VB 90 -69.45 67.08 16.25
CA MET VB 90 -70.31 68.23 16.45
C MET VB 90 -70.52 68.56 17.92
N ARG VB 91 -70.26 67.60 18.81
CA ARG VB 91 -70.27 67.84 20.24
C ARG VB 91 -68.91 68.30 20.76
N ARG VB 92 -67.82 67.92 20.10
CA ARG VB 92 -66.52 68.44 20.46
C ARG VB 92 -66.24 69.85 19.93
N ARG VB 93 -66.93 70.29 18.88
CA ARG VB 93 -66.59 71.57 18.28
C ARG VB 93 -67.11 72.73 19.14
N LEU VB 94 -67.08 73.92 18.57
CA LEU VB 94 -67.39 75.15 19.28
C LEU VB 94 -68.88 75.47 19.19
N ASN VB 95 -69.42 76.11 20.24
CA ASN VB 95 -70.79 76.58 20.17
C ASN VB 95 -70.83 78.02 19.67
N LYS VB 96 -72.03 78.60 19.69
CA LYS VB 96 -72.22 79.92 19.09
C LYS VB 96 -71.40 81.00 19.78
N HIS VB 97 -71.44 81.04 21.11
CA HIS VB 97 -70.79 82.11 21.85
C HIS VB 97 -69.27 82.07 21.66
N GLU VB 98 -68.67 80.90 21.87
CA GLU VB 98 -67.22 80.80 21.71
C GLU VB 98 -66.80 80.86 20.25
N GLU VB 99 -67.73 80.63 19.33
CA GLU VB 99 -67.38 80.67 17.91
C GLU VB 99 -67.08 82.09 17.45
N ASN VB 100 -67.88 83.06 17.88
CA ASN VB 100 -67.80 84.41 17.34
C ASN VB 100 -67.49 85.43 18.43
N LEU VB 101 -66.54 85.13 19.31
CA LEU VB 101 -66.00 86.12 20.22
C LEU VB 101 -64.58 86.45 19.80
N LYS VB 102 -64.28 87.74 19.70
CA LYS VB 102 -63.02 88.22 19.14
C LYS VB 102 -62.21 88.92 20.22
N THR VB 103 -60.91 89.05 19.96
CA THR VB 103 -60.06 89.78 20.88
C THR VB 103 -60.38 91.27 20.82
N LYS VB 104 -60.00 91.97 21.88
CA LYS VB 104 -60.19 93.41 21.93
C LYS VB 104 -59.44 94.09 20.80
N LYS VB 105 -58.24 93.63 20.51
CA LYS VB 105 -57.48 94.17 19.37
C LYS VB 105 -58.23 93.96 18.06
N GLN VB 106 -58.80 92.76 17.87
CA GLN VB 106 -59.50 92.46 16.63
C GLN VB 106 -60.72 93.35 16.47
N GLN VB 107 -61.55 93.46 17.52
CA GLN VB 107 -62.74 94.29 17.39
C GLN VB 107 -62.40 95.77 17.29
N ARG VB 108 -61.29 96.20 17.89
CA ARG VB 108 -60.86 97.59 17.73
C ARG VB 108 -60.45 97.85 16.28
N LYS VB 109 -59.73 96.90 15.67
CA LYS VB 109 -59.39 97.05 14.26
C LYS VB 109 -60.65 97.08 13.39
N GLU VB 110 -61.62 96.22 13.70
CA GLU VB 110 -62.86 96.23 12.93
C GLU VB 110 -63.59 97.55 13.06
N ARG VB 111 -63.65 98.11 14.27
CA ARG VB 111 -64.32 99.39 14.46
C ARG VB 111 -63.59 100.52 13.74
N LEU VB 112 -62.25 100.54 13.82
CA LEU VB 112 -61.51 101.67 13.24
C LEU VB 112 -61.47 101.58 11.72
N TYR VB 113 -61.32 100.39 11.16
CA TYR VB 113 -61.13 100.21 9.72
C TYR VB 113 -62.14 99.20 9.19
N PRO VB 114 -63.39 99.60 9.04
CA PRO VB 114 -64.39 98.68 8.48
C PRO VB 114 -64.30 98.62 6.97
N LEU VB 115 -64.64 97.45 6.42
CA LEU VB 115 -64.70 97.28 4.98
C LEU VB 115 -65.79 98.18 4.40
N ARG VB 116 -65.47 98.88 3.33
CA ARG VB 116 -66.37 99.89 2.79
C ARG VB 116 -66.96 99.43 1.47
N LYS VB 117 -68.01 100.14 1.07
CA LYS VB 117 -68.69 99.94 -0.19
C LYS VB 117 -68.24 101.00 -1.18
N TYR VB 118 -67.74 100.57 -2.34
CA TYR VB 118 -67.13 101.51 -3.27
C TYR VB 118 -67.27 101.00 -4.69
N ALA VB 119 -67.06 101.90 -5.64
CA ALA VB 119 -67.11 101.55 -7.05
C ALA VB 119 -66.11 102.43 -7.80
N VAL VB 120 -65.76 102.00 -9.01
CA VAL VB 120 -64.76 102.67 -9.82
C VAL VB 120 -65.42 103.10 -11.13
N LYS VB 121 -65.23 104.37 -11.49
CA LYS VB 121 -65.79 104.88 -12.73
C LYS VB 121 -65.13 104.21 -13.93
N ALA VB 122 -65.87 104.14 -15.03
CA ALA VB 122 -65.34 103.59 -16.27
C ALA VB 122 -64.37 104.57 -16.91
N ALA WB 1 -23.94 111.92 -28.84
CA ALA WB 1 -23.01 112.72 -28.04
C ALA WB 1 -21.74 111.93 -27.75
N LEU WB 2 -20.93 112.46 -26.83
CA LEU WB 2 -19.73 111.76 -26.42
C LEU WB 2 -20.06 110.45 -25.72
N ARG WB 3 -21.08 110.44 -24.88
CA ARG WB 3 -21.43 109.28 -24.09
C ARG WB 3 -22.88 108.90 -24.31
N TYR WB 4 -23.15 107.62 -24.27
CA TYR WB 4 -24.48 107.04 -24.40
C TYR WB 4 -24.69 106.01 -23.32
N PRO WB 5 -25.94 105.79 -22.90
CA PRO WB 5 -26.19 104.73 -21.91
C PRO WB 5 -25.87 103.36 -22.47
N MET WB 6 -24.86 102.70 -21.90
CA MET WB 6 -24.37 101.43 -22.39
C MET WB 6 -24.69 100.33 -21.40
N ALA WB 7 -24.96 99.14 -21.93
CA ALA WB 7 -25.26 97.99 -21.09
C ALA WB 7 -24.01 97.31 -20.55
N VAL WB 8 -22.82 97.76 -20.93
CA VAL WB 8 -21.56 97.22 -20.45
C VAL WB 8 -20.73 98.37 -19.89
N GLY WB 9 -19.59 98.02 -19.29
CA GLY WB 9 -18.71 98.99 -18.70
C GLY WB 9 -18.89 99.10 -17.20
N LEU WB 10 -18.13 100.02 -16.61
CA LEU WB 10 -18.20 100.23 -15.18
C LEU WB 10 -19.51 100.88 -14.77
N ASN WB 11 -20.05 101.75 -15.62
CA ASN WB 11 -21.31 102.45 -15.35
C ASN WB 11 -22.42 101.93 -16.23
N LYS WB 12 -22.46 100.61 -16.42
CA LYS WB 12 -23.51 99.99 -17.21
C LYS WB 12 -24.87 100.17 -16.56
N GLY WB 13 -25.91 99.88 -17.32
CA GLY WB 13 -27.26 99.95 -16.81
C GLY WB 13 -27.95 101.25 -17.22
N HIS WB 14 -29.28 101.21 -17.16
CA HIS WB 14 -30.09 102.36 -17.52
C HIS WB 14 -29.89 103.48 -16.50
N LYS WB 15 -29.94 104.71 -16.98
CA LYS WB 15 -29.70 105.88 -16.14
C LYS WB 15 -31.02 106.31 -15.51
N VAL WB 16 -31.16 106.08 -14.21
CA VAL WB 16 -32.30 106.56 -13.45
C VAL WB 16 -31.77 107.20 -12.16
N THR WB 17 -32.48 108.23 -11.71
CA THR WB 17 -32.15 108.83 -10.43
C THR WB 17 -32.49 107.88 -9.30
N LYS WB 18 -31.78 108.04 -8.18
CA LYS WB 18 -31.90 107.14 -7.04
C LYS WB 18 -32.85 107.74 -6.02
N ASN WB 19 -33.89 107.00 -5.66
CA ASN WB 19 -34.84 107.43 -4.62
C ASN WB 19 -34.22 107.11 -3.27
N VAL WB 20 -33.51 108.07 -2.71
CA VAL WB 20 -32.87 107.90 -1.42
C VAL WB 20 -33.93 107.97 -0.33
N SER WB 21 -33.82 107.07 0.65
CA SER WB 21 -34.74 107.06 1.78
C SER WB 21 -34.04 106.41 2.97
N LYS WB 22 -34.60 106.65 4.14
CA LYS WB 22 -34.06 106.05 5.35
C LYS WB 22 -34.23 104.52 5.30
N PRO WB 23 -33.29 103.77 5.84
CA PRO WB 23 -33.35 102.30 5.74
C PRO WB 23 -34.50 101.73 6.55
N ARG WB 24 -34.88 100.51 6.18
CA ARG WB 24 -35.97 99.82 6.87
C ARG WB 24 -35.57 99.51 8.31
N HIS WB 25 -36.58 99.46 9.17
CA HIS WB 25 -36.33 99.20 10.58
C HIS WB 25 -35.87 97.77 10.84
N SER WB 26 -36.12 96.85 9.91
CA SER WB 26 -35.59 95.50 10.08
C SER WB 26 -34.10 95.45 9.79
N ARG WB 27 -33.59 96.40 9.00
CA ARG WB 27 -32.14 96.49 8.82
C ARG WB 27 -31.44 96.94 10.09
N ARG WB 28 -32.18 97.56 11.01
CA ARG WB 28 -31.64 97.96 12.30
C ARG WB 28 -31.36 96.76 13.20
N ARG WB 29 -31.87 95.58 12.86
CA ARG WB 29 -31.71 94.40 13.71
C ARG WB 29 -30.25 94.08 13.94
N GLY WB 30 -29.93 93.71 15.18
CA GLY WB 30 -28.58 93.32 15.55
C GLY WB 30 -27.77 94.40 16.22
N ARG WB 31 -28.22 95.65 16.18
CA ARG WB 31 -27.48 96.74 16.80
C ARG WB 31 -27.46 96.60 18.32
N LEU WB 32 -26.36 97.04 18.93
CA LEU WB 32 -26.21 96.98 20.37
C LEU WB 32 -26.79 98.22 21.02
N THR WB 33 -27.64 98.03 22.03
CA THR WB 33 -28.23 99.13 22.77
C THR WB 33 -27.54 99.29 24.11
N LYS WB 34 -27.79 100.44 24.74
CA LYS WB 34 -27.19 100.69 26.06
C LYS WB 34 -27.71 99.71 27.10
N HIS WB 35 -29.02 99.49 27.13
CA HIS WB 35 -29.60 98.57 28.10
C HIS WB 35 -29.14 97.14 27.85
N THR WB 36 -29.10 96.72 26.59
CA THR WB 36 -28.63 95.38 26.27
C THR WB 36 -27.16 95.21 26.65
N LYS WB 37 -26.35 96.23 26.37
CA LYS WB 37 -24.93 96.17 26.73
C LYS WB 37 -24.76 96.07 28.23
N PHE WB 38 -25.53 96.85 29.00
CA PHE WB 38 -25.48 96.77 30.45
C PHE WB 38 -25.88 95.39 30.95
N VAL WB 39 -26.95 94.82 30.38
CA VAL WB 39 -27.41 93.51 30.81
C VAL WB 39 -26.36 92.45 30.51
N ARG WB 40 -25.77 92.50 29.31
CA ARG WB 40 -24.76 91.52 28.96
C ARG WB 40 -23.51 91.68 29.82
N ASP WB 41 -23.15 92.91 30.17
CA ASP WB 41 -22.01 93.10 31.06
C ASP WB 41 -22.28 92.51 32.44
N MET WB 42 -23.49 92.74 32.96
CA MET WB 42 -23.87 92.17 34.25
C MET WB 42 -23.82 90.65 34.20
N ILE WB 43 -24.38 90.06 33.15
CA ILE WB 43 -24.41 88.61 33.05
C ILE WB 43 -22.99 88.06 32.87
N ARG WB 44 -22.15 88.78 32.13
CA ARG WB 44 -20.76 88.36 31.98
C ARG WB 44 -20.04 88.33 33.31
N GLU WB 45 -20.20 89.38 34.12
CA GLU WB 45 -19.49 89.40 35.39
C GLU WB 45 -20.09 88.41 36.39
N VAL WB 46 -21.37 88.09 36.27
CA VAL WB 46 -21.96 87.07 37.14
C VAL WB 46 -21.47 85.69 36.74
N CYS WB 47 -21.51 85.37 35.44
CA CYS WB 47 -21.20 84.02 34.98
C CYS WB 47 -19.71 83.73 35.05
N GLY WB 48 -18.88 84.66 34.60
CA GLY WB 48 -17.47 84.40 34.49
C GLY WB 48 -17.04 84.20 33.05
N PHE WB 49 -16.35 83.10 32.77
CA PHE WB 49 -15.85 82.83 31.43
C PHE WB 49 -15.80 81.34 31.19
N ALA WB 50 -15.89 80.96 29.92
CA ALA WB 50 -15.79 79.56 29.54
C ALA WB 50 -14.35 79.09 29.67
N PRO WB 51 -14.14 77.78 29.89
CA PRO WB 51 -12.75 77.28 30.00
C PRO WB 51 -11.91 77.55 28.78
N TYR WB 52 -12.48 77.41 27.59
CA TYR WB 52 -11.71 77.72 26.38
C TYR WB 52 -11.40 79.21 26.30
N GLU WB 53 -12.34 80.05 26.75
CA GLU WB 53 -12.07 81.48 26.81
C GLU WB 53 -10.91 81.78 27.75
N ARG WB 54 -10.87 81.11 28.91
CA ARG WB 54 -9.78 81.35 29.84
C ARG WB 54 -8.46 80.87 29.25
N ARG WB 55 -8.46 79.73 28.56
CA ARG WB 55 -7.24 79.25 27.95
C ARG WB 55 -6.75 80.18 26.85
N ALA WB 56 -7.69 80.73 26.06
CA ALA WB 56 -7.32 81.71 25.05
C ALA WB 56 -6.78 82.97 25.69
N MET WB 57 -7.34 83.37 26.84
CA MET WB 57 -6.81 84.51 27.56
C MET WB 57 -5.39 84.24 28.03
N GLU WB 58 -5.12 83.00 28.47
CA GLU WB 58 -3.76 82.65 28.86
C GLU WB 58 -2.81 82.71 27.65
N LEU WB 59 -3.26 82.25 26.49
CA LEU WB 59 -2.45 82.32 25.30
C LEU WB 59 -2.15 83.77 24.93
N LEU WB 60 -3.14 84.64 25.05
CA LEU WB 60 -2.90 86.05 24.77
C LEU WB 60 -2.01 86.69 25.83
N LYS WB 61 -2.06 86.21 27.07
CA LYS WB 61 -1.14 86.68 28.10
C LYS WB 61 0.29 86.32 27.77
N VAL WB 62 0.52 85.10 27.26
CA VAL WB 62 1.87 84.70 26.90
C VAL WB 62 2.17 85.18 25.49
N SER WB 63 1.23 85.92 24.90
CA SER WB 63 1.44 86.66 23.66
C SER WB 63 1.71 85.75 22.47
N LYS WB 64 1.09 84.57 22.46
CA LYS WB 64 1.11 83.70 21.29
C LYS WB 64 -0.18 83.92 20.50
N ASP WB 65 -0.23 85.07 19.82
CA ASP WB 65 -1.46 85.52 19.19
C ASP WB 65 -1.89 84.60 18.06
N LYS WB 66 -0.94 84.14 17.23
CA LYS WB 66 -1.29 83.26 16.13
C LYS WB 66 -1.84 81.94 16.63
N ARG WB 67 -1.20 81.36 17.65
CA ARG WB 67 -1.68 80.09 18.20
C ARG WB 67 -3.03 80.28 18.87
N ALA WB 68 -3.23 81.40 19.56
CA ALA WB 68 -4.52 81.69 20.18
C ALA WB 68 -5.61 81.80 19.13
N LEU WB 69 -5.30 82.48 18.02
CA LEU WB 69 -6.28 82.63 16.95
C LEU WB 69 -6.61 81.28 16.33
N LYS WB 70 -5.60 80.43 16.12
CA LYS WB 70 -5.86 79.11 15.57
C LYS WB 70 -6.71 78.27 16.52
N PHE WB 71 -6.42 78.35 17.82
CA PHE WB 71 -7.20 77.60 18.80
C PHE WB 71 -8.64 78.07 18.85
N ILE WB 72 -8.85 79.38 18.82
CA ILE WB 72 -10.21 79.93 18.84
C ILE WB 72 -10.94 79.59 17.55
N LYS WB 73 -10.22 79.59 16.42
CA LYS WB 73 -10.80 79.16 15.17
C LYS WB 73 -11.24 77.71 15.22
N LYS WB 74 -10.40 76.85 15.78
CA LYS WB 74 -10.76 75.44 15.92
C LYS WB 74 -11.97 75.27 16.82
N ARG WB 75 -12.06 76.07 17.88
CA ARG WB 75 -13.17 75.92 18.82
C ARG WB 75 -14.47 76.45 18.22
N VAL WB 76 -14.50 77.73 17.85
CA VAL WB 76 -15.74 78.35 17.38
C VAL WB 76 -16.12 77.82 16.00
N GLY WB 77 -15.18 77.84 15.05
CA GLY WB 77 -15.45 77.26 13.75
C GLY WB 77 -15.06 78.06 12.54
N THR WB 78 -15.22 79.38 12.56
CA THR WB 78 -14.93 80.22 11.40
C THR WB 78 -13.92 81.29 11.75
N HIS WB 79 -13.21 81.75 10.71
CA HIS WB 79 -12.11 82.68 10.92
C HIS WB 79 -12.61 84.04 11.39
N ILE WB 80 -13.70 84.54 10.82
CA ILE WB 80 -14.19 85.86 11.20
C ILE WB 80 -14.73 85.84 12.64
N ARG WB 81 -15.43 84.77 13.01
CA ARG WB 81 -15.90 84.64 14.38
C ARG WB 81 -14.72 84.55 15.34
N ALA WB 82 -13.68 83.81 14.94
CA ALA WB 82 -12.49 83.71 15.77
C ALA WB 82 -11.84 85.06 15.97
N LYS WB 83 -11.76 85.85 14.90
CA LYS WB 83 -11.11 87.17 15.00
C LYS WB 83 -11.91 88.09 15.92
N ARG WB 84 -13.24 88.12 15.75
CA ARG WB 84 -14.05 88.96 16.61
C ARG WB 84 -13.95 88.53 18.07
N LYS WB 85 -14.00 87.22 18.33
CA LYS WB 85 -13.92 86.73 19.69
C LYS WB 85 -12.55 87.01 20.30
N ARG WB 86 -11.49 86.92 19.49
CA ARG WB 86 -10.16 87.21 19.99
C ARG WB 86 -10.02 88.68 20.36
N GLU WB 87 -10.56 89.58 19.54
CA GLU WB 87 -10.55 91.00 19.89
C GLU WB 87 -11.33 91.24 21.18
N GLU WB 88 -12.49 90.59 21.32
CA GLU WB 88 -13.30 90.76 22.51
C GLU WB 88 -12.56 90.25 23.75
N LEU WB 89 -11.82 89.15 23.61
CA LEU WB 89 -11.06 88.64 24.74
C LEU WB 89 -9.85 89.52 25.06
N SER WB 90 -9.26 90.13 24.04
CA SER WB 90 -8.13 91.04 24.28
C SER WB 90 -8.60 92.30 24.99
N ASN WB 91 -9.82 92.74 24.70
CA ASN WB 91 -10.34 93.94 25.36
C ASN WB 91 -10.44 93.74 26.87
N VAL WB 92 -10.98 92.60 27.30
CA VAL WB 92 -11.12 92.37 28.74
C VAL WB 92 -9.76 92.12 29.38
N LEU WB 93 -8.80 91.58 28.62
CA LEU WB 93 -7.44 91.45 29.15
C LEU WB 93 -6.82 92.81 29.41
N ALA WB 94 -6.99 93.75 28.47
CA ALA WB 94 -6.52 95.11 28.72
C ALA WB 94 -7.26 95.74 29.90
N ALA WB 95 -8.57 95.47 30.01
CA ALA WB 95 -9.35 96.03 31.11
C ALA WB 95 -8.84 95.54 32.46
N MET WB 96 -8.55 94.24 32.58
CA MET WB 96 -8.06 93.74 33.85
C MET WB 96 -6.60 94.15 34.09
N ARG WB 97 -5.82 94.31 33.02
CA ARG WB 97 -4.46 94.82 33.19
C ARG WB 97 -4.46 96.22 33.77
N LYS WB 98 -5.34 97.09 33.28
CA LYS WB 98 -5.45 98.43 33.85
C LYS WB 98 -6.17 98.44 35.19
N ALA WB 99 -7.04 97.47 35.46
CA ALA WB 99 -7.66 97.36 36.78
C ALA WB 99 -6.62 97.03 37.85
N ALA WB 100 -5.71 96.10 37.54
CA ALA WB 100 -4.61 95.82 38.44
C ALA WB 100 -3.67 97.03 38.56
N ALA WB 101 -3.55 97.83 37.50
CA ALA WB 101 -2.74 99.04 37.58
C ALA WB 101 -3.34 100.04 38.56
N LYS WB 102 -4.66 100.25 38.48
CA LYS WB 102 -5.30 101.13 39.43
C LYS WB 102 -5.76 100.36 40.67
N THR XB 1 -45.17 6.47 8.47
CA THR XB 1 -45.71 6.94 7.20
C THR XB 1 -46.15 8.38 7.30
N LYS XB 2 -45.57 9.24 6.46
CA LYS XB 2 -45.88 10.66 6.52
C LYS XB 2 -47.22 11.01 5.92
N GLY XB 3 -47.89 10.07 5.25
CA GLY XB 3 -49.10 10.40 4.53
C GLY XB 3 -50.39 10.02 5.23
N THR XB 4 -51.09 9.03 4.65
CA THR XB 4 -52.43 8.67 5.13
C THR XB 4 -52.38 8.20 6.58
N SER XB 5 -51.39 7.38 6.92
CA SER XB 5 -51.28 6.91 8.29
C SER XB 5 -51.03 8.05 9.26
N SER XB 6 -50.33 9.10 8.80
CA SER XB 6 -50.13 10.27 9.65
C SER XB 6 -51.40 11.09 9.77
N PHE XB 7 -52.24 11.09 8.73
CA PHE XB 7 -53.46 11.90 8.76
C PHE XB 7 -54.48 11.40 9.76
N GLY XB 8 -54.32 10.21 10.32
CA GLY XB 8 -55.30 9.71 11.26
C GLY XB 8 -55.16 10.26 12.67
N LYS XB 9 -54.06 10.92 12.97
CA LYS XB 9 -53.78 11.34 14.34
C LYS XB 9 -54.27 12.73 14.67
N ARG XB 10 -54.77 13.50 13.70
CA ARG XB 10 -55.13 14.89 13.94
C ARG XB 10 -56.47 14.95 14.64
N ARG XB 11 -56.45 15.26 15.95
CA ARG XB 11 -57.67 15.38 16.72
C ARG XB 11 -57.62 16.52 17.73
N ASN XB 12 -56.58 17.34 17.73
CA ASN XB 12 -56.45 18.47 18.66
C ASN XB 12 -56.54 19.76 17.87
N LYS XB 13 -57.65 20.47 18.03
CA LYS XB 13 -57.87 21.71 17.29
C LYS XB 13 -56.93 22.80 17.79
N THR XB 14 -56.11 23.33 16.90
CA THR XB 14 -55.26 24.46 17.26
C THR XB 14 -56.08 25.75 17.34
N HIS XB 15 -56.97 25.97 16.39
CA HIS XB 15 -57.72 27.21 16.32
C HIS XB 15 -59.14 27.01 16.80
N THR XB 16 -59.79 28.12 17.15
CA THR XB 16 -61.17 28.12 17.60
C THR XB 16 -61.86 29.36 17.04
N LEU XB 17 -63.16 29.46 17.30
CA LEU XB 17 -63.92 30.61 16.86
C LEU XB 17 -63.53 31.84 17.68
N CYS XB 18 -62.93 32.83 17.02
CA CYS XB 18 -62.59 34.07 17.69
C CYS XB 18 -63.85 34.82 18.10
N ARG XB 19 -63.89 35.31 19.34
CA ARG XB 19 -65.06 36.05 19.78
C ARG XB 19 -65.21 37.36 19.03
N ARG XB 20 -64.11 37.93 18.56
CA ARG XB 20 -64.15 39.01 17.59
C ARG XB 20 -64.07 38.41 16.19
N CYS XB 21 -64.54 39.19 15.21
CA CYS XB 21 -64.33 38.95 13.78
C CYS XB 21 -64.97 37.66 13.27
N GLY XB 22 -65.57 36.86 14.15
CA GLY XB 22 -66.34 35.70 13.74
C GLY XB 22 -65.58 34.70 12.91
N SER XB 23 -64.33 34.44 13.24
CA SER XB 23 -63.48 33.58 12.43
C SER XB 23 -62.94 32.42 13.25
N LYS XB 24 -62.70 31.30 12.57
CA LYS XB 24 -62.06 30.14 13.18
C LYS XB 24 -60.54 30.23 13.03
N ALA XB 25 -59.99 31.32 13.56
CA ALA XB 25 -58.55 31.54 13.46
C ALA XB 25 -57.96 32.01 14.78
N TYR XB 26 -58.59 31.70 15.91
CA TYR XB 26 -58.08 32.11 17.22
C TYR XB 26 -57.19 30.99 17.74
N HIS XB 27 -55.88 31.25 17.76
CA HIS XB 27 -54.91 30.27 18.26
C HIS XB 27 -55.13 30.07 19.75
N LEU XB 28 -55.70 28.91 20.11
CA LEU XB 28 -55.98 28.64 21.51
C LEU XB 28 -54.71 28.62 22.34
N GLN XB 29 -53.64 28.04 21.79
CA GLN XB 29 -52.39 27.91 22.54
C GLN XB 29 -51.66 29.25 22.65
N LYS XB 30 -51.89 30.18 21.73
CA LYS XB 30 -51.28 31.50 21.78
C LYS XB 30 -52.21 32.58 22.27
N SER XB 31 -53.51 32.30 22.40
CA SER XB 31 -54.52 33.28 22.80
C SER XB 31 -54.51 34.49 21.86
N THR XB 32 -54.35 34.23 20.57
CA THR XB 32 -54.24 35.30 19.58
C THR XB 32 -54.92 34.88 18.30
N CYS XB 33 -55.84 35.71 17.81
CA CYS XB 33 -56.49 35.42 16.54
C CYS XB 33 -55.53 35.67 15.39
N GLY XB 34 -55.59 34.80 14.38
CA GLY XB 34 -54.77 34.96 13.21
C GLY XB 34 -55.29 35.89 12.16
N LYS XB 35 -56.56 36.30 12.27
CA LYS XB 35 -57.17 37.17 11.28
C LYS XB 35 -57.37 38.59 11.79
N CYS XB 36 -57.79 38.76 13.04
CA CYS XB 36 -58.03 40.07 13.58
C CYS XB 36 -57.04 40.50 14.66
N GLY XB 37 -56.34 39.56 15.27
CA GLY XB 37 -55.47 39.88 16.38
C GLY XB 37 -56.28 40.39 17.56
N TYR XB 38 -57.13 39.51 18.11
CA TYR XB 38 -58.10 39.94 19.10
C TYR XB 38 -57.47 40.54 20.37
N PRO XB 39 -56.46 39.94 21.00
CA PRO XB 39 -55.89 40.58 22.20
C PRO XB 39 -55.32 41.96 21.91
N ALA XB 40 -54.80 42.20 20.72
CA ALA XB 40 -54.33 43.52 20.37
C ALA XB 40 -55.51 44.49 20.21
N LYS XB 41 -55.27 45.74 20.60
CA LYS XB 41 -56.34 46.74 20.56
C LYS XB 41 -56.70 47.15 19.14
N ARG XB 42 -55.86 46.86 18.16
CA ARG XB 42 -56.12 47.24 16.79
C ARG XB 42 -56.45 46.01 15.94
N LYS XB 43 -57.21 46.24 14.87
CA LYS XB 43 -57.56 45.18 13.94
C LYS XB 43 -56.38 44.86 13.04
N ARG XB 44 -56.17 43.58 12.79
CA ARG XB 44 -55.09 43.12 11.94
C ARG XB 44 -55.46 43.41 10.49
N LYS XB 45 -54.76 44.37 9.88
CA LYS XB 45 -55.02 44.73 8.49
C LYS XB 45 -53.70 45.01 7.79
N TYR XB 46 -53.55 44.47 6.59
CA TYR XB 46 -52.34 44.65 5.80
C TYR XB 46 -52.70 45.01 4.37
N ASN XB 47 -51.90 45.89 3.77
CA ASN XB 47 -52.18 46.36 2.43
C ASN XB 47 -51.81 45.35 1.36
N TRP XB 48 -51.10 44.28 1.69
CA TRP XB 48 -50.71 43.34 0.67
C TRP XB 48 -51.82 42.36 0.32
N SER XB 49 -52.97 42.42 0.99
CA SER XB 49 -54.14 41.62 0.63
C SER XB 49 -55.35 42.53 0.53
N ALA XB 50 -55.51 43.17 -0.64
CA ALA XB 50 -56.68 44.00 -0.85
C ALA XB 50 -57.96 43.16 -0.92
N LYS XB 51 -57.84 41.91 -1.36
CA LYS XB 51 -58.98 41.01 -1.34
C LYS XB 51 -59.46 40.77 0.09
N ALA XB 52 -58.53 40.50 1.01
CA ALA XB 52 -58.92 40.34 2.40
C ALA XB 52 -59.41 41.65 3.00
N LYS XB 53 -58.87 42.78 2.55
CA LYS XB 53 -59.35 44.07 3.03
C LYS XB 53 -60.79 44.30 2.62
N ARG XB 54 -61.14 43.97 1.37
CA ARG XB 54 -62.52 44.11 0.92
C ARG XB 54 -63.43 43.06 1.54
N ARG XB 55 -62.88 41.93 1.96
CA ARG XB 55 -63.71 40.91 2.60
C ARG XB 55 -64.24 41.37 3.95
N ASN XB 56 -63.56 42.27 4.63
CA ASN XB 56 -63.96 42.63 5.97
C ASN XB 56 -63.97 44.13 6.23
N THR XB 57 -63.89 44.96 5.21
CA THR XB 57 -63.92 46.39 5.42
C THR XB 57 -65.34 46.86 5.70
N THR XB 58 -65.47 48.14 6.03
CA THR XB 58 -66.77 48.73 6.29
C THR XB 58 -67.64 48.68 5.04
N GLY XB 59 -68.88 48.23 5.22
CA GLY XB 59 -69.81 48.04 4.12
C GLY XB 59 -70.19 46.60 3.89
N THR XB 60 -69.38 45.64 4.34
CA THR XB 60 -69.75 44.24 4.21
C THR XB 60 -70.82 43.86 5.21
N GLY XB 61 -70.79 44.45 6.40
CA GLY XB 61 -71.67 44.05 7.47
C GLY XB 61 -73.03 44.71 7.45
N ARG XB 62 -73.47 45.21 8.60
CA ARG XB 62 -74.81 45.72 8.77
C ARG XB 62 -74.89 47.23 8.75
N MET XB 63 -73.85 47.92 9.24
CA MET XB 63 -73.79 49.38 9.27
C MET XB 63 -75.00 49.97 10.01
N ARG XB 64 -75.28 49.41 11.18
CA ARG XB 64 -76.48 49.79 11.93
C ARG XB 64 -76.48 51.26 12.28
N HIS XB 65 -75.34 51.79 12.73
CA HIS XB 65 -75.27 53.19 13.08
C HIS XB 65 -75.00 54.06 11.87
N LEU XB 66 -74.17 53.57 10.93
CA LEU XB 66 -73.79 54.39 9.79
C LEU XB 66 -74.94 54.65 8.84
N LYS XB 67 -75.86 53.70 8.69
CA LYS XB 67 -77.03 53.94 7.85
C LYS XB 67 -77.87 55.08 8.40
N ILE XB 68 -78.08 55.10 9.71
CA ILE XB 68 -78.83 56.18 10.33
C ILE XB 68 -78.06 57.49 10.23
N VAL XB 69 -76.73 57.42 10.34
CA VAL XB 69 -75.92 58.64 10.20
C VAL XB 69 -76.10 59.22 8.81
N TYR XB 70 -76.03 58.38 7.79
CA TYR XB 70 -76.17 58.85 6.42
C TYR XB 70 -77.57 59.42 6.18
N ARG XB 71 -78.59 58.76 6.72
CA ARG XB 71 -79.94 59.29 6.55
C ARG XB 71 -80.11 60.61 7.28
N ARG XB 72 -79.53 60.73 8.48
CA ARG XB 72 -79.68 61.94 9.27
C ARG XB 72 -78.89 63.10 8.67
N PHE XB 73 -77.81 62.80 7.96
CA PHE XB 73 -76.95 63.86 7.42
C PHE XB 73 -77.69 64.72 6.40
N ARG XB 74 -78.68 64.16 5.70
CA ARG XB 74 -79.41 64.95 4.72
C ARG XB 74 -80.28 66.02 5.35
N HIS XB 75 -80.51 65.97 6.66
CA HIS XB 75 -81.32 66.97 7.34
C HIS XB 75 -80.54 67.73 8.40
N GLY XB 76 -79.22 67.79 8.27
CA GLY XB 76 -78.43 68.55 9.21
C GLY XB 76 -78.40 67.98 10.61
N PHE XB 77 -78.64 66.68 10.75
CA PHE XB 77 -78.65 66.00 12.05
C PHE XB 77 -79.62 66.67 13.02
N ARG XB 78 -80.83 66.94 12.54
CA ARG XB 78 -81.83 67.58 13.39
C ARG XB 78 -82.23 66.64 14.52
N GLU XB 79 -82.46 67.23 15.69
CA GLU XB 79 -82.84 66.45 16.86
C GLU XB 79 -83.79 67.27 17.71
N GLY XB 80 -84.60 66.58 18.51
CA GLY XB 80 -85.53 67.25 19.39
C GLY XB 80 -86.67 67.96 18.69
N THR XB 81 -87.00 67.58 17.47
CA THR XB 81 -88.07 68.21 16.71
C THR XB 81 -89.03 67.14 16.20
N THR XB 82 -90.25 67.58 15.94
CA THR XB 82 -91.29 66.74 15.37
C THR XB 82 -91.99 67.52 14.29
N PRO XB 83 -92.49 66.84 13.25
CA PRO XB 83 -93.24 67.55 12.21
C PRO XB 83 -94.55 68.10 12.74
N LYS XB 84 -95.19 68.91 11.91
CA LYS XB 84 -96.43 69.56 12.30
C LYS XB 84 -97.56 68.54 12.36
N PRO XB 85 -98.26 68.43 13.48
CA PRO XB 85 -99.34 67.44 13.59
C PRO XB 85 -100.51 67.78 12.68
N LYS XB 86 -101.23 66.75 12.30
CA LYS XB 86 -102.39 66.92 11.43
C LYS XB 86 -103.59 67.48 12.20
N PRO YB 1 -79.91 4.26 58.46
CA PRO YB 1 -80.99 4.24 59.44
C PRO YB 1 -80.51 3.95 60.86
N ARG YB 2 -81.45 3.85 61.79
CA ARG YB 2 -81.13 3.63 63.19
C ARG YB 2 -82.00 2.52 63.74
N LYS YB 3 -81.43 1.71 64.62
CA LYS YB 3 -82.13 0.59 65.23
C LYS YB 3 -82.38 0.90 66.71
N ILE YB 4 -83.64 1.10 67.06
CA ILE YB 4 -84.06 1.29 68.44
C ILE YB 4 -84.21 -0.09 69.07
N GLU YB 5 -83.69 -0.26 70.28
CA GLU YB 5 -83.66 -1.56 70.92
C GLU YB 5 -84.76 -1.79 71.94
N GLU YB 6 -85.34 -0.74 72.52
CA GLU YB 6 -86.38 -0.93 73.52
C GLU YB 6 -87.59 -0.04 73.19
N ILE YB 7 -88.51 0.07 74.14
CA ILE YB 7 -89.86 0.54 73.85
C ILE YB 7 -90.04 2.01 74.17
N LYS YB 8 -89.70 2.42 75.40
CA LYS YB 8 -90.04 3.76 75.83
C LYS YB 8 -89.23 4.82 75.10
N ASP YB 9 -88.03 4.46 74.61
CA ASP YB 9 -87.31 5.39 73.74
C ASP YB 9 -87.91 5.43 72.35
N PHE YB 10 -88.54 4.34 71.91
CA PHE YB 10 -89.26 4.37 70.64
C PHE YB 10 -90.50 5.27 70.73
N LEU YB 11 -91.16 5.29 71.88
CA LEU YB 11 -92.42 6.01 72.01
C LEU YB 11 -92.25 7.51 71.78
N LEU YB 12 -91.27 8.15 72.45
CA LEU YB 12 -91.18 9.59 72.27
C LEU YB 12 -90.61 9.96 70.91
N THR YB 13 -89.77 9.09 70.33
CA THR YB 13 -89.32 9.32 68.96
C THR YB 13 -90.49 9.24 67.99
N ALA YB 14 -91.42 8.32 68.22
CA ALA YB 14 -92.62 8.25 67.39
C ALA YB 14 -93.49 9.48 67.59
N ARG YB 15 -93.60 9.96 68.83
CA ARG YB 15 -94.42 11.13 69.09
C ARG YB 15 -93.72 12.44 68.77
N ARG YB 16 -92.45 12.38 68.34
CA ARG YB 16 -91.75 13.59 67.92
C ARG YB 16 -92.48 14.25 66.76
N LYS YB 17 -92.44 15.58 66.74
CA LYS YB 17 -93.24 16.34 65.79
C LYS YB 17 -92.82 16.10 64.35
N ASP YB 18 -91.55 15.79 64.10
CA ASP YB 18 -91.10 15.55 62.72
C ASP YB 18 -91.36 14.12 62.25
N ALA YB 19 -91.88 13.25 63.12
CA ALA YB 19 -92.18 11.87 62.74
C ALA YB 19 -93.49 11.85 61.98
N LYS YB 20 -93.42 11.71 60.66
CA LYS YB 20 -94.60 11.82 59.83
C LYS YB 20 -95.48 10.58 59.86
N SER YB 21 -94.90 9.40 60.00
CA SER YB 21 -95.69 8.18 59.88
C SER YB 21 -94.99 7.03 60.60
N VAL YB 22 -95.74 5.97 60.85
CA VAL YB 22 -95.22 4.73 61.39
C VAL YB 22 -95.75 3.58 60.55
N LYS YB 23 -94.84 2.74 60.07
CA LYS YB 23 -95.17 1.53 59.33
C LYS YB 23 -94.99 0.32 60.24
N ILE YB 24 -95.85 -0.68 60.03
CA ILE YB 24 -95.85 -1.91 60.82
C ILE YB 24 -95.64 -3.09 59.87
N LYS YB 25 -94.59 -3.86 60.11
CA LYS YB 25 -94.28 -5.03 59.30
C LYS YB 25 -94.31 -6.25 60.21
N LYS YB 26 -94.87 -7.35 59.72
CA LYS YB 26 -94.96 -8.58 60.49
C LYS YB 26 -94.16 -9.67 59.79
N ASN YB 27 -92.97 -9.96 60.32
CA ASN YB 27 -92.16 -11.04 59.80
C ASN YB 27 -92.56 -12.36 60.45
N LYS YB 28 -91.83 -13.42 60.10
CA LYS YB 28 -92.18 -14.75 60.60
C LYS YB 28 -92.00 -14.86 62.09
N ASP YB 29 -90.90 -14.31 62.63
CA ASP YB 29 -90.57 -14.46 64.03
C ASP YB 29 -90.55 -13.15 64.79
N ASN YB 30 -90.78 -12.02 64.14
CA ASN YB 30 -90.73 -10.74 64.82
C ASN YB 30 -91.58 -9.73 64.08
N VAL YB 31 -91.88 -8.62 64.74
CA VAL YB 31 -92.66 -7.54 64.19
C VAL YB 31 -91.82 -6.26 64.28
N LYS YB 32 -91.72 -5.54 63.16
CA LYS YB 32 -90.93 -4.34 63.07
C LYS YB 32 -91.82 -3.11 62.99
N PHE YB 33 -91.42 -2.05 63.69
CA PHE YB 33 -92.09 -0.76 63.63
C PHE YB 33 -91.08 0.24 63.08
N LYS YB 34 -91.43 0.87 61.96
CA LYS YB 34 -90.55 1.81 61.28
C LYS YB 34 -91.17 3.20 61.37
N VAL YB 35 -90.59 4.06 62.20
CA VAL YB 35 -91.06 5.43 62.33
C VAL YB 35 -90.21 6.32 61.43
N ARG YB 36 -90.88 7.12 60.61
CA ARG YB 36 -90.22 7.96 59.61
C ARG YB 36 -90.05 9.36 60.19
N CYS YB 37 -88.83 9.68 60.59
CA CYS YB 37 -88.51 10.99 61.12
C CYS YB 37 -87.96 11.88 60.01
N SER YB 38 -87.47 13.06 60.39
CA SER YB 38 -86.94 13.99 59.40
C SER YB 38 -85.64 13.49 58.80
N ARG YB 39 -84.85 12.74 59.56
CA ARG YB 39 -83.54 12.31 59.11
C ARG YB 39 -83.37 10.80 59.07
N TYR YB 40 -83.86 10.08 60.07
CA TYR YB 40 -83.61 8.66 60.17
C TYR YB 40 -84.91 7.88 60.27
N LEU YB 41 -84.96 6.74 59.59
CA LEU YB 41 -86.07 5.80 59.68
C LEU YB 41 -85.77 4.84 60.82
N TYR YB 42 -86.28 5.14 62.00
CA TYR YB 42 -85.95 4.35 63.17
C TYR YB 42 -86.75 3.07 63.17
N THR YB 43 -86.08 1.94 63.38
CA THR YB 43 -86.72 0.64 63.33
C THR YB 43 -86.62 -0.04 64.70
N LEU YB 44 -87.76 -0.50 65.20
CA LEU YB 44 -87.83 -1.24 66.45
C LEU YB 44 -88.35 -2.65 66.18
N VAL YB 45 -87.58 -3.65 66.58
CA VAL YB 45 -87.90 -5.05 66.31
C VAL YB 45 -88.31 -5.70 67.63
N ILE YB 46 -89.49 -6.30 67.64
CA ILE YB 46 -90.01 -7.01 68.81
C ILE YB 46 -90.25 -8.45 68.42
N THR YB 47 -89.60 -9.38 69.12
CA THR YB 47 -89.85 -10.80 68.88
C THR YB 47 -91.16 -11.27 69.47
N ASP YB 48 -91.70 -10.55 70.46
CA ASP YB 48 -92.94 -10.95 71.09
C ASP YB 48 -94.13 -10.69 70.17
N LYS YB 49 -95.19 -11.46 70.35
CA LYS YB 49 -96.42 -11.23 69.59
C LYS YB 49 -97.40 -10.36 70.35
N GLU YB 50 -97.56 -10.58 71.65
CA GLU YB 50 -98.50 -9.79 72.43
C GLU YB 50 -97.99 -8.36 72.61
N LYS YB 51 -96.67 -8.20 72.78
CA LYS YB 51 -96.11 -6.87 72.91
C LYS YB 51 -96.34 -6.05 71.64
N ALA YB 52 -96.37 -6.69 70.48
CA ALA YB 52 -96.66 -5.97 69.25
C ALA YB 52 -98.07 -5.38 69.29
N GLU YB 53 -99.05 -6.17 69.75
CA GLU YB 53 -100.41 -5.65 69.86
C GLU YB 53 -100.51 -4.56 70.91
N LYS YB 54 -99.81 -4.73 72.05
CA LYS YB 54 -99.81 -3.68 73.07
C LYS YB 54 -99.23 -2.38 72.54
N LEU YB 55 -98.12 -2.46 71.82
CA LEU YB 55 -97.50 -1.25 71.28
C LEU YB 55 -98.39 -0.63 70.21
N LYS YB 56 -99.02 -1.46 69.37
CA LYS YB 56 -99.92 -0.94 68.34
C LYS YB 56 -101.10 -0.22 68.97
N GLN YB 57 -101.65 -0.77 70.05
CA GLN YB 57 -102.74 -0.10 70.75
C GLN YB 57 -102.28 1.12 71.54
N SER YB 58 -100.99 1.18 71.90
CA SER YB 58 -100.44 2.30 72.63
C SER YB 58 -99.78 3.33 71.71
N LEU YB 59 -99.87 3.16 70.40
CA LEU YB 59 -99.34 4.14 69.47
C LEU YB 59 -100.09 5.47 69.62
N PRO YB 60 -99.39 6.60 69.49
CA PRO YB 60 -100.03 7.88 69.74
C PRO YB 60 -101.09 8.18 68.70
N PRO YB 61 -102.16 8.87 69.07
CA PRO YB 61 -103.19 9.24 68.10
C PRO YB 61 -102.70 10.37 67.19
N GLY YB 62 -103.44 10.55 66.09
CA GLY YB 62 -103.11 11.59 65.13
C GLY YB 62 -101.89 11.32 64.29
N LEU YB 63 -101.49 10.05 64.17
CA LEU YB 63 -100.33 9.66 63.40
C LEU YB 63 -100.72 8.57 62.41
N ALA YB 64 -99.99 8.51 61.30
CA ALA YB 64 -100.21 7.44 60.34
C ALA YB 64 -99.72 6.12 60.91
N VAL YB 65 -100.57 5.10 60.88
CA VAL YB 65 -100.33 3.83 61.53
C VAL YB 65 -100.32 2.77 60.42
N LYS YB 66 -99.70 3.10 59.29
CA LYS YB 66 -99.77 2.26 58.11
C LYS YB 66 -99.14 0.91 58.38
N GLU YB 67 -99.77 -0.16 57.89
CA GLU YB 67 -99.27 -1.51 58.03
C GLU YB 67 -99.04 -2.11 56.65
N LEU YB 68 -98.00 -2.93 56.55
CA LEU YB 68 -97.45 -3.35 55.28
C LEU YB 68 -98.15 -4.55 54.66
N LYS YB 69 -99.27 -4.98 55.23
CA LYS YB 69 -100.00 -6.12 54.68
C LYS YB 69 -101.49 -5.84 54.57
N SER ZB 1 -68.37 14.96 20.58
CA SER ZB 1 -67.90 15.12 21.94
C SER ZB 1 -69.06 15.44 22.87
N SER ZB 2 -69.23 14.61 23.91
CA SER ZB 2 -70.29 14.86 24.88
C SER ZB 2 -70.03 16.14 25.65
N HIS ZB 3 -68.79 16.39 26.05
CA HIS ZB 3 -68.45 17.65 26.67
C HIS ZB 3 -68.40 18.75 25.61
N LYS ZB 4 -69.12 19.83 25.86
CA LYS ZB 4 -69.10 20.97 24.95
C LYS ZB 4 -69.50 22.21 25.74
N THR ZB 5 -69.15 23.37 25.19
CA THR ZB 5 -69.50 24.62 25.84
C THR ZB 5 -70.83 25.14 25.29
N PHE ZB 6 -71.38 26.11 26.02
CA PHE ZB 6 -72.65 26.71 25.61
C PHE ZB 6 -72.54 27.40 24.26
N ARG ZB 7 -71.42 28.09 24.01
CA ARG ZB 7 -71.24 28.76 22.73
C ARG ZB 7 -71.29 27.76 21.59
N ILE ZB 8 -70.53 26.69 21.69
CA ILE ZB 8 -70.48 25.69 20.63
C ILE ZB 8 -71.83 25.01 20.47
N LYS ZB 9 -72.49 24.69 21.58
CA LYS ZB 9 -73.78 24.02 21.49
C LYS ZB 9 -74.83 24.91 20.83
N ARG ZB 10 -74.81 26.21 21.14
CA ARG ZB 10 -75.75 27.11 20.49
C ARG ZB 10 -75.41 27.27 19.01
N PHE ZB 11 -74.12 27.25 18.66
CA PHE ZB 11 -73.74 27.32 17.26
C PHE ZB 11 -74.27 26.11 16.49
N LEU ZB 12 -74.11 24.92 17.06
CA LEU ZB 12 -74.68 23.73 16.43
C LEU ZB 12 -76.20 23.79 16.39
N ALA ZB 13 -76.82 24.40 17.39
CA ALA ZB 13 -78.27 24.56 17.37
C ALA ZB 13 -78.71 25.41 16.19
N LYS ZB 14 -78.01 26.52 15.95
CA LYS ZB 14 -78.36 27.35 14.81
C LYS ZB 14 -78.12 26.62 13.49
N LYS ZB 15 -77.03 25.87 13.40
CA LYS ZB 15 -76.79 25.09 12.19
C LYS ZB 15 -77.90 24.06 11.96
N GLN ZB 16 -78.32 23.39 13.03
CA GLN ZB 16 -79.41 22.42 12.90
C GLN ZB 16 -80.69 23.09 12.45
N LYS ZB 17 -80.98 24.28 13.00
CA LYS ZB 17 -82.20 24.97 12.60
C LYS ZB 17 -82.15 25.42 11.15
N GLN ZB 18 -80.99 25.88 10.68
CA GLN ZB 18 -80.92 26.40 9.32
C GLN ZB 18 -80.65 25.33 8.28
N ASN ZB 19 -80.36 24.10 8.69
CA ASN ZB 19 -80.20 22.99 7.75
C ASN ZB 19 -81.54 22.26 7.65
N ARG ZB 20 -82.39 22.72 6.73
CA ARG ZB 20 -83.72 22.16 6.56
C ARG ZB 20 -84.23 22.58 5.18
N PRO ZB 21 -85.21 21.86 4.62
CA PRO ZB 21 -85.69 22.20 3.27
C PRO ZB 21 -86.49 23.49 3.25
N ILE ZB 22 -86.70 23.99 2.04
CA ILE ZB 22 -87.46 25.22 1.83
C ILE ZB 22 -88.94 24.91 1.98
N PRO ZB 23 -89.76 25.89 2.39
CA PRO ZB 23 -91.21 25.66 2.40
C PRO ZB 23 -91.75 25.48 1.00
N GLN ZB 24 -92.82 24.69 0.90
CA GLN ZB 24 -93.39 24.38 -0.40
C GLN ZB 24 -94.05 25.61 -1.03
N TRP ZB 25 -94.68 26.44 -0.21
CA TRP ZB 25 -95.41 27.60 -0.73
C TRP ZB 25 -94.48 28.67 -1.29
N ILE ZB 26 -93.17 28.58 -1.05
CA ILE ZB 26 -92.25 29.56 -1.60
C ILE ZB 26 -92.26 29.50 -3.11
N ARG ZB 27 -92.35 28.29 -3.68
CA ARG ZB 27 -92.40 28.14 -5.13
C ARG ZB 27 -93.65 28.76 -5.74
N MET ZB 28 -94.69 29.00 -4.93
CA MET ZB 28 -95.88 29.66 -5.45
C MET ZB 28 -95.73 31.17 -5.53
N LYS ZB 29 -94.70 31.73 -4.91
CA LYS ZB 29 -94.53 33.18 -4.94
C LYS ZB 29 -94.14 33.65 -6.33
N THR ZB 30 -94.66 34.82 -6.70
CA THR ZB 30 -94.38 35.40 -8.00
C THR ZB 30 -92.91 35.79 -8.11
N GLY ZB 31 -92.27 35.38 -9.20
CA GLY ZB 31 -90.84 35.64 -9.38
C GLY ZB 31 -90.00 34.99 -8.32
N ASN ZB 32 -90.32 33.75 -7.94
CA ASN ZB 32 -89.58 33.07 -6.89
C ASN ZB 32 -88.13 32.81 -7.31
N LYS ZB 33 -87.93 32.21 -8.48
CA LYS ZB 33 -86.63 31.93 -9.06
C LYS ZB 33 -85.77 31.02 -8.17
N ILE ZB 34 -86.39 30.30 -7.24
CA ILE ZB 34 -85.69 29.39 -6.35
C ILE ZB 34 -86.35 28.03 -6.45
N ARG ZB 35 -85.54 26.99 -6.66
CA ARG ZB 35 -86.05 25.64 -6.77
C ARG ZB 35 -85.87 24.84 -5.49
N TYR ZB 36 -84.71 24.94 -4.84
CA TYR ZB 36 -84.44 24.16 -3.64
C TYR ZB 36 -83.36 24.87 -2.84
N ASN ZB 37 -83.24 24.47 -1.58
CA ASN ZB 37 -82.21 25.04 -0.72
C ASN ZB 37 -80.83 24.62 -1.22
N SER ZB 38 -80.04 25.60 -1.65
CA SER ZB 38 -78.68 25.35 -2.10
C SER ZB 38 -77.68 25.32 -0.95
N LYS ZB 39 -78.12 25.57 0.27
CA LYS ZB 39 -77.24 25.57 1.43
C LYS ZB 39 -77.44 24.35 2.31
N ARG ZB 40 -78.02 23.29 1.76
CA ARG ZB 40 -78.17 22.05 2.51
C ARG ZB 40 -76.80 21.45 2.80
N ARG ZB 41 -76.68 20.83 3.98
CA ARG ZB 41 -75.43 20.22 4.40
C ARG ZB 41 -75.73 18.91 5.09
N HIS ZB 42 -75.02 17.86 4.69
CA HIS ZB 42 -75.11 16.56 5.33
C HIS ZB 42 -73.92 16.35 6.25
N TRP ZB 43 -74.15 15.68 7.37
CA TRP ZB 43 -73.10 15.53 8.37
C TRP ZB 43 -71.94 14.69 7.87
N ARG ZB 44 -72.20 13.76 6.95
CA ARG ZB 44 -71.14 12.91 6.42
C ARG ZB 44 -70.51 13.48 5.15
N ARG ZB 45 -71.29 14.18 4.32
CA ARG ZB 45 -70.74 14.71 3.07
C ARG ZB 45 -69.71 15.80 3.34
N THR ZB 46 -70.06 16.79 4.16
CA THR ZB 46 -69.17 17.87 4.48
C THR ZB 46 -69.27 18.20 5.96
N LYS ZB 47 -68.21 18.77 6.49
CA LYS ZB 47 -68.12 19.07 7.92
C LYS ZB 47 -68.26 20.57 8.14
N LEU ZB 48 -68.56 20.92 9.39
CA LEU ZB 48 -68.66 22.32 9.75
C LEU ZB 48 -67.28 22.97 9.72
N GLY ZB 49 -67.28 24.30 9.80
CA GLY ZB 49 -66.03 25.04 9.74
C GLY ZB 49 -65.08 24.69 10.87
N LEU ZB 50 -65.60 24.62 12.09
CA LEU ZB 50 -64.78 24.30 13.24
C LEU ZB 50 -64.42 22.82 13.24
N ILE AC 1 3.06 -58.40 -53.72
CA ILE AC 1 3.57 -59.48 -54.56
C ILE AC 1 3.01 -59.34 -55.97
N ILE AC 2 2.54 -58.13 -56.29
CA ILE AC 2 1.99 -57.87 -57.61
C ILE AC 2 3.12 -57.89 -58.64
N GLU AC 3 2.91 -58.64 -59.71
CA GLU AC 3 3.95 -58.77 -60.73
C GLU AC 3 4.09 -57.46 -61.50
N PRO AC 4 5.27 -57.20 -62.09
CA PRO AC 4 5.55 -55.85 -62.61
C PRO AC 4 4.58 -55.33 -63.66
N SER AC 5 4.12 -56.16 -64.60
CA SER AC 5 3.24 -55.62 -65.65
C SER AC 5 1.88 -55.26 -65.08
N LEU AC 6 1.34 -56.10 -64.19
CA LEU AC 6 0.09 -55.76 -63.53
C LEU AC 6 0.24 -54.52 -62.67
N ARG AC 7 1.38 -54.38 -61.99
CA ARG AC 7 1.62 -53.18 -61.19
C ARG AC 7 1.68 -51.93 -62.05
N GLN AC 8 2.32 -52.02 -63.22
CA GLN AC 8 2.37 -50.88 -64.12
C GLN AC 8 1.00 -50.54 -64.66
N LEU AC 9 0.19 -51.57 -64.95
CA LEU AC 9 -1.17 -51.32 -65.42
C LEU AC 9 -2.00 -50.62 -64.35
N ALA AC 10 -1.84 -51.03 -63.09
CA ALA AC 10 -2.53 -50.35 -62.00
C ALA AC 10 -2.03 -48.91 -61.86
N GLN AC 11 -0.73 -48.71 -61.98
CA GLN AC 11 -0.17 -47.37 -61.87
C GLN AC 11 -0.61 -46.47 -63.00
N LYS AC 12 -0.99 -47.04 -64.15
CA LYS AC 12 -1.52 -46.24 -65.24
C LYS AC 12 -2.73 -45.42 -64.80
N TYR AC 13 -3.62 -46.02 -64.01
CA TYR AC 13 -4.79 -45.33 -63.50
C TYR AC 13 -4.60 -44.79 -62.09
N ASN AC 14 -3.53 -45.14 -61.42
CA ASN AC 14 -3.44 -44.68 -60.03
C ASN AC 14 -2.36 -43.66 -59.77
N CYS AC 15 -1.23 -43.72 -60.48
CA CYS AC 15 -0.09 -42.87 -60.16
C CYS AC 15 0.30 -41.93 -61.29
N ASP AC 16 0.43 -42.42 -62.52
CA ASP AC 16 0.94 -41.62 -63.62
C ASP AC 16 -0.12 -40.60 -64.02
N LYS AC 17 -0.21 -39.54 -63.21
CA LYS AC 17 -1.21 -38.50 -63.44
C LYS AC 17 -0.66 -37.17 -62.91
N MET AC 18 -1.18 -36.08 -63.47
CA MET AC 18 -0.81 -34.74 -63.05
C MET AC 18 -1.86 -34.19 -62.09
N ILE AC 19 -1.44 -33.23 -61.27
CA ILE AC 19 -2.28 -32.64 -60.23
C ILE AC 19 -2.22 -31.13 -60.37
N CYS AC 20 -3.38 -30.49 -60.41
CA CYS AC 20 -3.44 -29.03 -60.45
C CYS AC 20 -3.06 -28.48 -59.08
N ARG AC 21 -2.16 -27.49 -59.07
CA ARG AC 21 -1.72 -26.91 -57.81
C ARG AC 21 -2.84 -26.19 -57.09
N LYS AC 22 -3.66 -25.45 -57.84
CA LYS AC 22 -4.63 -24.57 -57.21
C LYS AC 22 -5.85 -25.31 -56.67
N CYS AC 23 -6.27 -26.39 -57.32
CA CYS AC 23 -7.50 -27.06 -56.94
C CYS AC 23 -7.35 -28.55 -56.66
N TYR AC 24 -6.14 -29.10 -56.73
CA TYR AC 24 -5.87 -30.49 -56.38
C TYR AC 24 -6.69 -31.47 -57.20
N ALA AC 25 -7.02 -31.12 -58.44
CA ALA AC 25 -7.72 -32.05 -59.31
C ALA AC 25 -6.74 -33.08 -59.87
N ARG AC 26 -7.30 -34.20 -60.34
CA ARG AC 26 -6.51 -35.26 -60.94
C ARG AC 26 -6.64 -35.18 -62.45
N LEU AC 27 -5.50 -35.13 -63.14
CA LEU AC 27 -5.47 -34.89 -64.57
C LEU AC 27 -4.62 -35.96 -65.24
N HIS AC 28 -4.89 -36.17 -66.53
CA HIS AC 28 -4.12 -37.14 -67.30
C HIS AC 28 -2.66 -36.72 -67.37
N PRO AC 29 -1.73 -37.67 -67.49
CA PRO AC 29 -0.30 -37.34 -67.35
C PRO AC 29 0.23 -36.37 -68.39
N ARG AC 30 -0.46 -36.18 -69.51
CA ARG AC 30 -0.01 -35.26 -70.53
C ARG AC 30 -0.72 -33.91 -70.45
N ALA AC 31 -1.44 -33.65 -69.36
CA ALA AC 31 -2.21 -32.42 -69.24
C ALA AC 31 -1.30 -31.21 -69.15
N VAL AC 32 -1.82 -30.07 -69.62
CA VAL AC 32 -1.13 -28.79 -69.51
C VAL AC 32 -1.94 -27.79 -68.70
N ASN AC 33 -3.25 -27.75 -68.92
CA ASN AC 33 -4.15 -26.88 -68.16
C ASN AC 33 -5.22 -27.72 -67.50
N CYS AC 34 -5.62 -27.33 -66.29
CA CYS AC 34 -6.62 -28.11 -65.56
C CYS AC 34 -7.99 -27.97 -66.22
N ARG AC 35 -8.71 -29.08 -66.30
CA ARG AC 35 -10.00 -29.13 -66.96
C ARG AC 35 -11.14 -28.60 -66.12
N LYS AC 36 -10.85 -27.87 -65.04
CA LYS AC 36 -11.87 -27.48 -64.09
C LYS AC 36 -12.02 -25.96 -64.03
N LYS AC 37 -13.24 -25.53 -63.75
CA LYS AC 37 -13.59 -24.12 -63.81
C LYS AC 37 -13.08 -23.34 -62.60
N LYS AC 38 -13.11 -23.96 -61.42
CA LYS AC 38 -12.83 -23.23 -60.19
C LYS AC 38 -11.35 -22.88 -60.04
N CYS AC 39 -10.46 -23.57 -60.74
CA CYS AC 39 -9.04 -23.25 -60.72
C CYS AC 39 -8.66 -22.31 -61.86
N GLY AC 40 -9.64 -21.84 -62.64
CA GLY AC 40 -9.34 -20.94 -63.73
C GLY AC 40 -8.64 -21.57 -64.90
N HIS AC 41 -8.65 -22.90 -64.99
CA HIS AC 41 -7.95 -23.64 -66.05
C HIS AC 41 -6.48 -23.24 -66.10
N THR AC 42 -5.87 -23.08 -64.93
CA THR AC 42 -4.49 -22.66 -64.85
C THR AC 42 -3.57 -23.77 -65.34
N ASN AC 43 -2.35 -23.37 -65.70
CA ASN AC 43 -1.32 -24.31 -66.13
C ASN AC 43 -0.40 -24.72 -65.00
N ASN AC 44 -0.67 -24.29 -63.77
CA ASN AC 44 0.15 -24.64 -62.62
C ASN AC 44 -0.17 -26.08 -62.24
N LEU AC 45 0.64 -27.00 -62.75
CA LEU AC 45 0.46 -28.42 -62.49
C LEU AC 45 1.76 -29.02 -61.95
N ARG AC 46 1.62 -30.07 -61.16
CA ARG AC 46 2.75 -30.81 -60.63
C ARG AC 46 2.53 -32.29 -60.83
N PRO AC 47 3.60 -33.06 -61.03
CA PRO AC 47 3.44 -34.51 -61.08
C PRO AC 47 3.00 -35.07 -59.74
N LYS AC 48 2.20 -36.12 -59.80
CA LYS AC 48 1.78 -36.81 -58.59
C LYS AC 48 2.98 -37.54 -57.99
N LYS AC 49 3.27 -37.28 -56.72
CA LYS AC 49 4.46 -37.82 -56.09
C LYS AC 49 4.37 -39.33 -55.96
N LYS AC 50 5.51 -40.00 -56.08
CA LYS AC 50 5.59 -41.45 -56.08
C LYS AC 50 5.70 -41.94 -54.64
N VAL AC 51 5.98 -43.23 -54.47
CA VAL AC 51 6.08 -43.83 -53.14
C VAL AC 51 7.54 -44.08 -52.75
N LYS AC 52 8.49 -43.48 -53.45
CA LYS AC 52 9.90 -43.66 -53.13
C LYS AC 52 10.51 -42.35 -52.62
N MET BC 1 29.43 -14.01 25.48
CA MET BC 1 28.45 -13.05 25.97
C MET BC 1 28.31 -13.10 27.47
N ARG BC 2 28.05 -11.92 28.05
CA ARG BC 2 27.70 -11.86 29.47
C ARG BC 2 26.39 -12.58 29.70
N ALA BC 3 26.32 -13.33 30.80
CA ALA BC 3 25.18 -14.22 31.03
C ALA BC 3 23.89 -13.43 31.21
N LYS BC 4 23.97 -12.25 31.82
CA LYS BC 4 22.77 -11.45 32.01
C LYS BC 4 22.20 -10.99 30.67
N TRP BC 5 23.06 -10.55 29.75
CA TRP BC 5 22.57 -10.13 28.45
C TRP BC 5 22.12 -11.33 27.62
N ARG BC 6 22.75 -12.49 27.81
CA ARG BC 6 22.23 -13.71 27.21
C ARG BC 6 20.82 -13.98 27.71
N LYS BC 7 20.59 -13.82 29.01
CA LYS BC 7 19.27 -14.02 29.58
C LYS BC 7 18.26 -13.05 29.01
N LYS BC 8 18.66 -11.78 28.85
CA LYS BC 8 17.75 -10.79 28.29
C LYS BC 8 17.43 -11.08 26.83
N ARG BC 9 18.42 -11.49 26.06
CA ARG BC 9 18.16 -11.85 24.66
C ARG BC 9 17.23 -13.04 24.58
N MET BC 10 17.42 -14.02 25.46
CA MET BC 10 16.51 -15.16 25.51
C MET BC 10 15.10 -14.73 25.89
N ARG BC 11 14.98 -13.77 26.80
CA ARG BC 11 13.67 -13.25 27.18
C ARG BC 11 12.99 -12.60 25.98
N ARG BC 12 13.74 -11.80 25.22
CA ARG BC 12 13.17 -11.15 24.05
C ARG BC 12 12.78 -12.16 22.98
N LEU BC 13 13.55 -13.23 22.83
CA LEU BC 13 13.15 -14.30 21.92
C LEU BC 13 11.88 -15.01 22.40
N LYS BC 14 11.79 -15.25 23.71
CA LYS BC 14 10.63 -15.94 24.26
C LYS BC 14 9.37 -15.10 24.12
N ARG BC 15 9.49 -13.79 24.24
CA ARG BC 15 8.33 -12.93 24.03
C ARG BC 15 7.81 -13.03 22.60
N LYS BC 16 8.72 -13.05 21.62
CA LYS BC 16 8.27 -13.20 20.23
C LYS BC 16 7.65 -14.57 20.01
N ARG BC 17 8.22 -15.61 20.61
CA ARG BC 17 7.64 -16.95 20.46
C ARG BC 17 6.24 -16.99 21.04
N ARG BC 18 6.05 -16.42 22.23
CA ARG BC 18 4.73 -16.40 22.85
C ARG BC 18 3.76 -15.54 22.05
N LYS BC 19 4.24 -14.44 21.47
CA LYS BC 19 3.38 -13.61 20.65
C LYS BC 19 2.92 -14.38 19.41
N MET BC 20 3.83 -15.13 18.79
CA MET BC 20 3.44 -15.92 17.62
C MET BC 20 2.46 -17.01 18.00
N ARG BC 21 2.67 -17.67 19.14
CA ARG BC 21 1.71 -18.69 19.57
C ARG BC 21 0.35 -18.09 19.85
N GLN BC 22 0.33 -16.90 20.47
CA GLN BC 22 -0.94 -16.21 20.70
C GLN BC 22 -1.61 -15.85 19.38
N ARG BC 23 -0.80 -15.44 18.39
CA ARG BC 23 -1.32 -15.17 17.06
C ARG BC 23 -1.93 -16.44 16.45
N SER BC 24 -1.34 -17.59 16.73
CA SER BC 24 -1.85 -18.86 16.24
C SER BC 24 -3.17 -19.19 16.91
N VAL CC 1 18.61 52.28 -23.05
CA VAL CC 1 19.14 53.31 -23.93
C VAL CC 1 19.92 54.35 -23.14
N ASN CC 2 20.42 55.36 -23.83
CA ASN CC 2 21.18 56.43 -23.18
C ASN CC 2 21.09 57.69 -24.02
N VAL CC 3 20.83 58.81 -23.36
CA VAL CC 3 20.78 60.12 -24.04
C VAL CC 3 21.62 61.11 -23.24
N PRO CC 4 22.19 62.13 -23.87
CA PRO CC 4 23.07 63.05 -23.14
C PRO CC 4 22.28 63.99 -22.23
N LYS CC 5 23.01 64.60 -21.31
CA LYS CC 5 22.37 65.51 -20.35
C LYS CC 5 21.89 66.79 -21.01
N THR CC 6 22.33 67.09 -22.22
CA THR CC 6 21.89 68.27 -22.93
C THR CC 6 21.67 67.94 -24.40
N ARG CC 7 20.84 68.75 -25.04
CA ARG CC 7 20.56 68.57 -26.46
C ARG CC 7 20.17 69.91 -27.06
N ARG CC 8 20.79 70.26 -28.19
CA ARG CC 8 20.44 71.50 -28.89
C ARG CC 8 19.26 71.21 -29.79
N THR CC 9 18.09 71.71 -29.41
CA THR CC 9 16.86 71.42 -30.14
C THR CC 9 16.00 72.68 -30.17
N PHE CC 10 14.89 72.58 -30.89
CA PHE CC 10 14.00 73.73 -31.06
C PHE CC 10 13.38 74.14 -29.74
N CYS CC 11 13.25 75.45 -29.54
CA CYS CC 11 12.61 76.03 -28.36
C CYS CC 11 11.42 76.86 -28.82
N LYS CC 12 10.22 76.47 -28.39
CA LYS CC 12 9.01 77.16 -28.83
C LYS CC 12 8.99 78.60 -28.36
N LYS CC 13 9.35 78.85 -27.10
CA LYS CC 13 9.32 80.21 -26.57
C LYS CC 13 10.37 81.09 -27.24
N CYS CC 14 11.59 80.57 -27.40
CA CYS CC 14 12.62 81.34 -28.09
C CYS CC 14 12.36 81.44 -29.58
N GLY CC 15 11.64 80.51 -30.16
CA GLY CC 15 11.39 80.53 -31.59
C GLY CC 15 12.58 80.12 -32.43
N LYS CC 16 13.56 79.44 -31.85
CA LYS CC 16 14.73 78.99 -32.59
C LYS CC 16 15.39 77.87 -31.81
N HIS CC 17 16.37 77.23 -32.44
CA HIS CC 17 17.10 76.15 -31.80
C HIS CC 17 18.00 76.70 -30.70
N GLN CC 18 17.93 76.07 -29.53
CA GLN CC 18 18.71 76.44 -28.36
C GLN CC 18 19.17 75.18 -27.64
N PRO CC 19 20.24 75.25 -26.85
CA PRO CC 19 20.59 74.14 -25.99
C PRO CC 19 19.52 73.91 -24.93
N HIS CC 20 19.36 72.66 -24.54
CA HIS CC 20 18.35 72.28 -23.56
C HIS CC 20 18.96 71.34 -22.54
N LYS CC 21 18.76 71.66 -21.27
CA LYS CC 21 19.04 70.73 -20.17
C LYS CC 21 17.97 69.65 -20.19
N VAL CC 22 18.36 68.41 -19.95
CA VAL CC 22 17.45 67.28 -20.07
C VAL CC 22 17.32 66.59 -18.72
N THR CC 23 16.09 66.39 -18.28
CA THR CC 23 15.79 65.58 -17.10
C THR CC 23 14.77 64.53 -17.50
N GLN CC 24 14.35 63.72 -16.54
CA GLN CC 24 13.36 62.68 -16.78
C GLN CC 24 12.08 63.00 -16.01
N TYR CC 25 10.94 62.84 -16.67
CA TYR CC 25 9.66 63.19 -16.07
C TYR CC 25 9.32 62.23 -14.94
N LYS CC 26 8.90 62.80 -13.81
CA LYS CC 26 8.38 62.05 -12.68
C LYS CC 26 6.93 62.45 -12.46
N LYS CC 27 6.06 61.45 -12.26
CA LYS CC 27 4.67 61.73 -11.99
C LYS CC 27 4.54 62.56 -10.72
N GLY CC 28 3.76 63.64 -10.79
CA GLY CC 28 3.62 64.51 -9.66
C GLY CC 28 2.73 63.92 -8.57
N LYS CC 29 2.90 64.46 -7.37
CA LYS CC 29 2.03 64.08 -6.26
C LYS CC 29 0.63 64.60 -6.50
N ASP CC 30 -0.37 63.76 -6.25
CA ASP CC 30 -1.76 64.16 -6.41
C ASP CC 30 -2.12 65.23 -5.39
N SER CC 31 -2.74 66.32 -5.87
CA SER CC 31 -3.06 67.45 -5.01
C SER CC 31 -4.20 67.15 -4.03
N LEU CC 32 -4.90 66.03 -4.20
CA LEU CC 32 -5.94 65.53 -3.32
C LEU CC 32 -7.19 66.40 -3.34
N TYR CC 33 -7.16 67.54 -4.03
CA TYR CC 33 -8.34 68.39 -4.19
C TYR CC 33 -8.71 68.58 -5.64
N ALA CC 34 -8.12 67.81 -6.55
CA ALA CC 34 -8.57 67.80 -7.92
C ALA CC 34 -9.97 67.22 -8.00
N GLN CC 35 -10.72 67.64 -9.02
CA GLN CC 35 -12.15 67.35 -9.09
C GLN CC 35 -12.41 65.85 -9.09
N GLY CC 36 -11.60 65.09 -9.81
CA GLY CC 36 -11.77 63.65 -9.82
C GLY CC 36 -11.55 63.02 -8.46
N LYS CC 37 -10.50 63.47 -7.75
CA LYS CC 37 -10.25 62.95 -6.42
C LYS CC 37 -11.37 63.29 -5.46
N ARG CC 38 -11.88 64.52 -5.53
CA ARG CC 38 -12.97 64.93 -4.66
C ARG CC 38 -14.23 64.11 -4.93
N ARG CC 39 -14.57 63.94 -6.21
CA ARG CC 39 -15.74 63.14 -6.55
C ARG CC 39 -15.56 61.69 -6.13
N TYR CC 40 -14.36 61.15 -6.32
CA TYR CC 40 -14.12 59.76 -5.95
C TYR CC 40 -14.23 59.55 -4.45
N ASP CC 41 -13.70 60.49 -3.66
CA ASP CC 41 -13.82 60.39 -2.21
C ASP CC 41 -15.26 60.54 -1.77
N ARG CC 42 -16.01 61.44 -2.40
CA ARG CC 42 -17.42 61.59 -2.07
C ARG CC 42 -18.18 60.31 -2.37
N LYS CC 43 -17.88 59.67 -3.51
CA LYS CC 43 -18.52 58.42 -3.87
C LYS CC 43 -18.17 57.31 -2.88
N GLN CC 44 -16.89 57.22 -2.51
CA GLN CC 44 -16.45 56.19 -1.57
C GLN CC 44 -16.94 56.44 -0.16
N SER CC 45 -17.37 57.66 0.15
CA SER CC 45 -17.91 57.94 1.48
C SER CC 45 -19.22 57.19 1.68
N GLY CC 46 -19.40 56.64 2.88
CA GLY CC 46 -20.61 55.91 3.19
C GLY CC 46 -20.43 54.41 3.06
N TYR CC 47 -21.44 53.74 2.52
CA TYR CC 47 -21.43 52.30 2.36
C TYR CC 47 -21.38 51.96 0.87
N GLY CC 48 -21.50 50.67 0.57
CA GLY CC 48 -21.40 50.18 -0.79
C GLY CC 48 -20.01 49.73 -1.21
N GLY CC 49 -19.01 50.00 -0.38
CA GLY CC 49 -17.67 49.53 -0.68
C GLY CC 49 -17.06 50.22 -1.89
N GLN CC 50 -16.26 49.47 -2.63
CA GLN CC 50 -15.57 50.01 -3.79
C GLN CC 50 -16.57 50.38 -4.88
N THR CC 51 -16.40 51.58 -5.43
CA THR CC 51 -17.31 52.10 -6.45
C THR CC 51 -16.63 52.39 -7.78
N LYS CC 52 -15.32 52.20 -7.88
CA LYS CC 52 -14.62 52.38 -9.14
C LYS CC 52 -13.74 51.17 -9.41
N PRO CC 53 -13.55 50.81 -10.67
CA PRO CC 53 -12.76 49.62 -10.98
C PRO CC 53 -11.31 49.76 -10.57
N ILE CC 54 -10.71 48.65 -10.17
CA ILE CC 54 -9.30 48.58 -9.82
C ILE CC 54 -8.64 47.64 -10.82
N PHE CC 55 -7.66 48.16 -11.55
CA PHE CC 55 -7.16 47.51 -12.76
C PHE CC 55 -6.57 46.13 -12.50
N ARG CC 56 -5.45 46.09 -11.77
CA ARG CC 56 -4.82 44.86 -11.27
C ARG CC 56 -4.66 43.76 -12.33
N LYS CC 57 -4.62 44.15 -13.60
CA LYS CC 57 -4.37 43.21 -14.70
C LYS CC 57 -3.22 43.72 -15.55
N LYS CC 58 -2.14 44.12 -14.89
CA LYS CC 58 -1.01 44.74 -15.58
C LYS CC 58 -0.39 43.78 -16.58
N ALA CC 59 -0.19 44.25 -17.80
CA ALA CC 59 0.41 43.47 -18.86
C ALA CC 59 1.69 44.07 -19.40
N LYS CC 60 1.73 45.39 -19.60
CA LYS CC 60 2.95 46.03 -20.05
C LYS CC 60 4.02 45.94 -18.97
N THR CC 61 5.24 45.62 -19.38
CA THR CC 61 6.36 45.55 -18.46
C THR CC 61 7.20 46.81 -18.44
N THR CC 62 7.16 47.61 -19.51
CA THR CC 62 7.95 48.82 -19.62
C THR CC 62 7.03 50.01 -19.83
N LYS CC 63 7.47 51.17 -19.36
CA LYS CC 63 6.75 52.42 -19.53
C LYS CC 63 7.54 53.33 -20.46
N LYS CC 64 6.81 54.08 -21.28
CA LYS CC 64 7.44 55.06 -22.14
C LYS CC 64 8.13 56.13 -21.30
N ILE CC 65 9.23 56.66 -21.82
CA ILE CC 65 10.07 57.59 -21.09
C ILE CC 65 9.85 58.98 -21.65
N VAL CC 66 9.59 59.94 -20.77
CA VAL CC 66 9.40 61.34 -21.14
C VAL CC 66 10.62 62.12 -20.70
N LEU CC 67 11.25 62.79 -21.65
CA LEU CC 67 12.39 63.64 -21.40
C LEU CC 67 11.90 65.07 -21.25
N ARG CC 68 12.22 65.67 -20.11
CA ARG CC 68 11.84 67.04 -19.79
C ARG CC 68 12.99 67.95 -20.21
N LEU CC 69 12.77 68.69 -21.30
CA LEU CC 69 13.76 69.67 -21.73
C LEU CC 69 13.47 71.02 -21.10
N GLU CC 70 14.55 71.72 -20.76
CA GLU CC 70 14.45 73.06 -20.20
C GLU CC 70 15.42 73.95 -20.96
N CYS CC 71 14.94 75.08 -21.46
CA CYS CC 71 15.78 75.98 -22.22
C CYS CC 71 16.82 76.61 -21.31
N VAL CC 72 18.10 76.35 -21.59
CA VAL CC 72 19.18 76.78 -20.72
C VAL CC 72 19.39 78.29 -20.73
N GLU CC 73 18.73 79.01 -21.63
CA GLU CC 73 18.87 80.45 -21.66
C GLU CC 73 18.30 81.05 -20.37
N PRO CC 74 19.03 81.94 -19.71
CA PRO CC 74 18.58 82.43 -18.39
C PRO CC 74 17.24 83.14 -18.41
N ASN CC 75 16.90 83.84 -19.49
CA ASN CC 75 15.63 84.57 -19.51
C ASN CC 75 14.47 83.65 -19.86
N CYS CC 76 14.69 82.67 -20.74
CA CYS CC 76 13.64 81.74 -21.15
C CYS CC 76 13.87 80.41 -20.44
N ARG CC 77 13.09 80.17 -19.39
CA ARG CC 77 13.16 78.92 -18.66
C ARG CC 77 12.09 77.93 -19.13
N SER CC 78 11.67 78.05 -20.39
CA SER CC 78 10.55 77.24 -20.88
C SER CC 78 10.91 75.77 -20.91
N LYS CC 79 9.93 74.94 -20.59
CA LYS CC 79 10.10 73.50 -20.51
C LYS CC 79 9.22 72.82 -21.56
N ARG CC 80 9.61 71.59 -21.90
CA ARG CC 80 8.88 70.81 -22.89
C ARG CC 80 9.04 69.34 -22.57
N MET CC 81 8.13 68.54 -23.12
CA MET CC 81 8.12 67.10 -22.95
C MET CC 81 8.39 66.42 -24.29
N LEU CC 82 9.27 65.44 -24.29
CA LEU CC 82 9.43 64.55 -25.43
C LEU CC 82 9.17 63.11 -24.99
N ALA CC 83 8.62 62.30 -25.87
CA ALA CC 83 8.37 60.90 -25.60
C ALA CC 83 9.28 60.05 -26.45
N ILE CC 84 9.97 59.09 -25.84
CA ILE CC 84 10.79 58.16 -26.59
C ILE CC 84 10.15 56.79 -26.50
N LYS CC 85 10.66 55.83 -27.28
CA LYS CC 85 10.05 54.51 -27.32
C LYS CC 85 10.24 53.78 -25.99
N ARG CC 86 9.47 52.72 -25.82
CA ARG CC 86 9.52 51.95 -24.58
C ARG CC 86 10.90 51.33 -24.39
N CYS CC 87 11.36 51.30 -23.14
CA CYS CC 87 12.66 50.73 -22.84
C CYS CC 87 12.64 50.14 -21.45
N LYS CC 88 13.60 49.26 -21.18
CA LYS CC 88 13.73 48.64 -19.87
C LYS CC 88 14.75 49.37 -19.00
N HIS CC 89 15.99 49.48 -19.47
CA HIS CC 89 17.05 50.14 -18.74
C HIS CC 89 17.32 51.48 -19.40
N PHE CC 90 17.02 52.55 -18.68
CA PHE CC 90 17.19 53.91 -19.19
C PHE CC 90 18.25 54.61 -18.35
N GLU CC 91 19.24 55.18 -19.02
CA GLU CC 91 20.32 55.91 -18.37
C GLU CC 91 20.43 57.29 -18.97
N LEU CC 92 20.62 58.29 -18.11
CA LEU CC 92 20.75 59.68 -18.52
C LEU CC 92 22.23 60.06 -18.48
N GLY CC 93 22.78 60.40 -19.64
CA GLY CC 93 24.15 60.86 -19.73
C GLY CC 93 25.18 59.83 -19.31
N GLY CC 94 25.03 58.61 -19.80
CA GLY CC 94 25.99 57.57 -19.49
C GLY CC 94 27.28 57.72 -20.27
N ASP CC 95 28.21 56.82 -19.99
CA ASP CC 95 29.50 56.84 -20.66
C ASP CC 95 29.33 56.52 -22.14
N LYS CC 96 30.01 57.28 -23.00
CA LYS CC 96 29.94 57.02 -24.43
C LYS CC 96 30.72 55.76 -24.77
N LYS CC 97 30.20 55.01 -25.74
CA LYS CC 97 30.87 53.79 -26.19
C LYS CC 97 31.94 54.12 -27.22
N ARG CC 98 33.02 53.34 -27.19
CA ARG CC 98 34.12 53.49 -28.14
C ARG CC 98 34.40 52.15 -28.80
N LYS CC 99 34.50 52.17 -30.13
CA LYS CC 99 34.70 50.92 -30.89
C LYS CC 99 36.13 50.41 -30.74
N GLY CC 100 37.09 51.30 -30.54
CA GLY CC 100 38.48 50.90 -30.52
C GLY CC 100 39.01 50.57 -29.13
N GLN CC 101 38.40 49.58 -28.47
CA GLN CC 101 38.84 49.13 -27.16
C GLN CC 101 38.78 47.61 -27.14
N VAL CC 102 38.91 47.04 -25.95
CA VAL CC 102 38.81 45.60 -25.75
C VAL CC 102 37.76 45.33 -24.69
N ILE CC 103 36.98 44.26 -24.89
CA ILE CC 103 35.99 43.87 -23.91
C ILE CC 103 36.69 43.37 -22.66
N GLN CC 104 36.25 43.87 -21.50
CA GLN CC 104 36.83 43.42 -20.24
C GLN CC 104 36.54 41.94 -20.03
N PHE CC 105 37.57 41.20 -19.64
CA PHE CC 105 37.46 39.76 -19.50
C PHE CC 105 36.72 39.40 -18.21
N ALA DC 1 -22.28 -22.41 48.23
CA ALA DC 1 -21.00 -22.63 47.56
C ALA DC 1 -20.48 -21.34 46.94
N LYS DC 2 -19.21 -21.34 46.58
CA LYS DC 2 -18.63 -20.20 45.87
C LYS DC 2 -19.19 -20.22 44.44
N ARG DC 3 -20.18 -19.37 44.19
CA ARG DC 3 -20.81 -19.36 42.88
C ARG DC 3 -19.94 -18.68 41.83
N THR DC 4 -19.24 -17.61 42.22
CA THR DC 4 -18.39 -16.85 41.32
C THR DC 4 -16.96 -16.88 41.82
N LYS DC 5 -16.02 -17.14 40.92
CA LYS DC 5 -14.63 -17.26 41.33
C LYS DC 5 -14.06 -15.91 41.75
N LYS DC 6 -14.24 -14.87 40.92
CA LYS DC 6 -13.58 -13.60 41.19
C LYS DC 6 -14.45 -12.37 41.02
N VAL DC 7 -15.54 -12.41 40.26
CA VAL DC 7 -16.26 -11.18 39.95
C VAL DC 7 -16.98 -10.64 41.19
N GLY DC 8 -17.57 -11.52 41.97
CA GLY DC 8 -18.29 -11.08 43.15
C GLY DC 8 -19.57 -10.33 42.80
N ILE DC 9 -19.65 -9.05 43.18
CA ILE DC 9 -20.90 -8.32 43.01
C ILE DC 9 -21.09 -7.82 41.58
N VAL DC 10 -20.02 -7.70 40.80
CA VAL DC 10 -20.16 -7.18 39.43
C VAL DC 10 -20.63 -8.24 38.46
N GLY DC 11 -20.91 -9.45 38.92
CA GLY DC 11 -21.46 -10.47 38.05
C GLY DC 11 -22.82 -10.09 37.49
N LYS DC 12 -23.51 -9.16 38.14
CA LYS DC 12 -24.78 -8.67 37.60
C LYS DC 12 -24.58 -7.95 36.28
N TYR DC 13 -23.40 -7.38 36.07
CA TYR DC 13 -23.14 -6.65 34.83
C TYR DC 13 -22.76 -7.58 33.69
N GLY DC 14 -22.57 -8.87 33.96
CA GLY DC 14 -22.32 -9.82 32.91
C GLY DC 14 -20.97 -9.60 32.24
N THR DC 15 -20.93 -9.90 30.94
CA THR DC 15 -19.71 -9.83 30.16
C THR DC 15 -19.49 -8.47 29.53
N ARG DC 16 -20.03 -7.41 30.13
CA ARG DC 16 -20.02 -6.09 29.51
C ARG DC 16 -19.05 -5.14 30.22
N TYR DC 17 -18.76 -4.03 29.53
CA TYR DC 17 -18.11 -2.85 30.09
C TYR DC 17 -16.62 -3.04 30.40
N GLY DC 18 -16.10 -4.24 30.25
CA GLY DC 18 -14.67 -4.39 30.45
C GLY DC 18 -14.31 -4.84 31.85
N ALA DC 19 -13.32 -5.75 31.91
CA ALA DC 19 -12.92 -6.34 33.18
C ALA DC 19 -12.31 -5.31 34.11
N SER DC 20 -11.49 -4.42 33.58
CA SER DC 20 -10.85 -3.41 34.43
C SER DC 20 -11.88 -2.46 35.02
N LEU DC 21 -12.85 -2.05 34.22
CA LEU DC 21 -13.91 -1.19 34.74
C LEU DC 21 -14.75 -1.91 35.78
N ARG DC 22 -15.06 -3.17 35.53
CA ARG DC 22 -15.81 -3.95 36.52
C ARG DC 22 -15.03 -4.10 37.80
N LYS DC 23 -13.73 -4.35 37.71
CA LYS DC 23 -12.89 -4.46 38.90
C LYS DC 23 -12.83 -3.14 39.65
N MET DC 24 -12.72 -2.03 38.93
CA MET DC 24 -12.68 -0.72 39.59
C MET DC 24 -13.98 -0.40 40.28
N VAL DC 25 -15.11 -0.75 39.66
CA VAL DC 25 -16.40 -0.43 40.27
C VAL DC 25 -16.80 -1.45 41.34
N LYS DC 26 -16.15 -2.61 41.37
CA LYS DC 26 -16.48 -3.63 42.36
C LYS DC 26 -16.25 -3.14 43.78
N LYS DC 27 -15.07 -2.61 44.06
CA LYS DC 27 -14.76 -2.10 45.39
C LYS DC 27 -15.66 -0.94 45.76
N ILE DC 28 -15.94 -0.06 44.79
CA ILE DC 28 -16.82 1.09 45.07
C ILE DC 28 -18.22 0.60 45.44
N GLU DC 29 -18.73 -0.39 44.70
CA GLU DC 29 -20.08 -0.90 44.98
C GLU DC 29 -20.11 -1.63 46.31
N ILE DC 30 -19.06 -2.36 46.64
CA ILE DC 30 -18.99 -3.04 47.93
C ILE DC 30 -19.01 -2.02 49.05
N SER DC 31 -18.23 -0.95 48.92
CA SER DC 31 -18.23 0.11 49.92
C SER DC 31 -19.58 0.79 50.01
N GLN DC 32 -20.22 1.03 48.87
CA GLN DC 32 -21.47 1.78 48.85
C GLN DC 32 -22.60 1.00 49.47
N HIS DC 33 -22.78 -0.25 49.06
CA HIS DC 33 -23.94 -1.03 49.50
C HIS DC 33 -23.75 -1.63 50.88
N ALA DC 34 -22.57 -1.52 51.46
CA ALA DC 34 -22.34 -2.06 52.79
C ALA DC 34 -23.07 -1.23 53.85
N LYS DC 35 -23.42 -1.90 54.95
CA LYS DC 35 -24.05 -1.24 56.08
C LYS DC 35 -23.02 -1.07 57.18
N TYR DC 36 -22.85 0.17 57.64
CA TYR DC 36 -21.81 0.52 58.59
C TYR DC 36 -22.39 0.65 59.99
N THR DC 37 -21.52 0.49 60.98
CA THR DC 37 -21.92 0.73 62.36
C THR DC 37 -22.18 2.22 62.57
N CYS DC 38 -23.21 2.52 63.35
CA CYS DC 38 -23.61 3.90 63.59
C CYS DC 38 -22.89 4.43 64.82
N SER DC 39 -22.20 5.56 64.65
CA SER DC 39 -21.46 6.15 65.76
C SER DC 39 -22.36 6.75 66.82
N PHE DC 40 -23.67 6.86 66.57
CA PHE DC 40 -24.59 7.40 67.55
C PHE DC 40 -25.32 6.33 68.34
N CYS DC 41 -25.49 5.13 67.79
CA CYS DC 41 -26.20 4.07 68.48
C CYS DC 41 -25.46 2.75 68.51
N GLY DC 42 -24.38 2.59 67.74
CA GLY DC 42 -23.64 1.36 67.75
C GLY DC 42 -24.26 0.23 66.97
N LYS DC 43 -25.34 0.47 66.25
CA LYS DC 43 -26.01 -0.56 65.48
C LYS DC 43 -25.48 -0.57 64.05
N THR DC 44 -25.52 -1.74 63.42
CA THR DC 44 -25.12 -1.88 62.02
C THR DC 44 -26.34 -1.63 61.14
N LYS DC 45 -26.81 -0.38 61.18
CA LYS DC 45 -28.00 0.02 60.45
C LYS DC 45 -27.78 1.20 59.52
N MET DC 46 -26.64 1.89 59.62
CA MET DC 46 -26.37 3.01 58.75
C MET DC 46 -26.16 2.54 57.33
N LYS DC 47 -26.85 3.16 56.38
CA LYS DC 47 -26.72 2.80 54.99
C LYS DC 47 -26.96 4.03 54.13
N ARG DC 48 -26.48 3.97 52.89
CA ARG DC 48 -26.58 5.09 51.98
C ARG DC 48 -28.01 5.23 51.47
N ARG DC 49 -28.56 6.43 51.57
CA ARG DC 49 -29.89 6.72 51.06
C ARG DC 49 -29.83 7.33 49.67
N ALA DC 50 -29.12 8.44 49.53
CA ALA DC 50 -28.78 9.02 48.24
C ALA DC 50 -27.28 9.18 48.18
N VAL DC 51 -26.79 9.82 47.11
CA VAL DC 51 -25.36 10.07 47.02
C VAL DC 51 -24.96 11.05 48.11
N GLY DC 52 -23.90 10.69 48.85
CA GLY DC 52 -23.42 11.56 49.89
C GLY DC 52 -24.28 11.62 51.14
N ILE DC 53 -25.35 10.84 51.21
CA ILE DC 53 -26.27 10.88 52.34
C ILE DC 53 -26.32 9.49 52.96
N TRP DC 54 -26.06 9.42 54.27
CA TRP DC 54 -26.11 8.17 54.99
C TRP DC 54 -27.15 8.31 56.09
N HIS DC 55 -27.92 7.25 56.34
CA HIS DC 55 -29.00 7.32 57.30
C HIS DC 55 -29.06 6.01 58.08
N CYS DC 56 -29.40 6.11 59.37
CA CYS DC 56 -29.48 4.95 60.25
C CYS DC 56 -30.94 4.64 60.54
N GLY DC 57 -31.31 3.37 60.39
CA GLY DC 57 -32.69 2.98 60.60
C GLY DC 57 -33.13 3.10 62.04
N SER DC 58 -32.26 2.73 62.97
CA SER DC 58 -32.67 2.64 64.37
C SER DC 58 -32.83 4.01 65.00
N CYS DC 59 -31.75 4.79 65.06
CA CYS DC 59 -31.80 6.08 65.73
C CYS DC 59 -32.27 7.19 64.81
N MET DC 60 -32.59 6.87 63.54
CA MET DC 60 -33.12 7.85 62.58
C MET DC 60 -32.19 9.03 62.38
N LYS DC 61 -30.88 8.79 62.46
CA LYS DC 61 -29.89 9.84 62.30
C LYS DC 61 -29.39 9.87 60.86
N THR DC 62 -29.36 11.06 60.28
CA THR DC 62 -28.88 11.25 58.91
C THR DC 62 -27.64 12.11 58.95
N VAL DC 63 -26.62 11.69 58.20
CA VAL DC 63 -25.31 12.31 58.20
C VAL DC 63 -24.87 12.51 56.75
N ALA DC 64 -24.15 13.60 56.49
CA ALA DC 64 -23.62 13.86 55.17
C ALA DC 64 -22.21 13.28 55.07
N GLY DC 65 -22.04 12.28 54.21
CA GLY DC 65 -20.75 11.65 54.03
C GLY DC 65 -20.35 11.55 52.57
N GLY DC 66 -19.49 10.59 52.24
CA GLY DC 66 -19.01 10.46 50.89
C GLY DC 66 -20.02 9.79 49.98
N ALA DC 67 -19.70 9.79 48.68
CA ALA DC 67 -20.57 9.15 47.71
C ALA DC 67 -20.57 7.64 47.88
N TRP DC 68 -19.43 7.06 48.17
CA TRP DC 68 -19.31 5.61 48.24
C TRP DC 68 -18.90 5.10 49.60
N THR DC 69 -17.92 5.74 50.24
CA THR DC 69 -17.60 5.41 51.62
C THR DC 69 -18.50 6.20 52.57
N TYR DC 70 -18.62 5.71 53.79
CA TYR DC 70 -19.40 6.41 54.80
C TYR DC 70 -18.80 7.77 55.09
N ASN DC 71 -17.47 7.84 55.20
CA ASN DC 71 -16.76 9.10 55.39
C ASN DC 71 -15.40 8.98 54.73
N THR DC 72 -15.08 9.93 53.85
CA THR DC 72 -13.83 9.87 53.12
C THR DC 72 -12.65 10.09 54.05
N THR DC 73 -11.54 9.40 53.75
CA THR DC 73 -10.31 9.62 54.49
C THR DC 73 -9.85 11.07 54.37
N SER DC 74 -10.13 11.71 53.24
CA SER DC 74 -9.87 13.12 53.10
C SER DC 74 -10.62 13.92 54.15
N ALA DC 75 -11.91 13.62 54.33
CA ALA DC 75 -12.70 14.33 55.33
C ALA DC 75 -12.23 14.00 56.75
N VAL DC 76 -11.76 12.79 56.99
CA VAL DC 76 -11.23 12.44 58.32
C VAL DC 76 -9.99 13.28 58.63
N THR DC 77 -9.07 13.37 57.66
CA THR DC 77 -7.89 14.22 57.84
C THR DC 77 -8.28 15.67 58.00
N VAL DC 78 -9.31 16.12 57.29
CA VAL DC 78 -9.81 17.49 57.46
C VAL DC 78 -10.30 17.70 58.87
N LYS DC 79 -11.05 16.74 59.41
CA LYS DC 79 -11.56 16.88 60.78
C LYS DC 79 -10.42 16.96 61.78
N SER DC 80 -9.41 16.11 61.62
CA SER DC 80 -8.26 16.15 62.52
C SER DC 80 -7.53 17.49 62.41
N ALA DC 81 -7.36 17.99 61.19
CA ALA DC 81 -6.69 19.27 60.99
C ALA DC 81 -7.48 20.41 61.62
N ILE DC 82 -8.80 20.38 61.50
CA ILE DC 82 -9.62 21.44 62.09
C ILE DC 82 -9.57 21.38 63.61
N ARG DC 83 -9.56 20.17 64.17
CA ARG DC 83 -9.43 20.06 65.63
C ARG DC 83 -8.09 20.62 66.09
N ARG DC 84 -7.03 20.31 65.34
CA ARG DC 84 -5.72 20.85 65.68
C ARG DC 84 -5.69 22.37 65.58
N LEU DC 85 -6.32 22.93 64.54
CA LEU DC 85 -6.36 24.38 64.42
C LEU DC 85 -7.16 25.01 65.54
N LYS DC 86 -8.25 24.36 65.95
CA LYS DC 86 -9.05 24.88 67.05
C LYS DC 86 -8.28 24.87 68.36
N GLU DC 87 -7.58 23.78 68.64
CA GLU DC 87 -6.79 23.72 69.87
C GLU DC 87 -5.55 24.60 69.80
N LEU DC 88 -5.12 24.99 68.60
CA LEU DC 88 -4.05 25.97 68.45
C LEU DC 88 -4.57 27.39 68.56
N LYS DC 89 -5.84 27.63 68.25
CA LYS DC 89 -6.40 28.97 68.32
C LYS DC 89 -6.32 29.53 69.74
N ASP DC 90 -6.66 28.70 70.73
CA ASP DC 90 -6.45 29.06 72.12
C ASP DC 90 -5.08 28.61 72.58
N GLN DC 91 -4.40 29.47 73.33
CA GLN DC 91 -3.04 29.21 73.76
C GLN DC 91 -3.00 28.69 75.20
N SER EC 1 -69.34 75.68 -60.60
CA SER EC 1 -69.64 75.26 -61.97
C SER EC 1 -70.08 73.82 -62.02
N ALA EC 2 -70.53 73.38 -63.20
CA ALA EC 2 -71.01 72.01 -63.36
C ALA EC 2 -69.89 71.00 -63.14
N HIS EC 3 -68.70 71.28 -63.68
CA HIS EC 3 -67.58 70.38 -63.48
C HIS EC 3 -67.18 70.30 -62.01
N LEU EC 4 -67.18 71.44 -61.32
CA LEU EC 4 -66.87 71.45 -59.90
C LEU EC 4 -67.88 70.64 -59.10
N GLN EC 5 -69.16 70.84 -59.39
CA GLN EC 5 -70.20 70.09 -58.69
C GLN EC 5 -70.09 68.61 -58.96
N TRP EC 6 -69.76 68.22 -60.19
CA TRP EC 6 -69.56 66.81 -60.49
C TRP EC 6 -68.37 66.25 -59.73
N MET EC 7 -67.28 67.02 -59.63
CA MET EC 7 -66.14 66.55 -58.85
C MET EC 7 -66.51 66.38 -57.39
N VAL EC 8 -67.43 67.19 -56.89
CA VAL EC 8 -67.91 67.01 -55.53
C VAL EC 8 -68.75 65.74 -55.40
N VAL EC 9 -69.69 65.53 -56.34
CA VAL EC 9 -70.73 64.53 -56.16
C VAL EC 9 -70.44 63.23 -56.89
N ARG EC 10 -69.23 63.07 -57.44
CA ARG EC 10 -68.92 61.85 -58.17
C ARG EC 10 -68.96 60.60 -57.30
N ASN EC 11 -68.79 60.76 -55.98
CA ASN EC 11 -68.78 59.63 -55.08
C ASN EC 11 -69.69 59.78 -53.87
N CYS EC 12 -70.07 60.99 -53.49
CA CYS EC 12 -70.88 61.23 -52.30
C CYS EC 12 -72.18 61.88 -52.73
N SER EC 13 -73.19 61.04 -52.99
CA SER EC 13 -74.50 61.52 -53.39
C SER EC 13 -75.57 60.59 -52.82
N SER EC 14 -76.67 61.17 -52.34
CA SER EC 14 -77.75 60.35 -51.82
C SER EC 14 -78.44 59.54 -52.91
N PHE EC 15 -78.32 59.95 -54.16
CA PHE EC 15 -78.90 59.20 -55.27
C PHE EC 15 -77.99 58.10 -55.77
N LEU EC 16 -76.75 58.03 -55.28
CA LEU EC 16 -75.80 57.05 -55.78
C LEU EC 16 -76.14 55.66 -55.26
N ILE EC 17 -76.16 54.70 -56.18
CA ILE EC 17 -76.37 53.30 -55.84
C ILE EC 17 -75.20 52.50 -56.39
N LYS EC 18 -74.55 51.72 -55.54
CA LYS EC 18 -73.43 50.87 -55.93
C LYS EC 18 -73.69 49.47 -55.41
N ARG EC 19 -74.04 48.56 -56.32
CA ARG EC 19 -74.33 47.19 -55.94
C ARG EC 19 -74.12 46.28 -57.15
N ASN EC 20 -73.69 45.05 -56.86
CA ASN EC 20 -73.50 44.01 -57.88
C ASN EC 20 -72.60 44.50 -59.01
N LYS EC 21 -71.51 45.17 -58.63
CA LYS EC 21 -70.52 45.72 -59.55
C LYS EC 21 -71.13 46.71 -60.53
N GLN EC 22 -72.26 47.32 -60.19
CA GLN EC 22 -72.91 48.29 -61.04
C GLN EC 22 -73.03 49.62 -60.31
N THR EC 23 -73.40 50.65 -61.07
CA THR EC 23 -73.57 51.98 -60.51
C THR EC 23 -74.75 52.64 -61.20
N TYR EC 24 -75.68 53.16 -60.40
CA TYR EC 24 -76.83 53.88 -60.92
C TYR EC 24 -77.13 55.07 -60.03
N SER EC 25 -77.69 56.10 -60.64
CA SER EC 25 -78.08 57.32 -59.92
C SER EC 25 -79.58 57.53 -60.08
N THR EC 26 -80.19 58.09 -59.04
CA THR EC 26 -81.65 58.21 -58.97
C THR EC 26 -82.11 59.66 -58.87
N GLU EC 27 -81.38 60.59 -59.45
CA GLU EC 27 -81.90 61.95 -59.51
C GLU EC 27 -83.05 62.00 -60.52
N PRO EC 28 -84.00 62.91 -60.34
CA PRO EC 28 -85.21 62.88 -61.18
C PRO EC 28 -84.95 63.06 -62.67
N ASN EC 29 -83.90 63.76 -63.06
CA ASN EC 29 -83.67 64.11 -64.46
C ASN EC 29 -82.51 63.35 -65.06
N ASN EC 30 -82.39 62.07 -64.75
CA ASN EC 30 -81.29 61.25 -65.24
C ASN EC 30 -81.83 60.30 -66.30
N LEU EC 31 -81.56 60.62 -67.57
CA LEU EC 31 -81.79 59.65 -68.63
C LEU EC 31 -80.78 58.51 -68.51
N LYS EC 32 -81.25 57.29 -68.76
CA LYS EC 32 -80.48 56.05 -68.67
C LYS EC 32 -80.13 55.70 -67.22
N ALA EC 33 -80.48 56.58 -66.28
CA ALA EC 33 -80.37 56.33 -64.84
C ALA EC 33 -78.96 55.91 -64.42
N ARG EC 34 -77.95 56.35 -65.15
CA ARG EC 34 -76.57 56.00 -64.83
C ARG EC 34 -75.87 57.16 -64.15
N ASN EC 35 -74.77 56.84 -63.48
CA ASN EC 35 -73.94 57.84 -62.84
C ASN EC 35 -72.88 58.29 -63.84
N SER EC 36 -72.95 59.56 -64.25
CA SER EC 36 -71.97 60.11 -65.17
C SER EC 36 -72.02 61.62 -65.11
N PHE EC 37 -70.95 62.26 -65.57
CA PHE EC 37 -70.95 63.70 -65.72
C PHE EC 37 -71.95 64.13 -66.78
N ARG EC 38 -72.04 63.38 -67.87
CA ARG EC 38 -72.92 63.75 -68.97
C ARG EC 38 -74.38 63.61 -68.59
N TYR EC 39 -74.74 62.51 -67.93
CA TYR EC 39 -76.13 62.17 -67.66
C TYR EC 39 -76.61 62.62 -66.29
N ASN EC 40 -75.79 63.34 -65.53
CA ASN EC 40 -76.25 63.83 -64.23
C ASN EC 40 -77.28 64.94 -64.42
N GLY EC 41 -78.40 64.82 -63.73
CA GLY EC 41 -79.51 65.72 -63.95
C GLY EC 41 -79.58 66.89 -62.99
N LEU EC 42 -78.45 67.20 -62.35
CA LEU EC 42 -78.47 68.25 -61.34
C LEU EC 42 -77.36 69.27 -61.56
N ILE EC 43 -76.25 68.83 -62.13
CA ILE EC 43 -75.06 69.69 -62.21
C ILE EC 43 -75.11 70.63 -63.42
N HIS EC 44 -75.70 70.20 -64.53
CA HIS EC 44 -75.61 70.98 -65.75
C HIS EC 44 -76.59 72.15 -65.73
N ARG EC 45 -76.19 73.24 -66.38
CA ARG EC 45 -77.03 74.43 -66.42
C ARG EC 45 -78.34 74.15 -67.17
N LYS EC 46 -78.26 73.40 -68.26
CA LYS EC 46 -79.44 73.06 -69.05
C LYS EC 46 -79.54 71.53 -69.12
N THR EC 47 -80.66 70.99 -68.64
CA THR EC 47 -80.89 69.56 -68.63
C THR EC 47 -82.29 69.26 -69.16
N VAL EC 48 -82.44 68.05 -69.66
CA VAL EC 48 -83.71 67.56 -70.20
C VAL EC 48 -83.98 66.17 -69.64
N GLY EC 49 -85.22 65.94 -69.23
CA GLY EC 49 -85.60 64.65 -68.69
C GLY EC 49 -87.00 64.27 -69.13
N VAL EC 50 -87.23 62.96 -69.17
CA VAL EC 50 -88.52 62.40 -69.59
C VAL EC 50 -89.02 61.51 -68.47
N GLU EC 51 -90.26 61.72 -68.06
CA GLU EC 51 -90.89 60.92 -67.01
C GLU EC 51 -92.26 60.46 -67.45
N PRO EC 52 -92.78 59.39 -66.86
CA PRO EC 52 -94.19 59.05 -67.10
C PRO EC 52 -95.10 60.12 -66.54
N ALA EC 53 -96.25 60.26 -67.18
CA ALA EC 53 -97.21 61.29 -66.77
C ALA EC 53 -97.81 60.95 -65.41
N ALA EC 54 -98.55 61.92 -64.87
CA ALA EC 54 -99.19 61.72 -63.57
C ALA EC 54 -100.18 60.56 -63.62
N ASP EC 55 -100.96 60.49 -64.68
CA ASP EC 55 -101.85 59.35 -64.91
C ASP EC 55 -101.08 58.26 -65.66
N GLY EC 56 -101.80 57.25 -66.14
CA GLY EC 56 -101.17 56.17 -66.85
C GLY EC 56 -101.19 56.33 -68.35
N LYS EC 57 -101.05 57.56 -68.83
CA LYS EC 57 -101.06 57.82 -70.27
C LYS EC 57 -100.31 59.10 -70.55
N GLY EC 58 -99.47 59.08 -71.57
CA GLY EC 58 -98.66 60.22 -71.94
C GLY EC 58 -97.38 60.31 -71.14
N VAL EC 59 -96.54 61.26 -71.54
CA VAL EC 59 -95.25 61.49 -70.91
C VAL EC 59 -95.15 62.96 -70.52
N VAL EC 60 -94.24 63.24 -69.59
CA VAL EC 60 -93.92 64.60 -69.17
C VAL EC 60 -92.46 64.84 -69.50
N VAL EC 61 -92.22 65.80 -70.38
CA VAL EC 61 -90.87 66.22 -70.72
C VAL EC 61 -90.58 67.50 -69.96
N VAL EC 62 -89.48 67.52 -69.22
CA VAL EC 62 -89.10 68.65 -68.40
C VAL EC 62 -87.72 69.13 -68.84
N ILE EC 63 -87.57 70.44 -68.97
CA ILE EC 63 -86.27 71.01 -69.30
C ILE EC 63 -85.98 72.14 -68.33
N LYS EC 64 -84.69 72.40 -68.13
CA LYS EC 64 -84.24 73.39 -67.17
C LYS EC 64 -83.98 74.71 -67.89
N ARG EC 65 -84.60 75.78 -67.39
CA ARG EC 65 -84.41 77.08 -68.03
C ARG EC 65 -83.06 77.68 -67.65
N ARG EC 66 -82.60 78.63 -68.47
CA ARG EC 66 -81.28 79.21 -68.28
C ARG EC 66 -81.25 80.33 -67.26
N SER EC 67 -82.41 80.78 -66.77
CA SER EC 67 -82.45 81.96 -65.91
C SER EC 67 -82.34 81.60 -64.43
N GLY EC 68 -83.26 80.80 -63.92
CA GLY EC 68 -83.30 80.53 -62.49
C GLY EC 68 -82.46 79.35 -62.06
N GLN EC 69 -81.14 79.51 -62.08
CA GLN EC 69 -80.27 78.42 -61.63
C GLN EC 69 -80.39 78.19 -60.12
N ARG EC 70 -80.58 79.27 -59.35
CA ARG EC 70 -80.70 79.17 -57.91
C ARG EC 70 -82.14 79.22 -57.44
N LYS EC 71 -83.10 79.02 -58.34
CA LYS EC 71 -84.53 79.09 -58.02
C LYS EC 71 -85.19 77.81 -58.49
N PRO EC 72 -85.01 76.71 -57.75
CA PRO EC 72 -85.49 75.41 -58.22
C PRO EC 72 -87.00 75.31 -58.31
N ALA EC 73 -87.75 76.19 -57.65
CA ALA EC 73 -89.20 76.12 -57.71
C ALA EC 73 -89.70 76.37 -59.13
N THR EC 74 -89.08 77.32 -59.84
CA THR EC 74 -89.47 77.67 -61.20
C THR EC 74 -88.43 77.28 -62.23
N SER EC 75 -87.34 76.63 -61.82
CA SER EC 75 -86.24 76.34 -62.73
C SER EC 75 -86.59 75.32 -63.79
N TYR EC 76 -87.63 74.53 -63.58
CA TYR EC 76 -87.97 73.44 -64.48
C TYR EC 76 -89.30 73.70 -65.16
N VAL EC 77 -89.29 73.64 -66.48
CA VAL EC 77 -90.49 73.78 -67.30
C VAL EC 77 -90.93 72.38 -67.71
N ARG EC 78 -92.15 72.01 -67.33
CA ARG EC 78 -92.69 70.69 -67.57
C ARG EC 78 -93.84 70.79 -68.55
N THR EC 79 -93.86 69.87 -69.52
CA THR EC 79 -94.95 69.81 -70.49
C THR EC 79 -95.37 68.35 -70.66
N THR EC 80 -96.62 68.15 -71.07
CA THR EC 80 -97.21 66.83 -71.20
C THR EC 80 -97.52 66.55 -72.66
N ILE EC 81 -97.07 65.40 -73.13
CA ILE EC 81 -97.33 64.96 -74.50
C ILE EC 81 -98.12 63.65 -74.42
N ASN EC 82 -99.30 63.63 -75.05
CA ASN EC 82 -100.20 62.49 -74.96
C ASN EC 82 -100.73 62.12 -76.34
N LYS EC 83 -99.84 62.05 -77.30
CA LYS EC 83 -100.18 61.66 -78.67
C LYS EC 83 -99.66 60.26 -78.95
N ASN EC 84 -99.74 59.84 -80.21
CA ASN EC 84 -99.21 58.54 -80.59
C ASN EC 84 -97.69 58.54 -80.46
N ALA EC 85 -97.12 57.34 -80.51
CA ALA EC 85 -95.71 57.17 -80.20
C ALA EC 85 -94.83 57.89 -81.20
N ARG EC 86 -95.13 57.75 -82.50
CA ARG EC 86 -94.29 58.38 -83.52
C ARG EC 86 -94.35 59.89 -83.42
N ALA EC 87 -95.54 60.44 -83.21
CA ALA EC 87 -95.68 61.88 -83.06
C ALA EC 87 -94.94 62.39 -81.84
N THR EC 88 -95.02 61.65 -80.73
CA THR EC 88 -94.33 62.07 -79.51
C THR EC 88 -92.81 62.06 -79.72
N LEU EC 89 -92.29 61.01 -80.35
CA LEU EC 89 -90.86 60.94 -80.61
C LEU EC 89 -90.42 62.06 -81.53
N SER EC 90 -91.21 62.35 -82.57
CA SER EC 90 -90.86 63.45 -83.46
C SER EC 90 -90.86 64.78 -82.73
N SER EC 91 -91.83 64.99 -81.84
CA SER EC 91 -91.89 66.23 -81.09
C SER EC 91 -90.69 66.39 -80.18
N ILE EC 92 -90.29 65.32 -79.50
CA ILE EC 92 -89.11 65.39 -78.62
C ILE EC 92 -87.87 65.65 -79.46
N ARG EC 93 -87.75 64.97 -80.60
CA ARG EC 93 -86.61 65.15 -81.47
C ARG EC 93 -86.51 66.59 -81.94
N HIS EC 94 -87.64 67.19 -82.30
CA HIS EC 94 -87.64 68.61 -82.65
C HIS EC 94 -87.23 69.46 -81.46
N MET EC 95 -87.84 69.23 -80.28
CA MET EC 95 -87.54 70.02 -79.10
C MET EC 95 -86.06 70.05 -78.79
N ILE EC 96 -85.38 68.92 -78.98
CA ILE EC 96 -83.97 68.83 -78.66
C ILE EC 96 -83.10 69.38 -79.78
N ARG EC 97 -83.27 68.87 -81.00
CA ARG EC 97 -82.37 69.22 -82.09
C ARG EC 97 -82.55 70.67 -82.53
N LYS EC 98 -83.80 71.09 -82.77
CA LYS EC 98 -84.03 72.43 -83.31
C LYS EC 98 -83.58 73.50 -82.32
N ASN EC 99 -83.81 73.28 -81.03
CA ASN EC 99 -83.33 74.21 -80.02
C ASN EC 99 -81.85 74.04 -79.70
N LYS EC 100 -81.25 72.93 -80.13
CA LYS EC 100 -79.87 72.59 -79.79
C LYS EC 100 -79.66 72.60 -78.28
N TYR EC 101 -80.67 72.11 -77.57
CA TYR EC 101 -80.69 72.06 -76.11
C TYR EC 101 -80.12 70.72 -75.69
N ARG EC 102 -78.81 70.70 -75.39
CA ARG EC 102 -78.07 69.50 -75.07
C ARG EC 102 -78.28 68.44 -76.15
N PRO EC 103 -77.71 68.66 -77.34
CA PRO EC 103 -77.99 67.75 -78.46
C PRO EC 103 -77.50 66.33 -78.23
N ASP EC 104 -76.55 66.13 -77.33
CA ASP EC 104 -76.00 64.81 -77.10
C ASP EC 104 -76.97 63.87 -76.41
N LEU EC 105 -78.05 64.39 -75.82
CA LEU EC 105 -79.03 63.57 -75.10
C LEU EC 105 -80.25 63.24 -75.94
N ARG EC 106 -80.21 63.55 -77.24
CA ARG EC 106 -81.40 63.37 -78.08
C ARG EC 106 -81.81 61.90 -78.15
N MET EC 107 -80.87 61.03 -78.51
CA MET EC 107 -81.21 59.62 -78.65
C MET EC 107 -81.58 58.99 -77.33
N ALA EC 108 -80.91 59.41 -76.24
CA ALA EC 108 -81.26 58.87 -74.92
C ALA EC 108 -82.68 59.25 -74.54
N ALA EC 109 -83.05 60.51 -74.75
CA ALA EC 109 -84.42 60.92 -74.46
C ALA EC 109 -85.42 60.18 -75.33
N ILE EC 110 -85.10 59.99 -76.61
CA ILE EC 110 -85.99 59.28 -77.51
C ILE EC 110 -86.20 57.85 -77.03
N ARG EC 111 -85.11 57.18 -76.64
CA ARG EC 111 -85.20 55.80 -76.17
C ARG EC 111 -86.00 55.71 -74.88
N ARG EC 112 -85.80 56.66 -73.96
CA ARG EC 112 -86.56 56.66 -72.72
C ARG EC 112 -88.04 56.87 -72.98
N ALA EC 113 -88.37 57.79 -73.89
CA ALA EC 113 -89.78 57.99 -74.25
C ALA EC 113 -90.37 56.74 -74.87
N SER EC 114 -89.60 56.06 -75.73
CA SER EC 114 -90.09 54.83 -76.35
C SER EC 114 -90.36 53.77 -75.29
N ALA EC 115 -89.45 53.64 -74.31
CA ALA EC 115 -89.66 52.67 -73.24
C ALA EC 115 -90.90 53.01 -72.43
N ILE EC 116 -91.08 54.29 -72.11
CA ILE EC 116 -92.23 54.69 -71.29
C ILE EC 116 -93.52 54.41 -72.04
N LEU EC 117 -93.55 54.72 -73.34
CA LEU EC 117 -94.75 54.47 -74.12
C LEU EC 117 -95.01 52.98 -74.29
N ARG EC 118 -93.96 52.18 -74.39
CA ARG EC 118 -94.13 50.74 -74.41
C ARG EC 118 -94.71 50.24 -73.11
N SER EC 119 -94.31 50.84 -71.99
CA SER EC 119 -94.84 50.42 -70.70
C SER EC 119 -96.29 50.85 -70.51
N GLN EC 120 -96.68 52.00 -71.06
CA GLN EC 120 -97.99 52.55 -70.75
C GLN EC 120 -99.12 51.74 -71.37
N LYS EC 121 -98.91 51.15 -72.54
CA LYS EC 121 -99.96 50.38 -73.18
C LYS EC 121 -100.29 49.14 -72.35
N PRO EC 122 -101.54 48.66 -72.40
CA PRO EC 122 -101.95 47.57 -71.51
C PRO EC 122 -101.14 46.31 -71.74
N VAL EC 123 -100.84 45.61 -70.64
CA VAL EC 123 -100.01 44.41 -70.67
C VAL EC 123 -100.76 43.28 -71.36
N MET EC 124 -100.04 42.19 -71.65
CA MET EC 124 -100.61 41.04 -72.32
C MET EC 124 -99.98 39.78 -71.76
N VAL EC 125 -100.58 38.64 -72.10
CA VAL EC 125 -100.07 37.35 -71.70
C VAL EC 125 -99.77 36.49 -72.92
N ASP FC 1 23.47 -22.90 -91.26
CA ASP FC 1 23.88 -24.29 -91.05
C ASP FC 1 23.01 -25.25 -91.83
N ARG FC 2 21.71 -25.18 -91.63
CA ARG FC 2 20.81 -26.15 -92.24
C ARG FC 2 20.71 -25.95 -93.75
N ALA FC 3 20.53 -24.70 -94.19
CA ALA FC 3 20.50 -24.42 -95.63
C ALA FC 3 21.84 -24.68 -96.27
N THR FC 4 22.93 -24.37 -95.55
CA THR FC 4 24.27 -24.68 -96.05
C THR FC 4 24.46 -26.17 -96.23
N TRP FC 5 23.98 -26.97 -95.28
CA TRP FC 5 24.07 -28.42 -95.40
C TRP FC 5 23.20 -28.94 -96.53
N LYS FC 6 22.04 -28.30 -96.75
CA LYS FC 6 21.18 -28.68 -97.86
C LYS FC 6 21.87 -28.44 -99.20
N SER FC 7 22.46 -27.26 -99.37
CA SER FC 7 23.24 -26.99 -100.57
C SER FC 7 24.45 -27.91 -100.69
N ASN FC 8 25.05 -28.27 -99.54
CA ASN FC 8 26.16 -29.21 -99.54
C ASN FC 8 25.74 -30.58 -100.05
N TYR FC 9 24.57 -31.05 -99.62
CA TYR FC 9 24.05 -32.31 -100.13
C TYR FC 9 23.70 -32.23 -101.61
N PHE FC 10 23.16 -31.08 -102.04
CA PHE FC 10 22.93 -30.87 -103.47
C PHE FC 10 24.22 -31.02 -104.27
N LEU FC 11 25.27 -30.33 -103.84
CA LEU FC 11 26.56 -30.47 -104.52
C LEU FC 11 27.11 -31.87 -104.42
N LYS FC 12 26.92 -32.53 -103.27
CA LYS FC 12 27.44 -33.89 -103.08
C LYS FC 12 26.80 -34.87 -104.05
N ILE FC 13 25.47 -34.78 -104.22
CA ILE FC 13 24.82 -35.69 -105.16
C ILE FC 13 25.15 -35.31 -106.60
N ILE FC 14 25.30 -34.01 -106.89
CA ILE FC 14 25.51 -33.62 -108.28
C ILE FC 14 26.95 -33.85 -108.73
N GLN FC 15 27.91 -33.95 -107.81
CA GLN FC 15 29.29 -34.26 -108.16
C GLN FC 15 29.52 -35.76 -108.29
N LEU FC 16 28.56 -36.58 -107.87
CA LEU FC 16 28.68 -38.02 -107.97
C LEU FC 16 27.80 -38.62 -109.06
N LEU FC 17 26.60 -38.08 -109.29
CA LEU FC 17 25.78 -38.61 -110.37
C LEU FC 17 26.40 -38.28 -111.73
N ASP FC 18 27.00 -37.10 -111.85
CA ASP FC 18 27.73 -36.77 -113.08
C ASP FC 18 29.00 -37.60 -113.21
N ASP FC 19 29.65 -37.90 -112.09
CA ASP FC 19 30.84 -38.75 -112.12
C ASP FC 19 30.50 -40.15 -112.59
N TYR FC 20 29.38 -40.70 -112.12
CA TYR FC 20 28.95 -42.06 -112.46
C TYR FC 20 27.54 -42.00 -113.03
N PRO FC 21 27.41 -41.91 -114.36
CA PRO FC 21 26.06 -41.95 -114.95
C PRO FC 21 25.34 -43.27 -114.72
N LYS FC 22 26.09 -44.35 -114.49
CA LYS FC 22 25.50 -45.65 -114.18
C LYS FC 22 25.22 -45.70 -112.69
N CYS FC 23 23.94 -45.77 -112.32
CA CYS FC 23 23.52 -45.71 -110.92
C CYS FC 23 22.46 -46.76 -110.65
N PHE FC 24 22.55 -47.40 -109.48
CA PHE FC 24 21.61 -48.45 -109.11
C PHE FC 24 20.84 -47.99 -107.89
N ILE FC 25 19.51 -48.05 -107.95
CA ILE FC 25 18.73 -47.70 -106.78
C ILE FC 25 18.67 -48.90 -105.85
N VAL FC 26 18.56 -48.64 -104.56
CA VAL FC 26 18.73 -49.69 -103.56
C VAL FC 26 17.77 -49.40 -102.40
N GLY FC 27 17.30 -50.47 -101.75
CA GLY FC 27 16.40 -50.33 -100.63
C GLY FC 27 16.96 -50.88 -99.34
N ALA FC 28 16.86 -50.11 -98.26
CA ALA FC 28 17.37 -50.50 -96.95
C ALA FC 28 16.26 -50.41 -95.93
N ASP FC 29 16.21 -51.40 -95.04
CA ASP FC 29 15.21 -51.45 -93.99
C ASP FC 29 15.70 -50.66 -92.79
N ASN FC 30 15.01 -50.79 -91.65
CA ASN FC 30 15.46 -50.20 -90.40
C ASN FC 30 16.73 -50.89 -89.96
N VAL FC 31 17.86 -50.18 -90.07
CA VAL FC 31 19.17 -50.77 -89.89
C VAL FC 31 19.91 -50.05 -88.77
N GLY FC 32 20.78 -50.79 -88.09
CA GLY FC 32 21.57 -50.26 -87.01
C GLY FC 32 22.75 -49.45 -87.51
N SER FC 33 23.52 -48.92 -86.55
CA SER FC 33 24.62 -48.02 -86.87
C SER FC 33 25.81 -48.74 -87.51
N LYS FC 34 25.97 -50.03 -87.27
CA LYS FC 34 27.14 -50.77 -87.71
C LYS FC 34 26.95 -51.47 -89.05
N GLN FC 35 25.90 -51.13 -89.80
CA GLN FC 35 25.75 -51.66 -91.15
C GLN FC 35 26.12 -50.65 -92.22
N MET FC 36 25.83 -49.37 -92.01
CA MET FC 36 26.30 -48.34 -92.94
C MET FC 36 27.81 -48.30 -92.99
N GLN FC 37 28.46 -48.35 -91.81
CA GLN FC 37 29.92 -48.39 -91.79
C GLN FC 37 30.47 -49.70 -92.33
N GLN FC 38 29.74 -50.81 -92.16
CA GLN FC 38 30.18 -52.08 -92.72
C GLN FC 38 30.19 -52.03 -94.25
N ILE FC 39 29.11 -51.54 -94.84
CA ILE FC 39 29.02 -51.47 -96.29
C ILE FC 39 30.00 -50.39 -96.79
N ARG FC 40 30.27 -49.38 -95.97
CA ARG FC 40 31.28 -48.39 -96.32
C ARG FC 40 32.67 -49.01 -96.36
N MET FC 41 32.97 -49.89 -95.38
CA MET FC 41 34.26 -50.57 -95.39
C MET FC 41 34.37 -51.55 -96.55
N SER FC 42 33.26 -52.18 -96.93
CA SER FC 42 33.26 -53.15 -98.01
C SER FC 42 33.19 -52.51 -99.40
N LEU FC 43 32.85 -51.22 -99.49
CA LEU FC 43 32.65 -50.57 -100.79
C LEU FC 43 33.56 -49.39 -101.04
N ARG FC 44 34.20 -48.82 -100.01
CA ARG FC 44 34.91 -47.55 -100.16
C ARG FC 44 36.15 -47.64 -101.02
N GLY FC 45 36.65 -48.85 -101.30
CA GLY FC 45 37.84 -48.99 -102.11
C GLY FC 45 37.64 -48.62 -103.56
N LYS FC 46 36.40 -48.71 -104.07
CA LYS FC 46 36.10 -48.36 -105.45
C LYS FC 46 34.85 -47.51 -105.62
N ALA FC 47 34.06 -47.29 -104.57
CA ALA FC 47 32.82 -46.55 -104.67
C ALA FC 47 32.50 -45.95 -103.30
N VAL FC 48 31.27 -45.49 -103.14
CA VAL FC 48 30.81 -44.93 -101.88
C VAL FC 48 29.30 -45.11 -101.77
N VAL FC 49 28.82 -45.36 -100.55
CA VAL FC 49 27.40 -45.47 -100.29
C VAL FC 49 26.92 -44.16 -99.68
N LEU FC 50 25.63 -43.88 -99.83
CA LEU FC 50 25.05 -42.63 -99.36
C LEU FC 50 23.61 -42.86 -98.96
N MET FC 51 23.10 -42.00 -98.08
CA MET FC 51 21.70 -42.08 -97.67
C MET FC 51 21.30 -40.72 -97.12
N GLY FC 52 20.34 -40.06 -97.79
CA GLY FC 52 19.90 -38.75 -97.36
C GLY FC 52 18.39 -38.59 -97.44
N LYS FC 53 17.92 -37.35 -97.29
CA LYS FC 53 16.48 -37.08 -97.36
C LYS FC 53 15.96 -37.32 -98.77
N ASN FC 54 14.75 -37.87 -98.86
CA ASN FC 54 14.24 -38.36 -100.14
C ASN FC 54 14.09 -37.24 -101.17
N THR FC 55 13.55 -36.09 -100.75
CA THR FC 55 13.36 -35.00 -101.69
C THR FC 55 14.68 -34.34 -102.05
N MET FC 56 15.72 -34.57 -101.24
CA MET FC 56 17.06 -34.09 -101.58
C MET FC 56 17.69 -34.88 -102.72
N MET FC 57 17.16 -36.06 -103.02
CA MET FC 57 17.53 -36.81 -104.22
C MET FC 57 16.58 -36.54 -105.37
N ARG FC 58 15.70 -35.55 -105.24
CA ARG FC 58 14.77 -35.17 -106.31
C ARG FC 58 14.97 -33.74 -106.78
N LYS FC 59 15.06 -32.79 -105.84
CA LYS FC 59 15.19 -31.38 -106.22
C LYS FC 59 16.53 -31.12 -106.92
N ALA FC 60 17.61 -31.69 -106.42
CA ALA FC 60 18.93 -31.44 -106.99
C ALA FC 60 19.10 -32.01 -108.39
N ILE FC 61 18.20 -32.89 -108.83
CA ILE FC 61 18.28 -33.47 -110.17
C ILE FC 61 17.16 -32.99 -111.09
N ARG FC 62 16.04 -32.50 -110.54
CA ARG FC 62 14.92 -32.11 -111.38
C ARG FC 62 15.22 -30.81 -112.14
N GLY FC 63 15.50 -29.73 -111.41
CA GLY FC 63 15.81 -28.47 -112.04
C GLY FC 63 17.21 -28.35 -112.58
N HIS FC 64 18.04 -29.36 -112.37
CA HIS FC 64 19.44 -29.37 -112.79
C HIS FC 64 19.69 -30.51 -113.77
N LEU FC 65 18.78 -30.67 -114.73
CA LEU FC 65 18.74 -31.86 -115.57
C LEU FC 65 19.11 -31.63 -117.03
N GLU FC 66 18.79 -30.47 -117.59
CA GLU FC 66 18.99 -30.25 -119.02
C GLU FC 66 20.47 -30.21 -119.40
N ASN FC 67 21.35 -29.91 -118.45
CA ASN FC 67 22.79 -29.94 -118.71
C ASN FC 67 23.32 -31.36 -118.80
N ASN FC 68 22.73 -32.29 -118.05
CA ASN FC 68 23.14 -33.70 -118.02
C ASN FC 68 21.91 -34.54 -118.28
N PRO FC 69 21.53 -34.73 -119.55
CA PRO FC 69 20.27 -35.40 -119.87
C PRO FC 69 20.32 -36.91 -119.62
N ALA FC 70 19.26 -37.60 -120.07
CA ALA FC 70 19.08 -39.04 -119.95
C ALA FC 70 18.99 -39.51 -118.51
N LEU FC 71 18.78 -38.59 -117.56
CA LEU FC 71 18.54 -38.93 -116.17
C LEU FC 71 17.11 -38.61 -115.73
N GLU FC 72 16.23 -38.29 -116.69
CA GLU FC 72 14.88 -37.85 -116.38
C GLU FC 72 13.90 -39.00 -116.19
N LYS FC 73 14.27 -40.24 -116.53
CA LYS FC 73 13.36 -41.36 -116.34
C LYS FC 73 13.31 -41.85 -114.91
N LEU FC 74 14.12 -41.30 -114.02
CA LEU FC 74 14.12 -41.70 -112.61
C LEU FC 74 13.05 -40.97 -111.79
N LEU FC 75 12.31 -40.04 -112.39
CA LEU FC 75 11.34 -39.26 -111.62
C LEU FC 75 10.21 -40.10 -111.01
N PRO FC 76 9.51 -40.97 -111.73
CA PRO FC 76 8.42 -41.73 -111.11
C PRO FC 76 8.85 -42.98 -110.36
N HIS FC 77 10.15 -43.13 -110.07
CA HIS FC 77 10.64 -44.33 -109.41
C HIS FC 77 11.28 -44.08 -108.04
N ILE FC 78 11.64 -42.84 -107.72
CA ILE FC 78 12.29 -42.54 -106.43
C ILE FC 78 11.17 -42.27 -105.45
N ARG FC 79 10.63 -43.35 -104.89
CA ARG FC 79 9.57 -43.28 -103.90
C ARG FC 79 9.87 -44.25 -102.78
N GLY FC 80 9.33 -43.96 -101.60
CA GLY FC 80 9.60 -44.81 -100.47
C GLY FC 80 11.02 -44.61 -99.96
N ASN FC 81 11.50 -45.63 -99.24
CA ASN FC 81 12.85 -45.62 -98.68
C ASN FC 81 13.81 -46.20 -99.71
N VAL FC 82 14.43 -45.32 -100.51
CA VAL FC 82 15.36 -45.72 -101.54
C VAL FC 82 16.60 -44.84 -101.45
N GLY FC 83 17.70 -45.37 -101.99
CA GLY FC 83 18.96 -44.66 -102.08
C GLY FC 83 19.70 -45.07 -103.34
N PHE FC 84 20.91 -44.55 -103.55
CA PHE FC 84 21.64 -44.81 -104.78
C PHE FC 84 22.99 -45.40 -104.46
N VAL FC 85 23.51 -46.18 -105.40
CA VAL FC 85 24.89 -46.65 -105.38
C VAL FC 85 25.48 -46.42 -106.76
N PHE FC 86 26.70 -45.88 -106.79
CA PHE FC 86 27.38 -45.49 -108.03
C PHE FC 86 28.67 -46.30 -108.15
N THR FC 87 28.88 -46.91 -109.32
CA THR FC 87 30.11 -47.63 -109.57
C THR FC 87 30.35 -47.69 -111.08
N LYS FC 88 31.61 -47.89 -111.44
CA LYS FC 88 32.00 -48.03 -112.84
C LYS FC 88 32.06 -49.48 -113.30
N GLU FC 89 32.03 -50.43 -112.37
CA GLU FC 89 32.09 -51.84 -112.71
C GLU FC 89 30.78 -52.29 -113.35
N ASP FC 90 30.82 -53.45 -113.99
CA ASP FC 90 29.62 -53.98 -114.62
C ASP FC 90 28.59 -54.37 -113.56
N LEU FC 91 27.35 -54.52 -114.02
CA LEU FC 91 26.19 -54.62 -113.12
C LEU FC 91 26.28 -55.82 -112.20
N THR FC 92 26.63 -56.99 -112.73
CA THR FC 92 26.62 -58.21 -111.95
C THR FC 92 27.67 -58.20 -110.83
N GLU FC 93 28.84 -57.61 -111.09
CA GLU FC 93 29.94 -57.63 -110.13
C GLU FC 93 29.54 -57.00 -108.80
N ILE FC 94 28.63 -56.02 -108.83
CA ILE FC 94 28.22 -55.36 -107.60
C ILE FC 94 26.89 -55.95 -107.16
N ARG FC 95 26.04 -56.35 -108.12
CA ARG FC 95 24.74 -56.91 -107.76
C ARG FC 95 24.88 -58.19 -106.94
N ASP FC 96 25.77 -59.09 -107.37
CA ASP FC 96 25.91 -60.36 -106.68
C ASP FC 96 26.48 -60.17 -105.27
N MET FC 97 27.50 -59.32 -105.13
CA MET FC 97 28.10 -59.13 -103.81
C MET FC 97 27.17 -58.36 -102.88
N LEU FC 98 26.31 -57.50 -103.42
CA LEU FC 98 25.34 -56.81 -102.57
C LEU FC 98 24.19 -57.72 -102.18
N LEU FC 99 23.78 -58.63 -103.09
CA LEU FC 99 22.70 -59.54 -102.80
C LEU FC 99 23.12 -60.72 -101.95
N ALA FC 100 24.43 -61.01 -101.87
CA ALA FC 100 24.92 -62.14 -101.09
C ALA FC 100 25.02 -61.83 -99.60
N ASN FC 101 25.51 -60.64 -99.24
CA ASN FC 101 25.77 -60.32 -97.83
C ASN FC 101 24.54 -59.71 -97.16
N LYS FC 102 23.48 -60.52 -97.08
CA LYS FC 102 22.33 -60.14 -96.28
C LYS FC 102 22.70 -60.15 -94.80
N VAL FC 103 22.26 -59.12 -94.08
CA VAL FC 103 22.66 -58.90 -92.70
C VAL FC 103 21.73 -59.70 -91.79
N PRO FC 104 22.24 -60.68 -91.05
CA PRO FC 104 21.38 -61.41 -90.10
C PRO FC 104 21.22 -60.66 -88.78
N ALA FC 105 20.31 -59.68 -88.75
CA ALA FC 105 20.12 -58.83 -87.58
C ALA FC 105 19.11 -59.42 -86.60
N ALA FC 106 18.99 -60.75 -86.55
CA ALA FC 106 18.13 -61.46 -85.60
C ALA FC 106 16.68 -61.01 -85.71
N ALA FC 107 15.92 -61.17 -84.65
CA ALA FC 107 14.50 -60.80 -84.63
C ALA FC 107 14.18 -59.97 -83.40
N ARG FC 108 13.13 -59.16 -83.52
CA ARG FC 108 12.59 -58.40 -82.41
C ARG FC 108 11.09 -58.64 -82.33
N ALA FC 109 10.53 -58.47 -81.14
CA ALA FC 109 9.11 -58.71 -80.90
C ALA FC 109 8.28 -57.69 -81.68
N GLY FC 110 7.62 -58.14 -82.74
CA GLY FC 110 6.83 -57.26 -83.57
C GLY FC 110 7.46 -57.02 -84.93
N ALA FC 111 8.08 -58.04 -85.50
CA ALA FC 111 8.75 -57.95 -86.79
C ALA FC 111 8.22 -59.04 -87.70
N ILE FC 112 8.19 -58.75 -89.02
CA ILE FC 112 7.76 -59.74 -89.98
C ILE FC 112 8.85 -60.79 -90.16
N ALA FC 113 8.47 -61.93 -90.74
CA ALA FC 113 9.38 -63.06 -90.96
C ALA FC 113 9.32 -63.43 -92.44
N PRO FC 114 10.03 -62.68 -93.30
CA PRO FC 114 9.98 -62.98 -94.74
C PRO FC 114 10.56 -64.34 -95.10
N CYS FC 115 11.56 -64.81 -94.37
CA CYS FC 115 12.26 -66.06 -94.68
C CYS FC 115 11.74 -67.15 -93.74
N GLU FC 116 11.03 -68.13 -94.31
CA GLU FC 116 10.52 -69.26 -93.53
C GLU FC 116 11.66 -70.25 -93.29
N VAL FC 117 11.89 -70.59 -92.02
CA VAL FC 117 12.97 -71.48 -91.63
C VAL FC 117 12.37 -72.66 -90.87
N THR FC 118 12.93 -73.85 -91.11
CA THR FC 118 12.49 -75.07 -90.46
C THR FC 118 13.54 -75.48 -89.44
N VAL FC 119 13.17 -75.44 -88.16
CA VAL FC 119 14.10 -75.83 -87.10
C VAL FC 119 14.31 -77.35 -87.15
N PRO FC 120 15.55 -77.85 -87.06
CA PRO FC 120 15.76 -79.29 -87.06
C PRO FC 120 15.70 -79.89 -85.66
N ALA FC 121 15.90 -81.20 -85.56
CA ALA FC 121 15.92 -81.92 -84.29
C ALA FC 121 17.36 -82.28 -83.96
N GLN FC 122 17.92 -81.63 -82.95
CA GLN FC 122 19.33 -81.82 -82.61
C GLN FC 122 19.53 -81.46 -81.14
N ASN FC 123 20.70 -81.82 -80.62
CA ASN FC 123 21.05 -81.49 -79.25
C ASN FC 123 21.28 -79.98 -79.12
N THR FC 124 20.59 -79.36 -78.15
CA THR FC 124 20.69 -77.91 -78.00
C THR FC 124 22.09 -77.49 -77.53
N GLY FC 125 22.68 -78.24 -76.61
CA GLY FC 125 24.03 -77.99 -76.16
C GLY FC 125 24.16 -77.32 -74.81
N LEU FC 126 23.08 -76.75 -74.27
CA LEU FC 126 23.13 -76.12 -72.96
C LEU FC 126 22.49 -77.05 -71.93
N GLY FC 127 22.36 -76.56 -70.69
CA GLY FC 127 21.78 -77.34 -69.62
C GLY FC 127 20.27 -77.42 -69.73
N PRO FC 128 19.68 -78.28 -68.89
CA PRO FC 128 18.22 -78.52 -68.92
C PRO FC 128 17.45 -77.56 -68.01
N GLU FC 129 17.34 -76.31 -68.42
CA GLU FC 129 16.63 -75.31 -67.63
C GLU FC 129 15.57 -74.52 -68.39
N LYS FC 130 15.50 -74.62 -69.71
CA LYS FC 130 14.58 -73.82 -70.50
C LYS FC 130 13.34 -74.60 -70.93
N THR FC 131 12.96 -75.62 -70.14
CA THR FC 131 11.80 -76.44 -70.49
C THR FC 131 10.53 -75.60 -70.53
N SER FC 132 10.41 -74.61 -69.64
CA SER FC 132 9.28 -73.68 -69.72
C SER FC 132 9.29 -72.90 -71.03
N PHE FC 133 10.47 -72.48 -71.49
CA PHE FC 133 10.57 -71.79 -72.76
C PHE FC 133 10.17 -72.68 -73.93
N PHE FC 134 10.58 -73.96 -73.91
CA PHE FC 134 10.18 -74.88 -74.96
C PHE FC 134 8.66 -75.12 -74.94
N GLN FC 135 8.09 -75.34 -73.77
CA GLN FC 135 6.64 -75.54 -73.68
C GLN FC 135 5.84 -74.27 -73.94
N ALA FC 136 6.48 -73.10 -73.87
CA ALA FC 136 5.78 -71.86 -74.18
C ALA FC 136 5.26 -71.85 -75.61
N LEU FC 137 6.09 -72.28 -76.56
CA LEU FC 137 5.60 -72.54 -77.91
C LEU FC 137 4.95 -73.92 -78.01
N GLY FC 138 5.33 -74.86 -77.14
CA GLY FC 138 4.69 -76.14 -77.08
C GLY FC 138 5.51 -77.32 -77.53
N ILE FC 139 6.79 -77.12 -77.83
CA ILE FC 139 7.65 -78.23 -78.25
C ILE FC 139 7.96 -79.08 -77.02
N THR FC 140 7.49 -80.33 -77.04
CA THR FC 140 7.67 -81.25 -75.93
C THR FC 140 9.00 -81.97 -76.10
N THR FC 141 9.94 -81.70 -75.21
CA THR FC 141 11.26 -82.31 -75.24
C THR FC 141 11.52 -83.06 -73.93
N LYS FC 142 12.68 -83.70 -73.86
CA LYS FC 142 13.06 -84.50 -72.71
C LYS FC 142 14.52 -84.23 -72.37
N ILE FC 143 14.87 -84.49 -71.11
CA ILE FC 143 16.25 -84.29 -70.65
C ILE FC 143 17.12 -85.38 -71.26
N SER FC 144 18.11 -84.96 -72.05
CA SER FC 144 18.99 -85.88 -72.79
C SER FC 144 20.43 -85.57 -72.43
N ARG FC 145 21.03 -86.41 -71.59
CA ARG FC 145 22.44 -86.32 -71.23
C ARG FC 145 22.78 -84.95 -70.65
N GLY FC 146 21.85 -84.39 -69.87
CA GLY FC 146 22.01 -83.05 -69.36
C GLY FC 146 21.70 -81.94 -70.34
N THR FC 147 21.16 -82.28 -71.52
CA THR FC 147 20.82 -81.31 -72.54
C THR FC 147 19.36 -81.48 -72.93
N ILE FC 148 18.95 -80.76 -73.97
CA ILE FC 148 17.58 -80.79 -74.47
C ILE FC 148 17.60 -81.37 -75.87
N GLU FC 149 16.73 -82.35 -76.12
CA GLU FC 149 16.65 -83.05 -77.39
C GLU FC 149 15.29 -82.80 -78.03
N ILE FC 150 15.30 -82.19 -79.21
CA ILE FC 150 14.05 -81.96 -79.93
C ILE FC 150 13.61 -83.25 -80.59
N LEU FC 151 12.34 -83.62 -80.38
CA LEU FC 151 11.80 -84.85 -80.94
C LEU FC 151 10.67 -84.61 -81.93
N SER FC 152 10.44 -83.37 -82.34
CA SER FC 152 9.39 -83.04 -83.29
C SER FC 152 9.83 -81.86 -84.14
N ASP FC 153 9.75 -82.01 -85.46
CA ASP FC 153 10.09 -80.95 -86.39
C ASP FC 153 8.84 -80.13 -86.73
N VAL FC 154 8.29 -79.50 -85.71
CA VAL FC 154 7.12 -78.64 -85.87
C VAL FC 154 7.56 -77.32 -86.49
N GLN FC 155 6.65 -76.69 -87.22
CA GLN FC 155 6.99 -75.46 -87.93
C GLN FC 155 7.22 -74.32 -86.94
N LEU FC 156 8.17 -73.45 -87.29
CA LEU FC 156 8.44 -72.28 -86.46
C LEU FC 156 7.46 -71.16 -86.76
N ILE FC 157 7.30 -70.81 -88.03
CA ILE FC 157 6.43 -69.71 -88.44
C ILE FC 157 6.04 -69.92 -89.88
N LYS FC 158 4.97 -69.23 -90.30
CA LYS FC 158 4.53 -69.25 -91.69
C LYS FC 158 5.26 -68.14 -92.46
N THR FC 159 4.77 -67.84 -93.66
CA THR FC 159 5.36 -66.80 -94.49
C THR FC 159 4.56 -65.51 -94.36
N GLY FC 160 5.25 -64.40 -94.09
CA GLY FC 160 4.62 -63.10 -94.02
C GLY FC 160 3.63 -62.94 -92.88
N ASP FC 161 4.01 -63.38 -91.68
CA ASP FC 161 3.13 -63.24 -90.52
C ASP FC 161 3.90 -62.74 -89.30
N LYS FC 162 3.24 -62.70 -88.15
CA LYS FC 162 3.79 -62.05 -86.96
C LYS FC 162 4.58 -63.03 -86.11
N VAL FC 163 5.60 -62.50 -85.43
CA VAL FC 163 6.42 -63.27 -84.51
C VAL FC 163 5.86 -63.13 -83.10
N GLY FC 164 5.63 -64.26 -82.44
CA GLY FC 164 5.08 -64.25 -81.10
C GLY FC 164 6.09 -63.75 -80.07
N ALA FC 165 5.55 -63.38 -78.90
CA ALA FC 165 6.39 -62.86 -77.82
C ALA FC 165 7.38 -63.92 -77.35
N SER FC 166 6.90 -65.13 -77.09
CA SER FC 166 7.78 -66.24 -76.76
C SER FC 166 8.55 -66.74 -77.98
N GLU FC 167 7.98 -66.58 -79.17
CA GLU FC 167 8.67 -67.02 -80.39
C GLU FC 167 9.96 -66.24 -80.61
N ALA FC 168 9.94 -64.93 -80.35
CA ALA FC 168 11.13 -64.11 -80.54
C ALA FC 168 12.27 -64.55 -79.63
N THR FC 169 11.98 -64.77 -78.34
CA THR FC 169 13.04 -65.18 -77.43
C THR FC 169 13.46 -66.63 -77.68
N LEU FC 170 12.54 -67.48 -78.15
CA LEU FC 170 12.93 -68.83 -78.52
C LEU FC 170 13.90 -68.82 -79.69
N LEU FC 171 13.63 -67.98 -80.69
CA LEU FC 171 14.57 -67.84 -81.80
C LEU FC 171 15.88 -67.22 -81.33
N ASN FC 172 15.82 -66.33 -80.33
CA ASN FC 172 17.02 -65.75 -79.77
C ASN FC 172 17.92 -66.80 -79.11
N MET FC 173 17.33 -67.69 -78.32
CA MET FC 173 18.12 -68.67 -77.58
C MET FC 173 18.23 -70.03 -78.28
N LEU FC 174 17.65 -70.19 -79.47
CA LEU FC 174 17.73 -71.47 -80.16
C LEU FC 174 18.96 -71.58 -81.05
N ASN FC 175 19.58 -70.45 -81.39
CA ASN FC 175 20.82 -70.41 -82.17
C ASN FC 175 20.67 -71.11 -83.51
N ILE FC 176 19.53 -70.90 -84.18
CA ILE FC 176 19.34 -71.35 -85.55
C ILE FC 176 19.34 -70.13 -86.45
N SER FC 177 19.38 -70.39 -87.75
CA SER FC 177 19.46 -69.30 -88.73
C SER FC 177 18.13 -68.57 -88.82
N PRO FC 178 18.07 -67.27 -88.53
CA PRO FC 178 16.81 -66.56 -88.66
C PRO FC 178 16.63 -65.93 -90.04
N PHE FC 179 15.52 -65.25 -90.23
CA PHE FC 179 15.30 -64.48 -91.46
C PHE FC 179 16.28 -63.31 -91.54
N SER FC 180 16.71 -63.00 -92.76
CA SER FC 180 17.69 -61.95 -92.98
C SER FC 180 17.28 -61.09 -94.16
N PHE FC 181 17.62 -59.80 -94.09
CA PHE FC 181 17.38 -58.85 -95.16
C PHE FC 181 18.33 -57.67 -94.97
N GLY FC 182 18.46 -56.86 -96.02
CA GLY FC 182 19.35 -55.72 -95.93
C GLY FC 182 19.31 -54.78 -97.11
N LEU FC 183 20.50 -54.34 -97.55
CA LEU FC 183 20.65 -53.34 -98.60
C LEU FC 183 20.33 -53.99 -99.95
N VAL FC 184 19.03 -54.08 -100.24
CA VAL FC 184 18.54 -54.78 -101.43
C VAL FC 184 18.30 -53.78 -102.55
N ILE FC 185 18.71 -54.17 -103.76
CA ILE FC 185 18.62 -53.30 -104.94
C ILE FC 185 17.27 -53.50 -105.60
N GLN FC 186 16.60 -52.40 -105.92
CA GLN FC 186 15.31 -52.44 -106.60
C GLN FC 186 15.47 -52.50 -108.12
N GLN FC 187 16.11 -51.49 -108.71
CA GLN FC 187 16.31 -51.45 -110.15
C GLN FC 187 17.58 -50.66 -110.46
N VAL FC 188 17.91 -50.58 -111.74
CA VAL FC 188 19.17 -50.01 -112.19
C VAL FC 188 18.88 -48.86 -113.15
N PHE FC 189 19.94 -48.15 -113.53
CA PHE FC 189 19.84 -47.06 -114.50
C PHE FC 189 21.22 -46.92 -115.15
N ASP FC 190 21.33 -47.40 -116.39
CA ASP FC 190 22.60 -47.44 -117.11
C ASP FC 190 22.46 -46.58 -118.37
N ASN FC 191 22.72 -45.27 -118.21
CA ASN FC 191 22.78 -44.33 -119.33
C ASN FC 191 21.49 -44.32 -120.15
N GLY FC 192 20.35 -44.45 -119.47
CA GLY FC 192 19.07 -44.44 -120.13
C GLY FC 192 18.47 -45.82 -120.32
N SER FC 193 18.69 -46.70 -119.35
CA SER FC 193 18.12 -48.04 -119.37
C SER FC 193 17.51 -48.35 -118.01
N ILE FC 194 16.46 -49.16 -118.02
CA ILE FC 194 15.75 -49.56 -116.80
C ILE FC 194 15.59 -51.07 -116.84
N TYR FC 195 16.38 -51.78 -116.04
CA TYR FC 195 16.23 -53.21 -115.83
C TYR FC 195 15.75 -53.46 -114.41
N ASN FC 196 15.54 -54.74 -114.09
CA ASN FC 196 15.07 -55.11 -112.76
C ASN FC 196 16.24 -55.26 -111.79
N PRO GC 1 33.53 -71.22 -73.62
CA PRO GC 1 33.42 -69.90 -72.99
C PRO GC 1 34.65 -69.55 -72.16
N ASN GC 2 35.83 -69.95 -72.64
CA ASN GC 2 37.12 -69.72 -71.99
C ASN GC 2 37.18 -70.36 -70.60
N GLU GC 3 36.24 -71.26 -70.29
CA GLU GC 3 36.14 -72.02 -69.05
C GLU GC 3 35.99 -71.15 -67.81
N ILE GC 4 35.81 -69.84 -67.99
CA ILE GC 4 35.71 -68.91 -66.87
C ILE GC 4 35.12 -67.61 -67.39
N LYS GC 5 34.57 -66.80 -66.48
CA LYS GC 5 34.05 -65.48 -66.83
C LYS GC 5 34.47 -64.50 -65.75
N VAL GC 6 35.41 -63.62 -66.06
CA VAL GC 6 35.91 -62.62 -65.11
C VAL GC 6 35.93 -61.28 -65.83
N VAL GC 7 35.21 -61.21 -66.96
CA VAL GC 7 35.28 -60.09 -67.89
C VAL GC 7 34.93 -58.75 -67.26
N TYR GC 8 34.34 -58.75 -66.07
CA TYR GC 8 34.03 -57.50 -65.37
C TYR GC 8 35.29 -56.69 -65.14
N LEU GC 9 35.20 -55.39 -65.44
CA LEU GC 9 36.35 -54.49 -65.35
C LEU GC 9 36.72 -54.21 -63.90
N ARG GC 10 38.00 -54.02 -63.65
CA ARG GC 10 38.52 -53.73 -62.32
C ARG GC 10 39.22 -52.37 -62.35
N CYS GC 11 38.94 -51.54 -61.35
CA CYS GC 11 39.45 -50.19 -61.29
C CYS GC 11 40.05 -49.88 -59.93
N THR GC 12 40.88 -50.79 -59.44
CA THR GC 12 41.67 -50.57 -58.24
C THR GC 12 43.15 -50.56 -58.60
N GLY GC 13 43.91 -49.71 -57.93
CA GLY GC 13 45.32 -49.56 -58.26
C GLY GC 13 46.01 -48.63 -57.29
N GLY GC 14 47.31 -48.44 -57.51
CA GLY GC 14 48.10 -47.62 -56.62
C GLY GC 14 48.46 -48.34 -55.34
N GLU GC 15 47.81 -47.96 -54.24
CA GLU GC 15 48.01 -48.65 -52.98
C GLU GC 15 47.44 -50.07 -53.06
N VAL GC 16 48.04 -50.98 -52.29
CA VAL GC 16 47.61 -52.38 -52.30
C VAL GC 16 46.16 -52.50 -51.83
N GLY GC 17 45.82 -51.81 -50.74
CA GLY GC 17 44.46 -51.77 -50.26
C GLY GC 17 44.04 -52.97 -49.44
N ALA GC 18 44.05 -54.16 -50.06
CA ALA GC 18 43.63 -55.41 -49.45
C ALA GC 18 42.21 -55.33 -48.92
N THR GC 19 42.04 -55.27 -47.59
CA THR GC 19 40.70 -55.19 -47.01
C THR GC 19 40.03 -53.87 -47.36
N SER GC 20 40.78 -52.77 -47.34
CA SER GC 20 40.21 -51.46 -47.66
C SER GC 20 39.83 -51.34 -49.14
N ALA GC 21 40.31 -52.24 -49.99
CA ALA GC 21 39.95 -52.23 -51.40
C ALA GC 21 38.57 -52.85 -51.60
N LEU GC 22 38.04 -52.67 -52.81
CA LEU GC 22 36.73 -53.18 -53.18
C LEU GC 22 36.79 -54.63 -53.65
N ALA GC 23 37.99 -55.21 -53.73
CA ALA GC 23 38.14 -56.61 -54.13
C ALA GC 23 37.34 -57.60 -53.27
N PRO GC 24 37.31 -57.51 -51.93
CA PRO GC 24 36.38 -58.37 -51.19
C PRO GC 24 34.91 -58.08 -51.47
N LYS GC 25 34.58 -56.88 -51.94
CA LYS GC 25 33.22 -56.52 -52.29
C LYS GC 25 32.85 -56.92 -53.71
N ILE GC 26 33.81 -57.36 -54.51
CA ILE GC 26 33.53 -57.76 -55.89
C ILE GC 26 33.84 -59.25 -56.05
N GLY GC 27 34.45 -59.85 -55.03
CA GLY GC 27 34.83 -61.24 -55.05
C GLY GC 27 33.73 -62.27 -55.25
N PRO GC 28 32.60 -62.19 -54.49
CA PRO GC 28 31.55 -63.21 -54.61
C PRO GC 28 30.86 -63.30 -55.96
N LEU GC 29 31.31 -62.54 -56.96
CA LEU GC 29 30.69 -62.57 -58.28
C LEU GC 29 30.87 -63.93 -58.95
N GLY GC 30 32.03 -64.54 -58.80
CA GLY GC 30 32.30 -65.80 -59.48
C GLY GC 30 32.88 -66.89 -58.60
N LEU GC 31 33.25 -66.53 -57.36
CA LEU GC 31 33.81 -67.41 -56.34
C LEU GC 31 35.17 -67.99 -56.69
N SER GC 32 35.71 -67.71 -57.88
CA SER GC 32 36.98 -68.28 -58.30
C SER GC 32 38.21 -67.57 -57.70
N PRO GC 33 38.31 -66.21 -57.74
CA PRO GC 33 39.56 -65.58 -57.25
C PRO GC 33 39.79 -65.72 -55.75
N LYS GC 34 38.81 -65.30 -54.95
CA LYS GC 34 38.88 -65.28 -53.48
C LYS GC 34 40.11 -64.45 -53.06
N LYS GC 35 40.75 -64.81 -51.94
CA LYS GC 35 41.90 -64.08 -51.46
C LYS GC 35 43.21 -64.52 -52.10
N VAL GC 36 43.22 -65.61 -52.86
CA VAL GC 36 44.44 -66.09 -53.50
C VAL GC 36 44.61 -65.53 -54.90
N GLY GC 37 43.62 -64.81 -55.43
CA GLY GC 37 43.75 -64.22 -56.76
C GLY GC 37 43.96 -62.73 -56.73
N ASP GC 38 43.23 -62.03 -55.85
CA ASP GC 38 43.37 -60.58 -55.76
C ASP GC 38 44.71 -60.18 -55.17
N ASP GC 39 45.28 -61.00 -54.29
CA ASP GC 39 46.59 -60.72 -53.72
C ASP GC 39 47.67 -60.74 -54.79
N ILE GC 40 47.61 -61.72 -55.71
CA ILE GC 40 48.63 -61.84 -56.75
C ILE GC 40 48.34 -60.98 -57.97
N ALA GC 41 47.09 -60.53 -58.14
CA ALA GC 41 46.80 -59.60 -59.23
C ALA GC 41 47.45 -58.24 -59.01
N LYS GC 42 47.50 -57.78 -57.75
CA LYS GC 42 48.04 -56.45 -57.45
C LYS GC 42 49.53 -56.36 -57.75
N ALA GC 43 50.25 -57.48 -57.78
CA ALA GC 43 51.68 -57.44 -58.06
C ALA GC 43 51.95 -56.88 -59.46
N THR GC 44 51.13 -57.27 -60.43
CA THR GC 44 51.24 -56.74 -61.78
C THR GC 44 50.32 -55.55 -62.04
N GLY GC 45 49.30 -55.34 -61.19
CA GLY GC 45 48.44 -54.19 -61.33
C GLY GC 45 48.93 -52.94 -60.63
N ASP GC 46 50.04 -53.07 -59.90
CA ASP GC 46 50.58 -51.92 -59.17
C ASP GC 46 51.23 -50.91 -60.11
N TRP GC 47 51.98 -51.38 -61.09
CA TRP GC 47 52.77 -50.50 -61.94
C TRP GC 47 52.05 -50.25 -63.27
N LYS GC 48 52.32 -49.07 -63.83
CA LYS GC 48 51.78 -48.64 -65.13
C LYS GC 48 50.24 -48.66 -65.14
N GLY GC 49 49.66 -47.75 -64.36
CA GLY GC 49 50.30 -46.68 -63.61
C GLY GC 49 50.04 -46.76 -62.12
N LEU GC 50 50.17 -45.63 -61.43
CA LEU GC 50 49.96 -45.53 -59.99
C LEU GC 50 48.67 -44.76 -59.68
N ARG GC 51 47.63 -45.02 -60.46
CA ARG GC 51 46.36 -44.31 -60.33
C ARG GC 51 45.25 -45.35 -60.17
N ILE GC 52 44.00 -44.91 -60.36
CA ILE GC 52 42.83 -45.76 -60.17
C ILE GC 52 42.90 -47.03 -61.02
N THR GC 53 43.63 -46.98 -62.13
CA THR GC 53 44.01 -48.15 -62.93
C THR GC 53 42.76 -48.91 -63.44
N VAL GC 54 42.04 -48.23 -64.32
CA VAL GC 54 40.97 -48.87 -65.09
C VAL GC 54 41.60 -49.95 -65.96
N LYS GC 55 41.15 -51.19 -65.82
CA LYS GC 55 41.68 -52.29 -66.60
C LYS GC 55 40.67 -53.42 -66.66
N LEU GC 56 40.94 -54.38 -67.57
CA LEU GC 56 40.15 -55.58 -67.70
C LEU GC 56 41.10 -56.78 -67.64
N THR GC 57 40.85 -57.70 -66.71
CA THR GC 57 41.73 -58.83 -66.48
C THR GC 57 41.07 -60.13 -66.95
N ILE GC 58 41.90 -61.14 -67.17
CA ILE GC 58 41.44 -62.45 -67.63
C ILE GC 58 41.84 -63.49 -66.61
N GLN GC 59 41.04 -64.54 -66.50
CA GLN GC 59 41.25 -65.61 -65.53
C GLN GC 59 41.67 -66.89 -66.25
N ASN GC 60 42.53 -67.66 -65.58
CA ASN GC 60 42.98 -68.96 -66.06
C ASN GC 60 42.53 -70.02 -65.08
N ARG GC 61 41.23 -69.97 -64.71
CA ARG GC 61 40.62 -70.73 -63.63
C ARG GC 61 41.15 -70.24 -62.28
N GLN GC 62 42.39 -70.60 -61.95
CA GLN GC 62 43.03 -70.11 -60.73
C GLN GC 62 43.98 -68.95 -60.99
N ALA GC 63 44.84 -69.06 -62.00
CA ALA GC 63 45.74 -67.97 -62.34
C ALA GC 63 44.98 -66.85 -63.03
N GLN GC 64 45.61 -65.67 -63.08
CA GLN GC 64 45.03 -64.51 -63.72
C GLN GC 64 46.12 -63.75 -64.47
N ILE GC 65 45.68 -63.01 -65.48
CA ILE GC 65 46.57 -62.16 -66.27
C ILE GC 65 45.95 -60.78 -66.38
N GLU GC 66 46.79 -59.74 -66.32
CA GLU GC 66 46.36 -58.35 -66.34
C GLU GC 66 47.12 -57.61 -67.43
N VAL GC 67 46.48 -57.35 -68.55
CA VAL GC 67 46.96 -56.43 -69.57
C VAL GC 67 45.98 -55.26 -69.65
N VAL GC 68 46.51 -54.05 -69.55
CA VAL GC 68 45.69 -52.85 -69.39
C VAL GC 68 45.58 -52.16 -70.74
N PRO GC 69 44.38 -51.99 -71.29
CA PRO GC 69 44.23 -51.13 -72.47
C PRO GC 69 44.65 -49.71 -72.16
N SER GC 70 45.27 -49.05 -73.13
CA SER GC 70 45.79 -47.71 -72.93
C SER GC 70 44.66 -46.71 -72.77
N ALA GC 71 44.62 -46.03 -71.62
CA ALA GC 71 43.66 -44.97 -71.37
C ALA GC 71 44.42 -43.65 -71.27
N SER GC 72 43.93 -42.64 -72.01
CA SER GC 72 44.66 -41.38 -72.10
C SER GC 72 44.67 -40.64 -70.77
N ALA GC 73 43.52 -40.63 -70.08
CA ALA GC 73 43.48 -39.98 -68.76
C ALA GC 73 44.22 -40.79 -67.72
N LEU GC 74 44.44 -42.09 -67.96
CA LEU GC 74 45.27 -42.89 -67.07
C LEU GC 74 46.75 -42.63 -67.30
N ILE GC 75 47.14 -42.37 -68.55
CA ILE GC 75 48.55 -42.25 -68.89
C ILE GC 75 49.07 -40.82 -68.82
N ILE GC 76 48.21 -39.81 -69.04
CA ILE GC 76 48.69 -38.43 -68.91
C ILE GC 76 48.98 -38.10 -67.45
N LYS GC 77 48.17 -38.61 -66.52
CA LYS GC 77 48.46 -38.42 -65.10
C LYS GC 77 49.65 -39.25 -64.66
N ALA GC 78 49.89 -40.40 -65.31
CA ALA GC 78 51.10 -41.17 -65.03
C ALA GC 78 52.35 -40.41 -65.47
N LEU GC 79 52.29 -39.80 -66.65
CA LEU GC 79 53.41 -38.99 -67.15
C LEU GC 79 53.58 -37.68 -66.39
N LYS GC 80 52.51 -37.15 -65.79
CA LYS GC 80 52.59 -35.97 -64.95
C LYS GC 80 52.97 -36.41 -63.53
N GLU GC 81 54.23 -36.21 -63.17
CA GLU GC 81 54.73 -36.64 -61.87
C GLU GC 81 54.08 -35.83 -60.74
N ILE GC 98 52.93 -27.54 -73.07
CA ILE GC 98 53.53 -28.68 -73.73
C ILE GC 98 52.48 -29.43 -74.57
N THR GC 99 52.82 -29.68 -75.83
CA THR GC 99 51.94 -30.45 -76.70
C THR GC 99 52.01 -31.95 -76.39
N PHE GC 100 53.16 -32.41 -75.91
CA PHE GC 100 53.47 -33.83 -75.65
C PHE GC 100 52.95 -34.74 -76.75
N ASP GC 101 53.14 -34.29 -77.99
CA ASP GC 101 52.64 -35.01 -79.16
C ASP GC 101 53.34 -36.34 -79.33
N GLU GC 102 54.65 -36.38 -79.09
CA GLU GC 102 55.39 -37.63 -79.27
C GLU GC 102 54.93 -38.71 -78.29
N ILE GC 103 54.78 -38.36 -77.02
CA ILE GC 103 54.35 -39.37 -76.05
C ILE GC 103 52.89 -39.73 -76.21
N VAL GC 104 52.02 -38.77 -76.58
CA VAL GC 104 50.63 -39.15 -76.82
C VAL GC 104 50.49 -39.98 -78.11
N ASN GC 105 51.43 -39.83 -79.05
CA ASN GC 105 51.41 -40.70 -80.23
C ASN GC 105 51.89 -42.10 -79.90
N ILE GC 106 52.97 -42.22 -79.13
CA ILE GC 106 53.48 -43.54 -78.78
C ILE GC 106 52.62 -44.26 -77.75
N ALA GC 107 51.78 -43.54 -77.00
CA ALA GC 107 50.93 -44.18 -76.02
C ALA GC 107 49.74 -44.90 -76.64
N ARG GC 108 49.29 -44.45 -77.81
CA ARG GC 108 48.06 -44.95 -78.41
C ARG GC 108 48.30 -46.01 -79.47
N GLN GC 109 49.54 -46.50 -79.59
CA GLN GC 109 49.84 -47.55 -80.56
C GLN GC 109 49.33 -48.91 -80.13
N MET GC 110 48.86 -49.04 -78.88
CA MET GC 110 48.38 -50.31 -78.35
C MET GC 110 46.99 -50.22 -77.74
N ARG GC 111 46.33 -49.06 -77.81
CA ARG GC 111 45.01 -48.88 -77.22
C ARG GC 111 43.96 -49.64 -78.04
N HIS GC 112 42.70 -49.48 -77.63
CA HIS GC 112 41.60 -50.10 -78.37
C HIS GC 112 41.51 -49.53 -79.78
N ARG GC 113 41.47 -48.20 -79.89
CA ARG GC 113 41.64 -47.48 -81.16
C ARG GC 113 40.59 -47.89 -82.20
N SER GC 114 39.35 -48.07 -81.75
CA SER GC 114 38.27 -48.30 -82.72
C SER GC 114 37.77 -46.99 -83.30
N LEU GC 115 37.12 -46.18 -82.45
CA LEU GC 115 36.79 -44.77 -82.72
C LEU GC 115 36.05 -44.58 -84.04
N ALA GC 116 35.48 -45.66 -84.58
CA ALA GC 116 34.97 -45.69 -85.95
C ALA GC 116 36.01 -45.16 -86.92
N ARG GC 117 37.19 -45.79 -86.89
CA ARG GC 117 38.36 -45.28 -87.59
C ARG GC 117 38.16 -45.30 -89.10
N GLU GC 118 38.58 -44.21 -89.75
CA GLU GC 118 38.53 -44.09 -91.20
C GLU GC 118 39.92 -43.86 -91.79
N LEU GC 119 40.68 -42.92 -91.26
CA LEU GC 119 42.02 -42.60 -91.72
C LEU GC 119 42.99 -42.63 -90.54
N SER GC 120 44.27 -42.42 -90.87
CA SER GC 120 45.31 -42.37 -89.84
C SER GC 120 45.31 -41.07 -89.06
N GLY GC 121 44.67 -40.03 -89.57
CA GLY GC 121 44.63 -38.74 -88.92
C GLY GC 121 43.55 -38.54 -87.89
N THR GC 122 42.69 -39.55 -87.66
CA THR GC 122 41.60 -39.38 -86.72
C THR GC 122 42.05 -39.37 -85.27
N ILE GC 123 43.03 -40.21 -84.94
CA ILE GC 123 43.46 -40.35 -83.55
C ILE GC 123 44.10 -39.07 -83.05
N LYS GC 124 44.93 -38.43 -83.88
CA LYS GC 124 45.56 -37.18 -83.46
C LYS GC 124 44.54 -36.06 -83.27
N GLU GC 125 43.57 -35.94 -84.19
CA GLU GC 125 42.52 -34.94 -84.02
C GLU GC 125 41.73 -35.19 -82.74
N ILE GC 126 41.42 -36.45 -82.45
CA ILE GC 126 40.63 -36.76 -81.26
C ILE GC 126 41.41 -36.44 -79.99
N LEU GC 127 42.66 -36.90 -79.91
CA LEU GC 127 43.36 -36.86 -78.64
C LEU GC 127 44.25 -35.63 -78.46
N GLY GC 128 44.38 -34.77 -79.47
CA GLY GC 128 44.92 -33.45 -79.22
C GLY GC 128 43.91 -32.46 -78.71
N THR GC 129 42.62 -32.82 -78.79
CA THR GC 129 41.56 -32.03 -78.20
C THR GC 129 40.98 -32.66 -76.94
N ALA GC 130 41.12 -33.97 -76.76
CA ALA GC 130 40.74 -34.62 -75.51
C ALA GC 130 41.58 -34.16 -74.33
N GLN GC 131 42.72 -33.51 -74.59
CA GLN GC 131 43.59 -32.98 -73.54
C GLN GC 131 43.13 -31.62 -73.02
N SER GC 132 42.03 -31.09 -73.55
CA SER GC 132 41.51 -29.80 -73.08
C SER GC 132 40.89 -29.87 -71.69
N VAL GC 133 40.75 -31.07 -71.12
CA VAL GC 133 40.20 -31.25 -69.79
C VAL GC 133 41.05 -30.55 -68.74
N HIS GC 141 44.80 -22.90 -75.46
CA HIS GC 141 43.94 -24.06 -75.50
C HIS GC 141 44.29 -24.97 -76.67
N PRO GC 142 44.30 -26.30 -76.44
CA PRO GC 142 44.69 -27.26 -77.47
C PRO GC 142 43.56 -27.55 -78.46
N HIS GC 143 42.97 -26.49 -79.00
CA HIS GC 143 41.94 -26.58 -80.03
C HIS GC 143 42.33 -25.85 -81.31
N ASP GC 144 43.12 -24.79 -81.23
CA ASP GC 144 43.58 -24.09 -82.42
C ASP GC 144 44.55 -24.96 -83.24
N ILE GC 145 45.44 -25.70 -82.57
CA ILE GC 145 46.39 -26.54 -83.28
C ILE GC 145 45.67 -27.69 -83.99
N ILE GC 146 44.55 -28.16 -83.41
CA ILE GC 146 43.80 -29.24 -84.02
C ILE GC 146 43.27 -28.84 -85.39
N ASP GC 147 42.87 -27.58 -85.54
CA ASP GC 147 42.35 -27.11 -86.82
C ASP GC 147 43.42 -27.18 -87.91
N ASP GC 148 44.44 -26.33 -87.81
CA ASP GC 148 45.55 -26.35 -88.76
C ASP GC 148 46.70 -27.22 -88.21
N ILE GC 149 46.36 -28.46 -87.92
CA ILE GC 149 47.32 -29.44 -87.43
C ILE GC 149 48.26 -29.87 -88.56
N ASN GC 150 49.56 -29.96 -88.24
CA ASN GC 150 50.55 -30.49 -89.16
C ASN GC 150 51.52 -31.47 -88.51
N SER GC 151 51.43 -31.67 -87.20
CA SER GC 151 52.35 -32.56 -86.50
C SER GC 151 51.74 -33.94 -86.32
N GLY GC 152 52.52 -34.98 -86.63
CA GLY GC 152 52.06 -36.35 -86.45
C GLY GC 152 50.93 -36.78 -87.35
N ALA GC 153 50.92 -36.32 -88.60
CA ALA GC 153 49.91 -36.79 -89.56
C ALA GC 153 50.29 -38.15 -90.12
N VAL GC 154 51.44 -38.22 -90.80
CA VAL GC 154 51.98 -39.46 -91.34
C VAL GC 154 52.89 -40.16 -90.32
N GLU GC 155 53.22 -39.47 -89.23
CA GLU GC 155 54.11 -40.03 -88.21
C GLU GC 155 53.50 -41.26 -87.53
N CYS GC 156 52.18 -41.27 -87.34
CA CYS GC 156 51.54 -42.33 -86.56
C CYS GC 156 51.73 -43.72 -87.15
N PRO GC 157 51.51 -43.96 -88.45
CA PRO GC 157 51.85 -45.33 -88.89
C PRO GC 157 53.32 -45.46 -89.27
MG MG HC . -26.46 -113.01 21.28
ZN ZN IC . 35.15 6.86 43.84
MG MG JC . 40.44 -12.70 40.58
MG MG KC . 31.81 -38.49 41.17
MG MG LC . 54.53 -50.18 7.57
MG MG MC . 4.40 -35.04 62.73
MG MG NC . 15.32 -44.82 74.69
MG MG OC . 20.10 -35.27 60.74
MG MG PC . 4.51 -58.48 24.91
MG MG QC . -7.88 -73.17 22.96
MG MG RC . -14.54 -90.12 26.97
MG MG SC . 29.31 28.29 30.77
MG MG TC . 31.37 -23.59 40.63
MG MG UC . 25.96 -33.20 33.73
MG MG VC . 84.69 -9.09 33.66
MG MG WC . 38.68 3.02 36.88
MG MG XC . 35.30 -2.64 29.41
MG MG YC . 1.62 5.45 39.65
MG MG ZC . 35.15 -2.51 30.62
MG MG AD . 10.99 -67.19 29.87
MG MG BD . 33.97 -3.18 29.90
MG MG CD . -12.14 -70.62 19.15
MG MG DD . 19.68 17.67 38.20
MG MG ED . 30.58 -54.15 32.24
MG MG FD . 11.63 -1.76 46.62
MG MG GD . 22.13 -8.37 51.28
MG MG HD . 5.15 -74.57 28.76
MG MG ID . 47.97 -76.10 4.73
MG MG JD . 9.73 -12.82 11.10
MG MG KD . 84.13 36.00 -15.02
MG MG LD . -24.60 13.96 2.30
MG MG MD . -51.43 28.38 -38.15
MG MG ND . -38.42 -3.16 -16.93
MG MG OD . -21.89 32.34 -39.50
MG MG PD . -65.85 60.64 39.14
MG MG QD . -27.39 38.17 -12.54
MG MG RD . -38.47 -5.78 -24.99
MG MG SD . -25.87 16.43 -35.47
MG MG TD . -39.69 37.46 -59.89
MG MG UD . -52.20 90.71 22.80
MG MG VD . -34.32 59.15 -8.03
MG MG WD . -37.00 73.80 -26.52
MG MG XD . -35.62 19.54 -22.39
MG MG YD . -35.63 9.40 -38.81
MG MG ZD . -43.08 18.66 -42.03
MG MG AE . -62.95 38.91 -17.68
MG MG BE . -86.45 26.10 -25.12
MG MG CE . -23.61 6.60 -3.20
MG MG DE . -45.89 38.71 -20.96
MG MG EE . -40.44 5.40 -24.07
MG MG FE . -39.20 0.87 -27.04
MG MG GE . -57.14 58.09 14.73
MG MG HE . -53.99 73.92 7.23
MG MG IE . -69.17 36.53 -15.57
MG MG JE . -22.91 12.70 6.77
MG MG KE . -37.11 24.39 -49.69
MG MG LE . -30.69 39.65 -20.07
MG MG ME . -100.91 62.77 -20.19
MG MG NE . -92.87 50.92 -26.24
MG MG OE . -29.55 32.05 -35.61
MG MG PE . -36.32 19.15 -18.16
MG MG QE . -47.61 51.31 1.16
MG MG RE . -30.40 18.67 -37.50
MG MG SE . -45.74 35.73 -58.76
MG MG TE . -45.05 35.50 -46.89
MG MG UE . -29.58 37.93 -6.46
MG MG VE . -20.45 33.50 1.01
MG MG WE . -25.57 49.96 -5.67
MG MG XE . -41.74 87.00 -27.49
MG MG YE . -17.50 81.86 -5.79
MG MG ZE . -44.35 35.21 -15.09
MG MG AF . -48.78 75.85 9.15
MG MG BF . -58.50 18.42 3.45
MG MG CF . -28.77 -5.30 -26.60
MG MG DF . -39.14 10.94 -29.03
MG MG EF . -34.21 28.29 -44.39
MG MG FF . -32.88 27.84 -32.08
MG MG GF . -33.49 31.26 -56.65
MG MG HF . -27.94 43.62 -15.62
MG MG IF . -92.42 56.90 -23.88
MG MG JF . -64.63 -20.50 16.53
MG MG KF . -38.72 20.81 -29.07
MG MG LF . -16.79 -11.59 -62.26
MG MG MF . -65.48 -8.11 -17.26
MG MG NF . -35.63 4.81 4.35
MG MG OF . -57.36 8.71 -0.17
MG MG PF . -60.87 -9.65 -19.94
MG MG QF . -29.05 21.73 -66.47
MG MG RF . -47.30 91.04 29.17
MG MG SF . 2.07 32.80 -55.19
MG MG TF . -49.00 -40.95 -1.27
MG MG UF . -59.76 15.26 37.78
MG MG VF . -31.13 -3.30 3.62
MG MG WF . -4.54 34.35 -60.69
MG MG XF . -35.24 -0.67 4.84
MG MG YF . -22.29 34.73 -25.12
MG MG ZF . -58.80 28.83 37.19
MG MG AG . -37.70 13.46 -62.40
MG MG BG . 6.05 21.70 -61.25
MG MG CG . -32.86 -6.90 27.66
MG MG DG . -49.46 13.62 -28.59
MG MG EG . -92.70 27.29 -31.77
MG MG FG . -43.36 14.49 -85.72
MG MG GG . -60.12 25.56 33.27
MG MG HG . -65.16 11.39 7.36
MG MG IG . -78.20 5.51 27.38
MG MG JG . -34.33 -10.15 23.57
MG MG KG . -11.80 42.20 -29.01
MG MG LG . -68.42 -23.89 15.54
MG MG MG . -23.08 -1.80 16.53
MG MG NG . -21.07 11.23 19.31
MG MG OG . -39.07 -9.45 -8.64
MG MG PG . -4.62 16.01 3.32
MG MG QG . -76.82 0.59 -6.38
MG MG RG . -33.85 -17.12 4.39
MG MG SG . -57.27 40.51 -30.21
MG MG TG . -42.73 16.38 5.17
MG MG UG . -63.39 31.86 -32.64
MG MG VG . -49.46 20.04 -74.80
MG MG WG . -74.31 8.59 26.87
MG MG XG . -60.10 -19.20 13.79
MG MG YG . -81.16 5.33 13.65
MG MG ZG . -65.00 -15.51 0.87
MG MG AH . -2.35 36.15 -55.57
MG MG BH . -31.53 5.11 -60.86
MG MG CH . -72.46 -11.68 0.25
MG MG DH . -80.81 14.20 5.52
MG MG EH . -78.66 20.62 34.01
MG MG FH . -59.18 25.93 -32.88
MG MG GH . -37.26 -35.49 -3.51
MG MG HH . -9.59 2.60 24.92
MG MG IH . -66.07 37.29 -84.14
MG MG JH . -34.89 55.25 -38.44
MG MG KH . -40.86 -6.93 -3.92
MG MG LH . -17.13 -22.61 -48.85
MG MG MH . -24.14 78.15 -63.11
MG MG NH . -39.26 3.18 -69.26
MG MG OH . -48.37 0.26 -75.99
MG MG PH . -29.28 46.75 -126.13
MG MG QH . -48.53 18.30 18.20
MG MG RH . -18.14 -21.76 -4.25
MG MG SH . 21.09 23.71 -56.84
MG MG TH . -19.37 27.26 7.61
MG MG UH . -62.93 -9.58 -7.95
MG MG VH . -45.71 -29.30 -50.19
MG MG WH . 0.80 -4.93 1.00
MG MG XH . -8.56 39.47 -0.92
MG MG YH . 30.60 61.71 -53.75
MG MG ZH . -40.80 -40.11 -22.70
MG MG AI . -20.56 19.11 -40.37
MG MG BI . -88.32 4.47 -10.93
MG MG CI . 13.18 54.27 -43.48
MG MG DI . -56.99 86.56 -12.57
MG MG EI . 1.23 11.02 17.83
MG MG FI . -25.97 -41.69 -62.75
MG MG GI . -93.36 70.81 -13.50
MG MG HI . 14.97 -25.04 -47.21
MG MG II . -16.94 77.04 -50.76
MG MG JI . -66.47 -2.34 20.94
MG MG KI . 10.46 70.93 -44.10
MG MG LI . -22.58 -23.55 -8.25
MG MG MI . 3.00 47.69 16.97
MG MG NI . 7.36 1.61 9.00
MG MG OI . -4.35 -12.67 2.87
MG MG PI . -32.91 -29.56 -39.47
MG MG QI . -23.46 -22.68 -13.46
MG MG RI . -40.41 -3.06 -44.51
MG MG SI . -4.85 -4.45 -41.45
MG MG TI . -60.28 -4.83 -26.95
MG MG UI . -18.41 -33.94 -64.54
MG MG VI . -32.78 17.11 -113.15
MG MG WI . -67.12 -1.48 4.74
MG MG XI . -5.43 -43.10 -43.34
MG MG YI . -37.37 -38.89 -2.43
MG MG ZI . -20.98 -21.74 19.64
MG MG AJ . 29.82 56.10 -50.40
MG MG BJ . -24.86 -3.66 -6.66
MG MG CJ . -25.18 32.99 -7.41
MG MG DJ . -60.05 2.89 8.01
MG MG EJ . -14.68 44.04 -24.93
MG MG FJ . -33.62 23.92 -58.61
MG MG GJ . -9.68 -7.94 -1.41
MG MG HJ . -78.48 -6.56 54.63
MG MG IJ . -43.06 32.76 -68.68
N1 SPM JJ . 13.84 37.28 -58.02
C2 SPM JJ . 12.95 37.00 -59.13
C3 SPM JJ . 12.51 35.54 -59.09
C4 SPM JJ . 11.50 35.29 -60.20
N5 SPM JJ . 11.33 33.86 -60.41
C6 SPM JJ . 10.71 33.25 -59.25
C7 SPM JJ . 10.48 31.76 -59.55
C8 SPM JJ . 9.59 31.15 -58.47
C9 SPM JJ . 8.87 29.95 -59.08
N10 SPM JJ . 7.98 29.35 -58.10
C11 SPM JJ . 7.53 28.06 -58.58
C12 SPM JJ . 6.89 27.28 -57.43
C13 SPM JJ . 7.94 27.08 -56.34
N14 SPM JJ . 7.55 25.97 -55.51
MG MG KJ . -17.19 20.10 -46.87
MG MG LJ . -74.47 32.70 -23.77
N1 SPD MJ . -20.99 46.41 -18.63
C2 SPD MJ . -19.74 47.09 -18.82
C3 SPD MJ . -20.00 48.57 -19.10
C4 SPD MJ . -18.68 49.32 -19.05
C5 SPD MJ . -18.94 50.80 -19.29
N6 SPD MJ . -17.70 51.53 -19.06
C7 SPD MJ . -17.93 52.95 -19.16
C8 SPD MJ . -16.68 53.68 -18.65
C9 SPD MJ . -16.63 55.07 -19.27
N10 SPD MJ . -17.76 55.86 -18.79
MG MG NJ . -75.25 -49.06 -7.30
N1 SPM OJ . -21.87 36.15 -34.79
C2 SPM OJ . -20.95 35.14 -34.32
C3 SPM OJ . -19.54 35.73 -34.27
C4 SPM OJ . -18.62 34.78 -33.51
N5 SPM OJ . -17.26 34.93 -33.99
C6 SPM OJ . -17.16 34.35 -35.31
C7 SPM OJ . -15.69 34.22 -35.70
C8 SPM OJ . -14.93 33.58 -34.54
C9 SPM OJ . -13.62 32.98 -35.05
N10 SPM OJ . -12.95 32.34 -33.94
C11 SPM OJ . -11.74 31.68 -34.42
C12 SPM OJ . -12.12 30.37 -35.10
C13 SPM OJ . -10.88 29.81 -35.81
N14 SPM OJ . -9.89 29.41 -34.83
N1 SPM PJ . -23.13 63.40 -6.85
C2 SPM PJ . -22.86 62.65 -5.64
C3 SPM PJ . -23.55 61.30 -5.71
C4 SPM PJ . -25.00 61.50 -6.11
N5 SPM PJ . -25.72 60.24 -6.05
C6 SPM PJ . -25.69 59.74 -4.69
C7 SPM PJ . -26.39 58.38 -4.63
C8 SPM PJ . -27.89 58.58 -4.73
C9 SPM PJ . -28.56 57.21 -4.58
N10 SPM PJ . -29.99 57.38 -4.38
C11 SPM PJ . -30.55 56.12 -3.94
C12 SPM PJ . -31.97 56.35 -3.44
C13 SPM PJ . -32.75 57.16 -4.48
N14 SPM PJ . -34.14 57.26 -4.08
MG MG QJ . -74.55 -6.14 49.64
MG MG RJ . -16.51 11.87 25.09
N1 SPM SJ . -35.06 38.33 6.73
C2 SPM SJ . -35.69 37.66 5.59
C3 SPM SJ . -34.64 36.79 4.90
C4 SPM SJ . -35.14 36.40 3.51
N5 SPM SJ . -34.07 35.77 2.77
C6 SPM SJ . -33.72 34.51 3.39
C7 SPM SJ . -32.32 34.10 2.95
C8 SPM SJ . -32.25 34.15 1.42
C9 SPM SJ . -30.82 34.45 0.99
N10 SPM SJ . -29.98 33.30 1.26
C11 SPM SJ . -28.76 33.42 0.49
C12 SPM SJ . -27.72 32.45 1.02
C13 SPM SJ . -26.48 32.47 0.11
N14 SPM SJ . -26.17 31.12 -0.31
MG MG TJ . -36.38 6.37 13.31
MG MG UJ . -47.71 42.70 50.89
MG MG VJ . -60.05 -35.98 22.02
MG MG WJ . -45.89 -46.32 27.77
MG MG XJ . -39.61 23.67 -35.71
MG MG YJ . -9.35 -42.30 -83.04
MG MG ZJ . -53.54 21.70 -26.15
MG MG AK . -50.16 22.92 20.05
MG MG BK . 5.16 18.36 21.98
MG MG CK . -66.50 -42.56 20.31
MG MG DK . -62.69 75.55 -27.27
MG MG EK . -41.40 -10.70 72.98
MG MG FK . -15.06 -3.25 21.42
MG MG GK . -88.49 -14.43 46.13
MG MG HK . -42.65 89.01 8.67
N1 SPD IK . -42.57 4.21 10.93
C2 SPD IK . -43.85 3.99 10.29
C3 SPD IK . -43.62 3.25 8.97
C4 SPD IK . -43.67 1.74 9.20
C5 SPD IK . -43.39 1.01 7.90
N6 SPD IK . -43.52 -0.41 8.13
C7 SPD IK . -43.55 -1.10 6.85
C8 SPD IK . -43.76 -2.60 7.10
C9 SPD IK . -44.42 -3.23 5.88
N10 SPD IK . -44.80 -4.59 6.19
N1 SPD JK . -40.03 83.98 14.26
C2 SPD JK . -40.21 84.52 12.93
C3 SPD JK . -40.75 83.44 12.01
C4 SPD JK . -42.01 82.83 12.64
C5 SPD JK . -42.64 81.86 11.65
N6 SPD JK . -44.07 81.80 11.87
C7 SPD JK . -44.65 80.78 11.01
C8 SPD JK . -44.11 79.42 11.43
C9 SPD JK . -44.57 78.37 10.43
N10 SPD JK . -46.01 78.48 10.23
N1 SPD KK . -43.97 -7.96 18.83
C2 SPD KK . -43.61 -9.33 18.54
C3 SPD KK . -43.47 -9.50 17.03
C4 SPD KK . -43.00 -10.92 16.70
C5 SPD KK . -41.49 -11.00 16.93
N6 SPD KK . -41.04 -12.34 16.63
C7 SPD KK . -39.60 -12.38 16.68
C8 SPD KK . -39.14 -13.80 16.99
C9 SPD KK . -39.48 -14.72 15.83
N10 SPD KK . -38.87 -16.01 16.04
N1 SPD LK . -26.90 11.04 -50.85
C2 SPD LK . -26.43 9.82 -51.49
C3 SPD LK . -26.61 8.64 -50.55
C4 SPD LK . -26.44 7.34 -51.33
C5 SPD LK . -26.42 6.14 -50.38
N6 SPD LK . -27.75 5.87 -49.88
C7 SPD LK . -27.75 4.58 -49.20
C8 SPD LK . -29.07 4.40 -48.45
C9 SPD LK . -28.98 3.16 -47.57
N10 SPD LK . -30.32 2.67 -47.29
N1 SPD MK . -68.41 13.21 -50.58
C2 SPD MK . -67.13 13.49 -51.20
C3 SPD MK . -66.72 12.31 -52.09
C4 SPD MK . -66.57 11.05 -51.24
C5 SPD MK . -66.13 9.89 -52.14
N6 SPD MK . -66.33 8.63 -51.44
C7 SPD MK . -65.66 7.58 -52.19
C8 SPD MK . -65.80 6.26 -51.45
C9 SPD MK . -65.09 5.16 -52.25
N10 SPD MK . -65.29 3.88 -51.59
N1 SPM NK . -36.84 -26.22 -43.23
C2 SPM NK . -36.42 -27.12 -44.30
C3 SPM NK . -37.31 -26.93 -45.52
C4 SPM NK . -36.70 -25.90 -46.47
N5 SPM NK . -36.44 -24.66 -45.75
C6 SPM NK . -35.72 -23.75 -46.62
C7 SPM NK . -34.96 -22.73 -45.77
C8 SPM NK . -34.03 -23.48 -44.82
C9 SPM NK . -32.74 -22.68 -44.63
N10 SPM NK . -31.98 -22.70 -45.87
C11 SPM NK . -30.85 -21.79 -45.75
C12 SPM NK . -29.96 -21.93 -46.97
C13 SPM NK . -28.87 -22.97 -46.71
N14 SPM NK . -27.95 -23.04 -47.82
N1 SPD OK . -31.33 -39.13 -44.39
C2 SPD OK . -32.35 -38.79 -45.37
C3 SPD OK . -32.64 -37.29 -45.33
C4 SPD OK . -33.34 -36.94 -44.03
C5 SPD OK . -33.23 -35.44 -43.78
N6 SPD OK . -33.64 -34.73 -44.97
C7 SPD OK . -33.67 -33.31 -44.69
C8 SPD OK . -33.78 -32.51 -45.99
C9 SPD OK . -34.17 -31.08 -45.66
N10 SPD OK . -34.02 -30.25 -46.85
N1 SPD PK . -48.08 38.30 -8.96
C2 SPD PK . -49.48 38.09 -9.25
C3 SPD PK . -50.31 39.07 -8.42
C4 SPD PK . -51.77 39.00 -8.87
C5 SPD PK . -52.53 40.19 -8.31
N6 SPD PK . -51.68 41.37 -8.30
C7 SPD PK . -52.12 42.24 -7.21
C8 SPD PK . -53.39 42.97 -7.62
C9 SPD PK . -53.04 44.38 -8.07
N10 SPD PK . -51.93 44.32 -9.01
N1 SPM QK . -4.88 -12.01 11.36
C2 SPM QK . -5.44 -11.21 10.28
C3 SPM QK . -5.31 -9.72 10.62
C4 SPM QK . -6.09 -8.89 9.61
N5 SPM QK . -6.77 -7.80 10.29
C6 SPM QK . -5.91 -6.63 10.36
C7 SPM QK . -6.72 -5.41 10.76
C8 SPM QK . -7.38 -5.64 12.12
C9 SPM QK . -7.53 -4.31 12.87
N10 SPM QK . -8.49 -3.46 12.19
C11 SPM QK . -8.96 -2.43 13.10
C12 SPM QK . -9.42 -1.23 12.29
C13 SPM QK . -8.95 0.06 12.98
N14 SPM QK . -9.38 1.21 12.20
N1 SPD RK . -24.35 50.63 18.80
C2 SPD RK . -25.09 51.86 18.58
C3 SPD RK . -26.29 51.92 19.51
C4 SPD RK . -26.97 53.28 19.39
C5 SPD RK . -28.18 53.32 20.32
N6 SPD RK . -29.00 54.46 19.96
C7 SPD RK . -30.16 54.51 20.84
C8 SPD RK . -31.03 55.69 20.46
C9 SPD RK . -31.71 55.44 19.13
N10 SPD RK . -32.63 54.32 19.28
N1 SPM SK . -53.89 -5.65 -43.73
C2 SPM SK . -54.60 -5.07 -44.85
C3 SPM SK . -53.67 -4.99 -46.05
C4 SPM SK . -54.17 -3.91 -47.01
N5 SPM SK . -53.19 -3.70 -48.06
C6 SPM SK . -53.18 -4.87 -48.93
C7 SPM SK . -51.88 -4.89 -49.75
C8 SPM SK . -51.84 -3.65 -50.65
C9 SPM SK . -50.62 -3.75 -51.57
N10 SPM SK . -50.64 -2.66 -52.54
C11 SPM SK . -51.79 -2.82 -53.42
C12 SPM SK . -51.98 -1.54 -54.24
C13 SPM SK . -53.29 -1.63 -55.02
N14 SPM SK . -53.04 -1.40 -56.43
C1 3HE TK . -4.60 53.46 -14.21
C2 3HE TK . -3.84 53.64 -15.51
C3 3HE TK . -4.65 54.03 -16.77
C4 3HE TK . -6.15 53.79 -16.66
C5 3HE TK . -6.81 53.92 -15.30
C6 3HE TK . -5.83 54.36 -14.21
O2 3HE TK . -14.04 53.75 -14.10
C12 3HE TK . -13.05 53.83 -14.78
N 3HE TK . -13.14 54.20 -16.10
C11 3HE TK . -12.10 54.34 -17.00
O1 3HE TK . -12.34 54.60 -18.15
C10 3HE TK . -10.72 54.15 -16.45
C13 3HE TK . -11.66 53.56 -14.27
C9 3HE TK . -10.61 54.40 -14.96
C8 3HE TK . -9.18 54.12 -14.50
C7 3HE TK . -8.08 54.77 -15.34
O3 3HE TK . -7.83 56.11 -14.99
O 3HE TK . -6.78 53.51 -17.65
C14 3HE TK . -4.30 55.43 -17.27
C 3HE TK . -4.95 52.01 -13.92
C18 HMT UK . -34.79 6.90 -23.37
O3 HMT UK . -33.55 7.34 -22.79
C2 HMT UK . -32.50 7.39 -23.63
C1 HMT UK . -32.48 7.09 -24.94
C9 HMT UK . -31.07 7.20 -25.51
C12 HMT UK . -31.00 8.25 -26.64
C11 HMT UK . -31.62 7.50 -27.80
C10 HMT UK . -30.98 6.14 -27.66
N1 HMT UK . -30.65 6.00 -26.24
C8 HMT UK . -30.81 4.66 -25.68
C7 HMT UK . -30.44 4.56 -24.21
C6 HMT UK . -29.15 5.27 -23.90
C16 HMT UK . -28.05 4.47 -23.60
C15 HMT UK . -26.87 5.08 -23.31
O2 HMT UK . -25.66 4.50 -22.99
C17 HMT UK . -24.78 5.58 -22.70
O1 HMT UK . -25.44 6.81 -23.02
C14 HMT UK . -26.74 6.45 -23.34
C13 HMT UK . -27.78 7.27 -23.64
C5 HMT UK . -29.02 6.67 -23.94
C4 HMT UK . -30.19 7.57 -24.27
C3 HMT UK . -31.16 7.84 -23.11
O4 HMT UK . -30.72 7.08 -21.97
C19 HMT UK . -31.19 7.47 -20.76
O5 HMT UK . -31.87 8.43 -20.58
C20 HMT UK . -30.71 6.58 -19.66
C21 HMT UK . -29.36 5.95 -19.98
C22 HMT UK . -28.18 6.80 -19.61
O8 HMT UK . -27.41 7.29 -20.39
O7 HMT UK . -28.09 6.97 -18.29
C23 HMT UK . -26.98 7.76 -17.82
O6 HMT UK . -30.59 7.34 -18.47
C24 HMT UK . -31.71 5.48 -19.31
C25 HMT UK . -32.99 5.99 -18.68
C26 HMT UK . -34.13 6.30 -19.64
C27 HMT UK . -35.42 6.80 -19.02
C28 HMT UK . -36.50 7.05 -20.08
C29 HMT UK . -35.93 5.87 -17.94
O9 HMT UK . -35.14 8.06 -18.39
MG MG VK . -78.77 9.91 -39.03
MG MG WK . -3.63 16.51 -48.87
MG MG XK . -60.76 1.86 -5.56
MG MG YK . -23.37 21.27 -68.44
MG MG ZK . 31.00 31.75 -78.45
MG MG AL . -6.84 21.23 -76.83
N1 SPD BL . -49.69 56.57 37.74
C2 SPD BL . -50.78 56.05 38.53
C3 SPD BL . -52.12 56.47 37.91
C4 SPD BL . -53.28 55.96 38.76
C5 SPD BL . -53.18 54.44 38.89
N6 SPD BL . -54.26 53.95 39.73
C7 SPD BL . -55.29 53.36 38.91
C8 SPD BL . -56.19 52.49 39.80
C9 SPD BL . -55.43 51.25 40.24
N10 SPD BL . -56.18 50.58 41.28
MG MG CL . -79.73 17.28 -35.03
MG MG DL . -76.20 41.73 -34.69
MG MG EL . -40.48 72.82 56.76
MG MG FL . -97.05 53.77 13.08
MG MG GL . -16.21 18.28 8.03
MG MG HL . -23.78 -21.27 -31.32
MG MG IL . -55.84 -49.43 -13.10
MG MG JL . -27.25 -23.62 -17.78
MG MG KL . -66.61 28.52 -59.91
MG MG LL . -65.86 20.61 -43.56
ZN ZN ML . -41.38 11.41 68.26
ZN ZN NL . -60.36 37.33 15.46
ZN ZN OL . -7.24 -27.15 -61.46
ZN ZN PL . 14.05 79.20 -24.84
ZN ZN QL . -27.72 4.79 64.46
#